data_6UZC
#
_entry.id   6UZC
#
_cell.length_a   1.00
_cell.length_b   1.00
_cell.length_c   1.00
_cell.angle_alpha   90.00
_cell.angle_beta   90.00
_cell.angle_gamma   90.00
#
_symmetry.space_group_name_H-M   'P 1'
#
loop_
_entity.id
_entity.type
_entity.pdbx_description
1 polymer 'Major capsid protein'
2 polymer 'Portal protein'
#
loop_
_entity_poly.entity_id
_entity_poly.type
_entity_poly.pdbx_seq_one_letter_code
_entity_poly.pdbx_strand_id
1 'polypeptide(L)'
;MTIKTKAELLNKWKPLLEGEGLPEIANSKQAIIAKIFENQEKDFQTAPEYKDEKIAQAFGSFLTEAEIGGDHGYNATNIA
AGQTSGAVTQIGPAVMGMVRRAIPNLIAFDICGVQPMNSPTGQVFALRAVYGKDPVAAGAKEAFHPMYGPDAMFSGQGAA
KKFPALAASTQTTVGDIYTHFFQETGTVYLQASVQVTIDAGATDAAKLDAEIKKQMEAGALVEIAEGMATSIAELQEGFN
GSTDNPWNEMGFRIDKQVIEAKSRQLKAAYSIELAQDLRAVHGMDADAELSGILATEIMLEINREVVDWINYSAQVGKSG
MTLTPGSKAGVFDFQDPIDIRGARWAGESFKALLFQIDKEAVEIARQTGRGEGNFIIASRNVVNVLASVDTGISYAAQGL
ATGFSTDTTKSVFAGVLGGKYRVYIDQYAKQDYFTVGYKGPNEMDAGIYYAPYVALTPLRGSDPKNFQPVMGFKTRYGIG
INPFAESAAQAPASRIQSGMPSILNSLGKNAYFRRVYVKGI
;
a,b,c,d,e,f,g,h,i,j,k,l,m,n,o,p,q,r,s,t,u,v,w,x,y,z,A,B,C,D
2 'polypeptide(L)'
;MKFNVLSLFAPWAKMDERNFKDQEKEDLVSITAPKLDDGAREFEVSSNEAASPYNAAFQTIFGSYEPGMKTTRELIDTYR
NLMNNYEVDNAVSEIVSDAIVYEDDTEVVALNLDKSKFSPKIKNMMLDEFSDVLNHLSFQRKGSDHFRRWYVDSRIFFHK
IIDPKRPKEGIKELRRLDPRQVQYVREIITETEAGTKIVKGYKEYFIYDTAHESYACDGRMYEAGTKIKIPKAAVVYAHS
GLVDCCGKNIIGYLHRAVKPANQLKLLEDAVVIYRITRAPDRRVWYVDTGNMPARKAAEHMQHVMNTMKNRVVYDASTGK
IKNQQHNMSMTEDYWLQRRDGKAVTEVDTLPGADNTGNMEDIRWFRQALYMALRVPLSRIPQDQQGGVMFDSGTSITRDE
LTFAKFIRELQHKFEEVFLDPLKTNLLLKGIITEDEWNDEINNIKIEFHRDSYFAELKEAEILERRINMLTMAEPFIGKY
ISHRTAMKDILQMTDEEIEQEAKQIEEESKEARFQDPDQEQEDF
;
E,F,G,H,I,J,K,L,M,N,O,P
#
# COMPACT_ATOMS: atom_id res chain seq x y z
N ALA A 66 -78.26 100.93 -117.56
CA ALA A 66 -78.42 99.62 -116.94
C ALA A 66 -78.65 99.73 -115.44
N GLU A 67 -79.06 98.63 -114.84
CA GLU A 67 -79.35 98.56 -113.42
C GLU A 67 -78.08 98.45 -112.58
N ILE A 68 -77.34 99.54 -112.49
CA ILE A 68 -76.08 99.54 -111.76
C ILE A 68 -76.24 100.04 -110.33
N GLY A 69 -76.19 99.10 -109.39
CA GLY A 69 -76.33 99.45 -107.98
C GLY A 69 -75.03 100.03 -107.48
N GLY A 70 -73.92 99.60 -108.09
CA GLY A 70 -72.62 100.09 -107.69
C GLY A 70 -71.77 99.09 -106.95
N ASP A 71 -70.48 99.36 -107.01
CA ASP A 71 -69.41 98.61 -106.42
C ASP A 71 -68.36 99.57 -105.89
N HIS A 72 -67.15 99.11 -105.65
CA HIS A 72 -66.15 99.99 -105.08
C HIS A 72 -64.89 99.81 -105.92
N GLY A 73 -63.86 100.55 -105.59
CA GLY A 73 -62.60 100.43 -106.33
C GLY A 73 -61.64 99.40 -105.73
N TYR A 74 -62.14 98.43 -104.94
CA TYR A 74 -61.31 97.44 -104.25
C TYR A 74 -60.38 98.14 -103.25
N ASN A 75 -60.83 99.32 -102.85
CA ASN A 75 -60.20 100.21 -101.91
C ASN A 75 -61.00 100.25 -100.63
N ALA A 76 -60.43 99.70 -99.56
CA ALA A 76 -61.08 99.52 -98.27
C ALA A 76 -61.65 100.81 -97.74
N THR A 77 -61.05 101.92 -98.13
CA THR A 77 -61.45 103.25 -97.71
C THR A 77 -62.94 103.44 -97.79
N ASN A 78 -63.55 102.97 -98.88
CA ASN A 78 -64.97 103.15 -99.06
C ASN A 78 -65.75 101.83 -99.03
N ILE A 79 -65.10 100.76 -98.64
CA ILE A 79 -65.78 99.49 -98.60
C ILE A 79 -66.38 99.34 -97.27
N ALA A 80 -65.60 99.61 -96.24
CA ALA A 80 -66.10 99.41 -94.90
C ALA A 80 -67.36 100.22 -94.65
N ALA A 81 -67.42 101.40 -95.24
CA ALA A 81 -68.54 102.30 -95.10
C ALA A 81 -69.72 102.03 -96.05
N GLY A 82 -69.56 101.10 -97.00
CA GLY A 82 -70.63 100.83 -97.96
C GLY A 82 -70.78 101.93 -99.03
N GLN A 83 -69.74 102.73 -99.29
CA GLN A 83 -69.94 103.79 -100.26
C GLN A 83 -69.62 103.33 -101.65
N THR A 84 -70.68 102.98 -102.33
CA THR A 84 -70.59 102.45 -103.67
C THR A 84 -70.53 103.54 -104.74
N SER A 85 -70.12 103.09 -105.92
CA SER A 85 -69.99 103.82 -107.17
C SER A 85 -71.27 104.01 -107.98
N GLY A 86 -72.34 103.37 -107.57
CA GLY A 86 -73.59 103.39 -108.32
C GLY A 86 -74.75 103.96 -107.53
N ALA A 87 -75.94 103.44 -107.79
CA ALA A 87 -77.17 103.95 -107.20
C ALA A 87 -77.47 103.54 -105.75
N VAL A 88 -76.92 102.44 -105.26
CA VAL A 88 -77.31 101.99 -103.95
C VAL A 88 -76.19 101.89 -102.93
N THR A 89 -76.35 102.66 -101.85
CA THR A 89 -75.44 102.71 -100.71
C THR A 89 -75.65 101.46 -99.87
N GLN A 90 -74.57 100.83 -99.43
CA GLN A 90 -74.66 99.60 -98.70
C GLN A 90 -74.63 99.78 -97.21
N ILE A 91 -75.09 98.75 -96.51
CA ILE A 91 -75.08 98.72 -95.06
C ILE A 91 -73.65 98.79 -94.54
N GLY A 92 -72.80 97.99 -95.18
CA GLY A 92 -71.41 97.82 -94.87
C GLY A 92 -71.14 96.37 -95.20
N PRO A 93 -69.88 95.92 -95.24
CA PRO A 93 -69.53 94.57 -95.57
C PRO A 93 -70.01 93.51 -94.60
N ALA A 94 -70.33 92.36 -95.17
CA ALA A 94 -70.75 91.17 -94.44
C ALA A 94 -69.67 90.71 -93.50
N VAL A 95 -70.03 90.25 -92.33
CA VAL A 95 -69.01 89.79 -91.40
C VAL A 95 -68.61 88.35 -91.63
N MET A 96 -67.30 88.13 -91.79
CA MET A 96 -66.64 86.86 -92.01
C MET A 96 -66.05 86.29 -90.71
N GLY A 97 -66.36 86.94 -89.62
CA GLY A 97 -65.88 86.57 -88.30
C GLY A 97 -64.57 87.27 -87.97
N MET A 98 -63.84 86.69 -87.02
CA MET A 98 -62.61 87.32 -86.60
C MET A 98 -61.60 86.25 -86.28
N VAL A 99 -60.34 86.62 -86.33
CA VAL A 99 -59.24 85.74 -85.99
C VAL A 99 -58.34 86.38 -84.95
N ARG A 100 -57.46 85.61 -84.34
CA ARG A 100 -56.53 86.22 -83.40
C ARG A 100 -55.18 85.55 -83.44
N ARG A 101 -54.18 86.31 -83.07
CA ARG A 101 -52.83 85.81 -82.96
C ARG A 101 -52.68 84.68 -81.95
N ALA A 102 -51.97 83.62 -82.34
CA ALA A 102 -51.67 82.47 -81.48
C ALA A 102 -50.52 82.77 -80.52
N ILE A 103 -50.50 82.07 -79.38
CA ILE A 103 -49.42 82.21 -78.41
C ILE A 103 -48.51 80.96 -78.39
N PRO A 104 -47.19 81.10 -78.58
CA PRO A 104 -46.19 80.03 -78.64
C PRO A 104 -45.96 79.39 -77.28
N ASN A 105 -45.43 78.17 -77.30
CA ASN A 105 -45.13 77.47 -76.05
C ASN A 105 -43.80 77.87 -75.42
N LEU A 106 -43.68 77.62 -74.11
CA LEU A 106 -42.44 77.87 -73.38
C LEU A 106 -41.89 76.64 -72.66
N ILE A 107 -40.58 76.63 -72.38
CA ILE A 107 -39.94 75.55 -71.62
C ILE A 107 -39.88 75.99 -70.19
N ALA A 108 -40.81 75.59 -69.36
CA ALA A 108 -40.88 76.28 -68.07
C ALA A 108 -39.64 76.17 -67.19
N PHE A 109 -39.42 75.04 -66.55
CA PHE A 109 -38.29 74.95 -65.64
C PHE A 109 -37.69 73.57 -65.71
N ASP A 110 -37.78 72.98 -66.87
CA ASP A 110 -37.39 71.60 -67.05
C ASP A 110 -35.95 71.27 -66.66
N ILE A 111 -35.04 72.21 -66.84
CA ILE A 111 -33.65 71.98 -66.51
C ILE A 111 -33.18 72.93 -65.45
N CYS A 112 -34.10 73.43 -64.65
CA CYS A 112 -33.76 74.37 -63.61
C CYS A 112 -34.12 73.83 -62.25
N GLY A 113 -33.34 74.13 -61.21
CA GLY A 113 -33.75 73.69 -59.89
C GLY A 113 -34.73 74.75 -59.42
N VAL A 114 -35.48 74.47 -58.38
CA VAL A 114 -36.36 75.49 -57.87
C VAL A 114 -36.16 75.83 -56.42
N GLN A 115 -35.89 74.84 -55.57
CA GLN A 115 -35.80 75.09 -54.14
C GLN A 115 -36.65 76.25 -53.67
N PRO A 116 -37.98 76.15 -53.73
CA PRO A 116 -39.01 77.20 -53.86
C PRO A 116 -38.94 78.49 -53.02
N MET A 117 -37.98 78.63 -52.12
CA MET A 117 -37.89 79.87 -51.35
C MET A 117 -39.17 80.24 -50.66
N ASN A 118 -39.61 79.38 -49.75
CA ASN A 118 -40.85 79.54 -48.99
C ASN A 118 -40.81 80.72 -48.02
N SER A 119 -39.65 81.30 -47.92
CA SER A 119 -39.31 82.45 -47.15
C SER A 119 -38.40 83.16 -48.13
N PRO A 120 -38.56 84.47 -48.35
CA PRO A 120 -37.89 85.22 -49.37
C PRO A 120 -36.43 85.34 -49.05
N THR A 121 -35.62 85.56 -50.07
CA THR A 121 -34.23 85.86 -49.82
C THR A 121 -33.46 84.82 -49.00
N GLY A 122 -33.44 83.57 -49.46
CA GLY A 122 -32.72 82.48 -48.78
C GLY A 122 -31.21 82.45 -49.10
N GLN A 123 -30.53 81.37 -48.65
CA GLN A 123 -29.08 81.20 -48.83
C GLN A 123 -28.66 79.75 -49.05
N VAL A 124 -27.53 79.58 -49.74
CA VAL A 124 -26.97 78.26 -50.02
C VAL A 124 -25.52 78.16 -49.57
N PHE A 125 -25.21 77.05 -48.90
CA PHE A 125 -23.85 76.84 -48.36
C PHE A 125 -23.11 75.74 -49.13
N ALA A 126 -21.78 75.80 -49.11
CA ALA A 126 -20.95 74.85 -49.76
C ALA A 126 -19.69 74.65 -48.97
N LEU A 127 -19.00 73.57 -49.26
CA LEU A 127 -17.73 73.32 -48.61
C LEU A 127 -16.71 72.66 -49.51
N ARG A 128 -15.57 73.31 -49.63
CA ARG A 128 -14.50 72.81 -50.46
C ARG A 128 -13.37 72.31 -49.58
N ALA A 129 -12.79 71.16 -49.94
CA ALA A 129 -11.62 70.62 -49.25
C ALA A 129 -10.40 71.42 -49.69
N VAL A 130 -9.54 71.73 -48.74
CA VAL A 130 -8.39 72.59 -48.99
C VAL A 130 -7.10 72.09 -48.33
N TYR A 131 -5.98 72.17 -49.04
CA TYR A 131 -4.73 71.76 -48.45
C TYR A 131 -3.66 72.84 -48.45
N GLY A 132 -2.69 72.71 -47.53
CA GLY A 132 -1.62 73.71 -47.42
C GLY A 132 -1.66 74.49 -46.09
N LYS A 133 -1.95 73.77 -44.99
CA LYS A 133 -2.01 74.29 -43.61
C LYS A 133 -3.13 75.24 -43.29
N ASP A 134 -3.15 76.38 -43.96
CA ASP A 134 -4.15 77.38 -43.67
C ASP A 134 -5.24 77.36 -44.72
N PRO A 135 -6.45 76.85 -44.43
CA PRO A 135 -7.53 76.74 -45.37
C PRO A 135 -8.00 78.10 -45.86
N VAL A 136 -7.67 79.16 -45.12
CA VAL A 136 -8.09 80.47 -45.54
C VAL A 136 -6.87 81.24 -46.01
N ALA A 137 -6.58 81.19 -47.29
CA ALA A 137 -5.37 81.85 -47.73
C ALA A 137 -5.36 82.05 -49.21
N ALA A 138 -4.72 83.11 -49.64
CA ALA A 138 -4.53 83.25 -51.06
C ALA A 138 -3.65 82.10 -51.48
N GLY A 139 -3.97 81.49 -52.60
CA GLY A 139 -3.13 80.42 -53.10
C GLY A 139 -3.39 79.06 -52.46
N ALA A 140 -4.34 78.98 -51.52
CA ALA A 140 -4.62 77.71 -50.89
C ALA A 140 -5.09 76.77 -52.00
N LYS A 141 -4.82 75.45 -51.91
CA LYS A 141 -5.25 74.61 -53.02
C LYS A 141 -6.43 73.72 -52.70
N GLU A 142 -7.34 73.61 -53.67
CA GLU A 142 -8.56 72.77 -53.52
C GLU A 142 -8.19 71.30 -53.75
N ALA A 143 -8.48 70.44 -52.76
CA ALA A 143 -8.17 69.02 -52.85
C ALA A 143 -8.89 68.29 -53.98
N PHE A 144 -10.13 68.65 -54.27
CA PHE A 144 -10.85 67.87 -55.27
C PHE A 144 -11.40 68.64 -56.45
N HIS A 145 -10.76 69.70 -56.90
CA HIS A 145 -11.34 70.39 -58.04
C HIS A 145 -11.36 69.40 -59.21
N PRO A 146 -12.48 69.16 -59.90
CA PRO A 146 -12.65 68.24 -61.00
C PRO A 146 -11.68 68.36 -62.18
N MET A 147 -11.18 69.56 -62.43
CA MET A 147 -10.28 69.73 -63.56
C MET A 147 -8.83 69.55 -63.23
N TYR A 148 -8.50 69.28 -61.96
CA TYR A 148 -7.06 69.21 -61.62
C TYR A 148 -6.71 67.89 -60.92
N GLY A 149 -5.50 67.40 -61.18
CA GLY A 149 -5.04 66.19 -60.53
C GLY A 149 -4.66 66.50 -59.10
N PRO A 150 -4.46 65.50 -58.27
CA PRO A 150 -4.05 65.62 -56.91
C PRO A 150 -2.60 66.02 -56.83
N ASP A 151 -2.23 66.69 -55.78
CA ASP A 151 -0.83 67.02 -55.62
C ASP A 151 -0.16 65.79 -55.07
N ALA A 152 0.24 64.90 -55.96
CA ALA A 152 0.77 63.59 -55.62
C ALA A 152 2.00 63.63 -54.71
N MET A 153 2.74 64.71 -54.78
CA MET A 153 3.94 64.81 -53.97
C MET A 153 3.64 65.41 -52.62
N PHE A 154 2.38 65.78 -52.36
CA PHE A 154 2.02 66.45 -51.11
C PHE A 154 2.10 65.50 -49.92
N SER A 155 1.47 64.32 -49.98
CA SER A 155 1.59 63.37 -48.87
C SER A 155 2.87 62.60 -49.03
N GLY A 156 3.43 62.75 -50.23
CA GLY A 156 4.61 62.05 -50.69
C GLY A 156 5.89 62.83 -50.46
N GLN A 157 6.82 62.66 -51.38
CA GLN A 157 8.15 63.20 -51.25
C GLN A 157 8.24 64.70 -51.01
N GLY A 158 7.29 65.48 -51.52
CA GLY A 158 7.27 66.93 -51.40
C GLY A 158 7.29 67.40 -49.95
N ALA A 159 6.91 66.53 -49.04
CA ALA A 159 6.93 66.86 -47.64
C ALA A 159 8.37 67.13 -47.21
N ALA A 160 9.32 66.41 -47.82
CA ALA A 160 10.71 66.56 -47.49
C ALA A 160 11.37 67.59 -48.39
N LYS A 161 10.99 67.59 -49.65
CA LYS A 161 11.67 68.44 -50.60
C LYS A 161 10.80 69.30 -51.46
N LYS A 162 11.15 70.57 -51.50
CA LYS A 162 10.50 71.50 -52.37
C LYS A 162 11.16 71.37 -53.72
N PHE A 163 10.38 71.32 -54.77
CA PHE A 163 10.97 71.19 -56.08
C PHE A 163 10.80 72.51 -56.81
N PRO A 164 11.76 72.92 -57.65
CA PRO A 164 11.73 74.13 -58.45
C PRO A 164 10.72 74.02 -59.54
N ALA A 165 10.14 75.13 -59.93
CA ALA A 165 9.23 75.13 -61.05
C ALA A 165 9.92 75.36 -62.36
N LEU A 166 9.30 74.88 -63.42
CA LEU A 166 9.74 75.15 -64.78
C LEU A 166 9.25 76.52 -65.17
N ALA A 167 10.04 77.20 -65.96
CA ALA A 167 9.66 78.49 -66.50
C ALA A 167 10.37 78.72 -67.81
N ALA A 168 9.90 79.67 -68.59
CA ALA A 168 10.59 79.94 -69.83
C ALA A 168 12.06 80.19 -69.56
N SER A 169 12.90 79.58 -70.40
CA SER A 169 14.36 79.65 -70.41
C SER A 169 15.01 78.64 -69.46
N THR A 170 14.19 77.93 -68.72
CA THR A 170 14.67 76.93 -67.78
C THR A 170 15.47 75.86 -68.46
N GLN A 171 16.59 75.53 -67.83
CA GLN A 171 17.44 74.44 -68.27
C GLN A 171 17.35 73.38 -67.23
N THR A 172 17.06 72.17 -67.65
CA THR A 172 16.89 71.08 -66.73
C THR A 172 18.12 70.22 -66.57
N THR A 173 18.12 69.42 -65.51
CA THR A 173 19.15 68.45 -65.19
C THR A 173 18.56 67.06 -65.13
N VAL A 174 19.12 66.14 -65.87
CA VAL A 174 18.56 64.81 -65.92
C VAL A 174 18.57 64.11 -64.60
N GLY A 175 17.40 63.59 -64.26
CA GLY A 175 17.09 62.89 -63.04
C GLY A 175 16.46 63.81 -62.03
N ASP A 176 16.54 65.11 -62.26
CA ASP A 176 15.95 66.06 -61.34
C ASP A 176 14.48 66.26 -61.66
N ILE A 177 13.75 66.76 -60.68
CA ILE A 177 12.31 67.01 -60.80
C ILE A 177 11.93 68.46 -60.72
N TYR A 178 11.15 68.85 -61.69
CA TYR A 178 10.68 70.21 -61.79
C TYR A 178 9.18 70.25 -61.70
N THR A 179 8.65 71.36 -61.23
CA THR A 179 7.21 71.43 -61.08
C THR A 179 6.57 72.41 -62.02
N HIS A 180 5.27 72.29 -62.14
CA HIS A 180 4.50 73.25 -62.88
C HIS A 180 3.04 73.14 -62.53
N PHE A 181 2.24 73.98 -63.14
CA PHE A 181 0.83 73.94 -62.98
C PHE A 181 0.20 74.27 -64.32
N PHE A 182 -0.45 73.32 -64.93
CA PHE A 182 -1.06 73.54 -66.22
C PHE A 182 -2.41 74.16 -66.02
N GLN A 183 -2.83 75.06 -66.90
CA GLN A 183 -4.14 75.65 -66.62
C GLN A 183 -5.24 74.60 -66.56
N GLU A 184 -5.11 73.54 -67.34
CA GLU A 184 -6.03 72.45 -67.26
C GLU A 184 -5.16 71.36 -66.65
N THR A 185 -5.67 70.54 -65.73
CA THR A 185 -4.97 69.43 -65.02
C THR A 185 -3.99 69.88 -63.91
N GLY A 186 -3.57 71.14 -63.93
CA GLY A 186 -2.76 71.71 -62.86
C GLY A 186 -1.43 71.12 -62.54
N THR A 187 -1.29 70.81 -61.27
CA THR A 187 -0.07 70.31 -60.68
C THR A 187 0.53 69.13 -61.38
N VAL A 188 1.80 69.30 -61.70
CA VAL A 188 2.57 68.28 -62.34
C VAL A 188 3.97 68.26 -61.77
N TYR A 189 4.55 67.08 -61.73
CA TYR A 189 5.94 66.90 -61.37
C TYR A 189 6.61 66.17 -62.48
N LEU A 190 7.62 66.78 -63.09
CA LEU A 190 8.29 66.19 -64.23
C LEU A 190 9.74 65.92 -64.00
N GLN A 191 10.11 64.67 -64.23
CA GLN A 191 11.50 64.30 -64.07
C GLN A 191 12.18 64.48 -65.41
N ALA A 192 13.36 65.06 -65.39
CA ALA A 192 14.10 65.24 -66.63
C ALA A 192 14.78 63.94 -67.02
N SER A 193 14.60 63.56 -68.27
CA SER A 193 15.22 62.37 -68.83
C SER A 193 16.26 62.83 -69.82
N VAL A 194 15.99 63.97 -70.40
CA VAL A 194 16.84 64.59 -71.38
C VAL A 194 17.14 65.98 -70.92
N GLN A 195 18.39 66.39 -71.07
CA GLN A 195 18.77 67.73 -70.70
C GLN A 195 18.25 68.66 -71.75
N VAL A 196 17.27 69.46 -71.39
CA VAL A 196 16.64 70.34 -72.35
C VAL A 196 16.48 71.74 -71.81
N THR A 197 16.16 72.66 -72.69
CA THR A 197 15.81 73.99 -72.27
C THR A 197 14.41 74.27 -72.76
N ILE A 198 13.70 75.18 -72.12
CA ILE A 198 12.34 75.45 -72.58
C ILE A 198 12.01 76.85 -73.05
N ASP A 199 12.00 77.05 -74.36
CA ASP A 199 11.52 78.29 -74.97
C ASP A 199 11.64 79.55 -74.17
N ALA A 200 12.76 80.21 -74.16
CA ALA A 200 12.85 81.44 -73.38
C ALA A 200 11.74 82.45 -73.74
N GLY A 201 11.11 82.37 -74.91
CA GLY A 201 10.08 83.34 -75.26
C GLY A 201 8.69 82.97 -74.72
N ALA A 202 8.56 81.83 -74.06
CA ALA A 202 7.26 81.36 -73.58
C ALA A 202 6.88 82.00 -72.27
N THR A 203 6.64 83.29 -72.31
CA THR A 203 6.35 84.04 -71.09
C THR A 203 4.89 83.96 -70.67
N ASP A 204 4.03 83.55 -71.60
CA ASP A 204 2.62 83.38 -71.31
C ASP A 204 2.42 82.04 -70.66
N ALA A 205 1.35 81.91 -69.90
CA ALA A 205 1.04 80.64 -69.29
C ALA A 205 0.75 79.62 -70.36
N ALA A 206 -0.01 80.03 -71.38
CA ALA A 206 -0.38 79.10 -72.43
C ALA A 206 0.82 78.61 -73.18
N LYS A 207 1.76 79.51 -73.40
CA LYS A 207 2.94 79.16 -74.15
C LYS A 207 3.77 78.19 -73.36
N LEU A 208 3.92 78.43 -72.07
CA LEU A 208 4.70 77.53 -71.26
C LEU A 208 4.02 76.18 -71.23
N ASP A 209 2.70 76.14 -71.02
CA ASP A 209 2.06 74.84 -70.99
C ASP A 209 2.32 74.07 -72.26
N ALA A 210 2.19 74.75 -73.41
CA ALA A 210 2.40 74.08 -74.66
C ALA A 210 3.80 73.52 -74.82
N GLU A 211 4.79 74.30 -74.44
CA GLU A 211 6.16 73.84 -74.59
C GLU A 211 6.47 72.70 -73.68
N ILE A 212 5.91 72.71 -72.48
CA ILE A 212 6.14 71.62 -71.57
C ILE A 212 5.56 70.39 -72.20
N LYS A 213 4.35 70.51 -72.73
CA LYS A 213 3.77 69.36 -73.38
C LYS A 213 4.64 68.86 -74.49
N LYS A 214 5.22 69.73 -75.29
CA LYS A 214 6.08 69.22 -76.36
C LYS A 214 7.18 68.37 -75.78
N GLN A 215 7.78 68.83 -74.70
CA GLN A 215 8.84 68.11 -74.06
C GLN A 215 8.35 66.80 -73.43
N MET A 216 7.11 66.79 -72.98
CA MET A 216 6.58 65.56 -72.44
C MET A 216 6.37 64.56 -73.56
N GLU A 217 5.80 65.00 -74.68
CA GLU A 217 5.54 64.10 -75.78
C GLU A 217 6.84 63.55 -76.31
N ALA A 218 7.86 64.40 -76.31
CA ALA A 218 9.21 64.11 -76.72
C ALA A 218 9.88 63.11 -75.80
N GLY A 219 9.33 62.90 -74.60
CA GLY A 219 9.89 62.03 -73.62
C GLY A 219 10.99 62.67 -72.79
N ALA A 220 11.21 63.99 -72.96
CA ALA A 220 12.24 64.73 -72.26
C ALA A 220 11.87 64.91 -70.81
N LEU A 221 10.58 65.12 -70.60
CA LEU A 221 10.00 65.34 -69.28
C LEU A 221 8.92 64.32 -68.98
N VAL A 222 9.07 63.58 -67.91
CA VAL A 222 8.07 62.56 -67.62
C VAL A 222 7.38 62.78 -66.30
N GLU A 223 6.05 62.71 -66.32
CA GLU A 223 5.32 62.89 -65.09
C GLU A 223 5.51 61.75 -64.14
N ILE A 224 5.85 62.10 -62.92
CA ILE A 224 6.04 61.10 -61.91
C ILE A 224 6.00 61.64 -60.49
N ALA A 225 5.59 60.81 -59.54
CA ALA A 225 5.59 61.19 -58.15
C ALA A 225 5.82 59.95 -57.34
N GLU A 226 6.33 60.12 -56.13
CA GLU A 226 6.60 59.00 -55.23
C GLU A 226 6.59 59.42 -53.76
N GLY A 227 6.78 58.44 -52.88
CA GLY A 227 6.80 58.65 -51.43
C GLY A 227 8.12 59.28 -51.00
N MET A 228 8.32 59.43 -49.71
CA MET A 228 9.49 60.14 -49.27
C MET A 228 10.71 59.27 -49.17
N ALA A 229 10.78 58.42 -48.12
CA ALA A 229 11.90 57.49 -47.96
C ALA A 229 11.75 56.61 -46.73
N THR A 230 12.46 55.50 -46.71
CA THR A 230 12.52 54.73 -45.46
C THR A 230 13.60 55.32 -44.56
N SER A 231 14.49 56.12 -45.16
CA SER A 231 15.57 56.78 -44.43
C SER A 231 14.99 57.88 -43.59
N ILE A 232 13.78 58.25 -43.92
CA ILE A 232 13.00 59.25 -43.23
C ILE A 232 12.06 58.55 -42.28
N ALA A 233 11.38 57.50 -42.78
CA ALA A 233 10.41 56.77 -41.98
C ALA A 233 11.03 56.24 -40.70
N GLU A 234 12.30 55.85 -40.75
CA GLU A 234 12.98 55.35 -39.56
C GLU A 234 12.84 56.33 -38.40
N LEU A 235 12.86 57.62 -38.68
CA LEU A 235 12.74 58.57 -37.60
C LEU A 235 11.28 58.89 -37.38
N GLN A 236 10.50 58.97 -38.47
CA GLN A 236 9.11 59.37 -38.34
C GLN A 236 8.34 58.40 -37.44
N GLU A 237 8.68 57.13 -37.53
CA GLU A 237 8.04 56.09 -36.77
C GLU A 237 8.19 56.30 -35.27
N GLY A 238 9.31 56.87 -34.83
CA GLY A 238 9.58 57.04 -33.42
C GLY A 238 9.14 58.39 -32.88
N PHE A 239 8.50 59.17 -33.75
CA PHE A 239 7.98 60.53 -33.43
C PHE A 239 6.89 60.43 -32.37
N ASN A 240 5.68 60.00 -32.76
CA ASN A 240 5.38 59.36 -34.04
C ASN A 240 4.30 60.16 -34.76
N GLY A 241 4.07 61.36 -34.23
CA GLY A 241 3.12 62.34 -34.71
C GLY A 241 3.90 63.61 -34.93
N SER A 242 3.51 64.67 -34.22
CA SER A 242 4.15 65.97 -34.34
C SER A 242 5.66 65.85 -34.14
N THR A 243 6.40 66.59 -34.97
CA THR A 243 7.85 66.59 -34.98
C THR A 243 8.56 67.79 -35.61
N ASP A 244 9.89 67.65 -35.74
CA ASP A 244 10.80 68.66 -36.32
C ASP A 244 11.10 68.39 -37.81
N ASN A 245 10.40 67.42 -38.35
CA ASN A 245 10.46 66.95 -39.71
C ASN A 245 9.00 66.90 -40.16
N PRO A 246 8.40 68.08 -40.37
CA PRO A 246 6.97 68.31 -40.43
C PRO A 246 6.28 67.60 -41.55
N TRP A 247 5.05 67.25 -41.28
CA TRP A 247 4.19 66.60 -42.23
C TRP A 247 3.43 67.64 -43.00
N ASN A 248 3.04 67.32 -44.21
CA ASN A 248 2.12 68.20 -44.90
C ASN A 248 0.74 67.98 -44.32
N GLU A 249 -0.01 69.07 -44.17
CA GLU A 249 -1.35 68.97 -43.55
C GLU A 249 -2.41 69.66 -44.42
N MET A 250 -3.64 69.16 -44.32
CA MET A 250 -4.82 69.64 -45.00
C MET A 250 -6.11 69.59 -44.22
N GLY A 251 -7.10 70.32 -44.73
CA GLY A 251 -8.44 70.38 -44.19
C GLY A 251 -9.45 70.84 -45.24
N PHE A 252 -10.24 71.83 -44.88
CA PHE A 252 -11.28 72.40 -45.71
C PHE A 252 -11.61 73.82 -45.32
N ARG A 253 -12.29 74.55 -46.19
CA ARG A 253 -12.62 75.96 -45.83
C ARG A 253 -14.14 76.06 -45.61
N ILE A 254 -14.82 76.68 -46.58
CA ILE A 254 -16.26 76.87 -46.58
C ILE A 254 -16.58 77.88 -47.64
N ASP A 255 -17.84 77.96 -48.02
CA ASP A 255 -18.35 79.09 -48.77
C ASP A 255 -19.87 79.17 -48.61
N LYS A 256 -20.44 80.29 -49.05
CA LYS A 256 -21.87 80.45 -49.06
C LYS A 256 -22.24 81.62 -49.93
N GLN A 257 -23.43 81.54 -50.50
CA GLN A 257 -23.99 82.58 -51.31
C GLN A 257 -25.41 82.90 -50.93
N VAL A 258 -25.81 84.12 -51.18
CA VAL A 258 -27.20 84.48 -50.88
C VAL A 258 -27.99 84.99 -52.08
N ILE A 259 -29.30 84.93 -51.97
CA ILE A 259 -30.19 85.41 -53.03
C ILE A 259 -31.24 86.34 -52.48
N GLU A 260 -31.94 87.06 -53.38
CA GLU A 260 -33.01 88.00 -52.97
C GLU A 260 -34.29 87.68 -53.75
N ALA A 261 -35.46 87.85 -53.11
CA ALA A 261 -36.73 87.57 -53.78
C ALA A 261 -37.14 88.65 -54.78
N LYS A 262 -36.38 88.71 -55.86
CA LYS A 262 -36.63 89.66 -56.93
C LYS A 262 -38.02 89.47 -57.49
N SER A 263 -38.69 90.62 -57.67
CA SER A 263 -40.07 90.74 -58.13
C SER A 263 -40.28 91.22 -59.55
N ARG A 264 -41.54 91.16 -59.96
CA ARG A 264 -42.00 91.70 -61.23
C ARG A 264 -43.53 91.84 -61.27
N GLN A 265 -44.02 92.85 -62.01
CA GLN A 265 -45.48 93.04 -62.10
C GLN A 265 -45.95 93.83 -63.32
N LEU A 266 -47.20 93.60 -63.75
CA LEU A 266 -47.84 94.33 -64.87
C LEU A 266 -49.26 94.82 -64.62
N LYS A 267 -49.68 95.85 -65.36
CA LYS A 267 -51.05 96.37 -65.28
C LYS A 267 -51.77 96.46 -66.63
N ALA A 268 -53.09 96.28 -66.63
CA ALA A 268 -53.89 96.54 -67.83
C ALA A 268 -54.84 97.72 -67.60
N ALA A 269 -55.57 97.70 -66.48
CA ALA A 269 -56.53 98.77 -66.13
C ALA A 269 -57.39 99.26 -67.31
N TYR A 270 -58.03 98.34 -68.00
CA TYR A 270 -58.83 98.66 -69.19
C TYR A 270 -59.93 99.66 -68.97
N SER A 271 -60.21 100.47 -69.99
CA SER A 271 -61.28 101.47 -69.99
C SER A 271 -62.69 100.89 -69.86
N ILE A 272 -63.54 101.62 -69.11
CA ILE A 272 -64.93 101.19 -68.93
C ILE A 272 -65.68 101.15 -70.23
N GLU A 273 -65.63 102.24 -70.96
CA GLU A 273 -66.39 102.36 -72.17
C GLU A 273 -65.99 101.38 -73.23
N LEU A 274 -64.69 101.13 -73.35
CA LEU A 274 -64.29 100.22 -74.39
C LEU A 274 -64.84 98.84 -74.08
N ALA A 275 -64.80 98.43 -72.81
CA ALA A 275 -65.36 97.14 -72.46
C ALA A 275 -66.84 97.08 -72.76
N GLN A 276 -67.56 98.16 -72.48
CA GLN A 276 -68.99 98.16 -72.68
C GLN A 276 -69.37 97.92 -74.12
N ASP A 277 -68.63 98.51 -75.05
CA ASP A 277 -68.95 98.28 -76.44
C ASP A 277 -68.36 97.00 -76.99
N LEU A 278 -67.20 96.59 -76.50
CA LEU A 278 -66.60 95.36 -77.02
C LEU A 278 -67.54 94.17 -76.82
N ARG A 279 -68.23 94.15 -75.68
CA ARG A 279 -69.16 93.09 -75.38
C ARG A 279 -70.26 92.98 -76.42
N ALA A 280 -70.61 94.09 -77.07
CA ALA A 280 -71.66 94.11 -78.06
C ALA A 280 -71.18 93.72 -79.44
N VAL A 281 -69.88 93.52 -79.59
CA VAL A 281 -69.30 93.24 -80.89
C VAL A 281 -68.68 91.87 -80.93
N HIS A 282 -67.76 91.62 -80.02
CA HIS A 282 -67.06 90.33 -80.01
C HIS A 282 -67.48 89.48 -78.83
N GLY A 283 -68.09 90.09 -77.82
CA GLY A 283 -68.52 89.33 -76.64
C GLY A 283 -67.42 89.26 -75.60
N MET A 284 -66.28 89.80 -75.95
CA MET A 284 -65.12 89.85 -75.10
C MET A 284 -65.43 90.96 -74.11
N ASP A 285 -64.97 90.83 -72.87
CA ASP A 285 -65.24 91.82 -71.83
C ASP A 285 -64.09 92.76 -71.56
N ALA A 286 -63.04 92.61 -72.35
CA ALA A 286 -61.82 93.36 -72.15
C ALA A 286 -61.40 93.25 -70.71
N ASP A 287 -61.55 92.08 -70.09
CA ASP A 287 -61.15 91.94 -68.71
C ASP A 287 -60.49 90.62 -68.61
N ALA A 288 -61.26 89.52 -68.64
CA ALA A 288 -60.64 88.20 -68.56
C ALA A 288 -59.62 88.03 -69.67
N GLU A 289 -59.89 88.62 -70.83
CA GLU A 289 -58.97 88.53 -71.96
C GLU A 289 -57.65 89.19 -71.65
N LEU A 290 -57.70 90.28 -70.89
CA LEU A 290 -56.53 91.04 -70.61
C LEU A 290 -55.79 90.40 -69.49
N SER A 291 -56.54 89.83 -68.56
CA SER A 291 -55.96 89.17 -67.41
C SER A 291 -55.10 88.06 -67.94
N GLY A 292 -55.66 87.31 -68.89
CA GLY A 292 -54.99 86.24 -69.58
C GLY A 292 -53.69 86.74 -70.17
N ILE A 293 -53.75 87.81 -70.96
CA ILE A 293 -52.56 88.34 -71.59
C ILE A 293 -51.52 88.74 -70.56
N LEU A 294 -51.91 89.47 -69.52
CA LEU A 294 -50.89 89.89 -68.58
C LEU A 294 -50.25 88.73 -67.90
N ALA A 295 -51.06 87.76 -67.48
CA ALA A 295 -50.51 86.62 -66.77
C ALA A 295 -49.58 85.85 -67.68
N THR A 296 -49.98 85.73 -68.95
CA THR A 296 -49.22 85.02 -69.93
C THR A 296 -47.91 85.73 -70.14
N GLU A 297 -48.01 87.05 -70.33
CA GLU A 297 -46.84 87.93 -70.59
C GLU A 297 -45.81 87.77 -69.46
N ILE A 298 -46.27 87.65 -68.21
CA ILE A 298 -45.30 87.51 -67.13
C ILE A 298 -44.65 86.17 -67.17
N MET A 299 -45.44 85.10 -67.31
CA MET A 299 -44.84 83.78 -67.32
C MET A 299 -43.86 83.63 -68.45
N LEU A 300 -44.20 84.21 -69.58
CA LEU A 300 -43.36 84.15 -70.73
C LEU A 300 -42.10 84.96 -70.53
N GLU A 301 -42.25 86.15 -69.95
CA GLU A 301 -41.10 87.05 -69.65
C GLU A 301 -40.13 86.30 -68.75
N ILE A 302 -40.65 85.56 -67.77
CA ILE A 302 -39.80 84.78 -66.87
C ILE A 302 -39.14 83.69 -67.65
N ASN A 303 -39.89 82.98 -68.46
CA ASN A 303 -39.29 81.91 -69.17
C ASN A 303 -38.08 82.39 -69.94
N ARG A 304 -38.22 83.51 -70.64
CA ARG A 304 -37.09 83.97 -71.40
C ARG A 304 -35.98 84.33 -70.49
N GLU A 305 -36.30 85.00 -69.37
CA GLU A 305 -35.28 85.42 -68.38
C GLU A 305 -34.40 84.21 -68.01
N VAL A 306 -35.00 83.03 -67.82
CA VAL A 306 -34.28 81.85 -67.47
C VAL A 306 -33.45 81.35 -68.62
N VAL A 307 -34.02 81.32 -69.79
CA VAL A 307 -33.27 80.84 -70.92
C VAL A 307 -32.07 81.72 -71.23
N ASP A 308 -32.27 83.02 -71.25
CA ASP A 308 -31.23 83.96 -71.58
C ASP A 308 -30.07 83.85 -70.58
N TRP A 309 -30.39 83.61 -69.29
CA TRP A 309 -29.33 83.44 -68.30
C TRP A 309 -28.47 82.23 -68.59
N ILE A 310 -28.99 81.27 -69.32
CA ILE A 310 -28.20 80.11 -69.63
C ILE A 310 -27.22 80.56 -70.66
N ASN A 311 -27.68 81.24 -71.70
CA ASN A 311 -26.67 81.64 -72.68
C ASN A 311 -25.64 82.56 -72.05
N TYR A 312 -26.08 83.41 -71.13
CA TYR A 312 -25.24 84.35 -70.45
C TYR A 312 -24.12 83.63 -69.72
N SER A 313 -24.51 82.66 -68.91
CA SER A 313 -23.58 81.95 -68.08
C SER A 313 -22.83 80.79 -68.76
N ALA A 314 -23.35 80.25 -69.86
CA ALA A 314 -22.73 79.12 -70.53
C ALA A 314 -21.34 79.46 -71.05
N GLN A 315 -20.46 78.46 -71.05
CA GLN A 315 -19.12 78.71 -71.50
C GLN A 315 -18.99 78.37 -72.97
N VAL A 316 -17.84 78.65 -73.55
CA VAL A 316 -17.63 78.34 -74.95
C VAL A 316 -17.24 76.88 -75.13
N GLY A 317 -17.97 76.17 -75.98
CA GLY A 317 -17.67 74.77 -76.24
C GLY A 317 -16.73 74.68 -77.41
N LYS A 318 -16.40 73.47 -77.84
CA LYS A 318 -15.48 73.28 -78.95
C LYS A 318 -14.32 74.20 -78.69
N SER A 319 -13.72 73.96 -77.55
CA SER A 319 -12.66 74.78 -77.00
C SER A 319 -11.85 73.91 -76.07
N GLY A 320 -10.61 74.28 -75.80
CA GLY A 320 -9.88 73.54 -74.79
C GLY A 320 -9.81 72.07 -75.13
N MET A 321 -10.31 71.26 -74.20
CA MET A 321 -10.34 69.81 -74.25
C MET A 321 -11.13 69.25 -75.42
N THR A 322 -12.03 70.08 -75.94
CA THR A 322 -12.90 69.65 -77.01
C THR A 322 -12.55 70.30 -78.34
N LEU A 323 -11.38 70.94 -78.40
CA LEU A 323 -10.96 71.60 -79.62
C LEU A 323 -9.89 70.77 -80.34
N THR A 324 -9.96 70.71 -81.67
CA THR A 324 -8.90 70.03 -82.40
C THR A 324 -7.98 71.14 -82.96
N PRO A 325 -6.74 70.83 -83.40
CA PRO A 325 -5.79 71.79 -83.96
C PRO A 325 -6.25 72.55 -85.20
N GLY A 326 -7.24 72.02 -85.90
CA GLY A 326 -7.72 72.68 -87.11
C GLY A 326 -9.09 73.35 -86.91
N SER A 327 -9.57 73.39 -85.68
CA SER A 327 -10.90 73.92 -85.39
C SER A 327 -10.98 75.44 -85.29
N LYS A 328 -12.22 75.95 -85.38
CA LYS A 328 -12.54 77.38 -85.32
C LYS A 328 -12.94 77.98 -83.97
N ALA A 329 -12.73 77.25 -82.87
CA ALA A 329 -12.98 77.77 -81.51
C ALA A 329 -14.41 78.21 -81.20
N GLY A 330 -15.27 77.26 -80.87
CA GLY A 330 -16.66 77.55 -80.55
C GLY A 330 -17.58 77.58 -81.74
N VAL A 331 -17.05 77.25 -82.91
CA VAL A 331 -17.85 77.26 -84.12
C VAL A 331 -17.74 75.95 -84.86
N PHE A 332 -18.86 75.33 -85.16
CA PHE A 332 -18.88 74.09 -85.89
C PHE A 332 -19.17 74.39 -87.35
N ASP A 333 -18.22 74.05 -88.22
CA ASP A 333 -18.32 74.35 -89.63
C ASP A 333 -18.58 73.10 -90.47
N PHE A 334 -19.78 73.00 -91.02
CA PHE A 334 -20.17 71.81 -91.77
C PHE A 334 -19.42 71.65 -93.07
N GLN A 335 -18.73 72.70 -93.49
CA GLN A 335 -17.96 72.70 -94.72
C GLN A 335 -16.49 72.40 -94.45
N ASP A 336 -16.12 72.22 -93.19
CA ASP A 336 -14.74 72.01 -92.77
C ASP A 336 -14.33 70.54 -92.60
N PRO A 337 -13.45 69.99 -93.46
CA PRO A 337 -12.98 68.61 -93.42
C PRO A 337 -12.50 68.19 -92.03
N ILE A 338 -12.00 69.15 -91.25
CA ILE A 338 -11.52 68.80 -89.94
C ILE A 338 -12.68 68.47 -89.05
N ASP A 339 -13.64 69.38 -88.97
CA ASP A 339 -14.80 69.13 -88.13
C ASP A 339 -15.54 67.89 -88.54
N ILE A 340 -15.57 67.63 -89.82
CA ILE A 340 -16.33 66.50 -90.25
C ILE A 340 -15.52 65.24 -90.37
N ARG A 341 -14.31 65.23 -89.85
CA ARG A 341 -13.48 64.06 -89.83
C ARG A 341 -13.37 63.37 -91.19
N GLY A 342 -13.19 64.19 -92.23
CA GLY A 342 -13.02 63.71 -93.58
C GLY A 342 -14.30 63.25 -94.27
N ALA A 343 -15.45 63.53 -93.68
CA ALA A 343 -16.71 63.08 -94.24
C ALA A 343 -17.02 63.59 -95.62
N ARG A 344 -17.78 62.79 -96.37
CA ARG A 344 -18.24 63.26 -97.70
C ARG A 344 -19.63 63.83 -97.50
N TRP A 345 -20.62 63.29 -98.21
CA TRP A 345 -22.02 63.64 -98.08
C TRP A 345 -22.58 63.59 -96.68
N ALA A 346 -23.50 64.52 -96.42
CA ALA A 346 -24.20 64.74 -95.15
C ALA A 346 -24.64 63.49 -94.41
N GLY A 347 -25.05 62.44 -95.09
CA GLY A 347 -25.46 61.26 -94.34
C GLY A 347 -24.32 60.82 -93.41
N GLU A 348 -23.08 61.10 -93.82
CA GLU A 348 -21.91 60.81 -93.01
C GLU A 348 -21.61 62.03 -92.14
N SER A 349 -21.45 63.19 -92.78
CA SER A 349 -20.96 64.38 -92.07
C SER A 349 -21.89 64.91 -91.00
N PHE A 350 -23.16 64.59 -91.05
CA PHE A 350 -24.02 65.07 -89.99
C PHE A 350 -23.61 64.46 -88.64
N LYS A 351 -23.00 63.27 -88.65
CA LYS A 351 -22.61 62.63 -87.41
C LYS A 351 -21.57 63.44 -86.70
N ALA A 352 -20.87 64.28 -87.44
CA ALA A 352 -19.84 65.10 -86.90
C ALA A 352 -20.39 66.05 -85.87
N LEU A 353 -21.64 66.50 -86.07
CA LEU A 353 -22.17 67.42 -85.11
C LEU A 353 -22.48 66.62 -83.90
N LEU A 354 -23.03 65.43 -84.13
CA LEU A 354 -23.41 64.61 -82.99
C LEU A 354 -22.18 64.29 -82.18
N PHE A 355 -21.07 64.04 -82.87
CA PHE A 355 -19.83 63.71 -82.23
C PHE A 355 -19.39 64.86 -81.35
N GLN A 356 -19.41 66.09 -81.89
CA GLN A 356 -19.00 67.21 -81.08
C GLN A 356 -19.91 67.36 -79.88
N ILE A 357 -21.20 67.09 -80.07
CA ILE A 357 -22.15 67.19 -78.97
C ILE A 357 -21.77 66.23 -77.89
N ASP A 358 -21.48 64.98 -78.25
CA ASP A 358 -21.05 64.07 -77.22
C ASP A 358 -19.77 64.53 -76.56
N LYS A 359 -18.82 65.05 -77.32
CA LYS A 359 -17.61 65.48 -76.67
C LYS A 359 -17.90 66.53 -75.64
N GLU A 360 -18.80 67.46 -75.96
CA GLU A 360 -19.19 68.57 -75.06
C GLU A 360 -19.84 67.99 -73.79
N ALA A 361 -20.64 66.92 -73.94
CA ALA A 361 -21.30 66.31 -72.79
C ALA A 361 -20.29 65.67 -71.86
N VAL A 362 -19.26 65.08 -72.45
CA VAL A 362 -18.20 64.45 -71.70
C VAL A 362 -17.45 65.52 -70.93
N GLU A 363 -17.16 66.63 -71.57
CA GLU A 363 -16.49 67.69 -70.87
C GLU A 363 -17.36 68.21 -69.75
N ILE A 364 -18.68 68.27 -69.94
CA ILE A 364 -19.54 68.74 -68.87
C ILE A 364 -19.32 67.83 -67.68
N ALA A 365 -19.28 66.52 -67.90
CA ALA A 365 -19.08 65.66 -66.75
C ALA A 365 -17.83 66.03 -65.98
N ARG A 366 -16.74 66.28 -66.69
CA ARG A 366 -15.55 66.59 -65.92
C ARG A 366 -15.65 67.96 -65.28
N GLN A 367 -16.18 68.93 -65.99
CA GLN A 367 -16.24 70.29 -65.49
C GLN A 367 -17.06 70.44 -64.23
N THR A 368 -18.17 69.70 -64.10
CA THR A 368 -18.96 69.88 -62.89
C THR A 368 -18.71 68.80 -61.86
N GLY A 369 -18.37 67.60 -62.30
CA GLY A 369 -18.18 66.51 -61.36
C GLY A 369 -19.52 65.96 -60.87
N ARG A 370 -20.62 66.42 -61.48
CA ARG A 370 -21.97 66.00 -61.02
C ARG A 370 -22.65 65.10 -62.06
N GLY A 371 -21.96 64.82 -63.17
CA GLY A 371 -22.50 63.96 -64.21
C GLY A 371 -22.44 64.55 -65.62
N GLU A 372 -22.32 63.62 -66.57
CA GLU A 372 -22.23 63.91 -68.02
C GLU A 372 -23.49 64.64 -68.46
N GLY A 373 -23.35 65.54 -69.43
CA GLY A 373 -24.46 66.31 -69.95
C GLY A 373 -25.61 65.41 -70.39
N ASN A 374 -26.83 65.91 -70.21
CA ASN A 374 -28.01 65.13 -70.53
C ASN A 374 -29.11 65.94 -71.20
N PHE A 375 -28.79 67.14 -71.66
CA PHE A 375 -29.76 67.91 -72.39
C PHE A 375 -29.11 68.83 -73.39
N ILE A 376 -29.93 69.25 -74.33
CA ILE A 376 -29.54 70.20 -75.36
C ILE A 376 -30.67 71.11 -75.75
N ILE A 377 -30.34 72.37 -75.94
CA ILE A 377 -31.28 73.36 -76.39
C ILE A 377 -30.72 73.87 -77.67
N ALA A 378 -31.51 73.90 -78.72
CA ALA A 378 -30.90 74.33 -79.95
C ALA A 378 -31.83 75.01 -80.90
N SER A 379 -31.25 75.59 -81.93
CA SER A 379 -32.00 76.21 -82.98
C SER A 379 -32.78 75.16 -83.74
N ARG A 380 -33.73 75.64 -84.50
CA ARG A 380 -34.55 74.78 -85.33
C ARG A 380 -33.69 74.01 -86.30
N ASN A 381 -32.70 74.68 -86.87
CA ASN A 381 -31.86 74.05 -87.86
C ASN A 381 -31.09 72.88 -87.28
N VAL A 382 -30.62 73.03 -86.06
CA VAL A 382 -29.90 71.95 -85.42
C VAL A 382 -30.80 70.77 -85.18
N VAL A 383 -31.97 71.02 -84.65
CA VAL A 383 -32.82 69.91 -84.37
C VAL A 383 -33.23 69.24 -85.68
N ASN A 384 -33.51 70.03 -86.71
CA ASN A 384 -33.89 69.42 -87.98
C ASN A 384 -32.84 68.42 -88.37
N VAL A 385 -31.58 68.79 -88.19
CA VAL A 385 -30.52 67.86 -88.49
C VAL A 385 -30.62 66.66 -87.60
N LEU A 386 -30.84 66.83 -86.31
CA LEU A 386 -30.88 65.64 -85.49
C LEU A 386 -32.02 64.71 -85.91
N ALA A 387 -33.18 65.30 -86.16
CA ALA A 387 -34.41 64.59 -86.49
C ALA A 387 -34.37 63.82 -87.79
N SER A 388 -33.63 64.36 -88.74
CA SER A 388 -33.45 63.82 -90.07
C SER A 388 -32.34 62.78 -90.20
N VAL A 389 -31.63 62.46 -89.12
CA VAL A 389 -30.54 61.50 -89.32
C VAL A 389 -30.64 60.33 -88.41
N ASP A 390 -29.93 59.28 -88.75
CA ASP A 390 -29.92 58.18 -87.85
C ASP A 390 -28.90 58.44 -86.76
N THR A 391 -29.39 58.66 -85.55
CA THR A 391 -28.56 58.99 -84.40
C THR A 391 -28.15 57.73 -83.67
N GLY A 392 -28.57 56.58 -84.18
CA GLY A 392 -28.25 55.30 -83.59
C GLY A 392 -26.90 54.89 -84.10
N ILE A 393 -26.55 53.63 -83.97
CA ILE A 393 -25.23 53.24 -84.42
C ILE A 393 -25.35 52.64 -85.79
N SER A 394 -24.99 53.43 -86.78
CA SER A 394 -25.18 53.04 -88.16
C SER A 394 -24.15 53.69 -89.05
N TYR A 395 -24.30 53.45 -90.35
CA TYR A 395 -23.31 53.85 -91.34
C TYR A 395 -23.42 55.35 -91.70
N ALA A 396 -24.34 55.71 -92.58
CA ALA A 396 -24.50 57.08 -93.04
C ALA A 396 -25.92 57.37 -93.50
N ALA A 397 -26.92 57.05 -92.70
CA ALA A 397 -28.30 57.25 -93.11
C ALA A 397 -28.92 58.61 -92.78
N GLN A 398 -29.85 59.03 -93.64
CA GLN A 398 -30.66 60.23 -93.41
C GLN A 398 -31.95 60.16 -94.21
N GLY A 399 -32.88 61.08 -93.90
CA GLY A 399 -34.17 61.19 -94.61
C GLY A 399 -34.97 62.37 -94.06
N LEU A 400 -36.29 62.31 -94.17
CA LEU A 400 -37.13 63.40 -93.67
C LEU A 400 -37.08 63.37 -92.15
N ALA A 401 -37.19 64.52 -91.50
CA ALA A 401 -37.19 64.53 -90.06
C ALA A 401 -38.34 63.76 -89.45
N THR A 402 -38.01 62.81 -88.58
CA THR A 402 -39.02 62.05 -87.87
C THR A 402 -38.64 61.87 -86.41
N GLY A 403 -37.34 61.98 -86.11
CA GLY A 403 -36.84 61.68 -84.78
C GLY A 403 -37.37 62.57 -83.66
N PHE A 404 -37.59 63.84 -83.96
CA PHE A 404 -38.02 64.79 -82.96
C PHE A 404 -39.09 65.68 -83.54
N SER A 405 -39.91 66.27 -82.68
CA SER A 405 -40.84 67.26 -83.17
C SER A 405 -40.16 68.59 -83.25
N THR A 406 -40.39 69.29 -84.33
CA THR A 406 -39.85 70.61 -84.50
C THR A 406 -40.92 71.69 -84.54
N ASP A 407 -42.16 71.29 -84.27
CA ASP A 407 -43.28 72.24 -84.33
C ASP A 407 -43.51 72.95 -82.97
N THR A 408 -43.12 74.22 -82.93
CA THR A 408 -43.12 75.01 -81.69
C THR A 408 -44.50 75.54 -81.31
N THR A 409 -45.50 75.20 -82.10
CA THR A 409 -46.86 75.59 -81.79
C THR A 409 -47.48 74.45 -81.03
N LYS A 410 -46.78 73.32 -80.94
CA LYS A 410 -47.25 72.15 -80.24
C LYS A 410 -46.46 71.96 -78.97
N SER A 411 -45.15 72.10 -79.07
CA SER A 411 -44.30 71.93 -77.90
C SER A 411 -43.05 72.75 -78.00
N VAL A 412 -42.13 72.45 -77.10
CA VAL A 412 -40.85 73.09 -77.04
C VAL A 412 -39.84 72.00 -76.88
N PHE A 413 -40.39 70.86 -76.50
CA PHE A 413 -39.62 69.68 -76.25
C PHE A 413 -39.73 68.85 -77.48
N ALA A 414 -38.62 68.65 -78.12
CA ALA A 414 -38.57 67.97 -79.38
C ALA A 414 -38.53 66.46 -79.20
N GLY A 415 -37.82 66.00 -78.16
CA GLY A 415 -37.68 64.55 -77.92
C GLY A 415 -36.36 64.18 -77.25
N VAL A 416 -35.98 62.90 -77.28
CA VAL A 416 -34.75 62.51 -76.59
C VAL A 416 -33.70 61.91 -77.54
N LEU A 417 -32.54 62.53 -77.58
CA LEU A 417 -31.53 62.15 -78.53
C LEU A 417 -30.77 60.95 -78.10
N GLY A 418 -30.99 59.87 -78.84
CA GLY A 418 -30.36 58.60 -78.58
C GLY A 418 -30.94 57.96 -77.34
N GLY A 419 -32.03 58.51 -76.82
CA GLY A 419 -32.55 58.01 -75.58
C GLY A 419 -31.71 58.57 -74.41
N LYS A 420 -30.75 59.46 -74.73
CA LYS A 420 -29.83 60.03 -73.77
C LYS A 420 -30.02 61.50 -73.46
N TYR A 421 -30.27 62.36 -74.45
CA TYR A 421 -30.33 63.78 -74.11
C TYR A 421 -31.72 64.37 -74.32
N ARG A 422 -32.11 65.26 -73.42
CA ARG A 422 -33.39 65.96 -73.59
C ARG A 422 -33.26 67.12 -74.58
N VAL A 423 -33.91 67.01 -75.74
CA VAL A 423 -33.79 68.01 -76.79
C VAL A 423 -34.94 69.01 -76.81
N TYR A 424 -34.58 70.27 -76.69
CA TYR A 424 -35.51 71.39 -76.71
C TYR A 424 -35.14 72.40 -77.79
N ILE A 425 -36.13 73.16 -78.24
CA ILE A 425 -35.85 74.20 -79.25
C ILE A 425 -35.92 75.62 -78.78
N ASP A 426 -34.84 76.35 -78.98
CA ASP A 426 -34.87 77.75 -78.62
C ASP A 426 -35.51 78.48 -79.75
N GLN A 427 -36.81 78.66 -79.67
CA GLN A 427 -37.56 79.28 -80.75
C GLN A 427 -37.07 80.69 -81.03
N TYR A 428 -36.35 81.30 -80.08
CA TYR A 428 -35.87 82.63 -80.26
C TYR A 428 -34.36 82.74 -80.36
N ALA A 429 -33.70 81.67 -80.77
CA ALA A 429 -32.25 81.75 -80.92
C ALA A 429 -31.95 82.93 -81.80
N LYS A 430 -30.95 83.73 -81.44
CA LYS A 430 -30.68 84.89 -82.28
C LYS A 430 -30.24 84.52 -83.67
N GLN A 431 -29.43 83.48 -83.83
CA GLN A 431 -29.10 83.12 -85.20
C GLN A 431 -29.16 81.63 -85.46
N ASP A 432 -28.16 80.90 -84.97
CA ASP A 432 -28.13 79.46 -85.19
C ASP A 432 -26.99 78.85 -84.37
N TYR A 433 -27.37 78.23 -83.25
CA TYR A 433 -26.33 77.66 -82.37
C TYR A 433 -27.03 76.79 -81.34
N PHE A 434 -26.27 75.86 -80.76
CA PHE A 434 -26.86 74.96 -79.80
C PHE A 434 -26.09 75.02 -78.52
N THR A 435 -26.72 74.58 -77.46
CA THR A 435 -26.02 74.52 -76.22
C THR A 435 -26.42 73.30 -75.43
N VAL A 436 -25.47 72.80 -74.67
CA VAL A 436 -25.69 71.59 -73.90
C VAL A 436 -25.39 71.77 -72.46
N GLY A 437 -25.86 70.81 -71.68
CA GLY A 437 -25.56 70.82 -70.27
C GLY A 437 -26.10 69.62 -69.50
N TYR A 438 -25.91 69.70 -68.19
CA TYR A 438 -26.32 68.61 -67.29
C TYR A 438 -27.33 68.98 -66.25
N LYS A 439 -28.37 68.17 -66.15
CA LYS A 439 -29.37 68.32 -65.12
C LYS A 439 -29.49 67.03 -64.35
N GLY A 440 -29.07 67.05 -63.11
CA GLY A 440 -29.16 65.84 -62.33
C GLY A 440 -30.47 65.80 -61.57
N PRO A 441 -30.71 64.74 -60.78
CA PRO A 441 -31.89 64.52 -59.97
C PRO A 441 -32.07 65.47 -58.78
N ASN A 442 -31.01 66.11 -58.30
CA ASN A 442 -31.15 67.00 -57.17
C ASN A 442 -31.43 68.40 -57.61
N GLU A 443 -31.98 69.19 -56.71
CA GLU A 443 -32.24 70.58 -56.99
C GLU A 443 -30.96 71.33 -57.32
N MET A 444 -29.86 70.94 -56.70
CA MET A 444 -28.61 71.64 -56.94
C MET A 444 -27.89 71.16 -58.18
N ASP A 445 -28.44 70.19 -58.88
CA ASP A 445 -27.71 69.62 -59.99
C ASP A 445 -27.98 70.28 -61.34
N ALA A 446 -28.69 71.40 -61.34
CA ALA A 446 -28.99 72.12 -62.58
C ALA A 446 -27.94 73.15 -62.93
N GLY A 447 -27.38 73.79 -61.90
CA GLY A 447 -26.44 74.88 -62.05
C GLY A 447 -27.12 76.25 -61.91
N ILE A 448 -28.46 76.26 -62.03
CA ILE A 448 -29.32 77.44 -61.93
C ILE A 448 -30.57 77.17 -61.08
N TYR A 449 -31.15 78.22 -60.50
CA TYR A 449 -32.38 78.12 -59.71
C TYR A 449 -33.44 79.21 -60.02
N TYR A 450 -34.72 78.80 -59.87
CA TYR A 450 -35.95 79.63 -59.93
C TYR A 450 -36.81 79.28 -58.73
N ALA A 451 -37.08 80.19 -57.81
CA ALA A 451 -37.75 79.76 -56.60
C ALA A 451 -39.02 80.51 -56.30
N PRO A 452 -40.15 80.16 -56.90
CA PRO A 452 -41.33 80.97 -56.82
C PRO A 452 -41.77 81.10 -55.39
N TYR A 453 -41.98 82.33 -54.99
CA TYR A 453 -42.40 82.73 -53.66
C TYR A 453 -43.79 83.33 -53.73
N VAL A 454 -43.97 84.19 -54.72
CA VAL A 454 -45.23 84.86 -55.00
C VAL A 454 -45.52 84.69 -56.47
N ALA A 455 -46.76 84.38 -56.84
CA ALA A 455 -47.00 84.29 -58.27
C ALA A 455 -48.42 84.66 -58.64
N LEU A 456 -48.51 85.49 -59.67
CA LEU A 456 -49.73 85.97 -60.26
C LEU A 456 -50.73 86.39 -59.24
N THR A 457 -50.27 87.17 -58.29
CA THR A 457 -51.19 87.65 -57.30
C THR A 457 -52.07 88.56 -58.09
N PRO A 458 -53.40 88.36 -58.11
CA PRO A 458 -54.29 89.21 -58.85
C PRO A 458 -54.36 90.51 -58.11
N LEU A 459 -54.39 91.60 -58.84
CA LEU A 459 -54.51 92.89 -58.25
C LEU A 459 -55.69 93.60 -58.84
N ARG A 460 -56.67 93.99 -58.03
CA ARG A 460 -57.84 94.64 -58.58
C ARG A 460 -58.35 95.79 -57.71
N GLY A 461 -58.96 96.78 -58.35
CA GLY A 461 -59.62 97.90 -57.67
C GLY A 461 -60.23 98.84 -58.72
N SER A 462 -60.58 100.06 -58.32
CA SER A 462 -61.17 101.02 -59.25
C SER A 462 -60.91 102.46 -58.79
N ASP A 463 -60.81 103.37 -59.75
CA ASP A 463 -60.58 104.80 -59.56
C ASP A 463 -61.85 105.61 -59.29
N PRO A 464 -62.03 106.20 -58.09
CA PRO A 464 -63.18 106.97 -57.65
C PRO A 464 -63.51 108.11 -58.59
N LYS A 465 -62.54 108.55 -59.40
CA LYS A 465 -62.79 109.62 -60.36
C LYS A 465 -64.04 109.31 -61.16
N ASN A 466 -64.17 108.04 -61.55
CA ASN A 466 -65.27 107.60 -62.36
C ASN A 466 -65.66 106.13 -62.16
N PHE A 467 -65.14 105.51 -61.08
CA PHE A 467 -65.32 104.08 -60.82
C PHE A 467 -64.65 103.26 -61.93
N GLN A 468 -63.54 103.75 -62.44
CA GLN A 468 -62.81 103.05 -63.50
C GLN A 468 -62.01 101.89 -62.99
N PRO A 469 -62.28 100.65 -63.44
CA PRO A 469 -61.55 99.45 -63.04
C PRO A 469 -60.06 99.57 -63.28
N VAL A 470 -59.32 99.01 -62.33
CA VAL A 470 -57.90 98.98 -62.39
C VAL A 470 -57.45 97.55 -62.10
N MET A 471 -56.67 96.94 -62.93
CA MET A 471 -56.25 95.57 -62.60
C MET A 471 -54.91 95.19 -63.18
N GLY A 472 -54.26 94.21 -62.52
CA GLY A 472 -52.97 93.64 -62.93
C GLY A 472 -52.49 92.44 -62.09
N PHE A 473 -51.20 92.13 -62.15
CA PHE A 473 -50.68 90.96 -61.39
C PHE A 473 -49.23 91.16 -60.96
N LYS A 474 -48.81 90.40 -59.95
CA LYS A 474 -47.44 90.42 -59.40
C LYS A 474 -46.84 89.03 -59.01
N THR A 475 -45.50 88.89 -59.18
CA THR A 475 -44.74 87.68 -58.76
C THR A 475 -43.43 88.01 -58.03
N ARG A 476 -42.85 86.98 -57.42
CA ARG A 476 -41.55 87.03 -56.71
C ARG A 476 -40.89 85.64 -56.78
N TYR A 477 -39.65 85.54 -57.27
CA TYR A 477 -39.01 84.22 -57.38
C TYR A 477 -37.49 84.28 -57.27
N GLY A 478 -36.93 85.48 -57.37
CA GLY A 478 -35.50 85.59 -57.24
C GLY A 478 -34.75 84.86 -58.33
N ILE A 479 -33.49 84.56 -58.08
CA ILE A 479 -32.65 83.86 -59.03
C ILE A 479 -31.38 83.37 -58.39
N GLY A 480 -30.87 82.23 -58.84
CA GLY A 480 -29.56 81.89 -58.33
C GLY A 480 -28.83 80.79 -59.08
N ILE A 481 -27.59 80.56 -58.67
CA ILE A 481 -26.74 79.55 -59.28
C ILE A 481 -26.14 78.55 -58.31
N ASN A 482 -25.58 77.49 -58.86
CA ASN A 482 -24.88 76.50 -58.05
C ASN A 482 -23.56 77.09 -57.56
N PRO A 483 -23.27 77.06 -56.27
CA PRO A 483 -22.05 77.56 -55.67
C PRO A 483 -20.76 77.16 -56.35
N PHE A 484 -20.70 75.99 -56.97
CA PHE A 484 -19.48 75.57 -57.61
C PHE A 484 -19.55 75.72 -59.12
N ALA A 485 -20.58 76.38 -59.62
CA ALA A 485 -20.79 76.45 -61.04
C ALA A 485 -19.62 77.02 -61.82
N GLU A 486 -18.88 77.97 -61.28
CA GLU A 486 -17.79 78.50 -62.10
C GLU A 486 -16.67 77.51 -62.40
N SER A 487 -16.48 76.51 -61.52
CA SER A 487 -15.35 75.58 -61.61
C SER A 487 -14.03 76.27 -61.98
N ALA A 488 -13.77 77.49 -61.52
CA ALA A 488 -12.58 78.19 -61.98
C ALA A 488 -11.81 78.80 -60.86
N ALA A 489 -12.00 78.28 -59.68
CA ALA A 489 -11.33 78.79 -58.52
C ALA A 489 -11.30 77.74 -57.49
N GLN A 490 -10.33 77.87 -56.61
CA GLN A 490 -10.29 76.99 -55.47
C GLN A 490 -11.35 77.45 -54.50
N ALA A 491 -11.50 78.76 -54.38
CA ALA A 491 -12.51 79.29 -53.49
C ALA A 491 -12.86 80.73 -53.87
N PRO A 492 -14.09 81.19 -53.59
CA PRO A 492 -14.56 82.54 -53.78
C PRO A 492 -14.02 83.54 -52.77
N ALA A 493 -13.95 84.78 -53.22
CA ALA A 493 -13.51 85.86 -52.38
C ALA A 493 -14.39 86.07 -51.16
N SER A 494 -13.71 86.42 -50.07
CA SER A 494 -14.28 86.82 -48.79
C SER A 494 -15.13 85.80 -48.06
N ARG A 495 -15.19 84.56 -48.54
CA ARG A 495 -16.01 83.53 -47.88
C ARG A 495 -17.51 83.86 -47.90
N ILE A 496 -17.91 84.83 -48.73
CA ILE A 496 -19.30 85.18 -48.88
C ILE A 496 -19.52 85.86 -50.21
N GLN A 497 -20.53 85.39 -50.93
CA GLN A 497 -20.83 85.95 -52.22
C GLN A 497 -22.30 85.99 -52.53
N SER A 498 -22.60 86.53 -53.69
CA SER A 498 -23.97 86.55 -54.14
C SER A 498 -24.22 85.31 -54.95
N GLY A 499 -25.40 84.74 -54.82
CA GLY A 499 -25.77 83.58 -55.61
C GLY A 499 -26.49 84.03 -56.85
N MET A 500 -26.68 85.34 -56.96
CA MET A 500 -27.37 85.91 -58.07
C MET A 500 -26.31 86.05 -59.15
N PRO A 501 -26.53 85.51 -60.33
CA PRO A 501 -25.59 85.55 -61.42
C PRO A 501 -25.40 86.97 -61.90
N SER A 502 -24.21 87.25 -62.38
CA SER A 502 -23.86 88.55 -62.94
C SER A 502 -22.59 88.47 -63.76
N ILE A 503 -22.26 89.59 -64.38
CA ILE A 503 -21.07 89.75 -65.17
C ILE A 503 -19.79 89.43 -64.42
N LEU A 504 -19.80 89.56 -63.10
CA LEU A 504 -18.61 89.29 -62.32
C LEU A 504 -18.66 87.93 -61.69
N ASN A 505 -19.78 87.25 -61.83
CA ASN A 505 -19.98 86.02 -61.13
C ASN A 505 -20.05 84.81 -62.01
N SER A 506 -20.85 84.89 -63.06
CA SER A 506 -21.06 83.72 -63.87
C SER A 506 -21.07 83.91 -65.39
N LEU A 507 -21.01 85.13 -65.90
CA LEU A 507 -21.11 85.23 -67.35
C LEU A 507 -19.94 84.49 -67.96
N GLY A 508 -20.23 83.52 -68.82
CA GLY A 508 -19.20 82.75 -69.48
C GLY A 508 -18.45 81.77 -68.58
N LYS A 509 -18.96 81.52 -67.37
CA LYS A 509 -18.28 80.66 -66.43
C LYS A 509 -18.99 79.40 -65.98
N ASN A 510 -20.27 79.24 -66.26
CA ASN A 510 -21.01 78.14 -65.66
C ASN A 510 -20.76 76.79 -66.30
N ALA A 511 -20.10 75.93 -65.53
CA ALA A 511 -19.62 74.61 -65.84
C ALA A 511 -20.71 73.65 -66.28
N TYR A 512 -21.94 73.95 -65.95
CA TYR A 512 -23.03 73.07 -66.29
C TYR A 512 -23.48 73.27 -67.72
N PHE A 513 -22.94 74.30 -68.40
CA PHE A 513 -23.39 74.58 -69.75
C PHE A 513 -22.28 74.94 -70.76
N ARG A 514 -22.49 74.56 -72.02
CA ARG A 514 -21.57 74.87 -73.12
C ARG A 514 -22.25 75.27 -74.42
N ARG A 515 -21.78 76.34 -75.04
CA ARG A 515 -22.35 76.80 -76.31
C ARG A 515 -21.42 76.77 -77.51
N VAL A 516 -21.97 76.30 -78.60
CA VAL A 516 -21.29 76.24 -79.90
C VAL A 516 -22.18 76.80 -80.99
N TYR A 517 -21.60 77.65 -81.82
CA TYR A 517 -22.33 78.26 -82.92
C TYR A 517 -22.19 77.37 -84.11
N VAL A 518 -23.20 77.32 -84.97
CA VAL A 518 -23.05 76.43 -86.11
C VAL A 518 -23.24 77.15 -87.43
N LYS A 519 -22.42 76.79 -88.40
CA LYS A 519 -22.53 77.39 -89.72
C LYS A 519 -22.30 76.43 -90.86
N GLY A 520 -22.94 76.73 -91.99
CA GLY A 520 -22.70 75.98 -93.21
C GLY A 520 -23.52 74.71 -93.43
N ILE A 521 -24.59 74.47 -92.68
CA ILE A 521 -25.33 73.23 -92.93
C ILE A 521 -25.53 73.10 -94.44
N ALA B 66 -57.34 43.25 -167.60
CA ALA B 66 -56.71 43.65 -166.35
C ALA B 66 -56.96 45.11 -166.09
N GLU B 67 -58.07 45.60 -166.62
CA GLU B 67 -58.47 46.96 -166.31
C GLU B 67 -58.84 46.99 -164.85
N ILE B 68 -58.42 48.02 -164.12
CA ILE B 68 -58.75 48.10 -162.72
C ILE B 68 -59.40 49.43 -162.37
N GLY B 69 -60.08 49.44 -161.21
CA GLY B 69 -60.69 50.65 -160.68
C GLY B 69 -59.64 51.71 -160.42
N GLY B 70 -58.44 51.27 -160.02
CA GLY B 70 -57.33 52.15 -159.78
C GLY B 70 -56.98 52.27 -158.33
N ASP B 71 -55.93 53.02 -158.07
CA ASP B 71 -55.44 53.23 -156.72
C ASP B 71 -55.33 54.70 -156.44
N HIS B 72 -54.89 55.01 -155.24
CA HIS B 72 -54.65 56.38 -154.87
C HIS B 72 -53.16 56.66 -154.88
N GLY B 73 -52.82 57.93 -155.00
CA GLY B 73 -51.41 58.34 -154.96
C GLY B 73 -50.96 58.63 -153.54
N TYR B 74 -51.84 58.32 -152.59
CA TYR B 74 -51.69 58.56 -151.17
C TYR B 74 -51.68 60.05 -150.86
N ASN B 75 -52.29 60.78 -151.77
CA ASN B 75 -52.52 62.20 -151.69
C ASN B 75 -53.85 62.38 -150.99
N ALA B 76 -53.85 63.01 -149.83
CA ALA B 76 -55.08 63.16 -149.07
C ALA B 76 -56.16 63.83 -149.90
N THR B 77 -55.77 64.72 -150.79
CA THR B 77 -56.68 65.43 -151.65
C THR B 77 -57.52 64.48 -152.47
N ASN B 78 -56.89 63.44 -152.97
CA ASN B 78 -57.57 62.52 -153.84
C ASN B 78 -58.29 61.48 -153.03
N ILE B 79 -57.68 61.02 -151.93
CA ILE B 79 -58.33 59.95 -151.17
C ILE B 79 -59.64 60.45 -150.66
N ALA B 80 -59.63 61.65 -150.13
CA ALA B 80 -60.75 62.29 -149.52
C ALA B 80 -61.97 62.39 -150.42
N ALA B 81 -61.78 62.37 -151.73
CA ALA B 81 -62.90 62.50 -152.64
C ALA B 81 -63.06 61.29 -153.53
N GLY B 82 -62.36 60.19 -153.21
CA GLY B 82 -62.48 58.98 -154.00
C GLY B 82 -61.80 59.02 -155.38
N GLN B 83 -60.82 59.88 -155.63
CA GLN B 83 -60.25 59.90 -156.98
C GLN B 83 -59.12 58.90 -157.16
N THR B 84 -59.32 57.95 -158.07
CA THR B 84 -58.33 56.91 -158.28
C THR B 84 -57.59 57.14 -159.61
N SER B 85 -56.54 56.36 -159.78
CA SER B 85 -55.69 56.33 -160.96
C SER B 85 -56.24 55.50 -162.11
N GLY B 86 -57.36 54.82 -161.89
CA GLY B 86 -57.90 53.90 -162.87
C GLY B 86 -59.26 54.29 -163.41
N ALA B 87 -60.05 53.28 -163.73
CA ALA B 87 -61.34 53.45 -164.37
C ALA B 87 -62.53 53.84 -163.47
N VAL B 88 -62.48 53.57 -162.16
CA VAL B 88 -63.66 53.83 -161.36
C VAL B 88 -63.38 54.60 -160.09
N THR B 89 -63.99 55.77 -159.98
CA THR B 89 -63.80 56.57 -158.79
C THR B 89 -64.71 56.07 -157.70
N GLN B 90 -64.43 56.49 -156.49
CA GLN B 90 -65.18 56.08 -155.34
C GLN B 90 -65.98 57.20 -154.74
N ILE B 91 -66.75 56.89 -153.71
CA ILE B 91 -67.56 57.90 -153.07
C ILE B 91 -66.74 58.78 -152.13
N GLY B 92 -65.97 58.13 -151.27
CA GLY B 92 -65.15 58.81 -150.30
C GLY B 92 -64.57 57.75 -149.39
N PRO B 93 -63.66 58.11 -148.48
CA PRO B 93 -63.00 57.21 -147.56
C PRO B 93 -63.90 56.60 -146.46
N ALA B 94 -63.56 55.38 -146.01
CA ALA B 94 -64.27 54.69 -144.94
C ALA B 94 -64.20 55.43 -143.61
N VAL B 95 -65.28 55.47 -142.87
CA VAL B 95 -65.21 56.15 -141.59
C VAL B 95 -64.68 55.26 -140.47
N MET B 96 -63.64 55.76 -139.80
CA MET B 96 -62.94 55.11 -138.71
C MET B 96 -63.23 55.79 -137.37
N GLY B 97 -64.23 56.67 -137.38
CA GLY B 97 -64.64 57.43 -136.18
C GLY B 97 -63.97 58.79 -136.06
N MET B 98 -63.95 59.30 -134.83
CA MET B 98 -63.39 60.61 -134.57
C MET B 98 -62.70 60.60 -133.21
N VAL B 99 -61.75 61.50 -133.05
CA VAL B 99 -60.99 61.65 -131.82
C VAL B 99 -61.07 63.06 -131.26
N ARG B 100 -61.27 63.21 -129.98
CA ARG B 100 -61.26 64.57 -129.45
C ARG B 100 -60.23 64.66 -128.35
N ARG B 101 -59.71 65.87 -128.17
CA ARG B 101 -58.77 66.22 -127.12
C ARG B 101 -59.33 66.07 -125.69
N ALA B 102 -58.53 65.50 -124.77
CA ALA B 102 -58.88 65.32 -123.36
C ALA B 102 -58.81 66.62 -122.56
N ILE B 103 -59.58 66.70 -121.48
CA ILE B 103 -59.60 67.83 -120.56
C ILE B 103 -58.76 67.57 -119.29
N PRO B 104 -57.84 68.48 -118.89
CA PRO B 104 -56.96 68.39 -117.71
C PRO B 104 -57.69 68.46 -116.38
N ASN B 105 -57.07 67.88 -115.36
CA ASN B 105 -57.58 67.83 -114.01
C ASN B 105 -57.29 69.05 -113.17
N LEU B 106 -58.15 69.32 -112.18
CA LEU B 106 -57.93 70.41 -111.23
C LEU B 106 -58.02 69.99 -109.75
N ILE B 107 -57.34 70.77 -108.90
CA ILE B 107 -57.26 70.66 -107.44
C ILE B 107 -57.41 72.03 -106.80
N ALA B 108 -58.32 72.82 -107.35
CA ALA B 108 -58.40 74.24 -107.04
C ALA B 108 -58.46 74.60 -105.57
N PHE B 109 -59.12 73.82 -104.72
CA PHE B 109 -59.17 74.29 -103.34
C PHE B 109 -58.57 73.35 -102.31
N ASP B 110 -57.75 72.37 -102.70
CA ASP B 110 -57.26 71.50 -101.64
C ASP B 110 -56.45 72.21 -100.56
N ILE B 111 -55.76 73.28 -100.93
CA ILE B 111 -54.94 74.02 -99.99
C ILE B 111 -55.40 75.46 -99.89
N CYS B 112 -56.69 75.68 -100.11
CA CYS B 112 -57.24 77.04 -100.08
C CYS B 112 -58.51 77.09 -99.27
N GLY B 113 -58.65 78.11 -98.44
CA GLY B 113 -59.86 78.23 -97.68
C GLY B 113 -60.86 78.85 -98.61
N VAL B 114 -62.14 78.76 -98.31
CA VAL B 114 -63.08 79.39 -99.21
C VAL B 114 -63.99 80.38 -98.54
N GLN B 115 -64.64 79.98 -97.47
CA GLN B 115 -65.58 80.81 -96.77
C GLN B 115 -66.44 81.58 -97.77
N PRO B 116 -67.27 80.90 -98.57
CA PRO B 116 -68.00 81.52 -99.63
C PRO B 116 -68.82 82.61 -99.06
N MET B 117 -68.88 83.73 -99.74
CA MET B 117 -69.68 84.80 -99.20
C MET B 117 -71.12 84.56 -99.60
N ASN B 118 -72.08 85.02 -98.79
CA ASN B 118 -73.49 84.89 -99.15
C ASN B 118 -74.04 86.20 -99.68
N SER B 119 -73.13 87.10 -99.90
CA SER B 119 -73.36 88.44 -100.39
C SER B 119 -71.99 88.82 -100.90
N PRO B 120 -71.83 89.77 -101.77
CA PRO B 120 -70.53 90.20 -102.20
C PRO B 120 -69.97 91.07 -101.08
N THR B 121 -68.66 91.27 -101.07
CA THR B 121 -68.08 92.28 -100.20
C THR B 121 -68.21 92.12 -98.66
N GLY B 122 -67.57 91.10 -98.09
CA GLY B 122 -67.55 90.89 -96.65
C GLY B 122 -66.36 91.57 -95.91
N GLN B 123 -66.20 91.30 -94.61
CA GLN B 123 -65.12 91.84 -93.77
C GLN B 123 -64.67 90.89 -92.67
N VAL B 124 -63.38 90.92 -92.33
CA VAL B 124 -62.86 90.07 -91.24
C VAL B 124 -62.03 90.89 -90.26
N PHE B 125 -62.19 90.58 -89.00
CA PHE B 125 -61.51 91.28 -87.92
C PHE B 125 -60.34 90.49 -87.38
N ALA B 126 -59.35 91.15 -86.79
CA ALA B 126 -58.24 90.40 -86.23
C ALA B 126 -57.63 91.04 -84.97
N LEU B 127 -57.39 90.18 -83.98
CA LEU B 127 -56.83 90.63 -82.71
C LEU B 127 -55.32 90.48 -82.58
N ARG B 128 -54.72 91.59 -82.17
CA ARG B 128 -53.31 91.67 -81.86
C ARG B 128 -53.16 92.11 -80.40
N ALA B 129 -52.41 91.36 -79.60
CA ALA B 129 -52.21 91.78 -78.22
C ALA B 129 -51.18 92.89 -78.29
N VAL B 130 -51.29 93.91 -77.46
CA VAL B 130 -50.34 95.01 -77.58
C VAL B 130 -49.70 95.42 -76.29
N TYR B 131 -48.62 96.20 -76.42
CA TYR B 131 -47.98 96.79 -75.27
C TYR B 131 -47.38 98.16 -75.54
N GLY B 132 -47.17 98.90 -74.43
CA GLY B 132 -46.58 100.23 -74.51
C GLY B 132 -47.55 101.39 -74.18
N LYS B 133 -48.69 101.05 -73.57
CA LYS B 133 -49.76 101.98 -73.14
C LYS B 133 -50.56 102.66 -74.24
N ASP B 134 -50.32 102.31 -75.49
CA ASP B 134 -51.08 102.91 -76.56
C ASP B 134 -51.21 101.95 -77.72
N PRO B 135 -52.36 101.28 -77.87
CA PRO B 135 -52.62 100.30 -78.90
C PRO B 135 -52.45 100.86 -80.30
N VAL B 136 -52.52 102.19 -80.46
CA VAL B 136 -52.35 102.76 -81.77
C VAL B 136 -51.34 103.88 -81.73
N ALA B 137 -50.11 103.58 -82.07
CA ALA B 137 -49.08 104.59 -82.05
C ALA B 137 -47.89 104.14 -82.87
N ALA B 138 -47.16 105.10 -83.40
CA ALA B 138 -45.93 104.70 -84.01
C ALA B 138 -45.08 104.10 -82.92
N GLY B 139 -44.43 103.00 -83.20
CA GLY B 139 -43.54 102.39 -82.22
C GLY B 139 -44.25 101.39 -81.30
N ALA B 140 -45.59 101.34 -81.38
CA ALA B 140 -46.37 100.42 -80.56
C ALA B 140 -45.98 99.02 -80.95
N LYS B 141 -46.00 98.07 -80.01
CA LYS B 141 -45.61 96.71 -80.35
C LYS B 141 -46.64 95.65 -79.98
N GLU B 142 -46.59 94.54 -80.74
CA GLU B 142 -47.48 93.38 -80.54
C GLU B 142 -46.84 92.42 -79.53
N ALA B 143 -47.59 92.06 -78.50
CA ALA B 143 -47.13 91.16 -77.43
C ALA B 143 -46.72 89.78 -77.91
N PHE B 144 -47.41 89.25 -78.91
CA PHE B 144 -47.06 87.93 -79.37
C PHE B 144 -46.96 87.99 -80.87
N HIS B 145 -45.90 87.48 -81.44
CA HIS B 145 -45.75 87.51 -82.88
C HIS B 145 -44.72 86.45 -83.19
N PRO B 146 -44.92 85.59 -84.18
CA PRO B 146 -43.97 84.59 -84.53
C PRO B 146 -42.75 85.33 -84.96
N MET B 147 -41.60 84.73 -84.69
CA MET B 147 -40.29 85.25 -85.04
C MET B 147 -39.86 86.48 -84.26
N TYR B 148 -40.60 86.88 -83.22
CA TYR B 148 -40.12 87.99 -82.40
C TYR B 148 -40.21 87.65 -80.92
N GLY B 149 -39.10 87.85 -80.21
CA GLY B 149 -39.12 87.49 -78.82
C GLY B 149 -39.82 88.53 -77.98
N PRO B 150 -40.24 88.17 -76.76
CA PRO B 150 -40.79 89.03 -75.75
C PRO B 150 -39.76 90.05 -75.38
N ASP B 151 -40.18 91.24 -75.01
CA ASP B 151 -39.23 92.23 -74.58
C ASP B 151 -38.52 91.64 -73.38
N ALA B 152 -37.23 91.89 -73.26
CA ALA B 152 -36.54 91.33 -72.12
C ALA B 152 -37.15 91.77 -70.81
N MET B 153 -37.62 93.02 -70.73
CA MET B 153 -38.11 93.44 -69.45
C MET B 153 -39.27 94.43 -69.46
N PHE B 154 -40.43 93.97 -69.00
CA PHE B 154 -41.65 94.82 -68.93
C PHE B 154 -42.16 94.83 -67.48
N SER B 155 -42.15 93.65 -66.86
CA SER B 155 -42.57 93.45 -65.51
C SER B 155 -41.36 93.51 -64.59
N GLY B 156 -40.17 93.24 -65.15
CA GLY B 156 -38.93 93.22 -64.37
C GLY B 156 -38.21 94.56 -64.26
N GLN B 157 -36.89 94.49 -64.12
CA GLN B 157 -36.05 95.66 -63.83
C GLN B 157 -36.21 96.76 -64.82
N GLY B 158 -36.43 96.43 -66.07
CA GLY B 158 -36.56 97.43 -67.11
C GLY B 158 -37.59 98.50 -66.79
N ALA B 159 -38.63 98.17 -66.04
CA ALA B 159 -39.64 99.16 -65.73
C ALA B 159 -39.07 100.34 -64.98
N ALA B 160 -37.99 100.11 -64.26
CA ALA B 160 -37.36 101.11 -63.43
C ALA B 160 -36.42 102.06 -64.16
N LYS B 161 -36.17 101.87 -65.45
CA LYS B 161 -35.22 102.77 -66.09
C LYS B 161 -35.29 102.83 -67.60
N LYS B 162 -34.61 103.80 -68.17
CA LYS B 162 -34.49 103.86 -69.60
C LYS B 162 -33.13 103.35 -69.99
N PHE B 163 -33.06 102.74 -71.17
CA PHE B 163 -31.82 102.19 -71.64
C PHE B 163 -31.39 102.87 -72.91
N PRO B 164 -30.09 103.02 -73.15
CA PRO B 164 -29.55 103.51 -74.40
C PRO B 164 -29.70 102.42 -75.43
N ALA B 165 -29.88 102.82 -76.67
CA ALA B 165 -29.91 101.89 -77.76
C ALA B 165 -28.54 101.80 -78.39
N LEU B 166 -28.24 100.67 -78.99
CA LEU B 166 -27.01 100.55 -79.75
C LEU B 166 -27.20 101.19 -81.09
N ALA B 167 -26.15 101.80 -81.60
CA ALA B 167 -26.24 102.37 -82.94
C ALA B 167 -24.87 102.47 -83.53
N ALA B 168 -24.80 102.54 -84.83
CA ALA B 168 -23.50 102.66 -85.44
C ALA B 168 -22.76 103.81 -84.82
N SER B 169 -21.49 103.56 -84.53
CA SER B 169 -20.50 104.49 -83.96
C SER B 169 -20.54 104.61 -82.46
N THR B 170 -21.54 104.03 -81.80
CA THR B 170 -21.58 104.13 -80.37
C THR B 170 -20.60 103.15 -79.78
N GLN B 171 -20.33 103.30 -78.49
CA GLN B 171 -19.46 102.40 -77.75
C GLN B 171 -20.02 102.20 -76.38
N THR B 172 -19.96 100.96 -75.94
CA THR B 172 -20.49 100.59 -74.65
C THR B 172 -19.58 100.80 -73.47
N THR B 173 -20.17 100.69 -72.29
CA THR B 173 -19.47 100.70 -71.03
C THR B 173 -19.69 99.35 -70.41
N VAL B 174 -18.62 98.67 -70.10
CA VAL B 174 -18.75 97.31 -69.62
C VAL B 174 -19.54 97.22 -68.35
N GLY B 175 -20.49 96.31 -68.40
CA GLY B 175 -21.43 96.00 -67.35
C GLY B 175 -22.78 96.69 -67.53
N ASP B 176 -22.89 97.70 -68.40
CA ASP B 176 -24.21 98.32 -68.52
C ASP B 176 -25.05 97.60 -69.56
N ILE B 177 -26.28 98.06 -69.74
CA ILE B 177 -27.22 97.43 -70.67
C ILE B 177 -27.63 98.34 -71.81
N TYR B 178 -27.51 97.82 -73.01
CA TYR B 178 -27.85 98.54 -74.21
C TYR B 178 -28.94 97.80 -74.95
N THR B 179 -29.77 98.50 -75.71
CA THR B 179 -30.84 97.78 -76.41
C THR B 179 -30.88 97.88 -77.92
N HIS B 180 -31.63 96.96 -78.51
CA HIS B 180 -31.85 96.93 -79.94
C HIS B 180 -33.05 96.12 -80.38
N PHE B 181 -33.81 96.60 -81.37
CA PHE B 181 -34.91 95.79 -81.90
C PHE B 181 -34.48 95.29 -83.26
N PHE B 182 -34.35 93.99 -83.41
CA PHE B 182 -33.87 93.39 -84.66
C PHE B 182 -34.97 93.28 -85.69
N GLN B 183 -34.60 93.22 -86.97
CA GLN B 183 -35.56 93.02 -88.05
C GLN B 183 -36.29 91.68 -87.95
N GLU B 184 -35.66 90.77 -87.24
CA GLU B 184 -36.13 89.42 -86.96
C GLU B 184 -35.65 89.07 -85.57
N THR B 185 -36.38 88.23 -84.83
CA THR B 185 -36.08 87.75 -83.46
C THR B 185 -36.50 88.75 -82.35
N GLY B 186 -36.98 89.92 -82.71
CA GLY B 186 -37.45 90.88 -81.69
C GLY B 186 -36.32 91.62 -81.05
N THR B 187 -36.55 92.10 -79.85
CA THR B 187 -35.53 92.92 -79.25
C THR B 187 -34.63 92.19 -78.32
N VAL B 188 -33.66 92.93 -77.87
CA VAL B 188 -32.70 92.42 -76.95
C VAL B 188 -32.13 93.51 -76.08
N TYR B 189 -31.79 93.10 -74.89
CA TYR B 189 -31.08 93.90 -73.93
C TYR B 189 -29.75 93.21 -73.79
N LEU B 190 -28.70 93.92 -74.10
CA LEU B 190 -27.38 93.34 -74.11
C LEU B 190 -26.44 93.95 -73.14
N GLN B 191 -25.83 93.09 -72.34
CA GLN B 191 -24.88 93.59 -71.40
C GLN B 191 -23.56 93.73 -72.09
N ALA B 192 -22.92 94.83 -71.83
CA ALA B 192 -21.62 95.07 -72.39
C ALA B 192 -20.56 94.28 -71.68
N SER B 193 -19.95 93.39 -72.40
CA SER B 193 -18.90 92.50 -71.94
C SER B 193 -17.57 93.17 -72.24
N VAL B 194 -17.53 93.73 -73.44
CA VAL B 194 -16.34 94.37 -73.98
C VAL B 194 -16.59 95.82 -74.36
N GLN B 195 -15.66 96.69 -74.01
CA GLN B 195 -15.78 98.12 -74.32
C GLN B 195 -15.38 98.36 -75.77
N VAL B 196 -16.27 97.96 -76.66
CA VAL B 196 -16.04 98.01 -78.09
C VAL B 196 -17.11 98.83 -78.76
N THR B 197 -16.73 99.52 -79.83
CA THR B 197 -17.67 100.30 -80.59
C THR B 197 -18.42 99.42 -81.53
N ILE B 198 -19.39 99.97 -82.23
CA ILE B 198 -20.18 99.10 -83.08
C ILE B 198 -20.32 99.54 -84.55
N ASP B 199 -19.20 99.74 -85.24
CA ASP B 199 -19.20 100.00 -86.69
C ASP B 199 -19.92 101.24 -87.18
N ALA B 200 -19.25 102.37 -87.16
CA ALA B 200 -19.86 103.62 -87.58
C ALA B 200 -20.47 103.57 -88.98
N GLY B 201 -20.04 102.65 -89.84
CA GLY B 201 -20.62 102.62 -91.18
C GLY B 201 -21.93 101.84 -91.25
N ALA B 202 -22.32 101.20 -90.15
CA ALA B 202 -23.52 100.36 -90.13
C ALA B 202 -24.78 101.17 -89.93
N THR B 203 -25.09 102.00 -90.90
CA THR B 203 -26.25 102.87 -90.75
C THR B 203 -27.53 102.20 -91.22
N ASP B 204 -27.40 101.22 -92.11
CA ASP B 204 -28.55 100.47 -92.57
C ASP B 204 -29.02 99.63 -91.40
N ALA B 205 -30.32 99.49 -91.22
CA ALA B 205 -30.77 98.66 -90.13
C ALA B 205 -30.23 97.24 -90.23
N ALA B 206 -30.12 96.70 -91.44
CA ALA B 206 -29.62 95.35 -91.59
C ALA B 206 -28.18 95.25 -91.17
N LYS B 207 -27.40 96.29 -91.47
CA LYS B 207 -25.99 96.29 -91.14
C LYS B 207 -25.84 96.34 -89.64
N LEU B 208 -26.66 97.15 -88.98
CA LEU B 208 -26.56 97.22 -87.55
C LEU B 208 -26.93 95.86 -86.99
N ASP B 209 -28.02 95.26 -87.46
CA ASP B 209 -28.36 93.96 -86.91
C ASP B 209 -27.19 93.00 -87.07
N ALA B 210 -26.57 93.02 -88.25
CA ALA B 210 -25.47 92.12 -88.49
C ALA B 210 -24.31 92.36 -87.55
N GLU B 211 -23.97 93.63 -87.33
CA GLU B 211 -22.83 93.89 -86.47
C GLU B 211 -23.16 93.46 -85.06
N ILE B 212 -24.40 93.68 -84.62
CA ILE B 212 -24.74 93.29 -83.28
C ILE B 212 -24.60 91.80 -83.17
N LYS B 213 -25.12 91.06 -84.13
CA LYS B 213 -25.01 89.62 -84.08
C LYS B 213 -23.56 89.18 -83.99
N LYS B 214 -22.67 89.82 -84.73
CA LYS B 214 -21.26 89.47 -84.67
C LYS B 214 -20.71 89.72 -83.29
N GLN B 215 -21.07 90.85 -82.70
CA GLN B 215 -20.61 91.20 -81.36
C GLN B 215 -21.20 90.25 -80.33
N MET B 216 -22.40 89.76 -80.59
CA MET B 216 -22.96 88.80 -79.66
C MET B 216 -22.18 87.49 -79.74
N GLU B 217 -21.91 87.00 -80.95
CA GLU B 217 -21.17 85.75 -81.11
C GLU B 217 -19.80 85.88 -80.47
N ALA B 218 -19.20 87.04 -80.64
CA ALA B 218 -17.90 87.41 -80.13
C ALA B 218 -17.85 87.43 -78.60
N GLY B 219 -19.01 87.49 -77.95
CA GLY B 219 -19.08 87.59 -76.50
C GLY B 219 -18.96 89.03 -76.01
N ALA B 220 -19.05 90.01 -76.92
CA ALA B 220 -18.93 91.43 -76.59
C ALA B 220 -20.24 91.96 -76.02
N LEU B 221 -21.34 91.43 -76.53
CA LEU B 221 -22.69 91.81 -76.13
C LEU B 221 -23.50 90.59 -75.74
N VAL B 222 -24.02 90.55 -74.53
CA VAL B 222 -24.75 89.36 -74.09
C VAL B 222 -26.20 89.58 -73.66
N GLU B 223 -27.12 88.85 -74.31
CA GLU B 223 -28.56 88.96 -74.04
C GLU B 223 -28.91 88.69 -72.59
N ILE B 224 -29.72 89.58 -72.03
CA ILE B 224 -30.10 89.44 -70.64
C ILE B 224 -31.41 90.12 -70.21
N ALA B 225 -32.00 89.60 -69.13
CA ALA B 225 -33.20 90.13 -68.51
C ALA B 225 -33.04 89.96 -67.01
N GLU B 226 -33.78 90.73 -66.23
CA GLU B 226 -33.70 90.65 -64.78
C GLU B 226 -34.97 91.16 -64.10
N GLY B 227 -35.23 90.69 -62.88
CA GLY B 227 -36.36 91.13 -62.04
C GLY B 227 -35.96 92.36 -61.25
N MET B 228 -36.75 92.78 -60.28
CA MET B 228 -36.37 93.99 -59.54
C MET B 228 -36.46 93.92 -58.04
N ALA B 229 -35.84 94.92 -57.40
CA ALA B 229 -35.95 95.08 -55.97
C ALA B 229 -37.39 95.27 -55.59
N THR B 230 -37.77 94.70 -54.46
CA THR B 230 -39.12 94.80 -53.94
C THR B 230 -39.38 96.24 -53.69
N SER B 231 -38.38 96.92 -53.14
CA SER B 231 -38.49 98.33 -52.81
C SER B 231 -38.81 99.22 -54.01
N ILE B 232 -38.61 98.76 -55.22
CA ILE B 232 -38.93 99.58 -56.35
C ILE B 232 -40.41 99.40 -56.64
N ALA B 233 -40.81 98.15 -56.77
CA ALA B 233 -42.21 97.87 -57.08
C ALA B 233 -43.12 98.44 -56.00
N GLU B 234 -42.63 98.37 -54.78
CA GLU B 234 -43.32 98.81 -53.60
C GLU B 234 -43.72 100.27 -53.65
N LEU B 235 -42.97 101.06 -54.40
CA LEU B 235 -43.23 102.47 -54.44
C LEU B 235 -43.98 102.93 -55.68
N GLN B 236 -44.50 102.02 -56.49
CA GLN B 236 -45.17 102.47 -57.70
C GLN B 236 -46.32 103.41 -57.42
N GLU B 237 -46.46 104.34 -58.38
CA GLU B 237 -47.45 105.40 -58.44
C GLU B 237 -47.49 106.27 -57.19
N GLY B 238 -46.30 106.62 -56.72
CA GLY B 238 -46.10 107.49 -55.58
C GLY B 238 -46.43 106.88 -54.24
N PHE B 239 -46.30 105.57 -54.15
CA PHE B 239 -46.66 104.99 -52.89
C PHE B 239 -45.73 105.47 -51.82
N ASN B 240 -46.31 105.73 -50.67
CA ASN B 240 -45.61 106.18 -49.51
C ASN B 240 -44.81 107.45 -49.74
N GLY B 241 -45.36 108.36 -50.55
CA GLY B 241 -44.73 109.66 -50.77
C GLY B 241 -43.68 109.74 -51.87
N SER B 242 -43.41 108.65 -52.56
CA SER B 242 -42.42 108.73 -53.62
C SER B 242 -43.10 109.20 -54.89
N THR B 243 -42.43 109.07 -56.02
CA THR B 243 -43.01 109.52 -57.28
C THR B 243 -42.33 108.96 -58.52
N ASP B 244 -42.85 109.37 -59.68
CA ASP B 244 -42.30 109.02 -60.99
C ASP B 244 -42.02 107.54 -61.14
N ASN B 245 -42.94 106.71 -60.70
CA ASN B 245 -42.74 105.28 -60.74
C ASN B 245 -43.95 104.53 -61.30
N PRO B 246 -44.14 104.54 -62.61
CA PRO B 246 -45.26 103.98 -63.34
C PRO B 246 -45.19 102.48 -63.47
N TRP B 247 -46.27 101.90 -63.95
CA TRP B 247 -46.33 100.49 -64.32
C TRP B 247 -46.21 100.34 -65.82
N ASN B 248 -45.69 99.20 -66.25
CA ASN B 248 -45.77 98.85 -67.67
C ASN B 248 -47.14 98.29 -67.94
N GLU B 249 -47.71 98.69 -69.07
CA GLU B 249 -49.06 98.30 -69.41
C GLU B 249 -49.22 97.62 -70.75
N MET B 250 -50.21 96.72 -70.77
CA MET B 250 -50.59 95.92 -71.93
C MET B 250 -52.08 95.72 -72.08
N GLY B 251 -52.47 95.30 -73.28
CA GLY B 251 -53.86 95.01 -73.63
C GLY B 251 -53.93 94.46 -75.05
N PHE B 252 -54.98 94.81 -75.79
CA PHE B 252 -55.10 94.33 -77.17
C PHE B 252 -55.89 95.28 -78.03
N ARG B 253 -55.75 95.09 -79.33
CA ARG B 253 -56.47 95.83 -80.34
C ARG B 253 -57.06 94.94 -81.42
N ILE B 254 -58.32 95.18 -81.80
CA ILE B 254 -58.86 94.42 -82.91
C ILE B 254 -59.09 95.32 -84.12
N ASP B 255 -58.32 95.05 -85.18
CA ASP B 255 -58.34 95.82 -86.42
C ASP B 255 -59.02 95.02 -87.51
N LYS B 256 -59.13 95.57 -88.73
CA LYS B 256 -59.82 94.73 -89.73
C LYS B 256 -59.37 94.90 -91.17
N GLN B 257 -59.86 94.01 -92.01
CA GLN B 257 -59.61 94.09 -93.42
C GLN B 257 -60.85 93.71 -94.18
N VAL B 258 -60.94 94.15 -95.42
CA VAL B 258 -62.13 93.86 -96.21
C VAL B 258 -61.90 93.20 -97.56
N ILE B 259 -62.96 92.62 -98.09
CA ILE B 259 -62.91 91.99 -99.40
C ILE B 259 -63.96 92.59 -100.28
N GLU B 260 -63.75 92.50 -101.57
CA GLU B 260 -64.70 92.91 -102.58
C GLU B 260 -64.54 91.88 -103.67
N ALA B 261 -65.62 91.42 -104.24
CA ALA B 261 -65.45 90.37 -105.22
C ALA B 261 -65.09 90.86 -106.60
N LYS B 262 -64.22 90.11 -107.26
CA LYS B 262 -63.94 90.30 -108.67
C LYS B 262 -64.75 89.25 -109.39
N SER B 263 -64.97 89.50 -110.67
CA SER B 263 -65.78 88.64 -111.53
C SER B 263 -65.13 88.35 -112.87
N ARG B 264 -65.74 87.40 -113.59
CA ARG B 264 -65.28 86.97 -114.92
C ARG B 264 -66.41 86.51 -115.85
N GLN B 265 -66.21 86.59 -117.19
CA GLN B 265 -67.24 86.08 -118.10
C GLN B 265 -66.76 85.76 -119.54
N LEU B 266 -67.37 84.75 -120.19
CA LEU B 266 -67.08 84.35 -121.61
C LEU B 266 -68.28 83.92 -122.46
N LYS B 267 -68.16 84.10 -123.78
CA LYS B 267 -69.23 83.66 -124.70
C LYS B 267 -68.85 82.54 -125.64
N ALA B 268 -69.91 81.83 -126.07
CA ALA B 268 -69.85 80.77 -127.07
C ALA B 268 -70.11 81.40 -128.42
N ALA B 269 -71.11 82.29 -128.45
CA ALA B 269 -71.48 83.01 -129.66
C ALA B 269 -71.55 82.11 -130.89
N TYR B 270 -72.28 81.01 -130.80
CA TYR B 270 -72.33 80.06 -131.90
C TYR B 270 -73.22 80.48 -133.03
N SER B 271 -72.94 79.94 -134.22
CA SER B 271 -73.74 80.23 -135.39
C SER B 271 -74.82 79.19 -135.62
N ILE B 272 -75.94 79.63 -136.19
CA ILE B 272 -77.06 78.76 -136.51
C ILE B 272 -76.72 77.73 -137.55
N GLU B 273 -76.17 78.19 -138.64
CA GLU B 273 -75.87 77.32 -139.76
C GLU B 273 -74.85 76.27 -139.39
N LEU B 274 -73.85 76.63 -138.60
CA LEU B 274 -72.89 75.61 -138.25
C LEU B 274 -73.56 74.57 -137.39
N ALA B 275 -74.40 75.00 -136.43
CA ALA B 275 -75.05 74.01 -135.58
C ALA B 275 -75.91 73.06 -136.42
N GLN B 276 -76.56 73.59 -137.44
CA GLN B 276 -77.40 72.78 -138.31
C GLN B 276 -76.58 71.70 -139.01
N ASP B 277 -75.35 72.04 -139.39
CA ASP B 277 -74.50 71.06 -140.05
C ASP B 277 -73.90 70.07 -139.08
N LEU B 278 -73.53 70.50 -137.89
CA LEU B 278 -72.91 69.57 -136.95
C LEU B 278 -73.88 68.46 -136.61
N ARG B 279 -75.15 68.83 -136.51
CA ARG B 279 -76.23 67.91 -136.21
C ARG B 279 -76.31 66.78 -137.23
N ALA B 280 -75.93 67.08 -138.47
CA ALA B 280 -76.02 66.13 -139.56
C ALA B 280 -74.75 65.31 -139.73
N VAL B 281 -73.61 65.96 -139.54
CA VAL B 281 -72.33 65.32 -139.78
C VAL B 281 -71.89 64.48 -138.58
N HIS B 282 -71.96 65.06 -137.38
CA HIS B 282 -71.48 64.37 -136.19
C HIS B 282 -72.60 64.01 -135.21
N GLY B 283 -73.76 64.65 -135.34
CA GLY B 283 -74.87 64.41 -134.43
C GLY B 283 -74.79 65.26 -133.17
N MET B 284 -73.80 66.13 -133.17
CA MET B 284 -73.49 67.05 -132.10
C MET B 284 -74.53 68.13 -132.02
N ASP B 285 -74.70 68.73 -130.84
CA ASP B 285 -75.69 69.80 -130.70
C ASP B 285 -75.09 71.12 -131.16
N ALA B 286 -73.80 71.25 -130.90
CA ALA B 286 -72.90 72.36 -131.20
C ALA B 286 -73.18 73.64 -130.44
N ASP B 287 -74.04 73.57 -129.45
CA ASP B 287 -74.25 74.68 -128.55
C ASP B 287 -73.78 74.20 -127.18
N ALA B 288 -74.28 73.03 -126.79
CA ALA B 288 -73.98 72.40 -125.53
C ALA B 288 -72.50 72.12 -125.37
N GLU B 289 -71.84 71.76 -126.47
CA GLU B 289 -70.39 71.43 -126.47
C GLU B 289 -69.56 72.70 -126.27
N LEU B 290 -70.16 73.88 -126.47
CA LEU B 290 -69.44 75.12 -126.32
C LEU B 290 -69.63 75.54 -124.91
N SER B 291 -70.82 75.29 -124.39
CA SER B 291 -71.12 75.61 -123.01
C SER B 291 -70.14 74.82 -122.15
N GLY B 292 -69.97 73.54 -122.49
CA GLY B 292 -69.03 72.66 -121.83
C GLY B 292 -67.63 73.28 -121.82
N ILE B 293 -67.14 73.68 -122.99
CA ILE B 293 -65.80 74.25 -123.08
C ILE B 293 -65.68 75.51 -122.24
N LEU B 294 -66.65 76.40 -122.31
CA LEU B 294 -66.53 77.63 -121.55
C LEU B 294 -66.52 77.37 -120.08
N ALA B 295 -67.41 76.50 -119.61
CA ALA B 295 -67.48 76.23 -118.20
C ALA B 295 -66.18 75.61 -117.72
N THR B 296 -65.64 74.73 -118.56
CA THR B 296 -64.42 74.04 -118.26
C THR B 296 -63.29 75.02 -118.13
N GLU B 297 -63.18 75.95 -119.09
CA GLU B 297 -62.10 76.91 -119.06
C GLU B 297 -62.22 77.77 -117.80
N ILE B 298 -63.43 78.17 -117.43
CA ILE B 298 -63.56 79.02 -116.25
C ILE B 298 -63.05 78.28 -115.02
N MET B 299 -63.46 77.04 -114.84
CA MET B 299 -63.02 76.28 -113.69
C MET B 299 -61.50 76.10 -113.68
N LEU B 300 -60.92 75.83 -114.86
CA LEU B 300 -59.48 75.69 -114.95
C LEU B 300 -58.77 77.00 -114.63
N GLU B 301 -59.37 78.11 -115.06
CA GLU B 301 -58.81 79.47 -114.83
C GLU B 301 -58.71 79.72 -113.33
N ILE B 302 -59.70 79.27 -112.56
CA ILE B 302 -59.70 79.46 -111.12
C ILE B 302 -58.64 78.57 -110.50
N ASN B 303 -58.57 77.31 -110.94
CA ASN B 303 -57.55 76.42 -110.41
C ASN B 303 -56.20 77.12 -110.48
N ARG B 304 -55.91 77.74 -111.63
CA ARG B 304 -54.65 78.44 -111.73
C ARG B 304 -54.62 79.68 -110.89
N GLU B 305 -55.71 80.45 -110.92
CA GLU B 305 -55.82 81.72 -110.15
C GLU B 305 -55.38 81.51 -108.69
N VAL B 306 -55.77 80.39 -108.07
CA VAL B 306 -55.43 80.14 -106.69
C VAL B 306 -53.94 79.84 -106.56
N VAL B 307 -53.41 78.91 -107.33
CA VAL B 307 -52.00 78.59 -107.17
C VAL B 307 -51.08 79.73 -107.59
N ASP B 308 -51.49 80.50 -108.59
CA ASP B 308 -50.68 81.58 -109.05
C ASP B 308 -50.56 82.64 -107.96
N TRP B 309 -51.65 82.91 -107.24
CA TRP B 309 -51.56 83.87 -106.14
C TRP B 309 -50.70 83.29 -105.05
N ILE B 310 -50.73 81.97 -104.89
CA ILE B 310 -49.86 81.38 -103.91
C ILE B 310 -48.42 81.61 -104.29
N ASN B 311 -48.05 81.32 -105.52
CA ASN B 311 -46.65 81.52 -105.87
C ASN B 311 -46.21 82.97 -105.78
N TYR B 312 -47.10 83.88 -106.13
CA TYR B 312 -46.87 85.30 -106.07
C TYR B 312 -46.60 85.76 -104.65
N SER B 313 -47.52 85.38 -103.78
CA SER B 313 -47.49 85.79 -102.41
C SER B 313 -46.53 84.97 -101.56
N ALA B 314 -46.15 83.78 -102.01
CA ALA B 314 -45.24 82.95 -101.24
C ALA B 314 -43.93 83.67 -101.02
N GLN B 315 -43.33 83.40 -99.87
CA GLN B 315 -42.07 83.97 -99.50
C GLN B 315 -40.96 83.25 -100.22
N VAL B 316 -39.80 83.86 -100.33
CA VAL B 316 -38.71 83.16 -100.98
C VAL B 316 -38.06 82.16 -100.03
N GLY B 317 -37.98 80.91 -100.45
CA GLY B 317 -37.37 79.88 -99.60
C GLY B 317 -35.87 79.89 -99.85
N LYS B 318 -35.11 79.00 -99.22
CA LYS B 318 -33.66 79.00 -99.45
C LYS B 318 -33.12 80.40 -99.28
N SER B 319 -33.51 81.03 -98.19
CA SER B 319 -33.19 82.41 -97.92
C SER B 319 -33.26 82.74 -96.43
N GLY B 320 -32.39 83.62 -95.97
CA GLY B 320 -32.41 84.04 -94.57
C GLY B 320 -32.11 82.88 -93.64
N MET B 321 -33.03 82.58 -92.73
CA MET B 321 -32.85 81.51 -91.77
C MET B 321 -32.71 80.14 -92.42
N THR B 322 -33.16 80.01 -93.67
CA THR B 322 -33.05 78.75 -94.33
C THR B 322 -31.96 78.77 -95.38
N LEU B 323 -31.10 79.78 -95.34
CA LEU B 323 -30.04 79.86 -96.32
C LEU B 323 -28.69 79.42 -95.81
N THR B 324 -28.09 78.47 -96.49
CA THR B 324 -26.74 78.08 -96.17
C THR B 324 -25.92 79.12 -96.94
N PRO B 325 -24.99 79.86 -96.30
CA PRO B 325 -24.20 80.93 -96.90
C PRO B 325 -23.55 80.64 -98.23
N GLY B 326 -23.17 79.39 -98.51
CA GLY B 326 -22.52 79.09 -99.77
C GLY B 326 -23.51 78.84 -100.92
N SER B 327 -24.81 79.01 -100.65
CA SER B 327 -25.88 78.74 -101.61
C SER B 327 -26.26 79.93 -102.49
N LYS B 328 -27.45 79.84 -103.09
CA LYS B 328 -27.89 80.80 -104.10
C LYS B 328 -29.11 81.69 -103.80
N ALA B 329 -29.58 81.76 -102.57
CA ALA B 329 -30.69 82.66 -102.22
C ALA B 329 -31.98 82.48 -103.03
N GLY B 330 -32.65 81.33 -102.87
CA GLY B 330 -33.91 81.07 -103.59
C GLY B 330 -33.97 79.91 -104.58
N VAL B 331 -32.84 79.23 -104.80
CA VAL B 331 -32.82 78.11 -105.73
C VAL B 331 -31.99 76.94 -105.24
N PHE B 332 -32.47 75.74 -105.51
CA PHE B 332 -31.77 74.50 -105.21
C PHE B 332 -31.19 73.91 -106.48
N ASP B 333 -29.88 73.83 -106.57
CA ASP B 333 -29.21 73.33 -107.76
C ASP B 333 -28.44 72.04 -107.53
N PHE B 334 -28.88 70.93 -108.11
CA PHE B 334 -28.23 69.63 -107.89
C PHE B 334 -26.75 69.55 -108.29
N GLN B 335 -26.24 70.54 -109.02
CA GLN B 335 -24.84 70.49 -109.38
C GLN B 335 -23.97 71.31 -108.42
N ASP B 336 -24.59 71.93 -107.41
CA ASP B 336 -23.92 72.79 -106.44
C ASP B 336 -23.63 72.06 -105.13
N PRO B 337 -22.35 71.79 -104.77
CA PRO B 337 -21.89 71.08 -103.59
C PRO B 337 -22.50 71.58 -102.29
N ILE B 338 -22.86 72.86 -102.23
CA ILE B 338 -23.43 73.34 -100.98
C ILE B 338 -24.85 72.82 -100.89
N ASP B 339 -25.63 73.05 -101.93
CA ASP B 339 -27.02 72.60 -101.95
C ASP B 339 -27.13 71.11 -101.80
N ILE B 340 -26.19 70.37 -102.35
CA ILE B 340 -26.30 68.94 -102.27
C ILE B 340 -25.54 68.40 -101.09
N ARG B 341 -25.08 69.27 -100.21
CA ARG B 341 -24.43 68.88 -99.00
C ARG B 341 -23.30 67.87 -99.20
N GLY B 342 -22.43 68.13 -100.18
CA GLY B 342 -21.28 67.28 -100.42
C GLY B 342 -21.58 65.96 -101.11
N ALA B 343 -22.77 65.82 -101.66
CA ALA B 343 -23.20 64.61 -102.32
C ALA B 343 -22.43 64.27 -103.58
N ARG B 344 -22.50 63.00 -103.86
CA ARG B 344 -22.00 62.26 -105.00
C ARG B 344 -23.25 61.62 -105.56
N TRP B 345 -23.13 60.52 -106.27
CA TRP B 345 -24.25 59.86 -106.93
C TRP B 345 -25.64 60.10 -106.34
N ALA B 346 -26.60 60.26 -107.25
CA ALA B 346 -28.04 60.48 -107.01
C ALA B 346 -28.62 59.65 -105.88
N GLY B 347 -28.19 58.41 -105.72
CA GLY B 347 -28.73 57.57 -104.67
C GLY B 347 -28.64 58.23 -103.31
N GLU B 348 -27.62 59.07 -103.09
CA GLU B 348 -27.52 59.75 -101.82
C GLU B 348 -27.93 61.22 -102.04
N SER B 349 -27.60 61.78 -103.21
CA SER B 349 -27.83 63.20 -103.50
C SER B 349 -29.26 63.63 -103.44
N PHE B 350 -30.16 62.81 -103.95
CA PHE B 350 -31.54 63.22 -103.98
C PHE B 350 -32.10 63.52 -102.59
N LYS B 351 -31.53 62.92 -101.56
CA LYS B 351 -32.02 63.15 -100.22
C LYS B 351 -31.78 64.58 -99.80
N ALA B 352 -30.85 65.27 -100.49
CA ALA B 352 -30.55 66.65 -100.22
C ALA B 352 -31.76 67.49 -100.47
N LEU B 353 -32.54 67.14 -101.50
CA LEU B 353 -33.69 67.92 -101.83
C LEU B 353 -34.72 67.71 -100.75
N LEU B 354 -34.84 66.45 -100.31
CA LEU B 354 -35.83 66.17 -99.28
C LEU B 354 -35.53 66.95 -98.03
N PHE B 355 -34.24 67.03 -97.70
CA PHE B 355 -33.82 67.75 -96.52
C PHE B 355 -34.27 69.20 -96.64
N GLN B 356 -34.00 69.84 -97.79
CA GLN B 356 -34.39 71.23 -97.95
C GLN B 356 -35.89 71.45 -97.91
N ILE B 357 -36.66 70.52 -98.47
CA ILE B 357 -38.11 70.66 -98.45
C ILE B 357 -38.61 70.63 -97.02
N ASP B 358 -38.12 69.66 -96.27
CA ASP B 358 -38.51 69.46 -94.91
C ASP B 358 -38.07 70.69 -94.09
N LYS B 359 -36.88 71.21 -94.39
CA LYS B 359 -36.34 72.38 -93.73
C LYS B 359 -37.28 73.58 -93.92
N GLU B 360 -37.76 73.74 -95.15
CA GLU B 360 -38.69 74.84 -95.51
C GLU B 360 -40.00 74.69 -94.74
N ALA B 361 -40.49 73.45 -94.58
CA ALA B 361 -41.74 73.23 -93.86
C ALA B 361 -41.61 73.70 -92.40
N VAL B 362 -40.43 73.48 -91.84
CA VAL B 362 -40.19 73.91 -90.47
C VAL B 362 -40.24 75.44 -90.42
N GLU B 363 -39.60 76.08 -91.41
CA GLU B 363 -39.64 77.53 -91.49
C GLU B 363 -41.07 78.01 -91.64
N ILE B 364 -41.92 77.26 -92.32
CA ILE B 364 -43.30 77.71 -92.43
C ILE B 364 -43.86 77.86 -91.03
N ALA B 365 -43.65 76.91 -90.12
CA ALA B 365 -44.18 77.17 -88.78
C ALA B 365 -43.55 78.40 -88.17
N ARG B 366 -42.25 78.57 -88.38
CA ARG B 366 -41.60 79.72 -87.81
C ARG B 366 -42.29 80.98 -88.28
N GLN B 367 -42.63 81.02 -89.56
CA GLN B 367 -43.27 82.14 -90.18
C GLN B 367 -44.74 82.35 -89.81
N THR B 368 -45.55 81.29 -89.69
CA THR B 368 -46.97 81.52 -89.41
C THR B 368 -47.34 81.53 -87.96
N GLY B 369 -46.70 80.70 -87.16
CA GLY B 369 -47.07 80.58 -85.75
C GLY B 369 -48.29 79.70 -85.57
N ARG B 370 -48.79 79.09 -86.65
CA ARG B 370 -50.00 78.26 -86.61
C ARG B 370 -49.76 76.77 -86.89
N GLY B 371 -48.49 76.41 -87.08
CA GLY B 371 -48.10 75.02 -87.36
C GLY B 371 -47.19 74.89 -88.57
N GLU B 372 -46.47 73.76 -88.63
CA GLU B 372 -45.47 73.49 -89.71
C GLU B 372 -46.17 73.16 -91.03
N GLY B 373 -45.42 73.26 -92.13
CA GLY B 373 -45.92 72.96 -93.46
C GLY B 373 -46.46 71.55 -93.52
N ASN B 374 -47.47 71.37 -94.36
CA ASN B 374 -48.10 70.06 -94.53
C ASN B 374 -48.41 69.72 -95.98
N PHE B 375 -47.85 70.50 -96.90
CA PHE B 375 -47.97 70.23 -98.31
C PHE B 375 -46.88 70.85 -99.17
N ILE B 376 -46.78 70.29 -100.36
CA ILE B 376 -45.92 70.74 -101.42
C ILE B 376 -46.56 70.56 -102.79
N ILE B 377 -46.42 71.57 -103.63
CA ILE B 377 -46.82 71.41 -105.01
C ILE B 377 -45.57 71.59 -105.82
N ALA B 378 -45.33 70.72 -106.77
CA ALA B 378 -44.10 70.84 -107.51
C ALA B 378 -44.18 70.33 -108.92
N SER B 379 -43.20 70.69 -109.70
CA SER B 379 -43.13 70.25 -111.09
C SER B 379 -43.03 68.75 -111.21
N ARG B 380 -43.32 68.26 -112.42
CA ARG B 380 -43.24 66.84 -112.71
C ARG B 380 -41.87 66.27 -112.39
N ASN B 381 -40.81 67.02 -112.66
CA ASN B 381 -39.49 66.50 -112.36
C ASN B 381 -39.24 66.37 -110.87
N VAL B 382 -39.75 67.31 -110.08
CA VAL B 382 -39.52 67.23 -108.65
C VAL B 382 -40.21 66.01 -108.12
N VAL B 383 -41.43 65.81 -108.56
CA VAL B 383 -42.18 64.68 -108.09
C VAL B 383 -41.52 63.39 -108.54
N ASN B 384 -41.06 63.30 -109.80
CA ASN B 384 -40.39 62.09 -110.25
C ASN B 384 -39.20 61.77 -109.33
N VAL B 385 -38.50 62.81 -108.85
CA VAL B 385 -37.44 62.57 -107.90
C VAL B 385 -38.04 62.05 -106.62
N LEU B 386 -39.08 62.69 -106.10
CA LEU B 386 -39.61 62.24 -104.84
C LEU B 386 -40.09 60.79 -104.91
N ALA B 387 -40.67 60.40 -106.03
CA ALA B 387 -41.24 59.08 -106.21
C ALA B 387 -40.23 57.99 -106.43
N SER B 388 -38.98 58.37 -106.61
CA SER B 388 -37.89 57.46 -106.89
C SER B 388 -36.97 57.38 -105.71
N VAL B 389 -37.38 58.03 -104.61
CA VAL B 389 -36.55 58.10 -103.43
C VAL B 389 -37.20 57.60 -102.17
N ASP B 390 -36.44 56.84 -101.42
CA ASP B 390 -36.96 56.41 -100.12
C ASP B 390 -36.71 57.57 -99.20
N THR B 391 -37.80 58.19 -98.77
CA THR B 391 -37.73 59.41 -98.01
C THR B 391 -37.59 59.14 -96.53
N GLY B 392 -37.60 57.86 -96.16
CA GLY B 392 -37.43 57.51 -94.78
C GLY B 392 -35.94 57.57 -94.53
N ILE B 393 -35.48 57.15 -93.38
CA ILE B 393 -34.07 57.24 -93.14
C ILE B 393 -33.37 55.98 -93.63
N SER B 394 -32.41 56.17 -94.53
CA SER B 394 -31.67 55.07 -95.14
C SER B 394 -30.31 55.53 -95.59
N TYR B 395 -29.48 54.55 -95.95
CA TYR B 395 -28.10 54.81 -96.37
C TYR B 395 -28.02 55.43 -97.75
N ALA B 396 -28.92 55.03 -98.62
CA ALA B 396 -29.06 55.54 -99.98
C ALA B 396 -30.45 55.11 -100.38
N ALA B 397 -31.02 55.73 -101.41
CA ALA B 397 -32.36 55.31 -101.75
C ALA B 397 -32.85 55.58 -103.16
N GLN B 398 -32.28 54.97 -104.18
CA GLN B 398 -32.76 55.25 -105.53
C GLN B 398 -33.36 54.05 -106.18
N GLY B 399 -34.43 54.27 -106.97
CA GLY B 399 -35.04 53.21 -107.80
C GLY B 399 -36.10 53.77 -108.70
N LEU B 400 -36.95 52.91 -109.24
CA LEU B 400 -38.01 53.37 -110.13
C LEU B 400 -38.96 54.30 -109.41
N ALA B 401 -39.46 55.28 -110.14
CA ALA B 401 -40.36 56.30 -109.62
C ALA B 401 -41.76 55.79 -109.41
N THR B 402 -41.94 54.97 -108.39
CA THR B 402 -43.24 54.36 -108.10
C THR B 402 -43.89 54.84 -106.80
N GLY B 403 -43.18 55.62 -105.98
CA GLY B 403 -43.68 56.09 -104.68
C GLY B 403 -44.95 56.94 -104.72
N PHE B 404 -45.12 57.73 -105.77
CA PHE B 404 -46.26 58.62 -105.92
C PHE B 404 -46.79 58.51 -107.32
N SER B 405 -48.03 58.88 -107.55
CA SER B 405 -48.38 58.98 -108.95
C SER B 405 -47.55 60.11 -109.48
N THR B 406 -46.97 59.93 -110.65
CA THR B 406 -46.20 60.98 -111.27
C THR B 406 -46.94 61.49 -112.49
N ASP B 407 -48.13 60.92 -112.71
CA ASP B 407 -48.89 61.28 -113.89
C ASP B 407 -49.75 62.50 -113.61
N THR B 408 -50.47 62.95 -114.63
CA THR B 408 -51.37 64.08 -114.51
C THR B 408 -52.74 63.80 -115.12
N THR B 409 -52.90 62.69 -115.86
CA THR B 409 -54.16 62.45 -116.53
C THR B 409 -55.11 61.67 -115.63
N LYS B 410 -54.62 61.34 -114.45
CA LYS B 410 -55.38 60.61 -113.45
C LYS B 410 -55.82 61.54 -112.32
N SER B 411 -54.92 62.41 -111.93
CA SER B 411 -55.10 63.37 -110.84
C SER B 411 -54.01 64.40 -110.91
N VAL B 412 -53.99 65.30 -109.94
CA VAL B 412 -52.91 66.28 -109.87
C VAL B 412 -52.29 66.03 -108.51
N PHE B 413 -52.95 65.16 -107.76
CA PHE B 413 -52.49 64.77 -106.44
C PHE B 413 -51.67 63.50 -106.58
N ALA B 414 -50.42 63.59 -106.19
CA ALA B 414 -49.48 62.51 -106.34
C ALA B 414 -49.50 61.54 -105.15
N GLY B 415 -49.63 62.08 -103.94
CA GLY B 415 -49.58 61.25 -102.72
C GLY B 415 -49.03 62.05 -101.53
N VAL B 416 -48.59 61.39 -100.47
CA VAL B 416 -48.11 62.15 -99.31
C VAL B 416 -46.64 61.85 -99.00
N LEU B 417 -45.83 62.88 -99.01
CA LEU B 417 -44.41 62.75 -98.84
C LEU B 417 -44.02 62.45 -97.45
N GLY B 418 -43.53 61.23 -97.26
CA GLY B 418 -43.10 60.73 -95.98
C GLY B 418 -44.27 60.49 -95.07
N GLY B 419 -45.47 60.56 -95.60
CA GLY B 419 -46.63 60.48 -94.76
C GLY B 419 -46.85 61.84 -94.07
N LYS B 420 -46.05 62.85 -94.43
CA LYS B 420 -46.12 64.16 -93.80
C LYS B 420 -46.66 65.26 -94.68
N TYR B 421 -46.29 65.30 -95.98
CA TYR B 421 -46.72 66.45 -96.77
C TYR B 421 -47.51 66.08 -98.00
N ARG B 422 -48.70 66.62 -98.16
CA ARG B 422 -49.44 66.28 -99.36
C ARG B 422 -48.68 66.77 -100.58
N VAL B 423 -48.53 65.92 -101.59
CA VAL B 423 -47.81 66.23 -102.81
C VAL B 423 -48.70 66.36 -104.02
N TYR B 424 -48.62 67.51 -104.64
CA TYR B 424 -49.37 67.83 -105.85
C TYR B 424 -48.43 68.18 -106.97
N ILE B 425 -48.91 68.07 -108.21
CA ILE B 425 -48.09 68.37 -109.36
C ILE B 425 -48.47 69.67 -110.08
N ASP B 426 -47.52 70.58 -110.21
CA ASP B 426 -47.87 71.77 -110.96
C ASP B 426 -47.71 71.44 -112.42
N GLN B 427 -48.77 70.88 -112.96
CA GLN B 427 -48.79 70.36 -114.29
C GLN B 427 -48.52 71.42 -115.36
N TYR B 428 -48.66 72.71 -115.01
CA TYR B 428 -48.42 73.78 -115.95
C TYR B 428 -47.31 74.70 -115.52
N ALA B 429 -46.36 74.16 -114.77
CA ALA B 429 -45.20 74.92 -114.34
C ALA B 429 -44.45 75.41 -115.58
N LYS B 430 -43.82 76.58 -115.51
CA LYS B 430 -43.10 77.04 -116.69
C LYS B 430 -41.66 76.55 -116.73
N GLN B 431 -41.03 76.37 -115.57
CA GLN B 431 -39.66 75.88 -115.60
C GLN B 431 -39.49 74.58 -114.86
N ASP B 432 -39.25 74.70 -113.56
CA ASP B 432 -39.06 73.56 -112.70
C ASP B 432 -38.90 74.18 -111.31
N TYR B 433 -39.84 73.95 -110.41
CA TYR B 433 -39.81 74.58 -109.10
C TYR B 433 -40.71 73.82 -108.16
N PHE B 434 -40.66 74.23 -106.89
CA PHE B 434 -41.65 73.74 -105.95
C PHE B 434 -42.03 74.81 -104.93
N THR B 435 -43.22 74.66 -104.37
CA THR B 435 -43.69 75.54 -103.32
C THR B 435 -44.24 74.72 -102.18
N VAL B 436 -43.90 75.12 -100.96
CA VAL B 436 -44.40 74.42 -99.80
C VAL B 436 -45.23 75.32 -98.97
N GLY B 437 -46.01 74.75 -98.09
CA GLY B 437 -46.80 75.57 -97.22
C GLY B 437 -47.62 74.81 -96.21
N TYR B 438 -48.43 75.58 -95.50
CA TYR B 438 -49.27 75.08 -94.42
C TYR B 438 -50.71 75.47 -94.49
N LYS B 439 -51.56 74.49 -94.30
CA LYS B 439 -52.98 74.70 -94.14
C LYS B 439 -53.43 73.95 -92.92
N GLY B 440 -53.93 74.68 -91.95
CA GLY B 440 -54.35 74.03 -90.73
C GLY B 440 -55.77 73.50 -90.89
N PRO B 441 -56.33 72.87 -89.84
CA PRO B 441 -57.66 72.31 -89.80
C PRO B 441 -58.81 73.20 -90.19
N ASN B 442 -58.72 74.53 -89.98
CA ASN B 442 -59.83 75.36 -90.34
C ASN B 442 -59.60 75.94 -91.73
N GLU B 443 -60.66 76.32 -92.43
CA GLU B 443 -60.40 76.97 -93.71
C GLU B 443 -59.64 78.28 -93.52
N MET B 444 -59.78 78.89 -92.34
CA MET B 444 -59.13 80.14 -92.07
C MET B 444 -57.65 79.96 -91.74
N ASP B 445 -57.17 78.73 -91.79
CA ASP B 445 -55.77 78.44 -91.56
C ASP B 445 -55.04 78.20 -92.87
N ALA B 446 -55.68 78.48 -94.03
CA ALA B 446 -55.07 78.28 -95.35
C ALA B 446 -54.06 79.35 -95.78
N GLY B 447 -54.30 80.59 -95.40
CA GLY B 447 -53.45 81.72 -95.78
C GLY B 447 -53.95 82.46 -97.02
N ILE B 448 -54.76 81.76 -97.79
CA ILE B 448 -55.35 82.23 -99.04
C ILE B 448 -56.80 81.83 -99.14
N TYR B 449 -57.64 82.71 -99.70
CA TYR B 449 -59.10 82.38 -99.77
C TYR B 449 -59.74 82.77 -101.11
N TYR B 450 -60.63 81.89 -101.56
CA TYR B 450 -61.50 81.99 -102.75
C TYR B 450 -62.93 81.88 -102.26
N ALA B 451 -63.74 82.92 -102.42
CA ALA B 451 -65.04 82.89 -101.76
C ALA B 451 -66.25 83.07 -102.66
N PRO B 452 -66.59 82.08 -103.48
CA PRO B 452 -67.50 82.17 -104.59
C PRO B 452 -68.87 82.60 -104.17
N TYR B 453 -69.46 83.48 -104.97
CA TYR B 453 -70.78 84.00 -104.74
C TYR B 453 -71.71 83.63 -105.90
N VAL B 454 -71.20 83.82 -107.12
CA VAL B 454 -71.91 83.55 -108.37
C VAL B 454 -71.05 82.62 -109.21
N ALA B 455 -71.61 81.57 -109.79
CA ALA B 455 -70.76 80.74 -110.63
C ALA B 455 -71.51 80.11 -111.77
N LEU B 456 -70.86 80.12 -112.93
CA LEU B 456 -71.38 79.52 -114.15
C LEU B 456 -72.82 79.89 -114.41
N THR B 457 -73.12 81.17 -114.26
CA THR B 457 -74.45 81.66 -114.48
C THR B 457 -74.59 81.83 -115.97
N PRO B 458 -75.54 81.19 -116.65
CA PRO B 458 -75.66 81.26 -118.07
C PRO B 458 -76.20 82.58 -118.55
N LEU B 459 -75.75 82.95 -119.72
CA LEU B 459 -76.22 84.04 -120.53
C LEU B 459 -76.91 83.44 -121.72
N ARG B 460 -78.16 83.79 -121.95
CA ARG B 460 -78.86 83.28 -123.13
C ARG B 460 -79.69 84.35 -123.80
N GLY B 461 -79.86 84.23 -125.11
CA GLY B 461 -80.70 85.16 -125.86
C GLY B 461 -80.49 85.02 -127.37
N SER B 462 -80.70 86.12 -128.09
CA SER B 462 -80.56 86.20 -129.55
C SER B 462 -80.39 87.63 -129.98
N ASP B 463 -79.90 87.83 -131.20
CA ASP B 463 -79.82 89.15 -131.81
C ASP B 463 -80.65 89.19 -133.10
N PRO B 464 -81.87 89.80 -133.09
CA PRO B 464 -82.83 89.87 -134.19
C PRO B 464 -82.26 90.46 -135.45
N LYS B 465 -81.13 91.16 -135.37
CA LYS B 465 -80.55 91.69 -136.59
C LYS B 465 -80.32 90.57 -137.59
N ASN B 466 -79.91 89.40 -137.10
CA ASN B 466 -79.63 88.28 -137.96
C ASN B 466 -80.09 87.00 -137.30
N PHE B 467 -80.70 87.19 -136.15
CA PHE B 467 -81.28 86.14 -135.30
C PHE B 467 -80.30 85.12 -134.78
N GLN B 468 -79.02 85.41 -134.84
CA GLN B 468 -78.07 84.46 -134.35
C GLN B 468 -78.24 84.43 -132.82
N PRO B 469 -78.09 83.27 -132.17
CA PRO B 469 -78.23 83.03 -130.76
C PRO B 469 -77.13 83.60 -129.89
N VAL B 470 -77.49 83.80 -128.64
CA VAL B 470 -76.57 84.24 -127.61
C VAL B 470 -76.42 83.16 -126.56
N MET B 471 -75.17 82.87 -126.27
CA MET B 471 -74.77 81.90 -125.26
C MET B 471 -73.43 82.27 -124.65
N GLY B 472 -73.34 82.17 -123.30
CA GLY B 472 -72.13 82.39 -122.50
C GLY B 472 -72.34 82.20 -120.98
N PHE B 473 -71.29 82.47 -120.18
CA PHE B 473 -71.33 82.34 -118.70
C PHE B 473 -70.68 83.48 -117.92
N LYS B 474 -71.18 83.69 -116.69
CA LYS B 474 -70.61 84.65 -115.75
C LYS B 474 -70.37 84.09 -114.32
N THR B 475 -69.34 84.63 -113.64
CA THR B 475 -69.00 84.30 -112.25
C THR B 475 -68.51 85.50 -111.42
N ARG B 476 -68.72 85.44 -110.10
CA ARG B 476 -68.27 86.46 -109.14
C ARG B 476 -67.80 85.76 -107.87
N TYR B 477 -66.59 86.07 -107.42
CA TYR B 477 -66.08 85.36 -106.26
C TYR B 477 -65.21 86.06 -105.23
N GLY B 478 -64.31 86.92 -105.67
CA GLY B 478 -63.35 87.49 -104.73
C GLY B 478 -62.32 86.49 -104.21
N ILE B 479 -61.17 87.02 -103.86
CA ILE B 479 -60.06 86.26 -103.30
C ILE B 479 -59.49 87.01 -102.12
N GLY B 480 -58.63 86.39 -101.34
CA GLY B 480 -58.01 87.22 -100.30
C GLY B 480 -56.86 86.66 -99.48
N ILE B 481 -56.31 87.58 -98.68
CA ILE B 481 -55.17 87.43 -97.79
C ILE B 481 -55.57 87.11 -96.35
N ASN B 482 -55.06 86.02 -95.78
CA ASN B 482 -55.38 85.76 -94.39
C ASN B 482 -54.76 86.84 -93.51
N PRO B 483 -55.47 87.45 -92.58
CA PRO B 483 -54.92 88.43 -91.66
C PRO B 483 -53.69 87.81 -91.05
N PHE B 484 -52.69 88.64 -90.84
CA PHE B 484 -51.40 88.26 -90.28
C PHE B 484 -50.53 87.44 -91.21
N ALA B 485 -50.97 87.16 -92.44
CA ALA B 485 -50.17 86.36 -93.35
C ALA B 485 -48.84 87.01 -93.63
N GLU B 486 -48.75 88.33 -93.60
CA GLU B 486 -47.48 88.97 -93.88
C GLU B 486 -46.40 88.64 -92.83
N SER B 487 -46.82 88.27 -91.62
CA SER B 487 -45.93 87.98 -90.51
C SER B 487 -44.81 88.99 -90.35
N ALA B 488 -45.14 90.26 -90.44
CA ALA B 488 -44.16 91.31 -90.31
C ALA B 488 -44.83 92.59 -89.88
N ALA B 489 -45.64 92.55 -88.83
CA ALA B 489 -46.32 93.80 -88.51
C ALA B 489 -46.79 93.83 -87.10
N GLN B 490 -46.85 95.03 -86.54
CA GLN B 490 -47.37 95.19 -85.20
C GLN B 490 -48.81 95.67 -85.30
N ALA B 491 -49.14 96.20 -86.47
CA ALA B 491 -50.43 96.77 -86.76
C ALA B 491 -50.53 96.95 -88.27
N PRO B 492 -51.72 96.91 -88.86
CA PRO B 492 -51.95 97.25 -90.24
C PRO B 492 -51.91 98.76 -90.35
N ALA B 493 -51.56 99.26 -91.51
CA ALA B 493 -51.64 100.69 -91.66
C ALA B 493 -53.08 101.13 -91.46
N SER B 494 -53.23 102.26 -90.77
CA SER B 494 -54.50 102.94 -90.52
C SER B 494 -55.62 102.07 -89.94
N ARG B 495 -55.28 100.96 -89.28
CA ARG B 495 -56.24 100.05 -88.65
C ARG B 495 -57.22 99.41 -89.66
N ILE B 496 -56.91 99.51 -90.95
CA ILE B 496 -57.75 98.88 -91.95
C ILE B 496 -57.03 98.65 -93.25
N GLN B 497 -57.24 97.50 -93.82
CA GLN B 497 -56.62 97.21 -95.09
C GLN B 497 -57.49 96.42 -96.02
N SER B 498 -57.21 96.53 -97.30
CA SER B 498 -57.88 95.66 -98.23
C SER B 498 -57.25 94.28 -98.08
N GLY B 499 -58.06 93.24 -98.15
CA GLY B 499 -57.59 91.88 -98.08
C GLY B 499 -57.26 91.33 -99.46
N MET B 500 -57.34 92.18 -100.48
CA MET B 500 -57.06 91.72 -101.83
C MET B 500 -55.55 91.65 -102.01
N PRO B 501 -55.00 90.61 -102.61
CA PRO B 501 -53.59 90.49 -102.86
C PRO B 501 -53.19 91.49 -103.92
N SER B 502 -51.97 91.98 -103.81
CA SER B 502 -51.37 92.94 -104.72
C SER B 502 -49.89 92.90 -104.47
N ILE B 503 -49.10 93.64 -105.24
CA ILE B 503 -47.68 93.57 -104.95
C ILE B 503 -47.39 94.09 -103.57
N LEU B 504 -47.93 95.26 -103.30
CA LEU B 504 -47.68 95.91 -102.04
C LEU B 504 -48.23 95.14 -100.87
N ASN B 505 -49.38 94.53 -101.06
CA ASN B 505 -50.00 93.84 -99.96
C ASN B 505 -49.37 92.51 -99.65
N SER B 506 -48.96 91.74 -100.65
CA SER B 506 -48.44 90.43 -100.31
C SER B 506 -47.35 89.79 -101.17
N LEU B 507 -46.74 90.46 -102.16
CA LEU B 507 -45.79 89.71 -102.96
C LEU B 507 -44.57 89.38 -102.14
N GLY B 508 -44.26 88.09 -102.06
CA GLY B 508 -43.11 87.64 -101.30
C GLY B 508 -43.31 87.71 -99.79
N LYS B 509 -44.55 87.91 -99.33
CA LYS B 509 -44.79 88.09 -97.90
C LYS B 509 -45.59 87.01 -97.17
N ASN B 510 -46.32 86.16 -97.88
CA ASN B 510 -47.27 85.25 -97.25
C ASN B 510 -46.64 84.08 -96.55
N ALA B 511 -46.69 84.13 -95.24
CA ALA B 511 -46.09 83.21 -94.29
C ALA B 511 -46.52 81.78 -94.44
N TYR B 512 -47.66 81.55 -95.06
CA TYR B 512 -48.16 80.22 -95.19
C TYR B 512 -47.48 79.47 -96.31
N PHE B 513 -46.72 80.18 -97.15
CA PHE B 513 -46.09 79.52 -98.29
C PHE B 513 -44.65 80.00 -98.55
N ARG B 514 -43.80 79.10 -99.05
CA ARG B 514 -42.43 79.44 -99.46
C ARG B 514 -42.04 78.76 -100.78
N ARG B 515 -41.54 79.56 -101.71
CA ARG B 515 -41.21 79.06 -103.05
C ARG B 515 -39.73 78.94 -103.33
N VAL B 516 -39.34 77.82 -103.93
CA VAL B 516 -37.97 77.53 -104.35
C VAL B 516 -37.86 77.05 -105.79
N TYR B 517 -36.95 77.65 -106.55
CA TYR B 517 -36.73 77.20 -107.93
C TYR B 517 -35.77 76.03 -107.89
N VAL B 518 -35.82 75.13 -108.87
CA VAL B 518 -34.82 74.07 -108.84
C VAL B 518 -34.04 73.96 -110.16
N LYS B 519 -32.80 73.55 -110.04
CA LYS B 519 -31.88 73.38 -111.15
C LYS B 519 -30.99 72.17 -110.98
N GLY B 520 -30.21 71.87 -112.01
CA GLY B 520 -29.25 70.77 -111.97
C GLY B 520 -29.85 69.43 -112.31
N ILE B 521 -31.13 69.48 -112.68
CA ILE B 521 -31.93 68.32 -113.03
C ILE B 521 -31.76 68.01 -114.51
N ALA C 66 -10.34 -11.10 -141.44
CA ALA C 66 -8.94 -11.36 -141.77
C ALA C 66 -8.58 -10.69 -143.08
N GLU C 67 -9.61 -10.25 -143.79
CA GLU C 67 -9.43 -9.56 -145.06
C GLU C 67 -9.14 -8.10 -144.81
N ILE C 68 -8.49 -7.45 -145.77
CA ILE C 68 -8.20 -6.05 -145.66
C ILE C 68 -9.23 -5.25 -146.46
N GLY C 69 -10.21 -4.71 -145.76
CA GLY C 69 -11.30 -4.02 -146.42
C GLY C 69 -10.95 -2.59 -146.78
N GLY C 70 -10.01 -2.01 -146.03
CA GLY C 70 -9.57 -0.64 -146.19
C GLY C 70 -10.60 0.31 -145.66
N ASP C 71 -10.47 1.58 -145.99
CA ASP C 71 -11.42 2.55 -145.46
C ASP C 71 -11.45 3.75 -146.39
N HIS C 72 -12.26 4.74 -146.02
CA HIS C 72 -12.42 5.98 -146.83
C HIS C 72 -11.22 6.91 -146.58
N GLY C 73 -11.10 7.95 -147.41
CA GLY C 73 -10.02 8.94 -147.32
C GLY C 73 -10.29 10.19 -146.47
N TYR C 74 -11.36 10.21 -145.68
CA TYR C 74 -11.76 11.37 -144.86
C TYR C 74 -12.17 12.59 -145.70
N ASN C 75 -12.46 12.30 -146.94
CA ASN C 75 -12.98 13.21 -147.95
C ASN C 75 -14.46 12.98 -148.05
N ALA C 76 -15.27 14.00 -147.75
CA ALA C 76 -16.73 13.83 -147.74
C ALA C 76 -17.23 13.27 -149.07
N THR C 77 -16.48 13.51 -150.14
CA THR C 77 -16.85 13.01 -151.45
C THR C 77 -16.88 11.50 -151.41
N ASN C 78 -15.84 10.96 -150.83
CA ASN C 78 -15.62 9.54 -150.79
C ASN C 78 -16.48 8.93 -149.73
N ILE C 79 -16.73 9.69 -148.69
CA ILE C 79 -17.57 9.18 -147.64
C ILE C 79 -18.96 9.00 -148.18
N ALA C 80 -19.47 10.04 -148.83
CA ALA C 80 -20.80 10.02 -149.38
C ALA C 80 -20.99 8.88 -150.36
N ALA C 81 -19.96 8.62 -151.14
CA ALA C 81 -19.96 7.58 -152.15
C ALA C 81 -19.70 6.17 -151.66
N GLY C 82 -19.32 5.98 -150.39
CA GLY C 82 -18.94 4.65 -149.95
C GLY C 82 -17.61 4.20 -150.58
N GLN C 83 -16.74 5.17 -150.91
CA GLN C 83 -15.48 4.86 -151.57
C GLN C 83 -14.43 4.45 -150.56
N THR C 84 -14.05 3.18 -150.67
CA THR C 84 -13.16 2.51 -149.76
C THR C 84 -11.86 2.11 -150.47
N SER C 85 -10.73 2.31 -149.80
CA SER C 85 -9.38 2.06 -150.31
C SER C 85 -8.90 0.61 -150.38
N GLY C 86 -9.63 -0.32 -149.79
CA GLY C 86 -9.23 -1.72 -149.74
C GLY C 86 -10.13 -2.64 -150.56
N ALA C 87 -10.37 -3.86 -150.05
CA ALA C 87 -11.10 -4.88 -150.79
C ALA C 87 -12.63 -4.77 -150.82
N VAL C 88 -13.23 -3.82 -150.11
CA VAL C 88 -14.69 -3.77 -150.11
C VAL C 88 -15.20 -2.43 -150.54
N THR C 89 -16.51 -2.33 -150.75
CA THR C 89 -17.14 -1.08 -151.09
C THR C 89 -18.26 -0.87 -150.10
N GLN C 90 -18.69 0.38 -149.89
CA GLN C 90 -19.75 0.60 -148.92
C GLN C 90 -21.01 1.23 -149.47
N ILE C 91 -21.97 1.33 -148.57
CA ILE C 91 -23.25 1.97 -148.77
C ILE C 91 -23.09 3.39 -148.30
N GLY C 92 -23.61 4.36 -149.06
CA GLY C 92 -23.42 5.74 -148.63
C GLY C 92 -23.88 5.88 -147.17
N PRO C 93 -23.53 6.98 -146.52
CA PRO C 93 -23.66 7.19 -145.10
C PRO C 93 -25.04 7.11 -144.46
N ALA C 94 -25.03 6.57 -143.26
CA ALA C 94 -26.22 6.39 -142.44
C ALA C 94 -26.86 7.72 -142.13
N VAL C 95 -28.18 7.78 -142.11
CA VAL C 95 -28.84 9.05 -141.84
C VAL C 95 -29.09 9.33 -140.36
N MET C 96 -28.63 10.50 -139.91
CA MET C 96 -28.70 11.03 -138.54
C MET C 96 -29.95 11.90 -138.33
N GLY C 97 -30.70 12.07 -139.39
CA GLY C 97 -31.87 12.92 -139.39
C GLY C 97 -31.54 14.26 -140.02
N MET C 98 -32.39 15.26 -139.78
CA MET C 98 -32.16 16.55 -140.38
C MET C 98 -32.56 17.65 -139.43
N VAL C 99 -31.95 18.82 -139.60
CA VAL C 99 -32.26 19.96 -138.77
C VAL C 99 -32.71 21.15 -139.60
N ARG C 100 -33.88 21.69 -139.32
CA ARG C 100 -34.30 22.86 -140.06
C ARG C 100 -33.88 24.06 -139.24
N ARG C 101 -33.62 25.19 -139.89
CA ARG C 101 -33.25 26.43 -139.15
C ARG C 101 -34.52 27.03 -138.52
N ALA C 102 -34.53 27.21 -137.19
CA ALA C 102 -35.69 27.75 -136.50
C ALA C 102 -36.11 29.09 -137.10
N ILE C 103 -37.40 29.34 -137.13
CA ILE C 103 -37.96 30.61 -137.59
C ILE C 103 -38.05 31.59 -136.42
N PRO C 104 -37.55 32.84 -136.56
CA PRO C 104 -37.57 33.85 -135.53
C PRO C 104 -38.97 34.27 -135.14
N ASN C 105 -39.10 34.68 -133.89
CA ASN C 105 -40.35 35.18 -133.33
C ASN C 105 -40.49 36.67 -133.57
N LEU C 106 -41.56 37.28 -133.03
CA LEU C 106 -41.77 38.70 -133.27
C LEU C 106 -42.67 39.40 -132.26
N ILE C 107 -42.65 40.73 -132.30
CA ILE C 107 -43.54 41.60 -131.54
C ILE C 107 -44.55 42.01 -132.58
N ALA C 108 -45.86 41.80 -132.37
CA ALA C 108 -46.75 42.15 -133.47
C ALA C 108 -47.49 43.47 -133.30
N PHE C 109 -48.56 43.49 -132.47
CA PHE C 109 -49.35 44.72 -132.37
C PHE C 109 -49.51 45.12 -130.92
N ASP C 110 -48.59 44.65 -130.11
CA ASP C 110 -48.57 44.88 -128.69
C ASP C 110 -48.71 46.35 -128.33
N ILE C 111 -48.09 47.20 -129.13
CA ILE C 111 -48.09 48.63 -128.88
C ILE C 111 -48.72 49.48 -129.98
N CYS C 112 -49.73 48.97 -130.69
CA CYS C 112 -50.38 49.84 -131.68
C CYS C 112 -51.87 49.48 -131.81
N GLY C 113 -52.63 50.34 -132.47
CA GLY C 113 -54.03 50.04 -132.71
C GLY C 113 -54.12 49.25 -134.00
N VAL C 114 -55.31 48.82 -134.37
CA VAL C 114 -55.47 48.09 -135.59
C VAL C 114 -56.49 48.79 -136.49
N GLN C 115 -57.72 48.93 -136.02
CA GLN C 115 -58.81 49.46 -136.82
C GLN C 115 -58.74 48.97 -138.25
N PRO C 116 -58.98 47.68 -138.50
CA PRO C 116 -58.82 47.06 -139.78
C PRO C 116 -59.75 47.69 -140.76
N MET C 117 -59.36 47.75 -142.02
CA MET C 117 -60.23 48.28 -143.04
C MET C 117 -61.46 47.38 -143.19
N ASN C 118 -62.61 47.99 -143.51
CA ASN C 118 -63.84 47.22 -143.76
C ASN C 118 -64.01 47.40 -145.23
N SER C 119 -63.43 48.48 -145.62
CA SER C 119 -63.34 48.98 -146.95
C SER C 119 -62.10 49.83 -146.76
N PRO C 120 -61.32 50.07 -147.81
CA PRO C 120 -60.08 50.81 -147.84
C PRO C 120 -60.25 52.31 -147.68
N THR C 121 -59.13 53.02 -147.81
CA THR C 121 -59.19 54.47 -147.77
C THR C 121 -59.96 54.98 -146.59
N GLY C 122 -59.51 54.79 -145.37
CA GLY C 122 -60.31 55.22 -144.24
C GLY C 122 -60.16 56.70 -143.90
N GLN C 123 -60.99 57.19 -142.99
CA GLN C 123 -60.91 58.58 -142.53
C GLN C 123 -61.24 58.74 -141.06
N VAL C 124 -60.54 59.67 -140.43
CA VAL C 124 -60.78 60.00 -139.03
C VAL C 124 -60.91 61.51 -138.84
N PHE C 125 -61.93 61.88 -138.11
CA PHE C 125 -62.15 63.29 -137.78
C PHE C 125 -61.59 63.61 -136.42
N ALA C 126 -61.25 64.85 -136.18
CA ALA C 126 -60.77 65.15 -134.84
C ALA C 126 -61.20 66.51 -134.35
N LEU C 127 -61.55 66.56 -133.06
CA LEU C 127 -62.02 67.79 -132.43
C LEU C 127 -61.05 68.46 -131.50
N ARG C 128 -60.90 69.75 -131.73
CA ARG C 128 -60.08 70.59 -130.91
C ARG C 128 -60.91 71.70 -130.31
N ALA C 129 -60.76 71.89 -129.01
CA ALA C 129 -61.42 72.98 -128.32
C ALA C 129 -60.50 74.15 -128.45
N VAL C 130 -60.94 75.20 -129.09
CA VAL C 130 -60.05 76.31 -129.37
C VAL C 130 -60.62 77.62 -128.94
N TYR C 131 -59.77 78.64 -128.88
CA TYR C 131 -60.26 79.94 -128.49
C TYR C 131 -59.50 81.10 -129.07
N GLY C 132 -60.12 82.27 -128.93
CA GLY C 132 -59.56 83.50 -129.48
C GLY C 132 -60.45 84.01 -130.60
N LYS C 133 -61.76 83.76 -130.44
CA LYS C 133 -62.83 84.16 -131.35
C LYS C 133 -62.84 83.45 -132.71
N ASP C 134 -61.75 83.54 -133.47
CA ASP C 134 -61.70 82.86 -134.76
C ASP C 134 -61.04 81.48 -134.58
N PRO C 135 -61.79 80.36 -134.67
CA PRO C 135 -61.30 79.02 -134.42
C PRO C 135 -60.22 78.57 -135.40
N VAL C 136 -60.18 79.22 -136.57
CA VAL C 136 -59.20 78.81 -137.54
C VAL C 136 -58.40 80.00 -138.00
N ALA C 137 -57.28 80.20 -137.34
CA ALA C 137 -56.46 81.34 -137.63
C ALA C 137 -55.06 81.13 -137.12
N ALA C 138 -54.10 81.79 -137.74
CA ALA C 138 -52.78 81.75 -137.15
C ALA C 138 -52.92 82.40 -135.79
N GLY C 139 -52.28 81.83 -134.79
CA GLY C 139 -52.33 82.41 -133.46
C GLY C 139 -53.49 81.89 -132.62
N ALA C 140 -54.40 81.11 -133.21
CA ALA C 140 -55.52 80.54 -132.47
C ALA C 140 -54.92 79.63 -131.40
N LYS C 141 -55.57 79.49 -130.25
CA LYS C 141 -55.01 78.60 -129.23
C LYS C 141 -55.91 77.40 -128.96
N GLU C 142 -55.30 76.29 -128.52
CA GLU C 142 -56.01 75.05 -128.15
C GLU C 142 -56.29 75.07 -126.64
N ALA C 143 -57.58 75.03 -126.27
CA ALA C 143 -58.00 75.07 -124.88
C ALA C 143 -57.52 73.93 -124.04
N PHE C 144 -57.44 72.74 -124.60
CA PHE C 144 -57.02 71.64 -123.75
C PHE C 144 -55.73 70.99 -124.20
N HIS C 145 -54.88 71.69 -124.96
CA HIS C 145 -53.63 71.01 -125.32
C HIS C 145 -52.93 70.74 -123.99
N PRO C 146 -52.43 69.53 -123.70
CA PRO C 146 -51.83 69.17 -122.44
C PRO C 146 -50.59 69.96 -122.03
N MET C 147 -49.89 70.57 -122.95
CA MET C 147 -48.73 71.33 -122.52
C MET C 147 -49.06 72.75 -122.18
N TYR C 148 -50.31 73.17 -122.31
CA TYR C 148 -50.59 74.56 -122.10
C TYR C 148 -51.63 74.76 -121.05
N GLY C 149 -51.41 75.75 -120.19
CA GLY C 149 -52.38 75.99 -119.16
C GLY C 149 -53.50 76.80 -119.75
N PRO C 150 -54.55 77.05 -118.99
CA PRO C 150 -55.71 77.78 -119.40
C PRO C 150 -55.28 79.20 -119.58
N ASP C 151 -56.01 79.94 -120.37
CA ASP C 151 -55.62 81.31 -120.51
C ASP C 151 -56.17 82.02 -119.31
N ALA C 152 -55.31 82.19 -118.33
CA ALA C 152 -55.64 82.68 -117.02
C ALA C 152 -56.32 84.01 -117.00
N MET C 153 -56.19 84.82 -118.05
CA MET C 153 -56.85 86.11 -118.02
C MET C 153 -57.86 86.24 -119.13
N PHE C 154 -58.30 85.16 -119.74
CA PHE C 154 -59.18 85.24 -120.90
C PHE C 154 -60.58 85.71 -120.49
N SER C 155 -61.20 85.02 -119.48
CA SER C 155 -62.52 85.46 -119.01
C SER C 155 -62.35 86.60 -118.01
N GLY C 156 -61.10 86.81 -117.62
CA GLY C 156 -60.68 87.75 -116.59
C GLY C 156 -60.19 89.08 -117.11
N GLN C 157 -59.08 89.51 -116.52
CA GLN C 157 -58.52 90.84 -116.78
C GLN C 157 -58.30 91.10 -118.26
N GLY C 158 -57.95 90.09 -119.05
CA GLY C 158 -57.71 90.26 -120.48
C GLY C 158 -58.96 90.75 -121.20
N ALA C 159 -60.14 90.48 -120.64
CA ALA C 159 -61.35 90.97 -121.22
C ALA C 159 -61.43 92.45 -120.88
N ALA C 160 -61.07 92.76 -119.65
CA ALA C 160 -61.08 94.15 -119.20
C ALA C 160 -60.10 95.01 -120.00
N LYS C 161 -58.95 94.43 -120.34
CA LYS C 161 -57.92 95.17 -121.08
C LYS C 161 -56.90 94.32 -121.80
N LYS C 162 -56.23 94.95 -122.76
CA LYS C 162 -55.12 94.33 -123.45
C LYS C 162 -53.84 94.56 -122.67
N PHE C 163 -52.86 93.69 -122.86
CA PHE C 163 -51.57 93.83 -122.14
C PHE C 163 -50.42 93.92 -123.14
N PRO C 164 -49.45 94.83 -122.90
CA PRO C 164 -48.28 94.91 -123.72
C PRO C 164 -47.62 93.55 -123.73
N ALA C 165 -47.08 93.16 -124.86
CA ALA C 165 -46.38 91.90 -124.95
C ALA C 165 -44.94 92.06 -124.59
N LEU C 166 -44.34 90.98 -124.18
CA LEU C 166 -42.90 90.96 -123.97
C LEU C 166 -42.24 90.71 -125.30
N ALA C 167 -41.13 91.37 -125.48
CA ALA C 167 -40.31 91.27 -126.66
C ALA C 167 -38.96 91.82 -126.33
N ALA C 168 -37.95 91.47 -127.10
CA ALA C 168 -36.63 92.03 -126.83
C ALA C 168 -36.71 93.54 -126.70
N SER C 169 -36.06 94.04 -125.65
CA SER C 169 -35.94 95.46 -125.28
C SER C 169 -37.17 96.11 -124.62
N THR C 170 -38.32 95.43 -124.57
CA THR C 170 -39.49 96.04 -123.94
C THR C 170 -39.22 96.36 -122.47
N GLN C 171 -39.49 97.58 -122.05
CA GLN C 171 -39.21 97.91 -120.66
C GLN C 171 -40.39 97.68 -119.77
N THR C 172 -40.10 97.29 -118.52
CA THR C 172 -41.14 97.13 -117.52
C THR C 172 -41.17 98.26 -116.55
N THR C 173 -42.25 98.30 -115.79
CA THR C 173 -42.38 99.23 -114.69
C THR C 173 -43.20 98.52 -113.65
N VAL C 174 -42.91 98.77 -112.40
CA VAL C 174 -43.59 98.08 -111.34
C VAL C 174 -45.09 98.19 -111.40
N GLY C 175 -45.71 97.02 -111.29
CA GLY C 175 -47.14 96.86 -111.29
C GLY C 175 -47.78 96.61 -112.65
N ASP C 176 -47.05 96.83 -113.74
CA ASP C 176 -47.70 96.63 -115.02
C ASP C 176 -47.73 95.15 -115.39
N ILE C 177 -48.65 94.79 -116.28
CA ILE C 177 -48.81 93.41 -116.72
C ILE C 177 -48.35 93.22 -118.14
N TYR C 178 -47.49 92.25 -118.32
CA TYR C 178 -47.00 91.95 -119.64
C TYR C 178 -47.37 90.55 -120.05
N THR C 179 -47.62 90.38 -121.33
CA THR C 179 -48.00 89.06 -121.84
C THR C 179 -47.02 88.42 -122.79
N HIS C 180 -47.00 87.11 -122.74
CA HIS C 180 -46.16 86.35 -123.62
C HIS C 180 -46.70 84.96 -123.86
N PHE C 181 -45.99 84.21 -124.67
CA PHE C 181 -46.34 82.84 -124.92
C PHE C 181 -45.05 82.14 -125.20
N PHE C 182 -44.68 81.23 -124.33
CA PHE C 182 -43.43 80.51 -124.44
C PHE C 182 -43.55 79.41 -125.50
N GLN C 183 -42.42 78.97 -126.07
CA GLN C 183 -42.44 77.83 -126.99
C GLN C 183 -42.88 76.55 -126.27
N GLU C 184 -42.42 76.44 -125.03
CA GLU C 184 -42.72 75.39 -124.08
C GLU C 184 -44.01 75.85 -123.43
N THR C 185 -44.58 75.13 -122.46
CA THR C 185 -45.83 75.59 -121.82
C THR C 185 -45.88 77.09 -121.94
N GLY C 186 -46.87 77.51 -122.72
CA GLY C 186 -46.98 78.83 -123.32
C GLY C 186 -47.57 80.03 -122.64
N THR C 187 -48.91 80.12 -122.63
CA THR C 187 -49.55 81.35 -122.19
C THR C 187 -49.09 81.81 -120.83
N VAL C 188 -48.65 83.06 -120.78
CA VAL C 188 -48.20 83.63 -119.54
C VAL C 188 -48.54 85.12 -119.42
N TYR C 189 -48.84 85.55 -118.22
CA TYR C 189 -49.04 86.95 -117.92
C TYR C 189 -48.22 87.24 -116.70
N LEU C 190 -47.40 88.26 -116.72
CA LEU C 190 -46.57 88.52 -115.56
C LEU C 190 -46.67 89.92 -115.07
N GLN C 191 -46.54 90.11 -113.77
CA GLN C 191 -46.56 91.45 -113.24
C GLN C 191 -45.18 91.90 -112.86
N ALA C 192 -44.82 93.06 -113.34
CA ALA C 192 -43.49 93.56 -113.04
C ALA C 192 -43.35 93.90 -111.57
N SER C 193 -42.28 93.45 -110.94
CA SER C 193 -42.03 93.83 -109.55
C SER C 193 -41.11 95.03 -109.58
N VAL C 194 -40.30 95.09 -110.64
CA VAL C 194 -39.34 96.16 -110.84
C VAL C 194 -39.32 96.70 -112.27
N GLN C 195 -38.62 97.82 -112.40
CA GLN C 195 -38.28 98.35 -113.72
C GLN C 195 -37.06 97.59 -114.18
N VAL C 196 -37.18 96.86 -115.28
CA VAL C 196 -36.07 96.09 -115.79
C VAL C 196 -36.14 96.01 -117.31
N THR C 197 -34.99 95.87 -117.93
CA THR C 197 -34.91 95.69 -119.37
C THR C 197 -35.09 94.24 -119.68
N ILE C 198 -35.04 93.90 -120.95
CA ILE C 198 -35.25 92.52 -121.33
C ILE C 198 -34.39 92.08 -122.51
N ASP C 199 -33.08 92.21 -122.40
CA ASP C 199 -32.19 91.75 -123.47
C ASP C 199 -32.58 92.14 -124.87
N ALA C 200 -32.24 93.34 -125.28
CA ALA C 200 -32.58 93.78 -126.63
C ALA C 200 -32.09 92.81 -127.73
N GLY C 201 -31.11 91.94 -127.46
CA GLY C 201 -30.65 91.04 -128.50
C GLY C 201 -31.49 89.74 -128.60
N ALA C 202 -32.48 89.60 -127.72
CA ALA C 202 -33.29 88.38 -127.68
C ALA C 202 -34.40 88.38 -128.71
N THR C 203 -34.03 88.36 -129.98
CA THR C 203 -34.96 88.42 -131.10
C THR C 203 -35.46 87.04 -131.48
N ASP C 204 -34.76 86.06 -130.95
CA ASP C 204 -35.00 84.63 -131.04
C ASP C 204 -35.99 84.26 -129.99
N ALA C 205 -37.13 83.69 -130.37
CA ALA C 205 -38.12 83.37 -129.35
C ALA C 205 -37.50 82.53 -128.26
N ALA C 206 -36.55 81.64 -128.60
CA ALA C 206 -35.92 80.82 -127.59
C ALA C 206 -35.18 81.68 -126.57
N LYS C 207 -34.56 82.78 -127.03
CA LYS C 207 -33.81 83.65 -126.16
C LYS C 207 -34.75 84.45 -125.31
N LEU C 208 -35.86 84.89 -125.92
CA LEU C 208 -36.81 85.68 -125.16
C LEU C 208 -37.34 84.81 -124.06
N ASP C 209 -37.71 83.57 -124.38
CA ASP C 209 -38.23 82.71 -123.34
C ASP C 209 -37.23 82.59 -122.21
N ALA C 210 -35.95 82.40 -122.55
CA ALA C 210 -34.94 82.30 -121.52
C ALA C 210 -34.81 83.57 -120.68
N GLU C 211 -34.86 84.73 -121.32
CA GLU C 211 -34.69 85.99 -120.59
C GLU C 211 -35.86 86.20 -119.64
N ILE C 212 -37.05 85.84 -120.09
CA ILE C 212 -38.21 86.00 -119.24
C ILE C 212 -38.03 85.09 -118.06
N LYS C 213 -37.65 83.85 -118.32
CA LYS C 213 -37.43 82.92 -117.24
C LYS C 213 -36.38 83.45 -116.26
N LYS C 214 -35.31 84.08 -116.74
CA LYS C 214 -34.32 84.63 -115.81
C LYS C 214 -34.98 85.63 -114.86
N GLN C 215 -35.83 86.48 -115.42
CA GLN C 215 -36.54 87.49 -114.65
C GLN C 215 -37.52 86.84 -113.68
N MET C 216 -38.09 85.71 -114.08
CA MET C 216 -38.99 85.00 -113.20
C MET C 216 -38.18 84.47 -112.01
N GLU C 217 -37.01 83.89 -112.30
CA GLU C 217 -36.15 83.32 -111.26
C GLU C 217 -35.71 84.37 -110.29
N ALA C 218 -35.42 85.55 -110.80
CA ALA C 218 -34.95 86.68 -110.02
C ALA C 218 -36.07 87.40 -109.28
N GLY C 219 -37.33 87.06 -109.55
CA GLY C 219 -38.44 87.77 -108.94
C GLY C 219 -38.66 89.18 -109.51
N ALA C 220 -38.17 89.43 -110.74
CA ALA C 220 -38.27 90.75 -111.35
C ALA C 220 -39.62 90.94 -112.02
N LEU C 221 -40.13 89.82 -112.52
CA LEU C 221 -41.38 89.76 -113.26
C LEU C 221 -42.07 88.44 -112.87
N VAL C 222 -43.26 88.51 -112.29
CA VAL C 222 -43.91 87.29 -111.76
C VAL C 222 -45.21 86.88 -112.42
N GLU C 223 -45.30 85.61 -112.80
CA GLU C 223 -46.53 85.15 -113.41
C GLU C 223 -47.71 85.28 -112.49
N ILE C 224 -48.78 85.89 -112.97
CA ILE C 224 -49.97 85.99 -112.14
C ILE C 224 -51.27 86.14 -112.92
N ALA C 225 -52.29 85.36 -112.51
CA ALA C 225 -53.65 85.43 -113.04
C ALA C 225 -54.44 86.57 -112.42
N GLU C 226 -55.43 87.11 -113.14
CA GLU C 226 -56.32 88.10 -112.57
C GLU C 226 -57.67 88.16 -113.28
N GLY C 227 -58.71 88.49 -112.52
CA GLY C 227 -60.10 88.65 -112.96
C GLY C 227 -60.39 90.10 -113.27
N MET C 228 -61.63 90.53 -113.15
CA MET C 228 -61.92 91.90 -113.47
C MET C 228 -62.97 92.55 -112.60
N ALA C 229 -62.91 93.85 -112.54
CA ALA C 229 -63.87 94.62 -111.77
C ALA C 229 -65.29 94.45 -112.27
N THR C 230 -66.23 94.46 -111.34
CA THR C 230 -67.65 94.42 -111.63
C THR C 230 -68.06 95.72 -112.31
N SER C 231 -67.29 96.78 -112.05
CA SER C 231 -67.48 98.08 -112.64
C SER C 231 -67.26 98.06 -114.14
N ILE C 232 -66.64 97.01 -114.62
CA ILE C 232 -66.38 96.83 -116.02
C ILE C 232 -67.30 95.71 -116.51
N ALA C 233 -67.30 94.58 -115.81
CA ALA C 233 -68.05 93.39 -116.22
C ALA C 233 -69.56 93.63 -116.33
N GLU C 234 -70.12 94.48 -115.48
CA GLU C 234 -71.55 94.69 -115.50
C GLU C 234 -71.96 95.70 -116.55
N LEU C 235 -70.99 96.22 -117.27
CA LEU C 235 -71.24 97.17 -118.29
C LEU C 235 -70.73 96.65 -119.62
N GLN C 236 -70.65 95.32 -119.77
CA GLN C 236 -70.18 94.77 -121.04
C GLN C 236 -71.26 94.82 -122.12
N GLU C 237 -70.91 94.49 -123.35
CA GLU C 237 -71.84 94.45 -124.47
C GLU C 237 -72.66 95.71 -124.66
N GLY C 238 -72.07 96.89 -124.42
CA GLY C 238 -72.77 98.14 -124.60
C GLY C 238 -73.73 98.52 -123.47
N PHE C 239 -73.80 97.71 -122.43
CA PHE C 239 -74.73 97.98 -121.36
C PHE C 239 -74.40 99.31 -120.71
N ASN C 240 -75.43 100.02 -120.31
CA ASN C 240 -75.30 101.31 -119.64
C ASN C 240 -74.66 102.37 -120.54
N GLY C 241 -74.68 102.17 -121.86
CA GLY C 241 -74.16 103.17 -122.79
C GLY C 241 -72.66 103.07 -123.04
N SER C 242 -72.04 102.01 -122.54
CA SER C 242 -70.62 101.77 -122.69
C SER C 242 -70.26 101.34 -124.11
N THR C 243 -68.95 101.34 -124.40
CA THR C 243 -68.47 100.92 -125.72
C THR C 243 -67.26 100.01 -125.61
N ASP C 244 -66.91 99.37 -126.72
CA ASP C 244 -65.69 98.59 -126.87
C ASP C 244 -65.51 97.54 -125.79
N ASN C 245 -66.59 96.86 -125.45
CA ASN C 245 -66.55 95.88 -124.40
C ASN C 245 -67.17 94.50 -124.66
N PRO C 246 -66.71 93.77 -125.67
CA PRO C 246 -67.13 92.43 -126.01
C PRO C 246 -66.58 91.44 -125.00
N TRP C 247 -67.24 90.30 -124.86
CA TRP C 247 -66.71 89.24 -124.01
C TRP C 247 -65.75 88.46 -124.88
N ASN C 248 -64.74 87.84 -124.30
CA ASN C 248 -63.88 86.95 -125.07
C ASN C 248 -64.65 85.68 -125.44
N GLU C 249 -64.21 85.00 -126.53
CA GLU C 249 -64.95 83.83 -126.99
C GLU C 249 -64.12 82.56 -127.23
N MET C 250 -64.80 81.43 -127.01
CA MET C 250 -64.23 80.09 -127.20
C MET C 250 -65.17 79.21 -128.01
N GLY C 251 -64.63 78.14 -128.57
CA GLY C 251 -65.44 77.16 -129.27
C GLY C 251 -64.61 75.97 -129.75
N PHE C 252 -64.97 75.40 -130.89
CA PHE C 252 -64.24 74.25 -131.38
C PHE C 252 -64.21 74.18 -132.88
N ARG C 253 -63.29 73.36 -133.39
CA ARG C 253 -63.11 73.16 -134.85
C ARG C 253 -62.79 71.67 -135.09
N ILE C 254 -63.45 71.06 -136.08
CA ILE C 254 -63.24 69.66 -136.36
C ILE C 254 -62.57 69.49 -137.72
N ASP C 255 -61.43 68.81 -137.73
CA ASP C 255 -60.65 68.59 -138.96
C ASP C 255 -60.59 67.12 -139.31
N LYS C 256 -59.92 66.76 -140.41
CA LYS C 256 -59.84 65.33 -140.73
C LYS C 256 -58.57 64.85 -141.41
N GLN C 257 -58.38 63.54 -141.35
CA GLN C 257 -57.29 62.90 -142.05
C GLN C 257 -57.75 61.66 -142.78
N VAL C 258 -57.05 61.34 -143.87
CA VAL C 258 -57.39 60.14 -144.67
C VAL C 258 -56.23 59.16 -144.86
N ILE C 259 -56.52 57.86 -144.78
CA ILE C 259 -55.51 56.81 -144.86
C ILE C 259 -55.78 55.67 -145.83
N GLU C 260 -54.80 55.38 -146.67
CA GLU C 260 -54.91 54.27 -147.59
C GLU C 260 -53.72 53.33 -147.48
N ALA C 261 -54.01 52.05 -147.66
CA ALA C 261 -53.11 50.91 -147.56
C ALA C 261 -52.21 50.62 -148.74
N LYS C 262 -51.11 49.94 -148.41
CA LYS C 262 -50.18 49.35 -149.37
C LYS C 262 -50.21 47.82 -149.20
N SER C 263 -49.84 47.11 -150.27
CA SER C 263 -49.84 45.65 -150.35
C SER C 263 -48.49 44.94 -150.39
N ARG C 264 -48.57 43.62 -150.25
CA ARG C 264 -47.43 42.72 -150.31
C ARG C 264 -47.77 41.40 -150.99
N GLN C 265 -46.86 40.85 -151.79
CA GLN C 265 -47.18 39.55 -152.45
C GLN C 265 -45.92 38.82 -152.94
N LEU C 266 -45.90 37.48 -152.79
CA LEU C 266 -44.80 36.64 -153.29
C LEU C 266 -45.21 35.38 -154.05
N LYS C 267 -44.34 34.98 -154.97
CA LYS C 267 -44.48 33.74 -155.73
C LYS C 267 -43.69 32.58 -155.14
N ALA C 268 -44.23 31.36 -155.33
CA ALA C 268 -43.56 30.13 -154.90
C ALA C 268 -42.58 29.62 -155.95
N ALA C 269 -42.96 29.64 -157.22
CA ALA C 269 -42.05 29.18 -158.27
C ALA C 269 -41.37 27.82 -157.99
N TYR C 270 -42.11 26.79 -157.61
CA TYR C 270 -41.47 25.51 -157.32
C TYR C 270 -41.76 24.53 -158.43
N SER C 271 -40.92 23.50 -158.56
CA SER C 271 -41.10 22.51 -159.62
C SER C 271 -41.77 21.25 -159.11
N ILE C 272 -42.52 20.62 -160.00
CA ILE C 272 -43.20 19.37 -159.71
C ILE C 272 -42.26 18.24 -159.48
N GLU C 273 -41.31 18.10 -160.37
CA GLU C 273 -40.39 17.00 -160.33
C GLU C 273 -39.54 17.06 -159.08
N LEU C 274 -39.13 18.26 -158.71
CA LEU C 274 -38.31 18.39 -157.53
C LEU C 274 -39.14 18.04 -156.31
N ALA C 275 -40.40 18.47 -156.28
CA ALA C 275 -41.28 18.14 -155.15
C ALA C 275 -41.45 16.64 -155.00
N GLN C 276 -41.59 15.95 -156.13
CA GLN C 276 -41.76 14.51 -156.10
C GLN C 276 -40.53 13.84 -155.54
N ASP C 277 -39.36 14.31 -155.93
CA ASP C 277 -38.14 13.74 -155.40
C ASP C 277 -38.02 14.06 -153.92
N LEU C 278 -38.41 15.26 -153.53
CA LEU C 278 -38.32 15.61 -152.12
C LEU C 278 -39.14 14.63 -151.28
N ARG C 279 -40.31 14.25 -151.82
CA ARG C 279 -41.19 13.27 -151.15
C ARG C 279 -40.44 11.93 -151.04
N ALA C 280 -39.70 11.57 -152.09
CA ALA C 280 -38.92 10.35 -152.11
C ALA C 280 -37.72 10.36 -151.14
N VAL C 281 -37.07 11.51 -150.99
CA VAL C 281 -35.88 11.59 -150.14
C VAL C 281 -36.16 11.91 -148.67
N HIS C 282 -36.95 12.94 -148.39
CA HIS C 282 -37.21 13.36 -147.02
C HIS C 282 -38.65 13.20 -146.55
N GLY C 283 -39.57 12.86 -147.45
CA GLY C 283 -40.96 12.78 -147.06
C GLY C 283 -41.58 14.17 -146.96
N MET C 284 -40.98 15.13 -147.65
CA MET C 284 -41.43 16.51 -147.60
C MET C 284 -42.14 16.83 -148.92
N ASP C 285 -43.12 17.75 -148.88
CA ASP C 285 -43.95 18.03 -150.08
C ASP C 285 -43.45 19.13 -151.02
N ALA C 286 -42.75 20.09 -150.47
CA ALA C 286 -42.16 21.32 -151.04
C ALA C 286 -43.15 22.40 -151.38
N ASP C 287 -44.39 22.04 -151.63
CA ASP C 287 -45.33 23.08 -151.92
C ASP C 287 -45.72 23.66 -150.58
N ALA C 288 -46.10 22.79 -149.67
CA ALA C 288 -46.51 23.13 -148.34
C ALA C 288 -45.42 23.82 -147.54
N GLU C 289 -44.19 23.30 -147.66
CA GLU C 289 -43.02 23.86 -146.93
C GLU C 289 -42.79 25.31 -147.39
N LEU C 290 -42.87 25.55 -148.71
CA LEU C 290 -42.67 26.86 -149.23
C LEU C 290 -43.84 27.74 -148.91
N SER C 291 -45.05 27.21 -148.98
CA SER C 291 -46.21 28.02 -148.68
C SER C 291 -46.01 28.61 -147.29
N GLY C 292 -45.58 27.77 -146.34
CA GLY C 292 -45.28 28.20 -145.00
C GLY C 292 -44.24 29.32 -145.01
N ILE C 293 -43.13 29.10 -145.71
CA ILE C 293 -42.05 30.08 -145.76
C ILE C 293 -42.51 31.42 -146.33
N LEU C 294 -43.25 31.40 -147.43
CA LEU C 294 -43.69 32.63 -148.04
C LEU C 294 -44.58 33.40 -147.09
N ALA C 295 -45.53 32.70 -146.47
CA ALA C 295 -46.43 33.33 -145.54
C ALA C 295 -45.67 33.89 -144.36
N THR C 296 -44.67 33.13 -143.92
CA THR C 296 -43.85 33.50 -142.80
C THR C 296 -43.10 34.76 -143.08
N GLU C 297 -42.49 34.85 -144.26
CA GLU C 297 -41.71 36.02 -144.58
C GLU C 297 -42.64 37.20 -144.60
N ILE C 298 -43.82 37.06 -145.17
CA ILE C 298 -44.70 38.21 -145.20
C ILE C 298 -45.03 38.66 -143.78
N MET C 299 -45.36 37.74 -142.91
CA MET C 299 -45.67 38.12 -141.55
C MET C 299 -44.47 38.78 -140.84
N LEU C 300 -43.27 38.23 -141.03
CA LEU C 300 -42.10 38.81 -140.40
C LEU C 300 -41.84 40.21 -140.91
N GLU C 301 -41.95 40.40 -142.23
CA GLU C 301 -41.70 41.71 -142.88
C GLU C 301 -42.67 42.77 -142.33
N ILE C 302 -43.93 42.39 -142.12
CA ILE C 302 -44.93 43.31 -141.63
C ILE C 302 -44.66 43.73 -140.24
N ASN C 303 -44.38 42.76 -139.38
CA ASN C 303 -44.18 43.14 -138.01
C ASN C 303 -42.91 43.96 -137.89
N ARG C 304 -41.88 43.68 -138.70
CA ARG C 304 -40.72 44.53 -138.68
C ARG C 304 -41.12 45.94 -139.07
N GLU C 305 -41.87 46.08 -140.17
CA GLU C 305 -42.27 47.39 -140.64
C GLU C 305 -43.01 48.17 -139.57
N VAL C 306 -43.93 47.52 -138.86
CA VAL C 306 -44.67 48.24 -137.85
C VAL C 306 -43.73 48.76 -136.78
N VAL C 307 -42.85 47.91 -136.28
CA VAL C 307 -41.96 48.36 -135.24
C VAL C 307 -41.05 49.46 -135.74
N ASP C 308 -40.54 49.32 -136.96
CA ASP C 308 -39.66 50.33 -137.52
C ASP C 308 -40.38 51.67 -137.58
N TRP C 309 -41.68 51.68 -137.96
CA TRP C 309 -42.42 52.93 -138.02
C TRP C 309 -42.55 53.55 -136.64
N ILE C 310 -42.67 52.72 -135.64
CA ILE C 310 -42.77 53.25 -134.31
C ILE C 310 -41.47 53.95 -133.98
N ASN C 311 -40.33 53.30 -134.24
CA ASN C 311 -39.05 53.93 -133.96
C ASN C 311 -38.80 55.17 -134.84
N TYR C 312 -39.28 55.11 -136.09
CA TYR C 312 -39.07 56.21 -137.06
C TYR C 312 -39.83 57.46 -136.62
N SER C 313 -41.06 57.27 -136.15
CA SER C 313 -41.89 58.36 -135.73
C SER C 313 -41.65 58.81 -134.30
N ALA C 314 -41.12 57.96 -133.44
CA ALA C 314 -40.92 58.35 -132.05
C ALA C 314 -40.14 59.63 -131.93
N GLN C 315 -40.60 60.51 -131.05
CA GLN C 315 -39.92 61.78 -130.84
C GLN C 315 -38.57 61.56 -130.22
N VAL C 316 -37.66 62.48 -130.45
CA VAL C 316 -36.35 62.37 -129.85
C VAL C 316 -36.47 62.62 -128.35
N GLY C 317 -35.86 61.75 -127.55
CA GLY C 317 -35.87 61.86 -126.10
C GLY C 317 -34.73 62.76 -125.62
N LYS C 318 -34.50 62.80 -124.31
CA LYS C 318 -33.46 63.62 -123.71
C LYS C 318 -33.56 65.05 -124.18
N SER C 319 -34.73 65.64 -124.04
CA SER C 319 -34.95 66.99 -124.52
C SER C 319 -35.98 67.69 -123.65
N GLY C 320 -35.98 69.01 -123.69
CA GLY C 320 -36.97 69.78 -122.94
C GLY C 320 -36.87 69.45 -121.47
N MET C 321 -37.99 69.09 -120.88
CA MET C 321 -38.06 68.77 -119.46
C MET C 321 -37.18 67.58 -119.07
N THR C 322 -36.91 66.67 -120.01
CA THR C 322 -36.15 65.50 -119.63
C THR C 322 -34.67 65.64 -119.86
N LEU C 323 -34.25 66.82 -120.27
CA LEU C 323 -32.85 67.09 -120.56
C LEU C 323 -32.09 67.77 -119.45
N THR C 324 -31.01 67.15 -119.04
CA THR C 324 -30.13 67.73 -118.08
C THR C 324 -29.25 68.64 -118.92
N PRO C 325 -29.13 69.94 -118.62
CA PRO C 325 -28.38 70.92 -119.39
C PRO C 325 -26.96 70.52 -119.80
N GLY C 326 -26.26 69.72 -119.00
CA GLY C 326 -24.90 69.35 -119.35
C GLY C 326 -24.78 68.14 -120.29
N SER C 327 -25.91 67.59 -120.76
CA SER C 327 -25.91 66.39 -121.60
C SER C 327 -25.76 66.61 -123.11
N LYS C 328 -25.97 65.51 -123.86
CA LYS C 328 -25.80 65.50 -125.33
C LYS C 328 -27.13 65.47 -126.06
N ALA C 329 -28.20 65.53 -125.29
CA ALA C 329 -29.58 65.63 -125.76
C ALA C 329 -30.09 64.63 -126.80
N GLY C 330 -30.02 63.33 -126.53
CA GLY C 330 -30.61 62.40 -127.47
C GLY C 330 -29.96 61.07 -127.30
N VAL C 331 -28.94 61.09 -126.49
CA VAL C 331 -28.18 59.91 -126.15
C VAL C 331 -27.89 59.82 -124.66
N PHE C 332 -28.00 58.62 -124.12
CA PHE C 332 -27.64 58.36 -122.74
C PHE C 332 -26.33 57.60 -122.74
N ASP C 333 -25.26 58.26 -122.31
CA ASP C 333 -23.91 57.73 -122.29
C ASP C 333 -23.47 57.30 -120.91
N PHE C 334 -23.30 56.01 -120.70
CA PHE C 334 -22.89 55.52 -119.39
C PHE C 334 -21.51 55.98 -118.94
N GLN C 335 -20.71 56.54 -119.84
CA GLN C 335 -19.39 57.02 -119.46
C GLN C 335 -19.43 58.50 -119.11
N ASP C 336 -20.60 59.12 -119.26
CA ASP C 336 -20.78 60.55 -119.05
C ASP C 336 -21.41 60.82 -117.68
N PRO C 337 -20.71 61.49 -116.74
CA PRO C 337 -21.13 61.74 -115.36
C PRO C 337 -22.41 62.55 -115.27
N ILE C 338 -22.78 63.24 -116.35
CA ILE C 338 -24.00 64.00 -116.29
C ILE C 338 -25.16 63.04 -116.44
N ASP C 339 -25.13 62.24 -117.50
CA ASP C 339 -26.19 61.28 -117.76
C ASP C 339 -26.38 60.30 -116.62
N ILE C 340 -25.28 59.92 -115.99
CA ILE C 340 -25.43 58.96 -114.91
C ILE C 340 -25.57 59.59 -113.53
N ARG C 341 -25.82 60.90 -113.49
CA ARG C 341 -26.09 61.62 -112.26
C ARG C 341 -25.06 61.41 -111.16
N GLY C 342 -23.79 61.50 -111.52
CA GLY C 342 -22.71 61.37 -110.54
C GLY C 342 -22.33 59.95 -110.18
N ALA C 343 -22.97 58.97 -110.80
CA ALA C 343 -22.67 57.58 -110.52
C ALA C 343 -21.25 57.18 -110.91
N ARG C 344 -20.73 56.24 -110.15
CA ARG C 344 -19.46 55.56 -110.35
C ARG C 344 -19.87 54.13 -110.12
N TRP C 345 -19.01 53.13 -110.26
CA TRP C 345 -19.52 51.81 -109.88
C TRP C 345 -20.82 51.37 -110.52
N ALA C 346 -20.83 50.99 -111.80
CA ALA C 346 -22.04 50.59 -112.56
C ALA C 346 -23.31 50.19 -111.75
N GLY C 347 -23.21 49.51 -110.59
CA GLY C 347 -24.37 49.14 -109.77
C GLY C 347 -25.20 50.37 -109.33
N GLU C 348 -24.58 51.54 -109.49
CA GLU C 348 -25.17 52.85 -109.24
C GLU C 348 -25.70 53.44 -110.56
N SER C 349 -24.86 53.41 -111.60
CA SER C 349 -25.17 54.02 -112.91
C SER C 349 -26.39 53.41 -113.52
N PHE C 350 -26.55 52.13 -113.33
CA PHE C 350 -27.68 51.45 -113.90
C PHE C 350 -28.97 52.09 -113.40
N LYS C 351 -29.03 52.52 -112.14
CA LYS C 351 -30.25 53.12 -111.65
C LYS C 351 -30.47 54.45 -112.32
N ALA C 352 -29.39 55.15 -112.65
CA ALA C 352 -29.53 56.43 -113.31
C ALA C 352 -30.28 56.25 -114.63
N LEU C 353 -30.02 55.13 -115.31
CA LEU C 353 -30.75 54.88 -116.53
C LEU C 353 -32.22 54.67 -116.24
N LEU C 354 -32.52 53.90 -115.19
CA LEU C 354 -33.91 53.64 -114.85
C LEU C 354 -34.62 54.96 -114.56
N PHE C 355 -33.92 55.85 -113.90
CA PHE C 355 -34.45 57.16 -113.57
C PHE C 355 -34.79 57.91 -114.85
N GLN C 356 -33.85 57.92 -115.81
CA GLN C 356 -34.10 58.60 -117.07
C GLN C 356 -35.32 58.03 -117.80
N ILE C 357 -35.49 56.72 -117.72
CA ILE C 357 -36.63 56.09 -118.35
C ILE C 357 -37.91 56.63 -117.76
N ASP C 358 -37.92 56.74 -116.43
CA ASP C 358 -39.10 57.28 -115.68
C ASP C 358 -39.30 58.76 -116.03
N LYS C 359 -38.22 59.51 -116.28
CA LYS C 359 -38.40 60.92 -116.59
C LYS C 359 -39.19 61.04 -117.88
N GLU C 360 -38.82 60.19 -118.85
CA GLU C 360 -39.48 60.14 -120.19
C GLU C 360 -40.93 59.68 -120.04
N ALA C 361 -41.19 58.66 -119.20
CA ALA C 361 -42.57 58.21 -119.08
C ALA C 361 -43.47 59.34 -118.52
N VAL C 362 -42.91 60.15 -117.63
CA VAL C 362 -43.66 61.26 -117.08
C VAL C 362 -43.92 62.33 -118.16
N GLU C 363 -42.88 62.67 -118.91
CA GLU C 363 -42.97 63.64 -119.98
C GLU C 363 -43.83 63.16 -121.13
N ILE C 364 -43.81 61.86 -121.42
CA ILE C 364 -44.53 61.37 -122.57
C ILE C 364 -45.99 61.62 -122.28
N ALA C 365 -46.40 61.51 -121.00
CA ALA C 365 -47.76 61.85 -120.67
C ALA C 365 -48.00 63.33 -120.93
N ARG C 366 -47.07 64.17 -120.46
CA ARG C 366 -47.21 65.61 -120.63
C ARG C 366 -47.45 65.99 -122.07
N GLN C 367 -46.69 65.38 -122.96
CA GLN C 367 -46.78 65.71 -124.36
C GLN C 367 -47.88 65.00 -125.11
N THR C 368 -48.62 64.11 -124.47
CA THR C 368 -49.63 63.32 -125.16
C THR C 368 -51.02 63.67 -124.66
N GLY C 369 -51.15 63.87 -123.34
CA GLY C 369 -52.43 64.18 -122.73
C GLY C 369 -53.28 62.96 -122.41
N ARG C 370 -52.71 61.78 -122.58
CA ARG C 370 -53.45 60.56 -122.33
C ARG C 370 -52.95 59.79 -121.11
N GLY C 371 -51.63 59.61 -120.96
CA GLY C 371 -51.15 58.91 -119.77
C GLY C 371 -49.67 58.59 -119.78
N GLU C 372 -49.17 58.21 -118.60
CA GLU C 372 -47.78 57.85 -118.36
C GLU C 372 -47.34 56.66 -119.16
N GLY C 373 -46.13 56.76 -119.70
CA GLY C 373 -45.56 55.68 -120.50
C GLY C 373 -45.59 54.37 -119.74
N ASN C 374 -45.85 53.30 -120.48
CA ASN C 374 -45.97 51.98 -119.91
C ASN C 374 -45.35 50.86 -120.74
N PHE C 375 -44.58 51.20 -121.77
CA PHE C 375 -43.95 50.16 -122.63
C PHE C 375 -42.54 50.57 -123.03
N ILE C 376 -41.59 49.65 -122.94
CA ILE C 376 -40.22 49.91 -123.32
C ILE C 376 -39.78 48.97 -124.42
N ILE C 377 -39.27 49.52 -125.50
CA ILE C 377 -38.75 48.67 -126.55
C ILE C 377 -37.27 48.96 -126.55
N ALA C 378 -36.44 47.94 -126.48
CA ALA C 378 -35.04 48.27 -126.42
C ALA C 378 -34.08 47.20 -126.90
N SER C 379 -32.83 47.59 -127.00
CA SER C 379 -31.75 46.71 -127.38
C SER C 379 -31.46 45.66 -126.33
N ARG C 380 -30.67 44.67 -126.74
CA ARG C 380 -30.25 43.61 -125.85
C ARG C 380 -29.42 44.15 -124.69
N ASN C 381 -28.58 45.14 -124.95
CA ASN C 381 -27.76 45.68 -123.90
C ASN C 381 -28.61 46.34 -122.84
N VAL C 382 -29.65 47.04 -123.26
CA VAL C 382 -30.51 47.69 -122.31
C VAL C 382 -31.24 46.69 -121.46
N VAL C 383 -31.81 45.65 -122.06
CA VAL C 383 -32.50 44.71 -121.20
C VAL C 383 -31.52 44.02 -120.27
N ASN C 384 -30.29 43.76 -120.71
CA ASN C 384 -29.35 43.12 -119.83
C ASN C 384 -29.11 44.02 -118.63
N VAL C 385 -29.03 45.32 -118.88
CA VAL C 385 -28.86 46.26 -117.80
C VAL C 385 -30.06 46.23 -116.88
N LEU C 386 -31.26 46.24 -117.43
CA LEU C 386 -32.41 46.28 -116.54
C LEU C 386 -32.49 45.01 -115.71
N ALA C 387 -32.28 43.88 -116.36
CA ALA C 387 -32.40 42.59 -115.72
C ALA C 387 -31.39 42.35 -114.61
N SER C 388 -30.19 42.91 -114.78
CA SER C 388 -29.05 42.82 -113.86
C SER C 388 -29.01 43.85 -112.72
N VAL C 389 -30.00 44.76 -112.67
CA VAL C 389 -29.96 45.79 -111.63
C VAL C 389 -31.18 45.65 -110.76
N ASP C 390 -31.06 45.96 -109.50
CA ASP C 390 -32.28 45.94 -108.70
C ASP C 390 -33.04 47.21 -109.05
N THR C 391 -34.18 47.05 -109.67
CA THR C 391 -34.96 48.18 -110.15
C THR C 391 -35.79 48.84 -109.05
N GLY C 392 -35.84 48.22 -107.89
CA GLY C 392 -36.62 48.82 -106.83
C GLY C 392 -35.77 49.89 -106.15
N ILE C 393 -36.32 50.51 -105.11
CA ILE C 393 -35.57 51.54 -104.44
C ILE C 393 -34.65 50.90 -103.43
N SER C 394 -33.37 51.13 -103.60
CA SER C 394 -32.40 50.51 -102.72
C SER C 394 -31.07 51.24 -102.70
N TYR C 395 -30.20 50.75 -101.84
CA TYR C 395 -28.89 51.32 -101.66
C TYR C 395 -28.07 51.38 -102.94
N ALA C 396 -27.90 50.24 -103.58
CA ALA C 396 -27.19 50.06 -104.85
C ALA C 396 -27.44 48.62 -105.22
N ALA C 397 -27.33 48.19 -106.48
CA ALA C 397 -27.41 46.72 -106.66
C ALA C 397 -27.05 46.25 -108.04
N GLN C 398 -26.31 45.15 -108.12
CA GLN C 398 -25.94 44.53 -109.38
C GLN C 398 -25.64 43.06 -109.25
N GLY C 399 -25.94 42.30 -110.29
CA GLY C 399 -25.58 40.88 -110.34
C GLY C 399 -25.97 40.30 -111.67
N LEU C 400 -26.04 38.98 -111.74
CA LEU C 400 -26.44 38.34 -112.98
C LEU C 400 -27.88 38.68 -113.23
N ALA C 401 -28.21 38.90 -114.47
CA ALA C 401 -29.55 39.22 -114.89
C ALA C 401 -30.56 38.16 -114.53
N THR C 402 -31.63 38.59 -113.85
CA THR C 402 -32.72 37.70 -113.49
C THR C 402 -34.08 38.35 -113.71
N GLY C 403 -34.12 39.68 -113.72
CA GLY C 403 -35.39 40.42 -113.76
C GLY C 403 -36.27 40.17 -114.98
N PHE C 404 -35.64 39.96 -116.13
CA PHE C 404 -36.35 39.79 -117.38
C PHE C 404 -35.76 38.67 -118.18
N SER C 405 -36.55 38.10 -119.07
CA SER C 405 -35.93 37.18 -119.99
C SER C 405 -35.22 38.01 -121.01
N THR C 406 -34.00 37.64 -121.31
CA THR C 406 -33.20 38.33 -122.29
C THR C 406 -33.02 37.45 -123.51
N ASP C 407 -33.73 36.32 -123.52
CA ASP C 407 -33.61 35.33 -124.57
C ASP C 407 -34.55 35.63 -125.75
N THR C 408 -33.97 36.17 -126.82
CA THR C 408 -34.72 36.64 -127.98
C THR C 408 -35.06 35.51 -128.92
N THR C 409 -34.70 34.29 -128.56
CA THR C 409 -35.02 33.19 -129.42
C THR C 409 -36.26 32.49 -128.88
N LYS C 410 -36.73 32.90 -127.69
CA LYS C 410 -37.88 32.26 -127.09
C LYS C 410 -39.03 33.23 -127.00
N SER C 411 -38.70 34.47 -126.64
CA SER C 411 -39.70 35.52 -126.53
C SER C 411 -39.20 36.77 -127.16
N VAL C 412 -40.01 37.80 -127.04
CA VAL C 412 -39.69 39.13 -127.50
C VAL C 412 -40.08 40.02 -126.38
N PHE C 413 -40.88 39.43 -125.50
CA PHE C 413 -41.39 40.09 -124.34
C PHE C 413 -40.53 39.62 -123.22
N ALA C 414 -39.82 40.56 -122.64
CA ALA C 414 -38.84 40.28 -121.62
C ALA C 414 -39.48 40.20 -120.25
N GLY C 415 -40.45 41.07 -120.00
CA GLY C 415 -41.09 41.11 -118.69
C GLY C 415 -41.58 42.49 -118.35
N VAL C 416 -41.98 42.70 -117.08
CA VAL C 416 -42.50 44.01 -116.72
C VAL C 416 -41.60 44.73 -115.70
N LEU C 417 -41.14 45.91 -116.07
CA LEU C 417 -40.18 46.64 -115.26
C LEU C 417 -40.79 47.29 -114.08
N GLY C 418 -40.51 46.71 -112.92
CA GLY C 418 -41.04 47.18 -111.65
C GLY C 418 -42.52 46.88 -111.54
N GLY C 419 -43.03 46.07 -112.44
CA GLY C 419 -44.47 45.83 -112.46
C GLY C 419 -45.17 46.99 -113.19
N LYS C 420 -44.38 47.93 -113.73
CA LYS C 420 -44.88 49.10 -114.41
C LYS C 420 -44.78 49.07 -115.94
N TYR C 421 -43.58 48.93 -116.49
CA TYR C 421 -43.46 49.02 -117.97
C TYR C 421 -43.32 47.64 -118.63
N ARG C 422 -44.03 47.44 -119.75
CA ARG C 422 -43.91 46.19 -120.49
C ARG C 422 -42.71 46.28 -121.41
N VAL C 423 -41.68 45.48 -121.11
CA VAL C 423 -40.42 45.52 -121.81
C VAL C 423 -40.31 44.45 -122.88
N TYR C 424 -40.02 44.90 -124.09
CA TYR C 424 -39.83 44.04 -125.24
C TYR C 424 -38.45 44.28 -125.84
N ILE C 425 -37.94 43.30 -126.56
CA ILE C 425 -36.61 43.43 -127.13
C ILE C 425 -36.61 43.61 -128.64
N ASP C 426 -35.94 44.66 -129.09
CA ASP C 426 -35.82 44.83 -130.51
C ASP C 426 -34.72 43.93 -130.98
N GLN C 427 -35.11 42.74 -131.40
CA GLN C 427 -34.17 41.71 -131.76
C GLN C 427 -33.27 42.13 -132.94
N TYR C 428 -33.67 43.15 -133.69
CA TYR C 428 -32.87 43.59 -134.83
C TYR C 428 -32.36 45.02 -134.67
N ALA C 429 -32.23 45.50 -133.45
CA ALA C 429 -31.73 46.87 -133.23
C ALA C 429 -30.38 47.06 -133.89
N LYS C 430 -30.16 48.21 -134.52
CA LYS C 430 -28.90 48.41 -135.23
C LYS C 430 -27.69 48.57 -134.32
N GLN C 431 -27.81 49.33 -133.23
CA GLN C 431 -26.66 49.44 -132.37
C GLN C 431 -27.01 49.33 -130.90
N ASP C 432 -27.67 50.35 -130.35
CA ASP C 432 -28.02 50.33 -128.94
C ASP C 432 -28.91 51.53 -128.64
N TYR C 433 -30.13 51.29 -128.18
CA TYR C 433 -31.03 52.43 -127.90
C TYR C 433 -32.34 51.87 -127.35
N PHE C 434 -33.04 52.72 -126.60
CA PHE C 434 -34.30 52.28 -126.01
C PHE C 434 -35.34 53.32 -126.31
N THR C 435 -36.59 52.92 -126.22
CA THR C 435 -37.63 53.89 -126.35
C THR C 435 -38.76 53.63 -125.39
N VAL C 436 -39.31 54.72 -124.89
CA VAL C 436 -40.42 54.68 -123.97
C VAL C 436 -41.69 54.99 -124.71
N GLY C 437 -42.70 54.15 -124.52
CA GLY C 437 -43.96 54.36 -125.19
C GLY C 437 -45.15 54.31 -124.27
N TYR C 438 -46.24 54.89 -124.76
CA TYR C 438 -47.51 54.85 -124.06
C TYR C 438 -48.64 54.27 -124.88
N LYS C 439 -49.42 53.40 -124.26
CA LYS C 439 -50.64 52.92 -124.89
C LYS C 439 -51.75 52.74 -123.87
N GLY C 440 -52.89 53.31 -124.18
CA GLY C 440 -54.04 53.23 -123.31
C GLY C 440 -54.91 52.02 -123.63
N PRO C 441 -55.98 51.77 -122.84
CA PRO C 441 -56.97 50.70 -122.99
C PRO C 441 -57.81 50.87 -124.27
N ASN C 442 -57.85 52.09 -124.77
CA ASN C 442 -58.57 52.42 -125.97
C ASN C 442 -57.69 52.08 -127.13
N GLU C 443 -58.17 51.23 -128.01
CA GLU C 443 -57.39 50.79 -129.15
C GLU C 443 -56.68 51.92 -129.90
N MET C 444 -57.31 53.10 -130.03
CA MET C 444 -56.72 54.18 -130.79
C MET C 444 -55.61 54.94 -130.06
N ASP C 445 -55.52 54.75 -128.75
CA ASP C 445 -54.63 55.52 -127.91
C ASP C 445 -53.21 54.97 -127.93
N ALA C 446 -52.57 55.08 -129.09
CA ALA C 446 -51.21 54.62 -129.31
C ALA C 446 -50.57 55.54 -130.31
N GLY C 447 -51.44 56.17 -131.08
CA GLY C 447 -50.97 57.08 -132.11
C GLY C 447 -50.64 56.46 -133.47
N ILE C 448 -50.60 55.13 -133.55
CA ILE C 448 -50.26 54.31 -134.73
C ILE C 448 -51.22 53.16 -134.93
N TYR C 449 -51.51 52.79 -136.18
CA TYR C 449 -52.48 51.69 -136.40
C TYR C 449 -52.14 50.84 -137.63
N TYR C 450 -52.19 49.51 -137.45
CA TYR C 450 -52.02 48.52 -138.54
C TYR C 450 -53.44 48.13 -138.96
N ALA C 451 -53.80 48.30 -140.22
CA ALA C 451 -55.22 48.05 -140.57
C ALA C 451 -55.51 47.02 -141.68
N PRO C 452 -55.30 45.72 -141.42
CA PRO C 452 -55.33 44.66 -142.41
C PRO C 452 -56.65 44.55 -143.09
N TYR C 453 -56.63 44.33 -144.41
CA TYR C 453 -57.88 44.18 -145.21
C TYR C 453 -57.80 42.88 -146.02
N VAL C 454 -56.59 42.55 -146.49
CA VAL C 454 -56.33 41.36 -147.28
C VAL C 454 -55.19 40.68 -146.57
N ALA C 455 -55.27 39.40 -146.30
CA ALA C 455 -54.11 38.82 -145.65
C ALA C 455 -53.92 37.38 -146.01
N LEU C 456 -52.70 37.09 -146.43
CA LEU C 456 -52.29 35.75 -146.81
C LEU C 456 -53.31 35.08 -147.69
N THR C 457 -53.79 35.81 -148.67
CA THR C 457 -54.72 35.27 -149.61
C THR C 457 -53.90 34.36 -150.47
N PRO C 458 -54.21 33.09 -150.62
CA PRO C 458 -53.44 32.20 -151.41
C PRO C 458 -53.61 32.60 -152.84
N LEU C 459 -52.58 32.39 -153.62
CA LEU C 459 -52.61 32.60 -155.04
C LEU C 459 -52.36 31.23 -155.61
N ARG C 460 -53.11 30.83 -156.63
CA ARG C 460 -52.92 29.52 -157.25
C ARG C 460 -53.12 29.55 -158.76
N GLY C 461 -52.52 28.60 -159.46
CA GLY C 461 -52.70 28.41 -160.90
C GLY C 461 -51.69 27.43 -161.48
N SER C 462 -51.44 27.56 -162.78
CA SER C 462 -50.47 26.72 -163.50
C SER C 462 -50.10 27.40 -164.80
N ASP C 463 -49.00 26.97 -165.41
CA ASP C 463 -48.62 27.46 -166.73
C ASP C 463 -48.41 26.27 -167.68
N PRO C 464 -49.38 25.95 -168.57
CA PRO C 464 -49.41 24.83 -169.50
C PRO C 464 -48.20 24.76 -170.43
N LYS C 465 -47.43 25.85 -170.55
CA LYS C 465 -46.26 25.76 -171.41
C LYS C 465 -45.29 24.70 -170.88
N ASN C 466 -45.32 24.46 -169.56
CA ASN C 466 -44.42 23.47 -168.98
C ASN C 466 -45.16 22.77 -167.86
N PHE C 467 -46.41 23.20 -167.69
CA PHE C 467 -47.35 22.68 -166.71
C PHE C 467 -46.91 22.76 -165.27
N GLN C 468 -46.00 23.64 -164.98
CA GLN C 468 -45.58 23.78 -163.62
C GLN C 468 -46.64 24.62 -162.94
N PRO C 469 -46.83 24.48 -161.64
CA PRO C 469 -47.80 25.17 -160.82
C PRO C 469 -47.49 26.62 -160.55
N VAL C 470 -48.54 27.33 -160.20
CA VAL C 470 -48.46 28.69 -159.70
C VAL C 470 -49.03 28.67 -158.31
N MET C 471 -48.27 29.23 -157.40
CA MET C 471 -48.63 29.31 -156.01
C MET C 471 -47.99 30.54 -155.42
N GLY C 472 -48.65 31.15 -154.44
CA GLY C 472 -48.11 32.31 -153.73
C GLY C 472 -49.11 32.89 -152.73
N PHE C 473 -48.85 34.12 -152.26
CA PHE C 473 -49.77 34.73 -151.26
C PHE C 473 -49.79 36.26 -151.40
N LYS C 474 -50.96 36.85 -151.13
CA LYS C 474 -51.19 38.29 -151.16
C LYS C 474 -51.80 38.89 -149.88
N THR C 475 -51.26 40.05 -149.49
CA THR C 475 -51.68 40.81 -148.31
C THR C 475 -51.80 42.33 -148.58
N ARG C 476 -52.67 43.03 -147.84
CA ARG C 476 -52.82 44.49 -147.87
C ARG C 476 -53.32 45.00 -146.54
N TYR C 477 -52.69 46.05 -146.00
CA TYR C 477 -53.12 46.53 -144.67
C TYR C 477 -52.99 48.06 -144.50
N GLY C 478 -51.79 48.60 -144.70
CA GLY C 478 -51.61 50.01 -144.45
C GLY C 478 -51.23 50.29 -143.02
N ILE C 479 -50.40 51.31 -142.85
CA ILE C 479 -50.01 51.76 -141.54
C ILE C 479 -50.29 53.23 -141.43
N GLY C 480 -51.09 53.59 -140.44
CA GLY C 480 -51.45 54.97 -140.26
C GLY C 480 -51.09 55.50 -138.90
N ILE C 481 -51.51 56.73 -138.66
CA ILE C 481 -51.30 57.45 -137.42
C ILE C 481 -52.60 58.07 -136.93
N ASN C 482 -52.67 58.31 -135.64
CA ASN C 482 -53.83 58.94 -135.02
C ASN C 482 -53.76 60.45 -135.21
N PRO C 483 -54.89 61.16 -135.24
CA PRO C 483 -54.93 62.59 -135.19
C PRO C 483 -54.30 62.93 -133.88
N PHE C 484 -53.65 64.05 -133.81
CA PHE C 484 -53.00 64.52 -132.60
C PHE C 484 -51.78 63.71 -132.19
N ALA C 485 -51.41 62.65 -132.92
CA ALA C 485 -50.30 61.84 -132.45
C ALA C 485 -49.05 62.68 -132.30
N GLU C 486 -48.88 63.65 -133.19
CA GLU C 486 -47.73 64.53 -133.18
C GLU C 486 -47.64 65.52 -132.00
N SER C 487 -48.80 65.86 -131.42
CA SER C 487 -48.98 66.90 -130.39
C SER C 487 -48.23 68.23 -130.69
N ALA C 488 -47.85 68.45 -131.94
CA ALA C 488 -47.01 69.56 -132.35
C ALA C 488 -47.74 70.85 -132.64
N ALA C 489 -49.06 70.81 -132.65
CA ALA C 489 -49.80 72.00 -133.03
C ALA C 489 -51.22 71.95 -132.55
N GLN C 490 -51.81 73.14 -132.53
CA GLN C 490 -53.22 73.37 -132.26
C GLN C 490 -54.06 73.15 -133.52
N ALA C 491 -53.40 72.90 -134.65
CA ALA C 491 -54.13 72.69 -135.89
C ALA C 491 -53.25 72.03 -136.95
N PRO C 492 -53.81 71.19 -137.84
CA PRO C 492 -53.16 70.64 -139.01
C PRO C 492 -53.15 71.70 -140.10
N ALA C 493 -52.18 71.62 -140.98
CA ALA C 493 -52.23 72.53 -142.11
C ALA C 493 -53.49 72.29 -142.90
N SER C 494 -54.11 73.38 -143.33
CA SER C 494 -55.29 73.43 -144.20
C SER C 494 -56.47 72.57 -143.79
N ARG C 495 -56.59 72.21 -142.51
CA ARG C 495 -57.70 71.39 -142.01
C ARG C 495 -57.78 69.98 -142.65
N ILE C 496 -56.70 69.53 -143.30
CA ILE C 496 -56.67 68.20 -143.89
C ILE C 496 -55.28 67.63 -144.07
N GLN C 497 -55.16 66.36 -143.76
CA GLN C 497 -53.88 65.67 -143.89
C GLN C 497 -54.03 64.21 -144.20
N SER C 498 -52.98 63.58 -144.67
CA SER C 498 -53.10 62.15 -144.79
C SER C 498 -52.91 61.58 -143.39
N GLY C 499 -53.39 60.37 -143.18
CA GLY C 499 -53.26 59.62 -141.94
C GLY C 499 -52.06 58.67 -141.97
N MET C 500 -51.25 58.79 -143.01
CA MET C 500 -50.07 57.99 -143.21
C MET C 500 -48.92 58.64 -142.45
N PRO C 501 -47.96 57.90 -141.88
CA PRO C 501 -46.80 58.44 -141.21
C PRO C 501 -45.75 59.00 -142.17
N SER C 502 -46.13 60.04 -142.90
CA SER C 502 -45.24 60.70 -143.85
C SER C 502 -44.03 61.28 -143.17
N ILE C 503 -42.91 61.26 -143.86
CA ILE C 503 -41.71 61.84 -143.29
C ILE C 503 -41.93 63.28 -142.89
N LEU C 504 -42.79 64.00 -143.62
CA LEU C 504 -42.99 65.40 -143.35
C LEU C 504 -43.97 65.68 -142.22
N ASN C 505 -44.58 64.66 -141.64
CA ASN C 505 -45.47 64.94 -140.53
C ASN C 505 -45.23 63.99 -139.38
N SER C 506 -44.40 62.97 -139.61
CA SER C 506 -44.16 61.99 -138.57
C SER C 506 -42.72 61.73 -138.14
N LEU C 507 -41.69 62.12 -138.89
CA LEU C 507 -40.39 61.69 -138.42
C LEU C 507 -40.02 62.45 -137.17
N GLY C 508 -39.80 61.70 -136.09
CA GLY C 508 -39.49 62.31 -134.82
C GLY C 508 -40.67 63.09 -134.24
N LYS C 509 -41.91 62.69 -134.54
CA LYS C 509 -43.06 63.46 -134.06
C LYS C 509 -44.03 62.76 -133.13
N ASN C 510 -44.05 61.44 -133.08
CA ASN C 510 -45.11 60.76 -132.34
C ASN C 510 -44.90 60.86 -130.83
N ALA C 511 -45.80 61.62 -130.19
CA ALA C 511 -45.79 61.93 -128.78
C ALA C 511 -45.93 60.71 -127.91
N TYR C 512 -46.47 59.64 -128.52
CA TYR C 512 -46.71 58.36 -127.81
C TYR C 512 -45.39 57.59 -127.63
N PHE C 513 -44.31 58.06 -128.26
CA PHE C 513 -43.04 57.36 -128.12
C PHE C 513 -41.85 58.33 -128.02
N ARG C 514 -40.86 58.02 -127.16
CA ARG C 514 -39.63 58.83 -127.08
C ARG C 514 -38.41 57.94 -127.24
N ARG C 515 -37.53 58.26 -128.19
CA ARG C 515 -36.36 57.42 -128.43
C ARG C 515 -35.05 58.05 -128.00
N VAL C 516 -34.24 57.24 -127.33
CA VAL C 516 -32.92 57.64 -126.85
C VAL C 516 -31.85 56.65 -127.28
N TYR C 517 -30.76 57.15 -127.83
CA TYR C 517 -29.67 56.25 -128.22
C TYR C 517 -28.86 55.92 -127.00
N VAL C 518 -28.24 54.76 -126.99
CA VAL C 518 -27.46 54.38 -125.84
C VAL C 518 -25.99 54.13 -126.13
N LYS C 519 -25.16 54.74 -125.31
CA LYS C 519 -23.72 54.60 -125.41
C LYS C 519 -23.11 54.24 -124.07
N GLY C 520 -21.90 53.70 -124.13
CA GLY C 520 -21.14 53.43 -122.93
C GLY C 520 -21.39 52.08 -122.24
N ILE C 521 -22.28 51.24 -122.78
CA ILE C 521 -22.50 49.96 -122.12
C ILE C 521 -21.33 49.01 -122.41
N ALA D 66 34.53 -0.57 -78.78
CA ALA D 66 33.27 -0.80 -78.09
C ALA D 66 32.29 -1.38 -79.06
N GLU D 67 31.22 -1.99 -78.51
CA GLU D 67 30.15 -2.60 -79.33
C GLU D 67 29.25 -1.51 -79.90
N ILE D 68 29.75 -0.75 -80.87
CA ILE D 68 29.00 0.31 -81.48
C ILE D 68 28.27 -0.30 -82.64
N GLY D 69 27.01 0.07 -82.79
CA GLY D 69 26.18 -0.48 -83.84
C GLY D 69 26.56 0.19 -85.11
N GLY D 70 26.94 1.46 -84.93
CA GLY D 70 27.34 2.34 -86.01
C GLY D 70 26.15 2.92 -86.71
N ASP D 71 26.40 3.48 -87.89
CA ASP D 71 25.36 4.20 -88.59
C ASP D 71 25.41 3.99 -90.07
N HIS D 72 24.47 4.62 -90.73
CA HIS D 72 24.40 4.61 -92.16
C HIS D 72 25.13 5.83 -92.68
N GLY D 73 25.52 5.78 -93.94
CA GLY D 73 26.22 6.90 -94.56
C GLY D 73 25.28 7.93 -95.16
N TYR D 74 23.98 7.76 -94.92
CA TYR D 74 22.92 8.61 -95.46
C TYR D 74 22.85 8.48 -96.97
N ASN D 75 23.43 7.39 -97.43
CA ASN D 75 23.46 6.93 -98.79
C ASN D 75 22.29 6.02 -98.95
N ALA D 76 21.34 6.41 -99.77
CA ALA D 76 20.11 5.65 -99.89
C ALA D 76 20.39 4.18 -100.21
N THR D 77 21.44 3.91 -100.97
CA THR D 77 21.74 2.54 -101.30
C THR D 77 22.05 1.74 -100.07
N ASN D 78 22.85 2.34 -99.20
CA ASN D 78 23.32 1.64 -98.05
C ASN D 78 22.22 1.53 -97.06
N ILE D 79 21.35 2.53 -97.03
CA ILE D 79 20.26 2.44 -96.11
C ILE D 79 19.38 1.31 -96.51
N ALA D 80 19.02 1.28 -97.78
CA ALA D 80 18.13 0.25 -98.26
C ALA D 80 18.72 -1.14 -98.04
N ALA D 81 20.02 -1.26 -98.22
CA ALA D 81 20.70 -2.53 -98.09
C ALA D 81 21.00 -2.93 -96.64
N GLY D 82 20.71 -2.03 -95.70
CA GLY D 82 20.99 -2.26 -94.30
C GLY D 82 22.48 -2.18 -93.96
N GLN D 83 23.26 -1.44 -94.72
CA GLN D 83 24.70 -1.40 -94.48
C GLN D 83 25.07 -0.30 -93.52
N THR D 84 25.84 -0.68 -92.50
CA THR D 84 26.24 0.25 -91.47
C THR D 84 27.74 0.25 -91.26
N SER D 85 28.21 1.29 -90.59
CA SER D 85 29.61 1.48 -90.26
C SER D 85 30.09 0.73 -89.02
N GLY D 86 29.19 0.16 -88.24
CA GLY D 86 29.58 -0.50 -87.01
C GLY D 86 29.25 -1.96 -87.01
N ALA D 87 29.07 -2.50 -85.82
CA ALA D 87 28.87 -3.91 -85.58
C ALA D 87 27.64 -4.51 -86.23
N VAL D 88 26.54 -3.77 -86.32
CA VAL D 88 25.32 -4.41 -86.79
C VAL D 88 24.67 -3.84 -88.00
N THR D 89 24.48 -4.71 -88.96
CA THR D 89 23.80 -4.43 -90.20
C THR D 89 22.31 -4.58 -89.95
N GLN D 90 21.52 -4.08 -90.86
CA GLN D 90 20.08 -4.10 -90.66
C GLN D 90 19.39 -5.05 -91.60
N ILE D 91 18.19 -5.48 -91.22
CA ILE D 91 17.35 -6.31 -92.08
C ILE D 91 16.92 -5.51 -93.28
N GLY D 92 16.49 -4.27 -93.01
CA GLY D 92 16.05 -3.39 -94.06
C GLY D 92 14.93 -2.49 -93.55
N PRO D 93 14.61 -1.40 -94.26
CA PRO D 93 13.57 -0.45 -93.91
C PRO D 93 12.15 -0.97 -93.88
N ALA D 94 11.42 -0.49 -92.88
CA ALA D 94 10.00 -0.77 -92.72
C ALA D 94 9.24 -0.13 -93.85
N VAL D 95 8.18 -0.77 -94.32
CA VAL D 95 7.40 -0.13 -95.36
C VAL D 95 6.37 0.79 -94.76
N MET D 96 6.44 2.06 -95.14
CA MET D 96 5.55 3.09 -94.63
C MET D 96 4.35 3.26 -95.53
N GLY D 97 4.29 2.49 -96.60
CA GLY D 97 3.21 2.58 -97.56
C GLY D 97 3.74 2.96 -98.94
N MET D 98 2.82 3.25 -99.85
CA MET D 98 3.25 3.61 -101.18
C MET D 98 2.33 4.62 -101.84
N VAL D 99 2.83 5.24 -102.90
CA VAL D 99 2.06 6.23 -103.62
C VAL D 99 1.71 5.93 -105.07
N ARG D 100 0.44 6.16 -105.38
CA ARG D 100 -0.07 6.13 -106.73
C ARG D 100 -0.68 7.50 -106.89
N ARG D 101 -0.83 7.98 -108.11
CA ARG D 101 -1.39 9.30 -108.30
C ARG D 101 -2.86 9.22 -108.61
N ALA D 102 -3.58 10.27 -108.28
CA ALA D 102 -4.98 10.43 -108.54
C ALA D 102 -5.24 10.51 -110.02
N ILE D 103 -6.38 10.03 -110.44
CA ILE D 103 -6.73 10.10 -111.82
C ILE D 103 -7.60 11.34 -112.08
N PRO D 104 -7.23 12.16 -113.08
CA PRO D 104 -7.97 13.36 -113.45
C PRO D 104 -9.42 13.02 -113.77
N ASN D 105 -10.27 13.93 -113.29
CA ASN D 105 -11.71 13.84 -113.49
C ASN D 105 -11.99 14.39 -114.87
N LEU D 106 -13.04 13.89 -115.54
CA LEU D 106 -13.34 14.40 -116.87
C LEU D 106 -14.70 15.04 -116.99
N ILE D 107 -14.82 16.01 -117.88
CA ILE D 107 -16.12 16.55 -118.24
C ILE D 107 -16.47 15.74 -119.44
N ALA D 108 -17.11 14.60 -119.29
CA ALA D 108 -17.10 13.71 -120.45
C ALA D 108 -17.78 14.30 -121.67
N PHE D 109 -19.10 14.39 -121.67
CA PHE D 109 -19.80 14.90 -122.83
C PHE D 109 -20.96 15.75 -122.33
N ASP D 110 -20.75 16.38 -121.20
CA ASP D 110 -21.79 17.10 -120.50
C ASP D 110 -22.48 18.19 -121.31
N ILE D 111 -21.73 18.80 -122.20
CA ILE D 111 -22.26 19.88 -123.01
C ILE D 111 -22.24 19.51 -124.47
N CYS D 112 -22.18 18.23 -124.76
CA CYS D 112 -22.08 17.81 -126.13
C CYS D 112 -23.26 16.97 -126.57
N GLY D 113 -23.52 16.92 -127.86
CA GLY D 113 -24.52 15.99 -128.32
C GLY D 113 -23.73 14.70 -128.44
N VAL D 114 -24.38 13.57 -128.69
CA VAL D 114 -23.61 12.37 -128.83
C VAL D 114 -23.84 11.83 -130.22
N GLN D 115 -25.11 11.58 -130.54
CA GLN D 115 -25.47 10.96 -131.79
C GLN D 115 -24.56 9.76 -131.98
N PRO D 116 -24.61 8.77 -131.11
CA PRO D 116 -23.70 7.67 -131.14
C PRO D 116 -23.85 6.98 -132.45
N MET D 117 -22.74 6.57 -133.04
CA MET D 117 -22.86 5.86 -134.28
C MET D 117 -22.98 4.39 -134.03
N ASN D 118 -23.55 3.69 -134.99
CA ASN D 118 -23.70 2.26 -134.96
C ASN D 118 -23.19 1.76 -136.30
N SER D 119 -22.69 2.73 -137.03
CA SER D 119 -22.10 2.61 -138.33
C SER D 119 -21.32 3.89 -138.52
N PRO D 120 -20.07 3.87 -138.97
CA PRO D 120 -19.23 5.02 -139.17
C PRO D 120 -19.76 5.65 -140.42
N THR D 121 -19.37 6.88 -140.74
CA THR D 121 -19.84 7.43 -142.00
C THR D 121 -21.35 7.57 -142.00
N GLY D 122 -21.83 8.41 -141.10
CA GLY D 122 -23.25 8.78 -141.02
C GLY D 122 -23.44 10.12 -141.75
N GLN D 123 -24.67 10.64 -141.83
CA GLN D 123 -24.92 11.94 -142.47
C GLN D 123 -26.13 12.69 -141.90
N VAL D 124 -26.03 14.02 -141.86
CA VAL D 124 -27.11 14.87 -141.36
C VAL D 124 -27.46 15.91 -142.39
N PHE D 125 -28.73 16.17 -142.52
CA PHE D 125 -29.21 17.14 -143.48
C PHE D 125 -29.71 18.37 -142.79
N ALA D 126 -29.73 19.50 -143.46
CA ALA D 126 -30.30 20.66 -142.81
C ALA D 126 -30.96 21.62 -143.77
N LEU D 127 -32.02 22.30 -143.30
CA LEU D 127 -32.77 23.20 -144.18
C LEU D 127 -32.60 24.68 -143.93
N ARG D 128 -32.33 25.41 -145.03
CA ARG D 128 -32.19 26.89 -145.01
C ARG D 128 -33.19 27.49 -145.99
N ALA D 129 -34.07 28.39 -145.51
CA ALA D 129 -35.09 29.00 -146.34
C ALA D 129 -34.39 30.08 -147.12
N VAL D 130 -34.57 30.13 -148.43
CA VAL D 130 -33.80 31.08 -149.23
C VAL D 130 -34.67 31.88 -150.17
N TYR D 131 -34.11 32.94 -150.74
CA TYR D 131 -34.86 33.68 -151.73
C TYR D 131 -33.99 34.36 -152.80
N GLY D 132 -34.66 34.77 -153.89
CA GLY D 132 -33.96 35.43 -155.01
C GLY D 132 -33.72 34.57 -156.27
N LYS D 133 -34.47 33.47 -156.44
CA LYS D 133 -34.42 32.54 -157.60
C LYS D 133 -33.16 31.71 -157.84
N ASP D 134 -32.22 31.71 -156.91
CA ASP D 134 -31.05 30.86 -157.09
C ASP D 134 -30.54 30.44 -155.72
N PRO D 135 -30.91 29.24 -155.24
CA PRO D 135 -30.56 28.74 -153.93
C PRO D 135 -29.06 28.68 -153.67
N VAL D 136 -28.22 28.66 -154.72
CA VAL D 136 -26.79 28.63 -154.43
C VAL D 136 -26.08 29.64 -155.29
N ALA D 137 -25.84 30.82 -154.74
CA ALA D 137 -25.19 31.86 -155.50
C ALA D 137 -24.63 32.91 -154.58
N ALA D 138 -23.59 33.58 -155.03
CA ALA D 138 -23.17 34.72 -154.26
C ALA D 138 -24.34 35.69 -154.31
N GLY D 139 -24.67 36.28 -153.19
CA GLY D 139 -25.74 37.26 -153.16
C GLY D 139 -27.12 36.65 -152.91
N ALA D 140 -27.22 35.32 -152.92
CA ALA D 140 -28.50 34.67 -152.65
C ALA D 140 -28.82 35.04 -151.22
N LYS D 141 -30.10 35.14 -150.84
CA LYS D 141 -30.36 35.50 -149.44
C LYS D 141 -31.01 34.38 -148.65
N GLU D 142 -30.63 34.29 -147.37
CA GLU D 142 -31.21 33.32 -146.42
C GLU D 142 -32.36 34.02 -145.68
N ALA D 143 -33.57 33.50 -145.82
CA ALA D 143 -34.77 34.11 -145.24
C ALA D 143 -34.78 34.19 -143.74
N PHE D 144 -34.24 33.19 -143.07
CA PHE D 144 -34.30 33.21 -141.64
C PHE D 144 -32.91 33.31 -141.04
N HIS D 145 -31.99 33.93 -141.75
CA HIS D 145 -30.64 34.04 -141.24
C HIS D 145 -30.72 34.66 -139.85
N PRO D 146 -30.12 34.06 -138.81
CA PRO D 146 -30.22 34.51 -137.44
C PRO D 146 -29.65 35.87 -137.16
N MET D 147 -28.74 36.37 -138.00
CA MET D 147 -28.17 37.66 -137.65
C MET D 147 -28.73 38.80 -138.44
N TYR D 148 -29.72 38.53 -139.30
CA TYR D 148 -30.24 39.58 -140.15
C TYR D 148 -31.74 39.75 -140.02
N GLY D 149 -32.24 40.96 -140.21
CA GLY D 149 -33.67 41.13 -140.14
C GLY D 149 -34.28 40.70 -141.45
N PRO D 150 -35.59 40.48 -141.51
CA PRO D 150 -36.30 40.15 -142.71
C PRO D 150 -36.20 41.35 -143.61
N ASP D 151 -36.14 41.16 -144.91
CA ASP D 151 -36.13 42.35 -145.72
C ASP D 151 -37.53 42.83 -145.83
N ALA D 152 -37.88 43.81 -145.03
CA ALA D 152 -39.23 44.32 -144.94
C ALA D 152 -39.75 44.83 -146.27
N MET D 153 -38.87 45.16 -147.22
CA MET D 153 -39.35 45.65 -148.50
C MET D 153 -39.42 44.58 -149.60
N PHE D 154 -39.02 43.35 -149.31
CA PHE D 154 -38.93 42.29 -150.30
C PHE D 154 -40.23 41.94 -151.02
N SER D 155 -41.31 41.69 -150.29
CA SER D 155 -42.62 41.42 -150.93
C SER D 155 -43.35 42.75 -151.24
N GLY D 156 -42.78 43.85 -150.74
CA GLY D 156 -43.31 45.21 -150.77
C GLY D 156 -42.67 46.16 -151.77
N GLN D 157 -42.29 47.34 -151.28
CA GLN D 157 -41.72 48.39 -152.13
C GLN D 157 -40.43 47.97 -152.84
N GLY D 158 -39.67 47.06 -152.24
CA GLY D 158 -38.42 46.56 -152.79
C GLY D 158 -38.76 45.90 -154.08
N ALA D 159 -39.77 45.05 -154.04
CA ALA D 159 -40.21 44.44 -155.27
C ALA D 159 -40.65 45.52 -156.26
N ALA D 160 -41.32 46.55 -155.75
CA ALA D 160 -41.80 47.64 -156.63
C ALA D 160 -40.67 48.38 -157.35
N LYS D 161 -39.55 48.65 -156.70
CA LYS D 161 -38.50 49.36 -157.41
C LYS D 161 -37.11 49.05 -156.95
N LYS D 162 -36.17 49.19 -157.86
CA LYS D 162 -34.78 49.13 -157.48
C LYS D 162 -34.44 50.33 -156.62
N PHE D 163 -33.69 50.12 -155.56
CA PHE D 163 -33.24 51.23 -154.74
C PHE D 163 -31.77 51.44 -155.03
N PRO D 164 -31.28 52.67 -155.06
CA PRO D 164 -29.89 52.98 -155.24
C PRO D 164 -29.17 52.51 -154.02
N ALA D 165 -27.97 52.00 -154.19
CA ALA D 165 -27.22 51.60 -153.03
C ALA D 165 -26.67 52.81 -152.35
N LEU D 166 -26.54 52.70 -151.06
CA LEU D 166 -25.85 53.70 -150.30
C LEU D 166 -24.40 53.31 -150.42
N ALA D 167 -23.53 54.28 -150.61
CA ALA D 167 -22.14 53.94 -150.74
C ALA D 167 -21.26 55.06 -150.29
N ALA D 168 -20.04 54.73 -149.93
CA ALA D 168 -19.11 55.75 -149.49
C ALA D 168 -18.98 56.81 -150.54
N SER D 169 -18.95 58.05 -150.08
CA SER D 169 -18.79 59.26 -150.88
C SER D 169 -20.06 59.73 -151.56
N THR D 170 -21.13 58.97 -151.48
CA THR D 170 -22.34 59.42 -152.13
C THR D 170 -23.14 60.34 -151.23
N GLN D 171 -23.52 61.49 -151.80
CA GLN D 171 -24.39 62.44 -151.13
C GLN D 171 -25.80 62.07 -151.45
N THR D 172 -26.62 62.00 -150.43
CA THR D 172 -28.00 61.64 -150.61
C THR D 172 -28.88 62.79 -151.07
N THR D 173 -30.10 62.45 -151.47
CA THR D 173 -31.11 63.43 -151.80
C THR D 173 -32.22 63.29 -150.80
N VAL D 174 -32.56 64.40 -150.18
CA VAL D 174 -33.55 64.39 -149.14
C VAL D 174 -34.87 63.83 -149.65
N GLY D 175 -35.41 62.91 -148.88
CA GLY D 175 -36.66 62.24 -149.17
C GLY D 175 -36.48 60.96 -149.98
N ASP D 176 -35.29 60.73 -150.55
CA ASP D 176 -35.12 59.53 -151.31
C ASP D 176 -34.73 58.43 -150.35
N ILE D 177 -34.56 57.22 -150.87
CA ILE D 177 -34.19 56.06 -150.07
C ILE D 177 -33.04 55.29 -150.64
N TYR D 178 -32.07 55.01 -149.80
CA TYR D 178 -30.91 54.28 -150.24
C TYR D 178 -30.86 52.93 -149.56
N THR D 179 -30.30 51.95 -150.23
CA THR D 179 -30.22 50.62 -149.64
C THR D 179 -28.81 50.20 -149.22
N HIS D 180 -28.75 49.42 -148.15
CA HIS D 180 -27.49 48.94 -147.62
C HIS D 180 -27.65 47.65 -146.86
N PHE D 181 -26.58 46.88 -146.80
CA PHE D 181 -26.60 45.66 -146.03
C PHE D 181 -25.55 45.72 -144.93
N PHE D 182 -25.97 45.82 -143.67
CA PHE D 182 -25.04 45.93 -142.58
C PHE D 182 -24.43 44.60 -142.22
N GLN D 183 -23.17 44.61 -141.76
CA GLN D 183 -22.53 43.37 -141.34
C GLN D 183 -23.36 42.60 -140.33
N GLU D 184 -24.05 43.33 -139.47
CA GLU D 184 -24.93 42.76 -138.47
C GLU D 184 -26.27 43.43 -138.80
N THR D 185 -27.40 42.71 -138.71
CA THR D 185 -28.79 43.17 -139.01
C THR D 185 -29.12 43.25 -140.52
N GLY D 186 -28.11 43.24 -141.39
CA GLY D 186 -28.29 43.14 -142.82
C GLY D 186 -29.03 44.24 -143.52
N THR D 187 -30.02 43.85 -144.32
CA THR D 187 -30.73 44.81 -145.12
C THR D 187 -31.44 45.90 -144.36
N VAL D 188 -31.12 47.12 -144.78
CA VAL D 188 -31.69 48.33 -144.27
C VAL D 188 -31.97 49.26 -145.44
N TYR D 189 -33.02 50.02 -145.32
CA TYR D 189 -33.29 51.06 -146.28
C TYR D 189 -33.32 52.31 -145.46
N LEU D 190 -32.77 53.39 -146.00
CA LEU D 190 -32.74 54.63 -145.25
C LEU D 190 -33.22 55.84 -146.02
N GLN D 191 -34.15 56.59 -145.42
CA GLN D 191 -34.55 57.83 -146.06
C GLN D 191 -33.58 58.89 -145.66
N ALA D 192 -33.30 59.78 -146.59
CA ALA D 192 -32.47 60.92 -146.25
C ALA D 192 -33.32 62.04 -145.71
N SER D 193 -32.87 62.66 -144.64
CA SER D 193 -33.55 63.79 -144.06
C SER D 193 -32.57 64.91 -144.26
N VAL D 194 -31.32 64.49 -144.34
CA VAL D 194 -30.19 65.38 -144.55
C VAL D 194 -29.39 64.96 -145.75
N GLN D 195 -29.04 65.92 -146.61
CA GLN D 195 -28.25 65.60 -147.78
C GLN D 195 -26.77 65.57 -147.43
N VAL D 196 -26.41 64.47 -146.80
CA VAL D 196 -25.08 64.24 -146.28
C VAL D 196 -24.31 63.23 -147.09
N THR D 197 -23.02 63.55 -147.31
CA THR D 197 -22.11 62.67 -148.00
C THR D 197 -21.67 61.63 -147.01
N ILE D 198 -21.83 60.37 -147.36
CA ILE D 198 -21.47 59.38 -146.37
C ILE D 198 -20.01 59.02 -146.45
N ASP D 199 -19.21 59.70 -145.66
CA ASP D 199 -17.77 59.47 -145.53
C ASP D 199 -17.04 59.07 -146.79
N ALA D 200 -16.69 60.03 -147.61
CA ALA D 200 -15.95 59.70 -148.81
C ALA D 200 -14.64 58.97 -148.53
N GLY D 201 -14.10 59.08 -147.30
CA GLY D 201 -12.85 58.42 -146.99
C GLY D 201 -13.03 56.98 -146.49
N ALA D 202 -14.26 56.51 -146.41
CA ALA D 202 -14.53 55.17 -145.93
C ALA D 202 -13.97 54.17 -146.92
N THR D 203 -13.53 53.03 -146.43
CA THR D 203 -12.99 51.98 -147.28
C THR D 203 -13.78 50.70 -147.08
N ASP D 204 -13.39 49.94 -146.09
CA ASP D 204 -14.01 48.67 -145.79
C ASP D 204 -15.46 48.91 -145.45
N ALA D 205 -16.28 47.88 -145.63
CA ALA D 205 -17.67 47.96 -145.27
C ALA D 205 -17.78 48.35 -143.81
N ALA D 206 -16.85 47.90 -142.98
CA ALA D 206 -16.89 48.26 -141.58
C ALA D 206 -16.87 49.76 -141.36
N LYS D 207 -16.15 50.50 -142.20
CA LYS D 207 -16.05 51.92 -142.03
C LYS D 207 -17.34 52.54 -142.48
N LEU D 208 -17.89 52.00 -143.57
CA LEU D 208 -19.13 52.57 -144.04
C LEU D 208 -20.22 52.31 -143.01
N ASP D 209 -20.28 51.10 -142.46
CA ASP D 209 -21.31 50.79 -141.49
C ASP D 209 -21.23 51.74 -140.33
N ALA D 210 -20.01 52.03 -139.88
CA ALA D 210 -19.86 52.95 -138.78
C ALA D 210 -20.41 54.32 -139.14
N GLU D 211 -20.10 54.82 -140.34
CA GLU D 211 -20.59 56.15 -140.69
C GLU D 211 -22.10 56.15 -140.81
N ILE D 212 -22.66 55.07 -141.36
CA ILE D 212 -24.09 55.04 -141.54
C ILE D 212 -24.73 55.14 -140.20
N LYS D 213 -24.24 54.35 -139.24
CA LYS D 213 -24.81 54.39 -137.92
C LYS D 213 -24.72 55.77 -137.31
N LYS D 214 -23.59 56.46 -137.50
CA LYS D 214 -23.45 57.80 -136.95
C LYS D 214 -24.50 58.73 -137.53
N GLN D 215 -24.73 58.62 -138.84
CA GLN D 215 -25.72 59.42 -139.52
C GLN D 215 -27.13 59.04 -139.09
N MET D 216 -27.34 57.76 -138.78
CA MET D 216 -28.64 57.40 -138.29
C MET D 216 -28.85 58.02 -136.91
N GLU D 217 -27.83 58.00 -136.05
CA GLU D 217 -27.96 58.59 -134.72
C GLU D 217 -28.24 60.07 -134.83
N ALA D 218 -27.62 60.68 -135.82
CA ALA D 218 -27.77 62.09 -136.13
C ALA D 218 -29.17 62.44 -136.62
N GLY D 219 -29.93 61.43 -137.04
CA GLY D 219 -31.25 61.62 -137.61
C GLY D 219 -31.19 61.96 -139.09
N ALA D 220 -29.98 61.91 -139.67
CA ALA D 220 -29.70 62.22 -141.08
C ALA D 220 -30.29 61.16 -142.00
N LEU D 221 -30.18 59.91 -141.53
CA LEU D 221 -30.66 58.72 -142.23
C LEU D 221 -31.64 57.95 -141.36
N VAL D 222 -32.82 57.67 -141.86
CA VAL D 222 -33.78 56.97 -141.01
C VAL D 222 -34.22 55.64 -141.58
N GLU D 223 -34.22 54.63 -140.73
CA GLU D 223 -34.66 53.31 -141.14
C GLU D 223 -36.08 53.36 -141.63
N ILE D 224 -36.29 52.79 -142.80
CA ILE D 224 -37.59 52.79 -143.46
C ILE D 224 -37.95 51.45 -144.09
N ALA D 225 -39.24 51.16 -144.11
CA ALA D 225 -39.81 50.00 -144.74
C ALA D 225 -41.16 50.41 -145.28
N GLU D 226 -41.52 49.87 -146.44
CA GLU D 226 -42.78 50.17 -147.10
C GLU D 226 -43.32 49.00 -147.92
N GLY D 227 -44.64 48.95 -148.06
CA GLY D 227 -45.32 48.00 -148.94
C GLY D 227 -45.43 48.60 -150.35
N MET D 228 -46.16 47.92 -151.22
CA MET D 228 -46.36 48.31 -152.63
C MET D 228 -47.72 48.96 -152.91
N ALA D 229 -47.77 49.95 -153.79
CA ALA D 229 -49.08 50.50 -154.18
C ALA D 229 -49.92 49.45 -154.91
N THR D 230 -51.24 49.52 -154.79
CA THR D 230 -52.12 48.56 -155.48
C THR D 230 -51.91 48.76 -156.97
N SER D 231 -51.76 50.02 -157.38
CA SER D 231 -51.55 50.41 -158.77
C SER D 231 -50.30 49.79 -159.38
N ILE D 232 -49.43 49.26 -158.54
CA ILE D 232 -48.25 48.62 -159.01
C ILE D 232 -48.51 47.13 -159.01
N ALA D 233 -48.95 46.58 -157.87
CA ALA D 233 -49.14 45.14 -157.71
C ALA D 233 -50.12 44.52 -158.70
N GLU D 234 -51.22 45.20 -158.93
CA GLU D 234 -52.27 44.69 -159.81
C GLU D 234 -51.82 44.58 -161.23
N LEU D 235 -50.83 45.38 -161.59
CA LEU D 235 -50.41 45.46 -162.97
C LEU D 235 -49.07 44.78 -163.20
N GLN D 236 -48.65 43.91 -162.29
CA GLN D 236 -47.38 43.22 -162.49
C GLN D 236 -47.54 42.12 -163.52
N GLU D 237 -46.45 41.45 -163.85
CA GLU D 237 -46.46 40.35 -164.82
C GLU D 237 -47.02 40.74 -166.18
N GLY D 238 -46.80 41.97 -166.63
CA GLY D 238 -47.27 42.38 -167.94
C GLY D 238 -48.76 42.73 -168.00
N PHE D 239 -49.44 42.69 -166.87
CA PHE D 239 -50.86 42.94 -166.88
C PHE D 239 -51.20 44.31 -167.39
N ASN D 240 -52.26 44.34 -168.19
CA ASN D 240 -52.84 45.53 -168.78
C ASN D 240 -51.84 46.27 -169.67
N GLY D 241 -50.88 45.55 -170.25
CA GLY D 241 -49.93 46.14 -171.19
C GLY D 241 -48.66 46.70 -170.55
N SER D 242 -48.49 46.49 -169.25
CA SER D 242 -47.32 46.96 -168.56
C SER D 242 -46.11 46.15 -168.96
N THR D 243 -44.91 46.64 -168.63
CA THR D 243 -43.68 45.90 -168.93
C THR D 243 -42.71 45.92 -167.77
N ASP D 244 -41.71 45.05 -167.85
CA ASP D 244 -40.59 45.03 -166.92
C ASP D 244 -41.01 44.99 -165.45
N ASN D 245 -42.02 44.20 -165.15
CA ASN D 245 -42.53 44.15 -163.80
C ASN D 245 -42.76 42.76 -163.18
N PRO D 246 -41.71 41.94 -163.04
CA PRO D 246 -41.74 40.61 -162.47
C PRO D 246 -41.91 40.63 -160.96
N TRP D 247 -42.40 39.53 -160.40
CA TRP D 247 -42.49 39.37 -158.95
C TRP D 247 -41.28 38.70 -158.32
N ASN D 248 -41.07 38.98 -157.04
CA ASN D 248 -40.06 38.29 -156.25
C ASN D 248 -40.60 36.95 -155.80
N GLU D 249 -39.70 36.01 -155.50
CA GLU D 249 -40.10 34.71 -155.01
C GLU D 249 -39.18 34.20 -153.93
N MET D 250 -39.53 33.02 -153.42
CA MET D 250 -38.72 32.34 -152.42
C MET D 250 -38.66 30.84 -152.65
N GLY D 251 -37.77 30.17 -151.96
CA GLY D 251 -37.58 28.73 -152.03
C GLY D 251 -36.82 28.25 -150.82
N PHE D 252 -36.22 27.08 -150.89
CA PHE D 252 -35.47 26.55 -149.77
C PHE D 252 -34.43 25.60 -150.30
N ARG D 253 -33.41 25.29 -149.48
CA ARG D 253 -32.33 24.38 -149.94
C ARG D 253 -31.87 23.50 -148.78
N ILE D 254 -31.84 22.18 -148.99
CA ILE D 254 -31.40 21.27 -147.95
C ILE D 254 -29.95 20.82 -148.19
N ASP D 255 -29.08 21.15 -147.25
CA ASP D 255 -27.67 20.80 -147.37
C ASP D 255 -27.36 19.53 -146.61
N LYS D 256 -26.11 19.07 -146.67
CA LYS D 256 -25.74 17.88 -145.90
C LYS D 256 -24.28 17.82 -145.43
N GLN D 257 -24.10 17.13 -144.31
CA GLN D 257 -22.78 16.89 -143.74
C GLN D 257 -22.59 15.44 -143.36
N VAL D 258 -21.33 15.01 -143.30
CA VAL D 258 -21.05 13.62 -142.91
C VAL D 258 -20.17 13.41 -141.67
N ILE D 259 -20.24 12.21 -141.08
CA ILE D 259 -19.40 11.90 -139.92
C ILE D 259 -18.63 10.59 -140.00
N GLU D 260 -17.32 10.73 -140.14
CA GLU D 260 -16.38 9.57 -140.19
C GLU D 260 -15.68 9.46 -138.83
N ALA D 261 -14.77 8.50 -138.71
CA ALA D 261 -14.04 8.31 -137.46
C ALA D 261 -12.61 7.93 -137.72
N LYS D 262 -11.77 8.28 -136.75
CA LYS D 262 -10.38 7.90 -136.67
C LYS D 262 -10.25 7.03 -135.43
N SER D 263 -9.25 6.18 -135.37
CA SER D 263 -9.09 5.24 -134.25
C SER D 263 -8.06 5.59 -133.20
N ARG D 264 -8.15 4.88 -132.09
CA ARG D 264 -7.19 4.98 -131.02
C ARG D 264 -6.88 3.61 -130.41
N GLN D 265 -5.59 3.31 -130.21
CA GLN D 265 -5.22 2.04 -129.55
C GLN D 265 -3.89 2.02 -128.87
N LEU D 266 -3.90 1.42 -127.69
CA LEU D 266 -2.69 1.22 -126.89
C LEU D 266 -2.52 -0.18 -126.39
N LYS D 267 -1.28 -0.59 -126.20
CA LYS D 267 -1.00 -1.91 -125.63
C LYS D 267 -0.08 -1.87 -124.41
N ALA D 268 -0.21 -2.89 -123.56
CA ALA D 268 0.70 -3.08 -122.43
C ALA D 268 1.58 -4.30 -122.66
N ALA D 269 0.94 -5.43 -122.99
CA ALA D 269 1.64 -6.71 -123.22
C ALA D 269 2.78 -6.97 -122.22
N TYR D 270 2.51 -6.88 -120.92
CA TYR D 270 3.55 -6.99 -119.89
C TYR D 270 4.06 -8.42 -119.70
N SER D 271 5.30 -8.59 -119.19
CA SER D 271 5.81 -9.95 -118.98
C SER D 271 5.24 -10.74 -117.78
N ILE D 272 5.43 -12.07 -117.84
CA ILE D 272 4.98 -13.04 -116.85
C ILE D 272 5.65 -12.96 -115.52
N GLU D 273 6.96 -12.98 -115.55
CA GLU D 273 7.75 -12.99 -114.35
C GLU D 273 7.49 -11.73 -113.58
N LEU D 274 7.34 -10.65 -114.32
CA LEU D 274 7.07 -9.38 -113.73
C LEU D 274 5.81 -9.45 -112.94
N ALA D 275 4.75 -9.91 -113.56
CA ALA D 275 3.50 -9.96 -112.86
C ALA D 275 3.56 -10.85 -111.63
N GLN D 276 4.25 -11.97 -111.74
CA GLN D 276 4.29 -12.87 -110.61
C GLN D 276 4.93 -12.19 -109.43
N ASP D 277 6.00 -11.46 -109.69
CA ASP D 277 6.70 -10.81 -108.64
C ASP D 277 5.96 -9.59 -108.15
N LEU D 278 5.32 -8.85 -109.04
CA LEU D 278 4.63 -7.65 -108.58
C LEU D 278 3.59 -7.98 -107.55
N ARG D 279 2.89 -9.08 -107.75
CA ARG D 279 1.94 -9.44 -106.74
C ARG D 279 2.69 -9.84 -105.47
N ALA D 280 3.70 -10.69 -105.61
CA ALA D 280 4.40 -11.17 -104.44
C ALA D 280 5.05 -10.07 -103.60
N VAL D 281 5.57 -9.03 -104.24
CA VAL D 281 6.24 -7.98 -103.50
C VAL D 281 5.36 -6.83 -103.06
N HIS D 282 4.47 -6.34 -103.92
CA HIS D 282 3.69 -5.18 -103.54
C HIS D 282 2.18 -5.38 -103.53
N GLY D 283 1.69 -6.60 -103.79
CA GLY D 283 0.26 -6.84 -103.81
C GLY D 283 -0.40 -6.26 -105.05
N MET D 284 0.34 -6.10 -106.12
CA MET D 284 -0.23 -5.51 -107.32
C MET D 284 -0.89 -6.59 -108.15
N ASP D 285 -1.89 -6.21 -108.92
CA ASP D 285 -2.55 -7.17 -109.80
C ASP D 285 -1.69 -7.49 -111.01
N ALA D 286 -1.01 -6.46 -111.50
CA ALA D 286 -0.14 -6.47 -112.67
C ALA D 286 -0.85 -6.79 -113.96
N ASP D 287 -2.14 -6.59 -113.96
CA ASP D 287 -2.99 -6.74 -115.11
C ASP D 287 -3.91 -5.56 -115.03
N ALA D 288 -4.72 -5.54 -113.97
CA ALA D 288 -5.68 -4.48 -113.78
C ALA D 288 -5.08 -3.08 -113.73
N GLU D 289 -3.88 -2.90 -113.16
CA GLU D 289 -3.38 -1.53 -113.10
C GLU D 289 -3.08 -1.05 -114.49
N LEU D 290 -2.44 -1.92 -115.26
CA LEU D 290 -2.07 -1.61 -116.61
C LEU D 290 -3.29 -1.42 -117.46
N SER D 291 -4.28 -2.27 -117.25
CA SER D 291 -5.51 -2.21 -118.00
C SER D 291 -6.15 -0.86 -117.76
N GLY D 292 -6.20 -0.48 -116.49
CA GLY D 292 -6.74 0.77 -116.04
C GLY D 292 -6.02 1.92 -116.73
N ILE D 293 -4.69 1.91 -116.67
CA ILE D 293 -3.92 2.99 -117.26
C ILE D 293 -4.18 3.11 -118.74
N LEU D 294 -4.18 2.01 -119.47
CA LEU D 294 -4.38 2.13 -120.90
C LEU D 294 -5.73 2.72 -121.21
N ALA D 295 -6.77 2.18 -120.56
CA ALA D 295 -8.11 2.65 -120.83
C ALA D 295 -8.27 4.11 -120.43
N THR D 296 -7.66 4.45 -119.32
CA THR D 296 -7.71 5.78 -118.78
C THR D 296 -7.05 6.73 -119.73
N GLU D 297 -5.87 6.38 -120.23
CA GLU D 297 -5.17 7.27 -121.14
C GLU D 297 -6.06 7.59 -122.32
N ILE D 298 -6.74 6.57 -122.85
CA ILE D 298 -7.61 6.81 -123.99
C ILE D 298 -8.73 7.76 -123.63
N MET D 299 -9.40 7.51 -122.52
CA MET D 299 -10.51 8.36 -122.13
C MET D 299 -10.09 9.81 -121.89
N LEU D 300 -8.92 10.00 -121.27
CA LEU D 300 -8.45 11.34 -121.03
C LEU D 300 -8.13 12.05 -122.33
N GLU D 301 -7.48 11.34 -123.25
CA GLU D 301 -7.10 11.90 -124.57
C GLU D 301 -8.36 12.37 -125.31
N ILE D 302 -9.44 11.59 -125.22
CA ILE D 302 -10.68 11.93 -125.88
C ILE D 302 -11.29 13.14 -125.26
N ASN D 303 -11.31 13.18 -123.93
CA ASN D 303 -11.89 14.33 -123.30
C ASN D 303 -11.18 15.59 -123.75
N ARG D 304 -9.85 15.55 -123.80
CA ARG D 304 -9.15 16.74 -124.25
C ARG D 304 -9.46 17.03 -125.67
N GLU D 305 -9.54 16.02 -126.53
CA GLU D 305 -9.84 16.30 -127.91
C GLU D 305 -11.08 17.15 -128.00
N VAL D 306 -12.11 16.77 -127.24
CA VAL D 306 -13.32 17.55 -127.28
C VAL D 306 -13.10 18.97 -126.79
N VAL D 307 -12.43 19.13 -125.67
CA VAL D 307 -12.24 20.46 -125.12
C VAL D 307 -11.47 21.35 -126.07
N ASP D 308 -10.42 20.81 -126.64
CA ASP D 308 -9.59 21.55 -127.55
C ASP D 308 -10.40 21.96 -128.76
N TRP D 309 -11.26 21.07 -129.26
CA TRP D 309 -12.04 21.46 -130.42
C TRP D 309 -13.00 22.57 -130.07
N ILE D 310 -13.48 22.59 -128.83
CA ILE D 310 -14.36 23.66 -128.46
C ILE D 310 -13.63 24.97 -128.52
N ASN D 311 -12.46 25.02 -127.92
CA ASN D 311 -11.74 26.28 -127.95
C ASN D 311 -11.34 26.66 -129.38
N TYR D 312 -11.06 25.66 -130.20
CA TYR D 312 -10.69 25.84 -131.59
C TYR D 312 -11.80 26.58 -132.32
N SER D 313 -13.01 26.05 -132.18
CA SER D 313 -14.14 26.62 -132.85
C SER D 313 -14.79 27.82 -132.17
N ALA D 314 -14.56 28.01 -130.88
CA ALA D 314 -15.17 29.15 -130.19
C ALA D 314 -14.73 30.46 -130.81
N GLN D 315 -15.66 31.41 -130.87
CA GLN D 315 -15.45 32.73 -131.43
C GLN D 315 -14.78 33.64 -130.44
N VAL D 316 -14.23 34.74 -130.92
CA VAL D 316 -13.62 35.68 -130.01
C VAL D 316 -14.69 36.57 -129.36
N GLY D 317 -14.74 36.55 -128.03
CA GLY D 317 -15.72 37.35 -127.30
C GLY D 317 -15.16 38.75 -127.12
N LYS D 318 -15.85 39.60 -126.36
CA LYS D 318 -15.37 40.98 -126.20
C LYS D 318 -15.01 41.59 -127.54
N SER D 319 -15.88 41.43 -128.51
CA SER D 319 -15.64 41.88 -129.86
C SER D 319 -16.95 42.12 -130.62
N GLY D 320 -16.94 43.12 -131.50
CA GLY D 320 -18.09 43.39 -132.36
C GLY D 320 -19.32 43.71 -131.54
N MET D 321 -20.35 42.92 -131.71
CA MET D 321 -21.63 43.10 -131.03
C MET D 321 -21.52 42.96 -129.52
N THR D 322 -20.43 42.34 -129.08
CA THR D 322 -20.18 42.10 -127.66
C THR D 322 -19.16 43.10 -127.11
N LEU D 323 -18.75 44.06 -127.93
CA LEU D 323 -17.71 45.00 -127.55
C LEU D 323 -18.17 46.40 -127.18
N THR D 324 -17.66 46.86 -126.04
CA THR D 324 -17.84 48.23 -125.60
C THR D 324 -16.75 48.96 -126.37
N PRO D 325 -17.01 50.05 -127.08
CA PRO D 325 -16.06 50.73 -127.93
C PRO D 325 -14.80 51.22 -127.21
N GLY D 326 -14.85 51.42 -125.90
CA GLY D 326 -13.67 51.88 -125.20
C GLY D 326 -12.76 50.73 -124.72
N SER D 327 -13.10 49.49 -125.06
CA SER D 327 -12.38 48.30 -124.60
C SER D 327 -11.25 47.81 -125.52
N LYS D 328 -10.82 46.56 -125.31
CA LYS D 328 -9.65 45.99 -125.97
C LYS D 328 -9.85 44.89 -127.03
N ALA D 329 -11.07 44.69 -127.51
CA ALA D 329 -11.33 43.74 -128.62
C ALA D 329 -10.83 42.29 -128.45
N GLY D 330 -11.38 41.54 -127.49
CA GLY D 330 -10.98 40.13 -127.30
C GLY D 330 -10.51 39.70 -125.91
N VAL D 331 -10.37 40.65 -124.99
CA VAL D 331 -9.93 40.30 -123.65
C VAL D 331 -10.78 40.94 -122.57
N PHE D 332 -10.70 40.42 -121.35
CA PHE D 332 -11.31 41.08 -120.20
C PHE D 332 -10.20 41.49 -119.26
N ASP D 333 -9.97 42.78 -119.18
CA ASP D 333 -8.90 43.33 -118.38
C ASP D 333 -9.42 43.87 -117.06
N PHE D 334 -9.10 43.19 -115.98
CA PHE D 334 -9.66 43.55 -114.67
C PHE D 334 -9.06 44.82 -114.08
N GLN D 335 -8.10 45.41 -114.79
CA GLN D 335 -7.47 46.66 -114.41
C GLN D 335 -7.92 47.83 -115.30
N ASP D 336 -8.72 47.53 -116.33
CA ASP D 336 -9.13 48.51 -117.34
C ASP D 336 -10.40 49.28 -116.96
N PRO D 337 -10.35 50.62 -116.81
CA PRO D 337 -11.44 51.51 -116.43
C PRO D 337 -12.75 51.26 -117.19
N ILE D 338 -12.65 50.83 -118.44
CA ILE D 338 -13.85 50.59 -119.22
C ILE D 338 -14.41 49.21 -118.88
N ASP D 339 -13.58 48.19 -118.90
CA ASP D 339 -14.07 46.84 -118.61
C ASP D 339 -14.68 46.74 -117.22
N ILE D 340 -14.11 47.48 -116.27
CA ILE D 340 -14.61 47.44 -114.89
C ILE D 340 -15.86 48.30 -114.73
N ARG D 341 -16.23 49.03 -115.78
CA ARG D 341 -17.38 49.90 -115.77
C ARG D 341 -17.39 50.89 -114.63
N GLY D 342 -16.24 51.52 -114.39
CA GLY D 342 -16.15 52.52 -113.36
C GLY D 342 -16.07 51.95 -111.95
N ALA D 343 -15.96 50.63 -111.82
CA ALA D 343 -15.93 50.04 -110.51
C ALA D 343 -14.54 49.66 -110.02
N ARG D 344 -14.16 50.27 -108.94
CA ARG D 344 -12.90 50.02 -108.27
C ARG D 344 -13.32 49.18 -107.10
N TRP D 345 -12.43 48.59 -106.31
CA TRP D 345 -13.00 47.97 -105.10
C TRP D 345 -13.82 46.73 -105.45
N ALA D 346 -13.07 45.64 -105.56
CA ALA D 346 -13.39 44.29 -105.98
C ALA D 346 -14.72 43.79 -105.50
N GLY D 347 -15.17 44.18 -104.29
CA GLY D 347 -16.45 43.70 -103.80
C GLY D 347 -17.50 43.95 -104.90
N GLU D 348 -17.36 45.06 -105.65
CA GLU D 348 -18.25 45.32 -106.75
C GLU D 348 -17.53 45.11 -108.08
N SER D 349 -16.26 45.51 -108.19
CA SER D 349 -15.65 45.46 -109.52
C SER D 349 -15.57 44.05 -110.10
N PHE D 350 -15.56 43.02 -109.27
CA PHE D 350 -15.52 41.71 -109.86
C PHE D 350 -16.79 41.39 -110.65
N LYS D 351 -17.88 42.08 -110.34
CA LYS D 351 -19.17 41.81 -110.97
C LYS D 351 -19.19 42.25 -112.41
N ALA D 352 -18.17 42.99 -112.81
CA ALA D 352 -18.05 43.41 -114.17
C ALA D 352 -17.97 42.18 -115.07
N LEU D 353 -17.35 41.10 -114.56
CA LEU D 353 -17.25 39.91 -115.34
C LEU D 353 -18.62 39.30 -115.54
N LEU D 354 -19.41 39.27 -114.48
CA LEU D 354 -20.73 38.66 -114.52
C LEU D 354 -21.59 39.37 -115.53
N PHE D 355 -21.45 40.69 -115.58
CA PHE D 355 -22.20 41.49 -116.51
C PHE D 355 -21.86 41.05 -117.93
N GLN D 356 -20.56 40.94 -118.23
CA GLN D 356 -20.17 40.52 -119.56
C GLN D 356 -20.63 39.10 -119.87
N ILE D 357 -20.64 38.22 -118.86
CA ILE D 357 -21.08 36.87 -119.09
C ILE D 357 -22.51 36.87 -119.57
N ASP D 358 -23.38 37.62 -118.90
CA ASP D 358 -24.74 37.68 -119.39
C ASP D 358 -24.80 38.21 -120.81
N LYS D 359 -24.02 39.24 -121.10
CA LYS D 359 -24.07 39.79 -122.43
C LYS D 359 -23.74 38.76 -123.49
N GLU D 360 -22.70 37.98 -123.25
CA GLU D 360 -22.34 37.01 -124.25
C GLU D 360 -23.29 35.85 -124.27
N ALA D 361 -23.86 35.47 -123.12
CA ALA D 361 -24.82 34.38 -123.17
C ALA D 361 -25.96 34.75 -124.11
N VAL D 362 -26.32 36.04 -124.11
CA VAL D 362 -27.35 36.53 -125.00
C VAL D 362 -26.86 36.42 -126.43
N GLU D 363 -25.62 36.82 -126.68
CA GLU D 363 -25.07 36.71 -128.02
C GLU D 363 -25.12 35.27 -128.51
N ILE D 364 -24.90 34.30 -127.62
CA ILE D 364 -24.95 32.91 -128.03
C ILE D 364 -26.35 32.63 -128.59
N ALA D 365 -27.38 33.12 -127.91
CA ALA D 365 -28.72 32.95 -128.46
C ALA D 365 -28.86 33.71 -129.79
N ARG D 366 -28.36 34.95 -129.81
CA ARG D 366 -28.45 35.83 -131.00
C ARG D 366 -27.90 35.13 -132.26
N GLN D 367 -26.78 34.43 -132.13
CA GLN D 367 -26.14 33.79 -133.25
C GLN D 367 -26.59 32.37 -133.53
N THR D 368 -27.52 31.84 -132.75
CA THR D 368 -27.92 30.47 -133.00
C THR D 368 -29.40 30.33 -133.23
N GLY D 369 -30.21 31.16 -132.58
CA GLY D 369 -31.66 31.01 -132.70
C GLY D 369 -32.17 29.90 -131.83
N ARG D 370 -31.28 29.29 -131.04
CA ARG D 370 -31.66 28.14 -130.25
C ARG D 370 -31.82 28.40 -128.75
N GLY D 371 -30.94 29.19 -128.17
CA GLY D 371 -31.02 29.47 -126.74
C GLY D 371 -29.77 30.12 -126.20
N GLU D 372 -29.91 30.75 -125.03
CA GLU D 372 -28.81 31.51 -124.39
C GLU D 372 -27.80 30.57 -123.73
N GLY D 373 -26.52 30.97 -123.72
CA GLY D 373 -25.46 30.21 -123.11
C GLY D 373 -25.94 29.70 -121.76
N ASN D 374 -25.56 28.47 -121.44
CA ASN D 374 -25.97 27.85 -120.19
C ASN D 374 -24.83 27.12 -119.50
N PHE D 375 -23.62 27.34 -119.98
CA PHE D 375 -22.45 26.80 -119.32
C PHE D 375 -21.22 27.64 -119.56
N ILE D 376 -20.28 27.50 -118.64
CA ILE D 376 -18.99 28.15 -118.67
C ILE D 376 -17.88 27.19 -118.29
N ILE D 377 -16.80 27.17 -119.04
CA ILE D 377 -15.66 26.36 -118.66
C ILE D 377 -14.54 27.35 -118.48
N ALA D 378 -13.85 27.34 -117.36
CA ALA D 378 -12.84 28.37 -117.20
C ALA D 378 -11.64 27.96 -116.40
N SER D 379 -10.59 28.75 -116.52
CA SER D 379 -9.41 28.54 -115.72
C SER D 379 -9.76 28.67 -114.26
N ARG D 380 -9.04 27.95 -113.42
CA ARG D 380 -9.26 27.92 -111.99
C ARG D 380 -9.42 29.28 -111.36
N ASN D 381 -8.62 30.25 -111.77
CA ASN D 381 -8.66 31.57 -111.18
C ASN D 381 -9.91 32.37 -111.53
N VAL D 382 -10.58 31.98 -112.59
CA VAL D 382 -11.78 32.66 -113.01
C VAL D 382 -12.83 32.20 -112.05
N VAL D 383 -12.82 30.90 -111.84
CA VAL D 383 -13.75 30.30 -110.95
C VAL D 383 -13.49 30.78 -109.54
N ASN D 384 -12.23 30.90 -109.13
CA ASN D 384 -11.96 31.37 -107.79
C ASN D 384 -12.62 32.71 -107.58
N VAL D 385 -12.61 33.57 -108.61
CA VAL D 385 -13.32 34.81 -108.48
C VAL D 385 -14.81 34.56 -108.37
N LEU D 386 -15.37 33.74 -109.24
CA LEU D 386 -16.82 33.57 -109.17
C LEU D 386 -17.26 33.03 -107.81
N ALA D 387 -16.48 32.14 -107.26
CA ALA D 387 -16.80 31.48 -106.01
C ALA D 387 -16.62 32.35 -104.79
N SER D 388 -15.99 33.49 -104.98
CA SER D 388 -15.64 34.39 -103.91
C SER D 388 -16.45 35.65 -103.93
N VAL D 389 -17.43 35.72 -104.84
CA VAL D 389 -18.22 36.93 -104.92
C VAL D 389 -19.69 36.62 -104.88
N ASP D 390 -20.50 37.62 -104.59
CA ASP D 390 -21.90 37.33 -104.76
C ASP D 390 -22.17 37.37 -106.24
N THR D 391 -23.18 36.65 -106.66
CA THR D 391 -23.56 36.61 -108.05
C THR D 391 -25.00 37.05 -108.24
N GLY D 392 -25.77 37.13 -107.16
CA GLY D 392 -27.15 37.53 -107.32
C GLY D 392 -27.16 39.02 -107.40
N ILE D 393 -28.32 39.64 -107.51
CA ILE D 393 -28.30 41.09 -107.59
C ILE D 393 -28.28 41.63 -106.20
N SER D 394 -27.16 42.25 -105.85
CA SER D 394 -26.93 42.71 -104.50
C SER D 394 -26.01 43.90 -104.47
N TYR D 395 -25.85 44.50 -103.30
CA TYR D 395 -25.06 45.72 -103.21
C TYR D 395 -23.63 45.51 -103.73
N ALA D 396 -22.89 44.63 -103.06
CA ALA D 396 -21.54 44.24 -103.43
C ALA D 396 -21.17 43.13 -102.51
N ALA D 397 -20.18 42.30 -102.86
CA ALA D 397 -19.68 41.34 -101.89
C ALA D 397 -18.48 40.56 -102.37
N GLN D 398 -17.60 40.24 -101.44
CA GLN D 398 -16.50 39.33 -101.72
C GLN D 398 -16.01 38.73 -100.42
N GLY D 399 -15.30 37.60 -100.51
CA GLY D 399 -14.67 36.95 -99.35
C GLY D 399 -14.03 35.64 -99.75
N LEU D 400 -13.81 34.73 -98.80
CA LEU D 400 -13.21 33.45 -99.13
C LEU D 400 -14.14 32.69 -100.03
N ALA D 401 -13.61 31.99 -101.04
CA ALA D 401 -14.46 31.23 -101.95
C ALA D 401 -15.27 30.13 -101.29
N THR D 402 -16.58 30.05 -101.63
CA THR D 402 -17.43 28.99 -101.12
C THR D 402 -18.38 28.57 -102.19
N GLY D 403 -18.58 29.49 -103.13
CA GLY D 403 -19.65 29.38 -104.12
C GLY D 403 -19.57 28.17 -105.02
N PHE D 404 -18.37 27.77 -105.38
CA PHE D 404 -18.16 26.66 -106.29
C PHE D 404 -17.03 25.81 -105.77
N SER D 405 -16.99 24.56 -106.17
CA SER D 405 -15.83 23.77 -105.85
C SER D 405 -14.65 24.25 -106.67
N THR D 406 -13.50 24.31 -106.05
CA THR D 406 -12.27 24.67 -106.74
C THR D 406 -11.35 23.48 -106.81
N ASP D 407 -11.84 22.33 -106.35
CA ASP D 407 -11.03 21.14 -106.31
C ASP D 407 -11.10 20.32 -107.58
N THR D 408 -10.06 20.39 -108.39
CA THR D 408 -10.08 19.68 -109.66
C THR D 408 -9.74 18.23 -109.41
N THR D 409 -9.35 17.98 -108.18
CA THR D 409 -8.96 16.70 -107.70
C THR D 409 -10.21 15.93 -107.27
N LYS D 410 -11.35 16.64 -107.20
CA LYS D 410 -12.60 16.03 -106.82
C LYS D 410 -13.55 15.98 -108.00
N SER D 411 -13.55 17.05 -108.80
CA SER D 411 -14.46 17.12 -109.92
C SER D 411 -13.94 17.99 -111.01
N VAL D 412 -14.83 18.29 -111.93
CA VAL D 412 -14.54 19.16 -113.03
C VAL D 412 -15.62 20.17 -113.05
N PHE D 413 -16.68 19.80 -112.36
CA PHE D 413 -17.87 20.61 -112.27
C PHE D 413 -17.81 21.35 -110.98
N ALA D 414 -17.75 22.65 -111.09
CA ALA D 414 -17.58 23.50 -109.94
C ALA D 414 -18.93 23.82 -109.30
N GLY D 415 -19.95 24.02 -110.12
CA GLY D 415 -21.28 24.38 -109.61
C GLY D 415 -22.11 25.19 -110.61
N VAL D 416 -23.27 25.70 -110.19
CA VAL D 416 -24.08 26.46 -111.14
C VAL D 416 -24.13 27.95 -110.79
N LEU D 417 -23.66 28.76 -111.73
CA LEU D 417 -23.50 30.18 -111.52
C LEU D 417 -24.77 30.92 -111.60
N GLY D 418 -25.18 31.45 -110.44
CA GLY D 418 -26.39 32.22 -110.30
C GLY D 418 -27.61 31.34 -110.46
N GLY D 419 -27.40 30.03 -110.47
CA GLY D 419 -28.51 29.15 -110.75
C GLY D 419 -28.78 29.11 -112.27
N LYS D 420 -27.91 29.77 -113.07
CA LYS D 420 -28.07 29.86 -114.51
C LYS D 420 -27.06 29.10 -115.36
N TYR D 421 -25.78 29.08 -114.97
CA TYR D 421 -24.82 28.44 -115.87
C TYR D 421 -24.07 27.30 -115.22
N ARG D 422 -23.86 26.23 -115.97
CA ARG D 422 -23.04 25.09 -115.45
C ARG D 422 -21.55 25.46 -115.56
N VAL D 423 -20.89 25.71 -114.42
CA VAL D 423 -19.50 26.09 -114.39
C VAL D 423 -18.58 24.92 -114.17
N TYR D 424 -17.64 24.79 -115.09
CA TYR D 424 -16.63 23.77 -115.08
C TYR D 424 -15.25 24.37 -115.04
N ILE D 425 -14.29 23.60 -114.59
CA ILE D 425 -12.92 24.07 -114.55
C ILE D 425 -12.06 23.39 -115.56
N ASP D 426 -11.42 24.15 -116.41
CA ASP D 426 -10.55 23.46 -117.32
C ASP D 426 -9.26 23.24 -116.56
N GLN D 427 -9.15 22.05 -116.01
CA GLN D 427 -8.04 21.70 -115.15
C GLN D 427 -6.70 21.79 -115.89
N TYR D 428 -6.75 21.78 -117.22
CA TYR D 428 -5.58 21.86 -118.06
C TYR D 428 -5.50 23.18 -118.82
N ALA D 429 -6.14 24.23 -118.28
CA ALA D 429 -6.11 25.54 -118.92
C ALA D 429 -4.67 25.97 -119.12
N LYS D 430 -4.40 26.63 -120.25
CA LYS D 430 -3.04 27.02 -120.56
C LYS D 430 -2.61 28.39 -120.08
N GLN D 431 -3.46 29.40 -120.12
CA GLN D 431 -2.95 30.70 -119.67
C GLN D 431 -3.84 31.40 -118.65
N ASP D 432 -4.86 32.10 -119.15
CA ASP D 432 -5.77 32.84 -118.28
C ASP D 432 -6.98 33.21 -119.16
N TYR D 433 -8.06 32.43 -119.10
CA TYR D 433 -9.21 32.61 -119.99
C TYR D 433 -10.46 31.88 -119.54
N PHE D 434 -11.57 32.13 -120.24
CA PHE D 434 -12.77 31.32 -120.07
C PHE D 434 -13.55 31.18 -121.38
N THR D 435 -14.39 30.14 -121.44
CA THR D 435 -15.27 29.88 -122.58
C THR D 435 -16.73 29.73 -122.14
N VAL D 436 -17.63 30.34 -122.89
CA VAL D 436 -19.07 30.29 -122.62
C VAL D 436 -19.82 29.71 -123.81
N GLY D 437 -20.90 28.99 -123.54
CA GLY D 437 -21.69 28.48 -124.64
C GLY D 437 -23.04 27.88 -124.25
N TYR D 438 -23.79 27.42 -125.26
CA TYR D 438 -25.15 26.90 -124.97
C TYR D 438 -25.37 25.52 -125.58
N LYS D 439 -25.91 24.62 -124.76
CA LYS D 439 -26.28 23.26 -125.15
C LYS D 439 -27.75 23.03 -124.87
N GLY D 440 -28.51 22.70 -125.91
CA GLY D 440 -29.93 22.50 -125.72
C GLY D 440 -30.32 21.10 -125.21
N PRO D 441 -31.58 20.93 -124.75
CA PRO D 441 -32.19 19.68 -124.31
C PRO D 441 -32.29 18.70 -125.48
N ASN D 442 -32.28 19.28 -126.68
CA ASN D 442 -32.31 18.54 -127.90
C ASN D 442 -30.89 18.18 -128.17
N GLU D 443 -30.61 16.87 -128.16
CA GLU D 443 -29.24 16.31 -128.33
C GLU D 443 -28.51 16.89 -129.55
N MET D 444 -29.23 17.23 -130.62
CA MET D 444 -28.58 17.73 -131.83
C MET D 444 -28.41 19.25 -131.84
N ASP D 445 -28.70 19.91 -130.71
CA ASP D 445 -28.61 21.35 -130.55
C ASP D 445 -27.45 21.79 -129.62
N ALA D 446 -26.35 21.05 -129.65
CA ALA D 446 -25.18 21.39 -128.83
C ALA D 446 -24.15 22.26 -129.56
N GLY D 447 -24.06 22.09 -130.87
CA GLY D 447 -23.09 22.75 -131.71
C GLY D 447 -21.92 21.83 -131.99
N ILE D 448 -21.69 20.89 -131.08
CA ILE D 448 -20.63 19.91 -131.12
C ILE D 448 -21.15 18.53 -130.69
N TYR D 449 -20.49 17.47 -131.14
CA TYR D 449 -20.85 16.15 -130.66
C TYR D 449 -19.75 15.11 -130.75
N TYR D 450 -19.96 14.03 -129.98
CA TYR D 450 -19.08 12.86 -129.90
C TYR D 450 -19.90 11.60 -130.07
N ALA D 451 -19.54 10.73 -131.01
CA ALA D 451 -20.40 9.59 -131.29
C ALA D 451 -19.78 8.21 -131.07
N PRO D 452 -19.65 7.74 -129.83
CA PRO D 452 -18.83 6.63 -129.37
C PRO D 452 -18.61 5.46 -130.31
N TYR D 453 -19.67 4.76 -130.73
CA TYR D 453 -19.65 3.60 -131.65
C TYR D 453 -18.78 2.35 -131.34
N VAL D 454 -17.59 2.53 -130.78
CA VAL D 454 -16.70 1.46 -130.36
C VAL D 454 -16.01 1.89 -129.06
N ALA D 455 -15.84 0.98 -128.12
CA ALA D 455 -15.08 1.41 -126.96
C ALA D 455 -14.35 0.29 -126.27
N LEU D 456 -13.08 0.56 -126.03
CA LEU D 456 -12.19 -0.30 -125.29
C LEU D 456 -12.25 -1.78 -125.65
N THR D 457 -12.07 -2.11 -126.93
CA THR D 457 -12.08 -3.51 -127.27
C THR D 457 -10.95 -4.12 -126.46
N PRO D 458 -11.20 -5.15 -125.63
CA PRO D 458 -10.26 -5.78 -124.75
C PRO D 458 -9.32 -6.74 -125.46
N LEU D 459 -8.33 -6.21 -126.14
CA LEU D 459 -7.41 -7.10 -126.82
C LEU D 459 -6.69 -7.98 -125.84
N ARG D 460 -6.70 -9.27 -126.13
CA ARG D 460 -5.98 -10.28 -125.40
C ARG D 460 -5.33 -11.20 -126.39
N GLY D 461 -4.21 -11.77 -126.01
CA GLY D 461 -3.55 -12.75 -126.87
C GLY D 461 -2.33 -13.31 -126.17
N SER D 462 -1.40 -13.83 -126.94
CA SER D 462 -0.20 -14.41 -126.36
C SER D 462 0.92 -14.39 -127.36
N ASP D 463 2.13 -14.61 -126.85
CA ASP D 463 3.34 -14.71 -127.62
C ASP D 463 3.63 -16.20 -127.97
N PRO D 464 3.53 -16.60 -129.24
CA PRO D 464 3.69 -17.95 -129.72
C PRO D 464 5.04 -18.59 -129.42
N LYS D 465 6.05 -17.82 -129.03
CA LYS D 465 7.31 -18.45 -128.76
C LYS D 465 7.65 -18.53 -127.28
N ASN D 466 7.32 -17.47 -126.52
CA ASN D 466 7.66 -17.41 -125.09
C ASN D 466 6.48 -17.17 -124.16
N PHE D 467 5.29 -17.27 -124.71
CA PHE D 467 3.96 -17.15 -124.12
C PHE D 467 3.62 -15.72 -123.68
N GLN D 468 4.65 -15.04 -123.16
CA GLN D 468 4.60 -13.67 -122.61
C GLN D 468 3.28 -13.00 -123.00
N PRO D 469 2.50 -12.50 -122.01
CA PRO D 469 1.15 -11.97 -122.24
C PRO D 469 0.96 -10.73 -123.14
N VAL D 470 -0.15 -10.72 -123.88
CA VAL D 470 -0.53 -9.60 -124.79
C VAL D 470 -1.87 -9.03 -124.29
N MET D 471 -1.90 -7.71 -124.08
CA MET D 471 -3.07 -6.99 -123.60
C MET D 471 -3.09 -5.58 -124.18
N GLY D 472 -4.29 -5.09 -124.52
CA GLY D 472 -4.46 -3.70 -125.01
C GLY D 472 -5.91 -3.29 -125.29
N PHE D 473 -6.12 -2.03 -125.64
CA PHE D 473 -7.52 -1.56 -125.86
C PHE D 473 -7.63 -0.75 -127.16
N LYS D 474 -8.71 -0.99 -127.90
CA LYS D 474 -8.98 -0.25 -129.15
C LYS D 474 -10.37 0.37 -129.32
N THR D 475 -10.37 1.58 -129.91
CA THR D 475 -11.61 2.26 -130.31
C THR D 475 -11.54 3.07 -131.61
N ARG D 476 -12.69 3.65 -131.96
CA ARG D 476 -12.93 4.55 -133.09
C ARG D 476 -14.32 5.13 -132.85
N TYR D 477 -14.52 6.43 -133.08
CA TYR D 477 -15.87 6.97 -132.77
C TYR D 477 -16.40 8.03 -133.75
N GLY D 478 -15.63 9.07 -134.08
CA GLY D 478 -16.18 10.15 -134.86
C GLY D 478 -16.70 11.27 -133.96
N ILE D 479 -16.49 12.49 -134.44
CA ILE D 479 -16.90 13.72 -133.77
C ILE D 479 -17.54 14.63 -134.78
N GLY D 480 -18.15 15.70 -134.32
CA GLY D 480 -18.63 16.65 -135.30
C GLY D 480 -19.24 17.92 -134.79
N ILE D 481 -19.54 18.78 -135.74
CA ILE D 481 -20.14 20.08 -135.57
C ILE D 481 -21.55 20.06 -136.08
N ASN D 482 -22.47 20.64 -135.34
CA ASN D 482 -23.84 20.65 -135.80
C ASN D 482 -23.99 21.66 -136.95
N PRO D 483 -24.87 21.39 -137.93
CA PRO D 483 -25.10 22.24 -139.06
C PRO D 483 -25.62 23.55 -138.55
N PHE D 484 -25.31 24.59 -139.30
CA PHE D 484 -25.64 25.98 -139.03
C PHE D 484 -24.80 26.56 -137.91
N ALA D 485 -23.86 25.80 -137.33
CA ALA D 485 -23.02 26.36 -136.29
C ALA D 485 -22.24 27.55 -136.83
N GLU D 486 -21.90 27.52 -138.13
CA GLU D 486 -21.15 28.58 -138.76
C GLU D 486 -21.82 29.95 -138.72
N SER D 487 -23.15 29.99 -138.58
CA SER D 487 -24.07 31.15 -138.48
C SER D 487 -24.04 32.25 -139.54
N ALA D 488 -22.87 32.60 -140.05
CA ALA D 488 -22.77 33.64 -141.05
C ALA D 488 -22.96 33.12 -142.45
N ALA D 489 -22.26 32.05 -142.79
CA ALA D 489 -22.33 31.52 -144.14
C ALA D 489 -23.73 31.05 -144.46
N GLN D 490 -24.16 31.32 -145.70
CA GLN D 490 -25.47 30.88 -146.15
C GLN D 490 -25.41 29.55 -146.89
N ALA D 491 -24.21 29.01 -147.08
CA ALA D 491 -24.04 27.74 -147.76
C ALA D 491 -22.64 27.16 -147.55
N PRO D 492 -22.50 25.83 -147.47
CA PRO D 492 -21.26 25.09 -147.51
C PRO D 492 -20.86 24.95 -148.96
N ALA D 493 -19.60 24.72 -149.23
CA ALA D 493 -19.24 24.43 -150.60
C ALA D 493 -20.00 23.22 -151.11
N SER D 494 -20.53 23.34 -152.32
CA SER D 494 -21.23 22.29 -153.07
C SER D 494 -22.33 21.56 -152.32
N ARG D 495 -22.91 22.17 -151.30
CA ARG D 495 -23.97 21.57 -150.48
C ARG D 495 -23.49 20.34 -149.63
N ILE D 496 -22.21 19.97 -149.71
CA ILE D 496 -21.65 18.84 -148.94
C ILE D 496 -20.31 19.06 -148.30
N GLN D 497 -20.25 18.85 -146.99
CA GLN D 497 -19.02 18.96 -146.20
C GLN D 497 -18.90 17.95 -145.08
N SER D 498 -17.69 17.59 -144.72
CA SER D 498 -17.56 16.80 -143.51
C SER D 498 -17.96 17.64 -142.33
N GLY D 499 -18.56 17.02 -141.31
CA GLY D 499 -18.92 17.71 -140.10
C GLY D 499 -17.74 17.75 -139.12
N MET D 500 -16.61 17.17 -139.55
CA MET D 500 -15.42 17.12 -138.74
C MET D 500 -14.80 18.53 -138.71
N PRO D 501 -14.32 19.00 -137.57
CA PRO D 501 -13.63 20.27 -137.42
C PRO D 501 -12.40 20.36 -138.32
N SER D 502 -12.15 21.56 -138.83
CA SER D 502 -10.98 21.83 -139.69
C SER D 502 -10.76 23.33 -139.68
N ILE D 503 -9.65 23.81 -140.22
CA ILE D 503 -9.54 25.26 -140.18
C ILE D 503 -10.66 25.92 -140.97
N LEU D 504 -10.84 25.44 -142.18
CA LEU D 504 -11.83 26.00 -143.08
C LEU D 504 -13.24 25.82 -142.59
N ASN D 505 -13.50 24.69 -141.94
CA ASN D 505 -14.85 24.39 -141.53
C ASN D 505 -15.22 24.90 -140.17
N SER D 506 -14.28 25.05 -139.26
CA SER D 506 -14.68 25.46 -137.93
C SER D 506 -13.77 26.38 -137.11
N LEU D 507 -12.61 26.85 -137.57
CA LEU D 507 -11.79 27.56 -136.59
C LEU D 507 -12.34 28.94 -136.33
N GLY D 508 -12.76 29.15 -135.08
CA GLY D 508 -13.37 30.39 -134.65
C GLY D 508 -14.77 30.58 -135.21
N LYS D 509 -15.38 29.51 -135.73
CA LYS D 509 -16.68 29.66 -136.38
C LYS D 509 -17.90 29.02 -135.71
N ASN D 510 -17.81 28.49 -134.50
CA ASN D 510 -19.00 27.84 -133.93
C ASN D 510 -19.83 28.77 -133.07
N ALA D 511 -21.01 29.12 -133.55
CA ALA D 511 -21.94 30.06 -132.96
C ALA D 511 -22.39 29.72 -131.56
N TYR D 512 -22.25 28.46 -131.17
CA TYR D 512 -22.70 28.03 -129.86
C TYR D 512 -21.66 28.35 -128.80
N PHE D 513 -20.46 28.82 -129.21
CA PHE D 513 -19.39 29.11 -128.28
C PHE D 513 -18.61 30.40 -128.51
N ARG D 514 -18.20 31.05 -127.42
CA ARG D 514 -17.39 32.30 -127.51
C ARG D 514 -16.39 32.33 -126.34
N ARG D 515 -15.12 32.64 -126.60
CA ARG D 515 -14.16 32.66 -125.50
C ARG D 515 -13.40 33.98 -125.40
N VAL D 516 -12.97 34.26 -124.19
CA VAL D 516 -12.28 35.50 -123.87
C VAL D 516 -11.00 35.27 -123.09
N TYR D 517 -9.93 35.93 -123.49
CA TYR D 517 -8.70 35.82 -122.71
C TYR D 517 -8.78 36.88 -121.66
N VAL D 518 -8.19 36.66 -120.53
CA VAL D 518 -8.33 37.70 -119.54
C VAL D 518 -6.98 38.06 -118.98
N LYS D 519 -6.91 39.19 -118.31
CA LYS D 519 -5.68 39.59 -117.66
C LYS D 519 -5.93 40.31 -116.35
N GLY D 520 -4.92 40.27 -115.47
CA GLY D 520 -5.00 40.95 -114.18
C GLY D 520 -5.88 40.16 -113.24
N ILE D 521 -5.92 38.86 -113.48
CA ILE D 521 -6.76 37.96 -112.73
C ILE D 521 -6.21 36.56 -112.83
N GLY E 92 14.57 35.41 -44.18
CA GLY E 92 13.40 35.64 -45.02
C GLY E 92 12.92 37.09 -44.93
N PRO E 93 13.67 38.03 -45.50
CA PRO E 93 13.39 39.45 -45.47
C PRO E 93 12.29 39.79 -46.44
N ALA E 94 11.08 39.35 -46.12
CA ALA E 94 9.89 39.60 -46.95
C ALA E 94 10.08 39.16 -48.38
N VAL E 95 10.23 37.86 -48.56
CA VAL E 95 10.41 37.37 -49.91
C VAL E 95 9.11 37.67 -50.70
N MET E 96 9.30 38.22 -51.87
CA MET E 96 8.27 38.67 -52.76
C MET E 96 7.90 37.69 -53.84
N GLY E 97 8.11 36.42 -53.57
CA GLY E 97 7.81 35.39 -54.53
C GLY E 97 8.88 35.39 -55.60
N MET E 98 8.58 34.76 -56.72
CA MET E 98 9.56 34.67 -57.78
C MET E 98 8.90 34.59 -59.12
N VAL E 99 9.69 34.86 -60.14
CA VAL E 99 9.23 34.73 -61.51
C VAL E 99 10.12 33.87 -62.37
N ARG E 100 9.58 33.49 -63.51
CA ARG E 100 10.25 32.70 -64.52
C ARG E 100 9.50 32.87 -65.82
N ARG E 101 10.08 32.44 -66.93
CA ARG E 101 9.38 32.55 -68.20
C ARG E 101 8.42 31.41 -68.41
N ALA E 102 7.37 31.69 -69.15
CA ALA E 102 6.40 30.69 -69.56
C ALA E 102 6.94 29.92 -70.73
N ILE E 103 6.42 28.72 -70.93
CA ILE E 103 6.85 27.95 -72.07
C ILE E 103 5.87 28.13 -73.23
N PRO E 104 6.33 28.51 -74.43
CA PRO E 104 5.53 28.74 -75.62
C PRO E 104 4.94 27.43 -76.08
N ASN E 105 3.80 27.48 -76.76
CA ASN E 105 3.22 26.23 -77.22
C ASN E 105 3.74 25.88 -78.62
N LEU E 106 3.30 24.73 -79.13
CA LEU E 106 3.73 24.19 -80.41
C LEU E 106 2.61 23.84 -81.35
N ILE E 107 2.91 23.73 -82.65
CA ILE E 107 1.83 23.39 -83.61
C ILE E 107 1.81 21.89 -83.86
N ALA E 108 2.57 21.19 -83.03
CA ALA E 108 2.70 19.76 -83.08
C ALA E 108 3.00 19.35 -84.48
N PHE E 109 2.25 18.38 -84.96
CA PHE E 109 2.46 17.87 -86.27
C PHE E 109 1.12 17.92 -86.96
N ASP E 110 0.33 18.91 -86.57
CA ASP E 110 -1.02 19.03 -87.07
C ASP E 110 -1.12 19.16 -88.58
N ILE E 111 -0.07 19.67 -89.19
CA ILE E 111 -0.08 19.89 -90.62
C ILE E 111 0.98 19.09 -91.33
N CYS E 112 1.37 17.95 -90.77
CA CYS E 112 2.36 17.15 -91.50
C CYS E 112 2.17 15.68 -91.20
N GLY E 113 2.91 14.83 -91.89
CA GLY E 113 2.79 13.41 -91.61
C GLY E 113 3.39 13.12 -90.26
N VAL E 114 2.94 12.05 -89.60
CA VAL E 114 3.48 11.68 -88.30
C VAL E 114 4.19 10.34 -88.25
N GLN E 115 3.89 9.44 -89.18
CA GLN E 115 4.58 8.18 -89.31
C GLN E 115 5.26 7.63 -88.06
N PRO E 116 4.56 7.15 -87.04
CA PRO E 116 5.21 6.58 -85.90
C PRO E 116 6.02 5.43 -86.43
N MET E 117 7.21 5.25 -85.92
CA MET E 117 8.04 4.17 -86.38
C MET E 117 8.33 3.19 -85.28
N ASN E 118 8.57 1.96 -85.65
CA ASN E 118 8.98 0.94 -84.72
C ASN E 118 10.36 0.43 -85.08
N SER E 119 11.01 1.15 -85.95
CA SER E 119 12.34 0.83 -86.43
C SER E 119 12.91 2.10 -87.04
N PRO E 120 14.22 2.25 -87.16
CA PRO E 120 14.88 3.36 -87.79
C PRO E 120 14.80 3.16 -89.28
N THR E 121 15.17 4.18 -90.03
CA THR E 121 15.30 4.00 -91.46
C THR E 121 14.16 3.38 -92.24
N GLY E 122 12.95 3.92 -92.18
CA GLY E 122 11.89 3.31 -92.98
C GLY E 122 11.95 3.70 -94.46
N GLN E 123 11.03 3.13 -95.25
CA GLN E 123 10.97 3.40 -96.69
C GLN E 123 9.57 3.55 -97.24
N VAL E 124 9.45 4.32 -98.31
CA VAL E 124 8.20 4.51 -99.03
C VAL E 124 8.44 4.33 -100.50
N PHE E 125 7.51 3.71 -101.20
CA PHE E 125 7.72 3.56 -102.63
C PHE E 125 6.58 4.15 -103.41
N ALA E 126 6.72 4.19 -104.72
CA ALA E 126 5.67 4.76 -105.53
C ALA E 126 5.64 4.22 -106.93
N LEU E 127 4.47 4.28 -107.52
CA LEU E 127 4.25 3.85 -108.88
C LEU E 127 4.06 5.06 -109.76
N ARG E 128 4.76 5.09 -110.89
CA ARG E 128 4.63 6.23 -111.84
C ARG E 128 4.13 5.70 -113.19
N ALA E 129 2.87 5.94 -113.53
CA ALA E 129 2.38 5.42 -114.79
C ALA E 129 3.27 6.05 -115.83
N VAL E 130 3.78 5.26 -116.76
CA VAL E 130 4.71 5.71 -117.78
C VAL E 130 4.44 5.10 -119.14
N TYR E 131 4.80 5.82 -120.19
CA TYR E 131 4.67 5.30 -121.52
C TYR E 131 5.87 5.61 -122.42
N GLY E 132 5.92 4.88 -123.56
CA GLY E 132 7.01 5.01 -124.53
C GLY E 132 7.89 3.74 -124.62
N LYS E 133 7.35 2.60 -124.15
CA LYS E 133 7.98 1.27 -124.17
C LYS E 133 9.19 1.03 -123.27
N ASP E 134 9.53 1.98 -122.43
CA ASP E 134 10.60 1.77 -121.49
C ASP E 134 10.36 2.60 -120.26
N PRO E 135 9.69 2.05 -119.24
CA PRO E 135 9.33 2.74 -118.04
C PRO E 135 10.49 3.50 -117.41
N VAL E 136 11.73 3.01 -117.53
CA VAL E 136 12.82 3.74 -116.91
C VAL E 136 13.82 4.16 -117.95
N ALA E 137 13.72 5.40 -118.37
CA ALA E 137 14.57 5.89 -119.43
C ALA E 137 14.63 7.39 -119.43
N ALA E 138 15.71 7.93 -119.96
CA ALA E 138 15.71 9.36 -120.14
C ALA E 138 14.61 9.68 -121.12
N GLY E 139 13.86 10.73 -120.84
CA GLY E 139 12.81 11.12 -121.77
C GLY E 139 11.51 10.33 -121.61
N ALA E 140 11.47 9.40 -120.65
CA ALA E 140 10.27 8.61 -120.44
C ALA E 140 9.13 9.55 -120.11
N LYS E 141 7.90 9.23 -120.53
CA LYS E 141 6.80 10.14 -120.23
C LYS E 141 5.80 9.54 -119.29
N GLU E 142 5.44 10.31 -118.26
CA GLU E 142 4.46 9.87 -117.23
C GLU E 142 3.04 10.05 -117.79
N ALA E 143 2.15 9.10 -117.48
CA ALA E 143 0.78 9.16 -117.95
C ALA E 143 -0.01 10.20 -117.21
N PHE E 144 0.33 10.45 -115.96
CA PHE E 144 -0.49 11.39 -115.21
C PHE E 144 0.38 12.37 -114.47
N HIS E 145 -0.01 13.64 -114.50
CA HIS E 145 0.73 14.61 -113.73
C HIS E 145 -0.11 15.90 -113.57
N PRO E 146 -0.27 16.40 -112.34
CA PRO E 146 -0.99 17.62 -112.02
C PRO E 146 -0.64 18.86 -112.83
N MET E 147 0.61 19.01 -113.28
CA MET E 147 1.00 20.21 -114.00
C MET E 147 1.13 20.06 -115.49
N TYR E 148 0.86 18.87 -116.01
CA TYR E 148 1.11 18.71 -117.43
C TYR E 148 -0.09 18.14 -118.16
N GLY E 149 -0.36 18.63 -119.36
CA GLY E 149 -1.43 18.04 -120.10
C GLY E 149 -0.93 16.72 -120.65
N PRO E 150 -1.86 15.80 -120.94
CA PRO E 150 -1.65 14.50 -121.51
C PRO E 150 -1.27 14.60 -122.95
N ASP E 151 -0.62 13.59 -123.47
CA ASP E 151 -0.32 13.61 -124.87
C ASP E 151 -1.56 13.18 -125.59
N ALA E 152 -2.33 14.16 -126.00
CA ALA E 152 -3.64 14.00 -126.60
C ALA E 152 -3.62 13.16 -127.87
N MET E 153 -2.45 13.00 -128.52
CA MET E 153 -2.40 12.22 -129.74
C MET E 153 -1.55 10.97 -129.63
N PHE E 154 -1.21 10.56 -128.41
CA PHE E 154 -0.40 9.37 -128.18
C PHE E 154 -1.04 8.08 -128.72
N SER E 155 -2.29 7.80 -128.34
CA SER E 155 -2.96 6.59 -128.86
C SER E 155 -3.55 6.86 -130.24
N GLY E 156 -3.54 8.14 -130.58
CA GLY E 156 -4.15 8.70 -131.79
C GLY E 156 -3.17 8.88 -132.92
N GLN E 157 -3.32 9.96 -133.67
CA GLN E 157 -2.53 10.16 -134.90
C GLN E 157 -1.03 10.12 -134.71
N GLY E 158 -0.52 10.51 -133.53
CA GLY E 158 0.91 10.53 -133.25
C GLY E 158 1.51 9.13 -133.35
N ALA E 159 0.66 8.11 -133.30
CA ALA E 159 1.11 6.75 -133.45
C ALA E 159 1.67 6.55 -134.86
N ALA E 160 1.12 7.25 -135.85
CA ALA E 160 1.55 7.10 -137.22
C ALA E 160 2.66 8.03 -137.58
N LYS E 161 2.59 9.26 -137.11
CA LYS E 161 3.57 10.23 -137.54
C LYS E 161 4.07 11.12 -136.45
N LYS E 162 5.29 11.58 -136.66
CA LYS E 162 5.87 12.55 -135.78
C LYS E 162 5.34 13.90 -136.18
N PHE E 163 5.26 14.80 -135.24
CA PHE E 163 4.87 16.15 -135.58
C PHE E 163 6.12 16.99 -135.50
N PRO E 164 6.28 18.01 -136.33
CA PRO E 164 7.38 18.93 -136.27
C PRO E 164 7.29 19.66 -134.97
N ALA E 165 8.42 19.91 -134.35
CA ALA E 165 8.40 20.65 -133.11
C ALA E 165 8.45 22.12 -133.38
N LEU E 166 7.95 22.88 -132.45
CA LEU E 166 8.14 24.31 -132.51
C LEU E 166 9.52 24.61 -131.98
N ALA E 167 10.17 25.60 -132.55
CA ALA E 167 11.48 25.99 -132.08
C ALA E 167 11.70 27.44 -132.43
N ALA E 168 12.59 28.07 -131.70
CA ALA E 168 12.85 29.45 -131.99
C ALA E 168 13.31 29.61 -133.42
N SER E 169 12.80 30.65 -134.06
CA SER E 169 13.12 31.09 -135.42
C SER E 169 12.45 30.31 -136.54
N THR E 170 11.77 29.21 -136.25
CA THR E 170 11.23 28.48 -137.37
C THR E 170 9.97 29.16 -137.82
N GLN E 171 9.50 28.82 -139.03
CA GLN E 171 8.26 29.35 -139.58
C GLN E 171 7.26 28.24 -139.72
N THR E 172 6.02 28.51 -139.33
CA THR E 172 4.97 27.52 -139.44
C THR E 172 4.39 27.44 -140.83
N THR E 173 3.65 26.38 -141.08
CA THR E 173 2.93 26.20 -142.31
C THR E 173 1.47 26.08 -141.97
N VAL E 174 0.66 26.93 -142.55
CA VAL E 174 -0.74 26.91 -142.23
C VAL E 174 -1.33 25.56 -142.53
N GLY E 175 -2.04 25.06 -141.54
CA GLY E 175 -2.73 23.79 -141.57
C GLY E 175 -1.91 22.67 -140.95
N ASP E 176 -0.62 22.86 -140.75
CA ASP E 176 0.10 21.75 -140.16
C ASP E 176 -0.06 21.80 -138.66
N ILE E 177 0.50 20.82 -137.98
CA ILE E 177 0.43 20.75 -136.53
C ILE E 177 1.78 20.60 -135.92
N TYR E 178 2.06 21.45 -134.99
CA TYR E 178 3.36 21.44 -134.38
C TYR E 178 3.30 21.02 -132.94
N THR E 179 4.36 20.44 -132.46
CA THR E 179 4.38 20.01 -131.08
C THR E 179 5.35 20.77 -130.22
N HIS E 180 4.94 20.98 -128.98
CA HIS E 180 5.81 21.61 -128.01
C HIS E 180 5.49 21.16 -126.61
N PHE E 181 6.52 20.88 -125.85
CA PHE E 181 6.32 20.54 -124.46
C PHE E 181 6.72 21.75 -123.67
N PHE E 182 5.77 22.31 -122.98
CA PHE E 182 5.97 23.52 -122.23
C PHE E 182 6.58 23.21 -120.87
N GLN E 183 7.26 24.19 -120.26
CA GLN E 183 7.83 24.01 -118.91
C GLN E 183 6.76 23.75 -117.85
N GLU E 184 5.55 24.17 -118.15
CA GLU E 184 4.36 24.03 -117.35
C GLU E 184 3.27 23.84 -118.39
N THR E 185 2.21 23.08 -118.09
CA THR E 185 1.05 22.75 -118.96
C THR E 185 1.39 21.60 -119.95
N GLY E 186 2.65 21.22 -119.98
CA GLY E 186 3.15 20.04 -120.68
C GLY E 186 2.99 19.89 -122.18
N THR E 187 2.45 18.73 -122.61
CA THR E 187 2.35 18.46 -124.04
C THR E 187 1.20 19.12 -124.72
N VAL E 188 1.52 19.94 -125.72
CA VAL E 188 0.50 20.62 -126.47
C VAL E 188 0.76 20.50 -127.97
N TYR E 189 -0.32 20.18 -128.70
CA TYR E 189 -0.26 20.07 -130.19
C TYR E 189 -0.97 21.31 -130.76
N LEU E 190 -0.27 22.10 -131.56
CA LEU E 190 -0.87 23.32 -132.08
C LEU E 190 -0.95 23.40 -133.59
N GLN E 191 -2.16 23.59 -134.07
CA GLN E 191 -2.35 23.71 -135.50
C GLN E 191 -2.03 25.14 -135.86
N ALA E 192 -1.33 25.30 -136.96
CA ALA E 192 -1.01 26.63 -137.45
C ALA E 192 -2.13 27.23 -138.28
N SER E 193 -2.65 28.37 -137.84
CA SER E 193 -3.69 29.05 -138.60
C SER E 193 -3.05 29.99 -139.61
N VAL E 194 -1.77 30.26 -139.37
CA VAL E 194 -0.94 31.16 -140.15
C VAL E 194 0.46 30.60 -140.45
N GLN E 195 1.16 31.23 -141.39
CA GLN E 195 2.56 30.94 -141.71
C GLN E 195 3.54 31.93 -141.04
N VAL E 196 3.83 31.78 -139.75
CA VAL E 196 4.63 32.82 -139.09
C VAL E 196 5.81 32.27 -138.34
N THR E 197 6.76 33.14 -138.01
CA THR E 197 7.89 32.69 -137.22
C THR E 197 7.71 32.94 -135.76
N ILE E 198 8.47 32.19 -134.99
CA ILE E 198 8.42 32.36 -133.55
C ILE E 198 9.70 32.81 -132.87
N ASP E 199 9.71 34.07 -132.44
CA ASP E 199 10.82 34.66 -131.69
C ASP E 199 12.20 34.12 -132.04
N ALA E 200 12.75 34.51 -133.17
CA ALA E 200 14.07 34.01 -133.52
C ALA E 200 15.10 34.35 -132.45
N GLY E 201 14.88 35.44 -131.70
CA GLY E 201 15.81 35.85 -130.67
C GLY E 201 15.65 35.09 -129.36
N ALA E 202 14.70 34.16 -129.28
CA ALA E 202 14.48 33.38 -128.07
C ALA E 202 15.71 32.54 -127.79
N THR E 203 15.96 32.33 -126.52
CA THR E 203 17.08 31.50 -126.08
C THR E 203 16.54 30.38 -125.22
N ASP E 204 16.36 30.68 -123.94
CA ASP E 204 15.87 29.70 -123.00
C ASP E 204 14.50 29.24 -123.40
N ALA E 205 14.15 28.02 -122.98
CA ALA E 205 12.83 27.49 -123.24
C ALA E 205 11.78 28.44 -122.70
N ALA E 206 12.06 29.11 -121.59
CA ALA E 206 11.08 30.02 -121.03
C ALA E 206 10.69 31.11 -122.03
N LYS E 207 11.64 31.55 -122.86
CA LYS E 207 11.36 32.61 -123.79
C LYS E 207 10.56 32.05 -124.93
N LEU E 208 10.92 30.84 -125.35
CA LEU E 208 10.20 30.23 -126.42
C LEU E 208 8.76 29.97 -125.98
N ASP E 209 8.58 29.45 -124.76
CA ASP E 209 7.24 29.18 -124.29
C ASP E 209 6.44 30.45 -124.27
N ALA E 210 7.06 31.55 -123.84
CA ALA E 210 6.32 32.80 -123.78
C ALA E 210 5.85 33.22 -125.14
N GLU E 211 6.69 33.13 -126.16
CA GLU E 211 6.22 33.55 -127.46
C GLU E 211 5.14 32.62 -127.97
N ILE E 212 5.29 31.33 -127.71
CA ILE E 212 4.29 30.41 -128.19
C ILE E 212 2.97 30.77 -127.53
N LYS E 213 2.99 31.03 -126.22
CA LYS E 213 1.76 31.41 -125.55
C LYS E 213 1.13 32.63 -126.20
N LYS E 214 1.96 33.62 -126.58
CA LYS E 214 1.44 34.80 -127.25
C LYS E 214 0.81 34.45 -128.59
N GLN E 215 1.44 33.54 -129.33
CA GLN E 215 0.90 33.10 -130.61
C GLN E 215 -0.40 32.36 -130.41
N MET E 216 -0.49 31.64 -129.29
CA MET E 216 -1.74 30.97 -128.98
C MET E 216 -2.83 32.00 -128.70
N GLU E 217 -2.52 33.00 -127.87
CA GLU E 217 -3.50 34.03 -127.53
C GLU E 217 -3.96 34.76 -128.78
N ALA E 218 -3.01 35.02 -129.65
CA ALA E 218 -3.19 35.69 -130.92
C ALA E 218 -4.05 34.92 -131.90
N GLY E 219 -4.25 33.62 -131.66
CA GLY E 219 -5.00 32.79 -132.57
C GLY E 219 -4.15 32.20 -133.70
N ALA E 220 -2.81 32.31 -133.60
CA ALA E 220 -1.93 31.77 -134.62
C ALA E 220 -1.81 30.27 -134.39
N LEU E 221 -1.72 29.90 -133.12
CA LEU E 221 -1.57 28.51 -132.75
C LEU E 221 -2.72 28.00 -131.92
N VAL E 222 -3.36 26.95 -132.40
CA VAL E 222 -4.52 26.44 -131.68
C VAL E 222 -4.42 24.98 -131.27
N GLU E 223 -4.79 24.71 -130.02
CA GLU E 223 -4.75 23.37 -129.48
C GLU E 223 -5.55 22.40 -130.34
N ILE E 224 -4.96 21.26 -130.62
CA ILE E 224 -5.60 20.28 -131.48
C ILE E 224 -5.23 18.83 -131.20
N ALA E 225 -6.17 17.93 -131.44
CA ALA E 225 -5.91 16.51 -131.33
C ALA E 225 -6.84 15.77 -132.24
N GLU E 226 -6.44 14.59 -132.67
CA GLU E 226 -7.25 13.71 -133.48
C GLU E 226 -6.75 12.27 -133.37
N GLY E 227 -7.64 11.32 -133.66
CA GLY E 227 -7.26 9.90 -133.64
C GLY E 227 -6.51 9.58 -134.91
N MET E 228 -6.17 8.34 -135.12
CA MET E 228 -5.39 7.96 -136.27
C MET E 228 -6.24 7.47 -137.40
N ALA E 229 -5.90 7.85 -138.63
CA ALA E 229 -6.71 7.34 -139.72
C ALA E 229 -6.81 5.82 -139.60
N THR E 230 -8.02 5.32 -139.74
CA THR E 230 -8.30 3.91 -139.56
C THR E 230 -7.61 3.04 -140.57
N SER E 231 -7.38 3.57 -141.76
CA SER E 231 -6.68 2.86 -142.81
C SER E 231 -5.24 2.56 -142.41
N ILE E 232 -4.73 3.27 -141.40
CA ILE E 232 -3.40 3.04 -140.93
C ILE E 232 -3.51 1.99 -139.88
N ALA E 233 -4.47 2.20 -138.99
CA ALA E 233 -4.67 1.31 -137.85
C ALA E 233 -4.90 -0.10 -138.31
N GLU E 234 -5.57 -0.22 -139.44
CA GLU E 234 -5.90 -1.48 -140.04
C GLU E 234 -4.71 -2.40 -140.17
N LEU E 235 -3.51 -1.88 -140.49
CA LEU E 235 -2.41 -2.79 -140.69
C LEU E 235 -1.38 -2.79 -139.58
N GLN E 236 -1.70 -2.21 -138.45
CA GLN E 236 -0.73 -2.16 -137.37
C GLN E 236 -0.27 -3.57 -137.06
N GLU E 237 0.96 -3.68 -136.56
CA GLU E 237 1.67 -4.95 -136.31
C GLU E 237 2.04 -5.70 -137.60
N GLY E 238 2.40 -4.96 -138.66
CA GLY E 238 2.90 -5.54 -139.91
C GLY E 238 1.91 -6.32 -140.78
N PHE E 239 0.64 -5.95 -140.79
CA PHE E 239 -0.27 -6.76 -141.56
C PHE E 239 -0.15 -6.44 -143.03
N ASN E 240 -0.45 -7.44 -143.86
CA ASN E 240 -0.51 -7.28 -145.31
C ASN E 240 0.77 -6.69 -145.90
N GLY E 241 1.92 -7.13 -145.38
CA GLY E 241 3.21 -6.68 -145.90
C GLY E 241 3.69 -5.32 -145.38
N SER E 242 2.92 -4.67 -144.52
CA SER E 242 3.32 -3.38 -144.02
C SER E 242 4.43 -3.50 -143.00
N THR E 243 5.12 -2.38 -142.74
CA THR E 243 6.19 -2.34 -141.75
C THR E 243 6.11 -1.12 -140.87
N ASP E 244 6.91 -1.12 -139.80
CA ASP E 244 7.11 0.02 -138.93
C ASP E 244 5.82 0.61 -138.40
N ASN E 245 4.90 -0.26 -138.02
CA ASN E 245 3.63 0.19 -137.50
C ASN E 245 3.18 -0.47 -136.19
N PRO E 246 3.95 -0.36 -135.11
CA PRO E 246 3.67 -0.89 -133.81
C PRO E 246 2.62 -0.01 -133.17
N TRP E 247 1.90 -0.51 -132.20
CA TRP E 247 1.05 0.38 -131.42
C TRP E 247 1.84 1.00 -130.31
N ASN E 248 1.53 2.23 -129.98
CA ASN E 248 2.15 2.83 -128.82
C ASN E 248 1.83 2.03 -127.58
N GLU E 249 2.82 1.91 -126.71
CA GLU E 249 2.66 1.13 -125.49
C GLU E 249 2.83 1.92 -124.21
N MET E 250 2.23 1.38 -123.16
CA MET E 250 2.31 1.95 -121.82
C MET E 250 2.67 0.90 -120.79
N GLY E 251 3.08 1.36 -119.63
CA GLY E 251 3.44 0.57 -118.49
C GLY E 251 3.65 1.49 -117.30
N PHE E 252 4.52 1.11 -116.40
CA PHE E 252 4.80 1.92 -115.25
C PHE E 252 6.13 1.59 -114.65
N ARG E 253 6.63 2.48 -113.79
CA ARG E 253 7.95 2.27 -113.14
C ARG E 253 7.80 2.46 -111.62
N ILE E 254 8.22 1.46 -110.83
CA ILE E 254 8.12 1.57 -109.41
C ILE E 254 9.47 1.80 -108.87
N ASP E 255 9.57 2.81 -108.06
CA ASP E 255 10.83 3.15 -107.47
C ASP E 255 10.63 3.63 -106.07
N LYS E 256 11.72 4.04 -105.40
CA LYS E 256 11.51 4.40 -104.02
C LYS E 256 12.50 5.35 -103.40
N GLN E 257 12.17 5.74 -102.19
CA GLN E 257 13.05 6.58 -101.44
C GLN E 257 13.09 6.13 -99.99
N VAL E 258 14.21 6.40 -99.36
CA VAL E 258 14.36 5.99 -97.98
C VAL E 258 14.79 7.09 -97.05
N ILE E 259 14.55 6.88 -95.77
CA ILE E 259 14.95 7.86 -94.79
C ILE E 259 15.85 7.29 -93.73
N GLU E 260 16.37 8.19 -92.89
CA GLU E 260 17.29 7.84 -91.78
C GLU E 260 17.04 8.83 -90.64
N ALA E 261 17.16 8.37 -89.39
CA ALA E 261 16.91 9.20 -88.25
C ALA E 261 18.15 9.84 -87.69
N LYS E 262 18.08 11.14 -87.54
CA LYS E 262 19.15 11.85 -86.89
C LYS E 262 18.65 12.11 -85.49
N SER E 263 19.57 12.40 -84.59
CA SER E 263 19.25 12.56 -83.21
C SER E 263 19.73 13.81 -82.54
N ARG E 264 19.33 13.98 -81.29
CA ARG E 264 19.69 15.20 -80.54
C ARG E 264 19.64 14.91 -79.05
N GLN E 265 20.64 15.39 -78.31
CA GLN E 265 20.69 15.17 -76.88
C GLN E 265 21.28 16.32 -76.11
N LEU E 266 20.78 16.50 -74.90
CA LEU E 266 21.30 17.54 -74.00
C LEU E 266 21.40 17.11 -72.57
N LYS E 267 22.39 17.69 -71.89
CA LYS E 267 22.57 17.42 -70.47
C LYS E 267 22.47 18.69 -69.66
N ALA E 268 22.24 18.52 -68.37
CA ALA E 268 22.18 19.64 -67.46
C ALA E 268 23.51 19.94 -66.77
N ALA E 269 24.24 18.90 -66.36
CA ALA E 269 25.52 19.07 -65.68
C ALA E 269 25.45 20.08 -64.51
N TYR E 270 24.56 19.84 -63.55
CA TYR E 270 24.36 20.80 -62.46
C TYR E 270 25.05 20.38 -61.17
N SER E 271 24.94 21.22 -60.14
CA SER E 271 25.62 20.92 -58.89
C SER E 271 24.70 20.65 -57.72
N ILE E 272 25.27 19.96 -56.74
CA ILE E 272 24.61 19.61 -55.50
C ILE E 272 24.33 20.81 -54.66
N GLU E 273 25.33 21.65 -54.50
CA GLU E 273 25.18 22.81 -53.66
C GLU E 273 24.11 23.73 -54.19
N LEU E 274 24.04 23.92 -55.51
CA LEU E 274 23.01 24.79 -56.02
C LEU E 274 21.65 24.19 -55.75
N ALA E 275 21.50 22.90 -56.01
CA ALA E 275 20.20 22.30 -55.78
C ALA E 275 19.79 22.43 -54.32
N GLN E 276 20.73 22.26 -53.41
CA GLN E 276 20.41 22.37 -52.00
C GLN E 276 19.97 23.78 -51.64
N ASP E 277 20.65 24.78 -52.19
CA ASP E 277 20.23 26.13 -51.89
C ASP E 277 18.85 26.38 -52.45
N LEU E 278 18.57 25.90 -53.63
CA LEU E 278 17.27 26.14 -54.24
C LEU E 278 16.15 25.52 -53.41
N ARG E 279 16.40 24.33 -52.84
CA ARG E 279 15.44 23.70 -51.96
C ARG E 279 15.15 24.64 -50.79
N ALA E 280 16.18 25.33 -50.33
CA ALA E 280 16.08 26.27 -49.22
C ALA E 280 15.58 27.68 -49.62
N VAL E 281 15.36 27.95 -50.91
CA VAL E 281 14.92 29.28 -51.34
C VAL E 281 13.50 29.21 -51.83
N HIS E 282 13.24 28.33 -52.78
CA HIS E 282 11.90 28.22 -53.32
C HIS E 282 11.31 26.85 -53.10
N GLY E 283 12.10 25.90 -52.62
CA GLY E 283 11.58 24.55 -52.44
C GLY E 283 11.68 23.74 -53.72
N MET E 284 12.60 24.17 -54.58
CA MET E 284 12.83 23.53 -55.86
C MET E 284 13.54 22.22 -55.72
N ASP E 285 13.31 21.32 -56.68
CA ASP E 285 14.01 20.04 -56.67
C ASP E 285 15.37 20.25 -57.31
N ALA E 286 15.36 21.13 -58.30
CA ALA E 286 16.47 21.59 -59.11
C ALA E 286 17.10 20.52 -59.97
N ASP E 287 16.40 19.43 -60.17
CA ASP E 287 16.79 18.44 -61.13
C ASP E 287 15.61 18.34 -62.05
N ALA E 288 14.43 18.27 -61.44
CA ALA E 288 13.17 18.17 -62.14
C ALA E 288 12.93 19.38 -63.02
N GLU E 289 13.29 20.56 -62.51
CA GLU E 289 13.11 21.82 -63.27
C GLU E 289 14.01 21.78 -64.50
N LEU E 290 15.21 21.22 -64.33
CA LEU E 290 16.18 21.08 -65.39
C LEU E 290 15.72 20.06 -66.38
N SER E 291 15.12 18.99 -65.88
CA SER E 291 14.63 17.94 -66.73
C SER E 291 13.62 18.55 -67.64
N GLY E 292 12.73 19.34 -67.06
CA GLY E 292 11.71 20.04 -67.78
C GLY E 292 12.35 20.90 -68.86
N ILE E 293 13.33 21.71 -68.48
CA ILE E 293 13.96 22.60 -69.43
C ILE E 293 14.55 21.85 -70.58
N LEU E 294 15.30 20.80 -70.31
CA LEU E 294 15.93 20.10 -71.39
C LEU E 294 14.93 19.45 -72.31
N ALA E 295 13.95 18.77 -71.74
CA ALA E 295 12.98 18.10 -72.56
C ALA E 295 12.24 19.11 -73.39
N THR E 296 11.93 20.24 -72.77
CA THR E 296 11.22 21.29 -73.43
C THR E 296 11.99 21.80 -74.59
N GLU E 297 13.27 22.09 -74.37
CA GLU E 297 14.05 22.66 -75.43
C GLU E 297 14.09 21.72 -76.61
N ILE E 298 14.24 20.43 -76.35
CA ILE E 298 14.31 19.48 -77.44
C ILE E 298 13.02 19.49 -78.23
N MET E 299 11.90 19.42 -77.54
CA MET E 299 10.65 19.43 -78.25
C MET E 299 10.46 20.71 -79.03
N LEU E 300 10.86 21.84 -78.44
CA LEU E 300 10.68 23.08 -79.13
C LEU E 300 11.51 23.10 -80.39
N GLU E 301 12.74 22.59 -80.30
CA GLU E 301 13.61 22.61 -81.46
C GLU E 301 13.04 21.81 -82.58
N ILE E 302 12.51 20.65 -82.25
CA ILE E 302 11.99 19.80 -83.28
C ILE E 302 10.83 20.42 -83.97
N ASN E 303 9.90 20.96 -83.20
CA ASN E 303 8.77 21.54 -83.83
C ASN E 303 9.17 22.73 -84.68
N ARG E 304 10.13 23.52 -84.17
CA ARG E 304 10.63 24.71 -84.89
C ARG E 304 11.30 24.25 -86.19
N GLU E 305 11.99 23.12 -86.15
CA GLU E 305 12.65 22.56 -87.29
C GLU E 305 11.64 22.19 -88.34
N VAL E 306 10.54 21.58 -87.93
CA VAL E 306 9.54 21.24 -88.91
C VAL E 306 9.04 22.49 -89.60
N VAL E 307 8.74 23.52 -88.84
CA VAL E 307 8.23 24.73 -89.46
C VAL E 307 9.24 25.29 -90.43
N ASP E 308 10.50 25.31 -90.04
CA ASP E 308 11.52 25.82 -90.93
C ASP E 308 11.60 24.97 -92.18
N TRP E 309 11.46 23.64 -92.06
CA TRP E 309 11.49 22.81 -93.25
C TRP E 309 10.32 23.12 -94.14
N ILE E 310 9.21 23.50 -93.55
CA ILE E 310 8.09 23.87 -94.37
C ILE E 310 8.47 25.10 -95.15
N ASN E 311 9.01 26.09 -94.46
CA ASN E 311 9.36 27.31 -95.16
C ASN E 311 10.44 27.07 -96.21
N TYR E 312 11.37 26.17 -95.88
CA TYR E 312 12.55 25.85 -96.73
C TYR E 312 12.12 25.18 -98.03
N SER E 313 11.20 24.21 -97.97
CA SER E 313 10.82 23.52 -99.16
C SER E 313 9.68 24.17 -99.92
N ALA E 314 8.88 25.01 -99.28
CA ALA E 314 7.75 25.63 -99.97
C ALA E 314 8.16 26.46 -101.17
N GLN E 315 7.32 26.43 -102.20
CA GLN E 315 7.52 27.20 -103.42
C GLN E 315 7.14 28.63 -103.14
N VAL E 316 7.61 29.59 -103.90
CA VAL E 316 7.16 30.95 -103.63
C VAL E 316 5.92 31.28 -104.46
N GLY E 317 4.89 31.81 -103.78
CA GLY E 317 3.60 32.18 -104.36
C GLY E 317 3.64 33.54 -105.03
N LYS E 318 2.46 34.05 -105.46
CA LYS E 318 2.40 35.32 -106.21
C LYS E 318 3.49 35.29 -107.25
N SER E 319 3.46 34.22 -108.00
CA SER E 319 4.45 33.93 -108.99
C SER E 319 3.81 33.06 -110.04
N GLY E 320 4.38 33.06 -111.23
CA GLY E 320 3.90 32.14 -112.24
C GLY E 320 2.42 32.32 -112.47
N MET E 321 1.71 31.22 -112.34
CA MET E 321 0.29 31.11 -112.55
C MET E 321 -0.57 31.87 -111.55
N THR E 322 0.02 32.32 -110.43
CA THR E 322 -0.71 33.08 -109.42
C THR E 322 -0.25 34.53 -109.36
N LEU E 323 0.54 34.93 -110.34
CA LEU E 323 1.09 36.27 -110.38
C LEU E 323 0.23 37.30 -111.08
N THR E 324 0.12 38.47 -110.47
CA THR E 324 -0.50 39.60 -111.14
C THR E 324 0.70 40.24 -111.82
N PRO E 325 0.72 40.44 -113.14
CA PRO E 325 1.87 40.92 -113.87
C PRO E 325 2.42 42.27 -113.45
N GLY E 326 1.59 43.13 -112.85
CA GLY E 326 2.08 44.44 -112.42
C GLY E 326 2.57 44.43 -110.97
N SER E 327 2.60 43.26 -110.36
CA SER E 327 2.96 43.10 -108.96
C SER E 327 4.43 43.08 -108.68
N LYS E 328 4.74 42.88 -107.41
CA LYS E 328 6.10 42.88 -106.90
C LYS E 328 6.74 41.50 -106.76
N ALA E 329 6.13 40.46 -107.34
CA ALA E 329 6.74 39.10 -107.37
C ALA E 329 7.00 38.41 -106.03
N GLY E 330 5.99 37.76 -105.47
CA GLY E 330 6.15 37.04 -104.21
C GLY E 330 5.74 37.77 -102.94
N VAL E 331 5.51 39.05 -103.05
CA VAL E 331 5.15 39.83 -101.88
C VAL E 331 3.84 40.57 -102.04
N PHE E 332 3.01 40.50 -101.00
CA PHE E 332 1.71 41.14 -100.93
C PHE E 332 1.73 42.41 -100.10
N ASP E 333 1.41 43.55 -100.72
CA ASP E 333 1.40 44.78 -99.93
C ASP E 333 -0.03 45.28 -99.65
N PHE E 334 -0.12 46.37 -98.91
CA PHE E 334 -1.36 47.10 -98.60
C PHE E 334 -1.19 48.52 -99.01
N GLN E 335 0.06 48.86 -99.27
CA GLN E 335 0.45 50.22 -99.63
C GLN E 335 0.59 50.35 -101.14
N ASP E 336 0.24 49.29 -101.85
CA ASP E 336 0.38 49.20 -103.30
C ASP E 336 -0.93 48.66 -103.92
N PRO E 337 -1.69 49.50 -104.66
CA PRO E 337 -3.02 49.24 -105.16
C PRO E 337 -3.07 48.03 -106.06
N ILE E 338 -1.93 47.63 -106.61
CA ILE E 338 -1.95 46.51 -107.51
C ILE E 338 -2.41 45.24 -106.81
N ASP E 339 -2.13 45.10 -105.52
CA ASP E 339 -2.52 43.87 -104.82
C ASP E 339 -3.85 43.94 -104.19
N ILE E 340 -4.50 45.09 -104.27
CA ILE E 340 -5.74 45.23 -103.59
C ILE E 340 -6.82 45.77 -104.51
N ARG E 341 -6.54 45.72 -105.80
CA ARG E 341 -7.45 46.18 -106.83
C ARG E 341 -7.99 47.59 -106.57
N GLY E 342 -7.07 48.46 -106.16
CA GLY E 342 -7.36 49.86 -105.93
C GLY E 342 -8.02 50.17 -104.59
N ALA E 343 -8.15 49.17 -103.73
CA ALA E 343 -8.81 49.34 -102.45
C ALA E 343 -8.18 50.38 -101.55
N ARG E 344 -9.06 50.94 -100.76
CA ARG E 344 -8.87 51.93 -99.74
C ARG E 344 -9.89 51.45 -98.76
N TRP E 345 -10.05 52.07 -97.60
CA TRP E 345 -11.15 51.60 -96.75
C TRP E 345 -10.95 50.16 -96.30
N ALA E 346 -10.17 49.94 -95.23
CA ALA E 346 -9.80 48.60 -94.75
C ALA E 346 -10.94 47.59 -94.85
N GLY E 347 -12.19 47.98 -94.59
CA GLY E 347 -13.30 47.01 -94.64
C GLY E 347 -13.36 46.26 -95.98
N GLU E 348 -12.85 46.91 -97.04
CA GLU E 348 -12.86 46.30 -98.40
C GLU E 348 -11.42 45.93 -98.80
N SER E 349 -10.43 46.67 -98.31
CA SER E 349 -9.04 46.38 -98.65
C SER E 349 -8.49 45.09 -98.10
N PHE E 350 -8.77 44.80 -96.85
CA PHE E 350 -8.12 43.64 -96.27
C PHE E 350 -8.51 42.34 -96.92
N LYS E 351 -9.70 42.29 -97.50
CA LYS E 351 -10.19 41.09 -98.14
C LYS E 351 -9.32 40.65 -99.29
N ALA E 352 -8.52 41.57 -99.80
CA ALA E 352 -7.65 41.27 -100.91
C ALA E 352 -6.69 40.15 -100.56
N LEU E 353 -6.27 40.08 -99.31
CA LEU E 353 -5.34 39.05 -98.96
C LEU E 353 -6.02 37.71 -99.02
N LEU E 354 -7.27 37.66 -98.58
CA LEU E 354 -7.98 36.40 -98.50
C LEU E 354 -8.09 35.85 -99.90
N PHE E 355 -8.33 36.75 -100.84
CA PHE E 355 -8.42 36.38 -102.23
C PHE E 355 -7.14 35.73 -102.69
N GLN E 356 -6.00 36.37 -102.42
CA GLN E 356 -4.75 35.77 -102.83
C GLN E 356 -4.52 34.43 -102.15
N ILE E 357 -4.93 34.31 -100.89
CA ILE E 357 -4.74 33.07 -100.19
C ILE E 357 -5.46 31.96 -100.90
N ASP E 358 -6.71 32.20 -101.29
CA ASP E 358 -7.39 31.16 -102.02
C ASP E 358 -6.62 30.84 -103.29
N LYS E 359 -6.14 31.85 -104.00
CA LYS E 359 -5.46 31.54 -105.24
C LYS E 359 -4.29 30.61 -105.02
N GLU E 360 -3.50 30.90 -103.98
CA GLU E 360 -2.30 30.09 -103.64
C GLU E 360 -2.73 28.67 -103.20
N ALA E 361 -3.83 28.55 -102.46
CA ALA E 361 -4.28 27.25 -101.99
C ALA E 361 -4.73 26.38 -103.16
N VAL E 362 -5.36 27.02 -104.13
CA VAL E 362 -5.84 26.34 -105.31
C VAL E 362 -4.67 25.90 -106.16
N GLU E 363 -3.70 26.78 -106.35
CA GLU E 363 -2.54 26.40 -107.11
C GLU E 363 -1.88 25.20 -106.47
N ILE E 364 -1.88 25.14 -105.15
CA ILE E 364 -1.28 23.99 -104.53
C ILE E 364 -1.99 22.75 -104.98
N ALA E 365 -3.31 22.75 -104.99
CA ALA E 365 -3.98 21.57 -105.50
C ALA E 365 -3.52 21.27 -106.92
N ARG E 366 -3.34 22.32 -107.71
CA ARG E 366 -2.89 22.14 -109.07
C ARG E 366 -1.52 21.48 -109.10
N GLN E 367 -0.68 21.78 -108.12
CA GLN E 367 0.66 21.22 -108.03
C GLN E 367 0.68 19.78 -107.52
N THR E 368 -0.14 19.45 -106.51
CA THR E 368 -0.08 18.12 -105.89
C THR E 368 -1.05 17.08 -106.43
N GLY E 369 -2.15 17.53 -107.00
CA GLY E 369 -3.16 16.62 -107.50
C GLY E 369 -4.03 16.05 -106.38
N ARG E 370 -3.95 16.61 -105.18
CA ARG E 370 -4.72 16.06 -104.08
C ARG E 370 -5.89 16.92 -103.62
N GLY E 371 -5.68 18.20 -103.40
CA GLY E 371 -6.80 19.04 -102.98
C GLY E 371 -6.34 20.40 -102.55
N GLU E 372 -7.29 21.33 -102.44
CA GLU E 372 -6.98 22.68 -102.06
C GLU E 372 -6.33 22.71 -100.71
N GLY E 373 -5.32 23.56 -100.58
CA GLY E 373 -4.62 23.69 -99.32
C GLY E 373 -5.64 23.81 -98.20
N ASN E 374 -5.30 23.28 -97.04
CA ASN E 374 -6.23 23.28 -95.93
C ASN E 374 -5.65 23.83 -94.65
N PHE E 375 -4.49 24.49 -94.77
CA PHE E 375 -3.84 25.04 -93.55
C PHE E 375 -2.85 26.16 -93.91
N ILE E 376 -2.83 27.19 -93.05
CA ILE E 376 -1.96 28.33 -93.14
C ILE E 376 -1.25 28.61 -91.84
N ILE E 377 0.01 28.94 -91.93
CA ILE E 377 0.72 29.37 -90.76
C ILE E 377 1.23 30.76 -91.07
N ALA E 378 1.02 31.69 -90.15
CA ALA E 378 1.41 33.05 -90.48
C ALA E 378 1.83 33.88 -89.31
N SER E 379 2.57 34.93 -89.61
CA SER E 379 2.95 35.89 -88.59
C SER E 379 1.77 36.42 -87.83
N ARG E 380 2.01 36.72 -86.58
CA ARG E 380 1.00 37.25 -85.71
C ARG E 380 0.35 38.52 -86.29
N ASN E 381 1.10 39.28 -87.10
CA ASN E 381 0.51 40.48 -87.68
C ASN E 381 -0.51 40.14 -88.76
N VAL E 382 -0.30 39.03 -89.46
CA VAL E 382 -1.17 38.60 -90.53
C VAL E 382 -2.45 38.14 -89.93
N VAL E 383 -2.30 37.36 -88.87
CA VAL E 383 -3.44 36.82 -88.22
C VAL E 383 -4.25 37.94 -87.63
N ASN E 384 -3.60 38.93 -87.01
CA ASN E 384 -4.35 40.06 -86.48
C ASN E 384 -5.23 40.66 -87.57
N VAL E 385 -4.71 40.76 -88.80
CA VAL E 385 -5.54 41.21 -89.89
C VAL E 385 -6.65 40.22 -90.17
N LEU E 386 -6.35 38.93 -90.26
CA LEU E 386 -7.40 37.97 -90.59
C LEU E 386 -8.53 37.98 -89.58
N ALA E 387 -8.19 38.12 -88.31
CA ALA E 387 -9.15 38.06 -87.23
C ALA E 387 -10.01 39.29 -87.11
N SER E 388 -9.67 40.34 -87.84
CA SER E 388 -10.35 41.60 -87.76
C SER E 388 -11.16 41.91 -89.02
N VAL E 389 -11.17 40.98 -89.98
CA VAL E 389 -11.90 41.21 -91.23
C VAL E 389 -12.96 40.15 -91.36
N ASP E 390 -14.10 40.50 -91.88
CA ASP E 390 -15.07 39.44 -92.06
C ASP E 390 -14.59 38.62 -93.22
N THR E 391 -14.21 37.39 -93.00
CA THR E 391 -13.65 36.58 -94.05
C THR E 391 -14.73 35.93 -94.91
N GLY E 392 -15.98 36.08 -94.51
CA GLY E 392 -17.05 35.50 -95.28
C GLY E 392 -17.33 36.42 -96.46
N ILE E 393 -18.32 36.10 -97.26
CA ILE E 393 -18.56 36.94 -98.42
C ILE E 393 -19.58 37.99 -98.11
N SER E 394 -19.15 39.23 -98.13
CA SER E 394 -20.03 40.34 -97.79
C SER E 394 -19.55 41.61 -98.42
N TYR E 395 -20.38 42.64 -98.36
CA TYR E 395 -20.08 43.94 -98.97
C TYR E 395 -18.73 44.47 -98.56
N ALA E 396 -18.54 44.61 -97.27
CA ALA E 396 -17.30 45.08 -96.68
C ALA E 396 -17.46 44.91 -95.20
N ALA E 397 -16.40 44.70 -94.44
CA ALA E 397 -16.61 44.75 -92.99
C ALA E 397 -15.28 44.68 -92.25
N GLN E 398 -15.21 45.48 -91.19
CA GLN E 398 -14.03 45.60 -90.34
C GLN E 398 -14.40 45.74 -88.87
N GLY E 399 -13.58 45.19 -87.98
CA GLY E 399 -13.76 45.36 -86.54
C GLY E 399 -12.51 44.93 -85.80
N LEU E 400 -12.67 44.60 -84.54
CA LEU E 400 -11.57 44.15 -83.70
C LEU E 400 -11.17 42.75 -84.05
N ALA E 401 -9.92 42.43 -83.74
CA ALA E 401 -9.36 41.13 -84.03
C ALA E 401 -9.86 40.06 -83.08
N THR E 402 -11.11 39.67 -83.25
CA THR E 402 -11.73 38.68 -82.39
C THR E 402 -12.10 37.37 -83.13
N GLY E 403 -11.99 37.34 -84.46
CA GLY E 403 -12.36 36.17 -85.28
C GLY E 403 -11.59 34.88 -84.95
N PHE E 404 -10.31 35.01 -84.61
CA PHE E 404 -9.49 33.81 -84.31
C PHE E 404 -8.54 34.15 -83.16
N SER E 405 -8.26 33.17 -82.28
CA SER E 405 -7.38 33.46 -81.19
C SER E 405 -6.17 34.10 -81.85
N THR E 406 -5.58 35.09 -81.23
CA THR E 406 -4.41 35.71 -81.83
C THR E 406 -3.18 35.58 -80.96
N ASP E 407 -3.37 35.05 -79.76
CA ASP E 407 -2.27 34.95 -78.84
C ASP E 407 -1.35 33.85 -79.23
N THR E 408 -0.15 33.92 -78.70
CA THR E 408 0.85 32.89 -78.81
C THR E 408 1.26 32.56 -77.39
N THR E 409 0.29 32.64 -76.47
CA THR E 409 0.57 32.45 -75.05
C THR E 409 -0.24 31.33 -74.44
N LYS E 410 -1.33 30.99 -75.11
CA LYS E 410 -2.21 29.92 -74.69
C LYS E 410 -2.03 28.82 -75.71
N SER E 411 -2.10 29.25 -76.96
CA SER E 411 -1.98 28.35 -78.09
C SER E 411 -1.17 28.98 -79.18
N VAL E 412 -1.18 28.32 -80.32
CA VAL E 412 -0.49 28.76 -81.53
C VAL E 412 -1.47 28.54 -82.64
N PHE E 413 -2.55 27.88 -82.28
CA PHE E 413 -3.60 27.59 -83.21
C PHE E 413 -4.65 28.64 -83.03
N ALA E 414 -4.85 29.41 -84.09
CA ALA E 414 -5.74 30.54 -84.07
C ALA E 414 -7.19 30.12 -84.31
N GLY E 415 -7.37 29.15 -85.20
CA GLY E 415 -8.74 28.73 -85.54
C GLY E 415 -8.86 28.33 -86.98
N VAL E 416 -10.09 28.28 -87.50
CA VAL E 416 -10.24 27.83 -88.87
C VAL E 416 -10.79 28.93 -89.79
N LEU E 417 -10.02 29.25 -90.79
CA LEU E 417 -10.29 30.36 -91.68
C LEU E 417 -11.34 30.04 -92.67
N GLY E 418 -12.50 30.68 -92.47
CA GLY E 418 -13.66 30.47 -93.30
C GLY E 418 -14.26 29.12 -93.05
N GLY E 419 -13.82 28.44 -92.01
CA GLY E 419 -14.28 27.08 -91.81
C GLY E 419 -13.53 26.15 -92.78
N LYS E 420 -12.53 26.69 -93.49
CA LYS E 420 -11.77 25.94 -94.48
C LYS E 420 -10.31 25.67 -94.15
N TYR E 421 -9.57 26.65 -93.64
CA TYR E 421 -8.12 26.37 -93.44
C TYR E 421 -7.71 26.45 -91.97
N ARG E 422 -6.86 25.51 -91.52
CA ARG E 422 -6.37 25.58 -90.14
C ARG E 422 -5.29 26.63 -90.00
N VAL E 423 -5.57 27.67 -89.20
CA VAL E 423 -4.67 28.80 -89.02
C VAL E 423 -3.82 28.69 -87.78
N TYR E 424 -2.50 28.63 -88.01
CA TYR E 424 -1.47 28.57 -86.94
C TYR E 424 -0.64 29.86 -87.00
N ILE E 425 -0.07 30.26 -85.86
CA ILE E 425 0.72 31.46 -85.80
C ILE E 425 2.21 31.20 -85.75
N ASP E 426 2.94 31.79 -86.67
CA ASP E 426 4.37 31.62 -86.62
C ASP E 426 4.90 32.59 -85.61
N GLN E 427 4.93 32.14 -84.38
CA GLN E 427 5.28 32.98 -83.25
C GLN E 427 6.71 33.50 -83.34
N TYR E 428 7.55 32.91 -84.19
CA TYR E 428 8.92 33.34 -84.34
C TYR E 428 9.23 33.82 -85.74
N ALA E 429 8.23 34.25 -86.49
CA ALA E 429 8.46 34.69 -87.85
C ALA E 429 9.58 35.71 -87.90
N LYS E 430 10.47 35.57 -88.88
CA LYS E 430 11.57 36.51 -88.96
C LYS E 430 11.14 37.87 -89.46
N GLN E 431 10.19 37.91 -90.39
CA GLN E 431 9.78 39.22 -90.86
C GLN E 431 8.29 39.44 -90.68
N ASP E 432 7.54 38.98 -91.68
CA ASP E 432 6.09 39.07 -91.75
C ASP E 432 5.74 38.29 -92.99
N TYR E 433 4.91 37.26 -92.87
CA TYR E 433 4.57 36.56 -94.13
C TYR E 433 3.53 35.49 -93.82
N PHE E 434 3.55 34.43 -94.61
CA PHE E 434 2.58 33.34 -94.35
C PHE E 434 2.73 32.21 -95.39
N THR E 435 2.79 30.96 -94.91
CA THR E 435 2.90 29.81 -95.77
C THR E 435 1.58 29.05 -95.76
N VAL E 436 1.18 28.60 -96.92
CA VAL E 436 -0.03 27.82 -97.01
C VAL E 436 0.26 26.46 -97.57
N GLY E 437 -0.63 25.52 -97.29
CA GLY E 437 -0.43 24.18 -97.81
C GLY E 437 -1.56 23.20 -97.59
N TYR E 438 -1.36 21.99 -98.13
CA TYR E 438 -2.42 20.95 -98.05
C TYR E 438 -1.88 19.65 -97.44
N LYS E 439 -2.66 19.09 -96.50
CA LYS E 439 -2.35 17.82 -95.85
C LYS E 439 -3.63 16.99 -95.88
N GLY E 440 -3.51 15.76 -96.37
CA GLY E 440 -4.68 14.91 -96.51
C GLY E 440 -4.93 14.02 -95.29
N PRO E 441 -6.04 13.24 -95.28
CA PRO E 441 -6.42 12.28 -94.26
C PRO E 441 -5.49 11.09 -94.20
N ASN E 442 -4.77 10.89 -95.30
CA ASN E 442 -3.83 9.82 -95.47
C ASN E 442 -2.52 10.30 -94.92
N GLU E 443 -1.98 9.65 -93.92
CA GLU E 443 -0.75 10.16 -93.33
C GLU E 443 0.40 10.27 -94.31
N MET E 444 0.37 9.50 -95.40
CA MET E 444 1.45 9.55 -96.36
C MET E 444 1.24 10.64 -97.40
N ASP E 445 0.11 11.34 -97.33
CA ASP E 445 -0.23 12.45 -98.22
C ASP E 445 0.02 13.81 -97.56
N ALA E 446 1.27 14.25 -97.41
CA ALA E 446 1.48 15.48 -96.67
C ALA E 446 2.59 16.37 -97.22
N GLY E 447 3.43 15.85 -98.08
CA GLY E 447 4.57 16.64 -98.55
C GLY E 447 5.74 16.52 -97.58
N ILE E 448 5.49 16.94 -96.36
CA ILE E 448 6.44 16.87 -95.25
C ILE E 448 6.03 15.85 -94.23
N TYR E 449 6.99 15.02 -93.86
CA TYR E 449 6.74 13.95 -92.92
C TYR E 449 7.69 13.97 -91.74
N TYR E 450 7.13 13.72 -90.55
CA TYR E 450 7.87 13.55 -89.30
C TYR E 450 7.72 12.11 -88.91
N ALA E 451 8.80 11.42 -88.52
CA ALA E 451 8.64 10.00 -88.22
C ALA E 451 9.38 9.53 -86.98
N PRO E 452 8.88 9.79 -85.77
CA PRO E 452 9.58 9.57 -84.53
C PRO E 452 9.84 8.11 -84.28
N TYR E 453 11.01 7.81 -83.72
CA TYR E 453 11.41 6.41 -83.40
C TYR E 453 11.78 6.30 -81.91
N VAL E 454 12.58 7.26 -81.43
CA VAL E 454 13.06 7.34 -80.06
C VAL E 454 12.74 8.71 -79.53
N ALA E 455 12.20 8.85 -78.34
CA ALA E 455 11.98 10.21 -77.89
C ALA E 455 12.10 10.39 -76.42
N LEU E 456 12.75 11.50 -76.07
CA LEU E 456 12.89 11.97 -74.71
C LEU E 456 13.30 10.91 -73.73
N THR E 457 14.31 10.14 -74.06
CA THR E 457 14.76 9.16 -73.13
C THR E 457 15.57 9.88 -72.08
N PRO E 458 15.25 9.79 -70.79
CA PRO E 458 15.97 10.42 -69.72
C PRO E 458 17.21 9.63 -69.46
N LEU E 459 18.24 10.29 -68.99
CA LEU E 459 19.44 9.64 -68.58
C LEU E 459 19.88 10.23 -67.25
N ARG E 460 20.36 9.39 -66.32
CA ARG E 460 20.83 9.90 -65.02
C ARG E 460 22.08 9.17 -64.52
N GLY E 461 22.92 9.88 -63.76
CA GLY E 461 24.11 9.31 -63.10
C GLY E 461 24.87 10.43 -62.38
N SER E 462 26.10 10.16 -61.94
CA SER E 462 26.92 11.18 -61.27
C SER E 462 28.39 10.85 -61.45
N ASP E 463 29.22 11.88 -61.51
CA ASP E 463 30.66 11.69 -61.71
C ASP E 463 31.40 11.59 -60.38
N PRO E 464 31.93 10.42 -59.99
CA PRO E 464 32.53 10.11 -58.70
C PRO E 464 33.72 10.98 -58.38
N LYS E 465 34.29 11.64 -59.37
CA LYS E 465 35.42 12.50 -59.04
C LYS E 465 34.99 13.64 -58.12
N ASN E 466 33.71 14.04 -58.18
CA ASN E 466 33.23 15.12 -57.33
C ASN E 466 31.80 14.83 -56.96
N PHE E 467 31.34 13.70 -57.45
CA PHE E 467 30.00 13.13 -57.25
C PHE E 467 28.88 14.04 -57.69
N GLN E 468 29.18 14.98 -58.54
CA GLN E 468 28.14 15.86 -58.96
C GLN E 468 27.28 15.11 -59.97
N PRO E 469 25.97 15.32 -59.95
CA PRO E 469 25.00 14.67 -60.81
C PRO E 469 25.10 15.08 -62.24
N VAL E 470 24.74 14.15 -63.08
CA VAL E 470 24.60 14.41 -64.49
C VAL E 470 23.25 13.86 -64.91
N MET E 471 22.54 14.64 -65.66
CA MET E 471 21.24 14.28 -66.13
C MET E 471 21.07 14.78 -67.53
N GLY E 472 20.26 14.10 -68.34
CA GLY E 472 19.99 14.55 -69.69
C GLY E 472 18.94 13.75 -70.44
N PHE E 473 18.69 14.15 -71.70
CA PHE E 473 17.65 13.44 -72.49
C PHE E 473 18.08 13.27 -73.94
N LYS E 474 17.62 12.18 -74.55
CA LYS E 474 17.87 11.84 -75.96
C LYS E 474 16.63 11.54 -76.82
N THR E 475 16.65 12.07 -78.04
CA THR E 475 15.61 11.86 -79.06
C THR E 475 16.20 11.51 -80.43
N ARG E 476 15.49 10.68 -81.20
CA ARG E 476 15.90 10.32 -82.57
C ARG E 476 14.68 10.09 -83.48
N TYR E 477 14.68 10.75 -84.64
CA TYR E 477 13.49 10.58 -85.47
C TYR E 477 13.64 10.55 -86.97
N GLY E 478 14.15 11.60 -87.55
CA GLY E 478 14.19 11.63 -88.99
C GLY E 478 12.91 12.21 -89.52
N ILE E 479 13.06 12.88 -90.64
CA ILE E 479 12.00 13.51 -91.38
C ILE E 479 12.13 13.14 -92.82
N GLY E 480 11.14 13.45 -93.61
CA GLY E 480 11.28 13.21 -95.02
C GLY E 480 10.30 13.98 -95.85
N ILE E 481 10.42 13.79 -97.14
CA ILE E 481 9.58 14.46 -98.11
C ILE E 481 8.90 13.49 -99.05
N ASN E 482 7.80 13.93 -99.61
CA ASN E 482 6.98 13.14 -100.51
C ASN E 482 7.68 12.86 -101.82
N PRO E 483 7.61 11.65 -102.35
CA PRO E 483 8.09 11.39 -103.65
C PRO E 483 7.18 12.28 -104.42
N PHE E 484 7.63 12.81 -105.52
CA PHE E 484 6.85 13.70 -106.35
C PHE E 484 6.67 15.10 -105.75
N ALA E 485 7.23 15.40 -104.57
CA ALA E 485 7.07 16.73 -104.00
C ALA E 485 7.59 17.79 -104.94
N GLU E 486 8.68 17.50 -105.63
CA GLU E 486 9.22 18.50 -106.55
C GLU E 486 8.22 18.83 -107.62
N SER E 487 7.62 17.78 -108.15
CA SER E 487 6.63 17.70 -109.21
C SER E 487 7.17 18.06 -110.60
N ALA E 488 8.19 18.88 -110.67
CA ALA E 488 8.69 19.29 -111.97
C ALA E 488 9.18 18.11 -112.77
N ALA E 489 9.89 17.21 -112.10
CA ALA E 489 10.42 16.03 -112.73
C ALA E 489 9.43 14.92 -112.65
N GLN E 490 9.32 14.17 -113.72
CA GLN E 490 8.42 13.05 -113.70
C GLN E 490 8.98 11.87 -112.94
N ALA E 491 10.30 11.86 -112.74
CA ALA E 491 10.96 10.77 -112.07
C ALA E 491 12.39 11.12 -111.63
N PRO E 492 12.90 10.52 -110.54
CA PRO E 492 14.25 10.59 -110.02
C PRO E 492 15.28 9.76 -110.73
N ALA E 493 16.52 10.17 -110.57
CA ALA E 493 17.65 9.39 -111.02
C ALA E 493 17.78 8.06 -110.27
N SER E 494 18.27 7.06 -111.01
CA SER E 494 18.66 5.73 -110.54
C SER E 494 17.61 4.89 -109.82
N ARG E 495 16.34 5.26 -109.91
CA ARG E 495 15.25 4.54 -109.27
C ARG E 495 15.39 4.47 -107.74
N ILE E 496 16.22 5.34 -107.18
CA ILE E 496 16.35 5.35 -105.74
C ILE E 496 16.91 6.66 -105.26
N GLN E 497 16.32 7.15 -104.19
CA GLN E 497 16.81 8.39 -103.64
C GLN E 497 16.60 8.54 -102.16
N SER E 498 17.36 9.41 -101.57
CA SER E 498 17.06 9.73 -100.20
C SER E 498 15.73 10.41 -100.17
N GLY E 499 14.93 10.09 -99.17
CA GLY E 499 13.64 10.70 -98.94
C GLY E 499 13.79 11.87 -97.99
N MET E 500 15.02 12.16 -97.60
CA MET E 500 15.28 13.23 -96.68
C MET E 500 15.39 14.51 -97.50
N PRO E 501 15.07 15.67 -96.95
CA PRO E 501 15.22 16.92 -97.61
C PRO E 501 16.67 17.27 -97.76
N SER E 502 16.95 18.07 -98.76
CA SER E 502 18.27 18.59 -99.04
C SER E 502 18.04 19.76 -99.96
N ILE E 503 19.08 20.52 -100.26
CA ILE E 503 18.85 21.64 -101.16
C ILE E 503 18.41 21.14 -102.50
N LEU E 504 19.14 20.18 -103.02
CA LEU E 504 18.85 19.65 -104.33
C LEU E 504 17.50 18.98 -104.36
N ASN E 505 17.15 18.30 -103.29
CA ASN E 505 15.90 17.59 -103.29
C ASN E 505 14.69 18.48 -103.18
N SER E 506 14.75 19.51 -102.34
CA SER E 506 13.53 20.27 -102.18
C SER E 506 13.58 21.77 -101.88
N LEU E 507 14.71 22.45 -101.94
CA LEU E 507 14.62 23.85 -101.51
C LEU E 507 13.82 24.65 -102.51
N GLY E 508 12.71 25.21 -102.05
CA GLY E 508 11.81 26.00 -102.87
C GLY E 508 11.01 25.18 -103.88
N LYS E 509 10.96 23.86 -103.72
CA LYS E 509 10.32 23.01 -104.71
C LYS E 509 9.01 22.31 -104.34
N ASN E 510 8.70 22.20 -103.07
CA ASN E 510 7.61 21.35 -102.61
C ASN E 510 6.22 21.79 -103.02
N ALA E 511 5.58 20.92 -103.80
CA ALA E 511 4.26 21.09 -104.39
C ALA E 511 3.17 21.35 -103.39
N TYR E 512 3.37 20.89 -102.16
CA TYR E 512 2.36 21.01 -101.12
C TYR E 512 2.30 22.35 -100.43
N PHE E 513 3.30 23.21 -100.63
CA PHE E 513 3.24 24.48 -99.86
C PHE E 513 3.77 25.66 -100.69
N ARG E 514 3.21 26.85 -100.41
CA ARG E 514 3.64 28.08 -101.06
C ARG E 514 3.86 29.24 -100.08
N ARG E 515 4.90 30.03 -100.32
CA ARG E 515 5.27 31.16 -99.47
C ARG E 515 4.73 32.47 -99.96
N VAL E 516 4.36 33.32 -99.02
CA VAL E 516 3.96 34.67 -99.33
C VAL E 516 4.63 35.66 -98.40
N TYR E 517 5.26 36.68 -98.95
CA TYR E 517 5.86 37.69 -98.11
C TYR E 517 4.83 38.76 -97.86
N VAL E 518 4.78 39.28 -96.65
CA VAL E 518 3.79 40.28 -96.35
C VAL E 518 4.38 41.59 -95.85
N LYS E 519 3.94 42.68 -96.43
CA LYS E 519 4.42 43.97 -95.98
C LYS E 519 3.28 44.96 -95.97
N GLY E 520 3.47 46.11 -95.35
CA GLY E 520 2.47 47.16 -95.39
C GLY E 520 1.35 47.09 -94.35
N ILE E 521 1.37 46.10 -93.45
CA ILE E 521 0.29 46.04 -92.47
C ILE E 521 0.29 47.31 -91.63
N ALA F 66 -47.42 104.39 -44.02
CA ALA F 66 -47.34 103.00 -44.44
C ALA F 66 -46.00 102.41 -44.11
N GLU F 67 -45.99 101.40 -43.23
CA GLU F 67 -44.73 100.70 -42.89
C GLU F 67 -44.35 99.86 -44.14
N ILE F 68 -43.13 100.04 -44.67
CA ILE F 68 -42.79 99.34 -45.86
C ILE F 68 -41.80 98.22 -45.63
N GLY F 69 -41.74 97.36 -46.63
CA GLY F 69 -40.86 96.22 -46.71
C GLY F 69 -39.45 96.69 -46.80
N GLY F 70 -39.22 97.57 -47.75
CA GLY F 70 -37.90 98.07 -47.97
C GLY F 70 -37.20 96.89 -48.55
N ASP F 71 -35.89 96.93 -48.62
CA ASP F 71 -35.26 95.79 -49.22
C ASP F 71 -33.80 95.70 -48.89
N HIS F 72 -33.16 94.69 -49.41
CA HIS F 72 -31.75 94.48 -49.29
C HIS F 72 -31.05 95.20 -50.43
N GLY F 73 -29.78 95.48 -50.26
CA GLY F 73 -29.02 96.16 -51.31
C GLY F 73 -28.22 95.26 -52.24
N TYR F 74 -28.50 93.96 -52.29
CA TYR F 74 -27.72 93.00 -53.07
C TYR F 74 -26.31 92.89 -52.52
N ASN F 75 -26.17 93.31 -51.29
CA ASN F 75 -24.97 93.27 -50.50
C ASN F 75 -25.02 91.99 -49.73
N ALA F 76 -24.17 91.04 -50.10
CA ALA F 76 -24.30 89.72 -49.50
C ALA F 76 -24.20 89.78 -47.99
N THR F 77 -23.35 90.66 -47.46
CA THR F 77 -23.24 90.77 -46.02
C THR F 77 -24.54 91.24 -45.43
N ASN F 78 -25.10 92.30 -46.01
CA ASN F 78 -26.33 92.83 -45.46
C ASN F 78 -27.44 91.82 -45.57
N ILE F 79 -27.42 91.04 -46.64
CA ILE F 79 -28.44 90.05 -46.81
C ILE F 79 -28.33 89.02 -45.73
N ALA F 80 -27.13 88.51 -45.56
CA ALA F 80 -26.92 87.47 -44.58
C ALA F 80 -27.33 87.93 -43.20
N ALA F 81 -27.08 89.19 -42.91
CA ALA F 81 -27.39 89.76 -41.61
C ALA F 81 -28.86 90.03 -41.42
N GLY F 82 -29.66 89.97 -42.48
CA GLY F 82 -31.06 90.32 -42.38
C GLY F 82 -31.30 91.84 -42.34
N GLN F 83 -30.38 92.64 -42.90
CA GLN F 83 -30.55 94.07 -42.86
C GLN F 83 -31.22 94.62 -44.10
N THR F 84 -32.37 95.27 -43.91
CA THR F 84 -33.09 95.87 -45.02
C THR F 84 -33.32 97.32 -44.69
N SER F 85 -33.79 98.04 -45.68
CA SER F 85 -34.14 99.44 -45.58
C SER F 85 -35.53 99.71 -44.98
N GLY F 86 -36.29 98.66 -44.69
CA GLY F 86 -37.65 98.86 -44.20
C GLY F 86 -37.86 98.73 -42.71
N ALA F 87 -39.14 98.59 -42.37
CA ALA F 87 -39.67 98.51 -41.01
C ALA F 87 -39.20 97.31 -40.22
N VAL F 88 -38.99 96.19 -40.89
CA VAL F 88 -38.66 94.95 -40.22
C VAL F 88 -37.35 94.32 -40.60
N THR F 89 -36.53 94.05 -39.60
CA THR F 89 -35.28 93.35 -39.86
C THR F 89 -35.61 91.87 -40.04
N GLN F 90 -34.71 91.12 -40.62
CA GLN F 90 -35.01 89.73 -40.88
C GLN F 90 -34.25 88.80 -39.97
N ILE F 91 -34.77 87.60 -39.79
CA ILE F 91 -34.09 86.56 -39.01
C ILE F 91 -32.86 86.14 -39.76
N GLY F 92 -33.02 85.93 -41.04
CA GLY F 92 -31.94 85.55 -41.90
C GLY F 92 -32.44 84.59 -42.96
N PRO F 93 -31.69 84.42 -44.04
CA PRO F 93 -32.01 83.58 -45.15
C PRO F 93 -32.17 82.10 -44.82
N ALA F 94 -33.21 81.49 -45.39
CA ALA F 94 -33.49 80.07 -45.24
C ALA F 94 -32.38 79.23 -45.84
N VAL F 95 -32.14 78.06 -45.26
CA VAL F 95 -31.08 77.19 -45.76
C VAL F 95 -31.51 76.29 -46.92
N MET F 96 -30.80 76.44 -48.03
CA MET F 96 -30.95 75.71 -49.30
C MET F 96 -30.12 74.43 -49.33
N GLY F 97 -29.48 74.14 -48.22
CA GLY F 97 -28.61 72.98 -48.09
C GLY F 97 -27.21 73.39 -48.49
N MET F 98 -26.32 72.43 -48.70
CA MET F 98 -24.95 72.78 -49.01
C MET F 98 -24.36 71.90 -50.09
N VAL F 99 -23.44 72.45 -50.84
CA VAL F 99 -22.79 71.72 -51.90
C VAL F 99 -21.40 71.23 -51.55
N ARG F 100 -21.15 69.96 -51.81
CA ARG F 100 -19.85 69.36 -51.60
C ARG F 100 -19.50 68.60 -52.87
N ARG F 101 -18.21 68.34 -53.08
CA ARG F 101 -17.77 67.66 -54.34
C ARG F 101 -17.63 66.15 -54.14
N ALA F 102 -18.16 65.37 -55.08
CA ALA F 102 -18.06 63.93 -55.06
C ALA F 102 -16.59 63.56 -55.02
N ILE F 103 -16.29 62.44 -54.42
CA ILE F 103 -14.93 61.99 -54.42
C ILE F 103 -14.66 61.25 -55.71
N PRO F 104 -13.58 61.57 -56.43
CA PRO F 104 -13.23 60.95 -57.68
C PRO F 104 -12.98 59.47 -57.50
N ASN F 105 -13.27 58.73 -58.54
CA ASN F 105 -13.14 57.30 -58.60
C ASN F 105 -11.71 56.88 -58.91
N LEU F 106 -11.25 55.81 -58.27
CA LEU F 106 -9.91 55.28 -58.50
C LEU F 106 -9.91 53.83 -58.95
N ILE F 107 -8.81 53.42 -59.60
CA ILE F 107 -8.56 52.05 -60.06
C ILE F 107 -7.16 51.67 -59.67
N ALA F 108 -6.73 52.18 -58.54
CA ALA F 108 -5.34 52.11 -58.13
C ALA F 108 -4.75 50.74 -58.15
N PHE F 109 -5.50 49.71 -57.80
CA PHE F 109 -4.85 48.42 -57.78
C PHE F 109 -5.43 47.46 -58.80
N ASP F 110 -6.27 47.92 -59.71
CA ASP F 110 -6.92 46.97 -60.61
C ASP F 110 -5.97 46.16 -61.46
N ILE F 111 -4.87 46.76 -61.89
CA ILE F 111 -3.95 46.07 -62.76
C ILE F 111 -2.56 45.96 -62.21
N CYS F 112 -2.39 46.06 -60.90
CA CYS F 112 -1.02 45.93 -60.41
C CYS F 112 -0.94 44.71 -59.54
N GLY F 113 0.24 44.20 -59.32
CA GLY F 113 0.36 43.11 -58.41
C GLY F 113 0.41 43.74 -57.04
N VAL F 114 0.37 42.94 -55.99
CA VAL F 114 0.48 43.53 -54.68
C VAL F 114 1.64 42.93 -53.91
N GLN F 115 1.60 41.62 -53.72
CA GLN F 115 2.61 40.90 -52.95
C GLN F 115 3.04 41.76 -51.77
N PRO F 116 2.19 41.91 -50.77
CA PRO F 116 2.45 42.80 -49.66
C PRO F 116 3.66 42.26 -48.95
N MET F 117 4.43 43.15 -48.38
CA MET F 117 5.60 42.77 -47.63
C MET F 117 5.27 42.70 -46.16
N ASN F 118 6.07 41.96 -45.41
CA ASN F 118 5.96 41.93 -43.97
C ASN F 118 7.22 42.53 -43.33
N SER F 119 7.93 43.32 -44.10
CA SER F 119 9.13 44.05 -43.70
C SER F 119 9.21 45.10 -44.76
N PRO F 120 9.92 46.18 -44.60
CA PRO F 120 10.18 47.09 -45.68
C PRO F 120 11.24 46.44 -46.53
N THR F 121 11.38 46.88 -47.77
CA THR F 121 12.50 46.51 -48.62
C THR F 121 12.75 45.02 -48.72
N GLY F 122 11.72 44.30 -49.11
CA GLY F 122 11.81 42.88 -49.27
C GLY F 122 12.50 42.57 -50.57
N GLN F 123 12.49 41.29 -50.95
CA GLN F 123 13.23 40.85 -52.14
C GLN F 123 12.47 39.87 -53.01
N VAL F 124 12.65 39.95 -54.32
CA VAL F 124 12.00 39.05 -55.28
C VAL F 124 13.03 38.30 -56.05
N PHE F 125 12.76 37.05 -56.31
CA PHE F 125 13.68 36.23 -57.07
C PHE F 125 13.24 35.97 -58.48
N ALA F 126 14.20 35.64 -59.32
CA ALA F 126 13.83 35.25 -60.66
C ALA F 126 14.73 34.15 -61.18
N LEU F 127 14.11 33.29 -61.96
CA LEU F 127 14.78 32.18 -62.58
C LEU F 127 14.82 32.26 -64.09
N ARG F 128 16.02 32.24 -64.63
CA ARG F 128 16.20 32.29 -66.07
C ARG F 128 16.85 31.04 -66.57
N ALA F 129 16.21 30.37 -67.51
CA ALA F 129 16.83 29.17 -68.08
C ALA F 129 17.98 29.66 -68.94
N VAL F 130 19.11 28.99 -68.88
CA VAL F 130 20.28 29.42 -69.64
C VAL F 130 20.99 28.31 -70.37
N TYR F 131 21.40 28.56 -71.60
CA TYR F 131 22.15 27.52 -72.26
C TYR F 131 23.49 27.99 -72.78
N GLY F 132 24.39 27.01 -72.95
CA GLY F 132 25.73 27.28 -73.47
C GLY F 132 26.87 27.05 -72.46
N LYS F 133 26.65 26.15 -71.51
CA LYS F 133 27.61 25.73 -70.45
C LYS F 133 27.99 26.71 -69.36
N ASP F 134 27.41 27.89 -69.31
CA ASP F 134 27.78 28.80 -68.25
C ASP F 134 26.65 29.73 -67.88
N PRO F 135 25.91 29.45 -66.81
CA PRO F 135 24.77 30.22 -66.37
C PRO F 135 25.06 31.71 -66.32
N VAL F 136 26.29 32.12 -66.01
CA VAL F 136 26.54 33.54 -65.96
C VAL F 136 27.75 33.90 -66.78
N ALA F 137 27.52 34.37 -67.99
CA ALA F 137 28.61 34.72 -68.88
C ALA F 137 28.16 35.67 -69.96
N ALA F 138 29.09 36.45 -70.47
CA ALA F 138 28.75 37.24 -71.63
C ALA F 138 28.44 36.27 -72.73
N GLY F 139 27.39 36.53 -73.49
CA GLY F 139 27.05 35.68 -74.62
C GLY F 139 26.13 34.53 -74.23
N ALA F 140 25.89 34.33 -72.92
CA ALA F 140 25.02 33.26 -72.47
C ALA F 140 23.63 33.52 -73.03
N LYS F 141 22.89 32.47 -73.36
CA LYS F 141 21.56 32.74 -73.90
C LYS F 141 20.44 32.24 -73.02
N GLU F 142 19.39 33.05 -72.93
CA GLU F 142 18.22 32.65 -72.15
C GLU F 142 17.35 31.73 -72.99
N ALA F 143 17.16 30.52 -72.52
CA ALA F 143 16.48 29.49 -73.29
C ALA F 143 15.08 29.82 -73.72
N PHE F 144 14.34 30.51 -72.89
CA PHE F 144 12.97 30.77 -73.27
C PHE F 144 12.70 32.25 -73.39
N HIS F 145 13.70 33.01 -73.76
CA HIS F 145 13.44 34.43 -73.86
C HIS F 145 12.31 34.61 -74.86
N PRO F 146 11.23 35.32 -74.55
CA PRO F 146 10.11 35.50 -75.43
C PRO F 146 10.40 36.20 -76.73
N MET F 147 11.47 36.98 -76.82
CA MET F 147 11.69 37.68 -78.07
C MET F 147 12.52 36.93 -79.05
N TYR F 148 13.14 35.83 -78.63
CA TYR F 148 14.06 35.16 -79.57
C TYR F 148 13.67 33.69 -79.77
N GLY F 149 13.81 33.21 -81.01
CA GLY F 149 13.51 31.82 -81.28
C GLY F 149 14.54 30.96 -80.58
N PRO F 150 14.26 29.67 -80.44
CA PRO F 150 15.12 28.68 -79.84
C PRO F 150 16.28 28.38 -80.75
N ASP F 151 17.39 27.96 -80.21
CA ASP F 151 18.43 27.54 -81.10
C ASP F 151 18.14 26.15 -81.55
N ALA F 152 17.54 26.06 -82.72
CA ALA F 152 17.04 24.84 -83.30
C ALA F 152 18.12 23.78 -83.50
N MET F 153 19.39 24.20 -83.54
CA MET F 153 20.45 23.25 -83.72
C MET F 153 21.18 22.91 -82.45
N PHE F 154 20.83 23.51 -81.33
CA PHE F 154 21.68 23.36 -80.15
C PHE F 154 21.91 21.91 -79.73
N SER F 155 20.84 21.12 -79.63
CA SER F 155 20.96 19.72 -79.24
C SER F 155 21.38 18.78 -80.38
N GLY F 156 21.40 19.30 -81.61
CA GLY F 156 21.62 18.54 -82.83
C GLY F 156 22.97 18.90 -83.41
N GLN F 157 22.96 19.36 -84.67
CA GLN F 157 24.21 19.72 -85.32
C GLN F 157 25.07 20.72 -84.58
N GLY F 158 24.51 21.54 -83.71
CA GLY F 158 25.35 22.48 -82.99
C GLY F 158 26.50 21.79 -82.24
N ALA F 159 26.29 20.57 -81.76
CA ALA F 159 27.36 19.89 -81.06
C ALA F 159 28.18 19.03 -82.02
N ALA F 160 27.80 19.02 -83.29
CA ALA F 160 28.44 18.21 -84.31
C ALA F 160 29.53 18.98 -85.00
N LYS F 161 29.25 20.24 -85.27
CA LYS F 161 30.19 21.06 -86.00
C LYS F 161 29.99 22.52 -85.72
N LYS F 162 30.95 23.33 -86.11
CA LYS F 162 30.83 24.75 -85.90
C LYS F 162 30.11 25.40 -87.05
N PHE F 163 29.46 26.49 -86.72
CA PHE F 163 28.74 27.33 -87.64
C PHE F 163 29.26 28.74 -87.54
N PRO F 164 30.19 29.14 -88.41
CA PRO F 164 30.79 30.45 -88.41
C PRO F 164 29.65 31.41 -88.58
N ALA F 165 29.78 32.59 -88.03
CA ALA F 165 28.74 33.58 -88.19
C ALA F 165 28.92 34.32 -89.50
N LEU F 166 27.83 34.86 -89.99
CA LEU F 166 27.83 35.76 -91.11
C LEU F 166 28.41 37.05 -90.62
N ALA F 167 29.07 37.77 -91.50
CA ALA F 167 29.60 39.05 -91.09
C ALA F 167 29.73 39.92 -92.29
N ALA F 168 29.83 41.21 -92.05
CA ALA F 168 29.99 42.08 -93.19
C ALA F 168 31.21 41.67 -93.96
N SER F 169 31.08 41.67 -95.27
CA SER F 169 32.12 41.38 -96.27
C SER F 169 32.37 39.90 -96.51
N THR F 170 31.75 39.01 -95.76
CA THR F 170 32.03 37.61 -95.98
C THR F 170 31.26 37.12 -97.20
N GLN F 171 31.61 35.94 -97.68
CA GLN F 171 30.95 35.33 -98.83
C GLN F 171 30.65 33.88 -98.55
N THR F 172 29.47 33.43 -98.95
CA THR F 172 29.02 32.06 -98.74
C THR F 172 29.52 31.10 -99.81
N THR F 173 29.47 29.80 -99.52
CA THR F 173 29.76 28.75 -100.50
C THR F 173 28.51 27.92 -100.67
N VAL F 174 28.04 27.74 -101.88
CA VAL F 174 26.78 27.03 -101.96
C VAL F 174 26.86 25.66 -101.33
N GLY F 175 25.88 25.43 -100.48
CA GLY F 175 25.70 24.22 -99.70
C GLY F 175 26.13 24.33 -98.23
N ASP F 176 26.88 25.36 -97.85
CA ASP F 176 27.28 25.50 -96.46
C ASP F 176 26.21 26.20 -95.58
N ILE F 177 26.53 26.35 -94.28
CA ILE F 177 25.63 26.99 -93.33
C ILE F 177 26.31 27.98 -92.44
N TYR F 178 25.77 29.20 -92.40
CA TYR F 178 26.34 30.28 -91.55
C TYR F 178 25.27 30.79 -90.58
N THR F 179 25.69 31.19 -89.38
CA THR F 179 24.76 31.68 -88.39
C THR F 179 24.84 33.15 -88.06
N HIS F 180 23.94 33.55 -87.22
CA HIS F 180 23.82 34.92 -86.80
C HIS F 180 22.70 35.02 -85.81
N PHE F 181 22.55 36.20 -85.20
CA PHE F 181 21.46 36.45 -84.22
C PHE F 181 20.94 37.87 -84.44
N PHE F 182 19.70 38.01 -84.96
CA PHE F 182 19.22 39.33 -85.21
C PHE F 182 18.96 40.04 -83.89
N GLN F 183 19.00 41.36 -83.88
CA GLN F 183 18.68 42.02 -82.61
C GLN F 183 17.26 41.71 -82.14
N GLU F 184 16.37 41.53 -83.09
CA GLU F 184 14.99 41.16 -82.84
C GLU F 184 14.86 39.79 -83.49
N THR F 185 14.15 38.86 -82.87
CA THR F 185 13.89 37.45 -83.31
C THR F 185 15.11 36.52 -83.09
N GLY F 186 16.26 37.11 -82.90
CA GLY F 186 17.49 36.41 -82.54
C GLY F 186 18.05 35.38 -83.51
N THR F 187 18.39 34.24 -82.93
CA THR F 187 19.06 33.11 -83.55
C THR F 187 18.52 32.58 -84.85
N VAL F 188 19.44 32.43 -85.79
CA VAL F 188 19.13 31.89 -87.08
C VAL F 188 20.34 31.16 -87.66
N TYR F 189 20.07 30.15 -88.45
CA TYR F 189 21.06 29.45 -89.23
C TYR F 189 20.50 29.45 -90.61
N LEU F 190 21.35 29.74 -91.60
CA LEU F 190 20.90 29.82 -92.97
C LEU F 190 21.77 29.03 -93.92
N GLN F 191 21.14 28.29 -94.84
CA GLN F 191 21.91 27.60 -95.86
C GLN F 191 22.22 28.49 -97.01
N ALA F 192 23.40 28.27 -97.55
CA ALA F 192 23.86 28.99 -98.72
C ALA F 192 23.30 28.40 -99.98
N SER F 193 22.13 28.88 -100.35
CA SER F 193 21.54 28.36 -101.56
C SER F 193 22.26 29.05 -102.71
N VAL F 194 22.75 30.27 -102.44
CA VAL F 194 23.47 31.07 -103.41
C VAL F 194 24.79 31.59 -102.85
N GLN F 195 25.80 31.65 -103.72
CA GLN F 195 27.09 32.23 -103.38
C GLN F 195 26.94 33.73 -103.39
N VAL F 196 26.87 34.32 -102.21
CA VAL F 196 26.67 35.76 -102.13
C VAL F 196 27.60 36.36 -101.13
N THR F 197 27.81 37.65 -101.22
CA THR F 197 28.56 38.37 -100.22
C THR F 197 27.65 39.36 -99.58
N ILE F 198 27.92 39.67 -98.33
CA ILE F 198 27.03 40.58 -97.66
C ILE F 198 27.62 41.91 -97.24
N ASP F 199 27.25 42.96 -97.96
CA ASP F 199 27.62 44.33 -97.65
C ASP F 199 28.92 44.56 -96.92
N ALA F 200 30.03 44.56 -97.61
CA ALA F 200 31.27 44.82 -96.91
C ALA F 200 31.25 46.15 -96.14
N GLY F 201 30.37 47.09 -96.46
CA GLY F 201 30.32 48.36 -95.76
C GLY F 201 29.43 48.34 -94.51
N ALA F 202 28.84 47.19 -94.20
CA ALA F 202 27.98 47.11 -93.04
C ALA F 202 28.85 47.07 -91.80
N THR F 203 28.39 47.67 -90.73
CA THR F 203 29.13 47.64 -89.48
C THR F 203 28.23 47.16 -88.36
N ASP F 204 27.43 48.07 -87.84
CA ASP F 204 26.50 47.79 -86.77
C ASP F 204 25.56 46.71 -87.21
N ALA F 205 25.06 45.95 -86.23
CA ALA F 205 24.11 44.89 -86.49
C ALA F 205 22.92 45.42 -87.23
N ALA F 206 22.51 46.65 -86.99
CA ALA F 206 21.34 47.09 -87.72
C ALA F 206 21.53 46.99 -89.23
N LYS F 207 22.73 47.24 -89.72
CA LYS F 207 22.96 47.21 -91.15
C LYS F 207 23.09 45.79 -91.59
N LEU F 208 23.81 45.00 -90.79
CA LEU F 208 24.03 43.64 -91.19
C LEU F 208 22.71 42.88 -91.17
N ASP F 209 21.92 43.07 -90.12
CA ASP F 209 20.64 42.38 -90.03
C ASP F 209 19.82 42.67 -91.26
N ALA F 210 19.77 43.94 -91.67
CA ALA F 210 19.00 44.28 -92.84
C ALA F 210 19.50 43.59 -94.10
N GLU F 211 20.82 43.56 -94.28
CA GLU F 211 21.36 42.95 -95.49
C GLU F 211 21.15 41.45 -95.51
N ILE F 212 21.22 40.83 -94.34
CA ILE F 212 20.99 39.42 -94.27
C ILE F 212 19.56 39.16 -94.67
N LYS F 213 18.63 39.93 -94.13
CA LYS F 213 17.26 39.74 -94.50
C LYS F 213 17.05 39.91 -95.99
N LYS F 214 17.73 40.86 -96.63
CA LYS F 214 17.57 40.99 -98.08
C LYS F 214 17.97 39.71 -98.79
N GLN F 215 19.07 39.12 -98.35
CA GLN F 215 19.49 37.87 -98.95
C GLN F 215 18.52 36.74 -98.64
N MET F 216 17.88 36.80 -97.48
CA MET F 216 16.87 35.81 -97.16
C MET F 216 15.68 35.98 -98.11
N GLU F 217 15.24 37.21 -98.34
CA GLU F 217 14.10 37.47 -99.24
C GLU F 217 14.44 36.97 -100.63
N ALA F 218 15.69 37.14 -101.01
CA ALA F 218 16.22 36.73 -102.29
C ALA F 218 16.23 35.21 -102.44
N GLY F 219 16.11 34.50 -101.32
CA GLY F 219 16.17 33.06 -101.28
C GLY F 219 17.59 32.56 -101.23
N ALA F 220 18.58 33.48 -101.13
CA ALA F 220 20.00 33.17 -101.10
C ALA F 220 20.34 32.45 -99.81
N LEU F 221 19.69 32.91 -98.75
CA LEU F 221 19.89 32.37 -97.42
C LEU F 221 18.61 31.83 -96.85
N VAL F 222 18.60 30.55 -96.57
CA VAL F 222 17.37 29.91 -96.08
C VAL F 222 17.47 29.23 -94.72
N GLU F 223 16.50 29.54 -93.86
CA GLU F 223 16.42 29.00 -92.50
C GLU F 223 16.54 27.50 -92.48
N ILE F 224 17.40 27.03 -91.59
CA ILE F 224 17.69 25.62 -91.45
C ILE F 224 17.99 25.15 -90.04
N ALA F 225 17.69 23.89 -89.80
CA ALA F 225 18.02 23.20 -88.58
C ALA F 225 18.22 21.76 -88.98
N GLU F 226 19.04 21.04 -88.24
CA GLU F 226 19.31 19.64 -88.53
C GLU F 226 19.81 18.88 -87.29
N GLY F 227 19.54 17.59 -87.25
CA GLY F 227 19.98 16.73 -86.16
C GLY F 227 21.39 16.21 -86.33
N MET F 228 21.85 15.47 -85.35
CA MET F 228 23.16 14.87 -85.34
C MET F 228 23.13 13.43 -85.83
N ALA F 229 24.12 13.04 -86.60
CA ALA F 229 24.16 11.65 -87.01
C ALA F 229 24.39 10.75 -85.80
N THR F 230 23.83 9.55 -85.85
CA THR F 230 24.09 8.53 -84.84
C THR F 230 25.57 8.25 -84.84
N SER F 231 26.18 8.29 -86.01
CA SER F 231 27.61 8.04 -86.12
C SER F 231 28.43 8.98 -85.26
N ILE F 232 27.86 10.10 -84.86
CA ILE F 232 28.53 11.06 -84.03
C ILE F 232 28.04 10.89 -82.62
N ALA F 233 26.72 10.94 -82.46
CA ALA F 233 26.09 10.94 -81.15
C ALA F 233 26.46 9.71 -80.36
N GLU F 234 26.56 8.59 -81.05
CA GLU F 234 26.87 7.30 -80.47
C GLU F 234 28.19 7.33 -79.73
N LEU F 235 29.14 8.15 -80.16
CA LEU F 235 30.43 8.14 -79.50
C LEU F 235 30.74 9.49 -78.87
N GLN F 236 29.72 10.26 -78.56
CA GLN F 236 29.93 11.60 -78.04
C GLN F 236 30.57 11.53 -76.64
N GLU F 237 31.35 12.57 -76.30
CA GLU F 237 32.12 12.71 -75.06
C GLU F 237 33.28 11.75 -74.93
N GLY F 238 34.00 11.55 -76.01
CA GLY F 238 35.20 10.74 -76.01
C GLY F 238 34.93 9.25 -75.87
N PHE F 239 33.78 8.81 -76.31
CA PHE F 239 33.48 7.42 -76.14
C PHE F 239 34.29 6.59 -77.10
N ASN F 240 34.69 5.42 -76.64
CA ASN F 240 35.36 4.47 -77.49
C ASN F 240 36.60 5.01 -78.18
N GLY F 241 37.39 5.78 -77.46
CA GLY F 241 38.64 6.31 -77.99
C GLY F 241 38.53 7.60 -78.79
N SER F 242 37.32 8.09 -78.99
CA SER F 242 37.13 9.32 -79.71
C SER F 242 37.48 10.45 -78.80
N THR F 243 37.54 11.66 -79.32
CA THR F 243 37.76 12.81 -78.47
C THR F 243 37.24 14.11 -79.04
N ASP F 244 37.42 15.17 -78.25
CA ASP F 244 37.03 16.54 -78.61
C ASP F 244 35.61 16.64 -79.14
N ASN F 245 34.70 15.92 -78.52
CA ASN F 245 33.32 15.88 -78.96
C ASN F 245 32.28 15.87 -77.86
N PRO F 246 32.23 16.87 -76.99
CA PRO F 246 31.33 16.96 -75.85
C PRO F 246 29.89 17.25 -76.25
N TRP F 247 28.96 17.02 -75.32
CA TRP F 247 27.54 17.39 -75.47
C TRP F 247 27.35 18.85 -75.17
N ASN F 248 26.29 19.42 -75.71
CA ASN F 248 25.88 20.74 -75.29
C ASN F 248 25.06 20.62 -74.00
N GLU F 249 25.05 21.68 -73.20
CA GLU F 249 24.34 21.59 -71.90
C GLU F 249 23.58 22.88 -71.58
N MET F 250 22.53 22.74 -70.78
CA MET F 250 21.68 23.82 -70.30
C MET F 250 21.56 23.81 -68.79
N GLY F 251 21.38 24.97 -68.23
CA GLY F 251 21.16 25.14 -66.81
C GLY F 251 20.28 26.34 -66.64
N PHE F 252 20.53 27.09 -65.58
CA PHE F 252 19.79 28.28 -65.27
C PHE F 252 20.58 29.14 -64.34
N ARG F 253 20.12 30.36 -64.20
CA ARG F 253 20.68 31.26 -63.22
C ARG F 253 19.54 31.78 -62.39
N ILE F 254 19.87 32.12 -61.16
CA ILE F 254 18.90 32.70 -60.25
C ILE F 254 19.42 34.03 -59.74
N ASP F 255 18.53 35.00 -59.62
CA ASP F 255 18.92 36.32 -59.14
C ASP F 255 17.86 36.98 -58.28
N LYS F 256 18.19 38.15 -57.72
CA LYS F 256 17.19 38.83 -56.90
C LYS F 256 17.23 40.36 -56.91
N GLN F 257 16.07 40.97 -56.62
CA GLN F 257 15.96 42.43 -56.55
C GLN F 257 15.16 42.93 -55.35
N VAL F 258 15.44 44.16 -54.90
CA VAL F 258 14.68 44.71 -53.75
C VAL F 258 13.98 46.06 -53.96
N ILE F 259 12.96 46.32 -53.13
CA ILE F 259 12.23 47.59 -53.27
C ILE F 259 12.11 48.47 -52.04
N GLU F 260 12.70 49.65 -52.06
CA GLU F 260 12.56 50.51 -50.89
C GLU F 260 11.10 50.81 -50.61
N ALA F 261 10.67 50.60 -49.37
CA ALA F 261 9.27 50.85 -49.05
C ALA F 261 9.06 52.32 -48.74
N LYS F 262 9.14 53.15 -49.76
CA LYS F 262 9.07 54.58 -49.53
C LYS F 262 7.77 54.96 -48.85
N SER F 263 7.93 55.82 -47.85
CA SER F 263 6.88 56.35 -47.00
C SER F 263 5.98 57.45 -47.55
N ARG F 264 4.85 57.64 -46.89
CA ARG F 264 3.88 58.67 -47.21
C ARG F 264 2.98 58.94 -45.99
N GLN F 265 2.44 60.16 -45.85
CA GLN F 265 1.53 60.44 -44.73
C GLN F 265 0.97 61.84 -44.74
N LEU F 266 -0.17 62.03 -44.09
CA LEU F 266 -0.79 63.35 -43.92
C LEU F 266 -1.27 63.65 -42.53
N LYS F 267 -1.18 64.92 -42.17
CA LYS F 267 -1.70 65.38 -40.90
C LYS F 267 -2.92 66.28 -41.03
N ALA F 268 -3.81 66.19 -40.05
CA ALA F 268 -4.93 67.11 -39.94
C ALA F 268 -4.79 67.93 -38.65
N ALA F 269 -4.83 67.25 -37.51
CA ALA F 269 -4.70 67.87 -36.18
C ALA F 269 -5.54 69.14 -35.99
N TYR F 270 -6.84 69.06 -36.26
CA TYR F 270 -7.79 70.18 -36.20
C TYR F 270 -8.14 70.59 -34.77
N SER F 271 -8.63 71.82 -34.57
CA SER F 271 -9.03 72.29 -33.23
C SER F 271 -10.36 71.77 -32.68
N ILE F 272 -10.48 71.87 -31.36
CA ILE F 272 -11.68 71.51 -30.63
C ILE F 272 -12.84 72.43 -30.89
N GLU F 273 -12.59 73.71 -30.76
CA GLU F 273 -13.63 74.69 -30.90
C GLU F 273 -14.23 74.65 -32.29
N LEU F 274 -13.41 74.41 -33.30
CA LEU F 274 -14.00 74.35 -34.61
C LEU F 274 -14.96 73.20 -34.65
N ALA F 275 -14.52 72.03 -34.19
CA ALA F 275 -15.41 70.89 -34.26
C ALA F 275 -16.70 71.14 -33.50
N GLN F 276 -16.59 71.80 -32.35
CA GLN F 276 -17.77 72.05 -31.56
C GLN F 276 -18.75 72.88 -32.32
N ASP F 277 -18.25 73.85 -33.07
CA ASP F 277 -19.13 74.70 -33.80
C ASP F 277 -19.63 74.08 -35.08
N LEU F 278 -18.83 73.27 -35.76
CA LEU F 278 -19.28 72.67 -37.01
C LEU F 278 -20.51 71.84 -36.76
N ARG F 279 -20.51 71.18 -35.63
CA ARG F 279 -21.59 70.35 -35.19
C ARG F 279 -22.90 71.11 -35.06
N ALA F 280 -22.81 72.39 -34.78
CA ALA F 280 -23.95 73.23 -34.59
C ALA F 280 -24.41 73.89 -35.88
N VAL F 281 -23.68 73.67 -36.96
CA VAL F 281 -24.01 74.37 -38.18
C VAL F 281 -24.50 73.40 -39.22
N HIS F 282 -23.67 72.40 -39.54
CA HIS F 282 -24.10 71.44 -40.55
C HIS F 282 -24.23 70.06 -39.95
N GLY F 283 -24.12 70.00 -38.63
CA GLY F 283 -24.19 68.75 -37.90
C GLY F 283 -22.94 67.93 -38.07
N MET F 284 -21.85 68.57 -38.46
CA MET F 284 -20.65 67.82 -38.76
C MET F 284 -19.62 67.87 -37.65
N ASP F 285 -19.06 66.72 -37.31
CA ASP F 285 -17.99 66.65 -36.32
C ASP F 285 -16.69 67.01 -37.02
N ALA F 286 -16.67 66.60 -38.27
CA ALA F 286 -15.59 66.69 -39.22
C ALA F 286 -14.33 65.97 -38.80
N ASP F 287 -14.40 65.05 -37.84
CA ASP F 287 -13.25 64.25 -37.54
C ASP F 287 -13.27 63.33 -38.70
N ALA F 288 -14.48 62.79 -38.94
CA ALA F 288 -14.71 61.86 -40.00
C ALA F 288 -14.44 62.48 -41.35
N GLU F 289 -14.77 63.77 -41.51
CA GLU F 289 -14.56 64.39 -42.80
C GLU F 289 -13.11 64.58 -43.04
N LEU F 290 -12.39 65.03 -42.04
CA LEU F 290 -10.98 65.23 -42.26
C LEU F 290 -10.29 63.93 -42.44
N SER F 291 -10.69 62.93 -41.66
CA SER F 291 -10.08 61.64 -41.73
C SER F 291 -10.28 61.12 -43.12
N GLY F 292 -11.52 61.23 -43.59
CA GLY F 292 -11.93 60.80 -44.90
C GLY F 292 -11.08 61.48 -45.94
N ILE F 293 -10.98 62.80 -45.88
CA ILE F 293 -10.24 63.52 -46.87
C ILE F 293 -8.82 63.08 -46.90
N LEU F 294 -8.18 62.97 -45.75
CA LEU F 294 -6.79 62.59 -45.76
C LEU F 294 -6.59 61.21 -46.32
N ALA F 295 -7.39 60.24 -45.84
CA ALA F 295 -7.22 58.88 -46.31
C ALA F 295 -7.48 58.82 -47.80
N THR F 296 -8.46 59.59 -48.23
CA THR F 296 -8.85 59.66 -49.61
C THR F 296 -7.71 60.18 -50.42
N GLU F 297 -7.15 61.30 -49.96
CA GLU F 297 -6.00 61.96 -50.62
C GLU F 297 -4.85 60.97 -50.74
N ILE F 298 -4.62 60.14 -49.72
CA ILE F 298 -3.54 59.20 -49.80
C ILE F 298 -3.84 58.17 -50.86
N MET F 299 -5.04 57.61 -50.84
CA MET F 299 -5.36 56.61 -51.83
C MET F 299 -5.35 57.16 -53.25
N LEU F 300 -5.83 58.38 -53.45
CA LEU F 300 -5.84 58.99 -54.76
C LEU F 300 -4.44 59.30 -55.25
N GLU F 301 -3.58 59.75 -54.34
CA GLU F 301 -2.23 60.05 -54.75
C GLU F 301 -1.58 58.75 -55.18
N ILE F 302 -1.87 57.65 -54.48
CA ILE F 302 -1.33 56.35 -54.86
C ILE F 302 -1.91 55.96 -56.20
N ASN F 303 -3.22 56.13 -56.38
CA ASN F 303 -3.82 55.81 -57.66
C ASN F 303 -3.01 56.43 -58.77
N ARG F 304 -2.69 57.71 -58.62
CA ARG F 304 -1.88 58.30 -59.65
C ARG F 304 -0.50 57.75 -59.66
N GLU F 305 0.12 57.52 -58.51
CA GLU F 305 1.48 57.02 -58.55
C GLU F 305 1.57 55.76 -59.38
N VAL F 306 0.62 54.85 -59.21
CA VAL F 306 0.64 53.62 -59.95
C VAL F 306 0.50 53.92 -61.44
N VAL F 307 -0.45 54.76 -61.79
CA VAL F 307 -0.67 55.09 -63.18
C VAL F 307 0.53 55.76 -63.80
N ASP F 308 1.11 56.69 -63.08
CA ASP F 308 2.23 57.43 -63.55
C ASP F 308 3.41 56.50 -63.74
N TRP F 309 3.62 55.55 -62.83
CA TRP F 309 4.74 54.63 -63.01
C TRP F 309 4.51 53.83 -64.27
N ILE F 310 3.28 53.47 -64.52
CA ILE F 310 3.01 52.76 -65.74
C ILE F 310 3.33 53.61 -66.92
N ASN F 311 2.84 54.82 -66.96
CA ASN F 311 3.10 55.60 -68.13
C ASN F 311 4.57 55.91 -68.32
N TYR F 312 5.27 56.11 -67.20
CA TYR F 312 6.71 56.43 -67.20
C TYR F 312 7.54 55.24 -67.69
N SER F 313 7.19 54.02 -67.26
CA SER F 313 7.92 52.87 -67.67
C SER F 313 7.47 52.26 -68.97
N ALA F 314 6.22 52.47 -69.37
CA ALA F 314 5.71 51.88 -70.59
C ALA F 314 6.50 52.25 -71.84
N GLN F 315 6.69 51.26 -72.68
CA GLN F 315 7.35 51.47 -73.96
C GLN F 315 6.46 52.27 -74.90
N VAL F 316 7.07 52.91 -75.87
CA VAL F 316 6.35 53.65 -76.89
C VAL F 316 5.85 52.67 -77.96
N GLY F 317 4.60 52.82 -78.38
CA GLY F 317 3.97 51.96 -79.38
C GLY F 317 4.38 52.36 -80.79
N LYS F 318 3.79 51.73 -81.79
CA LYS F 318 4.11 52.04 -83.18
C LYS F 318 5.59 51.98 -83.46
N SER F 319 6.20 50.87 -83.16
CA SER F 319 7.62 50.77 -83.38
C SER F 319 8.06 49.35 -83.59
N GLY F 320 9.01 49.16 -84.48
CA GLY F 320 9.52 47.83 -84.72
C GLY F 320 8.40 46.95 -85.23
N MET F 321 8.10 45.90 -84.51
CA MET F 321 7.08 44.93 -84.88
C MET F 321 5.70 45.56 -85.01
N THR F 322 5.48 46.72 -84.37
CA THR F 322 4.18 47.37 -84.47
C THR F 322 4.19 48.61 -85.35
N LEU F 323 5.26 48.81 -86.08
CA LEU F 323 5.36 49.99 -86.93
C LEU F 323 4.66 49.82 -88.27
N THR F 324 4.14 50.93 -88.79
CA THR F 324 3.68 51.00 -90.16
C THR F 324 4.82 51.85 -90.70
N PRO F 325 5.56 51.42 -91.72
CA PRO F 325 6.78 52.07 -92.15
C PRO F 325 6.67 53.54 -92.53
N GLY F 326 5.49 54.00 -92.94
CA GLY F 326 5.37 55.41 -93.30
C GLY F 326 4.97 56.32 -92.13
N SER F 327 4.94 55.76 -90.91
CA SER F 327 4.48 56.46 -89.71
C SER F 327 5.44 57.40 -89.01
N LYS F 328 4.93 57.96 -87.90
CA LYS F 328 5.65 58.92 -87.06
C LYS F 328 6.14 58.24 -85.79
N ALA F 329 5.94 56.94 -85.74
CA ALA F 329 6.40 56.05 -84.69
C ALA F 329 6.06 56.42 -83.25
N GLY F 330 4.78 56.58 -82.94
CA GLY F 330 4.38 56.84 -81.55
C GLY F 330 3.17 57.74 -81.36
N VAL F 331 2.66 58.28 -82.44
CA VAL F 331 1.48 59.12 -82.42
C VAL F 331 0.53 58.62 -83.47
N PHE F 332 -0.75 58.68 -83.19
CA PHE F 332 -1.76 58.30 -84.14
C PHE F 332 -2.28 59.58 -84.78
N ASP F 333 -2.00 59.76 -86.06
CA ASP F 333 -2.46 60.96 -86.74
C ASP F 333 -3.72 60.68 -87.54
N PHE F 334 -4.83 61.19 -87.06
CA PHE F 334 -6.14 60.88 -87.66
C PHE F 334 -6.31 61.38 -89.08
N GLN F 335 -5.47 62.30 -89.54
CA GLN F 335 -5.59 62.78 -90.90
C GLN F 335 -4.51 62.20 -91.80
N ASP F 336 -3.69 61.32 -91.25
CA ASP F 336 -2.59 60.69 -91.95
C ASP F 336 -2.98 59.31 -92.43
N PRO F 337 -3.05 59.04 -93.75
CA PRO F 337 -3.52 57.79 -94.32
C PRO F 337 -2.76 56.60 -93.79
N ILE F 338 -1.54 56.83 -93.31
CA ILE F 338 -0.73 55.75 -92.80
C ILE F 338 -1.34 55.12 -91.58
N ASP F 339 -1.91 55.92 -90.69
CA ASP F 339 -2.48 55.40 -89.46
C ASP F 339 -3.90 55.03 -89.60
N ILE F 340 -4.44 55.16 -90.79
CA ILE F 340 -5.82 54.83 -90.90
C ILE F 340 -5.99 53.79 -91.97
N ARG F 341 -4.88 53.25 -92.43
CA ARG F 341 -4.84 52.22 -93.46
C ARG F 341 -5.67 52.60 -94.67
N GLY F 342 -5.57 53.86 -95.09
CA GLY F 342 -6.30 54.33 -96.25
C GLY F 342 -7.79 54.55 -96.00
N ALA F 343 -8.20 54.63 -94.75
CA ALA F 343 -9.59 54.82 -94.41
C ALA F 343 -10.15 56.16 -94.81
N ARG F 344 -11.43 56.13 -95.03
CA ARG F 344 -12.27 57.27 -95.26
C ARG F 344 -12.67 57.70 -93.88
N TRP F 345 -13.57 58.68 -93.88
CA TRP F 345 -14.13 59.31 -92.66
C TRP F 345 -14.36 58.27 -91.56
N ALA F 346 -14.52 58.80 -90.35
CA ALA F 346 -14.77 58.14 -89.06
C ALA F 346 -15.40 56.74 -89.12
N GLY F 347 -16.40 56.50 -89.97
CA GLY F 347 -17.09 55.20 -90.03
C GLY F 347 -16.12 54.05 -90.20
N GLU F 348 -14.98 54.33 -90.86
CA GLU F 348 -13.85 53.41 -91.09
C GLU F 348 -12.66 53.86 -90.25
N SER F 349 -12.46 55.16 -90.15
CA SER F 349 -11.27 55.64 -89.45
C SER F 349 -11.24 55.24 -87.99
N PHE F 350 -12.37 55.35 -87.30
CA PHE F 350 -12.35 54.99 -85.91
C PHE F 350 -11.97 53.53 -85.79
N LYS F 351 -12.47 52.71 -86.69
CA LYS F 351 -12.12 51.30 -86.68
C LYS F 351 -10.61 51.14 -86.84
N ALA F 352 -9.98 52.00 -87.63
CA ALA F 352 -8.54 51.89 -87.79
C ALA F 352 -7.85 52.07 -86.45
N LEU F 353 -8.41 52.94 -85.61
CA LEU F 353 -7.81 53.15 -84.31
C LEU F 353 -7.91 51.84 -83.56
N LEU F 354 -9.07 51.21 -83.66
CA LEU F 354 -9.28 49.97 -82.96
C LEU F 354 -8.28 48.92 -83.43
N PHE F 355 -8.02 48.91 -84.74
CA PHE F 355 -7.07 47.97 -85.30
C PHE F 355 -5.72 48.12 -84.68
N GLN F 356 -5.23 49.34 -84.64
CA GLN F 356 -3.91 49.52 -84.08
C GLN F 356 -3.88 49.19 -82.61
N ILE F 357 -4.96 49.42 -81.89
CA ILE F 357 -4.97 49.04 -80.50
C ILE F 357 -4.70 47.55 -80.40
N ASP F 358 -5.36 46.74 -81.22
CA ASP F 358 -5.04 45.32 -81.19
C ASP F 358 -3.59 45.08 -81.60
N LYS F 359 -3.11 45.77 -82.62
CA LYS F 359 -1.76 45.53 -83.09
C LYS F 359 -0.77 45.69 -81.91
N GLU F 360 -1.01 46.72 -81.09
CA GLU F 360 -0.14 47.00 -79.92
C GLU F 360 -0.33 45.91 -78.84
N ALA F 361 -1.56 45.43 -78.65
CA ALA F 361 -1.84 44.41 -77.65
C ALA F 361 -1.13 43.11 -77.99
N VAL F 362 -1.05 42.83 -79.28
CA VAL F 362 -0.39 41.65 -79.74
C VAL F 362 1.10 41.70 -79.46
N GLU F 363 1.70 42.85 -79.74
CA GLU F 363 3.15 43.08 -79.50
C GLU F 363 3.44 42.88 -78.01
N ILE F 364 2.47 43.21 -77.14
CA ILE F 364 2.70 43.04 -75.72
C ILE F 364 2.82 41.57 -75.42
N ALA F 365 1.93 40.74 -75.95
CA ALA F 365 2.13 39.33 -75.71
C ALA F 365 3.50 38.88 -76.23
N ARG F 366 3.89 39.39 -77.38
CA ARG F 366 5.18 39.00 -77.91
C ARG F 366 6.30 39.27 -76.92
N GLN F 367 6.23 40.37 -76.20
CA GLN F 367 7.29 40.68 -75.27
C GLN F 367 7.13 40.11 -73.87
N THR F 368 6.09 39.35 -73.57
CA THR F 368 6.03 38.83 -72.21
C THR F 368 5.88 37.34 -72.28
N GLY F 369 5.19 36.91 -73.31
CA GLY F 369 4.90 35.52 -73.52
C GLY F 369 3.86 35.00 -72.56
N ARG F 370 3.16 35.91 -71.88
CA ARG F 370 2.19 35.46 -70.89
C ARG F 370 0.78 35.74 -71.33
N GLY F 371 0.59 36.78 -72.11
CA GLY F 371 -0.73 37.12 -72.56
C GLY F 371 -0.75 38.45 -73.26
N GLU F 372 -1.76 38.62 -74.10
CA GLU F 372 -1.94 39.84 -74.93
C GLU F 372 -2.62 40.90 -74.07
N GLY F 373 -2.32 42.18 -74.36
CA GLY F 373 -2.90 43.26 -73.61
C GLY F 373 -4.35 42.92 -73.33
N ASN F 374 -4.82 43.24 -72.13
CA ASN F 374 -6.16 42.91 -71.76
C ASN F 374 -6.88 44.06 -71.10
N PHE F 375 -6.23 45.23 -71.12
CA PHE F 375 -6.78 46.46 -70.50
C PHE F 375 -6.25 47.70 -71.23
N ILE F 376 -7.15 48.66 -71.49
CA ILE F 376 -6.88 49.91 -72.14
C ILE F 376 -7.11 51.05 -71.18
N ILE F 377 -6.16 51.94 -71.08
CA ILE F 377 -6.32 53.11 -70.26
C ILE F 377 -6.25 54.29 -71.20
N ALA F 378 -7.28 55.11 -71.26
CA ALA F 378 -7.22 56.16 -72.26
C ALA F 378 -7.95 57.43 -71.88
N SER F 379 -7.58 58.51 -72.53
CA SER F 379 -8.18 59.80 -72.26
C SER F 379 -9.64 59.80 -72.56
N ARG F 380 -10.30 60.81 -72.03
CA ARG F 380 -11.71 60.98 -72.19
C ARG F 380 -12.10 61.07 -73.65
N ASN F 381 -11.27 61.71 -74.46
CA ASN F 381 -11.58 61.81 -75.86
C ASN F 381 -11.45 60.46 -76.55
N VAL F 382 -10.47 59.67 -76.14
CA VAL F 382 -10.29 58.39 -76.76
C VAL F 382 -11.47 57.50 -76.46
N VAL F 383 -11.89 57.50 -75.22
CA VAL F 383 -13.00 56.66 -74.89
C VAL F 383 -14.26 57.16 -75.56
N ASN F 384 -14.42 58.48 -75.73
CA ASN F 384 -15.59 58.96 -76.44
C ASN F 384 -15.64 58.34 -77.82
N VAL F 385 -14.47 58.17 -78.44
CA VAL F 385 -14.42 57.52 -79.72
C VAL F 385 -14.76 56.05 -79.57
N LEU F 386 -14.19 55.37 -78.61
CA LEU F 386 -14.46 53.94 -78.51
C LEU F 386 -15.95 53.68 -78.29
N ALA F 387 -16.56 54.53 -77.50
CA ALA F 387 -17.96 54.48 -77.12
C ALA F 387 -18.91 54.71 -78.27
N SER F 388 -18.40 55.31 -79.34
CA SER F 388 -19.13 55.74 -80.52
C SER F 388 -18.66 55.04 -81.79
N VAL F 389 -18.05 53.88 -81.64
CA VAL F 389 -17.70 53.12 -82.84
C VAL F 389 -18.09 51.68 -82.59
N ASP F 390 -18.60 51.00 -83.59
CA ASP F 390 -18.86 49.60 -83.28
C ASP F 390 -17.53 48.91 -83.16
N THR F 391 -17.50 47.82 -82.44
CA THR F 391 -16.30 47.08 -82.22
C THR F 391 -16.33 45.74 -82.90
N GLY F 392 -17.52 45.29 -83.28
CA GLY F 392 -17.59 44.00 -83.92
C GLY F 392 -17.25 44.23 -85.36
N ILE F 393 -17.28 43.19 -86.15
CA ILE F 393 -16.93 43.38 -87.53
C ILE F 393 -18.16 43.76 -88.29
N SER F 394 -18.16 44.96 -88.85
CA SER F 394 -19.33 45.48 -89.53
C SER F 394 -18.99 46.39 -90.68
N TYR F 395 -20.00 46.69 -91.47
CA TYR F 395 -19.86 47.47 -92.70
C TYR F 395 -19.30 48.86 -92.43
N ALA F 396 -19.82 49.49 -91.41
CA ALA F 396 -19.40 50.81 -90.95
C ALA F 396 -20.10 51.02 -89.66
N ALA F 397 -19.60 51.88 -88.79
CA ALA F 397 -20.46 52.19 -87.63
C ALA F 397 -19.96 53.30 -86.76
N GLN F 398 -20.80 54.29 -86.48
CA GLN F 398 -20.37 55.27 -85.49
C GLN F 398 -21.43 55.56 -84.44
N GLY F 399 -22.40 56.38 -84.80
CA GLY F 399 -23.48 56.75 -83.90
C GLY F 399 -23.02 57.62 -82.74
N LEU F 400 -23.83 57.62 -81.70
CA LEU F 400 -23.59 58.37 -80.49
C LEU F 400 -22.76 57.55 -79.53
N ALA F 401 -22.07 58.22 -78.64
CA ALA F 401 -21.23 57.54 -77.66
C ALA F 401 -22.07 56.94 -76.56
N THR F 402 -22.76 55.85 -76.88
CA THR F 402 -23.67 55.23 -75.94
C THR F 402 -23.12 54.05 -75.18
N GLY F 403 -22.03 53.43 -75.63
CA GLY F 403 -21.54 52.30 -74.86
C GLY F 403 -20.41 52.82 -74.02
N PHE F 404 -19.71 51.90 -73.34
CA PHE F 404 -18.56 52.22 -72.45
C PHE F 404 -18.77 53.60 -71.83
N SER F 405 -19.61 53.68 -70.79
CA SER F 405 -19.85 54.96 -70.14
C SER F 405 -18.57 55.69 -69.84
N THR F 406 -18.56 56.91 -70.31
CA THR F 406 -17.44 57.82 -70.22
C THR F 406 -17.60 58.81 -69.10
N ASP F 407 -18.62 58.63 -68.29
CA ASP F 407 -18.82 59.58 -67.22
C ASP F 407 -17.95 59.24 -66.01
N THR F 408 -16.88 60.01 -65.82
CA THR F 408 -15.88 59.79 -64.78
C THR F 408 -16.43 60.09 -63.41
N THR F 409 -17.63 60.65 -63.38
CA THR F 409 -18.33 60.95 -62.17
C THR F 409 -18.64 59.66 -61.47
N LYS F 410 -19.09 58.66 -62.25
CA LYS F 410 -19.55 57.37 -61.66
C LYS F 410 -18.44 56.32 -61.63
N SER F 411 -17.48 56.38 -62.57
CA SER F 411 -16.46 55.36 -62.57
C SER F 411 -15.21 55.80 -63.28
N VAL F 412 -14.36 54.82 -63.54
CA VAL F 412 -13.13 55.03 -64.26
C VAL F 412 -13.24 54.02 -65.35
N PHE F 413 -13.90 52.94 -64.99
CA PHE F 413 -14.06 51.83 -65.90
C PHE F 413 -15.24 52.10 -66.79
N ALA F 414 -15.01 52.07 -68.08
CA ALA F 414 -16.04 52.37 -69.05
C ALA F 414 -16.76 51.13 -69.54
N GLY F 415 -15.99 50.10 -69.87
CA GLY F 415 -16.58 48.87 -70.41
C GLY F 415 -15.53 47.92 -70.95
N VAL F 416 -15.96 46.82 -71.59
CA VAL F 416 -14.98 45.89 -72.12
C VAL F 416 -14.96 46.04 -73.66
N LEU F 417 -13.81 46.40 -74.21
CA LEU F 417 -13.76 46.73 -75.62
C LEU F 417 -13.82 45.51 -76.45
N GLY F 418 -14.92 45.37 -77.16
CA GLY F 418 -15.15 44.23 -78.03
C GLY F 418 -15.40 42.99 -77.24
N GLY F 419 -15.59 43.15 -75.94
CA GLY F 419 -15.71 41.99 -75.11
C GLY F 419 -14.32 41.42 -74.80
N LYS F 420 -13.25 42.11 -75.22
CA LYS F 420 -11.89 41.63 -75.00
C LYS F 420 -11.04 42.44 -74.03
N TYR F 421 -11.11 43.78 -74.07
CA TYR F 421 -10.20 44.55 -73.21
C TYR F 421 -10.91 45.36 -72.15
N ARG F 422 -10.35 45.46 -70.97
CA ARG F 422 -11.00 46.31 -69.96
C ARG F 422 -10.63 47.77 -70.17
N VAL F 423 -11.60 48.60 -70.52
CA VAL F 423 -11.35 50.01 -70.81
C VAL F 423 -11.60 50.91 -69.62
N TYR F 424 -10.53 51.60 -69.23
CA TYR F 424 -10.55 52.59 -68.11
C TYR F 424 -10.27 53.98 -68.71
N ILE F 425 -10.63 55.02 -67.97
CA ILE F 425 -10.46 56.39 -68.39
C ILE F 425 -9.36 57.16 -67.66
N ASP F 426 -8.38 57.66 -68.39
CA ASP F 426 -7.36 58.46 -67.75
C ASP F 426 -7.87 59.88 -67.72
N GLN F 427 -8.57 60.21 -66.67
CA GLN F 427 -9.26 61.47 -66.58
C GLN F 427 -8.30 62.62 -66.37
N TYR F 428 -7.02 62.32 -66.12
CA TYR F 428 -6.07 63.39 -65.90
C TYR F 428 -5.02 63.45 -66.98
N ALA F 429 -5.23 62.79 -68.11
CA ALA F 429 -4.20 62.81 -69.15
C ALA F 429 -3.83 64.26 -69.46
N LYS F 430 -2.55 64.57 -69.53
CA LYS F 430 -2.19 65.96 -69.78
C LYS F 430 -2.58 66.44 -71.15
N GLN F 431 -2.42 65.61 -72.16
CA GLN F 431 -2.82 66.07 -73.47
C GLN F 431 -3.88 65.20 -74.09
N ASP F 432 -3.48 64.09 -74.66
CA ASP F 432 -4.48 63.21 -75.21
C ASP F 432 -3.73 61.99 -75.71
N TYR F 433 -3.95 60.85 -75.10
CA TYR F 433 -3.24 59.63 -75.43
C TYR F 433 -3.98 58.44 -74.92
N PHE F 434 -3.48 57.28 -75.29
CA PHE F 434 -3.96 56.08 -74.68
C PHE F 434 -2.82 55.14 -74.51
N THR F 435 -3.01 54.21 -73.63
CA THR F 435 -2.03 53.21 -73.44
C THR F 435 -2.69 51.90 -73.17
N VAL F 436 -1.99 50.85 -73.50
CA VAL F 436 -2.56 49.55 -73.30
C VAL F 436 -1.63 48.68 -72.52
N GLY F 437 -2.15 47.60 -71.99
CA GLY F 437 -1.29 46.70 -71.29
C GLY F 437 -1.91 45.39 -70.89
N TYR F 438 -1.05 44.51 -70.35
CA TYR F 438 -1.49 43.15 -69.99
C TYR F 438 -1.23 42.83 -68.51
N LYS F 439 -2.28 42.32 -67.85
CA LYS F 439 -2.28 41.87 -66.48
C LYS F 439 -2.70 40.42 -66.40
N GLY F 440 -1.85 39.56 -65.87
CA GLY F 440 -2.19 38.16 -65.81
C GLY F 440 -2.91 37.80 -64.52
N PRO F 441 -3.44 36.56 -64.41
CA PRO F 441 -4.12 35.99 -63.26
C PRO F 441 -3.10 35.46 -62.28
N ASN F 442 -2.18 36.32 -61.95
CA ASN F 442 -1.08 36.06 -61.05
C ASN F 442 -0.46 37.39 -60.80
N GLU F 443 -0.49 37.81 -59.53
CA GLU F 443 0.02 39.14 -59.09
C GLU F 443 1.46 39.40 -59.57
N MET F 444 2.24 38.37 -59.87
CA MET F 444 3.60 38.60 -60.28
C MET F 444 3.59 39.08 -61.73
N ASP F 445 2.64 38.57 -62.50
CA ASP F 445 2.56 38.85 -63.91
C ASP F 445 1.80 40.14 -64.14
N ALA F 446 2.43 41.23 -63.73
CA ALA F 446 1.83 42.53 -63.83
C ALA F 446 2.91 43.48 -64.18
N GLY F 447 4.10 43.08 -63.82
CA GLY F 447 5.22 43.98 -63.97
C GLY F 447 5.30 44.96 -62.81
N ILE F 448 4.26 45.77 -62.69
CA ILE F 448 4.14 46.75 -61.65
C ILE F 448 3.47 46.20 -60.40
N TYR F 449 4.03 46.51 -59.23
CA TYR F 449 3.46 45.98 -57.97
C TYR F 449 3.42 47.04 -56.86
N TYR F 450 2.30 47.05 -56.11
CA TYR F 450 2.11 47.97 -54.95
C TYR F 450 2.15 47.07 -53.71
N ALA F 451 3.09 47.33 -52.78
CA ALA F 451 3.21 46.41 -51.64
C ALA F 451 2.96 47.03 -50.27
N PRO F 452 1.70 47.11 -49.79
CA PRO F 452 1.27 47.85 -48.63
C PRO F 452 1.70 47.31 -47.28
N TYR F 453 3.00 47.35 -47.04
CA TYR F 453 3.57 46.93 -45.77
C TYR F 453 2.86 47.65 -44.64
N VAL F 454 2.74 48.96 -44.76
CA VAL F 454 1.99 49.75 -43.82
C VAL F 454 0.97 50.53 -44.61
N ALA F 455 -0.30 50.51 -44.23
CA ALA F 455 -1.22 51.32 -45.01
C ALA F 455 -2.41 51.83 -44.25
N LEU F 456 -2.79 53.07 -44.58
CA LEU F 456 -3.96 53.75 -44.05
C LEU F 456 -4.04 53.65 -42.56
N THR F 457 -2.91 53.77 -41.90
CA THR F 457 -2.88 53.63 -40.47
C THR F 457 -3.10 54.98 -39.85
N PRO F 458 -4.11 55.16 -39.01
CA PRO F 458 -4.40 56.41 -38.38
C PRO F 458 -3.41 56.75 -37.30
N LEU F 459 -3.27 58.04 -37.10
CA LEU F 459 -2.56 58.69 -36.03
C LEU F 459 -3.56 59.42 -35.20
N ARG F 460 -3.48 59.28 -33.89
CA ARG F 460 -4.37 60.03 -33.05
C ARG F 460 -3.64 60.38 -31.77
N GLY F 461 -3.80 61.61 -31.33
CA GLY F 461 -3.18 62.10 -30.11
C GLY F 461 -3.61 63.52 -29.80
N SER F 462 -2.72 64.27 -29.17
CA SER F 462 -2.96 65.65 -28.78
C SER F 462 -1.65 66.32 -28.47
N ASP F 463 -1.66 67.65 -28.37
CA ASP F 463 -0.51 68.36 -27.85
C ASP F 463 -0.98 68.97 -26.54
N PRO F 464 -0.63 68.35 -25.40
CA PRO F 464 -1.06 68.64 -24.06
C PRO F 464 -0.80 70.07 -23.67
N LYS F 465 0.10 70.76 -24.34
CA LYS F 465 0.30 72.11 -23.87
C LYS F 465 -1.00 72.91 -23.92
N ASN F 466 -1.89 72.62 -24.89
CA ASN F 466 -3.12 73.39 -25.02
C ASN F 466 -4.23 72.44 -25.33
N PHE F 467 -3.81 71.17 -25.37
CA PHE F 467 -4.72 69.99 -25.53
C PHE F 467 -5.40 69.97 -26.90
N GLN F 468 -4.89 70.68 -27.91
CA GLN F 468 -5.61 70.53 -29.15
C GLN F 468 -5.28 69.13 -29.61
N PRO F 469 -6.20 68.39 -30.25
CA PRO F 469 -6.04 67.05 -30.75
C PRO F 469 -5.14 66.97 -31.96
N VAL F 470 -4.64 65.77 -32.16
CA VAL F 470 -3.83 65.38 -33.29
C VAL F 470 -4.49 64.24 -34.02
N MET F 471 -4.61 64.39 -35.32
CA MET F 471 -5.18 63.33 -36.14
C MET F 471 -4.45 63.33 -37.47
N GLY F 472 -4.24 62.14 -38.05
CA GLY F 472 -3.63 61.97 -39.38
C GLY F 472 -3.52 60.49 -39.80
N PHE F 473 -2.79 60.22 -40.89
CA PHE F 473 -2.66 58.82 -41.36
C PHE F 473 -1.29 58.60 -42.02
N LYS F 474 -0.81 57.36 -41.97
CA LYS F 474 0.48 56.98 -42.58
C LYS F 474 0.47 55.68 -43.39
N THR F 475 1.47 55.57 -44.25
CA THR F 475 1.73 54.40 -45.09
C THR F 475 3.16 54.31 -45.61
N ARG F 476 3.59 53.10 -45.95
CA ARG F 476 4.86 52.93 -46.65
C ARG F 476 4.74 51.64 -47.44
N TYR F 477 5.11 51.69 -48.72
CA TYR F 477 4.91 50.44 -49.51
C TYR F 477 6.01 50.19 -50.56
N GLY F 478 6.33 51.18 -51.39
CA GLY F 478 7.28 50.90 -52.44
C GLY F 478 6.57 50.34 -53.67
N ILE F 479 7.16 50.63 -54.82
CA ILE F 479 6.66 50.18 -56.10
C ILE F 479 7.63 49.25 -56.77
N GLY F 480 7.11 48.12 -57.20
CA GLY F 480 7.94 47.14 -57.89
C GLY F 480 7.81 47.25 -59.38
N ILE F 481 8.89 46.87 -60.08
CA ILE F 481 8.89 46.87 -61.54
C ILE F 481 9.10 45.50 -62.21
N ASN F 482 9.35 44.42 -61.46
CA ASN F 482 9.54 43.12 -62.09
C ASN F 482 10.48 43.27 -63.26
N PRO F 483 11.75 43.62 -63.03
CA PRO F 483 12.70 44.01 -64.04
C PRO F 483 13.21 42.89 -64.93
N PHE F 484 12.27 42.26 -65.61
CA PHE F 484 12.45 41.22 -66.57
C PHE F 484 11.74 41.80 -67.76
N ALA F 485 10.93 42.82 -67.42
CA ALA F 485 10.02 43.58 -68.26
C ALA F 485 10.75 44.27 -69.40
N GLU F 486 12.06 44.38 -69.27
CA GLU F 486 12.89 44.95 -70.32
C GLU F 486 12.72 44.14 -71.60
N SER F 487 12.60 42.82 -71.46
CA SER F 487 12.45 41.90 -72.57
C SER F 487 13.44 42.10 -73.69
N ALA F 488 14.71 42.24 -73.35
CA ALA F 488 15.72 42.37 -74.37
C ALA F 488 16.94 41.70 -73.87
N ALA F 489 17.03 41.69 -72.56
CA ALA F 489 18.21 41.21 -71.87
C ALA F 489 18.04 39.78 -71.40
N GLN F 490 19.17 39.07 -71.39
CA GLN F 490 19.26 37.70 -70.93
C GLN F 490 19.81 37.65 -69.51
N ALA F 491 20.01 38.82 -68.92
CA ALA F 491 20.56 38.88 -67.58
C ALA F 491 20.26 40.21 -66.88
N PRO F 492 20.15 40.22 -65.54
CA PRO F 492 20.04 41.36 -64.66
C PRO F 492 21.39 41.97 -64.44
N ALA F 493 21.45 43.17 -63.91
CA ALA F 493 22.75 43.65 -63.52
C ALA F 493 23.30 42.83 -62.37
N SER F 494 24.59 42.50 -62.44
CA SER F 494 25.38 41.86 -61.37
C SER F 494 24.73 40.77 -60.52
N ARG F 495 23.76 40.06 -61.08
CA ARG F 495 22.99 39.03 -60.36
C ARG F 495 22.15 39.59 -59.19
N ILE F 496 22.13 40.90 -59.04
CA ILE F 496 21.41 41.56 -58.00
C ILE F 496 21.21 43.03 -58.34
N GLN F 497 20.03 43.54 -58.07
CA GLN F 497 19.79 44.95 -58.38
C GLN F 497 18.53 45.53 -57.77
N SER F 498 18.34 46.82 -58.00
CA SER F 498 17.12 47.47 -57.58
C SER F 498 15.92 46.82 -58.25
N GLY F 499 14.87 46.61 -57.46
CA GLY F 499 13.62 46.01 -57.92
C GLY F 499 12.55 47.05 -58.17
N MET F 500 12.93 48.30 -57.97
CA MET F 500 12.05 49.43 -58.12
C MET F 500 12.33 50.03 -59.49
N PRO F 501 11.41 50.81 -60.08
CA PRO F 501 11.50 51.53 -61.33
C PRO F 501 12.27 52.85 -61.36
N SER F 502 13.57 52.86 -61.61
CA SER F 502 14.27 54.13 -61.67
C SER F 502 14.37 54.51 -63.11
N ILE F 503 15.08 55.58 -63.44
CA ILE F 503 15.09 55.89 -64.86
C ILE F 503 15.80 54.83 -65.66
N LEU F 504 17.01 54.51 -65.24
CA LEU F 504 17.84 53.62 -66.00
C LEU F 504 17.22 52.29 -66.31
N ASN F 505 16.59 51.68 -65.32
CA ASN F 505 16.03 50.38 -65.56
C ASN F 505 14.58 50.39 -65.95
N SER F 506 13.97 51.54 -66.21
CA SER F 506 12.57 51.41 -66.57
C SER F 506 11.97 52.45 -67.49
N LEU F 507 12.54 53.64 -67.61
CA LEU F 507 11.82 54.67 -68.33
C LEU F 507 11.68 54.34 -69.80
N GLY F 508 10.45 54.14 -70.24
CA GLY F 508 10.14 53.76 -71.61
C GLY F 508 10.58 52.33 -71.97
N LYS F 509 10.70 51.44 -70.99
CA LYS F 509 11.21 50.10 -71.28
C LYS F 509 10.31 48.90 -70.97
N ASN F 510 9.21 49.10 -70.27
CA ASN F 510 8.34 48.05 -69.76
C ASN F 510 7.42 47.38 -70.78
N ALA F 511 7.70 46.09 -71.01
CA ALA F 511 7.03 45.19 -71.95
C ALA F 511 5.56 44.99 -71.72
N TYR F 512 5.12 45.27 -70.48
CA TYR F 512 3.71 45.06 -70.06
C TYR F 512 2.81 46.21 -70.53
N PHE F 513 3.38 47.22 -71.19
CA PHE F 513 2.56 48.33 -71.64
C PHE F 513 3.07 49.01 -72.89
N ARG F 514 2.18 49.64 -73.65
CA ARG F 514 2.63 50.46 -74.78
C ARG F 514 1.85 51.78 -74.84
N ARG F 515 2.54 52.88 -75.17
CA ARG F 515 1.87 54.18 -75.28
C ARG F 515 1.81 54.79 -76.66
N VAL F 516 0.65 55.36 -76.97
CA VAL F 516 0.44 56.10 -78.21
C VAL F 516 -0.23 57.44 -77.99
N TYR F 517 0.35 58.50 -78.55
CA TYR F 517 -0.25 59.81 -78.42
C TYR F 517 -1.29 59.95 -79.50
N VAL F 518 -2.35 60.71 -79.28
CA VAL F 518 -3.30 60.85 -80.38
C VAL F 518 -3.47 62.30 -80.80
N LYS F 519 -3.47 62.53 -82.09
CA LYS F 519 -3.64 63.88 -82.59
C LYS F 519 -4.58 63.93 -83.77
N GLY F 520 -5.40 64.97 -83.80
CA GLY F 520 -6.35 65.15 -84.88
C GLY F 520 -7.64 64.40 -84.58
N ILE F 521 -7.68 63.77 -83.42
CA ILE F 521 -8.82 63.00 -82.97
C ILE F 521 -10.11 63.75 -83.27
N ALA G 66 -91.00 124.12 82.21
CA ALA G 66 -91.05 122.79 81.59
C ALA G 66 -90.19 121.80 82.35
N GLU G 67 -90.75 120.65 82.65
CA GLU G 67 -90.01 119.62 83.36
C GLU G 67 -88.81 119.24 82.53
N ILE G 68 -87.67 119.08 83.16
CA ILE G 68 -86.48 118.71 82.40
C ILE G 68 -85.86 117.40 82.80
N GLY G 69 -85.70 116.52 81.82
CA GLY G 69 -85.01 115.28 82.02
C GLY G 69 -83.54 115.61 82.15
N GLY G 70 -83.04 116.35 81.18
CA GLY G 70 -81.65 116.75 81.13
C GLY G 70 -80.81 115.70 80.45
N ASP G 71 -79.54 116.03 80.30
CA ASP G 71 -78.59 115.20 79.63
C ASP G 71 -77.26 115.25 80.33
N HIS G 72 -76.21 114.82 79.63
CA HIS G 72 -74.90 114.84 80.22
C HIS G 72 -74.12 115.82 79.40
N GLY G 73 -72.90 116.07 79.79
CA GLY G 73 -72.04 116.95 79.02
C GLY G 73 -71.21 116.19 78.00
N TYR G 74 -71.67 114.98 77.58
CA TYR G 74 -70.90 114.11 76.68
C TYR G 74 -69.60 113.74 77.41
N ASN G 75 -69.73 113.75 78.74
CA ASN G 75 -68.76 113.44 79.75
C ASN G 75 -68.86 111.99 80.16
N ALA G 76 -67.88 111.19 79.79
CA ALA G 76 -67.98 109.76 80.01
C ALA G 76 -68.20 109.41 81.48
N THR G 77 -67.56 110.14 82.39
CA THR G 77 -67.74 109.84 83.79
C THR G 77 -69.18 110.05 84.21
N ASN G 78 -69.75 111.18 83.82
CA ASN G 78 -71.13 111.47 84.20
C ASN G 78 -72.09 110.47 83.58
N ILE G 79 -71.76 110.03 82.38
CA ILE G 79 -72.58 109.06 81.70
C ILE G 79 -72.57 107.76 82.45
N ALA G 80 -71.37 107.28 82.75
CA ALA G 80 -71.21 106.02 83.45
C ALA G 80 -71.90 106.07 84.80
N ALA G 81 -71.87 107.24 85.43
CA ALA G 81 -72.44 107.49 86.73
C ALA G 81 -73.96 107.73 86.74
N GLY G 82 -74.63 107.82 85.58
CA GLY G 82 -76.08 108.05 85.56
C GLY G 82 -76.53 109.46 85.99
N GLN G 83 -75.69 110.46 85.77
CA GLN G 83 -75.98 111.82 86.21
C GLN G 83 -76.87 112.59 85.24
N THR G 84 -77.22 113.81 85.60
CA THR G 84 -78.02 114.62 84.69
C THR G 84 -77.94 116.10 84.96
N SER G 85 -78.15 116.85 83.89
CA SER G 85 -78.28 118.30 83.87
C SER G 85 -79.68 118.75 84.30
N GLY G 86 -80.59 117.81 84.37
CA GLY G 86 -82.00 118.01 84.72
C GLY G 86 -82.35 117.26 85.99
N ALA G 87 -83.54 116.66 85.99
CA ALA G 87 -84.04 115.95 87.16
C ALA G 87 -84.09 114.42 87.04
N VAL G 88 -83.76 113.84 85.88
CA VAL G 88 -83.90 112.38 85.78
C VAL G 88 -82.79 111.62 86.47
N THR G 89 -83.13 110.56 87.15
CA THR G 89 -82.12 109.71 87.72
C THR G 89 -81.90 108.65 86.65
N GLN G 90 -80.68 108.48 86.14
CA GLN G 90 -80.53 107.51 85.08
C GLN G 90 -80.03 106.20 85.64
N ILE G 91 -80.33 105.13 84.95
CA ILE G 91 -79.82 103.82 85.34
C ILE G 91 -78.34 103.71 85.06
N GLY G 92 -77.96 104.10 83.85
CA GLY G 92 -76.58 104.01 83.40
C GLY G 92 -76.59 103.43 82.00
N PRO G 93 -75.48 103.50 81.28
CA PRO G 93 -75.32 102.96 79.94
C PRO G 93 -75.43 101.47 80.05
N ALA G 94 -75.97 100.78 79.03
CA ALA G 94 -75.99 99.34 79.16
C ALA G 94 -74.93 98.65 78.34
N VAL G 95 -75.19 98.42 77.04
CA VAL G 95 -74.22 97.74 76.22
C VAL G 95 -74.20 98.20 74.78
N MET G 96 -73.01 98.13 74.19
CA MET G 96 -72.77 98.32 72.78
C MET G 96 -71.85 97.20 72.32
N GLY G 97 -71.85 96.10 73.08
CA GLY G 97 -71.00 94.95 72.81
C GLY G 97 -69.56 95.23 73.23
N MET G 98 -68.63 94.42 72.73
CA MET G 98 -67.24 94.61 73.07
C MET G 98 -66.38 94.18 71.92
N VAL G 99 -65.15 94.65 71.94
CA VAL G 99 -64.16 94.29 70.95
C VAL G 99 -62.87 93.80 71.58
N ARG G 100 -62.06 93.15 70.77
CA ARG G 100 -60.74 92.74 71.22
C ARG G 100 -59.79 92.86 70.08
N ARG G 101 -58.52 93.00 70.39
CA ARG G 101 -57.52 93.01 69.34
C ARG G 101 -57.39 91.67 68.62
N ALA G 102 -57.21 91.73 67.31
CA ALA G 102 -56.97 90.55 66.49
C ALA G 102 -55.54 90.05 66.70
N ILE G 103 -55.34 88.73 66.54
CA ILE G 103 -53.99 88.13 66.72
C ILE G 103 -53.46 87.66 65.36
N PRO G 104 -52.24 88.07 64.93
CA PRO G 104 -51.69 87.71 63.62
C PRO G 104 -50.86 86.41 63.51
N ASN G 105 -51.18 85.57 62.52
CA ASN G 105 -50.75 85.68 61.10
C ASN G 105 -49.22 85.72 60.96
N LEU G 106 -48.51 84.82 61.66
CA LEU G 106 -47.05 84.76 61.60
C LEU G 106 -46.68 83.72 60.55
N ILE G 107 -45.51 83.84 59.95
CA ILE G 107 -45.07 82.78 59.05
C ILE G 107 -44.15 81.89 59.79
N ALA G 108 -44.51 80.62 59.93
CA ALA G 108 -43.71 79.81 60.81
C ALA G 108 -42.33 79.42 60.30
N PHE G 109 -42.22 78.36 59.48
CA PHE G 109 -40.89 77.93 59.10
C PHE G 109 -40.74 77.45 57.67
N ASP G 110 -41.46 78.03 56.73
CA ASP G 110 -41.37 77.53 55.35
C ASP G 110 -39.96 77.53 54.78
N ILE G 111 -39.15 78.48 55.20
CA ILE G 111 -37.81 78.62 54.68
C ILE G 111 -36.75 78.35 55.70
N CYS G 112 -37.11 77.61 56.74
CA CYS G 112 -36.17 77.31 57.80
C CYS G 112 -36.06 75.82 58.02
N GLY G 113 -34.84 75.34 58.25
CA GLY G 113 -34.66 73.92 58.46
C GLY G 113 -34.99 73.68 59.90
N VAL G 114 -35.26 72.43 60.29
CA VAL G 114 -35.53 72.25 61.69
C VAL G 114 -34.68 71.22 62.41
N GLN G 115 -34.59 70.00 61.90
CA GLN G 115 -33.88 68.96 62.63
C GLN G 115 -34.11 69.08 64.13
N PRO G 116 -35.31 68.88 64.66
CA PRO G 116 -35.64 69.17 66.03
C PRO G 116 -34.70 68.48 66.97
N MET G 117 -34.24 69.21 67.97
CA MET G 117 -33.29 68.68 68.89
C MET G 117 -33.89 67.77 69.93
N ASN G 118 -34.29 66.58 69.46
CA ASN G 118 -34.95 65.53 70.29
C ASN G 118 -34.12 64.97 71.45
N SER G 119 -32.85 64.54 71.30
CA SER G 119 -31.65 65.08 70.59
C SER G 119 -31.39 66.55 70.96
N PRO G 120 -31.41 66.93 72.26
CA PRO G 120 -31.17 68.31 72.67
C PRO G 120 -29.68 68.67 72.56
N THR G 121 -29.37 69.92 72.23
CA THR G 121 -27.99 70.37 72.14
C THR G 121 -27.12 69.55 71.20
N GLY G 122 -27.54 69.41 69.95
CA GLY G 122 -26.81 68.61 68.99
C GLY G 122 -25.57 69.24 68.34
N GLN G 123 -24.99 68.52 67.37
CA GLN G 123 -23.80 69.02 66.64
C GLN G 123 -23.86 68.70 65.15
N VAL G 124 -23.23 69.56 64.35
CA VAL G 124 -23.23 69.34 62.90
C VAL G 124 -21.85 69.30 62.30
N PHE G 125 -21.61 68.25 61.50
CA PHE G 125 -20.30 68.03 60.85
C PHE G 125 -20.39 68.43 59.37
N ALA G 126 -19.30 68.99 58.84
CA ALA G 126 -19.23 69.41 57.47
C ALA G 126 -17.89 69.05 56.90
N LEU G 127 -17.83 68.95 55.59
CA LEU G 127 -16.56 68.66 54.98
C LEU G 127 -16.16 69.48 53.78
N ARG G 128 -14.97 70.02 53.88
CA ARG G 128 -14.36 70.79 52.83
C ARG G 128 -13.24 69.98 52.22
N ALA G 129 -13.19 69.96 50.89
CA ALA G 129 -12.08 69.31 50.18
C ALA G 129 -10.93 70.28 50.23
N VAL G 130 -9.72 69.81 50.39
CA VAL G 130 -8.62 70.73 50.51
C VAL G 130 -7.45 70.39 49.62
N TYR G 131 -6.57 71.34 49.41
CA TYR G 131 -5.34 71.03 48.72
C TYR G 131 -4.18 71.93 49.08
N GLY G 132 -2.97 71.47 48.70
CA GLY G 132 -1.76 72.24 48.98
C GLY G 132 -0.81 71.63 50.03
N LYS G 133 -0.94 70.33 50.33
CA LYS G 133 -0.09 69.55 51.26
C LYS G 133 -0.25 69.84 52.76
N ASP G 134 -1.22 70.64 53.16
CA ASP G 134 -1.43 70.88 54.58
C ASP G 134 -2.86 71.28 54.88
N PRO G 135 -3.73 70.35 55.24
CA PRO G 135 -5.13 70.58 55.50
C PRO G 135 -5.38 71.64 56.57
N VAL G 136 -4.41 71.89 57.45
CA VAL G 136 -4.63 72.90 58.46
C VAL G 136 -3.62 74.00 58.32
N ALA G 137 -3.99 75.06 57.65
CA ALA G 137 -3.05 76.12 57.43
C ALA G 137 -3.73 77.38 56.97
N ALA G 138 -3.18 78.50 57.35
CA ALA G 138 -3.69 79.70 56.77
C ALA G 138 -3.37 79.61 55.30
N GLY G 139 -4.28 80.02 54.45
CA GLY G 139 -4.02 80.03 53.03
C GLY G 139 -4.26 78.68 52.35
N ALA G 140 -4.66 77.66 53.11
CA ALA G 140 -4.94 76.37 52.49
C ALA G 140 -6.09 76.59 51.53
N LYS G 141 -6.16 75.84 50.43
CA LYS G 141 -7.26 76.12 49.53
C LYS G 141 -8.32 75.03 49.50
N GLU G 142 -9.56 75.45 49.27
CA GLU G 142 -10.70 74.54 49.17
C GLU G 142 -11.01 74.23 47.73
N ALA G 143 -10.95 72.95 47.42
CA ALA G 143 -11.05 72.46 46.06
C ALA G 143 -12.33 72.86 45.33
N PHE G 144 -13.45 72.94 46.02
CA PHE G 144 -14.66 73.26 45.29
C PHE G 144 -15.31 74.54 45.75
N HIS G 145 -14.56 75.47 46.33
CA HIS G 145 -15.20 76.68 46.81
C HIS G 145 -15.87 77.40 45.62
N PRO G 146 -17.14 77.83 45.72
CA PRO G 146 -17.90 78.46 44.65
C PRO G 146 -17.34 79.75 44.14
N MET G 147 -16.52 80.45 44.92
CA MET G 147 -16.04 81.71 44.39
C MET G 147 -14.78 81.55 43.65
N TYR G 148 -14.17 80.36 43.67
CA TYR G 148 -12.82 80.30 43.06
C TYR G 148 -12.70 79.27 41.95
N GLY G 149 -11.93 79.63 40.92
CA GLY G 149 -11.63 78.74 39.83
C GLY G 149 -10.68 77.68 40.29
N PRO G 150 -10.59 76.57 39.58
CA PRO G 150 -9.66 75.52 39.85
C PRO G 150 -8.31 76.09 39.54
N ASP G 151 -7.29 75.69 40.26
CA ASP G 151 -6.03 76.22 39.83
C ASP G 151 -5.52 75.36 38.71
N ALA G 152 -5.78 75.81 37.51
CA ALA G 152 -5.45 75.06 36.29
C ALA G 152 -3.96 74.75 36.20
N MET G 153 -3.13 75.51 36.90
CA MET G 153 -1.72 75.30 36.83
C MET G 153 -1.22 74.31 37.89
N PHE G 154 -2.10 73.86 38.75
CA PHE G 154 -1.76 73.00 39.87
C PHE G 154 -1.26 71.61 39.48
N SER G 155 -2.03 70.86 38.68
CA SER G 155 -1.60 69.52 38.25
C SER G 155 -0.80 69.59 36.95
N GLY G 156 -0.83 70.78 36.34
CA GLY G 156 -0.26 71.08 35.03
C GLY G 156 1.12 71.67 35.07
N GLN G 157 1.42 72.58 34.16
CA GLN G 157 2.79 73.09 34.07
C GLN G 157 3.27 73.73 35.36
N GLY G 158 2.36 74.37 36.05
CA GLY G 158 2.68 75.05 37.28
C GLY G 158 3.08 74.11 38.39
N ALA G 159 2.89 72.82 38.18
CA ALA G 159 3.27 71.86 39.19
C ALA G 159 4.77 71.97 39.46
N ALA G 160 5.54 72.43 38.48
CA ALA G 160 6.97 72.55 38.67
C ALA G 160 7.44 73.97 38.44
N LYS G 161 6.55 74.96 38.57
CA LYS G 161 6.92 76.35 38.33
C LYS G 161 6.30 77.32 39.30
N LYS G 162 7.01 78.38 39.59
CA LYS G 162 6.44 79.44 40.39
C LYS G 162 6.22 80.61 39.49
N PHE G 163 5.23 81.40 39.80
CA PHE G 163 4.97 82.57 39.00
C PHE G 163 5.01 83.75 39.93
N PRO G 164 5.53 84.89 39.52
CA PRO G 164 5.54 86.09 40.30
C PRO G 164 4.13 86.54 40.38
N ALA G 165 3.76 87.14 41.48
CA ALA G 165 2.44 87.67 41.58
C ALA G 165 2.40 89.07 41.06
N LEU G 166 1.24 89.49 40.64
CA LEU G 166 1.02 90.86 40.30
C LEU G 166 0.86 91.59 41.60
N ALA G 167 1.39 92.78 41.63
CA ALA G 167 1.32 93.66 42.77
C ALA G 167 1.46 95.06 42.26
N ALA G 168 1.09 96.03 43.06
CA ALA G 168 1.22 97.40 42.59
C ALA G 168 2.62 97.65 42.11
N SER G 169 2.71 98.27 40.93
CA SER G 169 3.94 98.69 40.23
C SER G 169 4.61 97.59 39.46
N THR G 170 4.12 96.37 39.57
CA THR G 170 4.73 95.24 38.92
C THR G 170 4.81 95.45 37.44
N GLN G 171 6.00 95.20 36.91
CA GLN G 171 6.32 95.29 35.51
C GLN G 171 6.10 93.96 34.81
N THR G 172 5.30 93.99 33.76
CA THR G 172 5.06 92.78 33.04
C THR G 172 6.18 92.51 32.06
N THR G 173 6.29 91.27 31.64
CA THR G 173 7.26 90.85 30.65
C THR G 173 6.51 90.10 29.59
N VAL G 174 6.59 90.55 28.36
CA VAL G 174 5.80 89.92 27.34
C VAL G 174 6.18 88.47 27.14
N GLY G 175 5.14 87.65 27.16
CA GLY G 175 5.19 86.23 26.98
C GLY G 175 5.30 85.47 28.29
N ASP G 176 5.61 86.16 29.38
CA ASP G 176 5.71 85.41 30.62
C ASP G 176 4.34 85.35 31.26
N ILE G 177 4.27 84.67 32.39
CA ILE G 177 3.02 84.51 33.11
C ILE G 177 3.10 85.01 34.53
N TYR G 178 2.18 85.86 34.85
CA TYR G 178 2.09 86.45 36.18
C TYR G 178 0.84 85.94 36.85
N THR G 179 0.86 85.88 38.17
CA THR G 179 -0.34 85.39 38.83
C THR G 179 -0.94 86.32 39.85
N HIS G 180 -2.11 85.95 40.31
CA HIS G 180 -2.80 86.74 41.30
C HIS G 180 -3.93 85.97 41.92
N PHE G 181 -4.61 86.59 42.86
CA PHE G 181 -5.79 86.00 43.43
C PHE G 181 -6.82 87.09 43.64
N PHE G 182 -7.87 87.07 42.85
CA PHE G 182 -8.89 88.09 42.92
C PHE G 182 -9.83 87.83 44.07
N GLN G 183 -10.38 88.89 44.68
CA GLN G 183 -11.30 88.67 45.80
C GLN G 183 -12.36 87.62 45.46
N GLU G 184 -12.87 87.69 44.22
CA GLU G 184 -13.81 86.72 43.71
C GLU G 184 -13.13 86.16 42.51
N THR G 185 -13.34 84.88 42.22
CA THR G 185 -12.78 84.06 41.13
C THR G 185 -11.34 83.61 41.47
N GLY G 186 -10.70 84.32 42.39
CA GLY G 186 -9.41 83.93 42.94
C GLY G 186 -8.28 83.80 41.98
N THR G 187 -7.68 82.63 42.03
CA THR G 187 -6.51 82.27 41.28
C THR G 187 -6.61 82.55 39.82
N VAL G 188 -5.64 83.31 39.35
CA VAL G 188 -5.57 83.62 37.95
C VAL G 188 -4.14 83.53 37.47
N TYR G 189 -3.96 83.13 36.23
CA TYR G 189 -2.67 83.18 35.60
C TYR G 189 -2.85 83.94 34.32
N LEU G 190 -2.04 84.98 34.16
CA LEU G 190 -2.16 85.86 33.03
C LEU G 190 -0.90 86.00 32.22
N GLN G 191 -1.01 85.73 30.94
CA GLN G 191 0.15 85.88 30.10
C GLN G 191 0.21 87.32 29.65
N ALA G 192 1.41 87.88 29.69
CA ALA G 192 1.60 89.26 29.29
C ALA G 192 1.71 89.43 27.79
N SER G 193 0.90 90.32 27.24
CA SER G 193 0.97 90.64 25.82
C SER G 193 1.74 91.93 25.62
N VAL G 194 1.82 92.74 26.67
CA VAL G 194 2.49 94.05 26.64
C VAL G 194 3.47 94.27 27.79
N GLN G 195 4.30 95.29 27.64
CA GLN G 195 5.25 95.74 28.66
C GLN G 195 4.68 96.90 29.49
N VAL G 196 3.89 96.61 30.51
CA VAL G 196 3.28 97.68 31.28
C VAL G 196 3.47 97.48 32.76
N THR G 197 3.20 98.52 33.53
CA THR G 197 3.18 98.33 34.96
C THR G 197 1.77 98.52 35.40
N ILE G 198 1.41 97.96 36.53
CA ILE G 198 0.05 98.16 37.00
C ILE G 198 -0.10 98.93 38.28
N ASP G 199 -0.65 100.14 38.14
CA ASP G 199 -0.94 101.04 39.25
C ASP G 199 -0.01 100.99 40.42
N ALA G 200 1.13 101.64 40.29
CA ALA G 200 2.07 101.68 41.38
C ALA G 200 1.46 102.26 42.66
N GLY G 201 0.38 103.04 42.56
CA GLY G 201 -0.21 103.62 43.74
C GLY G 201 -1.24 102.70 44.42
N ALA G 202 -1.49 101.53 43.84
CA ALA G 202 -2.47 100.64 44.44
C ALA G 202 -1.91 100.14 45.75
N THR G 203 -2.78 99.93 46.71
CA THR G 203 -2.39 99.39 47.99
C THR G 203 -3.27 98.20 48.26
N ASP G 204 -4.46 98.48 48.73
CA ASP G 204 -5.43 97.47 49.02
C ASP G 204 -5.72 96.69 47.75
N ALA G 205 -5.92 95.39 47.92
CA ALA G 205 -6.20 94.51 46.81
C ALA G 205 -7.41 94.98 46.03
N ALA G 206 -8.38 95.63 46.66
CA ALA G 206 -9.53 96.04 45.88
C ALA G 206 -9.11 96.91 44.71
N LYS G 207 -8.12 97.77 44.91
CA LYS G 207 -7.70 98.65 43.86
C LYS G 207 -6.91 97.86 42.85
N LEU G 208 -6.07 96.97 43.35
CA LEU G 208 -5.25 96.20 42.45
C LEU G 208 -6.12 95.34 41.56
N ASP G 209 -7.12 94.67 42.12
CA ASP G 209 -7.97 93.82 41.34
C ASP G 209 -8.60 94.59 40.22
N ALA G 210 -9.11 95.77 40.53
CA ALA G 210 -9.75 96.56 39.50
C ALA G 210 -8.80 96.90 38.39
N GLU G 211 -7.58 97.27 38.74
CA GLU G 211 -6.62 97.64 37.72
C GLU G 211 -6.22 96.46 36.89
N ILE G 212 -6.11 95.29 37.51
CA ILE G 212 -5.77 94.12 36.76
C ILE G 212 -6.90 93.84 35.79
N LYS G 213 -8.14 93.94 36.26
CA LYS G 213 -9.24 93.71 35.34
C LYS G 213 -9.16 94.65 34.16
N LYS G 214 -8.83 95.92 34.39
CA LYS G 214 -8.73 96.81 33.24
C LYS G 214 -7.73 96.28 32.23
N GLN G 215 -6.60 95.81 32.72
CA GLN G 215 -5.58 95.26 31.86
C GLN G 215 -6.05 93.99 31.15
N MET G 216 -6.89 93.22 31.81
CA MET G 216 -7.39 92.04 31.14
C MET G 216 -8.33 92.43 30.02
N GLU G 217 -9.26 93.36 30.28
CA GLU G 217 -10.21 93.75 29.24
C GLU G 217 -9.47 94.35 28.07
N ALA G 218 -8.41 95.08 28.40
CA ALA G 218 -7.52 95.75 27.48
C ALA G 218 -6.75 94.76 26.61
N GLY G 219 -6.69 93.49 27.01
CA GLY G 219 -5.95 92.49 26.30
C GLY G 219 -4.48 92.45 26.71
N ALA G 220 -4.10 93.22 27.74
CA ALA G 220 -2.73 93.27 28.23
C ALA G 220 -2.43 91.94 28.90
N LEU G 221 -3.41 91.47 29.63
CA LEU G 221 -3.28 90.25 30.38
C LEU G 221 -4.32 89.22 30.02
N VAL G 222 -3.86 88.06 29.59
CA VAL G 222 -4.81 87.05 29.15
C VAL G 222 -4.77 85.77 29.97
N GLU G 223 -5.95 85.32 30.37
CA GLU G 223 -6.10 84.11 31.14
C GLU G 223 -5.52 82.95 30.37
N ILE G 224 -4.70 82.16 31.06
CA ILE G 224 -4.01 81.05 30.43
C ILE G 224 -3.73 79.87 31.33
N ALA G 225 -3.71 78.69 30.75
CA ALA G 225 -3.30 77.50 31.47
C ALA G 225 -2.64 76.56 30.52
N GLU G 226 -1.70 75.78 31.04
CA GLU G 226 -1.01 74.77 30.26
C GLU G 226 -0.79 73.52 31.08
N GLY G 227 -0.74 72.38 30.41
CA GLY G 227 -0.40 71.13 31.06
C GLY G 227 1.12 71.07 31.14
N MET G 228 1.65 69.99 31.66
CA MET G 228 3.07 69.83 31.83
C MET G 228 3.81 69.42 30.57
N ALA G 229 4.85 70.17 30.28
CA ALA G 229 5.69 69.88 29.14
C ALA G 229 6.16 68.46 29.19
N THR G 230 6.23 67.82 28.02
CA THR G 230 6.64 66.43 27.99
C THR G 230 8.11 66.29 28.38
N SER G 231 8.86 67.40 28.29
CA SER G 231 10.26 67.48 28.66
C SER G 231 10.47 67.27 30.16
N ILE G 232 9.40 67.45 30.92
CA ILE G 232 9.38 67.27 32.35
C ILE G 232 8.63 65.99 32.65
N ALA G 233 7.52 65.80 31.96
CA ALA G 233 6.64 64.68 32.20
C ALA G 233 7.38 63.37 32.10
N GLU G 234 8.35 63.25 31.20
CA GLU G 234 9.09 62.00 31.12
C GLU G 234 9.62 61.59 32.49
N LEU G 235 10.13 62.56 33.26
CA LEU G 235 10.69 62.24 34.55
C LEU G 235 9.62 61.73 35.44
N GLN G 236 8.50 62.44 35.44
CA GLN G 236 7.41 62.09 36.30
C GLN G 236 6.75 60.76 35.95
N GLU G 237 6.60 60.49 34.64
CA GLU G 237 6.01 59.21 34.17
C GLU G 237 6.86 58.05 34.67
N GLY G 238 8.18 58.25 34.73
CA GLY G 238 9.11 57.23 35.18
C GLY G 238 9.40 57.24 36.69
N PHE G 239 8.76 58.10 37.50
CA PHE G 239 9.15 58.07 38.90
C PHE G 239 8.55 56.87 39.66
N ASN G 240 7.22 56.67 39.75
CA ASN G 240 6.10 57.51 39.33
C ASN G 240 5.37 57.93 40.62
N GLY G 241 6.00 57.53 41.73
CA GLY G 241 5.62 57.74 43.11
C GLY G 241 6.61 58.72 43.73
N SER G 242 6.95 58.52 45.00
CA SER G 242 7.80 59.48 45.70
C SER G 242 9.08 59.80 44.95
N THR G 243 9.37 61.11 44.90
CA THR G 243 10.52 61.68 44.20
C THR G 243 11.06 63.02 44.72
N ASP G 244 12.00 63.55 43.92
CA ASP G 244 12.70 64.82 44.12
C ASP G 244 11.97 65.97 43.41
N ASN G 245 11.20 65.61 42.40
CA ASN G 245 10.47 66.57 41.57
C ASN G 245 8.99 66.15 41.52
N PRO G 246 8.26 66.36 42.63
CA PRO G 246 6.95 65.83 42.97
C PRO G 246 5.81 66.50 42.29
N TRP G 247 4.64 65.91 42.53
CA TRP G 247 3.33 66.38 41.99
C TRP G 247 2.47 66.84 43.18
N ASN G 248 1.80 67.98 43.02
CA ASN G 248 0.99 68.55 44.07
C ASN G 248 -0.03 67.52 44.49
N GLU G 249 -0.55 67.69 45.69
CA GLU G 249 -1.51 66.76 46.24
C GLU G 249 -2.74 67.44 46.77
N MET G 250 -3.80 66.64 46.84
CA MET G 250 -5.10 67.08 47.30
C MET G 250 -5.76 66.05 48.18
N GLY G 251 -6.77 66.48 48.91
CA GLY G 251 -7.54 65.59 49.75
C GLY G 251 -8.69 66.33 50.42
N PHE G 252 -8.99 66.02 51.66
CA PHE G 252 -10.10 66.68 52.34
C PHE G 252 -9.85 66.79 53.80
N ARG G 253 -10.54 67.71 54.47
CA ARG G 253 -10.29 67.87 55.93
C ARG G 253 -11.51 67.47 56.74
N ILE G 254 -12.16 68.48 57.34
CA ILE G 254 -13.32 68.32 58.22
C ILE G 254 -13.63 69.66 58.89
N ASP G 255 -14.84 69.81 59.40
CA ASP G 255 -15.15 70.86 60.39
C ASP G 255 -16.44 70.50 61.14
N LYS G 256 -16.71 71.17 62.26
CA LYS G 256 -18.01 70.97 62.91
C LYS G 256 -18.42 72.12 63.82
N GLN G 257 -19.72 72.28 64.00
CA GLN G 257 -20.19 73.25 64.96
C GLN G 257 -21.18 72.66 65.94
N VAL G 258 -21.60 73.48 66.90
CA VAL G 258 -22.61 73.01 67.85
C VAL G 258 -23.80 73.94 68.07
N ILE G 259 -24.86 73.39 68.60
CA ILE G 259 -26.07 74.12 68.93
C ILE G 259 -26.48 73.81 70.35
N GLU G 260 -27.15 74.74 71.03
CA GLU G 260 -27.65 74.47 72.36
C GLU G 260 -29.11 74.81 72.37
N ALA G 261 -29.88 74.10 73.18
CA ALA G 261 -31.31 74.31 73.23
C ALA G 261 -31.74 75.49 74.09
N LYS G 262 -31.44 76.70 73.62
CA LYS G 262 -31.82 77.92 74.36
C LYS G 262 -33.32 77.97 74.51
N SER G 263 -33.76 78.41 75.71
CA SER G 263 -35.16 78.46 76.12
C SER G 263 -35.85 79.82 76.13
N ARG G 264 -37.17 79.74 76.27
CA ARG G 264 -38.03 80.91 76.42
C ARG G 264 -39.06 80.55 77.48
N GLN G 265 -39.61 81.55 78.19
CA GLN G 265 -40.67 81.25 79.17
C GLN G 265 -41.29 82.47 79.85
N LEU G 266 -42.61 82.40 80.06
CA LEU G 266 -43.42 83.44 80.71
C LEU G 266 -44.56 82.91 81.59
N LYS G 267 -44.98 83.74 82.55
CA LYS G 267 -46.13 83.43 83.43
C LYS G 267 -47.31 84.37 83.34
N ALA G 268 -48.47 83.85 83.75
CA ALA G 268 -49.72 84.61 83.86
C ALA G 268 -49.90 85.06 85.31
N ALA G 269 -49.71 84.12 86.25
CA ALA G 269 -49.83 84.47 87.68
C ALA G 269 -51.02 85.39 88.02
N TYR G 270 -52.26 84.98 87.77
CA TYR G 270 -53.36 85.92 87.97
C TYR G 270 -54.02 85.81 89.35
N SER G 271 -55.00 86.69 89.61
CA SER G 271 -55.69 86.70 90.90
C SER G 271 -57.07 86.05 90.81
N ILE G 272 -57.45 85.37 91.88
CA ILE G 272 -58.75 84.69 91.89
C ILE G 272 -59.94 85.58 91.82
N GLU G 273 -59.98 86.58 92.66
CA GLU G 273 -61.16 87.39 92.71
C GLU G 273 -61.37 88.12 91.41
N LEU G 274 -60.28 88.63 90.85
CA LEU G 274 -60.40 89.38 89.63
C LEU G 274 -60.86 88.47 88.52
N ALA G 275 -60.33 87.24 88.46
CA ALA G 275 -60.77 86.34 87.41
C ALA G 275 -62.23 85.96 87.57
N GLN G 276 -62.67 85.73 88.79
CA GLN G 276 -64.05 85.32 88.99
C GLN G 276 -65.02 86.36 88.51
N ASP G 277 -64.68 87.63 88.76
CA ASP G 277 -65.51 88.75 88.38
C ASP G 277 -65.76 88.84 86.89
N LEU G 278 -64.93 88.23 86.05
CA LEU G 278 -65.17 88.35 84.64
C LEU G 278 -66.44 87.65 84.21
N ARG G 279 -66.79 86.55 84.88
CA ARG G 279 -67.95 85.80 84.46
C ARG G 279 -69.21 86.63 84.59
N ALA G 280 -69.23 87.50 85.57
CA ALA G 280 -70.37 88.36 85.84
C ALA G 280 -70.43 89.58 84.94
N VAL G 281 -69.40 89.81 84.12
CA VAL G 281 -69.38 91.00 83.31
C VAL G 281 -69.30 90.64 81.83
N HIS G 282 -68.30 89.85 81.46
CA HIS G 282 -68.08 89.50 80.06
C HIS G 282 -68.35 88.02 79.77
N GLY G 283 -68.42 87.20 80.81
CA GLY G 283 -68.63 85.77 80.65
C GLY G 283 -67.31 85.04 80.43
N MET G 284 -66.24 85.80 80.51
CA MET G 284 -64.88 85.35 80.32
C MET G 284 -64.39 84.54 81.51
N ASP G 285 -63.46 83.62 81.22
CA ASP G 285 -62.85 82.72 82.20
C ASP G 285 -61.72 83.43 82.94
N ALA G 286 -60.99 84.24 82.16
CA ALA G 286 -59.81 84.98 82.58
C ALA G 286 -58.72 84.07 83.11
N ASP G 287 -58.63 82.91 82.51
CA ASP G 287 -57.65 81.90 82.83
C ASP G 287 -57.20 81.35 81.51
N ALA G 288 -58.09 80.62 80.83
CA ALA G 288 -57.70 80.06 79.54
C ALA G 288 -57.17 81.16 78.60
N GLU G 289 -57.77 82.34 78.68
CA GLU G 289 -57.41 83.51 77.89
C GLU G 289 -55.98 83.94 78.13
N LEU G 290 -55.49 83.71 79.35
CA LEU G 290 -54.18 84.14 79.73
C LEU G 290 -53.22 83.17 79.15
N SER G 291 -53.57 81.89 79.22
CA SER G 291 -52.72 80.87 78.66
C SER G 291 -52.61 81.11 77.17
N GLY G 292 -53.74 81.49 76.57
CA GLY G 292 -53.81 81.81 75.17
C GLY G 292 -52.81 82.88 74.83
N ILE G 293 -52.86 84.00 75.56
CA ILE G 293 -51.94 85.08 75.29
C ILE G 293 -50.52 84.65 75.47
N LEU G 294 -50.20 83.95 76.55
CA LEU G 294 -48.83 83.57 76.76
C LEU G 294 -48.31 82.69 75.65
N ALA G 295 -49.08 81.68 75.29
CA ALA G 295 -48.62 80.76 74.29
C ALA G 295 -48.44 81.46 72.98
N THR G 296 -49.39 82.33 72.67
CA THR G 296 -49.39 83.03 71.43
C THR G 296 -48.19 83.93 71.32
N GLU G 297 -48.01 84.74 72.37
CA GLU G 297 -46.90 85.73 72.46
C GLU G 297 -45.55 85.03 72.39
N ILE G 298 -45.40 83.88 73.06
CA ILE G 298 -44.11 83.23 73.03
C ILE G 298 -43.84 82.73 71.64
N MET G 299 -44.81 82.08 71.01
CA MET G 299 -44.59 81.59 69.67
C MET G 299 -44.29 82.71 68.71
N LEU G 300 -44.97 83.83 68.87
CA LEU G 300 -44.75 84.95 68.00
C LEU G 300 -43.35 85.53 68.19
N GLU G 301 -42.90 85.68 69.44
CA GLU G 301 -41.57 86.24 69.63
C GLU G 301 -40.54 85.30 69.00
N ILE G 302 -40.75 83.99 69.15
CA ILE G 302 -39.83 83.02 68.58
C ILE G 302 -39.82 83.10 67.09
N ASN G 303 -41.00 83.15 66.52
CA ASN G 303 -41.09 83.24 65.10
C ASN G 303 -40.34 84.43 64.59
N ARG G 304 -40.61 85.59 65.16
CA ARG G 304 -39.95 86.75 64.65
C ARG G 304 -38.46 86.60 64.83
N GLU G 305 -38.00 86.03 65.95
CA GLU G 305 -36.57 85.85 66.13
C GLU G 305 -35.94 85.20 64.92
N VAL G 306 -36.54 84.11 64.47
CA VAL G 306 -35.99 83.41 63.35
C VAL G 306 -35.99 84.29 62.12
N VAL G 307 -37.07 85.02 61.91
CA VAL G 307 -37.10 85.90 60.76
C VAL G 307 -36.01 86.98 60.84
N ASP G 308 -35.88 87.59 61.98
CA ASP G 308 -34.90 88.63 62.17
C ASP G 308 -33.49 88.11 61.97
N TRP G 309 -33.22 86.87 62.37
CA TRP G 309 -31.89 86.30 62.18
C TRP G 309 -31.54 86.23 60.72
N ILE G 310 -32.54 86.17 59.84
CA ILE G 310 -32.24 86.13 58.45
C ILE G 310 -31.72 87.46 58.07
N ASN G 311 -32.43 88.51 58.46
CA ASN G 311 -31.93 89.82 58.09
C ASN G 311 -30.58 90.12 58.74
N TYR G 312 -30.38 89.60 59.94
CA TYR G 312 -29.13 89.78 60.66
C TYR G 312 -27.97 89.22 59.87
N SER G 313 -28.14 87.98 59.47
CA SER G 313 -27.13 87.28 58.77
C SER G 313 -27.09 87.54 57.26
N ALA G 314 -28.15 88.05 56.66
CA ALA G 314 -28.18 88.24 55.20
C ALA G 314 -27.11 89.17 54.70
N GLN G 315 -26.61 88.86 53.51
CA GLN G 315 -25.59 89.65 52.87
C GLN G 315 -26.21 90.88 52.19
N VAL G 316 -25.39 91.88 51.93
CA VAL G 316 -25.90 93.06 51.24
C VAL G 316 -25.96 92.79 49.74
N GLY G 317 -27.14 93.02 49.15
CA GLY G 317 -27.35 92.79 47.72
C GLY G 317 -26.94 94.03 46.95
N LYS G 318 -27.21 94.08 45.64
CA LYS G 318 -26.80 95.24 44.84
C LYS G 318 -25.35 95.50 45.14
N SER G 319 -24.56 94.47 44.97
CA SER G 319 -23.15 94.46 45.32
C SER G 319 -22.42 93.49 44.41
N GLY G 320 -21.13 93.69 44.22
CA GLY G 320 -20.37 92.73 43.44
C GLY G 320 -20.95 92.59 42.05
N MET G 321 -21.27 91.36 41.70
CA MET G 321 -21.81 91.00 40.39
C MET G 321 -23.17 91.58 40.12
N THR G 322 -23.84 92.03 41.16
CA THR G 322 -25.15 92.59 40.96
C THR G 322 -25.15 94.11 41.01
N LEU G 323 -23.97 94.71 41.14
CA LEU G 323 -23.93 96.15 41.21
C LEU G 323 -23.41 96.76 39.92
N THR G 324 -24.19 97.62 39.29
CA THR G 324 -23.72 98.23 38.07
C THR G 324 -22.94 99.49 38.48
N PRO G 325 -22.01 99.99 37.65
CA PRO G 325 -21.24 101.20 37.89
C PRO G 325 -22.03 102.43 38.30
N GLY G 326 -23.23 102.58 37.76
CA GLY G 326 -24.03 103.75 38.06
C GLY G 326 -25.02 103.58 39.20
N SER G 327 -24.96 102.47 39.93
CA SER G 327 -25.97 102.24 40.94
C SER G 327 -25.62 102.72 42.36
N LYS G 328 -26.39 102.25 43.33
CA LYS G 328 -26.32 102.75 44.70
C LYS G 328 -25.80 101.87 45.84
N ALA G 329 -25.18 100.72 45.57
CA ALA G 329 -24.59 99.92 46.66
C ALA G 329 -25.57 99.47 47.75
N GLY G 330 -26.33 98.43 47.48
CA GLY G 330 -27.31 97.91 48.43
C GLY G 330 -28.69 98.53 48.35
N VAL G 331 -28.90 99.40 47.37
CA VAL G 331 -30.15 100.10 47.20
C VAL G 331 -30.69 100.06 45.78
N PHE G 332 -32.01 99.98 45.67
CA PHE G 332 -32.71 100.12 44.40
C PHE G 332 -33.39 101.48 44.34
N ASP G 333 -32.94 102.37 43.45
CA ASP G 333 -33.55 103.70 43.35
C ASP G 333 -34.52 103.78 42.19
N PHE G 334 -35.80 103.78 42.50
CA PHE G 334 -36.87 103.77 41.53
C PHE G 334 -36.85 104.99 40.62
N GLN G 335 -36.23 106.08 41.08
CA GLN G 335 -36.17 107.31 40.32
C GLN G 335 -34.89 107.44 39.50
N ASP G 336 -33.99 106.47 39.61
CA ASP G 336 -32.70 106.52 38.94
C ASP G 336 -32.65 105.60 37.72
N PRO G 337 -32.52 106.13 36.47
CA PRO G 337 -32.51 105.40 35.22
C PRO G 337 -31.61 104.18 35.26
N ILE G 338 -30.52 104.24 36.01
CA ILE G 338 -29.66 103.08 36.03
C ILE G 338 -30.37 101.88 36.61
N ASP G 339 -31.12 102.08 37.69
CA ASP G 339 -31.74 100.96 38.36
C ASP G 339 -33.01 100.54 37.73
N ILE G 340 -33.38 101.20 36.67
CA ILE G 340 -34.60 100.83 36.05
C ILE G 340 -34.26 100.44 34.63
N ARG G 341 -32.98 100.24 34.37
CA ARG G 341 -32.51 99.81 33.08
C ARG G 341 -33.03 100.69 31.94
N GLY G 342 -32.98 102.00 32.14
CA GLY G 342 -33.37 102.95 31.11
C GLY G 342 -34.86 103.16 31.01
N ALA G 343 -35.60 102.50 31.84
CA ALA G 343 -37.04 102.58 31.82
C ALA G 343 -37.56 103.97 32.09
N ARG G 344 -38.76 104.14 31.57
CA ARG G 344 -39.65 105.26 31.67
C ARG G 344 -40.73 104.76 32.62
N TRP G 345 -41.96 105.21 32.44
CA TRP G 345 -43.10 104.88 33.28
C TRP G 345 -43.03 103.58 34.08
N ALA G 346 -43.56 103.62 35.30
CA ALA G 346 -43.61 102.48 36.21
C ALA G 346 -44.10 101.19 35.55
N GLY G 347 -45.03 101.26 34.62
CA GLY G 347 -45.53 100.05 33.96
C GLY G 347 -44.41 99.26 33.28
N GLU G 348 -43.26 99.89 33.05
CA GLU G 348 -42.11 99.24 32.50
C GLU G 348 -40.96 99.21 33.54
N SER G 349 -40.85 100.22 34.41
CA SER G 349 -39.74 100.20 35.37
C SER G 349 -39.97 99.16 36.46
N PHE G 350 -41.21 98.76 36.65
CA PHE G 350 -41.49 97.73 37.59
C PHE G 350 -40.93 96.39 37.13
N LYS G 351 -40.77 96.20 35.83
CA LYS G 351 -40.22 94.95 35.36
C LYS G 351 -38.76 94.96 35.73
N ALA G 352 -38.15 96.15 35.63
CA ALA G 352 -36.75 96.29 35.96
C ALA G 352 -36.52 95.91 37.42
N LEU G 353 -37.48 96.25 38.27
CA LEU G 353 -37.36 95.87 39.66
C LEU G 353 -37.32 94.37 39.76
N LEU G 354 -38.23 93.68 39.09
CA LEU G 354 -38.22 92.23 39.16
C LEU G 354 -36.91 91.67 38.65
N PHE G 355 -36.38 92.30 37.61
CA PHE G 355 -35.12 91.89 37.05
C PHE G 355 -34.01 91.95 38.07
N GLN G 356 -33.86 93.09 38.74
CA GLN G 356 -32.79 93.14 39.71
C GLN G 356 -33.06 92.19 40.87
N ILE G 357 -34.33 91.98 41.22
CA ILE G 357 -34.61 91.04 42.29
C ILE G 357 -34.11 89.69 41.85
N ASP G 358 -34.40 89.31 40.62
CA ASP G 358 -33.94 88.04 40.15
C ASP G 358 -32.43 88.00 40.12
N LYS G 359 -31.76 89.10 39.76
CA LYS G 359 -30.32 89.05 39.76
C LYS G 359 -29.81 88.65 41.12
N GLU G 360 -30.47 89.19 42.16
CA GLU G 360 -30.13 88.87 43.56
C GLU G 360 -30.37 87.37 43.80
N ALA G 361 -31.44 86.83 43.24
CA ALA G 361 -31.75 85.41 43.40
C ALA G 361 -30.66 84.56 42.73
N VAL G 362 -30.16 85.06 41.62
CA VAL G 362 -29.12 84.36 40.92
C VAL G 362 -27.87 84.39 41.76
N GLU G 363 -27.57 85.53 42.33
CA GLU G 363 -26.41 85.66 43.18
C GLU G 363 -26.53 84.69 44.34
N ILE G 364 -27.73 84.43 44.83
CA ILE G 364 -27.89 83.48 45.92
C ILE G 364 -27.31 82.14 45.44
N ALA G 365 -27.62 81.74 44.21
CA ALA G 365 -26.98 80.53 43.72
C ALA G 365 -25.48 80.72 43.66
N ARG G 366 -25.03 81.87 43.16
CA ARG G 366 -23.60 82.07 43.00
C ARG G 366 -22.84 81.93 44.30
N GLN G 367 -23.41 82.41 45.36
CA GLN G 367 -22.78 82.38 46.66
C GLN G 367 -22.99 81.09 47.41
N THR G 368 -23.74 80.15 46.87
CA THR G 368 -23.98 78.94 47.63
C THR G 368 -23.69 77.69 46.85
N GLY G 369 -24.11 77.65 45.60
CA GLY G 369 -23.99 76.47 44.79
C GLY G 369 -25.00 75.42 45.21
N ARG G 370 -26.05 75.82 45.91
CA ARG G 370 -27.02 74.85 46.39
C ARG G 370 -28.37 74.97 45.72
N GLY G 371 -28.49 75.98 44.87
CA GLY G 371 -29.71 76.32 44.16
C GLY G 371 -29.94 77.82 44.22
N GLU G 372 -30.70 78.35 43.27
CA GLU G 372 -30.91 79.79 43.29
C GLU G 372 -32.01 80.18 44.21
N GLY G 373 -32.24 81.48 44.34
CA GLY G 373 -33.27 81.91 45.26
C GLY G 373 -34.62 81.35 44.85
N ASN G 374 -35.44 81.07 45.87
CA ASN G 374 -36.80 80.57 45.65
C ASN G 374 -37.84 81.21 46.57
N PHE G 375 -37.43 82.24 47.30
CA PHE G 375 -38.36 82.97 48.12
C PHE G 375 -37.90 84.38 48.34
N ILE G 376 -38.85 85.19 48.75
CA ILE G 376 -38.61 86.57 49.12
C ILE G 376 -39.58 87.05 50.18
N ILE G 377 -39.06 87.79 51.13
CA ILE G 377 -39.92 88.43 52.09
C ILE G 377 -39.76 89.91 51.87
N ALA G 378 -40.86 90.63 51.81
CA ALA G 378 -40.70 92.04 51.51
C ALA G 378 -41.74 92.89 52.17
N SER G 379 -41.44 94.18 52.27
CA SER G 379 -42.33 95.15 52.86
C SER G 379 -43.62 95.25 52.10
N ARG G 380 -44.61 95.83 52.76
CA ARG G 380 -45.92 96.00 52.17
C ARG G 380 -45.90 96.79 50.89
N ASN G 381 -45.04 97.78 50.82
CA ASN G 381 -44.99 98.59 49.63
C ASN G 381 -44.41 97.79 48.47
N VAL G 382 -43.40 96.99 48.75
CA VAL G 382 -42.82 96.19 47.71
C VAL G 382 -43.83 95.18 47.21
N VAL G 383 -44.53 94.56 48.12
CA VAL G 383 -45.50 93.55 47.75
C VAL G 383 -46.63 94.20 46.95
N ASN G 384 -47.10 95.38 47.35
CA ASN G 384 -48.12 96.07 46.58
C ASN G 384 -47.65 96.20 45.12
N VAL G 385 -46.37 96.52 44.95
CA VAL G 385 -45.85 96.58 43.61
C VAL G 385 -45.85 95.21 42.98
N LEU G 386 -45.38 94.20 43.66
CA LEU G 386 -45.30 92.91 43.01
C LEU G 386 -46.67 92.42 42.55
N ALA G 387 -47.69 92.67 43.34
CA ALA G 387 -49.03 92.17 43.05
C ALA G 387 -49.77 92.93 41.97
N SER G 388 -49.20 94.04 41.53
CA SER G 388 -49.77 94.93 40.55
C SER G 388 -49.04 94.88 39.23
N VAL G 389 -48.08 93.95 39.14
CA VAL G 389 -47.26 93.83 37.95
C VAL G 389 -47.21 92.39 37.46
N ASP G 390 -47.36 92.20 36.17
CA ASP G 390 -47.30 90.87 35.60
C ASP G 390 -45.86 90.42 35.58
N THR G 391 -45.56 89.34 36.28
CA THR G 391 -44.20 88.84 36.39
C THR G 391 -43.76 88.12 35.13
N GLY G 392 -44.68 87.81 34.25
CA GLY G 392 -44.31 87.09 33.06
C GLY G 392 -43.70 88.02 32.05
N ILE G 393 -43.33 87.48 30.91
CA ILE G 393 -42.71 88.30 29.91
C ILE G 393 -43.79 88.92 29.07
N SER G 394 -43.84 90.24 29.08
CA SER G 394 -44.88 90.93 28.37
C SER G 394 -44.46 92.33 28.00
N TYR G 395 -45.29 92.99 27.20
CA TYR G 395 -44.94 94.30 26.68
C TYR G 395 -44.82 95.34 27.78
N ALA G 396 -45.72 95.28 28.74
CA ALA G 396 -45.78 96.21 29.87
C ALA G 396 -46.73 95.61 30.87
N ALA G 397 -46.72 96.05 32.12
CA ALA G 397 -47.80 95.53 32.95
C ALA G 397 -48.07 96.33 34.19
N GLN G 398 -49.28 96.86 34.31
CA GLN G 398 -49.57 97.55 35.54
C GLN G 398 -51.07 97.62 35.76
N GLY G 399 -51.50 97.44 37.01
CA GLY G 399 -52.91 97.61 37.37
C GLY G 399 -53.16 97.45 38.85
N LEU G 400 -54.42 97.22 39.23
CA LEU G 400 -54.73 97.04 40.64
C LEU G 400 -54.00 95.80 41.10
N ALA G 401 -53.62 95.79 42.35
CA ALA G 401 -52.90 94.68 42.94
C ALA G 401 -53.83 93.53 43.23
N THR G 402 -53.68 92.46 42.45
CA THR G 402 -54.55 91.31 42.57
C THR G 402 -53.79 89.99 42.56
N GLY G 403 -52.55 90.01 42.08
CA GLY G 403 -51.80 88.79 41.88
C GLY G 403 -51.49 88.02 43.15
N PHE G 404 -51.25 88.77 44.20
CA PHE G 404 -50.85 88.26 45.48
C PHE G 404 -51.67 88.89 46.54
N SER G 405 -51.81 88.22 47.66
CA SER G 405 -52.42 88.96 48.73
C SER G 405 -51.45 90.05 49.10
N THR G 406 -51.96 91.22 49.38
CA THR G 406 -51.14 92.32 49.84
C THR G 406 -51.53 92.61 51.28
N ASP G 407 -52.46 91.80 51.77
CA ASP G 407 -53.03 91.91 53.08
C ASP G 407 -52.11 91.29 54.11
N THR G 408 -52.30 91.69 55.35
CA THR G 408 -51.54 91.16 56.48
C THR G 408 -52.43 90.64 57.58
N THR G 409 -53.73 90.76 57.39
CA THR G 409 -54.67 90.35 58.41
C THR G 409 -55.21 88.96 58.15
N LYS G 410 -55.04 88.46 56.94
CA LYS G 410 -55.50 87.13 56.58
C LYS G 410 -54.33 86.18 56.35
N SER G 411 -53.16 86.73 56.09
CA SER G 411 -52.01 85.93 55.78
C SER G 411 -50.73 86.65 56.05
N VAL G 412 -49.66 85.96 55.71
CA VAL G 412 -48.29 86.40 55.80
C VAL G 412 -47.61 85.99 54.55
N PHE G 413 -48.29 85.10 53.87
CA PHE G 413 -47.86 84.51 52.63
C PHE G 413 -48.74 85.08 51.57
N ALA G 414 -48.11 85.81 50.67
CA ALA G 414 -48.80 86.54 49.64
C ALA G 414 -49.07 85.69 48.39
N GLY G 415 -48.12 84.85 48.00
CA GLY G 415 -48.28 84.05 46.76
C GLY G 415 -46.94 83.77 46.07
N VAL G 416 -46.96 83.38 44.78
CA VAL G 416 -45.69 83.02 44.15
C VAL G 416 -45.33 83.78 42.83
N LEU G 417 -44.17 84.44 42.79
CA LEU G 417 -43.80 85.23 41.61
C LEU G 417 -43.35 84.38 40.50
N GLY G 418 -44.14 84.39 39.43
CA GLY G 418 -43.83 83.67 38.22
C GLY G 418 -43.93 82.18 38.42
N GLY G 419 -44.50 81.77 39.55
CA GLY G 419 -44.51 80.36 39.85
C GLY G 419 -43.16 79.93 40.43
N LYS G 420 -42.25 80.87 40.67
CA LYS G 420 -40.93 80.57 41.18
C LYS G 420 -40.62 81.05 42.59
N TYR G 421 -40.99 82.29 42.93
CA TYR G 421 -40.59 82.82 44.26
C TYR G 421 -41.76 82.88 45.24
N ARG G 422 -41.57 82.29 46.43
CA ARG G 422 -42.59 82.37 47.46
C ARG G 422 -42.47 83.71 48.18
N VAL G 423 -43.52 84.51 48.05
CA VAL G 423 -43.56 85.86 48.60
C VAL G 423 -44.27 85.94 49.92
N TYR G 424 -43.55 86.48 50.88
CA TYR G 424 -44.03 86.68 52.24
C TYR G 424 -43.96 88.15 52.57
N ILE G 425 -44.72 88.58 53.57
CA ILE G 425 -44.73 90.00 53.90
C ILE G 425 -44.00 90.39 55.19
N ASP G 426 -43.04 91.30 55.07
CA ASP G 426 -42.32 91.75 56.24
C ASP G 426 -43.17 92.80 56.91
N GLN G 427 -44.06 92.37 57.77
CA GLN G 427 -45.05 93.25 58.32
C GLN G 427 -44.44 94.28 59.26
N TYR G 428 -43.18 94.07 59.64
CA TYR G 428 -42.52 94.98 60.54
C TYR G 428 -41.32 95.65 59.93
N ALA G 429 -41.28 95.75 58.60
CA ALA G 429 -40.13 96.39 58.00
C ALA G 429 -39.94 97.79 58.56
N LYS G 430 -38.69 98.15 58.84
CA LYS G 430 -38.40 99.48 59.37
C LYS G 430 -38.54 100.58 58.36
N GLN G 431 -38.07 100.38 57.14
CA GLN G 431 -38.23 101.43 56.16
C GLN G 431 -39.01 100.91 54.99
N ASP G 432 -38.30 100.29 54.06
CA ASP G 432 -38.91 99.72 52.89
C ASP G 432 -37.79 98.93 52.20
N TYR G 433 -37.93 97.61 52.17
CA TYR G 433 -36.89 96.72 51.68
C TYR G 433 -37.41 95.33 51.41
N PHE G 434 -36.54 94.51 50.82
CA PHE G 434 -36.84 93.10 50.70
C PHE G 434 -35.60 92.23 50.86
N THR G 435 -35.85 90.97 51.22
CA THR G 435 -34.79 89.98 51.34
C THR G 435 -35.14 88.76 50.53
N VAL G 436 -34.20 88.31 49.74
CA VAL G 436 -34.37 87.18 48.86
C VAL G 436 -33.43 86.07 49.27
N GLY G 437 -33.87 84.83 49.10
CA GLY G 437 -32.99 83.73 49.46
C GLY G 437 -33.40 82.37 48.94
N TYR G 438 -32.62 81.37 49.36
CA TYR G 438 -32.83 79.99 48.93
C TYR G 438 -32.98 78.96 50.01
N LYS G 439 -34.02 78.16 49.85
CA LYS G 439 -34.28 77.04 50.71
C LYS G 439 -34.23 75.73 49.95
N GLY G 440 -33.30 74.84 50.29
CA GLY G 440 -33.27 73.59 49.56
C GLY G 440 -34.30 72.63 50.13
N PRO G 441 -34.66 71.55 49.40
CA PRO G 441 -35.60 70.51 49.79
C PRO G 441 -35.14 69.70 50.99
N ASN G 442 -33.84 69.71 51.21
CA ASN G 442 -33.21 69.04 52.31
C ASN G 442 -33.11 70.07 53.41
N GLU G 443 -33.72 69.84 54.56
CA GLU G 443 -33.70 70.87 55.60
C GLU G 443 -32.28 71.28 55.99
N MET G 444 -31.29 70.43 55.73
CA MET G 444 -29.93 70.76 56.09
C MET G 444 -29.29 71.72 55.11
N ASP G 445 -30.07 72.16 54.12
CA ASP G 445 -29.70 73.11 53.11
C ASP G 445 -30.56 74.37 53.23
N ALA G 446 -31.06 74.64 54.43
CA ALA G 446 -31.91 75.82 54.66
C ALA G 446 -31.19 77.16 54.88
N GLY G 447 -29.97 77.15 55.39
CA GLY G 447 -29.27 78.40 55.68
C GLY G 447 -29.44 78.83 57.14
N ILE G 448 -30.52 78.39 57.73
CA ILE G 448 -30.90 78.72 59.10
C ILE G 448 -31.75 77.61 59.69
N TYR G 449 -31.60 77.38 61.00
CA TYR G 449 -32.34 76.35 61.71
C TYR G 449 -33.07 76.79 62.96
N TYR G 450 -34.23 76.14 63.15
CA TYR G 450 -35.11 76.24 64.34
C TYR G 450 -35.32 74.78 64.76
N ALA G 451 -34.84 74.37 65.94
CA ALA G 451 -34.89 72.95 66.21
C ALA G 451 -35.52 72.59 67.53
N PRO G 452 -36.83 72.63 67.64
CA PRO G 452 -37.52 72.52 68.88
C PRO G 452 -37.25 71.21 69.55
N TYR G 453 -37.05 71.30 70.88
CA TYR G 453 -36.82 70.15 71.79
C TYR G 453 -37.91 70.21 72.86
N VAL G 454 -38.36 71.43 73.18
CA VAL G 454 -39.43 71.65 74.15
C VAL G 454 -40.37 72.73 73.62
N ALA G 455 -41.68 72.53 73.73
CA ALA G 455 -42.55 73.60 73.30
C ALA G 455 -43.82 73.67 74.11
N LEU G 456 -44.09 74.86 74.58
CA LEU G 456 -45.24 75.24 75.35
C LEU G 456 -45.56 74.27 76.44
N THR G 457 -44.58 73.93 77.24
CA THR G 457 -44.86 73.05 78.33
C THR G 457 -45.70 73.87 79.26
N PRO G 458 -46.92 73.48 79.60
CA PRO G 458 -47.75 74.22 80.50
C PRO G 458 -47.27 73.92 81.87
N LEU G 459 -47.36 74.88 82.75
CA LEU G 459 -47.07 74.64 84.14
C LEU G 459 -48.15 75.28 84.98
N ARG G 460 -48.72 74.51 85.91
CA ARG G 460 -49.80 75.03 86.74
C ARG G 460 -49.69 74.62 88.19
N GLY G 461 -50.09 75.54 89.08
CA GLY G 461 -50.11 75.30 90.53
C GLY G 461 -50.71 76.49 91.26
N SER G 462 -50.44 76.60 92.56
CA SER G 462 -50.97 77.68 93.39
C SER G 462 -50.08 77.89 94.61
N ASP G 463 -50.11 79.10 95.18
CA ASP G 463 -49.31 79.44 96.36
C ASP G 463 -50.18 79.76 97.59
N PRO G 464 -50.28 78.82 98.58
CA PRO G 464 -51.09 78.85 99.79
C PRO G 464 -50.87 80.06 100.66
N LYS G 465 -49.75 80.77 100.51
CA LYS G 465 -49.64 81.93 101.35
C LYS G 465 -50.76 82.92 101.04
N ASN G 466 -51.23 82.94 99.79
CA ASN G 466 -52.29 83.85 99.40
C ASN G 466 -53.36 83.01 98.73
N PHE G 467 -52.98 81.77 98.46
CA PHE G 467 -53.78 80.78 97.72
C PHE G 467 -54.11 81.22 96.34
N GLN G 468 -53.17 81.88 95.70
CA GLN G 468 -53.44 82.33 94.36
C GLN G 468 -52.95 81.31 93.38
N PRO G 469 -53.61 81.13 92.23
CA PRO G 469 -53.25 80.24 91.15
C PRO G 469 -52.09 80.80 90.41
N VAL G 470 -51.34 79.92 89.80
CA VAL G 470 -50.31 80.37 88.91
C VAL G 470 -50.23 79.46 87.70
N MET G 471 -50.08 80.09 86.57
CA MET G 471 -49.91 79.43 85.30
C MET G 471 -48.76 80.06 84.55
N GLY G 472 -48.12 79.27 83.69
CA GLY G 472 -47.09 79.72 82.75
C GLY G 472 -46.64 78.64 81.75
N PHE G 473 -45.79 79.04 80.80
CA PHE G 473 -45.24 78.16 79.77
C PHE G 473 -43.75 78.27 79.51
N LYS G 474 -43.14 77.16 79.04
CA LYS G 474 -41.74 77.23 78.58
C LYS G 474 -41.43 76.41 77.30
N THR G 475 -40.40 76.87 76.55
CA THR G 475 -39.94 76.23 75.31
C THR G 475 -38.41 76.09 75.24
N ARG G 476 -37.94 75.37 74.22
CA ARG G 476 -36.49 75.17 73.95
C ARG G 476 -36.31 74.83 72.46
N TYR G 477 -35.49 75.59 71.73
CA TYR G 477 -35.28 75.33 70.31
C TYR G 477 -33.93 75.79 69.79
N GLY G 478 -33.26 76.61 70.59
CA GLY G 478 -31.95 77.11 70.19
C GLY G 478 -32.01 77.83 68.86
N ILE G 479 -30.88 77.88 68.18
CA ILE G 479 -30.80 78.52 66.88
C ILE G 479 -29.57 78.01 66.16
N GLY G 480 -29.61 77.90 64.84
CA GLY G 480 -28.39 77.52 64.16
C GLY G 480 -28.25 78.04 62.75
N ILE G 481 -27.01 78.17 62.32
CA ILE G 481 -26.63 78.62 60.99
C ILE G 481 -25.95 77.52 60.22
N ASN G 482 -26.35 77.42 58.98
CA ASN G 482 -25.86 76.40 58.08
C ASN G 482 -24.35 76.54 57.91
N PRO G 483 -23.60 75.44 57.91
CA PRO G 483 -22.18 75.46 57.71
C PRO G 483 -21.96 75.97 56.32
N PHE G 484 -20.82 76.58 56.11
CA PHE G 484 -20.42 77.16 54.84
C PHE G 484 -21.19 78.41 54.48
N ALA G 485 -22.13 78.85 55.32
CA ALA G 485 -22.95 79.99 54.97
C ALA G 485 -22.13 81.23 54.68
N GLU G 486 -21.01 81.41 55.35
CA GLU G 486 -20.20 82.60 55.15
C GLU G 486 -19.65 82.77 53.73
N SER G 487 -19.47 81.66 53.02
CA SER G 487 -18.86 81.67 51.69
C SER G 487 -17.63 82.58 51.61
N ALA G 488 -16.79 82.59 52.63
CA ALA G 488 -15.67 83.50 52.60
C ALA G 488 -14.41 82.92 53.20
N ALA G 489 -14.33 81.62 53.29
CA ALA G 489 -13.19 81.00 53.90
C ALA G 489 -13.08 79.59 53.42
N GLN G 490 -11.89 79.05 53.53
CA GLN G 490 -11.70 77.66 53.19
C GLN G 490 -11.72 76.81 54.46
N ALA G 491 -11.89 77.46 55.60
CA ALA G 491 -11.97 76.78 56.87
C ALA G 491 -12.47 77.76 57.93
N PRO G 492 -13.26 77.31 58.90
CA PRO G 492 -13.66 78.06 60.06
C PRO G 492 -12.50 78.09 61.03
N ALA G 493 -12.49 79.07 61.90
CA ALA G 493 -11.44 79.10 62.90
C ALA G 493 -11.45 77.86 63.79
N SER G 494 -10.25 77.38 64.07
CA SER G 494 -9.96 76.26 64.97
C SER G 494 -10.68 74.95 64.72
N ARG G 495 -11.31 74.78 63.56
CA ARG G 495 -12.06 73.57 63.23
C ARG G 495 -13.24 73.29 64.18
N ILE G 496 -13.59 74.23 65.05
CA ILE G 496 -14.74 74.04 65.93
C ILE G 496 -15.31 75.32 66.51
N GLN G 497 -16.63 75.42 66.49
CA GLN G 497 -17.31 76.54 67.11
C GLN G 497 -18.80 76.41 67.21
N SER G 498 -19.40 77.40 67.80
CA SER G 498 -20.84 77.48 67.84
C SER G 498 -21.42 77.68 66.47
N GLY G 499 -22.57 77.08 66.22
CA GLY G 499 -23.32 77.23 64.99
C GLY G 499 -24.33 78.37 65.14
N MET G 500 -24.28 79.05 66.26
CA MET G 500 -25.23 80.09 66.52
C MET G 500 -24.79 81.29 65.73
N PRO G 501 -25.70 82.14 65.29
CA PRO G 501 -25.40 83.36 64.61
C PRO G 501 -24.69 84.30 65.55
N SER G 502 -23.84 85.14 65.00
CA SER G 502 -23.09 86.10 65.81
C SER G 502 -22.36 87.19 65.07
N ILE G 503 -22.11 88.28 65.77
CA ILE G 503 -21.30 89.36 65.23
C ILE G 503 -19.91 88.88 64.80
N LEU G 504 -19.43 87.83 65.44
CA LEU G 504 -18.13 87.29 65.10
C LEU G 504 -18.24 86.07 64.20
N ASN G 505 -19.45 85.74 63.78
CA ASN G 505 -19.65 84.56 62.99
C ASN G 505 -20.41 84.73 61.70
N SER G 506 -21.56 85.37 61.77
CA SER G 506 -22.45 85.42 60.64
C SER G 506 -23.14 86.73 60.32
N LEU G 507 -22.99 87.75 61.14
CA LEU G 507 -23.75 88.97 60.89
C LEU G 507 -23.34 89.53 59.54
N GLY G 508 -24.31 89.63 58.64
CA GLY G 508 -24.09 90.12 57.29
C GLY G 508 -23.38 89.16 56.33
N LYS G 509 -23.19 87.90 56.74
CA LYS G 509 -22.41 86.97 55.93
C LYS G 509 -23.09 85.74 55.32
N ASN G 510 -24.34 85.46 55.64
CA ASN G 510 -24.98 84.23 55.21
C ASN G 510 -25.46 84.25 53.77
N ALA G 511 -24.79 83.48 52.96
CA ALA G 511 -24.94 83.34 51.52
C ALA G 511 -26.31 82.93 51.05
N TYR G 512 -27.11 82.35 51.92
CA TYR G 512 -28.42 81.91 51.50
C TYR G 512 -29.39 83.07 51.43
N PHE G 513 -28.99 84.24 51.92
CA PHE G 513 -29.90 85.37 51.93
C PHE G 513 -29.22 86.68 51.52
N ARG G 514 -29.95 87.55 50.83
CA ARG G 514 -29.45 88.89 50.48
C ARG G 514 -30.52 89.96 50.62
N ARG G 515 -30.17 91.08 51.24
CA ARG G 515 -31.15 92.15 51.41
C ARG G 515 -30.80 93.41 50.65
N VAL G 516 -31.86 94.04 50.13
CA VAL G 516 -31.79 95.30 49.41
C VAL G 516 -32.84 96.32 49.87
N TYR G 517 -32.41 97.55 50.08
CA TYR G 517 -33.34 98.62 50.45
C TYR G 517 -33.87 99.27 49.21
N VAL G 518 -35.12 99.71 49.27
CA VAL G 518 -35.67 100.36 48.09
C VAL G 518 -36.02 101.79 48.41
N LYS G 519 -35.68 102.68 47.50
CA LYS G 519 -35.96 104.08 47.70
C LYS G 519 -36.56 104.67 46.45
N GLY G 520 -37.40 105.68 46.64
CA GLY G 520 -38.01 106.39 45.52
C GLY G 520 -39.22 105.64 45.00
N ILE G 521 -39.49 104.49 45.61
CA ILE G 521 -40.58 103.62 45.25
C ILE G 521 -41.83 104.45 44.99
N ALA H 66 -109.22 146.70 10.80
CA ALA H 66 -108.86 145.30 10.72
C ALA H 66 -109.03 144.61 12.05
N GLU H 67 -109.05 143.28 12.02
CA GLU H 67 -109.25 142.46 13.18
C GLU H 67 -107.99 142.33 14.03
N ILE H 68 -107.60 143.44 14.63
CA ILE H 68 -106.38 143.46 15.42
C ILE H 68 -106.63 143.39 16.92
N GLY H 69 -106.35 142.22 17.48
CA GLY H 69 -106.56 142.02 18.92
C GLY H 69 -105.33 142.51 19.69
N GLY H 70 -104.30 142.85 18.92
CA GLY H 70 -103.03 143.33 19.39
C GLY H 70 -102.06 142.24 19.73
N ASP H 71 -100.99 142.65 20.37
CA ASP H 71 -99.90 141.75 20.74
C ASP H 71 -99.27 142.26 22.01
N HIS H 72 -98.27 141.56 22.49
CA HIS H 72 -97.58 141.97 23.70
C HIS H 72 -96.27 142.68 23.38
N GLY H 73 -95.73 143.34 24.40
CA GLY H 73 -94.42 143.97 24.29
C GLY H 73 -93.32 143.00 24.72
N TYR H 74 -93.74 141.76 24.96
CA TYR H 74 -92.94 140.63 25.42
C TYR H 74 -92.41 140.85 26.83
N ASN H 75 -93.13 141.69 27.54
CA ASN H 75 -92.94 141.97 28.95
C ASN H 75 -93.72 140.91 29.69
N ALA H 76 -93.05 140.11 30.50
CA ALA H 76 -93.73 139.01 31.20
C ALA H 76 -94.94 139.53 31.98
N THR H 77 -94.87 140.78 32.41
CA THR H 77 -95.91 141.41 33.17
C THR H 77 -97.19 141.45 32.38
N ASN H 78 -97.05 141.84 31.12
CA ASN H 78 -98.19 142.04 30.27
C ASN H 78 -98.67 140.73 29.76
N ILE H 79 -97.74 139.80 29.54
CA ILE H 79 -98.15 138.51 29.05
C ILE H 79 -99.01 137.88 30.12
N ALA H 80 -98.52 137.91 31.37
CA ALA H 80 -99.25 137.33 32.48
C ALA H 80 -100.59 138.02 32.68
N ALA H 81 -100.59 139.35 32.55
CA ALA H 81 -101.79 140.15 32.65
C ALA H 81 -102.80 139.85 31.57
N GLY H 82 -102.31 139.50 30.37
CA GLY H 82 -103.17 139.27 29.24
C GLY H 82 -103.48 140.61 28.59
N GLN H 83 -102.62 141.61 28.84
CA GLN H 83 -102.81 142.94 28.31
C GLN H 83 -102.09 143.14 27.01
N THR H 84 -102.85 143.32 25.95
CA THR H 84 -102.28 143.47 24.63
C THR H 84 -102.38 144.91 24.21
N SER H 85 -101.77 145.20 23.09
CA SER H 85 -101.78 146.51 22.45
C SER H 85 -103.04 146.81 21.63
N GLY H 86 -103.95 145.85 21.51
CA GLY H 86 -105.12 146.01 20.66
C GLY H 86 -106.45 145.76 21.34
N ALA H 87 -107.39 145.22 20.58
CA ALA H 87 -108.77 145.06 21.03
C ALA H 87 -109.10 143.89 21.95
N VAL H 88 -108.24 142.88 22.13
CA VAL H 88 -108.70 141.75 22.92
C VAL H 88 -107.86 141.43 24.11
N THR H 89 -108.51 141.46 25.27
CA THR H 89 -107.91 141.12 26.54
C THR H 89 -107.91 139.62 26.61
N GLN H 90 -106.79 139.05 27.00
CA GLN H 90 -106.67 137.61 27.01
C GLN H 90 -107.04 137.00 28.33
N ILE H 91 -107.38 135.72 28.28
CA ILE H 91 -107.64 134.92 29.48
C ILE H 91 -106.36 134.75 30.31
N GLY H 92 -105.23 134.94 29.64
CA GLY H 92 -103.90 134.85 30.19
C GLY H 92 -103.23 133.54 29.80
N PRO H 93 -101.95 133.39 30.08
CA PRO H 93 -101.11 132.29 29.71
C PRO H 93 -101.37 131.15 30.66
N ALA H 94 -102.53 130.55 30.58
CA ALA H 94 -102.92 129.62 31.62
C ALA H 94 -102.01 128.41 31.89
N VAL H 95 -101.48 127.72 30.86
CA VAL H 95 -100.71 126.52 31.22
C VAL H 95 -99.66 125.94 30.27
N MET H 96 -98.50 125.60 30.85
CA MET H 96 -97.41 124.80 30.28
C MET H 96 -97.05 123.72 31.31
N GLY H 97 -97.84 123.61 32.36
CA GLY H 97 -97.62 122.69 33.46
C GLY H 97 -96.69 123.27 34.53
N MET H 98 -96.24 122.40 35.43
CA MET H 98 -95.39 122.80 36.55
C MET H 98 -94.26 121.81 36.74
N VAL H 99 -93.11 122.33 37.09
CA VAL H 99 -91.89 121.57 37.32
C VAL H 99 -91.44 121.77 38.75
N ARG H 100 -91.03 120.71 39.42
CA ARG H 100 -90.53 120.91 40.76
C ARG H 100 -89.14 120.39 40.87
N ARG H 101 -88.38 120.93 41.83
CA ARG H 101 -86.97 120.54 42.06
C ARG H 101 -86.89 119.09 42.59
N ALA H 102 -85.99 118.30 42.00
CA ALA H 102 -85.70 116.91 42.38
C ALA H 102 -84.88 116.85 43.66
N ILE H 103 -84.94 115.71 44.33
CA ILE H 103 -84.14 115.51 45.52
C ILE H 103 -83.26 114.29 45.34
N PRO H 104 -82.17 114.14 46.12
CA PRO H 104 -81.27 113.01 46.12
C PRO H 104 -82.01 111.80 46.72
N ASN H 105 -81.59 110.53 46.48
CA ASN H 105 -80.35 109.99 45.88
C ASN H 105 -79.17 110.18 46.81
N LEU H 106 -79.29 109.66 48.04
CA LEU H 106 -78.22 109.74 49.03
C LEU H 106 -77.60 108.41 49.40
N ILE H 107 -76.32 108.47 49.76
CA ILE H 107 -75.61 107.36 50.36
C ILE H 107 -76.08 107.38 51.78
N ALA H 108 -76.41 106.24 52.37
CA ALA H 108 -76.85 106.36 53.75
C ALA H 108 -75.85 105.75 54.72
N PHE H 109 -75.91 104.43 54.89
CA PHE H 109 -75.04 103.79 55.85
C PHE H 109 -74.31 102.65 55.19
N ASP H 110 -74.18 102.79 53.88
CA ASP H 110 -73.56 101.82 53.01
C ASP H 110 -72.21 101.32 53.45
N ILE H 111 -71.40 102.20 54.01
CA ILE H 111 -70.06 101.85 54.40
C ILE H 111 -69.82 102.00 55.88
N CYS H 112 -70.86 101.89 56.71
CA CYS H 112 -70.56 102.08 58.12
C CYS H 112 -71.41 101.20 59.00
N GLY H 113 -71.08 101.17 60.27
CA GLY H 113 -71.88 100.37 61.18
C GLY H 113 -73.02 101.22 61.64
N VAL H 114 -73.90 100.65 62.45
CA VAL H 114 -75.00 101.40 62.96
C VAL H 114 -75.00 101.31 64.49
N GLN H 115 -75.13 100.10 65.01
CA GLN H 115 -75.26 99.87 66.43
C GLN H 115 -76.41 100.70 67.00
N PRO H 116 -77.65 100.49 66.50
CA PRO H 116 -78.82 101.28 66.81
C PRO H 116 -79.17 101.13 68.25
N MET H 117 -79.83 102.13 68.80
CA MET H 117 -80.18 102.05 70.21
C MET H 117 -81.66 101.94 70.46
N ASN H 118 -81.97 101.27 71.55
CA ASN H 118 -83.29 101.16 72.12
C ASN H 118 -83.07 101.32 73.60
N SER H 119 -81.80 101.57 73.89
CA SER H 119 -81.21 101.79 75.18
C SER H 119 -80.20 102.90 74.92
N PRO H 120 -80.61 104.17 75.04
CA PRO H 120 -79.88 105.33 74.64
C PRO H 120 -78.69 105.51 75.55
N THR H 121 -77.68 106.21 75.06
CA THR H 121 -76.53 106.55 75.87
C THR H 121 -75.84 105.32 76.48
N GLY H 122 -75.53 104.30 75.66
CA GLY H 122 -74.90 103.04 76.09
C GLY H 122 -73.36 103.05 76.18
N GLN H 123 -72.77 101.84 76.30
CA GLN H 123 -71.31 101.67 76.44
C GLN H 123 -70.73 100.43 75.75
N VAL H 124 -69.50 100.58 75.26
CA VAL H 124 -68.72 99.52 74.58
C VAL H 124 -67.39 99.26 75.30
N PHE H 125 -67.05 97.99 75.40
CA PHE H 125 -65.83 97.56 76.07
C PHE H 125 -64.75 97.10 75.11
N ALA H 126 -63.48 97.18 75.51
CA ALA H 126 -62.40 96.72 74.64
C ALA H 126 -61.23 96.04 75.37
N LEU H 127 -60.87 94.85 74.88
CA LEU H 127 -59.81 93.98 75.43
C LEU H 127 -58.40 94.11 74.83
N ARG H 128 -57.44 94.37 75.73
CA ARG H 128 -56.02 94.56 75.41
C ARG H 128 -55.09 93.49 76.02
N ALA H 129 -54.08 93.07 75.24
CA ALA H 129 -53.14 91.99 75.67
C ALA H 129 -51.94 92.46 76.48
N VAL H 130 -52.22 92.90 77.67
CA VAL H 130 -51.25 93.51 78.59
C VAL H 130 -50.04 92.70 79.01
N TYR H 131 -48.87 93.33 79.01
CA TYR H 131 -47.72 92.64 79.57
C TYR H 131 -46.82 93.59 80.36
N GLY H 132 -46.03 93.02 81.27
CA GLY H 132 -45.11 93.84 82.07
C GLY H 132 -45.54 94.01 83.54
N LYS H 133 -46.52 93.21 83.99
CA LYS H 133 -47.05 93.16 85.36
C LYS H 133 -47.85 94.35 85.91
N ASP H 134 -48.15 95.35 85.11
CA ASP H 134 -48.97 96.45 85.60
C ASP H 134 -49.77 97.04 84.47
N PRO H 135 -51.02 96.61 84.27
CA PRO H 135 -51.89 97.06 83.22
C PRO H 135 -51.97 98.57 83.11
N VAL H 136 -51.86 99.30 84.22
CA VAL H 136 -51.95 100.74 84.11
C VAL H 136 -50.66 101.36 84.52
N ALA H 137 -49.86 101.74 83.55
CA ALA H 137 -48.56 102.27 83.84
C ALA H 137 -48.04 103.09 82.70
N ALA H 138 -47.18 104.05 83.01
CA ALA H 138 -46.54 104.73 81.92
C ALA H 138 -45.71 103.70 81.20
N GLY H 139 -45.73 103.71 79.88
CA GLY H 139 -44.91 102.77 79.15
C GLY H 139 -45.55 101.40 79.02
N ALA H 140 -46.78 101.22 79.53
CA ALA H 140 -47.44 99.92 79.45
C ALA H 140 -47.59 99.54 77.98
N LYS H 141 -47.45 98.25 77.70
CA LYS H 141 -47.56 97.73 76.35
C LYS H 141 -48.44 96.50 76.28
N GLU H 142 -48.93 96.20 75.08
CA GLU H 142 -49.70 94.99 74.89
C GLU H 142 -49.13 94.23 73.72
N ALA H 143 -49.33 92.92 73.74
CA ALA H 143 -48.84 92.00 72.72
C ALA H 143 -49.41 92.22 71.34
N PHE H 144 -50.68 92.57 71.21
CA PHE H 144 -51.22 92.66 69.87
C PHE H 144 -51.78 94.01 69.55
N HIS H 145 -51.17 94.67 68.60
CA HIS H 145 -51.59 95.99 68.19
C HIS H 145 -51.05 96.17 66.77
N PRO H 146 -51.85 96.64 65.82
CA PRO H 146 -51.45 96.91 64.48
C PRO H 146 -50.30 97.87 64.54
N MET H 147 -49.37 97.73 63.62
CA MET H 147 -48.17 98.55 63.51
C MET H 147 -47.14 98.36 64.62
N TYR H 148 -47.29 97.34 65.48
CA TYR H 148 -46.25 97.11 66.47
C TYR H 148 -45.85 95.63 66.49
N GLY H 149 -44.56 95.38 66.73
CA GLY H 149 -44.07 94.03 66.83
C GLY H 149 -44.02 93.47 68.23
N PRO H 150 -43.66 92.19 68.34
CA PRO H 150 -43.48 91.43 69.56
C PRO H 150 -42.20 91.89 70.17
N ASP H 151 -41.99 91.68 71.45
CA ASP H 151 -40.69 92.01 71.97
C ASP H 151 -39.69 90.99 71.43
N ALA H 152 -38.43 91.36 71.42
CA ALA H 152 -37.36 90.49 70.99
C ALA H 152 -36.91 89.59 72.11
N MET H 153 -36.92 90.12 73.33
CA MET H 153 -36.38 89.34 74.43
C MET H 153 -37.17 89.20 75.72
N PHE H 154 -38.39 89.69 75.78
CA PHE H 154 -39.21 89.65 77.00
C PHE H 154 -39.26 88.24 77.58
N SER H 155 -39.49 87.24 76.73
CA SER H 155 -39.52 85.84 77.18
C SER H 155 -38.16 85.14 77.07
N GLY H 156 -37.12 85.85 76.58
CA GLY H 156 -35.80 85.27 76.27
C GLY H 156 -34.62 85.75 77.10
N GLN H 157 -33.49 85.95 76.45
CA GLN H 157 -32.25 86.33 77.14
C GLN H 157 -32.43 87.55 77.99
N GLY H 158 -33.11 88.52 77.42
CA GLY H 158 -33.33 89.81 78.02
C GLY H 158 -34.34 89.73 79.11
N ALA H 159 -34.97 88.58 79.29
CA ALA H 159 -35.90 88.45 80.36
C ALA H 159 -35.15 88.68 81.66
N ALA H 160 -33.87 88.30 81.65
CA ALA H 160 -33.00 88.39 82.80
C ALA H 160 -32.26 89.72 82.95
N LYS H 161 -32.45 90.69 82.06
CA LYS H 161 -31.65 91.90 82.19
C LYS H 161 -32.19 93.11 81.46
N LYS H 162 -31.70 94.27 81.84
CA LYS H 162 -32.07 95.47 81.12
C LYS H 162 -30.92 95.89 80.25
N PHE H 163 -31.24 96.63 79.21
CA PHE H 163 -30.27 97.11 78.27
C PHE H 163 -30.33 98.63 78.20
N PRO H 164 -29.23 99.32 77.87
CA PRO H 164 -29.16 100.76 77.67
C PRO H 164 -29.99 101.14 76.48
N ALA H 165 -30.52 102.33 76.49
CA ALA H 165 -31.27 102.81 75.36
C ALA H 165 -30.42 103.66 74.46
N LEU H 166 -30.83 103.72 73.21
CA LEU H 166 -30.28 104.60 72.20
C LEU H 166 -30.92 105.96 72.37
N ALA H 167 -30.11 106.98 72.46
CA ALA H 167 -30.65 108.33 72.62
C ALA H 167 -29.65 109.32 72.14
N ALA H 168 -30.10 110.52 71.84
CA ALA H 168 -29.14 111.51 71.38
C ALA H 168 -27.99 111.61 72.36
N SER H 169 -26.78 111.66 71.80
CA SER H 169 -25.49 111.79 72.50
C SER H 169 -24.89 110.49 73.02
N THR H 170 -25.60 109.38 72.88
CA THR H 170 -25.05 108.11 73.33
C THR H 170 -24.03 107.58 72.33
N GLN H 171 -23.38 106.48 72.71
CA GLN H 171 -22.38 105.83 71.88
C GLN H 171 -22.49 104.33 72.03
N THR H 172 -22.37 103.64 70.90
CA THR H 172 -22.45 102.20 70.92
C THR H 172 -21.15 101.53 71.31
N THR H 173 -21.26 100.27 71.70
CA THR H 173 -20.12 99.44 71.96
C THR H 173 -20.32 98.21 71.13
N VAL H 174 -19.37 97.93 70.26
CA VAL H 174 -19.59 96.84 69.34
C VAL H 174 -19.78 95.52 70.03
N GLY H 175 -20.87 94.85 69.64
CA GLY H 175 -21.28 93.56 70.16
C GLY H 175 -22.26 93.67 71.32
N ASP H 176 -22.43 94.86 71.89
CA ASP H 176 -23.36 94.97 73.00
C ASP H 176 -24.74 95.26 72.46
N ILE H 177 -25.73 95.36 73.35
CA ILE H 177 -27.10 95.61 72.94
C ILE H 177 -27.75 96.86 73.49
N TYR H 178 -28.33 97.61 72.57
CA TYR H 178 -29.03 98.85 72.90
C TYR H 178 -30.49 98.77 72.53
N THR H 179 -31.32 99.53 73.22
CA THR H 179 -32.75 99.50 72.96
C THR H 179 -33.40 100.82 72.62
N HIS H 180 -34.62 100.73 72.14
CA HIS H 180 -35.38 101.95 71.84
C HIS H 180 -36.84 101.64 71.59
N PHE H 181 -37.74 102.49 72.02
CA PHE H 181 -39.13 102.26 71.64
C PHE H 181 -39.52 103.08 70.46
N PHE H 182 -40.03 102.44 69.41
CA PHE H 182 -40.41 103.17 68.16
C PHE H 182 -41.93 103.33 68.05
N GLN H 183 -42.38 104.58 67.92
CA GLN H 183 -43.78 104.93 67.72
C GLN H 183 -44.40 104.16 66.55
N GLU H 184 -43.54 103.58 65.74
CA GLU H 184 -43.91 102.71 64.65
C GLU H 184 -43.02 101.47 64.80
N THR H 185 -43.63 100.29 64.71
CA THR H 185 -43.03 98.94 64.82
C THR H 185 -42.72 98.43 66.23
N GLY H 186 -42.76 99.26 67.29
CA GLY H 186 -42.51 98.71 68.62
C GLY H 186 -41.08 98.86 69.07
N THR H 187 -40.72 98.10 70.10
CA THR H 187 -39.39 98.30 70.64
C THR H 187 -38.37 97.52 69.87
N VAL H 188 -37.12 97.87 70.09
CA VAL H 188 -36.01 97.18 69.50
C VAL H 188 -34.96 96.88 70.52
N TYR H 189 -34.13 95.92 70.16
CA TYR H 189 -32.91 95.55 70.85
C TYR H 189 -31.91 95.32 69.73
N LEU H 190 -30.83 96.08 69.67
CA LEU H 190 -29.90 95.91 68.55
C LEU H 190 -28.50 95.65 68.98
N GLN H 191 -27.81 94.82 68.21
CA GLN H 191 -26.41 94.56 68.48
C GLN H 191 -25.57 95.55 67.74
N ALA H 192 -24.74 96.26 68.46
CA ALA H 192 -23.89 97.23 67.81
C ALA H 192 -22.95 96.50 66.88
N SER H 193 -22.76 97.06 65.70
CA SER H 193 -21.85 96.53 64.69
C SER H 193 -20.62 97.41 64.66
N VAL H 194 -20.88 98.71 64.74
CA VAL H 194 -19.87 99.74 64.66
C VAL H 194 -20.01 100.67 65.85
N GLN H 195 -18.88 101.15 66.36
CA GLN H 195 -18.90 102.12 67.45
C GLN H 195 -19.31 103.46 66.85
N VAL H 196 -20.54 103.87 67.09
CA VAL H 196 -21.04 105.10 66.51
C VAL H 196 -21.79 105.93 67.52
N THR H 197 -21.99 107.20 67.20
CA THR H 197 -22.84 108.03 68.03
C THR H 197 -24.17 108.13 67.35
N ILE H 198 -25.05 108.94 67.89
CA ILE H 198 -26.41 109.02 67.42
C ILE H 198 -26.99 110.43 67.32
N ASP H 199 -26.27 111.39 66.74
CA ASP H 199 -26.84 112.73 66.61
C ASP H 199 -27.28 113.39 67.88
N ALA H 200 -26.38 114.01 68.61
CA ALA H 200 -26.71 114.65 69.86
C ALA H 200 -27.86 115.68 69.72
N GLY H 201 -28.17 116.19 68.52
CA GLY H 201 -29.25 117.17 68.40
C GLY H 201 -30.62 116.48 68.24
N ALA H 202 -30.62 115.16 68.20
CA ALA H 202 -31.83 114.38 67.98
C ALA H 202 -32.62 114.18 69.26
N THR H 203 -33.22 115.24 69.75
CA THR H 203 -33.93 115.15 71.00
C THR H 203 -35.37 114.68 70.82
N ASP H 204 -35.91 114.85 69.62
CA ASP H 204 -37.25 114.36 69.34
C ASP H 204 -37.21 112.96 68.77
N ALA H 205 -38.31 112.24 68.95
CA ALA H 205 -38.42 110.92 68.38
C ALA H 205 -38.26 111.00 66.89
N ALA H 206 -38.78 112.02 66.24
CA ALA H 206 -38.67 112.03 64.79
C ALA H 206 -37.23 111.98 64.32
N LYS H 207 -36.34 112.64 65.05
CA LYS H 207 -34.98 112.67 64.62
C LYS H 207 -34.31 111.36 64.94
N LEU H 208 -34.60 110.80 66.11
CA LEU H 208 -34.00 109.53 66.46
C LEU H 208 -34.50 108.45 65.52
N ASP H 209 -35.76 108.53 65.13
CA ASP H 209 -36.29 107.54 64.24
C ASP H 209 -35.44 107.53 62.99
N ALA H 210 -35.24 108.71 62.42
CA ALA H 210 -34.46 108.84 61.21
C ALA H 210 -33.01 108.41 61.37
N GLU H 211 -32.39 108.79 62.48
CA GLU H 211 -30.99 108.50 62.70
C GLU H 211 -30.78 107.02 62.92
N ILE H 212 -31.65 106.41 63.71
CA ILE H 212 -31.47 105.01 63.98
C ILE H 212 -31.70 104.24 62.71
N LYS H 213 -32.76 104.53 61.98
CA LYS H 213 -33.02 103.82 60.75
C LYS H 213 -31.86 103.95 59.77
N LYS H 214 -31.28 105.13 59.66
CA LYS H 214 -30.14 105.33 58.78
C LYS H 214 -28.99 104.43 59.19
N GLN H 215 -28.68 104.44 60.47
CA GLN H 215 -27.58 103.62 60.95
C GLN H 215 -27.88 102.14 60.76
N MET H 216 -29.14 101.73 60.93
CA MET H 216 -29.46 100.33 60.71
C MET H 216 -29.24 99.97 59.24
N GLU H 217 -29.68 100.83 58.32
CA GLU H 217 -29.50 100.55 56.90
C GLU H 217 -28.04 100.34 56.57
N ALA H 218 -27.19 101.14 57.20
CA ALA H 218 -25.77 101.10 57.00
C ALA H 218 -25.09 99.92 57.70
N GLY H 219 -25.84 99.16 58.50
CA GLY H 219 -25.30 98.03 59.21
C GLY H 219 -24.51 98.38 60.46
N ALA H 220 -24.76 99.56 61.06
CA ALA H 220 -24.01 100.00 62.25
C ALA H 220 -24.55 99.36 63.52
N LEU H 221 -25.75 98.81 63.43
CA LEU H 221 -26.43 98.16 64.54
C LEU H 221 -27.58 97.35 63.99
N VAL H 222 -27.77 96.14 64.50
CA VAL H 222 -28.85 95.29 63.99
C VAL H 222 -29.82 94.74 65.01
N GLU H 223 -31.09 94.89 64.72
CA GLU H 223 -32.11 94.40 65.63
C GLU H 223 -32.19 92.91 65.70
N ILE H 224 -32.13 92.36 66.91
CA ILE H 224 -32.27 90.93 67.04
C ILE H 224 -32.59 90.38 68.45
N ALA H 225 -33.40 89.34 68.47
CA ALA H 225 -33.84 88.54 69.60
C ALA H 225 -32.86 87.45 69.98
N GLU H 226 -32.97 86.96 71.20
CA GLU H 226 -32.16 85.85 71.69
C GLU H 226 -32.86 85.13 72.85
N GLY H 227 -32.64 83.82 72.97
CA GLY H 227 -33.20 83.00 74.06
C GLY H 227 -32.35 82.98 75.33
N MET H 228 -32.81 82.25 76.35
CA MET H 228 -32.05 82.25 77.58
C MET H 228 -31.39 80.92 77.90
N ALA H 229 -30.37 81.03 78.74
CA ALA H 229 -29.64 79.91 79.31
C ALA H 229 -30.50 79.09 80.27
N THR H 230 -30.18 77.81 80.39
CA THR H 230 -30.79 76.88 81.33
C THR H 230 -30.49 77.40 82.70
N SER H 231 -29.28 77.92 82.85
CA SER H 231 -28.81 78.50 84.09
C SER H 231 -29.70 79.66 84.56
N ILE H 232 -30.55 80.16 83.70
CA ILE H 232 -31.48 81.19 84.08
C ILE H 232 -32.81 80.51 84.26
N ALA H 233 -33.25 79.84 83.21
CA ALA H 233 -34.58 79.28 83.18
C ALA H 233 -34.92 78.35 84.32
N GLU H 234 -33.95 77.55 84.76
CA GLU H 234 -34.22 76.59 85.81
C GLU H 234 -33.93 77.14 87.20
N LEU H 235 -33.45 78.36 87.28
CA LEU H 235 -33.16 78.97 88.55
C LEU H 235 -34.09 80.11 88.89
N GLN H 236 -34.78 80.66 87.90
CA GLN H 236 -35.63 81.80 88.18
C GLN H 236 -36.55 81.54 89.37
N GLU H 237 -36.84 82.64 90.07
CA GLU H 237 -37.61 82.73 91.30
C GLU H 237 -36.96 81.98 92.48
N GLY H 238 -35.63 82.06 92.57
CA GLY H 238 -34.86 81.51 93.67
C GLY H 238 -34.67 79.99 93.81
N PHE H 239 -34.67 79.24 92.72
CA PHE H 239 -34.52 77.80 92.88
C PHE H 239 -33.08 77.46 93.23
N ASN H 240 -32.90 76.42 94.04
CA ASN H 240 -31.58 75.92 94.39
C ASN H 240 -30.66 76.97 95.00
N GLY H 241 -31.20 77.78 95.90
CA GLY H 241 -30.42 78.78 96.64
C GLY H 241 -30.17 80.08 95.91
N SER H 242 -30.63 80.21 94.68
CA SER H 242 -30.42 81.42 93.91
C SER H 242 -31.40 82.48 94.35
N THR H 243 -31.21 83.71 93.88
CA THR H 243 -32.16 84.77 94.18
C THR H 243 -32.15 85.89 93.16
N ASP H 244 -32.99 86.89 93.41
CA ASP H 244 -33.11 88.10 92.59
C ASP H 244 -33.24 87.79 91.11
N ASN H 245 -34.00 86.75 90.79
CA ASN H 245 -34.14 86.29 89.44
C ASN H 245 -35.55 85.95 88.98
N PRO H 246 -36.50 86.88 89.00
CA PRO H 246 -37.91 86.68 88.69
C PRO H 246 -38.17 86.44 87.21
N TRP H 247 -39.36 85.90 86.90
CA TRP H 247 -39.87 85.76 85.53
C TRP H 247 -40.64 87.00 85.08
N ASN H 248 -40.75 87.17 83.77
CA ASN H 248 -41.64 88.18 83.22
C ASN H 248 -43.06 87.61 83.14
N GLU H 249 -44.05 88.51 83.18
CA GLU H 249 -45.46 88.10 83.17
C GLU H 249 -46.36 88.91 82.25
N MET H 250 -47.46 88.26 81.86
CA MET H 250 -48.51 88.84 81.01
C MET H 250 -49.90 88.70 81.61
N GLY H 251 -50.87 89.45 81.09
CA GLY H 251 -52.26 89.41 81.52
C GLY H 251 -53.13 90.28 80.60
N PHE H 252 -54.20 90.84 81.12
CA PHE H 252 -55.03 91.66 80.25
C PHE H 252 -55.83 92.70 80.99
N ARG H 253 -56.36 93.67 80.23
CA ARG H 253 -57.18 94.77 80.79
C ARG H 253 -58.25 95.17 79.78
N ILE H 254 -59.51 95.33 80.24
CA ILE H 254 -60.61 95.71 79.38
C ILE H 254 -61.03 97.12 79.73
N ASP H 255 -61.01 98.01 78.76
CA ASP H 255 -61.38 99.39 78.99
C ASP H 255 -62.76 99.67 78.45
N LYS H 256 -63.27 100.89 78.62
CA LYS H 256 -64.56 101.17 78.00
C LYS H 256 -64.75 102.61 77.59
N GLN H 257 -65.69 102.80 76.68
CA GLN H 257 -66.08 104.13 76.25
C GLN H 257 -67.58 104.22 76.07
N VAL H 258 -68.10 105.44 76.12
CA VAL H 258 -69.54 105.62 75.99
C VAL H 258 -70.03 106.45 74.84
N ILE H 259 -71.34 106.36 74.61
CA ILE H 259 -72.00 107.16 73.59
C ILE H 259 -73.09 107.95 74.28
N GLU H 260 -73.47 109.05 73.66
CA GLU H 260 -74.59 109.89 74.07
C GLU H 260 -75.10 110.53 72.81
N ALA H 261 -76.41 110.53 72.64
CA ALA H 261 -77.02 111.10 71.46
C ALA H 261 -77.15 112.61 71.48
N LYS H 262 -77.15 113.20 70.28
CA LYS H 262 -77.46 114.60 70.02
C LYS H 262 -78.75 114.68 69.22
N SER H 263 -79.42 115.82 69.27
CA SER H 263 -80.72 116.01 68.62
C SER H 263 -80.85 117.09 67.56
N ARG H 264 -81.97 116.99 66.84
CA ARG H 264 -82.35 117.93 65.78
C ARG H 264 -83.82 118.39 65.84
N GLN H 265 -84.09 119.68 65.55
CA GLN H 265 -85.46 120.21 65.55
C GLN H 265 -85.79 121.29 64.45
N LEU H 266 -86.87 121.06 63.65
CA LEU H 266 -87.32 122.04 62.61
C LEU H 266 -88.83 122.25 62.51
N LYS H 267 -89.24 123.48 62.14
CA LYS H 267 -90.67 123.80 61.93
C LYS H 267 -91.03 124.27 60.53
N ALA H 268 -92.32 124.11 60.20
CA ALA H 268 -92.90 124.59 58.94
C ALA H 268 -93.42 126.02 59.07
N ALA H 269 -94.07 126.32 60.21
CA ALA H 269 -94.60 127.66 60.48
C ALA H 269 -95.36 128.29 59.32
N TYR H 270 -96.38 127.60 58.80
CA TYR H 270 -97.07 128.15 57.64
C TYR H 270 -98.41 128.74 57.98
N SER H 271 -98.86 129.66 57.13
CA SER H 271 -100.16 130.29 57.29
C SER H 271 -101.23 129.47 56.61
N ILE H 272 -102.43 129.49 57.17
CA ILE H 272 -103.52 128.74 56.57
C ILE H 272 -103.98 129.35 55.28
N GLU H 273 -103.99 130.68 55.17
CA GLU H 273 -104.42 131.31 53.95
C GLU H 273 -103.54 130.90 52.79
N LEU H 274 -102.25 130.73 53.03
CA LEU H 274 -101.36 130.35 51.96
C LEU H 274 -101.72 128.95 51.50
N ALA H 275 -101.99 128.05 52.46
CA ALA H 275 -102.36 126.68 52.11
C ALA H 275 -103.67 126.67 51.31
N GLN H 276 -104.60 127.54 51.68
CA GLN H 276 -105.88 127.63 50.99
C GLN H 276 -105.69 128.07 49.56
N ASP H 277 -104.81 129.04 49.33
CA ASP H 277 -104.53 129.48 47.97
C ASP H 277 -103.86 128.37 47.18
N LEU H 278 -102.97 127.63 47.82
CA LEU H 278 -102.31 126.55 47.10
C LEU H 278 -103.31 125.52 46.63
N ARG H 279 -104.33 125.24 47.46
CA ARG H 279 -105.39 124.36 46.99
C ARG H 279 -106.12 124.99 45.81
N ALA H 280 -106.48 126.26 45.94
CA ALA H 280 -107.21 126.93 44.88
C ALA H 280 -106.47 126.99 43.54
N VAL H 281 -105.15 127.17 43.58
CA VAL H 281 -104.38 127.31 42.36
C VAL H 281 -103.80 126.00 41.80
N HIS H 282 -103.17 125.18 42.65
CA HIS H 282 -102.50 123.98 42.18
C HIS H 282 -103.07 122.66 42.69
N GLY H 283 -104.16 122.68 43.48
CA GLY H 283 -104.66 121.44 44.05
C GLY H 283 -103.80 120.96 45.20
N MET H 284 -103.05 121.88 45.82
CA MET H 284 -102.14 121.52 46.89
C MET H 284 -102.64 121.85 48.28
N ASP H 285 -102.43 120.94 49.22
CA ASP H 285 -102.80 121.21 50.61
C ASP H 285 -101.66 121.88 51.36
N ALA H 286 -100.43 121.57 50.93
CA ALA H 286 -99.17 122.05 51.51
C ALA H 286 -98.85 121.51 52.89
N ASP H 287 -99.64 120.63 53.47
CA ASP H 287 -99.29 120.14 54.77
C ASP H 287 -98.24 119.06 54.63
N ALA H 288 -98.56 118.06 53.83
CA ALA H 288 -97.69 116.95 53.54
C ALA H 288 -96.43 117.44 52.87
N GLU H 289 -96.59 118.47 52.03
CA GLU H 289 -95.47 119.07 51.25
C GLU H 289 -94.45 119.69 52.21
N LEU H 290 -94.92 120.47 53.21
CA LEU H 290 -94.01 121.09 54.13
C LEU H 290 -93.37 120.06 55.02
N SER H 291 -94.17 119.08 55.43
CA SER H 291 -93.69 118.01 56.27
C SER H 291 -92.59 117.24 55.54
N GLY H 292 -92.84 116.91 54.27
CA GLY H 292 -91.90 116.18 53.44
C GLY H 292 -90.59 116.93 53.30
N ILE H 293 -90.66 118.25 53.14
CA ILE H 293 -89.45 119.06 53.02
C ILE H 293 -88.64 118.98 54.29
N LEU H 294 -89.30 119.16 55.44
CA LEU H 294 -88.54 119.11 56.67
C LEU H 294 -87.91 117.75 56.88
N ALA H 295 -88.68 116.69 56.65
CA ALA H 295 -88.17 115.34 56.85
C ALA H 295 -87.02 115.05 55.90
N THR H 296 -87.15 115.52 54.64
CA THR H 296 -86.15 115.31 53.63
C THR H 296 -84.86 115.98 54.05
N GLU H 297 -84.96 117.22 54.53
CA GLU H 297 -83.78 117.95 54.94
C GLU H 297 -83.11 117.23 56.09
N ILE H 298 -83.89 116.72 57.03
CA ILE H 298 -83.28 116.03 58.15
C ILE H 298 -82.51 114.82 57.66
N MET H 299 -83.12 114.01 56.81
CA MET H 299 -82.44 112.82 56.33
C MET H 299 -81.17 113.17 55.58
N LEU H 300 -81.22 114.26 54.83
CA LEU H 300 -80.08 114.76 54.10
C LEU H 300 -78.97 115.16 55.05
N GLU H 301 -79.33 115.91 56.10
CA GLU H 301 -78.35 116.39 57.12
C GLU H 301 -77.67 115.19 57.79
N ILE H 302 -78.42 114.10 58.03
CA ILE H 302 -77.86 112.93 58.69
C ILE H 302 -76.83 112.28 57.82
N ASN H 303 -77.17 112.06 56.57
CA ASN H 303 -76.24 111.41 55.70
C ASN H 303 -74.99 112.24 55.51
N ARG H 304 -75.13 113.57 55.47
CA ARG H 304 -73.95 114.39 55.35
C ARG H 304 -73.11 114.29 56.59
N GLU H 305 -73.74 114.31 57.76
CA GLU H 305 -72.97 114.25 58.97
C GLU H 305 -72.08 113.03 58.97
N VAL H 306 -72.61 111.89 58.55
CA VAL H 306 -71.79 110.71 58.53
C VAL H 306 -70.62 110.88 57.59
N VAL H 307 -70.87 111.37 56.39
CA VAL H 307 -69.78 111.53 55.43
C VAL H 307 -68.73 112.48 55.94
N ASP H 308 -69.17 113.59 56.48
CA ASP H 308 -68.27 114.61 56.97
C ASP H 308 -67.41 114.07 58.09
N TRP H 309 -67.98 113.25 59.00
CA TRP H 309 -67.17 112.70 60.07
C TRP H 309 -66.14 111.74 59.53
N ILE H 310 -66.47 111.04 58.46
CA ILE H 310 -65.49 110.17 57.91
C ILE H 310 -64.33 110.99 57.42
N ASN H 311 -64.60 112.05 56.68
CA ASN H 311 -63.51 112.85 56.18
C ASN H 311 -62.74 113.56 57.29
N TYR H 312 -63.46 113.94 58.34
CA TYR H 312 -62.89 114.62 59.48
C TYR H 312 -61.86 113.73 60.14
N SER H 313 -62.29 112.51 60.43
CA SER H 313 -61.48 111.55 61.11
C SER H 313 -60.47 110.81 60.23
N ALA H 314 -60.69 110.76 58.92
CA ALA H 314 -59.78 110.07 58.02
C ALA H 314 -58.38 110.67 58.06
N GLN H 315 -57.39 109.82 57.91
CA GLN H 315 -56.00 110.23 57.88
C GLN H 315 -55.67 110.74 56.51
N VAL H 316 -54.44 111.19 56.34
CA VAL H 316 -54.00 111.73 55.07
C VAL H 316 -53.39 110.63 54.19
N GLY H 317 -53.86 110.52 52.97
CA GLY H 317 -53.30 109.50 52.09
C GLY H 317 -52.02 110.09 51.56
N LYS H 318 -51.25 109.37 50.78
CA LYS H 318 -49.98 109.95 50.30
C LYS H 318 -49.21 110.63 51.41
N SER H 319 -49.09 109.95 52.54
CA SER H 319 -48.41 110.45 53.73
C SER H 319 -47.81 109.32 54.55
N GLY H 320 -46.68 109.61 55.19
CA GLY H 320 -46.00 108.61 56.00
C GLY H 320 -45.59 107.44 55.13
N MET H 321 -46.04 106.25 55.49
CA MET H 321 -45.70 105.03 54.76
C MET H 321 -46.25 104.99 53.36
N THR H 322 -47.21 105.85 53.10
CA THR H 322 -47.88 105.92 51.82
C THR H 322 -47.33 107.03 50.93
N LEU H 323 -46.30 107.74 51.38
CA LEU H 323 -45.73 108.83 50.61
C LEU H 323 -44.40 108.57 49.94
N THR H 324 -44.34 108.80 48.64
CA THR H 324 -43.08 108.73 47.94
C THR H 324 -42.38 110.02 48.38
N PRO H 325 -41.15 109.98 48.90
CA PRO H 325 -40.39 111.11 49.41
C PRO H 325 -40.33 112.34 48.53
N GLY H 326 -40.38 112.19 47.22
CA GLY H 326 -40.27 113.35 46.35
C GLY H 326 -41.58 114.13 46.13
N SER H 327 -42.69 113.72 46.75
CA SER H 327 -43.97 114.39 46.52
C SER H 327 -44.44 115.41 47.55
N LYS H 328 -45.74 115.72 47.51
CA LYS H 328 -46.36 116.82 48.26
C LYS H 328 -47.12 116.46 49.53
N ALA H 329 -46.97 115.24 50.02
CA ALA H 329 -47.58 114.81 51.28
C ALA H 329 -49.10 115.00 51.41
N GLY H 330 -49.88 114.40 50.51
CA GLY H 330 -51.34 114.48 50.64
C GLY H 330 -52.17 114.82 49.39
N VAL H 331 -51.51 115.11 48.27
CA VAL H 331 -52.23 115.42 47.05
C VAL H 331 -51.68 114.65 45.87
N PHE H 332 -52.55 114.14 45.02
CA PHE H 332 -52.11 113.44 43.83
C PHE H 332 -52.35 114.28 42.59
N ASP H 333 -51.27 114.75 41.99
CA ASP H 333 -51.35 115.58 40.79
C ASP H 333 -51.07 114.76 39.54
N PHE H 334 -52.08 114.57 38.70
CA PHE H 334 -51.96 113.72 37.50
C PHE H 334 -50.98 114.25 36.45
N GLN H 335 -50.49 115.47 36.65
CA GLN H 335 -49.51 116.08 35.78
C GLN H 335 -48.11 116.06 36.39
N ASP H 336 -47.95 115.55 37.60
CA ASP H 336 -46.67 115.58 38.31
C ASP H 336 -45.92 114.25 38.24
N PRO H 337 -44.76 114.15 37.56
CA PRO H 337 -43.96 112.95 37.33
C PRO H 337 -43.73 112.10 38.58
N ILE H 338 -43.66 112.72 39.76
CA ILE H 338 -43.44 111.88 40.92
C ILE H 338 -44.69 111.08 41.27
N ASP H 339 -45.86 111.70 41.10
CA ASP H 339 -47.13 111.07 41.45
C ASP H 339 -47.56 110.13 40.39
N ILE H 340 -47.19 110.45 39.17
CA ILE H 340 -47.64 109.61 38.10
C ILE H 340 -46.61 108.55 37.82
N ARG H 341 -45.62 108.50 38.67
CA ARG H 341 -44.59 107.49 38.66
C ARG H 341 -43.91 107.34 37.31
N GLY H 342 -43.55 108.48 36.72
CA GLY H 342 -42.85 108.50 35.44
C GLY H 342 -43.75 108.33 34.23
N ALA H 343 -45.05 108.22 34.46
CA ALA H 343 -46.00 108.03 33.40
C ALA H 343 -46.03 109.12 32.39
N ARG H 344 -46.34 108.71 31.17
CA ARG H 344 -46.58 109.60 30.09
C ARG H 344 -48.03 110.04 30.24
N TRP H 345 -48.62 110.43 29.14
CA TRP H 345 -49.95 110.98 29.10
C TRP H 345 -50.98 110.09 29.83
N ALA H 346 -52.22 110.59 29.87
CA ALA H 346 -53.32 109.99 30.63
C ALA H 346 -53.45 108.45 30.57
N GLY H 347 -53.20 107.81 29.44
CA GLY H 347 -53.33 106.35 29.33
C GLY H 347 -52.42 105.59 30.28
N GLU H 348 -51.39 106.28 30.80
CA GLU H 348 -50.46 105.74 31.77
C GLU H 348 -50.64 106.47 33.12
N SER H 349 -50.87 107.78 33.06
CA SER H 349 -50.98 108.59 34.29
C SER H 349 -52.16 108.11 35.12
N PHE H 350 -53.27 107.80 34.49
CA PHE H 350 -54.43 107.36 35.22
C PHE H 350 -54.15 106.11 36.05
N LYS H 351 -53.38 105.19 35.48
CA LYS H 351 -53.08 103.93 36.13
C LYS H 351 -52.33 104.20 37.42
N ALA H 352 -51.50 105.22 37.41
CA ALA H 352 -50.73 105.57 38.59
C ALA H 352 -51.64 105.88 39.78
N LEU H 353 -52.83 106.45 39.56
CA LEU H 353 -53.66 106.71 40.73
C LEU H 353 -54.14 105.41 41.29
N LEU H 354 -54.53 104.49 40.41
CA LEU H 354 -55.06 103.22 40.90
C LEU H 354 -54.03 102.56 41.80
N PHE H 355 -52.76 102.67 41.39
CA PHE H 355 -51.67 102.12 42.17
C PHE H 355 -51.65 102.71 43.58
N GLN H 356 -51.68 104.04 43.66
CA GLN H 356 -51.65 104.71 44.94
C GLN H 356 -52.84 104.33 45.81
N ILE H 357 -54.00 104.11 45.19
CA ILE H 357 -55.17 103.73 45.95
C ILE H 357 -54.92 102.42 46.65
N ASP H 358 -54.44 101.43 45.91
CA ASP H 358 -54.17 100.17 46.59
C ASP H 358 -53.13 100.33 47.67
N LYS H 359 -52.10 101.13 47.45
CA LYS H 359 -51.11 101.27 48.49
C LYS H 359 -51.79 101.71 49.78
N GLU H 360 -52.69 102.67 49.66
CA GLU H 360 -53.44 103.24 50.81
C GLU H 360 -54.34 102.15 51.41
N ALA H 361 -54.96 101.32 50.57
CA ALA H 361 -55.84 100.27 51.08
C ALA H 361 -55.03 99.29 51.93
N VAL H 362 -53.79 99.05 51.52
CA VAL H 362 -52.88 98.19 52.25
C VAL H 362 -52.60 98.84 53.60
N GLU H 363 -52.32 100.16 53.59
CA GLU H 363 -52.08 100.88 54.84
C GLU H 363 -53.30 100.78 55.76
N ILE H 364 -54.49 100.77 55.18
CA ILE H 364 -55.66 100.67 56.03
C ILE H 364 -55.53 99.38 56.82
N ALA H 365 -55.27 98.26 56.15
CA ALA H 365 -55.12 97.01 56.89
C ALA H 365 -54.01 97.08 57.92
N ARG H 366 -52.92 97.76 57.55
CA ARG H 366 -51.81 97.92 58.45
C ARG H 366 -52.25 98.52 59.76
N GLN H 367 -53.20 99.47 59.71
CA GLN H 367 -53.62 100.10 60.93
C GLN H 367 -54.86 99.51 61.59
N THR H 368 -55.80 98.93 60.82
CA THR H 368 -57.01 98.44 61.48
C THR H 368 -56.80 97.07 62.05
N GLY H 369 -55.98 96.26 61.39
CA GLY H 369 -55.75 94.91 61.85
C GLY H 369 -56.87 93.96 61.46
N ARG H 370 -57.84 94.46 60.69
CA ARG H 370 -59.01 93.67 60.33
C ARG H 370 -59.27 93.46 58.85
N GLY H 371 -58.54 94.14 57.98
CA GLY H 371 -58.74 93.99 56.55
C GLY H 371 -58.37 95.24 55.79
N GLU H 372 -58.20 95.10 54.48
CA GLU H 372 -57.83 96.19 53.61
C GLU H 372 -58.99 97.03 53.22
N GLY H 373 -58.70 98.26 52.85
CA GLY H 373 -59.75 99.13 52.38
C GLY H 373 -60.57 98.43 51.32
N ASN H 374 -61.90 98.60 51.38
CA ASN H 374 -62.80 97.94 50.46
C ASN H 374 -63.89 98.85 49.90
N PHE H 375 -63.76 100.15 50.14
CA PHE H 375 -64.77 101.13 49.65
C PHE H 375 -64.16 102.51 49.52
N ILE H 376 -64.56 103.24 48.47
CA ILE H 376 -64.08 104.59 48.22
C ILE H 376 -65.21 105.60 48.06
N ILE H 377 -65.05 106.78 48.65
CA ILE H 377 -65.95 107.88 48.36
C ILE H 377 -65.13 108.89 47.59
N ALA H 378 -65.59 109.28 46.42
CA ALA H 378 -64.79 110.16 45.60
C ALA H 378 -65.60 111.17 44.84
N SER H 379 -64.93 112.13 44.23
CA SER H 379 -65.65 113.11 43.44
C SER H 379 -66.08 112.45 42.17
N ARG H 380 -66.99 113.11 41.50
CA ARG H 380 -67.45 112.67 40.20
C ARG H 380 -66.33 112.65 39.15
N ASN H 381 -65.34 113.54 39.31
CA ASN H 381 -64.25 113.58 38.35
C ASN H 381 -63.33 112.39 38.54
N VAL H 382 -63.12 111.99 39.80
CA VAL H 382 -62.30 110.85 40.09
C VAL H 382 -62.92 109.63 39.49
N VAL H 383 -64.22 109.49 39.68
CA VAL H 383 -64.89 108.34 39.15
C VAL H 383 -64.84 108.36 37.65
N ASN H 384 -65.06 109.52 37.02
CA ASN H 384 -64.99 109.55 35.58
C ASN H 384 -63.67 108.96 35.12
N VAL H 385 -62.58 109.27 35.81
CA VAL H 385 -61.30 108.68 35.47
C VAL H 385 -61.30 107.18 35.69
N LEU H 386 -61.77 106.72 36.84
CA LEU H 386 -61.71 105.30 37.12
C LEU H 386 -62.49 104.51 36.08
N ALA H 387 -63.59 105.07 35.67
CA ALA H 387 -64.49 104.42 34.73
C ALA H 387 -64.01 104.43 33.32
N SER H 388 -62.95 105.21 33.04
CA SER H 388 -62.40 105.39 31.71
C SER H 388 -61.30 104.41 31.43
N VAL H 389 -60.92 103.61 32.42
CA VAL H 389 -59.80 102.71 32.19
C VAL H 389 -60.09 101.29 32.56
N ASP H 390 -59.24 100.41 32.05
CA ASP H 390 -59.21 99.02 32.42
C ASP H 390 -58.37 99.00 33.67
N THR H 391 -58.97 98.67 34.79
CA THR H 391 -58.30 98.71 36.06
C THR H 391 -57.44 97.48 36.33
N GLY H 392 -57.53 96.49 35.45
CA GLY H 392 -56.76 95.28 35.64
C GLY H 392 -55.33 95.51 35.20
N ILE H 393 -54.54 94.47 35.17
CA ILE H 393 -53.15 94.64 34.82
C ILE H 393 -52.98 94.50 33.33
N SER H 394 -52.60 95.61 32.70
CA SER H 394 -52.52 95.62 31.25
C SER H 394 -51.44 96.56 30.79
N TYR H 395 -51.31 96.71 29.47
CA TYR H 395 -50.25 97.55 28.94
C TYR H 395 -50.54 99.05 29.07
N ALA H 396 -51.80 99.44 28.94
CA ALA H 396 -52.23 100.84 28.99
C ALA H 396 -53.75 100.88 29.02
N ALA H 397 -54.37 102.01 29.37
CA ALA H 397 -55.82 102.02 29.13
C ALA H 397 -56.45 103.39 29.14
N GLN H 398 -57.41 103.58 28.23
CA GLN H 398 -58.29 104.74 28.24
C GLN H 398 -59.36 104.66 27.15
N GLY H 399 -60.53 105.23 27.45
CA GLY H 399 -61.63 105.41 26.50
C GLY H 399 -62.80 106.07 27.19
N LEU H 400 -63.98 106.05 26.55
CA LEU H 400 -65.18 106.63 27.16
C LEU H 400 -65.49 105.85 28.39
N ALA H 401 -65.98 106.51 29.42
CA ALA H 401 -66.29 105.81 30.65
C ALA H 401 -67.37 104.76 30.44
N THR H 402 -67.15 103.56 31.01
CA THR H 402 -68.15 102.52 30.95
C THR H 402 -68.19 101.81 32.28
N GLY H 403 -67.07 101.88 33.00
CA GLY H 403 -66.85 101.08 34.20
C GLY H 403 -67.80 101.32 35.38
N PHE H 404 -68.19 102.56 35.57
CA PHE H 404 -68.99 102.98 36.69
C PHE H 404 -70.07 103.93 36.26
N SER H 405 -71.16 104.03 37.01
CA SER H 405 -72.03 105.15 36.70
C SER H 405 -71.20 106.35 37.03
N THR H 406 -71.29 107.37 36.21
CA THR H 406 -70.57 108.59 36.51
C THR H 406 -71.53 109.70 36.89
N ASP H 407 -72.83 109.39 36.95
CA ASP H 407 -73.79 110.44 37.21
C ASP H 407 -73.99 110.69 38.70
N THR H 408 -74.89 111.61 38.98
CA THR H 408 -75.25 111.97 40.33
C THR H 408 -76.75 111.93 40.56
N THR H 409 -77.55 111.45 39.58
CA THR H 409 -78.98 111.49 39.79
C THR H 409 -79.64 110.11 39.83
N LYS H 410 -79.02 109.08 39.24
CA LYS H 410 -79.61 107.76 39.28
C LYS H 410 -79.19 107.05 40.55
N SER H 411 -77.93 107.21 40.93
CA SER H 411 -77.41 106.55 42.10
C SER H 411 -76.31 107.34 42.73
N VAL H 412 -75.73 106.75 43.77
CA VAL H 412 -74.65 107.34 44.51
C VAL H 412 -73.56 106.34 44.48
N PHE H 413 -73.98 105.15 44.13
CA PHE H 413 -73.07 104.02 44.03
C PHE H 413 -72.66 103.94 42.60
N ALA H 414 -71.38 104.10 42.35
CA ALA H 414 -70.88 104.15 41.02
C ALA H 414 -70.58 102.74 40.48
N GLY H 415 -70.00 101.90 41.32
CA GLY H 415 -69.60 100.56 40.88
C GLY H 415 -68.44 100.02 41.71
N VAL H 416 -67.83 98.88 41.30
CA VAL H 416 -66.75 98.32 42.11
C VAL H 416 -65.39 98.19 41.38
N LEU H 417 -64.35 98.83 41.92
CA LEU H 417 -63.04 98.75 41.25
C LEU H 417 -62.42 97.41 41.35
N GLY H 418 -62.25 96.77 40.21
CA GLY H 418 -61.61 95.46 40.13
C GLY H 418 -62.46 94.39 40.76
N GLY H 419 -63.70 94.71 41.09
CA GLY H 419 -64.51 93.76 41.81
C GLY H 419 -64.15 93.79 43.31
N LYS H 420 -63.25 94.71 43.70
CA LYS H 420 -62.76 94.83 45.06
C LYS H 420 -63.27 96.02 45.86
N TYR H 421 -63.24 97.24 45.31
CA TYR H 421 -63.63 98.40 46.14
C TYR H 421 -65.00 98.97 45.72
N ARG H 422 -65.89 99.14 46.70
CA ARG H 422 -67.18 99.76 46.39
C ARG H 422 -67.04 101.28 46.33
N VAL H 423 -67.21 101.84 45.13
CA VAL H 423 -67.03 103.26 44.90
C VAL H 423 -68.34 104.03 44.84
N TYR H 424 -68.41 105.07 45.66
CA TYR H 424 -69.59 105.98 45.73
C TYR H 424 -69.13 107.41 45.42
N ILE H 425 -70.06 108.26 44.96
CA ILE H 425 -69.77 109.66 44.61
C ILE H 425 -70.29 110.69 45.60
N ASP H 426 -69.40 111.56 46.07
CA ASP H 426 -69.80 112.66 46.96
C ASP H 426 -70.05 113.89 46.11
N GLN H 427 -71.31 114.19 45.82
CA GLN H 427 -71.62 115.26 44.90
C GLN H 427 -71.37 116.62 45.54
N TYR H 428 -71.10 116.64 46.84
CA TYR H 428 -70.86 117.89 47.50
C TYR H 428 -69.42 118.06 47.91
N ALA H 429 -68.52 117.29 47.31
CA ALA H 429 -67.12 117.48 47.62
C ALA H 429 -66.77 118.93 47.32
N LYS H 430 -65.98 119.59 48.17
CA LYS H 430 -65.68 120.99 47.89
C LYS H 430 -64.80 121.23 46.68
N GLN H 431 -63.76 120.43 46.50
CA GLN H 431 -62.99 120.62 45.28
C GLN H 431 -62.85 119.32 44.56
N ASP H 432 -62.00 118.45 45.05
CA ASP H 432 -61.85 117.14 44.48
C ASP H 432 -60.84 116.36 45.31
N TYR H 433 -61.29 115.28 45.87
CA TYR H 433 -60.50 114.47 46.76
C TYR H 433 -61.18 113.13 46.77
N PHE H 434 -60.54 112.13 47.41
CA PHE H 434 -61.13 110.78 47.48
C PHE H 434 -60.68 110.07 48.78
N THR H 435 -61.63 109.45 49.49
CA THR H 435 -61.34 108.74 50.71
C THR H 435 -61.48 107.25 50.51
N VAL H 436 -60.49 106.52 50.97
CA VAL H 436 -60.50 105.07 50.88
C VAL H 436 -60.55 104.52 52.28
N GLY H 437 -61.32 103.46 52.47
CA GLY H 437 -61.39 102.89 53.80
C GLY H 437 -61.94 101.49 53.86
N TYR H 438 -62.01 100.99 55.09
CA TYR H 438 -62.45 99.61 55.35
C TYR H 438 -63.66 99.44 56.22
N LYS H 439 -64.53 98.57 55.74
CA LYS H 439 -65.71 98.15 56.47
C LYS H 439 -65.73 96.64 56.61
N GLY H 440 -65.61 96.15 57.84
CA GLY H 440 -65.61 94.71 58.02
C GLY H 440 -67.04 94.17 58.07
N PRO H 441 -67.24 92.85 58.16
CA PRO H 441 -68.53 92.19 58.18
C PRO H 441 -69.42 92.51 59.38
N ASN H 442 -68.87 92.90 60.53
CA ASN H 442 -69.74 93.24 61.62
C ASN H 442 -69.94 94.74 61.61
N GLU H 443 -71.02 95.23 62.16
CA GLU H 443 -71.15 96.67 62.25
C GLU H 443 -70.05 97.29 63.10
N MET H 444 -69.56 96.56 64.09
CA MET H 444 -68.55 97.11 64.97
C MET H 444 -67.18 97.14 64.30
N ASP H 445 -67.08 96.55 63.11
CA ASP H 445 -65.83 96.45 62.37
C ASP H 445 -65.74 97.59 61.37
N ALA H 446 -66.65 98.53 61.46
CA ALA H 446 -66.69 99.69 60.58
C ALA H 446 -65.76 100.82 61.01
N GLY H 447 -65.40 100.89 62.27
CA GLY H 447 -64.63 102.04 62.76
C GLY H 447 -65.58 103.17 63.10
N ILE H 448 -66.29 103.63 62.09
CA ILE H 448 -67.28 104.68 62.18
C ILE H 448 -68.69 104.10 62.13
N TYR H 449 -69.61 104.64 62.96
CA TYR H 449 -70.99 104.10 62.98
C TYR H 449 -72.00 105.16 63.44
N TYR H 450 -73.23 105.01 62.93
CA TYR H 450 -74.39 105.87 63.29
C TYR H 450 -75.34 105.02 64.13
N ALA H 451 -75.78 105.53 65.28
CA ALA H 451 -76.61 104.74 66.17
C ALA H 451 -77.93 105.39 66.54
N PRO H 452 -78.93 105.38 65.67
CA PRO H 452 -80.14 106.14 65.85
C PRO H 452 -80.96 105.66 67.01
N TYR H 453 -81.67 106.59 67.66
CA TYR H 453 -82.58 106.25 68.74
C TYR H 453 -84.01 106.70 68.39
N VAL H 454 -84.15 107.99 68.03
CA VAL H 454 -85.43 108.60 67.67
C VAL H 454 -85.43 109.21 66.29
N ALA H 455 -86.40 108.86 65.44
CA ALA H 455 -86.41 109.50 64.13
C ALA H 455 -87.77 110.02 63.73
N LEU H 456 -87.73 111.22 63.17
CA LEU H 456 -88.82 111.95 62.58
C LEU H 456 -90.12 111.97 63.37
N THR H 457 -90.09 112.37 64.64
CA THR H 457 -91.35 112.46 65.35
C THR H 457 -91.99 113.79 64.98
N PRO H 458 -93.21 113.81 64.44
CA PRO H 458 -93.91 115.02 64.05
C PRO H 458 -94.53 115.70 65.24
N LEU H 459 -94.59 117.01 65.15
CA LEU H 459 -95.29 117.85 66.09
C LEU H 459 -96.38 118.56 65.29
N ARG H 460 -97.53 118.81 65.92
CA ARG H 460 -98.62 119.55 65.29
C ARG H 460 -99.37 120.44 66.27
N GLY H 461 -100.03 121.47 65.76
CA GLY H 461 -100.89 122.33 66.57
C GLY H 461 -101.29 123.61 65.85
N SER H 462 -101.51 124.65 66.65
CA SER H 462 -101.88 125.98 66.19
C SER H 462 -101.44 126.94 67.28
N ASP H 463 -101.23 128.20 66.93
CA ASP H 463 -100.87 129.22 67.91
C ASP H 463 -101.98 130.25 68.10
N PRO H 464 -102.74 130.23 69.22
CA PRO H 464 -103.88 131.07 69.57
C PRO H 464 -103.67 132.54 69.28
N LYS H 465 -102.42 133.01 69.24
CA LYS H 465 -102.20 134.43 68.95
C LYS H 465 -102.96 134.84 67.72
N ASN H 466 -102.96 133.96 66.70
CA ASN H 466 -103.60 134.24 65.46
C ASN H 466 -104.15 132.94 64.90
N PHE H 467 -103.97 131.90 65.69
CA PHE H 467 -104.39 130.52 65.40
C PHE H 467 -103.80 129.92 64.14
N GLN H 468 -102.67 130.42 63.70
CA GLN H 468 -102.04 129.85 62.54
C GLN H 468 -101.48 128.48 62.90
N PRO H 469 -101.40 127.54 61.92
CA PRO H 469 -100.84 126.20 62.06
C PRO H 469 -99.43 126.06 62.56
N VAL H 470 -99.25 124.99 63.34
CA VAL H 470 -97.97 124.57 63.90
C VAL H 470 -97.67 123.17 63.42
N MET H 471 -96.46 123.02 62.93
CA MET H 471 -95.96 121.78 62.39
C MET H 471 -94.46 121.76 62.48
N GLY H 472 -93.89 120.57 62.78
CA GLY H 472 -92.44 120.38 62.78
C GLY H 472 -92.00 118.97 63.15
N PHE H 473 -90.69 118.72 63.16
CA PHE H 473 -90.11 117.42 63.51
C PHE H 473 -88.99 117.48 64.51
N LYS H 474 -88.84 116.39 65.26
CA LYS H 474 -87.70 116.25 66.15
C LYS H 474 -87.06 114.85 66.05
N THR H 475 -85.72 114.82 66.19
CA THR H 475 -84.98 113.55 66.19
C THR H 475 -83.86 113.51 67.24
N ARG H 476 -83.30 112.30 67.46
CA ARG H 476 -82.14 112.11 68.34
C ARG H 476 -81.37 110.83 67.99
N TYR H 477 -80.07 110.95 67.70
CA TYR H 477 -79.38 109.72 67.26
C TYR H 477 -78.11 109.39 68.05
N GLY H 478 -77.00 110.04 67.70
CA GLY H 478 -75.71 109.70 68.24
C GLY H 478 -74.92 108.86 67.24
N ILE H 479 -73.63 109.10 67.22
CA ILE H 479 -72.67 108.45 66.33
C ILE H 479 -71.51 107.99 67.15
N GLY H 480 -70.61 107.22 66.55
CA GLY H 480 -69.42 106.90 67.32
C GLY H 480 -68.26 106.28 66.56
N ILE H 481 -67.20 106.11 67.35
CA ILE H 481 -65.87 105.63 67.00
C ILE H 481 -65.47 104.32 67.69
N ASN H 482 -65.01 103.34 66.93
CA ASN H 482 -64.53 102.09 67.49
C ASN H 482 -63.44 102.38 68.53
N PRO H 483 -63.46 101.73 69.72
CA PRO H 483 -62.49 101.89 70.78
C PRO H 483 -61.03 101.83 70.36
N PHE H 484 -60.72 101.13 69.28
CA PHE H 484 -59.34 101.03 68.85
C PHE H 484 -59.07 101.85 67.59
N ALA H 485 -60.01 102.67 67.16
CA ALA H 485 -59.92 103.38 65.87
C ALA H 485 -58.70 104.26 65.71
N GLU H 486 -58.20 104.91 66.76
CA GLU H 486 -57.02 105.76 66.55
C GLU H 486 -55.78 104.92 66.24
N SER H 487 -55.84 103.64 66.58
CA SER H 487 -54.76 102.68 66.39
C SER H 487 -53.40 103.23 66.77
N ALA H 488 -53.26 103.81 67.94
CA ALA H 488 -51.95 104.28 68.35
C ALA H 488 -51.87 104.37 69.85
N ALA H 489 -52.28 103.34 70.55
CA ALA H 489 -52.25 103.43 72.00
C ALA H 489 -52.47 102.09 72.64
N GLN H 490 -51.80 101.85 73.75
CA GLN H 490 -52.02 100.62 74.48
C GLN H 490 -52.96 100.84 75.64
N ALA H 491 -53.45 102.06 75.79
CA ALA H 491 -54.40 102.37 76.82
C ALA H 491 -55.02 103.74 76.61
N PRO H 492 -56.31 103.95 76.94
CA PRO H 492 -56.97 105.22 77.01
C PRO H 492 -56.65 105.86 78.35
N ALA H 493 -56.74 107.16 78.43
CA ALA H 493 -56.61 107.77 79.73
C ALA H 493 -57.72 107.26 80.66
N SER H 494 -57.32 106.97 81.90
CA SER H 494 -58.15 106.57 83.03
C SER H 494 -59.12 105.41 82.77
N ARG H 495 -58.87 104.59 81.75
CA ARG H 495 -59.72 103.45 81.40
C ARG H 495 -61.15 103.81 80.99
N ILE H 496 -61.45 105.11 80.88
CA ILE H 496 -62.80 105.54 80.52
C ILE H 496 -62.80 106.65 79.47
N GLN H 497 -63.46 106.41 78.37
CA GLN H 497 -63.52 107.38 77.28
C GLN H 497 -64.87 107.59 76.68
N SER H 498 -64.92 108.48 75.72
CA SER H 498 -66.13 108.71 74.95
C SER H 498 -65.83 108.21 73.55
N GLY H 499 -66.82 107.63 72.91
CA GLY H 499 -66.68 107.14 71.54
C GLY H 499 -67.12 108.19 70.55
N MET H 500 -67.36 109.37 71.05
CA MET H 500 -67.84 110.47 70.25
C MET H 500 -66.63 111.27 69.77
N PRO H 501 -66.68 111.84 68.56
CA PRO H 501 -65.64 112.66 67.98
C PRO H 501 -65.49 114.02 68.63
N SER H 502 -64.28 114.52 68.50
CA SER H 502 -63.85 115.84 68.92
C SER H 502 -62.54 116.04 68.19
N ILE H 503 -61.94 117.22 68.26
CA ILE H 503 -60.67 117.33 67.58
C ILE H 503 -59.66 116.38 68.20
N LEU H 504 -59.58 116.42 69.51
CA LEU H 504 -58.62 115.60 70.20
C LEU H 504 -58.89 114.12 70.03
N ASN H 505 -60.16 113.75 70.01
CA ASN H 505 -60.45 112.34 69.91
C ASN H 505 -60.19 111.76 68.53
N SER H 506 -60.48 112.49 67.45
CA SER H 506 -60.28 111.85 66.17
C SER H 506 -59.87 112.67 64.95
N LEU H 507 -59.52 113.96 65.05
CA LEU H 507 -59.28 114.62 63.78
C LEU H 507 -58.02 114.10 63.15
N GLY H 508 -58.18 113.48 61.98
CA GLY H 508 -57.07 112.90 61.24
C GLY H 508 -56.49 111.63 61.89
N LYS H 509 -57.26 110.93 62.74
CA LYS H 509 -56.71 109.77 63.43
C LYS H 509 -57.33 108.40 63.14
N ASN H 510 -58.41 108.33 62.39
CA ASN H 510 -59.15 107.08 62.21
C ASN H 510 -58.49 106.08 61.26
N ALA H 511 -58.10 104.93 61.82
CA ALA H 511 -57.38 103.84 61.16
C ALA H 511 -58.12 103.25 59.98
N TYR H 512 -59.42 103.42 59.95
CA TYR H 512 -60.21 102.83 58.91
C TYR H 512 -60.27 103.65 57.64
N PHE H 513 -59.69 104.86 57.63
CA PHE H 513 -59.83 105.64 56.36
C PHE H 513 -58.69 106.63 56.15
N ARG H 514 -58.34 106.85 54.88
CA ARG H 514 -57.32 107.83 54.46
C ARG H 514 -57.85 108.61 53.28
N ARG H 515 -57.51 109.89 53.20
CA ARG H 515 -57.94 110.65 52.04
C ARG H 515 -56.90 111.61 51.49
N VAL H 516 -56.98 111.82 50.17
CA VAL H 516 -56.10 112.78 49.50
C VAL H 516 -56.86 113.69 48.61
N TYR H 517 -56.20 114.77 48.26
CA TYR H 517 -56.74 115.71 47.32
C TYR H 517 -56.24 115.32 45.98
N VAL H 518 -56.98 115.63 44.95
CA VAL H 518 -56.49 115.31 43.63
C VAL H 518 -56.47 116.53 42.72
N LYS H 519 -55.47 116.59 41.87
CA LYS H 519 -55.29 117.67 40.93
C LYS H 519 -54.88 117.14 39.57
N GLY H 520 -55.05 117.95 38.53
CA GLY H 520 -54.58 117.56 37.21
C GLY H 520 -55.54 116.67 36.41
N ILE H 521 -56.76 116.46 36.91
CA ILE H 521 -57.73 115.60 36.24
C ILE H 521 -58.30 116.29 35.01
N ALA I 66 -71.56 112.78 -49.60
CA ALA I 66 -70.85 113.58 -50.58
C ALA I 66 -70.90 115.04 -50.17
N GLU I 67 -72.01 115.42 -49.54
CA GLU I 67 -72.19 116.78 -49.04
C GLU I 67 -71.43 116.89 -47.74
N ILE I 68 -71.08 118.11 -47.37
CA ILE I 68 -70.35 118.28 -46.12
C ILE I 68 -71.24 118.37 -44.90
N GLY I 69 -70.92 117.55 -43.91
CA GLY I 69 -71.62 117.51 -42.65
C GLY I 69 -71.43 118.82 -41.92
N GLY I 70 -70.16 119.18 -41.69
CA GLY I 70 -69.77 120.42 -41.03
C GLY I 70 -70.21 120.34 -39.60
N ASP I 71 -70.04 121.41 -38.84
CA ASP I 71 -70.49 121.30 -37.46
C ASP I 71 -70.59 122.65 -36.75
N HIS I 72 -70.98 122.58 -35.50
CA HIS I 72 -71.10 123.70 -34.60
C HIS I 72 -69.72 124.25 -34.25
N GLY I 73 -69.70 125.49 -33.81
CA GLY I 73 -68.47 126.16 -33.42
C GLY I 73 -68.06 126.04 -31.95
N TYR I 74 -68.65 125.11 -31.17
CA TYR I 74 -68.35 124.96 -29.73
C TYR I 74 -68.80 126.18 -28.93
N ASN I 75 -69.69 126.93 -29.55
CA ASN I 75 -70.35 128.10 -29.02
C ASN I 75 -71.73 127.69 -28.60
N ALA I 76 -72.02 127.73 -27.31
CA ALA I 76 -73.30 127.25 -26.79
C ALA I 76 -74.47 127.89 -27.51
N THR I 77 -74.33 129.14 -27.93
CA THR I 77 -75.41 129.81 -28.61
C THR I 77 -75.73 129.09 -29.92
N ASN I 78 -74.69 128.72 -30.64
CA ASN I 78 -74.86 128.14 -31.94
C ASN I 78 -75.29 126.70 -31.79
N ILE I 79 -74.85 126.08 -30.71
CA ILE I 79 -75.24 124.71 -30.51
C ILE I 79 -76.73 124.70 -30.27
N ALA I 80 -77.17 125.54 -29.35
CA ALA I 80 -78.57 125.64 -28.98
C ALA I 80 -79.45 126.00 -30.17
N ALA I 81 -78.93 126.84 -31.04
CA ALA I 81 -79.64 127.30 -32.21
C ALA I 81 -79.64 126.33 -33.38
N GLY I 82 -78.89 125.23 -33.31
CA GLY I 82 -78.82 124.32 -34.46
C GLY I 82 -77.96 124.88 -35.61
N GLN I 83 -77.05 125.82 -35.30
CA GLN I 83 -76.25 126.43 -36.35
C GLN I 83 -74.89 125.78 -36.54
N THR I 84 -74.65 125.31 -37.76
CA THR I 84 -73.39 124.67 -38.11
C THR I 84 -72.81 125.29 -39.35
N SER I 85 -71.58 124.90 -39.63
CA SER I 85 -70.82 125.28 -40.82
C SER I 85 -71.10 124.41 -42.04
N GLY I 86 -71.97 123.42 -41.89
CA GLY I 86 -72.20 122.47 -42.98
C GLY I 86 -73.36 122.77 -43.87
N ALA I 87 -73.75 121.73 -44.61
CA ALA I 87 -74.82 121.81 -45.60
C ALA I 87 -76.20 122.17 -45.04
N VAL I 88 -76.55 121.67 -43.86
CA VAL I 88 -77.90 121.94 -43.36
C VAL I 88 -78.02 122.36 -41.92
N THR I 89 -79.17 122.96 -41.64
CA THR I 89 -79.68 123.35 -40.33
C THR I 89 -79.90 122.11 -39.50
N GLN I 90 -79.51 122.15 -38.24
CA GLN I 90 -79.69 120.99 -37.39
C GLN I 90 -80.95 121.07 -36.56
N ILE I 91 -81.38 119.91 -36.07
CA ILE I 91 -82.52 119.78 -35.17
C ILE I 91 -82.27 120.56 -33.89
N GLY I 92 -81.05 120.45 -33.40
CA GLY I 92 -80.62 121.09 -32.18
C GLY I 92 -80.53 120.09 -31.04
N PRO I 93 -79.98 120.52 -29.91
CA PRO I 93 -79.67 119.72 -28.77
C PRO I 93 -80.86 119.41 -27.93
N ALA I 94 -81.77 118.62 -28.44
CA ALA I 94 -83.02 118.43 -27.72
C ALA I 94 -82.92 117.88 -26.28
N VAL I 95 -82.04 116.91 -26.00
CA VAL I 95 -82.09 116.35 -24.64
C VAL I 95 -80.88 115.57 -24.10
N MET I 96 -80.60 115.77 -22.81
CA MET I 96 -79.67 115.03 -21.97
C MET I 96 -80.42 114.78 -20.69
N GLY I 97 -81.62 115.34 -20.66
CA GLY I 97 -82.52 115.29 -19.50
C GLY I 97 -82.41 116.55 -18.63
N MET I 98 -82.87 116.42 -17.38
CA MET I 98 -82.93 117.55 -16.47
C MET I 98 -82.67 117.13 -15.03
N VAL I 99 -82.02 118.01 -14.31
CA VAL I 99 -81.72 117.82 -12.90
C VAL I 99 -82.13 119.00 -12.04
N ARG I 100 -82.16 118.79 -10.75
CA ARG I 100 -82.42 119.88 -9.85
C ARG I 100 -81.65 119.64 -8.59
N ARG I 101 -81.42 120.72 -7.82
CA ARG I 101 -80.66 120.62 -6.53
C ARG I 101 -81.57 120.06 -5.43
N ALA I 102 -81.08 119.01 -4.74
CA ALA I 102 -81.79 118.37 -3.63
C ALA I 102 -81.88 119.24 -2.37
N ILE I 103 -82.89 118.95 -1.57
CA ILE I 103 -83.14 119.60 -0.29
C ILE I 103 -82.33 118.98 0.86
N PRO I 104 -81.62 119.79 1.68
CA PRO I 104 -80.85 119.42 2.87
C PRO I 104 -81.69 118.74 3.94
N ASN I 105 -81.07 117.85 4.70
CA ASN I 105 -81.72 117.16 5.79
C ASN I 105 -81.69 118.03 7.06
N LEU I 106 -82.70 117.89 7.92
CA LEU I 106 -82.74 118.64 9.19
C LEU I 106 -82.92 117.73 10.42
N ILE I 107 -82.63 118.23 11.63
CA ILE I 107 -82.86 117.44 12.84
C ILE I 107 -84.14 117.91 13.50
N ALA I 108 -85.25 117.22 13.26
CA ALA I 108 -86.53 117.80 13.68
C ALA I 108 -86.69 118.05 15.18
N PHE I 109 -86.53 117.02 16.01
CA PHE I 109 -86.72 117.20 17.44
C PHE I 109 -85.97 116.24 18.33
N ASP I 110 -85.01 115.52 17.82
CA ASP I 110 -84.36 114.52 18.65
C ASP I 110 -83.69 115.08 19.89
N ILE I 111 -83.32 116.35 19.85
CA ILE I 111 -82.61 116.97 20.94
C ILE I 111 -83.37 118.18 21.51
N CYS I 112 -84.71 118.18 21.38
CA CYS I 112 -85.53 119.31 21.87
C CYS I 112 -86.93 118.86 22.30
N GLY I 113 -87.48 119.47 23.37
CA GLY I 113 -88.86 119.10 23.78
C GLY I 113 -89.79 119.91 22.90
N VAL I 114 -91.11 119.71 23.00
CA VAL I 114 -91.97 120.52 22.15
C VAL I 114 -93.11 121.27 22.88
N GLN I 115 -93.92 120.57 23.67
CA GLN I 115 -95.03 121.20 24.36
C GLN I 115 -95.79 122.21 23.50
N PRO I 116 -96.32 121.84 22.32
CA PRO I 116 -96.89 122.78 21.38
C PRO I 116 -97.94 123.69 21.97
N MET I 117 -99.02 123.14 22.50
CA MET I 117 -100.01 124.04 23.07
C MET I 117 -101.14 123.29 23.75
N ASN I 118 -101.92 124.01 24.56
CA ASN I 118 -103.18 123.53 25.10
C ASN I 118 -104.13 124.58 24.60
N SER I 119 -103.54 125.75 24.54
CA SER I 119 -104.06 127.03 24.15
C SER I 119 -102.75 127.71 23.84
N PRO I 120 -102.71 128.79 23.05
CA PRO I 120 -101.51 129.51 22.71
C PRO I 120 -101.00 130.33 23.89
N THR I 121 -99.70 130.63 23.86
CA THR I 121 -99.00 131.53 24.78
C THR I 121 -99.21 131.26 26.26
N GLY I 122 -98.98 130.01 26.71
CA GLY I 122 -99.19 129.58 28.11
C GLY I 122 -98.04 129.96 29.09
N GLN I 123 -98.09 129.40 30.31
CA GLN I 123 -97.12 129.67 31.39
C GLN I 123 -96.66 128.43 32.11
N VAL I 124 -95.43 128.48 32.61
CA VAL I 124 -94.89 127.36 33.36
C VAL I 124 -94.54 127.75 34.78
N PHE I 125 -94.92 126.90 35.70
CA PHE I 125 -94.66 127.11 37.10
C PHE I 125 -93.49 126.31 37.60
N ALA I 126 -92.88 126.77 38.69
CA ALA I 126 -91.77 126.06 39.29
C ALA I 126 -91.82 126.03 40.80
N LEU I 127 -91.63 124.84 41.38
CA LEU I 127 -91.65 124.70 42.84
C LEU I 127 -90.24 124.61 43.41
N ARG I 128 -89.89 125.61 44.20
CA ARG I 128 -88.52 125.69 44.81
C ARG I 128 -88.63 125.50 46.32
N ALA I 129 -87.94 124.50 46.86
CA ALA I 129 -87.95 124.24 48.30
C ALA I 129 -87.00 125.23 48.92
N VAL I 130 -87.40 125.90 49.97
CA VAL I 130 -86.56 126.94 50.56
C VAL I 130 -86.40 126.85 52.06
N TYR I 131 -85.45 127.60 52.57
CA TYR I 131 -85.30 127.67 54.01
C TYR I 131 -84.76 128.99 54.47
N GLY I 132 -84.89 129.26 55.78
CA GLY I 132 -84.35 130.50 56.34
C GLY I 132 -85.43 131.55 56.71
N LYS I 133 -86.70 131.13 56.76
CA LYS I 133 -87.86 131.95 57.13
C LYS I 133 -88.29 133.08 56.19
N ASP I 134 -87.69 133.20 55.02
CA ASP I 134 -88.13 134.24 54.10
C ASP I 134 -87.91 133.78 52.66
N PRO I 135 -88.86 133.02 52.09
CA PRO I 135 -88.80 132.41 50.77
C PRO I 135 -88.40 133.29 49.60
N VAL I 136 -88.78 134.58 49.64
CA VAL I 136 -88.43 135.42 48.53
C VAL I 136 -87.64 136.61 49.06
N ALA I 137 -86.34 136.49 49.06
CA ALA I 137 -85.51 137.54 49.61
C ALA I 137 -84.08 137.42 49.16
N ALA I 138 -83.36 138.53 49.18
CA ALA I 138 -81.95 138.43 48.95
C ALA I 138 -81.37 137.60 50.06
N GLY I 139 -80.49 136.69 49.72
CA GLY I 139 -79.86 135.85 50.73
C GLY I 139 -80.62 134.55 50.99
N ALA I 140 -81.85 134.45 50.47
CA ALA I 140 -82.68 133.27 50.65
C ALA I 140 -81.98 132.10 49.98
N LYS I 141 -82.16 130.91 50.53
CA LYS I 141 -81.54 129.72 49.94
C LYS I 141 -82.56 128.66 49.58
N GLU I 142 -82.26 128.00 48.45
CA GLU I 142 -83.04 126.87 47.89
C GLU I 142 -82.53 125.59 48.59
N ALA I 143 -83.43 124.90 49.27
CA ALA I 143 -83.13 123.72 50.07
C ALA I 143 -82.54 122.58 49.31
N PHE I 144 -82.98 122.33 48.09
CA PHE I 144 -82.44 121.18 47.41
C PHE I 144 -81.75 121.54 46.13
N HIS I 145 -81.23 122.77 46.02
CA HIS I 145 -80.57 123.12 44.78
C HIS I 145 -79.33 122.21 44.62
N PRO I 146 -79.16 121.47 43.52
CA PRO I 146 -78.08 120.53 43.32
C PRO I 146 -76.67 121.08 43.29
N MET I 147 -76.50 122.37 43.01
CA MET I 147 -75.14 122.86 42.93
C MET I 147 -74.56 123.31 44.24
N TYR I 148 -75.35 123.24 45.31
CA TYR I 148 -74.87 123.74 46.57
C TYR I 148 -75.07 122.73 47.68
N GLY I 149 -74.13 122.63 48.61
CA GLY I 149 -74.34 121.70 49.67
C GLY I 149 -75.33 122.26 50.66
N PRO I 150 -76.03 121.36 51.36
CA PRO I 150 -77.01 121.61 52.39
C PRO I 150 -76.40 122.03 53.69
N ASP I 151 -77.17 122.70 54.49
CA ASP I 151 -76.70 122.99 55.80
C ASP I 151 -76.96 121.82 56.69
N ALA I 152 -75.92 121.00 56.81
CA ALA I 152 -75.93 119.75 57.54
C ALA I 152 -76.27 119.93 59.03
N MET I 153 -76.12 121.15 59.56
CA MET I 153 -76.41 121.38 60.96
C MET I 153 -77.61 122.29 61.16
N PHE I 154 -78.35 122.57 60.10
CA PHE I 154 -79.45 123.52 60.15
C PHE I 154 -80.43 123.20 61.27
N SER I 155 -80.85 121.95 61.39
CA SER I 155 -81.75 121.54 62.47
C SER I 155 -81.02 121.22 63.79
N GLY I 156 -79.69 121.15 63.73
CA GLY I 156 -78.82 120.69 64.79
C GLY I 156 -78.04 121.77 65.49
N GLN I 157 -76.73 121.57 65.59
CA GLN I 157 -75.89 122.54 66.28
C GLN I 157 -75.93 123.90 65.60
N GLY I 158 -76.25 123.93 64.31
CA GLY I 158 -76.34 125.15 63.54
C GLY I 158 -77.43 125.97 64.18
N ALA I 159 -78.58 125.35 64.35
CA ALA I 159 -79.71 126.03 64.98
C ALA I 159 -79.36 126.50 66.39
N ALA I 160 -78.58 125.70 67.08
CA ALA I 160 -78.17 125.98 68.44
C ALA I 160 -77.33 127.26 68.64
N LYS I 161 -76.69 127.82 67.59
CA LYS I 161 -75.86 129.00 67.84
C LYS I 161 -75.55 129.89 66.64
N LYS I 162 -74.94 131.04 66.93
CA LYS I 162 -74.47 131.88 65.86
C LYS I 162 -73.00 131.59 65.67
N PHE I 163 -72.54 131.61 64.44
CA PHE I 163 -71.16 131.31 64.14
C PHE I 163 -70.49 132.52 63.55
N PRO I 164 -69.19 132.70 63.74
CA PRO I 164 -68.43 133.74 63.11
C PRO I 164 -68.37 133.43 61.64
N ALA I 165 -68.36 134.46 60.84
CA ALA I 165 -68.21 134.26 59.42
C ALA I 165 -66.77 133.96 59.13
N LEU I 166 -66.58 133.17 58.11
CA LEU I 166 -65.27 132.89 57.60
C LEU I 166 -65.07 133.88 56.46
N ALA I 167 -64.24 134.88 56.69
CA ALA I 167 -64.10 135.94 55.70
C ALA I 167 -62.69 136.47 55.68
N ALA I 168 -62.36 137.26 54.68
CA ALA I 168 -61.01 137.75 54.59
C ALA I 168 -60.60 138.45 55.85
N SER I 169 -59.38 138.13 56.29
CA SER I 169 -58.69 138.65 57.48
C SER I 169 -59.10 137.97 58.77
N THR I 170 -60.08 137.10 58.69
CA THR I 170 -60.60 136.40 59.86
C THR I 170 -59.54 135.61 60.57
N GLN I 171 -59.50 135.76 61.90
CA GLN I 171 -58.59 134.99 62.71
C GLN I 171 -59.30 133.74 63.15
N THR I 172 -58.69 132.63 62.82
CA THR I 172 -59.19 131.33 63.12
C THR I 172 -58.90 130.99 64.59
N THR I 173 -59.92 130.57 65.33
CA THR I 173 -59.78 130.19 66.72
C THR I 173 -60.01 128.70 66.85
N VAL I 174 -58.99 127.99 67.29
CA VAL I 174 -59.07 126.55 67.32
C VAL I 174 -60.18 126.03 68.19
N GLY I 175 -60.93 125.12 67.58
CA GLY I 175 -62.07 124.45 68.14
C GLY I 175 -63.39 125.09 67.73
N ASP I 176 -63.37 126.32 67.25
CA ASP I 176 -64.64 126.91 66.88
C ASP I 176 -64.97 126.52 65.45
N ILE I 177 -66.13 126.97 64.97
CA ILE I 177 -66.58 126.70 63.62
C ILE I 177 -66.91 127.98 62.89
N TYR I 178 -66.33 128.14 61.73
CA TYR I 178 -66.56 129.35 60.95
C TYR I 178 -67.42 128.99 59.77
N THR I 179 -68.23 129.96 59.31
CA THR I 179 -69.10 129.64 58.19
C THR I 179 -68.93 130.45 56.92
N HIS I 180 -69.37 129.85 55.84
CA HIS I 180 -69.27 130.45 54.52
C HIS I 180 -70.26 129.85 53.55
N PHE I 181 -70.24 130.34 52.33
CA PHE I 181 -71.03 129.78 51.26
C PHE I 181 -70.20 130.00 50.02
N PHE I 182 -69.82 128.93 49.37
CA PHE I 182 -68.97 128.98 48.20
C PHE I 182 -69.76 129.39 46.98
N GLN I 183 -69.07 129.91 45.95
CA GLN I 183 -69.74 130.28 44.69
C GLN I 183 -70.39 129.08 43.98
N GLU I 184 -69.91 127.90 44.32
CA GLU I 184 -70.38 126.59 43.87
C GLU I 184 -70.06 125.70 45.03
N THR I 185 -70.81 124.64 45.27
CA THR I 185 -70.68 123.66 46.40
C THR I 185 -71.30 124.22 47.68
N GLY I 186 -71.69 125.46 47.65
CA GLY I 186 -72.50 126.07 48.70
C GLY I 186 -72.06 126.13 50.14
N THR I 187 -72.94 125.62 51.02
CA THR I 187 -72.77 125.70 52.47
C THR I 187 -71.48 125.18 53.05
N VAL I 188 -70.88 126.03 53.90
CA VAL I 188 -69.64 125.72 54.56
C VAL I 188 -69.69 125.85 56.08
N TYR I 189 -69.33 124.77 56.76
CA TYR I 189 -69.13 124.77 58.21
C TYR I 189 -67.82 124.08 58.47
N LEU I 190 -66.84 124.86 58.90
CA LEU I 190 -65.52 124.30 59.07
C LEU I 190 -64.94 124.53 60.44
N GLN I 191 -64.53 123.44 61.06
CA GLN I 191 -63.96 123.56 62.38
C GLN I 191 -62.52 123.95 62.24
N ALA I 192 -62.12 124.85 63.11
CA ALA I 192 -60.77 125.35 63.19
C ALA I 192 -59.81 124.40 63.88
N SER I 193 -58.81 123.90 63.14
CA SER I 193 -57.84 122.99 63.75
C SER I 193 -56.59 123.78 64.12
N VAL I 194 -56.34 124.89 63.40
CA VAL I 194 -55.14 125.71 63.67
C VAL I 194 -55.37 127.24 63.82
N GLN I 195 -54.40 127.90 64.46
CA GLN I 195 -54.44 129.35 64.65
C GLN I 195 -53.87 130.15 63.49
N VAL I 196 -54.67 130.31 62.47
CA VAL I 196 -54.27 131.00 61.24
C VAL I 196 -55.23 132.10 60.84
N THR I 197 -54.84 132.95 59.89
CA THR I 197 -55.76 133.93 59.38
C THR I 197 -56.12 133.61 57.95
N ILE I 198 -57.24 134.14 57.50
CA ILE I 198 -57.70 133.91 56.14
C ILE I 198 -57.42 135.06 55.18
N ASP I 199 -56.21 135.14 54.63
CA ASP I 199 -55.90 136.12 53.58
C ASP I 199 -56.61 137.45 53.64
N ALA I 200 -56.13 138.38 54.43
CA ALA I 200 -56.80 139.67 54.50
C ALA I 200 -56.97 140.35 53.13
N GLY I 201 -56.17 139.98 52.11
CA GLY I 201 -56.29 140.61 50.81
C GLY I 201 -57.36 139.98 49.93
N ALA I 202 -58.06 138.98 50.44
CA ALA I 202 -59.07 138.27 49.67
C ALA I 202 -60.40 139.01 49.64
N THR I 203 -60.41 140.16 48.99
CA THR I 203 -61.60 141.01 48.92
C THR I 203 -62.52 140.56 47.78
N ASP I 204 -61.95 139.74 46.94
CA ASP I 204 -62.56 139.08 45.81
C ASP I 204 -63.20 137.81 46.31
N ALA I 205 -64.49 137.65 46.14
CA ALA I 205 -65.12 136.44 46.65
C ALA I 205 -64.42 135.21 46.10
N ALA I 206 -63.96 135.27 44.85
CA ALA I 206 -63.27 134.13 44.30
C ALA I 206 -61.99 133.83 45.09
N LYS I 207 -61.29 134.90 45.53
CA LYS I 207 -60.07 134.72 46.30
C LYS I 207 -60.39 134.14 47.64
N LEU I 208 -61.49 134.60 48.24
CA LEU I 208 -61.86 134.07 49.53
C LEU I 208 -62.14 132.59 49.40
N ASP I 209 -62.90 132.19 48.38
CA ASP I 209 -63.17 130.78 48.25
C ASP I 209 -61.86 130.02 48.12
N ALA I 210 -60.93 130.56 47.32
CA ALA I 210 -59.67 129.90 47.14
C ALA I 210 -58.90 129.76 48.44
N GLU I 211 -58.88 130.81 49.27
CA GLU I 211 -58.14 130.72 50.51
C GLU I 211 -58.76 129.70 51.41
N ILE I 212 -60.07 129.63 51.43
CA ILE I 212 -60.72 128.67 52.28
C ILE I 212 -60.33 127.30 51.81
N LYS I 213 -60.39 127.06 50.50
CA LYS I 213 -60.01 125.76 49.98
C LYS I 213 -58.59 125.40 50.35
N LYS I 214 -57.67 126.37 50.28
CA LYS I 214 -56.28 126.12 50.64
C LYS I 214 -56.16 125.71 52.10
N GLN I 215 -56.90 126.38 52.98
CA GLN I 215 -56.86 126.05 54.38
C GLN I 215 -57.47 124.67 54.61
N MET I 216 -58.48 124.32 53.81
CA MET I 216 -59.03 122.98 53.92
C MET I 216 -57.97 121.96 53.47
N GLU I 217 -57.26 122.25 52.37
CA GLU I 217 -56.24 121.33 51.88
C GLU I 217 -55.15 121.14 52.91
N ALA I 218 -54.85 122.21 53.62
CA ALA I 218 -53.84 122.25 54.66
C ALA I 218 -54.27 121.49 55.91
N GLY I 219 -55.55 121.15 56.02
CA GLY I 219 -56.08 120.51 57.20
C GLY I 219 -56.39 121.52 58.29
N ALA I 220 -56.25 122.81 57.96
CA ALA I 220 -56.46 123.92 58.88
C ALA I 220 -57.93 124.03 59.26
N LEU I 221 -58.76 123.78 58.26
CA LEU I 221 -60.21 123.82 58.36
C LEU I 221 -60.81 122.49 57.95
N VAL I 222 -61.71 121.96 58.79
CA VAL I 222 -62.32 120.65 58.48
C VAL I 222 -63.86 120.63 58.47
N GLU I 223 -64.42 119.94 57.46
CA GLU I 223 -65.87 119.79 57.34
C GLU I 223 -66.44 119.22 58.61
N ILE I 224 -67.48 119.85 59.12
CA ILE I 224 -68.08 119.34 60.33
C ILE I 224 -69.58 119.51 60.39
N ALA I 225 -70.24 118.54 61.03
CA ALA I 225 -71.64 118.61 61.30
C ALA I 225 -71.95 117.82 62.55
N GLU I 226 -72.94 118.28 63.31
CA GLU I 226 -73.42 117.61 64.49
C GLU I 226 -74.77 118.17 64.91
N GLY I 227 -75.51 117.37 65.69
CA GLY I 227 -76.78 117.80 66.26
C GLY I 227 -76.48 118.66 67.49
N MET I 228 -77.51 119.03 68.22
CA MET I 228 -77.32 119.87 69.40
C MET I 228 -77.48 119.03 70.66
N ALA I 229 -76.98 119.50 71.78
CA ALA I 229 -77.18 118.75 73.00
C ALA I 229 -78.67 118.58 73.23
N THR I 230 -79.05 117.42 73.74
CA THR I 230 -80.44 117.15 74.01
C THR I 230 -81.07 118.23 74.86
N SER I 231 -80.39 118.67 75.92
CA SER I 231 -80.97 119.71 76.77
C SER I 231 -81.20 121.04 76.06
N ILE I 232 -80.47 121.32 74.99
CA ILE I 232 -80.69 122.55 74.30
C ILE I 232 -82.04 122.41 73.66
N ALA I 233 -82.19 121.30 72.94
CA ALA I 233 -83.41 121.00 72.22
C ALA I 233 -84.62 120.87 73.14
N GLU I 234 -84.41 120.23 74.29
CA GLU I 234 -85.45 119.96 75.25
C GLU I 234 -86.11 121.24 75.70
N LEU I 235 -85.32 122.29 75.86
CA LEU I 235 -85.91 123.53 76.30
C LEU I 235 -86.02 124.63 75.25
N GLN I 236 -86.22 124.27 73.99
CA GLN I 236 -86.41 125.33 73.00
C GLN I 236 -87.80 125.97 73.16
N GLU I 237 -88.11 126.99 72.36
CA GLU I 237 -89.38 127.71 72.38
C GLU I 237 -89.82 128.20 73.77
N GLY I 238 -88.88 128.76 74.53
CA GLY I 238 -89.20 129.35 75.82
C GLY I 238 -89.41 128.35 76.97
N PHE I 239 -89.22 127.07 76.71
CA PHE I 239 -89.49 126.11 77.74
C PHE I 239 -88.64 126.31 78.98
N ASN I 240 -89.32 126.25 80.10
CA ASN I 240 -88.78 126.39 81.44
C ASN I 240 -88.06 127.72 81.63
N GLY I 241 -88.53 128.79 80.97
CA GLY I 241 -87.94 130.10 81.16
C GLY I 241 -86.73 130.39 80.28
N SER I 242 -86.39 129.48 79.39
CA SER I 242 -85.26 129.66 78.52
C SER I 242 -85.58 130.77 77.52
N THR I 243 -84.55 131.33 76.89
CA THR I 243 -84.78 132.40 75.92
C THR I 243 -84.00 132.19 74.65
N ASP I 244 -84.34 132.99 73.62
CA ASP I 244 -83.60 133.04 72.36
C ASP I 244 -83.41 131.67 71.75
N ASN I 245 -84.47 130.88 71.77
CA ASN I 245 -84.38 129.52 71.30
C ASN I 245 -85.44 129.04 70.30
N PRO I 246 -85.56 129.67 69.12
CA PRO I 246 -86.49 129.32 68.06
C PRO I 246 -86.03 128.08 67.34
N TRP I 247 -86.92 127.39 66.66
CA TRP I 247 -86.49 126.27 65.82
C TRP I 247 -86.19 126.86 64.46
N ASN I 248 -85.27 126.28 63.69
CA ASN I 248 -85.10 126.75 62.33
C ASN I 248 -86.30 126.35 61.49
N GLU I 249 -86.58 127.11 60.42
CA GLU I 249 -87.75 126.86 59.61
C GLU I 249 -87.48 126.70 58.12
N MET I 250 -88.36 125.91 57.49
CA MET I 250 -88.32 125.64 56.06
C MET I 250 -89.71 125.67 55.43
N GLY I 251 -89.73 125.74 54.10
CA GLY I 251 -90.98 125.71 53.34
C GLY I 251 -90.73 125.73 51.84
N PHE I 252 -91.65 126.29 51.08
CA PHE I 252 -91.49 126.33 49.63
C PHE I 252 -92.20 127.51 49.04
N ARG I 253 -91.84 127.80 47.81
CA ARG I 253 -92.44 128.84 47.01
C ARG I 253 -92.64 128.34 45.60
N ILE I 254 -93.66 128.86 44.95
CA ILE I 254 -93.87 128.53 43.56
C ILE I 254 -93.84 129.80 42.72
N ASP I 255 -93.06 129.79 41.67
CA ASP I 255 -92.97 130.96 40.80
C ASP I 255 -93.16 130.59 39.34
N LYS I 256 -93.00 131.55 38.41
CA LYS I 256 -93.28 131.17 37.03
C LYS I 256 -92.64 132.03 35.95
N GLN I 257 -92.75 131.53 34.74
CA GLN I 257 -92.35 132.32 33.61
C GLN I 257 -93.32 132.12 32.47
N VAL I 258 -93.44 133.12 31.63
CA VAL I 258 -94.45 133.06 30.56
C VAL I 258 -93.92 133.23 29.14
N ILE I 259 -94.68 132.74 28.16
CA ILE I 259 -94.25 132.83 26.76
C ILE I 259 -95.25 133.48 25.80
N GLU I 260 -94.77 133.66 24.57
CA GLU I 260 -95.52 134.24 23.44
C GLU I 260 -94.98 133.58 22.16
N ALA I 261 -95.80 133.54 21.10
CA ALA I 261 -95.41 132.89 19.86
C ALA I 261 -95.35 133.80 18.67
N LYS I 262 -94.15 133.92 18.12
CA LYS I 262 -93.92 134.73 16.95
C LYS I 262 -94.29 133.91 15.71
N SER I 263 -94.61 134.63 14.64
CA SER I 263 -95.03 134.07 13.36
C SER I 263 -93.99 134.11 12.26
N ARG I 264 -94.32 133.42 11.18
CA ARG I 264 -93.46 133.45 10.00
C ARG I 264 -94.35 133.40 8.76
N GLN I 265 -93.98 134.08 7.68
CA GLN I 265 -94.75 133.93 6.43
C GLN I 265 -94.01 134.31 5.17
N LEU I 266 -94.18 133.49 4.14
CA LEU I 266 -93.60 133.75 2.82
C LEU I 266 -94.60 133.69 1.69
N LYS I 267 -94.31 134.41 0.60
CA LYS I 267 -95.17 134.35 -0.59
C LYS I 267 -94.43 133.92 -1.86
N ALA I 268 -95.18 133.38 -2.83
CA ALA I 268 -94.62 132.97 -4.13
C ALA I 268 -94.58 134.10 -5.15
N ALA I 269 -95.60 134.96 -5.20
CA ALA I 269 -95.63 136.07 -6.17
C ALA I 269 -95.27 135.66 -7.61
N TYR I 270 -95.98 134.68 -8.18
CA TYR I 270 -95.61 134.14 -9.50
C TYR I 270 -96.64 134.42 -10.60
N SER I 271 -96.33 133.99 -11.82
CA SER I 271 -97.23 134.22 -12.95
C SER I 271 -97.80 132.96 -13.61
N ILE I 272 -98.96 133.16 -14.24
CA ILE I 272 -99.71 132.14 -14.96
C ILE I 272 -99.04 131.64 -16.20
N GLU I 273 -98.58 132.56 -17.02
CA GLU I 273 -97.97 132.20 -18.27
C GLU I 273 -96.74 131.36 -18.03
N LEU I 274 -96.02 131.66 -16.96
CA LEU I 274 -94.83 130.89 -16.69
C LEU I 274 -95.23 129.46 -16.40
N ALA I 275 -96.28 129.27 -15.59
CA ALA I 275 -96.74 127.92 -15.30
C ALA I 275 -97.18 127.20 -16.56
N GLN I 276 -97.82 127.93 -17.46
CA GLN I 276 -98.27 127.31 -18.70
C GLN I 276 -97.11 126.85 -19.55
N ASP I 277 -96.07 127.67 -19.65
CA ASP I 277 -94.90 127.29 -20.44
C ASP I 277 -94.19 126.12 -19.79
N LEU I 278 -94.12 126.12 -18.46
CA LEU I 278 -93.44 125.04 -17.79
C LEU I 278 -94.12 123.72 -18.09
N ARG I 279 -95.45 123.74 -18.16
CA ARG I 279 -96.23 122.52 -18.48
C ARG I 279 -95.94 122.10 -19.93
N ALA I 280 -95.81 123.07 -20.83
CA ALA I 280 -95.52 122.80 -22.23
C ALA I 280 -94.12 122.25 -22.48
N VAL I 281 -93.14 122.72 -21.72
CA VAL I 281 -91.76 122.32 -21.92
C VAL I 281 -91.31 121.14 -21.07
N HIS I 282 -91.58 121.18 -19.76
CA HIS I 282 -91.08 120.18 -18.84
C HIS I 282 -92.16 119.33 -18.17
N GLY I 283 -93.45 119.58 -18.45
CA GLY I 283 -94.49 118.87 -17.74
C GLY I 283 -94.69 119.43 -16.33
N MET I 284 -94.11 120.61 -16.07
CA MET I 284 -94.15 121.23 -14.77
C MET I 284 -95.22 122.28 -14.60
N ASP I 285 -95.98 122.17 -13.53
CA ASP I 285 -96.97 123.20 -13.20
C ASP I 285 -96.24 124.29 -12.47
N ALA I 286 -95.39 123.81 -11.57
CA ALA I 286 -94.61 124.53 -10.60
C ALA I 286 -95.46 125.28 -9.59
N ASP I 287 -96.72 124.86 -9.38
CA ASP I 287 -97.48 125.51 -8.33
C ASP I 287 -97.05 124.71 -7.14
N ALA I 288 -96.91 123.39 -7.38
CA ALA I 288 -96.46 122.44 -6.40
C ALA I 288 -95.06 122.77 -5.95
N GLU I 289 -94.24 123.23 -6.89
CA GLU I 289 -92.87 123.56 -6.59
C GLU I 289 -92.82 124.81 -5.78
N LEU I 290 -93.58 125.82 -6.16
CA LEU I 290 -93.50 127.03 -5.37
C LEU I 290 -93.94 126.76 -3.97
N SER I 291 -94.99 125.97 -3.84
CA SER I 291 -95.48 125.62 -2.54
C SER I 291 -94.42 124.88 -1.74
N GLY I 292 -93.81 123.86 -2.35
CA GLY I 292 -92.79 123.07 -1.70
C GLY I 292 -91.58 123.90 -1.29
N ILE I 293 -91.16 124.83 -2.13
CA ILE I 293 -90.01 125.66 -1.86
C ILE I 293 -90.26 126.54 -0.67
N LEU I 294 -91.41 127.20 -0.66
CA LEU I 294 -91.70 128.10 0.44
C LEU I 294 -91.77 127.33 1.73
N ALA I 295 -92.51 126.22 1.70
CA ALA I 295 -92.69 125.43 2.88
C ALA I 295 -91.39 124.86 3.38
N THR I 296 -90.55 124.41 2.46
CA THR I 296 -89.29 123.83 2.80
C THR I 296 -88.38 124.83 3.44
N GLU I 297 -88.28 126.03 2.85
CA GLU I 297 -87.39 127.02 3.41
C GLU I 297 -87.87 127.32 4.80
N ILE I 298 -89.18 127.43 5.00
CA ILE I 298 -89.64 127.74 6.34
C ILE I 298 -89.20 126.69 7.34
N MET I 299 -89.38 125.41 7.02
CA MET I 299 -88.98 124.43 7.99
C MET I 299 -87.46 124.38 8.20
N LEU I 300 -86.68 124.61 7.15
CA LEU I 300 -85.23 124.64 7.33
C LEU I 300 -84.81 125.81 8.22
N GLU I 301 -85.42 126.98 7.99
CA GLU I 301 -85.11 128.20 8.78
C GLU I 301 -85.40 127.92 10.26
N ILE I 302 -86.52 127.24 10.53
CA ILE I 302 -86.92 126.90 11.87
C ILE I 302 -85.97 125.92 12.49
N ASN I 303 -85.60 124.87 11.77
CA ASN I 303 -84.71 123.93 12.38
C ASN I 303 -83.43 124.62 12.81
N ARG I 304 -82.93 125.55 11.99
CA ARG I 304 -81.75 126.25 12.43
C ARG I 304 -82.05 127.09 13.62
N GLU I 305 -83.19 127.77 13.64
CA GLU I 305 -83.46 128.58 14.80
C GLU I 305 -83.38 127.76 16.06
N VAL I 306 -83.91 126.54 16.02
CA VAL I 306 -83.84 125.68 17.18
C VAL I 306 -82.38 125.36 17.53
N VAL I 307 -81.60 124.96 16.54
CA VAL I 307 -80.21 124.61 16.79
C VAL I 307 -79.42 125.79 17.30
N ASP I 308 -79.63 126.95 16.71
CA ASP I 308 -78.94 128.15 17.10
C ASP I 308 -79.35 128.55 18.50
N TRP I 309 -80.63 128.40 18.87
CA TRP I 309 -80.96 128.75 20.24
C TRP I 309 -80.25 127.83 21.18
N ILE I 310 -80.05 126.58 20.77
CA ILE I 310 -79.28 125.69 21.61
C ILE I 310 -77.85 126.20 21.71
N ASN I 311 -77.24 126.55 20.59
CA ASN I 311 -75.85 127.02 20.68
C ASN I 311 -75.73 128.28 21.54
N TYR I 312 -76.74 129.16 21.44
CA TYR I 312 -76.87 130.41 22.14
C TYR I 312 -76.98 130.21 23.62
N SER I 313 -77.95 129.38 23.99
CA SER I 313 -78.24 129.16 25.36
C SER I 313 -77.29 128.18 26.03
N ALA I 314 -76.61 127.33 25.28
CA ALA I 314 -75.72 126.37 25.91
C ALA I 314 -74.67 127.09 26.72
N GLN I 315 -74.33 126.49 27.85
CA GLN I 315 -73.35 127.06 28.73
C GLN I 315 -71.98 126.87 28.14
N VAL I 316 -71.04 127.69 28.54
CA VAL I 316 -69.70 127.50 28.02
C VAL I 316 -69.09 126.30 28.74
N GLY I 317 -68.68 125.32 27.94
CA GLY I 317 -68.10 124.08 28.44
C GLY I 317 -66.62 124.25 28.63
N LYS I 318 -65.90 123.16 28.89
CA LYS I 318 -64.47 123.26 29.10
C LYS I 318 -64.24 124.39 30.09
N SER I 319 -64.94 124.31 31.22
CA SER I 319 -64.98 125.39 32.19
C SER I 319 -65.25 124.91 33.61
N GLY I 320 -64.94 125.74 34.60
CA GLY I 320 -65.28 125.41 35.98
C GLY I 320 -64.65 124.11 36.41
N MET I 321 -65.48 123.21 36.92
CA MET I 321 -65.01 121.92 37.40
C MET I 321 -64.73 120.94 36.28
N THR I 322 -64.89 121.41 35.05
CA THR I 322 -64.60 120.62 33.90
C THR I 322 -63.36 121.17 33.20
N LEU I 323 -62.70 122.15 33.82
CA LEU I 323 -61.49 122.76 33.26
C LEU I 323 -60.26 122.51 34.12
N THR I 324 -59.13 122.15 33.51
CA THR I 324 -57.92 121.98 34.29
C THR I 324 -57.22 123.33 34.44
N PRO I 325 -56.38 123.53 35.47
CA PRO I 325 -55.65 124.76 35.75
C PRO I 325 -54.83 125.36 34.63
N GLY I 326 -54.27 124.52 33.75
CA GLY I 326 -53.44 125.04 32.68
C GLY I 326 -54.13 125.31 31.35
N SER I 327 -55.44 125.18 31.28
CA SER I 327 -56.12 125.33 30.00
C SER I 327 -56.69 126.72 29.67
N LYS I 328 -57.54 126.77 28.63
CA LYS I 328 -58.05 128.02 28.06
C LYS I 328 -59.51 128.43 28.27
N ALA I 329 -60.29 127.68 29.05
CA ALA I 329 -61.68 128.08 29.37
C ALA I 329 -62.66 128.23 28.18
N GLY I 330 -63.19 127.12 27.68
CA GLY I 330 -64.18 127.16 26.59
C GLY I 330 -63.76 126.57 25.24
N VAL I 331 -62.49 126.27 25.10
CA VAL I 331 -61.96 125.69 23.87
C VAL I 331 -61.06 124.51 24.13
N PHE I 332 -61.16 123.49 23.31
CA PHE I 332 -60.30 122.33 23.41
C PHE I 332 -59.37 122.32 22.22
N ASP I 333 -58.08 122.58 22.46
CA ASP I 333 -57.07 122.66 21.41
C ASP I 333 -56.23 121.39 21.33
N PHE I 334 -56.36 120.62 20.26
CA PHE I 334 -55.64 119.35 20.18
C PHE I 334 -54.13 119.46 20.04
N GLN I 335 -53.60 120.67 19.90
CA GLN I 335 -52.15 120.85 19.83
C GLN I 335 -51.62 121.25 21.20
N ASP I 336 -52.52 121.46 22.14
CA ASP I 336 -52.20 121.92 23.48
C ASP I 336 -52.01 120.72 24.42
N PRO I 337 -50.79 120.49 24.96
CA PRO I 337 -50.43 119.35 25.78
C PRO I 337 -51.24 119.27 27.08
N ILE I 338 -51.84 120.37 27.49
CA ILE I 338 -52.61 120.30 28.70
C ILE I 338 -53.94 119.72 28.28
N ASP I 339 -54.52 120.28 27.22
CA ASP I 339 -55.83 119.78 26.77
C ASP I 339 -55.80 118.32 26.39
N ILE I 340 -54.69 117.85 25.84
CA ILE I 340 -54.66 116.45 25.47
C ILE I 340 -53.94 115.61 26.50
N ARG I 341 -53.77 116.15 27.69
CA ARG I 341 -53.22 115.44 28.82
C ARG I 341 -51.90 114.74 28.56
N GLY I 342 -51.00 115.44 27.87
CA GLY I 342 -49.66 114.98 27.56
C GLY I 342 -49.58 114.03 26.38
N ALA I 343 -50.70 113.71 25.77
CA ALA I 343 -50.72 112.76 24.69
C ALA I 343 -49.94 113.20 23.49
N ARG I 344 -49.43 112.21 22.79
CA ARG I 344 -48.73 112.38 21.55
C ARG I 344 -49.32 111.29 20.68
N TRP I 345 -49.37 111.48 19.36
CA TRP I 345 -49.94 110.51 18.41
C TRP I 345 -51.45 110.57 18.39
N ALA I 346 -52.03 110.69 17.21
CA ALA I 346 -53.48 110.87 17.10
C ALA I 346 -54.26 109.78 17.81
N GLY I 347 -53.77 108.54 17.73
CA GLY I 347 -54.42 107.38 18.33
C GLY I 347 -54.56 107.45 19.84
N GLU I 348 -53.82 108.36 20.47
CA GLU I 348 -53.86 108.59 21.91
C GLU I 348 -54.36 110.00 22.23
N SER I 349 -54.02 110.97 21.38
CA SER I 349 -54.38 112.38 21.53
C SER I 349 -55.83 112.67 21.27
N PHE I 350 -56.39 112.12 20.20
CA PHE I 350 -57.76 112.44 19.89
C PHE I 350 -58.69 112.05 21.01
N LYS I 351 -58.38 110.91 21.61
CA LYS I 351 -59.09 110.29 22.71
C LYS I 351 -59.32 111.22 23.89
N ALA I 352 -58.43 112.19 24.08
CA ALA I 352 -58.54 113.10 25.18
C ALA I 352 -59.87 113.85 25.14
N LEU I 353 -60.40 114.11 23.94
CA LEU I 353 -61.64 114.83 23.87
C LEU I 353 -62.76 114.00 24.46
N LEU I 354 -62.70 112.69 24.26
CA LEU I 354 -63.76 111.82 24.74
C LEU I 354 -63.83 111.95 26.24
N PHE I 355 -62.65 112.01 26.86
CA PHE I 355 -62.56 112.19 28.29
C PHE I 355 -63.27 113.49 28.69
N GLN I 356 -62.94 114.58 27.99
CA GLN I 356 -63.55 115.88 28.28
C GLN I 356 -65.07 115.86 28.12
N ILE I 357 -65.55 115.15 27.11
CA ILE I 357 -66.97 115.06 26.87
C ILE I 357 -67.66 114.41 28.04
N ASP I 358 -67.16 113.27 28.49
CA ASP I 358 -67.81 112.64 29.62
C ASP I 358 -67.80 113.52 30.85
N LYS I 359 -66.72 114.27 31.07
CA LYS I 359 -66.71 115.11 32.26
C LYS I 359 -67.88 116.09 32.23
N GLU I 360 -68.05 116.73 31.07
CA GLU I 360 -69.12 117.74 30.87
C GLU I 360 -70.50 117.08 30.92
N ALA I 361 -70.64 115.85 30.44
CA ALA I 361 -71.93 115.20 30.45
C ALA I 361 -72.40 115.03 31.89
N VAL I 362 -71.46 114.73 32.79
CA VAL I 362 -71.79 114.58 34.19
C VAL I 362 -72.17 115.93 34.79
N GLU I 363 -71.41 116.97 34.45
CA GLU I 363 -71.73 118.31 34.97
C GLU I 363 -73.16 118.65 34.61
N ILE I 364 -73.63 118.23 33.44
CA ILE I 364 -75.00 118.48 33.07
C ILE I 364 -75.95 117.81 34.04
N ALA I 365 -75.70 116.52 34.36
CA ALA I 365 -76.59 115.83 35.28
C ALA I 365 -76.67 116.55 36.58
N ARG I 366 -75.50 116.98 37.01
CA ARG I 366 -75.34 117.66 38.26
C ARG I 366 -76.12 118.94 38.30
N GLN I 367 -75.92 119.79 37.31
CA GLN I 367 -76.53 121.08 37.31
C GLN I 367 -78.02 121.03 37.23
N THR I 368 -78.52 120.13 36.41
CA THR I 368 -79.95 120.03 36.22
C THR I 368 -80.60 119.21 37.32
N GLY I 369 -79.86 118.27 37.90
CA GLY I 369 -80.41 117.39 38.91
C GLY I 369 -81.34 116.40 38.22
N ARG I 370 -81.04 116.09 36.96
CA ARG I 370 -81.91 115.21 36.18
C ARG I 370 -81.20 114.02 35.57
N GLY I 371 -80.21 114.25 34.72
CA GLY I 371 -79.51 113.15 34.08
C GLY I 371 -78.40 113.68 33.21
N GLU I 372 -77.44 112.83 32.87
CA GLU I 372 -76.29 113.31 32.13
C GLU I 372 -76.55 113.44 30.67
N GLY I 373 -75.54 113.93 29.99
CA GLY I 373 -75.66 114.11 28.56
C GLY I 373 -75.97 112.79 27.88
N ASN I 374 -76.83 112.85 26.86
CA ASN I 374 -77.17 111.67 26.10
C ASN I 374 -77.17 111.92 24.61
N PHE I 375 -76.69 113.09 24.22
CA PHE I 375 -76.50 113.44 22.83
C PHE I 375 -75.44 114.48 22.65
N ILE I 376 -74.91 114.53 21.44
CA ILE I 376 -73.93 115.52 21.03
C ILE I 376 -74.26 116.05 19.65
N ILE I 377 -74.20 117.34 19.46
CA ILE I 377 -74.34 117.85 18.11
C ILE I 377 -73.00 118.49 17.78
N ALA I 378 -72.40 118.15 16.65
CA ALA I 378 -71.08 118.71 16.41
C ALA I 378 -70.69 118.91 14.97
N SER I 379 -69.71 119.76 14.75
CA SER I 379 -69.15 119.98 13.43
C SER I 379 -68.69 118.70 12.80
N ARG I 380 -68.76 118.64 11.49
CA ARG I 380 -68.30 117.47 10.75
C ARG I 380 -66.90 117.11 11.18
N ASN I 381 -66.06 118.12 11.42
CA ASN I 381 -64.69 117.87 11.79
C ASN I 381 -64.54 117.17 13.14
N VAL I 382 -65.48 117.39 14.06
CA VAL I 382 -65.44 116.77 15.35
C VAL I 382 -65.83 115.32 15.17
N VAL I 383 -66.86 115.13 14.38
CA VAL I 383 -67.38 113.82 14.14
C VAL I 383 -66.32 112.98 13.45
N ASN I 384 -65.61 113.56 12.47
CA ASN I 384 -64.57 112.82 11.76
C ASN I 384 -63.55 112.30 12.78
N VAL I 385 -63.23 113.12 13.77
CA VAL I 385 -62.32 112.68 14.80
C VAL I 385 -62.92 111.53 15.57
N LEU I 386 -64.18 111.64 15.98
CA LEU I 386 -64.75 110.56 16.75
C LEU I 386 -64.82 109.26 15.96
N ALA I 387 -65.25 109.37 14.71
CA ALA I 387 -65.43 108.25 13.80
C ALA I 387 -64.15 107.51 13.50
N SER I 388 -63.05 108.23 13.47
CA SER I 388 -61.74 107.69 13.16
C SER I 388 -60.96 107.09 14.33
N VAL I 389 -61.52 107.09 15.55
CA VAL I 389 -60.76 106.51 16.65
C VAL I 389 -61.53 105.46 17.39
N ASP I 390 -60.83 104.65 18.14
CA ASP I 390 -61.54 103.69 18.96
C ASP I 390 -61.95 104.39 20.22
N THR I 391 -63.24 104.56 20.41
CA THR I 391 -63.74 105.30 21.54
C THR I 391 -63.91 104.39 22.76
N GLY I 392 -63.67 103.09 22.57
CA GLY I 392 -63.81 102.16 23.67
C GLY I 392 -62.55 102.22 24.50
N ILE I 393 -62.45 101.38 25.51
CA ILE I 393 -61.28 101.45 26.36
C ILE I 393 -60.22 100.49 25.90
N SER I 394 -59.11 101.04 25.47
CA SER I 394 -58.02 100.25 24.93
C SER I 394 -56.69 100.92 25.07
N TYR I 395 -55.71 100.37 24.38
CA TYR I 395 -54.35 100.88 24.45
C TYR I 395 -54.24 102.13 23.57
N ALA I 396 -54.51 101.97 22.29
CA ALA I 396 -54.49 103.09 21.36
C ALA I 396 -55.18 102.65 20.11
N ALA I 397 -55.74 103.58 19.34
CA ALA I 397 -56.20 103.20 18.01
C ALA I 397 -56.63 104.37 17.17
N GLN I 398 -56.20 104.33 15.91
CA GLN I 398 -56.50 105.32 14.90
C GLN I 398 -56.68 104.66 13.55
N GLY I 399 -57.61 105.16 12.74
CA GLY I 399 -57.75 104.68 11.37
C GLY I 399 -58.72 105.53 10.61
N LEU I 400 -59.33 104.95 9.60
CA LEU I 400 -60.33 105.62 8.77
C LEU I 400 -61.58 105.95 9.56
N ALA I 401 -62.26 107.02 9.18
CA ALA I 401 -63.46 107.48 9.85
C ALA I 401 -64.67 106.63 9.52
N THR I 402 -64.72 105.45 10.12
CA THR I 402 -65.80 104.52 9.85
C THR I 402 -66.76 104.29 11.01
N GLY I 403 -66.42 104.74 12.23
CA GLY I 403 -67.26 104.46 13.39
C GLY I 403 -68.67 105.03 13.33
N PHE I 404 -68.81 106.24 12.78
CA PHE I 404 -70.10 106.90 12.73
C PHE I 404 -70.25 107.51 11.35
N SER I 405 -71.46 107.74 10.89
CA SER I 405 -71.61 108.43 9.64
C SER I 405 -71.12 109.86 9.73
N THR I 406 -70.47 110.28 8.67
CA THR I 406 -69.96 111.62 8.52
C THR I 406 -70.66 112.32 7.37
N ASP I 407 -71.73 111.70 6.88
CA ASP I 407 -72.42 112.24 5.72
C ASP I 407 -73.36 113.39 6.04
N THR I 408 -73.97 113.93 5.00
CA THR I 408 -74.96 114.96 5.06
C THR I 408 -76.14 114.51 4.21
N THR I 409 -75.83 113.77 3.13
CA THR I 409 -76.82 113.37 2.15
C THR I 409 -77.82 112.40 2.71
N LYS I 410 -77.34 111.36 3.38
CA LYS I 410 -78.23 110.36 3.93
C LYS I 410 -78.63 110.59 5.38
N SER I 411 -78.04 111.57 6.05
CA SER I 411 -78.35 111.77 7.45
C SER I 411 -77.96 113.10 8.05
N VAL I 412 -78.28 113.23 9.33
CA VAL I 412 -77.94 114.36 10.18
C VAL I 412 -77.42 113.77 11.46
N PHE I 413 -77.66 112.48 11.55
CA PHE I 413 -77.34 111.65 12.69
C PHE I 413 -76.19 110.75 12.31
N ALA I 414 -75.10 110.88 13.05
CA ALA I 414 -73.88 110.15 12.80
C ALA I 414 -73.95 108.73 13.37
N GLY I 415 -74.48 108.64 14.58
CA GLY I 415 -74.53 107.36 15.26
C GLY I 415 -74.44 107.56 16.75
N VAL I 416 -74.27 106.47 17.50
CA VAL I 416 -74.22 106.64 18.94
C VAL I 416 -72.80 106.43 19.50
N LEU I 417 -72.28 107.46 20.12
CA LEU I 417 -70.92 107.46 20.61
C LEU I 417 -70.76 106.64 21.84
N GLY I 418 -70.01 105.57 21.69
CA GLY I 418 -69.73 104.65 22.78
C GLY I 418 -70.95 103.84 23.14
N GLY I 419 -71.99 103.93 22.31
CA GLY I 419 -73.22 103.26 22.64
C GLY I 419 -74.01 104.11 23.65
N LYS I 420 -73.51 105.31 23.97
CA LYS I 420 -74.13 106.18 24.96
C LYS I 420 -74.73 107.47 24.42
N TYR I 421 -74.01 108.21 23.57
CA TYR I 421 -74.55 109.51 23.17
C TYR I 421 -75.03 109.54 21.74
N ARG I 422 -76.19 110.08 21.49
CA ARG I 422 -76.62 110.21 20.11
C ARG I 422 -75.92 111.40 19.48
N VAL I 423 -75.08 111.13 18.48
CA VAL I 423 -74.29 112.17 17.86
C VAL I 423 -74.88 112.61 16.53
N TYR I 424 -75.09 113.91 16.42
CA TYR I 424 -75.65 114.61 15.29
C TYR I 424 -74.62 115.53 14.69
N ILE I 425 -74.83 115.91 13.45
CA ILE I 425 -73.89 116.74 12.74
C ILE I 425 -74.37 118.16 12.53
N ASP I 426 -73.63 119.12 13.11
CA ASP I 426 -73.95 120.55 12.89
C ASP I 426 -73.45 120.89 11.47
N GLN I 427 -74.25 120.58 10.46
CA GLN I 427 -73.85 120.75 9.08
C GLN I 427 -73.51 122.20 8.76
N TYR I 428 -73.97 123.14 9.59
CA TYR I 428 -73.69 124.54 9.37
C TYR I 428 -72.89 125.16 10.49
N ALA I 429 -72.05 124.38 11.15
CA ALA I 429 -71.20 124.97 12.17
C ALA I 429 -70.38 126.05 11.51
N LYS I 430 -70.17 127.16 12.20
CA LYS I 430 -69.42 128.24 11.55
C LYS I 430 -67.94 127.97 11.51
N GLN I 431 -67.37 127.44 12.58
CA GLN I 431 -65.96 127.15 12.51
C GLN I 431 -65.61 125.74 12.93
N ASP I 432 -65.68 125.45 14.23
CA ASP I 432 -65.42 124.11 14.71
C ASP I 432 -65.74 124.07 16.20
N TYR I 433 -66.77 123.31 16.56
CA TYR I 433 -67.26 123.20 17.92
C TYR I 433 -68.18 122.01 18.07
N PHE I 434 -68.52 121.72 19.32
CA PHE I 434 -69.55 120.74 19.59
C PHE I 434 -70.31 121.08 20.85
N THR I 435 -71.51 120.54 20.94
CA THR I 435 -72.34 120.70 22.12
C THR I 435 -72.81 119.37 22.63
N VAL I 436 -72.68 119.18 23.92
CA VAL I 436 -73.15 117.96 24.57
C VAL I 436 -74.36 118.36 25.38
N GLY I 437 -75.38 117.54 25.36
CA GLY I 437 -76.56 117.88 26.10
C GLY I 437 -77.39 116.70 26.54
N TYR I 438 -78.46 116.96 27.30
CA TYR I 438 -79.29 115.84 27.80
C TYR I 438 -80.79 116.17 27.73
N LYS I 439 -81.55 115.23 27.16
CA LYS I 439 -83.00 115.31 27.07
C LYS I 439 -83.62 114.02 27.61
N GLY I 440 -84.54 114.18 28.56
CA GLY I 440 -85.20 113.06 29.19
C GLY I 440 -86.52 112.71 28.49
N PRO I 441 -87.22 111.64 28.93
CA PRO I 441 -88.50 111.17 28.42
C PRO I 441 -89.65 112.16 28.63
N ASN I 442 -89.46 113.04 29.59
CA ASN I 442 -90.41 114.08 29.90
C ASN I 442 -89.98 115.26 29.09
N GLU I 443 -90.82 115.76 28.20
CA GLU I 443 -90.37 116.84 27.33
C GLU I 443 -89.89 118.08 28.07
N MET I 444 -90.31 118.28 29.32
CA MET I 444 -89.87 119.44 30.07
C MET I 444 -88.40 119.29 30.47
N ASP I 445 -87.94 118.05 30.52
CA ASP I 445 -86.60 117.74 30.95
C ASP I 445 -85.71 117.83 29.71
N ALA I 446 -85.62 119.04 29.19
CA ALA I 446 -84.90 119.30 27.97
C ALA I 446 -84.39 120.69 28.01
N GLY I 447 -85.01 121.49 28.87
CA GLY I 447 -84.63 122.90 28.93
C GLY I 447 -85.30 123.73 27.85
N ILE I 448 -84.99 123.42 26.60
CA ILE I 448 -85.52 124.11 25.43
C ILE I 448 -86.67 123.35 24.79
N TYR I 449 -87.76 124.06 24.49
CA TYR I 449 -88.94 123.39 23.88
C TYR I 449 -89.45 124.17 22.66
N TYR I 450 -89.63 123.47 21.53
CA TYR I 450 -90.14 124.07 20.30
C TYR I 450 -91.63 123.88 20.29
N ALA I 451 -92.39 124.97 20.30
CA ALA I 451 -93.81 124.77 20.52
C ALA I 451 -94.74 125.30 19.43
N PRO I 452 -94.82 124.66 18.25
CA PRO I 452 -95.59 125.13 17.11
C PRO I 452 -97.07 125.15 17.42
N TYR I 453 -97.78 126.22 16.99
CA TYR I 453 -99.25 126.32 17.20
C TYR I 453 -100.01 126.40 15.86
N VAL I 454 -99.30 126.81 14.80
CA VAL I 454 -99.75 126.96 13.44
C VAL I 454 -98.61 126.63 12.51
N ALA I 455 -98.87 125.82 11.51
CA ALA I 455 -97.80 125.55 10.57
C ALA I 455 -98.34 125.37 9.17
N LEU I 456 -97.67 126.04 8.27
CA LEU I 456 -97.92 126.02 6.86
C LEU I 456 -99.36 126.21 6.50
N THR I 457 -99.96 127.24 7.07
CA THR I 457 -101.32 127.54 6.74
C THR I 457 -101.22 128.09 5.36
N PRO I 458 -101.89 127.54 4.35
CA PRO I 458 -101.82 128.03 3.00
C PRO I 458 -102.63 129.28 2.86
N LEU I 459 -102.16 130.15 1.99
CA LEU I 459 -102.89 131.31 1.59
C LEU I 459 -102.96 131.29 0.08
N ARG I 460 -104.10 131.65 -0.48
CA ARG I 460 -104.25 131.74 -1.93
C ARG I 460 -105.14 132.91 -2.30
N GLY I 461 -104.99 133.39 -3.53
CA GLY I 461 -105.83 134.46 -4.07
C GLY I 461 -105.36 134.90 -5.45
N SER I 462 -105.73 136.12 -5.83
CA SER I 462 -105.36 136.70 -7.11
C SER I 462 -105.42 138.21 -7.03
N ASP I 463 -104.70 138.87 -7.93
CA ASP I 463 -104.77 140.33 -8.06
C ASP I 463 -105.38 140.74 -9.40
N PRO I 464 -106.62 141.24 -9.46
CA PRO I 464 -107.39 141.63 -10.65
C PRO I 464 -106.64 142.64 -11.51
N LYS I 465 -105.62 143.31 -10.95
CA LYS I 465 -104.86 144.24 -11.75
C LYS I 465 -104.41 143.56 -13.03
N ASN I 466 -103.98 142.30 -12.91
CA ASN I 466 -103.49 141.57 -14.05
C ASN I 466 -103.87 140.11 -13.92
N PHE I 467 -104.60 139.83 -12.85
CA PHE I 467 -105.11 138.51 -12.47
C PHE I 467 -104.06 137.45 -12.20
N GLN I 468 -102.86 137.86 -11.85
CA GLN I 468 -101.85 136.89 -11.50
C GLN I 468 -102.17 136.38 -10.09
N PRO I 469 -101.83 135.13 -9.76
CA PRO I 469 -102.08 134.43 -8.52
C PRO I 469 -101.32 134.91 -7.29
N VAL I 470 -101.95 134.64 -6.18
CA VAL I 470 -101.42 134.86 -4.85
C VAL I 470 -101.30 133.51 -4.18
N MET I 471 -100.14 133.27 -3.60
CA MET I 471 -99.82 132.04 -2.91
C MET I 471 -98.81 132.30 -1.80
N GLY I 472 -98.97 131.60 -0.68
CA GLY I 472 -98.00 131.67 0.41
C GLY I 472 -98.35 130.81 1.61
N PHE I 473 -97.46 130.80 2.61
CA PHE I 473 -97.69 129.94 3.80
C PHE I 473 -97.33 130.69 5.09
N LYS I 474 -98.12 130.48 6.14
CA LYS I 474 -97.91 131.08 7.45
C LYS I 474 -97.78 130.10 8.62
N THR I 475 -96.96 130.48 9.61
CA THR I 475 -96.79 129.70 10.84
C THR I 475 -96.85 130.61 12.07
N ARG I 476 -96.92 129.97 13.25
CA ARG I 476 -96.85 130.61 14.57
C ARG I 476 -96.31 129.59 15.56
N TYR I 477 -95.27 129.93 16.33
CA TYR I 477 -94.74 128.89 17.21
C TYR I 477 -94.31 129.26 18.63
N GLY I 478 -93.31 130.09 18.79
CA GLY I 478 -92.82 130.34 20.13
C GLY I 478 -91.94 129.17 20.58
N ILE I 479 -91.12 129.42 21.59
CA ILE I 479 -90.28 128.39 22.16
C ILE I 479 -90.53 128.44 23.63
N GLY I 480 -90.06 127.45 24.36
CA GLY I 480 -90.17 127.55 25.80
C GLY I 480 -88.86 127.27 26.50
N ILE I 481 -88.77 127.77 27.73
CA ILE I 481 -87.61 127.61 28.59
C ILE I 481 -88.00 127.02 29.95
N ASN I 482 -87.28 125.98 30.37
CA ASN I 482 -87.46 125.38 31.69
C ASN I 482 -87.03 126.39 32.75
N PRO I 483 -87.87 126.73 33.73
CA PRO I 483 -87.59 127.72 34.78
C PRO I 483 -86.38 127.40 35.63
N PHE I 484 -85.94 126.15 35.61
CA PHE I 484 -84.79 125.72 36.39
C PHE I 484 -83.52 125.60 35.53
N ALA I 485 -83.62 125.91 34.23
CA ALA I 485 -82.52 125.67 33.28
C ALA I 485 -81.24 126.37 33.68
N GLU I 486 -81.32 127.55 34.29
CA GLU I 486 -80.13 128.26 34.70
C GLU I 486 -79.24 127.42 35.62
N SER I 487 -79.88 126.64 36.48
CA SER I 487 -79.18 125.81 37.45
C SER I 487 -78.14 126.55 38.28
N ALA I 488 -78.45 127.77 38.71
CA ALA I 488 -77.48 128.50 39.53
C ALA I 488 -78.13 129.46 40.52
N ALA I 489 -79.25 130.06 40.11
CA ALA I 489 -79.92 131.06 40.92
C ALA I 489 -80.74 130.43 42.01
N GLN I 490 -80.84 131.11 43.13
CA GLN I 490 -81.67 130.63 44.20
C GLN I 490 -83.10 131.09 44.02
N ALA I 491 -83.84 130.47 43.10
CA ALA I 491 -85.23 130.86 42.85
C ALA I 491 -85.38 132.36 42.50
N PRO I 492 -85.15 132.75 41.23
CA PRO I 492 -85.08 134.09 40.65
C PRO I 492 -86.12 135.15 41.07
N ALA I 493 -85.63 136.39 40.97
CA ALA I 493 -86.29 137.60 41.42
C ALA I 493 -87.69 137.85 40.91
N SER I 494 -88.46 138.42 41.83
CA SER I 494 -89.84 138.87 41.67
C SER I 494 -90.84 137.77 41.43
N ARG I 495 -90.42 136.50 41.49
CA ARG I 495 -91.28 135.35 41.26
C ARG I 495 -91.83 135.34 39.83
N ILE I 496 -91.23 136.10 38.92
CA ILE I 496 -91.70 136.07 37.55
C ILE I 496 -90.69 136.56 36.55
N GLN I 497 -90.63 135.87 35.43
CA GLN I 497 -89.78 136.28 34.34
C GLN I 497 -90.31 135.80 33.01
N SER I 498 -89.64 136.19 31.95
CA SER I 498 -90.03 135.77 30.63
C SER I 498 -89.40 134.44 30.24
N GLY I 499 -90.17 133.64 29.51
CA GLY I 499 -89.75 132.36 28.97
C GLY I 499 -89.26 132.50 27.53
N MET I 500 -89.10 133.75 27.08
CA MET I 500 -88.68 134.04 25.72
C MET I 500 -87.16 133.86 25.63
N PRO I 501 -86.60 133.55 24.46
CA PRO I 501 -85.19 133.31 24.26
C PRO I 501 -84.36 134.59 24.17
N SER I 502 -84.31 135.34 25.26
CA SER I 502 -83.52 136.58 25.26
C SER I 502 -82.21 136.43 25.99
N ILE I 503 -81.47 137.53 26.08
CA ILE I 503 -80.15 137.48 26.67
C ILE I 503 -80.13 137.15 28.13
N LEU I 504 -80.93 137.84 28.91
CA LEU I 504 -80.86 137.60 30.33
C LEU I 504 -81.67 136.42 30.75
N ASN I 505 -82.38 135.83 29.80
CA ASN I 505 -83.18 134.68 30.12
C ASN I 505 -82.31 133.45 29.98
N SER I 506 -81.52 133.40 28.90
CA SER I 506 -80.72 132.21 28.69
C SER I 506 -79.36 132.31 28.00
N LEU I 507 -78.79 133.50 27.71
CA LEU I 507 -77.54 133.46 26.95
C LEU I 507 -76.39 132.89 27.76
N GLY I 508 -75.92 131.71 27.33
CA GLY I 508 -74.86 131.00 28.00
C GLY I 508 -75.30 130.41 29.35
N LYS I 509 -76.61 130.19 29.56
CA LYS I 509 -77.05 129.71 30.87
C LYS I 509 -77.76 128.36 30.91
N ASN I 510 -78.11 127.77 29.80
CA ASN I 510 -78.94 126.57 29.81
C ASN I 510 -78.17 125.31 30.15
N ALA I 511 -78.37 124.83 31.37
CA ALA I 511 -77.67 123.69 31.96
C ALA I 511 -77.85 122.39 31.21
N TYR I 512 -78.85 122.36 30.32
CA TYR I 512 -79.18 121.14 29.53
C TYR I 512 -78.18 121.01 28.36
N PHE I 513 -77.27 121.98 28.21
CA PHE I 513 -76.30 121.94 27.16
C PHE I 513 -74.96 122.59 27.54
N ARG I 514 -73.87 122.03 27.03
CA ARG I 514 -72.54 122.62 27.23
C ARG I 514 -71.83 122.68 25.87
N ARG I 515 -71.36 123.87 25.48
CA ARG I 515 -70.72 123.98 24.17
C ARG I 515 -69.25 124.36 24.28
N VAL I 516 -68.43 123.68 23.48
CA VAL I 516 -66.98 123.85 23.46
C VAL I 516 -66.45 124.11 22.06
N TYR I 517 -65.56 125.09 21.95
CA TYR I 517 -64.93 125.37 20.68
C TYR I 517 -63.80 124.40 20.44
N VAL I 518 -63.54 124.09 19.20
CA VAL I 518 -62.48 123.16 18.89
C VAL I 518 -61.38 123.72 18.02
N LYS I 519 -60.16 123.52 18.48
CA LYS I 519 -58.97 123.97 17.79
C LYS I 519 -57.98 122.83 17.65
N GLY I 520 -57.04 122.98 16.73
CA GLY I 520 -55.99 121.99 16.55
C GLY I 520 -56.36 120.95 15.52
N ILE I 521 -57.51 121.16 14.89
CA ILE I 521 -58.07 120.32 13.85
C ILE I 521 -58.16 121.16 12.58
N ALA J 66 -5.33 71.75 -38.29
CA ALA J 66 -4.93 72.78 -37.34
C ALA J 66 -5.86 73.92 -37.58
N GLU J 67 -6.93 73.52 -38.27
CA GLU J 67 -8.06 74.39 -38.68
C GLU J 67 -8.72 74.91 -37.40
N ILE J 68 -9.08 76.19 -37.41
CA ILE J 68 -9.67 76.85 -36.28
C ILE J 68 -11.06 77.37 -36.56
N GLY J 69 -11.79 77.55 -35.47
CA GLY J 69 -13.10 78.15 -35.46
C GLY J 69 -12.95 79.62 -35.75
N GLY J 70 -11.95 80.23 -35.15
CA GLY J 70 -11.75 81.64 -35.35
C GLY J 70 -12.90 82.27 -34.64
N ASP J 71 -13.25 83.48 -34.98
CA ASP J 71 -14.31 84.06 -34.20
C ASP J 71 -14.95 85.25 -34.85
N HIS J 72 -15.93 85.77 -34.15
CA HIS J 72 -16.58 86.98 -34.49
C HIS J 72 -15.81 88.10 -33.81
N GLY J 73 -15.93 89.30 -34.31
CA GLY J 73 -15.26 90.43 -33.66
C GLY J 73 -16.17 91.06 -32.60
N TYR J 74 -17.30 90.40 -32.35
CA TYR J 74 -18.36 90.88 -31.46
C TYR J 74 -18.98 92.13 -32.06
N ASN J 75 -18.86 92.19 -33.37
CA ASN J 75 -19.42 93.15 -34.27
C ASN J 75 -20.80 92.65 -34.62
N ALA J 76 -21.83 93.37 -34.22
CA ALA J 76 -23.17 92.86 -34.42
C ALA J 76 -23.46 92.53 -35.86
N THR J 77 -22.96 93.32 -36.80
CA THR J 77 -23.24 93.03 -38.18
C THR J 77 -22.59 91.74 -38.55
N ASN J 78 -21.34 91.60 -38.17
CA ASN J 78 -20.63 90.39 -38.54
C ASN J 78 -21.27 89.18 -37.90
N ILE J 79 -21.76 89.31 -36.67
CA ILE J 79 -22.40 88.16 -36.08
C ILE J 79 -23.62 87.84 -36.85
N ALA J 80 -24.43 88.83 -37.11
CA ALA J 80 -25.67 88.58 -37.78
C ALA J 80 -25.45 87.92 -39.13
N ALA J 81 -24.41 88.34 -39.82
CA ALA J 81 -24.11 87.81 -41.14
C ALA J 81 -23.38 86.48 -41.11
N GLY J 82 -22.99 86.02 -39.93
CA GLY J 82 -22.22 84.81 -39.80
C GLY J 82 -20.75 84.97 -40.23
N GLN J 83 -20.22 86.19 -40.16
CA GLN J 83 -18.85 86.43 -40.59
C GLN J 83 -17.84 86.14 -39.50
N THR J 84 -16.97 85.19 -39.80
CA THR J 84 -15.95 84.72 -38.89
C THR J 84 -14.59 84.77 -39.52
N SER J 85 -13.58 84.79 -38.66
CA SER J 85 -12.17 84.75 -39.04
C SER J 85 -11.58 83.36 -39.30
N GLY J 86 -12.32 82.31 -38.98
CA GLY J 86 -11.78 80.96 -39.11
C GLY J 86 -12.13 80.24 -40.39
N ALA J 87 -12.01 78.92 -40.32
CA ALA J 87 -12.22 78.02 -41.46
C ALA J 87 -13.63 78.10 -42.02
N VAL J 88 -14.62 78.25 -41.14
CA VAL J 88 -15.97 78.24 -41.63
C VAL J 88 -16.76 79.41 -41.18
N THR J 89 -17.82 79.67 -41.91
CA THR J 89 -18.78 80.69 -41.60
C THR J 89 -19.97 80.09 -40.96
N GLN J 90 -20.90 80.94 -40.57
CA GLN J 90 -22.11 80.48 -39.93
C GLN J 90 -23.33 80.62 -40.80
N ILE J 91 -24.33 79.85 -40.47
CA ILE J 91 -25.63 79.99 -41.11
C ILE J 91 -26.24 81.34 -40.76
N GLY J 92 -26.10 81.69 -39.50
CA GLY J 92 -26.61 82.93 -38.96
C GLY J 92 -27.04 82.58 -37.56
N PRO J 93 -27.20 83.54 -36.67
CA PRO J 93 -27.56 83.30 -35.32
C PRO J 93 -28.92 82.66 -35.14
N ALA J 94 -29.00 81.82 -34.13
CA ALA J 94 -30.24 81.16 -33.79
C ALA J 94 -31.13 82.18 -33.14
N VAL J 95 -32.41 82.13 -33.38
CA VAL J 95 -33.22 83.13 -32.74
C VAL J 95 -33.86 82.57 -31.50
N MET J 96 -33.62 83.28 -30.40
CA MET J 96 -34.08 82.96 -29.09
C MET J 96 -35.56 83.17 -28.97
N GLY J 97 -36.03 84.22 -29.63
CA GLY J 97 -37.42 84.60 -29.59
C GLY J 97 -37.58 86.08 -29.89
N MET J 98 -38.73 86.60 -29.52
CA MET J 98 -39.05 87.99 -29.80
C MET J 98 -39.82 88.63 -28.67
N VAL J 99 -39.57 89.91 -28.44
CA VAL J 99 -40.24 90.61 -27.38
C VAL J 99 -41.12 91.76 -27.85
N ARG J 100 -42.38 91.72 -27.47
CA ARG J 100 -43.32 92.79 -27.76
C ARG J 100 -43.48 93.60 -26.49
N ARG J 101 -43.55 94.92 -26.61
CA ARG J 101 -43.83 95.75 -25.43
C ARG J 101 -45.28 95.58 -25.01
N ALA J 102 -45.49 95.49 -23.70
CA ALA J 102 -46.81 95.31 -23.12
C ALA J 102 -47.72 96.51 -23.32
N ILE J 103 -49.01 96.23 -23.44
CA ILE J 103 -50.03 97.25 -23.51
C ILE J 103 -50.51 97.47 -22.09
N PRO J 104 -50.53 98.70 -21.59
CA PRO J 104 -50.91 99.05 -20.23
C PRO J 104 -52.37 98.82 -19.96
N ASN J 105 -52.67 98.62 -18.69
CA ASN J 105 -54.02 98.51 -18.18
C ASN J 105 -54.52 99.92 -18.00
N LEU J 106 -55.75 100.21 -18.39
CA LEU J 106 -56.26 101.56 -18.25
C LEU J 106 -57.38 101.76 -17.29
N ILE J 107 -57.41 102.93 -16.68
CA ILE J 107 -58.56 103.33 -15.90
C ILE J 107 -59.42 103.93 -16.96
N ALA J 108 -60.60 103.39 -17.23
CA ALA J 108 -61.34 104.00 -18.32
C ALA J 108 -62.51 104.86 -17.87
N PHE J 109 -63.66 104.28 -17.54
CA PHE J 109 -64.79 105.16 -17.23
C PHE J 109 -65.51 104.77 -15.96
N ASP J 110 -64.81 104.07 -15.09
CA ASP J 110 -65.36 103.51 -13.87
C ASP J 110 -65.96 104.53 -12.93
N ILE J 111 -65.50 105.75 -13.04
CA ILE J 111 -65.94 106.83 -12.18
C ILE J 111 -66.59 107.96 -12.95
N CYS J 112 -67.05 107.68 -14.17
CA CYS J 112 -67.65 108.74 -14.96
C CYS J 112 -69.11 108.46 -15.31
N GLY J 113 -69.86 109.50 -15.62
CA GLY J 113 -71.21 109.29 -16.10
C GLY J 113 -71.00 109.04 -17.56
N VAL J 114 -72.05 108.74 -18.32
CA VAL J 114 -71.81 108.48 -19.71
C VAL J 114 -72.72 109.30 -20.62
N GLN J 115 -74.03 109.14 -20.49
CA GLN J 115 -74.97 109.82 -21.38
C GLN J 115 -74.49 109.69 -22.84
N PRO J 116 -74.40 108.48 -23.39
CA PRO J 116 -73.68 108.15 -24.63
C PRO J 116 -74.31 108.59 -25.93
N MET J 117 -74.56 109.88 -26.06
CA MET J 117 -75.06 110.46 -27.30
C MET J 117 -76.12 109.61 -27.98
N ASN J 118 -77.24 109.34 -27.29
CA ASN J 118 -78.32 108.53 -27.87
C ASN J 118 -78.82 109.19 -29.17
N SER J 119 -78.55 110.47 -29.21
CA SER J 119 -78.78 111.40 -30.27
C SER J 119 -77.57 112.30 -30.03
N PRO J 120 -76.79 112.67 -31.03
CA PRO J 120 -75.60 113.47 -30.89
C PRO J 120 -75.98 114.87 -30.48
N THR J 121 -75.06 115.55 -29.81
CA THR J 121 -75.20 116.95 -29.48
C THR J 121 -76.47 117.35 -28.69
N GLY J 122 -76.85 116.65 -27.59
CA GLY J 122 -78.06 117.04 -26.81
C GLY J 122 -77.85 118.17 -25.77
N GLN J 123 -78.88 118.45 -24.94
CA GLN J 123 -78.83 119.51 -23.88
C GLN J 123 -79.35 119.06 -22.53
N VAL J 124 -78.81 119.65 -21.47
CA VAL J 124 -79.25 119.37 -20.11
C VAL J 124 -79.78 120.60 -19.42
N PHE J 125 -80.92 120.43 -18.79
CA PHE J 125 -81.52 121.52 -18.04
C PHE J 125 -81.29 121.34 -16.57
N ALA J 126 -81.31 122.43 -15.84
CA ALA J 126 -81.19 122.30 -14.41
C ALA J 126 -82.00 123.34 -13.67
N LEU J 127 -82.53 122.93 -12.52
CA LEU J 127 -83.28 123.86 -11.68
C LEU J 127 -82.69 124.15 -10.33
N ARG J 128 -82.79 125.42 -9.96
CA ARG J 128 -82.42 125.91 -8.66
C ARG J 128 -83.61 126.56 -7.96
N ALA J 129 -83.74 126.30 -6.67
CA ALA J 129 -84.74 126.98 -5.88
C ALA J 129 -84.07 128.23 -5.40
N VAL J 130 -84.67 129.38 -5.67
CA VAL J 130 -84.00 130.63 -5.36
C VAL J 130 -84.90 131.59 -4.62
N TYR J 131 -84.31 132.65 -4.09
CA TYR J 131 -85.10 133.64 -3.42
C TYR J 131 -84.53 135.03 -3.46
N GLY J 132 -85.37 136.02 -3.08
CA GLY J 132 -84.94 137.41 -3.10
C GLY J 132 -85.57 138.24 -4.23
N LYS J 133 -86.74 137.80 -4.71
CA LYS J 133 -87.59 138.44 -5.74
C LYS J 133 -87.11 138.44 -7.20
N ASP J 134 -85.87 138.07 -7.47
CA ASP J 134 -85.45 138.05 -8.87
C ASP J 134 -84.49 136.91 -9.13
N PRO J 135 -84.95 135.77 -9.67
CA PRO J 135 -84.19 134.58 -9.98
C PRO J 135 -83.01 134.82 -10.93
N VAL J 136 -83.05 135.91 -11.72
CA VAL J 136 -81.95 136.17 -12.60
C VAL J 136 -81.36 137.50 -12.23
N ALA J 137 -80.42 137.47 -11.29
CA ALA J 137 -79.86 138.69 -10.77
C ALA J 137 -78.58 138.43 -10.02
N ALA J 138 -77.68 139.40 -10.05
CA ALA J 138 -76.52 139.28 -9.21
C ALA J 138 -77.01 139.30 -7.78
N GLY J 139 -76.42 138.48 -6.95
CA GLY J 139 -76.78 138.48 -5.54
C GLY J 139 -78.02 137.66 -5.18
N ALA J 140 -78.69 137.07 -6.18
CA ALA J 140 -79.87 136.26 -5.89
C ALA J 140 -79.40 135.10 -5.02
N LYS J 141 -80.24 134.57 -4.12
CA LYS J 141 -79.72 133.47 -3.31
C LYS J 141 -80.35 132.13 -3.67
N GLU J 142 -79.54 131.07 -3.50
CA GLU J 142 -79.95 129.67 -3.76
C GLU J 142 -80.49 129.08 -2.44
N ALA J 143 -81.75 128.64 -2.46
CA ALA J 143 -82.42 128.10 -1.28
C ALA J 143 -81.85 126.81 -0.76
N PHE J 144 -81.41 125.94 -1.63
CA PHE J 144 -80.92 124.67 -1.13
C PHE J 144 -79.45 124.47 -1.34
N HIS J 145 -78.69 125.56 -1.44
CA HIS J 145 -77.22 125.42 -1.63
C HIS J 145 -76.62 124.67 -0.43
N PRO J 146 -75.97 123.49 -0.62
CA PRO J 146 -75.39 122.77 0.50
C PRO J 146 -74.28 123.49 1.28
N MET J 147 -73.67 124.49 0.66
CA MET J 147 -72.53 125.23 1.28
C MET J 147 -73.01 126.47 2.05
N TYR J 148 -74.33 126.70 2.10
CA TYR J 148 -74.87 127.88 2.82
C TYR J 148 -76.12 127.49 3.61
N GLY J 149 -76.38 128.20 4.71
CA GLY J 149 -77.54 127.91 5.51
C GLY J 149 -78.78 128.55 4.94
N PRO J 150 -79.96 128.23 5.47
CA PRO J 150 -81.22 128.80 5.10
C PRO J 150 -81.17 130.22 5.60
N ASP J 151 -81.90 131.11 4.99
CA ASP J 151 -81.85 132.45 5.52
C ASP J 151 -82.80 132.46 6.69
N ALA J 152 -82.25 132.17 7.86
CA ALA J 152 -83.00 131.89 9.09
C ALA J 152 -83.97 132.96 9.52
N MET J 153 -83.77 134.22 9.15
CA MET J 153 -84.72 135.24 9.57
C MET J 153 -85.60 135.71 8.42
N PHE J 154 -85.46 135.06 7.27
CA PHE J 154 -86.19 135.44 6.02
C PHE J 154 -87.69 135.56 6.25
N SER J 155 -88.33 134.47 6.69
CA SER J 155 -89.78 134.43 6.86
C SER J 155 -90.23 135.12 8.13
N GLY J 156 -89.25 135.46 8.97
CA GLY J 156 -89.41 136.02 10.30
C GLY J 156 -89.04 137.48 10.38
N GLN J 157 -88.23 137.79 11.39
CA GLN J 157 -87.83 139.15 11.69
C GLN J 157 -87.16 139.85 10.50
N GLY J 158 -86.49 139.12 9.63
CA GLY J 158 -85.84 139.69 8.44
C GLY J 158 -86.86 140.37 7.53
N ALA J 159 -88.11 139.92 7.55
CA ALA J 159 -89.11 140.58 6.76
C ALA J 159 -89.54 141.82 7.55
N ALA J 160 -89.59 141.67 8.88
CA ALA J 160 -89.97 142.78 9.75
C ALA J 160 -89.01 143.96 9.62
N LYS J 161 -87.72 143.67 9.49
CA LYS J 161 -86.73 144.73 9.32
C LYS J 161 -85.49 144.19 8.67
N LYS J 162 -84.70 145.09 8.12
CA LYS J 162 -83.41 144.69 7.61
C LYS J 162 -82.42 144.78 8.74
N PHE J 163 -81.37 143.99 8.68
CA PHE J 163 -80.35 144.04 9.71
C PHE J 163 -79.12 144.71 9.15
N PRO J 164 -78.37 145.44 9.98
CA PRO J 164 -77.12 146.06 9.63
C PRO J 164 -76.11 144.98 9.41
N ALA J 165 -75.15 145.23 8.56
CA ALA J 165 -74.10 144.26 8.35
C ALA J 165 -72.92 144.58 9.23
N LEU J 166 -72.16 143.56 9.55
CA LEU J 166 -70.90 143.70 10.22
C LEU J 166 -69.92 144.16 9.18
N ALA J 167 -69.03 145.07 9.55
CA ALA J 167 -68.04 145.53 8.59
C ALA J 167 -66.81 146.03 9.28
N ALA J 168 -65.70 145.99 8.58
CA ALA J 168 -64.46 146.44 9.16
C ALA J 168 -64.56 147.88 9.59
N SER J 169 -63.97 148.12 10.74
CA SER J 169 -63.83 149.39 11.43
C SER J 169 -65.09 149.84 12.15
N THR J 170 -66.22 149.18 11.92
CA THR J 170 -67.43 149.65 12.55
C THR J 170 -67.47 149.08 13.94
N GLN J 171 -68.37 149.62 14.77
CA GLN J 171 -68.54 149.18 16.15
C GLN J 171 -69.96 148.69 16.38
N THR J 172 -70.10 147.55 17.05
CA THR J 172 -71.39 146.99 17.34
C THR J 172 -72.04 147.59 18.57
N THR J 173 -73.32 147.31 18.74
CA THR J 173 -74.05 147.71 19.91
C THR J 173 -74.61 146.50 20.61
N VAL J 174 -74.29 146.34 21.87
CA VAL J 174 -74.76 145.18 22.60
C VAL J 174 -76.26 145.02 22.58
N GLY J 175 -76.66 143.81 22.22
CA GLY J 175 -78.02 143.37 22.12
C GLY J 175 -78.56 143.52 20.71
N ASP J 176 -77.87 144.28 19.87
CA ASP J 176 -78.32 144.47 18.52
C ASP J 176 -77.88 143.31 17.67
N ILE J 177 -78.53 143.12 16.56
CA ILE J 177 -78.21 142.02 15.68
C ILE J 177 -77.69 142.51 14.35
N TYR J 178 -76.56 141.94 13.98
CA TYR J 178 -75.89 142.30 12.77
C TYR J 178 -75.73 141.08 11.92
N THR J 179 -75.59 141.27 10.63
CA THR J 179 -75.34 140.10 9.82
C THR J 179 -74.12 140.18 8.93
N HIS J 180 -73.85 139.07 8.29
CA HIS J 180 -72.72 138.96 7.39
C HIS J 180 -72.88 137.77 6.50
N PHE J 181 -72.47 137.91 5.23
CA PHE J 181 -72.50 136.74 4.39
C PHE J 181 -71.12 136.15 4.39
N PHE J 182 -70.98 135.00 4.99
CA PHE J 182 -69.72 134.31 5.13
C PHE J 182 -69.44 133.46 3.91
N GLN J 183 -68.16 133.29 3.56
CA GLN J 183 -67.81 132.46 2.39
C GLN J 183 -68.34 131.04 2.54
N GLU J 184 -68.53 130.64 3.79
CA GLU J 184 -69.06 129.35 4.19
C GLU J 184 -70.20 129.65 5.17
N THR J 185 -71.33 128.97 5.00
CA THR J 185 -72.60 129.12 5.76
C THR J 185 -73.41 130.35 5.33
N GLY J 186 -72.80 131.29 4.61
CA GLY J 186 -73.49 132.44 4.06
C GLY J 186 -74.10 133.39 5.05
N THR J 187 -75.38 133.68 4.87
CA THR J 187 -76.00 134.64 5.76
C THR J 187 -76.11 134.12 7.18
N VAL J 188 -75.47 134.81 8.09
CA VAL J 188 -75.50 134.47 9.48
C VAL J 188 -75.87 135.71 10.27
N TYR J 189 -76.82 135.57 11.17
CA TYR J 189 -77.20 136.69 12.00
C TYR J 189 -76.56 136.47 13.36
N LEU J 190 -75.91 137.50 13.87
CA LEU J 190 -75.22 137.45 15.15
C LEU J 190 -75.61 138.57 16.09
N GLN J 191 -76.00 138.21 17.30
CA GLN J 191 -76.34 139.23 18.29
C GLN J 191 -75.06 139.66 18.96
N ALA J 192 -74.92 140.97 19.13
CA ALA J 192 -73.76 141.55 19.78
C ALA J 192 -73.80 141.38 21.29
N SER J 193 -72.69 140.89 21.84
CA SER J 193 -72.60 140.76 23.29
C SER J 193 -71.95 142.00 23.88
N VAL J 194 -71.08 142.61 23.09
CA VAL J 194 -70.30 143.76 23.50
C VAL J 194 -70.22 144.84 22.44
N GLN J 195 -69.93 146.05 22.86
CA GLN J 195 -69.74 147.18 21.96
C GLN J 195 -68.32 147.24 21.40
N VAL J 196 -68.02 146.40 20.42
CA VAL J 196 -66.64 146.33 19.92
C VAL J 196 -66.52 146.51 18.43
N THR J 197 -65.30 146.80 17.99
CA THR J 197 -65.02 146.98 16.59
C THR J 197 -64.43 145.76 15.91
N ILE J 198 -64.45 145.81 14.58
CA ILE J 198 -63.89 144.74 13.76
C ILE J 198 -62.70 145.11 12.87
N ASP J 199 -61.49 144.73 13.27
CA ASP J 199 -60.29 144.89 12.43
C ASP J 199 -60.40 145.89 11.31
N ALA J 200 -60.19 147.16 11.58
CA ALA J 200 -60.36 148.15 10.54
C ALA J 200 -59.51 147.87 9.27
N GLY J 201 -58.44 147.06 9.38
CA GLY J 201 -57.61 146.78 8.22
C GLY J 201 -58.11 145.62 7.35
N ALA J 202 -59.22 145.01 7.75
CA ALA J 202 -59.77 143.88 7.03
C ALA J 202 -60.64 144.35 5.88
N THR J 203 -60.30 143.95 4.66
CA THR J 203 -61.06 144.35 3.51
C THR J 203 -61.31 143.10 2.72
N ASP J 204 -60.38 142.18 2.90
CA ASP J 204 -60.41 140.89 2.22
C ASP J 204 -61.51 140.06 2.82
N ALA J 205 -62.23 139.34 1.99
CA ALA J 205 -63.29 138.51 2.54
C ALA J 205 -62.78 137.54 3.58
N ALA J 206 -61.57 136.99 3.39
CA ALA J 206 -61.08 136.04 4.36
C ALA J 206 -60.83 136.70 5.68
N LYS J 207 -60.20 137.88 5.64
CA LYS J 207 -59.88 138.60 6.86
C LYS J 207 -61.14 139.02 7.55
N LEU J 208 -62.13 139.43 6.78
CA LEU J 208 -63.37 139.86 7.36
C LEU J 208 -64.07 138.71 8.04
N ASP J 209 -64.13 137.55 7.37
CA ASP J 209 -64.82 136.45 8.02
C ASP J 209 -64.06 136.02 9.24
N ALA J 210 -62.73 135.98 9.13
CA ALA J 210 -61.90 135.54 10.22
C ALA J 210 -62.00 136.41 11.44
N GLU J 211 -62.04 137.74 11.27
CA GLU J 211 -62.12 138.59 12.44
C GLU J 211 -63.46 138.41 13.10
N ILE J 212 -64.51 138.28 12.30
CA ILE J 212 -65.81 138.12 12.87
C ILE J 212 -65.82 136.82 13.66
N LYS J 213 -65.29 135.75 13.08
CA LYS J 213 -65.22 134.51 13.78
C LYS J 213 -64.41 134.58 15.05
N LYS J 214 -63.27 135.26 15.04
CA LYS J 214 -62.54 135.33 16.30
C LYS J 214 -63.38 135.93 17.39
N GLN J 215 -64.11 137.00 17.06
CA GLN J 215 -64.93 137.63 18.06
C GLN J 215 -66.05 136.69 18.50
N MET J 216 -66.63 135.97 17.55
CA MET J 216 -67.65 134.96 17.84
C MET J 216 -67.11 133.91 18.81
N GLU J 217 -65.90 133.41 18.56
CA GLU J 217 -65.31 132.40 19.42
C GLU J 217 -65.11 132.94 20.83
N ALA J 218 -64.81 134.22 20.92
CA ALA J 218 -64.59 134.91 22.18
C ALA J 218 -65.90 135.23 22.91
N GLY J 219 -67.04 134.91 22.28
CA GLY J 219 -68.35 135.15 22.87
C GLY J 219 -68.91 136.53 22.59
N ALA J 220 -68.26 137.29 21.71
CA ALA J 220 -68.70 138.64 21.38
C ALA J 220 -69.88 138.67 20.42
N LEU J 221 -70.12 137.56 19.74
CA LEU J 221 -71.16 137.46 18.72
C LEU J 221 -71.82 136.10 18.76
N VAL J 222 -73.14 136.06 18.85
CA VAL J 222 -73.81 134.77 18.92
C VAL J 222 -74.90 134.57 17.87
N GLU J 223 -74.89 133.39 17.25
CA GLU J 223 -75.87 133.02 16.23
C GLU J 223 -77.28 133.13 16.75
N ILE J 224 -78.12 133.74 15.96
CA ILE J 224 -79.50 133.97 16.34
C ILE J 224 -80.50 134.01 15.19
N ALA J 225 -81.74 133.64 15.46
CA ALA J 225 -82.82 133.75 14.49
C ALA J 225 -84.09 134.07 15.26
N GLU J 226 -84.98 134.86 14.67
CA GLU J 226 -86.23 135.22 15.33
C GLU J 226 -87.39 135.32 14.34
N GLY J 227 -88.60 135.04 14.83
CA GLY J 227 -89.83 135.18 14.06
C GLY J 227 -90.36 136.62 14.14
N MET J 228 -91.55 136.83 13.62
CA MET J 228 -92.19 138.15 13.59
C MET J 228 -93.33 138.31 14.62
N ALA J 229 -93.43 139.49 15.24
CA ALA J 229 -94.54 139.78 16.15
C ALA J 229 -95.87 139.75 15.41
N THR J 230 -96.97 139.37 16.07
CA THR J 230 -98.28 139.35 15.42
C THR J 230 -98.62 140.76 14.99
N SER J 231 -98.29 141.70 15.87
CA SER J 231 -98.54 143.13 15.65
C SER J 231 -97.84 143.67 14.41
N ILE J 232 -96.89 142.92 13.86
CA ILE J 232 -96.20 143.28 12.66
C ILE J 232 -96.77 142.45 11.51
N ALA J 233 -96.90 141.14 11.73
CA ALA J 233 -97.34 140.20 10.71
C ALA J 233 -98.71 140.50 10.15
N GLU J 234 -99.63 140.94 10.97
CA GLU J 234 -101.00 141.17 10.50
C GLU J 234 -101.13 142.48 9.75
N LEU J 235 -100.03 143.22 9.64
CA LEU J 235 -100.02 144.46 8.91
C LEU J 235 -99.28 144.33 7.59
N GLN J 236 -98.64 143.17 7.34
CA GLN J 236 -97.78 143.10 6.17
C GLN J 236 -98.59 143.25 4.92
N GLU J 237 -97.96 143.74 3.86
CA GLU J 237 -98.60 144.00 2.58
C GLU J 237 -99.68 145.10 2.65
N GLY J 238 -99.45 146.13 3.48
CA GLY J 238 -100.34 147.28 3.57
C GLY J 238 -101.68 147.10 4.29
N PHE J 239 -101.78 146.20 5.26
CA PHE J 239 -103.08 146.03 5.90
C PHE J 239 -103.30 147.03 7.01
N ASN J 240 -104.56 147.38 7.22
CA ASN J 240 -104.95 148.28 8.30
C ASN J 240 -104.19 149.61 8.23
N GLY J 241 -103.98 150.13 7.02
CA GLY J 241 -103.31 151.41 6.83
C GLY J 241 -101.78 151.39 6.89
N SER J 242 -101.14 150.23 7.04
CA SER J 242 -99.69 150.20 7.12
C SER J 242 -99.05 150.45 5.77
N THR J 243 -97.75 150.74 5.77
CA THR J 243 -97.00 150.96 4.53
C THR J 243 -95.63 150.30 4.54
N ASP J 244 -95.09 150.07 3.33
CA ASP J 244 -93.73 149.60 3.08
C ASP J 244 -93.35 148.36 3.88
N ASN J 245 -94.27 147.41 3.96
CA ASN J 245 -94.05 146.22 4.74
C ASN J 245 -94.42 144.91 4.07
N PRO J 246 -93.84 144.56 2.92
CA PRO J 246 -94.13 143.36 2.17
C PRO J 246 -93.52 142.12 2.80
N TRP J 247 -94.07 140.96 2.48
CA TRP J 247 -93.45 139.70 2.87
C TRP J 247 -92.33 139.42 1.90
N ASN J 248 -91.29 138.75 2.34
CA ASN J 248 -90.25 138.34 1.40
C ASN J 248 -90.80 137.19 0.55
N GLU J 249 -90.26 137.02 -0.66
CA GLU J 249 -90.70 135.89 -1.46
C GLU J 249 -89.60 134.99 -1.99
N MET J 250 -90.06 133.95 -2.69
CA MET J 250 -89.19 132.96 -3.28
C MET J 250 -89.69 132.51 -4.64
N GLY J 251 -88.84 131.80 -5.37
CA GLY J 251 -89.19 131.28 -6.66
C GLY J 251 -88.15 130.27 -7.10
N PHE J 252 -87.97 130.14 -8.39
CA PHE J 252 -87.04 129.17 -8.91
C PHE J 252 -86.45 129.67 -10.20
N ARG J 253 -85.30 129.09 -10.57
CA ARG J 253 -84.60 129.52 -11.80
C ARG J 253 -84.17 128.29 -12.61
N ILE J 254 -84.53 128.28 -13.90
CA ILE J 254 -84.18 127.22 -14.82
C ILE J 254 -83.21 127.72 -15.88
N ASP J 255 -82.12 126.98 -16.06
CA ASP J 255 -81.13 127.30 -17.06
C ASP J 255 -80.55 126.02 -17.68
N LYS J 256 -79.56 126.16 -18.59
CA LYS J 256 -79.09 124.93 -19.24
C LYS J 256 -77.67 124.94 -19.80
N GLN J 257 -77.19 123.74 -20.09
CA GLN J 257 -75.91 123.56 -20.73
C GLN J 257 -76.06 122.70 -21.96
N VAL J 258 -75.24 122.97 -22.96
CA VAL J 258 -75.32 122.18 -24.20
C VAL J 258 -73.99 121.56 -24.62
N ILE J 259 -74.07 120.42 -25.31
CA ILE J 259 -72.85 119.76 -25.76
C ILE J 259 -72.85 119.42 -27.22
N GLU J 260 -71.62 119.17 -27.69
CA GLU J 260 -71.21 118.77 -29.06
C GLU J 260 -69.94 117.92 -28.90
N ALA J 261 -69.60 117.07 -29.87
CA ALA J 261 -68.45 116.21 -29.62
C ALA J 261 -67.42 116.20 -30.72
N LYS J 262 -66.19 116.07 -30.29
CA LYS J 262 -65.05 115.96 -31.16
C LYS J 262 -64.71 114.50 -31.45
N SER J 263 -63.98 114.31 -32.56
CA SER J 263 -63.56 113.02 -33.07
C SER J 263 -62.10 112.68 -32.83
N ARG J 264 -61.75 111.45 -33.11
CA ARG J 264 -60.33 111.06 -33.06
C ARG J 264 -60.11 110.04 -34.13
N GLN J 265 -58.98 110.12 -34.81
CA GLN J 265 -58.75 109.16 -35.87
C GLN J 265 -57.30 108.98 -36.25
N LEU J 266 -56.97 107.78 -36.72
CA LEU J 266 -55.62 107.43 -37.18
C LEU J 266 -55.60 106.56 -38.44
N LYS J 267 -54.51 106.66 -39.21
CA LYS J 267 -54.29 105.76 -40.35
C LYS J 267 -52.95 105.03 -40.26
N ALA J 268 -52.93 103.78 -40.72
CA ALA J 268 -51.70 103.00 -40.83
C ALA J 268 -51.36 102.71 -42.31
N ALA J 269 -52.32 102.15 -43.04
CA ALA J 269 -52.16 101.82 -44.47
C ALA J 269 -50.85 101.08 -44.82
N TYR J 270 -50.52 100.03 -44.11
CA TYR J 270 -49.28 99.25 -44.31
C TYR J 270 -49.16 98.75 -45.74
N SER J 271 -47.92 98.56 -46.25
CA SER J 271 -47.82 98.01 -47.61
C SER J 271 -48.06 96.50 -47.64
N ILE J 272 -48.39 96.00 -48.83
CA ILE J 272 -48.61 94.58 -48.99
C ILE J 272 -47.39 93.75 -48.81
N GLU J 273 -46.31 94.13 -49.45
CA GLU J 273 -45.10 93.38 -49.40
C GLU J 273 -44.56 93.29 -48.00
N LEU J 274 -44.71 94.33 -47.19
CA LEU J 274 -44.21 94.19 -45.86
C LEU J 274 -44.96 93.10 -45.17
N ALA J 275 -46.29 93.13 -45.28
CA ALA J 275 -47.08 92.13 -44.61
C ALA J 275 -46.76 90.73 -45.12
N GLN J 276 -46.50 90.59 -46.41
CA GLN J 276 -46.20 89.26 -46.92
C GLN J 276 -44.98 88.70 -46.25
N ASP J 277 -43.95 89.53 -46.16
CA ASP J 277 -42.73 89.05 -45.60
C ASP J 277 -42.83 88.92 -44.10
N LEU J 278 -43.47 89.85 -43.44
CA LEU J 278 -43.52 89.72 -42.02
C LEU J 278 -44.22 88.43 -41.63
N ARG J 279 -45.30 88.08 -42.32
CA ARG J 279 -45.88 86.81 -41.95
C ARG J 279 -44.81 85.73 -42.13
N ALA J 280 -44.07 85.76 -43.23
CA ALA J 280 -43.03 84.75 -43.43
C ALA J 280 -41.97 84.73 -42.31
N VAL J 281 -41.64 85.90 -41.75
CA VAL J 281 -40.62 85.99 -40.73
C VAL J 281 -41.11 85.68 -39.32
N HIS J 282 -42.19 86.32 -38.90
CA HIS J 282 -42.70 86.13 -37.55
C HIS J 282 -44.11 85.54 -37.45
N GLY J 283 -44.80 85.38 -38.58
CA GLY J 283 -46.15 84.82 -38.59
C GLY J 283 -47.24 85.83 -38.27
N MET J 284 -46.83 87.05 -38.05
CA MET J 284 -47.73 88.13 -37.71
C MET J 284 -48.61 88.44 -38.89
N ASP J 285 -49.85 88.82 -38.63
CA ASP J 285 -50.79 89.16 -39.68
C ASP J 285 -50.35 90.43 -40.40
N ALA J 286 -49.74 91.33 -39.64
CA ALA J 286 -49.20 92.62 -40.07
C ALA J 286 -50.28 93.52 -40.59
N ASP J 287 -51.46 93.25 -40.13
CA ASP J 287 -52.64 93.98 -40.39
C ASP J 287 -53.37 94.04 -39.09
N ALA J 288 -53.93 92.92 -38.67
CA ALA J 288 -54.71 92.93 -37.45
C ALA J 288 -53.95 93.48 -36.26
N GLU J 289 -52.65 93.21 -36.11
CA GLU J 289 -51.95 93.73 -34.95
C GLU J 289 -51.80 95.23 -35.00
N LEU J 290 -51.86 95.80 -36.20
CA LEU J 290 -51.61 97.20 -36.39
C LEU J 290 -52.90 97.88 -36.11
N SER J 291 -53.97 97.22 -36.54
CA SER J 291 -55.31 97.69 -36.33
C SER J 291 -55.52 97.75 -34.84
N GLY J 292 -55.11 96.69 -34.16
CA GLY J 292 -55.17 96.57 -32.73
C GLY J 292 -54.51 97.78 -32.11
N ILE J 293 -53.27 98.06 -32.52
CA ILE J 293 -52.57 99.18 -31.97
C ILE J 293 -53.28 100.49 -32.21
N LEU J 294 -53.73 100.76 -33.41
CA LEU J 294 -54.36 102.05 -33.60
C LEU J 294 -55.60 102.19 -32.75
N ALA J 295 -56.41 101.13 -32.70
CA ALA J 295 -57.62 101.17 -31.92
C ALA J 295 -57.32 101.38 -30.46
N THR J 296 -56.27 100.70 -30.00
CA THR J 296 -55.83 100.76 -28.64
C THR J 296 -55.45 102.17 -28.30
N GLU J 297 -54.59 102.73 -29.16
CA GLU J 297 -54.04 104.10 -28.99
C GLU J 297 -55.18 105.13 -28.86
N ILE J 298 -56.25 104.98 -29.65
CA ILE J 298 -57.30 105.96 -29.56
C ILE J 298 -57.98 105.84 -28.21
N MET J 299 -58.30 104.62 -27.80
CA MET J 299 -58.96 104.44 -26.52
C MET J 299 -58.10 104.95 -25.37
N LEU J 300 -56.81 104.67 -25.41
CA LEU J 300 -55.91 105.11 -24.38
C LEU J 300 -55.79 106.60 -24.25
N GLU J 301 -55.70 107.28 -25.38
CA GLU J 301 -55.58 108.72 -25.35
C GLU J 301 -56.83 109.29 -24.72
N ILE J 302 -57.99 108.71 -25.05
CA ILE J 302 -59.24 109.17 -24.47
C ILE J 302 -59.24 108.95 -22.98
N ASN J 303 -58.83 107.78 -22.53
CA ASN J 303 -58.84 107.52 -21.11
C ASN J 303 -57.99 108.54 -20.40
N ARG J 304 -56.85 108.90 -20.99
CA ARG J 304 -56.05 109.93 -20.36
C ARG J 304 -56.77 111.25 -20.40
N GLU J 305 -57.40 111.58 -21.53
CA GLU J 305 -58.08 112.85 -21.59
C GLU J 305 -59.04 112.99 -20.43
N VAL J 306 -59.78 111.94 -20.13
CA VAL J 306 -60.71 112.02 -19.03
C VAL J 306 -59.98 112.23 -17.72
N VAL J 307 -58.92 111.47 -17.46
CA VAL J 307 -58.21 111.62 -16.21
C VAL J 307 -57.63 113.01 -16.08
N ASP J 308 -57.06 113.53 -17.16
CA ASP J 308 -56.48 114.84 -17.17
C ASP J 308 -57.57 115.87 -16.91
N TRP J 309 -58.77 115.69 -17.48
CA TRP J 309 -59.83 116.63 -17.19
C TRP J 309 -60.20 116.56 -15.73
N ILE J 310 -60.12 115.39 -15.13
CA ILE J 310 -60.40 115.32 -13.73
C ILE J 310 -59.37 116.12 -12.96
N ASN J 311 -58.10 115.95 -13.25
CA ASN J 311 -57.10 116.73 -12.53
C ASN J 311 -57.26 118.22 -12.79
N TYR J 312 -57.59 118.55 -14.04
CA TYR J 312 -57.76 119.97 -14.46
C TYR J 312 -58.92 120.59 -13.69
N SER J 313 -60.00 119.84 -13.50
CA SER J 313 -61.14 120.29 -12.80
C SER J 313 -61.13 120.12 -11.29
N ALA J 314 -60.32 119.21 -10.75
CA ALA J 314 -60.31 119.01 -9.31
C ALA J 314 -59.91 120.26 -8.54
N GLN J 315 -60.56 120.45 -7.40
CA GLN J 315 -60.31 121.57 -6.52
C GLN J 315 -59.10 121.30 -5.66
N VAL J 316 -58.55 122.35 -5.07
CA VAL J 316 -57.43 122.15 -4.16
C VAL J 316 -57.94 121.62 -2.84
N GLY J 317 -57.46 120.46 -2.43
CA GLY J 317 -57.90 119.83 -1.19
C GLY J 317 -57.02 120.29 -0.06
N LYS J 318 -57.24 119.79 1.16
CA LYS J 318 -56.43 120.17 2.31
C LYS J 318 -56.28 121.67 2.30
N SER J 319 -57.43 122.31 2.26
CA SER J 319 -57.58 123.73 2.11
C SER J 319 -58.91 124.12 2.73
N GLY J 320 -59.08 125.39 3.06
CA GLY J 320 -60.39 125.83 3.53
C GLY J 320 -60.86 125.05 4.74
N MET J 321 -62.04 124.46 4.60
CA MET J 321 -62.72 123.70 5.63
C MET J 321 -62.01 122.43 6.06
N THR J 322 -61.06 121.97 5.23
CA THR J 322 -60.32 120.76 5.53
C THR J 322 -58.88 121.10 5.88
N LEU J 323 -58.60 122.38 6.13
CA LEU J 323 -57.25 122.78 6.44
C LEU J 323 -56.99 123.01 7.91
N THR J 324 -56.01 122.29 8.45
CA THR J 324 -55.58 122.48 9.82
C THR J 324 -54.90 123.84 9.73
N PRO J 325 -55.15 124.82 10.60
CA PRO J 325 -54.62 126.16 10.47
C PRO J 325 -53.10 126.24 10.44
N GLY J 326 -52.39 125.24 10.98
CA GLY J 326 -50.94 125.30 10.95
C GLY J 326 -50.34 124.66 9.69
N SER J 327 -51.18 124.23 8.74
CA SER J 327 -50.75 123.52 7.55
C SER J 327 -50.54 124.39 6.30
N LYS J 328 -50.43 123.73 5.13
CA LYS J 328 -50.03 124.40 3.89
C LYS J 328 -51.03 124.61 2.73
N ALA J 329 -52.33 124.39 2.91
CA ALA J 329 -53.31 124.67 1.84
C ALA J 329 -53.08 123.96 0.49
N GLY J 330 -53.23 122.63 0.45
CA GLY J 330 -53.06 121.88 -0.80
C GLY J 330 -51.98 120.81 -0.87
N VAL J 331 -51.15 120.71 0.15
CA VAL J 331 -50.08 119.72 0.15
C VAL J 331 -49.94 119.02 1.48
N PHE J 332 -49.74 117.72 1.41
CA PHE J 332 -49.48 116.92 2.58
C PHE J 332 -48.01 116.65 2.66
N ASP J 333 -47.43 116.84 3.84
CA ASP J 333 -46.01 116.61 4.01
C ASP J 333 -45.71 115.73 5.22
N PHE J 334 -45.18 114.53 4.95
CA PHE J 334 -44.89 113.54 5.98
C PHE J 334 -43.84 113.99 6.99
N GLN J 335 -43.10 115.04 6.67
CA GLN J 335 -42.08 115.55 7.57
C GLN J 335 -42.55 116.77 8.36
N ASP J 336 -43.78 117.21 8.11
CA ASP J 336 -44.31 118.42 8.73
C ASP J 336 -45.07 118.10 10.02
N PRO J 337 -44.60 118.59 11.20
CA PRO J 337 -45.18 118.36 12.51
C PRO J 337 -46.69 118.57 12.58
N ILE J 338 -47.23 119.50 11.78
CA ILE J 338 -48.65 119.72 11.85
C ILE J 338 -49.37 118.63 11.10
N ASP J 339 -48.97 118.35 9.87
CA ASP J 339 -49.65 117.33 9.09
C ASP J 339 -49.61 115.97 9.74
N ILE J 340 -48.52 115.65 10.43
CA ILE J 340 -48.38 114.37 11.08
C ILE J 340 -49.06 114.39 12.45
N ARG J 341 -49.55 115.57 12.85
CA ARG J 341 -50.22 115.74 14.16
C ARG J 341 -49.28 115.29 15.29
N GLY J 342 -47.99 115.59 15.17
CA GLY J 342 -47.00 115.24 16.17
C GLY J 342 -46.57 113.78 16.14
N ALA J 343 -47.12 112.98 15.22
CA ALA J 343 -46.80 111.57 15.17
C ALA J 343 -45.52 111.24 14.44
N ARG J 344 -44.62 110.62 15.14
CA ARG J 344 -43.35 110.12 14.65
C ARG J 344 -43.58 108.64 14.53
N TRP J 345 -42.65 107.85 14.01
CA TRP J 345 -42.89 106.40 14.11
C TRP J 345 -44.05 105.98 13.22
N ALA J 346 -43.69 105.80 11.95
CA ALA J 346 -44.51 105.52 10.78
C ALA J 346 -45.63 104.52 11.01
N GLY J 347 -45.46 103.52 11.91
CA GLY J 347 -46.53 102.56 12.13
C GLY J 347 -47.84 103.33 12.39
N GLU J 348 -47.69 104.52 12.97
CA GLU J 348 -48.85 105.36 13.33
C GLU J 348 -48.80 106.71 12.62
N SER J 349 -47.60 107.19 12.23
CA SER J 349 -47.61 108.50 11.56
C SER J 349 -48.11 108.45 10.14
N PHE J 350 -48.09 107.29 9.51
CA PHE J 350 -48.59 107.20 8.16
C PHE J 350 -50.10 107.26 8.09
N LYS J 351 -50.78 107.25 9.24
CA LYS J 351 -52.22 107.29 9.27
C LYS J 351 -52.71 108.71 9.15
N ALA J 352 -51.79 109.66 9.25
CA ALA J 352 -52.16 111.06 9.13
C ALA J 352 -52.76 111.30 7.76
N LEU J 353 -52.21 110.62 6.76
CA LEU J 353 -52.67 110.78 5.41
C LEU J 353 -54.10 110.26 5.30
N LEU J 354 -54.38 109.12 5.93
CA LEU J 354 -55.69 108.51 5.86
C LEU J 354 -56.72 109.46 6.45
N PHE J 355 -56.35 110.11 7.54
CA PHE J 355 -57.23 111.06 8.20
C PHE J 355 -57.63 112.14 7.21
N GLN J 356 -56.64 112.72 6.53
CA GLN J 356 -56.94 113.77 5.56
C GLN J 356 -57.81 113.26 4.42
N ILE J 357 -57.60 112.03 3.99
CA ILE J 357 -58.40 111.49 2.89
C ILE J 357 -59.86 111.48 3.25
N ASP J 358 -60.19 111.02 4.44
CA ASP J 358 -61.57 111.05 4.81
C ASP J 358 -62.09 112.46 4.92
N LYS J 359 -61.28 113.39 5.42
CA LYS J 359 -61.75 114.77 5.51
C LYS J 359 -62.15 115.26 4.14
N GLU J 360 -61.35 114.89 3.14
CA GLU J 360 -61.59 115.28 1.72
C GLU J 360 -62.89 114.65 1.21
N ALA J 361 -63.15 113.38 1.56
CA ALA J 361 -64.36 112.72 1.09
C ALA J 361 -65.60 113.41 1.63
N VAL J 362 -65.49 113.83 2.89
CA VAL J 362 -66.53 114.52 3.60
C VAL J 362 -66.79 115.88 2.96
N GLU J 363 -65.72 116.60 2.65
CA GLU J 363 -65.82 117.91 2.00
C GLU J 363 -66.47 117.80 0.64
N ILE J 364 -66.18 116.73 -0.08
CA ILE J 364 -66.80 116.56 -1.36
C ILE J 364 -68.29 116.46 -1.15
N ALA J 365 -68.72 115.64 -0.20
CA ALA J 365 -70.15 115.58 0.05
C ALA J 365 -70.68 116.93 0.47
N ARG J 366 -69.93 117.64 1.31
CA ARG J 366 -70.43 118.91 1.77
C ARG J 366 -70.73 119.81 0.60
N GLN J 367 -69.85 119.84 -0.40
CA GLN J 367 -70.09 120.71 -1.52
C GLN J 367 -71.11 120.21 -2.55
N THR J 368 -71.13 118.91 -2.85
CA THR J 368 -72.04 118.45 -3.89
C THR J 368 -73.41 118.13 -3.34
N GLY J 369 -73.45 117.60 -2.13
CA GLY J 369 -74.68 117.18 -1.49
C GLY J 369 -75.16 115.83 -1.99
N ARG J 370 -74.38 115.21 -2.89
CA ARG J 370 -74.80 113.93 -3.54
C ARG J 370 -74.13 112.68 -2.93
N GLY J 371 -73.39 112.84 -1.83
CA GLY J 371 -72.72 111.72 -1.16
C GLY J 371 -71.21 111.92 -1.07
N GLU J 372 -70.60 111.18 -0.14
CA GLU J 372 -69.15 111.31 0.17
C GLU J 372 -68.28 110.60 -0.88
N GLY J 373 -67.07 111.12 -1.07
CA GLY J 373 -66.08 110.58 -1.97
C GLY J 373 -65.94 109.09 -1.76
N ASN J 374 -65.80 108.37 -2.86
CA ASN J 374 -65.73 106.93 -2.83
C ASN J 374 -64.70 106.33 -3.77
N PHE J 375 -63.81 107.14 -4.29
CA PHE J 375 -62.71 106.63 -5.06
C PHE J 375 -61.54 107.55 -4.95
N ILE J 376 -60.37 106.99 -5.20
CA ILE J 376 -59.16 107.77 -5.18
C ILE J 376 -58.27 107.40 -6.34
N ILE J 377 -57.71 108.37 -7.03
CA ILE J 377 -56.72 108.04 -8.03
C ILE J 377 -55.43 108.62 -7.50
N ALA J 378 -54.39 107.81 -7.41
CA ALA J 378 -53.17 108.33 -6.80
C ALA J 378 -51.89 107.77 -7.38
N SER J 379 -50.80 108.45 -7.07
CA SER J 379 -49.49 107.99 -7.50
C SER J 379 -49.19 106.67 -6.84
N ARG J 380 -48.24 105.94 -7.42
CA ARG J 380 -47.82 104.66 -6.87
C ARG J 380 -47.33 104.79 -5.45
N ASN J 381 -46.64 105.88 -5.17
CA ASN J 381 -46.09 106.10 -3.86
C ASN J 381 -47.17 106.23 -2.79
N VAL J 382 -48.32 106.81 -3.13
CA VAL J 382 -49.39 106.96 -2.17
C VAL J 382 -49.92 105.61 -1.85
N VAL J 383 -50.10 104.83 -2.89
CA VAL J 383 -50.62 103.51 -2.73
C VAL J 383 -49.66 102.70 -1.89
N ASN J 384 -48.37 102.81 -2.14
CA ASN J 384 -47.43 102.05 -1.34
C ASN J 384 -47.61 102.32 0.13
N VAL J 385 -47.85 103.58 0.46
CA VAL J 385 -48.09 103.87 1.86
C VAL J 385 -49.39 103.22 2.29
N LEU J 386 -50.47 103.38 1.53
CA LEU J 386 -51.74 102.84 1.98
C LEU J 386 -51.69 101.34 2.17
N ALA J 387 -51.01 100.68 1.27
CA ALA J 387 -50.97 99.24 1.23
C ALA J 387 -50.04 98.64 2.23
N SER J 388 -49.26 99.46 2.89
CA SER J 388 -48.25 99.01 3.81
C SER J 388 -48.65 99.31 5.22
N VAL J 389 -49.86 99.83 5.42
CA VAL J 389 -50.27 100.14 6.76
C VAL J 389 -51.63 99.57 7.08
N ASP J 390 -51.94 99.45 8.34
CA ASP J 390 -53.29 99.02 8.68
C ASP J 390 -54.21 100.22 8.62
N THR J 391 -55.12 100.21 7.67
CA THR J 391 -56.01 101.34 7.43
C THR J 391 -57.25 101.32 8.33
N GLY J 392 -57.45 100.23 9.05
CA GLY J 392 -58.62 100.16 9.90
C GLY J 392 -58.28 100.89 11.17
N ILE J 393 -59.20 100.94 12.11
CA ILE J 393 -58.89 101.65 13.32
C ILE J 393 -58.17 100.72 14.24
N SER J 394 -56.88 100.98 14.43
CA SER J 394 -56.07 100.07 15.20
C SER J 394 -54.86 100.75 15.82
N TYR J 395 -54.18 100.03 16.69
CA TYR J 395 -53.07 100.54 17.46
C TYR J 395 -51.97 101.20 16.65
N ALA J 396 -51.37 100.44 15.76
CA ALA J 396 -50.34 100.92 14.85
C ALA J 396 -49.98 99.77 13.98
N ALA J 397 -49.54 100.01 12.74
CA ALA J 397 -49.00 98.88 11.99
C ALA J 397 -48.38 99.30 10.70
N GLN J 398 -47.28 98.62 10.37
CA GLN J 398 -46.60 98.80 9.09
C GLN J 398 -45.82 97.57 8.70
N GLY J 399 -45.71 97.32 7.39
CA GLY J 399 -44.93 96.20 6.84
C GLY J 399 -44.85 96.31 5.32
N LEU J 400 -44.54 95.21 4.63
CA LEU J 400 -44.45 95.25 3.17
C LEU J 400 -45.83 95.50 2.63
N ALA J 401 -45.96 96.19 1.52
CA ALA J 401 -47.30 96.42 1.01
C ALA J 401 -48.01 95.14 0.60
N THR J 402 -49.24 94.96 1.10
CA THR J 402 -50.07 93.82 0.73
C THR J 402 -51.51 94.24 0.55
N GLY J 403 -51.87 95.38 1.14
CA GLY J 403 -53.26 95.82 1.19
C GLY J 403 -53.91 96.09 -0.15
N PHE J 404 -53.13 96.67 -1.05
CA PHE J 404 -53.57 97.05 -2.37
C PHE J 404 -52.45 96.67 -3.28
N SER J 405 -52.76 96.42 -4.52
CA SER J 405 -51.68 96.20 -5.46
C SER J 405 -51.15 97.53 -5.93
N THR J 406 -49.84 97.70 -5.98
CA THR J 406 -49.28 98.95 -6.48
C THR J 406 -48.87 98.70 -7.92
N ASP J 407 -48.84 97.46 -8.32
CA ASP J 407 -48.38 97.13 -9.63
C ASP J 407 -49.36 97.71 -10.64
N THR J 408 -48.87 97.94 -11.83
CA THR J 408 -49.70 98.44 -12.92
C THR J 408 -49.69 97.47 -14.09
N THR J 409 -48.93 96.41 -13.94
CA THR J 409 -48.77 95.38 -14.93
C THR J 409 -50.07 94.62 -15.10
N LYS J 410 -50.71 94.32 -13.98
CA LYS J 410 -51.92 93.52 -14.00
C LYS J 410 -53.20 94.34 -14.00
N SER J 411 -53.14 95.54 -13.47
CA SER J 411 -54.33 96.37 -13.33
C SER J 411 -53.99 97.82 -13.14
N VAL J 412 -55.03 98.58 -12.79
CA VAL J 412 -54.91 99.99 -12.49
C VAL J 412 -55.63 100.20 -11.22
N PHE J 413 -56.36 99.16 -10.86
CA PHE J 413 -57.17 99.18 -9.67
C PHE J 413 -56.38 98.51 -8.61
N ALA J 414 -56.07 99.26 -7.56
CA ALA J 414 -55.21 98.79 -6.51
C ALA J 414 -56.00 98.01 -5.46
N GLY J 415 -57.21 98.49 -5.16
CA GLY J 415 -58.03 97.87 -4.12
C GLY J 415 -59.00 98.87 -3.48
N VAL J 416 -59.72 98.46 -2.43
CA VAL J 416 -60.67 99.38 -1.82
C VAL J 416 -60.27 99.78 -0.39
N LEU J 417 -60.08 101.07 -0.17
CA LEU J 417 -59.59 101.56 1.10
C LEU J 417 -60.63 101.58 2.16
N GLY J 418 -60.44 100.68 3.13
CA GLY J 418 -61.34 100.52 4.26
C GLY J 418 -62.64 99.89 3.83
N GLY J 419 -62.70 99.41 2.60
CA GLY J 419 -63.96 98.92 2.10
C GLY J 419 -64.82 100.10 1.64
N LYS J 420 -64.26 101.31 1.70
CA LYS J 420 -64.97 102.53 1.35
C LYS J 420 -64.56 103.16 0.02
N TYR J 421 -63.26 103.31 -0.24
CA TYR J 421 -62.90 104.04 -1.49
C TYR J 421 -62.20 103.13 -2.51
N ARG J 422 -62.64 103.22 -3.77
CA ARG J 422 -62.02 102.44 -4.89
C ARG J 422 -60.73 103.15 -5.27
N VAL J 423 -59.58 102.56 -4.92
CA VAL J 423 -58.29 103.16 -5.18
C VAL J 423 -57.66 102.65 -6.46
N TYR J 424 -57.33 103.60 -7.32
CA TYR J 424 -56.73 103.39 -8.61
C TYR J 424 -55.40 104.10 -8.69
N ILE J 425 -54.56 103.66 -9.60
CA ILE J 425 -53.25 104.24 -9.76
C ILE J 425 -53.11 105.10 -10.99
N ASP J 426 -52.64 106.33 -10.81
CA ASP J 426 -52.36 107.14 -11.98
C ASP J 426 -50.93 106.83 -12.35
N GLN J 427 -50.75 105.98 -13.34
CA GLN J 427 -49.43 105.48 -13.66
C GLN J 427 -48.57 106.58 -14.25
N TYR J 428 -49.20 107.67 -14.65
CA TYR J 428 -48.51 108.79 -15.23
C TYR J 428 -48.60 110.02 -14.35
N ALA J 429 -48.78 109.84 -13.04
CA ALA J 429 -48.84 110.99 -12.15
C ALA J 429 -47.63 111.85 -12.43
N LYS J 430 -47.82 113.16 -12.53
CA LYS J 430 -46.72 114.05 -12.86
C LYS J 430 -45.64 114.07 -11.80
N GLN J 431 -46.03 114.09 -10.53
CA GLN J 431 -44.98 114.02 -9.53
C GLN J 431 -45.36 113.10 -8.40
N ASP J 432 -46.24 113.55 -7.51
CA ASP J 432 -46.67 112.69 -6.43
C ASP J 432 -47.84 113.38 -5.73
N TYR J 433 -49.01 112.80 -5.89
CA TYR J 433 -50.26 113.36 -5.40
C TYR J 433 -51.36 112.33 -5.39
N PHE J 434 -52.50 112.73 -4.81
CA PHE J 434 -53.70 111.92 -4.95
C PHE J 434 -54.92 112.81 -5.06
N THR J 435 -55.95 112.27 -5.70
CA THR J 435 -57.22 112.96 -5.80
C THR J 435 -58.34 112.08 -5.31
N VAL J 436 -59.16 112.63 -4.43
CA VAL J 436 -60.30 111.94 -3.88
C VAL J 436 -61.50 112.43 -4.63
N GLY J 437 -62.37 111.52 -5.05
CA GLY J 437 -63.55 111.97 -5.76
C GLY J 437 -64.81 111.18 -5.47
N TYR J 438 -65.93 111.72 -5.95
CA TYR J 438 -67.22 111.08 -5.75
C TYR J 438 -67.94 110.69 -7.00
N LYS J 439 -68.40 109.44 -7.00
CA LYS J 439 -69.23 108.90 -8.04
C LYS J 439 -70.40 108.18 -7.41
N GLY J 440 -71.59 108.74 -7.56
CA GLY J 440 -72.74 108.10 -6.95
C GLY J 440 -73.28 107.04 -7.91
N PRO J 441 -74.36 106.35 -7.55
CA PRO J 441 -74.97 105.30 -8.33
C PRO J 441 -75.56 105.73 -9.67
N ASN J 442 -75.91 107.01 -9.83
CA ASN J 442 -76.46 107.41 -11.11
C ASN J 442 -75.36 108.00 -11.96
N GLU J 443 -75.61 108.06 -13.27
CA GLU J 443 -74.64 108.67 -14.22
C GLU J 443 -74.59 110.20 -13.96
N MET J 444 -75.62 110.73 -13.29
CA MET J 444 -75.69 112.14 -12.97
C MET J 444 -75.05 112.48 -11.64
N ASP J 445 -74.48 111.49 -10.96
CA ASP J 445 -73.81 111.70 -9.71
C ASP J 445 -72.28 111.64 -9.88
N ALA J 446 -71.79 111.64 -11.14
CA ALA J 446 -70.35 111.54 -11.42
C ALA J 446 -69.54 112.85 -11.37
N GLY J 447 -70.14 113.93 -11.85
CA GLY J 447 -69.45 115.22 -11.94
C GLY J 447 -68.80 115.47 -13.30
N ILE J 448 -68.59 114.38 -14.06
CA ILE J 448 -67.96 114.34 -15.38
C ILE J 448 -68.61 113.26 -16.22
N TYR J 449 -68.72 113.48 -17.53
CA TYR J 449 -69.33 112.47 -18.40
C TYR J 449 -68.54 112.15 -19.64
N TYR J 450 -68.47 110.86 -19.96
CA TYR J 450 -67.88 110.39 -21.22
C TYR J 450 -68.99 109.97 -22.13
N ALA J 451 -69.17 110.62 -23.27
CA ALA J 451 -70.37 110.30 -24.04
C ALA J 451 -70.14 109.77 -25.44
N PRO J 452 -69.71 108.52 -25.60
CA PRO J 452 -69.34 107.97 -26.87
C PRO J 452 -70.53 108.00 -27.77
N TYR J 453 -70.30 108.32 -29.02
CA TYR J 453 -71.32 108.33 -30.03
C TYR J 453 -71.04 107.16 -30.94
N VAL J 454 -69.83 107.14 -31.45
CA VAL J 454 -69.37 106.07 -32.30
C VAL J 454 -67.99 105.70 -31.86
N ALA J 455 -67.53 104.52 -32.19
CA ALA J 455 -66.15 104.23 -31.86
C ALA J 455 -65.57 103.19 -32.76
N LEU J 456 -64.29 103.37 -33.02
CA LEU J 456 -63.51 102.44 -33.79
C LEU J 456 -64.16 102.03 -35.08
N THR J 457 -64.66 103.01 -35.80
CA THR J 457 -65.24 102.72 -37.08
C THR J 457 -64.02 102.49 -37.92
N PRO J 458 -63.88 101.36 -38.59
CA PRO J 458 -62.71 101.10 -39.39
C PRO J 458 -62.70 102.04 -40.56
N LEU J 459 -61.52 102.40 -40.97
CA LEU J 459 -61.29 103.18 -42.16
C LEU J 459 -60.64 102.25 -43.12
N ARG J 460 -61.33 101.92 -44.19
CA ARG J 460 -60.76 100.95 -45.09
C ARG J 460 -60.88 101.41 -46.51
N GLY J 461 -59.92 100.98 -47.29
CA GLY J 461 -59.90 101.27 -48.70
C GLY J 461 -58.63 100.76 -49.33
N SER J 462 -58.30 101.32 -50.48
CA SER J 462 -57.12 100.96 -51.21
C SER J 462 -56.84 102.04 -52.23
N ASP J 463 -55.63 102.04 -52.78
CA ASP J 463 -55.32 102.91 -53.90
C ASP J 463 -54.87 102.01 -55.05
N PRO J 464 -55.78 101.66 -55.99
CA PRO J 464 -55.64 100.73 -57.10
C PRO J 464 -54.52 101.12 -58.01
N LYS J 465 -54.07 102.37 -57.96
CA LYS J 465 -52.98 102.71 -58.84
C LYS J 465 -51.76 101.84 -58.53
N ASN J 466 -51.62 101.40 -57.27
CA ASN J 466 -50.49 100.59 -56.88
C ASN J 466 -50.98 99.46 -56.01
N PHE J 467 -52.31 99.48 -55.85
CA PHE J 467 -53.12 98.50 -55.14
C PHE J 467 -52.75 98.33 -53.70
N GLN J 468 -52.36 99.41 -53.05
CA GLN J 468 -52.01 99.25 -51.67
C GLN J 468 -53.24 99.51 -50.85
N PRO J 469 -53.41 98.87 -49.68
CA PRO J 469 -54.52 99.01 -48.79
C PRO J 469 -54.50 100.27 -47.98
N VAL J 470 -55.67 100.63 -47.49
CA VAL J 470 -55.86 101.67 -46.53
C VAL J 470 -56.49 101.05 -45.30
N MET J 471 -55.88 101.31 -44.16
CA MET J 471 -56.38 100.80 -42.91
C MET J 471 -56.17 101.80 -41.79
N GLY J 472 -57.24 102.06 -41.02
CA GLY J 472 -57.24 102.93 -39.84
C GLY J 472 -58.58 102.90 -39.07
N PHE J 473 -58.84 103.92 -38.23
CA PHE J 473 -60.11 103.91 -37.48
C PHE J 473 -60.47 105.32 -36.97
N LYS J 474 -61.77 105.55 -36.77
CA LYS J 474 -62.30 106.83 -36.26
C LYS J 474 -63.40 106.70 -35.18
N THR J 475 -63.43 107.67 -34.26
CA THR J 475 -64.44 107.83 -33.20
C THR J 475 -64.98 109.24 -33.02
N ARG J 476 -65.93 109.37 -32.09
CA ARG J 476 -66.51 110.62 -31.62
C ARG J 476 -67.20 110.39 -30.30
N TYR J 477 -66.95 111.26 -29.31
CA TYR J 477 -67.56 111.04 -27.98
C TYR J 477 -67.94 112.34 -27.27
N GLY J 478 -66.97 113.22 -27.00
CA GLY J 478 -67.27 114.40 -26.23
C GLY J 478 -67.17 114.09 -24.74
N ILE J 479 -66.75 115.09 -23.99
CA ILE J 479 -66.65 115.00 -22.55
C ILE J 479 -67.37 116.17 -21.95
N GLY J 480 -68.27 115.89 -21.02
CA GLY J 480 -69.00 116.98 -20.40
C GLY J 480 -68.75 117.06 -18.91
N ILE J 481 -69.41 118.01 -18.29
CA ILE J 481 -69.33 118.23 -16.85
C ILE J 481 -70.74 118.34 -16.27
N ASN J 482 -70.87 118.10 -14.98
CA ASN J 482 -72.17 118.16 -14.30
C ASN J 482 -72.70 119.58 -14.03
N PRO J 483 -74.01 119.81 -14.19
CA PRO J 483 -74.65 121.02 -13.73
C PRO J 483 -74.34 121.04 -12.25
N PHE J 484 -74.13 122.21 -11.70
CA PHE J 484 -73.80 122.33 -10.29
C PHE J 484 -72.43 121.74 -9.93
N ALA J 485 -71.62 121.34 -10.91
CA ALA J 485 -70.30 120.79 -10.56
C ALA J 485 -69.47 121.78 -9.77
N GLU J 486 -69.58 123.07 -10.08
CA GLU J 486 -68.80 124.04 -9.33
C GLU J 486 -69.48 124.43 -8.03
N SER J 487 -70.74 124.84 -8.13
CA SER J 487 -71.55 125.32 -7.01
C SER J 487 -70.94 126.45 -6.18
N ALA J 488 -69.98 127.16 -6.73
CA ALA J 488 -69.39 128.30 -6.04
C ALA J 488 -70.25 129.52 -6.27
N ALA J 489 -71.28 129.34 -7.07
CA ALA J 489 -72.21 130.40 -7.43
C ALA J 489 -73.57 129.81 -7.73
N GLN J 490 -74.55 130.65 -7.54
CA GLN J 490 -75.95 130.35 -7.79
C GLN J 490 -76.37 130.37 -9.24
N ALA J 491 -75.50 130.82 -10.14
CA ALA J 491 -75.94 130.87 -11.51
C ALA J 491 -74.80 130.99 -12.54
N PRO J 492 -74.96 130.44 -13.76
CA PRO J 492 -74.13 130.64 -14.93
C PRO J 492 -74.44 131.97 -15.60
N ALA J 493 -73.46 132.53 -16.27
CA ALA J 493 -73.74 133.72 -17.04
C ALA J 493 -74.77 133.43 -18.12
N SER J 494 -75.67 134.39 -18.31
CA SER J 494 -76.70 134.38 -19.35
C SER J 494 -77.58 133.14 -19.41
N ARG J 495 -77.66 132.37 -18.33
CA ARG J 495 -78.49 131.16 -18.27
C ARG J 495 -78.04 130.08 -19.26
N ILE J 496 -76.85 130.22 -19.86
CA ILE J 496 -76.42 129.18 -20.78
C ILE J 496 -74.93 129.13 -20.99
N GLN J 497 -74.44 127.91 -21.05
CA GLN J 497 -73.04 127.69 -21.31
C GLN J 497 -72.80 126.34 -21.92
N SER J 498 -71.62 126.17 -22.48
CA SER J 498 -71.25 124.87 -22.99
C SER J 498 -71.16 123.92 -21.80
N GLY J 499 -71.59 122.68 -22.00
CA GLY J 499 -71.51 121.63 -21.00
C GLY J 499 -70.18 120.90 -21.09
N MET J 500 -69.36 121.34 -22.03
CA MET J 500 -68.05 120.80 -22.28
C MET J 500 -67.14 121.55 -21.34
N PRO J 501 -66.10 120.95 -20.77
CA PRO J 501 -65.17 121.60 -19.90
C PRO J 501 -64.31 122.61 -20.62
N SER J 502 -63.96 123.67 -19.90
CA SER J 502 -63.03 124.71 -20.32
C SER J 502 -62.57 125.49 -19.12
N ILE J 503 -61.71 126.48 -19.32
CA ILE J 503 -61.20 127.16 -18.13
C ILE J 503 -62.31 127.80 -17.37
N LEU J 504 -63.14 128.51 -18.08
CA LEU J 504 -64.21 129.30 -17.53
C LEU J 504 -65.24 128.51 -16.75
N ASN J 505 -65.30 127.21 -16.95
CA ASN J 505 -66.29 126.46 -16.21
C ASN J 505 -65.69 125.28 -15.46
N SER J 506 -64.37 125.08 -15.54
CA SER J 506 -63.81 123.92 -14.87
C SER J 506 -62.46 124.10 -14.18
N LEU J 507 -61.68 125.12 -14.45
CA LEU J 507 -60.33 124.97 -13.94
C LEU J 507 -60.22 125.20 -12.44
N GLY J 508 -59.96 124.10 -11.72
CA GLY J 508 -59.90 124.08 -10.27
C GLY J 508 -61.27 124.31 -9.65
N LYS J 509 -62.33 123.95 -10.38
CA LYS J 509 -63.68 124.21 -9.92
C LYS J 509 -64.58 123.03 -9.52
N ASN J 510 -64.34 121.83 -10.00
CA ASN J 510 -65.31 120.72 -9.85
C ASN J 510 -65.32 120.06 -8.48
N ALA J 511 -66.43 120.27 -7.78
CA ALA J 511 -66.70 119.85 -6.41
C ALA J 511 -66.64 118.36 -6.20
N TYR J 512 -66.73 117.59 -7.26
CA TYR J 512 -66.71 116.14 -7.14
C TYR J 512 -65.31 115.60 -6.97
N PHE J 513 -64.28 116.45 -7.13
CA PHE J 513 -62.91 115.97 -7.02
C PHE J 513 -62.02 116.94 -6.24
N ARG J 514 -61.14 116.42 -5.37
CA ARG J 514 -60.20 117.28 -4.65
C ARG J 514 -58.78 116.69 -4.61
N ARG J 515 -57.80 117.49 -5.00
CA ARG J 515 -56.42 117.01 -5.05
C ARG J 515 -55.49 117.60 -4.01
N VAL J 516 -54.63 116.74 -3.49
CA VAL J 516 -53.60 117.12 -2.52
C VAL J 516 -52.25 116.59 -3.01
N TYR J 517 -51.23 117.44 -2.99
CA TYR J 517 -49.89 117.03 -3.41
C TYR J 517 -49.22 116.31 -2.26
N VAL J 518 -48.31 115.40 -2.55
CA VAL J 518 -47.64 114.72 -1.43
C VAL J 518 -46.12 114.87 -1.43
N LYS J 519 -45.62 115.37 -0.31
CA LYS J 519 -44.21 115.61 -0.07
C LYS J 519 -43.76 114.89 1.20
N GLY J 520 -42.44 114.72 1.35
CA GLY J 520 -41.86 114.12 2.56
C GLY J 520 -41.92 112.60 2.52
N ILE J 521 -42.39 112.12 1.38
CA ILE J 521 -42.61 110.73 1.08
C ILE J 521 -41.41 110.14 0.35
N GLY K 92 7.43 59.81 13.03
CA GLY K 92 6.18 59.42 12.40
C GLY K 92 5.00 59.47 13.37
N PRO K 93 4.63 60.65 13.89
CA PRO K 93 3.52 60.87 14.80
C PRO K 93 2.20 60.51 14.14
N ALA K 94 1.26 60.02 14.92
CA ALA K 94 -0.05 59.72 14.34
C ALA K 94 -0.68 60.98 13.83
N VAL K 95 -1.42 60.88 12.74
CA VAL K 95 -2.09 62.05 12.23
C VAL K 95 -3.55 61.98 12.60
N MET K 96 -4.03 63.06 13.17
CA MET K 96 -5.39 63.19 13.67
C MET K 96 -6.48 63.24 12.63
N GLY K 97 -6.13 63.64 11.44
CA GLY K 97 -7.05 63.81 10.35
C GLY K 97 -6.54 64.98 9.54
N MET K 98 -7.36 65.51 8.64
CA MET K 98 -6.85 66.62 7.89
C MET K 98 -7.92 67.64 7.60
N VAL K 99 -7.47 68.83 7.28
CA VAL K 99 -8.37 69.91 6.95
C VAL K 99 -8.23 70.40 5.54
N ARG K 100 -9.33 70.35 4.82
CA ARG K 100 -9.35 70.87 3.46
C ARG K 100 -10.31 72.02 3.44
N ARG K 101 -9.92 73.09 2.81
CA ARG K 101 -10.80 74.26 2.78
C ARG K 101 -12.17 73.99 2.14
N ALA K 102 -13.23 74.50 2.78
CA ALA K 102 -14.62 74.40 2.34
C ALA K 102 -14.88 75.09 1.00
N ILE K 103 -15.82 74.54 0.23
CA ILE K 103 -16.25 75.13 -1.03
C ILE K 103 -17.58 75.84 -0.90
N PRO K 104 -17.68 77.13 -1.27
CA PRO K 104 -18.86 77.98 -1.19
C PRO K 104 -19.93 77.58 -2.17
N ASN K 105 -21.14 78.00 -1.86
CA ASN K 105 -22.34 77.77 -2.65
C ASN K 105 -22.49 78.84 -3.73
N LEU K 106 -23.53 78.73 -4.55
CA LEU K 106 -23.75 79.72 -5.61
C LEU K 106 -25.22 80.01 -5.86
N ILE K 107 -25.53 81.22 -6.29
CA ILE K 107 -26.90 81.56 -6.66
C ILE K 107 -26.98 81.34 -8.10
N ALA K 108 -27.35 80.16 -8.54
CA ALA K 108 -27.03 79.92 -9.92
C ALA K 108 -27.72 80.79 -10.96
N PHE K 109 -28.96 80.50 -11.35
CA PHE K 109 -29.51 81.32 -12.43
C PHE K 109 -31.01 81.61 -12.37
N ASP K 110 -31.59 81.76 -11.20
CA ASP K 110 -33.03 82.03 -11.18
C ASP K 110 -33.37 83.51 -11.12
N ILE K 111 -32.37 84.35 -11.24
CA ILE K 111 -32.52 85.78 -11.18
C ILE K 111 -32.09 86.42 -12.47
N CYS K 112 -32.13 85.62 -13.53
CA CYS K 112 -31.78 86.05 -14.87
C CYS K 112 -32.47 85.13 -15.84
N GLY K 113 -32.51 85.49 -17.10
CA GLY K 113 -33.04 84.54 -18.05
C GLY K 113 -31.88 83.64 -18.35
N VAL K 114 -32.14 82.50 -18.98
CA VAL K 114 -31.07 81.64 -19.38
C VAL K 114 -31.13 81.46 -20.88
N GLN K 115 -32.26 80.96 -21.33
CA GLN K 115 -32.43 80.66 -22.73
C GLN K 115 -31.18 79.99 -23.26
N PRO K 116 -30.92 78.74 -22.90
CA PRO K 116 -29.71 78.04 -23.23
C PRO K 116 -29.64 77.93 -24.71
N MET K 117 -28.43 77.95 -25.22
CA MET K 117 -28.19 77.87 -26.63
C MET K 117 -28.15 76.47 -27.15
N ASN K 118 -28.41 76.33 -28.44
CA ASN K 118 -28.25 75.08 -29.14
C ASN K 118 -27.25 75.27 -30.27
N SER K 119 -26.63 76.43 -30.28
CA SER K 119 -25.69 76.85 -31.29
C SER K 119 -24.92 78.00 -30.69
N PRO K 120 -23.79 78.43 -31.20
CA PRO K 120 -23.14 79.61 -30.75
C PRO K 120 -23.98 80.70 -31.38
N THR K 121 -23.67 81.95 -31.13
CA THR K 121 -24.39 83.01 -31.83
C THR K 121 -25.92 83.00 -31.77
N GLY K 122 -26.51 83.36 -30.65
CA GLY K 122 -27.98 83.50 -30.62
C GLY K 122 -28.41 84.93 -31.02
N GLN K 123 -29.72 85.16 -31.24
CA GLN K 123 -30.28 86.49 -31.55
C GLN K 123 -31.68 86.71 -31.00
N VAL K 124 -32.04 87.97 -30.76
CA VAL K 124 -33.39 88.33 -30.32
C VAL K 124 -33.99 89.54 -31.01
N PHE K 125 -35.27 89.42 -31.36
CA PHE K 125 -36.00 90.50 -32.08
C PHE K 125 -37.07 91.10 -31.16
N ALA K 126 -37.35 92.39 -31.35
CA ALA K 126 -38.35 93.08 -30.54
C ALA K 126 -39.16 94.08 -31.37
N LEU K 127 -40.40 94.28 -30.93
CA LEU K 127 -41.29 95.22 -31.62
C LEU K 127 -41.59 96.45 -30.84
N ARG K 128 -41.61 97.55 -31.55
CA ARG K 128 -41.99 98.83 -31.02
C ARG K 128 -43.08 99.46 -31.88
N ALA K 129 -44.06 100.09 -31.22
CA ALA K 129 -45.11 100.81 -31.92
C ALA K 129 -44.65 102.25 -32.00
N VAL K 130 -44.56 102.76 -33.21
CA VAL K 130 -44.04 104.08 -33.50
C VAL K 130 -44.86 104.89 -34.49
N TYR K 131 -44.59 106.19 -34.55
CA TYR K 131 -45.31 107.05 -35.49
C TYR K 131 -44.60 108.30 -36.01
N GLY K 132 -45.26 108.91 -37.00
CA GLY K 132 -44.80 110.14 -37.65
C GLY K 132 -44.47 109.93 -39.14
N LYS K 133 -45.19 108.99 -39.78
CA LYS K 133 -45.03 108.62 -41.20
C LYS K 133 -43.71 107.94 -41.53
N ASP K 134 -42.92 107.66 -40.54
CA ASP K 134 -41.66 106.99 -40.74
C ASP K 134 -41.29 106.26 -39.49
N PRO K 135 -41.55 104.96 -39.39
CA PRO K 135 -41.35 104.20 -38.18
C PRO K 135 -39.88 104.17 -37.78
N VAL K 136 -38.99 104.44 -38.74
CA VAL K 136 -37.59 104.39 -38.41
C VAL K 136 -36.89 105.65 -38.82
N ALA K 137 -36.72 106.54 -37.87
CA ALA K 137 -36.06 107.80 -38.12
C ALA K 137 -35.59 108.39 -36.82
N ALA K 138 -34.56 109.20 -36.88
CA ALA K 138 -34.23 109.92 -35.68
C ALA K 138 -35.41 110.79 -35.38
N GLY K 139 -35.82 110.87 -34.13
CA GLY K 139 -36.94 111.72 -33.79
C GLY K 139 -38.29 111.01 -33.92
N ALA K 140 -38.29 109.78 -34.44
CA ALA K 140 -39.53 109.04 -34.57
C ALA K 140 -40.04 108.86 -33.16
N LYS K 141 -41.37 108.81 -32.97
CA LYS K 141 -41.84 108.65 -31.59
C LYS K 141 -42.55 107.35 -31.35
N GLU K 142 -42.35 106.80 -30.16
CA GLU K 142 -43.01 105.58 -29.74
C GLU K 142 -44.41 105.87 -29.24
N ALA K 143 -45.27 104.88 -29.36
CA ALA K 143 -46.61 104.97 -28.82
C ALA K 143 -46.71 104.47 -27.39
N PHE K 144 -45.97 103.43 -27.07
CA PHE K 144 -46.10 102.87 -25.74
C PHE K 144 -44.77 102.83 -25.07
N HIS K 145 -44.75 103.24 -23.81
CA HIS K 145 -43.51 103.25 -22.98
C HIS K 145 -43.90 103.29 -21.50
N PRO K 146 -43.46 102.33 -20.66
CA PRO K 146 -43.82 102.36 -19.26
C PRO K 146 -43.44 103.64 -18.51
N MET K 147 -42.45 104.40 -18.97
CA MET K 147 -42.08 105.60 -18.23
C MET K 147 -42.68 106.88 -18.76
N TYR K 148 -43.40 106.82 -19.87
CA TYR K 148 -43.83 108.08 -20.44
C TYR K 148 -45.29 108.11 -20.81
N GLY K 149 -45.94 109.23 -20.56
CA GLY K 149 -47.33 109.34 -20.93
C GLY K 149 -47.43 109.36 -22.44
N PRO K 150 -48.58 108.93 -22.97
CA PRO K 150 -48.91 108.86 -24.37
C PRO K 150 -49.05 110.21 -24.98
N ASP K 151 -48.88 110.27 -26.27
CA ASP K 151 -49.05 111.51 -26.97
C ASP K 151 -50.53 111.74 -27.17
N ALA K 152 -51.16 112.28 -26.14
CA ALA K 152 -52.58 112.47 -25.99
C ALA K 152 -53.25 113.28 -27.08
N MET K 153 -52.50 114.08 -27.83
CA MET K 153 -53.15 114.87 -28.86
C MET K 153 -52.97 114.31 -30.24
N PHE K 154 -52.27 113.17 -30.36
CA PHE K 154 -51.93 112.56 -31.63
C PHE K 154 -53.13 112.17 -32.48
N SER K 155 -54.07 111.39 -31.93
CA SER K 155 -55.27 111.02 -32.71
C SER K 155 -56.34 112.10 -32.58
N GLY K 156 -56.08 113.06 -31.70
CA GLY K 156 -57.00 114.14 -31.35
C GLY K 156 -56.70 115.43 -32.10
N GLN K 157 -56.95 116.57 -31.45
CA GLN K 157 -56.81 117.88 -32.10
C GLN K 157 -55.44 118.16 -32.67
N GLY K 158 -54.40 117.57 -32.09
CA GLY K 158 -53.05 117.84 -32.52
C GLY K 158 -52.80 117.36 -33.93
N ALA K 159 -53.68 116.51 -34.43
CA ALA K 159 -53.56 115.98 -35.76
C ALA K 159 -53.63 117.07 -36.82
N ALA K 160 -54.12 118.26 -36.47
CA ALA K 160 -54.17 119.33 -37.45
C ALA K 160 -53.52 120.60 -36.94
N LYS K 161 -52.59 120.51 -35.99
CA LYS K 161 -51.98 121.75 -35.55
C LYS K 161 -50.66 121.61 -34.86
N LYS K 162 -49.99 122.75 -34.74
CA LYS K 162 -48.77 122.79 -33.97
C LYS K 162 -49.04 123.55 -32.70
N PHE K 163 -48.31 123.21 -31.67
CA PHE K 163 -48.45 123.89 -30.41
C PHE K 163 -47.13 124.59 -30.15
N PRO K 164 -47.10 125.74 -29.50
CA PRO K 164 -45.88 126.37 -29.08
C PRO K 164 -45.23 125.47 -28.07
N ALA K 165 -43.92 125.41 -28.08
CA ALA K 165 -43.22 124.62 -27.10
C ALA K 165 -42.88 125.49 -25.93
N LEU K 166 -42.75 124.89 -24.77
CA LEU K 166 -42.25 125.62 -23.64
C LEU K 166 -40.74 125.62 -23.71
N ALA K 167 -40.12 126.69 -23.26
CA ALA K 167 -38.67 126.71 -23.21
C ALA K 167 -38.24 127.67 -22.15
N ALA K 168 -37.03 127.53 -21.68
CA ALA K 168 -36.58 128.43 -20.66
C ALA K 168 -36.68 129.85 -21.17
N SER K 169 -37.16 130.72 -20.31
CA SER K 169 -37.33 132.17 -20.50
C SER K 169 -38.55 132.57 -21.32
N THR K 170 -39.26 131.64 -21.91
CA THR K 170 -40.37 132.06 -22.73
C THR K 170 -41.52 132.43 -21.84
N GLN K 171 -42.50 133.15 -22.40
CA GLN K 171 -43.70 133.55 -21.67
C GLN K 171 -44.93 132.95 -22.30
N THR K 172 -45.82 132.45 -21.47
CA THR K 172 -47.05 131.85 -21.92
C THR K 172 -48.15 132.87 -22.20
N THR K 173 -49.18 132.40 -22.90
CA THR K 173 -50.38 133.16 -23.15
C THR K 173 -51.54 132.40 -22.56
N VAL K 174 -52.23 133.03 -21.65
CA VAL K 174 -53.31 132.37 -20.96
C VAL K 174 -54.37 131.86 -21.91
N GLY K 175 -54.71 130.60 -21.70
CA GLY K 175 -55.69 129.87 -22.46
C GLY K 175 -55.09 129.06 -23.60
N ASP K 176 -53.85 129.32 -23.99
CA ASP K 176 -53.33 128.53 -25.09
C ASP K 176 -52.75 127.24 -24.54
N ILE K 177 -52.26 126.38 -25.42
CA ILE K 177 -51.69 125.11 -25.02
C ILE K 177 -50.28 124.94 -25.50
N TYR K 178 -49.36 124.81 -24.55
CA TYR K 178 -47.91 124.68 -24.85
C TYR K 178 -47.47 123.24 -24.58
N THR K 179 -46.44 122.78 -25.31
CA THR K 179 -45.95 121.43 -25.13
C THR K 179 -44.54 121.30 -24.61
N HIS K 180 -44.33 120.18 -23.96
CA HIS K 180 -43.02 119.81 -23.47
C HIS K 180 -42.89 118.32 -23.28
N PHE K 181 -41.76 117.79 -23.68
CA PHE K 181 -41.50 116.39 -23.42
C PHE K 181 -40.51 116.35 -22.30
N PHE K 182 -40.92 115.76 -21.21
CA PHE K 182 -40.11 115.68 -20.01
C PHE K 182 -39.12 114.51 -20.11
N GLN K 183 -37.99 114.59 -19.40
CA GLN K 183 -36.99 113.50 -19.41
C GLN K 183 -37.50 112.18 -18.82
N GLU K 184 -38.52 112.31 -17.99
CA GLU K 184 -39.27 111.28 -17.30
C GLU K 184 -40.67 111.80 -17.52
N THR K 185 -41.73 111.17 -17.06
CA THR K 185 -43.12 111.69 -17.23
C THR K 185 -43.68 111.56 -18.65
N GLY K 186 -42.98 112.07 -19.65
CA GLY K 186 -43.42 111.94 -21.05
C GLY K 186 -44.02 113.15 -21.70
N THR K 187 -44.87 112.88 -22.70
CA THR K 187 -45.38 113.96 -23.54
C THR K 187 -46.51 114.66 -22.85
N VAL K 188 -46.34 115.94 -22.60
CA VAL K 188 -47.38 116.65 -21.88
C VAL K 188 -47.84 117.92 -22.60
N TYR K 189 -49.14 118.04 -22.69
CA TYR K 189 -49.80 119.21 -23.27
C TYR K 189 -50.37 120.03 -22.13
N LEU K 190 -49.92 121.27 -22.00
CA LEU K 190 -50.33 122.12 -20.88
C LEU K 190 -51.03 123.41 -21.24
N GLN K 191 -52.22 123.60 -20.71
CA GLN K 191 -52.93 124.83 -20.97
C GLN K 191 -52.40 125.87 -20.01
N ALA K 192 -52.17 127.07 -20.52
CA ALA K 192 -51.70 128.15 -19.68
C ALA K 192 -52.83 128.75 -18.87
N SER K 193 -52.63 128.80 -17.56
CA SER K 193 -53.60 129.39 -16.65
C SER K 193 -53.26 130.84 -16.54
N VAL K 194 -51.96 131.11 -16.58
CA VAL K 194 -51.45 132.47 -16.47
C VAL K 194 -50.38 132.80 -17.50
N GLN K 195 -50.20 134.09 -17.75
CA GLN K 195 -49.20 134.62 -18.68
C GLN K 195 -47.84 134.78 -18.01
N VAL K 196 -47.13 133.70 -17.80
CA VAL K 196 -45.87 133.79 -17.04
C VAL K 196 -44.69 133.18 -17.73
N THR K 197 -43.49 133.52 -17.26
CA THR K 197 -42.31 132.94 -17.82
C THR K 197 -41.82 131.75 -17.05
N ILE K 198 -40.99 130.95 -17.72
CA ILE K 198 -40.42 129.79 -17.07
C ILE K 198 -38.91 129.80 -16.92
N ASP K 199 -38.45 130.02 -15.69
CA ASP K 199 -37.03 129.99 -15.35
C ASP K 199 -36.08 130.41 -16.43
N ALA K 200 -35.93 131.69 -16.66
CA ALA K 200 -35.00 132.14 -17.68
C ALA K 200 -33.56 131.66 -17.41
N GLY K 201 -33.24 131.27 -16.18
CA GLY K 201 -31.89 130.83 -15.86
C GLY K 201 -31.69 129.32 -16.07
N ALA K 202 -32.71 128.63 -16.56
CA ALA K 202 -32.61 127.19 -16.78
C ALA K 202 -31.80 126.92 -18.03
N THR K 203 -31.14 125.78 -18.08
CA THR K 203 -30.38 125.36 -19.24
C THR K 203 -30.85 123.98 -19.67
N ASP K 204 -30.23 122.96 -19.09
CA ASP K 204 -30.57 121.59 -19.42
C ASP K 204 -32.02 121.36 -19.11
N ALA K 205 -32.63 120.49 -19.88
CA ALA K 205 -34.02 120.16 -19.67
C ALA K 205 -34.26 119.70 -18.25
N ALA K 206 -33.31 119.07 -17.58
CA ALA K 206 -33.64 118.64 -16.24
C ALA K 206 -34.09 119.80 -15.36
N LYS K 207 -33.49 120.98 -15.55
CA LYS K 207 -33.83 122.14 -14.78
C LYS K 207 -35.14 122.67 -15.26
N LEU K 208 -35.30 122.73 -16.58
CA LEU K 208 -36.53 123.24 -17.14
C LEU K 208 -37.71 122.39 -16.70
N ASP K 209 -37.54 121.06 -16.72
CA ASP K 209 -38.58 120.16 -16.34
C ASP K 209 -38.99 120.45 -14.92
N ALA K 210 -38.00 120.65 -14.05
CA ALA K 210 -38.30 120.94 -12.66
C ALA K 210 -39.12 122.22 -12.52
N GLU K 211 -38.78 123.26 -13.26
CA GLU K 211 -39.57 124.47 -13.14
C GLU K 211 -40.96 124.24 -13.68
N ILE K 212 -41.07 123.50 -14.77
CA ILE K 212 -42.38 123.28 -15.31
C ILE K 212 -43.19 122.52 -14.28
N LYS K 213 -42.60 121.50 -13.65
CA LYS K 213 -43.33 120.76 -12.65
C LYS K 213 -43.83 121.68 -11.56
N LYS K 214 -43.01 122.62 -11.11
CA LYS K 214 -43.42 123.57 -10.09
C LYS K 214 -44.62 124.36 -10.59
N GLN K 215 -44.55 124.82 -11.84
CA GLN K 215 -45.61 125.60 -12.44
C GLN K 215 -46.87 124.75 -12.53
N MET K 216 -46.71 123.44 -12.77
CA MET K 216 -47.89 122.59 -12.83
C MET K 216 -48.50 122.45 -11.44
N GLU K 217 -47.69 122.23 -10.40
CA GLU K 217 -48.25 122.04 -9.08
C GLU K 217 -49.00 123.29 -8.63
N ALA K 218 -48.47 124.44 -9.01
CA ALA K 218 -49.03 125.74 -8.67
C ALA K 218 -50.23 126.11 -9.53
N GLY K 219 -50.54 125.30 -10.54
CA GLY K 219 -51.64 125.54 -11.44
C GLY K 219 -51.42 126.60 -12.50
N ALA K 220 -50.16 126.93 -12.84
CA ALA K 220 -49.91 127.95 -13.86
C ALA K 220 -50.06 127.36 -15.26
N LEU K 221 -49.89 126.05 -15.29
CA LEU K 221 -49.95 125.16 -16.44
C LEU K 221 -50.69 123.89 -16.06
N VAL K 222 -51.68 123.51 -16.85
CA VAL K 222 -52.46 122.32 -16.50
C VAL K 222 -52.60 121.30 -17.64
N GLU K 223 -52.43 120.01 -17.31
CA GLU K 223 -52.56 118.99 -18.35
C GLU K 223 -53.92 119.06 -19.02
N ILE K 224 -53.90 118.91 -20.32
CA ILE K 224 -55.12 119.00 -21.10
C ILE K 224 -55.08 118.23 -22.40
N ALA K 225 -56.23 117.74 -22.83
CA ALA K 225 -56.32 117.11 -24.12
C ALA K 225 -57.73 117.25 -24.65
N GLU K 226 -57.87 117.16 -25.96
CA GLU K 226 -59.16 117.19 -26.64
C GLU K 226 -59.07 116.53 -28.01
N GLY K 227 -60.21 116.07 -28.50
CA GLY K 227 -60.28 115.45 -29.82
C GLY K 227 -60.33 116.50 -30.89
N MET K 228 -60.51 116.07 -32.12
CA MET K 228 -60.50 116.94 -33.27
C MET K 228 -61.85 117.52 -33.63
N ALA K 229 -61.87 118.81 -33.89
CA ALA K 229 -63.10 119.42 -34.33
C ALA K 229 -63.60 118.74 -35.59
N THR K 230 -64.91 118.52 -35.67
CA THR K 230 -65.54 117.86 -36.81
C THR K 230 -65.24 118.53 -38.11
N SER K 231 -65.30 119.84 -38.11
CA SER K 231 -65.12 120.63 -39.30
C SER K 231 -63.74 120.43 -39.92
N ILE K 232 -62.82 119.90 -39.14
CA ILE K 232 -61.48 119.63 -39.58
C ILE K 232 -61.34 118.15 -39.86
N ALA K 233 -61.76 117.33 -38.91
CA ALA K 233 -61.61 115.89 -39.00
C ALA K 233 -62.28 115.33 -40.22
N GLU K 234 -63.43 115.89 -40.53
CA GLU K 234 -64.24 115.43 -41.64
C GLU K 234 -63.50 115.44 -42.95
N LEU K 235 -62.62 116.39 -43.17
CA LEU K 235 -62.01 116.46 -44.47
C LEU K 235 -60.60 115.93 -44.54
N GLN K 236 -60.15 115.25 -43.49
CA GLN K 236 -58.78 114.78 -43.53
C GLN K 236 -58.60 113.90 -44.74
N GLU K 237 -57.40 113.96 -45.30
CA GLU K 237 -56.97 113.31 -46.54
C GLU K 237 -57.44 114.08 -47.78
N GLY K 238 -57.92 115.31 -47.58
CA GLY K 238 -58.24 116.24 -48.68
C GLY K 238 -59.63 116.16 -49.29
N PHE K 239 -60.66 116.02 -48.47
CA PHE K 239 -62.00 115.97 -49.01
C PHE K 239 -62.54 117.37 -49.18
N ASN K 240 -63.53 117.50 -50.05
CA ASN K 240 -64.24 118.75 -50.29
C ASN K 240 -63.30 119.88 -50.69
N GLY K 241 -62.28 119.57 -51.47
CA GLY K 241 -61.34 120.56 -51.97
C GLY K 241 -60.25 120.97 -50.98
N SER K 242 -60.24 120.41 -49.78
CA SER K 242 -59.23 120.79 -48.82
C SER K 242 -57.90 120.17 -49.16
N THR K 243 -56.82 120.73 -48.62
CA THR K 243 -55.48 120.20 -48.84
C THR K 243 -54.66 120.19 -47.57
N ASP K 244 -53.51 119.51 -47.64
CA ASP K 244 -52.50 119.50 -46.59
C ASP K 244 -53.05 119.13 -45.23
N ASN K 245 -53.96 118.18 -45.22
CA ASN K 245 -54.60 117.72 -44.03
C ASN K 245 -54.73 116.22 -43.91
N PRO K 246 -53.65 115.45 -43.97
CA PRO K 246 -53.64 114.00 -43.85
C PRO K 246 -53.87 113.56 -42.42
N TRP K 247 -54.33 112.34 -42.24
CA TRP K 247 -54.42 111.76 -40.91
C TRP K 247 -53.05 111.45 -40.39
N ASN K 248 -52.85 111.57 -39.10
CA ASN K 248 -51.60 111.10 -38.53
C ASN K 248 -51.36 109.64 -38.86
N GLU K 249 -50.14 109.36 -39.30
CA GLU K 249 -49.75 108.02 -39.69
C GLU K 249 -48.94 107.29 -38.61
N MET K 250 -49.63 106.29 -38.08
CA MET K 250 -49.22 105.42 -36.99
C MET K 250 -48.76 104.05 -37.49
N GLY K 251 -47.65 103.52 -36.97
CA GLY K 251 -47.18 102.20 -37.39
C GLY K 251 -46.21 101.50 -36.44
N PHE K 252 -45.40 100.60 -36.98
CA PHE K 252 -44.52 99.81 -36.12
C PHE K 252 -43.17 99.54 -36.75
N ARG K 253 -42.24 99.05 -35.94
CA ARG K 253 -40.86 98.73 -36.41
C ARG K 253 -40.29 97.57 -35.60
N ILE K 254 -39.69 96.59 -36.28
CA ILE K 254 -39.09 95.43 -35.64
C ILE K 254 -37.59 95.48 -35.82
N ASP K 255 -36.89 95.38 -34.71
CA ASP K 255 -35.44 95.41 -34.74
C ASP K 255 -34.86 94.21 -34.04
N LYS K 256 -33.53 94.14 -34.02
CA LYS K 256 -32.93 93.02 -33.34
C LYS K 256 -31.55 93.31 -32.79
N GLN K 257 -31.12 92.41 -31.96
CA GLN K 257 -29.80 92.46 -31.43
C GLN K 257 -29.24 91.08 -31.41
N VAL K 258 -27.94 90.98 -31.44
CA VAL K 258 -27.32 89.66 -31.46
C VAL K 258 -26.27 89.49 -30.39
N ILE K 259 -26.02 88.25 -30.03
CA ILE K 259 -25.03 87.93 -29.03
C ILE K 259 -24.08 86.85 -29.46
N GLU K 260 -22.97 86.72 -28.71
CA GLU K 260 -21.93 85.71 -29.01
C GLU K 260 -21.19 85.31 -27.72
N ALA K 261 -21.07 84.00 -27.49
CA ALA K 261 -20.38 83.42 -26.36
C ALA K 261 -18.96 83.84 -26.21
N LYS K 262 -18.53 83.94 -24.98
CA LYS K 262 -17.14 84.14 -24.64
C LYS K 262 -16.73 82.91 -23.84
N SER K 263 -15.45 82.57 -23.93
CA SER K 263 -14.89 81.39 -23.31
C SER K 263 -14.24 81.54 -21.96
N ARG K 264 -14.02 80.41 -21.30
CA ARG K 264 -13.37 80.38 -19.97
C ARG K 264 -12.72 79.01 -19.75
N GLN K 265 -11.41 78.96 -19.45
CA GLN K 265 -10.77 77.68 -19.26
C GLN K 265 -9.66 77.71 -18.23
N LEU K 266 -9.42 76.56 -17.62
CA LEU K 266 -8.37 76.38 -16.60
C LEU K 266 -7.48 75.18 -16.84
N LYS K 267 -6.20 75.29 -16.48
CA LYS K 267 -5.32 74.11 -16.56
C LYS K 267 -4.62 73.88 -15.23
N ALA K 268 -4.44 72.62 -14.85
CA ALA K 268 -3.71 72.26 -13.65
C ALA K 268 -2.40 71.53 -13.94
N ALA K 269 -2.48 70.51 -14.78
CA ALA K 269 -1.29 69.70 -15.14
C ALA K 269 -0.38 69.36 -13.95
N TYR K 270 -0.95 68.78 -12.91
CA TYR K 270 -0.24 68.48 -11.67
C TYR K 270 0.88 67.46 -11.86
N SER K 271 1.88 67.52 -10.98
CA SER K 271 3.00 66.61 -11.05
C SER K 271 2.74 65.20 -10.56
N ILE K 272 3.66 64.32 -10.93
CA ILE K 272 3.61 62.92 -10.57
C ILE K 272 3.85 62.73 -9.10
N GLU K 273 4.90 63.37 -8.63
CA GLU K 273 5.30 63.25 -7.26
C GLU K 273 4.23 63.78 -6.34
N LEU K 274 3.55 64.86 -6.72
CA LEU K 274 2.52 65.39 -5.86
C LEU K 274 1.46 64.35 -5.67
N ALA K 275 0.99 63.76 -6.77
CA ALA K 275 -0.05 62.78 -6.63
C ALA K 275 0.39 61.59 -5.79
N GLN K 276 1.63 61.14 -5.98
CA GLN K 276 2.11 60.00 -5.24
C GLN K 276 2.14 60.31 -3.76
N ASP K 277 2.55 61.52 -3.44
CA ASP K 277 2.62 61.95 -2.06
C ASP K 277 1.23 62.01 -1.47
N LEU K 278 0.28 62.59 -2.18
CA LEU K 278 -1.05 62.70 -1.59
C LEU K 278 -1.68 61.35 -1.32
N ARG K 279 -1.35 60.38 -2.17
CA ARG K 279 -1.86 58.99 -2.00
C ARG K 279 -1.19 58.40 -0.75
N ALA K 280 0.10 58.68 -0.57
CA ALA K 280 0.86 58.21 0.59
C ALA K 280 0.44 58.90 1.90
N VAL K 281 0.12 60.19 1.83
CA VAL K 281 -0.22 60.99 2.98
C VAL K 281 -1.65 60.82 3.48
N HIS K 282 -2.63 60.90 2.58
CA HIS K 282 -4.00 60.82 3.04
C HIS K 282 -4.92 59.97 2.15
N GLY K 283 -4.34 59.13 1.29
CA GLY K 283 -5.15 58.29 0.43
C GLY K 283 -5.79 59.02 -0.72
N MET K 284 -5.29 60.20 -1.05
CA MET K 284 -5.91 61.00 -2.08
C MET K 284 -5.34 60.67 -3.45
N ASP K 285 -6.11 60.94 -4.50
CA ASP K 285 -5.65 60.65 -5.85
C ASP K 285 -4.93 61.84 -6.45
N ALA K 286 -5.37 63.01 -5.99
CA ALA K 286 -4.92 64.34 -6.39
C ALA K 286 -5.16 64.70 -7.84
N ASP K 287 -6.02 63.99 -8.54
CA ASP K 287 -6.35 64.38 -9.90
C ASP K 287 -7.79 64.86 -9.92
N ALA K 288 -8.67 64.01 -9.42
CA ALA K 288 -10.08 64.24 -9.33
C ALA K 288 -10.36 65.44 -8.47
N GLU K 289 -9.54 65.62 -7.47
CA GLU K 289 -9.66 66.70 -6.55
C GLU K 289 -9.52 67.99 -7.30
N LEU K 290 -8.55 68.03 -8.18
CA LEU K 290 -8.29 69.17 -9.02
C LEU K 290 -9.36 69.32 -10.02
N SER K 291 -9.83 68.20 -10.54
CA SER K 291 -10.88 68.28 -11.53
C SER K 291 -12.01 69.03 -10.87
N GLY K 292 -12.33 68.64 -9.65
CA GLY K 292 -13.33 69.25 -8.83
C GLY K 292 -13.05 70.73 -8.65
N ILE K 293 -11.86 71.07 -8.19
CA ILE K 293 -11.51 72.45 -7.92
C ILE K 293 -11.66 73.31 -9.15
N LEU K 294 -11.12 72.87 -10.26
CA LEU K 294 -11.17 73.69 -11.44
C LEU K 294 -12.59 73.86 -11.92
N ALA K 295 -13.35 72.76 -11.95
CA ALA K 295 -14.72 72.87 -12.40
C ALA K 295 -15.51 73.78 -11.48
N THR K 296 -15.23 73.66 -10.18
CA THR K 296 -15.88 74.44 -9.17
C THR K 296 -15.60 75.89 -9.40
N GLU K 297 -14.32 76.19 -9.62
CA GLU K 297 -13.84 77.57 -9.88
C GLU K 297 -14.56 78.15 -11.09
N ILE K 298 -14.80 77.35 -12.13
CA ILE K 298 -15.48 77.90 -13.28
C ILE K 298 -16.93 78.23 -12.94
N MET K 299 -17.62 77.32 -12.29
CA MET K 299 -19.00 77.59 -11.94
C MET K 299 -19.14 78.82 -11.05
N LEU K 300 -18.29 78.93 -10.04
CA LEU K 300 -18.37 80.04 -9.12
C LEU K 300 -18.03 81.34 -9.81
N GLU K 301 -17.05 81.30 -10.70
CA GLU K 301 -16.62 82.47 -11.41
C GLU K 301 -17.74 82.99 -12.27
N ILE K 302 -18.44 82.08 -12.92
CA ILE K 302 -19.56 82.48 -13.73
C ILE K 302 -20.61 83.06 -12.84
N ASN K 303 -20.89 82.41 -11.74
CA ASN K 303 -21.90 82.93 -10.87
C ASN K 303 -21.57 84.37 -10.54
N ARG K 304 -20.30 84.65 -10.22
CA ARG K 304 -19.96 86.01 -9.93
C ARG K 304 -20.09 86.88 -11.13
N GLU K 305 -19.66 86.41 -12.29
CA GLU K 305 -19.73 87.26 -13.44
C GLU K 305 -21.15 87.77 -13.61
N VAL K 306 -22.12 86.89 -13.45
CA VAL K 306 -23.49 87.32 -13.59
C VAL K 306 -23.87 88.34 -12.54
N VAL K 307 -23.54 88.07 -11.28
CA VAL K 307 -23.91 89.00 -10.22
C VAL K 307 -23.28 90.35 -10.44
N ASP K 308 -22.02 90.34 -10.80
CA ASP K 308 -21.31 91.57 -11.03
C ASP K 308 -21.95 92.30 -12.19
N TRP K 309 -22.37 91.59 -13.24
CA TRP K 309 -23.03 92.27 -14.34
C TRP K 309 -24.32 92.87 -13.86
N ILE K 310 -24.98 92.25 -12.91
CA ILE K 310 -26.18 92.86 -12.42
C ILE K 310 -25.87 94.18 -11.80
N ASN K 311 -24.87 94.22 -10.93
CA ASN K 311 -24.56 95.50 -10.35
C ASN K 311 -24.07 96.49 -11.40
N TYR K 312 -23.32 95.96 -12.36
CA TYR K 312 -22.74 96.79 -13.46
C TYR K 312 -23.86 97.55 -14.18
N SER K 313 -24.96 96.87 -14.48
CA SER K 313 -26.06 97.48 -15.17
C SER K 313 -27.17 98.03 -14.29
N ALA K 314 -27.26 97.62 -13.04
CA ALA K 314 -28.35 98.09 -12.20
C ALA K 314 -28.33 99.59 -12.05
N GLN K 315 -29.51 100.16 -11.96
CA GLN K 315 -29.70 101.58 -11.80
C GLN K 315 -29.57 102.00 -10.34
N VAL K 316 -29.34 103.26 -10.10
CA VAL K 316 -29.23 103.73 -8.74
C VAL K 316 -30.62 103.90 -8.11
N GLY K 317 -30.82 103.33 -6.92
CA GLY K 317 -32.10 103.48 -6.22
C GLY K 317 -32.11 104.80 -5.49
N LYS K 318 -33.19 105.11 -4.78
CA LYS K 318 -33.29 106.39 -4.07
C LYS K 318 -32.97 107.53 -5.01
N SER K 319 -33.74 107.62 -6.07
CA SER K 319 -33.52 108.62 -7.10
C SER K 319 -34.81 108.97 -7.81
N GLY K 320 -35.00 110.25 -8.12
CA GLY K 320 -36.21 110.63 -8.83
C GLY K 320 -37.42 110.33 -7.99
N MET K 321 -38.27 109.45 -8.49
CA MET K 321 -39.51 109.04 -7.83
C MET K 321 -39.31 108.44 -6.46
N THR K 322 -38.09 107.95 -6.22
CA THR K 322 -37.79 107.35 -4.95
C THR K 322 -36.82 108.17 -4.13
N LEU K 323 -36.61 109.42 -4.52
CA LEU K 323 -35.70 110.24 -3.76
C LEU K 323 -36.43 111.13 -2.78
N THR K 324 -36.51 110.73 -1.53
CA THR K 324 -37.17 111.53 -0.54
C THR K 324 -36.32 112.79 -0.48
N PRO K 325 -36.87 114.01 -0.49
CA PRO K 325 -36.11 115.25 -0.44
C PRO K 325 -35.00 115.33 0.62
N GLY K 326 -35.16 114.67 1.77
CA GLY K 326 -34.11 114.75 2.80
C GLY K 326 -33.00 113.70 2.63
N SER K 327 -33.10 112.89 1.58
CA SER K 327 -32.21 111.79 1.24
C SER K 327 -30.79 112.14 0.88
N LYS K 328 -29.89 111.20 1.16
CA LYS K 328 -28.48 111.32 0.80
C LYS K 328 -28.17 110.80 -0.62
N ALA K 329 -29.22 110.47 -1.38
CA ALA K 329 -29.14 110.07 -2.79
C ALA K 329 -28.39 108.78 -3.15
N GLY K 330 -29.02 107.63 -2.91
CA GLY K 330 -28.43 106.34 -3.27
C GLY K 330 -28.02 105.47 -2.09
N VAL K 331 -28.43 105.86 -0.92
CA VAL K 331 -28.12 105.14 0.30
C VAL K 331 -29.31 105.05 1.25
N PHE K 332 -29.36 103.94 2.01
CA PHE K 332 -30.28 103.79 3.13
C PHE K 332 -29.45 104.01 4.39
N ASP K 333 -29.76 105.01 5.17
CA ASP K 333 -28.96 105.32 6.35
C ASP K 333 -29.71 105.11 7.66
N PHE K 334 -29.30 104.12 8.44
CA PHE K 334 -30.00 103.80 9.68
C PHE K 334 -29.94 104.90 10.73
N GLN K 335 -29.04 105.87 10.55
CA GLN K 335 -28.94 106.97 11.48
C GLN K 335 -29.65 108.22 10.96
N ASP K 336 -30.26 108.12 9.78
CA ASP K 336 -30.95 109.23 9.15
C ASP K 336 -32.41 109.28 9.56
N PRO K 337 -32.87 110.27 10.35
CA PRO K 337 -34.21 110.36 10.87
C PRO K 337 -35.25 110.42 9.75
N ILE K 338 -34.82 110.80 8.54
CA ILE K 338 -35.76 110.87 7.45
C ILE K 338 -36.01 109.45 6.98
N ASP K 339 -34.97 108.70 6.68
CA ASP K 339 -35.17 107.31 6.25
C ASP K 339 -35.94 106.50 7.27
N ILE K 340 -35.72 106.76 8.54
CA ILE K 340 -36.41 105.97 9.53
C ILE K 340 -37.63 106.67 10.14
N ARG K 341 -38.05 107.77 9.56
CA ARG K 341 -39.23 108.50 10.02
C ARG K 341 -39.27 108.76 11.54
N GLY K 342 -38.12 109.15 12.09
CA GLY K 342 -37.98 109.48 13.51
C GLY K 342 -37.92 108.28 14.45
N ALA K 343 -37.88 107.08 13.90
CA ALA K 343 -37.92 105.84 14.67
C ALA K 343 -36.79 105.65 15.66
N ARG K 344 -37.17 104.94 16.69
CA ARG K 344 -36.34 104.51 17.80
C ARG K 344 -36.87 103.11 17.95
N TRP K 345 -36.19 102.19 18.63
CA TRP K 345 -36.82 100.86 18.77
C TRP K 345 -36.86 100.09 17.48
N ALA K 346 -35.79 99.32 17.27
CA ALA K 346 -35.48 98.56 16.06
C ALA K 346 -36.69 97.78 15.63
N GLY K 347 -37.48 97.29 16.59
CA GLY K 347 -38.68 96.52 16.25
C GLY K 347 -39.54 97.27 15.22
N GLU K 348 -39.56 98.60 15.26
CA GLU K 348 -40.30 99.37 14.29
C GLU K 348 -39.35 100.04 13.30
N SER K 349 -38.22 100.52 13.80
CA SER K 349 -37.31 101.29 12.98
C SER K 349 -36.81 100.51 11.81
N PHE K 350 -36.49 99.26 12.01
CA PHE K 350 -35.92 98.47 10.96
C PHE K 350 -36.88 98.19 9.82
N LYS K 351 -38.18 98.44 9.98
CA LYS K 351 -39.06 98.13 8.87
C LYS K 351 -38.98 99.26 7.85
N ALA K 352 -38.23 100.31 8.20
CA ALA K 352 -37.97 101.41 7.32
C ALA K 352 -37.21 100.89 6.11
N LEU K 353 -36.38 99.88 6.34
CA LEU K 353 -35.59 99.33 5.27
C LEU K 353 -36.51 98.63 4.31
N LEU K 354 -37.42 97.84 4.85
CA LEU K 354 -38.35 97.07 4.04
C LEU K 354 -39.20 98.00 3.24
N PHE K 355 -39.59 99.11 3.85
CA PHE K 355 -40.41 100.07 3.16
C PHE K 355 -39.70 100.53 1.92
N GLN K 356 -38.45 100.96 2.07
CA GLN K 356 -37.74 101.44 0.92
C GLN K 356 -37.47 100.34 -0.11
N ILE K 357 -37.23 99.11 0.34
CA ILE K 357 -37.02 98.01 -0.59
C ILE K 357 -38.23 97.80 -1.45
N ASP K 358 -39.38 97.75 -0.81
CA ASP K 358 -40.61 97.51 -1.49
C ASP K 358 -40.86 98.68 -2.45
N LYS K 359 -40.52 99.89 -2.02
CA LYS K 359 -40.71 101.05 -2.85
C LYS K 359 -39.89 100.95 -4.13
N GLU K 360 -38.64 100.50 -3.98
CA GLU K 360 -37.70 100.35 -5.12
C GLU K 360 -38.25 99.29 -6.09
N ALA K 361 -38.88 98.23 -5.57
CA ALA K 361 -39.42 97.18 -6.40
C ALA K 361 -40.53 97.73 -7.28
N VAL K 362 -41.30 98.67 -6.72
CA VAL K 362 -42.36 99.33 -7.44
C VAL K 362 -41.76 100.19 -8.52
N GLU K 363 -40.73 100.94 -8.17
CA GLU K 363 -40.09 101.80 -9.15
C GLU K 363 -39.64 100.96 -10.33
N ILE K 364 -39.14 99.78 -10.07
CA ILE K 364 -38.75 98.94 -11.18
C ILE K 364 -39.91 98.62 -12.07
N ALA K 365 -41.05 98.24 -11.51
CA ALA K 365 -42.15 97.92 -12.40
C ALA K 365 -42.50 99.07 -13.33
N ARG K 366 -42.45 100.30 -12.82
CA ARG K 366 -42.83 101.41 -13.69
C ARG K 366 -41.85 101.66 -14.82
N GLN K 367 -40.72 100.99 -14.80
CA GLN K 367 -39.74 101.14 -15.83
C GLN K 367 -39.76 99.98 -16.81
N THR K 368 -40.51 98.93 -16.47
CA THR K 368 -40.62 97.74 -17.36
C THR K 368 -42.09 97.51 -17.71
N GLY K 369 -42.95 97.45 -16.68
CA GLY K 369 -44.39 97.19 -16.84
C GLY K 369 -44.71 95.72 -16.90
N ARG K 370 -43.69 94.86 -16.77
CA ARG K 370 -43.87 93.38 -16.80
C ARG K 370 -44.07 92.85 -15.38
N GLY K 371 -43.95 93.73 -14.37
CA GLY K 371 -44.13 93.27 -12.99
C GLY K 371 -43.13 93.91 -12.02
N GLU K 372 -43.54 93.96 -10.75
CA GLU K 372 -42.74 94.57 -9.67
C GLU K 372 -41.64 93.61 -9.24
N GLY K 373 -40.52 94.17 -8.77
CA GLY K 373 -39.39 93.40 -8.32
C GLY K 373 -39.86 92.25 -7.46
N ASN K 374 -39.14 91.15 -7.57
CA ASN K 374 -39.50 89.94 -6.85
C ASN K 374 -38.34 89.26 -6.18
N PHE K 375 -37.20 89.93 -6.16
CA PHE K 375 -36.07 89.42 -5.42
C PHE K 375 -35.15 90.50 -4.98
N ILE K 376 -34.41 90.16 -3.95
CA ILE K 376 -33.36 90.96 -3.38
C ILE K 376 -32.15 90.12 -3.10
N ILE K 377 -31.01 90.67 -3.45
CA ILE K 377 -29.75 90.05 -3.12
C ILE K 377 -29.02 91.09 -2.31
N ALA K 378 -28.46 90.69 -1.19
CA ALA K 378 -27.85 91.71 -0.36
C ALA K 378 -26.72 91.22 0.50
N SER K 379 -26.00 92.17 1.09
CA SER K 379 -24.93 91.83 1.99
C SER K 379 -25.49 91.12 3.19
N ARG K 380 -24.61 90.48 3.93
CA ARG K 380 -25.03 89.76 5.09
C ARG K 380 -25.67 90.67 6.10
N ASN K 381 -25.15 91.87 6.27
CA ASN K 381 -25.71 92.76 7.25
C ASN K 381 -27.11 93.18 6.90
N VAL K 382 -27.37 93.39 5.62
CA VAL K 382 -28.72 93.76 5.21
C VAL K 382 -29.64 92.64 5.54
N VAL K 383 -29.20 91.45 5.23
CA VAL K 383 -29.98 90.29 5.48
C VAL K 383 -30.19 90.09 6.96
N ASN K 384 -29.17 90.30 7.78
CA ASN K 384 -29.33 90.10 9.20
C ASN K 384 -30.50 90.93 9.69
N VAL K 385 -30.62 92.16 9.19
CA VAL K 385 -31.75 92.95 9.56
C VAL K 385 -33.03 92.33 9.05
N LEU K 386 -33.07 91.99 7.78
CA LEU K 386 -34.32 91.49 7.22
C LEU K 386 -34.80 90.24 7.90
N ALA K 387 -33.87 89.37 8.18
CA ALA K 387 -34.10 88.07 8.74
C ALA K 387 -34.57 88.08 10.17
N SER K 388 -34.38 89.21 10.83
CA SER K 388 -34.63 89.34 12.25
C SER K 388 -35.80 90.24 12.58
N VAL K 389 -36.54 90.65 11.56
CA VAL K 389 -37.68 91.52 11.81
C VAL K 389 -38.89 90.94 11.14
N ASP K 390 -40.08 91.40 11.51
CA ASP K 390 -41.18 90.87 10.74
C ASP K 390 -41.27 91.66 9.43
N THR K 391 -42.19 91.29 8.57
CA THR K 391 -42.41 91.96 7.31
C THR K 391 -43.87 92.21 7.23
N GLY K 392 -44.54 91.52 8.13
CA GLY K 392 -45.97 91.59 8.21
C GLY K 392 -46.35 92.99 8.62
N ILE K 393 -47.54 93.40 8.26
CA ILE K 393 -47.97 94.71 8.65
C ILE K 393 -48.45 94.59 10.06
N SER K 394 -47.64 95.09 10.97
CA SER K 394 -47.98 94.92 12.37
C SER K 394 -47.37 95.95 13.25
N TYR K 395 -47.72 95.90 14.54
CA TYR K 395 -47.24 96.88 15.54
C TYR K 395 -45.73 97.12 15.39
N ALA K 396 -44.94 96.09 15.70
CA ALA K 396 -43.48 96.17 15.64
C ALA K 396 -42.98 94.77 15.85
N ALA K 397 -41.74 94.44 15.43
CA ALA K 397 -41.15 93.18 15.88
C ALA K 397 -39.68 93.03 15.54
N GLN K 398 -38.90 92.58 16.53
CA GLN K 398 -37.46 92.31 16.40
C GLN K 398 -37.06 91.09 17.22
N GLY K 399 -36.15 90.28 16.69
CA GLY K 399 -35.59 89.14 17.42
C GLY K 399 -34.36 88.60 16.74
N LEU K 400 -34.02 87.36 17.05
CA LEU K 400 -32.89 86.66 16.43
C LEU K 400 -33.36 86.26 15.06
N ALA K 401 -32.49 86.08 14.09
CA ALA K 401 -33.01 85.61 12.83
C ALA K 401 -33.72 84.29 13.00
N THR K 402 -34.82 84.12 12.28
CA THR K 402 -35.58 82.87 12.39
C THR K 402 -35.75 82.16 11.07
N GLY K 403 -36.82 82.51 10.36
CA GLY K 403 -37.23 81.86 9.11
C GLY K 403 -36.20 81.90 7.99
N PHE K 404 -35.41 82.95 7.93
CA PHE K 404 -34.43 83.10 6.89
C PHE K 404 -33.15 82.40 7.21
N SER K 405 -32.71 81.53 6.33
CA SER K 405 -31.47 80.84 6.55
C SER K 405 -30.35 81.72 6.07
N THR K 406 -29.63 82.30 7.00
CA THR K 406 -28.64 83.28 6.63
C THR K 406 -27.24 82.75 6.60
N ASP K 407 -27.10 81.46 6.83
CA ASP K 407 -25.78 80.88 6.86
C ASP K 407 -25.31 80.54 5.45
N THR K 408 -24.36 81.33 4.93
CA THR K 408 -23.87 81.21 3.56
C THR K 408 -23.07 79.94 3.34
N THR K 409 -22.79 79.25 4.44
CA THR K 409 -22.11 77.98 4.42
C THR K 409 -23.00 77.00 3.72
N LYS K 410 -24.29 77.08 4.02
CA LYS K 410 -25.22 76.11 3.51
C LYS K 410 -26.00 76.59 2.32
N SER K 411 -26.35 77.86 2.31
CA SER K 411 -27.17 78.35 1.22
C SER K 411 -26.71 79.68 0.76
N VAL K 412 -27.49 80.22 -0.14
CA VAL K 412 -27.28 81.54 -0.69
C VAL K 412 -28.63 82.18 -0.66
N PHE K 413 -29.60 81.30 -0.52
CA PHE K 413 -31.00 81.64 -0.52
C PHE K 413 -31.53 81.44 0.86
N ALA K 414 -31.96 82.54 1.45
CA ALA K 414 -32.41 82.54 2.83
C ALA K 414 -33.90 82.32 2.97
N GLY K 415 -34.69 82.90 2.07
CA GLY K 415 -36.15 82.80 2.21
C GLY K 415 -36.88 83.86 1.40
N VAL K 416 -38.15 84.13 1.71
CA VAL K 416 -38.89 85.12 0.92
C VAL K 416 -39.51 86.22 1.82
N LEU K 417 -39.24 87.49 1.52
CA LEU K 417 -39.73 88.54 2.41
C LEU K 417 -41.19 88.75 2.20
N GLY K 418 -41.97 88.41 3.22
CA GLY K 418 -43.42 88.59 3.21
C GLY K 418 -44.09 87.67 2.23
N GLY K 419 -43.36 86.70 1.72
CA GLY K 419 -43.92 85.88 0.69
C GLY K 419 -43.84 86.58 -0.68
N LYS K 420 -43.19 87.76 -0.73
CA LYS K 420 -43.10 88.53 -1.96
C LYS K 420 -41.73 88.53 -2.62
N TYR K 421 -40.66 88.75 -1.85
CA TYR K 421 -39.34 88.87 -2.52
C TYR K 421 -38.38 87.76 -2.12
N ARG K 422 -37.80 87.06 -3.11
CA ARG K 422 -36.79 86.06 -2.80
C ARG K 422 -35.57 86.73 -2.20
N VAL K 423 -35.05 86.20 -1.11
CA VAL K 423 -33.89 86.75 -0.44
C VAL K 423 -32.66 85.93 -0.60
N TYR K 424 -31.69 86.51 -1.32
CA TYR K 424 -30.38 85.88 -1.58
C TYR K 424 -29.29 86.73 -0.93
N ILE K 425 -28.16 86.09 -0.58
CA ILE K 425 -27.04 86.72 0.05
C ILE K 425 -25.85 86.87 -0.85
N ASP K 426 -25.38 88.08 -1.03
CA ASP K 426 -24.20 88.22 -1.83
C ASP K 426 -23.03 87.92 -0.93
N GLN K 427 -22.60 86.68 -0.95
CA GLN K 427 -21.58 86.20 -0.04
C GLN K 427 -20.26 86.96 -0.24
N TYR K 428 -20.10 87.63 -1.39
CA TYR K 428 -18.92 88.41 -1.67
C TYR K 428 -19.20 89.89 -1.85
N ALA K 429 -20.24 90.40 -1.19
CA ALA K 429 -20.52 91.83 -1.29
C ALA K 429 -19.27 92.61 -0.93
N LYS K 430 -18.98 93.66 -1.67
CA LYS K 430 -17.78 94.43 -1.37
C LYS K 430 -17.82 95.23 -0.09
N GLN K 431 -18.94 95.88 0.22
CA GLN K 431 -18.93 96.56 1.51
C GLN K 431 -20.17 96.24 2.28
N ASP K 432 -21.26 96.88 1.91
CA ASP K 432 -22.54 96.66 2.55
C ASP K 432 -23.56 97.41 1.73
N TYR K 433 -24.35 96.67 0.96
CA TYR K 433 -25.33 97.35 0.09
C TYR K 433 -26.23 96.27 -0.50
N PHE K 434 -27.41 96.68 -0.95
CA PHE K 434 -28.32 95.68 -1.49
C PHE K 434 -28.83 96.11 -2.82
N THR K 435 -29.32 95.13 -3.55
CA THR K 435 -29.93 95.39 -4.83
C THR K 435 -31.12 94.53 -5.06
N VAL K 436 -32.04 95.06 -5.81
CA VAL K 436 -33.26 94.35 -6.12
C VAL K 436 -33.54 94.29 -7.57
N GLY K 437 -34.43 93.39 -7.94
CA GLY K 437 -34.80 93.30 -9.32
C GLY K 437 -35.98 92.40 -9.63
N TYR K 438 -36.33 92.36 -10.92
CA TYR K 438 -37.53 91.61 -11.35
C TYR K 438 -37.22 90.58 -12.45
N LYS K 439 -37.67 89.35 -12.21
CA LYS K 439 -37.64 88.23 -13.11
C LYS K 439 -39.05 87.74 -13.38
N GLY K 440 -39.49 87.77 -14.63
CA GLY K 440 -40.83 87.32 -14.88
C GLY K 440 -40.86 85.81 -15.08
N PRO K 441 -42.05 85.20 -15.23
CA PRO K 441 -42.26 83.79 -15.51
C PRO K 441 -41.73 83.43 -16.88
N ASN K 442 -41.61 84.42 -17.72
CA ASN K 442 -41.11 84.27 -19.05
C ASN K 442 -39.61 84.07 -19.01
N GLU K 443 -39.12 83.23 -19.89
CA GLU K 443 -37.70 82.96 -19.95
C GLU K 443 -36.86 84.16 -20.38
N MET K 444 -37.37 84.94 -21.31
CA MET K 444 -36.60 86.04 -21.86
C MET K 444 -36.84 87.33 -21.12
N ASP K 445 -37.99 87.45 -20.48
CA ASP K 445 -38.32 88.70 -19.80
C ASP K 445 -37.61 88.81 -18.46
N ALA K 446 -36.30 89.01 -18.51
CA ALA K 446 -35.49 89.04 -17.30
C ALA K 446 -34.37 90.07 -17.26
N GLY K 447 -34.33 91.04 -18.16
CA GLY K 447 -33.26 92.05 -18.09
C GLY K 447 -31.93 91.61 -18.69
N ILE K 448 -31.41 90.50 -18.20
CA ILE K 448 -30.16 89.91 -18.68
C ILE K 448 -30.35 88.42 -18.97
N TYR K 449 -29.42 87.85 -19.73
CA TYR K 449 -29.46 86.42 -20.04
C TYR K 449 -28.16 85.68 -19.82
N TYR K 450 -28.23 84.54 -19.11
CA TYR K 450 -27.06 83.63 -19.00
C TYR K 450 -27.29 82.58 -20.10
N ALA K 451 -26.47 82.56 -21.16
CA ALA K 451 -26.84 81.68 -22.26
C ALA K 451 -25.80 80.65 -22.64
N PRO K 452 -25.64 79.56 -21.89
CA PRO K 452 -24.62 78.56 -22.07
C PRO K 452 -24.76 77.86 -23.37
N TYR K 453 -23.60 77.52 -23.95
CA TYR K 453 -23.50 76.78 -25.23
C TYR K 453 -22.82 75.43 -24.93
N VAL K 454 -21.66 75.48 -24.25
CA VAL K 454 -20.94 74.29 -23.87
C VAL K 454 -20.35 74.50 -22.48
N ALA K 455 -20.05 73.44 -21.73
CA ALA K 455 -19.40 73.69 -20.45
C ALA K 455 -18.63 72.54 -19.89
N LEU K 456 -17.61 72.90 -19.13
CA LEU K 456 -16.78 71.99 -18.38
C LEU K 456 -16.30 70.80 -19.16
N THR K 457 -15.81 71.01 -20.36
CA THR K 457 -15.28 69.87 -21.06
C THR K 457 -13.98 69.55 -20.41
N PRO K 458 -13.75 68.35 -19.88
CA PRO K 458 -12.51 67.95 -19.24
C PRO K 458 -11.48 67.71 -20.30
N LEU K 459 -10.24 67.96 -19.97
CA LEU K 459 -9.10 67.70 -20.82
C LEU K 459 -8.15 66.83 -20.04
N ARG K 460 -7.71 65.70 -20.60
CA ARG K 460 -6.76 64.82 -19.89
C ARG K 460 -5.73 64.19 -20.82
N GLY K 461 -4.46 64.26 -20.43
CA GLY K 461 -3.32 63.69 -21.15
C GLY K 461 -2.06 63.88 -20.32
N SER K 462 -0.88 63.84 -20.96
CA SER K 462 0.39 63.99 -20.24
C SER K 462 1.45 64.59 -21.15
N ASP K 463 2.39 65.33 -20.56
CA ASP K 463 3.47 66.03 -21.27
C ASP K 463 4.74 65.18 -21.43
N PRO K 464 5.13 64.75 -22.66
CA PRO K 464 6.24 63.87 -22.97
C PRO K 464 7.58 64.30 -22.39
N LYS K 465 7.71 65.56 -21.97
CA LYS K 465 9.00 65.96 -21.40
C LYS K 465 9.33 65.10 -20.18
N ASN K 466 8.31 64.59 -19.47
CA ASN K 466 8.52 63.77 -18.30
C ASN K 466 7.31 62.93 -18.07
N PHE K 467 6.35 63.12 -18.96
CA PHE K 467 5.04 62.50 -18.93
C PHE K 467 4.22 62.81 -17.70
N GLN K 468 4.38 64.00 -17.12
CA GLN K 468 3.55 64.29 -15.99
C GLN K 468 2.16 64.60 -16.53
N PRO K 469 1.13 64.38 -15.74
CA PRO K 469 -0.24 64.63 -16.08
C PRO K 469 -0.53 66.02 -16.55
N VAL K 470 -1.40 66.09 -17.51
CA VAL K 470 -1.89 67.31 -18.06
C VAL K 470 -3.41 67.29 -17.96
N MET K 471 -3.96 68.23 -17.24
CA MET K 471 -5.39 68.22 -17.05
C MET K 471 -5.94 69.63 -16.98
N GLY K 472 -7.18 69.81 -17.48
CA GLY K 472 -7.89 71.09 -17.40
C GLY K 472 -9.36 71.03 -17.90
N PHE K 473 -10.00 72.21 -18.03
CA PHE K 473 -11.42 72.22 -18.48
C PHE K 473 -11.71 73.49 -19.29
N LYS K 474 -12.71 73.40 -20.17
CA LYS K 474 -13.15 74.52 -21.01
C LYS K 474 -14.67 74.70 -21.25
N THR K 475 -15.12 75.98 -21.23
CA THR K 475 -16.51 76.42 -21.50
C THR K 475 -16.67 77.63 -22.42
N ARG K 476 -17.91 77.82 -22.89
CA ARG K 476 -18.35 78.99 -23.67
C ARG K 476 -19.81 79.32 -23.40
N TYR K 477 -20.12 80.59 -23.12
CA TYR K 477 -21.53 80.91 -22.80
C TYR K 477 -21.95 82.30 -23.31
N GLY K 478 -21.41 83.35 -22.70
CA GLY K 478 -21.83 84.71 -23.03
C GLY K 478 -23.03 85.14 -22.20
N ILE K 479 -23.08 86.44 -21.96
CA ILE K 479 -24.16 87.07 -21.21
C ILE K 479 -24.78 88.16 -22.05
N GLY K 480 -26.08 88.11 -22.22
CA GLY K 480 -26.74 89.13 -23.02
C GLY K 480 -27.64 90.08 -22.23
N ILE K 481 -28.16 91.07 -22.93
CA ILE K 481 -29.06 92.10 -22.39
C ILE K 481 -30.42 92.11 -23.08
N ASN K 482 -31.48 92.22 -22.30
CA ASN K 482 -32.83 92.30 -22.82
C ASN K 482 -32.99 93.52 -23.73
N PRO K 483 -33.63 93.40 -24.90
CA PRO K 483 -33.88 94.47 -25.86
C PRO K 483 -34.45 95.75 -25.27
N PHE K 484 -35.20 95.67 -24.18
CA PHE K 484 -35.75 96.88 -23.62
C PHE K 484 -35.10 97.25 -22.30
N ALA K 485 -34.01 96.60 -21.93
CA ALA K 485 -33.44 96.79 -20.61
C ALA K 485 -33.10 98.23 -20.26
N GLU K 486 -32.60 99.02 -21.20
CA GLU K 486 -32.24 100.38 -20.78
C GLU K 486 -33.47 101.19 -20.41
N SER K 487 -34.60 100.78 -20.96
CA SER K 487 -35.96 101.32 -20.88
C SER K 487 -36.12 102.71 -21.47
N ALA K 488 -35.14 103.57 -21.30
CA ALA K 488 -35.14 104.93 -21.80
C ALA K 488 -35.24 105.06 -23.29
N ALA K 489 -34.64 104.15 -24.03
CA ALA K 489 -34.62 104.31 -25.47
C ALA K 489 -35.99 104.28 -26.10
N GLN K 490 -36.14 105.14 -27.08
CA GLN K 490 -37.33 105.21 -27.90
C GLN K 490 -37.17 104.14 -28.98
N ALA K 491 -35.93 103.98 -29.42
CA ALA K 491 -35.55 103.01 -30.41
C ALA K 491 -34.06 102.73 -30.24
N PRO K 492 -33.58 101.54 -30.58
CA PRO K 492 -32.18 101.15 -30.57
C PRO K 492 -31.42 101.79 -31.70
N ALA K 493 -30.13 101.92 -31.52
CA ALA K 493 -29.29 102.39 -32.59
C ALA K 493 -28.93 101.27 -33.56
N SER K 494 -28.72 101.67 -34.80
CA SER K 494 -28.18 100.85 -35.91
C SER K 494 -29.00 99.69 -36.44
N ARG K 495 -30.24 99.52 -35.99
CA ARG K 495 -31.23 98.49 -36.41
C ARG K 495 -30.87 97.06 -35.99
N ILE K 496 -29.58 96.74 -36.03
CA ILE K 496 -29.01 95.53 -35.55
C ILE K 496 -27.94 95.94 -34.59
N GLN K 497 -28.08 95.56 -33.33
CA GLN K 497 -27.11 95.99 -32.34
C GLN K 497 -26.57 94.88 -31.52
N SER K 498 -25.44 95.11 -30.91
CA SER K 498 -24.96 94.13 -29.98
C SER K 498 -25.89 94.01 -28.80
N GLY K 499 -26.15 92.77 -28.40
CA GLY K 499 -26.92 92.46 -27.22
C GLY K 499 -26.00 92.19 -26.03
N MET K 500 -24.71 92.47 -26.21
CA MET K 500 -23.74 92.22 -25.18
C MET K 500 -23.71 93.41 -24.23
N PRO K 501 -23.34 93.25 -22.97
CA PRO K 501 -23.25 94.29 -21.96
C PRO K 501 -22.06 95.21 -22.09
N SER K 502 -21.99 95.94 -23.18
CA SER K 502 -20.90 96.87 -23.34
C SER K 502 -21.16 98.04 -22.39
N ILE K 503 -20.13 98.80 -22.09
CA ILE K 503 -20.32 99.91 -21.15
C ILE K 503 -21.34 100.93 -21.59
N LEU K 504 -21.44 101.19 -22.88
CA LEU K 504 -22.37 102.20 -23.33
C LEU K 504 -23.75 101.65 -23.47
N ASN K 505 -23.89 100.35 -23.43
CA ASN K 505 -25.17 99.77 -23.60
C ASN K 505 -25.85 99.56 -22.30
N SER K 506 -25.09 99.14 -21.29
CA SER K 506 -25.74 98.81 -20.05
C SER K 506 -25.23 99.39 -18.74
N LEU K 507 -24.09 100.09 -18.67
CA LEU K 507 -23.67 100.43 -17.31
C LEU K 507 -24.62 101.44 -16.70
N GLY K 508 -25.21 101.06 -15.58
CA GLY K 508 -26.15 101.91 -14.86
C GLY K 508 -27.48 102.10 -15.58
N LYS K 509 -27.79 101.24 -16.55
CA LYS K 509 -29.01 101.42 -17.33
C LYS K 509 -30.12 100.38 -17.19
N ASN K 510 -29.85 99.21 -16.66
CA ASN K 510 -30.85 98.13 -16.75
C ASN K 510 -31.99 98.26 -15.75
N ALA K 511 -33.14 98.58 -16.29
CA ALA K 511 -34.39 98.88 -15.61
C ALA K 511 -34.93 97.76 -14.76
N TYR K 512 -34.45 96.56 -14.96
CA TYR K 512 -34.94 95.44 -14.17
C TYR K 512 -34.26 95.39 -12.84
N PHE K 513 -33.24 96.24 -12.63
CA PHE K 513 -32.52 96.19 -11.38
C PHE K 513 -32.19 97.58 -10.82
N ARG K 514 -32.14 97.70 -9.48
CA ARG K 514 -31.77 98.99 -8.84
C ARG K 514 -31.09 98.74 -7.49
N ARG K 515 -30.02 99.47 -7.16
CA ARG K 515 -29.35 99.27 -5.87
C ARG K 515 -29.03 100.52 -5.10
N VAL K 516 -28.87 100.33 -3.81
CA VAL K 516 -28.43 101.38 -2.92
C VAL K 516 -27.36 100.86 -2.00
N TYR K 517 -26.63 101.77 -1.40
CA TYR K 517 -25.68 101.40 -0.40
C TYR K 517 -26.35 101.49 0.92
N VAL K 518 -25.86 100.80 1.91
CA VAL K 518 -26.47 100.98 3.21
C VAL K 518 -25.45 101.46 4.22
N LYS K 519 -25.86 102.39 5.05
CA LYS K 519 -25.00 102.98 6.07
C LYS K 519 -25.74 103.14 7.37
N GLY K 520 -25.02 103.58 8.40
CA GLY K 520 -25.62 103.78 9.71
C GLY K 520 -25.54 102.48 10.48
N ILE K 521 -24.83 101.55 9.87
CA ILE K 521 -24.60 100.19 10.32
C ILE K 521 -23.19 100.14 10.88
N ALA L 66 -32.41 69.88 95.04
CA ALA L 66 -32.75 70.89 94.05
C ALA L 66 -31.78 70.82 92.90
N GLU L 67 -31.46 69.57 92.53
CA GLU L 67 -30.48 69.25 91.46
C GLU L 67 -30.92 69.81 90.11
N ILE L 68 -29.97 70.38 89.38
CA ILE L 68 -30.18 70.93 88.06
C ILE L 68 -29.26 70.29 87.06
N GLY L 69 -29.60 70.38 85.77
CA GLY L 69 -28.72 69.87 84.71
C GLY L 69 -27.62 70.88 84.40
N GLY L 70 -27.78 72.05 84.98
CA GLY L 70 -26.87 73.16 84.84
C GLY L 70 -26.87 73.55 83.40
N ASP L 71 -25.77 74.07 82.93
CA ASP L 71 -25.77 74.50 81.56
C ASP L 71 -24.39 74.46 80.95
N HIS L 72 -24.33 74.81 79.69
CA HIS L 72 -23.11 74.90 78.94
C HIS L 72 -22.71 76.35 78.87
N GLY L 73 -21.45 76.60 78.58
CA GLY L 73 -20.98 77.97 78.45
C GLY L 73 -21.00 78.53 77.03
N TYR L 74 -21.67 77.86 76.07
CA TYR L 74 -21.61 78.28 74.66
C TYR L 74 -20.20 78.15 74.11
N ASN L 75 -19.38 77.40 74.84
CA ASN L 75 -18.03 77.08 74.50
C ASN L 75 -18.06 75.75 73.83
N ALA L 76 -17.90 75.76 72.52
CA ALA L 76 -18.04 74.56 71.74
C ALA L 76 -17.12 73.48 72.24
N THR L 77 -15.98 73.85 72.80
CA THR L 77 -15.06 72.84 73.29
C THR L 77 -15.73 71.99 74.33
N ASN L 78 -16.47 72.63 75.22
CA ASN L 78 -17.05 71.94 76.33
C ASN L 78 -18.34 71.28 75.91
N ILE L 79 -19.03 71.94 75.02
CA ILE L 79 -20.31 71.45 74.56
C ILE L 79 -20.10 70.14 73.89
N ALA L 80 -19.06 70.11 73.10
CA ALA L 80 -18.70 68.94 72.34
C ALA L 80 -18.47 67.72 73.22
N ALA L 81 -18.09 67.91 74.46
CA ALA L 81 -17.80 66.83 75.36
C ALA L 81 -19.03 66.45 76.18
N GLY L 82 -20.11 67.22 76.01
CA GLY L 82 -21.32 67.05 76.80
C GLY L 82 -21.14 67.63 78.21
N GLN L 83 -20.24 68.59 78.40
CA GLN L 83 -19.99 69.11 79.73
C GLN L 83 -20.86 70.27 80.16
N THR L 84 -21.55 70.11 81.29
CA THR L 84 -22.37 71.20 81.84
C THR L 84 -21.94 71.46 83.27
N SER L 85 -22.49 72.53 83.80
CA SER L 85 -22.28 72.96 85.18
C SER L 85 -23.12 72.24 86.23
N GLY L 86 -24.01 71.35 85.82
CA GLY L 86 -24.94 70.71 86.77
C GLY L 86 -24.60 69.30 87.22
N ALA L 87 -25.63 68.63 87.74
CA ALA L 87 -25.54 67.29 88.32
C ALA L 87 -25.10 66.26 87.31
N VAL L 88 -25.55 66.42 86.09
CA VAL L 88 -25.21 65.44 85.10
C VAL L 88 -24.59 66.07 83.93
N THR L 89 -23.95 65.23 83.15
CA THR L 89 -23.32 65.58 81.93
C THR L 89 -23.92 64.71 80.88
N GLN L 90 -23.61 65.01 79.65
CA GLN L 90 -24.18 64.30 78.56
C GLN L 90 -23.16 63.37 77.95
N ILE L 91 -23.63 62.61 76.99
CA ILE L 91 -22.80 61.69 76.24
C ILE L 91 -22.00 62.48 75.26
N GLY L 92 -22.70 63.35 74.57
CA GLY L 92 -22.12 64.21 73.60
C GLY L 92 -23.29 64.94 72.99
N PRO L 93 -23.05 65.93 72.16
CA PRO L 93 -24.03 66.76 71.53
C PRO L 93 -24.76 66.17 70.36
N ALA L 94 -25.50 65.09 70.57
CA ALA L 94 -26.45 64.61 69.55
C ALA L 94 -26.09 64.95 68.09
N VAL L 95 -25.17 64.22 67.47
CA VAL L 95 -24.83 64.56 66.10
C VAL L 95 -26.07 64.53 65.19
N MET L 96 -26.18 65.57 64.37
CA MET L 96 -27.27 65.85 63.44
C MET L 96 -26.94 65.54 61.98
N GLY L 97 -25.91 64.74 61.75
CA GLY L 97 -25.50 64.42 60.41
C GLY L 97 -24.49 65.46 59.91
N MET L 98 -24.21 65.45 58.59
CA MET L 98 -23.20 66.36 58.09
C MET L 98 -23.48 66.91 56.71
N VAL L 99 -22.80 68.00 56.38
CA VAL L 99 -22.91 68.60 55.05
C VAL L 99 -21.59 68.66 54.32
N ARG L 100 -21.57 68.09 53.14
CA ARG L 100 -20.36 68.12 52.33
C ARG L 100 -20.57 69.13 51.21
N ARG L 101 -19.52 69.83 50.81
CA ARG L 101 -19.69 70.74 49.68
C ARG L 101 -19.81 69.93 48.38
N ALA L 102 -20.75 70.33 47.50
CA ALA L 102 -21.01 69.67 46.21
C ALA L 102 -20.01 69.98 45.12
N ILE L 103 -19.98 69.09 44.14
CA ILE L 103 -19.15 69.15 42.94
C ILE L 103 -19.82 69.98 41.83
N PRO L 104 -19.11 70.93 41.19
CA PRO L 104 -19.59 71.77 40.09
C PRO L 104 -19.76 71.00 38.79
N ASN L 105 -20.61 71.53 37.91
CA ASN L 105 -20.92 70.99 36.59
C ASN L 105 -19.88 71.43 35.54
N LEU L 106 -19.46 70.52 34.66
CA LEU L 106 -18.50 70.83 33.59
C LEU L 106 -19.06 70.59 32.20
N ILE L 107 -18.50 71.31 31.21
CA ILE L 107 -18.85 71.21 29.78
C ILE L 107 -17.62 71.14 28.93
N ALA L 108 -16.57 70.54 29.42
CA ALA L 108 -15.25 70.67 28.82
C ALA L 108 -15.19 70.38 27.33
N PHE L 109 -15.92 69.42 26.82
CA PHE L 109 -15.76 69.16 25.40
C PHE L 109 -17.05 69.35 24.61
N ASP L 110 -18.06 69.98 25.21
CA ASP L 110 -19.34 70.09 24.51
C ASP L 110 -19.27 70.84 23.21
N ILE L 111 -18.36 71.77 23.13
CA ILE L 111 -18.22 72.62 21.98
C ILE L 111 -16.87 72.47 21.33
N CYS L 112 -16.21 71.36 21.57
CA CYS L 112 -14.87 71.19 21.01
C CYS L 112 -14.72 69.98 20.14
N GLY L 113 -13.69 70.00 19.30
CA GLY L 113 -13.40 68.81 18.53
C GLY L 113 -12.56 67.93 19.44
N VAL L 114 -12.32 66.68 19.08
CA VAL L 114 -11.52 65.82 19.92
C VAL L 114 -10.37 65.18 19.15
N GLN L 115 -10.68 64.37 18.14
CA GLN L 115 -9.62 63.62 17.45
C GLN L 115 -8.69 62.88 18.41
N PRO L 116 -9.14 61.90 19.17
CA PRO L 116 -8.37 61.25 20.20
C PRO L 116 -7.15 60.60 19.58
N MET L 117 -6.07 60.53 20.34
CA MET L 117 -4.79 60.01 19.91
C MET L 117 -4.42 58.61 20.26
N ASN L 118 -3.59 58.03 19.40
CA ASN L 118 -2.96 56.75 19.58
C ASN L 118 -1.44 56.92 19.53
N SER L 119 -1.02 58.14 19.78
CA SER L 119 0.36 58.57 19.83
C SER L 119 0.43 59.86 20.60
N PRO L 120 1.44 60.07 21.42
CA PRO L 120 1.64 61.30 22.09
C PRO L 120 2.14 62.18 21.00
N THR L 121 2.06 63.49 21.21
CA THR L 121 2.64 64.45 20.31
C THR L 121 2.34 64.14 18.85
N GLY L 122 1.06 63.98 18.51
CA GLY L 122 0.66 63.63 17.16
C GLY L 122 0.75 64.84 16.20
N GLN L 123 0.22 64.67 14.99
CA GLN L 123 0.28 65.71 13.94
C GLN L 123 -1.06 65.91 13.23
N VAL L 124 -1.10 66.92 12.34
CA VAL L 124 -2.29 67.24 11.52
C VAL L 124 -1.90 67.66 10.10
N PHE L 125 -2.71 67.26 9.13
CA PHE L 125 -2.49 67.60 7.72
C PHE L 125 -3.55 68.56 7.14
N ALA L 126 -3.19 69.46 6.22
CA ALA L 126 -4.21 70.32 5.62
C ALA L 126 -3.93 70.68 4.15
N LEU L 127 -5.01 71.05 3.42
CA LEU L 127 -4.90 71.42 1.99
C LEU L 127 -5.64 72.70 1.59
N ARG L 128 -4.93 73.53 0.83
CA ARG L 128 -5.43 74.76 0.24
C ARG L 128 -5.38 74.69 -1.28
N ALA L 129 -6.44 75.09 -1.97
CA ALA L 129 -6.39 75.11 -3.42
C ALA L 129 -5.61 76.35 -3.81
N VAL L 130 -4.65 76.24 -4.72
CA VAL L 130 -3.79 77.38 -5.03
C VAL L 130 -3.59 77.67 -6.49
N TYR L 131 -3.70 78.94 -6.88
CA TYR L 131 -3.52 79.30 -8.27
C TYR L 131 -2.49 80.41 -8.50
N GLY L 132 -2.01 80.45 -9.75
CA GLY L 132 -1.03 81.44 -10.22
C GLY L 132 0.31 80.81 -10.62
N LYS L 133 0.28 79.54 -11.05
CA LYS L 133 1.42 78.72 -11.52
C LYS L 133 2.47 78.32 -10.49
N ASP L 134 2.28 78.65 -9.22
CA ASP L 134 3.29 78.27 -8.26
C ASP L 134 2.69 78.03 -6.90
N PRO L 135 2.44 76.78 -6.52
CA PRO L 135 1.84 76.41 -5.27
C PRO L 135 2.50 77.11 -4.09
N VAL L 136 3.81 77.40 -4.15
CA VAL L 136 4.40 78.06 -3.02
C VAL L 136 5.16 79.29 -3.45
N ALA L 137 4.54 80.44 -3.25
CA ALA L 137 5.16 81.68 -3.63
C ALA L 137 4.56 82.81 -2.84
N ALA L 138 5.34 83.86 -2.63
CA ALA L 138 4.75 85.02 -2.02
C ALA L 138 3.69 85.50 -2.96
N GLY L 139 2.56 85.86 -2.44
CA GLY L 139 1.50 86.40 -3.29
C GLY L 139 0.66 85.32 -3.95
N ALA L 140 0.97 84.04 -3.74
CA ALA L 140 0.19 82.96 -4.33
C ALA L 140 -1.22 83.08 -3.79
N LYS L 141 -2.24 82.72 -4.56
CA LYS L 141 -3.59 82.89 -4.02
C LYS L 141 -4.36 81.61 -3.84
N GLU L 142 -5.14 81.58 -2.74
CA GLU L 142 -6.00 80.42 -2.39
C GLU L 142 -7.36 80.59 -3.09
N ALA L 143 -7.76 79.57 -3.87
CA ALA L 143 -9.01 79.58 -4.63
C ALA L 143 -10.24 79.70 -3.76
N PHE L 144 -10.25 79.09 -2.59
CA PHE L 144 -11.44 79.14 -1.78
C PHE L 144 -11.27 79.94 -0.52
N HIS L 145 -10.33 80.87 -0.48
CA HIS L 145 -10.19 81.63 0.75
C HIS L 145 -11.53 82.40 0.90
N PRO L 146 -12.32 82.24 1.98
CA PRO L 146 -13.62 82.86 2.16
C PRO L 146 -13.59 84.37 2.16
N MET L 147 -12.42 84.93 2.37
CA MET L 147 -12.26 86.36 2.46
C MET L 147 -12.19 87.05 1.13
N TYR L 148 -12.02 86.30 0.05
CA TYR L 148 -11.89 86.94 -1.23
C TYR L 148 -12.74 86.23 -2.25
N GLY L 149 -13.27 86.97 -3.20
CA GLY L 149 -14.00 86.31 -4.23
C GLY L 149 -12.95 85.67 -5.10
N PRO L 150 -13.35 84.99 -6.16
CA PRO L 150 -12.49 84.29 -7.06
C PRO L 150 -11.73 85.24 -7.89
N ASP L 151 -10.63 84.80 -8.46
CA ASP L 151 -9.98 85.65 -9.40
C ASP L 151 -10.85 85.55 -10.62
N ALA L 152 -11.80 86.47 -10.68
CA ALA L 152 -12.88 86.44 -11.62
C ALA L 152 -12.47 86.37 -13.06
N MET L 153 -11.36 86.98 -13.43
CA MET L 153 -11.00 86.89 -14.83
C MET L 153 -9.94 85.85 -15.10
N PHE L 154 -9.53 85.08 -14.11
CA PHE L 154 -8.38 84.19 -14.27
C PHE L 154 -8.55 83.24 -15.45
N SER L 155 -9.72 82.61 -15.55
CA SER L 155 -10.03 81.65 -16.60
C SER L 155 -10.52 82.31 -17.88
N GLY L 156 -10.73 83.62 -17.83
CA GLY L 156 -11.30 84.41 -18.92
C GLY L 156 -10.26 85.40 -19.44
N GLN L 157 -10.65 86.66 -19.54
CA GLN L 157 -9.76 87.70 -20.08
C GLN L 157 -8.42 87.79 -19.37
N GLY L 158 -8.31 87.33 -18.14
CA GLY L 158 -7.06 87.39 -17.39
C GLY L 158 -5.95 86.59 -18.08
N ALA L 159 -6.33 85.68 -18.97
CA ALA L 159 -5.34 84.89 -19.71
C ALA L 159 -5.13 85.52 -21.10
N ALA L 160 -5.85 86.60 -21.40
CA ALA L 160 -5.78 87.28 -22.68
C ALA L 160 -4.88 88.49 -22.60
N LYS L 161 -5.01 89.22 -21.51
CA LYS L 161 -4.28 90.45 -21.34
C LYS L 161 -4.06 90.78 -19.89
N LYS L 162 -3.20 91.73 -19.64
CA LYS L 162 -2.91 92.13 -18.28
C LYS L 162 -3.87 93.20 -17.84
N PHE L 163 -4.09 93.22 -16.55
CA PHE L 163 -4.93 94.17 -15.87
C PHE L 163 -4.17 94.85 -14.75
N PRO L 164 -3.57 96.02 -15.01
CA PRO L 164 -2.70 96.75 -14.09
C PRO L 164 -3.45 97.04 -12.83
N ALA L 165 -2.75 97.05 -11.72
CA ALA L 165 -3.36 97.38 -10.46
C ALA L 165 -3.76 98.84 -10.44
N LEU L 166 -4.82 99.09 -9.73
CA LEU L 166 -5.26 100.43 -9.45
C LEU L 166 -4.32 100.83 -8.33
N ALA L 167 -3.77 102.02 -8.38
CA ALA L 167 -2.80 102.37 -7.35
C ALA L 167 -2.72 103.85 -7.17
N ALA L 168 -2.11 104.28 -6.09
CA ALA L 168 -1.95 105.70 -5.85
C ALA L 168 -1.15 106.29 -7.01
N SER L 169 -1.38 107.57 -7.30
CA SER L 169 -0.73 108.32 -8.37
C SER L 169 -1.04 107.82 -9.76
N THR L 170 -2.30 107.53 -9.99
CA THR L 170 -2.74 107.13 -11.31
C THR L 170 -3.91 107.96 -11.76
N GLN L 171 -4.40 107.62 -12.94
CA GLN L 171 -5.59 108.20 -13.51
C GLN L 171 -6.20 107.19 -14.44
N THR L 172 -7.48 106.97 -14.28
CA THR L 172 -8.19 106.00 -15.08
C THR L 172 -8.62 106.64 -16.38
N THR L 173 -9.06 105.83 -17.33
CA THR L 173 -9.67 106.29 -18.58
C THR L 173 -10.98 105.55 -18.76
N VAL L 174 -12.06 106.22 -19.09
CA VAL L 174 -13.28 105.47 -19.21
C VAL L 174 -13.14 104.29 -20.14
N GLY L 175 -13.62 103.16 -19.66
CA GLY L 175 -13.62 101.89 -20.36
C GLY L 175 -12.44 100.97 -20.04
N ASP L 176 -11.39 101.48 -19.40
CA ASP L 176 -10.27 100.60 -19.11
C ASP L 176 -10.57 99.82 -17.86
N ILE L 177 -9.67 98.92 -17.45
CA ILE L 177 -9.87 98.09 -16.27
C ILE L 177 -8.65 97.99 -15.38
N TYR L 178 -8.83 98.27 -14.09
CA TYR L 178 -7.72 98.20 -13.10
C TYR L 178 -8.11 97.20 -12.00
N THR L 179 -7.12 96.55 -11.38
CA THR L 179 -7.42 95.57 -10.34
C THR L 179 -6.94 95.91 -8.96
N HIS L 180 -7.41 95.13 -8.00
CA HIS L 180 -6.93 95.26 -6.65
C HIS L 180 -7.14 94.01 -5.82
N PHE L 181 -6.67 94.08 -4.60
CA PHE L 181 -6.82 93.06 -3.60
C PHE L 181 -6.75 93.84 -2.33
N PHE L 182 -7.83 93.84 -1.58
CA PHE L 182 -7.94 94.70 -0.42
C PHE L 182 -7.18 94.18 0.79
N GLN L 183 -6.77 95.10 1.70
CA GLN L 183 -6.20 94.64 2.98
C GLN L 183 -7.33 93.93 3.71
N GLU L 184 -8.49 94.51 3.54
CA GLU L 184 -9.75 94.03 4.04
C GLU L 184 -10.18 93.02 3.02
N THR L 185 -11.33 92.44 3.21
CA THR L 185 -11.75 91.42 2.32
C THR L 185 -12.12 91.95 0.95
N GLY L 186 -12.22 91.03 0.00
CA GLY L 186 -12.58 91.33 -1.38
C GLY L 186 -11.38 91.56 -2.30
N THR L 187 -11.54 91.15 -3.56
CA THR L 187 -10.58 91.29 -4.65
C THR L 187 -11.36 91.71 -5.85
N VAL L 188 -10.76 92.48 -6.75
CA VAL L 188 -11.59 93.01 -7.81
C VAL L 188 -10.91 93.40 -9.11
N TYR L 189 -11.71 93.33 -10.15
CA TYR L 189 -11.40 93.90 -11.44
C TYR L 189 -12.43 95.00 -11.61
N LEU L 190 -11.99 96.22 -11.84
CA LEU L 190 -12.89 97.35 -11.97
C LEU L 190 -12.78 98.11 -13.27
N GLN L 191 -13.92 98.30 -13.93
CA GLN L 191 -13.91 99.07 -15.16
C GLN L 191 -14.16 100.52 -14.86
N ALA L 192 -13.45 101.39 -15.53
CA ALA L 192 -13.63 102.80 -15.28
C ALA L 192 -14.84 103.37 -15.99
N SER L 193 -15.66 104.10 -15.26
CA SER L 193 -16.79 104.79 -15.86
C SER L 193 -16.35 106.19 -16.23
N VAL L 194 -15.36 106.68 -15.51
CA VAL L 194 -14.81 108.01 -15.72
C VAL L 194 -13.28 108.02 -15.78
N GLN L 195 -12.73 109.13 -16.28
CA GLN L 195 -11.29 109.39 -16.35
C GLN L 195 -10.76 110.17 -15.14
N VAL L 196 -10.57 109.51 -14.00
CA VAL L 196 -10.25 110.24 -12.78
C VAL L 196 -9.05 109.74 -12.03
N THR L 197 -8.55 110.56 -11.10
CA THR L 197 -7.43 110.12 -10.30
C THR L 197 -7.89 109.39 -9.06
N ILE L 198 -6.89 109.01 -8.30
CA ILE L 198 -6.97 108.14 -7.15
C ILE L 198 -6.51 108.75 -5.82
N ASP L 199 -6.44 110.06 -5.70
CA ASP L 199 -5.92 110.61 -4.46
C ASP L 199 -4.55 110.09 -4.13
N ALA L 200 -3.58 110.54 -4.90
CA ALA L 200 -2.21 110.14 -4.79
C ALA L 200 -1.64 110.34 -3.40
N GLY L 201 -2.31 111.10 -2.53
CA GLY L 201 -1.80 111.27 -1.18
C GLY L 201 -1.76 109.94 -0.42
N ALA L 202 -2.52 108.93 -0.88
CA ALA L 202 -2.53 107.62 -0.26
C ALA L 202 -1.18 106.95 -0.41
N THR L 203 -0.76 106.24 0.62
CA THR L 203 0.46 105.45 0.60
C THR L 203 0.06 104.08 1.05
N ASP L 204 -0.13 103.99 2.35
CA ASP L 204 -0.62 102.79 2.98
C ASP L 204 -1.84 102.37 2.23
N ALA L 205 -1.90 101.11 1.85
CA ALA L 205 -3.04 100.61 1.11
C ALA L 205 -4.30 100.85 1.92
N ALA L 206 -4.21 100.99 3.22
CA ALA L 206 -5.41 101.24 3.96
C ALA L 206 -6.10 102.51 3.43
N LYS L 207 -5.30 103.52 3.05
CA LYS L 207 -5.85 104.76 2.55
C LYS L 207 -6.31 104.54 1.14
N LEU L 208 -5.54 103.74 0.41
CA LEU L 208 -5.89 103.48 -0.96
C LEU L 208 -7.25 102.79 -0.99
N ASP L 209 -7.43 101.80 -0.13
CA ASP L 209 -8.66 101.05 -0.05
C ASP L 209 -9.80 101.98 0.24
N ALA L 210 -9.59 102.92 1.16
CA ALA L 210 -10.64 103.86 1.47
C ALA L 210 -11.03 104.70 0.28
N GLU L 211 -10.04 105.16 -0.49
CA GLU L 211 -10.36 105.97 -1.65
C GLU L 211 -11.08 105.13 -2.65
N ILE L 212 -10.67 103.88 -2.78
CA ILE L 212 -11.32 103.02 -3.70
C ILE L 212 -12.76 102.86 -3.29
N LYS L 213 -13.00 102.60 -2.01
CA LYS L 213 -14.37 102.44 -1.59
C LYS L 213 -15.20 103.63 -1.98
N LYS L 214 -14.66 104.83 -1.77
CA LYS L 214 -15.38 106.03 -2.12
C LYS L 214 -15.70 106.06 -3.59
N GLN L 215 -14.69 105.80 -4.42
CA GLN L 215 -14.91 105.84 -5.84
C GLN L 215 -15.87 104.77 -6.30
N MET L 216 -15.87 103.63 -5.65
CA MET L 216 -16.83 102.61 -6.02
C MET L 216 -18.23 103.10 -5.68
N GLU L 217 -18.42 103.67 -4.49
CA GLU L 217 -19.75 104.16 -4.11
C GLU L 217 -20.26 105.23 -5.03
N ALA L 218 -19.34 106.05 -5.51
CA ALA L 218 -19.66 107.14 -6.41
C ALA L 218 -19.86 106.67 -7.84
N GLY L 219 -19.59 105.40 -8.12
CA GLY L 219 -19.74 104.84 -9.43
C GLY L 219 -18.61 105.19 -10.39
N ALA L 220 -17.44 105.61 -9.90
CA ALA L 220 -16.36 105.97 -10.78
C ALA L 220 -15.79 104.72 -11.45
N LEU L 221 -15.78 103.63 -10.68
CA LEU L 221 -15.32 102.35 -11.16
C LEU L 221 -16.36 101.26 -10.83
N VAL L 222 -16.42 100.22 -11.66
CA VAL L 222 -17.39 99.14 -11.42
C VAL L 222 -16.86 97.72 -11.51
N GLU L 223 -17.31 96.86 -10.62
CA GLU L 223 -16.92 95.45 -10.62
C GLU L 223 -17.24 94.83 -11.97
N ILE L 224 -16.29 94.10 -12.52
CA ILE L 224 -16.47 93.48 -13.83
C ILE L 224 -15.72 92.17 -14.02
N ALA L 225 -16.27 91.30 -14.85
CA ALA L 225 -15.62 90.07 -15.24
C ALA L 225 -16.03 89.84 -16.67
N GLU L 226 -15.20 89.14 -17.42
CA GLU L 226 -15.47 88.89 -18.82
C GLU L 226 -14.73 87.65 -19.32
N GLY L 227 -15.38 86.89 -20.20
CA GLY L 227 -14.72 85.73 -20.79
C GLY L 227 -13.78 86.12 -21.92
N MET L 228 -13.10 85.13 -22.45
CA MET L 228 -12.12 85.27 -23.51
C MET L 228 -12.68 85.07 -24.91
N ALA L 229 -12.12 85.75 -25.89
CA ALA L 229 -12.54 85.50 -27.26
C ALA L 229 -12.17 84.07 -27.64
N THR L 230 -12.96 83.43 -28.47
CA THR L 230 -12.61 82.08 -28.89
C THR L 230 -11.33 82.18 -29.63
N SER L 231 -11.22 83.24 -30.42
CA SER L 231 -10.04 83.50 -31.24
C SER L 231 -8.75 83.58 -30.43
N ILE L 232 -8.85 83.74 -29.13
CA ILE L 232 -7.69 83.80 -28.30
C ILE L 232 -7.52 82.47 -27.59
N ALA L 233 -8.60 81.97 -26.99
CA ALA L 233 -8.55 80.72 -26.22
C ALA L 233 -8.11 79.56 -27.05
N GLU L 234 -8.63 79.55 -28.27
CA GLU L 234 -8.40 78.47 -29.27
C GLU L 234 -6.91 78.35 -29.64
N LEU L 235 -6.10 79.39 -29.42
CA LEU L 235 -4.72 79.22 -29.82
C LEU L 235 -3.74 79.44 -28.69
N GLN L 236 -4.17 79.13 -27.47
CA GLN L 236 -3.28 79.29 -26.33
C GLN L 236 -2.05 78.41 -26.52
N GLU L 237 -0.97 78.83 -25.87
CA GLU L 237 0.34 78.18 -25.87
C GLU L 237 0.98 78.06 -27.24
N GLY L 238 0.87 79.10 -28.05
CA GLY L 238 1.51 79.16 -29.35
C GLY L 238 0.94 78.31 -30.49
N PHE L 239 -0.36 78.10 -30.52
CA PHE L 239 -0.90 77.28 -31.58
C PHE L 239 -0.76 78.02 -32.91
N ASN L 240 -0.45 77.31 -33.98
CA ASN L 240 -0.35 77.87 -35.32
C ASN L 240 0.55 79.09 -35.46
N GLY L 241 1.68 79.08 -34.82
CA GLY L 241 2.66 80.16 -34.95
C GLY L 241 2.41 81.35 -34.04
N SER L 242 1.35 81.29 -33.27
CA SER L 242 1.07 82.36 -32.35
C SER L 242 2.03 82.17 -31.19
N THR L 243 2.11 83.14 -30.29
CA THR L 243 2.95 82.96 -29.11
C THR L 243 2.55 83.82 -27.94
N ASP L 244 3.32 83.70 -26.86
CA ASP L 244 3.16 84.48 -25.64
C ASP L 244 1.73 84.49 -25.13
N ASN L 245 1.08 83.35 -25.20
CA ASN L 245 -0.30 83.22 -24.79
C ASN L 245 -0.61 82.00 -23.93
N PRO L 246 0.04 81.85 -22.77
CA PRO L 246 -0.10 80.73 -21.87
C PRO L 246 -1.42 80.72 -21.15
N TRP L 247 -1.83 79.55 -20.68
CA TRP L 247 -3.02 79.42 -19.85
C TRP L 247 -2.75 79.87 -18.45
N ASN L 248 -3.80 80.24 -17.74
CA ASN L 248 -3.70 80.50 -16.32
C ASN L 248 -3.87 79.19 -15.54
N GLU L 249 -2.78 78.84 -14.84
CA GLU L 249 -2.59 77.59 -14.09
C GLU L 249 -3.01 77.58 -12.63
N MET L 250 -3.75 76.51 -12.27
CA MET L 250 -4.28 76.25 -10.94
C MET L 250 -3.97 74.85 -10.41
N GLY L 251 -3.50 74.76 -9.16
CA GLY L 251 -3.16 73.51 -8.50
C GLY L 251 -3.49 73.62 -7.01
N PHE L 252 -2.65 73.06 -6.16
CA PHE L 252 -2.88 73.14 -4.72
C PHE L 252 -1.62 73.03 -3.91
N ARG L 253 -1.73 73.41 -2.65
CA ARG L 253 -0.66 73.35 -1.67
C ARG L 253 -1.09 72.57 -0.45
N ILE L 254 -0.15 71.84 0.12
CA ILE L 254 -0.47 71.12 1.34
C ILE L 254 0.51 71.47 2.42
N ASP L 255 0.11 71.25 3.66
CA ASP L 255 0.99 71.53 4.78
C ASP L 255 0.65 70.72 6.02
N LYS L 256 1.46 70.91 7.07
CA LYS L 256 1.22 70.23 8.33
C LYS L 256 1.45 71.05 9.57
N GLN L 257 0.84 70.64 10.67
CA GLN L 257 1.20 71.25 11.92
C GLN L 257 1.45 70.15 12.93
N VAL L 258 1.87 70.54 14.13
CA VAL L 258 2.11 69.54 15.19
C VAL L 258 1.58 69.85 16.58
N ILE L 259 1.42 68.83 17.41
CA ILE L 259 0.99 69.04 18.80
C ILE L 259 1.91 68.35 19.79
N GLU L 260 1.72 68.68 21.07
CA GLU L 260 2.47 68.07 22.16
C GLU L 260 1.52 67.58 23.22
N ALA L 261 1.64 66.33 23.65
CA ALA L 261 0.70 65.80 24.63
C ALA L 261 1.06 66.19 26.05
N LYS L 262 0.91 67.46 26.36
CA LYS L 262 1.26 67.93 27.69
C LYS L 262 0.41 67.22 28.74
N SER L 263 1.07 66.80 29.82
CA SER L 263 0.47 66.01 30.91
C SER L 263 0.02 66.69 32.21
N ARG L 264 -0.68 65.90 33.01
CA ARG L 264 -1.07 66.34 34.34
C ARG L 264 -1.00 65.15 35.29
N GLN L 265 -0.63 65.41 36.53
CA GLN L 265 -0.64 64.36 37.55
C GLN L 265 -0.76 64.88 38.98
N LEU L 266 -1.61 64.21 39.75
CA LEU L 266 -1.80 64.52 41.18
C LEU L 266 -1.67 63.34 42.11
N LYS L 267 -1.22 63.62 43.34
CA LYS L 267 -1.06 62.63 44.41
C LYS L 267 -2.15 62.70 45.51
N ALA L 268 -2.58 61.52 46.00
CA ALA L 268 -3.57 61.42 47.10
C ALA L 268 -2.92 61.53 48.50
N ALA L 269 -1.74 60.93 48.69
CA ALA L 269 -0.98 61.02 49.95
C ALA L 269 -1.72 60.74 51.27
N TYR L 270 -2.25 59.53 51.49
CA TYR L 270 -3.00 59.42 52.75
C TYR L 270 -2.68 58.30 53.68
N SER L 271 -3.04 58.56 54.93
CA SER L 271 -2.94 57.65 56.05
C SER L 271 -3.93 56.51 56.08
N ILE L 272 -3.41 55.32 56.28
CA ILE L 272 -4.28 54.17 56.41
C ILE L 272 -5.18 54.26 57.60
N GLU L 273 -4.58 54.62 58.71
CA GLU L 273 -5.30 54.67 59.96
C GLU L 273 -6.40 55.70 59.88
N LEU L 274 -6.13 56.82 59.23
CA LEU L 274 -7.17 57.79 59.09
C LEU L 274 -8.33 57.23 58.34
N ALA L 275 -8.06 56.60 57.20
CA ALA L 275 -9.17 56.09 56.43
C ALA L 275 -9.98 55.09 57.24
N GLN L 276 -9.30 54.27 58.03
CA GLN L 276 -10.02 53.28 58.81
C GLN L 276 -10.94 53.97 59.79
N ASP L 277 -10.44 55.01 60.44
CA ASP L 277 -11.25 55.70 61.40
C ASP L 277 -12.42 56.39 60.74
N LEU L 278 -12.21 56.96 59.57
CA LEU L 278 -13.30 57.60 58.88
C LEU L 278 -14.44 56.66 58.59
N ARG L 279 -14.13 55.40 58.31
CA ARG L 279 -15.24 54.48 58.15
C ARG L 279 -15.95 54.36 59.47
N ALA L 280 -15.19 54.15 60.54
CA ALA L 280 -15.81 53.97 61.85
C ALA L 280 -16.64 55.18 62.30
N VAL L 281 -16.20 56.38 61.93
CA VAL L 281 -16.88 57.58 62.36
C VAL L 281 -18.00 58.02 61.43
N HIS L 282 -17.73 58.14 60.13
CA HIS L 282 -18.73 58.66 59.22
C HIS L 282 -19.23 57.71 58.14
N GLY L 283 -18.82 56.43 58.14
CA GLY L 283 -19.26 55.53 57.10
C GLY L 283 -18.51 55.75 55.78
N MET L 284 -17.37 56.40 55.85
CA MET L 284 -16.60 56.71 54.68
C MET L 284 -15.64 55.62 54.31
N ASP L 285 -15.24 55.54 53.06
CA ASP L 285 -14.18 54.62 52.73
C ASP L 285 -12.91 55.41 52.91
N ALA L 286 -13.05 56.71 52.64
CA ALA L 286 -12.03 57.73 52.75
C ALA L 286 -10.77 57.41 51.97
N ASP L 287 -10.98 56.88 50.81
CA ASP L 287 -9.93 56.53 49.90
C ASP L 287 -10.43 56.94 48.54
N ALA L 288 -11.45 56.26 48.06
CA ALA L 288 -12.09 56.59 46.81
C ALA L 288 -12.51 58.04 46.81
N GLU L 289 -12.89 58.58 47.95
CA GLU L 289 -13.27 59.96 48.05
C GLU L 289 -12.13 60.87 47.61
N LEU L 290 -10.90 60.48 47.92
CA LEU L 290 -9.75 61.28 47.57
C LEU L 290 -9.54 61.13 46.09
N SER L 291 -9.76 59.90 45.62
CA SER L 291 -9.57 59.58 44.23
C SER L 291 -10.50 60.45 43.41
N GLY L 292 -11.74 60.56 43.89
CA GLY L 292 -12.77 61.36 43.30
C GLY L 292 -12.31 62.78 43.21
N ILE L 293 -11.82 63.33 44.30
CA ILE L 293 -11.37 64.71 44.29
C ILE L 293 -10.29 64.93 43.29
N LEU L 294 -9.31 64.05 43.25
CA LEU L 294 -8.24 64.28 42.31
C LEU L 294 -8.71 64.20 40.88
N ALA L 295 -9.50 63.19 40.56
CA ALA L 295 -9.97 63.05 39.20
C ALA L 295 -10.81 64.24 38.84
N THR L 296 -11.60 64.70 39.80
CA THR L 296 -12.46 65.81 39.61
C THR L 296 -11.63 67.00 39.29
N GLU L 297 -10.59 67.23 40.10
CA GLU L 297 -9.66 68.38 39.94
C GLU L 297 -9.07 68.37 38.53
N ILE L 298 -8.71 67.20 38.00
CA ILE L 298 -8.13 67.19 36.66
C ILE L 298 -9.16 67.63 35.67
N MET L 299 -10.34 67.09 35.79
CA MET L 299 -11.38 67.47 34.88
C MET L 299 -11.75 68.93 35.03
N LEU L 300 -11.73 69.47 36.25
CA LEU L 300 -12.10 70.85 36.42
C LEU L 300 -11.09 71.71 35.70
N GLU L 301 -9.82 71.34 35.86
CA GLU L 301 -8.75 72.12 35.28
C GLU L 301 -8.84 72.12 33.79
N ILE L 302 -9.14 70.96 33.20
CA ILE L 302 -9.24 70.92 31.76
C ILE L 302 -10.43 71.72 31.33
N ASN L 303 -11.57 71.54 31.97
CA ASN L 303 -12.72 72.31 31.57
C ASN L 303 -12.35 73.78 31.49
N ARG L 304 -11.68 74.26 32.53
CA ARG L 304 -11.32 75.64 32.52
C ARG L 304 -10.31 75.93 31.44
N GLU L 305 -9.29 75.09 31.27
CA GLU L 305 -8.27 75.33 30.29
C GLU L 305 -8.87 75.52 28.92
N VAL L 306 -9.84 74.69 28.60
CA VAL L 306 -10.47 74.78 27.31
C VAL L 306 -11.13 76.13 27.15
N VAL L 307 -11.89 76.54 28.14
CA VAL L 307 -12.57 77.80 28.04
C VAL L 307 -11.57 78.93 27.91
N ASP L 308 -10.50 78.89 28.71
CA ASP L 308 -9.52 79.92 28.61
C ASP L 308 -8.90 79.99 27.24
N TRP L 309 -8.62 78.85 26.61
CA TRP L 309 -8.04 78.95 25.30
C TRP L 309 -9.03 79.57 24.34
N ILE L 310 -10.30 79.30 24.54
CA ILE L 310 -11.27 79.90 23.68
C ILE L 310 -11.23 81.39 23.84
N ASN L 311 -11.29 81.87 25.06
CA ASN L 311 -11.28 83.31 25.22
C ASN L 311 -9.96 83.94 24.83
N TYR L 312 -8.87 83.21 25.05
CA TYR L 312 -7.52 83.65 24.74
C TYR L 312 -7.45 83.95 23.28
N SER L 313 -7.88 82.98 22.52
CA SER L 313 -7.79 83.07 21.11
C SER L 313 -8.91 83.78 20.39
N ALA L 314 -10.06 84.01 20.99
CA ALA L 314 -11.15 84.62 20.23
C ALA L 314 -10.77 85.99 19.70
N GLN L 315 -11.24 86.30 18.49
CA GLN L 315 -10.99 87.60 17.91
C GLN L 315 -12.01 88.51 18.55
N VAL L 316 -11.77 89.80 18.56
CA VAL L 316 -12.77 90.67 19.17
C VAL L 316 -13.96 90.88 18.24
N GLY L 317 -15.14 90.88 18.81
CA GLY L 317 -16.37 91.14 18.07
C GLY L 317 -16.56 92.63 18.06
N LYS L 318 -17.73 93.13 17.64
CA LYS L 318 -17.93 94.58 17.60
C LYS L 318 -16.74 95.20 16.90
N SER L 319 -16.45 94.66 15.74
CA SER L 319 -15.28 95.03 14.99
C SER L 319 -15.47 94.75 13.52
N GLY L 320 -14.76 95.47 12.67
CA GLY L 320 -14.80 95.14 11.27
C GLY L 320 -16.21 95.18 10.72
N MET L 321 -16.60 94.07 10.14
CA MET L 321 -17.89 93.89 9.50
C MET L 321 -19.07 94.00 10.46
N THR L 322 -18.80 93.84 11.74
CA THR L 322 -19.84 93.88 12.75
C THR L 322 -19.79 95.15 13.56
N LEU L 323 -19.00 96.12 13.10
CA LEU L 323 -18.86 97.38 13.82
C LEU L 323 -19.73 98.50 13.30
N THR L 324 -20.28 99.25 14.24
CA THR L 324 -21.04 100.43 13.95
C THR L 324 -20.19 101.60 14.42
N PRO L 325 -20.39 102.81 13.90
CA PRO L 325 -19.64 104.00 14.25
C PRO L 325 -20.04 104.56 15.59
N GLY L 326 -19.73 103.81 16.63
CA GLY L 326 -20.07 104.16 17.99
C GLY L 326 -19.53 103.06 18.88
N SER L 327 -19.08 101.99 18.25
CA SER L 327 -18.50 100.82 18.94
C SER L 327 -17.29 101.17 19.76
N LYS L 328 -17.10 100.47 20.88
CA LYS L 328 -15.93 100.72 21.69
C LYS L 328 -14.85 99.66 21.45
N ALA L 329 -14.97 98.95 20.30
CA ALA L 329 -14.00 97.95 19.83
C ALA L 329 -13.95 96.70 20.68
N GLY L 330 -14.88 95.80 20.43
CA GLY L 330 -15.03 94.58 21.23
C GLY L 330 -15.89 94.85 22.44
N VAL L 331 -16.40 96.05 22.51
CA VAL L 331 -17.23 96.47 23.62
C VAL L 331 -18.59 96.99 23.20
N PHE L 332 -19.59 96.39 23.83
CA PHE L 332 -21.01 96.71 23.68
C PHE L 332 -21.42 97.44 24.94
N ASP L 333 -22.21 98.49 24.81
CA ASP L 333 -22.58 99.27 25.99
C ASP L 333 -24.06 99.57 26.03
N PHE L 334 -24.72 99.02 27.02
CA PHE L 334 -26.15 99.15 27.20
C PHE L 334 -26.60 100.58 27.47
N GLN L 335 -25.68 101.47 27.77
CA GLN L 335 -26.02 102.85 28.00
C GLN L 335 -25.71 103.70 26.76
N ASP L 336 -25.20 103.08 25.70
CA ASP L 336 -24.83 103.77 24.48
C ASP L 336 -25.99 103.74 23.46
N PRO L 337 -26.57 104.89 23.07
CA PRO L 337 -27.74 105.03 22.23
C PRO L 337 -27.56 104.44 20.84
N ILE L 338 -26.31 104.22 20.42
CA ILE L 338 -26.12 103.66 19.11
C ILE L 338 -26.40 102.19 19.19
N ASP L 339 -25.77 101.49 20.13
CA ASP L 339 -26.00 100.07 20.25
C ASP L 339 -27.44 99.74 20.51
N ILE L 340 -28.09 100.57 21.30
CA ILE L 340 -29.45 100.25 21.67
C ILE L 340 -30.50 100.90 20.81
N ARG L 341 -30.10 101.50 19.72
CA ARG L 341 -31.06 102.10 18.81
C ARG L 341 -32.05 103.04 19.51
N GLY L 342 -31.53 103.86 20.41
CA GLY L 342 -32.34 104.85 21.13
C GLY L 342 -33.35 104.27 22.12
N ALA L 343 -33.14 103.05 22.58
CA ALA L 343 -34.12 102.41 23.43
C ALA L 343 -34.50 103.11 24.74
N ARG L 344 -35.78 102.89 25.06
CA ARG L 344 -36.53 103.19 26.28
C ARG L 344 -36.18 101.96 27.12
N TRP L 345 -37.04 101.47 28.01
CA TRP L 345 -36.59 100.33 28.80
C TRP L 345 -35.82 99.32 27.96
N ALA L 346 -34.84 98.75 28.67
CA ALA L 346 -33.82 97.83 28.19
C ALA L 346 -34.30 96.64 27.47
N GLY L 347 -35.55 96.28 27.53
CA GLY L 347 -35.92 95.11 26.78
C GLY L 347 -35.47 95.26 25.33
N GLU L 348 -35.56 96.47 24.78
CA GLU L 348 -35.15 96.71 23.36
C GLU L 348 -33.62 96.57 23.24
N SER L 349 -32.91 96.87 24.34
CA SER L 349 -31.47 96.80 24.43
C SER L 349 -31.05 95.36 24.52
N PHE L 350 -31.84 94.57 25.20
CA PHE L 350 -31.58 93.18 25.34
C PHE L 350 -31.74 92.60 23.95
N LYS L 351 -32.76 93.03 23.22
CA LYS L 351 -32.93 92.51 21.88
C LYS L 351 -31.77 93.00 21.01
N ALA L 352 -31.29 94.22 21.27
CA ALA L 352 -30.19 94.78 20.51
C ALA L 352 -28.97 93.92 20.71
N LEU L 353 -28.78 93.44 21.92
CA LEU L 353 -27.66 92.58 22.16
C LEU L 353 -27.86 91.31 21.39
N LEU L 354 -29.08 90.77 21.40
CA LEU L 354 -29.31 89.53 20.67
C LEU L 354 -28.99 89.74 19.21
N PHE L 355 -29.37 90.89 18.69
CA PHE L 355 -29.10 91.22 17.32
C PHE L 355 -27.60 91.19 17.09
N GLN L 356 -26.84 91.85 17.95
CA GLN L 356 -25.41 91.86 17.79
C GLN L 356 -24.82 90.47 17.92
N ILE L 357 -25.36 89.65 18.78
CA ILE L 357 -24.89 88.29 18.93
C ILE L 357 -25.05 87.57 17.64
N ASP L 358 -26.22 87.74 17.05
CA ASP L 358 -26.52 87.08 15.82
C ASP L 358 -25.58 87.64 14.73
N LYS L 359 -25.29 88.94 14.75
CA LYS L 359 -24.35 89.48 13.76
C LYS L 359 -22.99 88.82 13.88
N GLU L 360 -22.54 88.61 15.10
CA GLU L 360 -21.25 87.99 15.28
C GLU L 360 -21.27 86.57 14.78
N ALA L 361 -22.37 85.85 15.02
CA ALA L 361 -22.45 84.46 14.57
C ALA L 361 -22.30 84.39 13.07
N VAL L 362 -22.88 85.37 12.41
CA VAL L 362 -22.84 85.50 10.98
C VAL L 362 -21.44 85.74 10.52
N GLU L 363 -20.75 86.65 11.17
CA GLU L 363 -19.39 86.91 10.78
C GLU L 363 -18.54 85.67 10.99
N ILE L 364 -18.81 84.92 12.03
CA ILE L 364 -18.04 83.73 12.24
C ILE L 364 -18.20 82.84 11.03
N ALA L 365 -19.41 82.64 10.54
CA ALA L 365 -19.50 81.80 9.35
C ALA L 365 -18.67 82.39 8.21
N ARG L 366 -18.79 83.71 8.05
CA ARG L 366 -18.05 84.44 6.98
C ARG L 366 -16.54 84.19 7.10
N GLN L 367 -16.04 84.05 8.33
CA GLN L 367 -14.65 83.82 8.57
C GLN L 367 -14.19 82.38 8.60
N THR L 368 -15.07 81.39 8.48
CA THR L 368 -14.55 80.02 8.55
C THR L 368 -14.97 79.18 7.37
N GLY L 369 -16.13 79.47 6.79
CA GLY L 369 -16.62 78.66 5.70
C GLY L 369 -17.23 77.36 6.19
N ARG L 370 -17.40 77.22 7.50
CA ARG L 370 -17.92 75.99 8.04
C ARG L 370 -19.23 76.08 8.79
N GLY L 371 -19.79 77.28 8.94
CA GLY L 371 -21.07 77.47 9.63
C GLY L 371 -21.09 78.61 10.65
N GLU L 372 -22.29 79.13 10.85
CA GLU L 372 -22.54 80.23 11.80
C GLU L 372 -22.35 79.78 13.19
N GLY L 373 -21.92 80.71 14.03
CA GLY L 373 -21.74 80.40 15.43
C GLY L 373 -22.95 79.63 15.91
N ASN L 374 -22.72 78.63 16.75
CA ASN L 374 -23.80 77.81 17.22
C ASN L 374 -23.79 77.60 18.72
N PHE L 375 -22.92 78.33 19.40
CA PHE L 375 -22.87 78.32 20.84
C PHE L 375 -22.31 79.59 21.40
N ILE L 376 -22.64 79.83 22.66
CA ILE L 376 -22.17 81.00 23.35
C ILE L 376 -21.70 80.69 24.77
N ILE L 377 -20.58 81.26 25.16
CA ILE L 377 -20.15 81.16 26.56
C ILE L 377 -20.29 82.53 27.15
N ALA L 378 -20.99 82.65 28.27
CA ALA L 378 -21.19 83.99 28.79
C ALA L 378 -21.37 84.08 30.28
N SER L 379 -21.25 85.30 30.78
CA SER L 379 -21.53 85.59 32.17
C SER L 379 -22.96 85.27 32.54
N ARG L 380 -23.17 84.99 33.81
CA ARG L 380 -24.50 84.74 34.33
C ARG L 380 -25.38 85.92 33.99
N ASN L 381 -24.83 87.12 34.04
CA ASN L 381 -25.56 88.33 33.78
C ASN L 381 -26.06 88.47 32.36
N VAL L 382 -25.46 87.73 31.44
CA VAL L 382 -25.92 87.77 30.08
C VAL L 382 -27.14 86.88 30.07
N VAL L 383 -27.01 85.71 30.65
CA VAL L 383 -28.13 84.81 30.68
C VAL L 383 -29.31 85.45 31.38
N ASN L 384 -29.03 86.20 32.44
CA ASN L 384 -30.03 86.87 33.24
C ASN L 384 -30.91 87.80 32.41
N VAL L 385 -30.43 88.23 31.26
CA VAL L 385 -31.24 89.06 30.42
C VAL L 385 -31.79 88.22 29.30
N LEU L 386 -31.02 87.27 28.78
CA LEU L 386 -31.51 86.49 27.66
C LEU L 386 -32.78 85.76 28.07
N ALA L 387 -32.79 85.26 29.29
CA ALA L 387 -33.89 84.46 29.80
C ALA L 387 -35.09 85.30 30.22
N SER L 388 -34.92 86.61 30.23
CA SER L 388 -35.92 87.56 30.67
C SER L 388 -36.68 88.18 29.54
N VAL L 389 -36.33 87.83 28.30
CA VAL L 389 -37.02 88.44 27.19
C VAL L 389 -37.46 87.45 26.14
N ASP L 390 -38.36 87.87 25.29
CA ASP L 390 -38.63 87.03 24.16
C ASP L 390 -37.34 87.01 23.40
N THR L 391 -36.97 85.90 22.80
CA THR L 391 -35.78 85.91 21.97
C THR L 391 -36.19 85.81 20.51
N GLY L 392 -37.48 85.60 20.33
CA GLY L 392 -38.03 85.45 19.00
C GLY L 392 -38.32 86.84 18.47
N ILE L 393 -38.93 86.90 17.31
CA ILE L 393 -39.21 88.17 16.69
C ILE L 393 -40.54 88.64 17.20
N SER L 394 -40.52 89.62 18.06
CA SER L 394 -41.74 90.06 18.71
C SER L 394 -41.71 91.53 18.98
N TYR L 395 -42.87 92.06 19.33
CA TYR L 395 -43.01 93.49 19.52
C TYR L 395 -42.05 94.09 20.50
N ALA L 396 -42.10 93.61 21.73
CA ALA L 396 -41.22 94.04 22.79
C ALA L 396 -41.63 93.31 24.02
N ALA L 397 -40.73 92.76 24.80
CA ALA L 397 -41.22 92.19 26.05
C ALA L 397 -40.11 91.91 27.03
N GLN L 398 -40.44 91.92 28.31
CA GLN L 398 -39.51 91.48 29.34
C GLN L 398 -40.27 91.02 30.56
N GLY L 399 -39.61 90.22 31.40
CA GLY L 399 -40.22 89.77 32.66
C GLY L 399 -39.25 88.96 33.50
N LEU L 400 -39.78 88.24 34.48
CA LEU L 400 -38.97 87.43 35.36
C LEU L 400 -38.34 86.35 34.49
N ALA L 401 -37.06 86.08 34.63
CA ALA L 401 -36.41 85.08 33.80
C ALA L 401 -37.01 83.69 33.93
N THR L 402 -37.27 83.05 32.78
CA THR L 402 -37.78 81.68 32.75
C THR L 402 -37.13 80.95 31.62
N GLY L 403 -36.63 81.74 30.69
CA GLY L 403 -36.17 81.24 29.40
C GLY L 403 -35.13 80.15 29.46
N PHE L 404 -34.04 80.41 30.15
CA PHE L 404 -32.95 79.47 30.19
C PHE L 404 -32.57 79.31 31.63
N SER L 405 -31.97 78.20 32.01
CA SER L 405 -31.54 78.11 33.38
C SER L 405 -30.34 78.97 33.63
N THR L 406 -30.36 79.67 34.73
CA THR L 406 -29.24 80.51 35.12
C THR L 406 -28.58 79.91 36.35
N ASP L 407 -29.14 78.82 36.83
CA ASP L 407 -28.65 78.21 38.04
C ASP L 407 -27.53 77.20 37.76
N THR L 408 -26.30 77.61 38.08
CA THR L 408 -25.11 76.85 37.79
C THR L 408 -25.00 75.63 38.69
N THR L 409 -25.91 75.53 39.64
CA THR L 409 -25.99 74.42 40.54
C THR L 409 -26.34 73.18 39.74
N LYS L 410 -27.32 73.33 38.84
CA LYS L 410 -27.85 72.17 38.07
C LYS L 410 -27.09 71.99 36.75
N SER L 411 -26.54 73.06 36.17
CA SER L 411 -25.85 72.91 34.91
C SER L 411 -24.92 74.02 34.63
N VAL L 412 -24.48 74.07 33.39
CA VAL L 412 -23.62 75.10 32.90
C VAL L 412 -24.38 75.60 31.73
N PHE L 413 -25.08 74.64 31.14
CA PHE L 413 -25.83 74.88 29.95
C PHE L 413 -27.15 75.46 30.34
N ALA L 414 -27.42 76.66 29.85
CA ALA L 414 -28.63 77.35 30.21
C ALA L 414 -29.77 76.90 29.34
N GLY L 415 -29.46 76.69 28.08
CA GLY L 415 -30.47 76.30 27.11
C GLY L 415 -30.09 76.77 25.73
N VAL L 416 -31.00 76.62 24.77
CA VAL L 416 -30.65 77.04 23.42
C VAL L 416 -31.33 78.37 23.10
N LEU L 417 -30.53 79.37 22.86
CA LEU L 417 -31.00 80.70 22.66
C LEU L 417 -31.68 80.88 21.34
N GLY L 418 -32.98 81.06 21.42
CA GLY L 418 -33.82 81.25 20.26
C GLY L 418 -33.96 79.98 19.47
N GLY L 419 -33.49 78.87 20.03
CA GLY L 419 -33.48 77.64 19.28
C GLY L 419 -32.28 77.65 18.33
N LYS L 420 -31.44 78.70 18.41
CA LYS L 420 -30.32 78.83 17.52
C LYS L 420 -28.95 78.60 18.17
N TYR L 421 -28.72 79.12 19.37
CA TYR L 421 -27.33 78.97 19.90
C TYR L 421 -27.31 78.25 21.25
N ARG L 422 -26.39 77.29 21.42
CA ARG L 422 -26.26 76.57 22.72
C ARG L 422 -25.52 77.50 23.68
N VAL L 423 -26.23 78.07 24.67
CA VAL L 423 -25.60 79.01 25.56
C VAL L 423 -25.33 78.40 26.93
N TYR L 424 -24.08 78.61 27.32
CA TYR L 424 -23.46 78.14 28.54
C TYR L 424 -22.95 79.27 29.39
N ILE L 425 -22.86 79.03 30.69
CA ILE L 425 -22.37 80.01 31.61
C ILE L 425 -20.95 79.83 32.09
N ASP L 426 -20.15 80.88 31.96
CA ASP L 426 -18.81 80.83 32.52
C ASP L 426 -18.97 81.23 33.95
N GLN L 427 -18.96 80.28 34.85
CA GLN L 427 -19.26 80.58 36.23
C GLN L 427 -18.15 81.40 36.84
N TYR L 428 -17.01 81.46 36.16
CA TYR L 428 -15.87 82.18 36.62
C TYR L 428 -15.55 83.42 35.81
N ALA L 429 -16.51 83.93 35.06
CA ALA L 429 -16.21 85.13 34.27
C ALA L 429 -15.61 86.19 35.18
N LYS L 430 -14.54 86.83 34.73
CA LYS L 430 -13.93 87.85 35.58
C LYS L 430 -14.77 89.08 35.73
N GLN L 431 -15.41 89.53 34.66
CA GLN L 431 -16.24 90.72 34.82
C GLN L 431 -17.61 90.53 34.21
N ASP L 432 -17.71 90.56 32.87
CA ASP L 432 -18.99 90.35 32.21
C ASP L 432 -18.79 90.39 30.70
N TYR L 433 -18.99 89.26 30.04
CA TYR L 433 -18.72 89.17 28.61
C TYR L 433 -19.49 88.01 28.03
N PHE L 434 -19.40 87.84 26.71
CA PHE L 434 -20.06 86.72 25.99
C PHE L 434 -19.28 86.40 24.70
N THR L 435 -18.87 85.14 24.53
CA THR L 435 -18.13 84.74 23.33
C THR L 435 -18.98 83.84 22.48
N VAL L 436 -19.08 84.19 21.21
CA VAL L 436 -19.87 83.42 20.28
C VAL L 436 -18.93 82.56 19.49
N GLY L 437 -19.26 81.30 19.31
CA GLY L 437 -18.36 80.46 18.53
C GLY L 437 -19.06 79.38 17.73
N TYR L 438 -18.27 78.72 16.89
CA TYR L 438 -18.78 77.65 16.04
C TYR L 438 -18.04 76.35 16.08
N LYS L 439 -18.78 75.26 16.19
CA LYS L 439 -18.18 73.94 16.06
C LYS L 439 -19.06 73.12 15.14
N GLY L 440 -18.46 72.56 14.08
CA GLY L 440 -19.27 71.79 13.15
C GLY L 440 -19.35 70.33 13.56
N PRO L 441 -20.17 69.52 12.87
CA PRO L 441 -20.37 68.10 13.09
C PRO L 441 -19.09 67.33 12.84
N ASN L 442 -18.23 67.93 12.05
CA ASN L 442 -16.97 67.37 11.74
C ASN L 442 -16.01 67.97 12.70
N GLU L 443 -15.51 67.18 13.61
CA GLU L 443 -14.67 67.68 14.67
C GLU L 443 -13.41 68.37 14.19
N MET L 444 -12.99 68.12 12.96
CA MET L 444 -11.82 68.80 12.47
C MET L 444 -12.14 70.28 12.33
N ASP L 445 -13.40 70.59 12.01
CA ASP L 445 -13.85 71.93 11.76
C ASP L 445 -14.35 72.50 13.08
N ALA L 446 -13.43 72.60 14.03
CA ALA L 446 -13.77 73.03 15.37
C ALA L 446 -13.03 74.26 15.86
N GLY L 447 -11.97 74.67 15.20
CA GLY L 447 -11.19 75.77 15.74
C GLY L 447 -10.22 75.29 16.85
N ILE L 448 -10.81 74.82 17.93
CA ILE L 448 -10.12 74.29 19.09
C ILE L 448 -10.51 72.86 19.38
N TYR L 449 -9.50 72.02 19.61
CA TYR L 449 -9.79 70.57 19.84
C TYR L 449 -8.88 69.97 20.92
N TYR L 450 -9.46 69.00 21.65
CA TYR L 450 -8.79 68.22 22.72
C TYR L 450 -8.57 66.80 22.20
N ALA L 451 -7.30 66.44 21.98
CA ALA L 451 -6.93 65.15 21.43
C ALA L 451 -6.07 64.36 22.38
N PRO L 452 -6.65 63.75 23.43
CA PRO L 452 -5.95 63.09 24.49
C PRO L 452 -5.29 61.85 24.01
N TYR L 453 -4.20 61.48 24.71
CA TYR L 453 -3.45 60.22 24.45
C TYR L 453 -3.67 59.30 25.65
N VAL L 454 -3.64 59.90 26.85
CA VAL L 454 -3.87 59.24 28.13
C VAL L 454 -4.81 60.09 28.95
N ALA L 455 -5.81 59.51 29.62
CA ALA L 455 -6.63 60.37 30.46
C ALA L 455 -7.21 59.67 31.66
N LEU L 456 -7.23 60.43 32.77
CA LEU L 456 -7.82 60.03 34.03
C LEU L 456 -7.42 58.63 34.42
N THR L 457 -6.16 58.32 34.20
CA THR L 457 -5.67 57.01 34.50
C THR L 457 -5.21 56.98 35.93
N PRO L 458 -5.73 56.09 36.78
CA PRO L 458 -5.37 55.99 38.16
C PRO L 458 -4.01 55.36 38.32
N LEU L 459 -3.37 55.69 39.41
CA LEU L 459 -2.15 55.07 39.85
C LEU L 459 -2.43 54.54 41.22
N ARG L 460 -1.83 53.38 41.55
CA ARG L 460 -2.02 52.75 42.89
C ARG L 460 -0.73 52.03 43.29
N GLY L 461 -0.34 52.14 44.57
CA GLY L 461 0.85 51.49 45.09
C GLY L 461 0.99 51.77 46.57
N SER L 462 2.23 51.72 47.05
CA SER L 462 2.52 52.00 48.44
C SER L 462 4.00 52.35 48.60
N ASP L 463 4.32 53.07 49.68
CA ASP L 463 5.69 53.35 50.04
C ASP L 463 6.13 52.20 50.94
N PRO L 464 7.03 51.33 50.47
CA PRO L 464 7.46 50.09 51.08
C PRO L 464 8.06 50.26 52.44
N LYS L 465 8.51 51.46 52.75
CA LYS L 465 9.10 51.64 54.05
C LYS L 465 8.07 51.41 55.14
N ASN L 466 6.85 51.86 54.90
CA ASN L 466 5.77 51.79 55.87
C ASN L 466 4.47 51.30 55.31
N PHE L 467 4.48 50.90 54.05
CA PHE L 467 3.32 50.39 53.35
C PHE L 467 2.18 51.41 53.38
N GLN L 468 2.51 52.68 53.24
CA GLN L 468 1.43 53.65 53.19
C GLN L 468 1.06 53.75 51.74
N PRO L 469 -0.21 53.91 51.40
CA PRO L 469 -0.70 53.90 50.06
C PRO L 469 -0.24 55.03 49.19
N VAL L 470 -0.16 54.69 47.93
CA VAL L 470 0.10 55.57 46.83
C VAL L 470 -1.10 55.48 45.96
N MET L 471 -1.61 56.62 45.63
CA MET L 471 -2.76 56.73 44.79
C MET L 471 -2.70 58.06 44.13
N GLY L 472 -3.17 58.11 42.89
CA GLY L 472 -3.22 59.35 42.14
C GLY L 472 -3.75 59.15 40.73
N PHE L 473 -3.72 60.20 39.92
CA PHE L 473 -4.27 60.09 38.54
C PHE L 473 -3.44 60.92 37.57
N LYS L 474 -3.32 60.43 36.34
CA LYS L 474 -2.58 61.10 35.28
C LYS L 474 -3.28 61.19 33.93
N THR L 475 -2.81 62.15 33.15
CA THR L 475 -3.22 62.38 31.77
C THR L 475 -2.11 62.93 30.90
N ARG L 476 -2.18 62.65 29.60
CA ARG L 476 -1.27 63.15 28.58
C ARG L 476 -2.14 63.59 27.42
N TYR L 477 -2.27 64.89 27.20
CA TYR L 477 -3.22 65.28 26.18
C TYR L 477 -2.85 66.49 25.35
N GLY L 478 -2.35 67.54 25.97
CA GLY L 478 -2.10 68.76 25.21
C GLY L 478 -3.38 69.37 24.65
N ILE L 479 -3.23 70.28 23.71
CA ILE L 479 -4.41 70.90 23.11
C ILE L 479 -3.98 71.47 21.78
N GLY L 480 -4.85 71.45 20.78
CA GLY L 480 -4.44 72.02 19.51
C GLY L 480 -5.44 72.98 18.89
N ILE L 481 -4.95 73.67 17.86
CA ILE L 481 -5.74 74.59 17.08
C ILE L 481 -5.75 74.30 15.59
N ASN L 482 -6.81 74.76 14.98
CA ASN L 482 -7.16 74.61 13.59
C ASN L 482 -6.37 75.39 12.54
N PRO L 483 -5.83 74.73 11.52
CA PRO L 483 -5.17 75.38 10.45
C PRO L 483 -6.28 76.10 9.81
N PHE L 484 -5.98 77.24 9.25
CA PHE L 484 -6.95 78.11 8.59
C PHE L 484 -7.83 78.83 9.60
N ALA L 485 -7.59 78.66 10.90
CA ALA L 485 -8.26 79.49 11.86
C ALA L 485 -7.60 80.81 11.66
N GLU L 486 -8.21 81.89 12.08
CA GLU L 486 -7.69 83.26 11.90
C GLU L 486 -7.92 83.78 10.51
N SER L 487 -7.49 82.99 9.55
CA SER L 487 -7.54 83.30 8.15
C SER L 487 -6.73 84.52 7.82
N ALA L 488 -7.29 85.35 6.97
CA ALA L 488 -6.64 86.56 6.45
C ALA L 488 -5.32 86.28 5.75
N ALA L 489 -5.08 85.06 5.32
CA ALA L 489 -3.87 84.73 4.60
C ALA L 489 -4.07 83.55 3.72
N GLN L 490 -3.29 83.51 2.66
CA GLN L 490 -3.36 82.44 1.71
C GLN L 490 -2.28 81.38 1.93
N ALA L 491 -1.50 81.51 2.98
CA ALA L 491 -0.44 80.53 3.19
C ALA L 491 0.01 80.43 4.64
N PRO L 492 0.51 79.26 5.07
CA PRO L 492 1.16 78.98 6.33
C PRO L 492 2.58 79.48 6.30
N ALA L 493 3.18 79.61 7.45
CA ALA L 493 4.60 79.90 7.49
C ALA L 493 5.41 78.61 7.44
N SER L 494 6.52 78.65 6.71
CA SER L 494 7.53 77.58 6.58
C SER L 494 7.02 76.20 6.19
N ARG L 495 5.80 76.13 5.66
CA ARG L 495 5.12 74.90 5.24
C ARG L 495 4.82 73.94 6.42
N ILE L 496 5.14 74.38 7.65
CA ILE L 496 4.89 73.63 8.85
C ILE L 496 4.93 74.52 10.07
N GLN L 497 3.94 74.36 10.92
CA GLN L 497 3.86 75.17 12.14
C GLN L 497 3.42 74.42 13.36
N SER L 498 3.80 74.90 14.53
CA SER L 498 3.22 74.29 15.69
C SER L 498 1.72 74.47 15.64
N GLY L 499 0.99 73.41 15.93
CA GLY L 499 -0.46 73.39 15.99
C GLY L 499 -0.91 73.62 17.43
N MET L 500 0.06 73.74 18.31
CA MET L 500 -0.22 73.95 19.70
C MET L 500 -0.37 75.45 19.82
N PRO L 501 -1.40 75.98 20.45
CA PRO L 501 -1.59 77.39 20.55
C PRO L 501 -0.47 78.02 21.33
N SER L 502 -0.12 79.19 20.87
CA SER L 502 0.89 80.07 21.43
C SER L 502 0.48 81.48 21.18
N ILE L 503 1.37 82.41 21.41
CA ILE L 503 0.92 83.76 21.22
C ILE L 503 0.76 84.10 19.76
N LEU L 504 1.79 83.84 19.01
CA LEU L 504 1.83 84.32 17.65
C LEU L 504 0.98 83.54 16.70
N ASN L 505 0.36 82.48 17.16
CA ASN L 505 -0.49 81.74 16.29
C ASN L 505 -1.91 81.71 16.84
N SER L 506 -2.17 82.38 17.97
CA SER L 506 -3.53 82.30 18.45
C SER L 506 -4.04 83.47 19.28
N LEU L 507 -3.20 84.35 19.81
CA LEU L 507 -3.76 85.31 20.75
C LEU L 507 -4.60 86.36 20.07
N GLY L 508 -5.90 86.32 20.33
CA GLY L 508 -6.84 87.22 19.70
C GLY L 508 -7.05 86.91 18.22
N LYS L 509 -6.63 85.72 17.79
CA LYS L 509 -6.65 85.34 16.39
C LYS L 509 -7.62 84.29 15.87
N ASN L 510 -8.25 83.49 16.69
CA ASN L 510 -9.02 82.35 16.16
C ASN L 510 -10.38 82.69 15.55
N ALA L 511 -10.50 82.48 14.23
CA ALA L 511 -11.68 82.80 13.41
C ALA L 511 -12.98 82.12 13.85
N TYR L 512 -12.89 81.06 14.61
CA TYR L 512 -14.08 80.35 15.02
C TYR L 512 -14.77 80.96 16.21
N PHE L 513 -14.15 81.99 16.82
CA PHE L 513 -14.75 82.58 18.01
C PHE L 513 -14.68 84.09 18.00
N ARG L 514 -15.71 84.77 18.52
CA ARG L 514 -15.64 86.23 18.65
C ARG L 514 -16.12 86.67 20.02
N ARG L 515 -15.30 87.48 20.67
CA ARG L 515 -15.61 87.90 22.02
C ARG L 515 -16.00 89.35 22.16
N VAL L 516 -17.04 89.59 22.96
CA VAL L 516 -17.53 90.92 23.27
C VAL L 516 -17.69 91.16 24.76
N TYR L 517 -17.16 92.28 25.23
CA TYR L 517 -17.31 92.66 26.62
C TYR L 517 -18.55 93.50 26.71
N VAL L 518 -19.29 93.34 27.79
CA VAL L 518 -20.48 94.16 27.92
C VAL L 518 -20.45 95.10 29.10
N LYS L 519 -20.75 96.35 28.83
CA LYS L 519 -20.81 97.39 29.82
C LYS L 519 -22.21 97.95 29.88
N GLY L 520 -22.51 98.69 30.94
CA GLY L 520 -23.84 99.28 31.05
C GLY L 520 -24.84 98.26 31.55
N ILE L 521 -24.31 97.18 32.08
CA ILE L 521 -25.03 96.03 32.56
C ILE L 521 -24.16 95.33 33.57
N ALA M 66 -15.49 -41.92 164.19
CA ALA M 66 -14.68 -40.82 163.70
C ALA M 66 -13.24 -41.20 163.88
N GLU M 67 -13.02 -42.48 164.05
CA GLU M 67 -11.69 -43.07 164.16
C GLU M 67 -10.89 -42.83 162.89
N ILE M 68 -9.59 -42.57 163.03
CA ILE M 68 -8.73 -42.32 161.87
C ILE M 68 -7.77 -43.45 161.56
N GLY M 69 -7.88 -43.98 160.34
CA GLY M 69 -7.05 -45.08 159.85
C GLY M 69 -5.77 -44.58 159.18
N GLY M 70 -5.60 -43.27 159.16
CA GLY M 70 -4.45 -42.65 158.56
C GLY M 70 -4.73 -41.96 157.25
N ASP M 71 -3.83 -41.07 156.92
CA ASP M 71 -3.83 -40.25 155.73
C ASP M 71 -2.41 -40.10 155.22
N HIS M 72 -2.15 -39.09 154.39
CA HIS M 72 -0.84 -38.95 153.79
C HIS M 72 -0.25 -37.57 154.03
N GLY M 73 1.07 -37.49 153.93
CA GLY M 73 1.82 -36.24 154.15
C GLY M 73 1.97 -35.35 152.92
N TYR M 74 1.13 -35.56 151.90
CA TYR M 74 1.19 -34.82 150.63
C TYR M 74 2.56 -35.07 149.95
N ASN M 75 3.11 -36.21 150.30
CA ASN M 75 4.39 -36.70 149.86
C ASN M 75 4.24 -37.96 149.06
N ALA M 76 4.54 -37.85 147.77
CA ALA M 76 4.38 -38.90 146.78
C ALA M 76 5.07 -40.18 147.18
N THR M 77 6.14 -40.03 147.95
CA THR M 77 6.94 -41.14 148.42
C THR M 77 6.04 -42.20 149.00
N ASN M 78 5.05 -41.76 149.76
CA ASN M 78 4.15 -42.66 150.43
C ASN M 78 2.82 -42.77 149.70
N ILE M 79 2.37 -41.67 149.10
CA ILE M 79 1.04 -41.68 148.50
C ILE M 79 0.96 -42.71 147.41
N ALA M 80 1.98 -42.76 146.60
CA ALA M 80 2.01 -43.62 145.44
C ALA M 80 1.79 -45.09 145.74
N ALA M 81 2.16 -45.55 146.93
CA ALA M 81 2.01 -46.96 147.23
C ALA M 81 0.96 -47.19 148.30
N GLY M 82 0.19 -46.16 148.62
CA GLY M 82 -0.84 -46.31 149.65
C GLY M 82 -0.31 -46.33 151.08
N GLN M 83 0.89 -45.80 151.35
CA GLN M 83 1.37 -45.86 152.72
C GLN M 83 0.84 -44.70 153.54
N THR M 84 -0.01 -45.04 154.49
CA THR M 84 -0.67 -44.05 155.31
C THR M 84 0.01 -43.85 156.65
N SER M 85 -0.42 -42.77 157.30
CA SER M 85 0.01 -42.31 158.61
C SER M 85 -0.58 -43.07 159.80
N GLY M 86 -1.55 -43.94 159.53
CA GLY M 86 -2.24 -44.68 160.59
C GLY M 86 -2.24 -46.19 160.35
N ALA M 87 -3.28 -46.85 160.86
CA ALA M 87 -3.41 -48.30 160.81
C ALA M 87 -3.88 -48.91 159.49
N VAL M 88 -4.47 -48.14 158.58
CA VAL M 88 -4.99 -48.76 157.37
C VAL M 88 -4.26 -48.32 156.11
N THR M 89 -3.61 -49.30 155.48
CA THR M 89 -2.82 -49.16 154.26
C THR M 89 -3.77 -49.15 153.08
N GLN M 90 -3.50 -48.32 152.09
CA GLN M 90 -4.37 -48.22 150.94
C GLN M 90 -3.81 -48.97 149.76
N ILE M 91 -4.60 -48.99 148.69
CA ILE M 91 -4.18 -49.66 147.47
C ILE M 91 -3.15 -48.84 146.70
N GLY M 92 -3.46 -47.57 146.53
CA GLY M 92 -2.63 -46.64 145.79
C GLY M 92 -3.58 -45.66 145.13
N PRO M 93 -3.08 -44.58 144.53
CA PRO M 93 -3.88 -43.55 143.92
C PRO M 93 -4.64 -43.97 142.66
N ALA M 94 -5.78 -43.32 142.46
CA ALA M 94 -6.64 -43.51 141.28
C ALA M 94 -6.03 -42.90 140.05
N VAL M 95 -6.25 -43.48 138.90
CA VAL M 95 -5.68 -42.85 137.72
C VAL M 95 -6.57 -41.75 137.17
N MET M 96 -5.98 -40.57 137.01
CA MET M 96 -6.63 -39.39 136.45
C MET M 96 -6.35 -39.40 134.96
N GLY M 97 -5.14 -39.85 134.61
CA GLY M 97 -4.78 -39.90 133.20
C GLY M 97 -3.29 -39.91 132.94
N MET M 98 -2.93 -39.61 131.69
CA MET M 98 -1.55 -39.62 131.25
C MET M 98 -1.26 -38.45 130.31
N VAL M 99 -0.05 -37.90 130.41
CA VAL M 99 0.40 -36.76 129.61
C VAL M 99 1.69 -37.00 128.82
N ARG M 100 1.67 -36.64 127.55
CA ARG M 100 2.87 -36.74 126.75
C ARG M 100 3.05 -35.47 125.95
N ARG M 101 4.26 -35.24 125.47
CA ARG M 101 4.56 -34.12 124.60
C ARG M 101 4.28 -34.42 123.12
N ALA M 102 3.64 -33.47 122.44
CA ALA M 102 3.33 -33.53 121.01
C ALA M 102 4.55 -33.22 120.14
N ILE M 103 4.48 -33.65 118.88
CA ILE M 103 5.55 -33.42 117.93
C ILE M 103 5.48 -32.00 117.35
N PRO M 104 6.56 -31.20 117.45
CA PRO M 104 6.61 -29.78 117.12
C PRO M 104 6.63 -29.29 115.67
N ASN M 105 5.66 -29.68 114.87
CA ASN M 105 5.43 -29.01 113.57
C ASN M 105 6.63 -28.52 112.73
N LEU M 106 7.25 -29.36 111.94
CA LEU M 106 8.39 -28.90 111.12
C LEU M 106 7.95 -28.30 109.76
N ILE M 107 8.83 -27.50 109.12
CA ILE M 107 8.52 -26.92 107.79
C ILE M 107 9.24 -27.73 106.76
N ALA M 108 8.61 -28.68 106.09
CA ALA M 108 9.47 -29.59 105.33
C ALA M 108 10.36 -28.97 104.26
N PHE M 109 9.81 -28.59 103.10
CA PHE M 109 10.69 -28.06 102.06
C PHE M 109 10.08 -26.93 101.30
N ASP M 110 9.29 -26.12 101.96
CA ASP M 110 8.55 -25.08 101.28
C ASP M 110 9.36 -24.08 100.47
N ILE M 111 10.58 -23.79 100.90
CA ILE M 111 11.39 -22.82 100.19
C ILE M 111 12.63 -23.46 99.64
N CYS M 112 12.63 -24.77 99.56
CA CYS M 112 13.80 -25.51 99.13
C CYS M 112 13.56 -26.19 97.80
N GLY M 113 14.59 -26.27 96.96
CA GLY M 113 14.42 -26.99 95.71
C GLY M 113 14.63 -28.45 96.05
N VAL M 114 14.40 -29.36 95.12
CA VAL M 114 14.59 -30.76 95.45
C VAL M 114 15.63 -31.44 94.60
N GLN M 115 15.46 -31.39 93.30
CA GLN M 115 16.34 -32.10 92.39
C GLN M 115 16.54 -33.52 92.90
N PRO M 116 15.48 -34.33 92.99
CA PRO M 116 15.35 -35.59 93.72
C PRO M 116 16.48 -36.59 93.79
N MET M 117 17.52 -36.49 92.97
CA MET M 117 18.59 -37.48 93.05
C MET M 117 18.12 -38.91 93.10
N ASN M 118 17.51 -39.36 92.03
CA ASN M 118 17.02 -40.73 91.95
C ASN M 118 18.18 -41.71 91.77
N SER M 119 19.36 -41.14 91.73
CA SER M 119 20.65 -41.74 91.65
C SER M 119 21.49 -40.83 92.54
N PRO M 120 22.32 -41.38 93.42
CA PRO M 120 23.04 -40.65 94.43
C PRO M 120 24.15 -39.92 93.77
N THR M 121 24.76 -39.00 94.47
CA THR M 121 25.94 -38.40 93.92
C THR M 121 25.76 -37.83 92.54
N GLY M 122 24.77 -36.97 92.37
CA GLY M 122 24.52 -36.34 91.07
C GLY M 122 25.38 -35.09 90.85
N GLN M 123 25.16 -34.44 89.69
CA GLN M 123 25.88 -33.24 89.30
C GLN M 123 24.99 -32.20 88.64
N VAL M 124 25.37 -30.94 88.80
CA VAL M 124 24.65 -29.84 88.16
C VAL M 124 25.63 -28.92 87.46
N PHE M 125 25.22 -28.40 86.33
CA PHE M 125 26.04 -27.48 85.55
C PHE M 125 25.61 -26.05 85.61
N ALA M 126 26.51 -25.19 85.22
CA ALA M 126 26.17 -23.79 85.10
C ALA M 126 27.13 -23.10 84.15
N LEU M 127 26.71 -21.96 83.63
CA LEU M 127 27.59 -21.24 82.73
C LEU M 127 27.59 -19.73 82.85
N ARG M 128 28.81 -19.20 82.98
CA ARG M 128 29.07 -17.76 83.01
C ARG M 128 29.56 -17.28 81.66
N ALA M 129 29.00 -16.17 81.18
CA ALA M 129 29.46 -15.55 79.96
C ALA M 129 30.63 -14.67 80.32
N VAL M 130 31.63 -14.60 79.49
CA VAL M 130 32.83 -13.85 79.83
C VAL M 130 33.34 -12.93 78.76
N TYR M 131 34.26 -12.04 79.14
CA TYR M 131 34.87 -11.07 78.19
C TYR M 131 36.33 -10.79 78.57
N GLY M 132 37.19 -10.66 77.55
CA GLY M 132 38.62 -10.37 77.73
C GLY M 132 39.56 -11.36 77.02
N LYS M 133 39.04 -12.08 76.02
CA LYS M 133 39.80 -13.03 75.18
C LYS M 133 40.36 -14.28 75.85
N ASP M 134 39.95 -14.60 77.05
CA ASP M 134 40.42 -15.84 77.62
C ASP M 134 39.51 -16.32 78.72
N PRO M 135 38.54 -17.15 78.41
CA PRO M 135 37.60 -17.66 79.36
C PRO M 135 38.23 -18.27 80.58
N VAL M 136 39.45 -18.82 80.46
CA VAL M 136 40.03 -19.41 81.62
C VAL M 136 41.27 -18.66 82.00
N ALA M 137 41.10 -17.61 82.78
CA ALA M 137 42.21 -16.77 83.16
C ALA M 137 41.86 -15.93 84.37
N ALA M 138 42.86 -15.65 85.18
CA ALA M 138 42.63 -14.74 86.25
C ALA M 138 42.34 -13.39 85.65
N GLY M 139 41.40 -12.67 86.22
CA GLY M 139 41.11 -11.34 85.75
C GLY M 139 40.05 -11.29 84.66
N ALA M 140 39.65 -12.46 84.13
CA ALA M 140 38.63 -12.47 83.10
C ALA M 140 37.37 -11.91 83.74
N LYS M 141 36.53 -11.24 82.97
CA LYS M 141 35.33 -10.69 83.56
C LYS M 141 34.06 -11.35 83.08
N GLU M 142 33.08 -11.41 83.98
CA GLU M 142 31.75 -12.01 83.71
C GLU M 142 30.87 -10.97 83.03
N ALA M 143 30.40 -11.28 81.82
CA ALA M 143 29.57 -10.40 81.03
C ALA M 143 28.24 -10.05 81.67
N PHE M 144 27.63 -11.00 82.34
CA PHE M 144 26.31 -10.70 82.89
C PHE M 144 26.29 -10.78 84.40
N HIS M 145 27.41 -10.53 85.07
CA HIS M 145 27.33 -10.61 86.50
C HIS M 145 26.33 -9.56 86.96
N PRO M 146 25.33 -9.88 87.79
CA PRO M 146 24.29 -8.98 88.20
C PRO M 146 24.76 -7.75 88.95
N MET M 147 25.93 -7.78 89.56
CA MET M 147 26.32 -6.61 90.30
C MET M 147 27.10 -5.63 89.49
N TYR M 148 27.44 -5.98 88.25
CA TYR M 148 28.34 -5.05 87.51
C TYR M 148 27.77 -4.65 86.15
N GLY M 149 28.14 -3.44 85.70
CA GLY M 149 27.73 -2.93 84.41
C GLY M 149 28.60 -3.48 83.30
N PRO M 150 28.24 -3.27 82.04
CA PRO M 150 28.98 -3.67 80.88
C PRO M 150 30.22 -2.83 80.75
N ASP M 151 31.27 -3.41 80.22
CA ASP M 151 32.47 -2.64 79.97
C ASP M 151 32.34 -1.97 78.64
N ALA M 152 31.57 -0.90 78.59
CA ALA M 152 31.25 -0.24 77.32
C ALA M 152 32.47 0.18 76.57
N MET M 153 33.52 0.56 77.26
CA MET M 153 34.68 0.95 76.51
C MET M 153 35.28 -0.20 75.69
N PHE M 154 35.09 -1.44 76.13
CA PHE M 154 35.66 -2.65 75.53
C PHE M 154 35.42 -2.75 74.03
N SER M 155 34.21 -2.39 73.59
CA SER M 155 33.83 -2.45 72.18
C SER M 155 33.86 -1.07 71.49
N GLY M 156 34.21 -0.01 72.23
CA GLY M 156 34.15 1.38 71.74
C GLY M 156 35.52 2.02 71.58
N GLN M 157 35.66 3.30 71.89
CA GLN M 157 36.97 3.94 71.69
C GLN M 157 38.02 3.29 72.56
N GLY M 158 37.58 2.88 73.74
CA GLY M 158 38.42 2.29 74.74
C GLY M 158 38.76 0.87 74.41
N ALA M 159 38.23 0.39 73.28
CA ALA M 159 38.58 -0.91 72.83
C ALA M 159 40.07 -0.89 72.57
N ALA M 160 40.57 0.27 72.12
CA ALA M 160 41.96 0.43 71.83
C ALA M 160 42.65 1.24 72.92
N LYS M 161 42.00 2.31 73.40
CA LYS M 161 42.63 3.14 74.41
C LYS M 161 42.64 2.52 75.79
N LYS M 162 43.78 2.63 76.44
CA LYS M 162 43.90 2.20 77.81
C LYS M 162 43.66 3.42 78.67
N PHE M 163 42.93 3.28 79.75
CA PHE M 163 42.71 4.44 80.58
C PHE M 163 43.51 4.22 81.85
N PRO M 164 44.08 5.27 82.44
CA PRO M 164 44.77 5.21 83.70
C PRO M 164 43.74 4.92 84.73
N ALA M 165 44.11 4.17 85.73
CA ALA M 165 43.20 3.91 86.82
C ALA M 165 43.28 5.00 87.84
N LEU M 166 42.21 5.16 88.57
CA LEU M 166 42.15 6.04 89.70
C LEU M 166 42.76 5.33 90.88
N ALA M 167 43.49 6.08 91.68
CA ALA M 167 44.12 5.54 92.85
C ALA M 167 44.50 6.64 93.80
N ALA M 168 44.73 6.29 95.05
CA ALA M 168 45.19 7.27 96.00
C ALA M 168 46.41 7.95 95.45
N SER M 169 46.45 9.26 95.60
CA SER M 169 47.53 10.11 95.16
C SER M 169 47.62 10.29 93.65
N THR M 170 46.62 9.85 92.89
CA THR M 170 46.68 10.14 91.47
C THR M 170 46.22 11.55 91.23
N GLN M 171 46.37 11.97 89.99
CA GLN M 171 46.02 13.32 89.57
C GLN M 171 45.11 13.34 88.37
N THR M 172 43.97 13.99 88.54
CA THR M 172 42.99 14.12 87.50
C THR M 172 43.40 15.18 86.49
N THR M 173 43.30 14.82 85.21
CA THR M 173 43.60 15.73 84.11
C THR M 173 42.32 16.06 83.38
N VAL M 174 41.95 17.32 83.46
CA VAL M 174 40.67 17.71 82.93
C VAL M 174 40.53 17.48 81.45
N GLY M 175 39.42 16.84 81.12
CA GLY M 175 38.99 16.44 79.81
C GLY M 175 39.36 14.99 79.50
N ASP M 176 40.27 14.40 80.28
CA ASP M 176 40.62 13.04 79.98
C ASP M 176 39.73 12.06 80.72
N ILE M 177 39.98 10.77 80.49
CA ILE M 177 39.19 9.72 81.09
C ILE M 177 40.00 8.76 81.94
N TYR M 178 39.50 8.54 83.12
CA TYR M 178 40.12 7.67 84.09
C TYR M 178 39.23 6.49 84.42
N THR M 179 39.82 5.38 84.84
CA THR M 179 38.98 4.25 85.19
C THR M 179 39.14 3.63 86.56
N HIS M 180 38.22 2.73 86.85
CA HIS M 180 38.20 2.02 88.10
C HIS M 180 37.28 0.82 88.07
N PHE M 181 37.22 0.09 89.18
CA PHE M 181 36.28 -0.98 89.33
C PHE M 181 35.72 -0.94 90.74
N PHE M 182 34.45 -0.60 90.88
CA PHE M 182 33.80 -0.48 92.17
C PHE M 182 33.38 -1.83 92.72
N GLN M 183 33.36 -2.00 94.04
CA GLN M 183 32.95 -3.31 94.57
C GLN M 183 31.54 -3.69 94.13
N GLU M 184 30.69 -2.70 93.94
CA GLU M 184 29.36 -2.88 93.42
C GLU M 184 29.37 -1.98 92.19
N THR M 185 28.74 -2.40 91.10
CA THR M 185 28.65 -1.74 89.77
C THR M 185 29.93 -1.89 88.93
N GLY M 186 31.05 -2.25 89.57
CA GLY M 186 32.27 -2.59 88.86
C GLY M 186 32.89 -1.54 87.98
N THR M 187 33.14 -1.94 86.74
CA THR M 187 33.80 -1.12 85.76
C THR M 187 33.17 0.22 85.54
N VAL M 188 33.99 1.24 85.65
CA VAL M 188 33.57 2.59 85.44
C VAL M 188 34.60 3.38 84.68
N TYR M 189 34.12 4.32 83.86
CA TYR M 189 34.98 5.23 83.06
C TYR M 189 34.48 6.66 83.33
N LEU M 190 35.32 7.49 83.96
CA LEU M 190 34.87 8.81 84.31
C LEU M 190 35.65 9.89 83.57
N GLN M 191 34.96 10.91 83.09
CA GLN M 191 35.66 12.00 82.42
C GLN M 191 35.87 13.13 83.40
N ALA M 192 37.09 13.62 83.43
CA ALA M 192 37.50 14.69 84.31
C ALA M 192 36.98 16.04 83.87
N SER M 193 36.42 16.79 84.80
CA SER M 193 35.93 18.13 84.56
C SER M 193 36.66 19.13 85.42
N VAL M 194 37.10 18.64 86.58
CA VAL M 194 37.80 19.48 87.53
C VAL M 194 39.12 18.84 87.88
N GLN M 195 40.15 19.66 87.97
CA GLN M 195 41.45 19.13 88.29
C GLN M 195 41.53 18.83 89.78
N VAL M 196 41.27 17.58 90.11
CA VAL M 196 41.22 17.10 91.48
C VAL M 196 42.15 15.93 91.72
N THR M 197 42.32 15.59 92.99
CA THR M 197 43.14 14.45 93.38
C THR M 197 42.37 13.51 94.27
N ILE M 198 42.93 12.33 94.46
CA ILE M 198 42.36 11.31 95.34
C ILE M 198 43.13 11.21 96.64
N ASP M 199 42.43 11.20 97.78
CA ASP M 199 43.15 11.13 99.05
C ASP M 199 44.24 10.08 99.02
N ALA M 200 45.44 10.51 99.37
CA ALA M 200 46.63 9.67 99.40
C ALA M 200 46.45 8.50 100.34
N GLY M 201 45.65 8.67 101.37
CA GLY M 201 45.41 7.63 102.35
C GLY M 201 44.38 6.61 101.89
N ALA M 202 43.75 6.82 100.74
CA ALA M 202 42.71 5.93 100.25
C ALA M 202 43.28 4.68 99.61
N THR M 203 43.93 3.86 100.41
CA THR M 203 44.59 2.67 99.90
C THR M 203 43.69 1.45 99.92
N ASP M 204 42.66 1.49 100.75
CA ASP M 204 41.68 0.41 100.80
C ASP M 204 40.75 0.57 99.64
N ALA M 205 40.13 -0.54 99.23
CA ALA M 205 39.15 -0.48 98.17
C ALA M 205 38.00 0.38 98.58
N ALA M 206 37.58 0.25 99.84
CA ALA M 206 36.44 0.98 100.32
C ALA M 206 36.66 2.47 100.26
N LYS M 207 37.88 2.88 100.58
CA LYS M 207 38.18 4.28 100.60
C LYS M 207 38.29 4.82 99.20
N LEU M 208 38.90 4.05 98.31
CA LEU M 208 39.01 4.51 96.97
C LEU M 208 37.64 4.66 96.37
N ASP M 209 36.77 3.67 96.57
CA ASP M 209 35.45 3.80 96.01
C ASP M 209 34.78 5.04 96.56
N ALA M 210 34.95 5.29 97.86
CA ALA M 210 34.34 6.46 98.44
C ALA M 210 34.86 7.75 97.84
N GLU M 211 36.17 7.85 97.64
CA GLU M 211 36.74 9.07 97.11
C GLU M 211 36.23 9.33 95.72
N ILE M 212 36.08 8.27 94.97
CA ILE M 212 35.60 8.43 93.64
C ILE M 212 34.17 8.90 93.70
N LYS M 213 33.36 8.27 94.55
CA LYS M 213 31.99 8.70 94.63
C LYS M 213 31.91 10.16 95.01
N LYS M 214 32.78 10.62 95.90
CA LYS M 214 32.77 12.03 96.28
C LYS M 214 33.03 12.91 95.08
N GLN M 215 34.02 12.54 94.26
CA GLN M 215 34.32 13.36 93.10
C GLN M 215 33.20 13.31 92.07
N MET M 216 32.51 12.18 92.02
CA MET M 216 31.39 12.10 91.12
C MET M 216 30.28 13.02 91.60
N GLU M 217 29.96 12.97 92.90
CA GLU M 217 28.92 13.82 93.43
C GLU M 217 29.25 15.28 93.20
N ALA M 218 30.52 15.60 93.38
CA ALA M 218 31.08 16.92 93.19
C ALA M 218 30.99 17.40 91.76
N GLY M 219 30.79 16.48 90.81
CA GLY M 219 30.74 16.80 89.40
C GLY M 219 32.13 16.96 88.82
N ALA M 220 33.15 16.56 89.59
CA ALA M 220 34.55 16.69 89.22
C ALA M 220 34.99 15.63 88.24
N LEU M 221 34.41 14.45 88.38
CA LEU M 221 34.77 13.33 87.55
C LEU M 221 33.53 12.46 87.36
N VAL M 222 32.98 12.39 86.14
CA VAL M 222 31.69 11.68 85.99
C VAL M 222 31.63 10.64 84.87
N GLU M 223 30.63 9.76 84.93
CA GLU M 223 30.51 8.67 83.95
C GLU M 223 30.40 9.02 82.50
N ILE M 224 31.15 8.24 81.73
CA ILE M 224 31.23 8.37 80.30
C ILE M 224 31.52 7.05 79.58
N ALA M 225 31.06 6.97 78.34
CA ALA M 225 31.37 5.87 77.44
C ALA M 225 31.30 6.48 76.06
N GLU M 226 32.04 5.92 75.12
CA GLU M 226 32.04 6.47 73.76
C GLU M 226 32.49 5.46 72.70
N GLY M 227 32.04 5.65 71.46
CA GLY M 227 32.41 4.79 70.33
C GLY M 227 33.76 5.16 69.74
N MET M 228 34.21 4.35 68.81
CA MET M 228 35.51 4.58 68.24
C MET M 228 35.53 5.54 67.06
N ALA M 229 36.61 6.32 66.98
CA ALA M 229 36.82 7.25 65.88
C ALA M 229 36.65 6.52 64.58
N THR M 230 35.98 7.19 63.64
CA THR M 230 35.59 6.65 62.36
C THR M 230 36.70 6.25 61.42
N SER M 231 37.93 6.62 61.70
CA SER M 231 39.00 6.18 60.82
C SER M 231 39.10 4.65 60.84
N ILE M 232 38.67 4.05 61.96
CA ILE M 232 38.67 2.61 62.11
C ILE M 232 37.72 1.97 61.13
N ALA M 233 36.73 2.71 60.64
CA ALA M 233 35.74 2.12 59.76
C ALA M 233 36.38 1.57 58.50
N GLU M 234 37.40 2.24 57.98
CA GLU M 234 37.98 1.71 56.76
C GLU M 234 39.01 0.69 57.14
N LEU M 235 39.72 0.94 58.23
CA LEU M 235 40.75 0.02 58.60
C LEU M 235 40.16 -1.33 58.93
N GLN M 236 39.03 -1.32 59.63
CA GLN M 236 38.45 -2.56 60.06
C GLN M 236 37.72 -3.30 58.97
N GLU M 237 37.09 -2.62 58.01
CA GLU M 237 36.38 -3.38 56.98
C GLU M 237 37.42 -4.25 56.29
N GLY M 238 38.64 -3.70 56.18
CA GLY M 238 39.75 -4.38 55.56
C GLY M 238 40.46 -5.42 56.45
N PHE M 239 40.01 -5.68 57.69
CA PHE M 239 40.73 -6.66 58.50
C PHE M 239 40.47 -8.07 57.89
N ASN M 240 39.20 -8.60 57.81
CA ASN M 240 37.97 -8.10 58.42
C ASN M 240 37.84 -8.81 59.78
N GLY M 241 38.88 -9.61 60.08
CA GLY M 241 39.06 -10.38 61.29
C GLY M 241 40.43 -10.08 61.88
N SER M 242 41.41 -10.94 61.56
CA SER M 242 42.79 -10.82 62.04
C SER M 242 43.44 -9.50 61.64
N THR M 243 44.16 -8.88 62.59
CA THR M 243 44.83 -7.60 62.39
C THR M 243 45.75 -7.11 63.49
N ASP M 244 46.40 -5.98 63.21
CA ASP M 244 47.26 -5.26 64.16
C ASP M 244 46.47 -4.30 65.06
N ASN M 245 45.21 -4.06 64.70
CA ASN M 245 44.30 -3.18 65.45
C ASN M 245 42.96 -3.88 65.70
N PRO M 246 42.95 -4.98 66.45
CA PRO M 246 41.85 -5.93 66.60
C PRO M 246 40.68 -5.48 67.40
N TRP M 247 39.55 -6.14 67.14
CA TRP M 247 38.39 -5.96 67.97
C TRP M 247 38.60 -6.88 69.16
N ASN M 248 38.09 -6.50 70.32
CA ASN M 248 38.30 -7.36 71.46
C ASN M 248 37.34 -8.53 71.48
N GLU M 249 37.47 -9.42 72.46
CA GLU M 249 36.67 -10.64 72.40
C GLU M 249 35.80 -11.00 73.58
N MET M 250 34.67 -11.58 73.21
CA MET M 250 33.72 -12.12 74.18
C MET M 250 33.35 -13.57 73.90
N GLY M 251 32.99 -14.28 74.97
CA GLY M 251 32.63 -15.70 74.91
C GLY M 251 32.04 -16.19 76.24
N PHE M 252 32.35 -17.42 76.64
CA PHE M 252 31.82 -18.02 77.86
C PHE M 252 32.72 -19.10 78.43
N ARG M 253 32.55 -19.50 79.70
CA ARG M 253 33.37 -20.65 80.10
C ARG M 253 32.51 -21.86 80.51
N ILE M 254 32.24 -22.08 81.81
CA ILE M 254 31.43 -23.22 82.30
C ILE M 254 31.58 -23.28 83.81
N ASP M 255 30.75 -24.08 84.43
CA ASP M 255 30.83 -24.45 85.82
C ASP M 255 30.09 -25.79 86.03
N LYS M 256 30.42 -26.48 87.12
CA LYS M 256 29.74 -27.70 87.52
C LYS M 256 30.01 -28.06 88.98
N GLN M 257 29.00 -28.62 89.63
CA GLN M 257 29.12 -29.02 91.00
C GLN M 257 28.61 -30.41 91.23
N VAL M 258 29.17 -31.08 92.22
CA VAL M 258 28.70 -32.44 92.57
C VAL M 258 28.28 -32.57 94.03
N ILE M 259 27.26 -33.40 94.31
CA ILE M 259 26.82 -33.57 95.71
C ILE M 259 26.62 -34.98 96.21
N GLU M 260 27.42 -35.38 97.21
CA GLU M 260 27.33 -36.75 97.79
C GLU M 260 26.00 -36.91 98.55
N ALA M 261 25.34 -38.07 98.39
CA ALA M 261 24.09 -38.39 99.06
C ALA M 261 24.33 -38.91 100.49
N LYS M 262 24.73 -38.00 101.37
CA LYS M 262 25.08 -38.39 102.75
C LYS M 262 23.88 -38.95 103.49
N SER M 263 24.18 -39.86 104.43
CA SER M 263 23.18 -40.59 105.20
C SER M 263 22.90 -40.10 106.60
N ARG M 264 21.82 -40.67 107.16
CA ARG M 264 21.47 -40.47 108.56
C ARG M 264 20.78 -41.76 109.05
N GLN M 265 21.06 -42.19 110.28
CA GLN M 265 20.44 -43.41 110.81
C GLN M 265 20.40 -43.58 112.31
N LEU M 266 19.27 -44.10 112.80
CA LEU M 266 19.09 -44.38 114.22
C LEU M 266 18.38 -45.69 114.53
N LYS M 267 18.74 -46.26 115.68
CA LYS M 267 18.06 -47.46 116.18
C LYS M 267 17.18 -47.28 117.41
N ALA M 268 16.28 -48.24 117.58
CA ALA M 268 15.40 -48.37 118.74
C ALA M 268 15.97 -49.38 119.72
N ALA M 269 16.31 -50.58 119.23
CA ALA M 269 16.91 -51.62 120.09
C ALA M 269 16.19 -51.77 121.47
N TYR M 270 14.92 -52.15 121.50
CA TYR M 270 14.16 -52.18 122.76
C TYR M 270 14.02 -53.58 123.37
N SER M 271 13.37 -53.66 124.54
CA SER M 271 13.25 -54.94 125.22
C SER M 271 11.84 -55.55 125.17
N ILE M 272 11.80 -56.89 125.22
CA ILE M 272 10.56 -57.65 125.19
C ILE M 272 9.77 -57.50 126.45
N GLU M 273 10.42 -57.75 127.56
CA GLU M 273 9.76 -57.70 128.82
C GLU M 273 9.26 -56.31 129.12
N LEU M 274 10.02 -55.30 128.73
CA LEU M 274 9.56 -53.97 129.02
C LEU M 274 8.31 -53.71 128.18
N ALA M 275 8.32 -54.12 126.90
CA ALA M 275 7.14 -53.90 126.08
C ALA M 275 5.93 -54.61 126.67
N GLN M 276 6.14 -55.81 127.21
CA GLN M 276 5.04 -56.55 127.80
C GLN M 276 4.46 -55.79 128.98
N ASP M 277 5.33 -55.20 129.80
CA ASP M 277 4.85 -54.42 130.92
C ASP M 277 4.10 -53.19 130.44
N LEU M 278 4.57 -52.53 129.38
CA LEU M 278 3.87 -51.34 128.93
C LEU M 278 2.46 -51.70 128.48
N ARG M 279 2.29 -52.90 127.93
CA ARG M 279 0.97 -53.36 127.59
C ARG M 279 0.17 -53.54 128.86
N ALA M 280 0.75 -54.22 129.85
CA ALA M 280 0.06 -54.44 131.10
C ALA M 280 -0.34 -53.16 131.82
N VAL M 281 0.49 -52.12 131.75
CA VAL M 281 0.22 -50.87 132.44
C VAL M 281 -0.66 -49.89 131.67
N HIS M 282 -0.34 -49.64 130.39
CA HIS M 282 -1.10 -48.65 129.63
C HIS M 282 -1.80 -49.18 128.38
N GLY M 283 -1.76 -50.49 128.10
CA GLY M 283 -2.36 -51.00 126.90
C GLY M 283 -1.50 -50.72 125.68
N MET M 284 -0.25 -50.37 125.90
CA MET M 284 0.65 -50.04 124.81
C MET M 284 1.33 -51.26 124.22
N ASP M 285 1.53 -51.25 122.91
CA ASP M 285 2.29 -52.33 122.30
C ASP M 285 3.75 -52.04 122.58
N ALA M 286 4.02 -50.75 122.66
CA ALA M 286 5.29 -50.11 122.91
C ALA M 286 6.34 -50.40 121.83
N ASP M 287 5.90 -50.76 120.63
CA ASP M 287 6.85 -50.92 119.55
C ASP M 287 6.69 -49.65 118.72
N ALA M 288 5.42 -49.27 118.50
CA ALA M 288 5.02 -48.10 117.72
C ALA M 288 5.57 -46.86 118.36
N GLU M 289 5.71 -46.93 119.68
CA GLU M 289 6.20 -45.85 120.48
C GLU M 289 7.60 -45.46 120.07
N LEU M 290 8.41 -46.42 119.61
CA LEU M 290 9.75 -46.02 119.27
C LEU M 290 9.85 -45.82 117.79
N SER M 291 9.04 -46.57 117.05
CA SER M 291 9.09 -46.47 115.61
C SER M 291 8.74 -45.05 115.19
N GLY M 292 7.63 -44.53 115.75
CA GLY M 292 7.17 -43.20 115.42
C GLY M 292 8.20 -42.15 115.79
N ILE M 293 8.89 -42.35 116.90
CA ILE M 293 9.88 -41.38 117.32
C ILE M 293 11.02 -41.40 116.35
N LEU M 294 11.54 -42.57 116.02
CA LEU M 294 12.69 -42.57 115.14
C LEU M 294 12.39 -41.91 113.83
N ALA M 295 11.24 -42.24 113.25
CA ALA M 295 10.93 -41.67 111.97
C ALA M 295 10.80 -40.15 112.08
N THR M 296 10.19 -39.70 113.17
CA THR M 296 10.02 -38.29 113.39
C THR M 296 11.34 -37.59 113.53
N GLU M 297 12.24 -38.17 114.33
CA GLU M 297 13.53 -37.55 114.58
C GLU M 297 14.30 -37.42 113.30
N ILE M 298 14.23 -38.42 112.42
CA ILE M 298 14.98 -38.30 111.21
C ILE M 298 14.51 -37.10 110.43
N MET M 299 13.21 -36.96 110.24
CA MET M 299 12.82 -35.81 109.48
C MET M 299 13.01 -34.52 110.24
N LEU M 300 12.88 -34.54 111.55
CA LEU M 300 13.04 -33.32 112.29
C LEU M 300 14.47 -32.81 112.19
N GLU M 301 15.46 -33.70 112.35
CA GLU M 301 16.82 -33.22 112.28
C GLU M 301 17.09 -32.69 110.88
N ILE M 302 16.55 -33.35 109.84
CA ILE M 302 16.75 -32.85 108.49
C ILE M 302 16.13 -31.51 108.33
N ASN M 303 14.91 -31.35 108.81
CA ASN M 303 14.28 -30.09 108.63
C ASN M 303 15.16 -29.01 109.14
N ARG M 304 15.66 -29.20 110.36
CA ARG M 304 16.47 -28.16 110.88
C ARG M 304 17.76 -28.03 110.08
N GLU M 305 18.37 -29.14 109.65
CA GLU M 305 19.62 -29.02 108.91
C GLU M 305 19.48 -28.07 107.75
N VAL M 306 18.40 -28.18 107.02
CA VAL M 306 18.22 -27.30 105.89
C VAL M 306 18.16 -25.85 106.38
N VAL M 307 17.40 -25.62 107.42
CA VAL M 307 17.28 -24.28 107.94
C VAL M 307 18.60 -23.72 108.40
N ASP M 308 19.37 -24.53 109.11
CA ASP M 308 20.66 -24.11 109.62
C ASP M 308 21.54 -23.66 108.50
N TRP M 309 21.53 -24.43 107.41
CA TRP M 309 22.36 -24.08 106.29
C TRP M 309 21.89 -22.80 105.64
N ILE M 310 20.61 -22.53 105.69
CA ILE M 310 20.19 -21.29 105.14
C ILE M 310 20.77 -20.17 105.94
N ASN M 311 20.66 -20.24 107.25
CA ASN M 311 21.21 -19.14 108.02
C ASN M 311 22.71 -19.06 107.87
N TYR M 312 23.37 -20.21 107.77
CA TYR M 312 24.84 -20.28 107.66
C TYR M 312 25.31 -19.60 106.36
N SER M 313 24.61 -19.87 105.26
CA SER M 313 24.94 -19.32 103.98
C SER M 313 24.37 -17.95 103.70
N ALA M 314 23.30 -17.54 104.37
CA ALA M 314 22.68 -16.25 104.09
C ALA M 314 23.62 -15.07 104.32
N GLN M 315 23.46 -14.05 103.49
CA GLN M 315 24.26 -12.83 103.60
C GLN M 315 23.72 -11.92 104.68
N VAL M 316 24.55 -11.01 105.15
CA VAL M 316 24.13 -10.04 106.14
C VAL M 316 23.42 -8.87 105.49
N GLY M 317 22.21 -8.57 105.98
CA GLY M 317 21.39 -7.48 105.45
C GLY M 317 21.81 -6.18 106.07
N LYS M 318 21.10 -5.08 105.79
CA LYS M 318 21.49 -3.79 106.35
C LYS M 318 22.95 -3.58 106.08
N SER M 319 23.26 -3.65 104.82
CA SER M 319 24.62 -3.59 104.32
C SER M 319 24.62 -3.03 102.90
N GLY M 320 25.75 -2.50 102.45
CA GLY M 320 25.83 -2.08 101.06
C GLY M 320 24.79 -1.04 100.72
N MET M 321 24.01 -1.32 99.70
CA MET M 321 22.98 -0.42 99.20
C MET M 321 21.72 -0.40 100.04
N THR M 322 21.73 -1.20 101.11
CA THR M 322 20.66 -1.27 102.07
C THR M 322 21.10 -0.65 103.39
N LEU M 323 22.32 -0.13 103.45
CA LEU M 323 22.84 0.44 104.68
C LEU M 323 22.71 1.94 104.64
N THR M 324 22.07 2.55 105.63
CA THR M 324 21.99 4.00 105.59
C THR M 324 23.22 4.49 106.35
N PRO M 325 23.62 5.77 106.21
CA PRO M 325 24.74 6.35 106.91
C PRO M 325 24.68 6.32 108.42
N GLY M 326 23.49 6.17 108.98
CA GLY M 326 23.33 6.15 110.42
C GLY M 326 23.03 4.77 110.96
N SER M 327 23.12 3.75 110.11
CA SER M 327 22.78 2.40 110.51
C SER M 327 23.85 1.65 111.28
N LYS M 328 23.42 0.58 111.94
CA LYS M 328 24.27 -0.30 112.75
C LYS M 328 24.79 -1.58 112.08
N ALA M 329 24.71 -1.62 110.75
CA ALA M 329 25.29 -2.68 109.92
C ALA M 329 24.92 -4.13 110.20
N GLY M 330 23.64 -4.46 110.11
CA GLY M 330 23.22 -5.85 110.28
C GLY M 330 22.09 -6.04 111.25
N VAL M 331 21.67 -4.95 111.84
CA VAL M 331 20.59 -4.96 112.81
C VAL M 331 19.54 -3.88 112.55
N PHE M 332 18.32 -4.17 113.00
CA PHE M 332 17.23 -3.20 113.02
C PHE M 332 16.99 -2.72 114.42
N ASP M 333 17.23 -1.44 114.65
CA ASP M 333 17.04 -0.83 115.95
C ASP M 333 15.67 -0.18 115.99
N PHE M 334 14.77 -0.73 116.77
CA PHE M 334 13.43 -0.20 116.74
C PHE M 334 13.25 1.13 117.47
N GLN M 335 14.27 1.62 118.16
CA GLN M 335 14.15 2.89 118.87
C GLN M 335 14.81 4.04 118.11
N ASP M 336 15.89 3.72 117.41
CA ASP M 336 16.69 4.69 116.68
C ASP M 336 15.97 5.31 115.47
N PRO M 337 15.77 6.66 115.43
CA PRO M 337 15.10 7.45 114.41
C PRO M 337 15.53 7.09 113.00
N ILE M 338 16.78 6.65 112.86
CA ILE M 338 17.32 6.28 111.56
C ILE M 338 16.60 5.08 111.00
N ASP M 339 16.35 4.09 111.84
CA ASP M 339 15.69 2.89 111.42
C ASP M 339 14.21 3.06 111.36
N ILE M 340 13.69 3.94 112.19
CA ILE M 340 12.25 4.07 112.17
C ILE M 340 11.79 5.19 111.26
N ARG M 341 12.71 5.70 110.49
CA ARG M 341 12.45 6.70 109.46
C ARG M 341 11.68 7.90 109.97
N GLY M 342 12.08 8.39 111.14
CA GLY M 342 11.49 9.58 111.74
C GLY M 342 10.15 9.35 112.42
N ALA M 343 9.71 8.11 112.46
CA ALA M 343 8.43 7.74 113.02
C ALA M 343 8.26 8.04 114.49
N ARG M 344 7.02 8.29 114.90
CA ARG M 344 6.77 8.47 116.35
C ARG M 344 6.42 7.10 116.89
N TRP M 345 5.27 7.01 117.56
CA TRP M 345 4.70 5.78 118.07
C TRP M 345 4.57 4.61 117.10
N ALA M 346 4.71 3.41 117.67
CA ALA M 346 4.68 2.12 116.99
C ALA M 346 3.64 1.96 115.88
N GLY M 347 2.46 2.52 116.01
CA GLY M 347 1.47 2.35 114.94
C GLY M 347 2.00 2.93 113.62
N GLU M 348 3.01 3.79 113.71
CA GLU M 348 3.68 4.37 112.58
C GLU M 348 5.00 3.62 112.41
N SER M 349 5.81 3.62 113.46
CA SER M 349 7.18 3.03 113.48
C SER M 349 7.24 1.57 113.01
N PHE M 350 6.23 0.75 113.27
CA PHE M 350 6.34 -0.64 112.91
C PHE M 350 6.44 -0.78 111.38
N LYS M 351 5.92 0.19 110.65
CA LYS M 351 5.95 0.16 109.21
C LYS M 351 7.37 0.20 108.70
N ALA M 352 8.28 0.71 109.53
CA ALA M 352 9.66 0.80 109.18
C ALA M 352 10.23 -0.58 108.98
N LEU M 353 9.77 -1.55 109.75
CA LEU M 353 10.30 -2.87 109.62
C LEU M 353 9.85 -3.38 108.28
N LEU M 354 8.60 -3.12 107.95
CA LEU M 354 8.09 -3.60 106.68
C LEU M 354 8.89 -3.00 105.54
N PHE M 355 9.19 -1.71 105.68
CA PHE M 355 9.96 -0.99 104.68
C PHE M 355 11.31 -1.67 104.48
N GLN M 356 12.01 -1.93 105.58
CA GLN M 356 13.30 -2.56 105.44
C GLN M 356 13.20 -3.99 104.90
N ILE M 357 12.14 -4.71 105.23
CA ILE M 357 12.00 -6.05 104.69
C ILE M 357 11.96 -5.97 103.19
N ASP M 358 11.22 -4.98 102.68
CA ASP M 358 11.09 -4.74 101.22
C ASP M 358 12.46 -4.37 100.65
N LYS M 359 13.30 -3.66 101.41
CA LYS M 359 14.61 -3.30 100.90
C LYS M 359 15.49 -4.52 100.74
N GLU M 360 15.45 -5.41 101.71
CA GLU M 360 16.28 -6.60 101.62
C GLU M 360 15.79 -7.50 100.48
N ALA M 361 14.47 -7.62 100.32
CA ALA M 361 13.95 -8.46 99.26
C ALA M 361 14.42 -7.99 97.90
N VAL M 362 14.49 -6.67 97.77
CA VAL M 362 14.95 -6.05 96.56
C VAL M 362 16.42 -6.35 96.37
N GLU M 363 17.19 -6.22 97.46
CA GLU M 363 18.65 -6.50 97.43
C GLU M 363 18.85 -7.91 96.87
N ILE M 364 17.98 -8.86 97.22
CA ILE M 364 18.10 -10.21 96.71
C ILE M 364 17.90 -10.23 95.23
N ALA M 365 16.88 -9.55 94.72
CA ALA M 365 16.76 -9.54 93.28
C ALA M 365 18.02 -8.94 92.67
N ARG M 366 18.56 -7.89 93.27
CA ARG M 366 19.72 -7.27 92.68
C ARG M 366 20.90 -8.21 92.59
N GLN M 367 21.09 -8.99 93.61
CA GLN M 367 22.21 -9.90 93.64
C GLN M 367 21.97 -11.22 92.96
N THR M 368 20.80 -11.42 92.37
CA THR M 368 20.57 -12.71 91.76
C THR M 368 20.11 -12.61 90.33
N GLY M 369 19.29 -11.61 90.03
CA GLY M 369 18.72 -11.51 88.70
C GLY M 369 17.69 -12.59 88.50
N ARG M 370 17.11 -13.08 89.59
CA ARG M 370 16.14 -14.14 89.47
C ARG M 370 14.77 -13.71 89.91
N GLY M 371 14.72 -12.92 90.95
CA GLY M 371 13.44 -12.46 91.45
C GLY M 371 13.56 -11.92 92.84
N GLU M 372 12.58 -11.11 93.18
CA GLU M 372 12.48 -10.44 94.46
C GLU M 372 12.16 -11.41 95.54
N GLY M 373 12.75 -11.20 96.71
CA GLY M 373 12.46 -12.07 97.85
C GLY M 373 10.97 -12.29 97.94
N ASN M 374 10.60 -13.50 98.31
CA ASN M 374 9.20 -13.86 98.38
C ASN M 374 8.83 -14.66 99.60
N PHE M 375 9.73 -14.67 100.58
CA PHE M 375 9.43 -15.27 101.85
C PHE M 375 10.26 -14.68 102.97
N ILE M 376 9.72 -14.87 104.17
CA ILE M 376 10.33 -14.48 105.41
C ILE M 376 10.12 -15.52 106.49
N ILE M 377 11.16 -15.79 107.24
CA ILE M 377 11.08 -16.69 108.36
C ILE M 377 11.51 -15.87 109.54
N ALA M 378 10.74 -15.87 110.61
CA ALA M 378 11.17 -14.99 111.66
C ALA M 378 10.83 -15.47 113.05
N SER M 379 11.44 -14.81 114.02
CA SER M 379 11.19 -15.13 115.41
C SER M 379 9.76 -14.88 115.74
N ARG M 380 9.35 -15.44 116.85
CA ARG M 380 8.00 -15.29 117.32
C ARG M 380 7.69 -13.83 117.57
N ASN M 381 8.67 -13.08 118.06
CA ASN M 381 8.46 -11.69 118.34
C ASN M 381 8.19 -10.91 117.06
N VAL M 382 8.93 -11.23 116.00
CA VAL M 382 8.74 -10.54 114.75
C VAL M 382 7.38 -10.82 114.15
N VAL M 383 6.96 -12.07 114.14
CA VAL M 383 5.68 -12.32 113.54
C VAL M 383 4.56 -11.70 114.35
N ASN M 384 4.71 -11.68 115.68
CA ASN M 384 3.69 -11.05 116.48
C ASN M 384 3.52 -9.62 116.02
N VAL M 385 4.63 -8.93 115.81
CA VAL M 385 4.52 -7.57 115.32
C VAL M 385 3.92 -7.49 113.96
N LEU M 386 4.40 -8.29 113.05
CA LEU M 386 3.91 -8.16 111.70
C LEU M 386 2.42 -8.43 111.60
N ALA M 387 1.91 -9.37 112.36
CA ALA M 387 0.51 -9.73 112.30
C ALA M 387 -0.40 -8.71 113.01
N SER M 388 0.21 -7.76 113.74
CA SER M 388 -0.47 -6.76 114.56
C SER M 388 -0.56 -5.42 113.88
N VAL M 389 -0.05 -5.34 112.66
CA VAL M 389 -0.04 -4.08 111.94
C VAL M 389 -0.63 -4.27 110.56
N ASP M 390 -0.89 -3.19 109.83
CA ASP M 390 -1.35 -3.43 108.49
C ASP M 390 -0.11 -3.68 107.68
N THR M 391 -0.27 -3.95 106.40
CA THR M 391 0.85 -4.21 105.53
C THR M 391 0.63 -3.39 104.32
N GLY M 392 -0.61 -2.99 104.17
CA GLY M 392 -0.98 -2.24 103.00
C GLY M 392 -0.60 -0.83 103.24
N ILE M 393 -0.89 0.03 102.29
CA ILE M 393 -0.53 1.40 102.49
C ILE M 393 -1.63 2.07 103.24
N SER M 394 -1.31 2.51 104.44
CA SER M 394 -2.32 3.09 105.31
C SER M 394 -1.74 4.18 106.18
N TYR M 395 -2.64 4.95 106.77
CA TYR M 395 -2.27 6.10 107.60
C TYR M 395 -1.34 5.70 108.73
N ALA M 396 -1.84 4.82 109.58
CA ALA M 396 -1.14 4.24 110.71
C ALA M 396 -2.05 3.16 111.18
N ALA M 397 -1.54 2.14 111.86
CA ALA M 397 -2.45 1.19 112.53
C ALA M 397 -1.72 0.13 113.32
N GLN M 398 -2.35 -0.30 114.38
CA GLN M 398 -1.89 -1.47 115.10
C GLN M 398 -2.99 -1.96 116.02
N GLY M 399 -2.86 -3.20 116.47
CA GLY M 399 -3.81 -3.77 117.45
C GLY M 399 -3.46 -5.20 117.72
N LEU M 400 -4.44 -5.99 118.16
CA LEU M 400 -4.17 -7.38 118.44
C LEU M 400 -3.90 -8.03 117.11
N ALA M 401 -3.01 -9.02 117.09
CA ALA M 401 -2.67 -9.70 115.87
C ALA M 401 -3.85 -10.38 115.24
N THR M 402 -3.98 -10.25 113.91
CA THR M 402 -5.05 -10.91 113.18
C THR M 402 -4.49 -11.39 111.87
N GLY M 403 -3.40 -10.74 111.47
CA GLY M 403 -2.88 -10.88 110.11
C GLY M 403 -2.50 -12.29 109.68
N PHE M 404 -1.92 -13.04 110.62
CA PHE M 404 -1.49 -14.42 110.28
C PHE M 404 -1.19 -15.14 111.59
N SER M 405 -1.30 -16.46 111.58
CA SER M 405 -1.05 -17.17 112.82
C SER M 405 0.28 -16.84 113.40
N THR M 406 0.32 -16.70 114.70
CA THR M 406 1.54 -16.46 115.42
C THR M 406 1.84 -17.60 116.36
N ASP M 407 1.05 -18.67 116.25
CA ASP M 407 1.23 -19.82 117.11
C ASP M 407 2.28 -20.72 116.47
N THR M 408 2.61 -21.83 117.11
CA THR M 408 3.60 -22.74 116.57
C THR M 408 3.04 -24.12 116.63
N THR M 409 1.94 -24.26 117.35
CA THR M 409 1.36 -25.57 117.54
C THR M 409 0.33 -25.90 116.48
N LYS M 410 -0.19 -24.86 115.82
CA LYS M 410 -1.19 -25.08 114.79
C LYS M 410 -0.56 -25.14 113.42
N SER M 411 0.56 -24.46 113.27
CA SER M 411 1.24 -24.37 112.00
C SER M 411 2.66 -23.96 112.16
N VAL M 412 3.35 -23.89 111.02
CA VAL M 412 4.77 -23.44 110.92
C VAL M 412 4.76 -22.38 109.83
N PHE M 413 3.58 -22.21 109.24
CA PHE M 413 3.28 -21.27 108.20
C PHE M 413 2.20 -20.40 108.71
N ALA M 414 2.53 -19.14 108.84
CA ALA M 414 1.62 -18.21 109.43
C ALA M 414 0.63 -17.70 108.41
N GLY M 415 1.11 -17.44 107.20
CA GLY M 415 0.30 -16.85 106.15
C GLY M 415 1.20 -16.11 105.19
N VAL M 416 0.66 -15.14 104.44
CA VAL M 416 1.53 -14.44 103.51
C VAL M 416 1.57 -12.96 103.86
N LEU M 417 2.75 -12.45 104.13
CA LEU M 417 2.87 -11.09 104.58
C LEU M 417 2.60 -10.13 103.47
N GLY M 418 1.48 -9.44 103.59
CA GLY M 418 1.06 -8.47 102.61
C GLY M 418 0.62 -9.11 101.32
N GLY M 419 0.50 -10.42 101.32
CA GLY M 419 0.20 -11.10 100.08
C GLY M 419 1.46 -11.23 99.24
N LYS M 420 2.62 -10.82 99.78
CA LYS M 420 3.86 -10.88 99.04
C LYS M 420 4.85 -11.89 99.55
N TYR M 421 4.99 -12.01 100.86
CA TYR M 421 6.05 -12.89 101.34
C TYR M 421 5.53 -14.02 102.18
N ARG M 422 5.77 -15.27 101.75
CA ARG M 422 5.33 -16.42 102.57
C ARG M 422 5.97 -16.31 103.95
N VAL M 423 5.18 -16.17 105.02
CA VAL M 423 5.76 -16.02 106.35
C VAL M 423 5.62 -17.26 107.21
N TYR M 424 6.79 -17.65 107.71
CA TYR M 424 7.02 -18.80 108.56
C TYR M 424 7.62 -18.42 109.88
N ILE M 425 7.45 -19.29 110.87
CA ILE M 425 7.97 -18.99 112.18
C ILE M 425 9.16 -19.84 112.58
N ASP M 426 10.27 -19.19 112.92
CA ASP M 426 11.41 -19.96 113.37
C ASP M 426 11.20 -20.25 114.82
N GLN M 427 10.57 -21.38 115.11
CA GLN M 427 10.24 -21.70 116.49
C GLN M 427 11.48 -21.81 117.37
N TYR M 428 12.64 -22.00 116.75
CA TYR M 428 13.87 -22.17 117.50
C TYR M 428 14.80 -20.97 117.38
N ALA M 429 14.28 -19.80 117.02
CA ALA M 429 15.19 -18.66 116.91
C ALA M 429 15.97 -18.52 118.20
N LYS M 430 17.28 -18.33 118.08
CA LYS M 430 18.10 -18.23 119.28
C LYS M 430 17.89 -16.96 120.08
N GLN M 431 17.73 -15.82 119.41
CA GLN M 431 17.48 -14.63 120.20
C GLN M 431 16.32 -13.84 119.67
N ASP M 432 16.51 -13.11 118.58
CA ASP M 432 15.42 -12.37 117.98
C ASP M 432 15.92 -11.78 116.66
N TYR M 433 15.40 -12.29 115.57
CA TYR M 433 15.82 -11.95 114.24
C TYR M 433 14.82 -12.37 113.21
N PHE M 434 15.07 -11.97 111.99
CA PHE M 434 14.31 -12.53 110.90
C PHE M 434 15.22 -12.71 109.72
N THR M 435 14.83 -13.59 108.83
CA THR M 435 15.58 -13.78 107.63
C THR M 435 14.65 -13.78 106.44
N VAL M 436 15.17 -13.42 105.31
CA VAL M 436 14.37 -13.40 104.11
C VAL M 436 15.03 -14.10 102.97
N GLY M 437 14.25 -14.38 101.96
CA GLY M 437 14.82 -14.97 100.77
C GLY M 437 13.88 -15.09 99.59
N TYR M 438 14.41 -15.59 98.47
CA TYR M 438 13.59 -15.71 97.24
C TYR M 438 13.75 -17.08 96.59
N LYS M 439 12.61 -17.73 96.33
CA LYS M 439 12.56 -19.02 95.67
C LYS M 439 11.71 -18.90 94.42
N GLY M 440 12.27 -19.30 93.29
CA GLY M 440 11.52 -19.19 92.05
C GLY M 440 10.64 -20.42 91.80
N PRO M 441 9.77 -20.40 90.77
CA PRO M 441 8.87 -21.47 90.35
C PRO M 441 9.63 -22.69 89.87
N ASN M 442 10.85 -22.47 89.45
CA ASN M 442 11.73 -23.49 88.99
C ASN M 442 12.52 -23.89 90.20
N GLU M 443 12.48 -25.15 90.59
CA GLU M 443 13.19 -25.53 91.82
C GLU M 443 14.67 -25.18 91.76
N MET M 444 15.22 -25.03 90.56
CA MET M 444 16.62 -24.74 90.42
C MET M 444 16.92 -23.28 90.70
N ASP M 445 15.89 -22.53 91.05
CA ASP M 445 16.00 -21.14 91.41
C ASP M 445 15.67 -20.96 92.89
N ALA M 446 15.82 -22.02 93.69
CA ALA M 446 15.59 -21.94 95.14
C ALA M 446 16.81 -21.42 95.91
N GLY M 447 17.99 -21.76 95.42
CA GLY M 447 19.22 -21.38 96.10
C GLY M 447 19.76 -22.47 97.02
N ILE M 448 18.91 -23.42 97.39
CA ILE M 448 19.28 -24.52 98.28
C ILE M 448 18.48 -25.73 97.89
N TYR M 449 19.09 -26.92 98.02
CA TYR M 449 18.40 -28.13 97.62
C TYR M 449 18.40 -29.27 98.62
N TYR M 450 17.32 -30.06 98.59
CA TYR M 450 17.16 -31.30 99.36
C TYR M 450 16.75 -32.41 98.42
N ALA M 451 17.56 -33.45 98.27
CA ALA M 451 17.23 -34.46 97.28
C ALA M 451 17.13 -35.88 97.81
N PRO M 452 16.00 -36.31 98.36
CA PRO M 452 15.88 -37.56 99.07
C PRO M 452 16.21 -38.71 98.16
N TYR M 453 17.01 -39.64 98.62
CA TYR M 453 17.40 -40.80 97.84
C TYR M 453 16.86 -42.07 98.47
N VAL M 454 17.06 -42.16 99.77
CA VAL M 454 16.61 -43.26 100.60
C VAL M 454 15.86 -42.66 101.77
N ALA M 455 14.72 -43.20 102.15
CA ALA M 455 14.08 -42.60 103.32
C ALA M 455 13.31 -43.58 104.13
N LEU M 456 13.51 -43.49 105.43
CA LEU M 456 12.82 -44.30 106.42
C LEU M 456 12.78 -45.75 106.07
N THR M 457 13.92 -46.30 105.68
CA THR M 457 13.94 -47.71 105.36
C THR M 457 13.95 -48.43 106.68
N PRO M 458 12.96 -49.28 107.00
CA PRO M 458 12.88 -49.99 108.25
C PRO M 458 13.89 -51.09 108.31
N LEU M 459 14.41 -51.29 109.50
CA LEU M 459 15.35 -52.35 109.79
C LEU M 459 14.68 -53.20 110.87
N ARG M 460 14.70 -54.54 110.75
CA ARG M 460 14.09 -55.43 111.76
C ARG M 460 14.82 -56.75 112.01
N GLY M 461 14.99 -57.12 113.28
CA GLY M 461 15.59 -58.40 113.65
C GLY M 461 15.58 -58.58 115.17
N SER M 462 16.38 -59.53 115.66
CA SER M 462 16.51 -59.80 117.09
C SER M 462 17.85 -60.47 117.33
N ASP M 463 18.43 -60.25 118.51
CA ASP M 463 19.73 -60.85 118.86
C ASP M 463 19.60 -62.12 119.70
N PRO M 464 19.97 -63.32 119.19
CA PRO M 464 19.86 -64.64 119.84
C PRO M 464 20.40 -64.64 121.25
N LYS M 465 21.34 -63.75 121.58
CA LYS M 465 21.86 -63.72 122.94
C LYS M 465 20.75 -63.70 123.96
N ASN M 466 19.71 -62.92 123.68
CA ASN M 466 18.64 -62.70 124.60
C ASN M 466 17.33 -62.55 123.86
N PHE M 467 17.44 -62.73 122.54
CA PHE M 467 16.37 -62.65 121.56
C PHE M 467 15.61 -61.36 121.55
N GLN M 468 16.22 -60.32 122.07
CA GLN M 468 15.54 -59.06 122.15
C GLN M 468 15.47 -58.46 120.77
N PRO M 469 14.36 -57.78 120.43
CA PRO M 469 14.09 -57.17 119.16
C PRO M 469 15.04 -56.06 118.87
N VAL M 470 15.34 -55.92 117.62
CA VAL M 470 16.16 -54.85 117.18
C VAL M 470 15.48 -54.19 116.00
N MET M 471 15.31 -52.90 116.06
CA MET M 471 14.73 -52.23 114.93
C MET M 471 15.33 -50.86 114.85
N GLY M 472 15.16 -50.26 113.67
CA GLY M 472 15.63 -48.91 113.38
C GLY M 472 15.29 -48.43 111.96
N PHE M 473 15.74 -47.22 111.61
CA PHE M 473 15.53 -46.64 110.28
C PHE M 473 16.74 -45.93 109.69
N LYS M 474 16.86 -45.96 108.36
CA LYS M 474 17.91 -45.20 107.68
C LYS M 474 17.42 -44.36 106.49
N THR M 475 18.17 -43.28 106.23
CA THR M 475 17.99 -42.40 105.06
C THR M 475 19.29 -42.01 104.37
N ARG M 476 19.15 -41.28 103.26
CA ARG M 476 20.30 -40.77 102.47
C ARG M 476 19.75 -39.74 101.47
N TYR M 477 20.32 -38.53 101.40
CA TYR M 477 19.69 -37.55 100.47
C TYR M 477 20.68 -36.64 99.73
N GLY M 478 21.58 -35.94 100.44
CA GLY M 478 22.40 -34.97 99.73
C GLY M 478 21.76 -33.58 99.77
N ILE M 479 22.56 -32.61 100.18
CA ILE M 479 22.12 -31.23 100.31
C ILE M 479 22.99 -30.32 99.46
N GLY M 480 22.37 -29.34 98.80
CA GLY M 480 23.18 -28.48 97.93
C GLY M 480 23.01 -26.98 97.99
N ILE M 481 24.03 -26.32 97.42
CA ILE M 481 24.12 -24.88 97.19
C ILE M 481 24.08 -24.59 95.71
N ASN M 482 23.23 -23.67 95.33
CA ASN M 482 23.09 -23.28 93.95
C ASN M 482 24.37 -22.66 93.37
N PRO M 483 24.76 -23.00 92.14
CA PRO M 483 25.85 -22.37 91.44
C PRO M 483 25.51 -20.91 91.41
N PHE M 484 26.48 -20.04 91.48
CA PHE M 484 26.31 -18.60 91.49
C PHE M 484 25.71 -18.08 92.77
N ALA M 485 25.49 -18.92 93.76
CA ALA M 485 24.89 -18.40 94.99
C ALA M 485 25.72 -17.28 95.59
N GLU M 486 27.03 -17.38 95.49
CA GLU M 486 27.91 -16.39 96.07
C GLU M 486 27.77 -15.00 95.49
N SER M 487 27.31 -14.92 94.24
CA SER M 487 27.21 -13.66 93.51
C SER M 487 28.44 -12.78 93.69
N ALA M 488 29.62 -13.38 93.69
CA ALA M 488 30.83 -12.61 93.92
C ALA M 488 32.00 -13.11 93.14
N ALA M 489 31.77 -13.86 92.07
CA ALA M 489 32.89 -14.38 91.35
C ALA M 489 32.56 -14.61 89.92
N GLN M 490 33.60 -14.46 89.14
CA GLN M 490 33.55 -14.67 87.72
C GLN M 490 33.93 -16.10 87.41
N ALA M 491 34.42 -16.81 88.41
CA ALA M 491 34.82 -18.19 88.24
C ALA M 491 34.99 -18.85 89.58
N PRO M 492 34.71 -20.16 89.70
CA PRO M 492 34.95 -20.99 90.85
C PRO M 492 36.40 -21.38 90.95
N ALA M 493 36.86 -21.64 92.16
CA ALA M 493 38.19 -22.19 92.29
C ALA M 493 38.24 -23.55 91.63
N SER M 494 39.37 -23.83 91.00
CA SER M 494 39.68 -25.11 90.37
C SER M 494 38.74 -25.53 89.25
N ARG M 495 37.83 -24.65 88.82
CA ARG M 495 36.88 -24.94 87.75
C ARG M 495 35.88 -26.05 88.08
N ILE M 496 35.85 -26.50 89.33
CA ILE M 496 34.93 -27.53 89.76
C ILE M 496 34.81 -27.56 91.26
N GLN M 497 33.61 -27.82 91.77
CA GLN M 497 33.56 -27.91 93.21
C GLN M 497 32.44 -28.78 93.71
N SER M 498 32.41 -28.90 95.02
CA SER M 498 31.33 -29.61 95.63
C SER M 498 30.21 -28.64 95.79
N GLY M 499 29.01 -29.12 95.55
CA GLY M 499 27.82 -28.31 95.75
C GLY M 499 27.34 -28.43 97.16
N MET M 500 28.06 -29.19 97.97
CA MET M 500 27.65 -29.37 99.31
C MET M 500 28.05 -28.10 100.08
N PRO M 501 27.23 -27.58 100.98
CA PRO M 501 27.51 -26.39 101.75
C PRO M 501 28.80 -26.53 102.58
N SER M 502 29.57 -25.44 102.61
CA SER M 502 30.81 -25.42 103.39
C SER M 502 31.34 -24.05 103.81
N ILE M 503 32.18 -24.06 104.82
CA ILE M 503 32.89 -22.87 105.30
C ILE M 503 33.75 -22.31 104.17
N LEU M 504 34.13 -23.18 103.26
CA LEU M 504 34.97 -22.78 102.15
C LEU M 504 34.20 -22.35 100.93
N ASN M 505 32.86 -22.37 100.96
CA ASN M 505 32.19 -21.99 99.74
C ASN M 505 30.87 -21.25 99.89
N SER M 506 30.23 -21.27 101.05
CA SER M 506 28.94 -20.61 101.15
C SER M 506 28.71 -19.79 102.42
N LEU M 507 29.48 -20.00 103.48
CA LEU M 507 29.12 -19.33 104.74
C LEU M 507 29.08 -17.83 104.54
N GLY M 508 27.89 -17.26 104.78
CA GLY M 508 27.63 -15.82 104.68
C GLY M 508 27.56 -15.25 103.26
N LYS M 509 27.54 -16.11 102.23
CA LYS M 509 27.61 -15.63 100.84
C LYS M 509 26.42 -15.84 99.91
N ASN M 510 25.43 -16.63 100.29
CA ASN M 510 24.35 -17.01 99.37
C ASN M 510 23.30 -15.94 99.18
N ALA M 511 23.31 -15.35 97.99
CA ALA M 511 22.50 -14.22 97.54
C ALA M 511 21.01 -14.45 97.61
N TYR M 512 20.59 -15.71 97.67
CA TYR M 512 19.16 -15.99 97.73
C TYR M 512 18.60 -15.74 99.12
N PHE M 513 19.48 -15.57 100.11
CA PHE M 513 19.00 -15.39 101.46
C PHE M 513 19.72 -14.26 102.18
N ARG M 514 19.01 -13.56 103.06
CA ARG M 514 19.64 -12.49 103.84
C ARG M 514 19.16 -12.47 105.29
N ARG M 515 20.04 -12.11 106.23
CA ARG M 515 19.64 -12.07 107.63
C ARG M 515 19.77 -10.71 108.29
N VAL M 516 18.79 -10.39 109.14
CA VAL M 516 18.81 -9.18 109.94
C VAL M 516 18.48 -9.47 111.40
N TYR M 517 19.32 -9.01 112.30
CA TYR M 517 19.06 -9.22 113.72
C TYR M 517 18.21 -8.06 114.16
N VAL M 518 17.41 -8.23 115.19
CA VAL M 518 16.66 -7.04 115.57
C VAL M 518 16.86 -6.76 117.04
N LYS M 519 16.67 -5.52 117.42
CA LYS M 519 16.75 -5.14 118.82
C LYS M 519 15.62 -4.21 119.20
N GLY M 520 15.11 -4.40 120.41
CA GLY M 520 14.09 -3.52 120.92
C GLY M 520 12.74 -3.80 120.29
N ILE M 521 12.54 -5.03 119.82
CA ILE M 521 11.31 -5.40 119.15
C ILE M 521 11.12 -6.91 119.06
N ALA N 66 -50.59 27.02 170.20
CA ALA N 66 -50.08 25.77 169.67
C ALA N 66 -49.61 24.83 170.75
N GLU N 67 -50.54 24.18 171.45
CA GLU N 67 -50.14 23.21 172.43
C GLU N 67 -49.45 22.08 171.69
N ILE N 68 -48.35 21.56 172.21
CA ILE N 68 -47.73 20.44 171.49
C ILE N 68 -47.37 19.24 172.37
N GLY N 69 -47.28 18.09 171.71
CA GLY N 69 -46.84 16.87 172.37
C GLY N 69 -45.32 16.82 172.43
N GLY N 70 -44.68 17.73 171.73
CA GLY N 70 -43.24 17.81 171.68
C GLY N 70 -42.65 17.25 170.42
N ASP N 71 -41.34 17.25 170.39
CA ASP N 71 -40.58 16.80 169.24
C ASP N 71 -39.33 16.09 169.69
N HIS N 72 -38.58 15.62 168.71
CA HIS N 72 -37.31 14.97 168.92
C HIS N 72 -36.19 15.97 168.71
N GLY N 73 -35.02 15.67 169.25
CA GLY N 73 -33.84 16.52 169.04
C GLY N 73 -33.04 16.05 167.84
N TYR N 74 -33.61 15.09 167.10
CA TYR N 74 -33.01 14.42 165.95
C TYR N 74 -31.80 13.59 166.38
N ASN N 75 -31.83 13.23 167.64
CA ASN N 75 -30.89 12.35 168.30
C ASN N 75 -31.40 10.95 168.07
N ALA N 76 -30.63 10.09 167.41
CA ALA N 76 -31.14 8.76 167.11
C ALA N 76 -31.60 8.04 168.36
N THR N 77 -30.92 8.30 169.48
CA THR N 77 -31.27 7.68 170.73
C THR N 77 -32.69 8.03 171.11
N ASN N 78 -33.00 9.30 171.00
CA ASN N 78 -34.28 9.79 171.42
C ASN N 78 -35.36 9.43 170.43
N ILE N 79 -35.02 9.37 169.14
CA ILE N 79 -36.04 8.99 168.19
C ILE N 79 -36.40 7.55 168.47
N ALA N 80 -35.39 6.71 168.55
CA ALA N 80 -35.59 5.29 168.76
C ALA N 80 -36.34 5.02 170.05
N ALA N 81 -36.07 5.80 171.08
CA ALA N 81 -36.69 5.66 172.38
C ALA N 81 -38.06 6.30 172.50
N GLY N 82 -38.51 7.03 171.49
CA GLY N 82 -39.79 7.72 171.61
C GLY N 82 -39.70 8.91 172.58
N GLN N 83 -38.51 9.48 172.76
CA GLN N 83 -38.37 10.56 173.71
C GLN N 83 -38.62 11.92 173.09
N THR N 84 -39.63 12.61 173.63
CA THR N 84 -40.00 13.92 173.15
C THR N 84 -39.84 15.00 174.19
N SER N 85 -39.83 16.23 173.71
CA SER N 85 -39.72 17.47 174.49
C SER N 85 -41.00 18.04 175.12
N GLY N 86 -42.15 17.47 174.80
CA GLY N 86 -43.43 18.03 175.24
C GLY N 86 -44.27 17.07 176.07
N ALA N 87 -45.60 17.18 175.92
CA ALA N 87 -46.52 16.40 176.74
C ALA N 87 -46.73 14.93 176.34
N VAL N 88 -46.33 14.50 175.15
CA VAL N 88 -46.66 13.15 174.74
C VAL N 88 -45.48 12.33 174.29
N THR N 89 -45.28 11.21 174.97
CA THR N 89 -44.18 10.32 174.66
C THR N 89 -44.57 9.52 173.44
N GLN N 90 -43.61 8.91 172.79
CA GLN N 90 -43.94 8.17 171.60
C GLN N 90 -43.71 6.68 171.65
N ILE N 91 -44.36 6.02 170.71
CA ILE N 91 -44.24 4.61 170.45
C ILE N 91 -42.82 4.24 170.05
N GLY N 92 -42.23 5.09 169.23
CA GLY N 92 -40.90 4.90 168.67
C GLY N 92 -41.09 4.71 167.17
N PRO N 93 -40.02 4.61 166.40
CA PRO N 93 -40.03 4.52 164.96
C PRO N 93 -40.49 3.17 164.49
N ALA N 94 -41.00 3.11 163.25
CA ALA N 94 -41.44 1.80 162.75
C ALA N 94 -40.65 1.16 161.60
N VAL N 95 -40.93 1.54 160.34
CA VAL N 95 -40.29 0.82 159.24
C VAL N 95 -39.75 1.64 158.07
N MET N 96 -38.50 1.34 157.72
CA MET N 96 -37.81 1.81 156.53
C MET N 96 -37.23 0.64 155.74
N GLY N 97 -37.70 -0.56 156.05
CA GLY N 97 -37.23 -1.77 155.40
C GLY N 97 -35.96 -2.32 156.04
N MET N 98 -35.23 -3.12 155.25
CA MET N 98 -34.05 -3.78 155.77
C MET N 98 -32.93 -3.80 154.73
N VAL N 99 -31.71 -3.66 155.20
CA VAL N 99 -30.50 -3.67 154.39
C VAL N 99 -29.74 -4.97 154.43
N ARG N 100 -29.46 -5.44 153.24
CA ARG N 100 -28.69 -6.65 153.03
C ARG N 100 -27.66 -6.38 151.95
N ARG N 101 -26.65 -7.23 151.85
CA ARG N 101 -25.65 -7.06 150.81
C ARG N 101 -25.50 -8.31 149.99
N ALA N 102 -25.36 -8.12 148.68
CA ALA N 102 -25.16 -9.17 147.70
C ALA N 102 -23.84 -9.88 147.87
N ILE N 103 -23.84 -11.15 147.51
CA ILE N 103 -22.64 -11.95 147.52
C ILE N 103 -21.93 -11.69 146.20
N PRO N 104 -20.63 -11.39 146.19
CA PRO N 104 -19.87 -11.11 144.99
C PRO N 104 -19.82 -12.32 144.08
N ASN N 105 -19.73 -12.05 142.79
CA ASN N 105 -19.66 -13.11 141.80
C ASN N 105 -18.25 -13.57 141.59
N LEU N 106 -17.99 -14.83 141.87
CA LEU N 106 -16.67 -15.40 141.70
C LEU N 106 -16.74 -16.60 140.78
N ILE N 107 -15.68 -16.83 139.99
CA ILE N 107 -15.60 -18.03 139.17
C ILE N 107 -14.40 -18.87 139.54
N ALA N 108 -14.64 -20.11 139.92
CA ALA N 108 -13.54 -20.97 140.29
C ALA N 108 -12.98 -21.79 139.13
N PHE N 109 -13.81 -22.27 138.19
CA PHE N 109 -13.24 -23.24 137.25
C PHE N 109 -13.17 -22.93 135.74
N ASP N 110 -13.59 -21.75 135.28
CA ASP N 110 -13.57 -21.55 133.82
C ASP N 110 -12.20 -21.69 133.18
N ILE N 111 -11.13 -21.42 133.92
CA ILE N 111 -9.82 -21.50 133.36
C ILE N 111 -8.96 -22.59 134.00
N CYS N 112 -9.55 -23.67 134.46
CA CYS N 112 -8.71 -24.73 135.03
C CYS N 112 -9.25 -26.09 134.71
N GLY N 113 -8.46 -27.13 134.99
CA GLY N 113 -8.98 -28.49 134.82
C GLY N 113 -9.56 -28.86 136.16
N VAL N 114 -10.54 -29.77 136.20
CA VAL N 114 -11.09 -30.16 137.49
C VAL N 114 -10.92 -31.66 137.78
N GLN N 115 -11.47 -32.50 136.92
CA GLN N 115 -11.49 -33.94 137.14
C GLN N 115 -11.88 -34.35 138.56
N PRO N 116 -13.14 -34.19 138.97
CA PRO N 116 -13.64 -34.52 140.29
C PRO N 116 -13.32 -35.97 140.53
N MET N 117 -13.06 -36.31 141.77
CA MET N 117 -12.69 -37.67 142.05
C MET N 117 -13.74 -38.42 142.84
N ASN N 118 -13.77 -39.74 142.68
CA ASN N 118 -14.65 -40.59 143.44
C ASN N 118 -13.90 -41.24 144.59
N SER N 119 -12.70 -40.76 144.81
CA SER N 119 -11.78 -41.24 145.80
C SER N 119 -10.79 -40.11 146.03
N PRO N 120 -10.08 -40.05 147.15
CA PRO N 120 -9.03 -39.10 147.39
C PRO N 120 -7.84 -39.63 146.64
N THR N 121 -6.76 -38.88 146.58
CA THR N 121 -5.53 -39.45 146.02
C THR N 121 -5.57 -40.01 144.61
N GLY N 122 -5.64 -39.16 143.60
CA GLY N 122 -5.55 -39.64 142.21
C GLY N 122 -4.07 -39.61 141.74
N GLN N 123 -3.80 -40.02 140.49
CA GLN N 123 -2.45 -40.00 139.89
C GLN N 123 -2.39 -39.75 138.37
N VAL N 124 -1.26 -39.19 137.94
CA VAL N 124 -1.00 -38.93 136.53
C VAL N 124 0.34 -39.46 136.06
N PHE N 125 0.31 -40.15 134.95
CA PHE N 125 1.48 -40.72 134.32
C PHE N 125 1.99 -39.87 133.19
N ALA N 126 3.23 -40.04 132.82
CA ALA N 126 3.71 -39.33 131.64
C ALA N 126 4.77 -40.12 130.89
N LEU N 127 4.88 -39.81 129.60
CA LEU N 127 5.88 -40.43 128.74
C LEU N 127 6.72 -39.38 128.06
N ARG N 128 8.04 -39.51 128.17
CA ARG N 128 8.96 -38.51 127.56
C ARG N 128 9.96 -39.24 126.65
N ALA N 129 9.97 -38.92 125.36
CA ALA N 129 10.89 -39.58 124.43
C ALA N 129 12.32 -39.27 124.91
N VAL N 130 13.22 -40.24 124.92
CA VAL N 130 14.61 -39.95 125.38
C VAL N 130 15.63 -40.57 124.46
N TYR N 131 16.66 -39.82 124.06
CA TYR N 131 17.66 -40.42 123.20
C TYR N 131 19.05 -40.38 123.81
N GLY N 132 19.90 -41.36 123.41
CA GLY N 132 21.26 -41.47 123.94
C GLY N 132 21.47 -42.79 124.70
N LYS N 133 20.42 -43.61 124.70
CA LYS N 133 20.33 -44.92 125.35
C LYS N 133 20.48 -44.75 126.86
N ASP N 134 19.92 -43.67 127.39
CA ASP N 134 19.97 -43.39 128.79
C ASP N 134 18.71 -42.75 129.34
N PRO N 135 17.55 -43.44 129.36
CA PRO N 135 16.27 -42.90 129.81
C PRO N 135 16.45 -42.16 131.13
N VAL N 136 17.30 -42.73 132.01
CA VAL N 136 17.59 -42.10 133.26
C VAL N 136 19.09 -41.95 133.41
N ALA N 137 19.54 -40.71 133.30
CA ALA N 137 20.94 -40.38 133.42
C ALA N 137 21.09 -38.89 133.55
N ALA N 138 22.14 -38.45 134.19
CA ALA N 138 22.40 -37.04 134.15
C ALA N 138 22.68 -36.69 132.71
N GLY N 139 22.12 -35.59 132.24
CA GLY N 139 22.41 -35.15 130.88
C GLY N 139 21.59 -35.85 129.80
N ALA N 140 20.71 -36.77 130.17
CA ALA N 140 19.91 -37.48 129.16
C ALA N 140 19.10 -36.44 128.40
N LYS N 141 18.87 -36.62 127.10
CA LYS N 141 18.12 -35.61 126.37
C LYS N 141 16.74 -36.07 125.93
N GLU N 142 15.74 -35.21 126.17
CA GLU N 142 14.34 -35.49 125.74
C GLU N 142 14.27 -35.23 124.24
N ALA N 143 13.78 -36.19 123.46
CA ALA N 143 13.74 -36.04 122.01
C ALA N 143 12.95 -34.82 121.56
N PHE N 144 11.85 -34.51 122.24
CA PHE N 144 11.06 -33.39 121.78
C PHE N 144 10.66 -32.50 122.92
N HIS N 145 11.02 -31.23 122.89
CA HIS N 145 10.55 -30.35 123.94
C HIS N 145 10.75 -28.89 123.51
N PRO N 146 9.75 -28.02 123.68
CA PRO N 146 9.84 -26.63 123.36
C PRO N 146 10.99 -25.99 124.09
N MET N 147 11.64 -25.11 123.39
CA MET N 147 12.75 -24.33 123.89
C MET N 147 13.96 -25.13 124.36
N TYR N 148 14.06 -26.44 124.06
CA TYR N 148 15.29 -27.15 124.43
C TYR N 148 16.12 -27.46 123.19
N GLY N 149 15.63 -26.94 122.08
CA GLY N 149 16.23 -27.08 120.77
C GLY N 149 15.94 -28.46 120.20
N PRO N 150 16.07 -28.66 118.89
CA PRO N 150 15.98 -29.92 118.22
C PRO N 150 17.38 -30.46 118.40
N ASP N 151 17.64 -31.74 118.21
CA ASP N 151 19.07 -32.00 118.13
C ASP N 151 19.42 -31.62 116.72
N ALA N 152 20.67 -31.74 116.36
CA ALA N 152 21.08 -31.39 115.02
C ALA N 152 21.66 -32.59 114.43
N MET N 153 22.33 -33.31 115.31
CA MET N 153 23.08 -34.43 114.84
C MET N 153 23.17 -35.55 115.84
N PHE N 154 22.27 -36.50 115.70
CA PHE N 154 22.28 -37.70 116.49
C PHE N 154 22.27 -38.77 115.43
N SER N 155 21.42 -38.53 114.43
CA SER N 155 21.26 -39.48 113.32
C SER N 155 22.31 -39.25 112.25
N GLY N 156 22.96 -38.09 112.32
CA GLY N 156 23.93 -37.65 111.33
C GLY N 156 25.36 -37.78 111.81
N GLN N 157 26.12 -36.72 111.56
CA GLN N 157 27.54 -36.71 111.85
C GLN N 157 27.83 -37.02 113.30
N GLY N 158 26.95 -36.67 114.22
CA GLY N 158 27.16 -36.95 115.63
C GLY N 158 27.36 -38.46 115.87
N ALA N 159 26.82 -39.30 115.00
CA ALA N 159 27.02 -40.73 115.12
C ALA N 159 28.41 -41.02 114.60
N ALA N 160 28.77 -40.35 113.52
CA ALA N 160 30.08 -40.53 112.91
C ALA N 160 31.21 -40.15 113.88
N LYS N 161 30.99 -39.10 114.65
CA LYS N 161 32.00 -38.64 115.61
C LYS N 161 31.41 -37.76 116.70
N LYS N 162 32.15 -37.63 117.79
CA LYS N 162 31.75 -36.73 118.85
C LYS N 162 32.33 -35.36 118.59
N PHE N 163 31.69 -34.34 119.15
CA PHE N 163 32.18 -32.98 119.01
C PHE N 163 32.60 -32.42 120.36
N PRO N 164 33.60 -31.54 120.42
CA PRO N 164 34.05 -30.82 121.60
C PRO N 164 33.03 -29.79 122.01
N ALA N 165 33.00 -29.41 123.26
CA ALA N 165 32.09 -28.37 123.72
C ALA N 165 32.79 -27.03 123.89
N LEU N 166 32.02 -25.96 123.80
CA LEU N 166 32.54 -24.63 124.10
C LEU N 166 32.55 -24.42 125.60
N ALA N 167 33.52 -23.68 126.09
CA ALA N 167 33.50 -23.32 127.48
C ALA N 167 34.27 -22.06 127.70
N ALA N 168 33.98 -21.37 128.76
CA ALA N 168 34.72 -20.16 129.00
C ALA N 168 36.20 -20.49 129.05
N SER N 169 36.99 -19.63 128.43
CA SER N 169 38.45 -19.66 128.36
C SER N 169 38.99 -20.51 127.24
N THR N 170 38.12 -21.29 126.58
CA THR N 170 38.59 -22.12 125.51
C THR N 170 38.71 -21.24 124.29
N GLN N 171 39.29 -21.78 123.23
CA GLN N 171 39.39 -21.10 121.97
C GLN N 171 39.12 -22.11 120.91
N THR N 172 38.35 -21.71 119.91
CA THR N 172 38.00 -22.62 118.85
C THR N 172 39.08 -22.70 117.80
N THR N 173 38.97 -23.70 116.94
CA THR N 173 39.83 -23.82 115.79
C THR N 173 38.98 -23.61 114.56
N VAL N 174 39.35 -22.63 113.74
CA VAL N 174 38.49 -22.37 112.61
C VAL N 174 38.28 -23.55 111.71
N GLY N 175 37.00 -23.75 111.44
CA GLY N 175 36.45 -24.80 110.64
C GLY N 175 35.91 -25.95 111.47
N ASP N 176 36.28 -26.05 112.75
CA ASP N 176 35.74 -27.17 113.50
C ASP N 176 34.37 -26.82 114.10
N ILE N 177 33.76 -27.80 114.77
CA ILE N 177 32.43 -27.62 115.36
C ILE N 177 32.40 -27.90 116.84
N TYR N 178 31.84 -26.97 117.57
CA TYR N 178 31.76 -27.08 119.01
C TYR N 178 30.33 -27.12 119.49
N THR N 179 30.09 -27.81 120.59
CA THR N 179 28.73 -27.90 121.08
C THR N 179 28.44 -27.00 122.26
N HIS N 180 27.15 -26.78 122.46
CA HIS N 180 26.66 -26.02 123.57
C HIS N 180 25.19 -26.29 123.83
N PHE N 181 24.76 -26.09 125.06
CA PHE N 181 23.36 -26.16 125.38
C PHE N 181 22.99 -24.88 126.08
N PHE N 182 22.15 -24.07 125.46
CA PHE N 182 21.76 -22.79 126.02
C PHE N 182 20.73 -23.03 127.10
N GLN N 183 20.68 -22.18 128.11
CA GLN N 183 19.66 -22.36 129.14
C GLN N 183 18.26 -22.36 128.53
N GLU N 184 18.07 -21.53 127.52
CA GLU N 184 16.83 -21.46 126.76
C GLU N 184 17.25 -21.68 125.32
N THR N 185 16.44 -22.42 124.55
CA THR N 185 16.64 -22.82 123.13
C THR N 185 17.57 -24.02 123.00
N GLY N 186 18.18 -24.40 124.11
CA GLY N 186 18.97 -25.60 124.28
C GLY N 186 20.09 -25.92 123.31
N THR N 187 20.01 -27.13 122.76
CA THR N 187 21.05 -27.70 121.91
C THR N 187 21.42 -26.91 120.67
N VAL N 188 22.73 -26.72 120.53
CA VAL N 188 23.28 -26.05 119.38
C VAL N 188 24.66 -26.63 119.06
N TYR N 189 24.99 -26.60 117.79
CA TYR N 189 26.30 -26.98 117.32
C TYR N 189 26.78 -25.78 116.53
N LEU N 190 27.96 -25.30 116.85
CA LEU N 190 28.48 -24.10 116.22
C LEU N 190 29.81 -24.25 115.54
N GLN N 191 29.85 -23.85 114.27
CA GLN N 191 31.10 -23.92 113.56
C GLN N 191 31.93 -22.70 113.85
N ALA N 192 33.20 -22.94 114.01
CA ALA N 192 34.19 -21.94 114.27
C ALA N 192 34.52 -21.17 113.01
N SER N 193 33.72 -20.15 112.76
CA SER N 193 33.86 -19.27 111.60
C SER N 193 35.13 -18.43 111.77
N VAL N 194 35.28 -17.92 112.99
CA VAL N 194 36.35 -17.02 113.38
C VAL N 194 37.20 -17.60 114.49
N GLN N 195 38.51 -17.36 114.40
CA GLN N 195 39.46 -17.86 115.39
C GLN N 195 39.39 -16.98 116.65
N VAL N 196 38.34 -17.22 117.43
CA VAL N 196 37.98 -16.39 118.57
C VAL N 196 37.98 -17.17 119.89
N THR N 197 38.37 -16.49 120.97
CA THR N 197 38.37 -17.09 122.29
C THR N 197 36.97 -17.05 122.86
N ILE N 198 36.73 -17.83 123.92
CA ILE N 198 35.39 -17.93 124.49
C ILE N 198 35.22 -17.20 125.85
N ASP N 199 36.10 -16.24 126.17
CA ASP N 199 35.95 -15.44 127.40
C ASP N 199 36.01 -16.13 128.73
N ALA N 200 37.21 -16.28 129.28
CA ALA N 200 37.39 -16.97 130.55
C ALA N 200 36.55 -16.38 131.69
N GLY N 201 36.13 -15.11 131.60
CA GLY N 201 35.37 -14.53 132.69
C GLY N 201 33.92 -15.01 132.70
N ALA N 202 33.46 -15.64 131.63
CA ALA N 202 32.08 -16.07 131.52
C ALA N 202 31.87 -17.40 132.21
N THR N 203 32.00 -17.41 133.52
CA THR N 203 31.95 -18.65 134.27
C THR N 203 30.55 -19.13 134.59
N ASP N 204 29.57 -18.25 134.53
CA ASP N 204 28.19 -18.64 134.74
C ASP N 204 27.62 -19.17 133.45
N ALA N 205 26.58 -19.99 133.55
CA ALA N 205 25.93 -20.49 132.37
C ALA N 205 25.32 -19.37 131.58
N ALA N 206 24.67 -18.43 132.27
CA ALA N 206 24.03 -17.33 131.58
C ALA N 206 25.06 -16.48 130.87
N LYS N 207 26.21 -16.30 131.51
CA LYS N 207 27.26 -15.48 130.94
C LYS N 207 27.82 -16.14 129.70
N LEU N 208 28.04 -17.45 129.75
CA LEU N 208 28.56 -18.12 128.59
C LEU N 208 27.52 -18.01 127.48
N ASP N 209 26.24 -18.25 127.79
CA ASP N 209 25.26 -18.15 126.75
C ASP N 209 25.30 -16.80 126.08
N ALA N 210 25.42 -15.75 126.89
CA ALA N 210 25.46 -14.41 126.33
C ALA N 210 26.65 -14.20 125.42
N GLU N 211 27.84 -14.67 125.84
CA GLU N 211 29.00 -14.46 125.00
C GLU N 211 28.88 -15.24 123.72
N ILE N 212 28.31 -16.44 123.80
CA ILE N 212 28.12 -17.22 122.61
C ILE N 212 27.19 -16.49 121.69
N LYS N 213 26.08 -15.99 122.22
CA LYS N 213 25.16 -15.27 121.37
C LYS N 213 25.81 -14.09 120.70
N LYS N 214 26.68 -13.36 121.40
CA LYS N 214 27.34 -12.24 120.75
C LYS N 214 28.18 -12.70 119.57
N GLN N 215 28.97 -13.75 119.80
CA GLN N 215 29.83 -14.28 118.76
C GLN N 215 29.01 -14.88 117.63
N MET N 216 27.87 -15.44 117.99
CA MET N 216 26.99 -16.01 117.01
C MET N 216 26.42 -14.90 116.13
N GLU N 217 25.92 -13.82 116.73
CA GLU N 217 25.36 -12.73 115.93
C GLU N 217 26.43 -12.08 115.09
N ALA N 218 27.65 -12.08 115.59
CA ALA N 218 28.79 -11.50 114.92
C ALA N 218 29.33 -12.39 113.80
N GLY N 219 28.79 -13.59 113.64
CA GLY N 219 29.24 -14.50 112.60
C GLY N 219 30.46 -15.33 112.96
N ALA N 220 30.91 -15.27 114.23
CA ALA N 220 32.08 -16.01 114.68
C ALA N 220 31.73 -17.47 114.93
N LEU N 221 30.51 -17.69 115.42
CA LEU N 221 30.02 -19.03 115.70
C LEU N 221 28.73 -19.26 114.94
N VAL N 222 28.70 -20.25 114.07
CA VAL N 222 27.48 -20.41 113.28
C VAL N 222 26.77 -21.74 113.45
N GLU N 223 25.46 -21.68 113.62
CA GLU N 223 24.66 -22.89 113.80
C GLU N 223 24.85 -23.80 112.60
N ILE N 224 25.14 -25.05 112.87
CA ILE N 224 25.43 -26.00 111.81
C ILE N 224 24.99 -27.44 112.09
N ALA N 225 24.67 -28.16 111.03
CA ALA N 225 24.33 -29.58 111.15
C ALA N 225 24.86 -30.32 109.93
N GLU N 226 25.22 -31.58 110.12
CA GLU N 226 25.72 -32.41 109.04
C GLU N 226 25.23 -33.87 109.13
N GLY N 227 25.12 -34.51 107.98
CA GLY N 227 24.80 -35.94 107.89
C GLY N 227 26.11 -36.69 107.95
N MET N 228 26.12 -37.96 107.54
CA MET N 228 27.35 -38.72 107.63
C MET N 228 27.68 -39.55 106.39
N ALA N 229 28.96 -39.84 106.25
CA ALA N 229 29.48 -40.67 105.19
C ALA N 229 28.95 -42.09 105.29
N THR N 230 28.75 -42.73 104.14
CA THR N 230 28.29 -44.09 104.16
C THR N 230 29.48 -44.98 104.40
N SER N 231 30.67 -44.40 104.25
CA SER N 231 31.92 -45.07 104.57
C SER N 231 31.95 -45.40 106.04
N ILE N 232 31.12 -44.72 106.82
CA ILE N 232 31.01 -44.98 108.20
C ILE N 232 29.73 -45.74 108.41
N ALA N 233 28.63 -45.18 107.94
CA ALA N 233 27.35 -45.76 108.25
C ALA N 233 27.20 -47.22 107.87
N GLU N 234 27.66 -47.63 106.69
CA GLU N 234 27.41 -49.02 106.32
C GLU N 234 28.19 -49.99 107.20
N LEU N 235 29.23 -49.50 107.85
CA LEU N 235 30.10 -50.33 108.63
C LEU N 235 29.82 -50.36 110.11
N GLN N 236 28.81 -49.63 110.56
CA GLN N 236 28.61 -49.54 111.98
C GLN N 236 28.36 -50.91 112.59
N GLU N 237 28.69 -51.01 113.87
CA GLU N 237 28.60 -52.19 114.71
C GLU N 237 29.54 -53.32 114.24
N GLY N 238 30.74 -52.95 113.80
CA GLY N 238 31.79 -53.89 113.42
C GLY N 238 31.60 -54.64 112.11
N PHE N 239 30.87 -54.07 111.17
CA PHE N 239 30.64 -54.77 109.94
C PHE N 239 31.88 -54.78 109.08
N ASN N 240 32.09 -55.90 108.41
CA ASN N 240 33.18 -56.06 107.47
C ASN N 240 34.56 -55.79 108.05
N GLY N 241 34.79 -56.28 109.25
CA GLY N 241 36.11 -56.15 109.88
C GLY N 241 36.35 -54.85 110.62
N SER N 242 35.40 -53.94 110.57
CA SER N 242 35.54 -52.67 111.26
C SER N 242 35.25 -52.90 112.73
N THR N 243 35.50 -51.91 113.57
CA THR N 243 35.16 -52.02 114.97
C THR N 243 35.00 -50.69 115.66
N ASP N 244 34.64 -50.75 116.95
CA ASP N 244 34.47 -49.59 117.81
C ASP N 244 33.63 -48.51 117.16
N ASN N 245 32.58 -48.92 116.48
CA ASN N 245 31.75 -48.01 115.74
C ASN N 245 30.26 -48.24 115.88
N PRO N 246 29.67 -48.16 117.07
CA PRO N 246 28.28 -48.44 117.38
C PRO N 246 27.33 -47.38 116.85
N TRP N 247 26.07 -47.74 116.68
CA TRP N 247 25.01 -46.80 116.31
C TRP N 247 24.40 -46.02 117.46
N ASN N 248 24.04 -44.78 117.19
CA ASN N 248 23.23 -44.03 118.11
C ASN N 248 21.82 -44.62 118.16
N GLU N 249 21.25 -44.65 119.36
CA GLU N 249 19.91 -45.19 119.54
C GLU N 249 19.12 -44.42 120.59
N MET N 250 17.80 -44.57 120.52
CA MET N 250 16.91 -43.88 121.44
C MET N 250 15.76 -44.76 121.92
N GLY N 251 15.11 -44.34 123.00
CA GLY N 251 13.92 -45.00 123.55
C GLY N 251 13.05 -43.96 124.25
N PHE N 252 12.51 -44.30 125.40
CA PHE N 252 11.70 -43.37 126.15
C PHE N 252 11.72 -43.66 127.62
N ARG N 253 11.27 -42.67 128.39
CA ARG N 253 11.13 -42.72 129.82
C ARG N 253 9.70 -42.54 130.28
N ILE N 254 9.33 -43.26 131.32
CA ILE N 254 8.02 -43.10 131.92
C ILE N 254 8.13 -42.78 133.39
N ASP N 255 7.22 -41.95 133.87
CA ASP N 255 7.19 -41.54 135.27
C ASP N 255 5.78 -41.12 135.71
N LYS N 256 5.67 -40.64 136.97
CA LYS N 256 4.36 -40.23 137.46
C LYS N 256 4.36 -39.22 138.61
N GLN N 257 3.20 -38.62 138.81
CA GLN N 257 2.99 -37.74 139.95
C GLN N 257 1.69 -38.09 140.62
N VAL N 258 1.60 -37.80 141.91
CA VAL N 258 0.37 -38.13 142.63
C VAL N 258 -0.18 -36.98 143.46
N ILE N 259 -1.46 -37.09 143.83
CA ILE N 259 -2.06 -36.04 144.65
C ILE N 259 -2.72 -36.55 145.92
N GLU N 260 -3.17 -35.59 146.74
CA GLU N 260 -3.85 -35.84 148.03
C GLU N 260 -4.76 -34.65 148.31
N ALA N 261 -5.90 -34.90 148.99
CA ALA N 261 -6.85 -33.85 149.28
C ALA N 261 -6.67 -33.16 150.60
N LYS N 262 -7.00 -31.88 150.61
CA LYS N 262 -7.07 -31.07 151.82
C LYS N 262 -8.53 -30.69 152.09
N SER N 263 -8.83 -30.30 153.32
CA SER N 263 -10.19 -29.98 153.75
C SER N 263 -10.45 -28.55 154.24
N ARG N 264 -11.72 -28.19 154.26
CA ARG N 264 -12.14 -26.89 154.80
C ARG N 264 -13.31 -27.06 155.75
N GLN N 265 -13.26 -26.38 156.92
CA GLN N 265 -14.37 -26.56 157.88
C GLN N 265 -14.77 -25.28 158.65
N LEU N 266 -16.07 -24.98 158.68
CA LEU N 266 -16.58 -23.81 159.45
C LEU N 266 -17.86 -24.12 160.19
N LYS N 267 -18.06 -23.49 161.34
CA LYS N 267 -19.32 -23.70 162.06
C LYS N 267 -20.01 -22.41 162.47
N ALA N 268 -21.31 -22.53 162.69
CA ALA N 268 -22.12 -21.43 163.17
C ALA N 268 -22.20 -21.48 164.67
N ALA N 269 -22.45 -22.68 165.21
CA ALA N 269 -22.55 -22.84 166.67
C ALA N 269 -23.36 -21.70 167.30
N TYR N 270 -24.59 -21.50 166.84
CA TYR N 270 -25.33 -20.34 167.28
C TYR N 270 -26.23 -20.59 168.46
N SER N 271 -26.91 -19.54 168.93
CA SER N 271 -27.77 -19.67 170.09
C SER N 271 -29.25 -19.78 169.81
N ILE N 272 -29.94 -20.32 170.80
CA ILE N 272 -31.37 -20.44 170.79
C ILE N 272 -32.02 -19.08 170.84
N GLU N 273 -31.51 -18.22 171.71
CA GLU N 273 -32.07 -16.90 171.85
C GLU N 273 -31.97 -16.13 170.56
N LEU N 274 -30.87 -16.27 169.80
CA LEU N 274 -30.83 -15.57 168.52
C LEU N 274 -32.01 -15.95 167.70
N ALA N 275 -32.24 -17.25 167.54
CA ALA N 275 -33.36 -17.66 166.71
C ALA N 275 -34.69 -17.14 167.24
N GLN N 276 -34.86 -17.14 168.56
CA GLN N 276 -36.13 -16.68 169.11
C GLN N 276 -36.39 -15.22 168.82
N ASP N 277 -35.36 -14.39 168.98
CA ASP N 277 -35.50 -12.97 168.78
C ASP N 277 -35.57 -12.64 167.30
N LEU N 278 -34.80 -13.33 166.49
CA LEU N 278 -34.82 -13.01 165.09
C LEU N 278 -36.21 -13.26 164.54
N ARG N 279 -36.85 -14.36 164.96
CA ARG N 279 -38.19 -14.60 164.50
C ARG N 279 -39.11 -13.47 164.96
N ALA N 280 -38.93 -13.03 166.21
CA ALA N 280 -39.72 -11.93 166.73
C ALA N 280 -39.55 -10.62 165.96
N VAL N 281 -38.33 -10.34 165.48
CA VAL N 281 -38.08 -9.07 164.79
C VAL N 281 -38.23 -9.11 163.27
N HIS N 282 -37.62 -10.08 162.59
CA HIS N 282 -37.69 -10.12 161.13
C HIS N 282 -38.48 -11.30 160.58
N GLY N 283 -38.64 -12.35 161.37
CA GLY N 283 -39.35 -13.54 160.93
C GLY N 283 -38.40 -14.59 160.36
N MET N 284 -37.15 -14.19 160.24
CA MET N 284 -36.08 -15.03 159.75
C MET N 284 -35.82 -16.07 160.83
N ASP N 285 -35.43 -17.28 160.42
CA ASP N 285 -35.20 -18.41 161.33
C ASP N 285 -33.85 -18.53 162.07
N ALA N 286 -32.83 -17.85 161.56
CA ALA N 286 -31.45 -17.88 162.05
C ALA N 286 -30.74 -19.21 161.89
N ASP N 287 -31.27 -20.16 161.12
CA ASP N 287 -30.55 -21.39 160.86
C ASP N 287 -30.01 -21.31 159.45
N ALA N 288 -30.94 -21.10 158.51
CA ALA N 288 -30.66 -21.03 157.08
C ALA N 288 -29.75 -19.88 156.76
N GLU N 289 -29.91 -18.78 157.49
CA GLU N 289 -29.12 -17.61 157.25
C GLU N 289 -27.67 -17.93 157.53
N LEU N 290 -27.46 -18.68 158.59
CA LEU N 290 -26.13 -18.99 158.98
C LEU N 290 -25.55 -20.07 158.11
N SER N 291 -26.35 -21.07 157.76
CA SER N 291 -25.81 -22.13 156.95
C SER N 291 -25.43 -21.56 155.59
N GLY N 292 -26.22 -20.58 155.15
CA GLY N 292 -26.00 -19.87 153.91
C GLY N 292 -24.65 -19.21 153.95
N ILE N 293 -24.40 -18.43 154.99
CA ILE N 293 -23.14 -17.72 155.12
C ILE N 293 -21.98 -18.68 155.16
N LEU N 294 -22.07 -19.75 155.95
CA LEU N 294 -20.93 -20.64 156.04
C LEU N 294 -20.62 -21.32 154.73
N ALA N 295 -21.67 -21.81 154.05
CA ALA N 295 -21.47 -22.49 152.79
C ALA N 295 -20.88 -21.53 151.78
N THR N 296 -21.39 -20.32 151.81
CA THR N 296 -20.96 -19.29 150.90
C THR N 296 -19.51 -18.97 151.12
N GLU N 297 -19.13 -18.78 152.38
CA GLU N 297 -17.77 -18.39 152.67
C GLU N 297 -16.82 -19.46 152.22
N ILE N 298 -17.16 -20.73 152.44
CA ILE N 298 -16.21 -21.75 152.03
C ILE N 298 -16.05 -21.72 150.52
N MET N 299 -17.16 -21.62 149.80
CA MET N 299 -17.06 -21.58 148.35
C MET N 299 -16.27 -20.37 147.87
N LEU N 300 -16.44 -19.22 148.51
CA LEU N 300 -15.71 -18.03 148.10
C LEU N 300 -14.21 -18.23 148.30
N GLU N 301 -13.85 -18.84 149.43
CA GLU N 301 -12.43 -19.11 149.76
C GLU N 301 -11.83 -20.00 148.66
N ILE N 302 -12.59 -21.00 148.20
CA ILE N 302 -12.14 -21.91 147.14
C ILE N 302 -11.95 -21.17 145.84
N ASN N 303 -12.90 -20.33 145.46
CA ASN N 303 -12.72 -19.60 144.21
C ASN N 303 -11.42 -18.80 144.28
N ARG N 304 -11.14 -18.21 145.45
CA ARG N 304 -9.90 -17.48 145.58
C ARG N 304 -8.70 -18.38 145.53
N GLU N 305 -8.74 -19.53 146.19
CA GLU N 305 -7.59 -20.39 146.17
C GLU N 305 -7.19 -20.76 144.77
N VAL N 306 -8.16 -21.09 143.92
CA VAL N 306 -7.80 -21.47 142.58
C VAL N 306 -7.06 -20.34 141.91
N VAL N 307 -7.56 -19.12 142.05
CA VAL N 307 -6.88 -17.98 141.44
C VAL N 307 -5.51 -17.73 142.04
N ASP N 308 -5.41 -17.76 143.36
CA ASP N 308 -4.18 -17.45 144.03
C ASP N 308 -3.06 -18.38 143.60
N TRP N 309 -3.38 -19.66 143.38
CA TRP N 309 -2.36 -20.59 142.93
C TRP N 309 -1.87 -20.29 141.54
N ILE N 310 -2.71 -19.66 140.72
CA ILE N 310 -2.30 -19.33 139.40
C ILE N 310 -1.33 -18.21 139.51
N ASN N 311 -1.66 -17.19 140.27
CA ASN N 311 -0.72 -16.09 140.36
C ASN N 311 0.58 -16.52 141.01
N TYR N 312 0.49 -17.46 141.96
CA TYR N 312 1.63 -18.02 142.67
C TYR N 312 2.56 -18.72 141.70
N SER N 313 1.99 -19.63 140.93
CA SER N 313 2.76 -20.43 140.04
C SER N 313 3.08 -19.78 138.69
N ALA N 314 2.35 -18.75 138.29
CA ALA N 314 2.59 -18.11 136.99
C ALA N 314 3.98 -17.53 136.90
N GLN N 315 4.54 -17.60 135.71
CA GLN N 315 5.87 -17.08 135.46
C GLN N 315 5.78 -15.56 135.28
N VAL N 316 6.89 -14.87 135.40
CA VAL N 316 6.86 -13.42 135.20
C VAL N 316 6.78 -13.10 133.72
N GLY N 317 5.83 -12.25 133.34
CA GLY N 317 5.68 -11.86 131.95
C GLY N 317 6.55 -10.66 131.69
N LYS N 318 6.58 -10.17 130.47
CA LYS N 318 7.35 -9.00 130.11
C LYS N 318 8.75 -9.16 130.66
N SER N 319 9.31 -10.33 130.37
CA SER N 319 10.58 -10.76 130.88
C SER N 319 11.20 -11.83 129.99
N GLY N 320 12.51 -11.90 129.96
CA GLY N 320 13.20 -12.88 129.16
C GLY N 320 12.90 -12.61 127.69
N MET N 321 12.36 -13.59 126.99
CA MET N 321 12.05 -13.42 125.58
C MET N 321 10.98 -12.38 125.30
N THR N 322 10.22 -11.99 126.33
CA THR N 322 9.19 -10.99 126.15
C THR N 322 9.59 -9.66 126.78
N LEU N 323 10.86 -9.56 127.15
CA LEU N 323 11.40 -8.38 127.78
C LEU N 323 11.80 -7.31 126.79
N THR N 324 11.36 -6.11 127.02
CA THR N 324 11.82 -5.00 126.21
C THR N 324 13.13 -4.54 126.89
N PRO N 325 14.25 -4.46 126.17
CA PRO N 325 15.56 -4.15 126.69
C PRO N 325 15.73 -2.72 127.13
N GLY N 326 15.25 -2.43 128.33
CA GLY N 326 15.30 -1.10 128.91
C GLY N 326 14.09 -0.92 129.79
N SER N 327 13.24 -1.94 129.76
CA SER N 327 12.04 -1.97 130.59
C SER N 327 12.40 -2.39 131.99
N LYS N 328 11.41 -2.37 132.87
CA LYS N 328 11.61 -2.68 134.27
C LYS N 328 11.36 -4.15 134.66
N ALA N 329 11.23 -5.05 133.66
CA ALA N 329 11.10 -6.50 133.91
C ALA N 329 9.88 -6.98 134.70
N GLY N 330 8.78 -7.20 134.00
CA GLY N 330 7.55 -7.69 134.64
C GLY N 330 6.54 -6.64 135.01
N VAL N 331 6.79 -5.41 134.60
CA VAL N 331 5.87 -4.32 134.86
C VAL N 331 5.71 -3.44 133.64
N PHE N 332 4.49 -3.02 133.34
CA PHE N 332 4.20 -2.13 132.23
C PHE N 332 3.72 -0.77 132.72
N ASP N 333 4.56 0.24 132.52
CA ASP N 333 4.28 1.59 132.99
C ASP N 333 3.84 2.53 131.88
N PHE N 334 2.60 2.98 131.90
CA PHE N 334 2.09 3.86 130.86
C PHE N 334 2.76 5.22 130.77
N GLN N 335 3.54 5.59 131.77
CA GLN N 335 4.22 6.87 131.72
C GLN N 335 5.64 6.70 131.18
N ASP N 336 6.02 5.47 130.85
CA ASP N 336 7.37 5.14 130.39
C ASP N 336 7.45 4.95 128.86
N PRO N 337 8.13 5.83 128.10
CA PRO N 337 8.28 5.82 126.66
C PRO N 337 8.73 4.49 126.08
N ILE N 338 9.48 3.70 126.86
CA ILE N 338 9.92 2.42 126.32
C ILE N 338 8.73 1.48 126.22
N ASP N 339 8.02 1.31 127.33
CA ASP N 339 6.86 0.43 127.39
C ASP N 339 5.77 0.85 126.45
N ILE N 340 5.61 2.14 126.27
CA ILE N 340 4.53 2.59 125.42
C ILE N 340 4.98 2.81 123.99
N ARG N 341 6.17 2.36 123.66
CA ARG N 341 6.67 2.37 122.30
C ARG N 341 6.59 3.72 121.62
N GLY N 342 7.00 4.77 122.33
CA GLY N 342 7.03 6.12 121.78
C GLY N 342 5.70 6.87 121.82
N ALA N 343 4.69 6.25 122.36
CA ALA N 343 3.37 6.84 122.43
C ALA N 343 3.26 8.11 123.22
N ARG N 344 2.29 8.87 122.79
CA ARG N 344 1.82 10.11 123.37
C ARG N 344 0.34 9.89 123.21
N TRP N 345 -0.53 10.69 123.80
CA TRP N 345 -1.94 10.47 123.49
C TRP N 345 -2.51 9.06 123.71
N ALA N 346 -3.00 8.80 124.92
CA ALA N 346 -3.54 7.50 125.28
C ALA N 346 -4.31 6.73 124.18
N GLY N 347 -5.10 7.38 123.32
CA GLY N 347 -5.85 6.64 122.30
C GLY N 347 -4.96 5.85 121.34
N GLU N 348 -3.68 6.17 121.32
CA GLU N 348 -2.70 5.47 120.54
C GLU N 348 -1.87 4.60 121.50
N SER N 349 -1.54 5.16 122.66
CA SER N 349 -0.68 4.49 123.65
C SER N 349 -1.26 3.20 124.15
N PHE N 350 -2.55 3.17 124.35
CA PHE N 350 -3.21 2.01 124.89
C PHE N 350 -2.94 0.75 124.08
N LYS N 351 -2.70 0.90 122.78
CA LYS N 351 -2.45 -0.27 121.96
C LYS N 351 -1.23 -1.02 122.42
N ALA N 352 -0.31 -0.32 123.10
CA ALA N 352 0.91 -0.89 123.60
C ALA N 352 0.63 -1.99 124.61
N LEU N 353 -0.46 -1.84 125.37
CA LEU N 353 -0.77 -2.84 126.35
C LEU N 353 -1.30 -4.04 125.62
N LEU N 354 -2.14 -3.79 124.61
CA LEU N 354 -2.71 -4.90 123.87
C LEU N 354 -1.60 -5.69 123.23
N PHE N 355 -0.62 -4.98 122.72
CA PHE N 355 0.54 -5.57 122.09
C PHE N 355 1.27 -6.49 123.05
N GLN N 356 1.58 -6.00 124.27
CA GLN N 356 2.27 -6.84 125.24
C GLN N 356 1.43 -8.08 125.57
N ILE N 357 0.10 -7.92 125.62
CA ILE N 357 -0.75 -9.05 125.94
C ILE N 357 -0.59 -10.15 124.88
N ASP N 358 -0.65 -9.79 123.59
CA ASP N 358 -0.41 -10.83 122.60
C ASP N 358 1.00 -11.38 122.75
N LYS N 359 1.96 -10.51 123.00
CA LYS N 359 3.32 -10.99 123.11
C LYS N 359 3.40 -12.10 124.14
N GLU N 360 2.71 -11.89 125.27
CA GLU N 360 2.67 -12.88 126.37
C GLU N 360 1.92 -14.13 125.92
N ALA N 361 0.86 -13.97 125.12
CA ALA N 361 0.08 -15.12 124.65
C ALA N 361 0.89 -16.00 123.73
N VAL N 362 1.74 -15.37 122.92
CA VAL N 362 2.61 -16.05 121.99
C VAL N 362 3.63 -16.86 122.79
N GLU N 363 4.18 -16.23 123.82
CA GLU N 363 5.13 -16.90 124.69
C GLU N 363 4.45 -18.06 125.40
N ILE N 364 3.18 -17.92 125.77
CA ILE N 364 2.48 -19.01 126.42
C ILE N 364 2.49 -20.19 125.47
N ALA N 365 2.17 -19.95 124.20
CA ALA N 365 2.11 -21.08 123.29
C ALA N 365 3.35 -21.86 123.23
N ARG N 366 4.46 -21.15 123.21
CA ARG N 366 5.74 -21.79 123.09
C ARG N 366 6.20 -22.46 124.35
N GLN N 367 6.08 -21.79 125.48
CA GLN N 367 6.60 -22.38 126.69
C GLN N 367 5.76 -23.56 127.16
N THR N 368 4.47 -23.62 126.78
CA THR N 368 3.69 -24.78 127.18
C THR N 368 3.82 -25.86 126.16
N GLY N 369 3.97 -25.48 124.89
CA GLY N 369 4.05 -26.40 123.78
C GLY N 369 2.66 -26.86 123.39
N ARG N 370 1.62 -26.17 123.90
CA ARG N 370 0.24 -26.63 123.64
C ARG N 370 -0.62 -25.57 122.94
N GLY N 371 -0.12 -24.35 122.70
CA GLY N 371 -1.00 -23.39 122.03
C GLY N 371 -1.12 -22.07 122.78
N GLU N 372 -1.45 -21.02 122.04
CA GLU N 372 -1.54 -19.66 122.58
C GLU N 372 -2.54 -19.44 123.65
N GLY N 373 -2.18 -18.51 124.51
CA GLY N 373 -3.06 -18.14 125.59
C GLY N 373 -4.42 -17.79 125.03
N ASN N 374 -5.46 -18.09 125.80
CA ASN N 374 -6.82 -17.84 125.35
C ASN N 374 -7.67 -17.11 126.35
N PHE N 375 -7.03 -16.60 127.39
CA PHE N 375 -7.70 -15.79 128.38
C PHE N 375 -6.79 -14.85 129.11
N ILE N 376 -7.41 -13.83 129.65
CA ILE N 376 -6.82 -12.86 130.52
C ILE N 376 -7.70 -12.55 131.71
N ILE N 377 -7.11 -12.53 132.88
CA ILE N 377 -7.81 -12.12 134.07
C ILE N 377 -7.07 -10.92 134.60
N ALA N 378 -7.77 -9.86 134.94
CA ALA N 378 -7.02 -8.67 135.32
C ALA N 378 -7.73 -7.75 136.27
N SER N 379 -7.00 -6.73 136.72
CA SER N 379 -7.57 -5.72 137.58
C SER N 379 -8.60 -4.96 136.79
N ARG N 380 -9.46 -4.23 137.52
CA ARG N 380 -10.56 -3.44 136.90
C ARG N 380 -10.01 -2.33 135.99
N ASN N 381 -8.83 -1.79 136.30
CA ASN N 381 -8.27 -0.73 135.51
C ASN N 381 -7.79 -1.25 134.17
N VAL N 382 -7.26 -2.47 134.14
CA VAL N 382 -6.84 -3.05 132.89
C VAL N 382 -8.06 -3.25 132.00
N VAL N 383 -9.13 -3.77 132.59
CA VAL N 383 -10.33 -3.99 131.81
C VAL N 383 -10.86 -2.69 131.25
N ASN N 384 -10.87 -1.63 132.05
CA ASN N 384 -11.39 -0.35 131.58
C ASN N 384 -10.64 0.11 130.34
N VAL N 385 -9.34 -0.12 130.32
CA VAL N 385 -8.60 0.24 129.15
C VAL N 385 -9.04 -0.61 127.98
N LEU N 386 -9.12 -1.90 128.18
CA LEU N 386 -9.45 -2.77 127.07
C LEU N 386 -10.84 -2.44 126.50
N ALA N 387 -11.76 -2.10 127.39
CA ALA N 387 -13.14 -1.83 127.05
C ALA N 387 -13.34 -0.46 126.44
N SER N 388 -12.29 0.35 126.39
CA SER N 388 -12.36 1.70 125.88
C SER N 388 -11.63 1.88 124.57
N VAL N 389 -11.08 0.79 124.02
CA VAL N 389 -10.36 0.98 122.77
C VAL N 389 -10.81 -0.02 121.73
N ASP N 390 -10.49 0.28 120.48
CA ASP N 390 -10.72 -0.68 119.42
C ASP N 390 -9.54 -1.60 119.47
N THR N 391 -9.78 -2.84 119.83
CA THR N 391 -8.71 -3.79 120.03
C THR N 391 -8.27 -4.40 118.70
N GLY N 392 -8.99 -4.09 117.64
CA GLY N 392 -8.62 -4.63 116.35
C GLY N 392 -7.50 -3.76 115.84
N ILE N 393 -7.06 -4.00 114.63
CA ILE N 393 -5.97 -3.19 114.14
C ILE N 393 -6.51 -1.91 113.58
N SER N 394 -6.12 -0.81 114.19
CA SER N 394 -6.67 0.46 113.76
C SER N 394 -5.75 1.61 114.00
N TYR N 395 -6.06 2.71 113.32
CA TYR N 395 -5.31 3.96 113.39
C TYR N 395 -5.17 4.49 114.80
N ALA N 396 -6.29 4.64 115.49
CA ALA N 396 -6.31 5.14 116.85
C ALA N 396 -7.65 4.76 117.42
N ALA N 397 -7.78 4.65 118.73
CA ALA N 397 -9.12 4.40 119.24
C ALA N 397 -9.27 4.62 120.72
N GLN N 398 -10.23 5.47 121.08
CA GLN N 398 -10.55 5.71 122.48
C GLN N 398 -11.95 6.26 122.64
N GLY N 399 -12.66 5.78 123.67
CA GLY N 399 -14.00 6.30 123.99
C GLY N 399 -14.51 5.76 125.31
N LEU N 400 -15.82 5.89 125.54
CA LEU N 400 -16.41 5.44 126.78
C LEU N 400 -16.16 3.93 126.89
N ALA N 401 -15.73 3.46 128.06
CA ALA N 401 -15.37 2.05 128.24
C ALA N 401 -16.54 1.09 128.31
N THR N 402 -17.19 0.89 127.16
CA THR N 402 -18.36 0.03 127.08
C THR N 402 -18.15 -1.30 126.34
N GLY N 403 -16.95 -1.56 125.81
CA GLY N 403 -16.69 -2.77 125.03
C GLY N 403 -16.92 -4.08 125.78
N PHE N 404 -16.58 -4.12 127.07
CA PHE N 404 -16.72 -5.31 127.87
C PHE N 404 -17.41 -4.89 129.15
N SER N 405 -18.10 -5.79 129.83
CA SER N 405 -18.70 -5.38 131.09
C SER N 405 -17.68 -4.97 132.13
N THR N 406 -18.04 -3.97 132.92
CA THR N 406 -17.21 -3.48 134.00
C THR N 406 -17.83 -3.75 135.38
N ASP N 407 -18.88 -4.56 135.42
CA ASP N 407 -19.49 -4.88 136.70
C ASP N 407 -18.73 -6.03 137.39
N THR N 408 -19.00 -6.23 138.67
CA THR N 408 -18.53 -7.39 139.43
C THR N 408 -19.78 -7.97 140.03
N THR N 409 -20.83 -7.16 139.89
CA THR N 409 -22.12 -7.38 140.48
C THR N 409 -23.04 -8.25 139.66
N LYS N 410 -22.75 -8.45 138.38
CA LYS N 410 -23.56 -9.34 137.58
C LYS N 410 -22.70 -10.52 137.18
N SER N 411 -21.43 -10.27 136.89
CA SER N 411 -20.53 -11.33 136.48
C SER N 411 -19.09 -11.08 136.90
N VAL N 412 -18.22 -11.88 136.30
CA VAL N 412 -16.79 -11.87 136.50
C VAL N 412 -16.26 -11.74 135.13
N PHE N 413 -17.02 -12.34 134.23
CA PHE N 413 -16.66 -12.39 132.83
C PHE N 413 -17.15 -11.14 132.15
N ALA N 414 -16.21 -10.39 131.61
CA ALA N 414 -16.50 -9.11 130.99
C ALA N 414 -16.84 -9.26 129.51
N GLY N 415 -16.17 -10.20 128.85
CA GLY N 415 -16.35 -10.37 127.40
C GLY N 415 -15.13 -10.99 126.74
N VAL N 416 -15.01 -10.86 125.41
CA VAL N 416 -13.84 -11.49 124.77
C VAL N 416 -12.98 -10.47 124.05
N LEU N 417 -11.73 -10.40 124.45
CA LEU N 417 -10.82 -9.41 123.94
C LEU N 417 -10.38 -9.69 122.53
N GLY N 418 -10.84 -8.84 121.63
CA GLY N 418 -10.54 -8.95 120.22
C GLY N 418 -11.26 -10.12 119.61
N GLY N 419 -12.17 -10.73 120.36
CA GLY N 419 -12.81 -11.92 119.89
C GLY N 419 -11.88 -13.13 120.09
N LYS N 420 -10.73 -12.90 120.75
CA LYS N 420 -9.73 -13.94 120.97
C LYS N 420 -9.52 -14.38 122.41
N TYR N 421 -9.51 -13.46 123.38
CA TYR N 421 -9.19 -13.91 124.73
C TYR N 421 -10.34 -13.71 125.69
N ARG N 422 -10.65 -14.74 126.49
CA ARG N 422 -11.74 -14.59 127.50
C ARG N 422 -11.30 -13.52 128.52
N VAL N 423 -12.12 -12.50 128.76
CA VAL N 423 -11.75 -11.44 129.70
C VAL N 423 -12.51 -11.55 131.01
N TYR N 424 -11.75 -11.72 132.09
CA TYR N 424 -12.29 -11.83 133.44
C TYR N 424 -11.68 -10.81 134.39
N ILE N 425 -12.40 -10.49 135.47
CA ILE N 425 -11.82 -9.61 136.48
C ILE N 425 -11.45 -10.25 137.79
N ASP N 426 -10.25 -9.93 138.27
CA ASP N 426 -9.88 -10.35 139.61
C ASP N 426 -10.29 -9.19 140.51
N GLN N 427 -11.47 -9.28 141.11
CA GLN N 427 -12.06 -8.17 141.86
C GLN N 427 -11.35 -7.93 143.17
N TYR N 428 -10.44 -8.83 143.52
CA TYR N 428 -9.68 -8.71 144.74
C TYR N 428 -8.20 -8.43 144.47
N ALA N 429 -7.87 -8.04 143.24
CA ALA N 429 -6.48 -7.75 142.90
C ALA N 429 -5.90 -6.76 143.90
N LYS N 430 -4.71 -7.05 144.43
CA LYS N 430 -4.12 -6.16 145.40
C LYS N 430 -3.78 -4.76 144.91
N GLN N 431 -3.26 -4.62 143.69
CA GLN N 431 -3.03 -3.26 143.26
C GLN N 431 -3.47 -3.01 141.83
N ASP N 432 -2.70 -3.50 140.86
CA ASP N 432 -3.09 -3.30 139.49
C ASP N 432 -2.12 -4.11 138.63
N TYR N 433 -2.63 -5.15 137.99
CA TYR N 433 -1.85 -6.11 137.21
C TYR N 433 -2.77 -6.94 136.35
N PHE N 434 -2.17 -7.76 135.49
CA PHE N 434 -2.95 -8.75 134.77
C PHE N 434 -2.21 -10.06 134.60
N THR N 435 -2.98 -11.13 134.44
CA THR N 435 -2.44 -12.46 134.22
C THR N 435 -3.06 -13.10 132.97
N VAL N 436 -2.22 -13.74 132.17
CA VAL N 436 -2.72 -14.41 130.99
C VAL N 436 -2.33 -15.86 130.98
N GLY N 437 -3.04 -16.63 130.18
CA GLY N 437 -2.70 -18.03 130.06
C GLY N 437 -3.53 -18.82 129.09
N TYR N 438 -3.25 -20.13 129.02
CA TYR N 438 -3.96 -20.99 128.04
C TYR N 438 -4.50 -22.26 128.70
N LYS N 439 -5.75 -22.58 128.38
CA LYS N 439 -6.45 -23.77 128.84
C LYS N 439 -7.05 -24.44 127.60
N GLY N 440 -6.75 -25.71 127.39
CA GLY N 440 -7.20 -26.40 126.19
C GLY N 440 -8.55 -27.09 126.32
N PRO N 441 -9.09 -27.64 125.22
CA PRO N 441 -10.34 -28.39 125.12
C PRO N 441 -10.29 -29.70 125.90
N ASN N 442 -9.08 -30.16 126.15
CA ASN N 442 -8.82 -31.36 126.91
C ASN N 442 -8.73 -30.95 128.34
N GLU N 443 -9.60 -31.46 129.18
CA GLU N 443 -9.63 -31.04 130.57
C GLU N 443 -8.28 -31.13 131.26
N MET N 444 -7.43 -32.10 130.89
CA MET N 444 -6.16 -32.18 131.58
C MET N 444 -5.15 -31.17 131.07
N ASP N 445 -5.45 -30.48 129.99
CA ASP N 445 -4.52 -29.52 129.40
C ASP N 445 -4.78 -28.14 130.01
N ALA N 446 -4.44 -27.99 131.28
CA ALA N 446 -4.76 -26.73 131.96
C ALA N 446 -3.67 -26.14 132.84
N GLY N 447 -2.70 -26.92 133.25
CA GLY N 447 -1.67 -26.39 134.15
C GLY N 447 -2.10 -26.40 135.60
N ILE N 448 -3.18 -25.68 135.88
CA ILE N 448 -3.79 -25.57 137.19
C ILE N 448 -4.99 -26.51 137.35
N TYR N 449 -5.03 -27.26 138.45
CA TYR N 449 -6.15 -28.23 138.62
C TYR N 449 -6.72 -28.22 140.05
N TYR N 450 -8.05 -28.38 140.13
CA TYR N 450 -8.84 -28.49 141.38
C TYR N 450 -9.72 -29.71 141.28
N ALA N 451 -9.61 -30.69 142.15
CA ALA N 451 -10.35 -31.93 141.94
C ALA N 451 -11.20 -32.37 143.12
N PRO N 452 -12.41 -31.84 143.30
CA PRO N 452 -13.22 -32.00 144.48
C PRO N 452 -13.57 -33.44 144.76
N TYR N 453 -13.71 -33.76 146.05
CA TYR N 453 -14.10 -35.12 146.52
C TYR N 453 -15.33 -35.03 147.42
N VAL N 454 -15.32 -34.07 148.36
CA VAL N 454 -16.41 -33.85 149.31
C VAL N 454 -16.82 -32.39 149.33
N ALA N 455 -18.12 -32.09 149.36
CA ALA N 455 -18.50 -30.69 149.48
C ALA N 455 -19.75 -30.49 150.30
N LEU N 456 -19.70 -29.44 151.10
CA LEU N 456 -20.76 -28.97 151.97
C LEU N 456 -21.46 -30.05 152.74
N THR N 457 -20.69 -30.93 153.36
CA THR N 457 -21.29 -31.95 154.17
C THR N 457 -21.68 -31.26 155.46
N PRO N 458 -22.94 -31.28 155.89
CA PRO N 458 -23.38 -30.62 157.07
C PRO N 458 -22.93 -31.32 158.34
N LEU N 459 -22.78 -30.52 159.36
CA LEU N 459 -22.54 -30.90 160.73
C LEU N 459 -23.70 -30.47 161.54
N ARG N 460 -24.25 -31.37 162.33
CA ARG N 460 -25.31 -31.00 163.23
C ARG N 460 -25.20 -31.76 164.53
N GLY N 461 -25.67 -31.12 165.60
CA GLY N 461 -25.72 -31.73 166.93
C GLY N 461 -26.17 -30.72 167.98
N SER N 462 -25.73 -30.94 169.21
CA SER N 462 -26.06 -30.11 170.36
C SER N 462 -24.99 -30.31 171.42
N ASP N 463 -24.88 -29.35 172.35
CA ASP N 463 -23.97 -29.52 173.46
C ASP N 463 -24.71 -29.31 174.79
N PRO N 464 -25.08 -30.38 175.52
CA PRO N 464 -25.83 -30.40 176.76
C PRO N 464 -25.24 -29.55 177.87
N LYS N 465 -23.98 -29.15 177.76
CA LYS N 465 -23.45 -28.32 178.82
C LYS N 465 -24.19 -26.97 178.85
N ASN N 466 -24.77 -26.56 177.72
CA ASN N 466 -25.49 -25.32 177.66
C ASN N 466 -26.69 -25.49 176.75
N PHE N 467 -26.78 -26.69 176.21
CA PHE N 467 -27.85 -27.17 175.33
C PHE N 467 -28.07 -26.36 174.06
N GLN N 468 -27.06 -25.67 173.62
CA GLN N 468 -27.21 -24.90 172.41
C GLN N 468 -26.99 -25.86 171.27
N PRO N 469 -27.58 -25.60 170.08
CA PRO N 469 -27.42 -26.37 168.87
C PRO N 469 -26.04 -26.24 168.28
N VAL N 470 -25.65 -27.25 167.53
CA VAL N 470 -24.41 -27.24 166.78
C VAL N 470 -24.74 -27.37 165.32
N MET N 471 -24.20 -26.47 164.53
CA MET N 471 -24.40 -26.49 163.10
C MET N 471 -23.14 -26.00 162.41
N GLY N 472 -22.80 -26.63 161.27
CA GLY N 472 -21.66 -26.24 160.42
C GLY N 472 -21.49 -27.09 159.15
N PHE N 473 -20.34 -26.96 158.46
CA PHE N 473 -20.15 -27.76 157.22
C PHE N 473 -18.66 -28.01 156.93
N LYS N 474 -18.38 -29.10 156.21
CA LYS N 474 -17.02 -29.47 155.80
C LYS N 474 -16.88 -29.92 154.33
N THR N 475 -15.69 -29.69 153.75
CA THR N 475 -15.36 -30.11 152.38
C THR N 475 -14.01 -30.81 152.32
N ARG N 476 -13.69 -31.43 151.17
CA ARG N 476 -12.39 -32.08 150.90
C ARG N 476 -12.11 -32.11 149.39
N TYR N 477 -10.89 -31.77 148.97
CA TYR N 477 -10.74 -31.74 147.49
C TYR N 477 -9.35 -32.14 146.97
N GLY N 478 -8.32 -31.31 147.21
CA GLY N 478 -7.04 -31.53 146.58
C GLY N 478 -6.91 -30.70 145.33
N ILE N 479 -5.69 -30.25 145.09
CA ILE N 479 -5.31 -29.42 143.98
C ILE N 479 -4.06 -29.99 143.35
N GLY N 480 -3.66 -29.45 142.21
CA GLY N 480 -2.39 -29.90 141.67
C GLY N 480 -1.96 -29.19 140.41
N ILE N 481 -0.83 -29.64 139.87
CA ILE N 481 -0.27 -29.06 138.67
C ILE N 481 -0.02 -30.11 137.58
N ASN N 482 0.10 -29.64 136.34
CA ASN N 482 0.35 -30.49 135.18
C ASN N 482 1.77 -31.02 135.17
N PRO N 483 2.02 -32.28 134.77
CA PRO N 483 3.33 -32.78 134.50
C PRO N 483 3.85 -31.86 133.44
N PHE N 484 5.11 -31.56 133.45
CA PHE N 484 5.73 -30.65 132.49
C PHE N 484 5.29 -29.20 132.66
N ALA N 485 4.48 -28.86 133.68
CA ALA N 485 4.03 -27.47 133.84
C ALA N 485 5.19 -26.53 133.96
N GLU N 486 6.24 -26.96 134.63
CA GLU N 486 7.42 -26.14 134.84
C GLU N 486 8.23 -25.82 133.57
N SER N 487 8.12 -26.67 132.55
CA SER N 487 8.92 -26.59 131.31
C SER N 487 10.40 -26.26 131.59
N ALA N 488 10.98 -26.79 132.67
CA ALA N 488 12.33 -26.40 133.04
C ALA N 488 13.25 -27.57 133.24
N ALA N 489 12.84 -28.71 132.75
CA ALA N 489 13.63 -29.91 132.87
C ALA N 489 13.15 -30.91 131.88
N GLN N 490 14.01 -31.83 131.52
CA GLN N 490 13.55 -32.93 130.72
C GLN N 490 12.75 -33.87 131.62
N ALA N 491 13.21 -34.08 132.85
CA ALA N 491 12.49 -34.95 133.74
C ALA N 491 12.87 -34.67 135.20
N PRO N 492 11.98 -34.92 136.17
CA PRO N 492 12.17 -34.82 137.61
C PRO N 492 12.99 -35.96 138.21
N ALA N 493 13.59 -35.66 139.35
CA ALA N 493 14.34 -36.64 140.10
C ALA N 493 13.48 -37.81 140.51
N SER N 494 14.11 -38.98 140.49
CA SER N 494 13.57 -40.26 140.93
C SER N 494 12.32 -40.72 140.19
N ARG N 495 11.97 -40.05 139.08
CA ARG N 495 10.79 -40.40 138.31
C ARG N 495 9.51 -40.35 139.15
N ILE N 496 9.46 -39.47 140.16
CA ILE N 496 8.27 -39.36 140.95
C ILE N 496 8.17 -38.04 141.68
N GLN N 497 6.97 -37.50 141.73
CA GLN N 497 6.77 -36.26 142.44
C GLN N 497 5.37 -36.08 142.97
N SER N 498 5.24 -35.21 143.96
CA SER N 498 3.90 -34.84 144.38
C SER N 498 3.39 -33.87 143.32
N GLY N 499 2.11 -33.92 143.03
CA GLY N 499 1.48 -33.03 142.06
C GLY N 499 1.01 -31.72 142.67
N MET N 500 1.30 -31.49 143.94
CA MET N 500 0.86 -30.28 144.61
C MET N 500 1.86 -29.16 144.40
N PRO N 501 1.42 -27.90 144.32
CA PRO N 501 2.24 -26.72 144.20
C PRO N 501 3.02 -26.43 145.47
N SER N 502 4.17 -25.77 145.32
CA SER N 502 5.03 -25.35 146.45
C SER N 502 6.11 -24.36 145.99
N ILE N 503 6.88 -23.80 146.91
CA ILE N 503 7.93 -22.87 146.46
C ILE N 503 8.89 -23.53 145.51
N LEU N 504 9.31 -24.73 145.85
CA LEU N 504 10.30 -25.42 145.04
C LEU N 504 9.67 -26.29 143.96
N ASN N 505 8.35 -26.26 143.83
CA ASN N 505 7.71 -27.11 142.84
C ASN N 505 6.96 -26.31 141.78
N SER N 506 6.34 -25.19 142.17
CA SER N 506 5.56 -24.45 141.20
C SER N 506 5.67 -22.93 141.24
N LEU N 507 6.14 -22.32 142.34
CA LEU N 507 6.10 -20.86 142.43
C LEU N 507 6.92 -20.27 141.32
N GLY N 508 6.29 -19.45 140.51
CA GLY N 508 6.95 -18.79 139.39
C GLY N 508 7.40 -19.75 138.28
N LYS N 509 6.76 -20.91 138.13
CA LYS N 509 7.24 -21.88 137.15
C LYS N 509 6.24 -22.32 136.10
N ASN N 510 4.97 -22.13 136.33
CA ASN N 510 3.93 -22.72 135.51
C ASN N 510 3.75 -22.07 134.17
N ALA N 511 4.16 -22.82 133.15
CA ALA N 511 4.19 -22.45 131.75
C ALA N 511 2.85 -22.04 131.19
N TYR N 512 1.79 -22.48 131.88
CA TYR N 512 0.39 -22.21 131.46
C TYR N 512 -0.01 -20.76 131.80
N PHE N 513 0.87 -20.01 132.46
CA PHE N 513 0.54 -18.64 132.82
C PHE N 513 1.73 -17.69 132.89
N ARG N 514 1.45 -16.40 132.67
CA ARG N 514 2.48 -15.33 132.78
C ARG N 514 1.82 -14.02 133.25
N ARG N 515 2.34 -13.39 134.31
CA ARG N 515 1.70 -12.14 134.77
C ARG N 515 2.60 -10.93 134.81
N VAL N 516 1.96 -9.78 134.60
CA VAL N 516 2.61 -8.46 134.52
C VAL N 516 1.93 -7.41 135.38
N TYR N 517 2.73 -6.66 136.13
CA TYR N 517 2.21 -5.58 136.95
C TYR N 517 2.02 -4.38 136.07
N VAL N 518 1.12 -3.49 136.41
CA VAL N 518 1.04 -2.32 135.55
C VAL N 518 1.13 -1.04 136.38
N LYS N 519 1.55 0.02 135.74
CA LYS N 519 1.70 1.32 136.37
C LYS N 519 1.24 2.43 135.45
N GLY N 520 0.96 3.60 136.03
CA GLY N 520 0.62 4.77 135.24
C GLY N 520 -0.82 4.81 134.76
N ILE N 521 -1.71 4.06 135.43
CA ILE N 521 -3.11 3.98 135.03
C ILE N 521 -3.98 4.60 136.10
N ALA O 66 -51.44 71.29 110.45
CA ALA O 66 -52.02 72.62 110.25
C ALA O 66 -51.78 73.47 111.48
N GLU O 67 -51.16 72.85 112.45
CA GLU O 67 -50.81 73.42 113.75
C GLU O 67 -49.65 72.66 114.34
N ILE O 68 -48.94 73.28 115.27
CA ILE O 68 -47.85 72.56 115.86
C ILE O 68 -48.42 71.54 116.81
N GLY O 69 -48.57 70.32 116.30
CA GLY O 69 -49.16 69.25 117.07
C GLY O 69 -48.39 69.04 118.36
N GLY O 70 -47.07 69.22 118.29
CA GLY O 70 -46.15 69.12 119.41
C GLY O 70 -45.67 67.72 119.67
N ASP O 71 -44.96 67.55 120.79
CA ASP O 71 -44.33 66.27 121.10
C ASP O 71 -44.09 66.09 122.59
N HIS O 72 -43.52 64.94 122.94
CA HIS O 72 -43.14 64.63 124.31
C HIS O 72 -41.64 64.84 124.43
N GLY O 73 -41.11 64.68 125.64
CA GLY O 73 -39.68 64.85 125.88
C GLY O 73 -38.83 63.57 125.92
N TYR O 74 -39.37 62.40 125.53
CA TYR O 74 -38.63 61.12 125.63
C TYR O 74 -38.29 60.81 127.09
N ASN O 75 -39.10 61.39 127.95
CA ASN O 75 -39.06 61.28 129.39
C ASN O 75 -40.19 60.38 129.84
N ALA O 76 -39.85 59.22 130.39
CA ALA O 76 -40.87 58.24 130.78
C ALA O 76 -41.93 58.85 131.67
N THR O 77 -41.54 59.80 132.50
CA THR O 77 -42.46 60.46 133.41
C THR O 77 -43.60 61.09 132.66
N ASN O 78 -43.27 61.72 131.55
CA ASN O 78 -44.24 62.45 130.80
C ASN O 78 -44.94 61.54 129.81
N ILE O 79 -44.23 60.57 129.26
CA ILE O 79 -44.82 59.73 128.25
C ILE O 79 -45.99 59.01 128.86
N ALA O 80 -45.72 58.47 130.03
CA ALA O 80 -46.64 57.65 130.78
C ALA O 80 -47.97 58.34 131.08
N ALA O 81 -48.01 59.66 131.09
CA ALA O 81 -49.25 60.33 131.43
C ALA O 81 -49.76 61.21 130.31
N GLY O 82 -49.19 61.07 129.11
CA GLY O 82 -49.67 61.87 128.00
C GLY O 82 -49.29 63.35 128.14
N GLN O 83 -48.21 63.66 128.83
CA GLN O 83 -47.88 65.06 129.03
C GLN O 83 -47.03 65.59 127.91
N THR O 84 -47.61 66.52 127.17
CA THR O 84 -46.98 67.06 125.99
C THR O 84 -46.95 68.56 125.89
N SER O 85 -46.07 69.02 124.99
CA SER O 85 -45.91 70.41 124.61
C SER O 85 -46.95 70.80 123.58
N GLY O 86 -47.68 69.80 123.12
CA GLY O 86 -48.65 69.93 122.07
C GLY O 86 -49.97 70.55 122.43
N ALA O 87 -50.84 70.53 121.44
CA ALA O 87 -52.15 71.19 121.52
C ALA O 87 -53.05 70.68 122.62
N VAL O 88 -53.06 69.38 122.83
CA VAL O 88 -53.90 68.81 123.86
C VAL O 88 -53.16 67.77 124.64
N THR O 89 -53.69 67.46 125.82
CA THR O 89 -53.22 66.38 126.66
C THR O 89 -53.43 65.08 125.90
N GLN O 90 -52.44 64.21 125.92
CA GLN O 90 -52.55 62.95 125.19
C GLN O 90 -53.10 61.84 126.02
N ILE O 91 -53.58 60.82 125.35
CA ILE O 91 -54.10 59.64 125.98
C ILE O 91 -53.04 58.93 126.79
N GLY O 92 -51.83 58.86 126.23
CA GLY O 92 -50.72 58.15 126.85
C GLY O 92 -50.59 56.79 126.19
N PRO O 93 -49.56 56.00 126.53
CA PRO O 93 -49.23 54.70 125.99
C PRO O 93 -50.30 53.70 126.32
N ALA O 94 -50.52 52.71 125.45
CA ALA O 94 -51.48 51.69 125.82
C ALA O 94 -50.83 50.41 126.27
N VAL O 95 -50.38 49.58 125.33
CA VAL O 95 -49.76 48.33 125.70
C VAL O 95 -48.58 47.90 124.82
N MET O 96 -47.71 47.12 125.41
CA MET O 96 -46.61 46.38 124.79
C MET O 96 -46.65 45.03 125.46
N GLY O 97 -47.85 44.65 125.86
CA GLY O 97 -48.08 43.41 126.59
C GLY O 97 -47.58 43.54 128.03
N MET O 98 -47.44 42.39 128.67
CA MET O 98 -47.01 42.30 130.05
C MET O 98 -46.10 41.11 130.19
N VAL O 99 -45.07 41.21 131.03
CA VAL O 99 -44.18 40.07 131.22
C VAL O 99 -43.90 39.65 132.65
N ARG O 100 -43.56 38.38 132.76
CA ARG O 100 -43.14 37.71 133.97
C ARG O 100 -41.99 36.79 133.61
N ARG O 101 -41.19 36.39 134.58
CA ARG O 101 -40.10 35.47 134.30
C ARG O 101 -40.55 34.02 134.48
N ALA O 102 -40.10 33.15 133.58
CA ALA O 102 -40.35 31.72 133.61
C ALA O 102 -39.71 31.00 134.79
N ILE O 103 -40.36 29.93 135.24
CA ILE O 103 -39.88 29.10 136.34
C ILE O 103 -38.78 28.09 135.88
N PRO O 104 -37.69 27.90 136.65
CA PRO O 104 -36.65 26.92 136.42
C PRO O 104 -37.17 25.47 136.45
N ASN O 105 -36.56 24.59 135.68
CA ASN O 105 -36.93 23.18 135.61
C ASN O 105 -36.21 22.40 136.71
N LEU O 106 -36.81 21.34 137.27
CA LEU O 106 -36.18 20.59 138.38
C LEU O 106 -35.89 19.10 138.13
N ILE O 107 -34.97 18.52 138.94
CA ILE O 107 -34.57 17.09 138.96
C ILE O 107 -34.64 16.55 140.38
N ALA O 108 -35.43 17.19 141.23
CA ALA O 108 -35.42 16.95 142.67
C ALA O 108 -35.55 15.50 143.09
N PHE O 109 -36.38 14.70 142.43
CA PHE O 109 -36.51 13.34 142.92
C PHE O 109 -36.18 12.34 141.86
N ASP O 110 -35.41 12.75 140.86
CA ASP O 110 -35.12 11.85 139.75
C ASP O 110 -34.19 10.71 140.11
N ILE O 111 -33.28 10.95 141.05
CA ILE O 111 -32.32 9.93 141.42
C ILE O 111 -32.33 9.58 142.89
N CYS O 112 -33.38 9.96 143.61
CA CYS O 112 -33.39 9.63 145.02
C CYS O 112 -34.27 8.44 145.22
N GLY O 113 -34.11 7.76 146.35
CA GLY O 113 -35.07 6.75 146.66
C GLY O 113 -36.15 7.48 147.40
N VAL O 114 -37.38 7.09 147.21
CA VAL O 114 -38.44 7.70 147.97
C VAL O 114 -39.36 6.63 148.46
N GLN O 115 -39.68 6.67 149.73
CA GLN O 115 -40.62 5.68 150.25
C GLN O 115 -41.56 6.25 151.28
N PRO O 116 -41.05 6.83 152.36
CA PRO O 116 -41.83 7.33 153.43
C PRO O 116 -42.44 8.58 152.86
N MET O 117 -43.43 9.18 153.52
CA MET O 117 -43.98 8.76 154.80
C MET O 117 -45.43 8.41 154.79
N ASN O 118 -45.76 7.56 155.74
CA ASN O 118 -47.10 7.21 156.10
C ASN O 118 -47.10 7.32 157.61
N SER O 119 -45.92 7.68 158.08
CA SER O 119 -45.59 7.87 159.47
C SER O 119 -44.22 8.52 159.60
N PRO O 120 -44.03 9.43 160.53
CA PRO O 120 -42.77 10.02 160.88
C PRO O 120 -42.07 8.97 161.68
N THR O 121 -40.83 9.23 162.08
CA THR O 121 -40.11 8.27 162.89
C THR O 121 -39.94 6.92 162.19
N GLY O 122 -39.14 6.92 161.13
CA GLY O 122 -38.89 5.71 160.36
C GLY O 122 -37.77 4.91 161.03
N GLN O 123 -37.66 3.62 160.70
CA GLN O 123 -36.59 2.73 161.20
C GLN O 123 -36.15 1.64 160.23
N VAL O 124 -34.85 1.60 159.94
CA VAL O 124 -34.29 0.63 159.01
C VAL O 124 -33.31 -0.28 159.73
N PHE O 125 -33.42 -1.56 159.47
CA PHE O 125 -32.49 -2.51 160.06
C PHE O 125 -31.47 -2.93 159.05
N ALA O 126 -30.26 -3.24 159.49
CA ALA O 126 -29.25 -3.68 158.54
C ALA O 126 -28.45 -4.84 159.06
N LEU O 127 -28.25 -5.82 158.19
CA LEU O 127 -27.49 -7.00 158.58
C LEU O 127 -26.10 -7.03 158.00
N ARG O 128 -25.14 -7.30 158.86
CA ARG O 128 -23.77 -7.50 158.48
C ARG O 128 -23.45 -8.96 158.69
N ALA O 129 -22.83 -9.59 157.71
CA ALA O 129 -22.41 -10.97 157.92
C ALA O 129 -21.05 -10.84 158.56
N VAL O 130 -20.80 -11.55 159.63
CA VAL O 130 -19.56 -11.34 160.35
C VAL O 130 -18.82 -12.61 160.66
N TYR O 131 -17.57 -12.48 161.04
CA TYR O 131 -16.82 -13.63 161.49
C TYR O 131 -15.71 -13.29 162.46
N GLY O 132 -15.19 -14.34 163.12
CA GLY O 132 -14.11 -14.15 164.09
C GLY O 132 -14.57 -14.36 165.53
N LYS O 133 -15.71 -15.04 165.71
CA LYS O 133 -16.35 -15.39 166.99
C LYS O 133 -16.98 -14.28 167.80
N ASP O 134 -16.95 -13.04 167.34
CA ASP O 134 -17.56 -11.98 168.14
C ASP O 134 -18.05 -10.86 167.24
N PRO O 135 -19.36 -10.81 166.93
CA PRO O 135 -19.97 -9.83 166.06
C PRO O 135 -19.77 -8.40 166.50
N VAL O 136 -19.48 -8.16 167.79
CA VAL O 136 -19.29 -6.80 168.24
C VAL O 136 -17.99 -6.69 169.01
N ALA O 137 -16.91 -6.43 168.29
CA ALA O 137 -15.61 -6.31 168.89
C ALA O 137 -14.66 -5.59 167.96
N ALA O 138 -13.65 -4.96 168.54
CA ALA O 138 -12.63 -4.41 167.68
C ALA O 138 -11.98 -5.58 166.97
N GLY O 139 -11.73 -5.44 165.69
CA GLY O 139 -11.06 -6.49 164.94
C GLY O 139 -12.02 -7.49 164.32
N ALA O 140 -13.31 -7.44 164.68
CA ALA O 140 -14.27 -8.35 164.11
C ALA O 140 -14.33 -8.04 162.64
N LYS O 141 -14.55 -9.05 161.79
CA LYS O 141 -14.60 -8.73 160.37
C LYS O 141 -15.93 -8.99 159.72
N GLU O 142 -16.18 -8.24 158.66
CA GLU O 142 -17.38 -8.43 157.86
C GLU O 142 -17.08 -9.41 156.74
N ALA O 143 -17.91 -10.44 156.66
CA ALA O 143 -17.75 -11.50 155.67
C ALA O 143 -17.83 -11.03 154.23
N PHE O 144 -18.70 -10.06 153.95
CA PHE O 144 -18.86 -9.65 152.57
C PHE O 144 -18.60 -8.16 152.32
N HIS O 145 -17.51 -7.61 152.88
CA HIS O 145 -17.20 -6.20 152.62
C HIS O 145 -16.77 -6.04 151.16
N PRO O 146 -17.34 -5.11 150.38
CA PRO O 146 -17.08 -4.91 148.97
C PRO O 146 -15.67 -4.55 148.54
N MET O 147 -14.85 -3.97 149.42
CA MET O 147 -13.54 -3.59 148.94
C MET O 147 -12.42 -4.36 149.62
N TYR O 148 -12.79 -5.40 150.37
CA TYR O 148 -11.78 -6.18 151.09
C TYR O 148 -11.78 -7.65 150.72
N GLY O 149 -10.60 -8.25 150.64
CA GLY O 149 -10.55 -9.65 150.37
C GLY O 149 -10.85 -10.44 151.65
N PRO O 150 -11.34 -11.68 151.48
CA PRO O 150 -11.68 -12.65 152.48
C PRO O 150 -10.49 -13.33 153.09
N ASP O 151 -10.68 -13.91 154.25
CA ASP O 151 -9.63 -14.72 154.82
C ASP O 151 -9.62 -16.06 154.17
N ALA O 152 -8.90 -16.13 153.07
CA ALA O 152 -8.87 -17.33 152.27
C ALA O 152 -8.41 -18.55 153.08
N MET O 153 -7.56 -18.35 154.07
CA MET O 153 -7.09 -19.46 154.89
C MET O 153 -7.94 -19.76 156.12
N PHE O 154 -9.04 -19.02 156.31
CA PHE O 154 -9.91 -19.15 157.48
C PHE O 154 -10.56 -20.52 157.64
N SER O 155 -11.22 -21.03 156.61
CA SER O 155 -11.83 -22.35 156.74
C SER O 155 -10.79 -23.41 156.46
N GLY O 156 -9.67 -22.95 155.91
CA GLY O 156 -8.56 -23.76 155.47
C GLY O 156 -7.45 -23.87 156.51
N GLN O 157 -6.22 -23.92 156.02
CA GLN O 157 -5.03 -24.18 156.83
C GLN O 157 -4.81 -23.22 157.98
N GLY O 158 -5.28 -21.99 157.85
CA GLY O 158 -5.06 -20.97 158.84
C GLY O 158 -5.68 -21.34 160.16
N ALA O 159 -6.64 -22.25 160.16
CA ALA O 159 -7.25 -22.66 161.40
C ALA O 159 -6.20 -23.30 162.32
N ALA O 160 -5.09 -23.78 161.76
CA ALA O 160 -4.05 -24.45 162.51
C ALA O 160 -3.08 -23.50 163.21
N LYS O 161 -3.09 -22.20 162.91
CA LYS O 161 -2.10 -21.34 163.56
C LYS O 161 -2.40 -19.88 163.47
N LYS O 162 -1.76 -19.14 164.34
CA LYS O 162 -1.84 -17.71 164.18
C LYS O 162 -0.64 -17.32 163.36
N PHE O 163 -0.87 -16.63 162.29
CA PHE O 163 0.23 -16.22 161.45
C PHE O 163 0.74 -14.95 162.05
N PRO O 164 2.04 -14.68 162.07
CA PRO O 164 2.55 -13.44 162.53
C PRO O 164 2.12 -12.42 161.54
N ALA O 165 1.81 -11.23 162.00
CA ALA O 165 1.50 -10.18 161.05
C ALA O 165 2.79 -9.61 160.59
N LEU O 166 2.78 -9.13 159.40
CA LEU O 166 3.90 -8.43 158.85
C LEU O 166 3.70 -6.97 159.15
N ALA O 167 4.68 -6.38 159.80
CA ALA O 167 4.65 -5.01 160.24
C ALA O 167 6.06 -4.49 160.22
N ALA O 168 6.24 -3.18 160.27
CA ALA O 168 7.57 -2.62 160.17
C ALA O 168 8.54 -3.32 161.12
N SER O 169 9.71 -3.66 160.57
CA SER O 169 10.87 -4.32 161.18
C SER O 169 10.76 -5.86 161.25
N THR O 170 9.58 -6.41 161.00
CA THR O 170 9.38 -7.86 160.99
C THR O 170 10.12 -8.48 159.82
N GLN O 171 10.89 -9.53 160.08
CA GLN O 171 11.64 -10.19 159.01
C GLN O 171 10.88 -11.39 158.50
N THR O 172 11.05 -11.69 157.21
CA THR O 172 10.40 -12.88 156.70
C THR O 172 11.19 -14.13 157.01
N THR O 173 10.50 -15.26 156.90
CA THR O 173 11.07 -16.59 157.04
C THR O 173 10.66 -17.35 155.82
N VAL O 174 11.61 -17.80 155.03
CA VAL O 174 11.23 -18.42 153.78
C VAL O 174 10.46 -19.70 154.02
N GLY O 175 9.33 -19.78 153.34
CA GLY O 175 8.41 -20.87 153.40
C GLY O 175 7.26 -20.63 154.36
N ASP O 176 7.39 -19.66 155.26
CA ASP O 176 6.27 -19.49 156.16
C ASP O 176 5.28 -18.52 155.57
N ILE O 177 4.21 -18.32 156.31
CA ILE O 177 3.16 -17.43 155.90
C ILE O 177 3.07 -16.25 156.82
N TYR O 178 3.13 -15.07 156.22
CA TYR O 178 3.02 -13.79 156.98
C TYR O 178 1.70 -13.12 156.61
N THR O 179 0.98 -12.58 157.59
CA THR O 179 -0.30 -11.98 157.29
C THR O 179 -0.37 -10.49 157.46
N HIS O 180 -1.45 -9.93 156.99
CA HIS O 180 -1.70 -8.49 157.03
C HIS O 180 -3.14 -8.16 156.64
N PHE O 181 -3.46 -6.89 156.63
CA PHE O 181 -4.72 -6.41 156.15
C PHE O 181 -4.49 -5.04 155.54
N PHE O 182 -4.73 -4.90 154.25
CA PHE O 182 -4.48 -3.65 153.60
C PHE O 182 -5.67 -2.72 153.80
N GLN O 183 -5.43 -1.41 153.93
CA GLN O 183 -6.54 -0.46 154.14
C GLN O 183 -7.58 -0.48 153.01
N GLU O 184 -7.16 -0.98 151.87
CA GLU O 184 -7.93 -1.21 150.65
C GLU O 184 -7.48 -2.60 150.24
N THR O 185 -8.39 -3.47 149.77
CA THR O 185 -8.15 -4.87 149.35
C THR O 185 -8.02 -5.85 150.54
N GLY O 186 -7.94 -5.35 151.75
CA GLY O 186 -8.07 -6.15 152.94
C GLY O 186 -7.13 -7.29 153.21
N THR O 187 -7.69 -8.45 153.53
CA THR O 187 -6.92 -9.60 153.98
C THR O 187 -5.78 -10.07 153.10
N VAL O 188 -4.64 -10.27 153.77
CA VAL O 188 -3.41 -10.69 153.18
C VAL O 188 -2.80 -11.98 153.77
N TYR O 189 -2.48 -12.94 152.90
CA TYR O 189 -1.72 -14.12 153.27
C TYR O 189 -0.66 -14.29 152.22
N LEU O 190 0.61 -14.17 152.62
CA LEU O 190 1.67 -14.28 151.65
C LEU O 190 2.71 -15.31 152.06
N GLN O 191 3.23 -16.07 151.12
CA GLN O 191 4.29 -17.00 151.44
C GLN O 191 5.62 -16.39 151.10
N ALA O 192 6.53 -16.45 152.06
CA ALA O 192 7.85 -15.87 151.85
C ALA O 192 8.69 -16.76 150.95
N SER O 193 9.23 -16.16 149.91
CA SER O 193 10.11 -16.86 148.99
C SER O 193 11.54 -16.42 149.23
N VAL O 194 11.68 -15.20 149.75
CA VAL O 194 12.98 -14.62 150.04
C VAL O 194 13.01 -14.07 151.45
N GLN O 195 14.14 -14.25 152.13
CA GLN O 195 14.30 -13.69 153.45
C GLN O 195 14.57 -12.20 153.30
N VAL O 196 13.62 -11.37 153.66
CA VAL O 196 13.74 -9.94 153.47
C VAL O 196 13.31 -9.17 154.69
N THR O 197 13.71 -7.90 154.72
CA THR O 197 13.26 -6.98 155.74
C THR O 197 12.04 -6.28 155.26
N ILE O 198 11.54 -5.37 156.06
CA ILE O 198 10.29 -4.72 155.67
C ILE O 198 10.27 -3.22 155.97
N ASP O 199 11.38 -2.50 155.81
CA ASP O 199 11.34 -1.06 156.07
C ASP O 199 10.88 -0.69 157.48
N ALA O 200 11.75 -0.83 158.47
CA ALA O 200 11.37 -0.58 159.86
C ALA O 200 10.79 0.83 160.10
N GLY O 201 11.05 1.79 159.21
CA GLY O 201 10.51 3.13 159.40
C GLY O 201 9.04 3.25 158.91
N ALA O 202 8.52 2.17 158.32
CA ALA O 202 7.17 2.16 157.76
C ALA O 202 6.11 1.94 158.82
N THR O 203 5.95 2.91 159.69
CA THR O 203 5.02 2.76 160.80
C THR O 203 3.60 3.20 160.48
N ASP O 204 3.43 4.01 159.44
CA ASP O 204 2.10 4.42 159.02
C ASP O 204 1.48 3.30 158.21
N ALA O 205 0.16 3.28 158.14
CA ALA O 205 -0.54 2.29 157.34
C ALA O 205 -0.18 2.40 155.89
N ALA O 206 -0.07 3.63 155.39
CA ALA O 206 0.22 3.83 153.99
C ALA O 206 1.58 3.28 153.62
N LYS O 207 2.54 3.48 154.52
CA LYS O 207 3.90 3.07 154.27
C LYS O 207 4.02 1.58 154.33
N LEU O 208 3.40 0.97 155.33
CA LEU O 208 3.50 -0.46 155.44
C LEU O 208 2.81 -1.09 154.24
N ASP O 209 1.61 -0.61 153.91
CA ASP O 209 0.93 -1.20 152.79
C ASP O 209 1.78 -1.09 151.53
N ALA O 210 2.41 0.06 151.32
CA ALA O 210 3.24 0.20 150.14
C ALA O 210 4.42 -0.75 150.16
N GLU O 211 5.08 -0.91 151.30
CA GLU O 211 6.24 -1.77 151.34
C GLU O 211 5.87 -3.22 151.10
N ILE O 212 4.74 -3.64 151.64
CA ILE O 212 4.36 -5.02 151.44
C ILE O 212 4.11 -5.21 149.96
N LYS O 213 3.41 -4.28 149.33
CA LYS O 213 3.16 -4.40 147.91
C LYS O 213 4.45 -4.45 147.12
N LYS O 214 5.45 -3.66 147.51
CA LYS O 214 6.72 -3.69 146.80
C LYS O 214 7.35 -5.07 146.87
N GLN O 215 7.28 -5.73 148.03
CA GLN O 215 7.84 -7.07 148.14
C GLN O 215 7.06 -8.05 147.27
N MET O 216 5.75 -7.85 147.18
CA MET O 216 4.93 -8.71 146.34
C MET O 216 5.33 -8.55 144.89
N GLU O 217 5.60 -7.31 144.46
CA GLU O 217 6.02 -7.05 143.09
C GLU O 217 7.36 -7.71 142.82
N ALA O 218 8.24 -7.63 143.81
CA ALA O 218 9.56 -8.24 143.76
C ALA O 218 9.43 -9.75 143.63
N GLY O 219 8.40 -10.31 144.27
CA GLY O 219 8.17 -11.73 144.27
C GLY O 219 8.81 -12.40 145.48
N ALA O 220 9.20 -11.58 146.48
CA ALA O 220 9.86 -12.03 147.71
C ALA O 220 8.86 -12.63 148.68
N LEU O 221 7.61 -12.31 148.47
CA LEU O 221 6.54 -12.68 149.34
C LEU O 221 5.26 -12.59 148.53
N VAL O 222 4.60 -13.73 148.26
CA VAL O 222 3.44 -13.66 147.35
C VAL O 222 2.16 -14.31 147.85
N GLU O 223 1.04 -13.91 147.24
CA GLU O 223 -0.27 -14.42 147.65
C GLU O 223 -0.42 -15.91 147.58
N ILE O 224 -1.07 -16.42 148.60
CA ILE O 224 -1.32 -17.82 148.76
C ILE O 224 -2.54 -18.16 149.63
N ALA O 225 -3.15 -19.28 149.34
CA ALA O 225 -4.23 -19.82 150.14
C ALA O 225 -4.18 -21.31 150.02
N GLU O 226 -4.63 -22.02 151.03
CA GLU O 226 -4.66 -23.47 150.95
C GLU O 226 -5.65 -24.06 151.94
N GLY O 227 -6.14 -25.26 151.64
CA GLY O 227 -7.05 -25.95 152.54
C GLY O 227 -6.23 -26.56 153.65
N MET O 228 -6.90 -27.21 154.57
CA MET O 228 -6.27 -27.80 155.73
C MET O 228 -5.81 -29.21 155.52
N ALA O 229 -4.62 -29.51 155.99
CA ALA O 229 -4.16 -30.88 155.91
C ALA O 229 -5.17 -31.77 156.61
N THR O 230 -5.45 -32.95 156.05
CA THR O 230 -6.44 -33.82 156.69
C THR O 230 -5.95 -34.33 158.02
N SER O 231 -4.62 -34.32 158.17
CA SER O 231 -3.92 -34.73 159.38
C SER O 231 -4.26 -33.84 160.56
N ILE O 232 -4.81 -32.67 160.28
CA ILE O 232 -5.23 -31.70 161.25
C ILE O 232 -6.76 -31.64 161.25
N ALA O 233 -7.34 -31.53 160.05
CA ALA O 233 -8.78 -31.34 159.88
C ALA O 233 -9.62 -32.44 160.50
N GLU O 234 -9.14 -33.68 160.48
CA GLU O 234 -9.93 -34.77 161.03
C GLU O 234 -9.76 -34.90 162.54
N LEU O 235 -8.94 -34.06 163.13
CA LEU O 235 -8.67 -34.06 164.54
C LEU O 235 -9.18 -32.81 165.21
N GLN O 236 -10.25 -32.25 164.68
CA GLN O 236 -10.83 -31.03 165.22
C GLN O 236 -11.87 -31.29 166.28
N GLU O 237 -12.17 -30.28 167.08
CA GLU O 237 -13.23 -30.35 168.08
C GLU O 237 -13.13 -31.53 169.04
N GLY O 238 -11.92 -31.87 169.46
CA GLY O 238 -11.68 -32.95 170.42
C GLY O 238 -11.62 -34.36 169.85
N PHE O 239 -11.79 -34.54 168.55
CA PHE O 239 -11.77 -35.90 168.07
C PHE O 239 -10.45 -36.59 168.34
N ASN O 240 -10.58 -37.81 168.82
CA ASN O 240 -9.49 -38.70 169.13
C ASN O 240 -8.46 -38.12 170.10
N GLY O 241 -8.94 -37.30 171.06
CA GLY O 241 -8.08 -36.75 172.11
C GLY O 241 -7.35 -35.46 171.74
N SER O 242 -7.57 -34.99 170.54
CA SER O 242 -6.96 -33.78 170.02
C SER O 242 -7.36 -32.51 170.77
N THR O 243 -6.46 -31.55 170.89
CA THR O 243 -6.82 -30.29 171.55
C THR O 243 -6.43 -29.05 170.76
N ASP O 244 -6.78 -27.89 171.31
CA ASP O 244 -6.48 -26.59 170.70
C ASP O 244 -6.91 -26.58 169.24
N ASN O 245 -8.07 -27.14 168.98
CA ASN O 245 -8.55 -27.35 167.65
C ASN O 245 -10.01 -27.00 167.31
N PRO O 246 -10.49 -25.81 167.58
CA PRO O 246 -11.85 -25.42 167.25
C PRO O 246 -11.99 -25.17 165.76
N TRP O 247 -13.18 -25.37 165.22
CA TRP O 247 -13.45 -24.90 163.86
C TRP O 247 -13.61 -23.41 163.91
N ASN O 248 -13.17 -22.70 162.88
CA ASN O 248 -13.46 -21.28 162.84
C ASN O 248 -14.95 -20.99 162.77
N GLU O 249 -15.36 -19.92 163.45
CA GLU O 249 -16.77 -19.51 163.54
C GLU O 249 -17.17 -18.26 162.79
N MET O 250 -18.43 -18.30 162.30
CA MET O 250 -19.07 -17.17 161.62
C MET O 250 -20.50 -16.95 162.12
N GLY O 251 -21.06 -15.78 161.78
CA GLY O 251 -22.45 -15.45 162.10
C GLY O 251 -22.86 -14.12 161.47
N PHE O 252 -23.73 -13.38 162.13
CA PHE O 252 -24.21 -12.11 161.62
C PHE O 252 -24.57 -11.19 162.75
N ARG O 253 -24.69 -9.89 162.41
CA ARG O 253 -25.03 -8.85 163.42
C ARG O 253 -26.01 -7.84 162.79
N ILE O 254 -27.08 -7.51 163.51
CA ILE O 254 -28.08 -6.56 163.01
C ILE O 254 -28.12 -5.26 163.81
N ASP O 255 -27.99 -4.14 163.09
CA ASP O 255 -27.99 -2.79 163.66
C ASP O 255 -29.06 -1.92 163.00
N LYS O 256 -29.20 -0.64 163.41
CA LYS O 256 -30.25 0.16 162.75
C LYS O 256 -30.05 1.68 162.65
N GLN O 257 -30.85 2.29 161.78
CA GLN O 257 -30.90 3.75 161.69
C GLN O 257 -32.32 4.23 161.81
N VAL O 258 -32.47 5.43 162.34
CA VAL O 258 -33.82 6.01 162.49
C VAL O 258 -33.92 7.42 161.92
N ILE O 259 -35.14 7.86 161.63
CA ILE O 259 -35.28 9.22 161.08
C ILE O 259 -36.52 10.00 161.45
N GLU O 260 -36.35 11.30 161.61
CA GLU O 260 -37.46 12.22 161.84
C GLU O 260 -37.32 13.39 160.87
N ALA O 261 -38.45 13.95 160.48
CA ALA O 261 -38.55 15.05 159.52
C ALA O 261 -38.46 16.45 160.07
N LYS O 262 -38.07 17.36 159.17
CA LYS O 262 -38.14 18.80 159.39
C LYS O 262 -39.13 19.39 158.37
N SER O 263 -39.69 20.57 158.70
CA SER O 263 -40.71 21.27 157.92
C SER O 263 -40.29 22.50 157.13
N ARG O 264 -41.22 22.97 156.30
CA ARG O 264 -41.07 24.21 155.56
C ARG O 264 -42.42 24.92 155.38
N GLN O 265 -42.44 26.24 155.46
CA GLN O 265 -43.69 26.94 155.14
C GLN O 265 -43.51 28.41 154.90
N LEU O 266 -44.46 29.00 154.18
CA LEU O 266 -44.44 30.44 153.90
C LEU O 266 -45.80 31.13 153.85
N LYS O 267 -45.77 32.42 154.18
CA LYS O 267 -46.95 33.29 154.07
C LYS O 267 -46.98 34.15 152.81
N ALA O 268 -48.19 34.54 152.40
CA ALA O 268 -48.39 35.47 151.30
C ALA O 268 -48.33 36.92 151.78
N ALA O 269 -48.90 37.21 152.95
CA ALA O 269 -48.85 38.57 153.51
C ALA O 269 -49.21 39.70 152.51
N TYR O 270 -50.39 39.64 151.89
CA TYR O 270 -50.71 40.62 150.86
C TYR O 270 -51.94 41.44 151.16
N SER O 271 -52.05 42.58 150.51
CA SER O 271 -53.22 43.42 150.66
C SER O 271 -54.27 43.11 149.60
N ILE O 272 -55.52 43.06 150.03
CA ILE O 272 -56.64 42.84 149.14
C ILE O 272 -56.85 43.96 148.18
N GLU O 273 -56.79 45.16 148.68
CA GLU O 273 -57.07 46.31 147.87
C GLU O 273 -56.09 46.40 146.72
N LEU O 274 -54.82 46.07 146.98
CA LEU O 274 -53.85 46.10 145.92
C LEU O 274 -54.19 45.01 144.91
N ALA O 275 -54.58 43.83 145.38
CA ALA O 275 -54.94 42.75 144.46
C ALA O 275 -56.13 43.16 143.59
N GLN O 276 -57.09 43.89 144.17
CA GLN O 276 -58.26 44.32 143.42
C GLN O 276 -57.86 45.28 142.31
N ASP O 277 -56.94 46.19 142.61
CA ASP O 277 -56.48 47.10 141.59
C ASP O 277 -55.70 46.35 140.53
N LEU O 278 -54.92 45.36 140.92
CA LEU O 278 -54.17 44.62 139.92
C LEU O 278 -55.13 43.94 138.97
N ARG O 279 -56.27 43.49 139.50
CA ARG O 279 -57.33 42.84 138.68
C ARG O 279 -57.88 43.89 137.69
N ALA O 280 -58.05 45.13 138.15
CA ALA O 280 -58.54 46.19 137.28
C ALA O 280 -57.56 46.47 136.15
N VAL O 281 -56.26 46.34 136.42
CA VAL O 281 -55.25 46.58 135.40
C VAL O 281 -55.03 45.41 134.43
N HIS O 282 -54.88 44.17 134.95
CA HIS O 282 -54.56 43.04 134.08
C HIS O 282 -55.55 41.88 133.98
N GLY O 283 -56.65 41.88 134.73
CA GLY O 283 -57.58 40.76 134.72
C GLY O 283 -57.12 39.62 135.65
N MET O 284 -56.02 39.86 136.33
CA MET O 284 -55.39 38.95 137.27
C MET O 284 -56.10 39.01 138.59
N ASP O 285 -56.19 37.91 139.32
CA ASP O 285 -56.79 38.02 140.66
C ASP O 285 -55.72 38.52 141.62
N ALA O 286 -54.48 38.18 141.32
CA ALA O 286 -53.27 38.58 142.04
C ALA O 286 -53.22 38.16 143.51
N ASP O 287 -53.98 37.15 143.89
CA ASP O 287 -53.91 36.60 145.23
C ASP O 287 -53.49 35.13 145.16
N ALA O 288 -54.18 34.35 144.34
CA ALA O 288 -53.90 32.94 144.15
C ALA O 288 -52.48 32.79 143.63
N GLU O 289 -52.07 33.77 142.82
CA GLU O 289 -50.71 33.78 142.22
C GLU O 289 -49.65 33.79 143.33
N LEU O 290 -49.95 34.38 144.49
CA LEU O 290 -48.97 34.40 145.55
C LEU O 290 -48.83 33.03 146.09
N SER O 291 -49.95 32.35 146.27
CA SER O 291 -49.89 30.99 146.78
C SER O 291 -49.04 30.17 145.81
N GLY O 292 -49.29 30.39 144.52
CA GLY O 292 -48.58 29.73 143.43
C GLY O 292 -47.08 29.97 143.58
N ILE O 293 -46.68 31.23 143.73
CA ILE O 293 -45.30 31.63 143.88
C ILE O 293 -44.66 30.98 145.10
N LEU O 294 -45.36 30.98 146.22
CA LEU O 294 -44.82 30.38 147.41
C LEU O 294 -44.59 28.89 147.17
N ALA O 295 -45.54 28.22 146.49
CA ALA O 295 -45.41 26.80 146.21
C ALA O 295 -44.22 26.52 145.35
N THR O 296 -44.00 27.37 144.36
CA THR O 296 -42.89 27.16 143.51
C THR O 296 -41.58 27.35 144.24
N GLU O 297 -41.49 28.34 145.13
CA GLU O 297 -40.22 28.50 145.81
C GLU O 297 -39.95 27.28 146.66
N ILE O 298 -40.97 26.73 147.32
CA ILE O 298 -40.68 25.58 148.16
C ILE O 298 -40.14 24.41 147.35
N MET O 299 -40.74 24.12 146.21
CA MET O 299 -40.19 23.01 145.48
C MET O 299 -38.80 23.34 144.91
N LEU O 300 -38.53 24.62 144.62
CA LEU O 300 -37.21 24.98 144.12
C LEU O 300 -36.18 24.75 145.23
N GLU O 301 -36.55 25.15 146.45
CA GLU O 301 -35.68 25.01 147.65
C GLU O 301 -35.29 23.53 147.82
N ILE O 302 -36.27 22.63 147.68
CA ILE O 302 -36.02 21.21 147.83
C ILE O 302 -35.15 20.71 146.70
N ASN O 303 -35.44 21.06 145.46
CA ASN O 303 -34.58 20.56 144.41
C ASN O 303 -33.13 20.84 144.73
N ARG O 304 -32.86 22.08 145.14
CA ARG O 304 -31.51 22.42 145.49
C ARG O 304 -31.00 21.64 146.68
N GLU O 305 -31.81 21.52 147.73
CA GLU O 305 -31.43 20.81 148.97
C GLU O 305 -30.99 19.37 148.64
N VAL O 306 -31.55 18.77 147.60
CA VAL O 306 -31.23 17.41 147.23
C VAL O 306 -29.88 17.37 146.57
N VAL O 307 -29.68 18.24 145.59
CA VAL O 307 -28.43 18.23 144.87
C VAL O 307 -27.27 18.60 145.80
N ASP O 308 -27.46 19.62 146.64
CA ASP O 308 -26.40 20.02 147.54
C ASP O 308 -26.03 18.88 148.47
N TRP O 309 -27.04 18.14 148.96
CA TRP O 309 -26.77 17.04 149.86
C TRP O 309 -26.06 15.92 149.14
N ILE O 310 -26.32 15.75 147.86
CA ILE O 310 -25.58 14.74 147.12
C ILE O 310 -24.13 15.14 147.05
N ASN O 311 -23.86 16.37 146.69
CA ASN O 311 -22.47 16.78 146.60
C ASN O 311 -21.79 16.69 147.96
N TYR O 312 -22.55 17.00 149.01
CA TYR O 312 -22.04 16.98 150.40
C TYR O 312 -21.62 15.56 150.77
N SER O 313 -22.44 14.57 150.42
CA SER O 313 -22.14 13.19 150.72
C SER O 313 -21.27 12.46 149.70
N ALA O 314 -21.16 12.95 148.47
CA ALA O 314 -20.36 12.24 147.47
C ALA O 314 -18.92 12.12 147.90
N GLN O 315 -18.30 11.00 147.54
CA GLN O 315 -16.91 10.74 147.87
C GLN O 315 -15.99 11.49 146.91
N VAL O 316 -14.76 11.66 147.31
CA VAL O 316 -13.80 12.35 146.44
C VAL O 316 -13.36 11.46 145.29
N GLY O 317 -13.47 11.96 144.06
CA GLY O 317 -13.05 11.18 142.89
C GLY O 317 -11.53 11.32 142.67
N LYS O 318 -11.01 10.72 141.60
CA LYS O 318 -9.55 10.78 141.33
C LYS O 318 -8.76 10.45 142.59
N SER O 319 -9.21 9.40 143.25
CA SER O 319 -8.68 8.95 144.53
C SER O 319 -8.76 7.44 144.61
N GLY O 320 -7.90 6.85 145.43
CA GLY O 320 -7.95 5.41 145.63
C GLY O 320 -7.72 4.63 144.35
N MET O 321 -8.67 3.78 144.02
CA MET O 321 -8.63 2.90 142.86
C MET O 321 -8.56 3.69 141.55
N THR O 322 -8.99 4.95 141.62
CA THR O 322 -9.06 5.86 140.50
C THR O 322 -8.02 6.96 140.53
N LEU O 323 -6.99 6.80 141.35
CA LEU O 323 -5.92 7.77 141.44
C LEU O 323 -4.69 7.43 140.61
N THR O 324 -4.13 8.48 140.01
CA THR O 324 -2.88 8.42 139.32
C THR O 324 -1.92 9.26 140.17
N PRO O 325 -0.61 9.03 140.12
CA PRO O 325 0.40 9.77 140.88
C PRO O 325 0.31 11.29 140.83
N GLY O 326 -0.13 11.86 139.72
CA GLY O 326 -0.21 13.31 139.60
C GLY O 326 -1.55 13.89 140.07
N SER O 327 -2.44 13.06 140.61
CA SER O 327 -3.78 13.50 141.02
C SER O 327 -3.78 14.56 142.09
N LYS O 328 -4.77 15.46 141.97
CA LYS O 328 -4.99 16.52 142.93
C LYS O 328 -6.12 16.17 143.88
N ALA O 329 -6.51 14.88 143.85
CA ALA O 329 -7.52 14.29 144.71
C ALA O 329 -8.87 14.97 144.70
N GLY O 330 -9.51 15.02 143.54
CA GLY O 330 -10.84 15.61 143.44
C GLY O 330 -11.04 16.65 142.35
N VAL O 331 -10.01 16.97 141.57
CA VAL O 331 -10.14 17.92 140.49
C VAL O 331 -9.43 17.42 139.24
N PHE O 332 -10.05 17.59 138.08
CA PHE O 332 -9.45 17.19 136.82
C PHE O 332 -8.98 18.41 136.05
N ASP O 333 -7.68 18.55 135.86
CA ASP O 333 -7.14 19.72 135.19
C ASP O 333 -6.69 19.41 133.77
N PHE O 334 -7.40 19.94 132.79
CA PHE O 334 -7.12 19.65 131.39
C PHE O 334 -5.77 20.13 130.89
N GLN O 335 -5.06 20.92 131.66
CA GLN O 335 -3.74 21.37 131.26
C GLN O 335 -2.63 20.50 131.83
N ASP O 336 -3.02 19.51 132.63
CA ASP O 336 -2.08 18.63 133.31
C ASP O 336 -1.91 17.32 132.52
N PRO O 337 -0.74 17.03 131.93
CA PRO O 337 -0.43 15.87 131.11
C PRO O 337 -0.71 14.54 131.80
N ILE O 338 -0.74 14.53 133.14
CA ILE O 338 -1.01 13.26 133.78
C ILE O 338 -2.51 13.05 133.73
N ASP O 339 -3.27 14.06 134.15
CA ASP O 339 -4.73 13.94 134.10
C ASP O 339 -5.22 13.69 132.70
N ILE O 340 -4.56 14.27 131.71
CA ILE O 340 -5.05 14.04 130.37
C ILE O 340 -4.34 12.90 129.68
N ARG O 341 -3.59 12.11 130.42
CA ARG O 341 -2.93 10.93 129.91
C ARG O 341 -2.13 11.10 128.64
N GLY O 342 -1.30 12.15 128.60
CA GLY O 342 -0.41 12.37 127.48
C GLY O 342 -1.08 13.01 126.28
N ALA O 343 -2.34 13.37 126.43
CA ALA O 343 -3.12 13.95 125.39
C ALA O 343 -2.81 15.40 125.13
N ARG O 344 -3.41 15.90 124.08
CA ARG O 344 -3.32 17.27 123.64
C ARG O 344 -4.49 17.56 122.73
N TRP O 345 -4.72 18.82 122.40
CA TRP O 345 -5.66 19.14 121.33
C TRP O 345 -7.03 18.53 121.50
N ALA O 346 -7.83 19.12 122.38
CA ALA O 346 -9.18 18.70 122.83
C ALA O 346 -9.91 17.65 122.00
N GLY O 347 -9.84 17.68 120.66
CA GLY O 347 -10.52 16.62 119.89
C GLY O 347 -10.08 15.26 120.42
N GLU O 348 -8.84 15.17 120.89
CA GLU O 348 -8.28 13.97 121.49
C GLU O 348 -8.42 14.03 123.02
N SER O 349 -7.82 15.07 123.64
CA SER O 349 -7.75 15.12 125.11
C SER O 349 -9.05 15.18 125.86
N PHE O 350 -10.18 15.59 125.28
CA PHE O 350 -11.35 15.59 126.13
C PHE O 350 -11.65 14.17 126.61
N LYS O 351 -11.21 13.16 125.84
CA LYS O 351 -11.47 11.75 126.09
C LYS O 351 -10.87 11.33 127.38
N ALA O 352 -9.84 12.03 127.82
CA ALA O 352 -9.19 11.70 129.07
C ALA O 352 -10.17 11.84 130.21
N LEU O 353 -11.06 12.84 130.12
CA LEU O 353 -12.02 13.02 131.16
C LEU O 353 -13.06 11.97 130.99
N LEU O 354 -13.48 11.75 129.75
CA LEU O 354 -14.51 10.76 129.51
C LEU O 354 -14.11 9.43 130.18
N PHE O 355 -12.84 9.07 129.98
CA PHE O 355 -12.22 7.90 130.53
C PHE O 355 -12.27 7.94 132.06
N GLN O 356 -11.82 9.06 132.66
CA GLN O 356 -11.84 9.18 134.12
C GLN O 356 -13.24 9.10 134.71
N ILE O 357 -14.23 9.64 134.00
CA ILE O 357 -15.60 9.63 134.47
C ILE O 357 -16.06 8.21 134.62
N ASP O 358 -15.81 7.43 133.58
CA ASP O 358 -16.20 6.05 133.66
C ASP O 358 -15.42 5.31 134.73
N LYS O 359 -14.13 5.61 134.89
CA LYS O 359 -13.38 4.88 135.90
C LYS O 359 -14.07 5.00 137.25
N GLU O 360 -14.53 6.22 137.55
CA GLU O 360 -15.24 6.51 138.83
C GLU O 360 -16.57 5.76 138.86
N ALA O 361 -17.29 5.70 137.74
CA ALA O 361 -18.57 5.01 137.72
C ALA O 361 -18.35 3.55 138.11
N VAL O 362 -17.25 3.01 137.64
CA VAL O 362 -16.88 1.66 137.92
C VAL O 362 -16.45 1.51 139.39
N GLU O 363 -15.64 2.43 139.92
CA GLU O 363 -15.27 2.33 141.33
C GLU O 363 -16.54 2.29 142.16
N ILE O 364 -17.54 3.08 141.77
CA ILE O 364 -18.82 3.10 142.46
C ILE O 364 -19.42 1.71 142.43
N ALA O 365 -19.39 1.04 141.28
CA ALA O 365 -19.97 -0.29 141.23
C ALA O 365 -19.47 -1.19 142.30
N ARG O 366 -18.16 -1.14 142.49
CA ARG O 366 -17.51 -1.97 143.46
C ARG O 366 -17.81 -1.50 144.86
N GLN O 367 -17.77 -0.19 145.09
CA GLN O 367 -18.01 0.33 146.41
C GLN O 367 -19.40 0.09 146.93
N THR O 368 -20.43 0.18 146.08
CA THR O 368 -21.76 -0.07 146.59
C THR O 368 -21.99 -1.56 146.60
N GLY O 369 -21.31 -2.27 145.69
CA GLY O 369 -21.42 -3.71 145.58
C GLY O 369 -22.66 -4.08 144.81
N ARG O 370 -23.35 -3.07 144.28
CA ARG O 370 -24.59 -3.31 143.59
C ARG O 370 -24.71 -2.79 142.16
N GLY O 371 -23.69 -2.17 141.58
CA GLY O 371 -23.86 -1.67 140.21
C GLY O 371 -23.20 -0.34 139.97
N GLU O 372 -22.73 -0.16 138.74
CA GLU O 372 -21.99 1.03 138.32
C GLU O 372 -22.80 2.26 138.15
N GLY O 373 -22.10 3.37 138.23
CA GLY O 373 -22.73 4.65 138.03
C GLY O 373 -23.53 4.63 136.75
N ASN O 374 -24.67 5.29 136.79
CA ASN O 374 -25.58 5.33 135.66
C ASN O 374 -26.22 6.68 135.42
N PHE O 375 -25.72 7.69 136.12
CA PHE O 375 -26.16 9.05 135.92
C PHE O 375 -25.08 10.02 136.32
N ILE O 376 -25.16 11.22 135.78
CA ILE O 376 -24.22 12.26 136.12
C ILE O 376 -24.92 13.60 136.29
N ILE O 377 -24.55 14.34 137.32
CA ILE O 377 -25.04 15.70 137.48
C ILE O 377 -23.85 16.60 137.27
N ALA O 378 -23.95 17.55 136.37
CA ALA O 378 -22.77 18.36 136.13
C ALA O 378 -23.04 19.77 135.68
N SER O 379 -22.02 20.60 135.79
CA SER O 379 -22.07 21.96 135.29
C SER O 379 -22.28 22.05 133.81
N ARG O 380 -22.88 23.15 133.40
CA ARG O 380 -23.14 23.43 132.00
C ARG O 380 -21.88 23.33 131.18
N ASN O 381 -20.76 23.75 131.75
CA ASN O 381 -19.51 23.69 131.01
C ASN O 381 -19.04 22.26 130.77
N VAL O 382 -19.36 21.34 131.68
CA VAL O 382 -18.93 19.96 131.53
C VAL O 382 -19.74 19.34 130.43
N VAL O 383 -21.04 19.58 130.51
CA VAL O 383 -21.94 19.01 129.56
C VAL O 383 -21.64 19.60 128.19
N ASN O 384 -21.39 20.91 128.12
CA ASN O 384 -21.06 21.50 126.84
C ASN O 384 -19.87 20.79 126.23
N VAL O 385 -18.85 20.47 127.04
CA VAL O 385 -17.75 19.76 126.45
C VAL O 385 -18.24 18.44 125.90
N LEU O 386 -19.02 17.68 126.66
CA LEU O 386 -19.47 16.40 126.14
C LEU O 386 -20.29 16.55 124.87
N ALA O 387 -21.13 17.55 124.84
CA ALA O 387 -22.00 17.76 123.70
C ALA O 387 -21.22 18.01 122.42
N SER O 388 -20.08 18.69 122.54
CA SER O 388 -19.24 19.09 121.43
C SER O 388 -18.38 17.97 120.86
N VAL O 389 -18.36 16.81 121.52
CA VAL O 389 -17.44 15.76 121.10
C VAL O 389 -18.03 14.40 120.84
N ASP O 390 -17.25 13.56 120.15
CA ASP O 390 -17.65 12.19 119.90
C ASP O 390 -17.19 11.29 121.03
N THR O 391 -18.13 10.83 121.86
CA THR O 391 -17.82 10.06 123.06
C THR O 391 -17.72 8.56 122.79
N GLY O 392 -17.91 8.16 121.53
CA GLY O 392 -17.81 6.76 121.22
C GLY O 392 -16.34 6.45 121.02
N ILE O 393 -16.02 5.23 120.61
CA ILE O 393 -14.62 4.92 120.44
C ILE O 393 -14.19 5.32 119.06
N SER O 394 -13.33 6.31 119.01
CA SER O 394 -12.89 6.84 117.72
C SER O 394 -11.50 7.37 117.77
N TYR O 395 -11.10 8.04 116.68
CA TYR O 395 -9.73 8.53 116.60
C TYR O 395 -9.58 9.80 117.41
N ALA O 396 -10.38 10.78 117.06
CA ALA O 396 -10.46 12.07 117.70
C ALA O 396 -11.67 12.72 117.12
N ALA O 397 -12.33 13.62 117.84
CA ALA O 397 -13.37 14.42 117.18
C ALA O 397 -13.97 15.49 118.07
N GLN O 398 -14.22 16.64 117.46
CA GLN O 398 -14.88 17.76 118.09
C GLN O 398 -15.54 18.66 117.05
N GLY O 399 -16.59 19.35 117.47
CA GLY O 399 -17.30 20.33 116.64
C GLY O 399 -18.36 21.01 117.47
N LEU O 400 -19.42 21.45 116.83
CA LEU O 400 -20.49 22.11 117.56
C LEU O 400 -21.29 21.09 118.31
N ALA O 401 -21.80 21.49 119.45
CA ALA O 401 -22.60 20.66 120.32
C ALA O 401 -23.81 20.04 119.62
N THR O 402 -23.99 18.73 119.83
CA THR O 402 -25.08 17.96 119.22
C THR O 402 -25.96 17.17 120.20
N GLY O 403 -25.47 15.97 120.55
CA GLY O 403 -26.20 14.95 121.32
C GLY O 403 -26.79 15.35 122.67
N PHE O 404 -26.13 16.22 123.40
CA PHE O 404 -26.68 16.63 124.68
C PHE O 404 -27.24 18.01 124.57
N SER O 405 -28.34 18.24 125.25
CA SER O 405 -28.88 19.57 125.32
C SER O 405 -28.12 20.30 126.41
N THR O 406 -27.50 21.41 126.05
CA THR O 406 -26.70 22.17 126.98
C THR O 406 -27.50 23.26 127.67
N ASP O 407 -28.75 23.42 127.23
CA ASP O 407 -29.66 24.39 127.77
C ASP O 407 -30.24 23.85 129.05
N THR O 408 -30.78 24.73 129.88
CA THR O 408 -31.46 24.35 131.11
C THR O 408 -32.89 24.85 131.09
N THR O 409 -33.15 25.74 130.13
CA THR O 409 -34.41 26.43 129.97
C THR O 409 -35.53 25.48 129.63
N LYS O 410 -35.27 24.57 128.71
CA LYS O 410 -36.28 23.63 128.29
C LYS O 410 -36.32 22.41 129.18
N SER O 411 -35.15 22.02 129.67
CA SER O 411 -35.02 20.83 130.47
C SER O 411 -33.71 20.73 131.19
N VAL O 412 -33.79 20.17 132.37
CA VAL O 412 -32.66 19.81 133.22
C VAL O 412 -31.89 18.61 132.72
N PHE O 413 -32.55 17.77 131.94
CA PHE O 413 -31.94 16.55 131.43
C PHE O 413 -31.29 16.83 130.11
N ALA O 414 -29.98 16.58 130.03
CA ALA O 414 -29.23 16.88 128.84
C ALA O 414 -29.26 15.74 127.83
N GLY O 415 -29.16 14.52 128.31
CA GLY O 415 -29.10 13.39 127.39
C GLY O 415 -28.42 12.19 128.00
N VAL O 416 -28.07 11.20 127.17
CA VAL O 416 -27.48 10.00 127.73
C VAL O 416 -26.07 9.73 127.19
N LEU O 417 -25.12 9.64 128.09
CA LEU O 417 -23.74 9.49 127.67
C LEU O 417 -23.45 8.12 127.23
N GLY O 418 -23.20 8.00 125.93
CA GLY O 418 -22.89 6.75 125.28
C GLY O 418 -24.10 5.83 125.25
N GLY O 419 -25.27 6.39 125.55
CA GLY O 419 -26.43 5.54 125.66
C GLY O 419 -26.45 4.84 127.04
N LYS O 420 -25.48 5.17 127.92
CA LYS O 420 -25.34 4.55 129.22
C LYS O 420 -25.66 5.42 130.45
N TYR O 421 -25.21 6.68 130.48
CA TYR O 421 -25.44 7.48 131.70
C TYR O 421 -26.45 8.58 131.52
N ARG O 422 -27.36 8.73 132.47
CA ARG O 422 -28.34 9.82 132.40
C ARG O 422 -27.68 11.12 132.87
N VAL O 423 -27.46 12.07 131.97
CA VAL O 423 -26.78 13.31 132.30
C VAL O 423 -27.75 14.47 132.47
N TYR O 424 -27.64 15.11 133.62
CA TYR O 424 -28.46 16.25 134.01
C TYR O 424 -27.55 17.44 134.28
N ILE O 425 -28.11 18.64 134.17
CA ILE O 425 -27.31 19.84 134.42
C ILE O 425 -27.63 20.53 135.71
N ASP O 426 -26.60 20.74 136.51
CA ASP O 426 -26.85 21.48 137.73
C ASP O 426 -26.87 22.92 137.34
N GLN O 427 -28.05 23.42 137.09
CA GLN O 427 -28.25 24.75 136.60
C GLN O 427 -27.74 25.82 137.58
N TYR O 428 -27.52 25.43 138.85
CA TYR O 428 -27.03 26.35 139.85
C TYR O 428 -25.64 25.96 140.36
N ALA O 429 -24.91 25.18 139.57
CA ALA O 429 -23.57 24.77 139.98
C ALA O 429 -22.78 25.97 140.39
N LYS O 430 -22.02 25.88 141.48
CA LYS O 430 -21.27 27.04 141.88
C LYS O 430 -20.06 27.34 141.03
N GLN O 431 -19.36 26.31 140.53
CA GLN O 431 -18.20 26.65 139.71
C GLN O 431 -18.12 25.86 138.43
N ASP O 432 -17.63 24.63 138.54
CA ASP O 432 -17.49 23.72 137.41
C ASP O 432 -17.10 22.34 137.93
N TYR O 433 -18.01 21.39 137.89
CA TYR O 433 -17.65 20.07 138.44
C TYR O 433 -18.79 19.10 138.17
N PHE O 434 -18.46 17.82 138.21
CA PHE O 434 -19.46 16.81 137.96
C PHE O 434 -19.47 15.76 139.06
N THR O 435 -20.63 15.15 139.25
CA THR O 435 -20.76 14.05 140.17
C THR O 435 -21.36 12.85 139.47
N VAL O 436 -20.69 11.73 139.61
CA VAL O 436 -21.12 10.50 139.00
C VAL O 436 -21.82 9.70 140.05
N GLY O 437 -22.97 9.14 139.74
CA GLY O 437 -23.63 8.33 140.74
C GLY O 437 -24.37 7.13 140.20
N TYR O 438 -24.74 6.26 141.12
CA TYR O 438 -25.48 5.04 140.84
C TYR O 438 -26.82 4.94 141.53
N LYS O 439 -27.82 4.53 140.77
CA LYS O 439 -29.13 4.23 141.33
C LYS O 439 -29.67 2.93 140.77
N GLY O 440 -30.05 2.04 141.67
CA GLY O 440 -30.61 0.78 141.23
C GLY O 440 -32.10 0.92 140.95
N PRO O 441 -32.75 -0.11 140.39
CA PRO O 441 -34.18 -0.18 140.09
C PRO O 441 -35.04 -0.16 141.35
N ASN O 442 -34.41 -0.53 142.45
CA ASN O 442 -35.05 -0.57 143.75
C ASN O 442 -34.65 0.68 144.50
N GLU O 443 -35.60 1.44 145.00
CA GLU O 443 -35.30 2.68 145.71
C GLU O 443 -34.38 2.46 146.92
N MET O 444 -34.30 1.22 147.40
CA MET O 444 -33.46 0.83 148.53
C MET O 444 -31.99 0.76 148.10
N ASP O 445 -31.75 1.06 146.82
CA ASP O 445 -30.45 1.09 146.23
C ASP O 445 -30.17 2.46 145.60
N ALA O 446 -30.82 3.51 146.10
CA ALA O 446 -30.53 4.87 145.59
C ALA O 446 -29.31 5.50 146.27
N GLY O 447 -29.12 5.18 147.54
CA GLY O 447 -28.04 5.73 148.36
C GLY O 447 -28.48 6.92 149.21
N ILE O 448 -29.58 7.54 148.79
CA ILE O 448 -30.16 8.68 149.50
C ILE O 448 -31.69 8.56 149.55
N TYR O 449 -32.31 9.18 150.55
CA TYR O 449 -33.78 9.18 150.59
C TYR O 449 -34.48 10.51 150.72
N TYR O 450 -35.69 10.51 150.16
CA TYR O 450 -36.69 11.55 150.29
C TYR O 450 -37.92 10.95 151.00
N ALA O 451 -38.44 11.67 152.02
CA ALA O 451 -39.55 11.17 152.81
C ALA O 451 -40.74 12.13 152.99
N PRO O 452 -41.50 12.48 151.97
CA PRO O 452 -42.59 13.44 152.05
C PRO O 452 -43.65 13.00 153.04
N TYR O 453 -44.14 13.95 153.85
CA TYR O 453 -45.18 13.64 154.82
C TYR O 453 -46.46 14.40 154.54
N VAL O 454 -46.31 15.69 154.38
CA VAL O 454 -47.43 16.59 154.15
C VAL O 454 -47.00 17.70 153.22
N ALA O 455 -47.90 18.19 152.38
CA ALA O 455 -47.52 19.31 151.55
C ALA O 455 -48.70 20.12 151.13
N LEU O 456 -48.41 21.39 150.87
CA LEU O 456 -49.37 22.35 150.37
C LEU O 456 -50.61 22.45 151.24
N THR O 457 -50.44 22.36 152.56
CA THR O 457 -51.59 22.49 153.43
C THR O 457 -51.80 23.98 153.60
N PRO O 458 -52.94 24.54 153.19
CA PRO O 458 -53.21 25.96 153.17
C PRO O 458 -53.32 26.64 154.50
N LEU O 459 -53.02 27.92 154.50
CA LEU O 459 -53.24 28.78 155.64
C LEU O 459 -54.44 29.64 155.33
N ARG O 460 -55.27 29.89 156.33
CA ARG O 460 -56.46 30.72 156.20
C ARG O 460 -56.69 31.57 157.43
N GLY O 461 -57.46 32.65 157.28
CA GLY O 461 -57.78 33.53 158.39
C GLY O 461 -57.63 34.98 157.97
N SER O 462 -57.52 35.88 158.95
CA SER O 462 -57.36 37.31 158.72
C SER O 462 -56.82 37.95 159.98
N ASP O 463 -56.27 39.15 159.84
CA ASP O 463 -55.84 39.94 161.00
C ASP O 463 -56.70 41.19 161.13
N PRO O 464 -57.66 41.26 162.08
CA PRO O 464 -58.62 42.33 162.32
C PRO O 464 -58.01 43.71 162.48
N LYS O 465 -56.70 43.82 162.76
CA LYS O 465 -56.17 45.18 162.89
C LYS O 465 -56.34 45.95 161.57
N ASN O 466 -56.43 45.22 160.44
CA ASN O 466 -56.59 45.84 159.15
C ASN O 466 -57.38 44.91 158.25
N PHE O 467 -57.72 43.76 158.83
CA PHE O 467 -58.49 42.69 158.19
C PHE O 467 -57.90 42.11 156.94
N GLN O 468 -56.58 42.11 156.81
CA GLN O 468 -56.04 41.53 155.61
C GLN O 468 -55.99 40.03 155.86
N PRO O 469 -56.12 39.21 154.80
CA PRO O 469 -56.23 37.76 154.83
C PRO O 469 -54.97 37.00 155.12
N VAL O 470 -55.15 35.80 155.60
CA VAL O 470 -54.09 34.86 155.75
C VAL O 470 -54.12 33.93 154.57
N MET O 471 -52.98 33.79 153.94
CA MET O 471 -52.79 32.94 152.79
C MET O 471 -51.38 32.43 152.83
N GLY O 472 -51.20 31.21 152.37
CA GLY O 472 -49.91 30.56 152.30
C GLY O 472 -50.16 29.09 152.52
N PHE O 473 -49.12 28.33 152.84
CA PHE O 473 -49.30 26.88 153.04
C PHE O 473 -48.02 26.28 153.65
N LYS O 474 -48.20 25.09 154.26
CA LYS O 474 -47.09 24.36 154.89
C LYS O 474 -46.86 22.91 154.39
N THR O 475 -45.60 22.47 154.54
CA THR O 475 -45.14 21.10 154.26
C THR O 475 -44.20 20.52 155.32
N ARG O 476 -43.87 19.23 155.15
CA ARG O 476 -42.91 18.48 155.99
C ARG O 476 -42.47 17.21 155.28
N TYR O 477 -41.17 16.90 155.36
CA TYR O 477 -40.69 15.69 154.71
C TYR O 477 -39.50 14.98 155.36
N GLY O 478 -38.37 15.64 155.47
CA GLY O 478 -37.20 14.97 155.97
C GLY O 478 -36.44 14.28 154.82
N ILE O 479 -35.12 14.19 154.97
CA ILE O 479 -34.26 13.52 154.01
C ILE O 479 -33.34 12.58 154.74
N GLY O 480 -32.73 11.64 154.05
CA GLY O 480 -31.81 10.79 154.76
C GLY O 480 -30.77 10.03 153.96
N ILE O 481 -30.10 9.16 154.70
CA ILE O 481 -29.00 8.30 154.28
C ILE O 481 -29.48 6.89 154.05
N ASN O 482 -29.07 6.28 152.94
CA ASN O 482 -29.43 4.89 152.78
C ASN O 482 -28.28 4.02 153.28
N PRO O 483 -28.37 3.35 154.41
CA PRO O 483 -27.30 2.53 154.86
C PRO O 483 -27.29 1.36 153.87
N PHE O 484 -26.16 0.70 153.67
CA PHE O 484 -24.90 1.03 154.30
C PHE O 484 -24.03 1.77 153.28
N ALA O 485 -24.47 2.96 152.82
CA ALA O 485 -23.77 3.74 151.78
C ALA O 485 -22.35 4.08 152.14
N GLU O 486 -22.00 4.06 153.42
CA GLU O 486 -20.64 4.36 153.78
C GLU O 486 -19.66 3.40 153.06
N SER O 487 -20.04 2.11 153.00
CA SER O 487 -19.27 0.99 152.46
C SER O 487 -17.82 0.91 152.92
N ALA O 488 -17.48 1.52 154.04
CA ALA O 488 -16.12 1.46 154.52
C ALA O 488 -16.02 0.71 155.82
N ALA O 489 -16.74 1.18 156.81
CA ALA O 489 -16.75 0.57 158.12
C ALA O 489 -17.28 -0.84 158.04
N GLN O 490 -16.76 -1.73 158.87
CA GLN O 490 -17.31 -3.07 158.93
C GLN O 490 -18.45 -3.12 159.96
N ALA O 491 -18.64 -2.01 160.65
CA ALA O 491 -19.68 -1.88 161.64
C ALA O 491 -19.91 -0.39 161.95
N PRO O 492 -21.16 0.05 162.20
CA PRO O 492 -21.51 1.38 162.63
C PRO O 492 -21.21 1.62 164.10
N ALA O 493 -20.92 2.86 164.44
CA ALA O 493 -20.74 3.21 165.83
C ALA O 493 -22.01 2.96 166.63
N SER O 494 -21.81 2.43 167.83
CA SER O 494 -22.84 2.20 168.85
C SER O 494 -24.07 1.41 168.40
N ARG O 495 -23.99 0.71 167.27
CA ARG O 495 -25.11 -0.09 166.75
C ARG O 495 -26.37 0.75 166.42
N ILE O 496 -26.22 2.08 166.35
CA ILE O 496 -27.34 2.95 166.00
C ILE O 496 -26.91 4.32 165.51
N GLN O 497 -27.61 4.81 164.50
CA GLN O 497 -27.31 6.14 163.99
C GLN O 497 -28.52 6.81 163.35
N SER O 498 -28.51 8.12 163.32
CA SER O 498 -29.54 8.86 162.63
C SER O 498 -29.42 8.69 161.14
N GLY O 499 -30.54 8.61 160.47
CA GLY O 499 -30.55 8.56 159.02
C GLY O 499 -30.39 9.96 158.41
N MET O 500 -30.41 11.00 159.24
CA MET O 500 -30.26 12.37 158.76
C MET O 500 -28.78 12.67 158.59
N PRO O 501 -28.31 13.20 157.44
CA PRO O 501 -26.92 13.51 157.16
C PRO O 501 -26.36 14.74 157.87
N SER O 502 -25.05 14.67 158.13
CA SER O 502 -24.24 15.75 158.69
C SER O 502 -22.75 15.50 158.42
N ILE O 503 -21.93 16.46 158.86
CA ILE O 503 -20.47 16.35 158.69
C ILE O 503 -19.89 15.16 159.46
N LEU O 504 -20.65 14.59 160.38
CA LEU O 504 -20.17 13.47 161.15
C LEU O 504 -20.61 12.12 160.62
N ASN O 505 -21.45 12.09 159.57
CA ASN O 505 -21.89 10.77 159.12
C ASN O 505 -22.10 10.61 157.63
N SER O 506 -22.08 11.68 156.84
CA SER O 506 -22.26 11.48 155.42
C SER O 506 -21.27 12.24 154.56
N LEU O 507 -20.73 13.35 155.06
CA LEU O 507 -19.93 14.16 154.15
C LEU O 507 -18.73 13.39 153.65
N GLY O 508 -18.61 13.32 152.32
CA GLY O 508 -17.49 12.64 151.69
C GLY O 508 -17.52 11.12 151.81
N LYS O 509 -18.65 10.54 152.22
CA LYS O 509 -18.71 9.10 152.46
C LYS O 509 -19.61 8.23 151.58
N ASN O 510 -20.58 8.80 150.88
CA ASN O 510 -21.59 7.98 150.20
C ASN O 510 -21.10 7.31 148.92
N ALA O 511 -20.99 5.98 149.00
CA ALA O 511 -20.45 5.08 147.99
C ALA O 511 -21.17 5.13 146.67
N TYR O 512 -22.37 5.67 146.65
CA TYR O 512 -23.16 5.74 145.44
C TYR O 512 -22.79 6.93 144.60
N PHE O 513 -21.96 7.83 145.13
CA PHE O 513 -21.62 9.04 144.40
C PHE O 513 -20.15 9.43 144.50
N ARG O 514 -19.57 9.98 143.43
CA ARG O 514 -18.19 10.49 143.47
C ARG O 514 -18.09 11.84 142.76
N ARG O 515 -17.50 12.83 143.44
CA ARG O 515 -17.40 14.18 142.89
C ARG O 515 -16.00 14.63 142.48
N VAL O 516 -15.94 15.26 141.30
CA VAL O 516 -14.73 15.85 140.75
C VAL O 516 -14.95 17.27 140.21
N TYR O 517 -14.07 18.18 140.57
CA TYR O 517 -14.10 19.55 140.06
C TYR O 517 -13.43 19.58 138.71
N VAL O 518 -13.83 20.48 137.85
CA VAL O 518 -13.20 20.53 136.54
C VAL O 518 -12.58 21.88 136.21
N LYS O 519 -11.34 21.85 135.77
CA LYS O 519 -10.66 23.07 135.39
C LYS O 519 -9.77 22.86 134.17
N GLY O 520 -9.31 23.96 133.58
CA GLY O 520 -8.40 23.91 132.44
C GLY O 520 -9.10 23.74 131.09
N ILE O 521 -10.42 23.70 131.08
CA ILE O 521 -11.12 23.48 129.82
C ILE O 521 -10.59 24.51 128.82
N ALA P 66 -0.24 64.26 52.94
CA ALA P 66 -0.41 64.99 54.19
C ALA P 66 -1.74 64.70 54.80
N GLU P 67 -2.45 63.72 54.27
CA GLU P 67 -3.77 63.39 54.77
C GLU P 67 -3.66 62.50 55.97
N ILE P 68 -3.19 63.12 57.03
CA ILE P 68 -2.97 62.46 58.29
C ILE P 68 -4.07 62.90 59.20
N GLY P 69 -4.65 61.96 59.91
CA GLY P 69 -5.74 62.27 60.79
C GLY P 69 -5.32 63.15 61.91
N GLY P 70 -4.08 62.94 62.36
CA GLY P 70 -3.55 63.63 63.50
C GLY P 70 -4.22 62.95 64.62
N ASP P 71 -4.13 63.47 65.81
CA ASP P 71 -4.71 62.64 66.82
C ASP P 71 -5.04 63.37 68.09
N HIS P 72 -5.56 62.62 69.04
CA HIS P 72 -5.85 63.12 70.36
C HIS P 72 -4.54 63.19 71.13
N GLY P 73 -4.49 64.06 72.11
CA GLY P 73 -3.30 64.18 72.95
C GLY P 73 -3.38 63.27 74.17
N TYR P 74 -4.38 62.39 74.19
CA TYR P 74 -4.69 61.51 75.30
C TYR P 74 -5.15 62.34 76.51
N ASN P 75 -5.63 63.53 76.19
CA ASN P 75 -6.23 64.50 77.08
C ASN P 75 -7.71 64.26 77.08
N ALA P 76 -8.26 63.85 78.20
CA ALA P 76 -9.65 63.48 78.26
C ALA P 76 -10.59 64.55 77.73
N THR P 77 -10.24 65.81 77.93
CA THR P 77 -11.11 66.85 77.44
C THR P 77 -11.23 66.75 75.95
N ASN P 78 -10.09 66.56 75.31
CA ASN P 78 -10.06 66.58 73.89
C ASN P 78 -10.64 65.32 73.37
N ILE P 79 -10.47 64.24 74.11
CA ILE P 79 -11.04 63.02 73.61
C ILE P 79 -12.53 63.16 73.61
N ALA P 80 -13.08 63.60 74.72
CA ALA P 80 -14.51 63.70 74.84
C ALA P 80 -15.11 64.60 73.80
N ALA P 81 -14.43 65.69 73.50
CA ALA P 81 -14.90 66.67 72.54
C ALA P 81 -14.63 66.28 71.09
N GLY P 82 -13.92 65.18 70.87
CA GLY P 82 -13.55 64.75 69.53
C GLY P 82 -12.47 65.63 68.90
N GLN P 83 -11.63 66.26 69.71
CA GLN P 83 -10.62 67.16 69.15
C GLN P 83 -9.30 66.49 68.87
N THR P 84 -8.87 66.59 67.62
CA THR P 84 -7.64 66.01 67.17
C THR P 84 -6.81 67.08 66.52
N SER P 85 -5.52 66.84 66.44
CA SER P 85 -4.53 67.74 65.86
C SER P 85 -4.41 67.78 64.35
N GLY P 86 -5.05 66.87 63.64
CA GLY P 86 -4.87 66.81 62.20
C GLY P 86 -6.14 66.98 61.42
N ALA P 87 -6.22 66.21 60.33
CA ALA P 87 -7.29 66.30 59.39
C ALA P 87 -8.68 65.99 59.91
N VAL P 88 -8.83 65.05 60.84
CA VAL P 88 -10.21 64.72 61.18
C VAL P 88 -10.62 64.71 62.62
N THR P 89 -11.68 65.48 62.83
CA THR P 89 -12.41 65.72 64.04
C THR P 89 -13.36 64.56 64.25
N GLN P 90 -13.49 64.13 65.48
CA GLN P 90 -14.34 62.99 65.75
C GLN P 90 -15.71 63.44 66.24
N ILE P 91 -16.69 62.57 66.08
CA ILE P 91 -18.06 62.80 66.57
C ILE P 91 -18.09 62.82 68.07
N GLY P 92 -17.40 61.87 68.67
CA GLY P 92 -17.33 61.76 70.12
C GLY P 92 -17.31 60.28 70.44
N PRO P 93 -16.79 59.90 71.60
CA PRO P 93 -16.64 58.54 72.02
C PRO P 93 -17.92 57.73 72.17
N ALA P 94 -17.81 56.47 71.77
CA ALA P 94 -18.86 55.47 71.84
C ALA P 94 -19.27 55.15 73.26
N VAL P 95 -20.52 54.83 73.47
CA VAL P 95 -20.91 54.47 74.81
C VAL P 95 -20.57 53.02 75.10
N MET P 96 -19.72 52.79 76.09
CA MET P 96 -19.30 51.45 76.45
C MET P 96 -20.20 50.92 77.54
N GLY P 97 -21.12 51.77 77.97
CA GLY P 97 -22.06 51.47 79.03
C GLY P 97 -21.92 52.47 80.15
N MET P 98 -22.75 52.27 81.17
CA MET P 98 -22.75 53.14 82.33
C MET P 98 -22.77 52.28 83.56
N VAL P 99 -22.06 52.69 84.58
CA VAL P 99 -22.04 51.92 85.80
C VAL P 99 -22.67 52.66 86.93
N ARG P 100 -23.71 52.09 87.46
CA ARG P 100 -24.35 52.68 88.62
C ARG P 100 -23.85 51.91 89.80
N ARG P 101 -23.58 52.59 90.89
CA ARG P 101 -23.18 51.82 92.06
C ARG P 101 -24.40 51.11 92.62
N ALA P 102 -24.31 49.80 92.84
CA ALA P 102 -25.41 49.03 93.38
C ALA P 102 -25.66 49.30 94.85
N ILE P 103 -26.89 49.08 95.26
CA ILE P 103 -27.33 49.18 96.63
C ILE P 103 -27.00 47.93 97.43
N PRO P 104 -26.38 48.06 98.64
CA PRO P 104 -26.01 46.97 99.53
C PRO P 104 -27.22 46.29 100.15
N ASN P 105 -27.02 45.03 100.53
CA ASN P 105 -28.02 44.21 101.17
C ASN P 105 -28.10 44.50 102.67
N LEU P 106 -29.29 44.36 103.26
CA LEU P 106 -29.45 44.55 104.71
C LEU P 106 -30.12 43.36 105.39
N ILE P 107 -29.92 43.21 106.70
CA ILE P 107 -30.59 42.18 107.51
C ILE P 107 -31.77 42.83 108.15
N ALA P 108 -32.96 42.71 107.58
CA ALA P 108 -33.99 43.60 108.08
C ALA P 108 -34.31 43.42 109.55
N PHE P 109 -35.04 42.38 109.92
CA PHE P 109 -35.39 42.23 111.33
C PHE P 109 -35.34 40.77 111.71
N ASP P 110 -34.59 40.01 110.95
CA ASP P 110 -34.53 38.57 111.10
C ASP P 110 -34.16 38.11 112.49
N ILE P 111 -33.32 38.89 113.15
CA ILE P 111 -32.80 38.57 114.45
C ILE P 111 -33.15 39.58 115.53
N CYS P 112 -34.31 40.24 115.40
CA CYS P 112 -34.74 41.14 116.46
C CYS P 112 -36.25 41.16 116.49
N GLY P 113 -36.85 41.78 117.50
CA GLY P 113 -38.31 41.78 117.52
C GLY P 113 -38.82 43.05 116.88
N VAL P 114 -40.13 43.16 116.75
CA VAL P 114 -40.71 44.34 116.15
C VAL P 114 -41.77 45.03 117.02
N GLN P 115 -42.89 44.35 117.29
CA GLN P 115 -43.99 44.98 118.03
C GLN P 115 -44.48 46.26 117.33
N PRO P 116 -45.05 46.17 116.12
CA PRO P 116 -45.46 47.30 115.30
C PRO P 116 -46.48 48.11 116.04
N MET P 117 -46.45 49.41 115.79
CA MET P 117 -47.30 50.34 116.49
C MET P 117 -48.50 50.83 115.72
N ASN P 118 -49.52 51.19 116.48
CA ASN P 118 -50.71 51.85 116.00
C ASN P 118 -50.89 53.12 116.80
N SER P 119 -49.79 53.55 117.38
CA SER P 119 -49.70 54.70 118.25
C SER P 119 -48.27 55.20 118.31
N PRO P 120 -48.02 56.51 118.42
CA PRO P 120 -46.70 57.06 118.64
C PRO P 120 -46.09 56.56 119.96
N THR P 121 -46.92 56.08 120.91
CA THR P 121 -46.43 55.61 122.20
C THR P 121 -46.96 54.23 122.61
N GLY P 122 -46.34 53.65 123.64
CA GLY P 122 -46.79 52.37 124.17
C GLY P 122 -46.07 51.99 125.45
N GLN P 123 -46.56 50.96 126.13
CA GLN P 123 -45.95 50.57 127.41
C GLN P 123 -46.03 49.09 127.72
N VAL P 124 -45.00 48.62 128.40
CA VAL P 124 -44.92 47.23 128.82
C VAL P 124 -44.96 47.13 130.31
N PHE P 125 -45.79 46.24 130.79
CA PHE P 125 -45.91 46.05 132.21
C PHE P 125 -45.17 44.82 132.65
N ALA P 126 -44.76 44.80 133.90
CA ALA P 126 -44.14 43.59 134.38
C ALA P 126 -44.44 43.37 135.84
N LEU P 127 -44.43 42.11 136.23
CA LEU P 127 -44.66 41.77 137.62
C LEU P 127 -43.58 40.80 138.11
N ARG P 128 -42.58 41.35 138.75
CA ARG P 128 -41.44 40.60 139.24
C ARG P 128 -41.77 40.09 140.63
N ALA P 129 -41.55 38.81 140.90
CA ALA P 129 -41.78 38.34 142.27
C ALA P 129 -40.48 38.19 142.98
N VAL P 130 -40.50 38.57 144.24
CA VAL P 130 -39.34 38.49 145.10
C VAL P 130 -39.71 37.85 146.41
N TYR P 131 -38.67 37.52 147.18
CA TYR P 131 -38.81 36.94 148.55
C TYR P 131 -38.28 37.97 149.56
N GLY P 132 -39.00 38.19 150.66
CA GLY P 132 -38.59 39.18 151.68
C GLY P 132 -39.65 40.27 151.97
N LYS P 133 -40.84 40.12 151.38
CA LYS P 133 -42.03 40.97 151.54
C LYS P 133 -41.97 42.41 151.02
N ASP P 134 -41.00 42.76 150.20
CA ASP P 134 -41.03 44.12 149.69
C ASP P 134 -40.52 44.16 148.26
N PRO P 135 -41.43 44.19 147.27
CA PRO P 135 -41.16 44.20 145.84
C PRO P 135 -40.27 45.36 145.40
N VAL P 136 -40.20 46.44 146.19
CA VAL P 136 -39.34 47.53 145.79
C VAL P 136 -38.47 47.95 146.95
N ALA P 137 -37.33 47.30 147.08
CA ALA P 137 -36.43 47.60 148.17
C ALA P 137 -35.05 47.09 147.87
N ALA P 138 -34.07 47.77 148.42
CA ALA P 138 -32.74 47.25 148.31
C ALA P 138 -32.72 45.95 149.05
N GLY P 139 -32.07 44.95 148.49
CA GLY P 139 -31.93 43.67 149.15
C GLY P 139 -33.02 42.66 148.84
N ALA P 140 -34.13 43.09 148.22
CA ALA P 140 -35.20 42.16 147.89
C ALA P 140 -34.64 41.14 146.92
N LYS P 141 -35.09 39.88 146.98
CA LYS P 141 -34.51 38.91 146.04
C LYS P 141 -35.49 38.25 145.10
N GLU P 142 -35.21 38.40 143.80
CA GLU P 142 -36.05 37.85 142.71
C GLU P 142 -36.17 36.33 142.89
N ALA P 143 -37.41 35.84 142.88
CA ALA P 143 -37.69 34.43 143.05
C ALA P 143 -37.05 33.55 141.98
N PHE P 144 -37.03 34.01 140.74
CA PHE P 144 -36.47 33.23 139.66
C PHE P 144 -35.29 33.90 139.00
N HIS P 145 -34.52 34.73 139.69
CA HIS P 145 -33.45 35.40 138.95
C HIS P 145 -32.57 34.33 138.28
N PRO P 146 -32.26 34.45 136.98
CA PRO P 146 -31.50 33.48 136.22
C PRO P 146 -30.09 33.20 136.68
N MET P 147 -29.45 34.11 137.40
CA MET P 147 -28.09 33.85 137.80
C MET P 147 -27.98 33.39 139.20
N TYR P 148 -29.10 33.25 139.91
CA TYR P 148 -29.00 32.93 141.31
C TYR P 148 -29.83 31.71 141.70
N GLY P 149 -29.35 30.93 142.65
CA GLY P 149 -30.14 29.79 143.08
C GLY P 149 -31.26 30.24 144.01
N PRO P 150 -32.19 29.34 144.34
CA PRO P 150 -33.31 29.56 145.24
C PRO P 150 -32.79 29.70 146.65
N ASP P 151 -33.52 30.37 147.52
CA ASP P 151 -33.00 30.44 148.87
C ASP P 151 -33.43 29.21 149.61
N ALA P 152 -32.57 28.22 149.55
CA ALA P 152 -32.79 26.86 150.02
C ALA P 152 -33.13 26.75 151.49
N MET P 153 -32.86 27.79 152.29
CA MET P 153 -33.20 27.66 153.69
C MET P 153 -34.28 28.66 154.13
N PHE P 154 -34.81 29.41 153.18
CA PHE P 154 -35.73 30.52 153.41
C PHE P 154 -36.98 30.14 154.18
N SER P 155 -37.62 29.06 153.79
CA SER P 155 -38.84 28.63 154.46
C SER P 155 -38.59 27.62 155.57
N GLY P 156 -37.32 27.28 155.78
CA GLY P 156 -36.92 26.20 156.68
C GLY P 156 -36.01 26.63 157.81
N GLN P 157 -34.86 25.96 157.89
CA GLN P 157 -33.89 26.17 158.94
C GLN P 157 -33.38 27.59 158.94
N GLY P 158 -33.29 28.22 157.76
CA GLY P 158 -32.81 29.58 157.62
C GLY P 158 -33.70 30.48 158.43
N ALA P 159 -34.99 30.37 158.18
CA ALA P 159 -35.98 31.17 158.89
C ALA P 159 -35.86 31.02 160.40
N ALA P 160 -35.52 29.82 160.86
CA ALA P 160 -35.41 29.52 162.28
C ALA P 160 -34.40 30.38 163.07
N LYS P 161 -33.37 30.93 162.42
CA LYS P 161 -32.38 31.69 163.19
C LYS P 161 -31.56 32.62 162.32
N LYS P 162 -30.72 33.43 162.93
CA LYS P 162 -29.90 34.28 162.11
C LYS P 162 -28.72 33.49 161.57
N PHE P 163 -28.49 33.59 160.26
CA PHE P 163 -27.43 32.75 159.64
C PHE P 163 -26.42 33.61 158.89
N PRO P 164 -25.58 34.36 159.64
CA PRO P 164 -24.49 35.14 159.07
C PRO P 164 -23.24 34.27 159.03
N ALA P 165 -22.10 34.85 158.67
CA ALA P 165 -21.81 35.53 157.43
C ALA P 165 -20.39 35.15 157.18
N LEU P 166 -20.04 34.90 155.96
CA LEU P 166 -18.68 34.59 155.68
C LEU P 166 -18.09 35.89 155.16
N ALA P 167 -16.89 36.23 155.58
CA ALA P 167 -16.28 37.47 155.17
C ALA P 167 -14.79 37.39 155.32
N ALA P 168 -14.08 38.28 154.65
CA ALA P 168 -12.64 38.25 154.73
C ALA P 168 -12.18 38.36 156.16
N SER P 169 -11.19 37.54 156.48
CA SER P 169 -10.49 37.43 157.77
C SER P 169 -11.24 36.64 158.83
N THR P 170 -12.50 36.31 158.60
CA THR P 170 -13.28 35.58 159.59
C THR P 170 -12.88 34.13 159.66
N GLN P 171 -12.71 33.62 160.88
CA GLN P 171 -12.40 32.21 161.06
C GLN P 171 -13.70 31.47 161.24
N THR P 172 -13.80 30.32 160.59
CA THR P 172 -14.97 29.50 160.69
C THR P 172 -15.00 28.64 161.93
N THR P 173 -16.17 28.08 162.22
CA THR P 173 -16.34 27.12 163.28
C THR P 173 -16.91 25.86 162.69
N VAL P 174 -16.22 24.76 162.87
CA VAL P 174 -16.68 23.52 162.28
C VAL P 174 -18.08 23.16 162.72
N GLY P 175 -18.91 22.87 161.73
CA GLY P 175 -20.30 22.51 161.89
C GLY P 175 -21.25 23.69 161.82
N ASP P 176 -20.73 24.91 161.90
CA ASP P 176 -21.57 26.09 161.84
C ASP P 176 -21.79 26.45 160.38
N ILE P 177 -22.84 27.21 160.11
CA ILE P 177 -23.15 27.62 158.75
C ILE P 177 -22.93 29.08 158.50
N TYR P 178 -22.10 29.35 157.52
CA TYR P 178 -21.75 30.71 157.19
C TYR P 178 -22.39 31.08 155.89
N THR P 179 -22.92 32.28 155.84
CA THR P 179 -23.58 32.69 154.62
C THR P 179 -22.91 33.73 153.76
N HIS P 180 -23.33 33.74 152.51
CA HIS P 180 -22.83 34.68 151.54
C HIS P 180 -23.75 34.80 150.34
N PHE P 181 -23.37 35.67 149.42
CA PHE P 181 -24.08 35.81 148.18
C PHE P 181 -23.05 36.11 147.11
N PHE P 182 -22.84 35.19 146.19
CA PHE P 182 -21.84 35.37 145.16
C PHE P 182 -22.35 36.29 144.06
N GLN P 183 -21.46 37.06 143.44
CA GLN P 183 -21.91 37.98 142.38
C GLN P 183 -22.65 37.26 141.25
N GLU P 184 -22.33 36.00 141.07
CA GLU P 184 -22.92 35.08 140.12
C GLU P 184 -23.23 33.88 141.00
N THR P 185 -24.37 33.22 140.82
CA THR P 185 -24.89 32.07 141.59
C THR P 185 -25.51 32.47 142.96
N GLY P 186 -25.21 33.66 143.46
CA GLY P 186 -25.85 34.24 144.62
C GLY P 186 -25.78 33.52 145.94
N THR P 187 -26.95 33.36 146.55
CA THR P 187 -27.11 32.78 147.86
C THR P 187 -26.45 31.45 148.07
N VAL P 188 -25.70 31.42 149.14
CA VAL P 188 -25.04 30.23 149.53
C VAL P 188 -25.04 30.09 151.05
N TYR P 189 -25.15 28.87 151.49
CA TYR P 189 -25.02 28.53 152.88
C TYR P 189 -23.97 27.47 152.94
N LEU P 190 -22.88 27.74 153.65
CA LEU P 190 -21.82 26.76 153.70
C LEU P 190 -21.52 26.30 155.11
N GLN P 191 -21.57 24.99 155.33
CA GLN P 191 -21.28 24.45 156.63
C GLN P 191 -19.78 24.23 156.72
N ALA P 192 -19.17 24.73 157.77
CA ALA P 192 -17.73 24.57 157.87
C ALA P 192 -17.34 23.14 158.17
N SER P 193 -16.33 22.64 157.45
CA SER P 193 -15.78 21.33 157.73
C SER P 193 -14.57 21.54 158.61
N VAL P 194 -13.93 22.69 158.41
CA VAL P 194 -12.75 23.06 159.19
C VAL P 194 -12.78 24.49 159.71
N GLN P 195 -12.03 24.72 160.78
CA GLN P 195 -11.86 26.02 161.43
C GLN P 195 -10.78 26.88 160.79
N VAL P 196 -11.08 27.48 159.66
CA VAL P 196 -10.06 28.22 158.91
C VAL P 196 -10.48 29.63 158.60
N THR P 197 -9.53 30.48 158.23
CA THR P 197 -9.89 31.82 157.85
C THR P 197 -10.02 31.99 156.38
N ILE P 198 -10.75 33.02 156.03
CA ILE P 198 -10.97 33.40 154.66
C ILE P 198 -10.14 34.60 154.23
N ASP P 199 -8.88 34.41 153.85
CA ASP P 199 -8.09 35.51 153.27
C ASP P 199 -8.36 36.91 153.78
N ALA P 200 -7.75 37.30 154.86
CA ALA P 200 -8.01 38.65 155.37
C ALA P 200 -7.75 39.75 154.33
N GLY P 201 -6.96 39.50 153.28
CA GLY P 201 -6.68 40.54 152.30
C GLY P 201 -7.75 40.63 151.20
N ALA P 202 -8.77 39.78 151.27
CA ALA P 202 -9.81 39.73 150.25
C ALA P 202 -10.84 40.83 150.47
N THR P 203 -10.41 42.06 150.26
CA THR P 203 -11.23 43.23 150.54
C THR P 203 -12.33 43.56 149.53
N ASP P 204 -12.25 43.06 148.31
CA ASP P 204 -13.34 43.31 147.37
C ASP P 204 -14.39 42.22 147.42
N ALA P 205 -15.45 42.40 146.63
CA ALA P 205 -16.45 41.39 146.46
C ALA P 205 -15.89 40.29 145.62
N ALA P 206 -15.18 40.65 144.54
CA ALA P 206 -14.66 39.63 143.68
C ALA P 206 -13.65 38.79 144.41
N LYS P 207 -12.85 39.45 145.24
CA LYS P 207 -11.81 38.77 145.97
C LYS P 207 -12.41 37.81 146.98
N LEU P 208 -13.46 38.25 147.68
CA LEU P 208 -14.08 37.36 148.62
C LEU P 208 -14.67 36.19 147.86
N ASP P 209 -15.38 36.45 146.75
CA ASP P 209 -15.94 35.31 146.05
C ASP P 209 -14.86 34.34 145.64
N ALA P 210 -13.72 34.86 145.17
CA ALA P 210 -12.64 34.00 144.75
C ALA P 210 -12.09 33.16 145.89
N GLU P 211 -11.93 33.75 147.08
CA GLU P 211 -11.40 32.98 148.18
C GLU P 211 -12.40 31.93 148.61
N ILE P 212 -13.67 32.28 148.61
CA ILE P 212 -14.65 31.31 149.04
C ILE P 212 -14.62 30.15 148.09
N LYS P 213 -14.58 30.42 146.79
CA LYS P 213 -14.52 29.36 145.80
C LYS P 213 -13.30 28.47 145.99
N LYS P 214 -12.15 29.06 146.32
CA LYS P 214 -10.95 28.27 146.58
C LYS P 214 -11.18 27.33 147.77
N GLN P 215 -11.75 27.89 148.83
CA GLN P 215 -12.02 27.14 150.03
C GLN P 215 -13.04 26.06 149.74
N MET P 216 -13.97 26.36 148.84
CA MET P 216 -14.98 25.41 148.44
C MET P 216 -14.31 24.22 147.75
N GLU P 217 -13.39 24.47 146.82
CA GLU P 217 -12.71 23.37 146.14
C GLU P 217 -11.94 22.52 147.13
N ALA P 218 -11.37 23.19 148.12
CA ALA P 218 -10.61 22.54 149.18
C ALA P 218 -11.47 21.69 150.09
N GLY P 219 -12.79 21.88 150.03
CA GLY P 219 -13.72 21.19 150.89
C GLY P 219 -13.77 21.79 152.30
N ALA P 220 -13.28 23.03 152.46
CA ALA P 220 -13.24 23.70 153.75
C ALA P 220 -14.64 23.96 154.30
N LEU P 221 -15.57 24.29 153.42
CA LEU P 221 -16.96 24.50 153.77
C LEU P 221 -17.80 23.80 152.72
N VAL P 222 -19.01 23.35 153.06
CA VAL P 222 -19.87 22.64 152.10
C VAL P 222 -21.29 23.19 151.96
N GLU P 223 -21.81 23.22 150.75
CA GLU P 223 -23.18 23.67 150.49
C GLU P 223 -24.17 22.87 151.32
N ILE P 224 -25.10 23.57 151.97
CA ILE P 224 -26.08 22.90 152.83
C ILE P 224 -27.45 23.57 152.94
N ALA P 225 -28.50 22.76 153.10
CA ALA P 225 -29.82 23.32 153.37
C ALA P 225 -30.68 22.36 154.19
N GLU P 226 -31.44 22.92 155.13
CA GLU P 226 -32.32 22.14 155.99
C GLU P 226 -33.69 22.80 156.21
N GLY P 227 -34.67 21.97 156.57
CA GLY P 227 -36.01 22.45 156.94
C GLY P 227 -35.96 22.89 158.40
N MET P 228 -37.09 23.28 158.94
CA MET P 228 -37.18 23.75 160.32
C MET P 228 -37.63 22.63 161.25
N ALA P 229 -37.07 22.57 162.45
CA ALA P 229 -37.55 21.56 163.38
C ALA P 229 -39.02 21.80 163.69
N THR P 230 -39.79 20.73 163.89
CA THR P 230 -41.19 20.82 164.27
C THR P 230 -41.26 21.57 165.58
N SER P 231 -40.31 21.28 166.47
CA SER P 231 -40.21 21.91 167.78
C SER P 231 -40.10 23.43 167.71
N ILE P 232 -39.73 23.95 166.55
CA ILE P 232 -39.61 25.35 166.33
C ILE P 232 -40.84 25.83 165.58
N ALA P 233 -41.16 25.15 164.48
CA ALA P 233 -42.23 25.53 163.56
C ALA P 233 -43.59 25.61 164.19
N GLU P 234 -43.90 24.68 165.07
CA GLU P 234 -45.23 24.64 165.67
C GLU P 234 -45.54 25.89 166.48
N LEU P 235 -44.51 26.57 166.98
CA LEU P 235 -44.69 27.71 167.84
C LEU P 235 -44.21 29.02 167.24
N GLN P 236 -44.28 29.13 165.92
CA GLN P 236 -43.89 30.41 165.33
C GLN P 236 -45.00 31.42 165.52
N GLU P 237 -44.74 32.68 165.12
CA GLU P 237 -45.75 33.78 165.20
C GLU P 237 -46.33 33.96 166.61
N GLY P 238 -45.53 33.73 167.66
CA GLY P 238 -45.99 33.96 169.03
C GLY P 238 -46.88 32.84 169.57
N PHE P 239 -47.05 31.77 168.82
CA PHE P 239 -47.92 30.72 169.24
C PHE P 239 -47.43 30.05 170.53
N ASN P 240 -48.38 29.69 171.38
CA ASN P 240 -48.15 28.99 172.64
C ASN P 240 -47.13 29.68 173.55
N GLY P 241 -47.18 31.01 173.61
CA GLY P 241 -46.30 31.78 174.50
C GLY P 241 -44.90 32.12 173.98
N SER P 242 -44.57 31.76 172.74
CA SER P 242 -43.25 32.05 172.21
C SER P 242 -43.14 33.53 171.83
N THR P 243 -41.92 33.99 171.55
CA THR P 243 -41.72 35.39 171.14
C THR P 243 -40.75 35.56 169.97
N ASP P 244 -40.87 36.69 169.27
CA ASP P 244 -39.97 37.15 168.21
C ASP P 244 -39.66 36.11 167.15
N ASN P 245 -40.68 35.38 166.72
CA ASN P 245 -40.47 34.32 165.75
C ASN P 245 -41.45 34.27 164.56
N PRO P 246 -41.54 35.31 163.73
CA PRO P 246 -42.45 35.41 162.59
C PRO P 246 -42.07 34.49 161.44
N TRP P 247 -43.03 34.13 160.60
CA TRP P 247 -42.76 33.36 159.38
C TRP P 247 -42.30 34.25 158.24
N ASN P 248 -41.49 33.69 157.35
CA ASN P 248 -41.10 34.40 156.13
C ASN P 248 -42.20 34.35 155.08
N GLU P 249 -42.15 35.29 154.14
CA GLU P 249 -43.11 35.42 153.06
C GLU P 249 -42.53 35.89 151.72
N MET P 250 -43.42 35.97 150.73
CA MET P 250 -43.05 36.42 149.37
C MET P 250 -44.09 37.33 148.73
N GLY P 251 -43.74 38.02 147.63
CA GLY P 251 -44.74 38.84 146.94
C GLY P 251 -44.26 39.57 145.68
N PHE P 252 -45.15 40.39 145.12
CA PHE P 252 -44.89 41.15 143.90
C PHE P 252 -45.86 42.32 143.86
N ARG P 253 -45.59 43.36 143.06
CA ARG P 253 -46.63 44.37 142.89
C ARG P 253 -46.89 44.68 141.41
N ILE P 254 -46.19 45.66 140.82
CA ILE P 254 -46.34 46.00 139.41
C ILE P 254 -45.33 47.05 139.01
N ASP P 255 -44.81 47.00 137.78
CA ASP P 255 -43.97 48.08 137.28
C ASP P 255 -44.11 48.17 135.75
N LYS P 256 -43.39 49.10 135.11
CA LYS P 256 -43.52 49.24 133.67
C LYS P 256 -42.42 50.05 132.99
N GLN P 257 -42.35 49.91 131.67
CA GLN P 257 -41.48 50.74 130.86
C GLN P 257 -42.28 51.37 129.75
N VAL P 258 -41.91 52.59 129.37
CA VAL P 258 -42.67 53.25 128.31
C VAL P 258 -41.81 53.73 127.13
N ILE P 259 -42.39 53.72 125.93
CA ILE P 259 -41.67 54.15 124.74
C ILE P 259 -42.42 55.16 123.91
N GLU P 260 -41.69 55.82 123.00
CA GLU P 260 -42.28 56.82 122.08
C GLU P 260 -41.42 56.93 120.80
N ALA P 261 -42.07 56.99 119.63
CA ALA P 261 -41.40 57.12 118.35
C ALA P 261 -40.53 58.37 118.14
N LYS P 262 -39.47 58.17 117.36
CA LYS P 262 -38.64 59.25 116.82
C LYS P 262 -38.79 59.21 115.32
N SER P 263 -38.50 60.32 114.65
CA SER P 263 -38.63 60.41 113.20
C SER P 263 -37.37 60.68 112.39
N ARG P 264 -37.52 60.37 111.12
CA ARG P 264 -36.52 60.60 110.10
C ARG P 264 -37.19 61.08 108.81
N GLN P 265 -36.46 61.81 107.98
CA GLN P 265 -36.98 62.18 106.65
C GLN P 265 -35.95 62.82 105.76
N LEU P 266 -36.15 62.69 104.46
CA LEU P 266 -35.30 63.30 103.44
C LEU P 266 -36.05 63.89 102.26
N LYS P 267 -35.43 64.89 101.62
CA LYS P 267 -35.96 65.49 100.39
C LYS P 267 -34.94 65.41 99.23
N ALA P 268 -35.45 65.38 97.99
CA ALA P 268 -34.62 65.53 96.80
C ALA P 268 -35.08 66.75 95.95
N ALA P 269 -36.39 66.86 95.67
CA ALA P 269 -36.97 67.99 94.89
C ALA P 269 -36.20 68.37 93.61
N TYR P 270 -35.94 67.42 92.75
CA TYR P 270 -35.16 67.64 91.52
C TYR P 270 -35.79 68.63 90.55
N SER P 271 -34.98 69.32 89.73
CA SER P 271 -35.52 70.20 88.71
C SER P 271 -36.10 69.49 87.49
N ILE P 272 -36.92 70.22 86.76
CA ILE P 272 -37.55 69.73 85.55
C ILE P 272 -36.58 69.46 84.42
N GLU P 273 -35.69 70.40 84.09
CA GLU P 273 -34.81 70.09 82.99
C GLU P 273 -33.91 68.94 83.35
N LEU P 274 -33.47 68.84 84.60
CA LEU P 274 -32.60 67.73 84.88
C LEU P 274 -33.23 66.44 84.45
N ALA P 275 -34.48 66.23 84.85
CA ALA P 275 -35.15 65.02 84.46
C ALA P 275 -35.31 64.88 82.96
N GLN P 276 -35.64 65.97 82.29
CA GLN P 276 -35.86 65.87 80.86
C GLN P 276 -34.60 65.51 80.11
N ASP P 277 -33.50 66.11 80.53
CA ASP P 277 -32.25 65.87 79.88
C ASP P 277 -31.80 64.47 80.24
N LEU P 278 -31.89 64.11 81.50
CA LEU P 278 -31.45 62.80 81.86
C LEU P 278 -32.20 61.75 81.06
N ARG P 279 -33.52 61.93 80.85
CA ARG P 279 -34.23 60.98 80.03
C ARG P 279 -33.63 60.95 78.64
N ALA P 280 -33.32 62.11 78.08
CA ALA P 280 -32.69 62.17 76.77
C ALA P 280 -31.32 61.45 76.73
N VAL P 281 -30.57 61.52 77.83
CA VAL P 281 -29.22 60.96 77.90
C VAL P 281 -29.13 59.49 78.34
N HIS P 282 -29.67 59.16 79.50
CA HIS P 282 -29.58 57.79 80.01
C HIS P 282 -30.91 57.06 80.10
N GLY P 283 -32.01 57.80 80.07
CA GLY P 283 -33.34 57.19 80.17
C GLY P 283 -33.87 57.16 81.59
N MET P 284 -33.01 57.53 82.52
CA MET P 284 -33.35 57.58 83.92
C MET P 284 -34.23 58.82 84.07
N ASP P 285 -35.18 58.80 84.99
CA ASP P 285 -36.10 59.93 85.14
C ASP P 285 -35.79 60.95 86.21
N ALA P 286 -34.68 60.76 86.90
CA ALA P 286 -34.30 61.65 88.01
C ALA P 286 -35.47 61.81 88.96
N ASP P 287 -36.27 60.78 89.12
CA ASP P 287 -37.43 60.90 89.97
C ASP P 287 -37.54 59.62 90.72
N ALA P 288 -38.03 58.57 90.07
CA ALA P 288 -38.12 57.30 90.73
C ALA P 288 -36.75 56.88 91.19
N GLU P 289 -35.72 57.22 90.41
CA GLU P 289 -34.40 56.82 90.86
C GLU P 289 -34.07 57.51 92.17
N LEU P 290 -34.49 58.75 92.31
CA LEU P 290 -34.21 59.48 93.52
C LEU P 290 -35.01 58.92 94.64
N SER P 291 -36.25 58.55 94.37
CA SER P 291 -37.08 58.02 95.42
C SER P 291 -36.39 56.81 95.98
N GLY P 292 -35.84 56.00 95.07
CA GLY P 292 -35.10 54.83 95.42
C GLY P 292 -33.97 55.17 96.36
N ILE P 293 -33.13 56.13 95.97
CA ILE P 293 -31.98 56.49 96.76
C ILE P 293 -32.38 56.98 98.14
N LEU P 294 -33.38 57.85 98.21
CA LEU P 294 -33.80 58.42 99.47
C LEU P 294 -34.32 57.35 100.41
N ALA P 295 -35.22 56.53 99.88
CA ALA P 295 -35.83 55.50 100.68
C ALA P 295 -34.80 54.49 101.14
N THR P 296 -33.87 54.18 100.24
CA THR P 296 -32.86 53.21 100.52
C THR P 296 -31.99 53.66 101.65
N GLU P 297 -31.53 54.91 101.61
CA GLU P 297 -30.66 55.36 102.67
C GLU P 297 -31.40 55.31 103.99
N ILE P 298 -32.67 55.69 104.00
CA ILE P 298 -33.37 55.68 105.27
C ILE P 298 -33.45 54.25 105.80
N MET P 299 -33.81 53.31 104.94
CA MET P 299 -33.89 51.94 105.40
C MET P 299 -32.53 51.42 105.87
N LEU P 300 -31.46 51.77 105.16
CA LEU P 300 -30.14 51.33 105.56
C LEU P 300 -29.75 51.92 106.91
N GLU P 301 -30.10 53.20 107.10
CA GLU P 301 -29.79 53.92 108.37
C GLU P 301 -30.48 53.21 109.53
N ILE P 302 -31.72 52.77 109.33
CA ILE P 302 -32.45 52.07 110.36
C ILE P 302 -31.84 50.73 110.61
N ASN P 303 -31.53 50.02 109.53
CA ASN P 303 -30.94 48.73 109.73
C ASN P 303 -29.72 48.85 110.62
N ARG P 304 -28.85 49.81 110.32
CA ARG P 304 -27.70 49.98 111.16
C ARG P 304 -28.06 50.39 112.55
N GLU P 305 -29.03 51.27 112.71
CA GLU P 305 -29.36 51.69 114.06
C GLU P 305 -29.66 50.48 114.91
N VAL P 306 -30.43 49.54 114.37
CA VAL P 306 -30.75 48.36 115.14
C VAL P 306 -29.48 47.58 115.46
N VAL P 307 -28.62 47.37 114.48
CA VAL P 307 -27.40 46.62 114.72
C VAL P 307 -26.52 47.28 115.75
N ASP P 308 -26.36 48.58 115.64
CA ASP P 308 -25.53 49.33 116.56
C ASP P 308 -26.05 49.19 117.97
N TRP P 309 -27.38 49.24 118.16
CA TRP P 309 -27.91 49.10 119.50
C TRP P 309 -27.67 47.69 120.02
N ILE P 310 -27.67 46.70 119.13
CA ILE P 310 -27.36 45.37 119.61
C ILE P 310 -25.95 45.34 120.11
N ASN P 311 -25.00 45.86 119.34
CA ASN P 311 -23.63 45.83 119.78
C ASN P 311 -23.41 46.67 121.02
N TYR P 312 -24.13 47.79 121.10
CA TYR P 312 -24.01 48.73 122.24
C TYR P 312 -24.50 48.06 123.53
N SER P 313 -25.63 47.33 123.43
CA SER P 313 -26.17 46.66 124.55
C SER P 313 -25.60 45.27 124.85
N ALA P 314 -24.96 44.60 123.90
CA ALA P 314 -24.43 43.25 124.15
C ALA P 314 -23.43 43.20 125.27
N GLN P 315 -23.46 42.13 126.04
CA GLN P 315 -22.54 41.94 127.15
C GLN P 315 -21.20 41.45 126.66
N VAL P 316 -20.18 41.59 127.48
CA VAL P 316 -18.88 41.09 127.11
C VAL P 316 -18.83 39.58 127.27
N GLY P 317 -18.47 38.86 126.20
CA GLY P 317 -18.38 37.42 126.24
C GLY P 317 -17.01 37.02 126.76
N LYS P 318 -16.68 35.73 126.79
CA LYS P 318 -15.36 35.34 127.30
C LYS P 318 -15.01 36.07 128.57
N SER P 319 -15.97 36.06 129.49
CA SER P 319 -15.90 36.76 130.74
C SER P 319 -16.75 36.05 131.78
N GLY P 320 -16.32 36.05 133.02
CA GLY P 320 -17.08 35.41 134.07
C GLY P 320 -17.18 33.92 133.80
N MET P 321 -18.40 33.42 133.68
CA MET P 321 -18.69 32.01 133.45
C MET P 321 -18.13 31.45 132.14
N THR P 322 -17.84 32.35 131.20
CA THR P 322 -17.32 31.99 129.89
C THR P 322 -15.82 32.25 129.80
N LEU P 323 -15.20 32.65 130.92
CA LEU P 323 -13.79 33.00 130.99
C LEU P 323 -12.95 31.84 131.50
N THR P 324 -11.78 31.69 130.91
CA THR P 324 -10.82 30.70 131.35
C THR P 324 -9.70 31.41 132.14
N PRO P 325 -8.92 30.72 132.96
CA PRO P 325 -7.87 31.26 133.79
C PRO P 325 -6.61 31.63 133.04
N GLY P 326 -6.67 32.76 132.33
CA GLY P 326 -5.55 33.19 131.51
C GLY P 326 -6.08 33.85 130.27
N SER P 327 -7.40 33.94 130.20
CA SER P 327 -8.04 34.57 129.08
C SER P 327 -8.05 36.09 129.24
N LYS P 328 -8.76 36.79 128.35
CA LYS P 328 -8.66 38.24 128.34
C LYS P 328 -9.96 39.08 128.36
N ALA P 329 -11.03 38.57 128.99
CA ALA P 329 -12.27 39.35 129.16
C ALA P 329 -12.89 39.91 127.88
N GLY P 330 -13.33 39.03 127.00
CA GLY P 330 -13.98 39.47 125.75
C GLY P 330 -13.21 39.39 124.45
N VAL P 331 -12.04 38.79 124.44
CA VAL P 331 -11.31 38.67 123.20
C VAL P 331 -10.75 37.28 123.05
N PHE P 332 -10.87 36.73 121.86
CA PHE P 332 -10.38 35.43 121.48
C PHE P 332 -9.15 35.59 120.62
N ASP P 333 -8.10 34.85 120.92
CA ASP P 333 -6.88 34.96 120.13
C ASP P 333 -6.32 33.63 119.69
N PHE P 334 -6.36 33.37 118.38
CA PHE P 334 -5.90 32.09 117.85
C PHE P 334 -4.42 31.81 118.10
N GLN P 335 -3.66 32.81 118.54
CA GLN P 335 -2.24 32.65 118.81
C GLN P 335 -1.98 32.35 120.28
N ASP P 336 -3.03 32.29 121.10
CA ASP P 336 -2.87 32.06 122.52
C ASP P 336 -3.41 30.69 122.92
N PRO P 337 -2.55 29.73 123.29
CA PRO P 337 -2.88 28.36 123.63
C PRO P 337 -4.06 28.24 124.57
N ILE P 338 -4.26 29.19 125.49
CA ILE P 338 -5.40 28.99 126.38
C ILE P 338 -6.72 28.97 125.63
N ASP P 339 -6.83 29.74 124.55
CA ASP P 339 -8.08 29.83 123.83
C ASP P 339 -8.24 28.74 122.80
N ILE P 340 -7.22 27.94 122.61
CA ILE P 340 -7.29 26.96 121.57
C ILE P 340 -6.99 25.57 122.11
N ARG P 341 -7.03 25.47 123.43
CA ARG P 341 -6.80 24.22 124.14
C ARG P 341 -5.48 23.58 123.75
N GLY P 342 -4.45 24.41 123.56
CA GLY P 342 -3.12 23.95 123.20
C GLY P 342 -2.91 23.60 121.73
N ALA P 343 -3.94 23.81 120.91
CA ALA P 343 -3.93 23.49 119.49
C ALA P 343 -2.89 24.22 118.67
N ARG P 344 -2.44 23.53 117.63
CA ARG P 344 -1.52 24.02 116.63
C ARG P 344 -2.09 23.40 115.38
N TRP P 345 -1.71 23.85 114.18
CA TRP P 345 -2.21 23.16 112.99
C TRP P 345 -3.69 23.45 112.87
N ALA P 346 -3.97 24.63 112.34
CA ALA P 346 -5.30 25.21 112.26
C ALA P 346 -6.36 24.29 111.69
N GLY P 347 -6.03 23.31 110.85
CA GLY P 347 -7.07 22.43 110.35
C GLY P 347 -7.86 21.85 111.54
N GLU P 348 -7.20 21.86 112.70
CA GLU P 348 -7.78 21.32 113.96
C GLU P 348 -7.96 22.44 114.99
N SER P 349 -7.09 23.45 114.98
CA SER P 349 -7.25 24.52 116.00
C SER P 349 -8.42 25.45 115.70
N PHE P 350 -8.86 25.52 114.45
CA PHE P 350 -9.96 26.41 114.15
C PHE P 350 -11.21 26.07 114.93
N LYS P 351 -11.34 24.83 115.37
CA LYS P 351 -12.49 24.32 116.09
C LYS P 351 -12.68 25.05 117.42
N ALA P 352 -11.63 25.70 117.87
CA ALA P 352 -11.63 26.45 119.10
C ALA P 352 -12.65 27.55 119.07
N LEU P 353 -12.83 28.15 117.90
CA LEU P 353 -13.75 29.25 117.80
C LEU P 353 -15.16 28.71 117.93
N LEU P 354 -15.42 27.58 117.29
CA LEU P 354 -16.75 26.99 117.32
C LEU P 354 -17.12 26.65 118.75
N PHE P 355 -16.14 26.11 119.46
CA PHE P 355 -16.32 25.72 120.83
C PHE P 355 -16.75 26.92 121.67
N GLN P 356 -16.02 28.02 121.55
CA GLN P 356 -16.39 29.19 122.34
C GLN P 356 -17.76 29.71 121.95
N ILE P 357 -18.13 29.63 120.67
CA ILE P 357 -19.45 30.12 120.25
C ILE P 357 -20.53 29.35 120.99
N ASP P 358 -20.33 28.03 121.11
CA ASP P 358 -21.27 27.15 121.84
C ASP P 358 -21.32 27.56 123.31
N LYS P 359 -20.18 27.97 123.88
CA LYS P 359 -20.15 28.39 125.27
C LYS P 359 -20.91 29.69 125.48
N GLU P 360 -20.74 30.62 124.54
CA GLU P 360 -21.41 31.94 124.61
C GLU P 360 -22.93 31.75 124.54
N ALA P 361 -23.40 30.83 123.70
CA ALA P 361 -24.82 30.58 123.55
C ALA P 361 -25.43 30.01 124.81
N VAL P 362 -24.65 29.15 125.48
CA VAL P 362 -25.06 28.51 126.71
C VAL P 362 -25.25 29.53 127.79
N GLU P 363 -24.28 30.44 127.92
CA GLU P 363 -24.39 31.46 128.94
C GLU P 363 -25.57 32.37 128.64
N ILE P 364 -25.86 32.63 127.37
CA ILE P 364 -27.00 33.45 127.06
C ILE P 364 -28.24 32.79 127.61
N ALA P 365 -28.41 31.50 127.38
CA ALA P 365 -29.59 30.88 127.96
C ALA P 365 -29.61 31.03 129.46
N ARG P 366 -28.46 30.86 130.09
CA ARG P 366 -28.42 30.98 131.51
C ARG P 366 -28.94 32.34 131.93
N GLN P 367 -28.38 33.38 131.33
CA GLN P 367 -28.71 34.75 131.66
C GLN P 367 -30.12 35.22 131.30
N THR P 368 -30.66 34.80 130.16
CA THR P 368 -31.98 35.28 129.81
C THR P 368 -33.09 34.42 130.38
N GLY P 369 -32.86 33.11 130.48
CA GLY P 369 -33.87 32.21 130.95
C GLY P 369 -34.89 31.94 129.85
N ARG P 370 -34.55 32.34 128.62
CA ARG P 370 -35.45 32.21 127.49
C ARG P 370 -34.98 31.19 126.47
N GLY P 371 -33.81 30.64 126.69
CA GLY P 371 -33.23 29.70 125.75
C GLY P 371 -31.90 30.17 125.19
N GLU P 372 -31.21 29.25 124.53
CA GLU P 372 -29.88 29.50 124.01
C GLU P 372 -29.88 30.36 122.81
N GLY P 373 -28.74 30.99 122.60
CA GLY P 373 -28.62 31.82 121.43
C GLY P 373 -28.97 30.99 120.20
N ASN P 374 -29.47 31.64 119.17
CA ASN P 374 -29.82 30.97 117.93
C ASN P 374 -29.36 31.70 116.68
N PHE P 375 -28.49 32.68 116.87
CA PHE P 375 -27.86 33.34 115.76
C PHE P 375 -26.54 33.95 116.16
N ILE P 376 -25.73 34.18 115.16
CA ILE P 376 -24.47 34.85 115.28
C ILE P 376 -24.30 35.85 114.15
N ILE P 377 -23.88 37.04 114.49
CA ILE P 377 -23.57 38.04 113.47
C ILE P 377 -22.10 38.35 113.59
N ALA P 378 -21.39 38.35 112.48
CA ALA P 378 -19.96 38.57 112.62
C ALA P 378 -19.29 39.17 111.41
N SER P 379 -18.08 39.65 111.62
CA SER P 379 -17.26 40.16 110.52
C SER P 379 -17.06 39.14 109.44
N ARG P 380 -16.84 39.63 108.24
CA ARG P 380 -16.57 38.75 107.11
C ARG P 380 -15.48 37.77 107.46
N ASN P 381 -14.47 38.22 108.19
CA ASN P 381 -13.37 37.36 108.54
C ASN P 381 -13.78 36.17 109.41
N VAL P 382 -14.76 36.38 110.28
CA VAL P 382 -15.16 35.33 111.18
C VAL P 382 -15.88 34.28 110.41
N VAL P 383 -16.79 34.74 109.57
CA VAL P 383 -17.56 33.78 108.85
C VAL P 383 -16.64 33.07 107.87
N ASN P 384 -15.73 33.80 107.23
CA ASN P 384 -14.80 33.17 106.32
C ASN P 384 -14.15 32.01 107.03
N VAL P 385 -13.73 32.18 108.28
CA VAL P 385 -13.19 31.05 108.99
C VAL P 385 -14.21 29.95 109.15
N LEU P 386 -15.43 30.27 109.56
CA LEU P 386 -16.40 29.21 109.80
C LEU P 386 -16.64 28.41 108.54
N ALA P 387 -16.69 29.09 107.41
CA ALA P 387 -16.96 28.49 106.12
C ALA P 387 -15.86 27.57 105.63
N SER P 388 -14.65 27.69 106.18
CA SER P 388 -13.49 26.95 105.74
C SER P 388 -13.35 25.64 106.48
N VAL P 389 -14.17 25.41 107.50
CA VAL P 389 -13.98 24.22 108.29
C VAL P 389 -15.21 23.39 108.42
N ASP P 390 -15.05 22.15 108.82
CA ASP P 390 -16.28 21.44 109.10
C ASP P 390 -16.71 21.99 110.44
N THR P 391 -18.00 21.92 110.69
CA THR P 391 -18.53 22.40 111.94
C THR P 391 -19.19 21.27 112.69
N GLY P 392 -19.33 20.12 112.06
CA GLY P 392 -19.94 19.02 112.74
C GLY P 392 -18.84 18.42 113.58
N ILE P 393 -19.12 17.34 114.27
CA ILE P 393 -18.09 16.77 115.10
C ILE P 393 -17.21 15.87 114.28
N SER P 394 -15.94 16.25 114.17
CA SER P 394 -15.01 15.51 113.32
C SER P 394 -13.58 15.60 113.80
N TYR P 395 -12.76 14.72 113.24
CA TYR P 395 -11.34 14.59 113.55
C TYR P 395 -10.54 15.89 113.37
N ALA P 396 -10.61 16.44 112.18
CA ALA P 396 -9.94 17.67 111.78
C ALA P 396 -10.64 18.06 110.53
N ALA P 397 -10.68 19.32 110.14
CA ALA P 397 -11.32 19.57 108.86
C ALA P 397 -11.17 20.99 108.38
N GLN P 398 -10.45 21.19 107.28
CA GLN P 398 -10.32 22.53 106.71
C GLN P 398 -9.98 22.49 105.23
N GLY P 399 -10.46 23.49 104.52
CA GLY P 399 -10.22 23.71 103.09
C GLY P 399 -10.72 25.09 102.71
N LEU P 400 -11.17 25.26 101.48
CA LEU P 400 -11.67 26.55 101.02
C LEU P 400 -12.97 26.89 101.71
N ALA P 401 -13.19 28.18 101.88
CA ALA P 401 -14.36 28.73 102.53
C ALA P 401 -15.61 28.67 101.69
N THR P 402 -16.13 27.46 101.54
CA THR P 402 -17.31 27.21 100.75
C THR P 402 -18.56 26.86 101.57
N GLY P 403 -18.41 26.62 102.88
CA GLY P 403 -19.53 26.23 103.74
C GLY P 403 -20.70 27.23 103.84
N PHE P 404 -20.40 28.51 103.76
CA PHE P 404 -21.43 29.55 103.87
C PHE P 404 -21.28 30.55 102.75
N SER P 405 -22.35 31.27 102.44
CA SER P 405 -22.20 32.31 101.45
C SER P 405 -21.69 33.57 102.09
N THR P 406 -20.43 33.86 101.86
CA THR P 406 -19.75 34.97 102.47
C THR P 406 -19.70 36.18 101.59
N ASP P 407 -20.32 36.08 100.44
CA ASP P 407 -20.31 37.16 99.49
C ASP P 407 -21.41 38.18 99.81
N THR P 408 -21.02 39.31 100.37
CA THR P 408 -21.95 40.33 100.82
C THR P 408 -22.64 41.03 99.66
N THR P 409 -22.18 40.72 98.45
CA THR P 409 -22.75 41.22 97.22
C THR P 409 -24.16 40.69 97.11
N LYS P 410 -24.33 39.42 97.47
CA LYS P 410 -25.59 38.75 97.31
C LYS P 410 -26.36 38.64 98.60
N SER P 411 -25.67 38.64 99.73
CA SER P 411 -26.39 38.46 100.97
C SER P 411 -25.82 39.16 102.16
N VAL P 412 -26.44 38.87 103.28
CA VAL P 412 -26.06 39.36 104.59
C VAL P 412 -26.13 38.16 105.50
N PHE P 413 -26.78 37.16 104.95
CA PHE P 413 -27.05 35.91 105.59
C PHE P 413 -26.27 34.86 104.87
N ALA P 414 -25.32 34.31 105.59
CA ALA P 414 -24.38 33.38 105.03
C ALA P 414 -24.91 31.93 105.08
N GLY P 415 -25.70 31.62 106.09
CA GLY P 415 -26.23 30.26 106.25
C GLY P 415 -26.45 29.93 107.70
N VAL P 416 -26.57 28.64 108.05
CA VAL P 416 -26.83 28.35 109.46
C VAL P 416 -25.72 27.47 110.03
N LEU P 417 -25.07 27.97 111.05
CA LEU P 417 -23.95 27.30 111.65
C LEU P 417 -24.34 26.13 112.49
N GLY P 418 -23.96 24.97 111.98
CA GLY P 418 -24.25 23.70 112.62
C GLY P 418 -25.70 23.34 112.42
N GLY P 419 -26.41 24.10 111.61
CA GLY P 419 -27.83 23.87 111.45
C GLY P 419 -28.56 24.47 112.64
N LYS P 420 -27.82 25.18 113.51
CA LYS P 420 -28.38 25.74 114.71
C LYS P 420 -28.38 27.27 114.76
N TYR P 421 -27.24 27.90 114.47
CA TYR P 421 -27.17 29.37 114.61
C TYR P 421 -27.21 30.07 113.26
N ARG P 422 -28.20 30.95 113.05
CA ARG P 422 -28.25 31.67 111.79
C ARG P 422 -26.99 32.52 111.73
N VAL P 423 -26.29 32.49 110.61
CA VAL P 423 -25.06 33.23 110.45
C VAL P 423 -25.22 34.41 109.54
N TYR P 424 -24.96 35.56 110.10
CA TYR P 424 -25.04 36.83 109.44
C TYR P 424 -23.71 37.53 109.42
N ILE P 425 -23.55 38.41 108.45
CA ILE P 425 -22.34 39.17 108.34
C ILE P 425 -22.50 40.64 108.57
N ASP P 426 -21.69 41.18 109.47
CA ASP P 426 -21.70 42.62 109.66
C ASP P 426 -20.65 43.15 108.72
N GLN P 427 -21.09 43.66 107.59
CA GLN P 427 -20.21 44.06 106.52
C GLN P 427 -19.47 45.34 106.86
N TYR P 428 -19.89 46.00 107.93
CA TYR P 428 -19.28 47.22 108.36
C TYR P 428 -18.57 47.05 109.69
N ALA P 429 -18.28 45.80 110.08
CA ALA P 429 -17.59 45.57 111.33
C ALA P 429 -16.35 46.44 111.35
N LYS P 430 -16.11 47.12 112.47
CA LYS P 430 -14.97 48.01 112.52
C LYS P 430 -13.65 47.30 112.46
N GLN P 431 -13.53 46.15 113.10
CA GLN P 431 -12.26 45.48 113.00
C GLN P 431 -12.42 44.03 112.72
N ASP P 432 -12.78 43.26 113.74
CA ASP P 432 -13.00 41.84 113.56
C ASP P 432 -13.54 41.31 114.89
N TYR P 433 -14.80 40.91 114.90
CA TYR P 433 -15.52 40.46 116.09
C TYR P 433 -16.77 39.70 115.71
N PHE P 434 -17.39 39.10 116.72
CA PHE P 434 -18.69 38.49 116.52
C PHE P 434 -19.59 38.62 117.74
N THR P 435 -20.89 38.53 117.50
CA THR P 435 -21.88 38.52 118.59
C THR P 435 -22.85 37.38 118.44
N VAL P 436 -23.07 36.69 119.54
CA VAL P 436 -24.01 35.58 119.61
C VAL P 436 -25.25 36.07 120.33
N GLY P 437 -26.43 35.69 119.84
CA GLY P 437 -27.62 36.13 120.55
C GLY P 437 -28.84 35.24 120.39
N TYR P 438 -29.87 35.59 121.17
CA TYR P 438 -31.15 34.87 121.19
C TYR P 438 -32.34 35.66 120.69
N LYS P 439 -33.14 34.99 119.87
CA LYS P 439 -34.40 35.51 119.34
C LYS P 439 -35.52 34.48 119.42
N GLY P 440 -36.56 34.77 120.21
CA GLY P 440 -37.65 33.84 120.35
C GLY P 440 -38.71 34.08 119.28
N PRO P 441 -39.73 33.22 119.18
CA PRO P 441 -40.86 33.30 118.24
C PRO P 441 -41.78 34.50 118.50
N ASN P 442 -41.70 35.02 119.70
CA ASN P 442 -42.52 36.14 120.16
C ASN P 442 -41.81 37.47 119.88
N GLU P 443 -42.51 38.45 119.31
CA GLU P 443 -41.88 39.76 119.06
C GLU P 443 -41.67 40.57 120.34
N MET P 444 -42.13 40.02 121.45
CA MET P 444 -41.94 40.53 122.80
C MET P 444 -40.87 39.72 123.54
N ASP P 445 -40.07 38.95 122.80
CA ASP P 445 -38.99 38.12 123.38
C ASP P 445 -37.71 38.12 122.53
N ALA P 446 -37.15 39.31 122.29
CA ALA P 446 -35.97 39.45 121.46
C ALA P 446 -34.89 40.36 122.04
N GLY P 447 -35.16 41.00 123.15
CA GLY P 447 -34.18 41.93 123.73
C GLY P 447 -34.27 43.31 123.12
N ILE P 448 -34.02 43.38 121.81
CA ILE P 448 -34.06 44.59 121.02
C ILE P 448 -35.25 44.61 120.08
N TYR P 449 -36.01 45.71 120.13
CA TYR P 449 -37.19 45.79 119.29
C TYR P 449 -37.24 47.03 118.40
N TYR P 450 -37.68 46.82 117.16
CA TYR P 450 -37.94 47.90 116.20
C TYR P 450 -39.41 48.09 116.07
N ALA P 451 -39.94 49.26 116.39
CA ALA P 451 -41.39 49.35 116.43
C ALA P 451 -41.97 50.41 115.49
N PRO P 452 -42.12 50.13 114.19
CA PRO P 452 -42.51 51.10 113.19
C PRO P 452 -43.91 51.59 113.44
N TYR P 453 -44.12 52.86 113.14
CA TYR P 453 -45.41 53.49 113.22
C TYR P 453 -45.80 54.06 111.85
N VAL P 454 -44.86 54.76 111.24
CA VAL P 454 -44.97 55.42 109.93
C VAL P 454 -43.77 55.06 109.08
N ALA P 455 -43.94 54.72 107.80
CA ALA P 455 -42.73 54.47 107.03
C ALA P 455 -42.87 54.84 105.57
N LEU P 456 -41.83 55.48 105.06
CA LEU P 456 -41.72 55.89 103.67
C LEU P 456 -42.96 56.56 103.16
N THR P 457 -43.46 57.47 103.95
CA THR P 457 -44.60 58.24 103.56
C THR P 457 -44.06 59.22 102.56
N PRO P 458 -44.58 59.31 101.35
CA PRO P 458 -44.09 60.22 100.35
C PRO P 458 -44.38 61.62 100.77
N LEU P 459 -43.50 62.52 100.39
CA LEU P 459 -43.67 63.93 100.62
C LEU P 459 -43.71 64.57 99.26
N ARG P 460 -44.81 65.21 98.90
CA ARG P 460 -44.89 65.78 97.57
C ARG P 460 -45.43 67.18 97.54
N GLY P 461 -45.00 67.94 96.54
CA GLY P 461 -45.47 69.29 96.27
C GLY P 461 -44.65 69.90 95.16
N SER P 462 -44.65 71.23 95.08
CA SER P 462 -43.88 71.97 94.08
C SER P 462 -43.78 73.39 94.58
N ASP P 463 -42.81 74.15 94.09
CA ASP P 463 -42.83 75.58 94.39
C ASP P 463 -43.45 76.28 93.18
N PRO P 464 -44.69 76.79 93.28
CA PRO P 464 -45.53 77.33 92.23
C PRO P 464 -44.88 78.50 91.53
N LYS P 465 -43.93 79.14 92.18
CA LYS P 465 -43.30 80.27 91.58
C LYS P 465 -42.56 79.90 90.31
N ASN P 466 -42.00 78.68 90.27
CA ASN P 466 -41.21 78.26 89.13
C ASN P 466 -41.56 76.85 88.79
N PHE P 467 -42.50 76.35 89.56
CA PHE P 467 -43.10 75.04 89.44
C PHE P 467 -42.14 73.89 89.56
N GLN P 468 -40.97 74.11 90.12
CA GLN P 468 -40.07 73.02 90.26
C GLN P 468 -40.64 72.11 91.34
N PRO P 469 -40.73 70.80 91.11
CA PRO P 469 -41.35 69.80 91.96
C PRO P 469 -40.60 69.54 93.24
N VAL P 470 -41.35 69.02 94.19
CA VAL P 470 -40.85 68.58 95.46
C VAL P 470 -41.16 67.13 95.69
N MET P 471 -40.13 66.40 96.04
CA MET P 471 -40.28 65.00 96.35
C MET P 471 -39.35 64.59 97.47
N GLY P 472 -39.89 63.77 98.40
CA GLY P 472 -39.15 63.18 99.54
C GLY P 472 -39.92 62.08 100.30
N PHE P 473 -39.44 61.71 101.49
CA PHE P 473 -40.12 60.65 102.28
C PHE P 473 -39.91 60.85 103.78
N LYS P 474 -40.87 60.35 104.57
CA LYS P 474 -40.84 60.41 106.05
C LYS P 474 -41.18 59.08 106.78
N THR P 475 -40.60 58.91 107.97
CA THR P 475 -40.85 57.76 108.85
C THR P 475 -40.84 58.08 110.35
N ARG P 476 -41.56 57.27 111.12
CA ARG P 476 -41.61 57.33 112.57
C ARG P 476 -41.59 55.93 113.14
N TYR P 477 -40.75 55.68 114.14
CA TYR P 477 -40.76 54.34 114.69
C TYR P 477 -40.42 54.22 116.17
N GLY P 478 -39.22 54.59 116.52
CA GLY P 478 -38.78 54.37 117.85
C GLY P 478 -38.37 52.92 117.98
N ILE P 479 -37.54 52.67 118.95
CA ILE P 479 -37.05 51.35 119.27
C ILE P 479 -37.19 51.16 120.76
N GLY P 480 -37.03 49.93 121.23
CA GLY P 480 -37.04 49.73 122.66
C GLY P 480 -36.36 48.46 123.12
N ILE P 481 -36.36 48.28 124.45
CA ILE P 481 -35.69 47.14 125.06
C ILE P 481 -36.58 46.30 125.96
N ASN P 482 -36.19 45.04 126.09
CA ASN P 482 -36.91 44.05 126.89
C ASN P 482 -36.69 44.21 128.38
N PRO P 483 -37.74 44.29 129.22
CA PRO P 483 -37.64 44.37 130.64
C PRO P 483 -36.89 43.18 131.13
N PHE P 484 -36.05 43.40 132.12
CA PHE P 484 -35.22 42.40 132.72
C PHE P 484 -34.07 41.92 131.87
N ALA P 485 -33.91 42.41 130.64
CA ALA P 485 -32.85 41.91 129.79
C ALA P 485 -31.50 42.15 130.40
N GLU P 486 -31.34 43.23 131.13
CA GLU P 486 -30.06 43.55 131.69
C GLU P 486 -29.53 42.51 132.70
N SER P 487 -30.42 41.79 133.38
CA SER P 487 -30.14 40.79 134.44
C SER P 487 -29.54 41.44 135.73
N ALA P 488 -29.09 42.67 135.58
CA ALA P 488 -28.36 43.51 136.50
C ALA P 488 -29.05 43.84 137.80
N ALA P 489 -30.36 43.73 137.84
CA ALA P 489 -31.04 44.10 139.06
C ALA P 489 -32.26 43.28 139.29
N GLN P 490 -32.60 43.21 140.56
CA GLN P 490 -33.76 42.53 141.06
C GLN P 490 -34.92 43.52 141.29
N ALA P 491 -34.71 44.74 140.82
CA ALA P 491 -35.73 45.79 140.88
C ALA P 491 -35.41 46.84 139.81
N PRO P 492 -36.42 47.49 139.21
CA PRO P 492 -36.30 48.59 138.26
C PRO P 492 -35.98 49.88 138.94
N ALA P 493 -35.28 50.77 138.25
CA ALA P 493 -35.07 52.07 138.83
C ALA P 493 -36.40 52.75 139.02
N SER P 494 -36.55 53.40 140.17
CA SER P 494 -37.74 54.21 140.50
C SER P 494 -39.10 53.64 140.13
N ARG P 495 -39.23 52.31 140.01
CA ARG P 495 -40.50 51.66 139.64
C ARG P 495 -41.04 52.03 138.24
N ILE P 496 -40.23 52.71 137.44
CA ILE P 496 -40.58 53.06 136.07
C ILE P 496 -39.35 53.44 135.28
N GLN P 497 -39.28 52.94 134.07
CA GLN P 497 -38.14 53.29 133.23
C GLN P 497 -38.53 53.61 131.82
N SER P 498 -37.69 54.38 131.14
CA SER P 498 -37.89 54.50 129.72
C SER P 498 -37.59 53.14 129.13
N GLY P 499 -38.37 52.73 128.15
CA GLY P 499 -38.15 51.46 127.46
C GLY P 499 -37.24 51.67 126.26
N MET P 500 -36.80 52.91 126.07
CA MET P 500 -35.94 53.20 124.96
C MET P 500 -34.54 53.01 125.51
N PRO P 501 -33.58 52.56 124.73
CA PRO P 501 -32.23 52.36 125.18
C PRO P 501 -31.51 53.67 125.41
N SER P 502 -30.59 53.64 126.35
CA SER P 502 -29.65 54.70 126.69
C SER P 502 -28.43 54.11 127.31
N ILE P 503 -27.59 54.92 127.90
CA ILE P 503 -26.42 54.28 128.48
C ILE P 503 -26.78 53.50 129.71
N LEU P 504 -27.41 54.17 130.64
CA LEU P 504 -27.62 53.55 131.93
C LEU P 504 -28.46 52.30 131.89
N ASN P 505 -29.46 52.26 131.03
CA ASN P 505 -30.29 51.08 131.03
C ASN P 505 -29.85 50.02 130.03
N SER P 506 -28.75 50.23 129.32
CA SER P 506 -28.40 49.23 128.32
C SER P 506 -26.94 48.96 128.03
N LEU P 507 -26.06 49.92 128.23
CA LEU P 507 -24.74 49.74 127.64
C LEU P 507 -23.98 48.59 128.25
N GLY P 508 -23.69 47.59 127.42
CA GLY P 508 -22.98 46.40 127.84
C GLY P 508 -23.77 45.47 128.75
N LYS P 509 -25.09 45.64 128.83
CA LYS P 509 -25.88 44.86 129.77
C LYS P 509 -26.87 43.81 129.26
N ASN P 510 -27.23 43.82 128.01
CA ASN P 510 -28.35 43.00 127.55
C ASN P 510 -28.01 41.53 127.36
N ALA P 511 -28.62 40.70 128.22
CA ALA P 511 -28.42 39.26 128.33
C ALA P 511 -28.73 38.48 127.06
N TYR P 512 -29.47 39.06 126.15
CA TYR P 512 -29.81 38.37 124.92
C TYR P 512 -28.61 38.29 123.99
N PHE P 513 -27.55 39.04 124.27
CA PHE P 513 -26.41 38.99 123.32
C PHE P 513 -25.06 39.10 124.04
N ARG P 514 -24.06 38.39 123.49
CA ARG P 514 -22.69 38.43 124.02
C ARG P 514 -21.68 38.64 122.91
N ARG P 515 -20.83 39.65 123.09
CA ARG P 515 -19.85 40.02 122.08
C ARG P 515 -18.41 39.67 122.43
N VAL P 516 -17.70 39.14 121.43
CA VAL P 516 -16.29 38.78 121.53
C VAL P 516 -15.45 39.31 120.37
N TYR P 517 -14.31 39.91 120.68
CA TYR P 517 -13.40 40.41 119.65
C TYR P 517 -12.48 39.29 119.23
N VAL P 518 -12.01 39.30 117.98
CA VAL P 518 -11.10 38.23 117.58
C VAL P 518 -9.74 38.69 117.04
N LYS P 519 -8.71 37.98 117.47
CA LYS P 519 -7.32 38.22 117.11
C LYS P 519 -6.71 36.92 116.58
N GLY P 520 -5.65 37.04 115.79
CA GLY P 520 -4.95 35.85 115.29
C GLY P 520 -5.69 35.26 114.08
N ILE P 521 -6.67 36.00 113.63
CA ILE P 521 -7.58 35.67 112.55
C ILE P 521 -7.37 36.56 111.33
N GLY Q 92 26.96 17.11 51.53
CA GLY Q 92 25.52 16.90 51.72
C GLY Q 92 25.23 15.67 52.57
N PRO Q 93 25.61 15.68 53.86
CA PRO Q 93 25.38 14.62 54.82
C PRO Q 93 23.91 14.52 55.16
N ALA Q 94 23.48 13.35 55.61
CA ALA Q 94 22.09 13.15 56.00
C ALA Q 94 21.67 14.18 57.02
N VAL Q 95 20.44 14.66 56.89
CA VAL Q 95 19.94 15.61 57.84
C VAL Q 95 18.86 14.95 58.69
N MET Q 96 19.02 15.04 60.00
CA MET Q 96 18.10 14.44 60.95
C MET Q 96 16.75 15.12 60.99
N GLY Q 97 16.73 16.40 60.73
CA GLY Q 97 15.49 17.14 60.77
C GLY Q 97 15.75 18.57 61.15
N MET Q 98 14.69 19.26 61.53
CA MET Q 98 14.82 20.65 61.89
C MET Q 98 14.06 20.97 63.16
N VAL Q 99 14.71 21.76 64.00
CA VAL Q 99 14.15 22.20 65.25
C VAL Q 99 13.80 23.68 65.24
N ARG Q 100 12.56 24.00 65.46
CA ARG Q 100 12.22 25.41 65.51
C ARG Q 100 11.66 25.64 66.87
N ARG Q 101 11.88 26.81 67.42
CA ARG Q 101 11.35 27.09 68.74
C ARG Q 101 9.83 27.06 68.79
N ALA Q 102 9.30 26.52 69.90
CA ALA Q 102 7.88 26.43 70.19
C ALA Q 102 7.31 27.77 70.62
N ILE Q 103 6.00 27.94 70.45
CA ILE Q 103 5.32 29.15 70.87
C ILE Q 103 4.54 28.92 72.16
N PRO Q 104 4.71 29.74 73.21
CA PRO Q 104 4.04 29.64 74.50
C PRO Q 104 2.57 29.94 74.33
N ASN Q 105 1.70 29.42 75.20
CA ASN Q 105 0.31 29.79 75.00
C ASN Q 105 0.05 31.16 75.65
N LEU Q 106 -1.18 31.64 75.55
CA LEU Q 106 -1.54 32.95 76.10
C LEU Q 106 -2.64 32.88 77.15
N ILE Q 107 -2.68 33.87 78.03
CA ILE Q 107 -3.74 33.88 79.01
C ILE Q 107 -5.01 34.42 78.39
N ALA Q 108 -6.12 33.81 78.68
CA ALA Q 108 -7.36 34.31 78.10
C ALA Q 108 -7.64 35.73 78.54
N PHE Q 109 -8.29 36.49 77.68
CA PHE Q 109 -8.61 37.86 78.06
C PHE Q 109 -9.90 37.90 78.84
N ASP Q 110 -10.42 36.75 79.23
CA ASP Q 110 -11.63 36.73 80.02
C ASP Q 110 -11.33 36.99 81.48
N ILE Q 111 -10.06 37.25 81.77
CA ILE Q 111 -9.64 37.62 83.11
C ILE Q 111 -9.94 39.08 83.34
N CYS Q 112 -10.41 39.76 82.28
CA CYS Q 112 -10.71 41.16 82.33
C CYS Q 112 -11.89 41.39 81.40
N GLY Q 113 -12.39 42.61 81.34
CA GLY Q 113 -13.48 42.89 80.42
C GLY Q 113 -12.84 43.17 79.08
N VAL Q 114 -13.60 43.10 78.02
CA VAL Q 114 -13.05 43.40 76.72
C VAL Q 114 -13.80 44.57 76.09
N GLN Q 115 -15.09 44.42 75.91
CA GLN Q 115 -15.86 45.44 75.19
C GLN Q 115 -15.18 45.87 73.92
N PRO Q 116 -15.02 44.99 72.94
CA PRO Q 116 -14.31 45.27 71.72
C PRO Q 116 -15.10 46.37 71.09
N MET Q 117 -14.46 47.24 70.35
CA MET Q 117 -15.20 48.35 69.79
C MET Q 117 -15.26 48.35 68.29
N ASN Q 118 -16.27 49.02 67.78
CA ASN Q 118 -16.46 49.23 66.37
C ASN Q 118 -16.00 50.62 65.97
N SER Q 119 -15.33 51.27 66.90
CA SER Q 119 -14.83 52.61 66.75
C SER Q 119 -13.71 52.79 67.76
N PRO Q 120 -12.79 53.73 67.58
CA PRO Q 120 -11.73 54.02 68.50
C PRO Q 120 -12.33 54.86 69.59
N THR Q 121 -11.56 55.12 70.63
CA THR Q 121 -11.98 56.11 71.62
C THR Q 121 -13.34 55.97 72.24
N GLY Q 122 -13.61 54.95 73.02
CA GLY Q 122 -14.95 54.89 73.63
C GLY Q 122 -15.00 55.69 74.93
N GLN Q 123 -16.18 55.70 75.58
CA GLN Q 123 -16.38 56.36 76.87
C GLN Q 123 -17.29 55.57 77.81
N VAL Q 124 -17.05 55.75 79.11
CA VAL Q 124 -17.83 55.10 80.14
C VAL Q 124 -18.41 56.07 81.12
N PHE Q 125 -19.72 55.94 81.36
CA PHE Q 125 -20.43 56.85 82.29
C PHE Q 125 -20.80 56.10 83.56
N ALA Q 126 -20.68 56.78 84.72
CA ALA Q 126 -21.00 56.19 85.97
C ALA Q 126 -21.98 57.06 86.69
N LEU Q 127 -22.89 56.42 87.38
CA LEU Q 127 -23.90 57.13 88.12
C LEU Q 127 -23.65 56.93 89.58
N ARG Q 128 -23.10 57.98 90.21
CA ARG Q 128 -22.74 57.94 91.65
C ARG Q 128 -23.82 58.61 92.48
N ALA Q 129 -24.56 57.83 93.26
CA ALA Q 129 -25.59 58.38 94.12
C ALA Q 129 -24.86 59.27 95.09
N VAL Q 130 -25.38 60.44 95.40
CA VAL Q 130 -24.66 61.32 96.31
C VAL Q 130 -25.53 61.91 97.39
N TYR Q 131 -24.91 62.48 98.41
CA TYR Q 131 -25.68 63.18 99.39
C TYR Q 131 -24.97 64.33 100.09
N GLY Q 132 -25.82 65.20 100.68
CA GLY Q 132 -25.36 66.38 101.42
C GLY Q 132 -25.74 67.70 100.73
N LYS Q 133 -26.82 67.67 99.94
CA LYS Q 133 -27.37 68.81 99.18
C LYS Q 133 -26.52 69.43 98.07
N ASP Q 134 -25.36 68.88 97.76
CA ASP Q 134 -24.54 69.47 96.71
C ASP Q 134 -23.70 68.45 95.95
N PRO Q 135 -24.10 68.04 94.75
CA PRO Q 135 -23.39 67.07 93.94
C PRO Q 135 -21.91 67.38 93.74
N VAL Q 136 -21.51 68.66 93.71
CA VAL Q 136 -20.10 68.91 93.51
C VAL Q 136 -19.54 69.79 94.57
N ALA Q 137 -18.91 69.17 95.54
CA ALA Q 137 -18.34 69.89 96.63
C ALA Q 137 -17.30 69.06 97.31
N ALA Q 138 -16.31 69.72 97.88
CA ALA Q 138 -15.41 68.95 98.69
C ALA Q 138 -16.24 68.40 99.82
N GLY Q 139 -16.02 67.16 100.17
CA GLY Q 139 -16.73 66.59 101.29
C GLY Q 139 -18.06 65.91 100.91
N ALA Q 140 -18.51 66.08 99.67
CA ALA Q 140 -19.74 65.45 99.24
C ALA Q 140 -19.54 63.94 99.35
N LYS Q 141 -20.59 63.17 99.67
CA LYS Q 141 -20.39 61.73 99.81
C LYS Q 141 -21.25 60.88 98.91
N GLU Q 142 -20.71 59.70 98.58
CA GLU Q 142 -21.39 58.68 97.73
C GLU Q 142 -22.29 57.83 98.65
N ALA Q 143 -23.57 57.73 98.31
CA ALA Q 143 -24.56 56.99 99.08
C ALA Q 143 -24.29 55.50 99.21
N PHE Q 144 -23.75 54.85 98.19
CA PHE Q 144 -23.57 53.42 98.29
C PHE Q 144 -22.12 52.96 98.15
N HIS Q 145 -21.19 53.78 98.60
CA HIS Q 145 -19.79 53.38 98.53
C HIS Q 145 -19.55 52.28 99.57
N PRO Q 146 -19.17 51.04 99.20
CA PRO Q 146 -19.02 49.88 100.07
C PRO Q 146 -18.02 50.03 101.20
N MET Q 147 -17.12 50.98 101.09
CA MET Q 147 -16.13 51.18 102.13
C MET Q 147 -16.68 51.82 103.33
N TYR Q 148 -17.80 52.49 103.16
CA TYR Q 148 -18.31 53.27 104.24
C TYR Q 148 -19.70 52.85 104.60
N GLY Q 149 -20.04 52.99 105.88
CA GLY Q 149 -21.39 52.67 106.28
C GLY Q 149 -22.27 53.81 105.85
N PRO Q 150 -23.57 53.70 106.00
CA PRO Q 150 -24.53 54.72 105.67
C PRO Q 150 -24.33 55.83 106.65
N ASP Q 151 -24.72 57.03 106.30
CA ASP Q 151 -24.61 58.04 107.34
C ASP Q 151 -25.81 57.83 108.18
N ALA Q 152 -25.59 57.10 109.26
CA ALA Q 152 -26.61 56.61 110.14
C ALA Q 152 -27.50 57.69 110.72
N MET Q 153 -27.01 58.94 110.76
CA MET Q 153 -27.84 59.98 111.32
C MET Q 153 -28.24 61.03 110.30
N PHE Q 154 -28.02 60.79 109.01
CA PHE Q 154 -28.29 61.80 108.01
C PHE Q 154 -29.75 62.24 107.94
N SER Q 155 -30.67 61.29 107.83
CA SER Q 155 -32.11 61.63 107.76
C SER Q 155 -32.66 61.82 109.17
N GLY Q 156 -31.83 61.47 110.15
CA GLY Q 156 -32.13 61.48 111.57
C GLY Q 156 -31.55 62.68 112.25
N GLN Q 157 -31.02 62.47 113.46
CA GLN Q 157 -30.52 63.54 114.32
C GLN Q 157 -29.47 64.44 113.70
N GLY Q 158 -28.69 63.97 112.73
CA GLY Q 158 -27.68 64.80 112.09
C GLY Q 158 -28.34 65.98 111.38
N ALA Q 159 -29.63 65.86 111.06
CA ALA Q 159 -30.35 66.93 110.42
C ALA Q 159 -30.81 67.96 111.45
N ALA Q 160 -30.66 67.63 112.74
CA ALA Q 160 -31.09 68.50 113.80
C ALA Q 160 -29.93 69.24 114.41
N LYS Q 161 -28.83 68.55 114.66
CA LYS Q 161 -27.70 69.21 115.28
C LYS Q 161 -26.40 68.77 114.69
N LYS Q 162 -25.39 69.59 114.87
CA LYS Q 162 -24.07 69.21 114.47
C LYS Q 162 -23.46 68.43 115.60
N PHE Q 163 -22.53 67.56 115.28
CA PHE Q 163 -21.84 66.81 116.31
C PHE Q 163 -20.42 67.29 116.38
N PRO Q 164 -19.80 67.34 117.56
CA PRO Q 164 -18.42 67.71 117.74
C PRO Q 164 -17.58 66.67 117.07
N ALA Q 165 -16.50 67.09 116.46
CA ALA Q 165 -15.64 66.11 115.84
C ALA Q 165 -14.82 65.39 116.87
N LEU Q 166 -14.55 64.15 116.57
CA LEU Q 166 -13.65 63.36 117.36
C LEU Q 166 -12.29 63.54 116.69
N ALA Q 167 -11.31 64.08 117.40
CA ALA Q 167 -10.01 64.35 116.78
C ALA Q 167 -8.90 64.22 117.80
N ALA Q 168 -7.67 64.16 117.34
CA ALA Q 168 -6.56 64.02 118.28
C ALA Q 168 -6.62 65.14 119.31
N SER Q 169 -6.40 64.76 120.57
CA SER Q 169 -6.38 65.63 121.75
C SER Q 169 -7.78 65.90 122.29
N THR Q 170 -8.80 65.41 121.61
CA THR Q 170 -10.18 65.59 122.05
C THR Q 170 -10.42 64.96 123.39
N GLN Q 171 -11.03 65.73 124.28
CA GLN Q 171 -11.44 65.24 125.57
C GLN Q 171 -12.92 65.01 125.50
N THR Q 172 -13.36 63.81 125.84
CA THR Q 172 -14.76 63.50 125.75
C THR Q 172 -15.55 63.93 126.98
N THR Q 173 -16.86 63.97 126.80
CA THR Q 173 -17.82 64.18 127.86
C THR Q 173 -18.77 63.01 127.84
N VAL Q 174 -18.92 62.35 128.97
CA VAL Q 174 -19.75 61.17 128.97
C VAL Q 174 -21.16 61.47 128.62
N GLY Q 175 -21.67 60.68 127.69
CA GLY Q 175 -23.00 60.77 127.17
C GLY Q 175 -23.07 61.56 125.90
N ASP Q 176 -22.01 62.31 125.56
CA ASP Q 176 -22.11 63.06 124.33
C ASP Q 176 -21.76 62.14 123.20
N ILE Q 177 -21.84 62.65 121.98
CA ILE Q 177 -21.54 61.87 120.79
C ILE Q 177 -20.58 62.60 119.89
N TYR Q 178 -19.53 61.92 119.50
CA TYR Q 178 -18.55 62.56 118.65
C TYR Q 178 -18.63 61.99 117.26
N THR Q 179 -18.35 62.82 116.27
CA THR Q 179 -18.39 62.36 114.90
C THR Q 179 -17.01 62.19 114.31
N HIS Q 180 -16.86 61.13 113.55
CA HIS Q 180 -15.59 60.79 112.94
C HIS Q 180 -15.73 60.07 111.63
N PHE Q 181 -14.72 60.22 110.81
CA PHE Q 181 -14.70 59.51 109.56
C PHE Q 181 -13.45 58.67 109.47
N PHE Q 182 -13.62 57.37 109.54
CA PHE Q 182 -12.49 56.45 109.50
C PHE Q 182 -12.03 56.26 108.07
N GLN Q 183 -10.72 56.02 107.86
CA GLN Q 183 -10.22 55.80 106.50
C GLN Q 183 -10.96 54.66 105.80
N GLU Q 184 -11.38 53.68 106.59
CA GLU Q 184 -12.17 52.55 106.15
C GLU Q 184 -13.34 52.55 107.13
N THR Q 185 -14.55 52.23 106.67
CA THR Q 185 -15.85 52.25 107.40
C THR Q 185 -16.44 53.69 107.54
N GLY Q 186 -15.61 54.73 107.35
CA GLY Q 186 -16.06 56.11 107.27
C GLY Q 186 -16.81 56.68 108.45
N THR Q 187 -17.96 57.26 108.16
CA THR Q 187 -18.76 57.94 109.15
C THR Q 187 -19.17 57.08 110.30
N VAL Q 188 -18.86 57.56 111.48
CA VAL Q 188 -19.24 56.90 112.69
C VAL Q 188 -19.68 57.95 113.67
N TYR Q 189 -20.65 57.61 114.47
CA TYR Q 189 -21.01 58.45 115.57
C TYR Q 189 -20.76 57.62 116.79
N LEU Q 190 -19.94 58.12 117.70
CA LEU Q 190 -19.60 57.36 118.88
C LEU Q 190 -19.96 58.04 120.16
N GLN Q 191 -20.77 57.36 120.95
CA GLN Q 191 -21.17 57.91 122.22
C GLN Q 191 -20.08 57.64 123.23
N ALA Q 192 -19.78 58.65 124.03
CA ALA Q 192 -18.77 58.51 125.05
C ALA Q 192 -19.32 57.86 126.30
N SER Q 193 -18.75 56.72 126.65
CA SER Q 193 -19.16 56.03 127.87
C SER Q 193 -18.27 56.51 128.98
N VAL Q 194 -17.05 56.93 128.60
CA VAL Q 194 -16.07 57.43 129.57
C VAL Q 194 -15.49 58.78 129.18
N GLN Q 195 -14.91 59.44 130.18
CA GLN Q 195 -14.24 60.71 130.00
C GLN Q 195 -12.76 60.52 129.78
N VAL Q 196 -12.34 60.60 128.54
CA VAL Q 196 -10.96 60.36 128.17
C VAL Q 196 -10.44 61.41 127.22
N THR Q 197 -9.12 61.51 127.12
CA THR Q 197 -8.51 62.40 126.14
C THR Q 197 -7.66 61.50 125.28
N ILE Q 198 -7.82 61.59 123.97
CA ILE Q 198 -7.08 60.66 123.13
C ILE Q 198 -5.95 61.17 122.25
N ASP Q 199 -4.75 60.66 122.55
CA ASP Q 199 -3.53 60.87 121.80
C ASP Q 199 -3.37 62.17 121.07
N ALA Q 200 -3.02 63.23 121.76
CA ALA Q 200 -2.84 64.49 121.06
C ALA Q 200 -1.80 64.40 119.92
N GLY Q 201 -0.91 63.40 119.93
CA GLY Q 201 0.10 63.29 118.88
C GLY Q 201 -0.40 62.53 117.65
N ALA Q 202 -1.64 62.07 117.68
CA ALA Q 202 -2.18 61.28 116.57
C ALA Q 202 -2.63 62.18 115.44
N THR Q 203 -1.68 62.82 114.78
CA THR Q 203 -2.02 63.78 113.75
C THR Q 203 -2.31 63.14 112.40
N ASP Q 204 -1.82 61.92 112.19
CA ASP Q 204 -2.12 61.21 110.96
C ASP Q 204 -3.49 60.61 111.14
N ALA Q 205 -4.30 60.60 110.09
CA ALA Q 205 -5.62 59.99 110.21
C ALA Q 205 -5.52 58.54 110.65
N ALA Q 206 -4.49 57.83 110.19
CA ALA Q 206 -4.33 56.44 110.55
C ALA Q 206 -4.12 56.27 112.04
N LYS Q 207 -3.41 57.22 112.65
CA LYS Q 207 -3.11 57.10 114.06
C LYS Q 207 -4.36 57.37 114.84
N LEU Q 208 -5.13 58.35 114.38
CA LEU Q 208 -6.36 58.67 115.06
C LEU Q 208 -7.29 57.48 114.97
N ASP Q 209 -7.41 56.88 113.77
CA ASP Q 209 -8.28 55.74 113.64
C ASP Q 209 -7.85 54.62 114.56
N ALA Q 210 -6.54 54.37 114.66
CA ALA Q 210 -6.08 53.30 115.50
C ALA Q 210 -6.45 53.52 116.96
N GLU Q 211 -6.31 54.76 117.44
CA GLU Q 211 -6.64 55.01 118.83
C GLU Q 211 -8.13 54.88 119.05
N ILE Q 212 -8.92 55.30 118.08
CA ILE Q 212 -10.34 55.18 118.23
C ILE Q 212 -10.69 53.70 118.29
N LYS Q 213 -10.10 52.91 117.42
CA LYS Q 213 -10.36 51.49 117.45
C LYS Q 213 -10.07 50.90 118.82
N LYS Q 214 -8.98 51.31 119.46
CA LYS Q 214 -8.68 50.82 120.79
C LYS Q 214 -9.77 51.22 121.77
N GLN Q 215 -10.24 52.46 121.66
CA GLN Q 215 -11.29 52.97 122.53
C GLN Q 215 -12.60 52.25 122.29
N MET Q 216 -12.83 51.81 121.06
CA MET Q 216 -14.03 51.06 120.82
C MET Q 216 -13.92 49.69 121.51
N GLU Q 217 -12.76 49.02 121.41
CA GLU Q 217 -12.60 47.72 122.07
C GLU Q 217 -12.76 47.86 123.57
N ALA Q 218 -12.26 48.96 124.10
CA ALA Q 218 -12.29 49.29 125.50
C ALA Q 218 -13.71 49.54 125.99
N GLY Q 219 -14.64 49.79 125.07
CA GLY Q 219 -15.99 50.13 125.42
C GLY Q 219 -16.11 51.59 125.78
N ALA Q 220 -15.05 52.37 125.50
CA ALA Q 220 -14.98 53.79 125.82
C ALA Q 220 -15.87 54.61 124.89
N LEU Q 221 -15.88 54.17 123.63
CA LEU Q 221 -16.64 54.78 122.56
C LEU Q 221 -17.49 53.76 121.85
N VAL Q 222 -18.78 54.03 121.74
CA VAL Q 222 -19.70 53.06 121.11
C VAL Q 222 -20.56 53.62 120.00
N GLU Q 223 -20.70 52.85 118.91
CA GLU Q 223 -21.53 53.28 117.79
C GLU Q 223 -22.94 53.57 118.21
N ILE Q 224 -23.46 54.66 117.70
CA ILE Q 224 -24.80 55.09 118.01
C ILE Q 224 -25.48 55.79 116.85
N ALA Q 225 -26.78 55.69 116.79
CA ALA Q 225 -27.57 56.38 115.79
C ALA Q 225 -28.91 56.67 116.42
N GLU Q 226 -29.57 57.72 115.96
CA GLU Q 226 -30.89 58.03 116.45
C GLU Q 226 -31.64 58.97 115.51
N GLY Q 227 -32.95 58.93 115.59
CA GLY Q 227 -33.80 59.83 114.84
C GLY Q 227 -34.02 61.11 115.64
N MET Q 228 -34.95 61.92 115.17
CA MET Q 228 -35.30 63.20 115.77
C MET Q 228 -36.62 63.25 116.50
N ALA Q 229 -36.73 64.19 117.42
CA ALA Q 229 -38.02 64.46 118.00
C ALA Q 229 -38.90 64.93 116.85
N THR Q 230 -40.20 64.65 116.90
CA THR Q 230 -41.02 65.11 115.79
C THR Q 230 -41.20 66.60 115.96
N SER Q 231 -41.00 67.07 117.19
CA SER Q 231 -41.03 68.50 117.49
C SER Q 231 -39.97 69.25 116.69
N ILE Q 232 -38.97 68.54 116.18
CA ILE Q 232 -37.94 69.13 115.37
C ILE Q 232 -38.25 68.89 113.92
N ALA Q 233 -38.37 67.60 113.60
CA ALA Q 233 -38.49 67.17 112.22
C ALA Q 233 -39.70 67.76 111.53
N GLU Q 234 -40.80 67.86 112.23
CA GLU Q 234 -42.03 68.35 111.63
C GLU Q 234 -41.97 69.76 111.14
N LEU Q 235 -41.11 70.61 111.70
CA LEU Q 235 -41.20 71.96 111.21
C LEU Q 235 -40.14 72.29 110.21
N GLN Q 236 -39.34 71.30 109.78
CA GLN Q 236 -38.32 71.64 108.80
C GLN Q 236 -39.02 72.37 107.68
N GLU Q 237 -38.31 73.25 106.98
CA GLU Q 237 -38.89 74.04 105.87
C GLU Q 237 -39.85 75.15 106.33
N GLY Q 238 -39.64 75.71 107.52
CA GLY Q 238 -40.43 76.85 108.01
C GLY Q 238 -41.88 76.58 108.40
N PHE Q 239 -42.24 75.38 108.82
CA PHE Q 239 -43.65 75.23 109.11
C PHE Q 239 -43.95 75.94 110.40
N ASN Q 240 -45.11 76.56 110.41
CA ASN Q 240 -45.62 77.30 111.53
C ASN Q 240 -44.71 78.45 111.93
N GLY Q 241 -43.89 78.90 110.98
CA GLY Q 241 -43.05 80.06 111.19
C GLY Q 241 -41.74 79.78 111.90
N SER Q 242 -41.46 78.52 112.22
CA SER Q 242 -40.21 78.23 112.89
C SER Q 242 -39.09 78.62 111.94
N THR Q 243 -37.98 79.13 112.47
CA THR Q 243 -36.90 79.53 111.58
C THR Q 243 -35.67 78.67 111.73
N ASP Q 244 -34.73 78.84 110.81
CA ASP Q 244 -33.44 78.18 110.87
C ASP Q 244 -33.58 76.68 111.02
N ASN Q 245 -34.47 76.10 110.23
CA ASN Q 245 -34.73 74.68 110.30
C ASN Q 245 -34.48 73.92 108.99
N PRO Q 246 -33.20 73.74 108.59
CA PRO Q 246 -32.74 73.06 107.42
C PRO Q 246 -32.93 71.58 107.66
N TRP Q 247 -32.78 70.79 106.63
CA TRP Q 247 -32.90 69.35 106.73
C TRP Q 247 -31.99 68.77 105.66
N ASN Q 248 -31.79 67.46 105.69
CA ASN Q 248 -30.91 66.84 104.71
C ASN Q 248 -31.54 66.41 103.40
N GLU Q 249 -30.69 66.39 102.37
CA GLU Q 249 -31.09 65.98 101.03
C GLU Q 249 -30.09 65.07 100.34
N MET Q 250 -30.64 64.25 99.45
CA MET Q 250 -29.85 63.33 98.64
C MET Q 250 -30.18 63.47 97.18
N GLY Q 251 -29.29 62.94 96.36
CA GLY Q 251 -29.48 62.95 94.94
C GLY Q 251 -28.43 62.09 94.24
N PHE Q 252 -28.01 62.53 93.07
CA PHE Q 252 -27.03 61.79 92.28
C PHE Q 252 -26.28 62.75 91.41
N ARG Q 253 -25.11 62.36 90.93
CA ARG Q 253 -24.51 63.26 89.98
C ARG Q 253 -24.22 62.54 88.69
N ILE Q 254 -22.96 62.24 88.45
CA ILE Q 254 -22.50 61.50 87.31
C ILE Q 254 -21.03 61.72 87.30
N ASP Q 255 -20.35 60.91 86.54
CA ASP Q 255 -19.00 61.22 86.11
C ASP Q 255 -18.69 60.33 84.91
N LYS Q 256 -17.53 60.51 84.28
CA LYS Q 256 -17.21 59.64 83.17
C LYS Q 256 -15.74 59.62 82.83
N GLN Q 257 -15.35 58.57 82.16
CA GLN Q 257 -14.01 58.43 81.69
C GLN Q 257 -13.94 58.10 80.22
N VAL Q 258 -12.84 58.52 79.62
CA VAL Q 258 -12.67 58.25 78.19
C VAL Q 258 -11.36 57.57 77.84
N ILE Q 259 -11.35 56.86 76.74
CA ILE Q 259 -10.15 56.16 76.34
C ILE Q 259 -9.72 56.44 74.93
N GLU Q 260 -8.56 55.89 74.58
CA GLU Q 260 -7.93 56.05 73.24
C GLU Q 260 -6.93 54.90 73.01
N ALA Q 261 -6.91 54.36 71.79
CA ALA Q 261 -6.06 53.28 71.41
C ALA Q 261 -4.59 53.66 71.36
N LYS Q 262 -3.77 52.67 71.59
CA LYS Q 262 -2.35 52.75 71.39
C LYS Q 262 -2.04 51.59 70.47
N SER Q 263 -1.00 51.76 69.67
CA SER Q 263 -0.61 50.79 68.66
C SER Q 263 0.54 49.87 68.95
N ARG Q 264 0.61 48.86 68.11
CA ARG Q 264 1.73 47.95 68.09
C ARG Q 264 2.02 47.52 66.69
N GLN Q 265 3.29 47.52 66.35
CA GLN Q 265 3.65 47.10 65.01
C GLN Q 265 5.08 46.68 64.89
N LEU Q 266 5.31 45.75 63.99
CA LEU Q 266 6.66 45.28 63.67
C LEU Q 266 6.80 44.83 62.24
N LYS Q 267 8.01 44.98 61.70
CA LYS Q 267 8.25 44.49 60.35
C LYS Q 267 9.30 43.42 60.33
N ALA Q 268 9.25 42.61 59.29
CA ALA Q 268 10.23 41.57 59.08
C ALA Q 268 11.34 42.06 58.18
N ALA Q 269 10.96 42.74 57.10
CA ALA Q 269 11.97 43.26 56.16
C ALA Q 269 13.04 42.21 55.83
N TYR Q 270 12.64 41.06 55.31
CA TYR Q 270 13.60 39.97 55.11
C TYR Q 270 14.19 39.93 53.70
N SER Q 271 15.11 38.97 53.47
CA SER Q 271 15.78 38.87 52.17
C SER Q 271 15.44 37.62 51.37
N ILE Q 272 15.63 37.74 50.06
CA ILE Q 272 15.36 36.69 49.09
C ILE Q 272 16.28 35.50 49.16
N GLU Q 273 17.58 35.73 49.23
CA GLU Q 273 18.50 34.62 49.22
C GLU Q 273 18.26 33.72 50.41
N LEU Q 274 17.93 34.32 51.54
CA LEU Q 274 17.65 33.56 52.72
C LEU Q 274 16.40 32.73 52.50
N ALA Q 275 15.35 33.34 51.93
CA ALA Q 275 14.15 32.57 51.68
C ALA Q 275 14.45 31.37 50.78
N GLN Q 276 15.31 31.57 49.79
CA GLN Q 276 15.65 30.47 48.90
C GLN Q 276 16.35 29.35 49.65
N ASP Q 277 17.26 29.70 50.56
CA ASP Q 277 17.94 28.68 51.34
C ASP Q 277 16.96 27.94 52.24
N LEU Q 278 16.04 28.66 52.82
CA LEU Q 278 15.09 28.04 53.74
C LEU Q 278 14.23 27.01 53.03
N ARG Q 279 13.88 27.31 51.78
CA ARG Q 279 13.16 26.33 50.99
C ARG Q 279 14.06 25.10 50.85
N ALA Q 280 15.31 25.32 50.48
CA ALA Q 280 16.24 24.22 50.30
C ALA Q 280 16.47 23.39 51.57
N VAL Q 281 16.50 24.04 52.72
CA VAL Q 281 16.76 23.37 53.99
C VAL Q 281 15.61 22.53 54.52
N HIS Q 282 14.40 23.09 54.58
CA HIS Q 282 13.31 22.32 55.16
C HIS Q 282 11.97 22.50 54.48
N GLY Q 283 11.96 23.03 53.24
CA GLY Q 283 10.71 23.24 52.54
C GLY Q 283 9.94 24.45 53.06
N MET Q 284 10.64 25.39 53.69
CA MET Q 284 10.02 26.56 54.27
C MET Q 284 9.69 27.61 53.23
N ASP Q 285 8.65 28.41 53.48
CA ASP Q 285 8.28 29.43 52.51
C ASP Q 285 9.07 30.72 52.74
N ALA Q 286 9.35 30.97 54.01
CA ALA Q 286 10.07 32.09 54.61
C ALA Q 286 9.36 33.41 54.57
N ASP Q 287 8.13 33.45 54.11
CA ASP Q 287 7.35 34.65 54.21
C ASP Q 287 6.27 34.34 55.23
N ALA Q 288 5.62 33.22 55.03
CA ALA Q 288 4.56 32.73 55.87
C ALA Q 288 5.00 32.53 57.29
N GLU Q 289 6.21 31.98 57.46
CA GLU Q 289 6.78 31.72 58.80
C GLU Q 289 6.91 33.06 59.54
N LEU Q 290 7.39 34.09 58.84
CA LEU Q 290 7.55 35.41 59.39
C LEU Q 290 6.23 36.03 59.68
N SER Q 291 5.28 35.83 58.79
CA SER Q 291 3.98 36.42 59.01
C SER Q 291 3.49 35.93 60.36
N GLY Q 292 3.61 34.62 60.55
CA GLY Q 292 3.24 33.99 61.79
C GLY Q 292 3.98 34.60 62.96
N ILE Q 293 5.29 34.69 62.87
CA ILE Q 293 6.13 35.19 63.95
C ILE Q 293 5.75 36.59 64.33
N LEU Q 294 5.57 37.45 63.37
CA LEU Q 294 5.24 38.81 63.64
C LEU Q 294 3.92 38.93 64.36
N ALA Q 295 2.91 38.28 63.82
CA ALA Q 295 1.60 38.37 64.42
C ALA Q 295 1.61 37.76 65.81
N THR Q 296 2.34 36.66 65.95
CA THR Q 296 2.41 35.95 67.19
C THR Q 296 3.02 36.80 68.24
N GLU Q 297 4.17 37.40 67.91
CA GLU Q 297 4.92 38.27 68.84
C GLU Q 297 4.03 39.42 69.32
N ILE Q 298 3.17 39.95 68.45
CA ILE Q 298 2.32 41.03 68.85
C ILE Q 298 1.23 40.56 69.76
N MET Q 299 0.55 39.47 69.41
CA MET Q 299 -0.49 39.08 70.32
C MET Q 299 0.03 38.64 71.67
N LEU Q 300 1.18 37.99 71.71
CA LEU Q 300 1.69 37.59 72.99
C LEU Q 300 1.99 38.81 73.81
N GLU Q 301 2.54 39.83 73.16
CA GLU Q 301 2.91 41.11 73.84
C GLU Q 301 1.67 41.78 74.42
N ILE Q 302 0.54 41.73 73.70
CA ILE Q 302 -0.67 42.35 74.17
C ILE Q 302 -1.19 41.59 75.35
N ASN Q 303 -1.18 40.26 75.20
CA ASN Q 303 -1.67 39.33 76.25
C ASN Q 303 -0.92 39.61 77.55
N ARG Q 304 0.41 39.74 77.45
CA ARG Q 304 1.26 40.00 78.64
C ARG Q 304 0.94 41.41 79.17
N GLU Q 305 0.76 42.37 78.25
CA GLU Q 305 0.44 43.78 78.62
C GLU Q 305 -0.80 43.81 79.52
N VAL Q 306 -1.84 43.04 79.20
CA VAL Q 306 -3.04 43.06 80.00
C VAL Q 306 -2.82 42.45 81.36
N VAL Q 307 -2.19 41.29 81.42
CA VAL Q 307 -2.03 40.73 82.75
C VAL Q 307 -1.08 41.59 83.57
N ASP Q 308 -0.10 42.20 82.92
CA ASP Q 308 0.82 43.05 83.61
C ASP Q 308 0.11 44.26 84.19
N TRP Q 309 -0.88 44.81 83.48
CA TRP Q 309 -1.59 45.93 84.05
C TRP Q 309 -2.33 45.50 85.28
N ILE Q 310 -2.77 44.25 85.32
CA ILE Q 310 -3.39 43.77 86.51
C ILE Q 310 -2.35 43.76 87.61
N ASN Q 311 -1.17 43.24 87.33
CA ASN Q 311 -0.15 43.20 88.36
C ASN Q 311 0.18 44.62 88.86
N TYR Q 312 0.15 45.58 87.93
CA TYR Q 312 0.42 46.98 88.19
C TYR Q 312 -0.61 47.58 89.13
N SER Q 313 -1.86 47.43 88.78
CA SER Q 313 -2.90 48.04 89.55
C SER Q 313 -3.37 47.27 90.77
N ALA Q 314 -3.05 45.99 90.89
CA ALA Q 314 -3.51 45.21 92.04
C ALA Q 314 -3.02 45.77 93.36
N GLN Q 315 -3.87 45.68 94.36
CA GLN Q 315 -3.56 46.13 95.70
C GLN Q 315 -2.71 45.12 96.45
N VAL Q 316 -2.05 45.57 97.48
CA VAL Q 316 -1.24 44.67 98.26
C VAL Q 316 -2.09 43.81 99.18
N GLY Q 317 -1.90 42.49 99.13
CA GLY Q 317 -2.64 41.59 100.00
C GLY Q 317 -1.89 41.49 101.31
N LYS Q 318 -2.31 40.62 102.24
CA LYS Q 318 -1.63 40.55 103.53
C LYS Q 318 -1.49 41.97 104.05
N SER Q 319 -2.63 42.66 104.09
CA SER Q 319 -2.72 44.06 104.46
C SER Q 319 -4.13 44.45 104.88
N GLY Q 320 -4.23 45.32 105.87
CA GLY Q 320 -5.51 45.80 106.33
C GLY Q 320 -6.34 44.67 106.87
N MET Q 321 -7.51 44.47 106.28
CA MET Q 321 -8.45 43.44 106.71
C MET Q 321 -7.91 42.03 106.63
N THR Q 322 -6.88 41.82 105.82
CA THR Q 322 -6.31 40.50 105.65
C THR Q 322 -4.95 40.39 106.31
N LEU Q 323 -4.60 41.39 107.11
CA LEU Q 323 -3.31 41.44 107.75
C LEU Q 323 -3.22 40.72 109.08
N THR Q 324 -2.40 39.70 109.13
CA THR Q 324 -2.16 38.92 110.32
C THR Q 324 -1.30 39.80 111.24
N PRO Q 325 -1.56 39.93 112.54
CA PRO Q 325 -0.74 40.72 113.46
C PRO Q 325 0.76 40.43 113.38
N GLY Q 326 1.15 39.18 113.07
CA GLY Q 326 2.56 38.81 112.96
C GLY Q 326 3.08 38.85 111.51
N SER Q 327 2.31 39.44 110.61
CA SER Q 327 2.58 39.51 109.18
C SER Q 327 3.87 40.20 108.75
N LYS Q 328 4.35 39.72 107.61
CA LYS Q 328 5.54 40.22 106.95
C LYS Q 328 5.25 41.27 105.88
N ALA Q 329 4.00 41.76 105.84
CA ALA Q 329 3.57 42.84 104.93
C ALA Q 329 3.59 42.55 103.43
N GLY Q 330 2.53 41.92 102.92
CA GLY Q 330 2.44 41.61 101.49
C GLY Q 330 3.04 40.30 101.00
N VAL Q 331 3.53 39.49 101.91
CA VAL Q 331 4.15 38.20 101.57
C VAL Q 331 3.64 37.08 102.46
N PHE Q 332 3.59 35.88 101.90
CA PHE Q 332 3.26 34.66 102.61
C PHE Q 332 4.54 33.83 102.68
N ASP Q 333 5.07 33.61 103.88
CA ASP Q 333 6.33 32.88 104.05
C ASP Q 333 6.15 31.51 104.71
N PHE Q 334 6.32 30.46 103.94
CA PHE Q 334 6.08 29.09 104.42
C PHE Q 334 6.94 28.62 105.57
N GLN Q 335 8.03 29.32 105.88
CA GLN Q 335 8.82 28.85 107.02
C GLN Q 335 8.28 29.44 108.31
N ASP Q 336 7.37 30.41 108.19
CA ASP Q 336 6.88 31.18 109.31
C ASP Q 336 5.53 30.68 109.87
N PRO Q 337 5.47 30.17 111.13
CA PRO Q 337 4.31 29.56 111.77
C PRO Q 337 3.14 30.50 111.84
N ILE Q 338 3.40 31.79 111.72
CA ILE Q 338 2.34 32.76 111.73
C ILE Q 338 1.50 32.63 110.49
N ASP Q 339 2.17 32.45 109.35
CA ASP Q 339 1.47 32.36 108.09
C ASP Q 339 0.89 30.98 107.90
N ILE Q 340 1.58 29.99 108.45
CA ILE Q 340 1.09 28.64 108.26
C ILE Q 340 0.34 28.12 109.47
N ARG Q 341 -0.04 29.03 110.34
CA ARG Q 341 -0.88 28.76 111.49
C ARG Q 341 -0.46 27.56 112.36
N GLY Q 342 0.82 27.57 112.66
CA GLY Q 342 1.48 26.61 113.53
C GLY Q 342 1.84 25.30 112.85
N ALA Q 343 1.53 25.19 111.56
CA ALA Q 343 1.76 24.01 110.79
C ALA Q 343 3.23 23.80 110.45
N ARG Q 344 3.45 22.55 110.05
CA ARG Q 344 4.70 21.85 109.64
C ARG Q 344 4.17 20.53 109.08
N TRP Q 345 4.69 20.03 107.96
CA TRP Q 345 3.94 18.89 107.42
C TRP Q 345 2.95 19.37 106.37
N ALA Q 346 3.43 19.47 105.12
CA ALA Q 346 2.75 20.06 103.97
C ALA Q 346 1.30 19.62 103.86
N GLY Q 347 0.98 18.37 104.21
CA GLY Q 347 -0.39 17.86 104.15
C GLY Q 347 -1.36 18.74 104.95
N GLU Q 348 -0.82 19.54 105.86
CA GLU Q 348 -1.53 20.49 106.68
C GLU Q 348 -1.13 21.91 106.25
N SER Q 349 0.16 22.15 106.21
CA SER Q 349 0.68 23.50 105.97
C SER Q 349 0.23 24.14 104.70
N PHE Q 350 0.16 23.42 103.60
CA PHE Q 350 -0.19 24.07 102.37
C PHE Q 350 -1.62 24.63 102.36
N LYS Q 351 -2.50 24.12 103.21
CA LYS Q 351 -3.86 24.63 103.28
C LYS Q 351 -3.86 26.08 103.68
N ALA Q 352 -2.80 26.49 104.38
CA ALA Q 352 -2.67 27.83 104.84
C ALA Q 352 -2.63 28.82 103.70
N LEU Q 353 -2.03 28.41 102.58
CA LEU Q 353 -1.97 29.35 101.49
C LEU Q 353 -3.37 29.50 100.98
N LEU Q 354 -4.09 28.38 100.89
CA LEU Q 354 -5.46 28.45 100.39
C LEU Q 354 -6.30 29.32 101.30
N PHE Q 355 -6.07 29.21 102.60
CA PHE Q 355 -6.79 29.99 103.57
C PHE Q 355 -6.58 31.48 103.30
N GLN Q 356 -5.32 31.87 103.16
CA GLN Q 356 -5.04 33.26 102.89
C GLN Q 356 -5.67 33.68 101.58
N ILE Q 357 -5.69 32.79 100.59
CA ILE Q 357 -6.29 33.13 99.33
C ILE Q 357 -7.74 33.48 99.51
N ASP Q 358 -8.49 32.69 100.25
CA ASP Q 358 -9.85 33.11 100.48
C ASP Q 358 -9.91 34.44 101.18
N LYS Q 359 -9.08 34.67 102.18
CA LYS Q 359 -9.22 35.95 102.84
C LYS Q 359 -9.05 37.09 101.85
N GLU Q 360 -8.09 36.93 100.93
CA GLU Q 360 -7.83 37.95 99.89
C GLU Q 360 -9.04 38.06 98.95
N ALA Q 361 -9.66 36.92 98.62
CA ALA Q 361 -10.81 36.90 97.73
C ALA Q 361 -12.00 37.59 98.37
N VAL Q 362 -12.14 37.43 99.68
CA VAL Q 362 -13.19 38.05 100.44
C VAL Q 362 -13.02 39.54 100.39
N GLU Q 363 -11.78 39.99 100.58
CA GLU Q 363 -11.50 41.41 100.50
C GLU Q 363 -11.80 41.93 99.09
N ILE Q 364 -11.57 41.10 98.06
CA ILE Q 364 -11.89 41.56 96.72
C ILE Q 364 -13.36 41.90 96.70
N ALA Q 365 -14.21 41.04 97.25
CA ALA Q 365 -15.62 41.42 97.28
C ALA Q 365 -15.83 42.66 98.13
N ARG Q 366 -15.15 42.68 99.28
CA ARG Q 366 -15.25 43.80 100.26
C ARG Q 366 -15.09 45.15 99.55
N GLN Q 367 -14.19 45.23 98.57
CA GLN Q 367 -13.97 46.48 97.88
C GLN Q 367 -14.69 46.70 96.58
N THR Q 368 -15.54 45.79 96.15
CA THR Q 368 -16.20 46.05 94.89
C THR Q 368 -17.69 45.95 95.03
N GLY Q 369 -18.14 44.99 95.83
CA GLY Q 369 -19.57 44.74 95.94
C GLY Q 369 -20.06 44.13 94.66
N ARG Q 370 -19.18 43.43 93.94
CA ARG Q 370 -19.56 42.84 92.67
C ARG Q 370 -19.44 41.33 92.65
N GLY Q 371 -18.82 40.79 93.69
CA GLY Q 371 -18.54 39.38 93.83
C GLY Q 371 -17.12 39.15 94.33
N GLU Q 372 -16.89 37.97 94.91
CA GLU Q 372 -15.59 37.60 95.47
C GLU Q 372 -14.67 37.23 94.39
N GLY Q 373 -13.38 37.31 94.69
CA GLY Q 373 -12.43 36.92 93.69
C GLY Q 373 -12.80 35.56 93.15
N ASN Q 374 -12.62 35.36 91.85
CA ASN Q 374 -12.97 34.10 91.23
C ASN Q 374 -11.90 33.57 90.29
N PHE Q 375 -10.75 34.22 90.28
CA PHE Q 375 -9.65 33.69 89.53
C PHE Q 375 -8.34 34.12 90.11
N ILE Q 376 -7.34 33.27 89.90
CA ILE Q 376 -6.01 33.52 90.37
C ILE Q 376 -4.96 33.27 89.32
N ILE Q 377 -4.06 34.23 89.15
CA ILE Q 377 -2.97 34.03 88.24
C ILE Q 377 -1.73 33.90 89.11
N ALA Q 378 -0.95 32.85 88.93
CA ALA Q 378 0.19 32.67 89.82
C ALA Q 378 1.39 31.96 89.21
N SER Q 379 2.53 32.14 89.87
CA SER Q 379 3.78 31.48 89.49
C SER Q 379 3.70 29.97 89.42
N ARG Q 380 4.59 29.42 88.62
CA ARG Q 380 4.71 27.98 88.45
C ARG Q 380 4.92 27.28 89.79
N ASN Q 381 5.67 27.90 90.68
CA ASN Q 381 5.91 27.26 91.95
C ASN Q 381 4.65 27.18 92.80
N VAL Q 382 3.71 28.07 92.54
CA VAL Q 382 2.48 28.11 93.28
C VAL Q 382 1.56 27.04 92.77
N VAL Q 383 1.42 26.94 91.46
CA VAL Q 383 0.53 25.90 90.96
C VAL Q 383 1.00 24.54 91.39
N ASN Q 384 2.31 24.35 91.53
CA ASN Q 384 2.83 23.07 91.99
C ASN Q 384 2.26 22.69 93.35
N VAL Q 385 1.90 23.69 94.15
CA VAL Q 385 1.32 23.48 95.44
C VAL Q 385 -0.12 23.19 95.27
N LEU Q 386 -0.78 24.03 94.51
CA LEU Q 386 -2.19 23.92 94.38
C LEU Q 386 -2.60 22.58 93.80
N ALA Q 387 -1.84 22.09 92.84
CA ALA Q 387 -2.15 20.85 92.16
C ALA Q 387 -1.82 19.63 92.97
N SER Q 388 -1.15 19.80 94.08
CA SER Q 388 -0.72 18.68 94.86
C SER Q 388 -1.45 18.59 96.19
N VAL Q 389 -2.44 19.46 96.40
CA VAL Q 389 -3.18 19.43 97.65
C VAL Q 389 -4.66 19.41 97.40
N ASP Q 390 -5.45 19.09 98.42
CA ASP Q 390 -6.87 19.21 98.16
C ASP Q 390 -7.24 20.67 98.33
N THR Q 391 -8.48 20.99 98.11
CA THR Q 391 -8.97 22.34 98.26
C THR Q 391 -10.25 22.23 99.03
N GLY Q 392 -10.73 21.01 99.06
CA GLY Q 392 -11.97 20.76 99.73
C GLY Q 392 -11.65 20.67 101.19
N ILE Q 393 -12.65 20.49 102.01
CA ILE Q 393 -12.38 20.41 103.42
C ILE Q 393 -11.96 19.01 103.77
N SER Q 394 -10.77 18.89 104.33
CA SER Q 394 -10.25 17.58 104.63
C SER Q 394 -9.46 17.53 105.91
N TYR Q 395 -9.22 16.31 106.41
CA TYR Q 395 -8.44 16.15 107.62
C TYR Q 395 -7.02 16.64 107.34
N ALA Q 396 -6.52 16.22 106.18
CA ALA Q 396 -5.23 16.57 105.62
C ALA Q 396 -5.25 16.12 104.19
N ALA Q 397 -4.41 16.71 103.33
CA ALA Q 397 -4.34 16.18 101.97
C ALA Q 397 -3.17 16.69 101.14
N GLN Q 398 -2.31 15.77 100.72
CA GLN Q 398 -1.11 16.02 99.91
C GLN Q 398 -0.75 14.81 99.06
N GLY Q 399 -0.33 15.05 97.83
CA GLY Q 399 0.15 13.98 96.96
C GLY Q 399 0.82 14.58 95.75
N LEU Q 400 0.81 13.84 94.65
CA LEU Q 400 1.39 14.29 93.39
C LEU Q 400 0.63 15.46 92.82
N ALA Q 401 1.34 16.30 92.10
CA ALA Q 401 0.74 17.49 91.50
C ALA Q 401 -0.10 17.16 90.29
N THR Q 402 -1.26 16.56 90.53
CA THR Q 402 -2.13 16.13 89.46
C THR Q 402 -3.47 16.87 89.40
N GLY Q 403 -3.81 17.67 90.40
CA GLY Q 403 -5.10 18.34 90.44
C GLY Q 403 -5.33 19.29 89.27
N PHE Q 404 -4.28 20.03 88.91
CA PHE Q 404 -4.34 21.02 87.86
C PHE Q 404 -3.14 20.79 87.01
N SER Q 405 -3.18 21.12 85.72
CA SER Q 405 -1.92 20.98 85.01
C SER Q 405 -0.97 22.06 85.49
N THR Q 406 0.30 21.87 85.23
CA THR Q 406 1.33 22.82 85.62
C THR Q 406 2.14 23.29 84.42
N ASP Q 407 1.70 22.93 83.23
CA ASP Q 407 2.39 23.29 82.01
C ASP Q 407 2.11 24.73 81.67
N THR Q 408 2.92 25.30 80.79
CA THR Q 408 2.70 26.63 80.24
C THR Q 408 2.81 26.42 78.74
N THR Q 409 3.19 25.19 78.45
CA THR Q 409 3.46 24.72 77.12
C THR Q 409 2.23 24.22 76.39
N LYS Q 410 1.19 23.86 77.13
CA LYS Q 410 -0.06 23.35 76.49
C LYS Q 410 -1.17 24.40 76.63
N SER Q 411 -1.19 25.09 77.77
CA SER Q 411 -2.16 26.12 78.08
C SER Q 411 -1.67 27.03 79.19
N VAL Q 412 -2.58 27.86 79.66
CA VAL Q 412 -2.35 28.78 80.75
C VAL Q 412 -3.32 28.45 81.87
N PHE Q 413 -4.57 28.24 81.49
CA PHE Q 413 -5.63 27.84 82.38
C PHE Q 413 -5.43 26.40 82.78
N ALA Q 414 -5.59 26.12 84.05
CA ALA Q 414 -5.37 24.80 84.57
C ALA Q 414 -6.41 24.40 85.59
N GLY Q 415 -7.69 24.42 85.24
CA GLY Q 415 -8.73 24.03 86.19
C GLY Q 415 -9.14 25.13 87.16
N VAL Q 416 -9.98 24.75 88.14
CA VAL Q 416 -10.55 25.69 89.10
C VAL Q 416 -10.36 25.19 90.54
N LEU Q 417 -9.84 26.02 91.44
CA LEU Q 417 -9.59 25.52 92.79
C LEU Q 417 -10.87 25.32 93.53
N GLY Q 418 -11.19 24.06 93.79
CA GLY Q 418 -12.39 23.70 94.53
C GLY Q 418 -13.63 23.98 93.74
N GLY Q 419 -13.48 24.25 92.46
CA GLY Q 419 -14.63 24.65 91.68
C GLY Q 419 -14.94 26.13 91.91
N LYS Q 420 -14.11 26.84 92.69
CA LYS Q 420 -14.33 28.24 92.99
C LYS Q 420 -13.37 29.20 92.29
N TYR Q 421 -12.07 28.92 92.25
CA TYR Q 421 -11.15 29.91 91.65
C TYR Q 421 -10.42 29.46 90.39
N ARG Q 422 -10.67 30.12 89.28
CA ARG Q 422 -10.01 29.69 88.04
C ARG Q 422 -8.50 29.80 88.20
N VAL Q 423 -7.79 28.78 87.76
CA VAL Q 423 -6.33 28.72 87.87
C VAL Q 423 -5.57 29.08 86.61
N TYR Q 424 -4.77 30.14 86.67
CA TYR Q 424 -3.95 30.56 85.49
C TYR Q 424 -2.47 30.65 85.89
N ILE Q 425 -1.57 30.20 85.03
CA ILE Q 425 -0.16 30.28 85.37
C ILE Q 425 0.58 31.47 84.78
N ASP Q 426 1.22 32.24 85.63
CA ASP Q 426 1.95 33.39 85.14
C ASP Q 426 3.27 32.88 84.66
N GLN Q 427 3.32 32.52 83.40
CA GLN Q 427 4.48 31.88 82.82
C GLN Q 427 5.68 32.81 82.81
N TYR Q 428 5.44 34.11 83.03
CA TYR Q 428 6.51 35.07 83.03
C TYR Q 428 6.72 35.68 84.40
N ALA Q 429 6.27 35.00 85.44
CA ALA Q 429 6.45 35.51 86.78
C ALA Q 429 7.92 35.72 87.06
N LYS Q 430 8.22 36.76 87.82
CA LYS Q 430 9.60 37.02 88.12
C LYS Q 430 10.05 36.33 89.37
N GLN Q 431 9.28 36.43 90.44
CA GLN Q 431 9.77 35.78 91.63
C GLN Q 431 8.89 34.64 92.06
N ASP Q 432 7.87 34.94 92.81
CA ASP Q 432 6.92 33.94 93.26
C ASP Q 432 5.79 34.68 93.93
N TYR Q 433 4.65 34.69 93.28
CA TYR Q 433 3.51 35.44 93.75
C TYR Q 433 2.26 34.97 93.11
N PHE Q 434 1.15 35.47 93.61
CA PHE Q 434 -0.10 35.27 92.95
C PHE Q 434 -0.94 36.50 93.09
N THR Q 435 -1.87 36.63 92.15
CA THR Q 435 -2.86 37.69 92.20
C THR Q 435 -4.22 37.09 92.08
N VAL Q 436 -5.10 37.53 92.93
CA VAL Q 436 -6.47 37.07 92.93
C VAL Q 436 -7.35 38.22 92.55
N GLY Q 437 -8.35 37.94 91.74
CA GLY Q 437 -9.27 39.00 91.38
C GLY Q 437 -10.62 38.52 90.92
N TYR Q 438 -11.45 39.51 90.58
CA TYR Q 438 -12.82 39.19 90.19
C TYR Q 438 -13.33 39.68 88.85
N LYS Q 439 -13.93 38.75 88.14
CA LYS Q 439 -14.59 39.02 86.87
C LYS Q 439 -16.03 38.57 86.95
N GLY Q 440 -16.94 39.52 86.82
CA GLY Q 440 -18.35 39.21 86.89
C GLY Q 440 -18.90 38.89 85.51
N PRO Q 441 -20.19 38.55 85.41
CA PRO Q 441 -20.91 38.26 84.19
C PRO Q 441 -21.10 39.50 83.34
N ASN Q 442 -20.94 40.65 83.96
CA ASN Q 442 -21.11 41.92 83.33
C ASN Q 442 -19.86 42.28 82.59
N GLU Q 443 -19.95 42.33 81.28
CA GLU Q 443 -18.79 42.60 80.46
C GLU Q 443 -18.13 43.93 80.78
N MET Q 444 -18.94 44.95 81.07
CA MET Q 444 -18.33 46.23 81.36
C MET Q 444 -17.89 46.31 82.80
N ASP Q 445 -18.65 45.75 83.69
CA ASP Q 445 -18.24 45.93 85.08
C ASP Q 445 -17.21 44.88 85.46
N ALA Q 446 -15.99 45.10 84.99
CA ALA Q 446 -14.92 44.13 85.14
C ALA Q 446 -13.56 44.71 85.55
N GLY Q 447 -13.54 45.93 86.04
CA GLY Q 447 -12.29 46.54 86.53
C GLY Q 447 -11.29 47.00 85.46
N ILE Q 448 -10.79 46.04 84.72
CA ILE Q 448 -9.78 46.18 83.67
C ILE Q 448 -10.33 45.90 82.30
N TYR Q 449 -9.99 46.74 81.32
CA TYR Q 449 -10.62 46.52 79.98
C TYR Q 449 -9.61 46.47 78.82
N TYR Q 450 -9.70 45.41 78.01
CA TYR Q 450 -8.91 45.24 76.77
C TYR Q 450 -9.91 45.46 75.64
N ALA Q 451 -9.82 46.58 74.93
CA ALA Q 451 -10.88 46.87 73.97
C ALA Q 451 -10.37 47.06 72.56
N PRO Q 452 -10.05 45.98 71.85
CA PRO Q 452 -9.47 46.06 70.55
C PRO Q 452 -10.39 46.74 69.61
N TYR Q 453 -9.80 47.53 68.71
CA TYR Q 453 -10.53 48.29 67.66
C TYR Q 453 -10.20 47.65 66.31
N VAL Q 454 -8.91 47.50 66.01
CA VAL Q 454 -8.51 46.86 64.77
C VAL Q 454 -7.36 45.97 65.12
N ALA Q 455 -7.07 44.97 64.30
CA ALA Q 455 -5.90 44.21 64.65
C ALA Q 455 -5.28 43.44 63.53
N LEU Q 456 -3.98 43.25 63.69
CA LEU Q 456 -3.14 42.43 62.88
C LEU Q 456 -3.30 42.63 61.39
N THR Q 457 -3.28 43.87 60.94
CA THR Q 457 -3.37 44.09 59.52
C THR Q 457 -1.97 43.92 58.96
N PRO Q 458 -1.77 43.06 57.97
CA PRO Q 458 -0.49 42.83 57.33
C PRO Q 458 -0.09 43.96 56.41
N LEU Q 459 1.19 44.10 56.25
CA LEU Q 459 1.87 44.95 55.31
C LEU Q 459 2.59 44.02 54.40
N ARG Q 460 2.65 44.31 53.09
CA ARG Q 460 3.37 43.39 52.16
C ARG Q 460 3.79 44.13 50.89
N GLY Q 461 4.92 43.73 50.29
CA GLY Q 461 5.38 44.36 49.05
C GLY Q 461 6.85 44.12 48.78
N SER Q 462 7.50 45.10 48.15
CA SER Q 462 8.93 45.04 47.85
C SER Q 462 9.44 46.46 47.72
N ASP Q 463 10.71 46.64 48.07
CA ASP Q 463 11.35 47.95 47.94
C ASP Q 463 12.29 47.94 46.73
N PRO Q 464 12.00 48.66 45.64
CA PRO Q 464 12.71 48.64 44.37
C PRO Q 464 14.16 49.05 44.50
N LYS Q 465 14.55 49.67 45.60
CA LYS Q 465 15.95 50.02 45.73
C LYS Q 465 16.82 48.75 45.70
N ASN Q 466 16.25 47.59 46.09
CA ASN Q 466 17.01 46.36 46.10
C ASN Q 466 16.09 45.19 45.83
N PHE Q 467 14.83 45.54 45.65
CA PHE Q 467 13.72 44.63 45.35
C PHE Q 467 13.51 43.55 46.37
N GLN Q 468 13.92 43.79 47.60
CA GLN Q 468 13.73 42.82 48.63
C GLN Q 468 12.32 43.01 49.15
N PRO Q 469 11.67 41.95 49.66
CA PRO Q 469 10.33 41.93 50.16
C PRO Q 469 10.07 42.77 51.38
N VAL Q 470 8.85 43.21 51.45
CA VAL Q 470 8.27 43.97 52.53
C VAL Q 470 7.23 43.10 53.17
N MET Q 471 7.30 43.04 54.48
CA MET Q 471 6.36 42.32 55.29
C MET Q 471 6.39 42.87 56.69
N GLY Q 472 5.20 42.98 57.28
CA GLY Q 472 5.01 43.44 58.67
C GLY Q 472 3.54 43.47 59.09
N PHE Q 473 3.28 43.85 60.36
CA PHE Q 473 1.88 43.89 60.84
C PHE Q 473 1.66 45.05 61.81
N LYS Q 474 0.44 45.60 61.80
CA LYS Q 474 0.05 46.71 62.68
C LYS Q 474 -1.38 46.59 63.26
N THR Q 475 -1.48 46.90 64.56
CA THR Q 475 -2.72 46.93 65.36
C THR Q 475 -2.90 48.16 66.22
N ARG Q 476 -4.07 48.25 66.85
CA ARG Q 476 -4.33 49.26 67.87
C ARG Q 476 -5.60 48.91 68.67
N TYR Q 477 -5.49 49.12 69.97
CA TYR Q 477 -6.59 48.74 70.82
C TYR Q 477 -6.95 49.66 71.96
N GLY Q 478 -6.04 49.88 72.87
CA GLY Q 478 -6.39 50.67 74.02
C GLY Q 478 -6.92 49.75 75.11
N ILE Q 479 -6.63 50.15 76.33
CA ILE Q 479 -7.02 49.45 77.52
C ILE Q 479 -7.64 50.44 78.46
N GLY Q 480 -8.16 49.96 79.56
CA GLY Q 480 -8.65 50.93 80.50
C GLY Q 480 -9.06 50.40 81.84
N ILE Q 481 -9.48 51.33 82.69
CA ILE Q 481 -9.89 51.06 84.04
C ILE Q 481 -11.29 51.57 84.35
N ASN Q 482 -11.99 50.79 85.13
CA ASN Q 482 -13.35 51.02 85.58
C ASN Q 482 -13.48 52.21 86.50
N PRO Q 483 -14.51 53.04 86.37
CA PRO Q 483 -14.79 54.06 87.31
C PRO Q 483 -15.04 53.33 88.57
N PHE Q 484 -14.68 53.94 89.67
CA PHE Q 484 -14.81 53.37 91.00
C PHE Q 484 -13.80 52.25 91.26
N ALA Q 485 -12.89 51.95 90.35
CA ALA Q 485 -11.92 50.89 90.61
C ALA Q 485 -11.09 51.17 91.86
N GLU Q 486 -10.85 52.45 92.14
CA GLU Q 486 -10.01 52.87 93.31
C GLU Q 486 -10.79 52.75 94.63
N SER Q 487 -12.11 52.52 94.55
CA SER Q 487 -12.96 52.39 95.72
C SER Q 487 -12.64 53.39 96.82
N ALA Q 488 -12.35 54.63 96.47
CA ALA Q 488 -12.04 55.62 97.49
C ALA Q 488 -12.59 56.99 97.16
N ALA Q 489 -12.44 57.38 95.89
CA ALA Q 489 -12.84 58.69 95.46
C ALA Q 489 -14.33 58.89 95.53
N GLN Q 490 -14.73 60.11 95.90
CA GLN Q 490 -16.13 60.46 95.91
C GLN Q 490 -16.44 61.14 94.57
N ALA Q 491 -15.38 61.43 93.85
CA ALA Q 491 -15.44 62.04 92.54
C ALA Q 491 -14.05 61.96 91.92
N PRO Q 492 -13.93 61.84 90.59
CA PRO Q 492 -12.69 61.96 89.89
C PRO Q 492 -12.38 63.43 89.84
N ALA Q 493 -11.12 63.76 89.67
CA ALA Q 493 -10.82 65.16 89.51
C ALA Q 493 -11.56 65.65 88.29
N SER Q 494 -12.09 66.86 88.40
CA SER Q 494 -12.77 67.59 87.34
C SER Q 494 -13.96 66.89 86.70
N ARG Q 495 -14.48 65.84 87.34
CA ARG Q 495 -15.66 65.11 86.86
C ARG Q 495 -15.45 64.44 85.50
N ILE Q 496 -14.22 64.36 85.05
CA ILE Q 496 -13.89 63.72 83.80
C ILE Q 496 -12.44 63.38 83.80
N GLN Q 497 -12.11 62.29 83.16
CA GLN Q 497 -10.71 61.88 83.12
C GLN Q 497 -10.52 60.68 82.27
N SER Q 498 -9.31 60.47 81.87
CA SER Q 498 -8.98 59.32 81.11
C SER Q 498 -9.28 58.06 81.85
N GLY Q 499 -9.72 57.07 81.08
CA GLY Q 499 -9.99 55.73 81.52
C GLY Q 499 -8.75 54.88 81.34
N MET Q 500 -7.68 55.48 80.88
CA MET Q 500 -6.46 54.74 80.65
C MET Q 500 -5.72 54.75 81.98
N PRO Q 501 -4.95 53.72 82.30
CA PRO Q 501 -4.17 53.66 83.50
C PRO Q 501 -2.96 54.56 83.42
N SER Q 502 -2.54 55.00 84.58
CA SER Q 502 -1.34 55.77 84.80
C SER Q 502 -1.06 55.63 86.28
N ILE Q 503 0.10 56.08 86.75
CA ILE Q 503 0.36 55.93 88.17
C ILE Q 503 -0.67 56.59 89.01
N LEU Q 504 -1.02 57.80 88.63
CA LEU Q 504 -1.93 58.63 89.37
C LEU Q 504 -3.35 58.14 89.32
N ASN Q 505 -3.62 57.17 88.46
CA ASN Q 505 -4.95 56.68 88.35
C ASN Q 505 -5.11 55.40 89.12
N SER Q 506 -4.16 54.48 88.99
CA SER Q 506 -4.35 53.19 89.62
C SER Q 506 -3.14 52.39 90.12
N LEU Q 507 -1.94 52.96 90.25
CA LEU Q 507 -0.88 52.07 90.67
C LEU Q 507 -1.11 51.53 92.06
N GLY Q 508 -1.27 50.20 92.14
CA GLY Q 508 -1.52 49.53 93.40
C GLY Q 508 -2.91 49.78 93.97
N LYS Q 509 -3.85 50.31 93.19
CA LYS Q 509 -5.16 50.67 93.74
C LYS Q 509 -6.43 49.97 93.25
N ASN Q 510 -6.37 49.15 92.24
CA ASN Q 510 -7.60 48.60 91.67
C ASN Q 510 -8.22 47.49 92.52
N ALA Q 511 -9.41 47.79 93.04
CA ALA Q 511 -10.21 47.00 93.95
C ALA Q 511 -10.58 45.62 93.46
N TYR Q 512 -10.48 45.39 92.18
CA TYR Q 512 -10.86 44.09 91.66
C TYR Q 512 -9.72 43.10 91.81
N PHE Q 513 -8.55 43.55 92.28
CA PHE Q 513 -7.42 42.60 92.40
C PHE Q 513 -6.50 42.91 93.59
N ARG Q 514 -5.92 41.84 94.14
CA ARG Q 514 -4.96 41.88 95.24
C ARG Q 514 -3.84 40.88 95.00
N ARG Q 515 -2.62 41.27 95.32
CA ARG Q 515 -1.49 40.38 95.11
C ARG Q 515 -0.63 40.15 96.33
N VAL Q 516 -0.09 38.93 96.41
CA VAL Q 516 0.78 38.50 97.50
C VAL Q 516 2.03 37.78 97.02
N TYR Q 517 3.16 38.12 97.61
CA TYR Q 517 4.40 37.43 97.29
C TYR Q 517 4.44 36.15 98.07
N VAL Q 518 5.05 35.11 97.54
CA VAL Q 518 5.11 33.87 98.26
C VAL Q 518 6.53 33.35 98.35
N LYS Q 519 6.94 32.96 99.54
CA LYS Q 519 8.28 32.42 99.69
C LYS Q 519 8.29 31.10 100.45
N GLY Q 520 9.31 30.28 100.17
CA GLY Q 520 9.53 29.05 100.93
C GLY Q 520 8.72 27.82 100.52
N ILE Q 521 8.11 27.81 99.35
CA ILE Q 521 7.35 26.63 99.00
C ILE Q 521 8.17 25.35 99.17
N ALA R 66 32.90 -58.54 103.19
CA ALA R 66 31.56 -58.18 102.76
C ALA R 66 31.62 -57.31 101.53
N GLU R 67 30.58 -57.37 100.76
CA GLU R 67 30.51 -56.55 99.58
C GLU R 67 30.05 -55.20 100.01
N ILE R 68 30.89 -54.18 99.83
CA ILE R 68 30.48 -52.88 100.32
C ILE R 68 30.46 -51.80 99.26
N GLY R 69 29.74 -50.72 99.56
CA GLY R 69 29.62 -49.57 98.68
C GLY R 69 30.81 -48.65 98.79
N GLY R 70 31.36 -48.50 99.98
CA GLY R 70 32.44 -47.58 100.19
C GLY R 70 31.89 -46.19 100.01
N ASP R 71 32.76 -45.24 99.74
CA ASP R 71 32.25 -43.89 99.60
C ASP R 71 33.20 -43.02 98.82
N HIS R 72 32.81 -41.79 98.64
CA HIS R 72 33.66 -40.83 97.99
C HIS R 72 34.44 -40.06 99.03
N GLY R 73 35.54 -39.47 98.61
CA GLY R 73 36.34 -38.67 99.52
C GLY R 73 35.90 -37.22 99.56
N TYR R 74 34.75 -36.94 98.94
CA TYR R 74 34.20 -35.60 98.80
C TYR R 74 35.09 -34.75 97.94
N ASN R 75 35.89 -35.43 97.15
CA ASN R 75 36.74 -34.86 96.17
C ASN R 75 35.91 -34.76 94.94
N ALA R 76 35.60 -33.55 94.54
CA ALA R 76 34.69 -33.38 93.43
C ALA R 76 35.19 -34.15 92.22
N THR R 77 36.50 -34.26 92.08
CA THR R 77 37.09 -34.97 90.97
C THR R 77 36.69 -36.42 90.99
N ASN R 78 36.73 -37.03 92.16
CA ASN R 78 36.49 -38.44 92.27
C ASN R 78 35.02 -38.69 92.13
N ILE R 79 34.22 -37.73 92.58
CA ILE R 79 32.81 -37.93 92.45
C ILE R 79 32.50 -37.88 90.98
N ALA R 80 33.01 -36.87 90.32
CA ALA R 80 32.77 -36.70 88.91
C ALA R 80 33.20 -37.91 88.12
N ALA R 81 34.31 -38.51 88.53
CA ALA R 81 34.84 -39.68 87.86
C ALA R 81 34.12 -40.98 88.22
N GLY R 82 33.20 -40.96 89.18
CA GLY R 82 32.52 -42.19 89.60
C GLY R 82 33.41 -43.12 90.43
N GLN R 83 34.33 -42.56 91.22
CA GLN R 83 35.24 -43.38 92.00
C GLN R 83 35.07 -43.36 93.52
N THR R 84 34.66 -44.49 94.08
CA THR R 84 34.49 -44.67 95.52
C THR R 84 35.49 -45.68 96.00
N SER R 85 35.57 -45.81 97.30
CA SER R 85 36.43 -46.75 97.98
C SER R 85 35.92 -48.19 98.03
N GLY R 86 34.72 -48.43 97.52
CA GLY R 86 34.12 -49.76 97.64
C GLY R 86 34.35 -50.69 96.48
N ALA R 87 33.49 -51.71 96.41
CA ALA R 87 33.55 -52.78 95.43
C ALA R 87 33.33 -52.34 94.00
N VAL R 88 32.47 -51.36 93.78
CA VAL R 88 32.15 -51.02 92.42
C VAL R 88 32.29 -49.57 92.10
N THR R 89 32.72 -49.31 90.88
CA THR R 89 32.78 -47.97 90.34
C THR R 89 31.46 -47.61 89.69
N GLN R 90 31.31 -46.32 89.41
CA GLN R 90 30.11 -45.79 88.83
C GLN R 90 30.34 -45.13 87.50
N ILE R 91 29.26 -45.02 86.75
CA ILE R 91 29.19 -44.38 85.45
C ILE R 91 29.52 -42.91 85.56
N GLY R 92 28.96 -42.27 86.56
CA GLY R 92 29.17 -40.87 86.80
C GLY R 92 27.88 -40.27 87.34
N PRO R 93 27.94 -39.07 87.90
CA PRO R 93 26.81 -38.38 88.46
C PRO R 93 25.71 -38.07 87.46
N ALA R 94 24.47 -38.26 87.89
CA ALA R 94 23.31 -37.92 87.08
C ALA R 94 23.23 -36.43 86.85
N VAL R 95 22.73 -36.01 85.72
CA VAL R 95 22.58 -34.59 85.47
C VAL R 95 21.31 -34.02 86.08
N MET R 96 21.48 -32.98 86.89
CA MET R 96 20.40 -32.32 87.60
C MET R 96 19.99 -31.01 86.94
N GLY R 97 20.45 -30.80 85.72
CA GLY R 97 20.16 -29.61 84.94
C GLY R 97 21.35 -28.66 84.89
N MET R 98 21.13 -27.47 84.29
CA MET R 98 22.16 -26.47 84.10
C MET R 98 21.63 -25.06 84.34
N VAL R 99 22.44 -24.22 84.96
CA VAL R 99 22.01 -22.86 85.25
C VAL R 99 22.78 -21.79 84.48
N ARG R 100 22.04 -20.90 83.87
CA ARG R 100 22.62 -19.77 83.16
C ARG R 100 22.01 -18.52 83.74
N ARG R 101 22.71 -17.40 83.65
CA ARG R 101 22.17 -16.16 84.15
C ARG R 101 21.21 -15.53 83.17
N ALA R 102 20.34 -14.70 83.70
CA ALA R 102 19.38 -13.93 82.94
C ALA R 102 20.04 -12.74 82.28
N ILE R 103 19.45 -12.28 81.20
CA ILE R 103 19.94 -11.10 80.52
C ILE R 103 19.13 -9.90 80.99
N PRO R 104 19.76 -8.80 81.42
CA PRO R 104 19.10 -7.61 81.91
C PRO R 104 18.28 -6.96 80.83
N ASN R 105 17.25 -6.27 81.27
CA ASN R 105 16.29 -5.57 80.46
C ASN R 105 16.80 -4.18 80.13
N LEU R 106 16.52 -3.69 78.93
CA LEU R 106 16.95 -2.36 78.48
C LEU R 106 15.80 -1.42 78.13
N ILE R 107 16.06 -0.12 78.19
CA ILE R 107 15.14 0.96 77.83
C ILE R 107 15.85 1.99 76.98
N ALA R 108 16.79 1.52 76.18
CA ALA R 108 17.73 2.42 75.51
C ALA R 108 17.09 3.55 74.72
N PHE R 109 15.95 3.34 74.07
CA PHE R 109 15.44 4.46 73.31
C PHE R 109 14.11 4.94 73.79
N ASP R 110 13.69 4.52 74.99
CA ASP R 110 12.35 4.93 75.42
C ASP R 110 12.19 6.43 75.48
N ILE R 111 13.28 7.14 75.74
CA ILE R 111 13.27 8.57 75.87
C ILE R 111 14.23 9.25 74.92
N CYS R 112 14.54 8.60 73.81
CA CYS R 112 15.54 9.17 72.89
C CYS R 112 15.05 9.29 71.47
N GLY R 113 15.26 10.45 70.86
CA GLY R 113 14.85 10.60 69.48
C GLY R 113 15.85 9.83 68.66
N VAL R 114 15.46 9.26 67.53
CA VAL R 114 16.45 8.56 66.75
C VAL R 114 16.64 9.03 65.32
N GLN R 115 15.59 9.11 64.50
CA GLN R 115 15.78 9.53 63.13
C GLN R 115 17.03 8.96 62.50
N PRO R 116 17.14 7.65 62.32
CA PRO R 116 18.34 7.01 61.87
C PRO R 116 18.78 7.62 60.58
N MET R 117 20.08 7.84 60.47
CA MET R 117 20.63 8.46 59.27
C MET R 117 20.77 7.46 58.16
N ASN R 118 20.89 7.97 56.94
CA ASN R 118 21.17 7.16 55.78
C ASN R 118 22.55 7.51 55.20
N SER R 119 23.38 8.09 56.05
CA SER R 119 24.75 8.46 55.72
C SER R 119 25.39 8.56 57.07
N PRO R 120 26.68 8.46 57.19
CA PRO R 120 27.40 8.70 58.40
C PRO R 120 27.46 10.19 58.56
N THR R 121 27.90 10.62 59.74
CA THR R 121 28.22 12.00 60.03
C THR R 121 27.18 13.01 59.58
N GLY R 122 25.94 12.85 60.05
CA GLY R 122 24.84 13.72 59.64
C GLY R 122 24.81 15.11 60.30
N GLN R 123 23.74 15.84 60.01
CA GLN R 123 23.50 17.22 60.45
C GLN R 123 22.08 17.48 60.93
N VAL R 124 21.91 18.49 61.77
CA VAL R 124 20.57 18.94 62.16
C VAL R 124 20.49 20.47 62.09
N PHE R 125 19.35 20.99 61.68
CA PHE R 125 19.16 22.44 61.63
C PHE R 125 18.25 22.94 62.70
N ALA R 126 18.41 24.21 63.05
CA ALA R 126 17.48 24.78 64.00
C ALA R 126 17.25 26.27 63.78
N LEU R 127 16.06 26.73 64.13
CA LEU R 127 15.72 28.14 63.94
C LEU R 127 15.15 28.85 65.14
N ARG R 128 15.74 30.02 65.36
CA ARG R 128 15.34 30.92 66.42
C ARG R 128 14.75 32.15 65.79
N ALA R 129 13.66 32.65 66.35
CA ALA R 129 13.09 33.91 65.88
C ALA R 129 13.87 35.00 66.57
N VAL R 130 14.48 35.89 65.83
CA VAL R 130 15.41 36.85 66.41
C VAL R 130 15.09 38.29 66.09
N TYR R 131 15.04 39.10 67.12
CA TYR R 131 14.72 40.49 66.91
C TYR R 131 15.86 41.45 67.18
N GLY R 132 15.76 42.63 66.55
CA GLY R 132 16.80 43.64 66.68
C GLY R 132 17.51 43.89 65.34
N LYS R 133 16.76 43.77 64.24
CA LYS R 133 17.22 44.00 62.85
C LYS R 133 18.25 43.06 62.29
N ASP R 134 19.41 42.95 62.92
CA ASP R 134 20.44 42.06 62.41
C ASP R 134 20.44 40.77 63.22
N PRO R 135 20.00 39.63 62.67
CA PRO R 135 19.90 38.36 63.36
C PRO R 135 21.23 37.91 63.91
N VAL R 136 22.33 38.40 63.36
CA VAL R 136 23.62 38.00 63.84
C VAL R 136 24.29 39.18 64.49
N ALA R 137 24.15 39.29 65.79
CA ALA R 137 24.71 40.43 66.48
C ALA R 137 24.83 40.16 67.96
N ALA R 138 25.81 40.78 68.58
CA ALA R 138 25.86 40.68 70.01
C ALA R 138 24.62 41.34 70.53
N GLY R 139 23.99 40.76 71.53
CA GLY R 139 22.84 41.39 72.12
C GLY R 139 21.55 41.10 71.36
N ALA R 140 21.64 40.36 70.25
CA ALA R 140 20.46 40.01 69.48
C ALA R 140 19.59 39.18 70.40
N LYS R 141 18.27 39.27 70.31
CA LYS R 141 17.45 38.49 71.24
C LYS R 141 16.43 37.58 70.59
N GLU R 142 16.14 36.46 71.24
CA GLU R 142 15.17 35.54 70.69
C GLU R 142 13.73 35.87 71.08
N ALA R 143 12.91 36.09 70.06
CA ALA R 143 11.52 36.50 70.20
C ALA R 143 10.67 35.54 71.00
N PHE R 144 10.91 34.25 70.91
CA PHE R 144 10.09 33.32 71.65
C PHE R 144 10.90 32.52 72.63
N HIS R 145 11.92 33.15 73.22
CA HIS R 145 12.76 32.46 74.22
C HIS R 145 11.88 31.94 75.38
N PRO R 146 11.90 30.63 75.69
CA PRO R 146 11.09 30.12 76.77
C PRO R 146 11.41 30.60 78.18
N MET R 147 12.61 31.08 78.44
CA MET R 147 12.91 31.46 79.81
C MET R 147 12.89 32.93 79.99
N TYR R 148 13.27 33.63 78.95
CA TYR R 148 13.37 35.06 79.05
C TYR R 148 12.03 35.60 78.62
N GLY R 149 11.55 36.64 79.27
CA GLY R 149 10.27 37.16 78.87
C GLY R 149 10.38 37.99 77.59
N PRO R 150 9.30 38.07 76.80
CA PRO R 150 9.13 38.91 75.63
C PRO R 150 9.23 40.38 75.99
N ASP R 151 9.72 41.18 75.04
CA ASP R 151 9.86 42.62 75.21
C ASP R 151 8.66 43.39 74.68
N ALA R 152 7.79 43.83 75.58
CA ALA R 152 6.57 44.49 75.16
C ALA R 152 6.79 45.91 74.73
N MET R 153 7.96 46.44 74.99
CA MET R 153 8.16 47.79 74.56
C MET R 153 8.56 47.74 73.11
N PHE R 154 9.23 46.67 72.72
CA PHE R 154 9.76 46.55 71.38
C PHE R 154 8.73 46.84 70.30
N SER R 155 7.55 46.23 70.39
CA SER R 155 6.50 46.45 69.41
C SER R 155 5.63 47.69 69.69
N GLY R 156 5.87 48.33 70.84
CA GLY R 156 5.09 49.46 71.36
C GLY R 156 5.93 50.71 71.60
N GLN R 157 5.92 51.19 72.84
CA GLN R 157 6.63 52.41 73.20
C GLN R 157 8.11 52.37 72.87
N GLY R 158 8.69 51.20 72.77
CA GLY R 158 10.10 51.05 72.46
C GLY R 158 10.41 51.66 71.12
N ALA R 159 9.44 51.64 70.21
CA ALA R 159 9.65 52.25 68.94
C ALA R 159 9.61 53.74 69.15
N ALA R 160 8.68 54.15 70.00
CA ALA R 160 8.52 55.57 70.28
C ALA R 160 9.74 56.19 70.97
N LYS R 161 10.36 55.46 71.88
CA LYS R 161 11.46 56.01 72.65
C LYS R 161 12.36 55.00 73.31
N LYS R 162 13.52 55.48 73.75
CA LYS R 162 14.42 54.65 74.50
C LYS R 162 14.10 54.69 75.98
N PHE R 163 14.46 53.61 76.64
CA PHE R 163 14.30 53.41 78.06
C PHE R 163 15.64 53.03 78.68
N PRO R 164 16.47 53.99 79.04
CA PRO R 164 17.83 53.79 79.48
C PRO R 164 17.87 52.73 80.55
N ALA R 165 18.90 51.92 80.55
CA ALA R 165 19.01 50.87 81.54
C ALA R 165 19.13 51.42 82.93
N LEU R 166 18.60 50.66 83.87
CA LEU R 166 18.72 50.93 85.29
C LEU R 166 20.05 50.31 85.68
N ALA R 167 20.87 51.02 86.44
CA ALA R 167 22.16 50.45 86.78
C ALA R 167 22.74 50.99 88.06
N ALA R 168 23.70 50.30 88.61
CA ALA R 168 24.31 50.78 89.82
C ALA R 168 24.77 52.20 89.56
N SER R 169 24.57 53.06 90.55
CA SER R 169 24.90 54.48 90.58
C SER R 169 23.88 55.34 89.85
N THR R 170 22.84 54.72 89.33
CA THR R 170 21.76 55.46 88.72
C THR R 170 20.72 55.64 89.79
N GLN R 171 19.73 56.46 89.47
CA GLN R 171 18.62 56.71 90.36
C GLN R 171 17.37 56.86 89.53
N THR R 172 16.24 56.61 90.17
CA THR R 172 14.98 56.73 89.50
C THR R 172 14.41 58.12 89.51
N THR R 173 13.47 58.33 88.61
CA THR R 173 12.67 59.54 88.54
C THR R 173 11.24 59.07 88.50
N VAL R 174 10.40 59.55 89.39
CA VAL R 174 9.06 59.02 89.43
C VAL R 174 8.33 59.24 88.15
N GLY R 175 7.76 58.15 87.66
CA GLY R 175 7.01 58.09 86.44
C GLY R 175 7.85 57.70 85.25
N ASP R 176 9.18 57.71 85.37
CA ASP R 176 9.93 57.34 84.21
C ASP R 176 9.99 55.84 84.16
N ILE R 177 10.62 55.33 83.11
CA ILE R 177 10.80 53.90 82.91
C ILE R 177 12.23 53.54 82.58
N TYR R 178 12.72 52.54 83.27
CA TYR R 178 14.07 52.06 83.08
C TYR R 178 14.11 50.61 82.61
N THR R 179 15.18 50.23 81.95
CA THR R 179 15.28 48.85 81.45
C THR R 179 16.29 47.99 82.21
N HIS R 180 15.97 46.71 82.38
CA HIS R 180 16.95 45.78 82.92
C HIS R 180 16.73 44.35 82.44
N PHE R 181 17.83 43.67 82.13
CA PHE R 181 17.77 42.28 81.75
C PHE R 181 18.21 41.43 82.91
N PHE R 182 17.30 40.65 83.45
CA PHE R 182 17.64 39.86 84.60
C PHE R 182 18.35 38.60 84.22
N GLN R 183 19.25 38.14 85.10
CA GLN R 183 20.01 36.93 84.80
C GLN R 183 19.06 35.77 84.55
N GLU R 184 17.97 35.76 85.27
CA GLU R 184 16.92 34.80 85.05
C GLU R 184 15.74 35.67 84.69
N THR R 185 14.97 35.24 83.71
CA THR R 185 13.77 35.89 83.14
C THR R 185 14.04 37.05 82.15
N GLY R 186 15.26 37.57 82.02
CA GLY R 186 15.51 38.55 80.98
C GLY R 186 14.90 39.94 81.11
N THR R 187 14.60 40.54 79.96
CA THR R 187 14.17 41.93 79.86
C THR R 187 12.88 42.29 80.55
N VAL R 188 12.97 43.30 81.38
CA VAL R 188 11.85 43.87 82.10
C VAL R 188 11.91 45.38 82.05
N TYR R 189 10.77 46.00 81.82
CA TYR R 189 10.73 47.44 81.88
C TYR R 189 10.04 47.80 83.17
N LEU R 190 10.64 48.72 83.90
CA LEU R 190 10.08 49.10 85.18
C LEU R 190 9.80 50.56 85.31
N GLN R 191 8.58 50.88 85.73
CA GLN R 191 8.22 52.25 85.95
C GLN R 191 8.55 52.60 87.39
N ALA R 192 9.07 53.80 87.59
CA ALA R 192 9.41 54.25 88.93
C ALA R 192 8.22 54.80 89.68
N SER R 193 7.93 54.20 90.83
CA SER R 193 6.83 54.69 91.66
C SER R 193 7.41 55.68 92.65
N VAL R 194 8.67 55.47 92.99
CA VAL R 194 9.38 56.32 93.93
C VAL R 194 10.73 56.77 93.42
N GLN R 195 11.27 57.81 94.04
CA GLN R 195 12.61 58.30 93.73
C GLN R 195 13.66 57.69 94.64
N VAL R 196 14.38 56.71 94.13
CA VAL R 196 15.38 56.00 94.90
C VAL R 196 16.65 55.78 94.11
N THR R 197 17.75 55.55 94.80
CA THR R 197 18.96 55.17 94.12
C THR R 197 18.93 53.67 93.98
N ILE R 198 19.78 53.10 93.14
CA ILE R 198 19.76 51.65 92.97
C ILE R 198 21.07 50.94 93.39
N ASP R 199 21.62 51.32 94.54
CA ASP R 199 22.82 50.66 95.09
C ASP R 199 24.08 50.71 94.25
N ALA R 200 24.79 51.81 94.32
CA ALA R 200 26.01 51.97 93.56
C ALA R 200 27.05 50.88 93.85
N GLY R 201 26.94 50.17 94.99
CA GLY R 201 27.93 49.14 95.28
C GLY R 201 27.62 47.87 94.50
N ALA R 202 26.48 47.82 93.84
CA ALA R 202 26.05 46.65 93.11
C ALA R 202 26.69 46.60 91.74
N THR R 203 28.01 46.42 91.72
CA THR R 203 28.72 46.46 90.46
C THR R 203 28.72 45.13 89.74
N ASP R 204 28.48 44.05 90.46
CA ASP R 204 28.37 42.75 89.81
C ASP R 204 26.99 42.64 89.21
N ALA R 205 26.87 41.82 88.20
CA ALA R 205 25.59 41.59 87.59
C ALA R 205 24.64 40.98 88.59
N ALA R 206 25.16 40.07 89.40
CA ALA R 206 24.35 39.40 90.40
C ALA R 206 23.78 40.36 91.43
N LYS R 207 24.58 41.37 91.77
CA LYS R 207 24.15 42.30 92.77
C LYS R 207 23.12 43.23 92.20
N LEU R 208 23.33 43.69 90.98
CA LEU R 208 22.38 44.59 90.38
C LEU R 208 21.08 43.86 90.21
N ASP R 209 21.16 42.60 89.79
CA ASP R 209 20.01 41.77 89.61
C ASP R 209 19.25 41.75 90.92
N ALA R 210 19.95 41.41 92.01
CA ALA R 210 19.31 41.34 93.31
C ALA R 210 18.71 42.65 93.79
N GLU R 211 19.42 43.75 93.60
CA GLU R 211 18.91 45.01 94.12
C GLU R 211 17.64 45.41 93.43
N ILE R 212 17.60 45.18 92.13
CA ILE R 212 16.41 45.56 91.42
C ILE R 212 15.27 44.69 91.91
N LYS R 213 15.51 43.40 92.06
CA LYS R 213 14.45 42.54 92.54
C LYS R 213 13.91 43.02 93.87
N LYS R 214 14.80 43.48 94.76
CA LYS R 214 14.36 44.00 96.05
C LYS R 214 13.45 45.19 95.87
N GLN R 215 13.83 46.11 94.99
CA GLN R 215 13.02 47.29 94.73
C GLN R 215 11.70 46.92 94.07
N MET R 216 11.71 45.86 93.28
CA MET R 216 10.47 45.41 92.68
C MET R 216 9.56 44.88 93.78
N GLU R 217 10.09 44.02 94.67
CA GLU R 217 9.26 43.47 95.73
C GLU R 217 8.70 44.58 96.59
N ALA R 218 9.53 45.59 96.84
CA ALA R 218 9.20 46.76 97.63
C ALA R 218 8.12 47.63 97.02
N GLY R 219 7.84 47.46 95.73
CA GLY R 219 6.87 48.28 95.03
C GLY R 219 7.46 49.59 94.51
N ALA R 220 8.79 49.73 94.60
CA ALA R 220 9.48 50.93 94.15
C ALA R 220 9.48 51.01 92.63
N LEU R 221 9.62 49.82 92.04
CA LEU R 221 9.68 49.61 90.61
C LEU R 221 8.61 48.65 90.16
N VAL R 222 7.84 49.04 89.16
CA VAL R 222 6.76 48.18 88.72
C VAL R 222 6.84 47.78 87.25
N GLU R 223 6.65 46.50 87.00
CA GLU R 223 6.67 45.97 85.66
C GLU R 223 5.66 46.72 84.83
N ILE R 224 6.07 47.10 83.64
CA ILE R 224 5.20 47.85 82.79
C ILE R 224 5.39 47.52 81.32
N ALA R 225 4.31 47.71 80.58
CA ALA R 225 4.25 47.52 79.14
C ALA R 225 3.31 48.57 78.66
N GLU R 226 3.39 48.92 77.39
CA GLU R 226 2.55 49.96 76.83
C GLU R 226 2.77 50.09 75.34
N GLY R 227 1.69 50.42 74.63
CA GLY R 227 1.69 50.57 73.18
C GLY R 227 2.20 51.93 72.76
N MET R 228 2.37 52.10 71.48
CA MET R 228 2.85 53.34 70.90
C MET R 228 1.72 54.31 70.70
N ALA R 229 1.97 55.59 70.92
CA ALA R 229 0.88 56.47 70.63
C ALA R 229 0.53 56.33 69.17
N THR R 230 -0.76 56.28 68.87
CA THR R 230 -1.17 56.13 67.49
C THR R 230 -0.77 57.38 66.73
N SER R 231 -0.76 58.48 67.48
CA SER R 231 -0.42 59.79 67.02
C SER R 231 1.01 59.89 66.51
N ILE R 232 1.86 58.95 66.90
CA ILE R 232 3.22 58.96 66.46
C ILE R 232 3.34 57.91 65.38
N ALA R 233 2.78 56.73 65.65
CA ALA R 233 2.90 55.59 64.76
C ALA R 233 2.36 55.92 63.37
N GLU R 234 1.33 56.77 63.32
CA GLU R 234 0.73 57.17 62.07
C GLU R 234 1.78 57.64 61.07
N LEU R 235 2.85 58.31 61.52
CA LEU R 235 3.80 58.85 60.56
C LEU R 235 5.17 58.18 60.55
N GLN R 236 5.26 56.93 60.95
CA GLN R 236 6.56 56.26 60.96
C GLN R 236 7.21 56.12 59.60
N GLU R 237 8.54 55.94 59.66
CA GLU R 237 9.44 55.78 58.53
C GLU R 237 9.47 57.00 57.61
N GLY R 238 9.47 58.19 58.22
CA GLY R 238 9.56 59.45 57.52
C GLY R 238 8.32 59.87 56.75
N PHE R 239 7.15 59.43 57.17
CA PHE R 239 5.98 59.78 56.42
C PHE R 239 5.72 61.27 56.57
N ASN R 240 5.28 61.91 55.49
CA ASN R 240 4.88 63.30 55.52
C ASN R 240 5.91 64.27 56.08
N GLY R 241 7.17 64.08 55.71
CA GLY R 241 8.22 64.99 56.12
C GLY R 241 8.80 64.73 57.49
N SER R 242 8.29 63.74 58.19
CA SER R 242 8.81 63.41 59.49
C SER R 242 10.11 62.68 59.28
N THR R 243 10.85 62.46 60.34
CA THR R 243 12.07 61.68 60.20
C THR R 243 12.49 60.98 61.45
N ASP R 244 13.58 60.23 61.32
CA ASP R 244 14.19 59.48 62.41
C ASP R 244 13.19 58.67 63.21
N ASN R 245 12.25 58.04 62.53
CA ASN R 245 11.23 57.28 63.19
C ASN R 245 10.90 55.93 62.57
N PRO R 246 11.88 55.06 62.36
CA PRO R 246 11.73 53.77 61.75
C PRO R 246 11.01 52.79 62.64
N TRP R 247 10.45 51.76 62.04
CA TRP R 247 9.86 50.66 62.78
C TRP R 247 10.88 49.75 63.40
N ASN R 248 10.50 49.11 64.48
CA ASN R 248 11.32 48.04 65.01
C ASN R 248 11.10 46.83 64.14
N GLU R 249 12.10 45.96 64.10
CA GLU R 249 12.01 44.81 63.22
C GLU R 249 12.69 43.56 63.71
N MET R 250 12.22 42.44 63.16
CA MET R 250 12.78 41.15 63.51
C MET R 250 12.79 40.12 62.40
N GLY R 251 13.76 39.23 62.50
CA GLY R 251 13.93 38.12 61.59
C GLY R 251 14.16 36.86 62.38
N PHE R 252 15.04 36.01 61.87
CA PHE R 252 15.30 34.70 62.54
C PHE R 252 16.53 34.08 61.90
N ARG R 253 17.39 33.46 62.71
CA ARG R 253 18.66 32.89 62.20
C ARG R 253 18.60 31.36 62.24
N ILE R 254 18.86 30.72 61.09
CA ILE R 254 18.87 29.28 61.02
C ILE R 254 20.31 28.87 61.16
N ASP R 255 20.56 27.92 62.04
CA ASP R 255 21.91 27.49 62.29
C ASP R 255 22.02 25.98 62.17
N LYS R 256 23.24 25.45 62.32
CA LYS R 256 23.42 24.00 62.20
C LYS R 256 24.30 23.33 63.26
N GLN R 257 23.98 22.06 63.52
CA GLN R 257 24.84 21.24 64.36
C GLN R 257 25.17 19.96 63.65
N VAL R 258 26.33 19.40 63.97
CA VAL R 258 26.75 18.16 63.33
C VAL R 258 27.23 17.02 64.24
N ILE R 259 27.22 15.79 63.71
CA ILE R 259 27.72 14.63 64.45
C ILE R 259 28.68 13.77 63.64
N GLU R 260 29.29 12.79 64.30
CA GLU R 260 30.16 11.82 63.64
C GLU R 260 29.69 10.42 63.92
N ALA R 261 29.74 9.54 62.92
CA ALA R 261 29.22 8.20 63.09
C ALA R 261 30.21 7.23 63.69
N LYS R 262 30.47 7.40 64.97
CA LYS R 262 31.45 6.58 65.68
C LYS R 262 31.03 5.11 65.72
N SER R 263 32.03 4.22 65.73
CA SER R 263 31.75 2.77 65.72
C SER R 263 31.82 2.01 67.04
N ARG R 264 31.26 0.81 67.00
CA ARG R 264 31.30 -0.13 68.11
C ARG R 264 31.32 -1.55 67.55
N GLN R 265 32.28 -2.37 67.99
CA GLN R 265 32.37 -3.71 67.39
C GLN R 265 33.09 -4.80 68.19
N LEU R 266 32.52 -6.01 68.13
CA LEU R 266 33.08 -7.20 68.81
C LEU R 266 33.41 -8.42 67.97
N LYS R 267 34.46 -9.13 68.41
CA LYS R 267 34.95 -10.38 67.82
C LYS R 267 34.53 -11.61 68.65
N ALA R 268 34.14 -12.68 67.95
CA ALA R 268 33.78 -13.94 68.61
C ALA R 268 34.99 -14.84 68.86
N ALA R 269 35.86 -14.99 67.86
CA ALA R 269 37.08 -15.81 68.02
C ALA R 269 36.85 -17.24 68.54
N TYR R 270 36.09 -18.05 67.80
CA TYR R 270 35.77 -19.40 68.34
C TYR R 270 36.27 -20.53 67.44
N SER R 271 36.50 -21.69 68.07
CA SER R 271 36.92 -22.92 67.41
C SER R 271 35.81 -23.80 66.85
N ILE R 272 36.18 -25.02 66.47
CA ILE R 272 35.25 -25.95 65.85
C ILE R 272 34.79 -27.08 66.74
N GLU R 273 35.79 -27.80 67.26
CA GLU R 273 35.57 -29.01 68.11
C GLU R 273 34.73 -28.64 69.34
N LEU R 274 34.89 -27.42 69.86
CA LEU R 274 34.15 -27.03 71.02
C LEU R 274 32.69 -27.15 70.74
N ALA R 275 32.22 -26.52 69.67
CA ALA R 275 30.82 -26.58 69.32
C ALA R 275 30.37 -28.00 69.05
N GLN R 276 31.22 -28.79 68.42
CA GLN R 276 30.78 -30.15 68.12
C GLN R 276 30.44 -30.88 69.40
N ASP R 277 31.26 -30.68 70.42
CA ASP R 277 31.05 -31.32 71.70
C ASP R 277 29.97 -30.62 72.49
N LEU R 278 29.85 -29.32 72.38
CA LEU R 278 28.81 -28.65 73.15
C LEU R 278 27.46 -29.16 72.72
N ARG R 279 27.32 -29.39 71.42
CA ARG R 279 26.09 -29.91 70.93
C ARG R 279 25.93 -31.35 71.39
N ALA R 280 26.90 -32.20 71.08
CA ALA R 280 26.73 -33.60 71.46
C ALA R 280 26.50 -33.82 72.96
N VAL R 281 27.15 -33.01 73.78
CA VAL R 281 27.07 -33.18 75.20
C VAL R 281 25.94 -32.39 75.86
N HIS R 282 25.82 -31.10 75.58
CA HIS R 282 24.84 -30.28 76.27
C HIS R 282 23.65 -29.80 75.41
N GLY R 283 23.56 -30.19 74.14
CA GLY R 283 22.44 -29.76 73.33
C GLY R 283 22.57 -28.32 72.83
N MET R 284 23.78 -27.77 72.83
CA MET R 284 23.92 -26.40 72.38
C MET R 284 25.07 -26.29 71.42
N ASP R 285 24.86 -25.64 70.27
CA ASP R 285 25.97 -25.46 69.35
C ASP R 285 26.81 -24.33 69.88
N ALA R 286 26.11 -23.41 70.49
CA ALA R 286 26.57 -22.18 71.08
C ALA R 286 27.26 -21.23 70.11
N ASP R 287 27.10 -21.37 68.80
CA ASP R 287 27.66 -20.34 67.95
C ASP R 287 26.63 -19.26 68.06
N ALA R 288 25.38 -19.70 68.09
CA ALA R 288 24.27 -18.80 68.23
C ALA R 288 24.37 -18.07 69.55
N GLU R 289 24.83 -18.78 70.58
CA GLU R 289 24.95 -18.18 71.89
C GLU R 289 26.02 -17.14 71.87
N LEU R 290 27.14 -17.42 71.21
CA LEU R 290 28.16 -16.41 71.15
C LEU R 290 27.62 -15.20 70.45
N SER R 291 26.86 -15.43 69.38
CA SER R 291 26.31 -14.35 68.63
C SER R 291 25.45 -13.51 69.55
N GLY R 292 24.61 -14.20 70.31
CA GLY R 292 23.73 -13.60 71.28
C GLY R 292 24.52 -12.74 72.24
N ILE R 293 25.56 -13.29 72.84
CA ILE R 293 26.32 -12.57 73.82
C ILE R 293 26.88 -11.31 73.24
N LEU R 294 27.48 -11.40 72.07
CA LEU R 294 28.07 -10.21 71.51
C LEU R 294 27.03 -9.15 71.24
N ALA R 295 25.97 -9.53 70.53
CA ALA R 295 24.95 -8.56 70.20
C ALA R 295 24.32 -7.98 71.44
N THR R 296 24.14 -8.82 72.46
CA THR R 296 23.55 -8.41 73.70
C THR R 296 24.36 -7.33 74.32
N GLU R 297 25.67 -7.60 74.43
CA GLU R 297 26.65 -6.66 75.03
C GLU R 297 26.62 -5.33 74.27
N ILE R 298 26.45 -5.35 72.95
CA ILE R 298 26.43 -4.10 72.24
C ILE R 298 25.20 -3.32 72.64
N MET R 299 24.06 -3.98 72.67
CA MET R 299 22.88 -3.27 73.08
C MET R 299 22.93 -2.78 74.52
N LEU R 300 23.54 -3.56 75.42
CA LEU R 300 23.60 -3.14 76.80
C LEU R 300 24.39 -1.86 76.90
N GLU R 301 25.46 -1.82 76.12
CA GLU R 301 26.35 -0.71 76.12
C GLU R 301 25.66 0.54 75.64
N ILE R 302 24.84 0.42 74.60
CA ILE R 302 24.14 1.58 74.11
C ILE R 302 23.18 2.06 75.16
N ASN R 303 22.46 1.12 75.79
CA ASN R 303 21.53 1.53 76.81
C ASN R 303 22.24 2.41 77.80
N ARG R 304 23.42 1.98 78.23
CA ARG R 304 24.13 2.81 79.17
C ARG R 304 24.58 4.10 78.55
N GLU R 305 25.06 4.11 77.32
CA GLU R 305 25.47 5.41 76.82
C GLU R 305 24.34 6.39 76.87
N VAL R 306 23.14 5.96 76.55
CA VAL R 306 22.06 6.89 76.56
C VAL R 306 21.87 7.41 77.98
N VAL R 307 21.82 6.51 78.94
CA VAL R 307 21.58 6.93 80.30
C VAL R 307 22.69 7.80 80.87
N ASP R 308 23.90 7.37 80.65
CA ASP R 308 25.05 8.03 81.17
C ASP R 308 25.21 9.41 80.55
N TRP R 309 24.93 9.54 79.25
CA TRP R 309 25.05 10.84 78.66
C TRP R 309 23.99 11.75 79.23
N ILE R 310 22.82 11.21 79.50
CA ILE R 310 21.83 12.05 80.10
C ILE R 310 22.27 12.52 81.46
N ASN R 311 22.76 11.62 82.28
CA ASN R 311 23.12 12.06 83.60
C ASN R 311 24.23 13.10 83.59
N TYR R 312 25.17 12.95 82.65
CA TYR R 312 26.29 13.85 82.43
C TYR R 312 25.76 15.23 82.11
N SER R 313 24.87 15.27 81.14
CA SER R 313 24.31 16.50 80.65
C SER R 313 23.14 17.07 81.43
N ALA R 314 22.48 16.27 82.27
CA ALA R 314 21.32 16.78 83.00
C ALA R 314 21.70 17.94 83.88
N GLN R 315 20.76 18.86 84.03
CA GLN R 315 20.97 20.04 84.85
C GLN R 315 20.88 19.65 86.30
N VAL R 316 21.47 20.46 87.15
CA VAL R 316 21.38 20.16 88.56
C VAL R 316 20.01 20.57 89.09
N GLY R 317 19.32 19.64 89.74
CA GLY R 317 18.01 19.98 90.28
C GLY R 317 18.18 20.64 91.64
N LYS R 318 17.09 20.92 92.35
CA LYS R 318 17.17 21.58 93.65
C LYS R 318 18.10 22.76 93.59
N SER R 319 17.91 23.56 92.56
CA SER R 319 18.75 24.69 92.29
C SER R 319 18.01 25.78 91.54
N GLY R 320 18.36 27.02 91.82
CA GLY R 320 17.72 28.14 91.14
C GLY R 320 16.25 28.15 91.51
N MET R 321 15.37 28.09 90.53
CA MET R 321 13.95 28.14 90.83
C MET R 321 13.40 26.90 91.50
N THR R 322 14.24 25.85 91.63
CA THR R 322 13.77 24.66 92.28
C THR R 322 14.37 24.46 93.68
N LEU R 323 15.12 25.44 94.19
CA LEU R 323 15.66 25.30 95.55
C LEU R 323 14.82 26.07 96.55
N THR R 324 15.07 25.81 97.81
CA THR R 324 14.49 26.60 98.87
C THR R 324 15.70 27.22 99.54
N PRO R 325 15.58 28.39 100.20
CA PRO R 325 16.67 29.10 100.85
C PRO R 325 17.57 28.29 101.78
N GLY R 326 17.02 27.30 102.48
CA GLY R 326 17.84 26.53 103.40
C GLY R 326 18.42 25.24 102.83
N SER R 327 18.29 25.05 101.51
CA SER R 327 18.70 23.80 100.87
C SER R 327 20.18 23.61 100.72
N LYS R 328 20.53 22.42 100.24
CA LYS R 328 21.89 22.01 99.97
C LYS R 328 22.25 22.11 98.48
N ALA R 329 21.42 22.84 97.71
CA ALA R 329 21.68 23.10 96.30
C ALA R 329 21.97 21.89 95.40
N GLY R 330 21.08 20.91 95.37
CA GLY R 330 21.27 19.77 94.46
C GLY R 330 21.11 18.36 95.04
N VAL R 331 20.92 18.26 96.33
CA VAL R 331 20.74 16.97 96.96
C VAL R 331 19.56 16.97 97.88
N PHE R 332 18.79 15.92 97.83
CA PHE R 332 17.65 15.77 98.71
C PHE R 332 18.12 15.07 99.94
N ASP R 333 17.82 15.62 101.11
CA ASP R 333 18.24 14.96 102.32
C ASP R 333 17.06 14.62 103.16
N PHE R 334 16.72 13.35 103.19
CA PHE R 334 15.55 12.86 103.89
C PHE R 334 15.59 13.18 105.38
N GLN R 335 16.78 13.40 105.93
CA GLN R 335 16.92 13.67 107.34
C GLN R 335 16.91 15.17 107.65
N ASP R 336 16.85 15.99 106.61
CA ASP R 336 16.92 17.43 106.73
C ASP R 336 15.53 18.07 106.60
N PRO R 337 14.97 18.70 107.65
CA PRO R 337 13.62 19.21 107.69
C PRO R 337 13.37 20.23 106.61
N ILE R 338 14.41 20.84 106.09
CA ILE R 338 14.17 21.82 105.07
C ILE R 338 13.49 21.22 103.87
N ASP R 339 13.94 20.04 103.49
CA ASP R 339 13.46 19.43 102.26
C ASP R 339 12.12 18.79 102.39
N ILE R 340 11.62 18.75 103.59
CA ILE R 340 10.35 18.13 103.80
C ILE R 340 9.44 19.12 104.48
N ARG R 341 9.80 20.39 104.46
CA ARG R 341 8.98 21.42 105.06
C ARG R 341 8.61 21.11 106.51
N GLY R 342 9.59 20.61 107.27
CA GLY R 342 9.40 20.33 108.68
C GLY R 342 8.53 19.11 108.96
N ALA R 343 8.28 18.31 107.94
CA ALA R 343 7.42 17.17 108.09
C ALA R 343 7.90 16.17 109.11
N ARG R 344 6.91 15.52 109.65
CA ARG R 344 7.00 14.42 110.54
C ARG R 344 7.45 13.27 109.67
N TRP R 345 7.36 12.08 110.21
CA TRP R 345 7.86 10.86 109.62
C TRP R 345 7.49 10.58 108.17
N ALA R 346 8.06 9.46 107.70
CA ALA R 346 7.98 8.94 106.34
C ALA R 346 6.59 8.91 105.74
N GLY R 347 5.55 8.67 106.53
CA GLY R 347 4.19 8.62 106.00
C GLY R 347 3.84 9.91 105.23
N GLU R 348 4.59 10.96 105.55
CA GLU R 348 4.41 12.30 104.94
C GLU R 348 5.73 12.76 104.29
N SER R 349 6.88 12.45 104.91
CA SER R 349 8.13 12.89 104.31
C SER R 349 8.48 12.14 103.03
N PHE R 350 7.91 10.97 102.79
CA PHE R 350 8.14 10.35 101.51
C PHE R 350 7.45 11.19 100.42
N LYS R 351 6.27 11.75 100.74
CA LYS R 351 5.52 12.53 99.77
C LYS R 351 6.32 13.75 99.38
N ALA R 352 7.07 14.24 100.34
CA ALA R 352 7.90 15.40 100.07
C ALA R 352 8.86 15.13 98.91
N LEU R 353 9.35 13.90 98.76
CA LEU R 353 10.24 13.64 97.66
C LEU R 353 9.43 13.76 96.40
N LEU R 354 8.21 13.24 96.43
CA LEU R 354 7.38 13.27 95.23
C LEU R 354 7.17 14.71 94.82
N PHE R 355 6.94 15.55 95.81
CA PHE R 355 6.71 16.96 95.58
C PHE R 355 7.89 17.58 94.87
N GLN R 356 9.07 17.35 95.40
CA GLN R 356 10.25 17.91 94.77
C GLN R 356 10.41 17.42 93.35
N ILE R 357 10.09 16.17 93.10
CA ILE R 357 10.23 15.65 91.75
C ILE R 357 9.34 16.43 90.85
N ASP R 358 8.09 16.62 91.27
CA ASP R 358 7.17 17.39 90.47
C ASP R 358 7.69 18.80 90.25
N LYS R 359 8.27 19.40 91.29
CA LYS R 359 8.75 20.76 91.13
C LYS R 359 9.79 20.82 90.01
N GLU R 360 10.66 19.81 89.99
CA GLU R 360 11.73 19.73 88.96
C GLU R 360 11.11 19.52 87.58
N ALA R 361 10.02 18.76 87.51
CA ALA R 361 9.33 18.49 86.25
C ALA R 361 8.74 19.78 85.69
N VAL R 362 8.26 20.63 86.59
CA VAL R 362 7.70 21.90 86.23
C VAL R 362 8.79 22.77 85.64
N GLU R 363 9.94 22.82 86.30
CA GLU R 363 11.04 23.59 85.78
C GLU R 363 11.44 23.08 84.43
N ILE R 364 11.36 21.77 84.20
CA ILE R 364 11.73 21.28 82.89
C ILE R 364 10.85 21.92 81.86
N ALA R 365 9.55 22.00 82.10
CA ALA R 365 8.75 22.68 81.09
C ALA R 365 9.28 24.08 80.85
N ARG R 366 9.64 24.77 81.91
CA ARG R 366 10.18 26.10 81.69
C ARG R 366 11.47 26.06 80.86
N GLN R 367 12.36 25.16 81.20
CA GLN R 367 13.63 25.06 80.52
C GLN R 367 13.55 24.67 79.06
N THR R 368 12.60 23.81 78.65
CA THR R 368 12.59 23.44 77.23
C THR R 368 11.58 24.21 76.43
N GLY R 369 10.49 24.64 77.06
CA GLY R 369 9.45 25.35 76.37
C GLY R 369 8.52 24.42 75.60
N ARG R 370 8.73 23.11 75.73
CA ARG R 370 7.94 22.19 74.96
C ARG R 370 7.04 21.31 75.81
N GLY R 371 7.45 21.04 77.02
CA GLY R 371 6.64 20.19 77.87
C GLY R 371 7.36 19.84 79.13
N GLU R 372 6.57 19.46 80.11
CA GLU R 372 7.00 19.10 81.44
C GLU R 372 7.57 17.74 81.49
N GLY R 373 8.37 17.48 82.51
CA GLY R 373 8.93 16.15 82.64
C GLY R 373 7.82 15.11 82.58
N ASN R 374 8.13 13.96 81.98
CA ASN R 374 7.16 12.89 81.85
C ASN R 374 7.75 11.50 82.10
N PHE R 375 8.99 11.45 82.56
CA PHE R 375 9.60 10.20 82.96
C PHE R 375 10.61 10.43 84.04
N ILE R 376 10.85 9.39 84.80
CA ILE R 376 11.81 9.37 85.88
C ILE R 376 12.68 8.13 85.82
N ILE R 377 13.98 8.30 85.89
CA ILE R 377 14.84 7.15 85.94
C ILE R 377 15.52 7.24 87.29
N ALA R 378 15.44 6.21 88.10
CA ALA R 378 15.99 6.38 89.43
C ALA R 378 16.49 5.14 90.11
N SER R 379 17.30 5.35 91.14
CA SER R 379 17.75 4.28 91.99
C SER R 379 16.60 3.45 92.46
N ARG R 380 16.87 2.16 92.62
CA ARG R 380 15.85 1.24 93.04
C ARG R 380 15.27 1.69 94.35
N ASN R 381 16.07 2.36 95.16
CA ASN R 381 15.65 2.78 96.47
C ASN R 381 14.61 3.86 96.36
N VAL R 382 14.70 4.69 95.33
CA VAL R 382 13.74 5.74 95.14
C VAL R 382 12.45 5.09 94.78
N VAL R 383 12.56 4.10 93.91
CA VAL R 383 11.41 3.38 93.46
C VAL R 383 10.77 2.66 94.62
N ASN R 384 11.58 2.05 95.48
CA ASN R 384 11.02 1.34 96.61
C ASN R 384 10.19 2.30 97.43
N VAL R 385 10.67 3.53 97.56
CA VAL R 385 9.88 4.52 98.25
C VAL R 385 8.63 4.85 97.46
N LEU R 386 8.73 5.08 96.16
CA LEU R 386 7.55 5.49 95.42
C LEU R 386 6.47 4.42 95.52
N ALA R 387 6.88 3.18 95.48
CA ALA R 387 5.97 2.06 95.46
C ALA R 387 5.34 1.74 96.80
N SER R 388 5.85 2.38 97.86
CA SER R 388 5.43 2.11 99.21
C SER R 388 4.76 3.30 99.85
N VAL R 389 4.51 4.35 99.07
CA VAL R 389 3.90 5.54 99.64
C VAL R 389 2.63 5.81 98.90
N ASP R 390 1.66 6.37 99.57
CA ASP R 390 0.49 6.70 98.83
C ASP R 390 0.79 7.97 98.04
N THR R 391 0.88 7.83 96.73
CA THR R 391 1.25 8.93 95.87
C THR R 391 0.04 9.80 95.52
N GLY R 392 -1.15 9.36 95.90
CA GLY R 392 -2.32 10.15 95.57
C GLY R 392 -2.46 11.26 96.57
N ILE R 393 -3.43 12.13 96.38
CA ILE R 393 -3.59 13.20 97.33
C ILE R 393 -4.39 12.69 98.47
N SER R 394 -3.73 12.53 99.59
CA SER R 394 -4.35 11.89 100.72
C SER R 394 -3.77 12.33 102.03
N TYR R 395 -4.37 11.86 103.11
CA TYR R 395 -3.96 12.26 104.46
C TYR R 395 -2.49 12.02 104.76
N ALA R 396 -2.07 10.77 104.71
CA ALA R 396 -0.69 10.33 104.91
C ALA R 396 -0.76 8.85 104.74
N ALA R 397 0.29 8.19 104.25
CA ALA R 397 0.25 6.72 104.25
C ALA R 397 1.51 6.09 103.70
N GLN R 398 1.79 4.88 104.18
CA GLN R 398 2.85 4.05 103.62
C GLN R 398 2.61 2.59 103.99
N GLY R 399 3.31 1.68 103.30
CA GLY R 399 3.22 0.24 103.57
C GLY R 399 4.18 -0.53 102.70
N LEU R 400 3.90 -1.80 102.43
CA LEU R 400 4.80 -2.58 101.59
C LEU R 400 4.69 -2.10 100.18
N ALA R 401 5.78 -2.19 99.45
CA ALA R 401 5.83 -1.74 98.07
C ALA R 401 5.01 -2.60 97.13
N THR R 402 4.05 -1.97 96.45
CA THR R 402 3.21 -2.67 95.48
C THR R 402 3.00 -1.80 94.27
N GLY R 403 3.20 -0.50 94.46
CA GLY R 403 2.87 0.49 93.42
C GLY R 403 3.61 0.34 92.10
N PHE R 404 4.86 -0.06 92.17
CA PHE R 404 5.70 -0.20 91.00
C PHE R 404 6.46 -1.50 91.09
N SER R 405 6.87 -2.04 89.96
CA SER R 405 7.77 -3.16 90.04
C SER R 405 9.10 -2.70 90.55
N THR R 406 9.70 -3.49 91.39
CA THR R 406 11.02 -3.25 91.91
C THR R 406 11.98 -4.29 91.39
N ASP R 407 11.45 -5.22 90.60
CA ASP R 407 12.26 -6.34 90.17
C ASP R 407 12.89 -6.16 88.80
N THR R 408 14.19 -5.89 88.79
CA THR R 408 14.96 -5.61 87.60
C THR R 408 15.14 -6.85 86.75
N THR R 409 14.75 -7.98 87.32
CA THR R 409 14.82 -9.23 86.63
C THR R 409 13.87 -9.19 85.47
N LYS R 410 12.70 -8.61 85.69
CA LYS R 410 11.69 -8.67 84.67
C LYS R 410 11.68 -7.45 83.80
N SER R 411 11.99 -6.30 84.36
CA SER R 411 11.99 -5.10 83.53
C SER R 411 12.88 -4.03 84.09
N VAL R 412 12.70 -2.85 83.55
CA VAL R 412 13.44 -1.67 83.95
C VAL R 412 12.34 -0.75 84.30
N PHE R 413 11.27 -0.91 83.54
CA PHE R 413 10.11 -0.07 83.69
C PHE R 413 9.37 -0.54 84.90
N ALA R 414 9.25 0.34 85.85
CA ALA R 414 8.65 0.02 87.11
C ALA R 414 7.15 0.28 87.09
N GLY R 415 6.76 1.34 86.40
CA GLY R 415 5.35 1.72 86.35
C GLY R 415 5.15 3.19 86.10
N VAL R 416 3.92 3.68 86.25
CA VAL R 416 3.68 5.10 85.97
C VAL R 416 3.24 5.85 87.23
N LEU R 417 3.99 6.86 87.61
CA LEU R 417 3.74 7.56 88.85
C LEU R 417 2.59 8.49 88.74
N GLY R 418 1.50 8.12 89.41
CA GLY R 418 0.26 8.87 89.41
C GLY R 418 -0.43 8.80 88.09
N GLY R 419 0.03 7.92 87.22
CA GLY R 419 -0.51 7.88 85.89
C GLY R 419 0.13 9.00 85.05
N LYS R 420 1.13 9.68 85.63
CA LYS R 420 1.76 10.85 84.95
C LYS R 420 3.20 10.58 84.50
N TYR R 421 4.08 10.03 85.35
CA TYR R 421 5.49 9.90 84.91
C TYR R 421 5.90 8.44 84.72
N ARG R 422 6.59 8.13 83.62
CA ARG R 422 7.08 6.77 83.44
C ARG R 422 8.33 6.54 84.26
N VAL R 423 8.23 5.65 85.24
CA VAL R 423 9.30 5.37 86.17
C VAL R 423 10.09 4.15 85.79
N TYR R 424 11.40 4.34 85.72
CA TYR R 424 12.36 3.34 85.39
C TYR R 424 13.42 3.18 86.48
N ILE R 425 14.04 2.01 86.55
CA ILE R 425 15.08 1.75 87.53
C ILE R 425 16.49 1.86 86.96
N ASP R 426 17.33 2.69 87.59
CA ASP R 426 18.74 2.76 87.17
C ASP R 426 19.47 1.76 88.04
N GLN R 427 19.72 0.58 87.52
CA GLN R 427 20.26 -0.49 88.33
C GLN R 427 21.73 -0.28 88.63
N TYR R 428 22.33 0.71 88.00
CA TYR R 428 23.73 0.97 88.22
C TYR R 428 23.97 2.27 88.91
N ALA R 429 22.96 2.82 89.58
CA ALA R 429 23.21 4.05 90.29
C ALA R 429 24.40 3.82 91.20
N LYS R 430 25.33 4.75 91.25
CA LYS R 430 26.50 4.52 92.09
C LYS R 430 26.23 4.88 93.53
N GLN R 431 25.39 5.87 93.77
CA GLN R 431 25.09 6.23 95.13
C GLN R 431 23.62 5.99 95.38
N ASP R 432 22.82 6.98 95.02
CA ASP R 432 21.38 6.95 95.09
C ASP R 432 20.93 8.30 94.55
N TYR R 433 20.18 8.29 93.48
CA TYR R 433 19.77 9.51 92.79
C TYR R 433 18.60 9.26 91.90
N PHE R 434 18.05 10.35 91.37
CA PHE R 434 17.08 10.21 90.30
C PHE R 434 17.25 11.31 89.29
N THR R 435 16.80 11.00 88.09
CA THR R 435 16.78 11.97 87.03
C THR R 435 15.38 12.05 86.50
N VAL R 436 14.90 13.25 86.33
CA VAL R 436 13.59 13.46 85.79
C VAL R 436 13.78 14.19 84.48
N GLY R 437 12.99 13.81 83.49
CA GLY R 437 13.16 14.44 82.22
C GLY R 437 11.92 14.42 81.35
N TYR R 438 12.05 15.07 80.20
CA TYR R 438 10.98 15.18 79.25
C TYR R 438 11.30 14.65 77.88
N LYS R 439 10.36 13.91 77.34
CA LYS R 439 10.44 13.44 75.98
C LYS R 439 9.12 13.72 75.27
N GLY R 440 9.18 14.42 74.15
CA GLY R 440 7.97 14.75 73.44
C GLY R 440 7.57 13.64 72.47
N PRO R 441 6.42 13.78 71.80
CA PRO R 441 5.86 12.87 70.81
C PRO R 441 6.69 12.78 69.53
N ASN R 442 7.51 13.79 69.29
CA ASN R 442 8.35 13.83 68.11
C ASN R 442 9.72 13.30 68.45
N GLU R 443 10.57 13.21 67.43
CA GLU R 443 11.97 12.75 67.58
C GLU R 443 12.87 13.98 67.75
N MET R 444 12.39 15.13 67.28
CA MET R 444 13.16 16.36 67.42
C MET R 444 13.09 16.84 68.85
N ASP R 445 11.95 16.64 69.47
CA ASP R 445 11.75 17.08 70.84
C ASP R 445 12.25 16.01 71.81
N ALA R 446 13.56 15.78 71.80
CA ALA R 446 14.16 14.70 72.57
C ALA R 446 15.24 15.08 73.56
N GLY R 447 15.96 16.15 73.28
CA GLY R 447 17.13 16.47 74.10
C GLY R 447 18.33 15.62 73.66
N ILE R 448 18.18 14.32 73.78
CA ILE R 448 19.20 13.37 73.41
C ILE R 448 18.79 12.62 72.16
N TYR R 449 19.75 12.46 71.27
CA TYR R 449 19.57 11.73 70.03
C TYR R 449 20.53 10.58 69.80
N TYR R 450 20.02 9.54 69.14
CA TYR R 450 20.78 8.37 68.68
C TYR R 450 20.31 7.99 67.29
N ALA R 451 21.07 8.38 66.26
CA ALA R 451 20.72 8.03 64.86
C ALA R 451 21.59 6.83 64.50
N PRO R 452 21.10 5.57 64.62
CA PRO R 452 22.00 4.46 64.48
C PRO R 452 22.67 4.19 63.16
N TYR R 453 22.03 4.41 62.01
CA TYR R 453 22.60 4.23 60.65
C TYR R 453 23.15 2.83 60.25
N VAL R 454 23.86 2.17 61.16
CA VAL R 454 24.35 0.81 61.09
C VAL R 454 24.20 0.19 62.45
N ALA R 455 23.58 -0.97 62.58
CA ALA R 455 23.58 -1.54 63.92
C ALA R 455 23.49 -3.03 63.93
N LEU R 456 24.24 -3.61 64.85
CA LEU R 456 24.24 -5.04 65.11
C LEU R 456 24.31 -5.85 63.85
N THR R 457 25.16 -5.44 62.93
CA THR R 457 25.28 -6.17 61.70
C THR R 457 26.26 -7.29 61.91
N PRO R 458 25.88 -8.55 61.68
CA PRO R 458 26.73 -9.69 61.87
C PRO R 458 27.76 -9.81 60.79
N LEU R 459 28.86 -10.41 61.16
CA LEU R 459 29.93 -10.85 60.31
C LEU R 459 30.04 -12.32 60.46
N ARG R 460 30.15 -13.03 59.35
CA ARG R 460 30.37 -14.46 59.41
C ARG R 460 31.40 -14.85 58.39
N GLY R 461 32.23 -15.83 58.76
CA GLY R 461 33.25 -16.38 57.88
C GLY R 461 34.18 -17.27 58.66
N SER R 462 35.42 -17.34 58.20
CA SER R 462 36.46 -18.15 58.80
C SER R 462 37.79 -17.59 58.35
N ASP R 463 38.86 -17.96 59.03
CA ASP R 463 40.18 -17.59 58.54
C ASP R 463 40.83 -18.86 58.04
N PRO R 464 40.86 -19.08 56.70
CA PRO R 464 41.25 -20.29 56.01
C PRO R 464 42.69 -20.66 56.26
N LYS R 465 43.47 -19.74 56.80
CA LYS R 465 44.82 -20.12 57.08
C LYS R 465 44.82 -21.27 58.08
N ASN R 466 43.86 -21.27 59.02
CA ASN R 466 43.82 -22.30 60.04
C ASN R 466 42.41 -22.81 60.10
N PHE R 467 41.62 -22.16 59.28
CA PHE R 467 40.21 -22.38 59.04
C PHE R 467 39.37 -22.32 60.28
N GLN R 468 39.71 -21.48 61.22
CA GLN R 468 38.83 -21.44 62.35
C GLN R 468 37.74 -20.41 62.08
N PRO R 469 36.53 -20.59 62.62
CA PRO R 469 35.39 -19.71 62.48
C PRO R 469 35.63 -18.26 62.87
N VAL R 470 35.02 -17.38 62.10
CA VAL R 470 35.03 -15.95 62.27
C VAL R 470 33.62 -15.46 62.38
N MET R 471 33.38 -14.71 63.42
CA MET R 471 32.08 -14.17 63.65
C MET R 471 32.23 -12.92 64.47
N GLY R 472 31.31 -11.99 64.30
CA GLY R 472 31.28 -10.78 65.10
C GLY R 472 30.14 -9.84 64.71
N PHE R 473 30.04 -8.72 65.41
CA PHE R 473 28.94 -7.76 65.12
C PHE R 473 29.45 -6.32 65.17
N LYS R 474 28.97 -5.50 64.23
CA LYS R 474 29.35 -4.09 64.17
C LYS R 474 28.18 -3.13 64.17
N THR R 475 28.44 -1.98 64.77
CA THR R 475 27.53 -0.86 64.86
C THR R 475 28.29 0.44 64.54
N ARG R 476 27.64 1.39 63.86
CA ARG R 476 28.25 2.68 63.56
C ARG R 476 27.18 3.73 63.54
N TYR R 477 27.25 4.75 64.42
CA TYR R 477 26.08 5.67 64.40
C TYR R 477 26.35 7.15 64.70
N GLY R 478 26.80 7.51 65.91
CA GLY R 478 26.82 8.92 66.26
C GLY R 478 25.58 9.30 67.08
N ILE R 479 25.80 10.20 68.04
CA ILE R 479 24.77 10.71 68.95
C ILE R 479 24.86 12.21 69.08
N GLY R 480 23.85 12.81 69.70
CA GLY R 480 23.97 14.24 69.94
C GLY R 480 22.94 14.96 70.82
N ILE R 481 23.15 16.27 70.87
CA ILE R 481 22.45 17.24 71.68
C ILE R 481 21.48 18.11 70.92
N ASN R 482 20.27 18.15 71.39
CA ASN R 482 19.27 18.98 70.77
C ASN R 482 19.69 20.44 70.71
N PRO R 483 19.59 21.09 69.56
CA PRO R 483 19.85 22.48 69.42
C PRO R 483 18.96 23.12 70.46
N PHE R 484 19.46 24.15 71.08
CA PHE R 484 18.76 24.88 72.13
C PHE R 484 18.70 24.13 73.45
N ALA R 485 19.33 22.95 73.56
CA ALA R 485 19.28 22.22 74.83
C ALA R 485 19.85 23.04 75.97
N GLU R 486 20.84 23.88 75.68
CA GLU R 486 21.41 24.73 76.71
C GLU R 486 20.38 25.69 77.31
N SER R 487 19.52 26.23 76.46
CA SER R 487 18.48 27.24 76.71
C SER R 487 18.95 28.61 77.20
N ALA R 488 19.99 28.65 78.01
CA ALA R 488 20.49 29.92 78.49
C ALA R 488 20.97 30.82 77.38
N ALA R 489 21.59 30.22 76.36
CA ALA R 489 22.13 30.97 75.26
C ALA R 489 21.10 31.25 74.20
N GLN R 490 21.19 32.45 73.64
CA GLN R 490 20.32 32.86 72.56
C GLN R 490 20.98 32.65 71.19
N ALA R 491 22.17 32.04 71.20
CA ALA R 491 22.89 31.77 69.98
C ALA R 491 23.91 30.64 70.17
N PRO R 492 24.20 29.86 69.11
CA PRO R 492 25.23 28.85 69.02
C PRO R 492 26.57 29.48 68.79
N ALA R 493 27.63 28.74 69.02
CA ALA R 493 28.91 29.24 68.62
C ALA R 493 28.97 29.35 67.10
N SER R 494 29.54 30.45 66.60
CA SER R 494 29.86 30.66 65.18
C SER R 494 28.84 30.20 64.13
N ARG R 495 27.54 30.23 64.42
CA ARG R 495 26.47 29.77 63.50
C ARG R 495 26.52 28.24 63.27
N ILE R 496 27.48 27.56 63.89
CA ILE R 496 27.66 26.13 63.72
C ILE R 496 28.50 25.51 64.81
N GLN R 497 28.09 24.34 65.24
CA GLN R 497 28.88 23.64 66.23
C GLN R 497 28.63 22.15 66.25
N SER R 498 29.57 21.41 66.81
CA SER R 498 29.31 20.00 67.00
C SER R 498 28.15 19.82 67.94
N GLY R 499 27.29 18.86 67.62
CA GLY R 499 26.17 18.49 68.45
C GLY R 499 26.52 17.29 69.32
N MET R 500 27.77 16.86 69.26
CA MET R 500 28.16 15.71 70.05
C MET R 500 28.37 16.19 71.45
N PRO R 501 28.19 15.35 72.45
CA PRO R 501 28.49 15.69 73.80
C PRO R 501 29.95 15.85 74.04
N SER R 502 30.23 16.74 74.97
CA SER R 502 31.55 17.04 75.46
C SER R 502 31.28 17.76 76.74
N ILE R 503 32.30 18.00 77.53
CA ILE R 503 32.04 18.70 78.76
C ILE R 503 31.53 20.07 78.47
N LEU R 504 32.24 20.76 77.60
CA LEU R 504 31.90 22.11 77.28
C LEU R 504 30.54 22.22 76.63
N ASN R 505 30.22 21.25 75.78
CA ASN R 505 28.96 21.36 75.11
C ASN R 505 27.77 21.18 76.02
N SER R 506 27.80 20.23 76.95
CA SER R 506 26.61 20.05 77.76
C SER R 506 26.72 19.54 79.18
N LEU R 507 27.88 19.41 79.79
CA LEU R 507 27.82 18.79 81.12
C LEU R 507 27.07 19.73 82.03
N GLY R 508 26.00 19.22 82.65
CA GLY R 508 25.17 20.01 83.54
C GLY R 508 24.27 21.05 82.87
N LYS R 509 24.11 21.00 81.55
CA LYS R 509 23.37 22.05 80.86
C LYS R 509 22.04 21.72 80.18
N ASN R 510 21.77 20.45 79.88
CA ASN R 510 20.64 20.09 79.01
C ASN R 510 19.26 20.21 79.64
N ALA R 511 18.47 21.11 79.08
CA ALA R 511 17.13 21.53 79.49
C ALA R 511 16.12 20.42 79.61
N TYR R 512 16.38 19.33 78.90
CA TYR R 512 15.45 18.17 78.85
C TYR R 512 15.66 17.23 80.04
N PHE R 513 16.60 17.52 80.94
CA PHE R 513 16.80 16.56 82.06
C PHE R 513 17.39 17.25 83.30
N ARG R 514 16.87 16.88 84.48
CA ARG R 514 17.34 17.44 85.77
C ARG R 514 17.67 16.28 86.72
N ARG R 515 18.86 16.32 87.32
CA ARG R 515 19.32 15.22 88.21
C ARG R 515 19.56 15.73 89.64
N VAL R 516 19.06 14.97 90.61
CA VAL R 516 19.20 15.22 92.03
C VAL R 516 19.73 14.01 92.79
N TYR R 517 20.71 14.25 93.65
CA TYR R 517 21.26 13.17 94.46
C TYR R 517 20.35 12.93 95.64
N VAL R 518 20.27 11.70 96.12
CA VAL R 518 19.42 11.46 97.26
C VAL R 518 20.16 10.87 98.45
N LYS R 519 20.07 11.56 99.57
CA LYS R 519 20.70 11.17 100.80
C LYS R 519 19.67 11.06 101.90
N GLY R 520 20.03 10.35 102.96
CA GLY R 520 19.16 10.19 104.13
C GLY R 520 18.19 9.04 103.91
N ILE R 521 18.35 8.41 102.76
CA ILE R 521 17.57 7.31 102.25
C ILE R 521 18.38 6.05 102.48
N ALA S 66 46.22 -164.59 19.21
CA ALA S 66 47.56 -164.27 19.67
C ALA S 66 48.33 -163.63 18.54
N GLU S 67 47.80 -163.78 17.34
CA GLU S 67 48.42 -163.17 16.16
C GLU S 67 48.42 -161.66 16.33
N ILE S 68 49.56 -161.04 16.02
CA ILE S 68 49.65 -159.60 16.13
C ILE S 68 49.67 -158.97 14.76
N GLY S 69 48.69 -158.10 14.50
CA GLY S 69 48.54 -157.40 13.23
C GLY S 69 49.74 -156.53 12.93
N GLY S 70 50.33 -155.95 13.99
CA GLY S 70 51.51 -155.14 13.84
C GLY S 70 51.38 -153.73 14.36
N ASP S 71 52.52 -153.08 14.49
CA ASP S 71 52.63 -151.73 14.99
C ASP S 71 53.84 -151.02 14.39
N HIS S 72 54.07 -149.78 14.81
CA HIS S 72 55.22 -149.05 14.29
C HIS S 72 55.98 -148.53 15.48
N GLY S 73 57.26 -148.23 15.33
CA GLY S 73 57.97 -147.56 16.43
C GLY S 73 57.66 -146.06 16.44
N TYR S 74 56.36 -145.73 16.41
CA TYR S 74 55.83 -144.39 16.38
C TYR S 74 56.59 -143.50 15.39
N ASN S 75 56.90 -144.07 14.22
CA ASN S 75 57.69 -143.43 13.18
C ASN S 75 56.89 -143.17 11.92
N ALA S 76 56.69 -141.89 11.62
CA ALA S 76 55.86 -141.44 10.50
C ALA S 76 56.25 -142.08 9.19
N THR S 77 57.53 -142.39 9.05
CA THR S 77 58.07 -142.99 7.84
C THR S 77 57.23 -144.18 7.43
N ASN S 78 56.86 -145.00 8.41
CA ASN S 78 56.13 -146.21 8.13
C ASN S 78 54.65 -146.06 8.45
N ILE S 79 54.33 -145.16 9.39
CA ILE S 79 52.94 -145.00 9.81
C ILE S 79 52.13 -144.59 8.62
N ALA S 80 52.70 -143.67 7.86
CA ALA S 80 52.10 -143.08 6.71
C ALA S 80 51.61 -144.07 5.66
N ALA S 81 52.14 -145.29 5.62
CA ALA S 81 51.68 -146.22 4.61
C ALA S 81 51.22 -147.54 5.22
N GLY S 82 51.03 -147.57 6.54
CA GLY S 82 50.57 -148.79 7.22
C GLY S 82 51.64 -149.88 7.23
N GLN S 83 52.91 -149.52 7.09
CA GLN S 83 53.95 -150.53 7.00
C GLN S 83 54.41 -151.02 8.36
N THR S 84 53.53 -151.79 8.97
CA THR S 84 53.72 -152.32 10.30
C THR S 84 54.63 -153.52 10.39
N SER S 85 54.96 -153.81 11.64
CA SER S 85 55.79 -154.89 12.13
C SER S 85 55.16 -156.28 12.19
N GLY S 86 53.87 -156.39 11.96
CA GLY S 86 53.18 -157.67 12.12
C GLY S 86 52.57 -158.22 10.85
N ALA S 87 51.52 -159.01 11.06
CA ALA S 87 50.80 -159.76 10.04
C ALA S 87 50.11 -158.96 8.93
N VAL S 88 49.54 -157.79 9.24
CA VAL S 88 48.73 -157.11 8.24
C VAL S 88 49.07 -155.66 7.97
N THR S 89 49.32 -155.34 6.70
CA THR S 89 49.56 -153.94 6.37
C THR S 89 48.30 -153.18 6.74
N GLN S 90 48.46 -152.13 7.51
CA GLN S 90 47.31 -151.41 8.02
C GLN S 90 46.79 -150.33 7.14
N ILE S 91 46.31 -150.73 5.96
CA ILE S 91 45.71 -149.88 4.92
C ILE S 91 46.50 -148.61 4.56
N GLY S 92 46.57 -147.71 5.52
CA GLY S 92 47.21 -146.42 5.51
C GLY S 92 46.28 -145.48 6.30
N PRO S 93 46.86 -144.44 6.95
CA PRO S 93 46.13 -143.58 7.90
C PRO S 93 44.88 -142.86 7.37
N ALA S 94 43.84 -142.88 8.20
CA ALA S 94 42.54 -142.23 7.91
C ALA S 94 42.63 -140.72 8.06
N VAL S 95 41.71 -140.02 7.39
CA VAL S 95 41.57 -138.57 7.38
C VAL S 95 41.11 -137.91 8.67
N MET S 96 41.96 -137.03 9.17
CA MET S 96 41.74 -136.21 10.36
C MET S 96 41.55 -134.77 9.91
N GLY S 97 41.39 -134.60 8.59
CA GLY S 97 41.19 -133.31 7.95
C GLY S 97 42.50 -132.62 7.56
N MET S 98 42.38 -131.32 7.29
CA MET S 98 43.54 -130.54 6.90
C MET S 98 43.43 -129.15 7.49
N VAL S 99 44.57 -128.52 7.66
CA VAL S 99 44.65 -127.17 8.20
C VAL S 99 45.41 -126.26 7.26
N ARG S 100 44.85 -125.08 6.99
CA ARG S 100 45.51 -124.16 6.02
C ARG S 100 45.90 -122.83 6.69
N ARG S 101 47.11 -122.35 6.40
CA ARG S 101 47.64 -121.09 6.98
C ARG S 101 46.65 -119.94 6.80
N ALA S 102 46.36 -119.23 7.89
CA ALA S 102 45.49 -118.06 7.93
C ALA S 102 46.15 -116.87 7.22
N ILE S 103 45.34 -115.99 6.66
CA ILE S 103 45.85 -114.81 5.99
C ILE S 103 45.92 -113.60 6.93
N PRO S 104 47.05 -112.89 7.02
CA PRO S 104 47.25 -111.73 7.86
C PRO S 104 46.40 -110.58 7.38
N ASN S 105 46.03 -109.73 8.32
CA ASN S 105 45.24 -108.55 8.02
C ASN S 105 46.14 -107.45 7.48
N LEU S 106 45.56 -106.31 7.13
CA LEU S 106 46.38 -105.26 6.54
C LEU S 106 45.84 -103.85 6.69
N ILE S 107 46.71 -102.94 7.09
CA ILE S 107 46.38 -101.52 7.17
C ILE S 107 46.61 -101.02 5.79
N ALA S 108 45.62 -100.45 5.12
CA ALA S 108 45.88 -100.05 3.75
C ALA S 108 46.05 -98.55 3.54
N PHE S 109 44.96 -97.79 3.52
CA PHE S 109 45.14 -96.37 3.22
C PHE S 109 44.57 -95.50 4.28
N ASP S 110 44.46 -96.04 5.45
CA ASP S 110 43.91 -95.37 6.59
C ASP S 110 44.50 -93.98 6.85
N ILE S 111 45.81 -93.84 6.66
CA ILE S 111 46.50 -92.60 6.91
C ILE S 111 47.20 -92.10 5.66
N CYS S 112 46.78 -92.60 4.52
CA CYS S 112 47.39 -92.26 3.25
C CYS S 112 46.41 -91.43 2.47
N GLY S 113 46.90 -90.52 1.65
CA GLY S 113 45.96 -89.79 0.83
C GLY S 113 45.73 -90.62 -0.41
N VAL S 114 44.91 -90.13 -1.30
CA VAL S 114 44.62 -90.93 -2.47
C VAL S 114 44.91 -90.17 -3.74
N GLN S 115 44.20 -89.07 -3.95
CA GLN S 115 44.33 -88.35 -5.19
C GLN S 115 44.27 -89.31 -6.37
N PRO S 116 43.11 -89.94 -6.61
CA PRO S 116 42.94 -90.93 -7.63
C PRO S 116 43.16 -90.26 -8.95
N MET S 117 43.71 -90.98 -9.90
CA MET S 117 43.96 -90.40 -11.21
C MET S 117 43.02 -90.98 -12.22
N ASN S 118 42.92 -90.31 -13.35
CA ASN S 118 42.14 -90.78 -14.48
C ASN S 118 43.05 -91.02 -15.67
N SER S 119 44.33 -91.00 -15.39
CA SER S 119 45.39 -91.19 -16.34
C SER S 119 46.58 -91.57 -15.50
N PRO S 120 47.59 -92.22 -16.03
CA PRO S 120 48.79 -92.58 -15.32
C PRO S 120 49.65 -91.37 -15.18
N THR S 121 50.64 -91.46 -14.31
CA THR S 121 51.67 -90.44 -14.23
C THR S 121 51.19 -89.00 -14.11
N GLY S 122 50.45 -88.64 -13.06
CA GLY S 122 49.97 -87.27 -12.94
C GLY S 122 51.05 -86.32 -12.37
N GLN S 123 50.67 -85.06 -12.12
CA GLN S 123 51.54 -84.00 -11.59
C GLN S 123 50.83 -83.14 -10.57
N VAL S 124 51.58 -82.55 -9.66
CA VAL S 124 51.00 -81.72 -8.62
C VAL S 124 51.64 -80.36 -8.58
N PHE S 125 50.79 -79.34 -8.40
CA PHE S 125 51.25 -77.94 -8.40
C PHE S 125 51.21 -77.36 -6.97
N ALA S 126 52.13 -76.44 -6.70
CA ALA S 126 52.23 -75.78 -5.43
C ALA S 126 52.77 -74.37 -5.60
N LEU S 127 52.66 -73.56 -4.56
CA LEU S 127 53.20 -72.22 -4.59
C LEU S 127 53.61 -71.66 -3.24
N ARG S 128 54.88 -71.23 -3.15
CA ARG S 128 55.44 -70.65 -1.90
C ARG S 128 55.64 -69.14 -2.08
N ALA S 129 55.20 -68.35 -1.08
CA ALA S 129 55.34 -66.90 -1.07
C ALA S 129 56.79 -66.55 -0.87
N VAL S 130 57.28 -65.59 -1.60
CA VAL S 130 58.70 -65.28 -1.53
C VAL S 130 58.98 -63.81 -1.38
N TYR S 131 59.92 -63.45 -0.54
CA TYR S 131 60.26 -62.05 -0.42
C TYR S 131 61.74 -61.74 -0.47
N GLY S 132 62.01 -60.48 -0.80
CA GLY S 132 63.36 -59.96 -0.96
C GLY S 132 63.65 -59.50 -2.40
N LYS S 133 62.60 -59.09 -3.11
CA LYS S 133 62.64 -58.58 -4.50
C LYS S 133 63.03 -59.56 -5.60
N ASP S 134 63.17 -60.84 -5.28
CA ASP S 134 63.56 -61.81 -6.30
C ASP S 134 62.98 -63.18 -5.97
N PRO S 135 61.90 -63.62 -6.63
CA PRO S 135 61.22 -64.87 -6.41
C PRO S 135 62.14 -66.07 -6.54
N VAL S 136 63.25 -65.94 -7.27
CA VAL S 136 64.07 -67.10 -7.39
C VAL S 136 65.50 -66.76 -7.07
N ALA S 137 65.91 -67.04 -5.86
CA ALA S 137 67.29 -66.73 -5.52
C ALA S 137 67.73 -67.54 -4.34
N ALA S 138 69.01 -67.83 -4.29
CA ALA S 138 69.49 -68.45 -3.09
C ALA S 138 69.30 -67.42 -2.02
N GLY S 139 68.86 -67.84 -0.85
CA GLY S 139 68.70 -66.90 0.25
C GLY S 139 67.37 -66.17 0.22
N ALA S 140 66.55 -66.41 -0.81
CA ALA S 140 65.24 -65.78 -0.88
C ALA S 140 64.47 -66.29 0.31
N LYS S 141 63.58 -65.50 0.90
CA LYS S 141 62.89 -66.03 2.08
C LYS S 141 61.44 -66.35 1.84
N GLU S 142 60.98 -67.44 2.48
CA GLU S 142 59.59 -67.89 2.39
C GLU S 142 58.74 -67.30 3.51
N ALA S 143 57.81 -66.47 3.10
CA ALA S 143 57.00 -65.67 4.01
C ALA S 143 56.22 -66.45 5.04
N PHE S 144 55.73 -67.64 4.71
CA PHE S 144 54.93 -68.33 5.70
C PHE S 144 55.50 -69.67 6.11
N HIS S 145 56.81 -69.86 5.98
CA HIS S 145 57.33 -71.16 6.36
C HIS S 145 56.94 -71.41 7.81
N PRO S 146 56.40 -72.58 8.19
CA PRO S 146 55.92 -72.86 9.53
C PRO S 146 56.95 -72.77 10.64
N MET S 147 58.23 -72.93 10.34
CA MET S 147 59.19 -72.86 11.41
C MET S 147 59.78 -71.49 11.57
N TYR S 148 59.50 -70.58 10.63
CA TYR S 148 60.22 -69.29 10.71
C TYR S 148 59.30 -68.10 10.92
N GLY S 149 59.80 -67.12 11.68
CA GLY S 149 59.10 -65.88 11.90
C GLY S 149 59.14 -64.96 10.72
N PRO S 150 58.36 -63.88 10.76
CA PRO S 150 58.31 -62.84 9.77
C PRO S 150 59.60 -62.10 9.88
N ASP S 151 60.00 -61.42 8.83
CA ASP S 151 61.22 -60.65 8.96
C ASP S 151 60.90 -59.32 9.60
N ALA S 152 61.25 -59.22 10.86
CA ALA S 152 60.91 -58.11 11.74
C ALA S 152 61.43 -56.77 11.28
N MET S 153 62.38 -56.77 10.37
CA MET S 153 62.90 -55.52 9.88
C MET S 153 62.60 -55.28 8.42
N PHE S 154 61.81 -56.13 7.80
CA PHE S 154 61.61 -56.01 6.36
C PHE S 154 60.76 -54.82 5.92
N SER S 155 59.62 -54.57 6.58
CA SER S 155 58.77 -53.43 6.19
C SER S 155 58.99 -52.20 7.10
N GLY S 156 59.64 -52.42 8.25
CA GLY S 156 59.79 -51.42 9.34
C GLY S 156 61.06 -50.58 9.30
N GLN S 157 61.57 -50.18 10.45
CA GLN S 157 62.74 -49.30 10.41
C GLN S 157 63.90 -49.93 9.74
N GLY S 158 64.06 -51.22 9.95
CA GLY S 158 65.21 -51.88 9.43
C GLY S 158 65.08 -52.14 7.94
N ALA S 159 63.97 -51.74 7.36
CA ALA S 159 63.74 -51.94 5.96
C ALA S 159 64.83 -51.27 5.16
N ALA S 160 65.36 -50.18 5.71
CA ALA S 160 66.38 -49.38 5.06
C ALA S 160 67.68 -49.44 5.84
N LYS S 161 67.90 -50.52 6.59
CA LYS S 161 69.11 -50.63 7.37
C LYS S 161 69.78 -51.97 7.28
N LYS S 162 71.09 -51.95 7.26
CA LYS S 162 71.80 -53.17 7.31
C LYS S 162 72.25 -53.35 8.74
N PHE S 163 72.13 -54.55 9.23
CA PHE S 163 72.51 -54.81 10.60
C PHE S 163 73.73 -55.69 10.55
N PRO S 164 74.67 -55.54 11.47
CA PRO S 164 75.83 -56.39 11.57
C PRO S 164 75.35 -57.75 11.92
N ALA S 165 75.99 -58.75 11.36
CA ALA S 165 75.63 -60.09 11.70
C ALA S 165 76.02 -60.36 13.10
N LEU S 166 75.21 -61.15 13.76
CA LEU S 166 75.54 -61.66 15.04
C LEU S 166 76.32 -62.90 14.71
N ALA S 167 77.54 -63.00 15.19
CA ALA S 167 78.32 -64.14 14.76
C ALA S 167 79.38 -64.51 15.77
N ALA S 168 79.87 -65.73 15.65
CA ALA S 168 80.86 -66.19 16.58
C ALA S 168 82.06 -65.30 16.56
N SER S 169 82.55 -65.02 17.76
CA SER S 169 83.74 -64.21 18.05
C SER S 169 83.51 -62.73 17.94
N THR S 170 82.34 -62.32 17.48
CA THR S 170 82.15 -60.91 17.34
C THR S 170 81.83 -60.37 18.70
N GLN S 171 81.89 -59.06 18.85
CA GLN S 171 81.57 -58.46 20.12
C GLN S 171 80.51 -57.42 19.96
N THR S 172 79.48 -57.52 20.77
CA THR S 172 78.43 -56.56 20.65
C THR S 172 78.77 -55.32 21.38
N THR S 173 78.07 -54.26 20.99
CA THR S 173 78.14 -52.97 21.61
C THR S 173 76.78 -52.60 22.12
N VAL S 174 76.73 -52.23 23.39
CA VAL S 174 75.48 -51.89 23.99
C VAL S 174 74.73 -50.81 23.25
N GLY S 175 73.47 -51.11 23.04
CA GLY S 175 72.49 -50.30 22.38
C GLY S 175 72.32 -50.64 20.91
N ASP S 176 73.27 -51.38 20.32
CA ASP S 176 73.09 -51.66 18.91
C ASP S 176 72.21 -52.89 18.71
N ILE S 177 71.94 -53.24 17.46
CA ILE S 177 71.13 -54.39 17.10
C ILE S 177 71.82 -55.31 16.14
N TYR S 178 71.85 -56.59 16.49
CA TYR S 178 72.53 -57.57 15.68
C TYR S 178 71.55 -58.53 15.03
N THR S 179 71.89 -58.99 13.83
CA THR S 179 70.98 -59.88 13.12
C THR S 179 71.45 -61.31 13.00
N HIS S 180 70.50 -62.22 13.16
CA HIS S 180 70.80 -63.64 13.04
C HIS S 180 69.64 -64.45 12.49
N PHE S 181 69.88 -65.75 12.34
CA PHE S 181 68.87 -66.69 11.91
C PHE S 181 69.01 -67.97 12.70
N PHE S 182 68.07 -68.26 13.57
CA PHE S 182 68.24 -69.48 14.34
C PHE S 182 67.83 -70.64 13.49
N GLN S 183 68.52 -71.75 13.62
CA GLN S 183 68.17 -72.87 12.77
C GLN S 183 66.69 -73.29 12.90
N GLU S 184 66.11 -73.18 14.10
CA GLU S 184 64.73 -73.56 14.33
C GLU S 184 63.67 -72.42 14.46
N THR S 185 64.08 -71.15 14.36
CA THR S 185 63.10 -70.03 14.49
C THR S 185 63.33 -68.98 13.44
N GLY S 186 64.50 -69.04 12.83
CA GLY S 186 64.86 -68.11 11.80
C GLY S 186 65.22 -66.74 12.26
N THR S 187 64.85 -65.79 11.41
CA THR S 187 65.23 -64.41 11.54
C THR S 187 64.91 -63.83 12.89
N VAL S 188 65.94 -63.24 13.47
CA VAL S 188 65.86 -62.59 14.75
C VAL S 188 66.75 -61.37 14.79
N TYR S 189 66.28 -60.36 15.49
CA TYR S 189 67.08 -59.17 15.71
C TYR S 189 67.18 -58.98 17.18
N LEU S 190 68.40 -58.83 17.67
CA LEU S 190 68.62 -58.70 19.10
C LEU S 190 69.34 -57.44 19.48
N GLN S 191 68.77 -56.69 20.42
CA GLN S 191 69.41 -55.49 20.87
C GLN S 191 70.39 -55.86 21.96
N ALA S 192 71.55 -55.26 21.92
CA ALA S 192 72.59 -55.51 22.90
C ALA S 192 72.42 -54.70 24.16
N SER S 193 72.28 -55.39 25.27
CA SER S 193 72.16 -54.69 26.53
C SER S 193 73.54 -54.53 27.11
N VAL S 194 74.46 -55.38 26.66
CA VAL S 194 75.82 -55.37 27.14
C VAL S 194 76.87 -55.48 26.04
N GLN S 195 78.09 -55.18 26.43
CA GLN S 195 79.24 -55.48 25.61
C GLN S 195 79.59 -56.93 25.89
N VAL S 196 79.63 -57.74 24.85
CA VAL S 196 79.95 -59.15 25.07
C VAL S 196 80.47 -59.85 23.83
N THR S 197 81.47 -60.71 24.02
CA THR S 197 82.01 -61.51 22.93
C THR S 197 81.19 -62.76 22.80
N ILE S 198 80.71 -63.01 21.61
CA ILE S 198 79.86 -64.15 21.44
C ILE S 198 80.62 -65.41 21.09
N ASP S 199 81.06 -66.11 22.11
CA ASP S 199 81.77 -67.38 21.95
C ASP S 199 82.69 -67.50 20.77
N ALA S 200 83.89 -67.00 20.89
CA ALA S 200 84.83 -67.14 19.80
C ALA S 200 85.09 -68.60 19.43
N GLY S 201 84.79 -69.55 20.31
CA GLY S 201 85.03 -70.95 20.03
C GLY S 201 83.87 -71.62 19.30
N ALA S 202 82.82 -70.86 18.99
CA ALA S 202 81.68 -71.42 18.30
C ALA S 202 82.02 -71.54 16.81
N THR S 203 81.47 -72.52 16.13
CA THR S 203 81.68 -72.71 14.70
C THR S 203 80.37 -72.75 13.96
N ASP S 204 79.76 -73.93 13.92
CA ASP S 204 78.49 -74.15 13.24
C ASP S 204 77.46 -73.24 13.85
N ALA S 205 76.43 -72.90 13.07
CA ALA S 205 75.35 -72.10 13.61
C ALA S 205 74.78 -72.78 14.82
N ALA S 206 74.78 -74.10 14.88
CA ALA S 206 74.23 -74.74 16.05
C ALA S 206 74.95 -74.27 17.32
N LYS S 207 76.26 -74.01 17.24
CA LYS S 207 77.00 -73.62 18.41
C LYS S 207 76.69 -72.18 18.69
N LEU S 208 76.56 -71.41 17.62
CA LEU S 208 76.25 -70.01 17.76
C LEU S 208 74.88 -69.84 18.39
N ASP S 209 73.90 -70.60 17.91
CA ASP S 209 72.56 -70.53 18.42
C ASP S 209 72.55 -70.83 19.89
N ALA S 210 73.33 -71.82 20.30
CA ALA S 210 73.38 -72.15 21.71
C ALA S 210 73.90 -70.99 22.52
N GLU S 211 74.95 -70.34 22.04
CA GLU S 211 75.49 -69.23 22.80
C GLU S 211 74.49 -68.11 22.84
N ILE S 212 73.81 -67.87 21.73
CA ILE S 212 72.88 -66.80 21.69
C ILE S 212 71.79 -67.06 22.68
N LYS S 213 71.25 -68.27 22.69
CA LYS S 213 70.19 -68.55 23.63
C LYS S 213 70.61 -68.25 25.05
N LYS S 214 71.84 -68.65 25.43
CA LYS S 214 72.27 -68.35 26.78
C LYS S 214 72.31 -66.86 27.03
N GLN S 215 72.80 -66.10 26.04
CA GLN S 215 72.89 -64.67 26.13
C GLN S 215 71.50 -64.04 26.20
N MET S 216 70.54 -64.66 25.53
CA MET S 216 69.20 -64.14 25.63
C MET S 216 68.65 -64.42 27.02
N GLU S 217 68.91 -65.61 27.55
CA GLU S 217 68.39 -65.94 28.88
C GLU S 217 68.95 -65.00 29.91
N ALA S 218 70.19 -64.60 29.70
CA ALA S 218 70.91 -63.68 30.58
C ALA S 218 70.49 -62.23 30.37
N GLY S 219 69.69 -61.96 29.36
CA GLY S 219 69.24 -60.63 29.05
C GLY S 219 70.27 -59.82 28.27
N ALA S 220 71.36 -60.45 27.83
CA ALA S 220 72.41 -59.76 27.09
C ALA S 220 71.86 -59.36 25.74
N LEU S 221 71.11 -60.29 25.16
CA LEU S 221 70.55 -60.07 23.84
C LEU S 221 69.06 -60.17 23.88
N VAL S 222 68.38 -59.12 23.46
CA VAL S 222 66.93 -59.20 23.56
C VAL S 222 66.20 -58.86 22.25
N GLU S 223 65.27 -59.74 21.90
CA GLU S 223 64.45 -59.63 20.70
C GLU S 223 63.78 -58.28 20.54
N ILE S 224 63.88 -57.73 19.34
CA ILE S 224 63.34 -56.40 19.07
C ILE S 224 62.87 -56.16 17.62
N ALA S 225 61.88 -55.30 17.47
CA ALA S 225 61.37 -54.87 16.17
C ALA S 225 60.83 -53.48 16.30
N GLU S 226 60.81 -52.70 15.21
CA GLU S 226 60.22 -51.37 15.26
C GLU S 226 59.85 -50.82 13.89
N GLY S 227 58.92 -49.87 13.85
CA GLY S 227 58.56 -49.20 12.60
C GLY S 227 59.58 -48.12 12.31
N MET S 228 59.45 -47.49 11.15
CA MET S 228 60.34 -46.48 10.66
C MET S 228 60.04 -45.08 11.12
N ALA S 229 61.11 -44.33 11.38
CA ALA S 229 60.97 -42.96 11.80
C ALA S 229 60.12 -42.18 10.82
N THR S 230 59.27 -41.33 11.36
CA THR S 230 58.37 -40.54 10.53
C THR S 230 59.17 -39.56 9.69
N SER S 231 60.30 -39.09 10.21
CA SER S 231 61.18 -38.17 9.51
C SER S 231 61.75 -38.77 8.23
N ILE S 232 61.73 -40.09 8.12
CA ILE S 232 62.21 -40.76 6.94
C ILE S 232 61.04 -40.83 6.00
N ALA S 233 59.88 -41.25 6.53
CA ALA S 233 58.67 -41.39 5.75
C ALA S 233 58.28 -40.08 5.06
N GLU S 234 58.56 -38.95 5.69
CA GLU S 234 58.22 -37.65 5.11
C GLU S 234 58.83 -37.48 3.71
N LEU S 235 59.92 -38.19 3.45
CA LEU S 235 60.57 -38.15 2.17
C LEU S 235 60.15 -39.35 1.34
N GLN S 236 60.13 -40.55 1.96
CA GLN S 236 59.88 -41.80 1.25
C GLN S 236 58.53 -41.84 0.56
N GLU S 237 57.55 -41.20 1.18
CA GLU S 237 56.18 -41.15 0.70
C GLU S 237 56.11 -40.49 -0.68
N GLY S 238 57.07 -39.63 -0.98
CA GLY S 238 57.09 -38.91 -2.21
C GLY S 238 57.85 -39.60 -3.33
N PHE S 239 58.36 -40.82 -3.12
CA PHE S 239 59.11 -41.39 -4.24
C PHE S 239 58.14 -41.78 -5.37
N ASN S 240 57.12 -42.67 -5.16
CA ASN S 240 56.87 -43.55 -4.02
C ASN S 240 57.36 -44.93 -4.50
N GLY S 241 58.04 -44.88 -5.64
CA GLY S 241 58.61 -45.96 -6.39
C GLY S 241 60.12 -45.81 -6.47
N SER S 242 60.65 -45.77 -7.70
CA SER S 242 62.11 -45.70 -7.93
C SER S 242 62.79 -44.60 -7.17
N THR S 243 63.87 -44.99 -6.51
CA THR S 243 64.67 -44.14 -5.66
C THR S 243 66.05 -44.68 -5.29
N ASP S 244 66.66 -43.96 -4.35
CA ASP S 244 67.94 -44.29 -3.74
C ASP S 244 67.73 -45.15 -2.48
N ASN S 245 66.56 -45.01 -1.86
CA ASN S 245 66.22 -45.73 -0.63
C ASN S 245 64.86 -46.41 -0.73
N PRO S 246 64.72 -47.45 -1.58
CA PRO S 246 63.48 -48.11 -1.95
C PRO S 246 62.87 -48.93 -0.85
N TRP S 247 61.58 -49.18 -0.99
CA TRP S 247 60.86 -50.09 -0.12
C TRP S 247 61.19 -51.49 -0.55
N ASN S 248 61.15 -52.45 0.37
CA ASN S 248 61.45 -53.79 -0.07
C ASN S 248 60.25 -54.39 -0.76
N GLU S 249 60.41 -55.61 -1.26
CA GLU S 249 59.33 -56.21 -2.04
C GLU S 249 59.07 -57.67 -1.80
N MET S 250 57.82 -58.02 -2.06
CA MET S 250 57.38 -59.40 -1.92
C MET S 250 56.68 -59.87 -3.17
N GLY S 251 56.65 -61.19 -3.32
CA GLY S 251 56.01 -61.88 -4.41
C GLY S 251 55.92 -63.36 -4.10
N PHE S 252 56.04 -64.18 -5.10
CA PHE S 252 55.93 -65.62 -4.95
C PHE S 252 56.58 -66.33 -6.11
N ARG S 253 56.85 -67.62 -5.99
CA ARG S 253 57.38 -68.25 -7.19
C ARG S 253 56.40 -69.24 -7.81
N ILE S 254 56.57 -70.53 -7.50
CA ILE S 254 55.71 -71.60 -7.97
C ILE S 254 56.44 -72.83 -7.60
N ASP S 255 55.73 -73.93 -7.63
CA ASP S 255 56.30 -75.23 -7.44
C ASP S 255 55.49 -76.26 -8.20
N LYS S 256 56.14 -77.37 -8.54
CA LYS S 256 55.43 -78.48 -9.15
C LYS S 256 56.30 -79.72 -9.18
N GLN S 257 55.65 -80.88 -9.14
CA GLN S 257 56.38 -82.11 -9.31
C GLN S 257 55.62 -83.15 -10.11
N VAL S 258 56.28 -84.30 -10.35
CA VAL S 258 55.61 -85.38 -11.11
C VAL S 258 55.62 -86.79 -10.53
N ILE S 259 54.71 -87.59 -11.06
CA ILE S 259 54.57 -88.99 -10.72
C ILE S 259 54.81 -89.93 -11.87
N GLU S 260 55.49 -91.02 -11.59
CA GLU S 260 55.66 -92.08 -12.57
C GLU S 260 54.81 -93.19 -11.99
N ALA S 261 54.00 -93.83 -12.81
CA ALA S 261 53.10 -94.83 -12.30
C ALA S 261 53.79 -96.17 -12.10
N LYS S 262 54.65 -96.25 -11.11
CA LYS S 262 55.41 -97.48 -10.88
C LYS S 262 54.46 -98.68 -10.74
N SER S 263 54.77 -99.77 -11.49
CA SER S 263 54.01 -101.02 -11.60
C SER S 263 54.48 -102.24 -10.82
N ARG S 264 53.67 -103.30 -10.89
CA ARG S 264 54.00 -104.57 -10.28
C ARG S 264 53.16 -105.71 -10.85
N GLN S 265 53.73 -106.93 -10.88
CA GLN S 265 52.94 -108.06 -11.40
C GLN S 265 53.44 -109.42 -10.94
N LEU S 266 52.53 -110.40 -10.85
CA LEU S 266 52.89 -111.78 -10.48
C LEU S 266 52.13 -112.89 -11.23
N LYS S 267 52.82 -114.02 -11.44
CA LYS S 267 52.27 -115.19 -12.13
C LYS S 267 52.03 -116.44 -11.28
N ALA S 268 51.00 -117.22 -11.68
CA ALA S 268 50.70 -118.52 -11.08
C ALA S 268 51.18 -119.67 -11.98
N ALA S 269 50.74 -119.64 -13.25
CA ALA S 269 51.13 -120.68 -14.24
C ALA S 269 51.11 -122.12 -13.69
N TYR S 270 49.99 -122.59 -13.16
CA TYR S 270 49.96 -123.93 -12.56
C TYR S 270 49.69 -125.05 -13.56
N SER S 271 50.17 -126.24 -13.20
CA SER S 271 49.98 -127.45 -14.00
C SER S 271 48.58 -128.05 -13.91
N ILE S 272 48.15 -128.62 -15.02
CA ILE S 272 46.86 -129.29 -15.14
C ILE S 272 46.78 -130.55 -14.35
N GLU S 273 47.80 -131.37 -14.49
CA GLU S 273 47.78 -132.67 -13.89
C GLU S 273 47.75 -132.54 -12.38
N LEU S 274 48.51 -131.57 -11.86
CA LEU S 274 48.52 -131.39 -10.43
C LEU S 274 47.15 -130.92 -9.98
N ALA S 275 46.52 -130.02 -10.74
CA ALA S 275 45.19 -129.53 -10.39
C ALA S 275 44.16 -130.66 -10.37
N GLN S 276 44.26 -131.57 -11.33
CA GLN S 276 43.32 -132.67 -11.39
C GLN S 276 43.46 -133.56 -10.18
N ASP S 277 44.69 -133.84 -9.80
CA ASP S 277 44.91 -134.67 -8.65
C ASP S 277 44.49 -133.96 -7.39
N LEU S 278 44.75 -132.66 -7.32
CA LEU S 278 44.38 -131.91 -6.15
C LEU S 278 42.91 -132.06 -5.85
N ARG S 279 42.07 -131.88 -6.86
CA ARG S 279 40.65 -132.01 -6.61
C ARG S 279 40.34 -133.43 -6.18
N ALA S 280 40.94 -134.41 -6.84
CA ALA S 280 40.66 -135.78 -6.50
C ALA S 280 40.98 -136.11 -5.04
N VAL S 281 42.03 -135.51 -4.49
CA VAL S 281 42.41 -135.77 -3.12
C VAL S 281 41.68 -134.90 -2.10
N HIS S 282 41.67 -133.58 -2.32
CA HIS S 282 41.11 -132.65 -1.35
C HIS S 282 39.81 -131.92 -1.70
N GLY S 283 39.32 -132.05 -2.94
CA GLY S 283 38.12 -131.32 -3.38
C GLY S 283 38.46 -129.89 -3.77
N MET S 284 39.74 -129.56 -3.66
CA MET S 284 40.31 -128.26 -3.94
C MET S 284 40.43 -127.98 -5.42
N ASP S 285 40.45 -126.70 -5.77
CA ASP S 285 40.40 -126.26 -7.17
C ASP S 285 41.72 -126.14 -7.96
N ALA S 286 42.70 -125.49 -7.36
CA ALA S 286 44.02 -125.12 -7.88
C ALA S 286 44.01 -123.94 -8.82
N ASP S 287 42.87 -123.31 -9.06
CA ASP S 287 42.88 -122.08 -9.81
C ASP S 287 42.61 -121.00 -8.78
N ALA S 288 41.51 -121.19 -8.07
CA ALA S 288 41.03 -120.22 -7.10
C ALA S 288 42.01 -119.94 -5.97
N GLU S 289 42.68 -120.97 -5.46
CA GLU S 289 43.56 -120.74 -4.34
C GLU S 289 44.72 -119.88 -4.76
N LEU S 290 45.25 -120.16 -5.94
CA LEU S 290 46.39 -119.46 -6.45
C LEU S 290 46.06 -118.04 -6.74
N SER S 291 44.87 -117.81 -7.29
CA SER S 291 44.44 -116.48 -7.61
C SER S 291 44.42 -115.66 -6.33
N GLY S 292 43.84 -116.26 -5.28
CA GLY S 292 43.75 -115.65 -3.97
C GLY S 292 45.13 -115.27 -3.48
N ILE S 293 46.05 -116.22 -3.51
CA ILE S 293 47.39 -115.98 -3.02
C ILE S 293 48.06 -114.87 -3.75
N LEU S 294 47.99 -114.86 -5.09
CA LEU S 294 48.67 -113.80 -5.78
C LEU S 294 48.09 -112.45 -5.43
N ALA S 295 46.78 -112.34 -5.43
CA ALA S 295 46.18 -111.05 -5.15
C ALA S 295 46.51 -110.60 -3.74
N THR S 296 46.52 -111.56 -2.83
CA THR S 296 46.79 -111.29 -1.44
C THR S 296 48.18 -110.75 -1.28
N GLU S 297 49.15 -111.42 -1.90
CA GLU S 297 50.53 -110.98 -1.76
C GLU S 297 50.71 -109.62 -2.34
N ILE S 298 50.04 -109.36 -3.47
CA ILE S 298 50.18 -108.07 -4.11
C ILE S 298 49.68 -107.00 -3.19
N MET S 299 48.50 -107.19 -2.62
CA MET S 299 47.96 -106.18 -1.75
C MET S 299 48.85 -105.96 -0.54
N LEU S 300 49.39 -107.04 0.04
CA LEU S 300 50.24 -106.86 1.20
C LEU S 300 51.48 -106.07 0.83
N GLU S 301 52.11 -106.45 -0.28
CA GLU S 301 53.36 -105.78 -0.77
C GLU S 301 53.13 -104.28 -0.97
N ILE S 302 51.97 -103.92 -1.54
CA ILE S 302 51.67 -102.52 -1.79
C ILE S 302 51.49 -101.74 -0.53
N ASN S 303 50.69 -102.27 0.35
CA ASN S 303 50.43 -101.51 1.53
C ASN S 303 51.66 -101.44 2.41
N ARG S 304 52.49 -102.47 2.39
CA ARG S 304 53.70 -102.34 3.15
C ARG S 304 54.53 -101.27 2.52
N GLU S 305 54.58 -101.22 1.20
CA GLU S 305 55.38 -100.20 0.55
C GLU S 305 55.02 -98.84 1.13
N VAL S 306 53.72 -98.56 1.25
CA VAL S 306 53.32 -97.28 1.78
C VAL S 306 53.79 -97.10 3.21
N VAL S 307 53.60 -98.10 4.05
CA VAL S 307 54.00 -97.97 5.44
C VAL S 307 55.49 -97.76 5.55
N ASP S 308 56.24 -98.52 4.78
CA ASP S 308 57.66 -98.46 4.80
C ASP S 308 58.11 -97.07 4.36
N TRP S 309 57.45 -96.49 3.35
CA TRP S 309 57.81 -95.14 2.92
C TRP S 309 57.62 -94.16 4.04
N ILE S 310 56.56 -94.35 4.82
CA ILE S 310 56.36 -93.45 5.91
C ILE S 310 57.48 -93.56 6.90
N ASN S 311 57.83 -94.78 7.28
CA ASN S 311 58.92 -94.89 8.22
C ASN S 311 60.24 -94.39 7.66
N TYR S 312 60.41 -94.60 6.35
CA TYR S 312 61.65 -94.17 5.64
C TYR S 312 61.79 -92.65 5.71
N SER S 313 60.70 -91.92 5.46
CA SER S 313 60.76 -90.49 5.50
C SER S 313 60.48 -89.85 6.84
N ALA S 314 59.93 -90.57 7.82
CA ALA S 314 59.62 -89.96 9.11
C ALA S 314 60.85 -89.41 9.79
N GLN S 315 60.68 -88.30 10.47
CA GLN S 315 61.77 -87.67 11.20
C GLN S 315 62.00 -88.35 12.52
N VAL S 316 63.17 -88.16 13.08
CA VAL S 316 63.45 -88.72 14.38
C VAL S 316 62.77 -87.87 15.44
N GLY S 317 61.96 -88.50 16.30
CA GLY S 317 61.25 -87.80 17.35
C GLY S 317 62.16 -87.66 18.55
N LYS S 318 61.67 -87.13 19.67
CA LYS S 318 62.55 -86.94 20.83
C LYS S 318 63.84 -86.32 20.39
N SER S 319 63.67 -85.21 19.71
CA SER S 319 64.70 -84.42 19.09
C SER S 319 64.24 -82.97 19.06
N GLY S 320 65.19 -82.05 18.91
CA GLY S 320 64.81 -80.65 18.78
C GLY S 320 64.04 -80.20 20.00
N MET S 321 62.88 -79.62 19.77
CA MET S 321 62.06 -79.14 20.87
C MET S 321 61.30 -80.21 21.58
N THR S 322 61.45 -81.43 21.11
CA THR S 322 60.81 -82.57 21.70
C THR S 322 61.81 -83.30 22.57
N LEU S 323 63.05 -82.79 22.64
CA LEU S 323 64.09 -83.43 23.42
C LEU S 323 64.56 -82.64 24.63
N THR S 324 64.61 -83.29 25.78
CA THR S 324 65.11 -82.65 26.96
C THR S 324 66.61 -82.92 27.03
N PRO S 325 67.40 -82.08 27.70
CA PRO S 325 68.82 -82.26 27.87
C PRO S 325 69.23 -83.51 28.61
N GLY S 326 68.36 -84.06 29.44
CA GLY S 326 68.71 -85.25 30.18
C GLY S 326 68.31 -86.54 29.49
N SER S 327 67.79 -86.46 28.28
CA SER S 327 67.30 -87.66 27.59
C SER S 327 68.31 -88.31 26.65
N LYS S 328 67.79 -89.18 25.78
CA LYS S 328 68.62 -90.02 24.92
C LYS S 328 68.51 -89.84 23.40
N ALA S 329 67.90 -88.78 22.91
CA ALA S 329 67.85 -88.49 21.45
C ALA S 329 67.22 -89.56 20.57
N GLY S 330 65.90 -89.56 20.50
CA GLY S 330 65.18 -90.52 19.65
C GLY S 330 64.65 -91.79 20.28
N VAL S 331 65.01 -92.05 21.53
CA VAL S 331 64.54 -93.26 22.19
C VAL S 331 63.94 -92.98 23.55
N PHE S 332 62.80 -93.60 23.83
CA PHE S 332 62.13 -93.46 25.10
C PHE S 332 62.49 -94.61 26.00
N ASP S 333 63.20 -94.29 27.06
CA ASP S 333 63.69 -95.26 28.00
C ASP S 333 62.83 -95.30 29.26
N PHE S 334 62.11 -96.38 29.44
CA PHE S 334 61.18 -96.52 30.55
C PHE S 334 61.88 -96.55 31.91
N GLN S 335 63.19 -96.77 31.91
CA GLN S 335 63.94 -96.82 33.14
C GLN S 335 64.66 -95.49 33.43
N ASP S 336 64.54 -94.53 32.51
CA ASP S 336 65.23 -93.26 32.60
C ASP S 336 64.35 -92.22 33.30
N PRO S 337 64.74 -91.70 34.48
CA PRO S 337 63.97 -90.79 35.31
C PRO S 337 63.63 -89.49 34.58
N ILE S 338 64.38 -89.17 33.54
CA ILE S 338 64.08 -87.96 32.83
C ILE S 338 62.94 -88.25 31.90
N ASP S 339 63.06 -89.32 31.11
CA ASP S 339 61.99 -89.66 30.19
C ASP S 339 60.69 -89.93 30.90
N ILE S 340 60.76 -90.47 32.10
CA ILE S 340 59.51 -90.75 32.77
C ILE S 340 59.07 -89.61 33.67
N ARG S 341 59.73 -88.48 33.55
CA ARG S 341 59.39 -87.27 34.26
C ARG S 341 59.23 -87.45 35.76
N GLY S 342 60.16 -88.18 36.38
CA GLY S 342 60.14 -88.36 37.83
C GLY S 342 59.12 -89.38 38.31
N ALA S 343 58.42 -90.00 37.39
CA ALA S 343 57.38 -90.92 37.73
C ALA S 343 57.81 -92.13 38.52
N ARG S 344 56.90 -92.57 39.37
CA ARG S 344 57.06 -93.79 40.10
C ARG S 344 56.40 -94.82 39.24
N TRP S 345 56.19 -95.99 39.79
CA TRP S 345 55.59 -97.12 39.12
C TRP S 345 54.73 -96.87 37.90
N ALA S 346 54.74 -97.85 37.01
CA ALA S 346 54.08 -97.86 35.69
C ALA S 346 52.72 -97.18 35.63
N GLY S 347 51.87 -97.31 36.61
CA GLY S 347 50.55 -96.68 36.51
C GLY S 347 50.67 -95.16 36.40
N GLU S 348 51.85 -94.63 36.75
CA GLU S 348 52.22 -93.24 36.64
C GLU S 348 53.17 -93.11 35.45
N SER S 349 54.29 -93.86 35.47
CA SER S 349 55.29 -93.68 34.42
C SER S 349 54.85 -94.01 33.01
N PHE S 350 53.86 -94.84 32.82
CA PHE S 350 53.47 -95.12 31.45
C PHE S 350 52.84 -93.89 30.80
N LYS S 351 52.32 -92.98 31.61
CA LYS S 351 51.68 -91.79 31.12
C LYS S 351 52.72 -90.89 30.49
N ALA S 352 53.98 -91.07 30.88
CA ALA S 352 55.04 -90.28 30.33
C ALA S 352 55.19 -90.58 28.86
N LEU S 353 54.93 -91.82 28.45
CA LEU S 353 55.08 -92.12 27.06
C LEU S 353 53.97 -91.40 26.36
N LEU S 354 52.79 -91.47 26.95
CA LEU S 354 51.65 -90.81 26.35
C LEU S 354 51.95 -89.33 26.19
N PHE S 355 52.57 -88.75 27.22
CA PHE S 355 52.93 -87.35 27.21
C PHE S 355 53.83 -87.08 26.01
N GLN S 356 54.87 -87.90 25.84
CA GLN S 356 55.78 -87.69 24.74
C GLN S 356 55.06 -87.79 23.41
N ILE S 357 54.11 -88.71 23.30
CA ILE S 357 53.39 -88.86 22.06
C ILE S 357 52.66 -87.58 21.73
N ASP S 358 51.98 -86.99 22.70
CA ASP S 358 51.33 -85.73 22.39
C ASP S 358 52.36 -84.67 22.05
N LYS S 359 53.48 -84.67 22.74
CA LYS S 359 54.47 -83.65 22.50
C LYS S 359 54.93 -83.74 21.04
N GLU S 360 55.05 -84.98 20.54
CA GLU S 360 55.46 -85.23 19.13
C GLU S 360 54.38 -84.73 18.17
N ALA S 361 53.10 -84.90 18.55
CA ALA S 361 51.99 -84.46 17.70
C ALA S 361 52.01 -82.95 17.53
N VAL S 362 52.39 -82.28 18.61
CA VAL S 362 52.48 -80.84 18.61
C VAL S 362 53.59 -80.41 17.68
N GLU S 363 54.75 -81.06 17.77
CA GLU S 363 55.86 -80.73 16.88
C GLU S 363 55.47 -80.93 15.44
N ILE S 364 54.69 -81.95 15.20
CA ILE S 364 54.26 -82.17 13.84
C ILE S 364 53.48 -80.97 13.38
N ALA S 365 52.54 -80.46 14.17
CA ALA S 365 51.88 -79.26 13.71
C ALA S 365 52.89 -78.13 13.49
N ARG S 366 53.87 -78.04 14.39
CA ARG S 366 54.86 -76.98 14.33
C ARG S 366 55.55 -76.96 12.99
N GLN S 367 55.91 -78.11 12.47
CA GLN S 367 56.63 -78.12 11.22
C GLN S 367 55.78 -78.19 9.97
N THR S 368 54.46 -78.20 10.09
CA THR S 368 53.68 -78.34 8.87
C THR S 368 52.67 -77.22 8.71
N GLY S 369 52.01 -76.85 9.80
CA GLY S 369 50.97 -75.85 9.74
C GLY S 369 49.72 -76.41 9.10
N ARG S 370 49.64 -77.74 8.99
CA ARG S 370 48.53 -78.39 8.35
C ARG S 370 47.58 -79.00 9.37
N GLY S 371 48.02 -78.96 10.62
CA GLY S 371 47.31 -79.51 11.76
C GLY S 371 48.13 -80.50 12.60
N GLU S 372 47.72 -80.59 13.87
CA GLU S 372 48.29 -81.47 14.90
C GLU S 372 48.11 -82.91 14.58
N GLY S 373 49.15 -83.71 14.88
CA GLY S 373 49.10 -85.15 14.62
C GLY S 373 47.80 -85.75 15.10
N ASN S 374 47.34 -86.78 14.41
CA ASN S 374 46.08 -87.43 14.73
C ASN S 374 46.08 -88.94 14.57
N PHE S 375 47.25 -89.53 14.41
CA PHE S 375 47.32 -90.97 14.36
C PHE S 375 48.66 -91.48 14.85
N ILE S 376 48.65 -92.77 15.16
CA ILE S 376 49.83 -93.49 15.57
C ILE S 376 49.77 -94.94 15.13
N ILE S 377 50.90 -95.43 14.67
CA ILE S 377 51.03 -96.83 14.35
C ILE S 377 52.16 -97.33 15.21
N ALA S 378 51.99 -98.46 15.87
CA ALA S 378 53.06 -98.86 16.75
C ALA S 378 53.22 -100.34 16.98
N SER S 379 54.35 -100.70 17.56
CA SER S 379 54.62 -102.08 17.89
C SER S 379 53.62 -102.53 18.91
N ARG S 380 53.48 -103.83 19.02
CA ARG S 380 52.56 -104.42 19.95
C ARG S 380 52.81 -103.97 21.37
N ASN S 381 54.07 -103.83 21.73
CA ASN S 381 54.43 -103.42 23.07
C ASN S 381 53.94 -102.02 23.41
N VAL S 382 53.89 -101.12 22.44
CA VAL S 382 53.45 -99.76 22.69
C VAL S 382 51.97 -99.80 22.90
N VAL S 383 51.34 -100.54 22.02
CA VAL S 383 49.92 -100.67 22.06
C VAL S 383 49.52 -101.30 23.37
N ASN S 384 50.26 -102.30 23.84
CA ASN S 384 49.95 -102.95 25.09
C ASN S 384 49.98 -101.95 26.21
N VAL S 385 50.97 -101.05 26.18
CA VAL S 385 51.01 -100.02 27.19
C VAL S 385 49.77 -99.17 27.08
N LEU S 386 49.37 -98.77 25.88
CA LEU S 386 48.18 -97.95 25.84
C LEU S 386 46.95 -98.72 26.30
N ALA S 387 46.82 -99.96 25.87
CA ALA S 387 45.64 -100.76 26.13
C ALA S 387 45.37 -101.03 27.59
N SER S 388 46.43 -101.22 28.34
CA SER S 388 46.48 -101.50 29.77
C SER S 388 46.45 -100.27 30.68
N VAL S 389 46.43 -99.07 30.10
CA VAL S 389 46.52 -97.84 30.88
C VAL S 389 45.37 -96.87 30.64
N ASP S 390 44.93 -96.21 31.70
CA ASP S 390 43.88 -95.24 31.47
C ASP S 390 44.55 -94.02 30.89
N THR S 391 44.26 -93.72 29.63
CA THR S 391 44.93 -92.64 28.92
C THR S 391 44.25 -91.29 29.13
N GLY S 392 43.19 -91.27 29.91
CA GLY S 392 42.53 -90.01 30.15
C GLY S 392 43.30 -89.26 31.22
N ILE S 393 42.83 -88.10 31.62
CA ILE S 393 43.57 -87.35 32.61
C ILE S 393 43.13 -87.80 33.97
N SER S 394 44.03 -88.46 34.69
CA SER S 394 43.65 -89.00 35.98
C SER S 394 44.76 -89.10 36.97
N TYR S 395 44.46 -89.77 38.07
CA TYR S 395 45.37 -89.90 39.18
C TYR S 395 46.49 -90.87 38.86
N ALA S 396 46.11 -92.09 38.52
CA ALA S 396 47.04 -93.13 38.07
C ALA S 396 46.15 -94.26 37.67
N ALA S 397 46.58 -95.13 36.76
CA ALA S 397 45.80 -96.36 36.54
C ALA S 397 46.44 -97.32 35.57
N GLN S 398 46.34 -98.60 35.91
CA GLN S 398 46.84 -99.66 35.05
C GLN S 398 46.15 -100.97 35.40
N GLY S 399 46.08 -101.89 34.42
CA GLY S 399 45.53 -103.24 34.66
C GLY S 399 45.54 -104.05 33.38
N LEU S 400 44.67 -105.04 33.26
CA LEU S 400 44.64 -105.82 32.04
C LEU S 400 44.10 -104.92 30.96
N ALA S 401 44.51 -105.17 29.73
CA ALA S 401 44.06 -104.41 28.58
C ALA S 401 42.56 -104.46 28.42
N THR S 402 41.97 -103.32 28.07
CA THR S 402 40.54 -103.26 27.85
C THR S 402 40.16 -102.68 26.50
N GLY S 403 40.05 -101.36 26.46
CA GLY S 403 39.55 -100.58 25.33
C GLY S 403 40.24 -100.85 23.99
N PHE S 404 41.55 -100.72 23.94
CA PHE S 404 42.23 -100.92 22.68
C PHE S 404 42.42 -102.37 22.37
N SER S 405 42.24 -102.73 21.12
CA SER S 405 42.58 -104.08 20.77
C SER S 405 44.08 -104.18 20.76
N THR S 406 44.58 -105.32 21.18
CA THR S 406 45.99 -105.61 21.11
C THR S 406 46.22 -106.72 20.10
N ASP S 407 45.13 -107.20 19.54
CA ASP S 407 45.16 -108.32 18.62
C ASP S 407 45.31 -107.81 17.21
N THR S 408 45.82 -108.68 16.35
CA THR S 408 46.00 -108.37 14.93
C THR S 408 45.30 -109.35 14.03
N THR S 409 44.73 -110.39 14.60
CA THR S 409 44.12 -111.43 13.80
C THR S 409 42.68 -111.08 13.49
N LYS S 410 42.17 -110.05 14.15
CA LYS S 410 40.80 -109.60 13.96
C LYS S 410 40.75 -108.26 13.25
N SER S 411 41.78 -107.46 13.44
CA SER S 411 41.90 -106.12 12.90
C SER S 411 43.32 -105.67 12.90
N VAL S 412 43.51 -104.42 12.55
CA VAL S 412 44.83 -103.83 12.54
C VAL S 412 44.71 -102.52 13.26
N PHE S 413 43.46 -102.17 13.45
CA PHE S 413 43.09 -100.93 14.10
C PHE S 413 42.80 -101.25 15.53
N ALA S 414 43.51 -100.61 16.43
CA ALA S 414 43.37 -100.88 17.85
C ALA S 414 42.25 -100.06 18.46
N GLY S 415 42.14 -98.80 18.06
CA GLY S 415 41.15 -97.91 18.65
C GLY S 415 41.54 -96.44 18.58
N VAL S 416 40.76 -95.58 19.25
CA VAL S 416 41.10 -94.16 19.19
C VAL S 416 41.54 -93.64 20.56
N LEU S 417 42.75 -93.13 20.59
CA LEU S 417 43.39 -92.72 21.80
C LEU S 417 42.94 -91.39 22.28
N GLY S 418 42.23 -91.43 23.40
CA GLY S 418 41.66 -90.26 24.04
C GLY S 418 40.53 -89.70 23.21
N GLY S 419 40.10 -90.45 22.22
CA GLY S 419 39.11 -89.93 21.31
C GLY S 419 39.78 -89.00 20.28
N LYS S 420 41.13 -88.90 20.29
CA LYS S 420 41.83 -88.01 19.39
C LYS S 420 42.74 -88.66 18.36
N TYR S 421 43.41 -89.77 18.69
CA TYR S 421 44.35 -90.33 17.70
C TYR S 421 43.97 -91.71 17.26
N ARG S 422 44.11 -91.97 15.99
CA ARG S 422 43.80 -93.32 15.52
C ARG S 422 44.99 -94.25 15.65
N VAL S 423 44.84 -95.28 16.50
CA VAL S 423 45.90 -96.21 16.81
C VAL S 423 45.83 -97.50 16.03
N TYR S 424 46.91 -97.78 15.31
CA TYR S 424 47.08 -98.97 14.49
C TYR S 424 48.25 -99.81 14.95
N ILE S 425 48.22 -101.08 14.61
CA ILE S 425 49.27 -101.98 15.04
C ILE S 425 50.25 -102.37 13.95
N ASP S 426 51.51 -102.08 14.16
CA ASP S 426 52.50 -102.47 13.17
C ASP S 426 52.85 -103.92 13.39
N GLN S 427 52.08 -104.79 12.75
CA GLN S 427 52.23 -106.22 12.95
C GLN S 427 53.61 -106.75 12.54
N TYR S 428 54.37 -105.97 11.77
CA TYR S 428 55.69 -106.41 11.34
C TYR S 428 56.79 -105.51 11.86
N ALA S 429 56.56 -104.83 12.96
CA ALA S 429 57.60 -103.97 13.50
C ALA S 429 58.89 -104.76 13.69
N LYS S 430 60.02 -104.14 13.31
CA LYS S 430 61.32 -104.79 13.42
C LYS S 430 61.82 -104.91 14.84
N GLN S 431 61.61 -103.90 15.67
CA GLN S 431 62.12 -104.06 17.02
C GLN S 431 61.10 -103.69 18.06
N ASP S 432 61.01 -102.39 18.34
CA ASP S 432 60.02 -101.87 19.26
C ASP S 432 60.06 -100.35 19.17
N TYR S 433 59.05 -99.79 18.53
CA TYR S 433 58.97 -98.37 18.23
C TYR S 433 57.57 -97.97 17.91
N PHE S 434 57.37 -96.67 17.76
CA PHE S 434 56.13 -96.17 17.23
C PHE S 434 56.36 -94.99 16.31
N THR S 435 55.41 -94.79 15.43
CA THR S 435 55.44 -93.66 14.51
C THR S 435 54.14 -92.91 14.60
N VAL S 436 54.24 -91.60 14.63
CA VAL S 436 53.08 -90.75 14.69
C VAL S 436 53.04 -89.80 13.55
N GLY S 437 51.86 -89.29 13.29
CA GLY S 437 51.75 -88.35 12.20
C GLY S 437 50.41 -87.69 12.05
N TYR S 438 50.35 -86.88 11.01
CA TYR S 438 49.17 -86.12 10.70
C TYR S 438 48.54 -86.43 9.38
N LYS S 439 47.26 -86.68 9.42
CA LYS S 439 46.48 -86.90 8.24
C LYS S 439 45.38 -85.88 8.18
N GLY S 440 45.38 -85.04 7.15
CA GLY S 440 44.34 -84.05 7.08
C GLY S 440 43.09 -84.65 6.48
N PRO S 441 41.97 -83.94 6.51
CA PRO S 441 40.66 -84.31 5.98
C PRO S 441 40.63 -84.45 4.46
N ASN S 442 41.60 -83.85 3.79
CA ASN S 442 41.65 -83.87 2.35
C ASN S 442 42.39 -85.07 1.80
N GLU S 443 42.02 -85.47 0.59
CA GLU S 443 42.67 -86.58 -0.10
C GLU S 443 44.10 -86.26 -0.46
N MET S 444 44.43 -84.96 -0.46
CA MET S 444 45.75 -84.47 -0.80
C MET S 444 46.51 -83.84 0.36
N ASP S 445 46.19 -84.18 1.61
CA ASP S 445 46.90 -83.59 2.73
C ASP S 445 47.39 -84.63 3.75
N ALA S 446 47.99 -85.70 3.23
CA ALA S 446 48.46 -86.82 4.06
C ALA S 446 49.96 -86.90 4.22
N GLY S 447 50.69 -86.33 3.27
CA GLY S 447 52.14 -86.45 3.26
C GLY S 447 52.60 -87.52 2.27
N ILE S 448 51.70 -88.43 1.90
CA ILE S 448 51.97 -89.52 0.96
C ILE S 448 50.68 -89.89 0.25
N TYR S 449 50.77 -90.19 -1.08
CA TYR S 449 49.54 -90.46 -1.85
C TYR S 449 49.53 -91.69 -2.73
N TYR S 450 48.41 -92.42 -2.71
CA TYR S 450 48.22 -93.62 -3.57
C TYR S 450 46.96 -93.42 -4.43
N ALA S 451 47.10 -93.35 -5.76
CA ALA S 451 45.93 -93.12 -6.61
C ALA S 451 44.90 -94.26 -6.54
N PRO S 452 45.20 -95.54 -6.88
CA PRO S 452 46.30 -96.15 -7.63
C PRO S 452 46.16 -96.04 -9.13
N TYR S 453 44.96 -95.72 -9.58
CA TYR S 453 44.55 -95.69 -10.98
C TYR S 453 44.52 -97.06 -11.75
N VAL S 454 45.39 -98.03 -11.44
CA VAL S 454 45.31 -99.38 -12.03
C VAL S 454 45.50 -100.49 -11.00
N ALA S 455 44.62 -101.49 -10.93
CA ALA S 455 44.92 -102.57 -9.99
C ALA S 455 44.29 -103.91 -10.27
N LEU S 456 45.04 -104.96 -9.92
CA LEU S 456 44.64 -106.36 -9.96
C LEU S 456 43.93 -106.85 -11.19
N THR S 457 44.48 -106.58 -12.36
CA THR S 457 43.86 -107.10 -13.55
C THR S 457 44.26 -108.55 -13.68
N PRO S 458 43.35 -109.51 -13.71
CA PRO S 458 43.66 -110.91 -13.88
C PRO S 458 43.95 -111.12 -15.33
N LEU S 459 44.86 -112.01 -15.64
CA LEU S 459 45.13 -112.36 -17.01
C LEU S 459 45.17 -113.86 -17.15
N ARG S 460 44.72 -114.35 -18.31
CA ARG S 460 44.74 -115.77 -18.62
C ARG S 460 45.17 -116.08 -20.04
N GLY S 461 45.62 -117.30 -20.25
CA GLY S 461 45.97 -117.82 -21.58
C GLY S 461 46.35 -119.29 -21.49
N SER S 462 46.97 -119.82 -22.54
CA SER S 462 47.41 -121.22 -22.56
C SER S 462 48.56 -121.39 -23.53
N ASP S 463 49.43 -122.36 -23.27
CA ASP S 463 50.57 -122.57 -24.15
C ASP S 463 50.62 -123.98 -24.76
N PRO S 464 50.29 -124.16 -26.05
CA PRO S 464 50.22 -125.41 -26.80
C PRO S 464 51.49 -126.23 -26.75
N LYS S 465 52.62 -125.63 -26.37
CA LYS S 465 53.82 -126.47 -26.34
C LYS S 465 53.65 -127.59 -25.31
N ASN S 466 52.77 -127.38 -24.32
CA ASN S 466 52.55 -128.39 -23.31
C ASN S 466 51.11 -128.31 -22.87
N PHE S 467 50.40 -127.38 -23.49
CA PHE S 467 48.99 -127.10 -23.29
C PHE S 467 48.59 -126.76 -21.88
N GLN S 468 49.52 -126.25 -21.11
CA GLN S 468 49.21 -125.89 -19.75
C GLN S 468 48.61 -124.49 -19.77
N PRO S 469 47.72 -124.15 -18.84
CA PRO S 469 47.11 -122.86 -18.66
C PRO S 469 48.10 -121.90 -18.06
N VAL S 470 47.87 -120.64 -18.27
CA VAL S 470 48.62 -119.62 -17.59
C VAL S 470 47.71 -118.58 -16.98
N MET S 471 48.04 -118.19 -15.78
CA MET S 471 47.29 -117.20 -15.03
C MET S 471 48.24 -116.30 -14.25
N GLY S 472 47.84 -115.03 -14.08
CA GLY S 472 48.57 -114.03 -13.28
C GLY S 472 47.83 -112.68 -13.15
N PHE S 473 48.43 -111.72 -12.42
CA PHE S 473 47.87 -110.37 -12.22
C PHE S 473 48.80 -109.21 -12.52
N LYS S 474 48.22 -108.08 -12.94
CA LYS S 474 48.96 -106.83 -13.13
C LYS S 474 48.33 -105.62 -12.41
N THR S 475 49.19 -104.79 -11.80
CA THR S 475 48.82 -103.57 -11.07
C THR S 475 49.75 -102.41 -11.42
N ARG S 476 49.29 -101.16 -11.29
CA ARG S 476 50.20 -100.04 -11.62
C ARG S 476 49.72 -98.76 -10.93
N TYR S 477 50.61 -97.99 -10.26
CA TYR S 477 50.07 -96.78 -9.58
C TYR S 477 51.07 -95.66 -9.23
N GLY S 478 52.33 -95.95 -8.85
CA GLY S 478 53.19 -94.86 -8.39
C GLY S 478 52.72 -94.33 -7.02
N ILE S 479 53.62 -93.75 -6.25
CA ILE S 479 53.26 -93.14 -4.96
C ILE S 479 53.75 -91.70 -4.89
N GLY S 480 52.92 -90.78 -4.47
CA GLY S 480 53.33 -89.38 -4.36
C GLY S 480 53.81 -88.93 -2.99
N ILE S 481 54.63 -87.87 -3.01
CA ILE S 481 55.14 -87.16 -1.84
C ILE S 481 54.56 -85.77 -1.76
N ASN S 482 54.05 -85.42 -0.60
CA ASN S 482 53.49 -84.10 -0.47
C ASN S 482 54.59 -83.06 -0.60
N PRO S 483 54.48 -82.07 -1.47
CA PRO S 483 55.49 -81.09 -1.63
C PRO S 483 55.65 -80.38 -0.36
N PHE S 484 56.87 -80.01 -0.07
CA PHE S 484 57.26 -79.27 1.11
C PHE S 484 57.12 -80.07 2.36
N ALA S 485 56.84 -81.36 2.25
CA ALA S 485 56.73 -82.15 3.44
C ALA S 485 58.01 -82.12 4.23
N GLU S 486 59.13 -82.01 3.56
CA GLU S 486 60.40 -81.95 4.22
C GLU S 486 60.63 -80.72 5.10
N SER S 487 59.90 -79.62 4.83
CA SER S 487 60.04 -78.32 5.49
C SER S 487 61.50 -77.84 5.59
N ALA S 488 62.36 -78.39 4.75
CA ALA S 488 63.78 -78.14 4.78
C ALA S 488 64.23 -76.91 4.04
N ALA S 489 63.33 -76.28 3.32
CA ALA S 489 63.74 -75.15 2.51
C ALA S 489 62.61 -74.25 2.18
N GLN S 490 63.02 -73.05 1.80
CA GLN S 490 62.18 -71.98 1.31
C GLN S 490 61.60 -72.36 -0.04
N ALA S 491 62.37 -73.10 -0.83
CA ALA S 491 61.90 -73.55 -2.12
C ALA S 491 62.76 -74.72 -2.58
N PRO S 492 62.19 -75.68 -3.33
CA PRO S 492 62.86 -76.81 -3.96
C PRO S 492 63.68 -76.47 -5.19
N ALA S 493 64.68 -77.31 -5.43
CA ALA S 493 65.58 -77.20 -6.56
C ALA S 493 64.91 -77.26 -7.92
N SER S 494 65.47 -76.48 -8.83
CA SER S 494 65.14 -76.41 -10.25
C SER S 494 63.74 -75.94 -10.59
N ARG S 495 62.95 -75.59 -9.57
CA ARG S 495 61.56 -75.10 -9.78
C ARG S 495 60.65 -76.26 -10.19
N ILE S 496 61.22 -77.46 -10.30
CA ILE S 496 60.54 -78.69 -10.67
C ILE S 496 61.26 -79.91 -10.16
N GLN S 497 60.52 -80.83 -9.58
CA GLN S 497 61.16 -82.04 -9.10
C GLN S 497 60.29 -83.24 -9.28
N SER S 498 60.81 -84.40 -8.93
CA SER S 498 59.91 -85.52 -8.96
C SER S 498 59.06 -85.38 -7.73
N GLY S 499 57.92 -86.03 -7.70
CA GLY S 499 57.04 -86.06 -6.55
C GLY S 499 57.08 -87.46 -5.99
N MET S 500 58.02 -88.22 -6.50
CA MET S 500 58.16 -89.58 -6.11
C MET S 500 58.98 -89.68 -4.85
N PRO S 501 58.78 -90.71 -4.05
CA PRO S 501 59.61 -91.04 -2.95
C PRO S 501 61.01 -91.27 -3.43
N SER S 502 61.96 -90.77 -2.66
CA SER S 502 63.38 -90.93 -2.98
C SER S 502 64.25 -90.56 -1.81
N ILE S 503 65.37 -91.24 -1.73
CA ILE S 503 66.33 -90.96 -0.68
C ILE S 503 66.77 -89.51 -0.70
N LEU S 504 66.83 -88.90 -1.89
CA LEU S 504 67.29 -87.54 -1.97
C LEU S 504 66.19 -86.55 -1.74
N ASN S 505 64.97 -87.02 -1.64
CA ASN S 505 63.86 -86.12 -1.44
C ASN S 505 63.51 -86.04 0.00
N SER S 506 63.42 -87.20 0.66
CA SER S 506 62.96 -87.16 2.03
C SER S 506 63.48 -88.20 3.03
N LEU S 507 64.58 -88.92 2.83
CA LEU S 507 64.82 -89.91 3.88
C LEU S 507 65.02 -89.18 5.19
N GLY S 508 64.22 -89.54 6.19
CA GLY S 508 64.27 -88.94 7.51
C GLY S 508 63.79 -87.49 7.60
N LYS S 509 63.13 -86.97 6.55
CA LYS S 509 62.77 -85.55 6.54
C LYS S 509 61.30 -85.14 6.57
N ASN S 510 60.38 -86.05 6.34
CA ASN S 510 58.98 -85.65 6.15
C ASN S 510 58.27 -85.27 7.43
N ALA S 511 57.95 -83.99 7.53
CA ALA S 511 57.36 -83.30 8.67
C ALA S 511 56.00 -83.85 9.08
N TYR S 512 55.35 -84.60 8.22
CA TYR S 512 54.06 -85.16 8.54
C TYR S 512 54.21 -86.33 9.50
N PHE S 513 55.43 -86.87 9.62
CA PHE S 513 55.56 -88.07 10.49
C PHE S 513 56.86 -88.04 11.30
N ARG S 514 56.78 -88.54 12.53
CA ARG S 514 57.94 -88.64 13.42
C ARG S 514 57.97 -90.01 14.06
N ARG S 515 59.16 -90.55 14.29
CA ARG S 515 59.21 -91.85 14.95
C ARG S 515 60.17 -91.90 16.12
N VAL S 516 59.81 -92.72 17.10
CA VAL S 516 60.58 -92.92 18.31
C VAL S 516 60.72 -94.39 18.68
N TYR S 517 61.93 -94.78 19.08
CA TYR S 517 62.17 -96.14 19.52
C TYR S 517 61.86 -96.22 20.98
N VAL S 518 61.40 -97.36 21.46
CA VAL S 518 61.15 -97.44 22.89
C VAL S 518 61.90 -98.62 23.49
N LYS S 519 62.45 -98.42 24.69
CA LYS S 519 63.21 -99.47 25.34
C LYS S 519 62.95 -99.52 26.84
N GLY S 520 63.21 -100.68 27.44
CA GLY S 520 63.08 -100.82 28.89
C GLY S 520 61.70 -101.26 29.35
N ILE S 521 60.86 -101.63 28.40
CA ILE S 521 59.52 -102.08 28.71
C ILE S 521 59.47 -103.62 28.68
N ALA T 66 33.68 -147.97 95.21
CA ALA T 66 35.00 -147.55 94.76
C ALA T 66 35.76 -148.74 94.21
N GLU T 67 35.16 -149.90 94.31
CA GLU T 67 35.78 -151.09 93.77
C GLU T 67 35.65 -151.06 92.25
N ILE T 68 36.77 -151.20 91.53
CA ILE T 68 36.74 -151.14 90.08
C ILE T 68 37.44 -152.33 89.44
N GLY T 69 37.18 -152.54 88.15
CA GLY T 69 37.78 -153.61 87.34
C GLY T 69 39.12 -153.20 86.72
N GLY T 70 39.59 -152.03 87.10
CA GLY T 70 40.83 -151.46 86.60
C GLY T 70 40.57 -150.49 85.49
N ASP T 71 41.52 -149.61 85.26
CA ASP T 71 41.38 -148.64 84.20
C ASP T 71 42.24 -149.01 83.02
N HIS T 72 42.16 -148.18 82.01
CA HIS T 72 42.99 -148.28 80.83
C HIS T 72 44.21 -147.37 81.02
N GLY T 73 45.27 -147.62 80.28
CA GLY T 73 46.47 -146.80 80.36
C GLY T 73 46.63 -145.72 79.29
N TYR T 74 45.58 -145.43 78.49
CA TYR T 74 45.67 -144.48 77.37
C TYR T 74 46.67 -144.94 76.31
N ASN T 75 46.92 -146.24 76.31
CA ASN T 75 47.78 -146.95 75.39
C ASN T 75 46.91 -147.54 74.31
N ALA T 76 47.08 -147.09 73.08
CA ALA T 76 46.20 -147.53 71.99
C ALA T 76 46.12 -149.04 71.90
N THR T 77 47.20 -149.74 72.19
CA THR T 77 47.17 -151.19 72.12
C THR T 77 46.17 -151.75 73.10
N ASN T 78 46.20 -151.21 74.31
CA ASN T 78 45.38 -151.71 75.37
C ASN T 78 43.95 -151.30 75.16
N ILE T 79 43.77 -150.12 74.57
CA ILE T 79 42.42 -149.67 74.35
C ILE T 79 41.78 -150.60 73.36
N ALA T 80 42.46 -150.82 72.25
CA ALA T 80 41.96 -151.68 71.20
C ALA T 80 41.71 -153.09 71.70
N ALA T 81 42.58 -153.56 72.58
CA ALA T 81 42.52 -154.89 73.13
C ALA T 81 41.58 -155.05 74.33
N GLY T 82 40.98 -153.96 74.83
CA GLY T 82 40.12 -154.06 76.00
C GLY T 82 40.89 -154.38 77.30
N GLN T 83 42.17 -154.01 77.39
CA GLN T 83 42.95 -154.35 78.57
C GLN T 83 42.96 -153.27 79.62
N THR T 84 42.93 -153.69 80.88
CA THR T 84 42.97 -152.78 82.01
C THR T 84 44.00 -153.21 83.02
N SER T 85 44.15 -152.36 84.04
CA SER T 85 45.03 -152.57 85.17
C SER T 85 44.47 -153.54 86.24
N GLY T 86 43.23 -154.00 86.07
CA GLY T 86 42.58 -154.83 87.08
C GLY T 86 41.98 -156.13 86.57
N ALA T 87 40.93 -156.58 87.27
CA ALA T 87 40.28 -157.86 87.05
C ALA T 87 39.25 -157.96 85.92
N VAL T 88 38.84 -156.86 85.28
CA VAL T 88 37.77 -157.03 84.29
C VAL T 88 38.15 -156.66 82.86
N THR T 89 38.05 -157.66 81.98
CA THR T 89 38.30 -157.55 80.54
C THR T 89 37.24 -156.66 79.94
N GLN T 90 37.64 -155.71 79.12
CA GLN T 90 36.68 -154.81 78.53
C GLN T 90 36.27 -155.25 77.14
N ILE T 91 35.13 -154.75 76.72
CA ILE T 91 34.59 -155.03 75.39
C ILE T 91 35.50 -154.51 74.30
N GLY T 92 36.00 -153.30 74.50
CA GLY T 92 36.84 -152.64 73.52
C GLY T 92 35.98 -151.64 72.74
N PRO T 93 36.60 -150.83 71.88
CA PRO T 93 35.99 -149.76 71.11
C PRO T 93 35.01 -150.21 70.07
N ALA T 94 33.99 -149.38 69.79
CA ALA T 94 33.07 -149.72 68.72
C ALA T 94 33.26 -148.89 67.47
N VAL T 95 32.71 -147.66 67.45
CA VAL T 95 32.82 -146.84 66.25
C VAL T 95 32.96 -145.34 66.46
N MET T 96 33.64 -144.70 65.51
CA MET T 96 33.79 -143.26 65.34
C MET T 96 33.67 -142.90 63.86
N GLY T 97 32.94 -143.73 63.13
CA GLY T 97 32.80 -143.54 61.68
C GLY T 97 34.07 -144.01 60.97
N MET T 98 34.17 -143.63 59.69
CA MET T 98 35.30 -144.06 58.87
C MET T 98 35.73 -142.95 57.93
N VAL T 99 37.04 -142.83 57.75
CA VAL T 99 37.66 -141.83 56.92
C VAL T 99 38.11 -142.35 55.56
N ARG T 100 37.73 -141.63 54.52
CA ARG T 100 38.16 -141.95 53.17
C ARG T 100 38.73 -140.68 52.55
N ARG T 101 39.57 -140.83 51.55
CA ARG T 101 40.20 -139.70 50.88
C ARG T 101 39.37 -139.04 49.78
N ALA T 102 39.33 -137.70 49.80
CA ALA T 102 38.67 -136.91 48.76
C ALA T 102 39.35 -137.10 47.42
N ILE T 103 38.60 -137.05 46.34
CA ILE T 103 39.17 -137.21 45.02
C ILE T 103 39.52 -135.85 44.41
N PRO T 104 40.77 -135.63 43.91
CA PRO T 104 41.22 -134.40 43.27
C PRO T 104 40.37 -134.06 42.05
N ASN T 105 40.26 -132.78 41.77
CA ASN T 105 39.46 -132.31 40.65
C ASN T 105 40.31 -132.18 39.39
N LEU T 106 39.68 -132.37 38.21
CA LEU T 106 40.41 -132.28 36.94
C LEU T 106 39.92 -131.24 35.94
N ILE T 107 40.84 -130.75 35.10
CA ILE T 107 40.49 -129.83 34.02
C ILE T 107 40.40 -130.68 32.79
N ALA T 108 39.23 -131.14 32.39
CA ALA T 108 39.26 -132.18 31.37
C ALA T 108 39.95 -131.78 30.07
N PHE T 109 39.33 -130.93 29.25
CA PHE T 109 39.97 -130.58 27.99
C PHE T 109 39.80 -129.12 27.66
N ASP T 110 39.53 -128.31 28.65
CA ASP T 110 39.25 -126.91 28.39
C ASP T 110 40.40 -126.17 27.75
N ILE T 111 41.60 -126.69 27.94
CA ILE T 111 42.80 -126.03 27.46
C ILE T 111 43.52 -126.81 26.35
N CYS T 112 42.81 -127.70 25.65
CA CYS T 112 43.43 -128.42 24.51
C CYS T 112 42.37 -128.87 23.52
N GLY T 113 42.78 -129.34 22.34
CA GLY T 113 41.80 -129.89 21.42
C GLY T 113 41.64 -131.35 21.77
N VAL T 114 40.72 -132.07 21.12
CA VAL T 114 40.61 -133.48 21.42
C VAL T 114 40.75 -134.30 20.14
N GLN T 115 39.82 -134.10 19.23
CA GLN T 115 39.73 -134.83 17.97
C GLN T 115 39.94 -136.33 18.21
N PRO T 116 38.95 -137.03 18.79
CA PRO T 116 39.04 -138.42 19.19
C PRO T 116 39.24 -139.29 17.97
N MET T 117 39.87 -140.43 18.19
CA MET T 117 40.16 -141.35 17.10
C MET T 117 39.13 -142.43 16.96
N ASN T 118 39.03 -142.95 15.74
CA ASN T 118 38.23 -144.10 15.40
C ASN T 118 39.14 -145.10 14.73
N SER T 119 40.42 -144.91 14.96
CA SER T 119 41.51 -145.67 14.41
C SER T 119 42.73 -145.48 15.26
N PRO T 120 43.57 -146.48 15.46
CA PRO T 120 44.80 -146.35 16.17
C PRO T 120 45.78 -145.37 15.49
N THR T 121 45.57 -145.09 14.19
CA THR T 121 46.43 -144.17 13.45
C THR T 121 45.65 -143.14 12.64
N GLY T 122 46.36 -142.12 12.16
CA GLY T 122 45.72 -141.13 11.27
C GLY T 122 46.61 -140.00 10.79
N GLN T 123 46.07 -139.15 9.91
CA GLN T 123 46.88 -138.06 9.36
C GLN T 123 46.14 -136.75 9.14
N VAL T 124 46.91 -135.68 9.27
CA VAL T 124 46.45 -134.32 9.02
C VAL T 124 47.30 -133.66 7.96
N PHE T 125 46.64 -133.09 6.99
CA PHE T 125 47.32 -132.40 5.90
C PHE T 125 47.38 -130.93 6.18
N ALA T 126 48.34 -130.24 5.62
CA ALA T 126 48.32 -128.81 5.83
C ALA T 126 48.85 -128.02 4.65
N LEU T 127 48.26 -126.85 4.46
CA LEU T 127 48.64 -125.97 3.35
C LEU T 127 49.45 -124.76 3.73
N ARG T 128 50.51 -124.59 2.97
CA ARG T 128 51.44 -123.48 3.04
C ARG T 128 51.41 -122.76 1.70
N ALA T 129 51.31 -121.45 1.73
CA ALA T 129 51.36 -120.72 0.47
C ALA T 129 52.83 -120.48 0.24
N VAL T 130 53.31 -120.64 -0.97
CA VAL T 130 54.74 -120.52 -1.20
C VAL T 130 55.13 -119.64 -2.38
N TYR T 131 56.40 -119.30 -2.45
CA TYR T 131 56.88 -118.59 -3.62
C TYR T 131 58.35 -118.81 -3.95
N GLY T 132 58.68 -118.48 -5.22
CA GLY T 132 60.04 -118.62 -5.72
C GLY T 132 60.21 -119.74 -6.77
N LYS T 133 59.09 -120.26 -7.28
CA LYS T 133 58.96 -121.32 -8.31
C LYS T 133 59.32 -122.74 -7.93
N ASP T 134 59.79 -122.96 -6.73
CA ASP T 134 60.15 -124.29 -6.27
C ASP T 134 59.58 -124.54 -4.89
N PRO T 135 58.31 -124.93 -4.78
CA PRO T 135 57.58 -125.12 -3.53
C PRO T 135 58.40 -125.92 -2.54
N VAL T 136 59.15 -126.87 -3.06
CA VAL T 136 60.02 -127.67 -2.25
C VAL T 136 61.44 -127.41 -2.70
N ALA T 137 62.21 -126.75 -1.86
CA ALA T 137 63.57 -126.40 -2.15
C ALA T 137 64.23 -125.87 -0.92
N ALA T 138 65.54 -126.00 -0.83
CA ALA T 138 66.19 -125.31 0.25
C ALA T 138 65.96 -123.84 0.00
N GLY T 139 65.63 -123.09 1.03
CA GLY T 139 65.46 -121.67 0.86
C GLY T 139 64.10 -121.27 0.29
N ALA T 140 63.20 -122.22 0.04
CA ALA T 140 61.88 -121.87 -0.51
C ALA T 140 61.20 -120.94 0.48
N LYS T 141 60.41 -119.97 0.01
CA LYS T 141 59.79 -119.07 0.98
C LYS T 141 58.30 -119.30 1.10
N GLU T 142 57.81 -119.08 2.31
CA GLU T 142 56.36 -119.22 2.63
C GLU T 142 55.71 -117.84 2.50
N ALA T 143 54.70 -117.72 1.63
CA ALA T 143 54.03 -116.45 1.39
C ALA T 143 53.51 -115.81 2.65
N PHE T 144 52.99 -116.59 3.57
CA PHE T 144 52.42 -115.98 4.74
C PHE T 144 52.85 -116.80 5.93
N HIS T 145 53.38 -116.18 6.97
CA HIS T 145 53.76 -116.95 8.15
C HIS T 145 53.83 -115.99 9.34
N PRO T 146 53.36 -116.38 10.52
CA PRO T 146 53.46 -115.63 11.75
C PRO T 146 54.91 -115.32 12.01
N MET T 147 55.19 -114.15 12.56
CA MET T 147 56.53 -113.71 12.88
C MET T 147 57.41 -113.40 11.66
N TYR T 148 56.85 -113.39 10.44
CA TYR T 148 57.64 -112.99 9.29
C TYR T 148 56.88 -112.01 8.39
N GLY T 149 57.59 -111.04 7.82
CA GLY T 149 56.92 -110.14 6.89
C GLY T 149 56.95 -110.70 5.47
N PRO T 150 56.28 -110.05 4.51
CA PRO T 150 56.23 -110.38 3.10
C PRO T 150 57.54 -109.98 2.46
N ASP T 151 57.90 -110.57 1.33
CA ASP T 151 59.09 -110.10 0.64
C ASP T 151 58.86 -108.65 0.25
N ALA T 152 59.85 -107.79 0.47
CA ALA T 152 59.68 -106.38 0.12
C ALA T 152 59.39 -106.17 -1.36
N MET T 153 60.00 -106.99 -2.22
CA MET T 153 59.81 -106.82 -3.63
C MET T 153 59.81 -108.14 -4.36
N PHE T 154 58.63 -108.65 -4.67
CA PHE T 154 58.55 -109.90 -5.37
C PHE T 154 57.81 -109.54 -6.63
N SER T 155 56.90 -108.59 -6.44
CA SER T 155 56.07 -108.09 -7.54
C SER T 155 56.55 -106.72 -8.06
N GLY T 156 57.29 -105.95 -7.23
CA GLY T 156 57.75 -104.59 -7.58
C GLY T 156 59.09 -104.51 -8.32
N GLN T 157 59.82 -103.40 -8.22
CA GLN T 157 61.06 -103.27 -9.01
C GLN T 157 62.07 -104.29 -8.69
N GLY T 158 62.17 -104.65 -7.43
CA GLY T 158 63.14 -105.63 -7.03
C GLY T 158 62.86 -106.97 -7.68
N ALA T 159 61.65 -107.16 -8.19
CA ALA T 159 61.27 -108.38 -8.83
C ALA T 159 62.16 -108.68 -10.01
N ALA T 160 62.61 -107.60 -10.65
CA ALA T 160 63.40 -107.61 -11.86
C ALA T 160 64.91 -107.57 -11.64
N LYS T 161 65.40 -107.57 -10.40
CA LYS T 161 66.84 -107.45 -10.25
C LYS T 161 67.43 -108.17 -9.06
N LYS T 162 68.75 -108.26 -9.04
CA LYS T 162 69.41 -108.91 -7.93
C LYS T 162 69.93 -107.86 -6.99
N PHE T 163 69.99 -108.22 -5.72
CA PHE T 163 70.52 -107.35 -4.70
C PHE T 163 71.65 -108.05 -3.97
N PRO T 164 72.64 -107.31 -3.45
CA PRO T 164 73.68 -107.83 -2.61
C PRO T 164 73.07 -108.15 -1.28
N ALA T 165 73.65 -109.11 -0.57
CA ALA T 165 73.17 -109.41 0.76
C ALA T 165 74.06 -108.78 1.80
N LEU T 166 73.51 -108.59 2.97
CA LEU T 166 74.27 -108.15 4.11
C LEU T 166 74.85 -109.34 4.82
N ALA T 167 76.14 -109.30 5.03
CA ALA T 167 76.86 -110.35 5.73
C ALA T 167 78.07 -109.72 6.39
N ALA T 168 78.64 -110.39 7.36
CA ALA T 168 79.78 -109.81 8.05
C ALA T 168 80.85 -109.37 7.05
N SER T 169 81.37 -108.16 7.28
CA SER T 169 82.42 -107.46 6.51
C SER T 169 81.87 -106.70 5.31
N THR T 170 80.60 -106.85 5.01
CA THR T 170 79.98 -106.16 3.90
C THR T 170 80.13 -104.66 4.00
N GLN T 171 80.54 -104.04 2.90
CA GLN T 171 80.64 -102.59 2.85
C GLN T 171 79.35 -102.04 2.28
N THR T 172 78.76 -101.14 3.03
CA THR T 172 77.54 -100.50 2.64
C THR T 172 77.81 -99.40 1.62
N THR T 173 77.07 -99.41 0.51
CA THR T 173 77.20 -98.41 -0.54
C THR T 173 75.96 -97.55 -0.60
N VAL T 174 76.14 -96.28 -0.36
CA VAL T 174 75.00 -95.40 -0.26
C VAL T 174 74.16 -95.31 -1.50
N GLY T 175 72.87 -95.48 -1.25
CA GLY T 175 71.80 -95.45 -2.19
C GLY T 175 71.42 -96.84 -2.66
N ASP T 176 72.29 -97.83 -2.42
CA ASP T 176 71.92 -99.15 -2.89
C ASP T 176 71.05 -99.84 -1.86
N ILE T 177 70.62 -101.04 -2.18
CA ILE T 177 69.79 -101.86 -1.29
C ILE T 177 70.37 -103.23 -1.08
N TYR T 178 70.50 -103.61 0.16
CA TYR T 178 71.05 -104.90 0.50
C TYR T 178 69.99 -105.76 1.13
N THR T 179 70.10 -107.07 0.99
CA THR T 179 69.11 -107.92 1.60
C THR T 179 69.58 -108.68 2.83
N HIS T 180 68.60 -109.11 3.59
CA HIS T 180 68.86 -109.87 4.79
C HIS T 180 67.67 -110.64 5.25
N PHE T 181 67.91 -111.70 5.99
CA PHE T 181 66.81 -112.41 6.60
C PHE T 181 67.07 -112.49 8.07
N PHE T 182 66.22 -111.84 8.85
CA PHE T 182 66.39 -111.80 10.28
C PHE T 182 65.85 -113.09 10.88
N GLN T 183 66.42 -113.55 11.99
CA GLN T 183 65.93 -114.78 12.62
C GLN T 183 64.46 -114.68 13.05
N GLU T 184 63.98 -113.46 13.20
CA GLU T 184 62.61 -113.12 13.53
C GLU T 184 62.30 -111.97 12.59
N THR T 185 61.08 -111.90 12.05
CA THR T 185 60.57 -110.91 11.08
C THR T 185 61.06 -111.20 9.63
N GLY T 186 62.09 -112.02 9.51
CA GLY T 186 62.62 -112.52 8.25
C GLY T 186 63.16 -111.54 7.24
N THR T 187 62.67 -111.70 6.02
CA THR T 187 63.10 -110.95 4.86
C THR T 187 62.97 -109.45 4.96
N VAL T 188 64.07 -108.80 4.64
CA VAL T 188 64.13 -107.37 4.61
C VAL T 188 65.02 -106.93 3.46
N TYR T 189 64.69 -105.79 2.89
CA TYR T 189 65.50 -105.12 1.90
C TYR T 189 65.81 -103.75 2.49
N LEU T 190 67.09 -103.46 2.70
CA LEU T 190 67.51 -102.25 3.38
C LEU T 190 68.36 -101.30 2.55
N GLN T 191 67.91 -100.06 2.44
CA GLN T 191 68.65 -99.09 1.67
C GLN T 191 69.72 -98.47 2.53
N ALA T 192 70.87 -98.31 1.92
CA ALA T 192 72.05 -97.71 2.48
C ALA T 192 72.02 -96.21 2.51
N SER T 193 72.02 -95.62 3.70
CA SER T 193 72.01 -94.17 3.79
C SER T 193 73.40 -93.63 4.05
N VAL T 194 74.28 -94.47 4.61
CA VAL T 194 75.64 -94.08 4.97
C VAL T 194 76.71 -95.10 4.54
N GLN T 195 77.95 -94.61 4.40
CA GLN T 195 79.06 -95.49 4.05
C GLN T 195 79.66 -96.19 5.24
N VAL T 196 79.03 -97.28 5.64
CA VAL T 196 79.46 -98.01 6.83
C VAL T 196 79.72 -99.49 6.64
N THR T 197 80.34 -100.09 7.66
CA THR T 197 80.58 -101.52 7.70
C THR T 197 79.50 -102.20 8.50
N ILE T 198 79.67 -103.48 8.71
CA ILE T 198 78.67 -104.31 9.39
C ILE T 198 79.25 -105.21 10.48
N ASP T 199 80.32 -104.83 11.15
CA ASP T 199 80.89 -105.72 12.15
C ASP T 199 81.38 -107.05 11.58
N ALA T 200 82.53 -107.02 10.96
CA ALA T 200 83.11 -108.20 10.35
C ALA T 200 83.30 -109.35 11.35
N GLY T 201 83.24 -109.11 12.67
CA GLY T 201 83.41 -110.18 13.64
C GLY T 201 82.16 -111.03 13.80
N ALA T 202 81.05 -110.63 13.17
CA ALA T 202 79.81 -111.36 13.25
C ALA T 202 79.91 -112.62 12.40
N THR T 203 79.23 -113.68 12.80
CA THR T 203 79.20 -114.91 12.02
C THR T 203 77.75 -115.30 11.83
N ASP T 204 77.21 -115.91 12.88
CA ASP T 204 75.83 -116.34 12.95
C ASP T 204 74.94 -115.13 12.79
N ALA T 205 73.78 -115.36 12.20
CA ALA T 205 72.83 -114.29 11.99
C ALA T 205 72.48 -113.61 13.29
N ALA T 206 72.52 -114.27 14.43
CA ALA T 206 72.14 -113.54 15.62
C ALA T 206 72.96 -112.27 15.81
N LYS T 207 74.25 -112.31 15.46
CA LYS T 207 75.06 -111.13 15.64
C LYS T 207 74.78 -110.15 14.52
N LEU T 208 74.59 -110.68 13.31
CA LEU T 208 74.32 -109.77 12.21
C LEU T 208 73.01 -109.05 12.43
N ASP T 209 72.03 -109.76 12.97
CA ASP T 209 70.74 -109.16 13.22
C ASP T 209 70.93 -108.04 14.18
N ALA T 210 71.70 -108.26 15.23
CA ALA T 210 71.92 -107.21 16.20
C ALA T 210 72.61 -105.99 15.59
N GLU T 211 73.62 -106.22 14.74
CA GLU T 211 74.32 -105.07 14.17
C GLU T 211 73.40 -104.32 13.23
N ILE T 212 72.61 -105.07 12.47
CA ILE T 212 71.69 -104.45 11.56
C ILE T 212 70.68 -103.66 12.35
N LYS T 213 70.16 -104.20 13.44
CA LYS T 213 69.22 -103.48 14.25
C LYS T 213 69.78 -102.15 14.72
N LYS T 214 71.07 -102.12 15.10
CA LYS T 214 71.69 -100.86 15.51
C LYS T 214 71.66 -99.87 14.35
N GLN T 215 72.01 -100.37 13.18
CA GLN T 215 72.06 -99.58 11.97
C GLN T 215 70.68 -99.09 11.57
N MET T 216 69.66 -99.91 11.81
CA MET T 216 68.32 -99.46 11.50
C MET T 216 67.95 -98.32 12.46
N GLU T 217 68.23 -98.51 13.76
CA GLU T 217 67.90 -97.48 14.74
C GLU T 217 68.57 -96.17 14.42
N ALA T 218 69.81 -96.29 13.96
CA ALA T 218 70.65 -95.16 13.62
C ALA T 218 70.27 -94.53 12.28
N GLY T 219 69.37 -95.17 11.54
CA GLY T 219 68.99 -94.67 10.25
C GLY T 219 69.96 -95.05 9.14
N ALA T 220 70.97 -95.87 9.46
CA ALA T 220 71.97 -96.28 8.50
C ALA T 220 71.34 -97.17 7.43
N LEU T 221 70.40 -97.99 7.89
CA LEU T 221 69.70 -98.93 7.02
C LEU T 221 68.20 -98.82 7.13
N VAL T 222 67.55 -98.58 6.01
CA VAL T 222 66.10 -98.44 6.05
C VAL T 222 65.33 -99.43 5.20
N GLU T 223 64.34 -100.05 5.81
CA GLU T 223 63.53 -100.99 5.06
C GLU T 223 62.79 -100.29 3.96
N ILE T 224 62.88 -100.83 2.75
CA ILE T 224 62.16 -100.17 1.69
C ILE T 224 61.87 -101.01 0.45
N ALA T 225 60.83 -100.60 -0.29
CA ALA T 225 60.38 -101.22 -1.53
C ALA T 225 59.86 -100.18 -2.48
N GLU T 226 59.79 -100.52 -3.76
CA GLU T 226 59.21 -99.65 -4.77
C GLU T 226 58.73 -100.47 -5.96
N GLY T 227 57.78 -99.95 -6.74
CA GLY T 227 57.30 -100.62 -7.95
C GLY T 227 58.24 -100.38 -9.13
N MET T 228 57.89 -100.92 -10.29
CA MET T 228 58.75 -100.86 -11.47
C MET T 228 58.35 -100.08 -12.69
N ALA T 229 59.35 -99.84 -13.51
CA ALA T 229 59.15 -99.22 -14.81
C ALA T 229 58.27 -100.08 -15.72
N THR T 230 57.41 -99.43 -16.51
CA THR T 230 56.59 -100.09 -17.52
C THR T 230 57.50 -100.69 -18.54
N SER T 231 58.56 -99.96 -18.86
CA SER T 231 59.54 -100.38 -19.86
C SER T 231 60.20 -101.71 -19.51
N ILE T 232 60.05 -102.15 -18.26
CA ILE T 232 60.57 -103.41 -17.86
C ILE T 232 59.43 -104.40 -17.79
N ALA T 233 58.36 -104.03 -17.11
CA ALA T 233 57.27 -104.96 -16.90
C ALA T 233 56.63 -105.46 -18.20
N GLU T 234 56.45 -104.58 -19.18
CA GLU T 234 55.78 -104.98 -20.40
C GLU T 234 56.62 -105.92 -21.23
N LEU T 235 57.92 -105.98 -20.96
CA LEU T 235 58.77 -106.77 -21.77
C LEU T 235 59.04 -108.14 -21.18
N GLN T 236 58.43 -108.43 -20.05
CA GLN T 236 58.78 -109.69 -19.42
C GLN T 236 58.53 -110.88 -20.34
N GLU T 237 59.34 -111.89 -20.10
CA GLU T 237 59.39 -113.16 -20.83
C GLU T 237 59.82 -113.00 -22.29
N GLY T 238 60.76 -112.10 -22.56
CA GLY T 238 61.31 -111.89 -23.89
C GLY T 238 60.40 -111.21 -24.91
N PHE T 239 59.53 -110.35 -24.46
CA PHE T 239 58.63 -109.72 -25.39
C PHE T 239 59.31 -108.67 -26.24
N ASN T 240 58.89 -108.61 -27.49
CA ASN T 240 59.33 -107.61 -28.43
C ASN T 240 60.85 -107.55 -28.59
N GLY T 241 61.47 -108.71 -28.66
CA GLY T 241 62.91 -108.80 -28.88
C GLY T 241 63.80 -108.83 -27.64
N SER T 242 63.25 -108.66 -26.45
CA SER T 242 64.12 -108.69 -25.29
C SER T 242 64.28 -110.10 -24.77
N THR T 243 64.91 -110.24 -23.61
CA THR T 243 65.14 -111.56 -23.03
C THR T 243 65.55 -111.58 -21.58
N ASP T 244 65.64 -112.79 -21.04
CA ASP T 244 66.10 -113.07 -19.69
C ASP T 244 65.41 -112.22 -18.65
N ASN T 245 64.11 -112.06 -18.82
CA ASN T 245 63.31 -111.23 -17.95
C ASN T 245 61.97 -111.84 -17.55
N PRO T 246 61.93 -113.01 -16.93
CA PRO T 246 60.72 -113.73 -16.58
C PRO T 246 59.93 -113.09 -15.44
N TRP T 247 58.65 -113.46 -15.33
CA TRP T 247 57.82 -113.02 -14.19
C TRP T 247 58.20 -113.86 -12.99
N ASN T 248 58.07 -113.30 -11.80
CA ASN T 248 58.25 -114.13 -10.62
C ASN T 248 56.95 -114.88 -10.38
N GLU T 249 57.04 -116.03 -9.72
CA GLU T 249 55.86 -116.88 -9.52
C GLU T 249 55.63 -117.30 -8.08
N MET T 250 54.34 -117.55 -7.80
CA MET T 250 53.88 -118.02 -6.50
C MET T 250 52.91 -119.19 -6.66
N GLY T 251 52.67 -119.90 -5.56
CA GLY T 251 51.71 -120.99 -5.52
C GLY T 251 51.53 -121.52 -4.11
N PHE T 252 51.30 -122.83 -3.98
CA PHE T 252 51.10 -123.41 -2.67
C PHE T 252 51.64 -124.81 -2.62
N ARG T 253 51.85 -125.30 -1.39
CA ARG T 253 52.40 -126.65 -1.17
C ARG T 253 51.69 -127.31 0.02
N ILE T 254 51.25 -128.56 -0.18
CA ILE T 254 50.56 -129.32 0.85
C ILE T 254 51.41 -130.48 1.35
N ASP T 255 51.56 -130.54 2.66
CA ASP T 255 52.35 -131.57 3.35
C ASP T 255 51.53 -132.23 4.43
N LYS T 256 52.09 -133.19 5.16
CA LYS T 256 51.28 -133.80 6.21
C LYS T 256 52.02 -134.28 7.45
N GLN T 257 51.24 -134.64 8.45
CA GLN T 257 51.78 -135.21 9.67
C GLN T 257 50.92 -136.37 10.15
N VAL T 258 51.53 -137.31 10.88
CA VAL T 258 50.74 -138.47 11.35
C VAL T 258 50.80 -138.80 12.85
N ILE T 259 49.79 -139.57 13.28
CA ILE T 259 49.62 -140.03 14.66
C ILE T 259 49.46 -141.54 14.77
N GLU T 260 49.88 -142.08 15.91
CA GLU T 260 49.70 -143.47 16.30
C GLU T 260 49.46 -143.47 17.81
N ALA T 261 48.40 -144.14 18.25
CA ALA T 261 48.01 -144.16 19.67
C ALA T 261 48.88 -145.02 20.59
N LYS T 262 49.05 -144.54 21.84
CA LYS T 262 49.75 -145.24 22.93
C LYS T 262 48.82 -145.63 24.06
N SER T 263 49.27 -146.57 24.91
CA SER T 263 48.47 -147.11 26.03
C SER T 263 48.90 -146.86 27.47
N ARG T 264 48.03 -147.30 28.39
CA ARG T 264 48.26 -147.32 29.83
C ARG T 264 47.56 -148.55 30.44
N GLN T 265 48.23 -149.30 31.35
CA GLN T 265 47.52 -150.47 31.93
C GLN T 265 47.98 -151.02 33.30
N LEU T 266 46.99 -151.51 34.08
CA LEU T 266 47.22 -152.07 35.43
C LEU T 266 46.44 -153.36 35.76
N LYS T 267 47.12 -154.31 36.42
CA LYS T 267 46.50 -155.56 36.85
C LYS T 267 46.38 -155.60 38.37
N ALA T 268 45.15 -155.64 38.87
CA ALA T 268 44.90 -155.63 40.31
C ALA T 268 44.91 -157.01 40.91
N ALA T 269 44.19 -157.93 40.27
CA ALA T 269 44.11 -159.31 40.75
C ALA T 269 43.92 -159.40 42.26
N TYR T 270 42.89 -158.73 42.80
CA TYR T 270 42.65 -158.68 44.23
C TYR T 270 42.65 -160.08 44.85
N SER T 271 43.20 -160.18 46.06
CA SER T 271 43.26 -161.44 46.81
C SER T 271 41.91 -161.89 47.38
N ILE T 272 41.70 -163.21 47.41
CA ILE T 272 40.47 -163.81 47.94
C ILE T 272 40.30 -163.63 49.40
N GLU T 273 41.31 -163.96 50.15
CA GLU T 273 41.23 -163.92 51.57
C GLU T 273 41.00 -162.51 52.06
N LEU T 274 41.63 -161.56 51.40
CA LEU T 274 41.49 -160.19 51.81
C LEU T 274 40.06 -159.75 51.56
N ALA T 275 39.51 -160.13 50.41
CA ALA T 275 38.14 -159.78 50.10
C ALA T 275 37.18 -160.38 51.10
N GLN T 276 37.44 -161.62 51.51
CA GLN T 276 36.56 -162.28 52.47
C GLN T 276 36.56 -161.56 53.81
N ASP T 277 37.74 -161.15 54.27
CA ASP T 277 37.81 -160.45 55.52
C ASP T 277 37.19 -159.08 55.40
N LEU T 278 37.40 -158.42 54.27
CA LEU T 278 36.85 -157.09 54.10
C LEU T 278 35.34 -157.14 54.21
N ARG T 279 34.74 -158.15 53.58
CA ARG T 279 33.31 -158.31 53.68
C ARG T 279 32.92 -158.54 55.13
N ALA T 280 33.61 -159.44 55.81
CA ALA T 280 33.29 -159.77 57.19
C ALA T 280 33.41 -158.58 58.16
N VAL T 281 34.38 -157.71 57.94
CA VAL T 281 34.62 -156.60 58.85
C VAL T 281 33.89 -155.31 58.50
N HIS T 282 34.00 -154.86 57.25
CA HIS T 282 33.42 -153.57 56.87
C HIS T 282 32.22 -153.67 55.95
N GLY T 283 31.94 -154.86 55.40
CA GLY T 283 30.84 -154.98 54.45
C GLY T 283 31.23 -154.48 53.07
N MET T 284 32.52 -154.45 52.80
CA MET T 284 33.03 -153.95 51.53
C MET T 284 33.37 -155.13 50.60
N ASP T 285 33.48 -154.88 49.29
CA ASP T 285 33.71 -155.97 48.32
C ASP T 285 35.17 -156.37 47.97
N ALA T 286 36.05 -155.38 47.92
CA ALA T 286 37.50 -155.41 47.56
C ALA T 286 37.78 -155.52 46.07
N ASP T 287 36.78 -155.76 45.25
CA ASP T 287 37.02 -155.72 43.83
C ASP T 287 36.49 -154.39 43.33
N ALA T 288 35.22 -154.14 43.62
CA ALA T 288 34.51 -152.95 43.19
C ALA T 288 35.13 -151.65 43.67
N GLU T 289 35.58 -151.60 44.94
CA GLU T 289 36.14 -150.34 45.40
C GLU T 289 37.40 -150.05 44.66
N LEU T 290 38.21 -151.07 44.47
CA LEU T 290 39.46 -150.87 43.80
C LEU T 290 39.22 -150.54 42.36
N SER T 291 38.28 -151.21 41.70
CA SER T 291 38.04 -150.89 40.31
C SER T 291 37.76 -149.39 40.18
N GLY T 292 36.90 -148.88 41.05
CA GLY T 292 36.56 -147.46 41.07
C GLY T 292 37.80 -146.59 41.29
N ILE T 293 38.61 -146.94 42.28
CA ILE T 293 39.81 -146.20 42.62
C ILE T 293 40.77 -146.17 41.44
N LEU T 294 40.97 -147.31 40.82
CA LEU T 294 41.88 -147.39 39.72
C LEU T 294 41.42 -146.60 38.53
N ALA T 295 40.13 -146.68 38.20
CA ALA T 295 39.62 -145.92 37.08
C ALA T 295 39.81 -144.45 37.33
N THR T 296 39.60 -144.06 38.58
CA THR T 296 39.76 -142.70 39.00
C THR T 296 41.19 -142.26 38.79
N GLU T 297 42.13 -143.09 39.25
CA GLU T 297 43.59 -142.80 39.13
C GLU T 297 43.96 -142.61 37.67
N ILE T 298 43.43 -143.45 36.77
CA ILE T 298 43.75 -143.35 35.37
C ILE T 298 43.26 -142.02 34.81
N MET T 299 42.06 -141.60 35.18
CA MET T 299 41.59 -140.31 34.74
C MET T 299 42.46 -139.19 35.30
N LEU T 300 42.88 -139.29 36.56
CA LEU T 300 43.69 -138.22 37.14
C LEU T 300 45.01 -138.12 36.40
N GLU T 301 45.59 -139.28 36.07
CA GLU T 301 46.86 -139.34 35.41
C GLU T 301 46.85 -138.68 34.07
N ILE T 302 45.83 -138.94 33.26
CA ILE T 302 45.83 -138.36 31.93
C ILE T 302 45.66 -136.88 31.99
N ASN T 303 44.84 -136.41 32.92
CA ASN T 303 44.65 -134.99 32.97
C ASN T 303 46.00 -134.34 33.18
N ARG T 304 46.81 -134.90 34.08
CA ARG T 304 48.12 -134.34 34.26
C ARG T 304 48.97 -134.58 33.06
N GLU T 305 48.88 -135.74 32.41
CA GLU T 305 49.79 -135.91 31.29
C GLU T 305 49.54 -134.81 30.27
N VAL T 306 48.28 -134.42 30.08
CA VAL T 306 47.97 -133.35 29.15
C VAL T 306 48.63 -132.07 29.60
N VAL T 307 48.50 -131.73 30.88
CA VAL T 307 49.10 -130.52 31.39
C VAL T 307 50.61 -130.56 31.23
N ASP T 308 51.21 -131.69 31.55
CA ASP T 308 52.65 -131.86 31.48
C ASP T 308 53.11 -131.63 30.05
N TRP T 309 52.37 -132.17 29.07
CA TRP T 309 52.67 -132.02 27.66
C TRP T 309 52.57 -130.57 27.24
N ILE T 310 51.59 -129.84 27.77
CA ILE T 310 51.51 -128.43 27.44
C ILE T 310 52.74 -127.74 27.93
N ASN T 311 53.15 -127.99 29.16
CA ASN T 311 54.35 -127.36 29.65
C ASN T 311 55.62 -127.84 28.97
N TYR T 312 55.64 -129.09 28.53
CA TYR T 312 56.79 -129.62 27.84
C TYR T 312 57.04 -128.75 26.63
N SER T 313 55.97 -128.54 25.87
CA SER T 313 56.08 -127.77 24.67
C SER T 313 55.95 -126.25 24.82
N ALA T 314 55.42 -125.75 25.92
CA ALA T 314 55.25 -124.30 26.04
C ALA T 314 56.58 -123.57 25.91
N GLN T 315 56.52 -122.42 25.25
CA GLN T 315 57.68 -121.59 25.03
C GLN T 315 58.00 -120.79 26.28
N VAL T 316 59.21 -120.29 26.37
CA VAL T 316 59.60 -119.49 27.51
C VAL T 316 59.00 -118.08 27.40
N GLY T 317 58.35 -117.62 28.48
CA GLY T 317 57.78 -116.27 28.49
C GLY T 317 58.87 -115.29 28.86
N LYS T 318 58.54 -114.02 29.05
CA LYS T 318 59.56 -113.02 29.37
C LYS T 318 60.83 -113.24 28.58
N SER T 319 60.69 -113.27 27.26
CA SER T 319 61.76 -113.60 26.35
C SER T 319 61.58 -113.02 24.97
N GLY T 320 62.69 -112.66 24.34
CA GLY T 320 62.65 -112.10 23.01
C GLY T 320 61.87 -110.81 23.03
N MET T 321 60.82 -110.73 22.23
CA MET T 321 59.99 -109.53 22.12
C MET T 321 59.25 -109.21 23.42
N THR T 322 59.19 -110.20 24.31
CA THR T 322 58.53 -110.09 25.60
C THR T 322 59.52 -109.88 26.74
N LEU T 323 60.80 -109.75 26.38
CA LEU T 323 61.88 -109.61 27.33
C LEU T 323 62.15 -108.17 27.71
N THR T 324 62.38 -107.95 28.97
CA THR T 324 62.81 -106.66 29.43
C THR T 324 64.30 -106.88 29.72
N PRO T 325 65.22 -106.05 29.23
CA PRO T 325 66.65 -106.20 29.43
C PRO T 325 67.09 -106.46 30.88
N GLY T 326 66.37 -105.89 31.85
CA GLY T 326 66.72 -106.09 33.25
C GLY T 326 66.02 -107.30 33.90
N SER T 327 65.34 -108.10 33.10
CA SER T 327 64.58 -109.25 33.57
C SER T 327 65.48 -110.42 33.88
N LYS T 328 64.86 -111.50 34.34
CA LYS T 328 65.57 -112.71 34.70
C LYS T 328 65.37 -113.85 33.70
N ALA T 329 64.93 -113.52 32.47
CA ALA T 329 64.79 -114.49 31.37
C ALA T 329 63.79 -115.62 31.64
N GLY T 330 62.51 -115.34 31.49
CA GLY T 330 61.46 -116.33 31.76
C GLY T 330 61.04 -116.42 33.20
N VAL T 331 61.63 -115.56 34.02
CA VAL T 331 61.37 -115.53 35.44
C VAL T 331 60.97 -114.14 35.89
N PHE T 332 59.87 -114.04 36.63
CA PHE T 332 59.35 -112.77 37.14
C PHE T 332 59.61 -112.65 38.62
N ASP T 333 60.46 -111.70 39.00
CA ASP T 333 60.80 -111.52 40.41
C ASP T 333 60.06 -110.31 40.98
N PHE T 334 59.12 -110.56 41.87
CA PHE T 334 58.31 -109.49 42.44
C PHE T 334 59.09 -108.55 43.35
N GLN T 335 60.33 -108.90 43.67
CA GLN T 335 61.15 -108.03 44.49
C GLN T 335 62.12 -107.23 43.63
N ASP T 336 62.06 -107.42 42.31
CA ASP T 336 62.95 -106.76 41.38
C ASP T 336 62.25 -105.59 40.66
N PRO T 337 62.64 -104.33 40.91
CA PRO T 337 62.08 -103.11 40.35
C PRO T 337 61.89 -103.17 38.84
N ILE T 338 62.70 -103.94 38.12
CA ILE T 338 62.48 -103.95 36.68
C ILE T 338 61.19 -104.67 36.38
N ASP T 339 61.05 -105.90 36.86
CA ASP T 339 59.85 -106.68 36.63
C ASP T 339 58.60 -106.04 37.18
N ILE T 340 58.74 -105.35 38.30
CA ILE T 340 57.57 -104.73 38.88
C ILE T 340 57.43 -103.28 38.44
N ARG T 341 58.20 -102.90 37.44
CA ARG T 341 58.14 -101.61 36.81
C ARG T 341 58.14 -100.45 37.79
N GLY T 342 59.09 -100.47 38.72
CA GLY T 342 59.29 -99.40 39.68
C GLY T 342 58.42 -99.44 40.92
N ALA T 343 57.55 -100.42 41.04
CA ALA T 343 56.67 -100.52 42.18
C ALA T 343 57.33 -100.80 43.50
N ARG T 344 56.60 -100.42 44.52
CA ARG T 344 56.86 -100.68 45.93
C ARG T 344 55.48 -101.12 46.39
N TRP T 345 55.25 -101.45 47.67
CA TRP T 345 53.88 -101.79 48.06
C TRP T 345 53.12 -102.76 47.16
N ALA T 346 53.19 -104.05 47.43
CA ALA T 346 52.56 -105.04 46.57
C ALA T 346 51.21 -104.66 45.92
N GLY T 347 50.29 -103.95 46.59
CA GLY T 347 48.98 -103.60 45.99
C GLY T 347 49.13 -102.76 44.70
N GLU T 348 50.30 -102.20 44.51
CA GLU T 348 50.71 -101.43 43.35
C GLU T 348 51.41 -102.39 42.38
N SER T 349 52.38 -103.12 42.92
CA SER T 349 53.26 -104.04 42.18
C SER T 349 52.54 -105.11 41.44
N PHE T 350 51.51 -105.64 42.04
CA PHE T 350 50.77 -106.72 41.46
C PHE T 350 50.24 -106.39 40.05
N LYS T 351 50.03 -105.11 39.72
CA LYS T 351 49.52 -104.78 38.40
C LYS T 351 50.54 -105.19 37.33
N ALA T 352 51.81 -105.28 37.73
CA ALA T 352 52.88 -105.65 36.83
C ALA T 352 52.66 -107.06 36.31
N LEU T 353 52.10 -107.93 37.16
CA LEU T 353 51.87 -109.28 36.75
C LEU T 353 50.85 -109.26 35.65
N LEU T 354 49.81 -108.46 35.87
CA LEU T 354 48.74 -108.42 34.91
C LEU T 354 49.27 -107.93 33.57
N PHE T 355 50.14 -106.93 33.62
CA PHE T 355 50.72 -106.37 32.42
C PHE T 355 51.50 -107.41 31.66
N GLN T 356 52.41 -108.11 32.37
CA GLN T 356 53.25 -109.08 31.71
C GLN T 356 52.41 -110.19 31.10
N ILE T 357 51.32 -110.56 31.77
CA ILE T 357 50.47 -111.59 31.22
C ILE T 357 49.90 -111.17 29.89
N ASP T 358 49.33 -109.97 29.80
CA ASP T 358 48.83 -109.58 28.50
C ASP T 358 49.94 -109.52 27.50
N LYS T 359 51.08 -108.99 27.90
CA LYS T 359 52.17 -108.84 26.98
C LYS T 359 52.48 -110.17 26.30
N GLU T 360 52.49 -111.24 27.11
CA GLU T 360 52.78 -112.61 26.62
C GLU T 360 51.60 -113.14 25.79
N ALA T 361 50.35 -112.86 26.22
CA ALA T 361 49.20 -113.35 25.48
C ALA T 361 49.17 -112.76 24.07
N VAL T 362 49.59 -111.50 23.98
CA VAL T 362 49.69 -110.78 22.71
C VAL T 362 50.77 -111.41 21.87
N GLU T 363 51.92 -111.70 22.47
CA GLU T 363 52.99 -112.37 21.75
C GLU T 363 52.51 -113.70 21.22
N ILE T 364 51.68 -114.40 21.98
CA ILE T 364 51.16 -115.65 21.48
C ILE T 364 50.40 -115.38 20.20
N ALA T 365 49.54 -114.38 20.17
CA ALA T 365 48.88 -114.12 18.90
C ALA T 365 49.89 -113.83 17.80
N ARG T 366 50.95 -113.09 18.10
CA ARG T 366 51.89 -112.80 17.02
C ARG T 366 52.52 -114.10 16.54
N GLN T 367 52.90 -114.95 17.48
CA GLN T 367 53.58 -116.21 17.24
C GLN T 367 52.72 -117.25 16.54
N THR T 368 51.41 -117.31 16.85
CA THR T 368 50.56 -118.31 16.22
C THR T 368 49.86 -117.78 14.99
N GLY T 369 49.49 -116.51 15.02
CA GLY T 369 48.75 -115.88 13.95
C GLY T 369 47.29 -116.29 13.98
N ARG T 370 46.84 -116.87 15.11
CA ARG T 370 45.46 -117.36 15.18
C ARG T 370 44.58 -116.76 16.27
N GLY T 371 45.11 -115.83 17.04
CA GLY T 371 44.38 -115.18 18.13
C GLY T 371 45.18 -115.15 19.43
N GLU T 372 44.80 -114.24 20.32
CA GLU T 372 45.56 -114.00 21.58
C GLU T 372 45.17 -115.00 22.67
N GLY T 373 46.09 -115.22 23.63
CA GLY T 373 45.90 -116.11 24.76
C GLY T 373 44.57 -115.81 25.43
N ASN T 374 43.90 -116.89 25.85
CA ASN T 374 42.59 -116.79 26.45
C ASN T 374 42.39 -117.68 27.68
N PHE T 375 43.48 -118.27 28.15
CA PHE T 375 43.42 -119.02 29.38
C PHE T 375 44.78 -119.07 30.03
N ILE T 376 44.74 -119.26 31.34
CA ILE T 376 45.92 -119.41 32.15
C ILE T 376 45.77 -120.52 33.15
N ILE T 377 46.77 -121.37 33.24
CA ILE T 377 46.77 -122.38 34.26
C ILE T 377 47.91 -121.98 35.21
N ALA T 378 47.63 -121.87 36.50
CA ALA T 378 48.70 -121.37 37.39
C ALA T 378 48.67 -121.92 38.79
N SER T 379 49.80 -121.83 39.47
CA SER T 379 49.95 -122.31 40.84
C SER T 379 49.07 -121.56 41.79
N ARG T 380 48.91 -122.14 42.98
CA ARG T 380 48.09 -121.54 44.01
C ARG T 380 48.55 -120.14 44.35
N ASN T 381 49.84 -119.92 44.46
CA ASN T 381 50.29 -118.60 44.82
C ASN T 381 49.99 -117.56 43.76
N VAL T 382 50.12 -117.94 42.49
CA VAL T 382 49.84 -116.99 41.43
C VAL T 382 48.37 -116.60 41.45
N VAL T 383 47.51 -117.58 41.59
CA VAL T 383 46.10 -117.28 41.57
C VAL T 383 45.70 -116.50 42.82
N ASN T 384 46.33 -116.76 43.97
CA ASN T 384 45.98 -116.04 45.18
C ASN T 384 46.20 -114.56 44.97
N VAL T 385 47.28 -114.20 44.27
CA VAL T 385 47.52 -112.80 43.97
C VAL T 385 46.46 -112.24 43.08
N LEU T 386 46.18 -112.93 41.99
CA LEU T 386 45.25 -112.42 41.03
C LEU T 386 43.84 -112.22 41.62
N ALA T 387 43.40 -113.11 42.48
CA ALA T 387 42.07 -113.01 43.07
C ALA T 387 41.94 -111.87 44.06
N SER T 388 43.08 -111.35 44.51
CA SER T 388 43.18 -110.36 45.55
C SER T 388 43.26 -108.95 45.02
N VAL T 389 43.27 -108.82 43.70
CA VAL T 389 43.40 -107.48 43.15
C VAL T 389 42.35 -107.21 42.13
N ASP T 390 42.16 -105.95 41.83
CA ASP T 390 41.28 -105.59 40.75
C ASP T 390 42.07 -105.80 39.48
N THR T 391 41.62 -106.72 38.63
CA THR T 391 42.34 -107.02 37.41
C THR T 391 42.06 -105.96 36.35
N GLY T 392 41.10 -105.08 36.63
CA GLY T 392 40.78 -104.04 35.67
C GLY T 392 41.78 -102.91 35.78
N ILE T 393 41.57 -101.88 34.98
CA ILE T 393 42.48 -100.77 35.01
C ILE T 393 42.09 -99.83 36.10
N SER T 394 42.96 -99.66 37.07
CA SER T 394 42.62 -98.81 38.19
C SER T 394 43.86 -98.30 38.87
N TYR T 395 43.63 -97.33 39.78
CA TYR T 395 44.73 -96.66 40.52
C TYR T 395 45.57 -97.69 41.28
N ALA T 396 44.93 -98.52 42.11
CA ALA T 396 45.64 -99.50 42.91
C ALA T 396 44.64 -100.51 43.37
N ALA T 397 45.05 -101.70 43.79
CA ALA T 397 44.02 -102.58 44.35
C ALA T 397 44.56 -103.74 45.13
N GLN T 398 44.04 -103.94 46.33
CA GLN T 398 44.40 -105.10 47.12
C GLN T 398 43.35 -105.38 48.18
N GLY T 399 43.10 -106.66 48.46
CA GLY T 399 42.22 -107.07 49.55
C GLY T 399 42.11 -108.55 49.63
N LEU T 400 41.15 -109.05 50.39
CA LEU T 400 40.95 -110.48 50.49
C LEU T 400 40.48 -110.92 49.14
N ALA T 401 40.84 -112.13 48.75
CA ALA T 401 40.44 -112.63 47.47
C ALA T 401 38.94 -112.67 47.29
N THR T 402 38.46 -112.20 46.14
CA THR T 402 37.04 -112.25 45.82
C THR T 402 36.92 -112.59 44.36
N GLY T 403 38.02 -112.32 43.65
CA GLY T 403 38.01 -112.35 42.19
C GLY T 403 37.61 -113.67 41.57
N PHE T 404 38.04 -114.77 42.19
CA PHE T 404 37.71 -116.11 41.63
C PHE T 404 38.12 -117.16 42.66
N SER T 405 37.56 -118.35 42.56
CA SER T 405 37.92 -119.38 43.53
C SER T 405 39.38 -119.73 43.54
N THR T 406 39.92 -119.94 44.72
CA THR T 406 41.29 -120.38 44.89
C THR T 406 41.38 -121.78 45.47
N ASP T 407 40.24 -122.45 45.58
CA ASP T 407 40.24 -123.79 46.15
C ASP T 407 40.69 -124.76 45.05
N THR T 408 41.03 -125.97 45.44
CA THR T 408 41.32 -127.03 44.48
C THR T 408 40.49 -128.24 44.85
N THR T 409 39.46 -127.98 45.66
CA THR T 409 38.67 -129.06 46.21
C THR T 409 37.24 -129.05 45.69
N LYS T 410 36.80 -127.92 45.18
CA LYS T 410 35.47 -127.80 44.64
C LYS T 410 35.63 -127.70 43.15
N SER T 411 36.72 -127.06 42.74
CA SER T 411 37.02 -126.85 41.34
C SER T 411 38.50 -126.93 41.00
N VAL T 412 38.75 -126.59 39.73
CA VAL T 412 40.08 -126.49 39.13
C VAL T 412 40.06 -125.22 38.34
N PHE T 413 38.85 -124.79 38.09
CA PHE T 413 38.57 -123.61 37.33
C PHE T 413 38.17 -122.58 38.30
N ALA T 414 38.95 -121.53 38.34
CA ALA T 414 38.74 -120.50 39.31
C ALA T 414 37.75 -119.45 38.85
N GLY T 415 37.89 -119.02 37.60
CA GLY T 415 37.07 -117.93 37.08
C GLY T 415 37.72 -117.25 35.89
N VAL T 416 37.30 -116.02 35.55
CA VAL T 416 37.88 -115.38 34.37
C VAL T 416 38.55 -114.03 34.67
N LEU T 417 39.82 -113.90 34.35
CA LEU T 417 40.58 -112.70 34.71
C LEU T 417 40.27 -111.55 33.82
N GLY T 418 39.63 -110.56 34.40
CA GLY T 418 39.25 -109.34 33.70
C GLY T 418 38.14 -109.62 32.73
N GLY T 419 37.53 -110.79 32.82
CA GLY T 419 36.53 -111.16 31.85
C GLY T 419 37.19 -111.68 30.56
N LYS T 420 38.52 -111.79 30.55
CA LYS T 420 39.24 -112.24 29.36
C LYS T 420 39.89 -113.61 29.44
N TYR T 421 40.66 -113.89 30.49
CA TYR T 421 41.40 -115.19 30.50
C TYR T 421 40.75 -116.20 31.44
N ARG T 422 40.50 -117.42 30.94
CA ARG T 422 39.97 -118.44 31.82
C ARG T 422 41.08 -118.94 32.70
N VAL T 423 40.96 -118.76 34.01
CA VAL T 423 42.01 -119.15 34.92
C VAL T 423 41.68 -120.40 35.71
N TYR T 424 42.64 -121.31 35.62
CA TYR T 424 42.63 -122.63 36.19
C TYR T 424 43.79 -122.80 37.16
N ILE T 425 43.67 -123.76 38.07
CA ILE T 425 44.71 -123.94 39.07
C ILE T 425 45.56 -125.18 38.87
N ASP T 426 46.86 -124.94 38.80
CA ASP T 426 47.84 -126.00 38.65
C ASP T 426 48.13 -126.50 40.05
N GLN T 427 47.20 -127.30 40.56
CA GLN T 427 47.20 -127.77 41.93
C GLN T 427 48.44 -128.62 42.25
N TYR T 428 49.08 -129.14 41.22
CA TYR T 428 50.28 -129.95 41.39
C TYR T 428 51.53 -129.28 40.81
N ALA T 429 51.52 -127.96 40.68
CA ALA T 429 52.71 -127.27 40.19
C ALA T 429 53.91 -127.67 41.03
N LYS T 430 55.05 -127.95 40.41
CA LYS T 430 56.18 -128.36 41.24
C LYS T 430 56.69 -127.27 42.16
N GLN T 431 56.72 -126.03 41.70
CA GLN T 431 57.13 -124.99 42.63
C GLN T 431 56.25 -123.77 42.58
N ASP T 432 56.40 -122.92 41.58
CA ASP T 432 55.53 -121.75 41.54
C ASP T 432 55.73 -121.04 40.19
N TYR T 433 54.74 -121.15 39.33
CA TYR T 433 54.77 -120.64 37.96
C TYR T 433 53.39 -120.56 37.38
N PHE T 434 53.31 -119.98 36.18
CA PHE T 434 52.07 -120.02 35.43
C PHE T 434 52.31 -120.16 33.95
N THR T 435 51.31 -120.69 33.26
CA THR T 435 51.33 -120.82 31.81
C THR T 435 50.09 -120.21 31.18
N VAL T 436 50.34 -119.39 30.17
CA VAL T 436 49.29 -118.71 29.43
C VAL T 436 49.22 -119.30 28.04
N GLY T 437 48.02 -119.48 27.53
CA GLY T 437 47.91 -120.02 26.21
C GLY T 437 46.65 -119.67 25.46
N TYR T 438 46.61 -120.13 24.22
CA TYR T 438 45.51 -119.87 23.33
C TYR T 438 44.85 -121.06 22.70
N LYS T 439 43.53 -121.03 22.73
CA LYS T 439 42.73 -122.00 22.02
C LYS T 439 41.64 -121.31 21.21
N GLY T 440 41.64 -121.54 19.90
CA GLY T 440 40.62 -120.93 19.07
C GLY T 440 39.34 -121.75 19.14
N PRO T 441 38.28 -121.38 18.42
CA PRO T 441 36.99 -122.04 18.43
C PRO T 441 36.97 -123.49 17.93
N ASN T 442 37.91 -123.91 17.07
CA ASN T 442 37.88 -125.30 16.66
C ASN T 442 38.85 -126.06 17.52
N GLU T 443 38.65 -127.34 17.68
CA GLU T 443 39.67 -128.07 18.43
C GLU T 443 41.05 -128.06 17.75
N MET T 444 41.09 -127.89 16.42
CA MET T 444 42.35 -127.88 15.72
C MET T 444 43.04 -126.52 15.84
N ASP T 445 42.41 -125.59 16.54
CA ASP T 445 42.94 -124.27 16.75
C ASP T 445 43.55 -124.21 18.15
N ALA T 446 43.65 -125.37 18.81
CA ALA T 446 44.18 -125.45 20.17
C ALA T 446 45.70 -125.54 20.29
N GLY T 447 46.42 -125.71 19.19
CA GLY T 447 47.87 -125.90 19.27
C GLY T 447 48.27 -127.35 19.60
N ILE T 448 47.66 -127.88 20.65
CA ILE T 448 47.90 -129.23 21.18
C ILE T 448 46.57 -129.98 21.31
N TYR T 449 46.59 -131.31 21.20
CA TYR T 449 45.37 -132.09 21.41
C TYR T 449 45.56 -133.49 22.02
N TYR T 450 44.46 -134.01 22.57
CA TYR T 450 44.38 -135.38 23.13
C TYR T 450 43.30 -136.12 22.34
N ALA T 451 43.60 -137.31 21.80
CA ALA T 451 42.62 -137.97 20.97
C ALA T 451 42.29 -139.40 21.38
N PRO T 452 41.41 -139.61 22.36
CA PRO T 452 41.18 -140.91 22.95
C PRO T 452 40.64 -141.87 21.93
N TYR T 453 40.97 -143.16 22.10
CA TYR T 453 40.50 -144.22 21.17
C TYR T 453 39.61 -145.21 21.93
N VAL T 454 40.16 -145.81 23.00
CA VAL T 454 39.43 -146.76 23.83
C VAL T 454 39.76 -146.55 25.30
N ALA T 455 38.93 -147.04 26.23
CA ALA T 455 39.34 -146.93 27.63
C ALA T 455 38.66 -147.93 28.54
N LEU T 456 39.33 -148.18 29.65
CA LEU T 456 38.86 -149.01 30.75
C LEU T 456 38.43 -150.40 30.31
N THR T 457 39.18 -151.02 29.40
CA THR T 457 38.82 -152.35 28.95
C THR T 457 39.29 -153.34 29.99
N PRO T 458 38.39 -154.13 30.60
CA PRO T 458 38.70 -155.01 31.69
C PRO T 458 39.53 -156.21 31.32
N LEU T 459 40.33 -156.65 32.28
CA LEU T 459 41.12 -157.86 32.25
C LEU T 459 40.55 -158.79 33.31
N ARG T 460 39.86 -159.84 32.94
CA ARG T 460 39.23 -160.65 33.99
C ARG T 460 39.56 -162.12 33.89
N GLY T 461 39.65 -162.75 35.05
CA GLY T 461 39.91 -164.19 35.13
C GLY T 461 40.34 -164.63 36.52
N SER T 462 41.18 -165.66 36.55
CA SER T 462 41.75 -166.24 37.76
C SER T 462 42.98 -167.02 37.33
N ASP T 463 43.83 -167.39 38.29
CA ASP T 463 45.00 -168.23 37.97
C ASP T 463 45.14 -169.42 38.94
N PRO T 464 44.89 -170.68 38.51
CA PRO T 464 44.85 -171.91 39.30
C PRO T 464 46.18 -172.22 39.99
N LYS T 465 47.25 -171.54 39.61
CA LYS T 465 48.50 -171.80 40.31
C LYS T 465 48.34 -171.44 41.79
N ASN T 466 47.48 -170.48 42.12
CA ASN T 466 47.26 -170.10 43.50
C ASN T 466 45.80 -169.74 43.66
N PHE T 467 45.09 -169.89 42.55
CA PHE T 467 43.66 -169.67 42.41
C PHE T 467 43.17 -168.27 42.71
N GLN T 468 44.05 -167.29 42.68
CA GLN T 468 43.60 -165.95 42.95
C GLN T 468 42.90 -165.38 41.70
N PRO T 469 41.94 -164.45 41.88
CA PRO T 469 41.23 -163.64 40.90
C PRO T 469 42.10 -162.74 40.07
N VAL T 470 41.64 -162.45 38.87
CA VAL T 470 42.26 -161.46 38.02
C VAL T 470 41.25 -160.37 37.72
N MET T 471 41.69 -159.15 38.00
CA MET T 471 40.95 -157.94 37.76
C MET T 471 41.94 -156.89 37.32
N GLY T 472 41.56 -156.04 36.38
CA GLY T 472 42.42 -154.98 35.91
C GLY T 472 41.83 -154.38 34.65
N PHE T 473 42.57 -153.50 33.97
CA PHE T 473 42.02 -152.90 32.73
C PHE T 473 43.07 -152.06 32.00
N LYS T 474 42.83 -151.82 30.71
CA LYS T 474 43.71 -151.02 29.85
C LYS T 474 43.01 -149.95 28.97
N THR T 475 43.79 -148.94 28.56
CA THR T 475 43.36 -147.89 27.62
C THR T 475 44.34 -147.60 26.50
N ARG T 476 43.92 -146.77 25.55
CA ARG T 476 44.77 -146.38 24.39
C ARG T 476 44.25 -145.05 23.83
N TYR T 477 45.14 -144.08 23.59
CA TYR T 477 44.68 -142.79 23.07
C TYR T 477 45.47 -142.11 21.96
N GLY T 478 46.67 -141.70 22.24
CA GLY T 478 47.43 -140.93 21.27
C GLY T 478 47.17 -139.44 21.48
N ILE T 479 48.23 -138.67 21.29
CA ILE T 479 48.22 -137.23 21.42
C ILE T 479 48.91 -136.60 20.28
N GLY T 480 48.82 -135.29 20.19
CA GLY T 480 49.64 -134.66 19.20
C GLY T 480 49.66 -133.15 19.19
N ILE T 481 50.39 -132.70 18.20
CA ILE T 481 50.71 -131.33 17.90
C ILE T 481 49.95 -130.89 16.66
N ASN T 482 49.22 -129.81 16.75
CA ASN T 482 48.51 -129.35 15.58
C ASN T 482 49.55 -128.81 14.61
N PRO T 483 49.36 -128.95 13.29
CA PRO T 483 50.32 -128.52 12.32
C PRO T 483 50.52 -127.06 12.50
N PHE T 484 51.74 -126.63 12.30
CA PHE T 484 52.18 -125.26 12.43
C PHE T 484 52.23 -124.80 13.88
N ALA T 485 51.95 -125.65 14.86
CA ALA T 485 51.97 -125.20 16.25
C ALA T 485 53.34 -124.67 16.64
N GLU T 486 54.40 -125.23 16.09
CA GLU T 486 55.73 -124.75 16.41
C GLU T 486 56.04 -123.34 15.89
N SER T 487 55.30 -122.88 14.86
CA SER T 487 55.54 -121.59 14.21
C SER T 487 57.03 -121.33 14.00
N ALA T 488 57.77 -122.35 13.60
CA ALA T 488 59.20 -122.25 13.54
C ALA T 488 59.74 -121.88 12.19
N ALA T 489 59.14 -122.40 11.15
CA ALA T 489 59.72 -122.21 9.83
C ALA T 489 58.76 -122.44 8.71
N GLN T 490 59.19 -121.97 7.55
CA GLN T 490 58.51 -122.08 6.29
C GLN T 490 58.25 -123.50 5.79
N ALA T 491 59.07 -124.49 6.17
CA ALA T 491 58.74 -125.83 5.70
C ALA T 491 59.32 -126.92 6.60
N PRO T 492 58.63 -128.07 6.76
CA PRO T 492 59.06 -129.26 7.46
C PRO T 492 60.03 -130.09 6.66
N ALA T 493 60.90 -130.80 7.36
CA ALA T 493 61.76 -131.73 6.68
C ALA T 493 60.95 -132.83 6.03
N SER T 494 61.39 -133.22 4.85
CA SER T 494 60.89 -134.33 4.04
C SER T 494 59.40 -134.35 3.74
N ARG T 495 58.72 -133.22 3.87
CA ARG T 495 57.29 -133.12 3.58
C ARG T 495 56.41 -134.01 4.48
N ILE T 496 56.98 -134.50 5.59
CA ILE T 496 56.20 -135.28 6.53
C ILE T 496 56.80 -135.31 7.90
N GLN T 497 55.94 -135.13 8.90
CA GLN T 497 56.40 -135.17 10.27
C GLN T 497 55.52 -135.96 11.19
N SER T 498 56.10 -136.51 12.24
CA SER T 498 55.27 -137.12 13.25
C SER T 498 54.50 -135.97 13.91
N GLY T 499 53.25 -136.20 14.27
CA GLY T 499 52.47 -135.19 15.01
C GLY T 499 52.65 -135.41 16.50
N MET T 500 53.46 -136.38 16.83
CA MET T 500 53.74 -136.77 18.19
C MET T 500 54.95 -135.99 18.68
N PRO T 501 55.03 -135.65 19.98
CA PRO T 501 56.12 -134.93 20.61
C PRO T 501 57.39 -135.74 20.71
N SER T 502 58.48 -135.02 20.78
CA SER T 502 59.83 -135.49 21.00
C SER T 502 60.59 -134.25 21.37
N ILE T 503 61.86 -134.37 21.75
CA ILE T 503 62.53 -133.11 22.05
C ILE T 503 62.61 -132.25 20.82
N LEU T 504 63.05 -132.83 19.72
CA LEU T 504 63.19 -132.08 18.50
C LEU T 504 61.87 -131.57 17.98
N ASN T 505 60.82 -132.37 18.15
CA ASN T 505 59.55 -131.97 17.61
C ASN T 505 58.88 -130.85 18.39
N SER T 506 59.01 -130.85 19.73
CA SER T 506 58.31 -129.80 20.43
C SER T 506 58.84 -129.28 21.76
N LEU T 507 60.03 -129.66 22.23
CA LEU T 507 60.34 -129.19 23.57
C LEU T 507 60.58 -127.70 23.56
N GLY T 508 59.73 -126.99 24.30
CA GLY T 508 59.80 -125.54 24.39
C GLY T 508 59.39 -124.81 23.12
N LYS T 509 58.70 -125.48 22.18
CA LYS T 509 58.39 -124.85 20.91
C LYS T 509 56.95 -124.45 20.58
N ASN T 510 55.96 -124.90 21.31
CA ASN T 510 54.57 -124.66 20.89
C ASN T 510 54.11 -123.23 21.10
N ALA T 511 53.83 -122.58 19.98
CA ALA T 511 53.48 -121.17 19.83
C ALA T 511 52.25 -120.75 20.59
N TYR T 512 51.41 -121.69 20.92
CA TYR T 512 50.15 -121.39 21.58
C TYR T 512 50.30 -121.27 23.08
N PHE T 513 51.49 -121.55 23.62
CA PHE T 513 51.65 -121.49 25.05
C PHE T 513 52.97 -120.86 25.51
N ARG T 514 52.95 -120.16 26.64
CA ARG T 514 54.18 -119.54 27.21
C ARG T 514 54.19 -119.66 28.74
N ARG T 515 55.33 -120.08 29.31
CA ARG T 515 55.42 -120.29 30.78
C ARG T 515 56.43 -119.35 31.42
N VAL T 516 56.05 -118.80 32.58
CA VAL T 516 56.85 -117.92 33.42
C VAL T 516 56.94 -118.42 34.84
N TYR T 517 58.16 -118.43 35.37
CA TYR T 517 58.38 -118.87 36.73
C TYR T 517 58.31 -117.65 37.60
N VAL T 518 57.86 -117.80 38.83
CA VAL T 518 57.78 -116.62 39.66
C VAL T 518 58.58 -116.71 40.96
N LYS T 519 59.17 -115.58 41.29
CA LYS T 519 59.98 -115.38 42.48
C LYS T 519 59.50 -114.16 43.20
N GLY T 520 59.74 -114.09 44.50
CA GLY T 520 59.38 -112.89 45.24
C GLY T 520 57.90 -112.85 45.60
N ILE T 521 57.21 -113.95 45.30
CA ILE T 521 55.79 -114.12 45.49
C ILE T 521 55.48 -115.01 46.69
N ALA U 66 20.08 -77.34 116.57
CA ALA U 66 21.08 -76.36 116.97
C ALA U 66 22.25 -77.06 117.63
N GLU U 67 22.05 -78.33 117.89
CA GLU U 67 23.06 -79.19 118.50
C GLU U 67 23.98 -79.78 117.44
N ILE U 68 25.18 -80.15 117.86
CA ILE U 68 26.14 -80.77 116.95
C ILE U 68 25.98 -82.26 116.81
N GLY U 69 25.70 -82.69 115.59
CA GLY U 69 25.54 -84.09 115.27
C GLY U 69 26.92 -84.72 115.15
N GLY U 70 27.86 -83.93 114.64
CA GLY U 70 29.23 -84.37 114.45
C GLY U 70 29.20 -85.41 113.37
N ASP U 71 30.30 -86.11 113.18
CA ASP U 71 30.29 -87.12 112.14
C ASP U 71 31.42 -88.10 112.34
N HIS U 72 31.52 -89.04 111.42
CA HIS U 72 32.53 -90.05 111.43
C HIS U 72 33.86 -89.43 111.06
N GLY U 73 34.92 -90.24 111.05
CA GLY U 73 36.25 -89.76 110.75
C GLY U 73 36.79 -90.08 109.35
N TYR U 74 35.92 -90.45 108.39
CA TYR U 74 36.34 -90.87 107.05
C TYR U 74 37.20 -92.14 107.06
N ASN U 75 37.09 -92.85 108.16
CA ASN U 75 37.71 -94.12 108.45
C ASN U 75 36.70 -95.21 108.18
N ALA U 76 36.96 -96.08 107.23
CA ALA U 76 35.96 -97.07 106.86
C ALA U 76 35.48 -97.88 108.05
N THR U 77 36.34 -98.15 109.03
CA THR U 77 35.90 -98.94 110.17
C THR U 77 34.86 -98.18 110.94
N ASN U 78 35.16 -96.95 111.26
CA ASN U 78 34.27 -96.15 112.06
C ASN U 78 32.99 -95.86 111.32
N ILE U 79 33.07 -95.73 110.00
CA ILE U 79 31.87 -95.46 109.24
C ILE U 79 30.96 -96.65 109.33
N ALA U 80 31.50 -97.81 109.05
CA ALA U 80 30.69 -99.01 109.06
C ALA U 80 30.07 -99.22 110.42
N ALA U 81 30.83 -98.88 111.45
CA ALA U 81 30.45 -99.03 112.83
C ALA U 81 29.54 -97.92 113.38
N GLY U 82 29.27 -96.85 112.61
CA GLY U 82 28.43 -95.77 113.11
C GLY U 82 29.11 -94.88 114.17
N GLN U 83 30.43 -94.82 114.19
CA GLN U 83 31.13 -94.08 115.22
C GLN U 83 31.39 -92.62 114.88
N THR U 84 30.68 -91.74 115.59
CA THR U 84 30.72 -90.31 115.34
C THR U 84 31.21 -89.48 116.52
N SER U 85 31.65 -88.26 116.18
CA SER U 85 32.17 -87.27 117.12
C SER U 85 31.16 -86.38 117.85
N GLY U 86 29.89 -86.42 117.48
CA GLY U 86 28.93 -85.50 118.09
C GLY U 86 27.96 -86.16 119.05
N ALA U 87 26.74 -85.62 119.09
CA ALA U 87 25.71 -86.02 120.04
C ALA U 87 25.30 -87.49 119.99
N VAL U 88 25.17 -88.09 118.82
CA VAL U 88 24.71 -89.47 118.83
C VAL U 88 25.46 -90.39 117.89
N THR U 89 25.43 -91.66 118.31
CA THR U 89 25.91 -92.83 117.60
C THR U 89 24.98 -93.07 116.44
N GLN U 90 25.52 -93.50 115.31
CA GLN U 90 24.71 -93.73 114.14
C GLN U 90 24.27 -95.15 113.95
N ILE U 91 23.23 -95.29 113.14
CA ILE U 91 22.66 -96.56 112.74
C ILE U 91 23.68 -97.39 111.98
N GLY U 92 24.41 -96.72 111.10
CA GLY U 92 25.39 -97.35 110.24
C GLY U 92 24.79 -97.38 108.85
N PRO U 93 25.58 -97.80 107.85
CA PRO U 93 25.25 -97.81 106.44
C PRO U 93 24.16 -98.78 106.07
N ALA U 94 23.39 -98.45 105.03
CA ALA U 94 22.41 -99.40 104.55
C ALA U 94 22.86 -100.08 103.27
N VAL U 95 22.70 -99.39 102.13
CA VAL U 95 23.10 -99.98 100.87
C VAL U 95 23.65 -98.96 99.87
N MET U 96 24.51 -99.44 99.00
CA MET U 96 25.05 -98.78 97.82
C MET U 96 25.05 -99.83 96.71
N GLY U 97 24.06 -100.71 96.77
CA GLY U 97 23.94 -101.81 95.83
C GLY U 97 24.97 -102.89 96.12
N MET U 98 25.14 -103.78 95.14
CA MET U 98 26.04 -104.90 95.25
C MET U 98 26.57 -105.29 93.88
N VAL U 99 27.81 -105.75 93.83
CA VAL U 99 28.40 -106.21 92.57
C VAL U 99 28.95 -107.62 92.65
N ARG U 100 29.19 -108.19 91.49
CA ARG U 100 29.79 -109.50 91.32
C ARG U 100 30.33 -109.56 89.92
N ARG U 101 31.07 -110.59 89.58
CA ARG U 101 31.57 -110.65 88.23
C ARG U 101 30.75 -111.57 87.36
N ALA U 102 30.75 -111.27 86.06
CA ALA U 102 30.13 -112.09 85.06
C ALA U 102 31.01 -113.23 84.61
N ILE U 103 30.38 -114.30 84.18
CA ILE U 103 31.09 -115.41 83.63
C ILE U 103 31.66 -115.02 82.27
N PRO U 104 32.93 -115.34 81.95
CA PRO U 104 33.54 -115.08 80.67
C PRO U 104 32.84 -115.91 79.61
N ASN U 105 32.87 -115.43 78.38
CA ASN U 105 32.25 -116.10 77.25
C ASN U 105 33.19 -117.15 76.69
N LEU U 106 32.65 -118.12 75.95
CA LEU U 106 33.52 -119.16 75.40
C LEU U 106 33.11 -119.72 74.05
N ILE U 107 34.06 -120.43 73.45
CA ILE U 107 33.88 -121.20 72.23
C ILE U 107 34.07 -122.65 72.63
N ALA U 108 33.02 -123.46 72.63
CA ALA U 108 33.20 -124.85 73.12
C ALA U 108 33.70 -125.80 72.05
N PHE U 109 33.00 -125.83 70.94
CA PHE U 109 33.34 -126.72 69.84
C PHE U 109 32.88 -126.16 68.51
N ASP U 110 32.70 -124.85 68.43
CA ASP U 110 32.15 -124.26 67.23
C ASP U 110 32.99 -124.56 65.99
N ILE U 111 34.27 -124.77 66.22
CA ILE U 111 35.21 -125.01 65.16
C ILE U 111 35.87 -126.40 65.23
N CYS U 112 35.18 -127.39 65.80
CA CYS U 112 35.73 -128.75 65.79
C CYS U 112 34.59 -129.75 65.79
N GLY U 113 34.90 -131.04 65.63
CA GLY U 113 33.84 -132.01 65.66
C GLY U 113 33.54 -132.37 67.09
N VAL U 114 32.52 -133.21 67.29
CA VAL U 114 32.17 -133.63 68.63
C VAL U 114 32.15 -135.16 68.73
N GLN U 115 31.33 -135.82 67.91
CA GLN U 115 31.15 -137.26 68.04
C GLN U 115 30.96 -137.65 69.51
N PRO U 116 29.88 -137.22 70.16
CA PRO U 116 29.67 -137.39 71.57
C PRO U 116 29.62 -138.87 71.82
N MET U 117 30.07 -139.26 72.98
CA MET U 117 30.10 -140.66 73.33
C MET U 117 28.78 -141.12 73.92
N ASN U 118 28.45 -142.36 73.68
CA ASN U 118 27.31 -143.02 74.29
C ASN U 118 27.86 -144.36 74.73
N SER U 119 29.16 -144.45 74.53
CA SER U 119 30.00 -145.57 74.87
C SER U 119 31.42 -145.00 74.92
N PRO U 120 32.21 -145.28 75.94
CA PRO U 120 33.54 -144.80 76.14
C PRO U 120 34.51 -145.60 75.29
N THR U 121 35.76 -145.17 75.28
CA THR U 121 36.88 -145.89 74.65
C THR U 121 36.63 -146.36 73.21
N GLY U 122 36.10 -145.49 72.32
CA GLY U 122 35.76 -145.85 70.91
C GLY U 122 36.92 -145.84 69.87
N GLN U 123 36.57 -146.13 68.59
CA GLN U 123 37.57 -146.19 67.50
C GLN U 123 37.09 -145.68 66.16
N VAL U 124 38.04 -145.17 65.38
CA VAL U 124 37.83 -144.66 64.02
C VAL U 124 38.67 -145.39 63.01
N PHE U 125 38.08 -145.73 61.88
CA PHE U 125 38.83 -146.43 60.83
C PHE U 125 39.15 -145.51 59.68
N ALA U 126 40.21 -145.82 58.95
CA ALA U 126 40.53 -145.02 57.77
C ALA U 126 41.09 -145.83 56.60
N LEU U 127 40.70 -145.44 55.40
CA LEU U 127 41.16 -146.10 54.18
C LEU U 127 42.20 -145.29 53.44
N ARG U 128 43.24 -145.97 52.97
CA ARG U 128 44.27 -145.33 52.19
C ARG U 128 44.43 -146.09 50.88
N ALA U 129 44.55 -145.36 49.76
CA ALA U 129 44.76 -146.00 48.45
C ALA U 129 46.26 -146.10 48.22
N VAL U 130 46.74 -147.24 47.77
CA VAL U 130 48.19 -147.44 47.67
C VAL U 130 48.69 -147.99 46.35
N TYR U 131 50.01 -147.85 46.12
CA TYR U 131 50.59 -148.48 44.96
C TYR U 131 52.03 -148.93 45.12
N GLY U 132 52.44 -149.83 44.24
CA GLY U 132 53.81 -150.36 44.24
C GLY U 132 53.88 -151.78 44.79
N LYS U 133 52.77 -152.52 44.67
CA LYS U 133 52.62 -153.93 45.09
C LYS U 133 52.65 -154.25 46.60
N ASP U 134 52.74 -153.27 47.49
CA ASP U 134 52.76 -153.58 48.91
C ASP U 134 52.19 -152.47 49.77
N PRO U 135 50.91 -152.53 50.15
CA PRO U 135 50.23 -151.52 50.91
C PRO U 135 50.94 -151.05 52.18
N VAL U 136 51.70 -151.92 52.85
CA VAL U 136 52.35 -151.45 54.07
C VAL U 136 53.82 -151.81 54.07
N ALA U 137 54.64 -150.85 53.72
CA ALA U 137 56.07 -151.05 53.67
C ALA U 137 56.78 -149.72 53.66
N ALA U 138 58.01 -149.70 54.15
CA ALA U 138 58.75 -148.48 53.94
C ALA U 138 58.88 -148.32 52.45
N GLY U 139 58.70 -147.11 51.95
CA GLY U 139 58.84 -146.84 50.53
C GLY U 139 57.55 -147.00 49.74
N ALA U 140 56.50 -147.56 50.36
CA ALA U 140 55.21 -147.73 49.70
C ALA U 140 54.68 -146.35 49.38
N LYS U 141 53.91 -146.21 48.30
CA LYS U 141 53.39 -144.89 47.97
C LYS U 141 51.86 -144.83 48.03
N GLU U 142 51.36 -143.66 48.46
CA GLU U 142 49.90 -143.41 48.56
C GLU U 142 49.40 -142.92 47.20
N ALA U 143 48.45 -143.64 46.62
CA ALA U 143 47.90 -143.31 45.31
C ALA U 143 47.12 -142.00 45.33
N PHE U 144 46.39 -141.77 46.40
CA PHE U 144 45.56 -140.58 46.48
C PHE U 144 45.89 -139.70 47.64
N HIS U 145 46.45 -138.55 47.33
CA HIS U 145 46.81 -137.62 48.38
C HIS U 145 46.94 -136.24 47.74
N PRO U 146 46.35 -135.18 48.30
CA PRO U 146 46.39 -133.85 47.75
C PRO U 146 47.77 -133.20 47.61
N MET U 147 48.77 -133.64 48.36
CA MET U 147 50.07 -133.02 48.23
C MET U 147 50.97 -133.66 47.21
N TYR U 148 50.50 -134.70 46.51
CA TYR U 148 51.38 -135.38 45.57
C TYR U 148 50.68 -135.60 44.24
N GLY U 149 51.38 -135.43 43.13
CA GLY U 149 50.69 -135.66 41.86
C GLY U 149 50.60 -137.14 41.57
N PRO U 150 49.72 -137.56 40.64
CA PRO U 150 49.56 -138.93 40.20
C PRO U 150 50.80 -139.40 39.49
N ASP U 151 51.18 -140.63 39.69
CA ASP U 151 52.36 -141.16 39.04
C ASP U 151 52.01 -141.69 37.66
N ALA U 152 51.73 -140.79 36.73
CA ALA U 152 51.24 -141.21 35.41
C ALA U 152 52.19 -142.16 34.69
N MET U 153 53.47 -141.96 34.87
CA MET U 153 54.48 -142.80 34.24
C MET U 153 54.41 -144.24 34.73
N PHE U 154 53.73 -144.47 35.84
CA PHE U 154 53.56 -145.79 36.44
C PHE U 154 52.81 -146.67 35.47
N SER U 155 51.71 -146.15 34.88
CA SER U 155 50.83 -146.92 33.98
C SER U 155 51.23 -146.76 32.53
N GLY U 156 51.91 -145.65 32.24
CA GLY U 156 52.34 -145.31 30.90
C GLY U 156 53.68 -145.93 30.61
N GLN U 157 54.48 -145.26 29.81
CA GLN U 157 55.74 -145.86 29.34
C GLN U 157 56.65 -146.29 30.44
N GLY U 158 56.62 -145.59 31.56
CA GLY U 158 57.49 -145.90 32.67
C GLY U 158 57.26 -147.30 33.22
N ALA U 159 56.12 -147.89 32.91
CA ALA U 159 55.80 -149.22 33.37
C ALA U 159 56.82 -150.22 32.85
N ALA U 160 57.44 -149.89 31.71
CA ALA U 160 58.40 -150.76 31.06
C ALA U 160 59.81 -150.64 31.59
N LYS U 161 60.09 -149.74 32.53
CA LYS U 161 61.47 -149.64 32.93
C LYS U 161 61.74 -149.01 34.27
N LYS U 162 62.92 -149.29 34.78
CA LYS U 162 63.38 -148.58 35.94
C LYS U 162 64.06 -147.35 35.42
N PHE U 163 64.06 -146.29 36.19
CA PHE U 163 64.73 -145.10 35.77
C PHE U 163 65.84 -144.81 36.72
N PRO U 164 66.95 -144.22 36.28
CA PRO U 164 68.00 -143.76 37.15
C PRO U 164 67.41 -142.65 37.99
N ALA U 165 67.80 -142.60 39.24
CA ALA U 165 67.35 -141.52 40.10
C ALA U 165 68.27 -140.34 39.99
N LEU U 166 67.70 -139.19 40.22
CA LEU U 166 68.46 -137.98 40.36
C LEU U 166 69.07 -138.06 41.73
N ALA U 167 70.34 -137.75 41.80
CA ALA U 167 71.08 -137.81 43.04
C ALA U 167 72.29 -136.94 42.92
N ALA U 168 72.83 -136.50 44.04
CA ALA U 168 74.01 -135.64 43.97
C ALA U 168 75.11 -136.23 43.12
N SER U 169 75.62 -135.38 42.23
CA SER U 169 76.73 -135.63 41.29
C SER U 169 76.32 -136.38 40.04
N THR U 170 75.09 -136.85 40.00
CA THR U 170 74.62 -137.65 38.89
C THR U 170 74.71 -136.90 37.59
N GLN U 171 75.27 -137.55 36.58
CA GLN U 171 75.37 -136.98 35.24
C GLN U 171 74.18 -137.44 34.45
N THR U 172 73.79 -136.66 33.46
CA THR U 172 72.67 -137.01 32.63
C THR U 172 73.04 -137.17 31.16
N THR U 173 72.14 -137.81 30.42
CA THR U 173 72.26 -137.98 28.99
C THR U 173 71.03 -137.39 28.34
N VAL U 174 71.23 -136.48 27.42
CA VAL U 174 70.10 -135.82 26.80
C VAL U 174 69.22 -136.80 26.08
N GLY U 175 67.94 -136.69 26.38
CA GLY U 175 66.88 -137.51 25.87
C GLY U 175 66.45 -138.58 26.85
N ASP U 176 67.28 -138.90 27.84
CA ASP U 176 66.80 -139.93 28.75
C ASP U 176 66.00 -139.31 29.87
N ILE U 177 65.48 -140.16 30.76
CA ILE U 177 64.67 -139.72 31.88
C ILE U 177 65.22 -140.13 33.21
N TYR U 178 65.28 -139.16 34.09
CA TYR U 178 65.79 -139.34 35.42
C TYR U 178 64.65 -139.07 36.38
N THR U 179 64.65 -139.73 37.54
CA THR U 179 63.53 -139.50 38.45
C THR U 179 63.84 -139.06 39.86
N HIS U 180 62.83 -138.52 40.50
CA HIS U 180 62.95 -138.07 41.87
C HIS U 180 61.64 -137.95 42.59
N PHE U 181 61.60 -138.35 43.85
CA PHE U 181 60.38 -138.15 44.60
C PHE U 181 60.51 -136.96 45.49
N PHE U 182 59.73 -135.93 45.22
CA PHE U 182 59.86 -134.77 46.07
C PHE U 182 58.99 -135.01 47.30
N GLN U 183 59.52 -134.62 48.47
CA GLN U 183 58.80 -134.80 49.76
C GLN U 183 57.43 -134.16 49.78
N GLU U 184 57.23 -133.24 48.87
CA GLU U 184 56.02 -132.54 48.61
C GLU U 184 55.98 -132.52 47.10
N THR U 185 54.80 -132.67 46.50
CA THR U 185 54.49 -132.72 45.05
C THR U 185 54.73 -134.09 44.37
N GLY U 186 55.48 -135.01 44.99
CA GLY U 186 55.63 -136.38 44.47
C GLY U 186 56.65 -136.62 43.39
N THR U 187 56.54 -137.82 42.79
CA THR U 187 57.47 -138.32 41.79
C THR U 187 57.48 -137.45 40.55
N VAL U 188 58.68 -137.10 40.11
CA VAL U 188 58.82 -136.36 38.89
C VAL U 188 59.70 -137.18 37.99
N TYR U 189 59.35 -137.15 36.73
CA TYR U 189 60.11 -137.80 35.69
C TYR U 189 60.60 -136.69 34.83
N LEU U 190 61.91 -136.56 34.71
CA LEU U 190 62.47 -135.48 33.96
C LEU U 190 63.34 -135.88 32.82
N GLN U 191 62.99 -135.40 31.65
CA GLN U 191 63.76 -135.72 30.49
C GLN U 191 64.90 -134.74 30.45
N ALA U 192 66.08 -135.24 30.17
CA ALA U 192 67.23 -134.37 30.05
C ALA U 192 67.21 -133.69 28.69
N SER U 193 67.22 -132.36 28.70
CA SER U 193 67.25 -131.57 27.49
C SER U 193 68.66 -131.06 27.35
N VAL U 194 69.27 -130.90 28.51
CA VAL U 194 70.64 -130.42 28.67
C VAL U 194 71.44 -131.38 29.49
N GLN U 195 72.65 -131.66 29.06
CA GLN U 195 73.53 -132.50 29.83
C GLN U 195 74.09 -131.68 30.97
N VAL U 196 73.83 -132.10 32.18
CA VAL U 196 74.26 -131.36 33.35
C VAL U 196 74.35 -132.26 34.55
N THR U 197 75.32 -132.04 35.43
CA THR U 197 75.32 -132.85 36.61
C THR U 197 74.44 -132.22 37.66
N ILE U 198 74.04 -133.01 38.63
CA ILE U 198 73.21 -132.51 39.69
C ILE U 198 73.94 -132.26 41.00
N ASP U 199 74.62 -131.11 41.12
CA ASP U 199 75.20 -130.67 42.39
C ASP U 199 75.81 -131.73 43.29
N ALA U 200 77.04 -132.11 43.06
CA ALA U 200 77.66 -133.14 43.88
C ALA U 200 77.64 -132.82 45.39
N GLY U 201 77.46 -131.55 45.79
CA GLY U 201 77.45 -131.24 47.21
C GLY U 201 76.07 -131.41 47.86
N ALA U 202 75.07 -131.80 47.08
CA ALA U 202 73.70 -131.92 47.59
C ALA U 202 73.47 -133.23 48.33
N THR U 203 74.13 -133.38 49.47
CA THR U 203 74.05 -134.62 50.25
C THR U 203 72.81 -134.62 51.13
N ASP U 204 72.25 -133.45 51.27
CA ASP U 204 71.03 -133.12 51.97
C ASP U 204 69.89 -133.30 51.01
N ALA U 205 68.93 -134.16 51.32
CA ALA U 205 67.83 -134.37 50.38
C ALA U 205 67.17 -133.04 50.03
N ALA U 206 67.11 -132.11 50.98
CA ALA U 206 66.52 -130.81 50.70
C ALA U 206 67.28 -130.08 49.60
N LYS U 207 68.61 -130.22 49.58
CA LYS U 207 69.44 -129.58 48.59
C LYS U 207 69.22 -130.24 47.27
N LEU U 208 69.05 -131.56 47.30
CA LEU U 208 68.81 -132.27 46.07
C LEU U 208 67.50 -131.77 45.49
N ASP U 209 66.45 -131.66 46.33
CA ASP U 209 65.19 -131.18 45.80
C ASP U 209 65.39 -129.81 45.13
N ALA U 210 66.14 -128.94 45.81
CA ALA U 210 66.40 -127.62 45.28
C ALA U 210 67.16 -127.64 43.96
N GLU U 211 68.18 -128.48 43.84
CA GLU U 211 68.96 -128.50 42.61
C GLU U 211 68.13 -128.98 41.45
N ILE U 212 67.30 -129.97 41.71
CA ILE U 212 66.49 -130.49 40.65
C ILE U 212 65.57 -129.38 40.18
N LYS U 213 64.94 -128.68 41.11
CA LYS U 213 64.07 -127.60 40.72
C LYS U 213 64.79 -126.53 39.94
N LYS U 214 66.02 -126.20 40.33
CA LYS U 214 66.77 -125.20 39.61
C LYS U 214 66.99 -125.63 38.16
N GLN U 215 67.33 -126.90 37.97
CA GLN U 215 67.54 -127.41 36.63
C GLN U 215 66.24 -127.43 35.83
N MET U 216 65.11 -127.64 36.52
CA MET U 216 63.86 -127.59 35.80
C MET U 216 63.59 -126.19 35.31
N GLU U 217 63.76 -125.19 36.19
CA GLU U 217 63.48 -123.82 35.78
C GLU U 217 64.42 -123.38 34.69
N ALA U 218 65.64 -123.88 34.76
CA ALA U 218 66.71 -123.62 33.81
C ALA U 218 66.39 -124.18 32.43
N GLY U 219 65.41 -125.10 32.36
CA GLY U 219 65.05 -125.75 31.13
C GLY U 219 65.91 -126.97 30.82
N ALA U 220 66.75 -127.38 31.79
CA ALA U 220 67.65 -128.53 31.61
C ALA U 220 66.89 -129.83 31.77
N LEU U 221 65.93 -129.82 32.68
CA LEU U 221 65.12 -130.98 33.00
C LEU U 221 63.63 -130.68 32.81
N VAL U 222 62.94 -131.48 32.01
CA VAL U 222 61.52 -131.18 31.78
C VAL U 222 60.58 -132.27 32.26
N GLU U 223 59.54 -131.88 32.99
CA GLU U 223 58.58 -132.85 33.47
C GLU U 223 57.94 -133.51 32.27
N ILE U 224 58.07 -134.81 32.21
CA ILE U 224 57.61 -135.53 31.05
C ILE U 224 56.67 -136.68 31.30
N ALA U 225 55.63 -136.69 30.51
CA ALA U 225 54.66 -137.76 30.49
C ALA U 225 54.89 -138.53 29.20
N GLU U 226 54.62 -139.83 29.22
CA GLU U 226 54.75 -140.62 28.01
C GLU U 226 53.85 -141.85 28.04
N GLY U 227 53.23 -142.13 26.91
CA GLY U 227 52.30 -143.25 26.80
C GLY U 227 53.07 -144.52 26.55
N MET U 228 52.47 -145.66 26.82
CA MET U 228 53.18 -146.89 26.59
C MET U 228 53.11 -147.35 25.16
N ALA U 229 54.26 -147.66 24.59
CA ALA U 229 54.22 -148.21 23.26
C ALA U 229 53.36 -149.45 23.32
N THR U 230 52.44 -149.60 22.39
CA THR U 230 51.57 -150.76 22.47
C THR U 230 52.28 -152.00 22.04
N SER U 231 53.43 -151.79 21.40
CA SER U 231 54.32 -152.83 20.94
C SER U 231 54.87 -153.60 22.13
N ILE U 232 54.78 -153.00 23.32
CA ILE U 232 55.19 -153.58 24.56
C ILE U 232 53.95 -154.06 25.29
N ALA U 233 53.01 -153.12 25.50
CA ALA U 233 51.85 -153.33 26.36
C ALA U 233 51.02 -154.53 25.99
N GLU U 234 50.83 -154.75 24.70
CA GLU U 234 49.97 -155.83 24.29
C GLU U 234 50.47 -157.18 24.77
N LEU U 235 51.78 -157.34 24.95
CA LEU U 235 52.30 -158.63 25.36
C LEU U 235 52.66 -158.70 26.84
N GLN U 236 52.22 -157.73 27.64
CA GLN U 236 52.56 -157.82 29.04
C GLN U 236 51.90 -159.08 29.60
N GLU U 237 52.49 -159.61 30.66
CA GLU U 237 52.18 -160.90 31.29
C GLU U 237 52.83 -162.05 30.49
N GLY U 238 53.92 -161.73 29.78
CA GLY U 238 54.73 -162.73 29.08
C GLY U 238 54.16 -163.38 27.81
N PHE U 239 53.39 -162.65 27.02
CA PHE U 239 52.81 -163.29 25.86
C PHE U 239 53.74 -163.36 24.68
N ASN U 240 53.56 -164.38 23.86
CA ASN U 240 54.28 -164.56 22.62
C ASN U 240 55.80 -164.47 22.78
N GLY U 241 56.32 -165.08 23.83
CA GLY U 241 57.76 -165.11 24.07
C GLY U 241 58.28 -163.98 24.97
N SER U 242 57.44 -163.02 25.28
CA SER U 242 57.83 -161.93 26.13
C SER U 242 58.18 -162.42 27.53
N THR U 243 59.17 -161.79 28.15
CA THR U 243 59.56 -162.11 29.52
C THR U 243 59.74 -160.85 30.34
N ASP U 244 59.67 -160.97 31.67
CA ASP U 244 59.92 -159.87 32.60
C ASP U 244 59.15 -158.60 32.24
N ASN U 245 57.89 -158.77 31.85
CA ASN U 245 57.11 -157.64 31.41
C ASN U 245 55.69 -157.65 31.95
N PRO U 246 55.48 -157.39 33.24
CA PRO U 246 54.20 -157.37 33.95
C PRO U 246 53.40 -156.09 33.76
N TRP U 247 52.12 -156.14 34.09
CA TRP U 247 51.29 -154.94 34.18
C TRP U 247 51.65 -154.37 35.54
N ASN U 248 51.33 -153.10 35.81
CA ASN U 248 51.66 -152.45 37.12
C ASN U 248 50.66 -152.90 38.20
N GLU U 249 50.89 -152.53 39.47
CA GLU U 249 49.95 -152.92 40.54
C GLU U 249 49.64 -151.89 41.65
N MET U 250 48.33 -151.82 41.95
CA MET U 250 47.66 -150.98 42.95
C MET U 250 46.64 -151.74 43.78
N GLY U 251 46.31 -151.16 44.94
CA GLY U 251 45.35 -151.73 45.89
C GLY U 251 44.98 -150.71 46.94
N PHE U 252 44.44 -151.16 48.07
CA PHE U 252 44.08 -150.23 49.13
C PHE U 252 44.17 -150.95 50.45
N ARG U 253 44.21 -150.18 51.54
CA ARG U 253 44.28 -150.75 52.87
C ARG U 253 43.51 -149.94 53.91
N ILE U 254 43.17 -150.59 55.04
CA ILE U 254 42.47 -149.93 56.13
C ILE U 254 43.18 -150.09 57.49
N ASP U 255 43.27 -148.98 58.26
CA ASP U 255 43.86 -148.97 59.60
C ASP U 255 43.01 -148.15 60.58
N LYS U 256 43.52 -147.85 61.80
CA LYS U 256 42.64 -147.14 62.75
C LYS U 256 43.30 -146.38 63.90
N GLN U 257 42.47 -145.60 64.61
CA GLN U 257 42.90 -144.94 65.83
C GLN U 257 41.89 -145.18 66.94
N VAL U 258 42.36 -145.25 68.17
CA VAL U 258 41.45 -145.48 69.30
C VAL U 258 41.60 -144.43 70.41
N ILE U 259 40.49 -144.05 71.04
CA ILE U 259 40.53 -143.03 72.10
C ILE U 259 39.62 -143.28 73.29
N GLU U 260 40.17 -142.95 74.47
CA GLU U 260 39.47 -143.08 75.78
C GLU U 260 39.55 -141.75 76.53
N ALA U 261 38.48 -141.42 77.26
CA ALA U 261 38.32 -140.21 78.05
C ALA U 261 39.17 -140.07 79.31
N LYS U 262 39.38 -138.79 79.66
CA LYS U 262 39.94 -138.30 80.92
C LYS U 262 38.84 -137.54 81.65
N SER U 263 39.05 -137.18 82.93
CA SER U 263 37.98 -136.54 83.70
C SER U 263 38.34 -135.36 84.60
N ARG U 264 37.29 -134.68 85.04
CA ARG U 264 37.37 -133.52 85.92
C ARG U 264 36.27 -133.56 87.00
N GLN U 265 36.59 -133.08 88.20
CA GLN U 265 35.59 -133.05 89.28
C GLN U 265 35.89 -132.06 90.41
N LEU U 266 34.83 -131.37 90.87
CA LEU U 266 34.94 -130.42 91.99
C LEU U 266 33.81 -130.48 93.02
N LYS U 267 34.14 -130.07 94.25
CA LYS U 267 33.15 -129.97 95.32
C LYS U 267 32.90 -128.54 95.81
N ALA U 268 31.77 -128.36 96.48
CA ALA U 268 31.34 -127.11 97.10
C ALA U 268 31.98 -126.88 98.47
N ALA U 269 32.16 -127.94 99.27
CA ALA U 269 32.80 -127.84 100.59
C ALA U 269 32.28 -126.70 101.49
N TYR U 270 30.98 -126.63 101.75
CA TYR U 270 30.47 -125.50 102.53
C TYR U 270 29.84 -125.89 103.84
N SER U 271 29.74 -124.90 104.74
CA SER U 271 29.14 -125.12 106.03
C SER U 271 27.69 -124.70 106.03
N ILE U 272 26.91 -125.41 106.85
CA ILE U 272 25.50 -125.12 107.01
C ILE U 272 25.25 -123.78 107.65
N GLU U 273 25.97 -123.49 108.72
CA GLU U 273 25.75 -122.26 109.44
C GLU U 273 26.06 -121.07 108.56
N LEU U 274 27.13 -121.17 107.76
CA LEU U 274 27.49 -120.07 106.92
C LEU U 274 26.40 -119.84 105.89
N ALA U 275 25.86 -120.95 105.34
CA ALA U 275 24.79 -120.83 104.37
C ALA U 275 23.55 -120.16 104.96
N GLN U 276 23.24 -120.51 106.20
CA GLN U 276 22.08 -119.93 106.84
C GLN U 276 22.25 -118.44 107.03
N ASP U 277 23.44 -118.04 107.46
CA ASP U 277 23.70 -116.64 107.68
C ASP U 277 23.69 -115.89 106.37
N LEU U 278 24.22 -116.50 105.32
CA LEU U 278 24.24 -115.82 104.05
C LEU U 278 22.85 -115.48 103.63
N ARG U 279 21.95 -116.45 103.71
CA ARG U 279 20.53 -116.26 103.30
C ARG U 279 19.91 -115.14 104.12
N ALA U 280 20.26 -115.06 105.41
CA ALA U 280 19.73 -114.03 106.28
C ALA U 280 20.16 -112.63 105.86
N VAL U 281 21.38 -112.50 105.34
CA VAL U 281 21.88 -111.19 104.93
C VAL U 281 21.56 -110.81 103.47
N HIS U 282 21.85 -111.71 102.52
CA HIS U 282 21.70 -111.40 101.10
C HIS U 282 20.59 -112.11 100.31
N GLY U 283 19.85 -113.04 100.91
CA GLY U 283 18.82 -113.76 100.16
C GLY U 283 19.38 -114.90 99.31
N MET U 284 20.69 -115.09 99.39
CA MET U 284 21.42 -116.09 98.64
C MET U 284 21.38 -117.41 99.41
N ASP U 285 21.41 -118.56 98.72
CA ASP U 285 21.33 -119.84 99.44
C ASP U 285 22.65 -120.47 99.90
N ALA U 286 23.73 -120.20 99.18
CA ALA U 286 25.11 -120.70 99.37
C ALA U 286 25.30 -122.15 99.04
N ASP U 287 24.36 -122.76 98.38
CA ASP U 287 24.54 -124.10 97.90
C ASP U 287 24.55 -124.04 96.39
N ALA U 288 23.49 -123.46 95.84
CA ALA U 288 23.28 -123.30 94.41
C ALA U 288 24.35 -122.43 93.80
N GLU U 289 24.77 -121.38 94.52
CA GLU U 289 25.77 -120.50 93.98
C GLU U 289 27.09 -121.21 93.85
N LEU U 290 27.43 -122.01 94.87
CA LEU U 290 28.69 -122.71 94.88
C LEU U 290 28.71 -123.72 93.78
N SER U 291 27.57 -124.40 93.61
CA SER U 291 27.37 -125.41 92.60
C SER U 291 27.57 -124.79 91.24
N GLY U 292 26.98 -123.62 91.05
CA GLY U 292 27.10 -122.86 89.83
C GLY U 292 28.55 -122.56 89.52
N ILE U 293 29.29 -122.01 90.49
CA ILE U 293 30.67 -121.64 90.26
C ILE U 293 31.54 -122.82 89.90
N LEU U 294 31.43 -123.92 90.61
CA LEU U 294 32.29 -125.02 90.26
C LEU U 294 31.87 -125.66 88.96
N ALA U 295 30.56 -125.69 88.66
CA ALA U 295 30.12 -126.27 87.41
C ALA U 295 30.70 -125.50 86.25
N THR U 296 30.69 -124.19 86.38
CA THR U 296 31.20 -123.35 85.34
C THR U 296 32.69 -123.43 85.27
N GLU U 297 33.42 -123.52 86.38
CA GLU U 297 34.85 -123.58 86.21
C GLU U 297 35.20 -124.81 85.40
N ILE U 298 34.54 -125.94 85.66
CA ILE U 298 34.88 -127.12 84.89
C ILE U 298 34.55 -126.93 83.42
N MET U 299 33.37 -126.41 83.12
CA MET U 299 33.00 -126.22 81.74
C MET U 299 33.95 -125.24 81.03
N LEU U 300 34.33 -124.17 81.72
CA LEU U 300 35.21 -123.19 81.17
C LEU U 300 36.56 -123.80 80.88
N GLU U 301 37.06 -124.61 81.82
CA GLU U 301 38.37 -125.28 81.68
C GLU U 301 38.37 -126.19 80.45
N ILE U 302 37.28 -126.93 80.22
CA ILE U 302 37.20 -127.83 79.08
C ILE U 302 37.14 -127.07 77.80
N ASN U 303 36.31 -126.06 77.77
CA ASN U 303 36.17 -125.31 76.56
C ASN U 303 37.49 -124.65 76.22
N ARG U 304 38.21 -124.20 77.25
CA ARG U 304 39.51 -123.64 77.00
C ARG U 304 40.45 -124.70 76.47
N GLU U 305 40.39 -125.90 77.07
CA GLU U 305 41.25 -127.00 76.66
C GLU U 305 41.07 -127.29 75.20
N VAL U 306 39.83 -127.29 74.70
CA VAL U 306 39.63 -127.56 73.29
C VAL U 306 40.36 -126.51 72.48
N VAL U 307 40.21 -125.24 72.84
CA VAL U 307 40.89 -124.20 72.09
C VAL U 307 42.40 -124.35 72.15
N ASP U 308 42.94 -124.64 73.32
CA ASP U 308 44.37 -124.81 73.41
C ASP U 308 44.85 -126.00 72.60
N TRP U 309 44.09 -127.11 72.53
CA TRP U 309 44.54 -128.22 71.71
C TRP U 309 44.54 -127.82 70.25
N ILE U 310 43.63 -126.95 69.86
CA ILE U 310 43.65 -126.49 68.49
C ILE U 310 44.93 -125.73 68.24
N ASN U 311 45.27 -124.81 69.12
CA ASN U 311 46.49 -124.04 68.91
C ASN U 311 47.74 -124.90 69.01
N TYR U 312 47.71 -125.91 69.87
CA TYR U 312 48.80 -126.85 70.08
C TYR U 312 49.06 -127.59 68.80
N SER U 313 47.99 -128.16 68.27
CA SER U 313 48.04 -128.98 67.09
C SER U 313 48.15 -128.22 65.79
N ALA U 314 47.76 -126.95 65.75
CA ALA U 314 47.85 -126.20 64.52
C ALA U 314 49.29 -126.17 64.03
N GLN U 315 49.46 -126.22 62.71
CA GLN U 315 50.77 -126.18 62.11
C GLN U 315 51.28 -124.78 62.15
N VAL U 316 52.58 -124.60 62.06
CA VAL U 316 53.09 -123.25 62.04
C VAL U 316 52.88 -122.66 60.66
N GLY U 317 52.24 -121.49 60.60
CA GLY U 317 51.95 -120.82 59.33
C GLY U 317 53.18 -120.05 58.90
N LYS U 318 53.10 -119.26 57.81
CA LYS U 318 54.32 -118.55 57.37
C LYS U 318 55.41 -119.58 57.23
N SER U 319 55.12 -120.61 56.44
CA SER U 319 56.02 -121.74 56.27
C SER U 319 55.79 -122.41 54.94
N GLY U 320 56.79 -123.15 54.47
CA GLY U 320 56.60 -123.91 53.24
C GLY U 320 56.24 -123.02 52.08
N MET U 321 55.14 -123.34 51.41
CA MET U 321 54.73 -122.56 50.25
C MET U 321 54.06 -121.25 50.59
N THR U 322 53.88 -120.96 51.87
CA THR U 322 53.28 -119.71 52.26
C THR U 322 54.37 -118.79 52.79
N LEU U 323 55.63 -119.25 52.71
CA LEU U 323 56.75 -118.48 53.22
C LEU U 323 57.58 -117.85 52.12
N THR U 324 57.88 -116.58 52.25
CA THR U 324 58.72 -115.94 51.26
C THR U 324 60.19 -116.13 51.69
N PRO U 325 61.15 -116.09 50.74
CA PRO U 325 62.58 -116.20 50.98
C PRO U 325 63.18 -115.30 52.04
N GLY U 326 62.66 -114.09 52.20
CA GLY U 326 63.23 -113.16 53.16
C GLY U 326 62.57 -113.13 54.53
N SER U 327 61.61 -114.02 54.79
CA SER U 327 60.91 -113.92 56.06
C SER U 327 61.51 -114.74 57.20
N LYS U 328 60.78 -114.82 58.30
CA LYS U 328 61.23 -115.41 59.55
C LYS U 328 60.65 -116.76 59.91
N ALA U 329 60.01 -117.42 58.97
CA ALA U 329 59.46 -118.77 59.17
C ALA U 329 58.54 -118.95 60.37
N GLY U 330 57.44 -118.21 60.41
CA GLY U 330 56.46 -118.38 61.49
C GLY U 330 55.87 -117.11 62.11
N VAL U 331 56.44 -115.96 61.81
CA VAL U 331 55.94 -114.71 62.38
C VAL U 331 55.76 -113.63 61.33
N PHE U 332 54.66 -112.89 61.46
CA PHE U 332 54.39 -111.77 60.57
C PHE U 332 54.63 -110.46 61.32
N ASP U 333 55.69 -109.77 60.96
CA ASP U 333 56.10 -108.53 61.60
C ASP U 333 55.71 -107.31 60.76
N PHE U 334 54.80 -106.49 61.25
CA PHE U 334 54.31 -105.35 60.48
C PHE U 334 55.37 -104.29 60.23
N GLN U 335 56.51 -104.37 60.92
CA GLN U 335 57.59 -103.41 60.72
C GLN U 335 58.63 -103.95 59.75
N ASP U 336 58.42 -105.18 59.26
CA ASP U 336 59.36 -105.87 58.38
C ASP U 336 58.91 -105.77 56.91
N PRO U 337 59.63 -105.05 56.02
CA PRO U 337 59.30 -104.83 54.62
C PRO U 337 59.10 -106.12 53.84
N ILE U 338 59.64 -107.24 54.31
CA ILE U 338 59.40 -108.44 53.54
C ILE U 338 58.00 -108.91 53.82
N ASP U 339 57.66 -109.03 55.10
CA ASP U 339 56.35 -109.49 55.49
C ASP U 339 55.25 -108.60 54.97
N ILE U 340 55.52 -107.31 54.91
CA ILE U 340 54.48 -106.44 54.44
C ILE U 340 54.63 -106.14 52.96
N ARG U 341 55.49 -106.89 52.29
CA ARG U 341 55.69 -106.80 50.87
C ARG U 341 55.93 -105.40 50.32
N GLY U 342 56.84 -104.68 50.95
CA GLY U 342 57.22 -103.37 50.47
C GLY U 342 56.25 -102.26 50.84
N ALA U 343 55.27 -102.57 51.66
CA ALA U 343 54.25 -101.64 52.09
C ALA U 343 54.74 -100.70 53.19
N ARG U 344 53.92 -99.71 53.48
CA ARG U 344 54.16 -98.76 54.54
C ARG U 344 52.84 -98.07 54.81
N TRP U 345 52.71 -97.34 55.91
CA TRP U 345 51.52 -96.51 56.09
C TRP U 345 50.23 -97.34 56.07
N ALA U 346 49.98 -98.05 57.17
CA ALA U 346 48.91 -99.04 57.45
C ALA U 346 47.74 -99.12 56.47
N GLY U 347 47.21 -98.01 55.96
CA GLY U 347 46.16 -98.13 54.94
C GLY U 347 46.62 -99.05 53.81
N GLU U 348 47.94 -99.05 53.52
CA GLU U 348 48.53 -99.91 52.51
C GLU U 348 49.15 -101.20 53.10
N SER U 349 49.73 -101.15 54.32
CA SER U 349 50.40 -102.33 54.87
C SER U 349 49.53 -103.31 55.65
N PHE U 350 48.37 -102.89 56.15
CA PHE U 350 47.56 -103.85 56.89
C PHE U 350 47.02 -104.92 55.95
N LYS U 351 46.94 -104.52 54.70
CA LYS U 351 46.43 -105.32 53.62
C LYS U 351 47.30 -106.56 53.47
N ALA U 352 48.58 -106.43 53.84
CA ALA U 352 49.53 -107.50 53.74
C ALA U 352 49.14 -108.66 54.61
N LEU U 353 48.53 -108.39 55.77
CA LEU U 353 48.21 -109.51 56.60
C LEU U 353 47.04 -110.22 55.96
N LEU U 354 46.11 -109.45 55.41
CA LEU U 354 44.94 -110.07 54.80
C LEU U 354 45.41 -111.00 53.68
N PHE U 355 46.42 -110.55 52.95
CA PHE U 355 47.01 -111.35 51.89
C PHE U 355 47.54 -112.65 52.44
N GLN U 356 48.32 -112.57 53.52
CA GLN U 356 48.87 -113.78 54.13
C GLN U 356 47.76 -114.71 54.62
N ILE U 357 46.67 -114.14 55.12
CA ILE U 357 45.59 -114.97 55.62
C ILE U 357 45.04 -115.81 54.49
N ASP U 358 44.80 -115.23 53.32
CA ASP U 358 44.35 -116.06 52.23
C ASP U 358 45.36 -117.14 51.90
N LYS U 359 46.66 -116.82 51.90
CA LYS U 359 47.59 -117.89 51.59
C LYS U 359 47.45 -119.06 52.55
N GLU U 360 47.30 -118.73 53.84
CA GLU U 360 47.16 -119.76 54.91
C GLU U 360 45.87 -120.55 54.71
N ALA U 361 44.78 -119.88 54.31
CA ALA U 361 43.51 -120.56 54.13
C ALA U 361 43.59 -121.55 52.98
N VAL U 362 44.31 -121.14 51.94
CA VAL U 362 44.54 -121.94 50.77
C VAL U 362 45.38 -123.15 51.11
N GLU U 363 46.46 -122.95 51.89
CA GLU U 363 47.32 -124.05 52.28
C GLU U 363 46.51 -125.10 53.04
N ILE U 364 45.57 -124.66 53.85
CA ILE U 364 44.73 -125.61 54.57
C ILE U 364 44.01 -126.50 53.57
N ALA U 365 43.44 -125.92 52.53
CA ALA U 365 42.84 -126.78 51.53
C ALA U 365 43.91 -127.68 50.90
N ARG U 366 45.10 -127.13 50.62
CA ARG U 366 46.16 -127.92 49.99
C ARG U 366 46.49 -129.17 50.77
N GLN U 367 46.60 -129.06 52.06
CA GLN U 367 46.98 -130.24 52.83
C GLN U 367 45.84 -131.13 53.25
N THR U 368 44.61 -130.80 52.90
CA THR U 368 43.50 -131.61 53.36
C THR U 368 42.69 -132.19 52.23
N GLY U 369 42.63 -131.49 51.11
CA GLY U 369 41.82 -131.95 50.00
C GLY U 369 40.35 -131.70 50.24
N ARG U 370 40.03 -130.90 51.27
CA ARG U 370 38.63 -130.68 51.59
C ARG U 370 38.19 -129.24 51.37
N GLY U 371 38.89 -128.28 51.93
CA GLY U 371 38.44 -126.93 51.73
C GLY U 371 39.29 -125.92 52.44
N GLU U 372 39.14 -124.68 52.00
CA GLU U 372 39.94 -123.52 52.51
C GLU U 372 39.42 -123.08 53.87
N GLY U 373 40.36 -122.66 54.74
CA GLY U 373 40.04 -122.17 56.07
C GLY U 373 38.83 -121.25 56.03
N ASN U 374 37.92 -121.42 56.99
CA ASN U 374 36.69 -120.65 57.07
C ASN U 374 36.41 -120.03 58.43
N PHE U 375 37.41 -120.04 59.30
CA PHE U 375 37.32 -119.38 60.58
C PHE U 375 38.69 -119.00 61.10
N ILE U 376 38.70 -118.02 61.99
CA ILE U 376 39.90 -117.57 62.64
C ILE U 376 39.68 -117.26 64.13
N ILE U 377 40.59 -117.71 65.00
CA ILE U 377 40.55 -117.25 66.39
C ILE U 377 41.80 -116.41 66.53
N ALA U 378 41.65 -115.17 66.97
CA ALA U 378 42.80 -114.29 67.01
C ALA U 378 42.83 -113.41 68.23
N SER U 379 44.00 -112.87 68.54
CA SER U 379 44.10 -111.96 69.66
C SER U 379 43.26 -110.74 69.41
N ARG U 380 43.00 -110.00 70.48
CA ARG U 380 42.22 -108.77 70.40
C ARG U 380 42.88 -107.78 69.46
N ASN U 381 44.20 -107.75 69.50
CA ASN U 381 44.95 -106.83 68.70
C ASN U 381 44.77 -107.12 67.22
N VAL U 382 44.77 -108.39 66.86
CA VAL U 382 44.61 -108.76 65.47
C VAL U 382 43.26 -108.35 64.99
N VAL U 383 42.24 -108.60 65.80
CA VAL U 383 40.92 -108.22 65.40
C VAL U 383 40.82 -106.71 65.27
N ASN U 384 41.39 -105.96 66.21
CA ASN U 384 41.35 -104.52 66.13
C ASN U 384 41.93 -104.07 64.78
N VAL U 385 42.99 -104.74 64.32
CA VAL U 385 43.52 -104.45 63.00
C VAL U 385 42.52 -104.82 61.92
N LEU U 386 41.94 -106.01 61.98
CA LEU U 386 41.03 -106.40 60.91
C LEU U 386 39.85 -105.45 60.83
N ALA U 387 39.38 -105.00 61.96
CA ALA U 387 38.21 -104.15 62.06
C ALA U 387 38.46 -102.73 61.63
N SER U 388 39.72 -102.36 61.44
CA SER U 388 40.16 -101.03 61.11
C SER U 388 40.70 -100.91 59.71
N VAL U 389 40.61 -101.99 58.94
CA VAL U 389 41.14 -101.96 57.60
C VAL U 389 40.03 -102.31 56.66
N ASP U 390 40.01 -101.73 55.49
CA ASP U 390 38.98 -102.17 54.58
C ASP U 390 39.41 -103.54 54.12
N THR U 391 38.65 -104.56 54.44
CA THR U 391 39.07 -105.91 54.10
C THR U 391 38.78 -106.25 52.64
N GLY U 392 38.04 -105.39 51.97
CA GLY U 392 37.70 -105.64 50.57
C GLY U 392 38.85 -105.19 49.68
N ILE U 393 38.64 -105.26 48.38
CA ILE U 393 39.70 -104.88 47.46
C ILE U 393 39.51 -103.45 47.07
N SER U 394 40.47 -102.64 47.45
CA SER U 394 40.40 -101.21 47.22
C SER U 394 41.78 -100.66 47.11
N TYR U 395 41.90 -99.38 46.79
CA TYR U 395 43.24 -98.82 46.63
C TYR U 395 44.02 -99.06 47.90
N ALA U 396 43.53 -98.48 48.97
CA ALA U 396 44.09 -98.60 50.31
C ALA U 396 43.05 -98.01 51.24
N ALA U 397 43.07 -98.37 52.52
CA ALA U 397 42.20 -97.71 53.50
C ALA U 397 42.41 -98.16 54.93
N GLN U 398 42.30 -97.21 55.85
CA GLN U 398 42.35 -97.48 57.29
C GLN U 398 41.45 -96.50 58.05
N GLY U 399 40.99 -96.89 59.24
CA GLY U 399 40.17 -96.01 60.09
C GLY U 399 39.89 -96.67 61.42
N LEU U 400 38.82 -96.24 62.10
CA LEU U 400 38.50 -96.80 63.40
C LEU U 400 38.10 -98.25 63.27
N ALA U 401 38.36 -99.00 64.31
CA ALA U 401 38.10 -100.43 64.36
C ALA U 401 36.63 -100.76 64.58
N THR U 402 35.82 -100.51 63.57
CA THR U 402 34.38 -100.74 63.67
C THR U 402 33.84 -101.92 62.86
N GLY U 403 34.66 -102.50 61.98
CA GLY U 403 34.22 -103.62 61.13
C GLY U 403 33.73 -104.88 61.87
N PHE U 404 34.33 -105.16 63.02
CA PHE U 404 34.01 -106.33 63.84
C PHE U 404 33.83 -105.91 65.28
N SER U 405 33.14 -106.71 66.06
CA SER U 405 33.18 -106.42 67.48
C SER U 405 34.59 -106.71 67.95
N THR U 406 35.11 -105.87 68.81
CA THR U 406 36.42 -106.06 69.40
C THR U 406 36.28 -106.47 70.85
N ASP U 407 35.04 -106.64 71.30
CA ASP U 407 34.76 -106.98 72.67
C ASP U 407 34.85 -108.47 72.95
N THR U 408 35.09 -108.80 74.20
CA THR U 408 35.10 -110.16 74.72
C THR U 408 34.07 -110.33 75.84
N THR U 409 33.47 -109.22 76.24
CA THR U 409 32.51 -109.17 77.33
C THR U 409 31.18 -109.64 76.80
N LYS U 410 30.78 -109.09 75.66
CA LYS U 410 29.52 -109.45 75.06
C LYS U 410 29.59 -110.62 74.07
N SER U 411 30.80 -111.09 73.76
CA SER U 411 30.96 -112.15 72.77
C SER U 411 32.31 -112.84 72.77
N VAL U 412 32.43 -113.81 71.86
CA VAL U 412 33.67 -114.60 71.61
C VAL U 412 33.77 -114.67 70.09
N PHE U 413 32.79 -114.03 69.44
CA PHE U 413 32.65 -113.95 68.01
C PHE U 413 32.58 -112.50 67.62
N ALA U 414 33.54 -112.09 66.82
CA ALA U 414 33.72 -110.73 66.40
C ALA U 414 32.91 -110.39 65.15
N GLY U 415 32.85 -111.34 64.21
CA GLY U 415 32.15 -111.08 62.94
C GLY U 415 32.73 -111.94 61.81
N VAL U 416 32.41 -111.60 60.56
CA VAL U 416 32.90 -112.44 59.48
C VAL U 416 33.83 -111.69 58.53
N LEU U 417 35.06 -112.17 58.42
CA LEU U 417 36.06 -111.47 57.66
C LEU U 417 35.90 -111.65 56.20
N GLY U 418 35.54 -110.55 55.55
CA GLY U 418 35.32 -110.50 54.12
C GLY U 418 34.07 -111.26 53.73
N GLY U 419 33.27 -111.65 54.72
CA GLY U 419 32.12 -112.49 54.43
C GLY U 419 32.57 -113.95 54.27
N LYS U 420 33.87 -114.20 54.49
CA LYS U 420 34.50 -115.50 54.31
C LYS U 420 34.84 -116.24 55.60
N TYR U 421 35.48 -115.58 56.57
CA TYR U 421 35.91 -116.37 57.75
C TYR U 421 35.22 -115.95 59.05
N ARG U 422 34.76 -116.93 59.82
CA ARG U 422 34.17 -116.64 61.13
C ARG U 422 35.28 -116.21 62.07
N VAL U 423 35.31 -114.94 62.47
CA VAL U 423 36.35 -114.40 63.32
C VAL U 423 35.94 -114.34 64.77
N TYR U 424 36.76 -114.96 65.59
CA TYR U 424 36.63 -115.08 67.01
C TYR U 424 37.82 -114.47 67.74
N ILE U 425 37.64 -114.15 69.02
CA ILE U 425 38.72 -113.55 69.79
C ILE U 425 39.29 -114.42 70.89
N ASP U 426 40.60 -114.62 70.88
CA ASP U 426 41.20 -115.36 71.95
C ASP U 426 41.40 -114.41 73.10
N GLN U 427 40.41 -114.39 73.98
CA GLN U 427 40.36 -113.47 75.10
C GLN U 427 41.52 -113.67 76.07
N TYR U 428 42.19 -114.83 75.97
CA TYR U 428 43.32 -115.15 76.83
C TYR U 428 44.62 -115.34 76.06
N ALA U 429 44.77 -114.66 74.91
CA ALA U 429 46.00 -114.77 74.12
C ALA U 429 47.18 -114.37 74.99
N LYS U 430 48.34 -114.99 74.78
CA LYS U 430 49.48 -114.66 75.62
C LYS U 430 50.32 -113.50 75.09
N GLN U 431 50.63 -113.49 73.79
CA GLN U 431 51.36 -112.35 73.28
C GLN U 431 50.50 -111.61 72.28
N ASP U 432 50.51 -112.12 71.05
CA ASP U 432 49.72 -111.59 69.97
C ASP U 432 49.92 -112.58 68.82
N TYR U 433 48.86 -113.25 68.42
CA TYR U 433 49.01 -114.25 67.34
C TYR U 433 47.63 -114.77 66.99
N PHE U 434 47.52 -115.45 65.85
CA PHE U 434 46.21 -115.95 65.45
C PHE U 434 46.29 -117.31 64.77
N THR U 435 45.15 -118.00 64.76
CA THR U 435 45.04 -119.27 64.07
C THR U 435 43.86 -119.30 63.11
N VAL U 436 44.11 -119.76 61.91
CA VAL U 436 43.11 -119.90 60.87
C VAL U 436 42.87 -121.37 60.63
N GLY U 437 41.62 -121.74 60.43
CA GLY U 437 41.34 -123.15 60.21
C GLY U 437 40.12 -123.44 59.35
N TYR U 438 39.95 -124.72 59.00
CA TYR U 438 38.81 -125.11 58.13
C TYR U 438 37.98 -126.24 58.75
N LYS U 439 36.66 -126.04 58.76
CA LYS U 439 35.67 -126.99 59.23
C LYS U 439 34.57 -127.20 58.19
N GLY U 440 34.43 -128.45 57.79
CA GLY U 440 33.43 -128.81 56.80
C GLY U 440 32.10 -129.14 57.46
N PRO U 441 31.05 -129.44 56.66
CA PRO U 441 29.71 -129.81 57.11
C PRO U 441 29.67 -131.12 57.88
N ASN U 442 30.68 -131.95 57.65
CA ASN U 442 30.84 -133.22 58.31
C ASN U 442 31.71 -132.94 59.50
N GLU U 443 31.21 -133.17 60.71
CA GLU U 443 31.96 -132.82 61.91
C GLU U 443 33.36 -133.44 61.96
N MET U 444 33.57 -134.52 61.21
CA MET U 444 34.87 -135.17 61.22
C MET U 444 35.90 -134.29 60.50
N ASP U 445 35.43 -133.52 59.52
CA ASP U 445 36.26 -132.72 58.65
C ASP U 445 36.67 -131.42 59.33
N ALA U 446 37.46 -131.57 60.40
CA ALA U 446 37.97 -130.47 61.19
C ALA U 446 39.32 -130.91 61.71
N GLY U 447 39.46 -132.21 61.80
CA GLY U 447 40.71 -132.77 62.29
C GLY U 447 40.80 -132.97 63.82
N ILE U 448 39.83 -132.42 64.57
CA ILE U 448 39.74 -132.44 66.03
C ILE U 448 38.34 -132.78 66.51
N TYR U 449 38.22 -133.51 67.63
CA TYR U 449 36.86 -133.88 68.09
C TYR U 449 36.73 -133.82 69.62
N TYR U 450 35.81 -132.99 70.10
CA TYR U 450 35.50 -132.92 71.56
C TYR U 450 34.42 -133.98 71.79
N ALA U 451 34.72 -135.03 72.55
CA ALA U 451 33.74 -136.10 72.63
C ALA U 451 33.30 -136.47 74.04
N PRO U 452 32.43 -135.69 74.68
CA PRO U 452 32.02 -135.88 76.06
C PRO U 452 31.25 -137.16 76.23
N TYR U 453 31.36 -137.76 77.42
CA TYR U 453 30.61 -138.96 77.77
C TYR U 453 29.74 -138.71 79.00
N VAL U 454 30.35 -138.10 80.00
CA VAL U 454 29.71 -137.78 81.27
C VAL U 454 29.81 -136.30 81.49
N ALA U 455 28.72 -135.65 81.88
CA ALA U 455 28.84 -134.23 82.15
C ALA U 455 27.87 -133.78 83.20
N LEU U 456 28.34 -132.87 84.05
CA LEU U 456 27.54 -132.26 85.08
C LEU U 456 26.77 -133.27 85.90
N THR U 457 27.43 -134.35 86.25
CA THR U 457 26.80 -135.35 87.07
C THR U 457 26.99 -134.85 88.49
N PRO U 458 25.93 -134.64 89.27
CA PRO U 458 25.99 -134.09 90.60
C PRO U 458 26.60 -135.02 91.62
N LEU U 459 27.21 -134.43 92.62
CA LEU U 459 27.73 -135.14 93.77
C LEU U 459 26.84 -134.75 94.93
N ARG U 460 26.59 -135.70 95.84
CA ARG U 460 25.78 -135.46 97.03
C ARG U 460 26.27 -136.30 98.21
N GLY U 461 25.79 -135.97 99.41
CA GLY U 461 26.15 -136.72 100.62
C GLY U 461 26.31 -135.81 101.83
N SER U 462 26.97 -136.32 102.87
CA SER U 462 27.21 -135.59 104.11
C SER U 462 28.43 -136.16 104.82
N ASP U 463 28.98 -135.38 105.75
CA ASP U 463 30.08 -135.78 106.61
C ASP U 463 29.69 -135.79 108.09
N PRO U 464 29.42 -136.97 108.68
CA PRO U 464 28.94 -137.21 110.03
C PRO U 464 29.81 -136.65 111.13
N LYS U 465 31.07 -136.30 110.85
CA LYS U 465 31.82 -135.77 111.99
C LYS U 465 31.19 -134.47 112.49
N ASN U 466 30.50 -133.74 111.59
CA ASN U 466 29.90 -132.49 111.96
C ASN U 466 28.64 -132.28 111.14
N PHE U 467 28.31 -133.30 110.36
CA PHE U 467 27.12 -133.37 109.52
C PHE U 467 27.01 -132.27 108.50
N GLN U 468 28.12 -132.00 107.85
CA GLN U 468 28.12 -130.96 106.83
C GLN U 468 27.84 -131.63 105.50
N PRO U 469 27.24 -130.94 104.52
CA PRO U 469 26.88 -131.46 103.22
C PRO U 469 28.01 -131.72 102.24
N VAL U 470 27.72 -132.63 101.32
CA VAL U 470 28.56 -132.90 100.17
C VAL U 470 27.78 -132.49 98.96
N MET U 471 28.40 -131.69 98.12
CA MET U 471 27.80 -131.19 96.92
C MET U 471 28.88 -130.91 95.88
N GLY U 472 28.55 -131.13 94.60
CA GLY U 472 29.48 -130.81 93.51
C GLY U 472 29.09 -131.45 92.19
N PHE U 473 30.05 -131.50 91.25
CA PHE U 473 29.86 -132.08 89.91
C PHE U 473 31.07 -132.82 89.33
N LYS U 474 30.77 -133.79 88.46
CA LYS U 474 31.82 -134.49 87.70
C LYS U 474 31.54 -134.65 86.19
N THR U 475 32.63 -134.84 85.44
CA THR U 475 32.63 -135.07 83.99
C THR U 475 33.74 -135.97 83.48
N ARG U 476 33.48 -136.62 82.35
CA ARG U 476 34.44 -137.49 81.66
C ARG U 476 34.30 -137.25 80.16
N TYR U 477 35.41 -136.98 79.45
CA TYR U 477 35.23 -136.69 78.03
C TYR U 477 36.28 -137.14 77.01
N GLY U 478 37.46 -136.57 77.03
CA GLY U 478 38.46 -136.90 76.02
C GLY U 478 38.32 -136.00 74.78
N ILE U 479 39.46 -135.65 74.22
CA ILE U 479 39.53 -134.84 73.01
C ILE U 479 40.40 -135.59 72.04
N GLY U 480 39.90 -135.82 70.83
CA GLY U 480 40.67 -136.56 69.85
C GLY U 480 41.01 -135.80 68.58
N ILE U 481 41.61 -136.52 67.65
CA ILE U 481 42.03 -136.04 66.35
C ILE U 481 41.66 -136.99 65.20
N ASN U 482 41.57 -136.43 63.99
CA ASN U 482 41.29 -137.19 62.76
C ASN U 482 42.51 -137.94 62.28
N PRO U 483 42.40 -139.21 61.86
CA PRO U 483 43.47 -139.99 61.26
C PRO U 483 44.23 -139.27 60.15
N PHE U 484 43.56 -138.41 59.39
CA PHE U 484 44.24 -137.71 58.31
C PHE U 484 44.65 -136.30 58.71
N ALA U 485 44.55 -135.96 59.99
CA ALA U 485 44.92 -134.62 60.43
C ALA U 485 46.38 -134.33 60.11
N GLU U 486 47.26 -135.31 60.26
CA GLU U 486 48.67 -135.03 60.00
C GLU U 486 48.91 -134.67 58.55
N SER U 487 48.39 -135.50 57.66
CA SER U 487 48.48 -135.43 56.20
C SER U 487 49.85 -135.73 55.61
N ALA U 488 50.91 -135.65 56.40
CA ALA U 488 52.23 -135.88 55.83
C ALA U 488 52.54 -137.36 55.62
N ALA U 489 52.43 -138.16 56.67
CA ALA U 489 52.71 -139.58 56.57
C ALA U 489 51.73 -140.27 55.66
N GLN U 490 52.21 -141.29 54.94
CA GLN U 490 51.35 -142.11 54.10
C GLN U 490 50.77 -143.28 54.91
N ALA U 491 51.24 -143.40 56.14
CA ALA U 491 50.79 -144.43 57.05
C ALA U 491 51.16 -144.07 58.48
N PRO U 492 50.32 -144.38 59.48
CA PRO U 492 50.61 -144.25 60.89
C PRO U 492 51.54 -145.36 61.31
N ALA U 493 52.31 -145.13 62.34
CA ALA U 493 53.11 -146.21 62.85
C ALA U 493 52.22 -147.35 63.29
N SER U 494 52.67 -148.56 62.99
CA SER U 494 52.05 -149.82 63.39
C SER U 494 50.57 -149.99 63.01
N ARG U 495 50.07 -149.18 62.07
CA ARG U 495 48.68 -149.27 61.64
C ARG U 495 47.70 -148.97 62.80
N ILE U 496 48.20 -148.36 63.88
CA ILE U 496 47.33 -147.97 64.97
C ILE U 496 47.92 -146.88 65.83
N GLN U 497 47.09 -145.90 66.12
CA GLN U 497 47.50 -144.81 66.99
C GLN U 497 46.45 -144.43 67.99
N SER U 498 46.86 -143.79 69.06
CA SER U 498 45.87 -143.22 69.94
C SER U 498 45.19 -142.11 69.16
N GLY U 499 43.90 -141.98 69.34
CA GLY U 499 43.13 -140.91 68.71
C GLY U 499 43.26 -139.63 69.52
N MET U 500 43.90 -139.71 70.69
CA MET U 500 44.10 -138.57 71.56
C MET U 500 45.39 -137.91 71.12
N PRO U 501 45.47 -136.58 71.01
CA PRO U 501 46.68 -135.89 70.66
C PRO U 501 47.68 -136.00 71.78
N SER U 502 48.93 -136.02 71.40
CA SER U 502 50.09 -135.99 72.28
C SER U 502 51.19 -135.36 71.46
N ILE U 503 52.37 -135.13 72.03
CA ILE U 503 53.36 -134.43 71.23
C ILE U 503 53.66 -135.12 69.91
N LEU U 504 53.91 -136.41 70.00
CA LEU U 504 54.40 -137.15 68.85
C LEU U 504 53.38 -137.48 67.79
N ASN U 505 52.14 -137.05 67.96
CA ASN U 505 51.19 -137.27 66.90
C ASN U 505 50.42 -136.00 66.61
N SER U 506 50.81 -134.87 67.23
CA SER U 506 50.02 -133.69 66.98
C SER U 506 50.70 -132.34 67.10
N LEU U 507 51.87 -132.22 67.75
CA LEU U 507 52.35 -130.87 67.97
C LEU U 507 52.86 -130.25 66.68
N GLY U 508 52.14 -129.22 66.24
CA GLY U 508 52.45 -128.57 64.98
C GLY U 508 52.10 -129.43 63.77
N LYS U 509 51.16 -130.37 63.89
CA LYS U 509 50.87 -131.26 62.77
C LYS U 509 49.50 -131.14 62.07
N ASN U 510 48.47 -130.60 62.70
CA ASN U 510 47.14 -130.68 62.12
C ASN U 510 46.89 -129.76 60.93
N ALA U 511 46.74 -130.38 59.77
CA ALA U 511 46.58 -129.77 58.44
C ALA U 511 45.38 -128.85 58.33
N TYR U 512 44.43 -129.03 59.27
CA TYR U 512 43.17 -128.24 59.28
C TYR U 512 43.37 -126.87 59.95
N PHE U 513 44.55 -126.61 60.51
CA PHE U 513 44.79 -125.33 61.17
C PHE U 513 46.20 -124.79 60.96
N ARG U 514 46.29 -123.46 60.83
CA ARG U 514 47.58 -122.75 60.64
C ARG U 514 47.71 -121.65 61.71
N ARG U 515 48.75 -121.72 62.54
CA ARG U 515 48.99 -120.75 63.60
C ARG U 515 50.23 -119.93 63.37
N VAL U 516 50.09 -118.61 63.46
CA VAL U 516 51.24 -117.71 63.31
C VAL U 516 51.29 -116.73 64.44
N TYR U 517 52.46 -116.15 64.62
CA TYR U 517 52.64 -115.11 65.60
C TYR U 517 52.72 -113.81 64.88
N VAL U 518 52.44 -112.72 65.57
CA VAL U 518 52.60 -111.44 64.92
C VAL U 518 53.45 -110.49 65.77
N LYS U 519 54.07 -109.54 65.10
CA LYS U 519 54.89 -108.48 65.69
C LYS U 519 54.65 -107.17 64.98
N GLY U 520 55.04 -106.08 65.62
CA GLY U 520 54.92 -104.78 64.95
C GLY U 520 53.51 -104.21 65.05
N ILE U 521 52.70 -104.89 65.82
CA ILE U 521 51.29 -104.62 66.05
C ILE U 521 51.02 -104.07 67.44
N ALA V 66 38.86 -16.35 73.39
CA ALA V 66 39.50 -17.60 72.97
C ALA V 66 38.60 -18.78 73.25
N GLU V 67 37.63 -18.99 72.37
CA GLU V 67 36.67 -20.13 72.46
C GLU V 67 37.40 -21.41 72.04
N ILE V 68 38.17 -21.99 72.96
CA ILE V 68 38.95 -23.20 72.76
C ILE V 68 38.31 -24.45 73.34
N GLY V 69 38.26 -25.48 72.51
CA GLY V 69 37.75 -26.79 72.85
C GLY V 69 38.63 -27.37 73.94
N GLY V 70 39.91 -27.42 73.67
CA GLY V 70 40.89 -27.90 74.61
C GLY V 70 40.78 -29.39 74.66
N ASP V 71 41.47 -29.98 75.60
CA ASP V 71 41.47 -31.42 75.61
C ASP V 71 41.78 -32.01 76.96
N HIS V 72 41.76 -33.31 76.99
CA HIS V 72 42.11 -34.08 78.14
C HIS V 72 43.60 -34.33 78.11
N GLY V 73 44.17 -34.66 79.26
CA GLY V 73 45.60 -34.98 79.30
C GLY V 73 45.83 -36.47 79.06
N TYR V 74 44.75 -37.16 78.71
CA TYR V 74 44.71 -38.60 78.50
C TYR V 74 44.96 -39.36 79.78
N ASN V 75 44.70 -38.67 80.86
CA ASN V 75 44.71 -39.18 82.19
C ASN V 75 43.31 -39.67 82.43
N ALA V 76 43.14 -40.96 82.57
CA ALA V 76 41.81 -41.55 82.67
C ALA V 76 41.00 -40.90 83.77
N THR V 77 41.67 -40.45 84.83
CA THR V 77 40.99 -39.82 85.92
C THR V 77 40.29 -38.58 85.42
N ASN V 78 41.01 -37.83 84.63
CA ASN V 78 40.52 -36.56 84.18
C ASN V 78 39.52 -36.77 83.10
N ILE V 79 39.70 -37.84 82.34
CA ILE V 79 38.75 -38.05 81.29
C ILE V 79 37.44 -38.39 81.94
N ALA V 80 37.50 -39.31 82.88
CA ALA V 80 36.31 -39.76 83.56
C ALA V 80 35.59 -38.62 84.26
N ALA V 81 36.35 -37.70 84.82
CA ALA V 81 35.80 -36.55 85.54
C ALA V 81 35.35 -35.44 84.60
N GLY V 82 35.57 -35.59 83.29
CA GLY V 82 35.19 -34.58 82.32
C GLY V 82 36.04 -33.31 82.35
N GLN V 83 37.29 -33.43 82.80
CA GLN V 83 38.16 -32.26 82.92
C GLN V 83 39.09 -32.06 81.74
N THR V 84 39.01 -30.87 81.13
CA THR V 84 39.83 -30.53 79.97
C THR V 84 40.46 -29.18 80.19
N SER V 85 41.36 -28.86 79.29
CA SER V 85 42.05 -27.61 79.25
C SER V 85 41.28 -26.47 78.60
N GLY V 86 40.11 -26.73 78.04
CA GLY V 86 39.39 -25.70 77.31
C GLY V 86 38.26 -25.03 78.06
N ALA V 87 37.38 -24.40 77.30
CA ALA V 87 36.27 -23.63 77.81
C ALA V 87 35.28 -24.42 78.63
N VAL V 88 34.99 -25.65 78.26
CA VAL V 88 33.96 -26.34 79.02
C VAL V 88 34.33 -27.70 79.49
N THR V 89 33.60 -28.15 80.48
CA THR V 89 33.70 -29.46 81.01
C THR V 89 32.61 -30.35 80.47
N GLN V 90 32.84 -31.64 80.66
CA GLN V 90 31.95 -32.65 80.15
C GLN V 90 31.04 -33.20 81.22
N ILE V 91 29.96 -33.81 80.79
CA ILE V 91 29.03 -34.50 81.68
C ILE V 91 29.63 -35.84 82.10
N GLY V 92 30.10 -36.60 81.13
CA GLY V 92 30.72 -37.88 81.40
C GLY V 92 31.01 -38.57 80.08
N PRO V 93 31.86 -39.60 80.06
CA PRO V 93 32.29 -40.33 78.90
C PRO V 93 31.38 -41.40 78.37
N ALA V 94 30.18 -41.05 77.94
CA ALA V 94 29.33 -42.00 77.18
C ALA V 94 29.51 -43.47 77.54
N VAL V 95 28.95 -43.94 78.63
CA VAL V 95 29.09 -45.35 78.90
C VAL V 95 28.52 -46.21 77.76
N MET V 96 29.31 -47.21 77.36
CA MET V 96 29.02 -48.15 76.29
C MET V 96 28.66 -49.58 76.73
N GLY V 97 28.23 -49.73 77.98
CA GLY V 97 27.85 -51.03 78.51
C GLY V 97 28.91 -51.61 79.44
N MET V 98 28.60 -52.81 79.97
CA MET V 98 29.51 -53.46 80.88
C MET V 98 29.70 -54.92 80.51
N VAL V 99 30.92 -55.38 80.63
CA VAL V 99 31.35 -56.72 80.32
C VAL V 99 31.19 -57.74 81.43
N ARG V 100 30.61 -58.86 81.08
CA ARG V 100 30.49 -59.96 82.01
C ARG V 100 31.39 -61.04 81.49
N ARG V 101 31.87 -61.91 82.36
CA ARG V 101 32.73 -62.97 81.87
C ARG V 101 31.86 -64.15 81.54
N ALA V 102 32.32 -64.95 80.59
CA ALA V 102 31.62 -66.17 80.27
C ALA V 102 31.70 -67.14 81.42
N ILE V 103 30.64 -67.89 81.60
CA ILE V 103 30.62 -68.95 82.57
C ILE V 103 30.85 -70.23 81.80
N PRO V 104 31.86 -71.04 82.13
CA PRO V 104 32.25 -72.25 81.44
C PRO V 104 31.23 -73.34 81.54
N ASN V 105 31.27 -74.22 80.55
CA ASN V 105 30.40 -75.35 80.42
C ASN V 105 31.01 -76.53 81.16
N LEU V 106 30.17 -77.44 81.66
CA LEU V 106 30.68 -78.62 82.37
C LEU V 106 30.26 -79.94 81.78
N ILE V 107 31.12 -80.95 81.94
CA ILE V 107 30.77 -82.31 81.59
C ILE V 107 30.26 -82.77 82.92
N ALA V 108 28.95 -82.75 83.15
CA ALA V 108 28.53 -82.88 84.53
C ALA V 108 28.87 -84.21 85.16
N PHE V 109 28.09 -85.24 84.89
CA PHE V 109 28.38 -86.54 85.49
C PHE V 109 28.06 -87.56 84.44
N ASP V 110 28.24 -87.13 83.21
CA ASP V 110 27.87 -87.84 81.99
C ASP V 110 28.47 -89.22 81.90
N ILE V 111 29.62 -89.39 82.50
CA ILE V 111 30.35 -90.64 82.44
C ILE V 111 30.59 -91.23 83.81
N CYS V 112 29.83 -90.82 84.80
CA CYS V 112 30.06 -91.32 86.15
C CYS V 112 28.89 -92.08 86.71
N GLY V 113 29.14 -92.88 87.72
CA GLY V 113 28.05 -93.55 88.39
C GLY V 113 27.44 -92.50 89.27
N VAL V 114 26.26 -92.76 89.81
CA VAL V 114 25.67 -91.74 90.65
C VAL V 114 25.24 -92.27 92.00
N GLN V 115 24.26 -93.17 92.02
CA GLN V 115 23.73 -93.64 93.27
C GLN V 115 23.35 -92.48 94.18
N PRO V 116 22.33 -91.68 93.85
CA PRO V 116 21.99 -90.48 94.56
C PRO V 116 21.81 -90.93 95.96
N MET V 117 22.28 -90.13 96.88
CA MET V 117 22.28 -90.55 98.23
C MET V 117 20.93 -90.32 98.90
N ASN V 118 20.38 -91.38 99.45
CA ASN V 118 19.09 -91.27 100.14
C ASN V 118 19.33 -90.99 101.60
N SER V 119 20.48 -91.47 102.06
CA SER V 119 20.89 -91.33 103.43
C SER V 119 22.41 -91.31 103.41
N PRO V 120 23.06 -90.63 104.35
CA PRO V 120 24.48 -90.50 104.44
C PRO V 120 25.12 -91.81 104.79
N THR V 121 26.38 -91.91 104.43
CA THR V 121 27.15 -93.06 104.80
C THR V 121 26.61 -94.44 104.51
N GLY V 122 26.25 -94.75 103.26
CA GLY V 122 25.76 -96.10 102.91
C GLY V 122 26.93 -97.08 102.65
N GLN V 123 26.61 -98.30 102.18
CA GLN V 123 27.62 -99.34 101.91
C GLN V 123 27.36 -100.20 100.68
N VAL V 124 28.42 -100.61 100.01
CA VAL V 124 28.34 -101.47 98.83
C VAL V 124 28.95 -102.81 99.07
N PHE V 125 28.26 -103.82 98.65
CA PHE V 125 28.75 -105.17 98.83
C PHE V 125 29.34 -105.73 97.56
N ALA V 126 30.26 -106.67 97.68
CA ALA V 126 30.80 -107.28 96.48
C ALA V 126 31.13 -108.76 96.65
N LEU V 127 30.75 -109.53 95.65
CA LEU V 127 31.03 -110.96 95.66
C LEU V 127 32.15 -111.31 94.70
N ARG V 128 33.08 -112.11 95.17
CA ARG V 128 34.14 -112.62 94.32
C ARG V 128 34.17 -114.13 94.39
N ALA V 129 34.42 -114.79 93.27
CA ALA V 129 34.55 -116.24 93.34
C ALA V 129 35.85 -116.54 94.05
N VAL V 130 35.90 -117.60 94.83
CA VAL V 130 37.16 -117.99 95.46
C VAL V 130 37.35 -119.48 95.27
N TYR V 131 38.56 -119.95 95.49
CA TYR V 131 38.81 -121.38 95.45
C TYR V 131 40.06 -121.77 96.18
N GLY V 132 40.26 -123.08 96.39
CA GLY V 132 41.49 -123.53 97.04
C GLY V 132 41.48 -123.59 98.59
N LYS V 133 40.29 -123.70 99.18
CA LYS V 133 40.06 -123.81 100.64
C LYS V 133 40.28 -122.59 101.53
N ASP V 134 40.60 -121.43 101.00
CA ASP V 134 40.73 -120.27 101.87
C ASP V 134 40.33 -119.01 101.14
N PRO V 135 39.09 -118.54 101.33
CA PRO V 135 38.53 -117.37 100.67
C PRO V 135 39.39 -116.11 100.72
N VAL V 136 40.16 -115.91 101.79
CA VAL V 136 41.00 -114.73 101.83
C VAL V 136 42.39 -115.10 102.27
N ALA V 137 43.31 -115.14 101.33
CA ALA V 137 44.66 -115.55 101.65
C ALA V 137 45.63 -115.09 100.62
N ALA V 138 46.89 -115.00 101.01
CA ALA V 138 47.87 -114.74 99.98
C ALA V 138 47.77 -115.91 99.03
N GLY V 139 47.79 -115.63 97.73
CA GLY V 139 47.72 -116.69 96.74
C GLY V 139 46.29 -117.01 96.31
N ALA V 140 45.30 -116.44 97.00
CA ALA V 140 43.90 -116.65 96.66
C ALA V 140 43.67 -116.09 95.26
N LYS V 141 42.79 -116.75 94.49
CA LYS V 141 42.49 -116.34 93.13
C LYS V 141 40.99 -116.37 92.85
N GLU V 142 40.55 -115.58 91.87
CA GLU V 142 39.15 -115.52 91.48
C GLU V 142 38.87 -116.06 90.08
N ALA V 143 37.95 -117.02 90.04
CA ALA V 143 37.58 -117.72 88.81
C ALA V 143 37.09 -116.83 87.68
N PHE V 144 36.39 -115.75 87.98
CA PHE V 144 35.87 -114.87 86.93
C PHE V 144 36.63 -113.55 86.83
N HIS V 145 37.83 -113.46 87.37
CA HIS V 145 38.52 -112.19 87.25
C HIS V 145 38.89 -111.99 85.77
N PRO V 146 38.61 -110.84 85.16
CA PRO V 146 38.87 -110.58 83.75
C PRO V 146 40.34 -110.62 83.30
N MET V 147 41.29 -110.43 84.21
CA MET V 147 42.67 -110.45 83.75
C MET V 147 43.32 -111.79 83.78
N TYR V 148 42.62 -112.82 84.23
CA TYR V 148 43.29 -114.08 84.34
C TYR V 148 42.49 -115.18 83.67
N GLY V 149 43.17 -116.18 83.12
CA GLY V 149 42.46 -117.28 82.48
C GLY V 149 41.98 -118.29 83.50
N PRO V 150 41.25 -119.31 83.07
CA PRO V 150 40.73 -120.38 83.89
C PRO V 150 41.89 -121.21 84.35
N ASP V 151 41.78 -121.86 85.48
CA ASP V 151 42.90 -122.70 85.85
C ASP V 151 42.70 -124.02 85.16
N ALA V 152 43.39 -124.15 84.05
CA ALA V 152 43.26 -125.25 83.11
C ALA V 152 43.45 -126.64 83.71
N MET V 153 44.10 -126.74 84.86
CA MET V 153 44.28 -128.06 85.42
C MET V 153 43.73 -128.18 86.83
N PHE V 154 42.95 -127.20 87.29
CA PHE V 154 42.43 -127.21 88.65
C PHE V 154 41.51 -128.40 88.99
N SER V 155 40.45 -128.61 88.21
CA SER V 155 39.56 -129.76 88.46
C SER V 155 40.10 -131.02 87.81
N GLY V 156 41.12 -130.82 86.98
CA GLY V 156 41.77 -131.83 86.15
C GLY V 156 43.04 -132.33 86.78
N GLN V 157 44.07 -132.42 85.97
CA GLN V 157 45.33 -133.02 86.38
C GLN V 157 45.95 -132.41 87.63
N GLY V 158 45.73 -131.13 87.89
CA GLY V 158 46.30 -130.49 89.08
C GLY V 158 45.79 -131.12 90.38
N ALA V 159 44.64 -131.81 90.33
CA ALA V 159 44.11 -132.47 91.51
C ALA V 159 44.78 -133.85 91.65
N ALA V 160 45.59 -134.23 90.65
CA ALA V 160 46.31 -135.50 90.62
C ALA V 160 47.73 -135.28 91.11
N LYS V 161 48.32 -134.18 90.65
CA LYS V 161 49.69 -133.88 90.99
C LYS V 161 49.98 -132.40 90.91
N LYS V 162 51.04 -131.99 91.59
CA LYS V 162 51.49 -130.62 91.48
C LYS V 162 52.43 -130.54 90.31
N PHE V 163 52.53 -129.35 89.73
CA PHE V 163 53.47 -129.16 88.65
C PHE V 163 54.60 -128.32 89.18
N PRO V 164 55.84 -128.54 88.75
CA PRO V 164 56.97 -127.75 89.11
C PRO V 164 56.77 -126.38 88.53
N ALA V 165 57.22 -125.37 89.25
CA ALA V 165 57.13 -124.04 88.70
C ALA V 165 58.12 -123.89 87.59
N LEU V 166 57.75 -123.13 86.59
CA LEU V 166 58.67 -122.76 85.55
C LEU V 166 59.38 -121.55 86.11
N ALA V 167 60.70 -121.57 86.15
CA ALA V 167 61.37 -120.47 86.78
C ALA V 167 62.73 -120.22 86.21
N ALA V 168 63.23 -119.02 86.44
CA ALA V 168 64.53 -118.68 85.94
C ALA V 168 65.55 -119.68 86.42
N SER V 169 66.40 -120.06 85.49
CA SER V 169 67.53 -120.98 85.65
C SER V 169 67.15 -122.44 85.59
N THR V 170 65.87 -122.78 85.53
CA THR V 170 65.57 -124.19 85.52
C THR V 170 65.78 -124.72 84.14
N GLN V 171 65.70 -126.03 84.01
CA GLN V 171 65.81 -126.67 82.72
C GLN V 171 64.76 -127.73 82.61
N THR V 172 63.95 -127.61 81.59
CA THR V 172 62.84 -128.49 81.37
C THR V 172 63.31 -129.73 80.65
N THR V 173 62.49 -130.80 80.64
CA THR V 173 62.85 -131.91 79.74
C THR V 173 61.73 -132.15 78.77
N VAL V 174 61.90 -133.09 77.89
CA VAL V 174 60.87 -133.28 76.89
C VAL V 174 59.71 -134.12 77.38
N GLY V 175 58.51 -133.59 77.17
CA GLY V 175 57.26 -134.20 77.60
C GLY V 175 56.88 -133.71 78.98
N ASP V 176 57.79 -132.93 79.57
CA ASP V 176 57.61 -132.37 80.94
C ASP V 176 56.62 -131.21 80.89
N ILE V 177 55.99 -130.91 82.03
CA ILE V 177 55.02 -129.82 82.14
C ILE V 177 55.30 -128.89 83.30
N TYR V 178 55.40 -127.60 83.01
CA TYR V 178 55.71 -126.60 84.06
C TYR V 178 54.59 -125.56 84.16
N THR V 179 54.34 -125.08 85.39
CA THR V 179 53.32 -124.07 85.64
C THR V 179 53.90 -122.71 85.95
N HIS V 180 53.20 -121.67 85.53
CA HIS V 180 53.61 -120.31 85.82
C HIS V 180 52.46 -119.34 85.87
N PHE V 181 52.55 -118.38 86.78
CA PHE V 181 51.53 -117.35 86.86
C PHE V 181 52.08 -116.08 86.27
N PHE V 182 51.51 -115.68 85.15
CA PHE V 182 51.95 -114.50 84.43
C PHE V 182 51.35 -113.25 85.02
N GLN V 183 52.09 -112.15 84.94
CA GLN V 183 51.59 -110.89 85.49
C GLN V 183 50.26 -110.46 84.84
N GLU V 184 50.03 -110.95 83.64
CA GLU V 184 48.83 -110.75 82.84
C GLU V 184 48.47 -112.16 82.38
N THR V 185 47.19 -112.54 82.44
CA THR V 185 46.62 -113.87 82.08
C THR V 185 46.79 -114.92 83.20
N GLY V 186 47.65 -114.66 84.18
CA GLY V 186 47.79 -115.53 85.33
C GLY V 186 48.25 -116.94 85.06
N THR V 187 47.54 -117.92 85.62
CA THR V 187 47.93 -119.31 85.49
C THR V 187 47.95 -119.87 84.09
N VAL V 188 49.12 -120.38 83.72
CA VAL V 188 49.37 -121.03 82.46
C VAL V 188 50.17 -122.30 82.67
N TYR V 189 49.81 -123.34 81.93
CA TYR V 189 50.61 -124.54 81.98
C TYR V 189 51.23 -124.71 80.62
N LEU V 190 52.50 -125.09 80.60
CA LEU V 190 53.23 -125.29 79.36
C LEU V 190 53.93 -126.61 79.28
N GLN V 191 53.73 -127.30 78.19
CA GLN V 191 54.39 -128.56 77.99
C GLN V 191 55.69 -128.30 77.28
N ALA V 192 56.73 -128.94 77.73
CA ALA V 192 58.04 -128.81 77.15
C ALA V 192 58.22 -129.77 75.98
N SER V 193 58.40 -129.21 74.81
CA SER V 193 58.60 -129.95 73.59
C SER V 193 60.09 -130.08 73.37
N VAL V 194 60.83 -129.14 73.95
CA VAL V 194 62.27 -129.08 73.86
C VAL V 194 62.88 -128.89 75.24
N GLN V 195 64.00 -129.57 75.47
CA GLN V 195 64.74 -129.39 76.70
C GLN V 195 65.43 -128.03 76.67
N VAL V 196 64.94 -127.08 77.45
CA VAL V 196 65.54 -125.74 77.42
C VAL V 196 65.81 -125.15 78.78
N THR V 197 66.79 -124.25 78.81
CA THR V 197 67.16 -123.50 80.02
C THR V 197 66.42 -122.18 79.98
N ILE V 198 65.84 -121.81 81.11
CA ILE V 198 65.07 -120.58 81.17
C ILE V 198 65.85 -119.40 81.74
N ASP V 199 66.68 -118.73 80.94
CA ASP V 199 67.35 -117.48 81.36
C ASP V 199 67.66 -117.35 82.84
N ALA V 200 68.75 -117.92 83.29
CA ALA V 200 69.07 -117.83 84.70
C ALA V 200 69.14 -116.39 85.24
N GLY V 201 69.33 -115.38 84.38
CA GLY V 201 69.43 -114.02 84.89
C GLY V 201 68.06 -113.35 85.09
N ALA V 202 66.99 -114.05 84.74
CA ALA V 202 65.65 -113.48 84.82
C ALA V 202 65.07 -113.54 86.23
N THR V 203 65.67 -112.78 87.14
CA THR V 203 65.28 -112.77 88.54
C THR V 203 64.09 -111.85 88.78
N ASP V 204 63.83 -111.04 87.78
CA ASP V 204 62.74 -110.11 87.66
C ASP V 204 61.55 -110.83 87.11
N ALA V 205 60.44 -110.86 87.83
CA ALA V 205 59.29 -111.60 87.34
C ALA V 205 58.93 -111.13 85.93
N ALA V 206 59.09 -109.84 85.63
CA ALA V 206 58.79 -109.35 84.31
C ALA V 206 59.67 -110.01 83.25
N LYS V 207 60.94 -110.28 83.59
CA LYS V 207 61.88 -110.86 82.66
C LYS V 207 61.56 -112.31 82.51
N LEU V 208 61.15 -112.94 83.60
CA LEU V 208 60.80 -114.33 83.51
C LEU V 208 59.61 -114.47 82.59
N ASP V 209 58.58 -113.63 82.76
CA ASP V 209 57.45 -113.79 81.86
C ASP V 209 57.92 -113.63 80.43
N ALA V 210 58.82 -112.68 80.19
CA ALA V 210 59.32 -112.50 78.84
C ALA V 210 60.07 -113.73 78.34
N GLU V 211 60.92 -114.34 79.18
CA GLU V 211 61.66 -115.50 78.74
C GLU V 211 60.75 -116.65 78.43
N ILE V 212 59.72 -116.81 79.22
CA ILE V 212 58.83 -117.90 79.01
C ILE V 212 58.15 -117.69 77.68
N LYS V 213 57.68 -116.47 77.43
CA LYS V 213 57.03 -116.16 76.16
C LYS V 213 57.96 -116.40 74.99
N LYS V 214 59.25 -116.09 75.15
CA LYS V 214 60.20 -116.34 74.07
C LYS V 214 60.31 -117.83 73.78
N GLN V 215 60.40 -118.65 74.83
CA GLN V 215 60.50 -120.09 74.65
C GLN V 215 59.20 -120.64 74.07
N MET V 216 58.10 -120.01 74.45
CA MET V 216 56.83 -120.41 73.92
C MET V 216 56.77 -120.12 72.42
N GLU V 217 57.11 -118.91 72.02
CA GLU V 217 57.07 -118.55 70.61
C GLU V 217 57.97 -119.45 69.80
N ALA V 218 59.12 -119.76 70.40
CA ALA V 218 60.16 -120.61 69.83
C ALA V 218 59.66 -122.02 69.60
N GLY V 219 58.56 -122.39 70.24
CA GLY V 219 57.99 -123.71 70.13
C GLY V 219 58.54 -124.69 71.15
N ALA V 220 59.33 -124.20 72.12
CA ALA V 220 59.91 -125.05 73.15
C ALA V 220 58.88 -125.38 74.21
N LEU V 221 58.02 -124.40 74.49
CA LEU V 221 56.97 -124.52 75.50
C LEU V 221 55.59 -124.29 74.88
N VAL V 222 54.68 -125.22 75.02
CA VAL V 222 53.37 -125.06 74.40
C VAL V 222 52.21 -125.07 75.38
N GLU V 223 51.28 -124.13 75.23
CA GLU V 223 50.15 -124.08 76.14
C GLU V 223 49.44 -125.39 76.15
N ILE V 224 49.14 -125.85 77.35
CA ILE V 224 48.49 -127.12 77.52
C ILE V 224 47.49 -127.12 78.65
N ALA V 225 46.48 -127.96 78.51
CA ALA V 225 45.48 -128.18 79.52
C ALA V 225 45.26 -129.66 79.54
N GLU V 226 44.94 -130.21 80.70
CA GLU V 226 44.74 -131.65 80.79
C GLU V 226 43.88 -132.06 81.99
N GLY V 227 43.14 -133.14 81.78
CA GLY V 227 42.27 -133.73 82.80
C GLY V 227 43.01 -134.75 83.63
N MET V 228 42.27 -135.46 84.45
CA MET V 228 42.81 -136.49 85.31
C MET V 228 42.59 -137.85 84.69
N ALA V 229 43.52 -138.78 84.88
CA ALA V 229 43.29 -140.15 84.42
C ALA V 229 42.11 -140.74 85.16
N THR V 230 41.32 -141.56 84.50
CA THR V 230 40.20 -142.20 85.18
C THR V 230 40.72 -143.03 86.36
N SER V 231 41.84 -143.73 86.16
CA SER V 231 42.50 -144.56 87.16
C SER V 231 42.86 -143.82 88.41
N ILE V 232 42.94 -142.51 88.34
CA ILE V 232 43.25 -141.68 89.47
C ILE V 232 41.95 -141.15 90.03
N ALA V 233 41.10 -140.62 89.16
CA ALA V 233 39.86 -139.99 89.55
C ALA V 233 38.98 -140.89 90.36
N GLU V 234 38.96 -142.16 90.00
CA GLU V 234 38.11 -143.11 90.68
C GLU V 234 38.44 -143.23 92.15
N LEU V 235 39.71 -143.02 92.56
CA LEU V 235 40.01 -143.18 93.96
C LEU V 235 40.26 -141.88 94.70
N GLN V 236 39.92 -140.76 94.09
CA GLN V 236 40.19 -139.52 94.80
C GLN V 236 39.42 -139.58 96.09
N GLU V 237 39.94 -138.89 97.12
CA GLU V 237 39.29 -138.84 98.45
C GLU V 237 39.76 -140.01 99.33
N GLY V 238 40.91 -140.60 99.01
CA GLY V 238 41.44 -141.71 99.79
C GLY V 238 40.76 -143.07 99.63
N PHE V 239 40.24 -143.38 98.46
CA PHE V 239 39.53 -144.64 98.35
C PHE V 239 40.49 -145.79 98.12
N ASN V 240 40.05 -146.96 98.56
CA ASN V 240 40.75 -148.22 98.41
C ASN V 240 42.19 -148.16 98.92
N GLY V 241 42.36 -147.51 100.07
CA GLY V 241 43.65 -147.41 100.73
C GLY V 241 44.57 -146.30 100.22
N SER V 242 44.15 -145.55 99.23
CA SER V 242 45.00 -144.48 98.73
C SER V 242 44.98 -143.31 99.69
N THR V 243 45.97 -142.41 99.57
CA THR V 243 46.01 -141.22 100.40
C THR V 243 46.39 -139.98 99.61
N ASP V 244 46.19 -138.81 100.23
CA ASP V 244 46.64 -137.53 99.72
C ASP V 244 46.19 -137.23 98.31
N ASN V 245 44.96 -137.57 98.00
CA ASN V 245 44.43 -137.35 96.68
C ASN V 245 42.99 -136.82 96.63
N PRO V 246 42.67 -135.70 97.29
CA PRO V 246 41.35 -135.09 97.32
C PRO V 246 41.03 -134.36 96.02
N TRP V 247 39.74 -134.13 95.78
CA TRP V 247 39.32 -133.26 94.69
C TRP V 247 39.47 -131.83 95.16
N ASN V 248 39.66 -130.91 94.24
CA ASN V 248 39.71 -129.53 94.67
C ASN V 248 38.31 -128.97 94.91
N GLU V 249 38.24 -127.72 95.34
CA GLU V 249 36.96 -127.12 95.71
C GLU V 249 36.89 -125.64 95.39
N MET V 250 35.64 -125.15 95.23
CA MET V 250 35.41 -123.72 94.93
C MET V 250 34.22 -123.13 95.66
N GLY V 251 34.18 -121.80 95.73
CA GLY V 251 33.08 -121.08 96.33
C GLY V 251 33.18 -119.59 96.09
N PHE V 252 32.76 -118.79 97.07
CA PHE V 252 32.80 -117.33 96.92
C PHE V 252 32.96 -116.62 98.25
N ARG V 253 33.36 -115.35 98.16
CA ARG V 253 33.53 -114.47 99.30
C ARG V 253 32.84 -113.13 99.12
N ILE V 254 32.15 -112.66 100.16
CA ILE V 254 31.52 -111.36 100.08
C ILE V 254 32.13 -110.37 101.07
N ASP V 255 32.47 -109.18 100.58
CA ASP V 255 33.03 -108.11 101.40
C ASP V 255 32.34 -106.79 101.07
N LYS V 256 32.86 -105.65 101.59
CA LYS V 256 32.16 -104.40 101.31
C LYS V 256 32.99 -103.13 101.42
N GLN V 257 32.43 -102.04 100.88
CA GLN V 257 33.04 -100.72 101.01
C GLN V 257 32.05 -99.70 101.53
N VAL V 258 32.55 -98.68 102.20
CA VAL V 258 31.65 -97.62 102.70
C VAL V 258 32.02 -96.21 102.28
N ILE V 259 31.04 -95.32 102.29
CA ILE V 259 31.26 -93.92 101.89
C ILE V 259 30.91 -92.98 103.01
N GLU V 260 31.44 -91.75 102.93
CA GLU V 260 31.19 -90.64 103.89
C GLU V 260 31.20 -89.36 103.06
N ALA V 261 30.10 -88.60 103.08
CA ALA V 261 30.06 -87.41 102.22
C ALA V 261 30.63 -86.17 102.83
N LYS V 262 31.37 -85.42 102.03
CA LYS V 262 31.87 -84.13 102.45
C LYS V 262 31.00 -83.02 101.91
N SER V 263 31.10 -81.86 102.56
CA SER V 263 30.35 -80.66 102.22
C SER V 263 31.12 -79.54 101.53
N ARG V 264 30.37 -78.57 101.05
CA ARG V 264 30.97 -77.36 100.50
C ARG V 264 30.10 -76.18 100.85
N GLN V 265 30.72 -75.06 101.17
CA GLN V 265 29.93 -73.87 101.49
C GLN V 265 30.62 -72.55 101.28
N LEU V 266 29.88 -71.61 100.70
CA LEU V 266 30.38 -70.26 100.47
C LEU V 266 29.38 -69.18 100.89
N LYS V 267 29.94 -68.03 101.26
CA LYS V 267 29.17 -66.85 101.69
C LYS V 267 29.46 -65.55 100.93
N ALA V 268 28.45 -64.67 100.82
CA ALA V 268 28.62 -63.33 100.25
C ALA V 268 28.34 -62.20 101.28
N ALA V 269 27.19 -62.27 101.97
CA ALA V 269 26.82 -61.24 103.00
C ALA V 269 27.02 -59.77 102.59
N TYR V 270 26.35 -59.32 101.53
CA TYR V 270 26.50 -57.96 101.00
C TYR V 270 25.77 -56.88 101.81
N SER V 271 26.26 -55.63 101.73
CA SER V 271 25.57 -54.53 102.41
C SER V 271 24.38 -53.99 101.64
N ILE V 272 23.54 -53.27 102.38
CA ILE V 272 22.38 -52.60 101.84
C ILE V 272 22.73 -51.46 100.93
N GLU V 273 23.62 -50.62 101.40
CA GLU V 273 23.99 -49.46 100.65
C GLU V 273 24.59 -49.85 99.32
N LEU V 274 25.40 -50.90 99.30
CA LEU V 274 25.95 -51.29 98.02
C LEU V 274 24.86 -51.66 97.10
N ALA V 275 23.96 -52.52 97.56
CA ALA V 275 22.94 -52.97 96.66
C ALA V 275 22.11 -51.83 96.12
N GLN V 276 21.79 -50.87 96.98
CA GLN V 276 20.97 -49.77 96.53
C GLN V 276 21.63 -48.95 95.45
N ASP V 277 22.91 -48.65 95.65
CA ASP V 277 23.60 -47.83 94.68
C ASP V 277 23.92 -48.58 93.43
N LEU V 278 24.28 -49.84 93.58
CA LEU V 278 24.65 -50.59 92.42
C LEU V 278 23.47 -50.69 91.49
N ARG V 279 22.30 -50.97 92.05
CA ARG V 279 21.14 -50.99 91.22
C ARG V 279 20.88 -49.64 90.59
N ALA V 280 20.99 -48.58 91.38
CA ALA V 280 20.69 -47.26 90.85
C ALA V 280 21.56 -46.89 89.67
N VAL V 281 22.81 -47.30 89.69
CA VAL V 281 23.71 -46.94 88.63
C VAL V 281 23.67 -47.89 87.45
N HIS V 282 23.78 -49.18 87.71
CA HIS V 282 23.90 -50.13 86.61
C HIS V 282 22.64 -50.93 86.23
N GLY V 283 21.51 -50.78 86.94
CA GLY V 283 20.29 -51.52 86.55
C GLY V 283 20.28 -52.94 87.08
N MET V 284 21.26 -53.23 87.87
CA MET V 284 21.49 -54.51 88.50
C MET V 284 20.54 -54.71 89.66
N ASP V 285 20.32 -55.95 90.08
CA ASP V 285 19.47 -56.16 91.25
C ASP V 285 20.39 -55.99 92.43
N ALA V 286 21.65 -56.32 92.16
CA ALA V 286 22.78 -56.20 93.05
C ALA V 286 22.68 -57.02 94.33
N ASP V 287 22.15 -58.20 94.18
CA ASP V 287 22.00 -59.18 95.24
C ASP V 287 22.18 -60.57 94.68
N ALA V 288 21.24 -60.99 93.86
CA ALA V 288 21.18 -62.29 93.25
C ALA V 288 22.42 -62.58 92.44
N GLU V 289 23.05 -61.56 91.86
CA GLU V 289 24.24 -61.80 91.07
C GLU V 289 25.31 -62.48 91.90
N LEU V 290 25.38 -62.13 93.19
CA LEU V 290 26.36 -62.68 94.08
C LEU V 290 25.99 -64.10 94.34
N SER V 291 24.70 -64.31 94.50
CA SER V 291 24.15 -65.63 94.77
C SER V 291 24.52 -66.54 93.61
N GLY V 292 24.36 -66.01 92.41
CA GLY V 292 24.67 -66.69 91.17
C GLY V 292 26.10 -67.16 91.20
N ILE V 293 27.00 -66.24 91.48
CA ILE V 293 28.41 -66.58 91.50
C ILE V 293 28.69 -67.68 92.50
N LEU V 294 28.15 -67.57 93.70
CA LEU V 294 28.46 -68.57 94.71
C LEU V 294 27.99 -69.95 94.28
N ALA V 295 26.76 -70.02 93.80
CA ALA V 295 26.20 -71.29 93.40
C ALA V 295 26.98 -71.87 92.25
N THR V 296 27.33 -71.00 91.32
CA THR V 296 28.04 -71.39 90.13
C THR V 296 29.37 -71.97 90.49
N GLU V 297 30.11 -71.28 91.36
CA GLU V 297 31.45 -71.74 91.68
C GLU V 297 31.36 -73.09 92.35
N ILE V 298 30.39 -73.30 93.22
CA ILE V 298 30.34 -74.60 93.87
C ILE V 298 30.15 -75.69 92.85
N MET V 299 29.23 -75.50 91.93
CA MET V 299 29.00 -76.53 90.93
C MET V 299 30.24 -76.76 90.05
N LEU V 300 30.94 -75.69 89.68
CA LEU V 300 32.12 -75.85 88.83
C LEU V 300 33.20 -76.64 89.54
N GLU V 301 33.38 -76.35 90.83
CA GLU V 301 34.40 -77.00 91.64
C GLU V 301 34.13 -78.48 91.76
N ILE V 302 32.86 -78.85 91.96
CA ILE V 302 32.48 -80.24 92.10
C ILE V 302 32.78 -80.96 90.81
N ASN V 303 32.42 -80.36 89.70
CA ASN V 303 32.67 -81.00 88.45
C ASN V 303 34.13 -81.31 88.31
N ARG V 304 34.99 -80.33 88.58
CA ARG V 304 36.46 -80.50 88.47
C ARG V 304 36.91 -81.61 89.43
N GLU V 305 36.29 -81.65 90.62
CA GLU V 305 36.61 -82.67 91.65
C GLU V 305 36.48 -84.07 91.04
N VAL V 306 35.39 -84.30 90.29
CA VAL V 306 35.17 -85.58 89.65
C VAL V 306 36.14 -85.81 88.49
N VAL V 307 36.33 -84.81 87.64
CA VAL V 307 37.20 -84.98 86.49
C VAL V 307 38.60 -85.36 86.91
N ASP V 308 39.11 -84.69 87.92
CA ASP V 308 40.45 -84.99 88.35
C ASP V 308 40.53 -86.28 89.11
N TRP V 309 39.48 -86.69 89.83
CA TRP V 309 39.61 -87.99 90.45
C TRP V 309 39.66 -89.07 89.37
N ILE V 310 39.04 -88.80 88.22
CA ILE V 310 39.19 -89.71 87.11
C ILE V 310 40.62 -89.70 86.65
N ASN V 311 41.20 -88.52 86.46
CA ASN V 311 42.58 -88.47 86.00
C ASN V 311 43.54 -89.14 86.99
N TYR V 312 43.27 -88.94 88.28
CA TYR V 312 44.10 -89.51 89.37
C TYR V 312 44.03 -91.04 89.35
N SER V 313 42.82 -91.58 89.19
CA SER V 313 42.64 -92.98 89.17
C SER V 313 42.86 -93.66 87.82
N ALA V 314 42.84 -92.93 86.71
CA ALA V 314 43.03 -93.58 85.41
C ALA V 314 44.38 -94.27 85.34
N GLN V 315 44.41 -95.44 84.72
CA GLN V 315 45.62 -96.21 84.54
C GLN V 315 46.40 -95.71 83.34
N VAL V 316 47.69 -95.98 83.30
CA VAL V 316 48.50 -95.55 82.17
C VAL V 316 48.27 -96.41 80.93
N GLY V 317 47.93 -95.77 79.82
CA GLY V 317 47.70 -96.52 78.58
C GLY V 317 49.01 -96.68 77.84
N LYS V 318 48.98 -97.25 76.64
CA LYS V 318 50.23 -97.45 75.88
C LYS V 318 51.32 -98.03 76.75
N SER V 319 50.95 -99.08 77.46
CA SER V 319 51.81 -99.72 78.41
C SER V 319 51.42 -101.16 78.61
N GLY V 320 52.40 -102.03 78.82
CA GLY V 320 52.09 -103.43 79.07
C GLY V 320 51.41 -104.04 77.86
N MET V 321 50.20 -104.52 78.05
CA MET V 321 49.42 -105.17 77.00
C MET V 321 49.23 -104.30 75.76
N THR V 322 49.19 -102.98 75.91
CA THR V 322 48.98 -102.13 74.75
C THR V 322 50.25 -101.49 74.25
N LEU V 323 51.40 -101.94 74.75
CA LEU V 323 52.63 -101.32 74.35
C LEU V 323 53.34 -101.99 73.18
N THR V 324 53.57 -101.22 72.14
CA THR V 324 54.32 -101.70 71.00
C THR V 324 55.75 -101.70 71.52
N PRO V 325 56.55 -102.77 71.36
CA PRO V 325 57.92 -102.86 71.84
C PRO V 325 58.82 -101.66 71.51
N GLY V 326 58.61 -101.00 70.38
CA GLY V 326 59.46 -99.87 70.03
C GLY V 326 58.95 -98.51 70.52
N SER V 327 57.89 -98.51 71.33
CA SER V 327 57.24 -97.28 71.80
C SER V 327 57.76 -96.73 73.14
N LYS V 328 56.95 -95.86 73.76
CA LYS V 328 57.36 -95.08 74.93
C LYS V 328 56.67 -95.30 76.29
N ALA V 329 55.90 -96.37 76.48
CA ALA V 329 55.29 -96.66 77.79
C ALA V 329 54.43 -95.53 78.37
N GLY V 330 53.38 -95.13 77.66
CA GLY V 330 52.48 -94.07 78.15
C GLY V 330 52.33 -92.78 77.37
N VAL V 331 53.06 -92.59 76.28
CA VAL V 331 52.92 -91.37 75.50
C VAL V 331 52.91 -91.63 74.00
N PHE V 332 52.01 -90.95 73.30
CA PHE V 332 51.94 -91.06 71.85
C PHE V 332 52.66 -89.92 71.20
N ASP V 333 53.80 -90.23 70.59
CA ASP V 333 54.65 -89.24 69.98
C ASP V 333 54.49 -89.29 68.48
N PHE V 334 53.89 -88.27 67.93
CA PHE V 334 53.58 -88.24 66.52
C PHE V 334 54.83 -88.15 65.63
N GLN V 335 55.99 -87.89 66.23
CA GLN V 335 57.26 -87.85 65.50
C GLN V 335 57.96 -89.21 65.54
N ASP V 336 57.41 -90.15 66.30
CA ASP V 336 58.00 -91.47 66.51
C ASP V 336 57.43 -92.49 65.52
N PRO V 337 58.22 -93.04 64.57
CA PRO V 337 57.78 -93.91 63.52
C PRO V 337 57.15 -95.19 64.05
N ILE V 338 57.42 -95.56 65.29
CA ILE V 338 56.79 -96.78 65.77
C ILE V 338 55.34 -96.46 66.08
N ASP V 339 55.11 -95.41 66.85
CA ASP V 339 53.75 -95.01 67.20
C ASP V 339 52.91 -94.71 65.98
N ILE V 340 53.54 -94.20 64.94
CA ILE V 340 52.75 -93.88 63.77
C ILE V 340 52.94 -94.88 62.63
N ARG V 341 53.50 -96.03 62.92
CA ARG V 341 53.66 -97.10 61.93
C ARG V 341 54.34 -96.67 60.64
N GLY V 342 55.38 -95.86 60.76
CA GLY V 342 56.18 -95.39 59.66
C GLY V 342 55.57 -94.22 58.89
N ALA V 343 54.40 -93.76 59.35
CA ALA V 343 53.66 -92.69 58.72
C ALA V 343 54.39 -91.38 58.65
N ARG V 344 54.05 -90.65 57.62
CA ARG V 344 54.49 -89.31 57.32
C ARG V 344 53.34 -88.86 56.46
N TRP V 345 53.20 -87.58 56.13
CA TRP V 345 52.09 -87.20 55.23
C TRP V 345 50.76 -87.38 55.99
N ALA V 346 50.42 -86.32 56.74
CA ALA V 346 49.33 -86.17 57.70
C ALA V 346 48.02 -86.75 57.21
N GLY V 347 47.75 -86.65 55.90
CA GLY V 347 46.52 -87.17 55.33
C GLY V 347 46.31 -88.63 55.75
N GLU V 348 47.41 -89.36 55.93
CA GLU V 348 47.30 -90.74 56.37
C GLU V 348 47.81 -90.86 57.80
N SER V 349 48.85 -90.10 58.14
CA SER V 349 49.48 -90.26 59.42
C SER V 349 48.58 -90.07 60.61
N PHE V 350 47.67 -89.11 60.59
CA PHE V 350 46.85 -88.91 61.79
C PHE V 350 45.94 -90.08 62.15
N LYS V 351 45.70 -90.98 61.21
CA LYS V 351 44.85 -92.12 61.49
C LYS V 351 45.48 -92.98 62.58
N ALA V 352 46.81 -92.84 62.75
CA ALA V 352 47.54 -93.57 63.76
C ALA V 352 47.02 -93.25 65.14
N LEU V 353 46.64 -92.00 65.38
CA LEU V 353 46.16 -91.63 66.68
C LEU V 353 44.86 -92.31 66.90
N LEU V 354 44.02 -92.31 65.88
CA LEU V 354 42.73 -92.95 66.04
C LEU V 354 42.87 -94.43 66.34
N PHE V 355 43.82 -95.06 65.66
CA PHE V 355 44.06 -96.48 65.87
C PHE V 355 44.45 -96.72 67.30
N GLN V 356 45.38 -95.89 67.80
CA GLN V 356 45.85 -96.03 69.16
C GLN V 356 44.72 -95.90 70.16
N ILE V 357 43.78 -94.99 69.91
CA ILE V 357 42.67 -94.81 70.82
C ILE V 357 41.87 -96.08 70.89
N ASP V 358 41.57 -96.67 69.73
CA ASP V 358 40.85 -97.94 69.77
C ASP V 358 41.61 -99.02 70.51
N LYS V 359 42.93 -99.12 70.32
CA LYS V 359 43.61 -100.19 71.03
C LYS V 359 43.39 -100.05 72.52
N GLU V 360 43.50 -98.81 73.02
CA GLU V 360 43.34 -98.50 74.46
C GLU V 360 41.91 -98.82 74.91
N ALA V 361 40.92 -98.55 74.05
CA ALA V 361 39.53 -98.81 74.40
C ALA V 361 39.28 -100.30 74.59
N VAL V 362 39.96 -101.09 73.76
CA VAL V 362 39.89 -102.53 73.84
C VAL V 362 40.50 -103.01 75.16
N GLU V 363 41.66 -102.45 75.52
CA GLU V 363 42.31 -102.77 76.80
C GLU V 363 41.37 -102.55 77.96
N ILE V 364 40.59 -101.48 77.87
CA ILE V 364 39.63 -101.22 78.91
C ILE V 364 38.63 -102.37 78.94
N ALA V 365 38.11 -102.78 77.78
CA ALA V 365 37.18 -103.91 77.84
C ALA V 365 37.83 -105.10 78.51
N ARG V 366 39.09 -105.34 78.18
CA ARG V 366 39.79 -106.46 78.75
C ARG V 366 39.86 -106.39 80.26
N GLN V 367 40.27 -105.26 80.80
CA GLN V 367 40.42 -105.18 82.24
C GLN V 367 39.11 -105.00 83.01
N THR V 368 38.12 -104.29 82.49
CA THR V 368 36.92 -104.13 83.29
C THR V 368 36.06 -105.37 83.18
N GLY V 369 35.93 -105.89 81.96
CA GLY V 369 35.06 -107.02 81.72
C GLY V 369 33.61 -106.56 81.73
N ARG V 370 33.38 -105.25 81.60
CA ARG V 370 32.05 -104.71 81.66
C ARG V 370 31.63 -104.03 80.36
N GLY V 371 32.53 -104.06 79.36
CA GLY V 371 32.33 -103.43 78.05
C GLY V 371 33.51 -102.54 77.63
N GLU V 372 33.58 -102.26 76.33
CA GLU V 372 34.61 -101.47 75.64
C GLU V 372 34.48 -99.99 75.85
N GLY V 373 35.62 -99.28 75.94
CA GLY V 373 35.58 -97.85 76.14
C GLY V 373 34.59 -97.20 75.18
N ASN V 374 33.87 -96.20 75.67
CA ASN V 374 32.85 -95.56 74.88
C ASN V 374 32.83 -94.04 74.97
N PHE V 375 33.86 -93.47 75.57
CA PHE V 375 34.02 -92.04 75.62
C PHE V 375 35.46 -91.67 75.78
N ILE V 376 35.75 -90.43 75.46
CA ILE V 376 37.05 -89.84 75.61
C ILE V 376 36.95 -88.36 75.97
N ILE V 377 37.79 -87.93 76.89
CA ILE V 377 37.87 -86.53 77.24
C ILE V 377 39.31 -86.14 76.93
N ALA V 378 39.52 -85.08 76.17
CA ALA V 378 40.90 -84.77 75.83
C ALA V 378 41.19 -83.30 75.67
N SER V 379 42.45 -82.94 75.75
CA SER V 379 42.86 -81.54 75.56
C SER V 379 42.33 -80.95 74.29
N ARG V 380 42.16 -79.63 74.30
CA ARG V 380 41.70 -78.93 73.12
C ARG V 380 42.53 -79.31 71.92
N ASN V 381 43.83 -79.47 72.11
CA ASN V 381 44.71 -79.83 71.02
C ASN V 381 44.42 -81.22 70.45
N VAL V 382 43.96 -82.15 71.27
CA VAL V 382 43.70 -83.49 70.81
C VAL V 382 42.45 -83.49 69.99
N VAL V 383 41.44 -82.83 70.50
CA VAL V 383 40.18 -82.83 69.81
C VAL V 383 40.34 -82.09 68.51
N ASN V 384 41.07 -80.97 68.53
CA ASN V 384 41.32 -80.25 67.30
C ASN V 384 41.86 -81.21 66.26
N VAL V 385 42.79 -82.08 66.65
CA VAL V 385 43.26 -83.06 65.70
C VAL V 385 42.15 -84.00 65.28
N LEU V 386 41.38 -84.52 66.20
CA LEU V 386 40.37 -85.49 65.81
C LEU V 386 39.39 -84.90 64.81
N ALA V 387 39.05 -83.66 65.01
CA ALA V 387 38.11 -82.93 64.18
C ALA V 387 38.61 -82.68 62.77
N SER V 388 39.92 -82.80 62.55
CA SER V 388 40.54 -82.52 61.26
C SER V 388 40.64 -83.73 60.36
N VAL V 389 40.28 -84.91 60.85
CA VAL V 389 40.45 -86.12 60.05
C VAL V 389 39.22 -86.96 59.92
N ASP V 390 39.25 -87.91 58.99
CA ASP V 390 38.12 -88.82 58.93
C ASP V 390 38.27 -89.80 60.06
N THR V 391 37.31 -90.69 60.20
CA THR V 391 37.34 -91.70 61.22
C THR V 391 36.93 -92.99 60.61
N GLY V 392 36.31 -92.89 59.46
CA GLY V 392 35.83 -94.08 58.82
C GLY V 392 37.01 -94.71 58.14
N ILE V 393 36.83 -95.86 57.55
CA ILE V 393 37.94 -96.49 56.90
C ILE V 393 38.05 -95.94 55.50
N SER V 394 39.14 -95.22 55.27
CA SER V 394 39.32 -94.53 54.00
C SER V 394 40.80 -94.42 53.63
N TYR V 395 41.05 -94.21 52.34
CA TYR V 395 42.41 -94.10 51.79
C TYR V 395 43.26 -93.07 52.53
N ALA V 396 42.75 -91.86 52.67
CA ALA V 396 43.43 -90.77 53.35
C ALA V 396 42.40 -89.71 53.64
N ALA V 397 42.59 -88.88 54.65
CA ALA V 397 41.63 -87.79 54.82
C ALA V 397 42.04 -86.80 55.90
N GLN V 398 42.29 -85.55 55.51
CA GLN V 398 42.65 -84.47 56.46
C GLN V 398 42.34 -83.09 55.91
N GLY V 399 41.88 -82.20 56.77
CA GLY V 399 41.59 -80.81 56.40
C GLY V 399 41.41 -79.96 57.64
N LEU V 400 40.49 -79.01 57.60
CA LEU V 400 40.24 -78.14 58.75
C LEU V 400 39.53 -78.91 59.85
N ALA V 401 39.75 -78.48 61.07
CA ALA V 401 39.18 -79.11 62.24
C ALA V 401 37.72 -78.75 62.44
N THR V 402 36.87 -79.31 61.59
CA THR V 402 35.45 -79.01 61.64
C THR V 402 34.55 -80.18 62.04
N GLY V 403 35.08 -81.41 62.13
CA GLY V 403 34.29 -82.58 62.45
C GLY V 403 33.57 -82.56 63.80
N PHE V 404 34.20 -81.99 64.81
CA PHE V 404 33.61 -81.96 66.14
C PHE V 404 33.76 -80.54 66.63
N SER V 405 32.95 -80.11 67.58
CA SER V 405 33.18 -78.77 68.09
C SER V 405 34.37 -78.71 69.02
N THR V 406 35.20 -77.71 68.80
CA THR V 406 36.37 -77.45 69.61
C THR V 406 36.21 -76.21 70.46
N ASP V 407 35.07 -75.56 70.36
CA ASP V 407 34.90 -74.30 71.07
C ASP V 407 34.34 -74.50 72.47
N THR V 408 35.19 -74.35 73.47
CA THR V 408 34.81 -74.58 74.86
C THR V 408 33.87 -73.50 75.37
N THR V 409 33.69 -72.46 74.57
CA THR V 409 32.79 -71.38 74.88
C THR V 409 31.39 -71.94 74.90
N LYS V 410 31.09 -72.81 73.94
CA LYS V 410 29.75 -73.31 73.78
C LYS V 410 29.54 -74.70 74.34
N SER V 411 30.61 -75.47 74.45
CA SER V 411 30.44 -76.82 74.92
C SER V 411 31.62 -77.40 75.62
N VAL V 412 31.47 -78.66 75.93
CA VAL V 412 32.51 -79.47 76.53
C VAL V 412 32.52 -80.72 75.75
N PHE V 413 31.42 -80.90 75.06
CA PHE V 413 31.13 -82.06 74.28
C PHE V 413 31.29 -81.68 72.86
N ALA V 414 32.24 -82.32 72.22
CA ALA V 414 32.62 -82.00 70.88
C ALA V 414 31.72 -82.74 69.88
N GLY V 415 31.36 -83.96 70.23
CA GLY V 415 30.53 -84.81 69.36
C GLY V 415 30.88 -86.25 69.63
N VAL V 416 30.52 -87.19 68.75
CA VAL V 416 30.86 -88.57 69.03
C VAL V 416 31.88 -89.04 68.01
N LEU V 417 33.04 -89.48 68.48
CA LEU V 417 34.11 -89.82 67.58
C LEU V 417 33.81 -91.08 66.83
N GLY V 418 33.56 -90.91 65.53
CA GLY V 418 33.23 -92.01 64.64
C GLY V 418 31.85 -92.55 64.90
N GLY V 419 31.09 -91.85 65.72
CA GLY V 419 29.79 -92.34 66.11
C GLY V 419 29.93 -93.39 67.22
N LYS V 420 31.17 -93.63 67.69
CA LYS V 420 31.41 -94.63 68.71
C LYS V 420 31.83 -94.09 70.07
N TYR V 421 32.77 -93.15 70.12
CA TYR V 421 33.21 -92.70 71.46
C TYR V 421 32.75 -91.26 71.73
N ARG V 422 31.95 -91.03 72.78
CA ARG V 422 31.53 -89.65 73.09
C ARG V 422 32.77 -88.81 73.37
N VAL V 423 33.04 -87.78 72.56
CA VAL V 423 34.25 -87.00 72.78
C VAL V 423 33.97 -85.62 73.35
N TYR V 424 34.70 -85.36 74.42
CA TYR V 424 34.65 -84.16 75.19
C TYR V 424 36.02 -83.50 75.35
N ILE V 425 36.04 -82.28 75.86
CA ILE V 425 37.28 -81.53 76.02
C ILE V 425 37.73 -81.24 77.44
N ASP V 426 38.96 -81.63 77.75
CA ASP V 426 39.52 -81.33 79.05
C ASP V 426 40.13 -79.96 78.91
N GLN V 427 39.32 -78.96 79.16
CA GLN V 427 39.68 -77.57 78.97
C GLN V 427 40.82 -77.12 79.86
N TYR V 428 41.13 -77.90 80.90
CA TYR V 428 42.19 -77.52 81.81
C TYR V 428 43.38 -78.45 81.78
N ALA V 429 43.55 -79.21 80.72
CA ALA V 429 44.73 -80.07 80.67
C ALA V 429 45.96 -79.23 80.96
N LYS V 430 46.84 -79.71 81.85
CA LYS V 430 48.01 -78.90 82.15
C LYS V 430 48.90 -78.77 80.94
N GLN V 431 49.03 -79.84 80.15
CA GLN V 431 49.84 -79.72 78.95
C GLN V 431 49.19 -80.34 77.73
N ASP V 432 49.11 -81.67 77.63
CA ASP V 432 48.45 -82.27 76.46
C ASP V 432 48.35 -83.80 76.62
N TYR V 433 47.14 -84.29 76.71
CA TYR V 433 46.83 -85.70 76.93
C TYR V 433 45.39 -85.99 76.62
N PHE V 434 45.06 -87.27 76.64
CA PHE V 434 43.67 -87.69 76.61
C PHE V 434 43.40 -88.86 77.53
N THR V 435 42.14 -88.97 77.96
CA THR V 435 41.71 -90.14 78.72
C THR V 435 40.51 -90.76 78.08
N VAL V 436 40.60 -92.05 77.90
CA VAL V 436 39.55 -92.84 77.30
C VAL V 436 38.98 -93.74 78.37
N GLY V 437 37.68 -93.94 78.34
CA GLY V 437 37.08 -94.77 79.35
C GLY V 437 35.77 -95.42 78.99
N TYR V 438 35.28 -96.21 79.95
CA TYR V 438 34.04 -96.94 79.79
C TYR V 438 32.97 -96.67 80.81
N LYS V 439 31.78 -96.39 80.31
CA LYS V 439 30.60 -96.18 81.13
C LYS V 439 29.48 -97.15 80.73
N GLY V 440 29.04 -97.97 81.69
CA GLY V 440 27.99 -98.92 81.41
C GLY V 440 26.61 -98.26 81.51
N PRO V 441 25.52 -98.99 81.21
CA PRO V 441 24.13 -98.56 81.22
C PRO V 441 23.53 -98.22 82.59
N ASN V 442 24.17 -98.72 83.63
CA ASN V 442 23.72 -98.54 84.99
C ASN V 442 24.47 -97.44 85.69
N GLU V 443 24.18 -97.23 86.97
CA GLU V 443 24.85 -96.17 87.72
C GLU V 443 26.07 -96.61 88.50
N MET V 444 26.56 -97.83 88.28
CA MET V 444 27.74 -98.35 88.98
C MET V 444 28.99 -98.55 88.08
N ASP V 445 28.77 -98.93 86.83
CA ASP V 445 29.86 -99.25 85.92
C ASP V 445 30.62 -98.09 85.31
N ALA V 446 31.36 -97.41 86.17
CA ALA V 446 32.20 -96.29 85.78
C ALA V 446 33.44 -96.40 86.60
N GLY V 447 33.25 -97.04 87.73
CA GLY V 447 34.35 -97.19 88.66
C GLY V 447 34.45 -96.02 89.63
N ILE V 448 33.69 -94.96 89.34
CA ILE V 448 33.63 -93.71 90.08
C ILE V 448 32.17 -93.29 90.23
N TYR V 449 31.81 -92.77 91.40
CA TYR V 449 30.46 -92.31 91.66
C TYR V 449 30.39 -90.87 92.12
N TYR V 450 29.30 -90.20 91.77
CA TYR V 450 28.94 -88.91 92.32
C TYR V 450 27.60 -89.07 92.99
N ALA V 451 27.55 -88.95 94.31
CA ALA V 451 26.30 -89.31 94.99
C ALA V 451 25.72 -88.20 95.83
N PRO V 452 25.07 -87.21 95.24
CA PRO V 452 24.62 -86.01 95.91
C PRO V 452 23.61 -86.34 96.95
N TYR V 453 23.63 -85.59 98.04
CA TYR V 453 22.66 -85.76 99.10
C TYR V 453 21.81 -84.50 99.16
N VAL V 454 22.46 -83.37 99.31
CA VAL V 454 21.80 -82.06 99.33
C VAL V 454 22.59 -81.11 98.46
N ALA V 455 21.97 -80.02 98.00
CA ALA V 455 22.78 -79.06 97.27
C ALA V 455 22.19 -77.69 97.25
N LEU V 456 23.09 -76.70 97.23
CA LEU V 456 22.75 -75.31 97.11
C LEU V 456 21.64 -74.90 98.04
N THR V 457 21.72 -75.31 99.29
CA THR V 457 20.71 -74.93 100.24
C THR V 457 20.89 -73.44 100.38
N PRO V 458 19.89 -72.61 100.09
CA PRO V 458 20.00 -71.18 100.26
C PRO V 458 20.21 -70.93 101.73
N LEU V 459 21.12 -70.05 102.06
CA LEU V 459 21.36 -69.69 103.44
C LEU V 459 21.14 -68.21 103.57
N ARG V 460 20.18 -67.82 104.40
CA ARG V 460 19.87 -66.41 104.52
C ARG V 460 19.77 -65.98 105.95
N GLY V 461 20.09 -64.72 106.18
CA GLY V 461 19.98 -64.10 107.48
C GLY V 461 20.38 -62.63 107.41
N SER V 462 20.74 -62.10 108.55
CA SER V 462 21.13 -60.71 108.71
C SER V 462 21.84 -60.60 110.05
N ASP V 463 22.53 -59.49 110.27
CA ASP V 463 23.03 -59.18 111.59
C ASP V 463 22.29 -57.94 112.05
N PRO V 464 21.24 -58.08 112.90
CA PRO V 464 20.30 -57.08 113.34
C PRO V 464 20.97 -55.89 113.96
N LYS V 465 22.20 -56.04 114.43
CA LYS V 465 22.85 -54.90 115.05
C LYS V 465 22.94 -53.75 114.06
N ASN V 466 23.08 -54.06 112.77
CA ASN V 466 23.21 -53.05 111.76
C ASN V 466 22.33 -53.43 110.61
N PHE V 467 21.72 -54.59 110.79
CA PHE V 467 20.80 -55.22 109.88
C PHE V 467 21.39 -55.47 108.50
N GLN V 468 22.69 -55.66 108.40
CA GLN V 468 23.22 -55.94 107.10
C GLN V 468 22.89 -57.40 106.78
N PRO V 469 22.64 -57.75 105.51
CA PRO V 469 22.37 -59.08 105.01
C PRO V 469 23.46 -60.12 105.18
N VAL V 470 22.98 -61.35 105.32
CA VAL V 470 23.80 -62.54 105.32
C VAL V 470 23.22 -63.43 104.23
N MET V 471 24.06 -63.84 103.31
CA MET V 471 23.61 -64.70 102.24
C MET V 471 24.73 -65.63 101.81
N GLY V 472 24.36 -66.89 101.52
CA GLY V 472 25.28 -67.93 101.03
C GLY V 472 24.60 -69.26 100.65
N PHE V 473 25.39 -70.31 100.41
CA PHE V 473 24.75 -71.60 100.03
C PHE V 473 25.64 -72.79 100.39
N LYS V 474 25.02 -73.93 100.69
CA LYS V 474 25.76 -75.16 101.04
C LYS V 474 25.25 -76.49 100.44
N THR V 475 26.21 -77.40 100.25
CA THR V 475 25.99 -78.77 99.78
C THR V 475 26.69 -79.86 100.55
N ARG V 476 26.40 -81.09 100.15
CA ARG V 476 27.01 -82.32 100.64
C ARG V 476 26.72 -83.44 99.67
N TYR V 477 27.77 -84.13 99.26
CA TYR V 477 27.59 -85.20 98.28
C TYR V 477 28.48 -86.40 98.45
N GLY V 478 29.77 -86.19 98.45
CA GLY V 478 30.67 -87.31 98.51
C GLY V 478 30.80 -87.96 97.15
N ILE V 479 31.93 -88.60 96.96
CA ILE V 479 32.20 -89.34 95.75
C ILE V 479 32.73 -90.68 96.19
N GLY V 480 32.78 -91.62 95.27
CA GLY V 480 33.35 -92.90 95.64
C GLY V 480 33.78 -93.72 94.46
N ILE V 481 34.20 -94.94 94.72
CA ILE V 481 34.67 -95.84 93.69
C ILE V 481 34.02 -97.21 93.73
N ASN V 482 34.12 -97.92 92.61
CA ASN V 482 33.62 -99.29 92.52
C ASN V 482 34.58 -100.27 93.21
N PRO V 483 34.11 -101.21 94.03
CA PRO V 483 34.90 -102.25 94.67
C PRO V 483 35.85 -103.00 93.74
N PHE V 484 35.47 -103.13 92.47
CA PHE V 484 36.29 -103.83 91.52
C PHE V 484 37.03 -102.89 90.59
N ALA V 485 37.04 -101.59 90.88
CA ALA V 485 37.69 -100.64 89.98
C ALA V 485 39.15 -101.00 89.80
N GLU V 486 39.80 -101.49 90.86
CA GLU V 486 41.19 -101.89 90.78
C GLU V 486 41.44 -102.94 89.72
N SER V 487 40.52 -103.90 89.65
CA SER V 487 40.64 -105.03 88.75
C SER V 487 42.05 -105.62 88.67
N ALA V 488 42.63 -105.98 89.79
CA ALA V 488 43.95 -106.60 89.74
C ALA V 488 44.12 -107.56 90.90
N ALA V 489 43.64 -107.12 92.05
CA ALA V 489 43.67 -107.91 93.27
C ALA V 489 42.52 -108.86 93.22
N GLN V 490 42.70 -110.03 93.81
CA GLN V 490 41.62 -110.99 93.86
C GLN V 490 41.03 -111.05 95.27
N ALA V 491 41.81 -110.67 96.28
CA ALA V 491 41.34 -110.68 97.64
C ALA V 491 42.08 -109.62 98.46
N PRO V 492 41.80 -108.32 98.26
CA PRO V 492 42.55 -107.18 98.80
C PRO V 492 42.32 -106.87 100.29
N ALA V 493 42.55 -107.88 101.11
CA ALA V 493 42.47 -107.88 102.56
C ALA V 493 41.28 -107.07 103.11
N SER V 494 41.53 -106.36 104.22
CA SER V 494 40.69 -105.37 104.93
C SER V 494 39.27 -105.72 105.39
N ARG V 495 38.54 -106.52 104.61
CA ARG V 495 37.15 -106.98 104.78
C ARG V 495 36.13 -105.84 104.58
N ILE V 496 36.47 -104.65 105.06
CA ILE V 496 35.75 -103.43 104.86
C ILE V 496 36.74 -102.39 104.37
N GLN V 497 36.47 -101.82 103.21
CA GLN V 497 37.38 -100.82 102.67
C GLN V 497 36.66 -99.49 102.50
N SER V 498 37.40 -98.41 102.43
CA SER V 498 36.74 -97.17 102.13
C SER V 498 36.41 -97.16 100.66
N GLY V 499 35.23 -96.67 100.33
CA GLY V 499 34.79 -96.52 98.97
C GLY V 499 35.17 -95.15 98.44
N MET V 500 35.80 -94.35 99.27
CA MET V 500 36.21 -93.04 98.85
C MET V 500 37.55 -93.24 98.22
N PRO V 501 37.92 -92.54 97.17
CA PRO V 501 39.19 -92.68 96.54
C PRO V 501 40.30 -92.14 97.41
N SER V 502 41.46 -92.76 97.29
CA SER V 502 42.71 -92.38 97.92
C SER V 502 43.86 -93.02 97.19
N ILE V 503 45.07 -92.84 97.71
CA ILE V 503 46.18 -93.38 96.96
C ILE V 503 46.14 -94.88 96.88
N LEU V 504 46.00 -95.49 98.03
CA LEU V 504 46.07 -96.92 98.14
C LEU V 504 45.02 -97.67 97.35
N ASN V 505 43.82 -97.14 97.30
CA ASN V 505 42.79 -97.89 96.61
C ASN V 505 42.57 -97.49 95.15
N SER V 506 43.12 -96.37 94.69
CA SER V 506 42.83 -96.03 93.32
C SER V 506 43.86 -95.27 92.50
N LEU V 507 45.02 -94.90 93.01
CA LEU V 507 45.82 -94.04 92.14
C LEU V 507 46.41 -94.85 91.02
N GLY V 508 46.02 -94.51 89.80
CA GLY V 508 46.45 -95.22 88.63
C GLY V 508 45.82 -96.60 88.50
N LYS V 509 44.76 -96.88 89.26
CA LYS V 509 44.20 -98.22 89.26
C LYS V 509 42.80 -98.41 88.67
N ASN V 510 42.08 -97.37 88.30
CA ASN V 510 40.70 -97.56 87.86
C ASN V 510 40.63 -98.10 86.44
N ALA V 511 40.22 -99.35 86.35
CA ALA V 511 40.13 -100.18 85.15
C ALA V 511 39.24 -99.60 84.07
N TYR V 512 38.34 -98.71 84.45
CA TYR V 512 37.41 -98.13 83.51
C TYR V 512 38.03 -96.99 82.74
N PHE V 513 39.25 -96.60 83.10
CA PHE V 513 39.91 -95.49 82.42
C PHE V 513 41.38 -95.74 82.09
N ARG V 514 41.80 -95.13 80.97
CA ARG V 514 43.22 -95.22 80.50
C ARG V 514 43.67 -93.84 80.00
N ARG V 515 44.73 -93.28 80.61
CA ARG V 515 45.26 -91.99 80.24
C ARG V 515 46.51 -92.12 79.42
N VAL V 516 46.57 -91.34 78.35
CA VAL V 516 47.72 -91.32 77.46
C VAL V 516 48.20 -89.90 77.21
N TYR V 517 49.49 -89.67 77.38
CA TYR V 517 50.04 -88.36 77.10
C TYR V 517 50.31 -88.27 75.63
N VAL V 518 50.27 -87.07 75.08
CA VAL V 518 50.58 -86.99 73.66
C VAL V 518 51.63 -85.93 73.41
N LYS V 519 52.27 -86.01 72.27
CA LYS V 519 53.25 -85.03 71.84
C LYS V 519 53.56 -85.21 70.37
N GLY V 520 54.33 -84.27 69.82
CA GLY V 520 54.81 -84.37 68.44
C GLY V 520 53.85 -83.81 67.39
N ILE V 521 52.70 -83.31 67.81
CA ILE V 521 51.76 -82.78 66.84
C ILE V 521 51.85 -81.26 66.85
N GLY W 92 50.64 -29.30 18.16
CA GLY W 92 49.33 -29.65 18.68
C GLY W 92 49.01 -31.13 18.50
N PRO W 93 49.77 -32.05 19.15
CA PRO W 93 49.57 -33.49 19.12
C PRO W 93 48.25 -33.86 19.75
N ALA W 94 47.65 -34.93 19.26
CA ALA W 94 46.41 -35.45 19.81
C ALA W 94 46.63 -35.98 21.21
N VAL W 95 45.61 -35.84 22.04
CA VAL W 95 45.66 -36.39 23.36
C VAL W 95 45.00 -37.75 23.32
N MET W 96 45.77 -38.76 23.69
CA MET W 96 45.35 -40.14 23.66
C MET W 96 44.65 -40.59 24.94
N GLY W 97 44.57 -39.69 25.90
CA GLY W 97 43.94 -39.97 27.18
C GLY W 97 44.88 -39.72 28.34
N MET W 98 44.38 -39.97 29.54
CA MET W 98 45.18 -39.78 30.72
C MET W 98 44.84 -40.87 31.68
N VAL W 99 45.75 -41.17 32.56
CA VAL W 99 45.53 -42.16 33.58
C VAL W 99 45.84 -41.60 34.93
N ARG W 100 45.09 -42.02 35.93
CA ARG W 100 45.41 -41.59 37.26
C ARG W 100 45.59 -42.82 38.05
N ARG W 101 46.46 -42.77 39.02
CA ARG W 101 46.65 -43.94 39.84
C ARG W 101 45.34 -44.35 40.53
N ALA W 102 45.04 -45.64 40.47
CA ALA W 102 43.86 -46.27 41.07
C ALA W 102 43.85 -46.23 42.59
N ILE W 103 42.65 -46.19 43.14
CA ILE W 103 42.48 -46.23 44.57
C ILE W 103 42.20 -47.65 45.06
N PRO W 104 42.98 -48.19 46.00
CA PRO W 104 42.84 -49.50 46.57
C PRO W 104 41.64 -49.56 47.48
N ASN W 105 41.12 -50.76 47.69
CA ASN W 105 40.03 -50.91 48.63
C ASN W 105 40.60 -51.04 50.06
N LEU W 106 39.73 -51.18 51.04
CA LEU W 106 40.11 -51.25 52.44
C LEU W 106 39.36 -52.32 53.22
N ILE W 107 39.94 -52.81 54.32
CA ILE W 107 39.19 -53.78 55.15
C ILE W 107 38.54 -52.93 56.17
N ALA W 108 37.32 -52.46 55.95
CA ALA W 108 36.89 -51.39 56.83
C ALA W 108 36.78 -51.75 58.29
N PHE W 109 35.70 -52.40 58.73
CA PHE W 109 35.60 -52.67 60.16
C PHE W 109 34.99 -54.03 60.42
N ASP W 110 35.11 -54.90 59.44
CA ASP W 110 34.51 -56.22 59.45
C ASP W 110 35.00 -57.10 60.58
N ILE W 111 36.17 -56.76 61.05
CA ILE W 111 36.88 -57.49 62.06
C ILE W 111 37.07 -56.67 63.31
N CYS W 112 36.23 -55.65 63.51
CA CYS W 112 36.33 -54.84 64.71
C CYS W 112 34.98 -54.41 65.25
N GLY W 113 34.96 -53.94 66.50
CA GLY W 113 33.74 -53.39 67.06
C GLY W 113 33.77 -51.93 66.70
N VAL W 114 32.61 -51.26 66.71
CA VAL W 114 32.60 -49.85 66.46
C VAL W 114 32.06 -49.04 67.63
N GLN W 115 30.84 -49.33 68.03
CA GLN W 115 30.17 -48.57 69.07
C GLN W 115 30.32 -47.07 68.80
N PRO W 116 29.65 -46.55 67.77
CA PRO W 116 29.78 -45.21 67.25
C PRO W 116 29.57 -44.19 68.34
N MET W 117 30.33 -43.11 68.27
CA MET W 117 30.27 -42.12 69.30
C MET W 117 29.28 -41.01 69.14
N ASN W 118 28.78 -40.59 70.29
CA ASN W 118 27.90 -39.44 70.41
C ASN W 118 28.49 -38.59 71.51
N SER W 119 29.80 -38.67 71.60
CA SER W 119 30.63 -38.01 72.59
C SER W 119 32.08 -37.99 72.18
N PRO W 120 32.86 -36.98 72.57
CA PRO W 120 34.29 -36.96 72.39
C PRO W 120 34.95 -38.12 73.11
N THR W 121 34.26 -38.69 74.10
CA THR W 121 34.80 -39.78 74.87
C THR W 121 33.77 -40.79 75.37
N GLY W 122 34.21 -42.05 75.43
CA GLY W 122 33.35 -43.14 75.88
C GLY W 122 33.99 -44.06 76.90
N GLN W 123 33.17 -44.78 77.68
CA GLN W 123 33.75 -45.67 78.68
C GLN W 123 33.10 -47.02 78.70
N VAL W 124 33.90 -48.02 79.06
CA VAL W 124 33.42 -49.39 79.17
C VAL W 124 33.73 -49.97 80.52
N PHE W 125 32.66 -50.49 81.14
CA PHE W 125 32.74 -51.08 82.51
C PHE W 125 32.68 -52.60 82.41
N ALA W 126 33.38 -53.26 83.34
CA ALA W 126 33.45 -54.69 83.43
C ALA W 126 33.23 -55.16 84.83
N LEU W 127 32.66 -56.33 84.95
CA LEU W 127 32.45 -56.96 86.22
C LEU W 127 33.41 -58.11 86.34
N ARG W 128 34.00 -58.23 87.49
CA ARG W 128 34.89 -59.33 87.75
C ARG W 128 34.42 -60.06 88.98
N ALA W 129 34.21 -61.35 88.86
CA ALA W 129 33.82 -62.12 90.02
C ALA W 129 35.07 -62.31 90.81
N VAL W 130 35.02 -62.08 92.10
CA VAL W 130 36.22 -62.18 92.92
C VAL W 130 36.03 -63.07 94.10
N TYR W 131 37.14 -63.45 94.70
CA TYR W 131 37.04 -64.15 95.95
C TYR W 131 38.25 -64.06 96.86
N GLY W 132 37.99 -64.37 98.15
CA GLY W 132 39.00 -64.33 99.18
C GLY W 132 38.79 -63.14 100.14
N LYS W 133 37.54 -62.69 100.26
CA LYS W 133 37.08 -61.60 101.14
C LYS W 133 37.56 -60.16 100.84
N ASP W 134 38.24 -59.92 99.73
CA ASP W 134 38.66 -58.55 99.45
C ASP W 134 38.74 -58.28 97.96
N PRO W 135 37.74 -57.64 97.36
CA PRO W 135 37.67 -57.35 95.94
C PRO W 135 38.82 -56.52 95.41
N VAL W 136 39.50 -55.76 96.28
CA VAL W 136 40.60 -54.95 95.77
C VAL W 136 41.86 -55.22 96.55
N ALA W 137 42.69 -56.10 96.02
CA ALA W 137 43.90 -56.47 96.69
C ALA W 137 44.86 -57.17 95.76
N ALA W 138 46.15 -57.02 96.01
CA ALA W 138 47.07 -57.81 95.26
C ALA W 138 46.81 -59.24 95.64
N GLY W 139 46.85 -60.13 94.68
CA GLY W 139 46.67 -61.55 94.99
C GLY W 139 45.22 -61.97 95.12
N ALA W 140 44.28 -61.04 94.95
CA ALA W 140 42.87 -61.38 95.05
C ALA W 140 42.57 -62.41 93.97
N LYS W 141 41.63 -63.31 94.19
CA LYS W 141 41.36 -64.30 93.15
C LYS W 141 40.11 -63.97 92.39
N GLU W 142 39.96 -64.60 91.22
CA GLU W 142 38.77 -64.36 90.35
C GLU W 142 38.16 -65.70 89.96
N ALA W 143 36.83 -65.74 89.83
CA ALA W 143 36.11 -66.97 89.45
C ALA W 143 36.09 -67.29 87.98
N PHE W 144 36.06 -66.30 87.12
CA PHE W 144 35.93 -66.63 85.71
C PHE W 144 37.06 -66.08 84.90
N HIS W 145 37.83 -66.96 84.33
CA HIS W 145 38.96 -66.57 83.54
C HIS W 145 39.26 -67.70 82.58
N PRO W 146 39.37 -67.45 81.28
CA PRO W 146 39.65 -68.43 80.27
C PRO W 146 40.85 -69.35 80.54
N MET W 147 41.88 -68.88 81.24
CA MET W 147 43.03 -69.74 81.48
C MET W 147 43.18 -70.29 82.87
N TYR W 148 42.16 -70.19 83.73
CA TYR W 148 42.39 -70.68 85.12
C TYR W 148 41.27 -71.61 85.59
N GLY W 149 41.64 -72.63 86.38
CA GLY W 149 40.64 -73.53 86.94
C GLY W 149 40.03 -72.95 88.20
N PRO W 150 38.93 -73.55 88.70
CA PRO W 150 38.26 -73.18 89.93
C PRO W 150 39.11 -73.59 91.11
N ASP W 151 39.05 -72.85 92.19
CA ASP W 151 39.81 -73.23 93.36
C ASP W 151 38.99 -74.22 94.17
N ALA W 152 39.02 -75.48 93.78
CA ALA W 152 38.17 -76.49 94.41
C ALA W 152 38.38 -76.61 95.91
N MET W 153 39.57 -76.31 96.40
CA MET W 153 39.79 -76.46 97.82
C MET W 153 39.28 -75.24 98.60
N PHE W 154 38.80 -74.21 97.90
CA PHE W 154 38.32 -72.95 98.52
C PHE W 154 37.03 -73.15 99.30
N SER W 155 36.01 -73.70 98.65
CA SER W 155 34.70 -73.96 99.30
C SER W 155 34.74 -75.29 100.01
N GLY W 156 35.81 -76.02 99.73
CA GLY W 156 36.04 -77.37 100.16
C GLY W 156 36.91 -77.48 101.38
N GLN W 157 37.67 -78.58 101.46
CA GLN W 157 38.44 -78.85 102.67
C GLN W 157 39.43 -77.78 102.99
N GLY W 158 40.00 -77.20 101.95
CA GLY W 158 41.04 -76.19 102.06
C GLY W 158 40.60 -74.97 102.81
N ALA W 159 39.31 -74.75 102.96
CA ALA W 159 38.92 -73.58 103.70
C ALA W 159 39.50 -73.66 105.12
N ALA W 160 39.66 -74.88 105.65
CA ALA W 160 40.16 -75.09 106.98
C ALA W 160 41.69 -75.11 107.08
N LYS W 161 42.43 -75.01 105.97
CA LYS W 161 43.89 -75.13 106.08
C LYS W 161 44.69 -74.65 104.87
N LYS W 162 45.96 -74.38 105.11
CA LYS W 162 46.84 -74.00 104.03
C LYS W 162 47.75 -75.14 103.68
N PHE W 163 48.25 -75.11 102.47
CA PHE W 163 49.19 -76.10 102.03
C PHE W 163 50.47 -75.39 101.70
N PRO W 164 51.63 -75.99 101.89
CA PRO W 164 52.89 -75.43 101.51
C PRO W 164 52.90 -75.39 100.02
N ALA W 165 53.51 -74.39 99.44
CA ALA W 165 53.64 -74.37 98.01
C ALA W 165 54.87 -75.13 97.61
N LEU W 166 54.86 -75.68 96.43
CA LEU W 166 56.05 -76.28 95.88
C LEU W 166 56.92 -75.14 95.42
N ALA W 167 58.21 -75.29 95.56
CA ALA W 167 59.13 -74.28 95.10
C ALA W 167 60.42 -74.94 94.75
N ALA W 168 61.28 -74.23 94.04
CA ALA W 168 62.53 -74.85 93.70
C ALA W 168 63.22 -75.31 94.94
N SER W 169 63.74 -76.52 94.87
CA SER W 169 64.52 -77.21 95.92
C SER W 169 63.70 -77.82 97.03
N THR W 170 62.40 -77.61 97.06
CA THR W 170 61.65 -78.15 98.16
C THR W 170 61.44 -79.64 97.94
N GLN W 171 61.01 -80.34 98.99
CA GLN W 171 60.80 -81.77 98.88
C GLN W 171 59.44 -82.17 99.39
N THR W 172 58.94 -83.26 98.83
CA THR W 172 57.66 -83.77 99.25
C THR W 172 57.73 -84.85 100.33
N THR W 173 56.58 -85.06 100.96
CA THR W 173 56.35 -86.15 101.90
C THR W 173 55.18 -86.94 101.38
N VAL W 174 55.39 -88.21 101.14
CA VAL W 174 54.35 -88.98 100.51
C VAL W 174 53.07 -89.03 101.29
N GLY W 175 52.03 -88.75 100.54
CA GLY W 175 50.64 -88.71 100.94
C GLY W 175 50.17 -87.31 101.32
N ASP W 176 51.08 -86.35 101.50
CA ASP W 176 50.61 -85.03 101.89
C ASP W 176 50.20 -84.19 100.67
N ILE W 177 49.73 -82.98 100.93
CA ILE W 177 49.28 -82.09 99.86
C ILE W 177 50.11 -80.85 99.76
N TYR W 178 50.52 -80.58 98.54
CA TYR W 178 51.31 -79.42 98.22
C TYR W 178 50.58 -78.58 97.22
N THR W 179 50.82 -77.29 97.22
CA THR W 179 50.14 -76.48 96.23
C THR W 179 51.06 -75.67 95.36
N HIS W 180 50.45 -74.96 94.46
CA HIS W 180 51.18 -74.14 93.51
C HIS W 180 50.26 -73.35 92.63
N PHE W 181 50.82 -72.34 91.99
CA PHE W 181 50.07 -71.60 91.02
C PHE W 181 50.87 -71.57 89.75
N PHE W 182 50.39 -72.25 88.73
CA PHE W 182 51.08 -72.34 87.45
C PHE W 182 50.90 -71.04 86.71
N GLN W 183 51.82 -70.69 85.81
CA GLN W 183 51.64 -69.45 85.07
C GLN W 183 50.30 -69.44 84.32
N GLU W 184 49.87 -70.61 83.83
CA GLU W 184 48.59 -70.77 83.16
C GLU W 184 47.95 -71.96 83.86
N THR W 185 46.61 -72.01 83.97
CA THR W 185 45.76 -73.00 84.70
C THR W 185 45.75 -72.74 86.22
N GLY W 186 46.76 -72.00 86.67
CA GLY W 186 46.91 -71.51 88.03
C GLY W 186 46.96 -72.49 89.16
N THR W 187 46.06 -72.27 90.10
CA THR W 187 45.97 -73.03 91.32
C THR W 187 45.83 -74.51 91.10
N VAL W 188 46.73 -75.23 91.75
CA VAL W 188 46.73 -76.67 91.70
C VAL W 188 46.95 -77.21 93.10
N TYR W 189 46.39 -78.37 93.36
CA TYR W 189 46.70 -79.08 94.60
C TYR W 189 47.18 -80.44 94.20
N LEU W 190 48.39 -80.74 94.61
CA LEU W 190 49.03 -81.98 94.22
C LEU W 190 49.36 -82.87 95.37
N GLN W 191 48.94 -84.11 95.24
CA GLN W 191 49.25 -85.06 96.27
C GLN W 191 50.58 -85.69 95.98
N ALA W 192 51.36 -85.82 97.03
CA ALA W 192 52.68 -86.40 96.91
C ALA W 192 52.61 -87.90 96.83
N SER W 193 52.64 -88.39 95.62
CA SER W 193 52.56 -89.82 95.42
C SER W 193 53.95 -90.39 95.67
N VAL W 194 54.95 -89.57 95.33
CA VAL W 194 56.35 -89.95 95.46
C VAL W 194 57.15 -88.86 96.18
N GLN W 195 58.13 -89.31 96.97
CA GLN W 195 59.03 -88.38 97.63
C GLN W 195 60.05 -87.89 96.64
N VAL W 196 59.93 -86.64 96.24
CA VAL W 196 60.79 -86.06 95.22
C VAL W 196 61.33 -84.70 95.62
N THR W 197 62.35 -84.25 94.89
CA THR W 197 62.89 -82.91 95.07
C THR W 197 62.53 -82.10 93.86
N ILE W 198 61.99 -80.93 94.07
CA ILE W 198 61.55 -80.16 92.94
C ILE W 198 62.65 -79.26 92.40
N ASP W 199 63.50 -79.84 91.57
CA ASP W 199 64.59 -79.12 90.91
C ASP W 199 65.26 -78.02 91.69
N ALA W 200 66.22 -78.35 92.52
CA ALA W 200 66.89 -77.31 93.27
C ALA W 200 67.55 -76.25 92.37
N GLY W 201 67.79 -76.55 91.09
CA GLY W 201 68.43 -75.58 90.21
C GLY W 201 67.43 -74.65 89.51
N ALA W 202 66.15 -74.79 89.82
CA ALA W 202 65.11 -73.98 89.22
C ALA W 202 65.08 -72.63 89.92
N THR W 203 64.60 -71.61 89.21
CA THR W 203 64.46 -70.28 89.77
C THR W 203 63.05 -69.76 89.55
N ASP W 204 62.84 -69.19 88.37
CA ASP W 204 61.56 -68.62 87.97
C ASP W 204 60.45 -69.64 87.90
N ALA W 205 59.22 -69.14 87.99
CA ALA W 205 58.05 -69.98 87.89
C ALA W 205 58.07 -70.77 86.61
N ALA W 206 58.57 -70.22 85.52
CA ALA W 206 58.56 -71.02 84.32
C ALA W 206 59.33 -72.33 84.50
N LYS W 207 60.42 -72.31 85.27
CA LYS W 207 61.24 -73.48 85.44
C LYS W 207 60.54 -74.40 86.42
N LEU W 208 59.94 -73.80 87.42
CA LEU W 208 59.23 -74.55 88.43
C LEU W 208 58.05 -75.27 87.81
N ASP W 209 57.29 -74.58 86.95
CA ASP W 209 56.15 -75.18 86.32
C ASP W 209 56.58 -76.35 85.48
N ALA W 210 57.69 -76.19 84.76
CA ALA W 210 58.18 -77.28 83.94
C ALA W 210 58.52 -78.48 84.78
N GLU W 211 59.19 -78.27 85.91
CA GLU W 211 59.56 -79.40 86.74
C GLU W 211 58.32 -80.05 87.32
N ILE W 212 57.36 -79.25 87.72
CA ILE W 212 56.18 -79.82 88.28
C ILE W 212 55.49 -80.65 87.22
N LYS W 213 55.37 -80.13 86.01
CA LYS W 213 54.74 -80.93 84.97
C LYS W 213 55.46 -82.24 84.77
N LYS W 214 56.79 -82.24 84.80
CA LYS W 214 57.53 -83.48 84.64
C LYS W 214 57.21 -84.45 85.76
N GLN W 215 57.14 -83.92 87.00
CA GLN W 215 56.82 -84.73 88.17
C GLN W 215 55.40 -85.27 88.06
N MET W 216 54.51 -84.50 87.45
CA MET W 216 53.17 -84.97 87.27
C MET W 216 53.13 -86.08 86.23
N GLU W 217 53.84 -85.92 85.12
CA GLU W 217 53.86 -86.96 84.09
C GLU W 217 54.44 -88.25 84.64
N ALA W 218 55.42 -88.10 85.53
CA ALA W 218 56.10 -89.20 86.16
C ALA W 218 55.28 -89.85 87.27
N GLY W 219 54.13 -89.27 87.59
CA GLY W 219 53.28 -89.78 88.63
C GLY W 219 53.65 -89.37 90.05
N ALA W 220 54.66 -88.50 90.21
CA ALA W 220 55.07 -88.08 91.55
C ALA W 220 54.03 -87.18 92.17
N LEU W 221 53.44 -86.35 91.32
CA LEU W 221 52.45 -85.38 91.75
C LEU W 221 51.14 -85.53 91.01
N VAL W 222 50.06 -85.69 91.77
CA VAL W 222 48.75 -85.87 91.12
C VAL W 222 47.69 -84.86 91.57
N GLU W 223 46.90 -84.35 90.64
CA GLU W 223 45.88 -83.37 91.01
C GLU W 223 44.72 -83.98 91.77
N ILE W 224 44.38 -83.33 92.87
CA ILE W 224 43.27 -83.73 93.72
C ILE W 224 42.32 -82.60 94.04
N ALA W 225 41.21 -82.95 94.64
CA ALA W 225 40.24 -82.00 95.15
C ALA W 225 39.34 -82.69 96.17
N GLU W 226 38.83 -81.94 97.12
CA GLU W 226 37.88 -82.50 98.07
C GLU W 226 37.02 -81.45 98.76
N GLY W 227 35.84 -81.87 99.21
CA GLY W 227 34.94 -81.02 99.99
C GLY W 227 35.45 -81.03 101.43
N MET W 228 34.70 -80.46 102.36
CA MET W 228 35.14 -80.40 103.74
C MET W 228 34.52 -81.47 104.60
N ALA W 229 35.34 -82.03 105.49
CA ALA W 229 34.81 -82.99 106.42
C ALA W 229 33.60 -82.40 107.10
N THR W 230 32.54 -83.16 107.18
CA THR W 230 31.32 -82.66 107.78
C THR W 230 31.47 -82.41 109.27
N SER W 231 32.35 -83.19 109.88
CA SER W 231 32.68 -83.09 111.28
C SER W 231 33.34 -81.75 111.61
N ILE W 232 33.83 -81.06 110.58
CA ILE W 232 34.45 -79.76 110.70
C ILE W 232 33.48 -78.70 110.23
N ALA W 233 32.90 -78.91 109.06
CA ALA W 233 32.02 -77.96 108.41
C ALA W 233 30.84 -77.55 109.27
N GLU W 234 30.32 -78.50 110.04
CA GLU W 234 29.18 -78.24 110.89
C GLU W 234 29.46 -77.12 111.89
N LEU W 235 30.72 -76.91 112.27
CA LEU W 235 31.05 -75.94 113.30
C LEU W 235 31.79 -74.74 112.74
N GLN W 236 31.55 -74.39 111.49
CA GLN W 236 32.22 -73.20 110.98
C GLN W 236 31.51 -71.95 111.46
N GLU W 237 32.07 -70.79 111.15
CA GLU W 237 31.53 -69.49 111.55
C GLU W 237 31.33 -69.33 113.06
N GLY W 238 32.17 -69.95 113.88
CA GLY W 238 32.05 -69.81 115.33
C GLY W 238 30.95 -70.67 115.95
N PHE W 239 30.29 -71.50 115.15
CA PHE W 239 29.22 -72.29 115.69
C PHE W 239 29.75 -73.21 116.76
N ASN W 240 28.96 -73.36 117.80
CA ASN W 240 29.26 -74.17 118.97
C ASN W 240 30.51 -73.70 119.69
N GLY W 241 30.86 -72.43 119.55
CA GLY W 241 32.00 -71.91 120.28
C GLY W 241 33.34 -72.13 119.59
N SER W 242 33.33 -72.56 118.33
CA SER W 242 34.56 -72.79 117.62
C SER W 242 35.19 -71.44 117.32
N THR W 243 36.45 -71.45 116.86
CA THR W 243 37.11 -70.18 116.57
C THR W 243 37.85 -70.15 115.25
N ASP W 244 38.02 -68.93 114.71
CA ASP W 244 38.81 -68.64 113.53
C ASP W 244 38.47 -69.55 112.36
N ASN W 245 37.20 -69.81 112.15
CA ASN W 245 36.82 -70.71 111.09
C ASN W 245 35.65 -70.26 110.23
N PRO W 246 35.67 -69.07 109.63
CA PRO W 246 34.63 -68.54 108.79
C PRO W 246 34.61 -69.28 107.49
N TRP W 247 33.50 -69.26 106.79
CA TRP W 247 33.47 -69.82 105.47
C TRP W 247 34.10 -68.86 104.51
N ASN W 248 34.75 -69.40 103.52
CA ASN W 248 35.28 -68.57 102.46
C ASN W 248 34.21 -67.75 101.77
N GLU W 249 34.58 -66.50 101.46
CA GLU W 249 33.68 -65.54 100.85
C GLU W 249 34.04 -65.12 99.44
N MET W 250 32.98 -64.87 98.66
CA MET W 250 33.07 -64.43 97.27
C MET W 250 32.16 -63.26 97.01
N GLY W 251 32.38 -62.61 95.87
CA GLY W 251 31.55 -61.50 95.42
C GLY W 251 32.09 -60.93 94.13
N PHE W 252 32.01 -59.61 93.93
CA PHE W 252 32.50 -59.05 92.68
C PHE W 252 32.93 -57.61 92.78
N ARG W 253 33.71 -57.18 91.79
CA ARG W 253 34.23 -55.79 91.73
C ARG W 253 34.03 -55.24 90.32
N ILE W 254 33.50 -54.00 90.22
CA ILE W 254 33.26 -53.35 88.95
C ILE W 254 34.25 -52.25 88.77
N ASP W 255 34.88 -52.25 87.62
CA ASP W 255 35.88 -51.26 87.29
C ASP W 255 35.73 -50.84 85.83
N LYS W 256 36.64 -49.98 85.32
CA LYS W 256 36.41 -49.45 83.99
C LYS W 256 37.62 -48.84 83.30
N GLN W 257 37.46 -48.63 81.99
CA GLN W 257 38.46 -47.90 81.23
C GLN W 257 37.81 -46.96 80.22
N VAL W 258 38.49 -45.84 79.95
CA VAL W 258 37.93 -44.78 79.09
C VAL W 258 38.78 -44.27 77.91
N ILE W 259 38.13 -44.03 76.78
CA ILE W 259 38.79 -43.53 75.56
C ILE W 259 38.39 -42.16 75.07
N GLU W 260 39.40 -41.32 74.85
CA GLU W 260 39.23 -39.96 74.31
C GLU W 260 39.59 -39.96 72.82
N ALA W 261 38.68 -39.47 71.97
CA ALA W 261 38.87 -39.44 70.52
C ALA W 261 40.13 -38.68 70.10
N LYS W 262 40.79 -39.17 69.05
CA LYS W 262 41.98 -38.52 68.47
C LYS W 262 41.64 -38.00 67.10
N SER W 263 42.28 -36.90 66.73
CA SER W 263 42.01 -36.28 65.44
C SER W 263 42.95 -36.70 64.33
N ARG W 264 42.53 -36.38 63.09
CA ARG W 264 43.33 -36.67 61.88
C ARG W 264 42.96 -35.63 60.82
N GLN W 265 43.94 -34.89 60.29
CA GLN W 265 43.57 -33.85 59.33
C GLN W 265 44.64 -33.56 58.30
N LEU W 266 44.19 -33.13 57.13
CA LEU W 266 45.10 -32.66 56.07
C LEU W 266 44.51 -31.57 55.20
N LYS W 267 45.38 -30.65 54.78
CA LYS W 267 44.98 -29.55 53.90
C LYS W 267 45.48 -29.79 52.48
N ALA W 268 44.76 -29.29 51.49
CA ALA W 268 45.27 -29.32 50.12
C ALA W 268 45.56 -27.91 49.58
N ALA W 269 44.58 -27.02 49.64
CA ALA W 269 44.75 -25.63 49.16
C ALA W 269 45.50 -25.52 47.81
N TYR W 270 45.00 -26.20 46.80
CA TYR W 270 45.61 -26.23 45.46
C TYR W 270 45.60 -24.87 44.79
N SER W 271 46.50 -24.64 43.83
CA SER W 271 46.53 -23.36 43.12
C SER W 271 45.52 -23.20 41.98
N ILE W 272 45.34 -21.95 41.57
CA ILE W 272 44.42 -21.57 40.50
C ILE W 272 44.90 -21.92 39.12
N GLU W 273 46.15 -21.59 38.79
CA GLU W 273 46.58 -21.86 37.43
C GLU W 273 46.55 -23.33 37.15
N LEU W 274 46.71 -24.15 38.18
CA LEU W 274 46.65 -25.56 37.97
C LEU W 274 45.27 -25.93 37.57
N ALA W 275 44.28 -25.52 38.35
CA ALA W 275 42.92 -25.88 38.02
C ALA W 275 42.51 -25.35 36.66
N GLN W 276 42.95 -24.15 36.31
CA GLN W 276 42.56 -23.59 35.04
C GLN W 276 43.13 -24.38 33.89
N ASP W 277 44.40 -24.78 34.01
CA ASP W 277 44.98 -25.54 32.94
C ASP W 277 44.33 -26.90 32.84
N LEU W 278 44.02 -27.51 33.98
CA LEU W 278 43.43 -28.82 33.95
C LEU W 278 42.09 -28.79 33.28
N ARG W 279 41.34 -27.70 33.48
CA ARG W 279 40.02 -27.52 32.82
C ARG W 279 40.25 -27.52 31.31
N ALA W 280 41.32 -26.85 30.86
CA ALA W 280 41.68 -26.80 29.45
C ALA W 280 42.23 -28.11 28.89
N VAL W 281 43.00 -28.84 29.68
CA VAL W 281 43.64 -30.07 29.23
C VAL W 281 42.79 -31.32 29.36
N HIS W 282 42.19 -31.54 30.54
CA HIS W 282 41.44 -32.74 30.77
C HIS W 282 39.96 -32.52 31.03
N GLY W 283 39.52 -31.26 31.15
CA GLY W 283 38.13 -30.99 31.49
C GLY W 283 37.95 -31.14 32.98
N MET W 284 39.06 -31.13 33.70
CA MET W 284 39.03 -31.31 35.13
C MET W 284 39.29 -30.02 35.85
N ASP W 285 38.49 -29.72 36.86
CA ASP W 285 38.77 -28.55 37.68
C ASP W 285 39.73 -29.01 38.75
N ALA W 286 39.61 -30.29 39.05
CA ALA W 286 40.38 -31.05 40.02
C ALA W 286 40.25 -30.57 41.44
N ASP W 287 39.24 -29.79 41.73
CA ASP W 287 39.02 -29.36 43.06
C ASP W 287 38.33 -30.49 43.78
N ALA W 288 37.22 -30.92 43.21
CA ALA W 288 36.45 -32.00 43.73
C ALA W 288 37.26 -33.27 43.71
N GLU W 289 38.05 -33.44 42.67
CA GLU W 289 38.86 -34.63 42.54
C GLU W 289 39.89 -34.65 43.62
N LEU W 290 40.56 -33.52 43.85
CA LEU W 290 41.55 -33.52 44.88
C LEU W 290 40.90 -33.70 46.21
N SER W 291 39.73 -33.13 46.39
CA SER W 291 39.01 -33.28 47.64
C SER W 291 38.77 -34.76 47.86
N GLY W 292 38.31 -35.45 46.82
CA GLY W 292 38.08 -36.88 46.86
C GLY W 292 39.35 -37.58 47.26
N ILE W 293 40.45 -37.24 46.61
CA ILE W 293 41.74 -37.84 46.90
C ILE W 293 42.16 -37.63 48.31
N LEU W 294 42.03 -36.43 48.80
CA LEU W 294 42.45 -36.15 50.13
C LEU W 294 41.62 -36.95 51.11
N ALA W 295 40.30 -36.95 50.92
CA ALA W 295 39.44 -37.68 51.82
C ALA W 295 39.79 -39.15 51.78
N THR W 296 40.09 -39.63 50.58
CA THR W 296 40.43 -41.00 50.36
C THR W 296 41.67 -41.36 51.09
N GLU W 297 42.70 -40.53 50.97
CA GLU W 297 43.93 -40.83 51.63
C GLU W 297 43.67 -40.99 53.11
N ILE W 298 42.89 -40.09 53.67
CA ILE W 298 42.61 -40.14 55.08
C ILE W 298 41.90 -41.40 55.48
N MET W 299 40.87 -41.77 54.74
CA MET W 299 40.15 -42.97 55.08
C MET W 299 41.04 -44.20 55.01
N LEU W 300 41.90 -44.25 54.00
CA LEU W 300 42.81 -45.38 53.89
C LEU W 300 43.78 -45.40 55.04
N GLU W 301 44.27 -44.22 55.45
CA GLU W 301 45.21 -44.16 56.56
C GLU W 301 44.59 -44.70 57.81
N ILE W 302 43.32 -44.38 58.06
CA ILE W 302 42.68 -44.88 59.24
C ILE W 302 42.58 -46.37 59.14
N ASN W 303 42.18 -46.89 57.99
CA ASN W 303 42.08 -48.32 57.87
C ASN W 303 43.40 -48.96 58.23
N ARG W 304 44.49 -48.41 57.72
CA ARG W 304 45.75 -49.00 58.02
C ARG W 304 46.04 -48.94 59.50
N GLU W 305 45.74 -47.81 60.12
CA GLU W 305 46.01 -47.69 61.54
C GLU W 305 45.30 -48.79 62.32
N VAL W 306 44.07 -49.09 61.95
CA VAL W 306 43.36 -50.12 62.66
C VAL W 306 44.10 -51.44 62.52
N VAL W 307 44.52 -51.74 61.31
CA VAL W 307 45.23 -52.97 61.08
C VAL W 307 46.48 -53.05 61.91
N ASP W 308 47.23 -51.96 61.95
CA ASP W 308 48.42 -51.97 62.77
C ASP W 308 48.11 -52.10 64.24
N TRP W 309 47.02 -51.53 64.73
CA TRP W 309 46.76 -51.74 66.14
C TRP W 309 46.55 -53.22 66.40
N ILE W 310 45.93 -53.90 65.45
CA ILE W 310 45.79 -55.32 65.61
C ILE W 310 47.14 -55.97 65.59
N ASN W 311 47.97 -55.62 64.63
CA ASN W 311 49.27 -56.25 64.55
C ASN W 311 50.10 -56.02 65.80
N TYR W 312 49.99 -54.81 66.34
CA TYR W 312 50.77 -54.39 67.54
C TYR W 312 50.28 -55.12 68.79
N SER W 313 48.96 -55.24 68.95
CA SER W 313 48.43 -55.89 70.09
C SER W 313 48.35 -57.40 69.98
N ALA W 314 48.35 -57.96 68.76
CA ALA W 314 48.22 -59.40 68.59
C ALA W 314 49.34 -60.16 69.27
N GLN W 315 49.00 -61.31 69.82
CA GLN W 315 49.91 -62.18 70.51
C GLN W 315 50.74 -62.97 69.52
N VAL W 316 51.88 -63.46 69.96
CA VAL W 316 52.69 -64.28 69.11
C VAL W 316 52.18 -65.72 69.09
N GLY W 317 51.94 -66.25 67.89
CA GLY W 317 51.46 -67.63 67.73
C GLY W 317 52.64 -68.59 67.69
N LYS W 318 52.40 -69.88 67.44
CA LYS W 318 53.50 -70.86 67.43
C LYS W 318 54.32 -70.69 68.69
N SER W 319 53.64 -70.65 69.83
CA SER W 319 54.26 -70.42 71.11
C SER W 319 53.43 -70.99 72.26
N GLY W 320 54.10 -71.54 73.26
CA GLY W 320 53.39 -72.08 74.39
C GLY W 320 52.48 -73.22 73.95
N MET W 321 51.19 -73.08 74.21
CA MET W 321 50.21 -74.10 73.87
C MET W 321 50.06 -74.38 72.38
N THR W 322 50.56 -73.46 71.56
CA THR W 322 50.49 -73.58 70.12
C THR W 322 51.82 -73.98 69.50
N LEU W 323 52.81 -74.28 70.35
CA LEU W 323 54.15 -74.60 69.90
C LEU W 323 54.47 -76.07 69.78
N THR W 324 54.95 -76.48 68.63
CA THR W 324 55.44 -77.82 68.45
C THR W 324 56.89 -77.71 68.92
N PRO W 325 57.38 -78.51 69.86
CA PRO W 325 58.70 -78.36 70.42
C PRO W 325 59.86 -78.47 69.42
N GLY W 326 59.66 -79.13 68.29
CA GLY W 326 60.74 -79.24 67.32
C GLY W 326 60.71 -78.10 66.30
N SER W 327 59.80 -77.15 66.46
CA SER W 327 59.60 -76.05 65.52
C SER W 327 60.54 -74.88 65.70
N LYS W 328 60.30 -73.85 64.89
CA LYS W 328 61.12 -72.65 64.85
C LYS W 328 60.65 -71.48 65.72
N ALA W 329 59.65 -71.71 66.59
CA ALA W 329 59.22 -70.67 67.56
C ALA W 329 58.70 -69.32 67.01
N GLY W 330 57.40 -69.24 66.74
CA GLY W 330 56.79 -67.99 66.24
C GLY W 330 56.62 -67.89 64.72
N VAL W 331 57.15 -68.86 64.03
CA VAL W 331 57.09 -68.90 62.59
C VAL W 331 56.64 -70.23 62.05
N PHE W 332 55.93 -70.18 60.94
CA PHE W 332 55.56 -71.36 60.19
C PHE W 332 56.46 -71.39 58.97
N ASP W 333 57.02 -72.55 58.64
CA ASP W 333 57.94 -72.63 57.50
C ASP W 333 57.68 -73.83 56.59
N PHE W 334 57.29 -73.55 55.36
CA PHE W 334 56.96 -74.61 54.41
C PHE W 334 58.15 -75.48 54.04
N GLN W 335 59.35 -75.02 54.35
CA GLN W 335 60.55 -75.77 54.06
C GLN W 335 60.98 -76.62 55.26
N ASP W 336 60.25 -76.52 56.37
CA ASP W 336 60.58 -77.23 57.61
C ASP W 336 59.78 -78.53 57.79
N PRO W 337 60.43 -79.72 57.74
CA PRO W 337 59.83 -81.04 57.85
C PRO W 337 58.96 -81.21 59.08
N ILE W 338 59.22 -80.44 60.14
CA ILE W 338 58.42 -80.60 61.34
C ILE W 338 57.04 -80.03 61.11
N ASP W 339 56.98 -78.79 60.70
CA ASP W 339 55.68 -78.19 60.46
C ASP W 339 54.88 -78.97 59.44
N ILE W 340 55.57 -79.52 58.44
CA ILE W 340 54.82 -80.20 57.41
C ILE W 340 54.75 -81.71 57.59
N ARG W 341 55.13 -82.21 58.75
CA ARG W 341 55.00 -83.63 59.09
C ARG W 341 55.62 -84.57 58.06
N GLY W 342 56.77 -84.20 57.53
CA GLY W 342 57.50 -85.03 56.58
C GLY W 342 56.95 -84.98 55.16
N ALA W 343 55.90 -84.21 54.95
CA ALA W 343 55.24 -84.10 53.67
C ALA W 343 56.13 -83.45 52.65
N ARG W 344 55.85 -83.74 51.42
CA ARG W 344 56.47 -83.12 50.27
C ARG W 344 55.24 -82.83 49.48
N TRP W 345 55.33 -82.13 48.35
CA TRP W 345 54.12 -81.97 47.55
C TRP W 345 52.99 -81.20 48.20
N ALA W 346 52.97 -79.90 47.92
CA ALA W 346 52.03 -78.93 48.49
C ALA W 346 50.60 -79.43 48.63
N GLY W 347 50.06 -80.24 47.73
CA GLY W 347 48.69 -80.71 47.94
C GLY W 347 48.50 -81.49 49.26
N GLU W 348 49.64 -81.80 49.89
CA GLU W 348 49.69 -82.53 51.19
C GLU W 348 50.39 -81.67 52.23
N SER W 349 51.46 -80.96 51.83
CA SER W 349 52.16 -80.11 52.79
C SER W 349 51.51 -78.75 53.07
N PHE W 350 50.66 -78.25 52.19
CA PHE W 350 50.01 -76.99 52.46
C PHE W 350 48.98 -77.11 53.55
N LYS W 351 48.50 -78.31 53.78
CA LYS W 351 47.51 -78.51 54.78
C LYS W 351 48.09 -78.23 56.15
N ALA W 352 49.41 -78.25 56.25
CA ALA W 352 50.10 -77.97 57.47
C ALA W 352 49.81 -76.57 57.94
N LEU W 353 49.64 -75.64 57.00
CA LEU W 353 49.38 -74.29 57.42
C LEU W 353 47.97 -74.25 57.89
N LEU W 354 47.09 -74.93 57.18
CA LEU W 354 45.69 -74.90 57.59
C LEU W 354 45.56 -75.47 58.99
N PHE W 355 46.33 -76.52 59.24
CA PHE W 355 46.32 -77.18 60.52
C PHE W 355 46.70 -76.20 61.61
N GLN W 356 47.81 -75.49 61.41
CA GLN W 356 48.24 -74.54 62.40
C GLN W 356 47.24 -73.43 62.59
N ILE W 357 46.60 -72.99 61.51
CA ILE W 357 45.63 -71.94 61.64
C ILE W 357 44.55 -72.35 62.60
N ASP W 358 44.03 -73.55 62.46
CA ASP W 358 43.05 -73.97 63.44
C ASP W 358 43.66 -74.00 64.82
N LYS W 359 44.88 -74.52 64.96
CA LYS W 359 45.41 -74.58 66.30
C LYS W 359 45.42 -73.19 66.93
N GLU W 360 45.79 -72.19 66.13
CA GLU W 360 45.85 -70.78 66.60
C GLU W 360 44.45 -70.28 66.95
N ALA W 361 43.45 -70.64 66.13
CA ALA W 361 42.07 -70.22 66.36
C ALA W 361 41.53 -70.80 67.64
N VAL W 362 41.93 -72.03 67.93
CA VAL W 362 41.54 -72.71 69.13
C VAL W 362 42.14 -71.97 70.30
N GLU W 363 43.42 -71.62 70.20
CA GLU W 363 44.04 -70.87 71.27
C GLU W 363 43.34 -69.53 71.45
N ILE W 364 42.86 -68.94 70.36
CA ILE W 364 42.16 -67.70 70.52
C ILE W 364 41.01 -67.99 71.47
N ALA W 365 40.24 -69.04 71.20
CA ALA W 365 39.16 -69.32 72.14
C ALA W 365 39.68 -69.57 73.54
N ARG W 366 40.78 -70.30 73.67
CA ARG W 366 41.29 -70.59 74.99
C ARG W 366 41.51 -69.33 75.78
N GLN W 367 41.98 -68.27 75.15
CA GLN W 367 42.23 -67.06 75.89
C GLN W 367 41.10 -66.03 75.87
N THR W 368 39.95 -66.38 75.31
CA THR W 368 38.84 -65.44 75.26
C THR W 368 37.72 -66.01 76.07
N GLY W 369 37.31 -67.20 75.71
CA GLY W 369 36.18 -67.86 76.34
C GLY W 369 34.91 -67.24 75.81
N ARG W 370 35.03 -66.51 74.71
CA ARG W 370 33.87 -65.82 74.08
C ARG W 370 33.78 -66.27 72.62
N GLY W 371 34.54 -67.30 72.26
CA GLY W 371 34.56 -67.82 70.91
C GLY W 371 35.95 -67.87 70.28
N GLU W 372 36.05 -68.72 69.24
CA GLU W 372 37.24 -69.04 68.44
C GLU W 372 37.53 -68.05 67.37
N GLY W 373 38.77 -68.02 66.94
CA GLY W 373 39.08 -67.12 65.85
C GLY W 373 38.13 -67.38 64.70
N ASN W 374 37.65 -66.31 64.07
CA ASN W 374 36.71 -66.43 62.97
C ASN W 374 37.08 -65.60 61.76
N PHE W 375 38.28 -65.06 61.77
CA PHE W 375 38.81 -64.35 60.62
C PHE W 375 40.31 -64.35 60.58
N ILE W 376 40.82 -64.26 59.36
CA ILE W 376 42.24 -64.20 59.11
C ILE W 376 42.61 -63.07 58.18
N ILE W 377 43.59 -62.29 58.57
CA ILE W 377 44.09 -61.25 57.70
C ILE W 377 45.50 -61.66 57.36
N ALA W 378 45.83 -61.73 56.09
CA ALA W 378 47.16 -62.22 55.75
C ALA W 378 47.77 -61.66 54.51
N SER W 379 49.04 -61.97 54.32
CA SER W 379 49.76 -61.55 53.14
C SER W 379 49.18 -62.19 51.90
N ARG W 380 49.55 -61.64 50.75
CA ARG W 380 49.09 -62.18 49.50
C ARG W 380 49.56 -63.60 49.33
N ASN W 381 50.81 -63.86 49.72
CA ASN W 381 51.35 -65.19 49.54
C ASN W 381 50.59 -66.20 50.37
N VAL W 382 50.19 -65.83 51.57
CA VAL W 382 49.43 -66.77 52.37
C VAL W 382 48.12 -67.11 51.71
N VAL W 383 47.43 -66.10 51.23
CA VAL W 383 46.17 -66.39 50.63
C VAL W 383 46.36 -67.22 49.37
N ASN W 384 47.38 -66.91 48.56
CA ASN W 384 47.61 -67.68 47.35
C ASN W 384 47.70 -69.15 47.70
N VAL W 385 48.36 -69.43 48.82
CA VAL W 385 48.46 -70.79 49.28
C VAL W 385 47.10 -71.35 49.64
N LEU W 386 46.33 -70.60 50.42
CA LEU W 386 45.05 -71.12 50.86
C LEU W 386 44.13 -71.41 49.69
N ALA W 387 44.17 -70.56 48.70
CA ALA W 387 43.29 -70.66 47.56
C ALA W 387 43.61 -71.81 46.64
N SER W 388 44.79 -72.44 46.80
CA SER W 388 45.24 -73.52 45.95
C SER W 388 44.84 -74.90 46.44
N VAL W 389 44.27 -74.97 47.65
CA VAL W 389 43.96 -76.27 48.22
C VAL W 389 42.55 -76.37 48.73
N ASP W 390 42.11 -77.59 49.01
CA ASP W 390 40.80 -77.74 49.61
C ASP W 390 40.98 -77.48 51.08
N THR W 391 39.90 -77.54 51.82
CA THR W 391 39.90 -77.32 53.25
C THR W 391 39.11 -78.42 53.85
N GLY W 392 38.39 -79.09 52.98
CA GLY W 392 37.53 -80.16 53.39
C GLY W 392 38.43 -81.30 53.79
N ILE W 393 37.87 -82.36 54.32
CA ILE W 393 38.80 -83.36 54.81
C ILE W 393 39.11 -84.30 53.67
N SER W 394 39.93 -83.80 52.76
CA SER W 394 40.24 -84.50 51.52
C SER W 394 41.38 -85.47 51.60
N TYR W 395 41.47 -86.30 50.57
CA TYR W 395 42.52 -87.29 50.44
C TYR W 395 43.82 -86.60 50.11
N ALA W 396 43.70 -85.59 49.27
CA ALA W 396 44.81 -84.80 48.79
C ALA W 396 44.20 -83.62 48.07
N ALA W 397 44.88 -82.48 47.96
CA ALA W 397 44.27 -81.46 47.11
C ALA W 397 45.19 -80.34 46.67
N GLN W 398 45.32 -80.14 45.37
CA GLN W 398 46.10 -79.02 44.86
C GLN W 398 45.67 -78.62 43.45
N GLY W 399 45.60 -77.32 43.19
CA GLY W 399 45.28 -76.79 41.86
C GLY W 399 45.51 -75.30 41.77
N LEU W 400 44.91 -74.67 40.77
CA LEU W 400 45.05 -73.24 40.58
C LEU W 400 44.53 -72.53 41.81
N ALA W 401 45.15 -71.42 42.15
CA ALA W 401 44.76 -70.67 43.34
C ALA W 401 43.52 -69.85 43.09
N THR W 402 42.39 -70.55 42.99
CA THR W 402 41.10 -69.92 42.67
C THR W 402 40.03 -70.07 43.76
N GLY W 403 40.32 -70.78 44.85
CA GLY W 403 39.31 -70.97 45.90
C GLY W 403 38.80 -69.67 46.50
N PHE W 404 39.67 -68.68 46.59
CA PHE W 404 39.36 -67.39 47.13
C PHE W 404 39.79 -66.39 46.12
N SER W 405 39.24 -65.19 46.13
CA SER W 405 39.84 -64.21 45.25
C SER W 405 41.21 -63.92 45.82
N THR W 406 42.07 -63.38 45.02
CA THR W 406 43.40 -63.05 45.49
C THR W 406 43.80 -61.63 45.19
N ASP W 407 42.93 -60.88 44.53
CA ASP W 407 43.27 -59.54 44.17
C ASP W 407 43.25 -58.67 45.39
N THR W 408 43.89 -57.53 45.26
CA THR W 408 43.85 -56.49 46.25
C THR W 408 43.49 -55.27 45.46
N THR W 409 42.72 -55.46 44.41
CA THR W 409 42.41 -54.38 43.51
C THR W 409 40.93 -54.10 43.39
N LYS W 410 40.08 -55.02 43.78
CA LYS W 410 38.67 -54.79 43.66
C LYS W 410 38.21 -54.83 45.07
N SER W 411 38.87 -55.71 45.80
CA SER W 411 38.52 -55.92 47.19
C SER W 411 39.71 -56.25 48.01
N VAL W 412 39.44 -56.65 49.24
CA VAL W 412 40.42 -57.04 50.22
C VAL W 412 39.90 -58.30 50.82
N PHE W 413 38.62 -58.52 50.55
CA PHE W 413 37.89 -59.64 51.10
C PHE W 413 37.83 -60.73 50.08
N ALA W 414 38.21 -61.92 50.49
CA ALA W 414 38.29 -63.05 49.60
C ALA W 414 37.56 -64.28 50.11
N GLY W 415 36.29 -64.16 50.44
CA GLY W 415 35.53 -65.32 50.90
C GLY W 415 35.84 -65.79 52.31
N VAL W 416 35.48 -67.05 52.58
CA VAL W 416 35.61 -67.61 53.92
C VAL W 416 36.37 -68.94 53.85
N LEU W 417 37.41 -69.10 54.64
CA LEU W 417 38.22 -70.29 54.56
C LEU W 417 37.53 -71.46 55.12
N GLY W 418 37.10 -72.34 54.22
CA GLY W 418 36.39 -73.55 54.57
C GLY W 418 35.00 -73.25 55.07
N GLY W 419 34.56 -72.03 54.89
CA GLY W 419 33.29 -71.64 55.45
C GLY W 419 33.46 -71.30 56.93
N LYS W 420 34.69 -71.33 57.45
CA LYS W 420 34.94 -71.06 58.85
C LYS W 420 35.56 -69.70 59.12
N TYR W 421 36.55 -69.26 58.34
CA TYR W 421 37.20 -67.99 58.68
C TYR W 421 37.10 -66.92 57.61
N ARG W 422 36.71 -65.72 57.98
CA ARG W 422 36.67 -64.68 56.94
C ARG W 422 38.08 -64.48 56.39
N VAL W 423 38.24 -64.35 55.07
CA VAL W 423 39.57 -64.18 54.49
C VAL W 423 39.87 -62.77 54.00
N TYR W 424 40.87 -62.11 54.58
CA TYR W 424 41.22 -60.73 54.13
C TYR W 424 42.71 -60.62 53.79
N ILE W 425 43.04 -59.85 52.74
CA ILE W 425 44.43 -59.65 52.35
C ILE W 425 44.98 -58.32 52.77
N ASP W 426 46.11 -58.36 53.45
CA ASP W 426 46.82 -57.14 53.82
C ASP W 426 47.78 -56.79 52.71
N GLN W 427 47.39 -55.84 51.89
CA GLN W 427 48.11 -55.50 50.69
C GLN W 427 49.42 -54.79 51.00
N TYR W 428 49.61 -54.41 52.25
CA TYR W 428 50.81 -53.73 52.67
C TYR W 428 51.65 -54.58 53.60
N ALA W 429 51.37 -55.87 53.67
CA ALA W 429 52.14 -56.71 54.59
C ALA W 429 53.62 -56.51 54.35
N LYS W 430 54.39 -56.27 55.42
CA LYS W 430 55.81 -56.04 55.25
C LYS W 430 56.60 -57.21 54.74
N GLN W 431 56.28 -58.42 55.18
CA GLN W 431 57.04 -59.52 54.67
C GLN W 431 56.16 -60.67 54.29
N ASP W 432 55.76 -61.45 55.28
CA ASP W 432 54.89 -62.58 55.01
C ASP W 432 54.47 -63.18 56.35
N TYR W 433 53.20 -63.09 56.65
CA TYR W 433 52.63 -63.50 57.91
C TYR W 433 51.14 -63.58 57.80
N PHE W 434 50.52 -64.11 58.84
CA PHE W 434 49.08 -63.98 58.95
C PHE W 434 48.70 -63.76 60.39
N THR W 435 47.53 -63.16 60.58
CA THR W 435 46.95 -63.00 61.90
C THR W 435 45.54 -63.53 61.92
N VAL W 436 45.25 -64.29 62.95
CA VAL W 436 43.94 -64.87 63.12
C VAL W 436 43.33 -64.29 64.36
N GLY W 437 42.05 -64.00 64.31
CA GLY W 437 41.42 -63.47 65.49
C GLY W 437 39.93 -63.63 65.56
N TYR W 438 39.36 -63.11 66.64
CA TYR W 438 37.95 -63.25 66.91
C TYR W 438 37.14 -62.01 67.18
N LYS W 439 35.96 -61.99 66.58
CA LYS W 439 34.96 -60.98 66.88
C LYS W 439 33.62 -61.63 67.15
N GLY W 440 32.95 -61.24 68.23
CA GLY W 440 31.68 -61.85 68.53
C GLY W 440 30.50 -61.09 67.92
N PRO W 441 29.28 -61.65 68.04
CA PRO W 441 28.00 -61.09 67.60
C PRO W 441 27.62 -59.86 68.40
N ASN W 442 28.20 -59.75 69.59
CA ASN W 442 27.96 -58.63 70.46
C ASN W 442 29.03 -57.64 70.19
N GLU W 443 28.67 -56.51 69.57
CA GLU W 443 29.64 -55.45 69.19
C GLU W 443 30.62 -55.12 70.31
N MET W 444 30.17 -55.12 71.57
CA MET W 444 30.99 -54.76 72.71
C MET W 444 32.18 -55.69 72.89
N ASP W 445 32.10 -56.89 72.33
CA ASP W 445 33.11 -57.92 72.46
C ASP W 445 33.88 -58.13 71.14
N ALA W 446 34.99 -57.39 70.95
CA ALA W 446 35.71 -57.43 69.69
C ALA W 446 37.22 -57.29 69.85
N GLY W 447 37.66 -56.86 71.00
CA GLY W 447 39.10 -56.61 71.19
C GLY W 447 39.49 -55.21 70.74
N ILE W 448 39.22 -54.92 69.47
CA ILE W 448 39.49 -53.63 68.84
C ILE W 448 38.23 -52.81 68.72
N TYR W 449 38.26 -51.58 69.23
CA TYR W 449 37.08 -50.72 69.17
C TYR W 449 37.30 -49.42 68.44
N TYR W 450 36.78 -49.37 67.22
CA TYR W 450 36.90 -48.18 66.38
C TYR W 450 35.68 -47.36 66.54
N ALA W 451 35.76 -46.25 67.22
CA ALA W 451 34.53 -45.57 67.52
C ALA W 451 34.54 -44.15 67.02
N PRO W 452 34.21 -43.91 65.76
CA PRO W 452 34.33 -42.65 65.10
C PRO W 452 33.37 -41.72 65.75
N TYR W 453 33.72 -40.44 65.76
CA TYR W 453 32.86 -39.41 66.28
C TYR W 453 32.60 -38.37 65.21
N VAL W 454 33.66 -37.95 64.55
CA VAL W 454 33.62 -36.94 63.52
C VAL W 454 34.30 -37.46 62.27
N ALA W 455 33.70 -37.26 61.09
CA ALA W 455 34.40 -37.73 59.90
C ALA W 455 34.21 -36.79 58.73
N LEU W 456 35.29 -36.63 58.00
CA LEU W 456 35.40 -35.86 56.79
C LEU W 456 34.76 -34.49 56.84
N THR W 457 35.07 -33.72 57.86
CA THR W 457 34.53 -32.39 57.90
C THR W 457 35.27 -31.64 56.83
N PRO W 458 34.62 -31.10 55.80
CA PRO W 458 35.28 -30.38 54.75
C PRO W 458 35.60 -28.99 55.22
N LEU W 459 36.66 -28.43 54.71
CA LEU W 459 36.92 -27.02 54.90
C LEU W 459 37.11 -26.40 53.55
N ARG W 460 36.79 -25.13 53.46
CA ARG W 460 37.07 -24.43 52.24
C ARG W 460 37.13 -22.93 52.44
N GLY W 461 37.84 -22.26 51.56
CA GLY W 461 37.93 -20.80 51.53
C GLY W 461 38.99 -20.38 50.54
N SER W 462 39.59 -19.22 50.76
CA SER W 462 40.64 -18.71 49.88
C SER W 462 41.52 -17.79 50.68
N ASP W 463 42.78 -17.70 50.27
CA ASP W 463 43.78 -16.85 50.90
C ASP W 463 43.59 -15.35 50.60
N PRO W 464 43.31 -14.49 51.60
CA PRO W 464 43.06 -13.07 51.44
C PRO W 464 44.18 -12.31 50.74
N LYS W 465 45.38 -12.89 50.69
CA LYS W 465 46.50 -12.20 50.08
C LYS W 465 46.86 -12.67 48.67
N ASN W 466 46.36 -13.81 48.20
CA ASN W 466 46.78 -14.28 46.89
C ASN W 466 45.67 -15.06 46.25
N PHE W 467 44.61 -15.16 47.02
CA PHE W 467 43.34 -15.77 46.67
C PHE W 467 43.39 -17.19 46.20
N GLN W 468 44.47 -17.89 46.49
CA GLN W 468 44.50 -19.26 46.06
C GLN W 468 43.50 -19.94 46.96
N PRO W 469 42.73 -20.89 46.47
CA PRO W 469 41.71 -21.59 47.20
C PRO W 469 42.31 -22.41 48.28
N VAL W 470 41.53 -22.56 49.30
CA VAL W 470 41.85 -23.35 50.44
C VAL W 470 40.84 -24.46 50.54
N MET W 471 41.33 -25.67 50.64
CA MET W 471 40.47 -26.83 50.73
C MET W 471 41.12 -27.88 51.58
N GLY W 472 40.32 -28.64 52.35
CA GLY W 472 40.85 -29.75 53.16
C GLY W 472 39.82 -30.52 54.01
N PHE W 473 40.29 -31.45 54.85
CA PHE W 473 39.32 -32.23 55.67
C PHE W 473 39.88 -32.59 57.05
N LYS W 474 38.97 -32.80 58.01
CA LYS W 474 39.29 -33.20 59.38
C LYS W 474 38.34 -34.25 60.01
N THR W 475 38.91 -35.14 60.85
CA THR W 475 38.14 -36.17 61.56
C THR W 475 38.53 -36.27 63.05
N ARG W 476 37.72 -37.05 63.81
CA ARG W 476 37.98 -37.44 65.20
C ARG W 476 37.41 -38.84 65.49
N TYR W 477 38.26 -39.73 66.02
CA TYR W 477 37.81 -41.08 66.32
C TYR W 477 38.47 -41.68 67.56
N GLY W 478 39.79 -41.78 67.55
CA GLY W 478 40.50 -42.42 68.65
C GLY W 478 40.23 -43.89 68.56
N ILE W 479 40.80 -44.66 69.46
CA ILE W 479 40.57 -46.08 69.37
C ILE W 479 40.82 -46.71 70.72
N GLY W 480 40.03 -47.72 71.05
CA GLY W 480 40.26 -48.40 72.31
C GLY W 480 40.48 -49.89 72.20
N ILE W 481 40.67 -50.48 73.38
CA ILE W 481 40.87 -51.91 73.54
C ILE W 481 39.90 -52.48 74.57
N ASN W 482 39.65 -53.78 74.46
CA ASN W 482 38.77 -54.48 75.38
C ASN W 482 39.37 -54.60 76.77
N PRO W 483 38.60 -54.39 77.83
CA PRO W 483 39.01 -54.73 79.14
C PRO W 483 39.29 -56.18 79.02
N PHE W 484 40.24 -56.68 79.71
CA PHE W 484 40.58 -58.10 79.65
C PHE W 484 41.17 -58.53 78.34
N ALA W 485 41.50 -57.62 77.41
CA ALA W 485 42.09 -58.07 76.16
C ALA W 485 43.35 -58.87 76.43
N GLU W 486 44.11 -58.47 77.47
CA GLU W 486 45.40 -59.14 77.80
C GLU W 486 45.18 -60.53 78.42
N SER W 487 43.96 -60.83 78.86
CA SER W 487 43.63 -62.11 79.49
C SER W 487 44.64 -62.56 80.51
N ALA W 488 45.17 -61.64 81.30
CA ALA W 488 46.14 -62.05 82.28
C ALA W 488 45.68 -61.76 83.68
N ALA W 489 45.80 -60.50 84.08
CA ALA W 489 45.49 -60.00 85.42
C ALA W 489 44.05 -60.06 85.82
N GLN W 490 43.88 -60.27 87.12
CA GLN W 490 42.59 -60.25 87.77
C GLN W 490 42.08 -58.84 88.06
N ALA W 491 42.89 -57.83 87.82
CA ALA W 491 42.47 -56.48 88.07
C ALA W 491 43.35 -55.48 87.31
N PRO W 492 42.83 -54.33 86.89
CA PRO W 492 43.58 -53.23 86.34
C PRO W 492 44.26 -52.49 87.44
N ALA W 493 45.38 -51.87 87.13
CA ALA W 493 45.97 -51.02 88.12
C ALA W 493 45.01 -49.89 88.47
N SER W 494 44.98 -49.54 89.75
CA SER W 494 44.23 -48.43 90.30
C SER W 494 42.73 -48.41 90.05
N ARG W 495 42.15 -49.54 89.61
CA ARG W 495 40.72 -49.64 89.37
C ARG W 495 40.19 -48.73 88.27
N ILE W 496 41.08 -48.11 87.51
CA ILE W 496 40.68 -47.25 86.41
C ILE W 496 41.79 -47.17 85.40
N GLN W 497 41.43 -47.32 84.14
CA GLN W 497 42.43 -47.26 83.09
C GLN W 497 42.06 -46.47 81.88
N SER W 498 43.07 -46.01 81.18
CA SER W 498 42.77 -45.50 79.87
C SER W 498 42.37 -46.70 79.07
N GLY W 499 41.38 -46.55 78.22
CA GLY W 499 40.95 -47.65 77.40
C GLY W 499 41.69 -47.67 76.08
N MET W 500 42.64 -46.76 75.93
CA MET W 500 43.40 -46.63 74.72
C MET W 500 44.58 -47.59 74.76
N PRO W 501 45.09 -48.06 73.63
CA PRO W 501 46.25 -48.89 73.53
C PRO W 501 47.51 -48.13 73.90
N SER W 502 48.50 -48.86 74.36
CA SER W 502 49.83 -48.38 74.71
C SER W 502 50.68 -49.61 74.78
N ILE W 503 51.99 -49.46 74.98
CA ILE W 503 52.77 -50.68 75.07
C ILE W 503 52.36 -51.49 76.25
N LEU W 504 52.31 -50.83 77.38
CA LEU W 504 52.00 -51.54 78.59
C LEU W 504 50.62 -52.12 78.55
N ASN W 505 49.70 -51.38 77.94
CA ASN W 505 48.35 -51.85 77.93
C ASN W 505 48.11 -53.05 77.03
N SER W 506 48.74 -53.10 75.85
CA SER W 506 48.43 -54.22 74.98
C SER W 506 49.50 -54.76 74.00
N LEU W 507 50.76 -54.33 74.03
CA LEU W 507 51.61 -54.83 72.95
C LEU W 507 51.89 -56.29 73.12
N GLY W 508 51.49 -57.06 72.12
CA GLY W 508 51.69 -58.50 72.15
C GLY W 508 50.80 -59.23 73.15
N LYS W 509 49.78 -58.56 73.66
CA LYS W 509 48.96 -59.15 74.70
C LYS W 509 47.53 -59.52 74.35
N ASN W 510 47.00 -59.01 73.25
CA ASN W 510 45.58 -59.11 72.97
C ASN W 510 45.11 -60.48 72.51
N ALA W 511 44.38 -61.14 73.39
CA ALA W 511 43.86 -62.50 73.26
C ALA W 511 42.97 -62.69 72.07
N TYR W 512 42.42 -61.62 71.56
CA TYR W 512 41.52 -61.70 70.43
C TYR W 512 42.28 -62.00 69.16
N PHE W 513 43.62 -61.83 69.17
CA PHE W 513 44.35 -62.07 67.90
C PHE W 513 45.73 -62.66 68.15
N ARG W 514 46.14 -63.56 67.25
CA ARG W 514 47.46 -64.20 67.26
C ARG W 514 48.08 -64.17 65.89
N ARG W 515 49.37 -63.88 65.84
CA ARG W 515 50.04 -63.80 64.56
C ARG W 515 51.23 -64.72 64.45
N VAL W 516 51.44 -65.22 63.25
CA VAL W 516 52.54 -66.13 62.95
C VAL W 516 53.30 -65.67 61.72
N TYR W 517 54.62 -65.69 61.80
CA TYR W 517 55.41 -65.28 60.64
C TYR W 517 55.35 -66.41 59.64
N VAL W 518 55.39 -66.11 58.37
CA VAL W 518 55.36 -67.19 57.41
C VAL W 518 56.55 -67.20 56.47
N LYS W 519 57.22 -68.33 56.42
CA LYS W 519 58.35 -68.51 55.56
C LYS W 519 58.18 -69.71 54.67
N GLY W 520 58.95 -69.75 53.61
CA GLY W 520 58.96 -70.91 52.75
C GLY W 520 57.99 -70.92 51.56
N ILE W 521 57.14 -69.90 51.44
CA ILE W 521 56.24 -69.91 50.29
C ILE W 521 57.08 -69.56 49.06
N ALA X 66 55.70 -105.60 -32.25
CA ALA X 66 54.65 -105.24 -31.31
C ALA X 66 54.69 -103.77 -30.92
N GLU X 67 53.54 -103.10 -30.96
CA GLU X 67 53.48 -101.67 -30.55
C GLU X 67 53.61 -101.63 -29.02
N ILE X 68 54.48 -100.79 -28.48
CA ILE X 68 54.63 -100.78 -27.02
C ILE X 68 54.31 -99.49 -26.31
N GLY X 69 54.13 -99.64 -25.00
CA GLY X 69 53.85 -98.57 -24.06
C GLY X 69 55.03 -97.63 -23.93
N GLY X 70 56.19 -98.21 -23.65
CA GLY X 70 57.42 -97.46 -23.44
C GLY X 70 57.31 -96.78 -22.11
N ASP X 71 58.18 -95.82 -21.84
CA ASP X 71 58.12 -95.24 -20.52
C ASP X 71 58.80 -93.88 -20.44
N HIS X 72 58.77 -93.30 -19.25
CA HIS X 72 59.41 -92.05 -18.92
C HIS X 72 60.43 -92.35 -17.83
N GLY X 73 61.72 -92.18 -18.11
CA GLY X 73 62.78 -92.60 -17.18
C GLY X 73 63.01 -91.77 -15.92
N TYR X 74 61.95 -91.53 -15.18
CA TYR X 74 61.95 -90.82 -13.89
C TYR X 74 62.55 -89.43 -13.94
N ASN X 75 62.63 -88.91 -15.14
CA ASN X 75 63.14 -87.59 -15.41
C ASN X 75 61.99 -86.63 -15.34
N ALA X 76 61.97 -85.79 -14.31
CA ALA X 76 60.82 -84.93 -14.12
C ALA X 76 60.54 -84.08 -15.35
N THR X 77 61.58 -83.64 -16.04
CA THR X 77 61.37 -82.82 -17.21
C THR X 77 60.70 -83.65 -18.28
N ASN X 78 61.23 -84.83 -18.52
CA ASN X 78 60.67 -85.65 -19.58
C ASN X 78 59.26 -86.07 -19.25
N ILE X 79 58.98 -86.30 -17.97
CA ILE X 79 57.66 -86.71 -17.61
C ILE X 79 56.71 -85.58 -17.86
N ALA X 80 57.08 -84.40 -17.38
CA ALA X 80 56.24 -83.24 -17.53
C ALA X 80 55.95 -82.96 -18.98
N ALA X 81 56.95 -83.18 -19.82
CA ALA X 81 56.82 -82.93 -21.24
C ALA X 81 56.02 -83.98 -21.97
N GLY X 82 55.75 -85.11 -21.34
CA GLY X 82 55.08 -86.20 -22.03
C GLY X 82 56.04 -86.87 -23.01
N GLN X 83 57.34 -86.78 -22.71
CA GLN X 83 58.38 -87.30 -23.57
C GLN X 83 58.71 -88.73 -23.23
N THR X 84 58.44 -89.61 -24.17
CA THR X 84 58.63 -91.03 -23.92
C THR X 84 59.43 -91.76 -24.94
N SER X 85 59.66 -93.02 -24.61
CA SER X 85 60.30 -94.01 -25.46
C SER X 85 59.30 -94.84 -26.27
N GLY X 86 58.03 -94.75 -25.92
CA GLY X 86 57.01 -95.58 -26.53
C GLY X 86 56.41 -95.07 -27.81
N ALA X 87 55.40 -95.78 -28.29
CA ALA X 87 54.73 -95.44 -29.53
C ALA X 87 54.07 -94.08 -29.51
N VAL X 88 53.50 -93.69 -28.37
CA VAL X 88 52.79 -92.44 -28.37
C VAL X 88 53.19 -91.42 -27.33
N THR X 89 53.36 -90.23 -27.84
CA THR X 89 53.65 -89.03 -27.09
C THR X 89 52.44 -88.64 -26.26
N GLN X 90 52.69 -88.23 -25.03
CA GLN X 90 51.64 -87.90 -24.10
C GLN X 90 51.33 -86.42 -24.11
N ILE X 91 50.11 -86.10 -23.70
CA ILE X 91 49.65 -84.74 -23.52
C ILE X 91 50.38 -84.11 -22.37
N GLY X 92 50.47 -84.84 -21.31
CA GLY X 92 51.15 -84.39 -20.13
C GLY X 92 50.41 -84.92 -18.93
N PRO X 93 51.03 -84.91 -17.77
CA PRO X 93 50.48 -85.38 -16.53
C PRO X 93 49.24 -84.61 -16.09
N ALA X 94 48.27 -85.34 -15.54
CA ALA X 94 47.02 -84.79 -15.00
C ALA X 94 47.29 -83.89 -13.80
N VAL X 95 46.45 -82.88 -13.61
CA VAL X 95 46.63 -82.00 -12.48
C VAL X 95 46.04 -82.57 -11.20
N MET X 96 46.89 -82.70 -10.17
CA MET X 96 46.58 -83.27 -8.86
C MET X 96 46.31 -82.20 -7.82
N GLY X 97 45.82 -81.08 -8.29
CA GLY X 97 45.51 -79.96 -7.43
C GLY X 97 46.74 -79.13 -7.16
N MET X 98 46.59 -78.13 -6.29
CA MET X 98 47.67 -77.21 -5.99
C MET X 98 47.80 -76.95 -4.48
N VAL X 99 49.03 -76.96 -3.99
CA VAL X 99 49.32 -76.73 -2.58
C VAL X 99 49.80 -75.34 -2.23
N ARG X 100 49.10 -74.74 -1.28
CA ARG X 100 49.47 -73.42 -0.79
C ARG X 100 49.80 -73.50 0.67
N ARG X 101 50.68 -72.64 1.10
CA ARG X 101 51.07 -72.59 2.48
C ARG X 101 50.02 -71.88 3.33
N ALA X 102 49.69 -72.46 4.47
CA ALA X 102 48.74 -71.91 5.42
C ALA X 102 49.23 -70.59 5.98
N ILE X 103 48.29 -69.70 6.26
CA ILE X 103 48.59 -68.43 6.85
C ILE X 103 48.37 -68.51 8.35
N PRO X 104 49.35 -68.15 9.19
CA PRO X 104 49.30 -68.23 10.63
C PRO X 104 48.29 -67.27 11.21
N ASN X 105 47.79 -67.65 12.36
CA ASN X 105 46.84 -66.90 13.14
C ASN X 105 47.58 -65.86 13.98
N LEU X 106 47.00 -64.67 14.12
CA LEU X 106 47.60 -63.59 14.92
C LEU X 106 46.73 -63.17 16.08
N ILE X 107 47.34 -62.59 17.12
CA ILE X 107 46.65 -62.07 18.31
C ILE X 107 47.18 -60.69 18.64
N ALA X 108 47.54 -59.94 17.61
CA ALA X 108 48.29 -58.71 17.77
C ALA X 108 47.71 -57.72 18.77
N PHE X 109 46.40 -57.59 18.87
CA PHE X 109 45.90 -56.60 19.80
C PHE X 109 45.07 -57.19 20.92
N ASP X 110 45.06 -58.50 21.06
CA ASP X 110 44.17 -59.10 22.06
C ASP X 110 44.42 -58.67 23.49
N ILE X 111 45.66 -58.39 23.82
CA ILE X 111 46.00 -58.03 25.16
C ILE X 111 46.63 -56.66 25.21
N CYS X 112 46.33 -55.84 24.22
CA CYS X 112 46.95 -54.53 24.19
C CYS X 112 45.95 -53.40 24.12
N GLY X 113 46.39 -52.20 24.47
CA GLY X 113 45.50 -51.06 24.28
C GLY X 113 45.71 -50.57 22.87
N VAL X 114 44.88 -49.65 22.42
CA VAL X 114 45.06 -49.11 21.10
C VAL X 114 45.24 -47.60 21.18
N GLN X 115 44.24 -46.91 21.69
CA GLN X 115 44.27 -45.46 21.75
C GLN X 115 44.59 -44.87 20.38
N PRO X 116 43.76 -45.10 19.36
CA PRO X 116 43.99 -44.74 17.97
C PRO X 116 44.07 -43.25 17.86
N MET X 117 44.76 -42.76 16.85
CA MET X 117 44.90 -41.33 16.71
C MET X 117 44.40 -40.76 15.40
N ASN X 118 44.06 -39.49 15.45
CA ASN X 118 43.69 -38.71 14.29
C ASN X 118 44.81 -37.73 13.96
N SER X 119 45.98 -37.99 14.50
CA SER X 119 47.16 -37.20 14.33
C SER X 119 48.35 -38.08 14.69
N PRO X 120 49.46 -38.03 13.99
CA PRO X 120 50.62 -38.82 14.27
C PRO X 120 51.31 -38.22 15.46
N THR X 121 52.19 -38.99 16.08
CA THR X 121 53.04 -38.54 17.16
C THR X 121 52.26 -37.88 18.30
N GLY X 122 51.23 -38.56 18.82
CA GLY X 122 50.41 -38.00 19.89
C GLY X 122 51.00 -38.16 21.29
N GLN X 123 50.20 -37.78 22.30
CA GLN X 123 50.64 -37.78 23.70
C GLN X 123 49.64 -38.27 24.75
N VAL X 124 50.17 -38.69 25.91
CA VAL X 124 49.35 -39.08 27.08
C VAL X 124 49.79 -38.40 28.36
N PHE X 125 48.88 -38.42 29.31
CA PHE X 125 49.16 -37.83 30.61
C PHE X 125 48.92 -38.77 31.78
N ALA X 126 49.59 -38.50 32.90
CA ALA X 126 49.30 -39.32 34.08
C ALA X 126 49.36 -38.56 35.40
N LEU X 127 48.38 -38.83 36.26
CA LEU X 127 48.28 -38.19 37.56
C LEU X 127 48.79 -39.00 38.71
N ARG X 128 49.59 -38.31 39.50
CA ARG X 128 50.16 -38.83 40.72
C ARG X 128 49.76 -37.95 41.89
N ALA X 129 49.14 -38.53 42.90
CA ALA X 129 48.77 -37.75 44.08
C ALA X 129 50.03 -37.63 44.89
N VAL X 130 50.39 -36.43 45.30
CA VAL X 130 51.65 -36.20 45.97
C VAL X 130 51.51 -35.47 47.27
N TYR X 131 52.18 -35.96 48.31
CA TYR X 131 52.08 -35.27 49.57
C TYR X 131 53.39 -34.66 50.00
N GLY X 132 53.31 -33.62 50.83
CA GLY X 132 54.52 -32.94 51.29
C GLY X 132 54.63 -31.54 50.70
N LYS X 133 53.47 -30.89 50.52
CA LYS X 133 53.31 -29.53 50.01
C LYS X 133 53.71 -29.27 48.57
N ASP X 134 54.96 -29.50 48.22
CA ASP X 134 55.43 -29.23 46.88
C ASP X 134 55.22 -30.45 45.99
N PRO X 135 54.29 -30.41 45.01
CA PRO X 135 53.92 -31.54 44.18
C PRO X 135 55.08 -32.03 43.33
N VAL X 136 56.08 -31.18 43.11
CA VAL X 136 57.21 -31.60 42.31
C VAL X 136 58.48 -31.26 43.02
N ALA X 137 59.11 -32.24 43.62
CA ALA X 137 60.30 -31.96 44.36
C ALA X 137 61.14 -33.20 44.48
N ALA X 138 62.43 -33.01 44.67
CA ALA X 138 63.23 -34.18 44.93
C ALA X 138 62.74 -34.81 46.22
N GLY X 139 62.63 -36.13 46.23
CA GLY X 139 62.22 -36.84 47.43
C GLY X 139 60.70 -36.88 47.64
N ALA X 140 59.94 -36.27 46.74
CA ALA X 140 58.49 -36.24 46.87
C ALA X 140 57.93 -37.66 46.84
N LYS X 141 56.87 -37.89 47.60
CA LYS X 141 56.25 -39.21 47.63
C LYS X 141 54.83 -39.20 47.13
N GLU X 142 54.50 -40.26 46.39
CA GLU X 142 53.15 -40.48 45.80
C GLU X 142 52.23 -41.06 46.89
N ALA X 143 51.10 -40.41 47.12
CA ALA X 143 50.11 -40.79 48.12
C ALA X 143 49.53 -42.17 47.92
N PHE X 144 49.33 -42.60 46.68
CA PHE X 144 48.75 -43.91 46.45
C PHE X 144 49.67 -44.82 45.70
N HIS X 145 50.97 -44.64 45.80
CA HIS X 145 51.78 -45.51 45.00
C HIS X 145 51.53 -46.94 45.48
N PRO X 146 51.25 -47.91 44.61
CA PRO X 146 50.99 -49.28 44.97
C PRO X 146 52.14 -49.96 45.63
N MET X 147 53.36 -49.46 45.44
CA MET X 147 54.46 -50.17 46.05
C MET X 147 54.74 -49.76 47.44
N TYR X 148 54.03 -48.76 47.95
CA TYR X 148 54.37 -48.30 49.26
C TYR X 148 53.10 -48.16 50.11
N GLY X 149 53.22 -48.24 51.42
CA GLY X 149 52.02 -48.08 52.22
C GLY X 149 51.70 -46.61 52.37
N PRO X 150 50.54 -46.29 52.91
CA PRO X 150 50.11 -44.94 53.17
C PRO X 150 50.94 -44.34 54.27
N ASP X 151 51.19 -43.06 54.20
CA ASP X 151 51.94 -42.45 55.28
C ASP X 151 50.99 -42.15 56.41
N ALA X 152 50.70 -43.18 57.20
CA ALA X 152 49.65 -43.14 58.21
C ALA X 152 49.84 -42.03 59.22
N MET X 153 51.07 -41.67 59.55
CA MET X 153 51.18 -40.60 60.51
C MET X 153 51.23 -39.23 59.88
N PHE X 154 51.10 -39.12 58.57
CA PHE X 154 51.19 -37.82 57.93
C PHE X 154 50.08 -36.91 58.41
N SER X 155 48.85 -37.43 58.39
CA SER X 155 47.64 -36.75 58.82
C SER X 155 47.43 -36.88 60.33
N GLY X 156 48.27 -37.71 60.93
CA GLY X 156 48.25 -38.05 62.34
C GLY X 156 49.41 -37.39 63.06
N GLN X 157 50.08 -38.15 63.92
CA GLN X 157 51.17 -37.64 64.75
C GLN X 157 52.30 -36.94 64.04
N GLY X 158 52.55 -37.23 62.77
CA GLY X 158 53.64 -36.56 62.07
C GLY X 158 53.41 -35.05 62.02
N ALA X 159 52.14 -34.63 62.15
CA ALA X 159 51.80 -33.23 62.13
C ALA X 159 52.02 -32.61 63.51
N ALA X 160 52.27 -33.45 64.50
CA ALA X 160 52.50 -33.01 65.86
C ALA X 160 53.99 -32.85 66.06
N LYS X 161 54.74 -33.78 65.48
CA LYS X 161 56.18 -33.79 65.61
C LYS X 161 56.83 -34.65 64.56
N LYS X 162 58.13 -34.45 64.36
CA LYS X 162 58.89 -35.29 63.47
C LYS X 162 59.42 -36.51 64.19
N PHE X 163 59.59 -37.58 63.45
CA PHE X 163 60.17 -38.75 64.05
C PHE X 163 61.54 -38.93 63.43
N PRO X 164 62.55 -39.37 64.18
CA PRO X 164 63.87 -39.65 63.69
C PRO X 164 63.80 -40.87 62.85
N ALA X 165 64.65 -40.95 61.85
CA ALA X 165 64.73 -42.16 61.07
C ALA X 165 65.75 -43.09 61.64
N LEU X 166 65.57 -44.38 61.39
CA LEU X 166 66.53 -45.39 61.72
C LEU X 166 67.65 -45.35 60.70
N ALA X 167 68.83 -45.61 61.17
CA ALA X 167 70.01 -45.71 60.33
C ALA X 167 71.00 -46.58 61.02
N ALA X 168 71.97 -47.08 60.30
CA ALA X 168 72.97 -47.92 60.93
C ALA X 168 73.54 -47.24 62.14
N SER X 169 73.65 -48.02 63.22
CA SER X 169 74.20 -47.66 64.52
C SER X 169 73.21 -46.95 65.42
N THR X 170 72.02 -46.65 64.92
CA THR X 170 71.03 -45.98 65.74
C THR X 170 70.70 -46.82 66.95
N GLN X 171 70.72 -46.17 68.10
CA GLN X 171 70.38 -46.78 69.38
C GLN X 171 69.01 -46.31 69.81
N THR X 172 68.08 -47.23 70.01
CA THR X 172 66.73 -46.87 70.37
C THR X 172 66.50 -46.62 71.85
N THR X 173 65.34 -46.00 72.11
CA THR X 173 64.79 -45.77 73.43
C THR X 173 63.42 -46.39 73.47
N VAL X 174 63.20 -47.24 74.43
CA VAL X 174 61.96 -47.94 74.53
C VAL X 174 60.82 -46.99 74.68
N GLY X 175 59.81 -47.23 73.87
CA GLY X 175 58.61 -46.45 73.83
C GLY X 175 58.68 -45.34 72.81
N ASP X 176 59.86 -45.05 72.28
CA ASP X 176 59.88 -43.97 71.34
C ASP X 176 59.53 -44.54 69.98
N ILE X 177 59.45 -43.66 68.99
CA ILE X 177 59.12 -44.07 67.64
C ILE X 177 60.11 -43.60 66.62
N TYR X 178 60.53 -44.53 65.80
CA TYR X 178 61.51 -44.26 64.79
C TYR X 178 60.92 -44.55 63.45
N THR X 179 61.41 -43.90 62.41
CA THR X 179 60.87 -44.21 61.10
C THR X 179 61.87 -44.67 60.09
N HIS X 180 61.36 -45.10 58.97
CA HIS X 180 62.22 -45.54 57.89
C HIS X 180 61.46 -45.58 56.60
N PHE X 181 62.15 -45.93 55.53
CA PHE X 181 61.49 -46.14 54.27
C PHE X 181 62.08 -47.36 53.61
N PHE X 182 61.30 -48.42 53.50
CA PHE X 182 61.77 -49.66 52.93
C PHE X 182 61.72 -49.62 51.41
N GLN X 183 62.61 -50.36 50.74
CA GLN X 183 62.59 -50.37 49.27
C GLN X 183 61.24 -50.82 48.72
N GLU X 184 60.55 -51.63 49.48
CA GLU X 184 59.20 -52.04 49.16
C GLU X 184 58.45 -51.71 50.43
N THR X 185 57.21 -51.22 50.30
CA THR X 185 56.29 -50.80 51.39
C THR X 185 56.63 -49.40 51.96
N GLY X 186 57.81 -48.89 51.69
CA GLY X 186 58.15 -47.54 52.05
C GLY X 186 58.09 -47.16 53.50
N THR X 187 57.40 -46.05 53.74
CA THR X 187 57.30 -45.46 55.05
C THR X 187 56.74 -46.35 56.11
N VAL X 188 57.48 -46.44 57.18
CA VAL X 188 57.08 -47.21 58.32
C VAL X 188 57.35 -46.42 59.56
N TYR X 189 56.53 -46.63 60.56
CA TYR X 189 56.80 -46.06 61.85
C TYR X 189 56.84 -47.20 62.81
N LEU X 190 57.92 -47.29 63.56
CA LEU X 190 58.11 -48.39 64.47
C LEU X 190 58.34 -47.96 65.90
N GLN X 191 57.51 -48.48 66.80
CA GLN X 191 57.71 -48.13 68.18
C GLN X 191 58.70 -49.10 68.75
N ALA X 192 59.61 -48.58 69.54
CA ALA X 192 60.61 -49.44 70.14
C ALA X 192 60.08 -50.16 71.35
N SER X 193 60.18 -51.49 71.31
CA SER X 193 59.80 -52.31 72.44
C SER X 193 61.05 -52.52 73.27
N VAL X 194 62.20 -52.43 72.59
CA VAL X 194 63.49 -52.60 73.24
C VAL X 194 64.46 -51.48 72.91
N GLN X 195 65.51 -51.39 73.71
CA GLN X 195 66.56 -50.41 73.48
C GLN X 195 67.80 -50.98 72.83
N VAL X 196 67.85 -51.00 71.50
CA VAL X 196 68.99 -51.63 70.87
C VAL X 196 69.66 -50.80 69.81
N THR X 197 70.89 -51.16 69.52
CA THR X 197 71.65 -50.60 68.42
C THR X 197 71.50 -51.49 67.23
N ILE X 198 71.15 -50.91 66.09
CA ILE X 198 70.97 -51.74 64.93
C ILE X 198 72.08 -51.64 63.89
N ASP X 199 72.88 -52.70 63.82
CA ASP X 199 73.97 -52.87 62.86
C ASP X 199 74.71 -51.66 62.41
N ALA X 200 75.69 -51.22 63.15
CA ALA X 200 76.43 -50.06 62.71
C ALA X 200 77.03 -50.24 61.29
N GLY X 201 77.22 -51.47 60.80
CA GLY X 201 77.79 -51.66 59.48
C GLY X 201 76.77 -51.63 58.33
N ALA X 202 75.48 -51.49 58.65
CA ALA X 202 74.45 -51.52 57.62
C ALA X 202 74.32 -50.20 56.92
N THR X 203 75.34 -49.82 56.17
CA THR X 203 75.37 -48.52 55.55
C THR X 203 74.62 -48.47 54.23
N ASP X 204 74.41 -49.62 53.61
CA ASP X 204 73.60 -49.67 52.40
C ASP X 204 72.14 -49.72 52.75
N ALA X 205 71.30 -49.25 51.84
CA ALA X 205 69.87 -49.34 52.03
C ALA X 205 69.42 -50.77 52.15
N ALA X 206 69.95 -51.70 51.36
CA ALA X 206 69.47 -53.05 51.45
C ALA X 206 69.78 -53.64 52.79
N LYS X 207 70.98 -53.35 53.27
CA LYS X 207 71.39 -53.88 54.54
C LYS X 207 70.54 -53.31 55.63
N LEU X 208 70.26 -52.01 55.55
CA LEU X 208 69.46 -51.42 56.59
C LEU X 208 68.09 -52.05 56.60
N ASP X 209 67.48 -52.23 55.42
CA ASP X 209 66.16 -52.84 55.42
C ASP X 209 66.20 -54.21 56.05
N ALA X 210 67.21 -54.98 55.70
CA ALA X 210 67.30 -56.33 56.22
C ALA X 210 67.42 -56.37 57.71
N GLU X 211 68.25 -55.48 58.25
CA GLU X 211 68.45 -55.49 59.67
C GLU X 211 67.19 -55.06 60.38
N ILE X 212 66.49 -54.09 59.82
CA ILE X 212 65.28 -53.66 60.44
C ILE X 212 64.29 -54.79 60.42
N LYS X 213 64.15 -55.46 59.29
CA LYS X 213 63.21 -56.55 59.22
C LYS X 213 63.51 -57.62 60.26
N LYS X 214 64.79 -57.94 60.46
CA LYS X 214 65.12 -58.93 61.48
C LYS X 214 64.70 -58.44 62.86
N GLN X 215 64.94 -57.17 63.14
CA GLN X 215 64.56 -56.61 64.41
C GLN X 215 63.04 -56.63 64.57
N MET X 216 62.33 -56.42 63.48
CA MET X 216 60.89 -56.48 63.55
C MET X 216 60.47 -57.91 63.88
N GLU X 217 61.06 -58.91 63.25
CA GLU X 217 60.67 -60.29 63.55
C GLU X 217 60.92 -60.60 65.01
N ALA X 218 62.02 -60.06 65.52
CA ALA X 218 62.46 -60.22 66.89
C ALA X 218 61.46 -59.60 67.87
N GLY X 219 60.57 -58.73 67.38
CA GLY X 219 59.63 -58.03 68.21
C GLY X 219 60.19 -56.76 68.81
N ALA X 220 61.38 -56.36 68.35
CA ALA X 220 62.07 -55.17 68.82
C ALA X 220 61.37 -53.87 68.42
N LEU X 221 60.81 -53.89 67.21
CA LEU X 221 60.17 -52.77 66.56
C LEU X 221 58.78 -53.09 66.07
N VAL X 222 57.79 -52.31 66.47
CA VAL X 222 56.42 -52.63 66.07
C VAL X 222 55.75 -51.55 65.23
N GLU X 223 55.12 -51.97 64.16
CA GLU X 223 54.43 -51.02 63.29
C GLU X 223 53.35 -50.30 64.07
N ILE X 224 53.35 -49.00 63.92
CA ILE X 224 52.42 -48.16 64.65
C ILE X 224 51.95 -46.93 63.88
N ALA X 225 50.77 -46.47 64.19
CA ALA X 225 50.23 -45.24 63.64
C ALA X 225 49.39 -44.65 64.74
N GLU X 226 49.26 -43.34 64.75
CA GLU X 226 48.48 -42.68 65.79
C GLU X 226 47.98 -41.33 65.30
N GLY X 227 46.87 -40.87 65.90
CA GLY X 227 46.24 -39.58 65.58
C GLY X 227 46.78 -38.48 66.46
N MET X 228 46.10 -37.34 66.45
CA MET X 228 46.55 -36.19 67.21
C MET X 228 45.65 -35.80 68.36
N ALA X 229 46.25 -35.25 69.40
CA ALA X 229 45.44 -34.68 70.45
C ALA X 229 44.71 -33.49 69.87
N THR X 230 43.51 -33.20 70.36
CA THR X 230 42.76 -32.05 69.92
C THR X 230 43.55 -30.84 70.32
N SER X 231 44.14 -30.92 71.50
CA SER X 231 44.93 -29.81 72.02
C SER X 231 46.08 -29.41 71.09
N ILE X 232 46.44 -30.28 70.15
CA ILE X 232 47.50 -29.94 69.23
C ILE X 232 46.87 -29.50 67.92
N ALA X 233 46.03 -30.36 67.36
CA ALA X 233 45.41 -30.11 66.06
C ALA X 233 44.58 -28.82 66.05
N GLU X 234 43.93 -28.55 67.15
CA GLU X 234 43.06 -27.42 67.28
C GLU X 234 43.76 -26.10 67.03
N LEU X 235 45.05 -25.97 67.38
CA LEU X 235 45.65 -24.67 67.24
C LEU X 235 46.66 -24.61 66.11
N GLN X 236 46.51 -25.47 65.11
CA GLN X 236 47.45 -25.46 63.99
C GLN X 236 47.43 -24.13 63.26
N GLU X 237 48.50 -23.86 62.54
CA GLU X 237 48.67 -22.66 61.75
C GLU X 237 48.50 -21.36 62.54
N GLY X 238 49.10 -21.35 63.73
CA GLY X 238 49.15 -20.17 64.59
C GLY X 238 47.84 -19.76 65.21
N PHE X 239 46.93 -20.67 65.37
CA PHE X 239 45.67 -20.27 65.90
C PHE X 239 45.75 -19.93 67.36
N ASN X 240 45.05 -18.87 67.74
CA ASN X 240 44.95 -18.45 69.11
C ASN X 240 46.30 -18.21 69.77
N GLY X 241 47.19 -17.57 69.03
CA GLY X 241 48.50 -17.21 69.55
C GLY X 241 49.57 -18.28 69.50
N SER X 242 49.28 -19.46 68.97
CA SER X 242 50.33 -20.44 68.93
C SER X 242 51.16 -20.24 67.69
N THR X 243 52.07 -21.17 67.43
CA THR X 243 52.94 -21.05 66.27
C THR X 243 53.70 -22.29 65.88
N ASP X 244 54.43 -22.18 64.77
CA ASP X 244 55.31 -23.22 64.25
C ASP X 244 54.60 -24.56 64.17
N ASN X 245 53.36 -24.52 63.74
CA ASN X 245 52.52 -25.67 63.68
C ASN X 245 51.67 -25.78 62.42
N PRO X 246 52.25 -25.77 61.23
CA PRO X 246 51.53 -25.78 59.98
C PRO X 246 50.84 -27.11 59.79
N TRP X 247 49.77 -27.13 59.02
CA TRP X 247 49.13 -28.40 58.71
C TRP X 247 49.96 -29.17 57.72
N ASN X 248 49.94 -30.49 57.85
CA ASN X 248 50.52 -31.26 56.78
C ASN X 248 49.57 -31.13 55.61
N GLU X 249 50.13 -31.12 54.42
CA GLU X 249 49.32 -30.95 53.24
C GLU X 249 49.77 -31.75 52.04
N MET X 250 48.81 -31.95 51.14
CA MET X 250 49.09 -32.69 49.92
C MET X 250 48.33 -32.18 48.70
N GLY X 251 48.85 -32.50 47.51
CA GLY X 251 48.28 -32.13 46.22
C GLY X 251 48.60 -33.21 45.18
N PHE X 252 48.92 -32.80 43.97
CA PHE X 252 49.20 -33.76 42.92
C PHE X 252 50.00 -33.14 41.80
N ARG X 253 50.51 -34.00 40.92
CA ARG X 253 51.31 -33.54 39.74
C ARG X 253 51.00 -34.46 38.55
N ILE X 254 50.77 -33.87 37.37
CA ILE X 254 50.45 -34.66 36.20
C ILE X 254 51.60 -34.58 35.24
N ASP X 255 52.12 -35.73 34.85
CA ASP X 255 53.25 -35.73 33.97
C ASP X 255 52.81 -35.94 32.53
N LYS X 256 53.75 -35.91 31.59
CA LYS X 256 53.38 -36.15 30.20
C LYS X 256 54.35 -37.05 29.42
N GLN X 257 53.81 -37.82 28.48
CA GLN X 257 54.65 -38.61 27.59
C GLN X 257 54.22 -38.44 26.14
N VAL X 258 55.21 -38.44 25.25
CA VAL X 258 54.92 -38.30 23.82
C VAL X 258 55.58 -39.38 22.95
N ILE X 259 54.87 -39.84 21.92
CA ILE X 259 55.39 -40.86 21.03
C ILE X 259 55.53 -40.38 19.61
N GLU X 260 56.05 -41.27 18.77
CA GLU X 260 56.22 -41.03 17.36
C GLU X 260 55.45 -42.06 16.57
N ALA X 261 54.65 -41.65 15.60
CA ALA X 261 53.86 -42.63 14.87
C ALA X 261 54.66 -43.30 13.77
N LYS X 262 55.60 -44.13 14.17
CA LYS X 262 56.49 -44.79 13.23
C LYS X 262 55.72 -45.69 12.25
N SER X 263 56.19 -45.67 11.00
CA SER X 263 55.58 -46.33 9.84
C SER X 263 56.23 -47.60 9.28
N ARG X 264 55.57 -48.15 8.27
CA ARG X 264 56.08 -49.32 7.56
C ARG X 264 55.34 -49.51 6.25
N GLN X 265 55.98 -50.12 5.26
CA GLN X 265 55.27 -50.31 3.96
C GLN X 265 56.07 -51.18 3.00
N LEU X 266 55.36 -51.96 2.18
CA LEU X 266 55.94 -52.83 1.15
C LEU X 266 55.28 -52.72 -0.21
N LYS X 267 56.03 -53.12 -1.24
CA LYS X 267 55.54 -53.15 -2.60
C LYS X 267 55.62 -54.54 -3.25
N ALA X 268 54.69 -54.81 -4.17
CA ALA X 268 54.77 -56.01 -5.01
C ALA X 268 55.02 -55.60 -6.47
N ALA X 269 54.23 -54.65 -6.98
CA ALA X 269 54.39 -54.16 -8.36
C ALA X 269 54.57 -55.27 -9.42
N TYR X 270 53.59 -56.13 -9.55
CA TYR X 270 53.68 -57.26 -10.48
C TYR X 270 53.58 -56.90 -11.94
N SER X 271 54.17 -57.70 -12.82
CA SER X 271 54.03 -57.44 -14.25
C SER X 271 52.70 -57.92 -14.82
N ILE X 272 52.35 -57.37 -15.97
CA ILE X 272 51.13 -57.70 -16.68
C ILE X 272 51.09 -59.10 -17.21
N GLU X 273 52.15 -59.46 -17.91
CA GLU X 273 52.20 -60.73 -18.54
C GLU X 273 52.13 -61.85 -17.53
N LEU X 274 52.78 -61.67 -16.38
CA LEU X 274 52.73 -62.72 -15.39
C LEU X 274 51.34 -62.92 -14.95
N ALA X 275 50.65 -61.84 -14.62
CA ALA X 275 49.30 -61.99 -14.15
C ALA X 275 48.40 -62.62 -15.20
N GLN X 276 48.57 -62.25 -16.46
CA GLN X 276 47.71 -62.80 -17.48
C GLN X 276 47.89 -64.28 -17.57
N ASP X 277 49.14 -64.71 -17.48
CA ASP X 277 49.41 -66.10 -17.61
C ASP X 277 49.03 -66.84 -16.36
N LEU X 278 49.26 -66.26 -15.20
CA LEU X 278 48.91 -67.01 -14.02
C LEU X 278 47.45 -67.37 -14.04
N ARG X 279 46.62 -66.41 -14.45
CA ARG X 279 45.15 -66.62 -14.52
C ARG X 279 44.86 -67.76 -15.50
N ALA X 280 45.59 -67.81 -16.63
CA ALA X 280 45.40 -68.85 -17.61
C ALA X 280 45.78 -70.23 -17.07
N VAL X 281 46.79 -70.27 -16.20
CA VAL X 281 47.25 -71.53 -15.66
C VAL X 281 46.43 -72.02 -14.47
N HIS X 282 46.27 -71.18 -13.45
CA HIS X 282 45.56 -71.62 -12.24
C HIS X 282 44.29 -70.86 -11.85
N GLY X 283 43.87 -69.86 -12.62
CA GLY X 283 42.71 -69.05 -12.28
C GLY X 283 43.03 -67.95 -11.28
N MET X 284 44.28 -67.90 -10.85
CA MET X 284 44.76 -66.96 -9.86
C MET X 284 44.96 -65.60 -10.50
N ASP X 285 44.77 -64.56 -9.70
CA ASP X 285 44.81 -63.16 -10.12
C ASP X 285 46.22 -62.56 -10.29
N ALA X 286 47.14 -62.93 -9.39
CA ALA X 286 48.53 -62.42 -9.26
C ALA X 286 48.48 -60.97 -8.93
N ASP X 287 47.49 -60.62 -8.17
CA ASP X 287 47.26 -59.27 -7.71
C ASP X 287 46.70 -59.44 -6.34
N ALA X 288 45.46 -59.92 -6.29
CA ALA X 288 44.84 -60.13 -5.01
C ALA X 288 45.69 -61.02 -4.11
N GLU X 289 46.35 -62.03 -4.67
CA GLU X 289 47.13 -62.91 -3.84
C GLU X 289 48.31 -62.16 -3.28
N LEU X 290 48.96 -61.38 -4.13
CA LEU X 290 50.12 -60.62 -3.74
C LEU X 290 49.77 -59.60 -2.70
N SER X 291 48.62 -58.98 -2.89
CA SER X 291 48.12 -57.96 -2.04
C SER X 291 47.95 -58.54 -0.67
N GLY X 292 47.33 -59.72 -0.64
CA GLY X 292 47.13 -60.47 0.56
C GLY X 292 48.48 -60.74 1.22
N ILE X 293 49.44 -61.26 0.46
CA ILE X 293 50.72 -61.58 1.06
C ILE X 293 51.32 -60.36 1.70
N LEU X 294 51.31 -59.24 0.99
CA LEU X 294 51.92 -58.06 1.54
C LEU X 294 51.24 -57.61 2.81
N ALA X 295 49.91 -57.53 2.78
CA ALA X 295 49.19 -57.04 3.93
C ALA X 295 49.42 -57.96 5.10
N THR X 296 49.47 -59.25 4.82
CA THR X 296 49.67 -60.24 5.82
C THR X 296 51.02 -60.11 6.44
N GLU X 297 52.06 -60.01 5.60
CA GLU X 297 53.46 -59.86 6.09
C GLU X 297 53.52 -58.67 7.06
N ILE X 298 52.83 -57.58 6.73
CA ILE X 298 52.82 -56.42 7.58
C ILE X 298 52.17 -56.75 8.88
N MET X 299 51.02 -57.39 8.84
CA MET X 299 50.40 -57.74 10.09
C MET X 299 51.20 -58.77 10.86
N LEU X 300 51.92 -59.64 10.17
CA LEU X 300 52.68 -60.64 10.90
C LEU X 300 53.72 -59.91 11.70
N GLU X 301 54.36 -58.90 11.06
CA GLU X 301 55.37 -58.17 11.78
C GLU X 301 54.78 -57.43 12.94
N ILE X 302 53.60 -56.86 12.78
CA ILE X 302 53.01 -56.14 13.90
C ILE X 302 52.73 -57.08 15.03
N ASN X 303 52.14 -58.22 14.75
CA ASN X 303 51.85 -59.16 15.80
C ASN X 303 53.13 -59.48 16.53
N ARG X 304 54.17 -59.86 15.77
CA ARG X 304 55.47 -60.24 16.36
C ARG X 304 56.08 -59.07 17.13
N GLU X 305 55.96 -57.85 16.60
CA GLU X 305 56.50 -56.68 17.23
C GLU X 305 55.90 -56.51 18.58
N VAL X 306 54.58 -56.64 18.65
CA VAL X 306 53.91 -56.48 19.90
C VAL X 306 54.40 -57.51 20.90
N VAL X 307 54.44 -58.76 20.48
CA VAL X 307 54.86 -59.78 21.41
C VAL X 307 56.28 -59.58 21.86
N ASP X 308 57.18 -59.28 20.94
CA ASP X 308 58.55 -59.08 21.30
C ASP X 308 58.68 -57.91 22.26
N TRP X 309 57.92 -56.82 22.06
CA TRP X 309 58.04 -55.71 23.00
C TRP X 309 57.61 -56.12 24.36
N ILE X 310 56.57 -56.91 24.43
CA ILE X 310 56.15 -57.36 25.72
C ILE X 310 57.22 -58.19 26.35
N ASN X 311 57.76 -59.13 25.62
CA ASN X 311 58.75 -59.97 26.22
C ASN X 311 60.01 -59.20 26.60
N TYR X 312 60.34 -58.18 25.81
CA TYR X 312 61.47 -57.29 26.02
C TYR X 312 61.29 -56.54 27.32
N SER X 313 60.14 -55.90 27.42
CA SER X 313 59.85 -55.06 28.54
C SER X 313 59.41 -55.78 29.79
N ALA X 314 58.95 -57.03 29.67
CA ALA X 314 58.48 -57.75 30.85
C ALA X 314 59.55 -57.87 31.89
N GLN X 315 59.13 -57.74 33.13
CA GLN X 315 60.02 -57.84 34.26
C GLN X 315 60.36 -59.27 34.52
N VAL X 316 61.47 -59.50 35.20
CA VAL X 316 61.82 -60.86 35.51
C VAL X 316 61.05 -61.35 36.72
N GLY X 317 60.30 -62.42 36.54
CA GLY X 317 59.48 -62.96 37.62
C GLY X 317 60.28 -63.91 38.44
N LYS X 318 59.62 -64.60 39.36
CA LYS X 318 60.29 -65.54 40.22
C LYS X 318 61.51 -64.84 40.80
N SER X 319 61.19 -63.74 41.47
CA SER X 319 62.14 -62.81 42.00
C SER X 319 61.52 -62.04 43.16
N GLY X 320 62.31 -61.43 44.02
CA GLY X 320 61.72 -60.60 45.06
C GLY X 320 60.74 -61.37 45.94
N MET X 321 59.52 -60.88 46.03
CA MET X 321 58.51 -61.51 46.88
C MET X 321 57.88 -62.74 46.28
N THR X 322 58.33 -63.11 45.09
CA THR X 322 57.88 -64.30 44.43
C THR X 322 59.02 -65.29 44.38
N LEU X 323 60.08 -65.01 45.12
CA LEU X 323 61.24 -65.87 45.17
C LEU X 323 61.30 -66.78 46.37
N THR X 324 61.68 -68.02 46.10
CA THR X 324 61.94 -69.03 47.10
C THR X 324 63.45 -69.11 47.21
N PRO X 325 64.02 -69.58 48.32
CA PRO X 325 65.46 -69.62 48.53
C PRO X 325 66.28 -70.44 47.54
N GLY X 326 65.68 -71.40 46.88
CA GLY X 326 66.42 -72.20 45.91
C GLY X 326 66.27 -71.67 44.48
N SER X 327 65.65 -70.52 44.33
CA SER X 327 65.37 -69.94 43.04
C SER X 327 66.54 -69.71 42.14
N LYS X 328 66.28 -69.91 40.86
CA LYS X 328 67.26 -69.71 39.81
C LYS X 328 67.10 -68.34 39.13
N ALA X 329 66.33 -67.45 39.76
CA ALA X 329 66.14 -66.07 39.32
C ALA X 329 65.46 -65.94 37.98
N GLY X 330 64.14 -66.11 37.95
CA GLY X 330 63.44 -66.02 36.69
C GLY X 330 63.43 -67.29 35.89
N VAL X 331 63.89 -68.37 36.49
CA VAL X 331 63.93 -69.65 35.80
C VAL X 331 63.28 -70.73 36.65
N PHE X 332 62.33 -71.45 36.06
CA PHE X 332 61.62 -72.54 36.73
C PHE X 332 62.17 -73.86 36.27
N ASP X 333 62.68 -74.68 37.18
CA ASP X 333 63.29 -75.95 36.80
C ASP X 333 62.58 -77.17 37.37
N PHE X 334 61.94 -77.95 36.52
CA PHE X 334 61.21 -79.14 36.99
C PHE X 334 62.08 -80.19 37.63
N GLN X 335 63.39 -80.10 37.44
CA GLN X 335 64.30 -81.05 38.02
C GLN X 335 64.86 -80.56 39.36
N ASP X 336 64.46 -79.36 39.79
CA ASP X 336 64.94 -78.78 41.03
C ASP X 336 63.86 -78.77 42.09
N PRO X 337 63.97 -79.57 43.17
CA PRO X 337 62.99 -79.75 44.22
C PRO X 337 62.39 -78.46 44.73
N ILE X 338 63.14 -77.35 44.75
CA ILE X 338 62.49 -76.18 45.29
C ILE X 338 61.30 -75.77 44.46
N ASP X 339 61.38 -75.94 43.15
CA ASP X 339 60.33 -75.47 42.26
C ASP X 339 59.20 -76.40 42.16
N ILE X 340 59.31 -77.52 42.80
CA ILE X 340 58.26 -78.45 42.72
C ILE X 340 57.80 -78.80 44.10
N ARG X 341 58.23 -78.03 45.09
CA ARG X 341 57.84 -78.31 46.47
C ARG X 341 58.17 -79.75 46.86
N GLY X 342 59.29 -80.28 46.35
CA GLY X 342 59.71 -81.63 46.68
C GLY X 342 58.83 -82.71 46.03
N ALA X 343 58.04 -82.35 45.05
CA ALA X 343 57.10 -83.26 44.42
C ALA X 343 57.72 -84.46 43.77
N ARG X 344 56.92 -85.49 43.78
CA ARG X 344 57.13 -86.77 43.17
C ARG X 344 56.64 -86.58 41.75
N TRP X 345 56.31 -87.67 41.10
CA TRP X 345 55.86 -87.71 39.72
C TRP X 345 55.22 -86.45 39.18
N ALA X 346 55.59 -86.11 37.95
CA ALA X 346 55.12 -84.93 37.27
C ALA X 346 53.62 -84.73 37.35
N GLY X 347 52.84 -85.79 37.28
CA GLY X 347 51.40 -85.63 37.34
C GLY X 347 50.96 -84.89 38.60
N GLU X 348 51.70 -85.01 39.71
CA GLU X 348 51.32 -84.24 40.86
C GLU X 348 52.09 -82.92 40.81
N SER X 349 53.35 -83.01 40.39
CA SER X 349 54.31 -81.90 40.39
C SER X 349 53.93 -80.71 39.56
N PHE X 350 53.33 -80.96 38.41
CA PHE X 350 52.99 -79.90 37.49
C PHE X 350 52.19 -78.79 38.12
N LYS X 351 51.41 -79.08 39.15
CA LYS X 351 50.62 -78.04 39.77
C LYS X 351 51.51 -76.92 40.28
N ALA X 352 52.76 -77.24 40.58
CA ALA X 352 53.71 -76.27 41.09
C ALA X 352 53.93 -75.16 40.10
N LEU X 353 53.91 -75.49 38.81
CA LEU X 353 54.13 -74.46 37.85
C LEU X 353 52.92 -73.60 37.87
N LEU X 354 51.76 -74.22 37.96
CA LEU X 354 50.55 -73.44 37.95
C LEU X 354 50.54 -72.50 39.13
N PHE X 355 51.00 -73.00 40.28
CA PHE X 355 51.03 -72.21 41.48
C PHE X 355 51.90 -70.99 41.28
N GLN X 356 53.12 -71.21 40.79
CA GLN X 356 53.99 -70.07 40.63
C GLN X 356 53.45 -69.09 39.60
N ILE X 357 52.78 -69.59 38.56
CA ILE X 357 52.21 -68.67 37.58
C ILE X 357 51.20 -67.79 38.27
N ASP X 358 50.33 -68.39 39.07
CA ASP X 358 49.35 -67.58 39.76
C ASP X 358 50.05 -66.60 40.66
N LYS X 359 51.09 -67.05 41.34
CA LYS X 359 51.80 -66.17 42.24
C LYS X 359 52.28 -64.94 41.48
N GLU X 360 52.80 -65.17 40.26
CA GLU X 360 53.31 -64.07 39.40
C GLU X 360 52.14 -63.16 38.97
N ALA X 361 50.97 -63.74 38.70
CA ALA X 361 49.82 -62.94 38.27
C ALA X 361 49.40 -61.99 39.38
N VAL X 362 49.49 -62.51 40.59
CA VAL X 362 49.17 -61.75 41.77
C VAL X 362 50.18 -60.63 41.97
N GLU X 363 51.46 -60.99 41.83
CA GLU X 363 52.57 -60.02 41.96
C GLU X 363 52.36 -58.87 40.97
N ILE X 364 51.82 -59.17 39.79
CA ILE X 364 51.59 -58.13 38.82
C ILE X 364 50.59 -57.16 39.42
N ALA X 365 49.48 -57.66 39.96
CA ALA X 365 48.55 -56.74 40.60
C ALA X 365 49.21 -55.97 41.74
N ARG X 366 50.08 -56.63 42.48
CA ARG X 366 50.76 -55.97 43.57
C ARG X 366 51.43 -54.72 43.07
N GLN X 367 52.09 -54.82 41.93
CA GLN X 367 52.83 -53.70 41.40
C GLN X 367 52.04 -52.71 40.57
N THR X 368 51.00 -53.14 39.84
CA THR X 368 50.30 -52.14 39.01
C THR X 368 49.18 -51.49 39.77
N GLY X 369 48.59 -52.19 40.71
CA GLY X 369 47.47 -51.68 41.48
C GLY X 369 46.18 -51.69 40.68
N ARG X 370 46.18 -52.32 39.50
CA ARG X 370 44.97 -52.25 38.64
C ARG X 370 44.24 -53.60 38.50
N GLY X 371 44.93 -54.73 38.65
CA GLY X 371 44.29 -56.01 38.46
C GLY X 371 45.32 -57.08 38.28
N GLU X 372 44.89 -58.32 38.54
CA GLU X 372 45.80 -59.50 38.49
C GLU X 372 45.93 -60.02 37.06
N GLY X 373 47.10 -60.54 36.73
CA GLY X 373 47.35 -61.07 35.41
C GLY X 373 46.12 -61.83 34.97
N ASN X 374 45.79 -61.71 33.70
CA ASN X 374 44.62 -62.35 33.17
C ASN X 374 44.88 -63.02 31.84
N PHE X 375 46.14 -63.10 31.49
CA PHE X 375 46.57 -63.80 30.31
C PHE X 375 47.98 -64.28 30.43
N ILE X 376 48.30 -65.21 29.58
CA ILE X 376 49.63 -65.74 29.47
C ILE X 376 49.92 -66.21 28.06
N ILE X 377 51.12 -65.91 27.59
CA ILE X 377 51.55 -66.38 26.29
C ILE X 377 52.72 -67.28 26.56
N ALA X 378 52.72 -68.48 26.03
CA ALA X 378 53.80 -69.39 26.36
C ALA X 378 54.19 -70.29 25.24
N SER X 379 55.32 -70.95 25.39
CA SER X 379 55.78 -71.87 24.38
C SER X 379 54.84 -73.04 24.26
N ARG X 380 54.94 -73.74 23.14
CA ARG X 380 54.10 -74.89 22.88
C ARG X 380 54.23 -75.94 23.97
N ASN X 381 55.44 -76.11 24.49
CA ASN X 381 55.67 -77.10 25.52
C ASN X 381 54.93 -76.78 26.81
N VAL X 382 54.75 -75.50 27.13
CA VAL X 382 54.07 -75.15 28.34
C VAL X 382 52.62 -75.45 28.20
N VAL X 383 52.07 -75.07 27.07
CA VAL X 383 50.67 -75.30 26.89
C VAL X 383 50.42 -76.80 26.84
N ASN X 384 51.27 -77.55 26.13
CA ASN X 384 51.08 -79.00 26.09
C ASN X 384 50.98 -79.54 27.51
N VAL X 385 51.79 -79.02 28.42
CA VAL X 385 51.63 -79.43 29.79
C VAL X 385 50.28 -78.99 30.31
N LEU X 386 49.90 -77.74 30.10
CA LEU X 386 48.65 -77.32 30.70
C LEU X 386 47.46 -78.15 30.24
N ALA X 387 47.46 -78.52 28.98
CA ALA X 387 46.34 -79.25 28.40
C ALA X 387 46.28 -80.70 28.79
N SER X 388 47.33 -81.20 29.40
CA SER X 388 47.46 -82.59 29.74
C SER X 388 47.35 -82.81 31.22
N VAL X 389 47.06 -81.75 31.96
CA VAL X 389 46.95 -81.91 33.38
C VAL X 389 45.68 -81.31 33.88
N ASP X 390 45.27 -81.68 35.07
CA ASP X 390 44.14 -80.94 35.58
C ASP X 390 44.69 -79.65 36.11
N THR X 391 43.83 -78.67 36.20
CA THR X 391 44.19 -77.38 36.73
C THR X 391 43.31 -77.06 37.93
N GLY X 392 42.24 -77.81 38.11
CA GLY X 392 41.37 -77.56 39.22
C GLY X 392 42.02 -78.21 40.42
N ILE X 393 41.38 -78.19 41.56
CA ILE X 393 42.01 -78.77 42.72
C ILE X 393 41.72 -80.25 42.78
N SER X 394 42.78 -81.04 42.70
CA SER X 394 42.63 -82.49 42.65
C SER X 394 43.81 -83.18 43.31
N TYR X 395 43.81 -84.51 43.32
CA TYR X 395 44.87 -85.24 44.01
C TYR X 395 46.13 -85.24 43.15
N ALA X 396 45.95 -85.56 41.88
CA ALA X 396 47.01 -85.61 40.88
C ALA X 396 46.31 -85.62 39.56
N ALA X 397 46.95 -85.22 38.48
CA ALA X 397 46.21 -85.39 37.24
C ALA X 397 47.07 -85.27 36.01
N GLN X 398 47.07 -86.33 35.20
CA GLN X 398 47.81 -86.32 33.96
C GLN X 398 47.26 -87.29 32.93
N GLY X 399 47.23 -86.87 31.66
CA GLY X 399 46.79 -87.72 30.54
C GLY X 399 46.95 -87.07 29.20
N LEU X 400 46.20 -87.54 28.22
CA LEU X 400 46.29 -87.01 26.86
C LEU X 400 45.85 -85.56 26.90
N ALA X 401 46.55 -84.71 26.17
CA ALA X 401 46.22 -83.29 26.14
C ALA X 401 44.89 -82.99 25.48
N THR X 402 43.97 -82.40 26.25
CA THR X 402 42.65 -82.03 25.76
C THR X 402 42.20 -80.66 26.24
N GLY X 403 42.81 -80.20 27.34
CA GLY X 403 42.36 -78.99 28.03
C GLY X 403 42.39 -77.70 27.21
N PHE X 404 43.40 -77.57 26.37
CA PHE X 404 43.60 -76.38 25.57
C PHE X 404 43.97 -76.82 24.19
N SER X 405 43.73 -75.98 23.21
CA SER X 405 44.23 -76.36 21.92
C SER X 405 45.72 -76.13 21.86
N THR X 406 46.44 -77.11 21.40
CA THR X 406 47.87 -76.98 21.24
C THR X 406 48.22 -76.81 19.79
N ASP X 407 47.19 -76.72 18.96
CA ASP X 407 47.42 -76.62 17.53
C ASP X 407 47.28 -75.19 17.03
N THR X 408 48.44 -74.57 16.76
CA THR X 408 48.55 -73.18 16.36
C THR X 408 48.01 -72.96 14.97
N THR X 409 47.75 -74.08 14.28
CA THR X 409 47.20 -74.09 12.95
C THR X 409 45.83 -73.47 13.01
N LYS X 410 45.08 -73.88 14.04
CA LYS X 410 43.68 -73.43 14.21
C LYS X 410 43.65 -72.12 15.00
N SER X 411 44.53 -71.98 16.00
CA SER X 411 44.52 -70.74 16.77
C SER X 411 45.70 -70.55 17.68
N VAL X 412 46.12 -69.31 17.79
CA VAL X 412 47.14 -68.91 18.73
C VAL X 412 46.55 -69.05 20.13
N PHE X 413 45.27 -68.69 20.24
CA PHE X 413 44.59 -68.76 21.52
C PHE X 413 44.18 -70.18 21.81
N ALA X 414 44.76 -70.71 22.86
CA ALA X 414 44.58 -72.09 23.22
C ALA X 414 43.34 -72.32 24.09
N GLY X 415 43.03 -71.35 24.95
CA GLY X 415 41.88 -71.50 25.85
C GLY X 415 42.03 -70.71 27.15
N VAL X 416 41.15 -70.96 28.13
CA VAL X 416 41.25 -70.17 29.36
C VAL X 416 41.57 -71.03 30.58
N LEU X 417 42.64 -70.72 31.24
CA LEU X 417 43.15 -71.51 32.32
C LEU X 417 42.38 -71.32 33.56
N GLY X 418 41.59 -72.35 33.89
CA GLY X 418 40.73 -72.38 35.05
C GLY X 418 39.58 -71.43 34.90
N GLY X 419 39.39 -70.93 33.69
CA GLY X 419 38.37 -69.91 33.51
C GLY X 419 38.93 -68.54 33.96
N LYS X 420 40.20 -68.50 34.35
CA LYS X 420 40.83 -67.28 34.83
C LYS X 420 41.81 -66.62 33.87
N TYR X 421 42.66 -67.38 33.19
CA TYR X 421 43.63 -66.69 32.35
C TYR X 421 43.52 -67.04 30.89
N ARG X 422 43.73 -66.04 30.03
CA ARG X 422 43.71 -66.28 28.55
C ARG X 422 45.06 -66.89 28.12
N VAL X 423 45.06 -68.16 27.70
CA VAL X 423 46.25 -68.86 27.28
C VAL X 423 46.46 -68.83 25.78
N TYR X 424 47.62 -68.33 25.40
CA TYR X 424 48.06 -68.20 24.03
C TYR X 424 49.41 -68.88 23.82
N ILE X 425 49.73 -69.21 22.58
CA ILE X 425 51.03 -69.77 22.27
C ILE X 425 51.96 -68.84 21.51
N ASP X 426 53.19 -68.70 22.02
CA ASP X 426 54.23 -67.93 21.35
C ASP X 426 54.93 -68.90 20.43
N GLN X 427 54.55 -68.90 19.17
CA GLN X 427 55.01 -69.92 18.27
C GLN X 427 56.45 -69.74 17.88
N TYR X 428 57.04 -68.60 18.26
CA TYR X 428 58.40 -68.31 17.94
C TYR X 428 59.30 -68.20 19.15
N ALA X 429 58.90 -68.83 20.25
CA ALA X 429 59.76 -68.82 21.42
C ALA X 429 61.11 -69.36 20.98
N LYS X 430 62.20 -68.75 21.43
CA LYS X 430 63.48 -69.27 20.96
C LYS X 430 63.77 -70.59 21.59
N GLN X 431 63.43 -70.73 22.86
CA GLN X 431 63.60 -72.03 23.45
C GLN X 431 62.39 -72.43 24.23
N ASP X 432 62.18 -71.86 25.41
CA ASP X 432 61.02 -72.32 26.14
C ASP X 432 60.80 -71.43 27.35
N TYR X 433 59.69 -70.69 27.36
CA TYR X 433 59.37 -69.71 28.40
C TYR X 433 57.91 -69.35 28.38
N PHE X 434 57.51 -68.58 29.37
CA PHE X 434 56.19 -67.97 29.32
C PHE X 434 56.23 -66.57 29.87
N THR X 435 55.26 -65.79 29.43
CA THR X 435 55.07 -64.46 29.96
C THR X 435 53.63 -64.30 30.39
N VAL X 436 53.44 -63.81 31.59
CA VAL X 436 52.13 -63.60 32.17
C VAL X 436 51.90 -62.11 32.34
N GLY X 437 50.68 -61.67 32.12
CA GLY X 437 50.41 -60.25 32.25
C GLY X 437 48.98 -59.87 32.46
N TYR X 438 48.78 -58.57 32.63
CA TYR X 438 47.47 -57.99 32.88
C TYR X 438 47.02 -56.92 31.92
N LYS X 439 45.81 -57.07 31.43
CA LYS X 439 45.20 -56.05 30.61
C LYS X 439 43.80 -55.75 31.13
N GLY X 440 43.56 -54.48 31.45
CA GLY X 440 42.28 -54.05 32.02
C GLY X 440 41.26 -53.60 30.98
N PRO X 441 40.07 -53.14 31.41
CA PRO X 441 38.99 -52.63 30.57
C PRO X 441 39.37 -51.34 29.83
N ASN X 442 40.37 -50.64 30.34
CA ASN X 442 40.84 -49.40 29.73
C ASN X 442 41.85 -49.78 28.67
N GLU X 443 42.40 -48.80 27.99
CA GLU X 443 43.40 -49.07 26.99
C GLU X 443 44.77 -48.68 27.51
N MET X 444 44.80 -47.74 28.45
CA MET X 444 46.09 -47.33 28.97
C MET X 444 46.54 -48.39 29.94
N ASP X 445 45.56 -48.99 30.59
CA ASP X 445 45.81 -49.99 31.60
C ASP X 445 46.10 -51.31 30.94
N ALA X 446 47.21 -51.35 30.24
CA ALA X 446 47.63 -52.48 29.47
C ALA X 446 49.12 -52.49 29.49
N GLY X 447 49.68 -51.35 29.81
CA GLY X 447 51.13 -51.23 29.77
C GLY X 447 51.63 -50.88 28.38
N ILE X 448 51.25 -51.70 27.42
CA ILE X 448 51.59 -51.56 26.01
C ILE X 448 50.40 -51.20 25.15
N TYR X 449 50.62 -50.30 24.18
CA TYR X 449 49.52 -49.85 23.29
C TYR X 449 50.00 -49.53 21.87
N TYR X 450 49.14 -49.89 20.91
CA TYR X 450 49.24 -49.67 19.47
C TYR X 450 48.31 -48.59 19.01
N ALA X 451 48.82 -47.46 18.56
CA ALA X 451 47.92 -46.35 18.28
C ALA X 451 47.95 -45.90 16.83
N PRO X 452 47.28 -46.61 15.92
CA PRO X 452 47.37 -46.39 14.52
C PRO X 452 46.81 -45.06 14.16
N TYR X 453 47.41 -44.48 13.12
CA TYR X 453 47.01 -43.20 12.49
C TYR X 453 46.69 -43.53 11.02
N VAL X 454 47.42 -44.51 10.48
CA VAL X 454 47.23 -45.04 9.14
C VAL X 454 47.38 -46.56 9.18
N ALA X 455 46.50 -47.30 8.53
CA ALA X 455 46.72 -48.73 8.52
C ALA X 455 46.19 -49.41 7.29
N LEU X 456 46.99 -50.34 6.80
CA LEU X 456 46.73 -51.20 5.68
C LEU X 456 46.15 -50.44 4.50
N THR X 457 46.74 -49.30 4.24
CA THR X 457 46.31 -48.46 3.17
C THR X 457 46.98 -48.95 1.91
N PRO X 458 46.25 -49.27 0.85
CA PRO X 458 46.82 -49.76 -0.38
C PRO X 458 47.58 -48.68 -1.08
N LEU X 459 48.55 -49.09 -1.85
CA LEU X 459 49.34 -48.24 -2.70
C LEU X 459 49.04 -48.73 -4.10
N ARG X 460 48.77 -47.82 -5.03
CA ARG X 460 48.42 -48.30 -6.39
C ARG X 460 48.96 -47.36 -7.47
N GLY X 461 49.47 -47.94 -8.56
CA GLY X 461 49.96 -47.18 -9.69
C GLY X 461 50.51 -48.08 -10.78
N SER X 462 51.46 -47.53 -11.52
CA SER X 462 52.15 -48.18 -12.61
C SER X 462 53.40 -47.38 -12.86
N ASP X 463 54.37 -47.95 -13.56
CA ASP X 463 55.52 -47.20 -14.05
C ASP X 463 55.19 -46.77 -15.48
N PRO X 464 54.89 -45.48 -15.74
CA PRO X 464 54.43 -44.91 -16.99
C PRO X 464 55.28 -45.26 -18.18
N LYS X 465 56.55 -45.54 -17.94
CA LYS X 465 57.40 -45.85 -19.06
C LYS X 465 56.92 -47.10 -19.79
N ASN X 466 56.53 -48.10 -19.01
CA ASN X 466 56.15 -49.38 -19.59
C ASN X 466 54.83 -49.92 -19.09
N PHE X 467 54.16 -49.16 -18.24
CA PHE X 467 52.89 -49.50 -17.66
C PHE X 467 52.88 -50.75 -16.80
N GLN X 468 54.03 -51.19 -16.35
CA GLN X 468 53.96 -52.32 -15.48
C GLN X 468 53.39 -51.80 -14.15
N PRO X 469 52.47 -52.53 -13.51
CA PRO X 469 51.79 -52.19 -12.27
C PRO X 469 52.63 -51.95 -11.05
N VAL X 470 52.08 -51.09 -10.21
CA VAL X 470 52.59 -50.76 -8.91
C VAL X 470 51.46 -51.03 -7.93
N MET X 471 51.76 -51.83 -6.96
CA MET X 471 50.80 -52.19 -5.95
C MET X 471 51.53 -52.44 -4.67
N GLY X 472 50.96 -52.00 -3.55
CA GLY X 472 51.54 -52.21 -2.21
C GLY X 472 50.63 -51.77 -1.05
N PHE X 473 51.22 -51.63 0.15
CA PHE X 473 50.41 -51.21 1.33
C PHE X 473 51.28 -50.51 2.37
N LYS X 474 50.67 -49.58 3.11
CA LYS X 474 51.36 -48.81 4.16
C LYS X 474 50.56 -48.62 5.47
N THR X 475 51.32 -48.43 6.56
CA THR X 475 50.75 -48.07 7.86
C THR X 475 51.57 -46.95 8.49
N ARG X 476 51.03 -46.34 9.54
CA ARG X 476 51.69 -45.35 10.37
C ARG X 476 51.06 -45.48 11.76
N TYR X 477 51.83 -45.92 12.77
CA TYR X 477 51.20 -46.18 14.06
C TYR X 477 52.03 -45.94 15.32
N GLY X 478 53.33 -46.18 15.28
CA GLY X 478 54.14 -46.04 16.48
C GLY X 478 53.84 -47.05 17.57
N ILE X 479 54.32 -46.76 18.75
CA ILE X 479 54.12 -47.61 19.90
C ILE X 479 54.35 -46.83 21.16
N GLY X 480 53.53 -47.08 22.17
CA GLY X 480 53.75 -46.41 23.42
C GLY X 480 53.60 -47.30 24.63
N ILE X 481 54.12 -46.80 25.75
CA ILE X 481 54.02 -47.48 27.01
C ILE X 481 53.38 -46.64 28.12
N ASN X 482 52.87 -47.32 29.13
CA ASN X 482 52.22 -46.74 30.28
C ASN X 482 53.22 -46.09 31.23
N PRO X 483 53.03 -44.82 31.59
CA PRO X 483 53.92 -44.05 32.44
C PRO X 483 54.11 -44.64 33.83
N PHE X 484 53.20 -45.50 34.27
CA PHE X 484 53.33 -46.08 35.57
C PHE X 484 53.88 -47.48 35.51
N ALA X 485 54.28 -47.92 34.32
CA ALA X 485 54.76 -49.29 34.14
C ALA X 485 55.94 -49.61 35.03
N GLU X 486 56.77 -48.62 35.33
CA GLU X 486 57.91 -48.85 36.18
C GLU X 486 57.56 -49.41 37.56
N SER X 487 56.44 -48.99 38.14
CA SER X 487 56.08 -49.42 39.49
C SER X 487 57.18 -49.27 40.51
N ALA X 488 57.84 -48.13 40.54
CA ALA X 488 58.85 -47.94 41.58
C ALA X 488 59.04 -46.48 41.90
N ALA X 489 59.03 -45.69 40.84
CA ALA X 489 59.30 -44.26 40.86
C ALA X 489 58.06 -43.44 41.05
N GLN X 490 58.27 -42.26 41.65
CA GLN X 490 57.24 -41.27 41.93
C GLN X 490 57.22 -40.18 40.89
N ALA X 491 58.15 -40.20 39.96
CA ALA X 491 58.19 -39.17 38.92
C ALA X 491 59.13 -39.56 37.79
N PRO X 492 58.87 -39.14 36.54
CA PRO X 492 59.76 -39.25 35.41
C PRO X 492 60.79 -38.15 35.50
N ALA X 493 61.93 -38.37 34.88
CA ALA X 493 62.87 -37.28 34.82
C ALA X 493 62.25 -36.10 34.09
N SER X 494 62.51 -34.90 34.60
CA SER X 494 62.11 -33.63 34.02
C SER X 494 60.62 -33.46 33.73
N ARG X 495 59.77 -34.27 34.36
CA ARG X 495 58.31 -34.20 34.20
C ARG X 495 57.81 -34.62 32.81
N ILE X 496 58.71 -35.03 31.92
CA ILE X 496 58.30 -35.36 30.57
C ILE X 496 59.28 -36.27 29.89
N GLN X 497 58.73 -37.19 29.12
CA GLN X 497 59.61 -38.12 28.41
C GLN X 497 58.99 -38.75 27.20
N SER X 498 59.82 -39.36 26.39
CA SER X 498 59.29 -40.12 25.29
C SER X 498 58.45 -41.25 25.86
N GLY X 499 57.31 -41.48 25.25
CA GLY X 499 56.42 -42.54 25.65
C GLY X 499 56.73 -43.82 24.91
N MET X 500 57.74 -43.77 24.07
CA MET X 500 58.07 -44.94 23.31
C MET X 500 58.88 -45.82 24.20
N PRO X 501 58.83 -47.12 24.03
CA PRO X 501 59.69 -48.00 24.73
C PRO X 501 61.08 -47.72 24.26
N SER X 502 61.99 -47.81 25.17
CA SER X 502 63.42 -47.67 24.95
C SER X 502 64.13 -48.54 25.90
N ILE X 503 65.31 -48.95 25.52
CA ILE X 503 66.06 -49.80 26.41
C ILE X 503 66.27 -49.13 27.75
N LEU X 504 66.37 -47.80 27.77
CA LEU X 504 66.61 -47.10 29.02
C LEU X 504 65.38 -46.86 29.86
N ASN X 505 64.21 -47.22 29.37
CA ASN X 505 63.03 -47.01 30.17
C ASN X 505 62.16 -48.24 30.23
N SER X 506 62.52 -49.29 29.52
CA SER X 506 61.68 -50.45 29.52
C SER X 506 62.35 -51.81 29.62
N LEU X 507 63.66 -51.95 29.41
CA LEU X 507 64.09 -53.33 29.35
C LEU X 507 64.06 -54.00 30.69
N GLY X 508 63.17 -54.99 30.82
CA GLY X 508 62.99 -55.68 32.09
C GLY X 508 62.29 -54.83 33.14
N LYS X 509 61.61 -53.77 32.72
CA LYS X 509 61.00 -52.85 33.65
C LYS X 509 59.47 -52.76 33.72
N ASN X 510 58.73 -53.30 32.76
CA ASN X 510 57.27 -53.10 32.70
C ASN X 510 56.43 -54.02 33.58
N ALA X 511 55.88 -53.45 34.65
CA ALA X 511 55.11 -54.13 35.70
C ALA X 511 53.89 -54.88 35.22
N TYR X 512 53.43 -54.53 34.02
CA TYR X 512 52.21 -55.13 33.42
C TYR X 512 52.52 -56.55 32.92
N PHE X 513 53.81 -56.94 32.93
CA PHE X 513 54.17 -58.24 32.46
C PHE X 513 55.32 -58.84 33.24
N ARG X 514 55.29 -60.16 33.42
CA ARG X 514 56.39 -60.87 34.13
C ARG X 514 56.74 -62.17 33.38
N ARG X 515 58.02 -62.38 33.06
CA ARG X 515 58.40 -63.57 32.33
C ARG X 515 59.33 -64.45 33.12
N VAL X 516 59.18 -65.74 32.86
CA VAL X 516 59.98 -66.80 33.45
C VAL X 516 60.42 -67.81 32.40
N TYR X 517 61.68 -68.20 32.45
CA TYR X 517 62.18 -69.22 31.53
C TYR X 517 61.89 -70.55 32.14
N VAL X 518 61.65 -71.55 31.32
CA VAL X 518 61.38 -72.83 31.92
C VAL X 518 62.35 -73.89 31.45
N LYS X 519 62.76 -74.73 32.37
CA LYS X 519 63.67 -75.81 32.08
C LYS X 519 63.22 -77.09 32.75
N GLY X 520 63.78 -78.21 32.31
CA GLY X 520 63.46 -79.49 32.94
C GLY X 520 62.17 -80.13 32.43
N ILE X 521 61.55 -79.52 31.42
CA ILE X 521 60.30 -80.04 30.90
C ILE X 521 60.56 -81.32 30.11
N ALA Y 66 8.88 -74.20 -158.54
CA ALA Y 66 8.71 -75.02 -157.35
C ALA Y 66 7.84 -74.31 -156.32
N GLU Y 67 7.32 -75.07 -155.37
CA GLU Y 67 6.44 -74.51 -154.35
C GLU Y 67 7.24 -73.81 -153.25
N ILE Y 68 7.83 -72.68 -153.60
CA ILE Y 68 8.65 -71.94 -152.65
C ILE Y 68 7.98 -70.67 -152.17
N GLY Y 69 7.65 -70.67 -150.88
CA GLY Y 69 6.99 -69.56 -150.24
C GLY Y 69 7.92 -68.36 -150.20
N GLY Y 70 9.18 -68.62 -149.86
CA GLY Y 70 10.14 -67.54 -149.80
C GLY Y 70 10.48 -67.12 -148.40
N ASP Y 71 11.51 -66.31 -148.31
CA ASP Y 71 12.06 -65.89 -147.05
C ASP Y 71 12.85 -64.60 -147.14
N HIS Y 72 13.44 -64.20 -146.02
CA HIS Y 72 14.26 -63.02 -145.97
C HIS Y 72 15.66 -63.50 -145.61
N GLY Y 73 16.61 -62.60 -145.59
CA GLY Y 73 17.98 -62.93 -145.19
C GLY Y 73 18.24 -62.60 -143.74
N TYR Y 74 17.17 -62.60 -142.89
CA TYR Y 74 17.23 -62.17 -141.50
C TYR Y 74 17.62 -60.68 -141.43
N ASN Y 75 17.39 -60.02 -142.57
CA ASN Y 75 17.61 -58.62 -142.87
C ASN Y 75 16.40 -57.79 -142.54
N ALA Y 76 16.54 -56.93 -141.54
CA ALA Y 76 15.43 -56.15 -141.05
C ALA Y 76 14.72 -55.33 -142.09
N THR Y 77 15.44 -54.83 -143.09
CA THR Y 77 14.79 -54.00 -144.07
C THR Y 77 13.71 -54.76 -144.80
N ASN Y 78 14.08 -55.96 -145.24
CA ASN Y 78 13.18 -56.76 -146.03
C ASN Y 78 12.07 -57.31 -145.17
N ILE Y 79 12.40 -57.62 -143.92
CA ILE Y 79 11.40 -58.17 -143.05
C ILE Y 79 10.37 -57.11 -142.81
N ALA Y 80 10.81 -55.93 -142.42
CA ALA Y 80 9.93 -54.84 -142.12
C ALA Y 80 9.08 -54.45 -143.31
N ALA Y 81 9.67 -54.52 -144.49
CA ALA Y 81 9.03 -54.15 -145.73
C ALA Y 81 8.12 -55.22 -146.34
N GLY Y 82 8.01 -56.41 -145.74
CA GLY Y 82 7.14 -57.43 -146.33
C GLY Y 82 7.68 -58.06 -147.63
N GLN Y 83 8.98 -58.08 -147.80
CA GLN Y 83 9.54 -58.61 -149.04
C GLN Y 83 9.66 -60.10 -149.03
N THR Y 84 10.08 -60.69 -150.13
CA THR Y 84 10.29 -62.13 -150.12
C THR Y 84 11.14 -62.59 -151.27
N SER Y 85 11.88 -63.65 -151.01
CA SER Y 85 12.67 -64.35 -152.00
C SER Y 85 11.84 -65.33 -152.85
N GLY Y 86 10.60 -65.57 -152.47
CA GLY Y 86 9.74 -66.54 -153.17
C GLY Y 86 8.43 -65.93 -153.64
N ALA Y 87 7.39 -66.77 -153.66
CA ALA Y 87 6.08 -66.38 -154.17
C ALA Y 87 5.21 -65.60 -153.19
N VAL Y 88 5.38 -65.83 -151.90
CA VAL Y 88 4.45 -65.22 -150.99
C VAL Y 88 4.81 -63.83 -150.60
N THR Y 89 4.22 -62.90 -151.32
CA THR Y 89 4.40 -61.49 -151.05
C THR Y 89 3.86 -61.31 -149.64
N GLN Y 90 4.59 -60.61 -148.78
CA GLN Y 90 4.16 -60.44 -147.41
C GLN Y 90 3.65 -59.03 -147.26
N ILE Y 91 3.11 -58.71 -146.10
CA ILE Y 91 2.66 -57.35 -145.89
C ILE Y 91 3.66 -56.61 -145.02
N GLY Y 92 3.98 -57.23 -143.90
CA GLY Y 92 4.90 -56.71 -142.93
C GLY Y 92 4.88 -57.68 -141.75
N PRO Y 93 5.77 -57.51 -140.78
CA PRO Y 93 5.85 -58.33 -139.61
C PRO Y 93 4.72 -58.12 -138.61
N ALA Y 94 4.42 -59.16 -137.88
CA ALA Y 94 3.40 -59.15 -136.82
C ALA Y 94 3.83 -58.32 -135.63
N VAL Y 95 2.91 -57.64 -134.99
CA VAL Y 95 3.28 -56.83 -133.84
C VAL Y 95 3.36 -57.58 -132.51
N MET Y 96 4.53 -57.44 -131.86
CA MET Y 96 4.87 -58.03 -130.57
C MET Y 96 4.63 -57.04 -129.44
N GLY Y 97 4.21 -55.85 -129.80
CA GLY Y 97 3.97 -54.77 -128.84
C GLY Y 97 5.06 -53.72 -128.89
N MET Y 98 5.14 -52.92 -127.82
CA MET Y 98 6.10 -51.83 -127.77
C MET Y 98 6.64 -51.64 -126.35
N VAL Y 99 7.87 -51.16 -126.25
CA VAL Y 99 8.54 -50.94 -124.97
C VAL Y 99 9.10 -49.52 -124.80
N ARG Y 100 8.88 -48.89 -123.66
CA ARG Y 100 9.48 -47.58 -123.43
C ARG Y 100 10.30 -47.66 -122.16
N ARG Y 101 11.24 -46.75 -121.98
CA ARG Y 101 12.02 -46.77 -120.76
C ARG Y 101 11.29 -46.15 -119.58
N ALA Y 102 11.63 -46.64 -118.38
CA ALA Y 102 11.12 -46.09 -117.14
C ALA Y 102 11.89 -44.85 -116.71
N ILE Y 103 11.19 -43.98 -115.99
CA ILE Y 103 11.78 -42.80 -115.40
C ILE Y 103 12.43 -43.11 -114.05
N PRO Y 104 13.68 -42.68 -113.80
CA PRO Y 104 14.45 -42.88 -112.57
C PRO Y 104 13.89 -42.14 -111.36
N ASN Y 105 14.25 -42.65 -110.18
CA ASN Y 105 13.84 -42.13 -108.88
C ASN Y 105 14.78 -41.04 -108.35
N LEU Y 106 14.25 -40.16 -107.51
CA LEU Y 106 15.04 -39.09 -106.90
C LEU Y 106 15.05 -39.04 -105.39
N ILE Y 107 16.15 -38.55 -104.83
CA ILE Y 107 16.24 -38.27 -103.39
C ILE Y 107 15.80 -36.84 -103.32
N ALA Y 108 14.54 -36.56 -103.06
CA ALA Y 108 14.10 -35.20 -103.36
C ALA Y 108 14.80 -34.11 -102.57
N PHE Y 109 14.40 -33.90 -101.33
CA PHE Y 109 15.02 -32.87 -100.54
C PHE Y 109 15.11 -33.43 -99.16
N ASP Y 110 15.29 -34.73 -99.12
CA ASP Y 110 15.24 -35.50 -97.90
C ASP Y 110 16.20 -35.03 -96.83
N ILE Y 111 17.35 -34.51 -97.22
CA ILE Y 111 18.34 -34.05 -96.28
C ILE Y 111 18.60 -32.58 -96.46
N CYS Y 112 17.65 -31.88 -97.04
CA CYS Y 112 17.86 -30.47 -97.31
C CYS Y 112 16.81 -29.61 -96.66
N GLY Y 113 17.12 -28.35 -96.48
CA GLY Y 113 16.08 -27.47 -95.98
C GLY Y 113 15.33 -27.01 -97.20
N VAL Y 114 14.24 -26.29 -97.00
CA VAL Y 114 13.49 -25.77 -98.09
C VAL Y 114 13.42 -24.27 -97.99
N GLN Y 115 12.91 -23.79 -96.89
CA GLN Y 115 12.69 -22.36 -96.71
C GLN Y 115 11.95 -21.83 -97.91
N PRO Y 116 10.67 -22.24 -98.11
CA PRO Y 116 9.86 -21.95 -99.26
C PRO Y 116 9.94 -20.50 -99.56
N MET Y 117 9.98 -20.17 -100.83
CA MET Y 117 10.16 -18.81 -101.18
C MET Y 117 8.87 -18.03 -101.19
N ASN Y 118 8.51 -17.52 -100.03
CA ASN Y 118 7.25 -16.78 -99.91
C ASN Y 118 7.23 -15.59 -100.84
N SER Y 119 8.41 -15.03 -101.08
CA SER Y 119 8.60 -13.93 -101.99
C SER Y 119 10.00 -14.17 -102.52
N PRO Y 120 10.32 -13.76 -103.75
CA PRO Y 120 11.54 -14.08 -104.41
C PRO Y 120 12.73 -13.45 -103.79
N THR Y 121 13.88 -14.10 -103.93
CA THR Y 121 15.12 -13.49 -103.54
C THR Y 121 15.15 -12.93 -102.10
N GLY Y 122 14.87 -13.78 -101.12
CA GLY Y 122 14.88 -13.38 -99.70
C GLY Y 122 16.29 -13.32 -99.10
N GLN Y 123 16.37 -13.19 -97.76
CA GLN Y 123 17.64 -13.06 -97.02
C GLN Y 123 17.69 -13.82 -95.71
N VAL Y 124 18.92 -14.09 -95.27
CA VAL Y 124 19.16 -14.80 -94.02
C VAL Y 124 20.18 -14.14 -93.08
N PHE Y 125 19.89 -14.20 -91.79
CA PHE Y 125 20.78 -13.71 -90.76
C PHE Y 125 21.42 -14.78 -89.93
N ALA Y 126 22.50 -14.41 -89.29
CA ALA Y 126 23.19 -15.30 -88.40
C ALA Y 126 23.96 -14.46 -87.40
N LEU Y 127 24.37 -15.05 -86.29
CA LEU Y 127 25.15 -14.24 -85.37
C LEU Y 127 26.30 -14.96 -84.68
N ARG Y 128 27.48 -14.31 -84.73
CA ARG Y 128 28.71 -14.84 -84.11
C ARG Y 128 29.18 -13.88 -83.00
N ALA Y 129 29.38 -14.42 -81.80
CA ALA Y 129 29.83 -13.66 -80.63
C ALA Y 129 31.30 -13.38 -80.87
N VAL Y 130 31.76 -12.18 -80.59
CA VAL Y 130 33.14 -11.80 -80.90
C VAL Y 130 33.87 -11.11 -79.77
N TYR Y 131 35.19 -11.01 -79.89
CA TYR Y 131 35.95 -10.30 -78.88
C TYR Y 131 37.24 -9.67 -79.34
N GLY Y 132 37.76 -8.77 -78.48
CA GLY Y 132 39.01 -8.05 -78.74
C GLY Y 132 38.80 -6.54 -78.94
N LYS Y 133 37.76 -6.00 -78.30
CA LYS Y 133 37.37 -4.57 -78.31
C LYS Y 133 36.85 -3.98 -79.62
N ASP Y 134 36.73 -4.75 -80.67
CA ASP Y 134 36.24 -4.19 -81.91
C ASP Y 134 35.59 -5.25 -82.74
N PRO Y 135 34.28 -5.42 -82.69
CA PRO Y 135 33.60 -6.45 -83.41
C PRO Y 135 33.98 -6.51 -84.88
N VAL Y 136 34.33 -5.38 -85.50
CA VAL Y 136 34.67 -5.47 -86.90
C VAL Y 136 36.12 -5.15 -87.10
N ALA Y 137 36.95 -6.16 -87.19
CA ALA Y 137 38.37 -5.90 -87.30
C ALA Y 137 39.12 -7.08 -87.85
N ALA Y 138 40.20 -6.80 -88.52
CA ALA Y 138 41.04 -7.90 -88.91
C ALA Y 138 41.54 -8.50 -87.63
N GLY Y 139 41.58 -9.81 -87.57
CA GLY Y 139 42.11 -10.47 -86.39
C GLY Y 139 41.11 -10.59 -85.25
N ALA Y 140 39.88 -10.08 -85.44
CA ALA Y 140 38.87 -10.18 -84.40
C ALA Y 140 38.65 -11.66 -84.15
N LYS Y 141 38.35 -12.04 -82.92
CA LYS Y 141 38.13 -13.45 -82.65
C LYS Y 141 36.68 -13.79 -82.37
N GLU Y 142 36.28 -15.02 -82.72
CA GLU Y 142 34.91 -15.49 -82.44
C GLU Y 142 34.88 -16.22 -81.11
N ALA Y 143 34.06 -15.72 -80.19
CA ALA Y 143 34.00 -16.22 -78.82
C ALA Y 143 33.66 -17.68 -78.75
N PHE Y 144 32.77 -18.12 -79.60
CA PHE Y 144 32.35 -19.48 -79.50
C PHE Y 144 32.57 -20.33 -80.74
N HIS Y 145 33.60 -20.08 -81.54
CA HIS Y 145 33.69 -20.98 -82.68
C HIS Y 145 33.87 -22.39 -82.09
N PRO Y 146 33.07 -23.39 -82.48
CA PRO Y 146 33.13 -24.72 -81.91
C PRO Y 146 34.44 -25.47 -82.04
N MET Y 147 35.27 -25.12 -83.01
CA MET Y 147 36.53 -25.85 -83.15
C MET Y 147 37.68 -25.21 -82.45
N TYR Y 148 37.47 -24.05 -81.83
CA TYR Y 148 38.60 -23.33 -81.20
C TYR Y 148 38.42 -23.25 -79.69
N GLY Y 149 39.51 -23.45 -78.93
CA GLY Y 149 39.38 -23.36 -77.50
C GLY Y 149 39.13 -21.91 -77.14
N PRO Y 150 38.58 -21.66 -75.97
CA PRO Y 150 38.32 -20.36 -75.46
C PRO Y 150 39.64 -19.72 -75.16
N ASP Y 151 39.73 -18.41 -75.27
CA ASP Y 151 40.98 -17.79 -74.95
C ASP Y 151 41.03 -17.68 -73.46
N ALA Y 152 41.52 -18.72 -72.81
CA ALA Y 152 41.46 -18.79 -71.36
C ALA Y 152 42.14 -17.62 -70.68
N MET Y 153 43.20 -17.09 -71.25
CA MET Y 153 43.83 -16.02 -70.52
C MET Y 153 43.20 -14.67 -70.82
N PHE Y 154 42.11 -14.66 -71.57
CA PHE Y 154 41.42 -13.43 -71.87
C PHE Y 154 40.80 -12.89 -70.59
N SER Y 155 39.98 -13.68 -69.86
CA SER Y 155 39.44 -13.15 -68.60
C SER Y 155 40.42 -13.39 -67.48
N GLY Y 156 41.40 -14.27 -67.69
CA GLY Y 156 42.38 -14.64 -66.68
C GLY Y 156 43.63 -13.77 -66.68
N GLN Y 157 44.78 -14.36 -66.39
CA GLN Y 157 46.04 -13.60 -66.21
C GLN Y 157 46.39 -12.71 -67.40
N GLY Y 158 46.06 -13.15 -68.60
CA GLY Y 158 46.34 -12.40 -69.83
C GLY Y 158 45.61 -11.07 -69.86
N ALA Y 159 44.61 -10.91 -68.99
CA ALA Y 159 43.91 -9.68 -68.87
C ALA Y 159 44.90 -8.61 -68.42
N ALA Y 160 45.86 -9.03 -67.59
CA ALA Y 160 46.84 -8.14 -67.02
C ALA Y 160 48.11 -8.04 -67.86
N LYS Y 161 48.56 -9.15 -68.44
CA LYS Y 161 49.83 -9.10 -69.17
C LYS Y 161 49.82 -9.85 -70.48
N LYS Y 162 50.68 -9.42 -71.38
CA LYS Y 162 50.85 -10.14 -72.62
C LYS Y 162 51.85 -11.26 -72.43
N PHE Y 163 51.75 -12.26 -73.28
CA PHE Y 163 52.69 -13.36 -73.30
C PHE Y 163 53.45 -13.29 -74.60
N PRO Y 164 54.72 -13.69 -74.65
CA PRO Y 164 55.51 -13.74 -75.85
C PRO Y 164 54.93 -14.78 -76.75
N ALA Y 165 54.99 -14.54 -78.04
CA ALA Y 165 54.52 -15.53 -78.96
C ALA Y 165 55.57 -16.59 -79.14
N LEU Y 166 55.13 -17.79 -79.42
CA LEU Y 166 56.02 -18.86 -79.77
C LEU Y 166 56.18 -18.84 -81.28
N ALA Y 167 57.38 -19.10 -81.78
CA ALA Y 167 57.55 -19.13 -83.23
C ALA Y 167 58.68 -20.05 -83.61
N ALA Y 168 58.73 -20.44 -84.88
CA ALA Y 168 59.80 -21.32 -85.28
C ALA Y 168 61.12 -20.66 -85.00
N SER Y 169 62.04 -21.47 -84.48
CA SER Y 169 63.42 -21.13 -84.15
C SER Y 169 63.59 -20.41 -82.82
N THR Y 170 62.49 -20.00 -82.18
CA THR Y 170 62.65 -19.25 -80.96
C THR Y 170 62.91 -20.17 -79.81
N GLN Y 171 63.32 -19.58 -78.70
CA GLN Y 171 63.56 -20.33 -77.49
C GLN Y 171 62.43 -20.26 -76.52
N THR Y 172 62.10 -21.42 -75.97
CA THR Y 172 61.12 -21.44 -74.93
C THR Y 172 61.90 -21.45 -73.64
N THR Y 173 61.76 -20.36 -72.89
CA THR Y 173 62.47 -20.08 -71.66
C THR Y 173 61.84 -20.81 -70.53
N VAL Y 174 62.63 -21.62 -69.85
CA VAL Y 174 62.02 -22.41 -68.80
C VAL Y 174 61.40 -21.57 -67.71
N GLY Y 175 60.16 -21.94 -67.43
CA GLY Y 175 59.27 -21.35 -66.46
C GLY Y 175 58.35 -20.31 -67.07
N ASP Y 176 58.65 -19.84 -68.28
CA ASP Y 176 57.77 -18.85 -68.85
C ASP Y 176 56.62 -19.51 -69.59
N ILE Y 177 55.73 -18.68 -70.14
CA ILE Y 177 54.59 -19.15 -70.90
C ILE Y 177 54.52 -18.49 -72.25
N TYR Y 178 54.52 -19.32 -73.30
CA TYR Y 178 54.50 -18.79 -74.69
C TYR Y 178 53.11 -19.00 -75.31
N THR Y 179 52.66 -18.00 -76.08
CA THR Y 179 51.38 -18.07 -76.75
C THR Y 179 51.47 -18.36 -78.23
N HIS Y 180 50.53 -19.18 -78.68
CA HIS Y 180 50.45 -19.56 -80.07
C HIS Y 180 49.01 -19.82 -80.50
N PHE Y 181 48.82 -20.15 -81.76
CA PHE Y 181 47.51 -20.47 -82.28
C PHE Y 181 47.62 -21.59 -83.28
N PHE Y 182 47.08 -22.74 -82.97
CA PHE Y 182 47.18 -23.86 -83.87
C PHE Y 182 46.17 -23.73 -84.99
N GLN Y 183 46.52 -24.22 -86.17
CA GLN Y 183 45.56 -24.11 -87.28
C GLN Y 183 44.20 -24.66 -86.85
N GLU Y 184 44.23 -25.81 -86.18
CA GLU Y 184 43.06 -26.43 -85.58
C GLU Y 184 43.19 -26.16 -84.11
N THR Y 185 42.08 -25.92 -83.41
CA THR Y 185 41.97 -25.66 -81.96
C THR Y 185 42.43 -24.27 -81.51
N GLY Y 186 43.17 -23.57 -82.36
CA GLY Y 186 43.57 -22.20 -82.11
C GLY Y 186 44.42 -21.93 -80.92
N THR Y 187 43.96 -21.01 -80.09
CA THR Y 187 44.70 -20.53 -78.94
C THR Y 187 45.39 -21.61 -78.14
N VAL Y 188 46.69 -21.37 -77.97
CA VAL Y 188 47.63 -22.23 -77.26
C VAL Y 188 48.41 -21.47 -76.20
N TYR Y 189 48.44 -21.97 -74.98
CA TYR Y 189 49.32 -21.37 -73.97
C TYR Y 189 50.17 -22.44 -73.35
N LEU Y 190 51.49 -22.33 -73.51
CA LEU Y 190 52.36 -23.39 -73.03
C LEU Y 190 53.46 -22.96 -72.12
N GLN Y 191 53.51 -23.60 -70.95
CA GLN Y 191 54.55 -23.27 -70.02
C GLN Y 191 55.75 -24.12 -70.39
N ALA Y 192 56.91 -23.50 -70.38
CA ALA Y 192 58.14 -24.18 -70.70
C ALA Y 192 58.73 -24.92 -69.52
N SER Y 193 58.76 -26.24 -69.61
CA SER Y 193 59.32 -27.04 -68.54
C SER Y 193 60.76 -27.32 -68.91
N VAL Y 194 60.99 -27.36 -70.21
CA VAL Y 194 62.30 -27.65 -70.77
C VAL Y 194 62.71 -26.55 -71.73
N GLN Y 195 63.99 -26.18 -71.66
CA GLN Y 195 64.51 -25.16 -72.55
C GLN Y 195 64.62 -25.74 -73.93
N VAL Y 196 63.88 -25.20 -74.88
CA VAL Y 196 63.87 -25.81 -76.21
C VAL Y 196 63.89 -24.82 -77.38
N THR Y 197 64.64 -25.17 -78.44
CA THR Y 197 64.57 -24.39 -79.67
C THR Y 197 63.44 -25.00 -80.48
N ILE Y 198 62.43 -24.23 -80.84
CA ILE Y 198 61.34 -24.90 -81.52
C ILE Y 198 61.52 -24.98 -83.02
N ASP Y 199 62.08 -26.09 -83.47
CA ASP Y 199 62.32 -26.36 -84.90
C ASP Y 199 62.68 -25.16 -85.74
N ALA Y 200 63.92 -24.77 -85.71
CA ALA Y 200 64.34 -23.65 -86.53
C ALA Y 200 64.10 -23.91 -88.02
N GLY Y 201 63.92 -25.17 -88.44
CA GLY Y 201 63.69 -25.45 -89.84
C GLY Y 201 62.22 -25.32 -90.22
N ALA Y 202 61.37 -25.02 -89.25
CA ALA Y 202 59.96 -24.87 -89.50
C ALA Y 202 59.71 -23.48 -90.02
N THR Y 203 58.69 -23.34 -90.83
CA THR Y 203 58.27 -22.05 -91.34
C THR Y 203 56.81 -21.88 -90.99
N ASP Y 204 55.96 -22.41 -91.86
CA ASP Y 204 54.52 -22.37 -91.70
C ASP Y 204 54.04 -23.20 -90.52
N ALA Y 205 52.84 -22.86 -90.06
CA ALA Y 205 52.13 -23.52 -88.98
C ALA Y 205 51.94 -24.98 -89.29
N ALA Y 206 51.80 -25.33 -90.56
CA ALA Y 206 51.61 -26.72 -90.94
C ALA Y 206 52.75 -27.58 -90.41
N LYS Y 207 53.93 -27.01 -90.23
CA LYS Y 207 55.06 -27.76 -89.73
C LYS Y 207 55.32 -27.40 -88.27
N LEU Y 208 55.18 -26.11 -87.95
CA LEU Y 208 55.47 -25.68 -86.60
C LEU Y 208 54.53 -26.31 -85.60
N ASP Y 209 53.24 -26.37 -85.92
CA ASP Y 209 52.30 -26.92 -84.99
C ASP Y 209 52.68 -28.34 -84.65
N ALA Y 210 53.20 -29.08 -85.64
CA ALA Y 210 53.59 -30.44 -85.39
C ALA Y 210 54.72 -30.48 -84.39
N GLU Y 211 55.70 -29.60 -84.53
CA GLU Y 211 56.81 -29.62 -83.59
C GLU Y 211 56.33 -29.27 -82.22
N ILE Y 212 55.41 -28.33 -82.14
CA ILE Y 212 54.93 -27.92 -80.85
C ILE Y 212 54.28 -29.10 -80.19
N LYS Y 213 53.42 -29.80 -80.93
CA LYS Y 213 52.77 -30.97 -80.36
C LYS Y 213 53.78 -32.02 -79.92
N LYS Y 214 54.86 -32.20 -80.67
CA LYS Y 214 55.87 -33.17 -80.28
C LYS Y 214 56.49 -32.77 -78.95
N GLN Y 215 56.78 -31.48 -78.79
CA GLN Y 215 57.34 -30.97 -77.56
C GLN Y 215 56.34 -31.07 -76.42
N MET Y 216 55.06 -30.90 -76.74
CA MET Y 216 54.04 -31.08 -75.73
C MET Y 216 54.03 -32.55 -75.29
N GLU Y 217 54.05 -33.45 -76.26
CA GLU Y 217 54.04 -34.87 -75.99
C GLU Y 217 55.23 -35.24 -75.12
N ALA Y 218 56.36 -34.62 -75.43
CA ALA Y 218 57.62 -34.79 -74.74
C ALA Y 218 57.59 -34.29 -73.32
N GLY Y 219 56.59 -33.48 -72.98
CA GLY Y 219 56.47 -32.87 -71.68
C GLY Y 219 57.26 -31.58 -71.56
N ALA Y 220 57.83 -31.12 -72.69
CA ALA Y 220 58.64 -29.90 -72.72
C ALA Y 220 57.75 -28.68 -72.57
N LEU Y 221 56.58 -28.77 -73.18
CA LEU Y 221 55.60 -27.70 -73.19
C LEU Y 221 54.27 -28.15 -72.64
N VAL Y 222 53.76 -27.45 -71.63
CA VAL Y 222 52.50 -27.91 -71.04
C VAL Y 222 51.36 -26.92 -71.17
N GLU Y 223 50.21 -27.41 -71.62
CA GLU Y 223 49.05 -26.54 -71.78
C GLU Y 223 48.63 -26.00 -70.43
N ILE Y 224 48.56 -24.68 -70.35
CA ILE Y 224 48.26 -23.97 -69.11
C ILE Y 224 47.26 -22.82 -69.26
N ALA Y 225 46.54 -22.57 -68.18
CA ALA Y 225 45.66 -21.43 -68.08
C ALA Y 225 45.66 -21.03 -66.64
N GLU Y 226 45.44 -19.75 -66.37
CA GLU Y 226 45.36 -19.30 -65.00
C GLU Y 226 44.66 -17.97 -64.90
N GLY Y 227 44.10 -17.67 -63.72
CA GLY Y 227 43.48 -16.38 -63.44
C GLY Y 227 44.56 -15.40 -63.04
N MET Y 228 44.16 -14.19 -62.68
CA MET Y 228 45.09 -13.14 -62.31
C MET Y 228 45.55 -13.18 -60.91
N ALA Y 229 46.83 -12.85 -60.74
CA ALA Y 229 47.37 -12.72 -59.41
C ALA Y 229 46.48 -11.76 -58.68
N THR Y 230 46.19 -12.07 -57.42
CA THR Y 230 45.26 -11.28 -56.61
C THR Y 230 45.65 -9.86 -56.33
N SER Y 231 46.86 -9.47 -56.63
CA SER Y 231 47.23 -8.09 -56.42
C SER Y 231 46.34 -7.18 -57.26
N ILE Y 232 45.80 -7.68 -58.37
CA ILE Y 232 44.91 -6.83 -59.15
C ILE Y 232 43.66 -6.43 -58.39
N ALA Y 233 43.18 -7.30 -57.49
CA ALA Y 233 41.98 -7.05 -56.70
C ALA Y 233 42.17 -5.84 -55.80
N GLU Y 234 43.42 -5.62 -55.36
CA GLU Y 234 43.75 -4.53 -54.47
C GLU Y 234 43.51 -3.20 -55.14
N LEU Y 235 43.47 -3.21 -56.47
CA LEU Y 235 43.22 -2.01 -57.21
C LEU Y 235 41.77 -2.04 -57.68
N GLN Y 236 41.35 -3.15 -58.29
CA GLN Y 236 40.02 -3.21 -58.90
C GLN Y 236 38.86 -2.97 -57.98
N GLU Y 237 38.93 -3.44 -56.76
CA GLU Y 237 37.79 -3.24 -55.88
C GLU Y 237 37.52 -1.76 -55.62
N GLY Y 238 38.54 -0.92 -55.72
CA GLY Y 238 38.40 0.50 -55.44
C GLY Y 238 38.10 1.34 -56.68
N PHE Y 239 37.93 0.65 -57.81
CA PHE Y 239 37.62 1.28 -59.12
C PHE Y 239 36.23 1.92 -59.08
N ASN Y 240 35.17 1.10 -59.09
CA ASN Y 240 35.22 -0.36 -59.01
C ASN Y 240 34.83 -0.97 -60.36
N GLY Y 241 34.78 -0.13 -61.39
CA GLY Y 241 34.44 -0.45 -62.76
C GLY Y 241 35.57 -0.07 -63.70
N SER Y 242 35.31 0.98 -64.51
CA SER Y 242 36.24 1.51 -65.51
C SER Y 242 37.55 1.93 -64.87
N THR Y 243 38.64 1.72 -65.63
CA THR Y 243 39.99 2.01 -65.15
C THR Y 243 41.14 2.23 -66.13
N ASP Y 244 42.34 2.40 -65.53
CA ASP Y 244 43.63 2.60 -66.19
C ASP Y 244 44.42 1.29 -66.29
N ASN Y 245 43.75 0.23 -65.87
CA ASN Y 245 44.21 -1.15 -65.88
C ASN Y 245 43.13 -1.90 -66.66
N PRO Y 246 43.04 -1.67 -67.97
CA PRO Y 246 41.90 -1.97 -68.81
C PRO Y 246 41.55 -3.42 -68.88
N TRP Y 247 40.24 -3.68 -68.90
CA TRP Y 247 39.72 -5.07 -68.90
C TRP Y 247 39.24 -5.49 -70.30
N ASN Y 248 39.67 -6.68 -70.73
CA ASN Y 248 39.31 -7.27 -71.99
C ASN Y 248 37.82 -7.12 -72.26
N GLU Y 249 37.51 -6.76 -73.51
CA GLU Y 249 36.13 -6.54 -73.93
C GLU Y 249 35.66 -7.53 -74.98
N MET Y 250 34.46 -8.02 -74.71
CA MET Y 250 33.75 -9.01 -75.51
C MET Y 250 32.29 -8.66 -75.76
N GLY Y 251 31.78 -9.08 -76.91
CA GLY Y 251 30.40 -8.84 -77.34
C GLY Y 251 30.04 -9.68 -78.54
N PHE Y 252 29.34 -9.10 -79.50
CA PHE Y 252 28.90 -9.81 -80.70
C PHE Y 252 28.87 -8.91 -81.91
N ARG Y 253 28.78 -9.50 -83.10
CA ARG Y 253 28.70 -8.59 -84.23
C ARG Y 253 27.37 -8.71 -85.01
N ILE Y 254 27.31 -9.55 -86.04
CA ILE Y 254 26.11 -9.73 -86.88
C ILE Y 254 26.58 -10.56 -88.03
N ASP Y 255 25.68 -11.08 -88.83
CA ASP Y 255 26.11 -11.77 -90.03
C ASP Y 255 24.87 -11.84 -90.96
N LYS Y 256 25.03 -11.55 -92.26
CA LYS Y 256 23.87 -11.65 -93.17
C LYS Y 256 24.24 -11.93 -94.62
N GLN Y 257 23.39 -12.72 -95.28
CA GLN Y 257 23.54 -12.97 -96.70
C GLN Y 257 22.22 -12.99 -97.45
N VAL Y 258 22.31 -13.15 -98.76
CA VAL Y 258 21.10 -13.25 -99.59
C VAL Y 258 21.02 -14.47 -100.50
N ILE Y 259 19.81 -14.76 -100.96
CA ILE Y 259 19.57 -15.84 -101.91
C ILE Y 259 18.89 -15.23 -103.11
N GLU Y 260 19.03 -15.88 -104.27
CA GLU Y 260 18.42 -15.38 -105.54
C GLU Y 260 17.54 -16.49 -106.13
N ALA Y 261 16.36 -16.13 -106.62
CA ALA Y 261 15.45 -17.13 -107.19
C ALA Y 261 15.86 -17.66 -108.55
N LYS Y 262 16.97 -18.38 -108.60
CA LYS Y 262 17.44 -18.90 -109.88
C LYS Y 262 16.39 -19.81 -110.53
N SER Y 263 16.21 -19.56 -111.84
CA SER Y 263 15.25 -20.16 -112.75
C SER Y 263 15.76 -21.23 -113.72
N ARG Y 264 14.80 -21.89 -114.37
CA ARG Y 264 15.03 -22.85 -115.44
C ARG Y 264 13.73 -23.18 -116.19
N GLN Y 265 13.86 -23.56 -117.47
CA GLN Y 265 12.67 -23.96 -118.24
C GLN Y 265 12.97 -24.79 -119.48
N LEU Y 266 11.99 -25.57 -119.94
CA LEU Y 266 12.10 -26.37 -121.19
C LEU Y 266 10.84 -26.35 -122.04
N LYS Y 267 11.01 -26.47 -123.36
CA LYS Y 267 9.88 -26.44 -124.29
C LYS Y 267 9.68 -27.74 -125.10
N ALA Y 268 8.41 -28.04 -125.45
CA ALA Y 268 8.06 -29.21 -126.27
C ALA Y 268 8.02 -28.87 -127.75
N ALA Y 269 7.32 -27.79 -128.09
CA ALA Y 269 7.24 -27.38 -129.51
C ALA Y 269 6.92 -28.54 -130.48
N TYR Y 270 5.78 -29.24 -130.33
CA TYR Y 270 5.62 -30.43 -131.18
C TYR Y 270 4.82 -30.24 -132.47
N SER Y 271 4.72 -31.33 -133.24
CA SER Y 271 4.03 -31.37 -134.53
C SER Y 271 2.62 -31.96 -134.48
N ILE Y 272 1.65 -31.20 -134.96
CA ILE Y 272 0.27 -31.65 -134.95
C ILE Y 272 0.05 -32.85 -135.80
N GLU Y 273 0.53 -32.76 -137.02
CA GLU Y 273 0.32 -33.83 -137.93
C GLU Y 273 0.96 -35.11 -137.47
N LEU Y 274 2.17 -35.02 -136.91
CA LEU Y 274 2.77 -36.27 -136.47
C LEU Y 274 1.97 -36.84 -135.31
N ALA Y 275 1.53 -35.97 -134.40
CA ALA Y 275 0.74 -36.41 -133.26
C ALA Y 275 -0.54 -37.08 -133.70
N GLN Y 276 -1.16 -36.56 -134.75
CA GLN Y 276 -2.38 -37.17 -135.22
C GLN Y 276 -2.12 -38.55 -135.80
N ASP Y 277 -1.07 -38.70 -136.61
CA ASP Y 277 -0.80 -40.01 -137.21
C ASP Y 277 -0.52 -41.03 -136.13
N LEU Y 278 0.14 -40.59 -135.09
CA LEU Y 278 0.53 -41.41 -133.97
C LEU Y 278 -0.67 -42.14 -133.36
N ARG Y 279 -1.86 -41.51 -133.35
CA ARG Y 279 -2.99 -42.18 -132.78
C ARG Y 279 -3.34 -43.46 -133.52
N ALA Y 280 -3.11 -43.48 -134.84
CA ALA Y 280 -3.41 -44.64 -135.62
C ALA Y 280 -2.33 -45.70 -135.47
N VAL Y 281 -1.10 -45.27 -135.25
CA VAL Y 281 0.01 -46.20 -135.19
C VAL Y 281 0.24 -46.77 -133.78
N HIS Y 282 0.33 -45.91 -132.75
CA HIS Y 282 0.59 -46.39 -131.40
C HIS Y 282 -0.50 -46.04 -130.38
N GLY Y 283 -1.36 -45.08 -130.71
CA GLY Y 283 -2.42 -44.63 -129.80
C GLY Y 283 -1.94 -43.57 -128.81
N MET Y 284 -0.69 -43.19 -128.93
CA MET Y 284 -0.07 -42.21 -128.08
C MET Y 284 -0.56 -40.82 -128.48
N ASP Y 285 -0.54 -39.89 -127.53
CA ASP Y 285 -1.02 -38.52 -127.71
C ASP Y 285 0.00 -37.55 -128.33
N ALA Y 286 1.26 -37.66 -127.90
CA ALA Y 286 2.39 -36.78 -128.25
C ALA Y 286 2.12 -35.38 -127.78
N ASP Y 287 1.50 -35.30 -126.64
CA ASP Y 287 1.20 -34.03 -125.99
C ASP Y 287 1.35 -34.34 -124.53
N ALA Y 288 0.42 -35.11 -123.98
CA ALA Y 288 0.54 -35.41 -122.57
C ALA Y 288 1.89 -36.07 -122.24
N GLU Y 289 2.41 -36.92 -123.12
CA GLU Y 289 3.67 -37.56 -122.86
C GLU Y 289 4.79 -36.56 -122.83
N LEU Y 290 4.73 -35.59 -123.73
CA LEU Y 290 5.77 -34.59 -123.84
C LEU Y 290 5.78 -33.76 -122.61
N SER Y 291 4.59 -33.43 -122.13
CA SER Y 291 4.44 -32.62 -120.94
C SER Y 291 5.12 -33.33 -119.79
N GLY Y 292 4.82 -34.63 -119.67
CA GLY Y 292 5.39 -35.49 -118.66
C GLY Y 292 6.90 -35.47 -118.74
N ILE Y 293 7.45 -35.67 -119.93
CA ILE Y 293 8.88 -35.71 -120.09
C ILE Y 293 9.52 -34.41 -119.68
N LEU Y 294 8.98 -33.28 -120.12
CA LEU Y 294 9.59 -32.02 -119.78
C LEU Y 294 9.58 -31.77 -118.29
N ALA Y 295 8.44 -31.97 -117.65
CA ALA Y 295 8.35 -31.70 -116.23
C ALA Y 295 9.28 -32.61 -115.47
N THR Y 296 9.36 -33.86 -115.92
CA THR Y 296 10.21 -34.84 -115.31
C THR Y 296 11.65 -34.44 -115.39
N GLU Y 297 12.10 -34.08 -116.59
CA GLU Y 297 13.50 -33.78 -116.76
C GLU Y 297 13.88 -32.61 -115.91
N ILE Y 298 13.00 -31.63 -115.82
CA ILE Y 298 13.32 -30.48 -115.02
C ILE Y 298 13.49 -30.88 -113.58
N MET Y 299 12.57 -31.65 -113.04
CA MET Y 299 12.76 -32.00 -111.65
C MET Y 299 13.97 -32.90 -111.46
N LEU Y 300 14.28 -33.77 -112.42
CA LEU Y 300 15.44 -34.62 -112.24
C LEU Y 300 16.69 -33.74 -112.21
N GLU Y 301 16.72 -32.74 -113.09
CA GLU Y 301 17.87 -31.79 -113.18
C GLU Y 301 18.02 -31.04 -111.86
N ILE Y 302 16.90 -30.60 -111.28
CA ILE Y 302 16.94 -29.88 -110.00
C ILE Y 302 17.50 -30.75 -108.93
N ASN Y 303 17.03 -31.98 -108.87
CA ASN Y 303 17.52 -32.86 -107.86
C ASN Y 303 19.02 -32.99 -107.96
N ARG Y 304 19.52 -33.17 -109.17
CA ARG Y 304 20.94 -33.30 -109.29
C ARG Y 304 21.60 -32.03 -108.90
N GLU Y 305 21.05 -30.88 -109.26
CA GLU Y 305 21.71 -29.66 -108.87
C GLU Y 305 21.98 -29.68 -107.39
N VAL Y 306 20.99 -30.06 -106.60
CA VAL Y 306 21.19 -30.09 -105.17
C VAL Y 306 22.27 -31.08 -104.78
N VAL Y 307 22.20 -32.29 -105.32
CA VAL Y 307 23.17 -33.29 -104.97
C VAL Y 307 24.59 -32.88 -105.33
N ASP Y 308 24.72 -32.34 -106.52
CA ASP Y 308 25.98 -31.90 -107.02
C ASP Y 308 26.53 -30.80 -106.15
N TRP Y 309 25.67 -29.88 -105.70
CA TRP Y 309 26.18 -28.83 -104.83
C TRP Y 309 26.65 -29.40 -103.52
N ILE Y 310 26.02 -30.47 -103.07
CA ILE Y 310 26.49 -31.05 -101.84
C ILE Y 310 27.89 -31.57 -102.04
N ASN Y 311 28.11 -32.32 -103.11
CA ASN Y 311 29.46 -32.83 -103.31
C ASN Y 311 30.45 -31.70 -103.60
N TYR Y 312 29.97 -30.67 -104.27
CA TYR Y 312 30.80 -29.55 -104.62
C TYR Y 312 31.35 -28.93 -103.36
N SER Y 313 30.44 -28.63 -102.46
CA SER Y 313 30.79 -27.96 -101.26
C SER Y 313 31.37 -28.86 -100.17
N ALA Y 314 31.15 -30.17 -100.21
CA ALA Y 314 31.65 -31.05 -99.15
C ALA Y 314 33.16 -31.03 -98.99
N GLN Y 315 33.61 -31.14 -97.74
CA GLN Y 315 35.03 -31.16 -97.42
C GLN Y 315 35.64 -32.54 -97.65
N VAL Y 316 36.95 -32.60 -97.77
CA VAL Y 316 37.61 -33.88 -97.95
C VAL Y 316 37.72 -34.62 -96.61
N GLY Y 317 37.25 -35.86 -96.57
CA GLY Y 317 37.31 -36.68 -95.37
C GLY Y 317 38.63 -37.42 -95.29
N LYS Y 318 38.81 -38.31 -94.30
CA LYS Y 318 40.09 -39.03 -94.14
C LYS Y 318 41.23 -38.09 -94.32
N SER Y 319 41.16 -37.01 -93.57
CA SER Y 319 42.06 -35.90 -93.64
C SER Y 319 42.08 -35.26 -92.29
N GLY Y 320 43.12 -34.51 -91.99
CA GLY Y 320 43.11 -33.77 -90.75
C GLY Y 320 42.88 -34.65 -89.54
N MET Y 321 41.85 -34.30 -88.81
CA MET Y 321 41.44 -34.94 -87.58
C MET Y 321 41.02 -36.38 -87.75
N THR Y 322 40.67 -36.76 -88.96
CA THR Y 322 40.19 -38.10 -89.21
C THR Y 322 41.22 -38.93 -89.96
N LEU Y 323 42.44 -38.41 -90.05
CA LEU Y 323 43.50 -39.09 -90.76
C LEU Y 323 44.52 -39.77 -89.88
N THR Y 324 44.85 -41.02 -90.18
CA THR Y 324 45.92 -41.67 -89.46
C THR Y 324 47.16 -41.39 -90.28
N PRO Y 325 48.36 -41.36 -89.68
CA PRO Y 325 49.60 -41.11 -90.36
C PRO Y 325 49.97 -42.11 -91.44
N GLY Y 326 49.44 -43.33 -91.36
CA GLY Y 326 49.78 -44.32 -92.35
C GLY Y 326 48.79 -44.41 -93.51
N SER Y 327 47.82 -43.51 -93.58
CA SER Y 327 46.80 -43.60 -94.62
C SER Y 327 47.13 -42.81 -95.88
N LYS Y 328 46.11 -42.63 -96.71
CA LYS Y 328 46.26 -42.03 -98.04
C LYS Y 328 45.59 -40.68 -98.29
N ALA Y 329 45.19 -39.96 -97.24
CA ALA Y 329 44.63 -38.63 -97.39
C ALA Y 329 43.40 -38.53 -98.31
N GLY Y 330 42.26 -39.01 -97.83
CA GLY Y 330 41.01 -38.92 -98.58
C GLY Y 330 40.48 -40.17 -99.27
N VAL Y 331 41.17 -41.29 -99.17
CA VAL Y 331 40.68 -42.50 -99.80
C VAL Y 331 40.79 -43.71 -98.90
N PHE Y 332 39.73 -44.51 -98.83
CA PHE Y 332 39.74 -45.73 -98.02
C PHE Y 332 40.01 -46.93 -98.90
N ASP Y 333 41.19 -47.50 -98.73
CA ASP Y 333 41.65 -48.62 -99.53
C ASP Y 333 41.53 -49.94 -98.77
N PHE Y 334 40.65 -50.80 -99.20
CA PHE Y 334 40.43 -52.07 -98.50
C PHE Y 334 41.65 -52.99 -98.53
N GLN Y 335 42.63 -52.69 -99.37
CA GLN Y 335 43.83 -53.49 -99.46
C GLN Y 335 44.94 -52.92 -98.57
N ASP Y 336 44.68 -51.78 -97.95
CA ASP Y 336 45.65 -51.07 -97.12
C ASP Y 336 45.48 -51.41 -95.64
N PRO Y 337 46.46 -52.07 -94.99
CA PRO Y 337 46.40 -52.57 -93.62
C PRO Y 337 46.16 -51.45 -92.63
N ILE Y 338 46.44 -50.21 -93.00
CA ILE Y 338 46.20 -49.15 -92.05
C ILE Y 338 44.73 -48.85 -92.03
N ASP Y 339 44.14 -48.63 -93.20
CA ASP Y 339 42.72 -48.33 -93.29
C ASP Y 339 41.88 -49.45 -92.71
N ILE Y 340 42.34 -50.69 -92.87
CA ILE Y 340 41.54 -51.77 -92.34
C ILE Y 340 42.01 -52.19 -90.95
N ARG Y 341 42.82 -51.37 -90.34
CA ARG Y 341 43.26 -51.55 -88.98
C ARG Y 341 43.85 -52.91 -88.67
N GLY Y 342 44.64 -53.45 -89.60
CA GLY Y 342 45.31 -54.72 -89.40
C GLY Y 342 44.41 -55.92 -89.63
N ALA Y 343 43.18 -55.69 -90.02
CA ALA Y 343 42.20 -56.74 -90.19
C ALA Y 343 42.55 -57.80 -91.23
N ARG Y 344 42.04 -58.98 -90.93
CA ARG Y 344 42.07 -60.19 -91.73
C ARG Y 344 40.81 -60.13 -92.57
N TRP Y 345 40.35 -61.27 -93.03
CA TRP Y 345 39.16 -61.42 -93.86
C TRP Y 345 38.08 -60.37 -93.71
N ALA Y 346 37.51 -59.97 -94.87
CA ALA Y 346 36.44 -58.99 -95.03
C ALA Y 346 35.30 -59.13 -94.05
N GLY Y 347 34.92 -60.34 -93.69
CA GLY Y 347 33.82 -60.48 -92.75
C GLY Y 347 34.10 -59.69 -91.47
N GLU Y 348 35.37 -59.56 -91.06
CA GLU Y 348 35.66 -58.76 -89.89
C GLU Y 348 36.07 -57.37 -90.39
N SER Y 349 36.89 -57.34 -91.43
CA SER Y 349 37.48 -56.10 -91.97
C SER Y 349 36.51 -55.05 -92.44
N PHE Y 350 35.41 -55.42 -93.05
CA PHE Y 350 34.50 -54.40 -93.57
C PHE Y 350 34.06 -53.42 -92.48
N LYS Y 351 34.11 -53.84 -91.23
CA LYS Y 351 33.71 -53.02 -90.12
C LYS Y 351 34.58 -51.78 -90.01
N ALA Y 352 35.77 -51.86 -90.58
CA ALA Y 352 36.71 -50.77 -90.60
C ALA Y 352 36.13 -49.60 -91.36
N LEU Y 353 35.36 -49.87 -92.41
CA LEU Y 353 34.82 -48.77 -93.15
C LEU Y 353 33.78 -48.13 -92.29
N LEU Y 354 32.98 -48.96 -91.61
CA LEU Y 354 31.93 -48.40 -90.78
C LEU Y 354 32.54 -47.52 -89.72
N PHE Y 355 33.67 -47.97 -89.18
CA PHE Y 355 34.39 -47.21 -88.17
C PHE Y 355 34.75 -45.85 -88.74
N GLN Y 356 35.32 -45.83 -89.93
CA GLN Y 356 35.68 -44.55 -90.52
C GLN Y 356 34.47 -43.68 -90.79
N ILE Y 357 33.35 -44.29 -91.17
CA ILE Y 357 32.17 -43.50 -91.43
C ILE Y 357 31.76 -42.76 -90.17
N ASP Y 358 31.73 -43.45 -89.03
CA ASP Y 358 31.44 -42.73 -87.81
C ASP Y 358 32.47 -41.65 -87.55
N LYS Y 359 33.74 -41.93 -87.78
CA LYS Y 359 34.71 -40.90 -87.49
C LYS Y 359 34.39 -39.62 -88.23
N GLU Y 360 33.99 -39.77 -89.50
CA GLU Y 360 33.62 -38.62 -90.36
C GLU Y 360 32.36 -37.95 -89.79
N ALA Y 361 31.42 -38.74 -89.27
CA ALA Y 361 30.19 -38.17 -88.71
C ALA Y 361 30.49 -37.34 -87.48
N VAL Y 362 31.46 -37.81 -86.71
CA VAL Y 362 31.90 -37.15 -85.52
C VAL Y 362 32.59 -35.85 -85.87
N GLU Y 363 33.47 -35.90 -86.87
CA GLU Y 363 34.14 -34.69 -87.27
C GLU Y 363 33.14 -33.66 -87.73
N ILE Y 364 32.09 -34.09 -88.39
CA ILE Y 364 31.09 -33.15 -88.84
C ILE Y 364 30.53 -32.42 -87.62
N ALA Y 365 30.23 -33.15 -86.54
CA ALA Y 365 29.81 -32.43 -85.36
C ALA Y 365 30.94 -31.49 -84.90
N ARG Y 366 32.19 -31.97 -84.94
CA ARG Y 366 33.28 -31.11 -84.50
C ARG Y 366 33.33 -29.81 -85.26
N GLN Y 367 33.09 -29.88 -86.54
CA GLN Y 367 33.18 -28.75 -87.41
C GLN Y 367 31.93 -27.91 -87.47
N THR Y 368 30.89 -28.29 -86.75
CA THR Y 368 29.66 -27.51 -86.83
C THR Y 368 29.08 -27.14 -85.49
N GLY Y 369 29.12 -28.05 -84.53
CA GLY Y 369 28.50 -27.81 -83.25
C GLY Y 369 26.99 -27.93 -83.38
N ARG Y 370 26.51 -28.55 -84.47
CA ARG Y 370 25.04 -28.64 -84.70
C ARG Y 370 24.53 -30.08 -84.55
N GLY Y 371 25.43 -31.04 -84.44
CA GLY Y 371 25.08 -32.45 -84.31
C GLY Y 371 25.86 -33.42 -85.19
N GLU Y 372 25.97 -34.64 -84.69
CA GLU Y 372 26.66 -35.76 -85.34
C GLU Y 372 25.98 -36.18 -86.62
N GLY Y 373 26.79 -36.45 -87.64
CA GLY Y 373 26.26 -36.86 -88.94
C GLY Y 373 25.20 -37.95 -88.82
N ASN Y 374 24.23 -37.88 -89.72
CA ASN Y 374 23.09 -38.79 -89.70
C ASN Y 374 22.62 -39.30 -91.05
N PHE Y 375 23.39 -39.02 -92.11
CA PHE Y 375 22.96 -39.46 -93.46
C PHE Y 375 24.17 -39.64 -94.39
N ILE Y 376 24.11 -40.69 -95.22
CA ILE Y 376 25.15 -40.99 -96.16
C ILE Y 376 24.58 -41.35 -97.51
N ILE Y 377 25.19 -40.81 -98.55
CA ILE Y 377 24.81 -41.13 -99.89
C ILE Y 377 26.03 -41.71 -100.55
N ALA Y 378 25.90 -42.86 -101.15
CA ALA Y 378 27.10 -43.49 -101.67
C ALA Y 378 26.91 -44.28 -102.92
N SER Y 379 28.01 -44.72 -103.48
CA SER Y 379 27.97 -45.53 -104.67
C SER Y 379 27.25 -46.84 -104.38
N ARG Y 380 26.87 -47.50 -105.46
CA ARG Y 380 26.19 -48.77 -105.40
C ARG Y 380 27.06 -49.78 -104.70
N ASN Y 381 28.36 -49.72 -104.95
CA ASN Y 381 29.28 -50.66 -104.36
C ASN Y 381 29.37 -50.47 -102.87
N VAL Y 382 29.39 -49.24 -102.40
CA VAL Y 382 29.47 -49.01 -100.97
C VAL Y 382 28.26 -49.55 -100.29
N VAL Y 383 27.09 -49.25 -100.84
CA VAL Y 383 25.90 -49.73 -100.19
C VAL Y 383 25.85 -51.22 -100.23
N ASN Y 384 26.20 -51.84 -101.36
CA ASN Y 384 26.19 -53.28 -101.40
C ASN Y 384 27.02 -53.84 -100.25
N VAL Y 385 28.15 -53.21 -99.95
CA VAL Y 385 28.92 -53.66 -98.81
C VAL Y 385 28.15 -53.47 -97.53
N LEU Y 386 27.56 -52.30 -97.34
CA LEU Y 386 26.89 -52.04 -96.08
C LEU Y 386 25.78 -53.05 -95.84
N ALA Y 387 25.09 -53.41 -96.89
CA ALA Y 387 23.96 -54.31 -96.80
C ALA Y 387 24.33 -55.75 -96.63
N SER Y 388 25.61 -56.06 -96.82
CA SER Y 388 26.12 -57.40 -96.78
C SER Y 388 26.79 -57.71 -95.49
N VAL Y 389 26.81 -56.74 -94.57
CA VAL Y 389 27.51 -57.00 -93.32
C VAL Y 389 26.68 -56.69 -92.13
N ASP Y 390 27.06 -57.23 -91.00
CA ASP Y 390 26.33 -56.86 -89.80
C ASP Y 390 26.93 -55.59 -89.26
N THR Y 391 26.17 -54.52 -89.34
CA THR Y 391 26.64 -53.21 -88.96
C THR Y 391 26.57 -53.00 -87.46
N GLY Y 392 25.95 -53.95 -86.76
CA GLY Y 392 25.84 -53.84 -85.33
C GLY Y 392 27.13 -54.32 -84.70
N ILE Y 393 27.15 -54.40 -83.39
CA ILE Y 393 28.36 -54.83 -82.75
C ILE Y 393 28.36 -56.32 -82.63
N SER Y 394 29.27 -56.94 -83.34
CA SER Y 394 29.31 -58.39 -83.43
C SER Y 394 30.69 -58.91 -83.71
N TYR Y 395 30.84 -60.23 -83.57
CA TYR Y 395 32.08 -60.94 -83.77
C TYR Y 395 32.65 -60.69 -85.16
N ALA Y 396 31.86 -61.02 -86.15
CA ALA Y 396 32.16 -60.80 -87.56
C ALA Y 396 30.90 -61.15 -88.28
N ALA Y 397 30.70 -60.67 -89.51
CA ALA Y 397 29.59 -61.19 -90.30
C ALA Y 397 29.55 -60.65 -91.70
N GLN Y 398 29.20 -61.52 -92.63
CA GLN Y 398 28.92 -61.10 -93.98
C GLN Y 398 28.07 -62.14 -94.68
N GLY Y 399 27.45 -61.74 -95.79
CA GLY Y 399 26.67 -62.67 -96.62
C GLY Y 399 26.01 -61.92 -97.76
N LEU Y 400 24.96 -62.50 -98.32
CA LEU Y 400 24.25 -61.85 -99.40
C LEU Y 400 23.61 -60.65 -98.80
N ALA Y 401 23.55 -59.56 -99.53
CA ALA Y 401 22.96 -58.33 -99.04
C ALA Y 401 21.51 -58.48 -98.67
N THR Y 402 21.15 -57.97 -97.48
CA THR Y 402 19.76 -57.97 -97.04
C THR Y 402 19.46 -56.68 -96.33
N GLY Y 403 20.51 -56.06 -95.81
CA GLY Y 403 20.36 -54.93 -94.91
C GLY Y 403 19.68 -53.72 -95.49
N PHE Y 404 19.97 -53.44 -96.75
CA PHE Y 404 19.46 -52.28 -97.42
C PHE Y 404 19.03 -52.64 -98.81
N SER Y 405 18.16 -51.85 -99.39
CA SER Y 405 17.95 -52.06 -100.80
C SER Y 405 19.21 -51.66 -101.51
N THR Y 406 19.58 -52.43 -102.51
CA THR Y 406 20.75 -52.11 -103.32
C THR Y 406 20.31 -51.73 -104.71
N ASP Y 407 19.00 -51.54 -104.87
CA ASP Y 407 18.46 -51.20 -106.17
C ASP Y 407 18.55 -49.70 -106.44
N THR Y 408 18.12 -49.30 -107.64
CA THR Y 408 18.00 -47.92 -108.06
C THR Y 408 16.63 -47.76 -108.70
N THR Y 409 16.04 -48.89 -109.11
CA THR Y 409 14.74 -48.84 -109.78
C THR Y 409 13.57 -48.75 -108.81
N LYS Y 410 13.66 -49.41 -107.66
CA LYS Y 410 12.59 -49.29 -106.69
C LYS Y 410 12.70 -48.00 -105.89
N SER Y 411 13.92 -47.58 -105.62
CA SER Y 411 14.15 -46.40 -104.80
C SER Y 411 15.53 -45.82 -104.93
N VAL Y 412 15.80 -44.87 -104.06
CA VAL Y 412 17.08 -44.20 -103.97
C VAL Y 412 17.51 -44.33 -102.56
N PHE Y 413 16.51 -44.65 -101.76
CA PHE Y 413 16.69 -44.79 -100.32
C PHE Y 413 16.88 -46.24 -100.04
N ALA Y 414 18.04 -46.56 -99.52
CA ALA Y 414 18.41 -47.92 -99.29
C ALA Y 414 17.94 -48.42 -97.92
N GLY Y 415 18.01 -47.56 -96.91
CA GLY Y 415 17.64 -47.96 -95.53
C GLY Y 415 18.43 -47.20 -94.46
N VAL Y 416 18.46 -47.72 -93.21
CA VAL Y 416 19.16 -46.96 -92.17
C VAL Y 416 20.25 -47.75 -91.41
N LEU Y 417 21.48 -47.23 -91.41
CA LEU Y 417 22.58 -47.94 -90.74
C LEU Y 417 22.49 -47.90 -89.27
N GLY Y 418 22.24 -49.06 -88.69
CA GLY Y 418 22.17 -49.19 -87.24
C GLY Y 418 20.95 -48.51 -86.70
N GLY Y 419 20.04 -48.11 -87.56
CA GLY Y 419 18.92 -47.32 -87.11
C GLY Y 419 19.32 -45.85 -86.94
N LYS Y 420 20.56 -45.51 -87.31
CA LYS Y 420 21.08 -44.16 -87.16
C LYS Y 420 21.31 -43.36 -88.43
N TYR Y 421 21.94 -43.93 -89.48
CA TYR Y 421 22.23 -43.09 -90.65
C TYR Y 421 21.31 -43.38 -91.82
N ARG Y 422 20.81 -42.33 -92.45
CA ARG Y 422 19.96 -42.51 -93.64
C ARG Y 422 20.81 -42.81 -94.86
N VAL Y 423 20.70 -44.03 -95.39
CA VAL Y 423 21.51 -44.46 -96.51
C VAL Y 423 20.80 -44.37 -97.85
N TYR Y 424 21.41 -43.64 -98.75
CA TYR Y 424 20.92 -43.47 -100.10
C TYR Y 424 21.99 -43.83 -101.10
N ILE Y 425 21.58 -44.06 -102.33
CA ILE Y 425 22.54 -44.35 -103.39
C ILE Y 425 22.67 -43.24 -104.40
N ASP Y 426 23.91 -42.81 -104.66
CA ASP Y 426 24.13 -41.82 -105.70
C ASP Y 426 24.38 -42.62 -106.97
N GLN Y 427 23.36 -42.73 -107.81
CA GLN Y 427 23.46 -43.61 -108.96
C GLN Y 427 24.34 -43.01 -110.04
N TYR Y 428 24.77 -41.77 -109.83
CA TYR Y 428 25.60 -41.05 -110.83
C TYR Y 428 27.05 -40.93 -110.35
N ALA Y 429 27.41 -41.62 -109.26
CA ALA Y 429 28.78 -41.54 -108.78
C ALA Y 429 29.69 -41.90 -109.93
N LYS Y 430 30.84 -41.26 -110.06
CA LYS Y 430 31.68 -41.57 -111.21
C LYS Y 430 32.58 -42.77 -111.01
N GLN Y 431 33.15 -42.95 -109.84
CA GLN Y 431 34.00 -44.12 -109.71
C GLN Y 431 33.57 -44.97 -108.55
N ASP Y 432 33.88 -44.55 -107.33
CA ASP Y 432 33.41 -45.29 -106.17
C ASP Y 432 33.76 -44.46 -104.93
N TYR Y 433 32.74 -43.96 -104.25
CA TYR Y 433 32.91 -43.07 -103.11
C TYR Y 433 31.66 -42.94 -102.30
N PHE Y 434 31.78 -42.23 -101.18
CA PHE Y 434 30.61 -41.85 -100.43
C PHE Y 434 30.73 -40.48 -99.80
N THR Y 435 29.58 -39.88 -99.53
CA THR Y 435 29.54 -38.61 -98.83
C THR Y 435 28.65 -38.75 -97.61
N VAL Y 436 29.18 -38.30 -96.50
CA VAL Y 436 28.51 -38.37 -95.21
C VAL Y 436 28.21 -36.98 -94.72
N GLY Y 437 27.05 -36.81 -94.10
CA GLY Y 437 26.69 -35.49 -93.64
C GLY Y 437 25.66 -35.42 -92.51
N TYR Y 438 25.39 -34.18 -92.12
CA TYR Y 438 24.45 -33.91 -91.04
C TYR Y 438 23.29 -33.01 -91.38
N LYS Y 439 22.11 -33.47 -91.02
CA LYS Y 439 20.89 -32.71 -91.16
C LYS Y 439 20.24 -32.53 -89.82
N GLY Y 440 20.13 -31.30 -89.36
CA GLY Y 440 19.50 -31.13 -88.08
C GLY Y 440 17.99 -31.09 -88.29
N PRO Y 441 17.19 -31.25 -87.22
CA PRO Y 441 15.74 -31.15 -87.21
C PRO Y 441 15.29 -29.74 -87.55
N ASN Y 442 16.19 -28.80 -87.36
CA ASN Y 442 15.98 -27.40 -87.65
C ASN Y 442 16.19 -27.20 -89.12
N GLU Y 443 15.11 -26.81 -89.82
CA GLU Y 443 15.13 -26.62 -91.30
C GLU Y 443 16.30 -25.75 -91.77
N MET Y 444 16.72 -24.77 -90.96
CA MET Y 444 17.78 -23.86 -91.32
C MET Y 444 19.17 -24.35 -90.96
N ASP Y 445 19.25 -25.59 -90.49
CA ASP Y 445 20.48 -26.24 -90.08
C ASP Y 445 20.78 -27.48 -90.92
N ALA Y 446 20.55 -27.38 -92.21
CA ALA Y 446 20.79 -28.51 -93.12
C ALA Y 446 22.12 -28.47 -93.87
N GLY Y 447 22.69 -27.29 -94.04
CA GLY Y 447 23.91 -27.14 -94.83
C GLY Y 447 23.58 -26.62 -96.23
N ILE Y 448 22.38 -26.92 -96.70
CA ILE Y 448 21.91 -26.54 -98.02
C ILE Y 448 20.40 -26.50 -98.05
N TYR Y 449 19.83 -25.63 -98.88
CA TYR Y 449 18.40 -25.62 -99.02
C TYR Y 449 17.82 -25.17 -100.37
N TYR Y 450 16.69 -25.79 -100.74
CA TYR Y 450 15.96 -25.47 -101.99
C TYR Y 450 14.73 -24.65 -101.61
N ALA Y 451 14.49 -23.53 -102.31
CA ALA Y 451 13.35 -22.69 -101.94
C ALA Y 451 12.38 -22.38 -103.07
N PRO Y 452 11.47 -23.29 -103.41
CA PRO Y 452 10.63 -23.20 -104.57
C PRO Y 452 9.77 -21.97 -104.49
N TYR Y 453 9.56 -21.37 -105.66
CA TYR Y 453 8.74 -20.19 -105.85
C TYR Y 453 7.67 -20.51 -106.89
N VAL Y 454 8.15 -20.99 -108.02
CA VAL Y 454 7.36 -21.41 -109.17
C VAL Y 454 7.79 -22.82 -109.49
N ALA Y 455 6.91 -23.78 -109.65
CA ALA Y 455 7.47 -25.08 -109.98
C ALA Y 455 6.64 -25.86 -110.93
N LEU Y 456 7.33 -26.37 -111.94
CA LEU Y 456 6.77 -27.20 -112.98
C LEU Y 456 5.48 -26.60 -113.47
N THR Y 457 5.50 -25.29 -113.71
CA THR Y 457 4.31 -24.62 -114.16
C THR Y 457 4.23 -24.78 -115.66
N PRO Y 458 3.13 -25.33 -116.20
CA PRO Y 458 2.94 -25.53 -117.61
C PRO Y 458 2.62 -24.23 -118.26
N LEU Y 459 2.98 -24.12 -119.50
CA LEU Y 459 2.60 -23.00 -120.32
C LEU Y 459 2.09 -23.56 -121.63
N ARG Y 460 1.01 -22.98 -122.17
CA ARG Y 460 0.47 -23.45 -123.46
C ARG Y 460 0.07 -22.30 -124.38
N GLY Y 461 0.08 -22.58 -125.69
CA GLY Y 461 -0.33 -21.64 -126.73
C GLY Y 461 -0.29 -22.27 -128.14
N SER Y 462 -0.23 -21.41 -129.16
CA SER Y 462 -0.19 -21.83 -130.56
C SER Y 462 0.46 -20.74 -131.40
N ASP Y 463 0.98 -21.11 -132.57
CA ASP Y 463 1.54 -20.11 -133.49
C ASP Y 463 0.82 -20.17 -134.83
N PRO Y 464 -0.07 -19.21 -135.15
CA PRO Y 464 -0.89 -19.15 -136.33
C PRO Y 464 -0.11 -19.20 -137.63
N LYS Y 465 1.20 -18.93 -137.62
CA LYS Y 465 1.90 -19.00 -138.89
C LYS Y 465 1.85 -20.43 -139.45
N ASN Y 466 1.68 -21.43 -138.58
CA ASN Y 466 1.65 -22.81 -139.01
C ASN Y 466 0.72 -23.58 -138.12
N PHE Y 467 0.15 -22.85 -137.18
CA PHE Y 467 -0.81 -23.31 -136.18
C PHE Y 467 -0.33 -24.44 -135.31
N GLN Y 468 0.98 -24.59 -135.17
CA GLN Y 468 1.48 -25.64 -134.35
C GLN Y 468 1.35 -25.21 -132.91
N PRO Y 469 1.21 -26.14 -131.96
CA PRO Y 469 1.09 -25.92 -130.55
C PRO Y 469 2.34 -25.38 -129.96
N VAL Y 470 2.17 -24.62 -128.91
CA VAL Y 470 3.27 -24.11 -128.16
C VAL Y 470 3.07 -24.62 -126.75
N MET Y 471 4.06 -25.33 -126.25
CA MET Y 471 4.00 -25.90 -124.92
C MET Y 471 5.35 -25.98 -124.30
N GLY Y 472 5.39 -25.78 -122.98
CA GLY Y 472 6.61 -25.89 -122.17
C GLY Y 472 6.35 -25.72 -120.66
N PHE Y 473 7.42 -25.83 -119.87
CA PHE Y 473 7.30 -25.73 -118.39
C PHE Y 473 8.39 -24.80 -117.83
N LYS Y 474 8.07 -24.11 -116.74
CA LYS Y 474 8.99 -23.19 -116.07
C LYS Y 474 9.01 -23.31 -114.53
N THR Y 475 10.16 -22.93 -113.95
CA THR Y 475 10.35 -22.90 -112.51
C THR Y 475 11.39 -21.91 -112.00
N ARG Y 476 11.19 -21.48 -110.75
CA ARG Y 476 12.08 -20.62 -109.99
C ARG Y 476 12.15 -21.09 -108.55
N TYR Y 477 13.37 -21.23 -108.03
CA TYR Y 477 13.56 -21.69 -106.66
C TYR Y 477 14.77 -21.15 -105.91
N GLY Y 478 15.88 -21.00 -106.58
CA GLY Y 478 17.08 -20.62 -105.87
C GLY Y 478 17.64 -21.73 -104.97
N ILE Y 479 18.94 -21.67 -104.76
CA ILE Y 479 19.66 -22.60 -103.89
C ILE Y 479 20.39 -21.81 -102.83
N GLY Y 480 20.24 -22.21 -101.59
CA GLY Y 480 20.94 -21.52 -100.52
C GLY Y 480 21.99 -22.38 -99.83
N ILE Y 481 22.96 -21.69 -99.23
CA ILE Y 481 24.03 -22.28 -98.45
C ILE Y 481 23.89 -21.87 -97.00
N ASN Y 482 23.97 -22.83 -96.12
CA ASN Y 482 23.81 -22.57 -94.70
C ASN Y 482 24.90 -21.60 -94.25
N PRO Y 483 24.60 -20.59 -93.44
CA PRO Y 483 25.57 -19.66 -92.92
C PRO Y 483 26.49 -20.47 -92.06
N PHE Y 484 27.71 -20.03 -91.94
CA PHE Y 484 28.74 -20.71 -91.16
C PHE Y 484 29.18 -22.02 -91.78
N ALA Y 485 28.70 -22.38 -92.96
CA ALA Y 485 29.09 -23.67 -93.51
C ALA Y 485 30.60 -23.78 -93.65
N GLU Y 486 31.28 -22.69 -93.95
CA GLU Y 486 32.72 -22.71 -94.12
C GLU Y 486 33.49 -23.10 -92.85
N SER Y 487 32.89 -22.85 -91.70
CA SER Y 487 33.47 -23.06 -90.38
C SER Y 487 34.92 -22.63 -90.23
N ALA Y 488 35.35 -21.56 -90.88
CA ALA Y 488 36.74 -21.19 -90.74
C ALA Y 488 36.94 -19.73 -90.91
N ALA Y 489 36.11 -18.96 -90.24
CA ALA Y 489 36.18 -17.52 -90.28
C ALA Y 489 35.52 -16.98 -89.05
N GLN Y 490 35.91 -15.79 -88.66
CA GLN Y 490 35.27 -15.12 -87.55
C GLN Y 490 34.24 -14.14 -88.12
N ALA Y 491 34.40 -13.90 -89.40
CA ALA Y 491 33.56 -13.05 -90.17
C ALA Y 491 33.86 -13.27 -91.63
N PRO Y 492 32.88 -13.26 -92.51
CA PRO Y 492 33.07 -13.25 -93.94
C PRO Y 492 33.43 -11.85 -94.40
N ALA Y 493 34.14 -11.75 -95.50
CA ALA Y 493 34.49 -10.47 -96.10
C ALA Y 493 33.30 -9.67 -96.63
N SER Y 494 33.42 -8.33 -96.54
CA SER Y 494 32.49 -7.29 -97.04
C SER Y 494 31.22 -6.98 -96.23
N ARG Y 495 31.03 -7.66 -95.11
CA ARG Y 495 29.91 -7.51 -94.16
C ARG Y 495 28.53 -7.95 -94.65
N ILE Y 496 28.38 -8.11 -95.96
CA ILE Y 496 27.18 -8.65 -96.57
C ILE Y 496 27.62 -9.61 -97.64
N GLN Y 497 27.05 -10.80 -97.64
CA GLN Y 497 27.48 -11.73 -98.65
C GLN Y 497 26.39 -12.46 -99.37
N SER Y 498 26.83 -13.27 -100.27
CA SER Y 498 25.98 -14.16 -101.00
C SER Y 498 25.79 -15.42 -100.22
N GLY Y 499 24.56 -15.92 -100.17
CA GLY Y 499 24.24 -17.18 -99.55
C GLY Y 499 24.18 -18.24 -100.63
N MET Y 500 24.60 -17.88 -101.82
CA MET Y 500 24.53 -18.75 -102.95
C MET Y 500 25.77 -19.65 -103.03
N PRO Y 501 25.69 -20.79 -103.72
CA PRO Y 501 26.71 -21.78 -104.02
C PRO Y 501 28.05 -21.37 -104.66
N SER Y 502 28.32 -20.09 -104.86
CA SER Y 502 29.56 -19.71 -105.52
C SER Y 502 30.82 -20.40 -105.04
N ILE Y 503 31.69 -20.62 -106.01
CA ILE Y 503 32.96 -21.27 -105.78
C ILE Y 503 33.77 -20.63 -104.68
N LEU Y 504 33.67 -19.31 -104.54
CA LEU Y 504 34.48 -18.67 -103.54
C LEU Y 504 33.84 -18.71 -102.19
N ASN Y 505 32.63 -19.20 -102.12
CA ASN Y 505 31.96 -19.25 -100.87
C ASN Y 505 32.13 -20.61 -100.27
N SER Y 506 32.00 -21.64 -101.09
CA SER Y 506 32.00 -22.97 -100.51
C SER Y 506 32.71 -24.12 -101.20
N LEU Y 507 33.47 -23.92 -102.29
CA LEU Y 507 34.03 -25.14 -102.85
C LEU Y 507 34.97 -25.87 -101.92
N GLY Y 508 34.58 -27.11 -101.56
CA GLY Y 508 35.34 -27.96 -100.67
C GLY Y 508 35.34 -27.52 -99.22
N LYS Y 509 34.43 -26.63 -98.84
CA LYS Y 509 34.45 -26.05 -97.49
C LYS Y 509 33.28 -26.30 -96.56
N ASN Y 510 32.21 -26.92 -97.01
CA ASN Y 510 30.99 -27.05 -96.21
C ASN Y 510 31.06 -28.12 -95.15
N ALA Y 511 31.13 -27.66 -93.91
CA ALA Y 511 31.30 -28.44 -92.70
C ALA Y 511 30.20 -29.46 -92.46
N TYR Y 512 29.07 -29.30 -93.10
CA TYR Y 512 27.98 -30.23 -92.89
C TYR Y 512 28.22 -31.53 -93.63
N PHE Y 513 29.19 -31.54 -94.54
CA PHE Y 513 29.42 -32.73 -95.34
C PHE Y 513 30.90 -33.06 -95.53
N ARG Y 514 31.21 -34.35 -95.63
CA ARG Y 514 32.57 -34.79 -95.94
C ARG Y 514 32.56 -35.96 -96.93
N ARG Y 515 33.42 -35.89 -97.93
CA ARG Y 515 33.49 -36.97 -98.93
C ARG Y 515 34.76 -37.76 -98.87
N VAL Y 516 34.59 -39.07 -99.02
CA VAL Y 516 35.68 -40.02 -99.01
C VAL Y 516 35.63 -40.95 -100.20
N TYR Y 517 36.75 -41.09 -100.88
CA TYR Y 517 36.82 -41.97 -102.03
C TYR Y 517 37.15 -43.34 -101.53
N VAL Y 518 36.80 -44.37 -102.27
CA VAL Y 518 37.20 -45.68 -101.80
C VAL Y 518 37.92 -46.45 -102.90
N LYS Y 519 38.70 -47.43 -102.49
CA LYS Y 519 39.44 -48.30 -103.39
C LYS Y 519 39.62 -49.67 -102.78
N GLY Y 520 40.01 -50.64 -103.59
CA GLY Y 520 40.25 -51.98 -103.08
C GLY Y 520 38.96 -52.77 -102.96
N ILE Y 521 37.89 -52.14 -103.45
CA ILE Y 521 36.50 -52.57 -103.45
C ILE Y 521 36.05 -52.97 -104.85
N ALA Z 66 32.85 -138.30 -111.17
CA ALA Z 66 31.87 -137.24 -111.37
C ALA Z 66 31.78 -136.87 -112.83
N GLU Z 67 30.67 -137.23 -113.46
CA GLU Z 67 30.45 -136.96 -114.87
C GLU Z 67 30.45 -135.45 -115.15
N ILE Z 68 31.13 -135.03 -116.21
CA ILE Z 68 31.20 -133.62 -116.55
C ILE Z 68 30.57 -133.29 -117.90
N GLY Z 69 29.57 -132.39 -117.88
CA GLY Z 69 28.92 -131.97 -119.12
C GLY Z 69 29.61 -130.76 -119.74
N GLY Z 70 30.62 -130.26 -119.04
CA GLY Z 70 31.37 -129.10 -119.49
C GLY Z 70 31.04 -127.83 -118.76
N ASP Z 71 31.89 -126.84 -118.97
CA ASP Z 71 31.71 -125.52 -118.38
C ASP Z 71 32.06 -124.42 -119.36
N HIS Z 72 31.89 -123.20 -118.92
CA HIS Z 72 32.24 -122.04 -119.72
C HIS Z 72 33.63 -121.54 -119.35
N GLY Z 73 34.25 -120.82 -120.28
CA GLY Z 73 35.55 -120.19 -120.01
C GLY Z 73 35.38 -118.78 -119.48
N TYR Z 74 34.13 -118.40 -119.25
CA TYR Z 74 33.66 -117.08 -118.81
C TYR Z 74 33.89 -116.01 -119.88
N ASN Z 75 34.12 -116.51 -121.08
CA ASN Z 75 34.24 -115.77 -122.32
C ASN Z 75 32.85 -115.56 -122.86
N ALA Z 76 32.41 -114.31 -122.93
CA ALA Z 76 31.04 -113.99 -123.35
C ALA Z 76 30.73 -114.56 -124.71
N THR Z 77 31.73 -114.67 -125.57
CA THR Z 77 31.54 -115.21 -126.90
C THR Z 77 30.94 -116.58 -126.80
N ASN Z 78 31.43 -117.36 -125.85
CA ASN Z 78 31.00 -118.71 -125.68
C ASN Z 78 29.75 -118.77 -124.83
N ILE Z 79 29.65 -117.91 -123.82
CA ILE Z 79 28.47 -117.98 -122.95
C ILE Z 79 27.25 -117.74 -123.79
N ALA Z 80 27.33 -116.74 -124.64
CA ALA Z 80 26.27 -116.30 -125.51
C ALA Z 80 25.75 -117.39 -126.42
N ALA Z 81 26.59 -118.37 -126.76
CA ALA Z 81 26.24 -119.43 -127.66
C ALA Z 81 25.86 -120.69 -126.93
N GLY Z 82 25.97 -120.68 -125.61
CA GLY Z 82 25.75 -121.88 -124.84
C GLY Z 82 26.93 -122.85 -125.03
N GLN Z 83 28.10 -122.32 -125.38
CA GLN Z 83 29.25 -123.15 -125.66
C GLN Z 83 30.06 -123.48 -124.43
N THR Z 84 30.20 -124.77 -124.18
CA THR Z 84 30.94 -125.23 -123.04
C THR Z 84 32.08 -126.12 -123.48
N SER Z 85 32.86 -126.53 -122.50
CA SER Z 85 34.00 -127.42 -122.65
C SER Z 85 33.67 -128.92 -122.78
N GLY Z 86 32.40 -129.30 -122.63
CA GLY Z 86 32.05 -130.72 -122.63
C GLY Z 86 30.95 -131.09 -123.62
N ALA Z 87 30.30 -132.22 -123.34
CA ALA Z 87 29.29 -132.80 -124.22
C ALA Z 87 27.89 -132.18 -124.09
N VAL Z 88 27.64 -131.34 -123.09
CA VAL Z 88 26.29 -130.82 -122.99
C VAL Z 88 26.20 -129.36 -123.42
N THR Z 89 25.51 -129.19 -124.53
CA THR Z 89 25.31 -127.89 -125.17
C THR Z 89 24.22 -127.15 -124.41
N GLN Z 90 24.45 -125.87 -124.14
CA GLN Z 90 23.48 -125.10 -123.41
C GLN Z 90 22.63 -124.36 -124.41
N ILE Z 91 21.46 -123.93 -124.01
CA ILE Z 91 20.62 -123.18 -124.93
C ILE Z 91 21.28 -121.88 -125.35
N GLY Z 92 21.78 -121.17 -124.36
CA GLY Z 92 22.39 -119.87 -124.50
C GLY Z 92 21.94 -119.19 -123.22
N PRO Z 93 22.31 -117.95 -122.96
CA PRO Z 93 21.94 -117.25 -121.78
C PRO Z 93 20.48 -116.90 -121.85
N ALA Z 94 19.84 -116.70 -120.70
CA ALA Z 94 18.42 -116.34 -120.75
C ALA Z 94 18.13 -114.87 -120.53
N VAL Z 95 18.02 -114.44 -119.27
CA VAL Z 95 17.69 -113.05 -119.01
C VAL Z 95 18.31 -112.47 -117.75
N MET Z 96 18.59 -111.18 -117.81
CA MET Z 96 19.00 -110.33 -116.68
C MET Z 96 18.24 -109.01 -116.76
N GLY Z 97 17.18 -108.98 -117.55
CA GLY Z 97 16.41 -107.76 -117.79
C GLY Z 97 17.08 -106.85 -118.82
N MET Z 98 16.64 -105.60 -118.87
CA MET Z 98 17.13 -104.64 -119.85
C MET Z 98 17.20 -103.24 -119.25
N VAL Z 99 18.23 -102.50 -119.61
CA VAL Z 99 18.44 -101.13 -119.14
C VAL Z 99 18.56 -100.15 -120.29
N ARG Z 100 17.88 -99.03 -120.20
CA ARG Z 100 18.06 -98.05 -121.25
C ARG Z 100 18.53 -96.76 -120.64
N ARG Z 101 19.21 -95.99 -121.45
CA ARG Z 101 19.70 -94.67 -121.11
C ARG Z 101 18.58 -93.67 -120.74
N ALA Z 102 18.78 -92.89 -119.66
CA ALA Z 102 17.85 -91.86 -119.24
C ALA Z 102 18.05 -90.56 -120.01
N ILE Z 103 17.00 -89.75 -120.08
CA ILE Z 103 17.06 -88.45 -120.72
C ILE Z 103 17.10 -87.34 -119.67
N PRO Z 104 18.09 -86.42 -119.71
CA PRO Z 104 18.33 -85.34 -118.75
C PRO Z 104 17.26 -84.27 -118.80
N ASN Z 105 17.11 -83.52 -117.70
CA ASN Z 105 16.13 -82.44 -117.63
C ASN Z 105 16.61 -81.14 -118.25
N LEU Z 106 15.68 -80.29 -118.67
CA LEU Z 106 16.03 -78.98 -119.21
C LEU Z 106 15.41 -77.80 -118.46
N ILE Z 107 16.07 -76.63 -118.55
CA ILE Z 107 15.56 -75.37 -117.98
C ILE Z 107 14.80 -74.75 -119.11
N ALA Z 108 13.47 -74.83 -119.14
CA ALA Z 108 12.80 -74.44 -120.38
C ALA Z 108 12.93 -72.97 -120.71
N PHE Z 109 12.12 -72.13 -120.10
CA PHE Z 109 12.18 -70.71 -120.39
C PHE Z 109 12.02 -69.99 -119.10
N ASP Z 110 12.45 -70.66 -118.05
CA ASP Z 110 12.27 -70.21 -116.69
C ASP Z 110 12.85 -68.84 -116.43
N ILE Z 111 13.92 -68.50 -117.14
CA ILE Z 111 14.56 -67.23 -116.91
C ILE Z 111 14.50 -66.32 -118.12
N CYS Z 112 13.53 -66.51 -119.01
CA CYS Z 112 13.48 -65.65 -120.17
C CYS Z 112 12.07 -65.43 -120.66
N GLY Z 113 11.90 -64.54 -121.63
CA GLY Z 113 10.55 -64.35 -122.13
C GLY Z 113 10.34 -65.30 -123.29
N VAL Z 114 9.11 -65.44 -123.71
CA VAL Z 114 8.79 -66.26 -124.85
C VAL Z 114 8.17 -65.36 -125.93
N GLN Z 115 7.05 -64.73 -125.59
CA GLN Z 115 6.29 -63.94 -126.53
C GLN Z 115 6.01 -64.81 -127.76
N PRO Z 116 5.25 -65.89 -127.60
CA PRO Z 116 5.00 -66.84 -128.66
C PRO Z 116 4.22 -66.13 -129.71
N MET Z 117 4.42 -66.53 -130.95
CA MET Z 117 3.71 -65.92 -132.03
C MET Z 117 2.81 -66.92 -132.72
N ASN Z 118 1.76 -66.41 -133.34
CA ASN Z 118 0.85 -67.20 -134.14
C ASN Z 118 1.14 -66.97 -135.61
N SER Z 119 2.28 -66.38 -135.85
CA SER Z 119 2.76 -66.03 -137.16
C SER Z 119 4.28 -65.96 -137.11
N PRO Z 120 4.98 -66.16 -138.24
CA PRO Z 120 6.39 -66.00 -138.37
C PRO Z 120 6.68 -64.52 -138.47
N THR Z 121 7.94 -64.13 -138.31
CA THR Z 121 8.31 -62.75 -138.60
C THR Z 121 7.54 -61.63 -137.88
N GLY Z 122 7.71 -61.52 -136.57
CA GLY Z 122 7.08 -60.44 -135.80
C GLY Z 122 7.94 -59.16 -135.74
N GLN Z 123 7.45 -58.13 -135.03
CA GLN Z 123 8.16 -56.85 -134.82
C GLN Z 123 7.85 -56.19 -133.48
N VAL Z 124 8.82 -55.49 -132.91
CA VAL Z 124 8.58 -54.75 -131.67
C VAL Z 124 9.10 -53.33 -131.79
N PHE Z 125 8.35 -52.41 -131.23
CA PHE Z 125 8.69 -51.00 -131.27
C PHE Z 125 9.22 -50.51 -129.95
N ALA Z 126 9.99 -49.43 -129.96
CA ALA Z 126 10.42 -48.92 -128.68
C ALA Z 126 10.53 -47.40 -128.65
N LEU Z 127 10.24 -46.82 -127.50
CA LEU Z 127 10.31 -45.37 -127.37
C LEU Z 127 11.50 -44.90 -126.57
N ARG Z 128 12.20 -43.90 -127.12
CA ARG Z 128 13.39 -43.31 -126.47
C ARG Z 128 13.17 -41.80 -126.32
N ALA Z 129 13.34 -41.28 -125.11
CA ALA Z 129 13.14 -39.85 -124.86
C ALA Z 129 14.14 -39.11 -125.71
N VAL Z 130 13.82 -37.91 -126.11
CA VAL Z 130 14.76 -37.11 -126.90
C VAL Z 130 14.99 -35.71 -126.42
N TYR Z 131 16.25 -35.30 -126.37
CA TYR Z 131 16.45 -33.90 -126.15
C TYR Z 131 17.54 -33.36 -127.05
N GLY Z 132 17.43 -32.06 -127.34
CA GLY Z 132 18.37 -31.37 -128.23
C GLY Z 132 17.75 -31.01 -129.61
N LYS Z 133 16.42 -31.06 -129.71
CA LYS Z 133 15.60 -30.71 -130.90
C LYS Z 133 15.66 -31.60 -132.14
N ASP Z 134 16.37 -32.71 -132.11
CA ASP Z 134 16.38 -33.53 -133.31
C ASP Z 134 16.49 -35.01 -132.99
N PRO Z 135 15.38 -35.76 -133.01
CA PRO Z 135 15.31 -37.17 -132.71
C PRO Z 135 16.34 -37.98 -133.48
N VAL Z 136 16.71 -37.55 -134.69
CA VAL Z 136 17.67 -38.34 -135.41
C VAL Z 136 18.85 -37.49 -135.80
N ALA Z 137 19.86 -37.51 -134.95
CA ALA Z 137 21.05 -36.73 -135.17
C ALA Z 137 22.20 -37.28 -134.39
N ALA Z 138 23.39 -37.12 -134.91
CA ALA Z 138 24.52 -37.49 -134.12
C ALA Z 138 24.51 -36.59 -132.92
N GLY Z 139 24.78 -37.14 -131.76
CA GLY Z 139 24.86 -36.32 -130.57
C GLY Z 139 23.52 -36.17 -129.84
N ALA Z 140 22.42 -36.62 -130.45
CA ALA Z 140 21.13 -36.52 -129.79
C ALA Z 140 21.20 -37.34 -128.51
N LYS Z 141 20.50 -36.92 -127.45
CA LYS Z 141 20.58 -37.68 -126.20
C LYS Z 141 19.24 -38.12 -125.66
N GLU Z 142 19.27 -39.24 -124.93
CA GLU Z 142 18.07 -39.86 -124.30
C GLU Z 142 18.05 -39.49 -122.81
N ALA Z 143 16.98 -38.80 -122.38
CA ALA Z 143 16.78 -38.36 -121.02
C ALA Z 143 16.78 -39.46 -119.98
N PHE Z 144 16.25 -40.64 -120.30
CA PHE Z 144 16.17 -41.67 -119.28
C PHE Z 144 17.01 -42.92 -119.56
N HIS Z 145 18.11 -42.79 -120.30
CA HIS Z 145 18.93 -43.98 -120.57
C HIS Z 145 19.56 -44.49 -119.25
N PRO Z 146 19.57 -45.83 -118.97
CA PRO Z 146 20.20 -46.45 -117.82
C PRO Z 146 21.63 -46.10 -117.82
N MET Z 147 22.18 -45.95 -116.66
CA MET Z 147 23.57 -45.57 -116.46
C MET Z 147 23.96 -44.21 -117.00
N TYR Z 148 22.98 -43.36 -117.31
CA TYR Z 148 23.29 -42.00 -117.84
C TYR Z 148 22.50 -40.93 -117.06
N GLY Z 149 23.19 -39.84 -116.69
CA GLY Z 149 22.57 -38.73 -115.97
C GLY Z 149 21.96 -37.71 -116.89
N PRO Z 150 21.28 -36.71 -116.33
CA PRO Z 150 20.71 -35.59 -117.04
C PRO Z 150 21.87 -34.70 -117.34
N ASP Z 151 21.77 -33.86 -118.33
CA ASP Z 151 22.84 -32.90 -118.47
C ASP Z 151 22.80 -32.08 -117.20
N ALA Z 152 23.95 -31.68 -116.66
CA ALA Z 152 23.90 -30.84 -115.46
C ALA Z 152 23.13 -29.59 -115.74
N MET Z 153 23.28 -29.07 -116.95
CA MET Z 153 22.57 -27.89 -117.32
C MET Z 153 22.02 -28.00 -118.72
N PHE Z 154 20.71 -28.08 -118.77
CA PHE Z 154 19.96 -28.14 -120.02
C PHE Z 154 18.87 -27.10 -119.92
N SER Z 155 18.07 -27.20 -118.85
CA SER Z 155 17.01 -26.24 -118.58
C SER Z 155 17.53 -25.03 -117.82
N GLY Z 156 18.69 -25.18 -117.15
CA GLY Z 156 19.29 -24.15 -116.30
C GLY Z 156 20.22 -23.20 -117.04
N GLN Z 157 21.29 -22.78 -116.38
CA GLN Z 157 22.18 -21.76 -116.93
C GLN Z 157 22.72 -22.11 -118.28
N GLY Z 158 22.99 -23.37 -118.50
CA GLY Z 158 23.52 -23.82 -119.77
C GLY Z 158 22.58 -23.49 -120.93
N ALA Z 159 21.30 -23.28 -120.63
CA ALA Z 159 20.32 -22.95 -121.63
C ALA Z 159 20.67 -21.66 -122.33
N ALA Z 160 21.42 -20.81 -121.64
CA ALA Z 160 21.81 -19.52 -122.13
C ALA Z 160 23.24 -19.44 -122.63
N LYS Z 161 23.96 -20.56 -122.73
CA LYS Z 161 25.35 -20.44 -123.14
C LYS Z 161 26.00 -21.68 -123.71
N LYS Z 162 27.17 -21.49 -124.28
CA LYS Z 162 27.94 -22.62 -124.76
C LYS Z 162 29.09 -22.83 -123.83
N PHE Z 163 29.53 -24.07 -123.70
CA PHE Z 163 30.66 -24.36 -122.85
C PHE Z 163 31.79 -24.90 -123.68
N PRO Z 164 33.03 -24.63 -123.34
CA PRO Z 164 34.19 -25.23 -123.92
C PRO Z 164 34.21 -26.66 -123.49
N ALA Z 165 34.75 -27.52 -124.31
CA ALA Z 165 34.88 -28.91 -123.93
C ALA Z 165 36.20 -29.16 -123.26
N LEU Z 166 36.21 -30.18 -122.43
CA LEU Z 166 37.43 -30.70 -121.87
C LEU Z 166 38.06 -31.49 -122.99
N ALA Z 167 39.35 -31.37 -123.12
CA ALA Z 167 40.01 -32.13 -124.15
C ALA Z 167 41.44 -32.32 -123.80
N ALA Z 168 42.01 -33.37 -124.33
CA ALA Z 168 43.39 -33.65 -124.05
C ALA Z 168 44.26 -32.50 -124.46
N SER Z 169 45.22 -32.22 -123.58
CA SER Z 169 46.27 -31.22 -123.71
C SER Z 169 45.80 -29.80 -123.42
N THR Z 170 44.50 -29.58 -123.27
CA THR Z 170 44.06 -28.22 -123.07
C THR Z 170 44.25 -27.84 -121.62
N GLN Z 171 44.18 -26.53 -121.34
CA GLN Z 171 44.31 -26.01 -119.98
C GLN Z 171 43.07 -25.24 -119.62
N THR Z 172 42.60 -25.46 -118.40
CA THR Z 172 41.41 -24.78 -117.92
C THR Z 172 41.67 -23.40 -117.33
N THR Z 173 40.59 -22.66 -117.15
CA THR Z 173 40.60 -21.36 -116.50
C THR Z 173 39.78 -21.46 -115.25
N VAL Z 174 40.37 -21.10 -114.13
CA VAL Z 174 39.70 -21.25 -112.87
C VAL Z 174 38.43 -20.45 -112.80
N GLY Z 175 37.38 -21.15 -112.39
CA GLY Z 175 36.05 -20.66 -112.23
C GLY Z 175 35.19 -20.89 -113.46
N ASP Z 176 35.79 -21.25 -114.60
CA ASP Z 176 34.91 -21.46 -115.72
C ASP Z 176 34.42 -22.89 -115.70
N ILE Z 177 33.57 -23.25 -116.66
CA ILE Z 177 33.00 -24.58 -116.72
C ILE Z 177 33.23 -25.24 -118.04
N TYR Z 178 33.75 -26.44 -117.97
CA TYR Z 178 34.08 -27.19 -119.15
C TYR Z 178 33.24 -28.42 -119.23
N THR Z 179 32.97 -28.89 -120.44
CA THR Z 179 32.16 -30.08 -120.54
C THR Z 179 32.77 -31.28 -121.25
N HIS Z 180 32.17 -32.42 -120.98
CA HIS Z 180 32.60 -33.71 -121.50
C HIS Z 180 31.47 -34.71 -121.47
N PHE Z 181 31.73 -35.92 -121.92
CA PHE Z 181 30.77 -36.98 -121.83
C PHE Z 181 31.57 -38.25 -121.61
N PHE Z 182 31.38 -38.86 -120.46
CA PHE Z 182 32.08 -40.07 -120.07
C PHE Z 182 31.48 -41.26 -120.77
N GLN Z 183 32.23 -42.35 -120.91
CA GLN Z 183 31.63 -43.54 -121.52
C GLN Z 183 30.43 -44.08 -120.73
N GLU Z 184 30.46 -43.96 -119.40
CA GLU Z 184 29.38 -44.39 -118.50
C GLU Z 184 28.98 -43.13 -117.76
N THR Z 185 27.74 -42.99 -117.28
CA THR Z 185 27.22 -41.79 -116.57
C THR Z 185 26.98 -40.64 -117.59
N GLY Z 186 27.97 -40.41 -118.41
CA GLY Z 186 27.89 -39.48 -119.51
C GLY Z 186 28.17 -38.06 -119.21
N THR Z 187 27.16 -37.21 -119.38
CA THR Z 187 27.39 -35.79 -119.47
C THR Z 187 28.11 -35.21 -118.27
N VAL Z 188 29.20 -34.50 -118.55
CA VAL Z 188 30.05 -33.97 -117.44
C VAL Z 188 30.26 -32.46 -117.57
N TYR Z 189 29.86 -31.72 -116.53
CA TYR Z 189 30.06 -30.30 -116.40
C TYR Z 189 30.95 -30.08 -115.20
N LEU Z 190 32.15 -29.60 -115.44
CA LEU Z 190 33.12 -29.43 -114.38
C LEU Z 190 33.70 -28.05 -114.29
N GLN Z 191 33.60 -27.48 -113.11
CA GLN Z 191 34.14 -26.16 -112.90
C GLN Z 191 35.60 -26.30 -112.54
N ALA Z 192 36.42 -25.45 -113.10
CA ALA Z 192 37.84 -25.51 -112.82
C ALA Z 192 38.19 -24.83 -111.50
N SER Z 193 38.89 -25.57 -110.63
CA SER Z 193 39.34 -24.98 -109.38
C SER Z 193 40.78 -24.55 -109.55
N VAL Z 194 41.49 -25.26 -110.45
CA VAL Z 194 42.90 -24.93 -110.72
C VAL Z 194 43.24 -24.81 -112.21
N GLN Z 195 44.32 -24.07 -112.49
CA GLN Z 195 44.79 -23.85 -113.87
C GLN Z 195 45.62 -25.01 -114.39
N VAL Z 196 44.98 -26.10 -114.73
CA VAL Z 196 45.77 -27.26 -115.12
C VAL Z 196 45.40 -27.85 -116.45
N THR Z 197 46.32 -28.66 -116.98
CA THR Z 197 46.06 -29.34 -118.22
C THR Z 197 45.61 -30.74 -118.01
N ILE Z 198 45.02 -31.29 -119.05
CA ILE Z 198 44.56 -32.67 -118.98
C ILE Z 198 45.22 -33.63 -119.95
N ASP Z 199 46.12 -34.46 -119.43
CA ASP Z 199 46.79 -35.51 -120.22
C ASP Z 199 47.05 -35.23 -121.68
N ALA Z 200 48.07 -34.49 -122.00
CA ALA Z 200 48.33 -34.23 -123.41
C ALA Z 200 48.54 -35.53 -124.21
N GLY Z 201 48.83 -36.67 -123.57
CA GLY Z 201 49.04 -37.92 -124.29
C GLY Z 201 47.75 -38.67 -124.60
N ALA Z 202 46.60 -38.13 -124.19
CA ALA Z 202 45.33 -38.80 -124.41
C ALA Z 202 44.75 -38.42 -125.76
N THR Z 203 44.19 -39.41 -126.47
CA THR Z 203 43.51 -39.14 -127.71
C THR Z 203 42.25 -39.92 -127.65
N ASP Z 204 42.37 -41.04 -126.94
CA ASP Z 204 41.27 -41.96 -126.77
C ASP Z 204 40.42 -41.49 -125.62
N ALA Z 205 39.11 -41.69 -125.76
CA ALA Z 205 38.20 -41.32 -124.69
C ALA Z 205 38.56 -42.04 -123.42
N ALA Z 206 39.03 -43.28 -123.50
CA ALA Z 206 39.32 -43.98 -122.27
C ALA Z 206 40.36 -43.27 -121.44
N LYS Z 207 41.35 -42.67 -122.10
CA LYS Z 207 42.38 -42.00 -121.36
C LYS Z 207 41.87 -40.69 -120.85
N LEU Z 208 41.09 -40.00 -121.68
CA LEU Z 208 40.59 -38.72 -121.27
C LEU Z 208 39.67 -38.90 -120.07
N ASP Z 209 38.80 -39.92 -120.11
CA ASP Z 209 37.89 -40.14 -119.00
C ASP Z 209 38.69 -40.40 -117.74
N ALA Z 210 39.73 -41.22 -117.85
CA ALA Z 210 40.53 -41.54 -116.68
C ALA Z 210 41.18 -40.30 -116.11
N GLU Z 211 41.75 -39.44 -116.96
CA GLU Z 211 42.42 -38.28 -116.41
C GLU Z 211 41.41 -37.36 -115.79
N ILE Z 212 40.24 -37.21 -116.40
CA ILE Z 212 39.25 -36.34 -115.82
C ILE Z 212 38.87 -36.87 -114.46
N LYS Z 213 38.64 -38.18 -114.34
CA LYS Z 213 38.31 -38.72 -113.04
C LYS Z 213 39.39 -38.43 -112.02
N LYS Z 214 40.66 -38.52 -112.42
CA LYS Z 214 41.74 -38.22 -111.49
C LYS Z 214 41.68 -36.78 -111.04
N GLN Z 215 41.45 -35.86 -111.99
CA GLN Z 215 41.39 -34.43 -111.71
C GLN Z 215 40.18 -34.14 -110.83
N MET Z 216 39.12 -34.91 -111.03
CA MET Z 216 37.95 -34.79 -110.21
C MET Z 216 38.27 -35.20 -108.78
N GLU Z 217 38.90 -36.37 -108.60
CA GLU Z 217 39.21 -36.83 -107.26
C GLU Z 217 40.13 -35.86 -106.56
N ALA Z 218 41.04 -35.30 -107.35
CA ALA Z 218 42.03 -34.35 -106.91
C ALA Z 218 41.41 -33.02 -106.50
N GLY Z 219 40.16 -32.79 -106.88
CA GLY Z 219 39.49 -31.54 -106.60
C GLY Z 219 39.81 -30.46 -107.61
N ALA Z 220 40.53 -30.82 -108.69
CA ALA Z 220 40.92 -29.88 -109.74
C ALA Z 220 39.71 -29.45 -110.55
N LEU Z 221 38.82 -30.42 -110.76
CA LEU Z 221 37.59 -30.28 -111.52
C LEU Z 221 36.39 -30.71 -110.70
N VAL Z 222 35.43 -29.82 -110.51
CA VAL Z 222 34.28 -30.18 -109.67
C VAL Z 222 32.94 -30.15 -110.38
N GLU Z 223 32.15 -31.21 -110.19
CA GLU Z 223 30.86 -31.29 -110.84
C GLU Z 223 29.93 -30.18 -110.46
N ILE Z 224 29.31 -29.61 -111.47
CA ILE Z 224 28.43 -28.49 -111.26
C ILE Z 224 27.20 -28.42 -112.14
N ALA Z 225 26.15 -27.89 -111.55
CA ALA Z 225 24.89 -27.59 -112.21
C ALA Z 225 24.44 -26.29 -111.62
N GLU Z 226 23.74 -25.47 -112.40
CA GLU Z 226 23.29 -24.19 -111.89
C GLU Z 226 22.09 -23.67 -112.66
N GLY Z 227 21.16 -23.02 -111.98
CA GLY Z 227 19.99 -22.40 -112.62
C GLY Z 227 20.39 -21.01 -113.09
N MET Z 228 19.45 -20.17 -113.49
CA MET Z 228 19.87 -18.86 -113.98
C MET Z 228 18.98 -17.69 -113.69
N ALA Z 229 19.51 -16.51 -113.96
CA ALA Z 229 18.78 -15.27 -113.76
C ALA Z 229 17.45 -15.25 -114.49
N THR Z 230 16.46 -14.67 -113.83
CA THR Z 230 15.12 -14.48 -114.32
C THR Z 230 15.19 -13.65 -115.56
N SER Z 231 16.05 -12.63 -115.52
CA SER Z 231 16.20 -11.72 -116.66
C SER Z 231 16.64 -12.41 -117.94
N ILE Z 232 17.16 -13.61 -117.84
CA ILE Z 232 17.55 -14.30 -119.02
C ILE Z 232 16.34 -14.98 -119.55
N ALA Z 233 15.74 -15.81 -118.71
CA ALA Z 233 14.57 -16.58 -119.12
C ALA Z 233 13.44 -15.69 -119.60
N GLU Z 234 13.27 -14.57 -118.92
CA GLU Z 234 12.23 -13.61 -119.16
C GLU Z 234 12.24 -13.10 -120.58
N LEU Z 235 13.41 -12.95 -121.19
CA LEU Z 235 13.42 -12.36 -122.51
C LEU Z 235 13.92 -13.31 -123.57
N GLN Z 236 13.64 -14.60 -123.41
CA GLN Z 236 14.07 -15.54 -124.42
C GLN Z 236 13.19 -15.44 -125.67
N GLU Z 237 13.55 -16.21 -126.68
CA GLU Z 237 12.84 -16.27 -127.95
C GLU Z 237 12.70 -14.91 -128.64
N GLY Z 238 13.72 -14.06 -128.57
CA GLY Z 238 13.74 -12.77 -129.25
C GLY Z 238 12.95 -11.63 -128.59
N PHE Z 239 12.40 -11.87 -127.42
CA PHE Z 239 11.57 -10.87 -126.77
C PHE Z 239 12.25 -9.52 -126.55
N ASN Z 240 11.53 -8.46 -126.89
CA ASN Z 240 11.97 -7.08 -126.74
C ASN Z 240 13.33 -6.76 -127.34
N GLY Z 241 13.60 -7.28 -128.54
CA GLY Z 241 14.84 -6.99 -129.23
C GLY Z 241 16.00 -7.92 -128.89
N SER Z 242 15.79 -8.88 -128.01
CA SER Z 242 16.85 -9.81 -127.67
C SER Z 242 16.94 -10.74 -128.86
N THR Z 243 17.97 -11.58 -128.93
CA THR Z 243 18.03 -12.51 -130.05
C THR Z 243 18.84 -13.75 -129.79
N ASP Z 244 18.75 -14.67 -130.75
CA ASP Z 244 19.49 -15.93 -130.76
C ASP Z 244 19.37 -16.66 -129.44
N ASN Z 245 18.17 -16.64 -128.89
CA ASN Z 245 17.93 -17.22 -127.59
C ASN Z 245 16.67 -18.07 -127.43
N PRO Z 246 16.47 -19.11 -128.23
CA PRO Z 246 15.33 -20.00 -128.16
C PRO Z 246 15.45 -20.86 -126.92
N TRP Z 247 14.35 -21.38 -126.40
CA TRP Z 247 14.44 -22.29 -125.26
C TRP Z 247 14.96 -23.63 -125.73
N ASN Z 248 15.71 -24.33 -124.88
CA ASN Z 248 16.05 -25.72 -125.19
C ASN Z 248 14.78 -26.56 -125.26
N GLU Z 249 14.78 -27.55 -126.15
CA GLU Z 249 13.62 -28.39 -126.37
C GLU Z 249 13.85 -29.89 -126.23
N MET Z 250 12.75 -30.57 -125.92
CA MET Z 250 12.68 -32.02 -125.80
C MET Z 250 11.54 -32.60 -126.63
N GLY Z 251 11.58 -33.90 -126.85
CA GLY Z 251 10.59 -34.66 -127.58
C GLY Z 251 10.85 -36.14 -127.38
N PHE Z 252 10.55 -36.95 -128.40
CA PHE Z 252 10.76 -38.38 -128.31
C PHE Z 252 10.98 -38.97 -129.69
N ARG Z 253 11.47 -40.20 -129.68
CA ARG Z 253 11.72 -40.99 -130.87
C ARG Z 253 11.20 -42.40 -130.73
N ILE Z 254 10.62 -42.91 -131.80
CA ILE Z 254 10.18 -44.30 -131.80
C ILE Z 254 10.87 -45.07 -132.89
N ASP Z 255 11.42 -46.21 -132.54
CA ASP Z 255 12.12 -47.05 -133.50
C ASP Z 255 11.64 -48.47 -133.39
N LYS Z 256 12.29 -49.39 -134.12
CA LYS Z 256 11.85 -50.76 -134.01
C LYS Z 256 12.90 -51.78 -134.40
N GLN Z 257 12.58 -53.01 -134.12
CA GLN Z 257 13.39 -54.11 -134.54
C GLN Z 257 12.49 -55.23 -134.99
N VAL Z 258 12.98 -56.03 -135.91
CA VAL Z 258 12.14 -57.11 -136.43
C VAL Z 258 12.81 -58.48 -136.40
N ILE Z 259 12.04 -59.55 -136.47
CA ILE Z 259 12.60 -60.89 -136.44
C ILE Z 259 12.15 -61.77 -137.58
N GLU Z 260 12.82 -62.91 -137.70
CA GLU Z 260 12.50 -63.95 -138.67
C GLU Z 260 12.84 -65.29 -138.04
N ALA Z 261 11.99 -66.28 -138.27
CA ALA Z 261 12.18 -67.60 -137.69
C ALA Z 261 13.26 -68.41 -138.37
N LYS Z 262 13.88 -69.26 -137.57
CA LYS Z 262 14.78 -70.32 -138.02
C LYS Z 262 14.08 -71.63 -137.73
N SER Z 263 14.57 -72.71 -138.31
CA SER Z 263 13.94 -74.02 -138.20
C SER Z 263 14.87 -75.16 -137.83
N ARG Z 264 14.26 -76.31 -137.56
CA ARG Z 264 15.05 -77.49 -137.23
C ARG Z 264 14.39 -78.70 -137.83
N GLN Z 265 15.20 -79.62 -138.39
CA GLN Z 265 14.62 -80.82 -139.00
C GLN Z 265 15.47 -82.08 -138.81
N LEU Z 266 14.84 -83.20 -138.43
CA LEU Z 266 15.53 -84.50 -138.28
C LEU Z 266 14.83 -85.67 -138.94
N LYS Z 267 15.62 -86.70 -139.30
CA LYS Z 267 15.09 -87.94 -139.90
C LYS Z 267 15.47 -89.23 -139.14
N ALA Z 268 14.61 -90.25 -139.20
CA ALA Z 268 14.88 -91.57 -138.57
C ALA Z 268 15.70 -92.50 -139.47
N ALA Z 269 15.33 -92.61 -140.75
CA ALA Z 269 16.04 -93.46 -141.70
C ALA Z 269 16.35 -94.88 -141.22
N TYR Z 270 15.32 -95.62 -140.82
CA TYR Z 270 15.52 -96.94 -140.27
C TYR Z 270 15.00 -98.02 -141.20
N SER Z 271 15.49 -99.24 -141.01
CA SER Z 271 15.05 -100.36 -141.83
C SER Z 271 13.83 -101.07 -141.27
N ILE Z 272 13.01 -101.58 -142.19
CA ILE Z 272 11.84 -102.35 -141.83
C ILE Z 272 12.17 -103.65 -141.16
N GLU Z 273 13.09 -104.39 -141.72
CA GLU Z 273 13.45 -105.68 -141.20
C GLU Z 273 14.00 -105.60 -139.80
N LEU Z 274 14.80 -104.56 -139.54
CA LEU Z 274 15.36 -104.44 -138.22
C LEU Z 274 14.24 -104.16 -137.23
N ALA Z 275 13.27 -103.31 -137.62
CA ALA Z 275 12.15 -103.05 -136.73
C ALA Z 275 11.35 -104.33 -136.48
N GLN Z 276 11.21 -105.17 -137.50
CA GLN Z 276 10.48 -106.41 -137.33
C GLN Z 276 11.16 -107.29 -136.32
N ASP Z 277 12.50 -107.36 -136.38
CA ASP Z 277 13.22 -108.15 -135.41
C ASP Z 277 13.07 -107.58 -134.01
N LEU Z 278 13.08 -106.26 -133.86
CA LEU Z 278 12.91 -105.74 -132.51
C LEU Z 278 11.58 -106.17 -131.92
N ARG Z 279 10.53 -106.13 -132.73
CA ARG Z 279 9.25 -106.60 -132.24
C ARG Z 279 9.32 -108.07 -131.85
N ALA Z 280 9.95 -108.89 -132.70
CA ALA Z 280 10.10 -110.32 -132.42
C ALA Z 280 10.94 -110.64 -131.18
N VAL Z 281 11.99 -109.86 -130.95
CA VAL Z 281 12.94 -110.09 -129.88
C VAL Z 281 12.63 -109.42 -128.55
N HIS Z 282 12.37 -108.12 -128.57
CA HIS Z 282 12.18 -107.38 -127.33
C HIS Z 282 10.72 -107.05 -127.05
N GLY Z 283 9.88 -107.07 -128.08
CA GLY Z 283 8.47 -106.71 -127.93
C GLY Z 283 8.27 -105.21 -128.03
N MET Z 284 9.34 -104.52 -128.36
CA MET Z 284 9.39 -103.09 -128.54
C MET Z 284 8.55 -102.72 -129.73
N ASP Z 285 7.91 -101.54 -129.67
CA ASP Z 285 7.12 -101.04 -130.81
C ASP Z 285 7.96 -101.07 -132.07
N ALA Z 286 9.18 -100.61 -131.87
CA ALA Z 286 10.28 -100.48 -132.81
C ALA Z 286 10.16 -99.36 -133.85
N ASP Z 287 9.06 -98.59 -133.88
CA ASP Z 287 9.02 -97.43 -134.76
C ASP Z 287 9.04 -96.17 -133.89
N ALA Z 288 8.22 -96.20 -132.85
CA ALA Z 288 7.97 -95.12 -131.91
C ALA Z 288 9.20 -94.64 -131.19
N GLU Z 289 10.13 -95.57 -130.93
CA GLU Z 289 11.38 -95.26 -130.17
C GLU Z 289 12.22 -94.25 -130.96
N LEU Z 290 12.12 -94.26 -132.29
CA LEU Z 290 12.89 -93.37 -133.10
C LEU Z 290 12.20 -92.04 -133.12
N SER Z 291 10.88 -92.09 -133.20
CA SER Z 291 10.09 -90.87 -133.22
C SER Z 291 10.38 -90.08 -131.94
N GLY Z 292 10.34 -90.80 -130.81
CA GLY Z 292 10.60 -90.24 -129.51
C GLY Z 292 11.94 -89.52 -129.47
N ILE Z 293 13.00 -90.22 -129.90
CA ILE Z 293 14.33 -89.64 -129.86
C ILE Z 293 14.41 -88.38 -130.68
N LEU Z 294 13.89 -88.41 -131.89
CA LEU Z 294 14.02 -87.25 -132.74
C LEU Z 294 13.28 -86.05 -132.17
N ALA Z 295 12.06 -86.26 -131.67
CA ALA Z 295 11.31 -85.16 -131.12
C ALA Z 295 12.01 -84.59 -129.90
N THR Z 296 12.56 -85.50 -129.09
CA THR Z 296 13.23 -85.14 -127.88
C THR Z 296 14.43 -84.29 -128.19
N GLU Z 297 15.19 -84.75 -129.19
CA GLU Z 297 16.43 -84.10 -129.67
C GLU Z 297 16.13 -82.66 -130.11
N ILE Z 298 15.02 -82.44 -130.82
CA ILE Z 298 14.75 -81.08 -131.27
C ILE Z 298 14.46 -80.17 -130.08
N MET Z 299 13.59 -80.61 -129.18
CA MET Z 299 13.29 -79.71 -128.07
C MET Z 299 14.51 -79.44 -127.17
N LEU Z 300 15.41 -80.42 -127.02
CA LEU Z 300 16.60 -80.18 -126.23
C LEU Z 300 17.54 -79.20 -126.90
N GLU Z 301 17.71 -79.36 -128.22
CA GLU Z 301 18.61 -78.50 -129.03
C GLU Z 301 18.14 -77.04 -128.91
N ILE Z 302 16.82 -76.82 -128.97
CA ILE Z 302 16.28 -75.48 -128.87
C ILE Z 302 16.59 -74.91 -127.51
N ASN Z 303 16.33 -75.70 -126.48
CA ASN Z 303 16.60 -75.24 -125.14
C ASN Z 303 18.03 -74.78 -125.02
N ARG Z 304 18.95 -75.57 -125.56
CA ARG Z 304 20.33 -75.19 -125.46
C ARG Z 304 20.69 -73.94 -126.21
N GLU Z 305 20.11 -73.76 -127.39
CA GLU Z 305 20.38 -72.54 -128.21
C GLU Z 305 20.00 -71.29 -127.40
N VAL Z 306 19.04 -71.42 -126.48
CA VAL Z 306 18.62 -70.32 -125.65
C VAL Z 306 19.63 -70.09 -124.55
N VAL Z 307 20.04 -71.17 -123.89
CA VAL Z 307 21.00 -71.05 -122.81
C VAL Z 307 22.30 -70.45 -123.30
N ASP Z 308 22.78 -70.89 -124.45
CA ASP Z 308 24.03 -70.34 -124.92
C ASP Z 308 23.89 -68.95 -125.49
N TRP Z 309 22.73 -68.56 -126.02
CA TRP Z 309 22.60 -67.18 -126.47
C TRP Z 309 22.73 -66.28 -125.25
N ILE Z 310 22.28 -66.76 -124.11
CA ILE Z 310 22.46 -65.99 -122.90
C ILE Z 310 23.93 -65.89 -122.58
N ASN Z 311 24.64 -67.01 -122.60
CA ASN Z 311 26.06 -66.97 -122.28
C ASN Z 311 26.84 -66.09 -123.27
N TYR Z 312 26.43 -66.15 -124.52
CA TYR Z 312 26.98 -65.42 -125.64
C TYR Z 312 26.86 -63.94 -125.42
N SER Z 313 25.64 -63.52 -125.13
CA SER Z 313 25.36 -62.13 -124.96
C SER Z 313 25.64 -61.57 -123.56
N ALA Z 314 25.77 -62.42 -122.55
CA ALA Z 314 26.07 -61.92 -121.23
C ALA Z 314 27.38 -61.16 -121.26
N GLN Z 315 27.44 -60.07 -120.50
CA GLN Z 315 28.65 -59.28 -120.42
C GLN Z 315 29.61 -59.89 -119.42
N VAL Z 316 30.89 -59.71 -119.63
CA VAL Z 316 31.85 -60.21 -118.67
C VAL Z 316 31.65 -59.50 -117.31
N GLY Z 317 31.55 -60.30 -116.24
CA GLY Z 317 31.38 -59.75 -114.90
C GLY Z 317 32.75 -59.44 -114.33
N LYS Z 318 32.83 -59.03 -113.06
CA LYS Z 318 34.14 -58.70 -112.49
C LYS Z 318 34.89 -57.84 -113.45
N SER Z 319 34.24 -56.75 -113.84
CA SER Z 319 34.75 -55.84 -114.84
C SER Z 319 34.13 -54.46 -114.63
N GLY Z 320 34.94 -53.43 -114.84
CA GLY Z 320 34.43 -52.07 -114.70
C GLY Z 320 34.00 -51.82 -113.28
N MET Z 321 32.73 -51.47 -113.11
CA MET Z 321 32.17 -51.16 -111.81
C MET Z 321 32.22 -52.31 -110.81
N THR Z 322 32.34 -53.53 -111.30
CA THR Z 322 32.38 -54.67 -110.40
C THR Z 322 33.76 -55.27 -110.26
N LEU Z 323 34.77 -54.57 -110.78
CA LEU Z 323 36.14 -55.06 -110.75
C LEU Z 323 36.97 -54.49 -109.62
N THR Z 324 37.54 -55.38 -108.80
CA THR Z 324 38.43 -54.94 -107.76
C THR Z 324 39.69 -54.55 -108.53
N PRO Z 325 40.30 -53.38 -108.33
CA PRO Z 325 41.50 -52.97 -109.04
C PRO Z 325 42.63 -54.01 -109.09
N GLY Z 326 42.78 -54.84 -108.05
CA GLY Z 326 43.84 -55.84 -108.05
C GLY Z 326 43.47 -57.18 -108.69
N SER Z 327 42.29 -57.25 -109.29
CA SER Z 327 41.77 -58.48 -109.86
C SER Z 327 42.19 -58.82 -111.29
N LYS Z 328 41.61 -59.90 -111.80
CA LYS Z 328 41.97 -60.47 -113.11
C LYS Z 328 40.96 -60.30 -114.25
N ALA Z 329 39.95 -59.46 -114.07
CA ALA Z 329 38.98 -59.15 -115.13
C ALA Z 329 38.15 -60.34 -115.64
N GLY Z 330 37.08 -60.67 -114.93
CA GLY Z 330 36.18 -61.76 -115.34
C GLY Z 330 36.33 -63.14 -114.70
N VAL Z 331 37.33 -63.33 -113.86
CA VAL Z 331 37.50 -64.64 -113.21
C VAL Z 331 37.65 -64.54 -111.70
N PHE Z 332 36.94 -65.41 -110.98
CA PHE Z 332 37.00 -65.46 -109.52
C PHE Z 332 37.75 -66.70 -109.10
N ASP Z 333 38.97 -66.51 -108.61
CA ASP Z 333 39.84 -67.61 -108.21
C ASP Z 333 39.93 -67.72 -106.69
N PHE Z 334 39.39 -68.78 -106.11
CA PHE Z 334 39.38 -68.93 -104.66
C PHE Z 334 40.75 -69.03 -104.01
N GLN Z 335 41.81 -69.16 -104.81
CA GLN Z 335 43.14 -69.21 -104.28
C GLN Z 335 43.80 -67.83 -104.30
N ASP Z 336 43.09 -66.82 -104.81
CA ASP Z 336 43.58 -65.46 -104.96
C ASP Z 336 43.02 -64.52 -103.86
N PRO Z 337 43.86 -63.99 -102.94
CA PRO Z 337 43.50 -63.11 -101.83
C PRO Z 337 42.63 -61.92 -102.23
N ILE Z 338 42.77 -61.44 -103.47
CA ILE Z 338 41.95 -60.29 -103.85
C ILE Z 338 40.50 -60.72 -103.98
N ASP Z 339 40.26 -61.76 -104.76
CA ASP Z 339 38.93 -62.28 -104.99
C ASP Z 339 38.28 -62.77 -103.73
N ILE Z 340 39.07 -63.32 -102.83
CA ILE Z 340 38.46 -63.83 -101.63
C ILE Z 340 38.46 -62.82 -100.50
N ARG Z 341 38.77 -61.58 -100.84
CA ARG Z 341 38.70 -60.48 -99.91
C ARG Z 341 39.46 -60.75 -98.60
N GLY Z 342 40.67 -61.28 -98.70
CA GLY Z 342 41.49 -61.51 -97.53
C GLY Z 342 41.16 -62.77 -96.72
N ALA Z 343 40.21 -63.56 -97.22
CA ALA Z 343 39.77 -64.77 -96.54
C ALA Z 343 40.84 -65.81 -96.37
N ARG Z 344 40.66 -66.58 -95.32
CA ARG Z 344 41.43 -67.72 -94.96
C ARG Z 344 40.55 -68.90 -95.31
N TRP Z 345 40.64 -69.96 -94.54
CA TRP Z 345 39.85 -71.17 -94.73
C TRP Z 345 38.48 -70.94 -95.39
N ALA Z 346 38.07 -71.93 -96.19
CA ALA Z 346 36.80 -72.00 -96.93
C ALA Z 346 35.60 -71.43 -96.17
N GLY Z 347 35.52 -71.63 -94.85
CA GLY Z 347 34.37 -71.12 -94.09
C GLY Z 347 34.25 -69.58 -94.16
N GLU Z 348 35.32 -68.93 -94.64
CA GLU Z 348 35.39 -67.49 -94.88
C GLU Z 348 35.43 -67.23 -96.39
N SER Z 349 36.26 -68.01 -97.07
CA SER Z 349 36.47 -67.82 -98.51
C SER Z 349 35.23 -68.08 -99.35
N PHE Z 350 34.48 -69.12 -99.05
CA PHE Z 350 33.31 -69.40 -99.85
C PHE Z 350 32.35 -68.23 -99.80
N LYS Z 351 32.19 -67.63 -98.64
CA LYS Z 351 31.30 -66.50 -98.47
C LYS Z 351 31.68 -65.34 -99.39
N ALA Z 352 32.98 -65.18 -99.66
CA ALA Z 352 33.43 -64.12 -100.55
C ALA Z 352 32.76 -64.20 -101.93
N LEU Z 353 32.44 -65.41 -102.39
CA LEU Z 353 31.82 -65.53 -103.69
C LEU Z 353 30.44 -64.90 -103.69
N LEU Z 354 29.71 -65.04 -102.57
CA LEU Z 354 28.35 -64.55 -102.51
C LEU Z 354 28.40 -63.05 -102.69
N PHE Z 355 29.41 -62.45 -102.06
CA PHE Z 355 29.60 -61.02 -102.17
C PHE Z 355 29.73 -60.61 -103.63
N GLN Z 356 30.59 -61.30 -104.39
CA GLN Z 356 30.72 -60.94 -105.79
C GLN Z 356 29.44 -61.16 -106.58
N ILE Z 357 28.68 -62.22 -106.25
CA ILE Z 357 27.44 -62.48 -106.97
C ILE Z 357 26.51 -61.30 -106.81
N ASP Z 358 26.37 -60.79 -105.59
CA ASP Z 358 25.56 -59.61 -105.43
C ASP Z 358 26.11 -58.45 -106.23
N LYS Z 359 27.43 -58.25 -106.25
CA LYS Z 359 27.93 -57.11 -106.99
C LYS Z 359 27.47 -57.15 -108.43
N GLU Z 360 27.48 -58.34 -109.02
CA GLU Z 360 27.03 -58.40 -110.40
C GLU Z 360 25.54 -58.16 -110.49
N ALA Z 361 24.75 -58.69 -109.56
CA ALA Z 361 23.30 -58.50 -109.60
C ALA Z 361 22.93 -57.03 -109.51
N VAL Z 362 23.69 -56.29 -108.69
CA VAL Z 362 23.50 -54.87 -108.47
C VAL Z 362 23.85 -54.07 -109.72
N GLU Z 363 24.98 -54.38 -110.33
CA GLU Z 363 25.35 -53.67 -111.53
C GLU Z 363 24.34 -53.94 -112.62
N ILE Z 364 23.81 -55.16 -112.69
CA ILE Z 364 22.80 -55.49 -113.67
C ILE Z 364 21.60 -54.64 -113.44
N ALA Z 365 21.17 -54.48 -112.19
CA ALA Z 365 19.99 -53.68 -111.97
C ALA Z 365 20.07 -52.34 -112.62
N ARG Z 366 21.24 -51.74 -112.46
CA ARG Z 366 21.49 -50.44 -113.00
C ARG Z 366 21.71 -50.45 -114.50
N GLN Z 367 22.46 -51.42 -114.99
CA GLN Z 367 22.78 -51.48 -116.39
C GLN Z 367 21.55 -51.65 -117.24
N THR Z 368 20.58 -52.43 -116.78
CA THR Z 368 19.35 -52.56 -117.53
C THR Z 368 18.41 -51.44 -117.18
N GLY Z 369 18.49 -50.95 -115.94
CA GLY Z 369 17.60 -49.93 -115.46
C GLY Z 369 16.25 -50.58 -115.19
N ARG Z 370 16.29 -51.88 -114.88
CA ARG Z 370 15.07 -52.65 -114.71
C ARG Z 370 14.92 -53.37 -113.37
N GLY Z 371 15.99 -53.48 -112.60
CA GLY Z 371 15.90 -54.26 -111.37
C GLY Z 371 17.01 -55.29 -111.32
N GLU Z 372 17.39 -55.67 -110.11
CA GLU Z 372 18.53 -56.57 -109.91
C GLU Z 372 18.30 -57.95 -110.35
N GLY Z 373 19.42 -58.61 -110.59
CA GLY Z 373 19.36 -59.99 -111.00
C GLY Z 373 18.51 -60.78 -110.01
N ASN Z 374 17.84 -61.80 -110.53
CA ASN Z 374 16.97 -62.63 -109.73
C ASN Z 374 17.16 -64.11 -109.97
N PHE Z 375 18.23 -64.43 -110.68
CA PHE Z 375 18.61 -65.81 -110.92
C PHE Z 375 20.06 -65.98 -111.29
N ILE Z 376 20.48 -67.22 -111.16
CA ILE Z 376 21.77 -67.71 -111.55
C ILE Z 376 21.72 -69.13 -112.10
N ILE Z 377 22.48 -69.38 -113.16
CA ILE Z 377 22.66 -70.74 -113.65
C ILE Z 377 24.14 -70.97 -113.43
N ALA Z 378 24.51 -72.04 -112.72
CA ALA Z 378 25.92 -72.22 -112.44
C ALA Z 378 26.33 -73.66 -112.44
N SER Z 379 27.62 -73.90 -112.65
CA SER Z 379 28.13 -75.26 -112.66
C SER Z 379 27.86 -75.94 -111.35
N ARG Z 380 27.93 -77.27 -111.37
CA ARG Z 380 27.68 -78.07 -110.18
C ARG Z 380 28.61 -77.68 -109.05
N ASN Z 381 29.84 -77.33 -109.38
CA ASN Z 381 30.84 -76.94 -108.40
C ASN Z 381 30.43 -75.68 -107.65
N VAL Z 382 29.78 -74.75 -108.34
CA VAL Z 382 29.36 -73.51 -107.73
C VAL Z 382 28.24 -73.81 -106.80
N VAL Z 383 27.32 -74.63 -107.28
CA VAL Z 383 26.18 -74.97 -106.48
C VAL Z 383 26.63 -75.67 -105.22
N ASN Z 384 27.59 -76.60 -105.32
CA ASN Z 384 28.07 -77.30 -104.14
C ASN Z 384 28.63 -76.33 -103.13
N VAL Z 385 29.31 -75.28 -103.62
CA VAL Z 385 29.78 -74.26 -102.70
C VAL Z 385 28.59 -73.55 -102.07
N LEU Z 386 27.63 -73.13 -102.88
CA LEU Z 386 26.51 -72.37 -102.35
C LEU Z 386 25.72 -73.20 -101.34
N ALA Z 387 25.59 -74.48 -101.60
CA ALA Z 387 24.79 -75.39 -100.80
C ALA Z 387 25.41 -75.74 -99.47
N SER Z 388 26.68 -75.41 -99.29
CA SER Z 388 27.45 -75.78 -98.12
C SER Z 388 27.84 -74.58 -97.28
N VAL Z 389 27.30 -73.40 -97.61
CA VAL Z 389 27.64 -72.20 -96.88
C VAL Z 389 26.39 -71.49 -96.40
N ASP Z 390 26.47 -70.82 -95.28
CA ASP Z 390 25.37 -70.01 -94.82
C ASP Z 390 25.40 -68.76 -95.64
N THR Z 391 24.38 -68.58 -96.46
CA THR Z 391 24.36 -67.47 -97.37
C THR Z 391 23.79 -66.21 -96.75
N GLY Z 392 23.28 -66.30 -95.53
CA GLY Z 392 22.72 -65.12 -94.90
C GLY Z 392 23.86 -64.34 -94.31
N ILE Z 393 23.58 -63.24 -93.65
CA ILE Z 393 24.68 -62.49 -93.11
C ILE Z 393 25.01 -63.04 -91.75
N SER Z 394 26.16 -63.68 -91.66
CA SER Z 394 26.53 -64.37 -90.44
C SER Z 394 28.03 -64.51 -90.31
N TYR Z 395 28.45 -64.96 -89.12
CA TYR Z 395 29.85 -65.06 -88.74
C TYR Z 395 30.78 -65.90 -89.61
N ALA Z 396 30.42 -67.14 -89.88
CA ALA Z 396 31.27 -68.02 -90.68
C ALA Z 396 30.44 -69.20 -91.07
N ALA Z 397 30.80 -69.92 -92.14
CA ALA Z 397 30.02 -71.11 -92.39
C ALA Z 397 30.61 -72.13 -93.36
N GLN Z 398 30.55 -73.38 -92.94
CA GLN Z 398 30.91 -74.53 -93.77
C GLN Z 398 30.26 -75.79 -93.25
N GLY Z 399 29.75 -76.63 -94.14
CA GLY Z 399 29.28 -77.96 -93.77
C GLY Z 399 28.97 -78.77 -94.99
N LEU Z 400 28.21 -79.85 -94.80
CA LEU Z 400 27.78 -80.70 -95.91
C LEU Z 400 26.81 -79.91 -96.72
N ALA Z 401 26.78 -80.14 -98.01
CA ALA Z 401 25.81 -79.46 -98.83
C ALA Z 401 24.40 -79.90 -98.47
N THR Z 402 23.51 -78.94 -98.21
CA THR Z 402 22.13 -79.27 -97.91
C THR Z 402 21.23 -78.29 -98.60
N GLY Z 403 21.79 -77.11 -98.87
CA GLY Z 403 21.01 -75.98 -99.36
C GLY Z 403 20.29 -76.15 -100.69
N PHE Z 404 20.88 -76.91 -101.60
CA PHE Z 404 20.32 -77.07 -102.93
C PHE Z 404 20.36 -78.49 -103.44
N SER Z 405 19.49 -78.80 -104.40
CA SER Z 405 19.59 -80.08 -105.09
C SER Z 405 20.75 -80.07 -106.05
N THR Z 406 21.41 -81.20 -106.17
CA THR Z 406 22.53 -81.36 -107.08
C THR Z 406 22.22 -82.36 -108.20
N ASP Z 407 21.02 -82.93 -108.19
CA ASP Z 407 20.71 -83.95 -109.18
C ASP Z 407 20.07 -83.43 -110.47
N THR Z 408 20.83 -83.52 -111.56
CA THR Z 408 20.42 -83.03 -112.88
C THR Z 408 19.58 -84.10 -113.58
N THR Z 409 19.45 -85.19 -112.83
CA THR Z 409 18.72 -86.37 -113.17
C THR Z 409 17.30 -86.23 -112.63
N LYS Z 410 17.08 -85.21 -111.77
CA LYS Z 410 15.77 -84.99 -111.17
C LYS Z 410 15.22 -83.66 -111.61
N SER Z 411 16.06 -82.65 -111.63
CA SER Z 411 15.66 -81.32 -112.01
C SER Z 411 16.82 -80.58 -112.60
N VAL Z 412 16.64 -79.28 -112.73
CA VAL Z 412 17.64 -78.38 -113.23
C VAL Z 412 17.64 -77.22 -112.30
N PHE Z 413 16.57 -77.19 -111.52
CA PHE Z 413 16.35 -76.14 -110.55
C PHE Z 413 16.83 -76.68 -109.24
N ALA Z 414 17.82 -76.03 -108.70
CA ALA Z 414 18.47 -76.49 -107.49
C ALA Z 414 17.81 -75.93 -106.24
N GLY Z 415 17.34 -74.69 -106.31
CA GLY Z 415 16.73 -74.01 -105.15
C GLY Z 415 16.90 -72.50 -105.26
N VAL Z 416 16.70 -71.76 -104.17
CA VAL Z 416 16.82 -70.30 -104.29
C VAL Z 416 17.91 -69.74 -103.36
N LEU Z 417 18.86 -69.04 -103.93
CA LEU Z 417 19.99 -68.53 -103.20
C LEU Z 417 19.68 -67.34 -102.36
N GLY Z 418 19.74 -67.58 -101.05
CA GLY Z 418 19.45 -66.57 -100.05
C GLY Z 418 17.97 -66.29 -99.99
N GLY Z 419 17.18 -67.11 -100.69
CA GLY Z 419 15.77 -66.84 -100.77
C GLY Z 419 15.51 -65.74 -101.81
N LYS Z 420 16.57 -65.31 -102.51
CA LYS Z 420 16.46 -64.23 -103.48
C LYS Z 420 16.72 -64.61 -104.93
N TYR Z 421 17.73 -65.42 -105.22
CA TYR Z 421 18.06 -65.67 -106.62
C TYR Z 421 17.77 -67.10 -107.03
N ARG Z 422 16.94 -67.32 -108.02
CA ARG Z 422 16.69 -68.71 -108.39
C ARG Z 422 17.98 -69.36 -108.86
N VAL Z 423 18.27 -70.55 -108.37
CA VAL Z 423 19.49 -71.27 -108.74
C VAL Z 423 19.21 -72.49 -109.57
N TYR Z 424 19.76 -72.46 -110.79
CA TYR Z 424 19.67 -73.56 -111.77
C TYR Z 424 21.08 -74.12 -111.98
N ILE Z 425 21.18 -75.39 -112.41
CA ILE Z 425 22.44 -76.07 -112.62
C ILE Z 425 22.88 -76.06 -114.06
N ASP Z 426 24.09 -75.59 -114.31
CA ASP Z 426 24.63 -75.62 -115.64
C ASP Z 426 25.19 -77.00 -115.84
N GLN Z 427 24.30 -77.93 -116.09
CA GLN Z 427 24.62 -79.34 -116.15
C GLN Z 427 25.60 -79.66 -117.27
N TYR Z 428 25.72 -78.75 -118.24
CA TYR Z 428 26.62 -78.91 -119.36
C TYR Z 428 27.76 -77.88 -119.37
N ALA Z 429 28.10 -77.30 -118.24
CA ALA Z 429 29.18 -76.31 -118.25
C ALA Z 429 30.43 -76.95 -118.84
N LYS Z 430 31.15 -76.20 -119.67
CA LYS Z 430 32.36 -76.73 -120.27
C LYS Z 430 33.50 -76.85 -119.29
N GLN Z 431 33.64 -75.90 -118.38
CA GLN Z 431 34.69 -76.05 -117.39
C GLN Z 431 34.23 -75.72 -115.99
N ASP Z 432 34.02 -74.44 -115.71
CA ASP Z 432 33.56 -74.06 -114.38
C ASP Z 432 33.30 -72.56 -114.37
N TYR Z 433 32.03 -72.17 -114.36
CA TYR Z 433 31.74 -70.72 -114.39
C TYR Z 433 30.23 -70.56 -114.24
N PHE Z 434 29.82 -69.33 -113.91
CA PHE Z 434 28.40 -69.09 -113.73
C PHE Z 434 27.90 -67.85 -114.46
N THR Z 435 26.60 -67.82 -114.69
CA THR Z 435 25.93 -66.68 -115.30
C THR Z 435 24.76 -66.21 -114.46
N VAL Z 436 24.66 -64.91 -114.28
CA VAL Z 436 23.58 -64.34 -113.51
C VAL Z 436 22.80 -63.36 -114.34
N GLY Z 437 21.58 -63.08 -113.91
CA GLY Z 437 20.78 -62.12 -114.64
C GLY Z 437 19.44 -61.78 -114.05
N TYR Z 438 18.76 -60.90 -114.78
CA TYR Z 438 17.45 -60.39 -114.44
C TYR Z 438 16.37 -60.74 -115.44
N LYS Z 439 15.21 -61.13 -114.93
CA LYS Z 439 14.03 -61.33 -115.76
C LYS Z 439 12.84 -60.79 -114.99
N GLY Z 440 12.07 -59.91 -115.62
CA GLY Z 440 10.96 -59.32 -114.89
C GLY Z 440 9.70 -60.16 -114.97
N PRO Z 441 8.69 -59.85 -114.14
CA PRO Z 441 7.36 -60.48 -114.10
C PRO Z 441 6.60 -60.22 -115.40
N ASN Z 442 7.02 -59.17 -116.10
CA ASN Z 442 6.47 -58.78 -117.36
C ASN Z 442 7.22 -59.57 -118.39
N GLU Z 443 6.51 -60.47 -119.09
CA GLU Z 443 7.08 -61.39 -120.10
C GLU Z 443 7.96 -60.65 -121.13
N MET Z 444 7.69 -59.38 -121.43
CA MET Z 444 8.46 -58.70 -122.44
C MET Z 444 9.76 -58.13 -121.90
N ASP Z 445 9.96 -58.16 -120.59
CA ASP Z 445 11.12 -57.65 -119.89
C ASP Z 445 12.14 -58.76 -119.59
N ALA Z 446 12.83 -59.31 -120.61
CA ALA Z 446 13.72 -60.43 -120.30
C ALA Z 446 15.09 -60.39 -120.98
N GLY Z 447 15.31 -59.45 -121.86
CA GLY Z 447 16.59 -59.41 -122.57
C GLY Z 447 16.59 -60.34 -123.76
N ILE Z 448 16.46 -61.63 -123.47
CA ILE Z 448 16.40 -62.69 -124.49
C ILE Z 448 14.98 -63.26 -124.53
N TYR Z 449 14.48 -63.52 -125.75
CA TYR Z 449 13.14 -64.07 -125.95
C TYR Z 449 13.14 -65.27 -126.93
N TYR Z 450 12.21 -66.21 -126.70
CA TYR Z 450 12.03 -67.38 -127.60
C TYR Z 450 10.58 -67.39 -128.10
N ALA Z 451 10.35 -67.62 -129.40
CA ALA Z 451 8.97 -67.61 -129.90
C ALA Z 451 8.52 -68.86 -130.68
N PRO Z 452 8.01 -69.91 -130.04
CA PRO Z 452 7.71 -71.22 -130.62
C PRO Z 452 6.49 -71.20 -131.52
N TYR Z 453 6.64 -70.54 -132.68
CA TYR Z 453 5.55 -70.44 -133.69
C TYR Z 453 4.97 -71.84 -133.93
N VAL Z 454 5.78 -72.74 -134.51
CA VAL Z 454 5.31 -74.10 -134.76
C VAL Z 454 6.35 -75.07 -134.23
N ALA Z 455 5.97 -76.31 -133.93
CA ALA Z 455 6.99 -77.25 -133.50
C ALA Z 455 6.56 -78.69 -133.56
N LEU Z 456 7.58 -79.55 -133.66
CA LEU Z 456 7.45 -80.99 -133.60
C LEU Z 456 6.42 -81.56 -134.56
N THR Z 457 6.36 -81.01 -135.75
CA THR Z 457 5.44 -81.54 -136.73
C THR Z 457 6.12 -82.75 -137.30
N PRO Z 458 5.52 -83.92 -137.29
CA PRO Z 458 6.12 -85.12 -137.80
C PRO Z 458 6.14 -85.12 -139.31
N LEU Z 459 7.08 -85.85 -139.86
CA LEU Z 459 7.10 -86.14 -141.27
C LEU Z 459 6.75 -87.60 -141.32
N ARG Z 460 6.03 -88.00 -142.37
CA ARG Z 460 5.64 -89.38 -142.55
C ARG Z 460 5.65 -89.74 -144.02
N GLY Z 461 5.96 -90.98 -144.34
CA GLY Z 461 5.87 -91.44 -145.73
C GLY Z 461 6.65 -92.72 -145.97
N SER Z 462 7.10 -92.91 -147.21
CA SER Z 462 7.89 -94.05 -147.64
C SER Z 462 8.60 -93.68 -148.92
N ASP Z 463 9.64 -94.43 -149.27
CA ASP Z 463 10.32 -94.25 -150.54
C ASP Z 463 10.29 -95.57 -151.34
N PRO Z 464 9.44 -95.72 -152.37
CA PRO Z 464 9.21 -96.90 -153.19
C PRO Z 464 10.48 -97.45 -153.83
N LYS Z 465 11.56 -96.67 -153.90
CA LYS Z 465 12.75 -97.24 -154.49
C LYS Z 465 13.27 -98.41 -153.66
N ASN Z 466 12.96 -98.43 -152.34
CA ASN Z 466 13.40 -99.52 -151.50
C ASN Z 466 12.33 -99.79 -150.47
N PHE Z 467 11.27 -98.99 -150.58
CA PHE Z 467 10.07 -99.04 -149.74
C PHE Z 467 10.30 -98.85 -148.28
N GLN Z 468 11.38 -98.24 -147.89
CA GLN Z 468 11.62 -98.04 -146.50
C GLN Z 468 10.80 -96.82 -146.11
N PRO Z 469 10.36 -96.71 -144.85
CA PRO Z 469 9.55 -95.64 -144.30
C PRO Z 469 10.23 -94.29 -144.14
N VAL Z 470 9.41 -93.27 -144.13
CA VAL Z 470 9.85 -91.92 -143.85
C VAL Z 470 9.25 -91.52 -142.53
N MET Z 471 10.13 -91.06 -141.67
CA MET Z 471 9.84 -90.60 -140.35
C MET Z 471 10.77 -89.47 -140.03
N GLY Z 472 10.25 -88.44 -139.40
CA GLY Z 472 11.04 -87.30 -138.96
C GLY Z 472 10.20 -86.26 -138.29
N PHE Z 473 10.84 -85.15 -137.92
CA PHE Z 473 10.20 -83.99 -137.27
C PHE Z 473 10.71 -82.65 -137.73
N LYS Z 474 9.84 -81.64 -137.68
CA LYS Z 474 10.24 -80.28 -137.97
C LYS Z 474 9.60 -79.17 -137.12
N THR Z 475 10.36 -78.09 -136.93
CA THR Z 475 9.93 -76.85 -136.27
C THR Z 475 10.33 -75.59 -136.99
N ARG Z 476 9.82 -74.46 -136.50
CA ARG Z 476 10.13 -73.11 -136.96
C ARG Z 476 9.70 -72.12 -135.89
N TYR Z 477 10.65 -71.32 -135.41
CA TYR Z 477 10.29 -70.43 -134.29
C TYR Z 477 10.87 -69.02 -134.27
N GLY Z 478 12.18 -68.92 -134.24
CA GLY Z 478 12.81 -67.61 -134.10
C GLY Z 478 13.00 -67.24 -132.64
N ILE Z 479 14.03 -66.44 -132.42
CA ILE Z 479 14.43 -65.90 -131.13
C ILE Z 479 14.66 -64.42 -131.30
N GLY Z 480 14.84 -63.71 -130.20
CA GLY Z 480 15.16 -62.30 -130.34
C GLY Z 480 15.66 -61.68 -129.05
N ILE Z 481 16.06 -60.41 -129.16
CA ILE Z 481 16.57 -59.66 -128.02
C ILE Z 481 15.87 -58.33 -127.81
N ASN Z 482 16.02 -57.80 -126.60
CA ASN Z 482 15.47 -56.53 -126.17
C ASN Z 482 16.06 -55.38 -126.95
N PRO Z 483 15.25 -54.41 -127.43
CA PRO Z 483 15.67 -53.26 -128.21
C PRO Z 483 16.66 -52.37 -127.47
N PHE Z 484 16.71 -52.49 -126.16
CA PHE Z 484 17.62 -51.71 -125.37
C PHE Z 484 18.71 -52.57 -124.74
N ALA Z 485 18.87 -53.81 -125.20
CA ALA Z 485 19.78 -54.77 -124.55
C ALA Z 485 21.22 -54.31 -124.42
N GLU Z 486 21.77 -53.55 -125.37
CA GLU Z 486 23.16 -53.16 -125.20
C GLU Z 486 23.38 -52.16 -124.07
N SER Z 487 22.34 -51.43 -123.67
CA SER Z 487 22.45 -50.36 -122.67
C SER Z 487 23.68 -49.49 -122.91
N ALA Z 488 23.91 -49.10 -124.16
CA ALA Z 488 25.04 -48.29 -124.49
C ALA Z 488 24.80 -47.53 -125.77
N ALA Z 489 23.64 -46.93 -125.91
CA ALA Z 489 23.40 -46.21 -127.16
C ALA Z 489 22.26 -45.28 -126.99
N GLN Z 490 22.40 -44.08 -127.48
CA GLN Z 490 21.26 -43.21 -127.35
C GLN Z 490 20.17 -43.76 -128.27
N ALA Z 491 20.59 -44.27 -129.44
CA ALA Z 491 19.71 -44.86 -130.43
C ALA Z 491 20.51 -45.65 -131.47
N PRO Z 492 19.95 -46.70 -132.10
CA PRO Z 492 20.52 -47.46 -133.21
C PRO Z 492 20.47 -46.76 -134.56
N ALA Z 493 21.40 -47.15 -135.41
CA ALA Z 493 21.45 -46.66 -136.78
C ALA Z 493 20.19 -47.00 -137.54
N SER Z 494 19.80 -46.06 -138.40
CA SER Z 494 18.69 -46.16 -139.34
C SER Z 494 17.33 -46.38 -138.71
N ARG Z 495 17.22 -46.26 -137.38
CA ARG Z 495 15.98 -46.46 -136.65
C ARG Z 495 15.44 -47.89 -136.76
N ILE Z 496 16.27 -48.82 -137.23
CA ILE Z 496 15.82 -50.19 -137.31
C ILE Z 496 16.94 -51.20 -137.32
N GLN Z 497 16.70 -52.28 -136.62
CA GLN Z 497 17.66 -53.37 -136.58
C GLN Z 497 17.00 -54.71 -136.54
N SER Z 498 17.71 -55.74 -136.96
CA SER Z 498 17.14 -57.05 -136.75
C SER Z 498 17.16 -57.26 -135.24
N GLY Z 499 16.11 -57.84 -134.69
CA GLY Z 499 16.01 -58.16 -133.28
C GLY Z 499 16.57 -59.54 -133.01
N MET Z 500 16.97 -60.21 -134.08
CA MET Z 500 17.53 -61.53 -133.99
C MET Z 500 18.98 -61.30 -133.60
N PRO Z 501 19.52 -61.88 -132.52
CA PRO Z 501 20.86 -61.65 -132.09
C PRO Z 501 21.90 -62.21 -133.03
N SER Z 502 22.99 -61.49 -133.12
CA SER Z 502 24.19 -61.84 -133.83
C SER Z 502 25.37 -61.15 -133.17
N ILE Z 503 26.49 -61.14 -133.84
CA ILE Z 503 27.65 -60.56 -133.20
C ILE Z 503 27.51 -59.07 -132.98
N LEU Z 504 27.14 -58.35 -134.02
CA LEU Z 504 27.08 -56.90 -133.93
C LEU Z 504 26.09 -56.37 -132.92
N ASN Z 505 24.97 -57.06 -132.74
CA ASN Z 505 24.00 -56.55 -131.80
C ASN Z 505 23.91 -57.31 -130.48
N SER Z 506 24.68 -58.39 -130.25
CA SER Z 506 24.54 -59.03 -128.96
C SER Z 506 25.80 -59.60 -128.34
N LEU Z 507 26.94 -59.66 -129.02
CA LEU Z 507 28.02 -60.39 -128.37
C LEU Z 507 28.62 -59.63 -127.21
N GLY Z 508 28.41 -60.18 -126.00
CA GLY Z 508 28.84 -59.55 -124.76
C GLY Z 508 28.01 -58.29 -124.45
N LYS Z 509 26.86 -58.13 -125.10
CA LYS Z 509 26.06 -56.92 -124.98
C LYS Z 509 24.64 -57.07 -124.50
N ASN Z 510 24.35 -58.04 -123.68
CA ASN Z 510 23.01 -58.13 -123.14
C ASN Z 510 23.02 -57.70 -121.69
N ALA Z 511 22.49 -56.52 -121.44
CA ALA Z 511 22.47 -55.86 -120.14
C ALA Z 511 21.82 -56.68 -119.05
N TYR Z 512 20.96 -57.62 -119.44
CA TYR Z 512 20.25 -58.42 -118.47
C TYR Z 512 21.10 -59.52 -117.87
N PHE Z 513 22.29 -59.77 -118.43
CA PHE Z 513 23.11 -60.86 -117.92
C PHE Z 513 24.59 -60.55 -117.77
N ARG Z 514 25.23 -61.24 -116.81
CA ARG Z 514 26.69 -61.10 -116.56
C ARG Z 514 27.29 -62.48 -116.27
N ARG Z 515 28.45 -62.80 -116.85
CA ARG Z 515 29.09 -64.10 -116.63
C ARG Z 515 30.48 -64.01 -116.05
N VAL Z 516 30.78 -64.93 -115.16
CA VAL Z 516 32.06 -65.02 -114.46
C VAL Z 516 32.66 -66.41 -114.45
N TYR Z 517 33.95 -66.50 -114.78
CA TYR Z 517 34.66 -67.77 -114.74
C TYR Z 517 35.12 -68.01 -113.33
N VAL Z 518 35.23 -69.24 -112.89
CA VAL Z 518 35.74 -69.42 -111.56
C VAL Z 518 36.88 -70.42 -111.52
N LYS Z 519 37.66 -70.33 -110.47
CA LYS Z 519 38.76 -71.24 -110.24
C LYS Z 519 38.95 -71.48 -108.75
N GLY Z 520 39.71 -72.51 -108.40
CA GLY Z 520 40.09 -72.74 -107.01
C GLY Z 520 39.11 -73.48 -106.11
N ILE Z 521 37.99 -73.98 -106.65
CA ILE Z 521 37.01 -74.69 -105.82
C ILE Z 521 37.56 -76.07 -105.46
N ALA AA 66 46.95 -129.23 -38.22
CA ALA AA 66 48.12 -128.75 -38.95
C ALA AA 66 47.81 -128.64 -40.42
N GLU AA 67 47.52 -127.44 -40.90
CA GLU AA 67 47.23 -127.29 -42.32
C GLU AA 67 48.55 -127.25 -43.08
N ILE AA 68 49.11 -128.43 -43.28
CA ILE AA 68 50.43 -128.59 -43.89
C ILE AA 68 50.38 -129.36 -45.20
N GLY AA 69 49.23 -129.25 -45.87
CA GLY AA 69 48.96 -129.86 -47.17
C GLY AA 69 49.94 -129.41 -48.24
N GLY AA 70 50.47 -128.20 -48.08
CA GLY AA 70 51.42 -127.60 -49.00
C GLY AA 70 50.68 -127.04 -50.17
N ASP AA 71 51.39 -126.67 -51.21
CA ASP AA 71 50.70 -126.05 -52.31
C ASP AA 71 51.45 -126.21 -53.61
N HIS AA 72 50.91 -125.67 -54.66
CA HIS AA 72 51.45 -125.77 -56.00
C HIS AA 72 52.61 -124.81 -56.21
N GLY AA 73 53.19 -124.85 -57.40
CA GLY AA 73 54.34 -124.01 -57.73
C GLY AA 73 54.10 -122.88 -58.74
N TYR AA 74 52.83 -122.50 -59.01
CA TYR AA 74 52.50 -121.48 -60.01
C TYR AA 74 52.91 -121.91 -61.43
N ASN AA 75 53.05 -123.21 -61.59
CA ASN AA 75 53.34 -123.92 -62.83
C ASN AA 75 52.05 -124.54 -63.32
N ALA AA 76 51.56 -124.08 -64.47
CA ALA AA 76 50.25 -124.52 -64.96
C ALA AA 76 50.17 -126.03 -65.08
N THR AA 77 51.28 -126.68 -65.37
CA THR AA 77 51.28 -128.12 -65.48
C THR AA 77 50.85 -128.74 -64.16
N ASN AA 78 51.43 -128.22 -63.08
CA ASN AA 78 51.21 -128.76 -61.77
C ASN AA 78 49.88 -128.36 -61.28
N ILE AA 79 49.45 -127.17 -61.66
CA ILE AA 79 48.17 -126.71 -61.19
C ILE AA 79 47.12 -127.61 -61.75
N ALA AA 80 47.17 -127.80 -63.06
CA ALA AA 80 46.17 -128.63 -63.72
C ALA AA 80 46.14 -130.03 -63.15
N ALA AA 81 47.31 -130.56 -62.82
CA ALA AA 81 47.45 -131.89 -62.28
C ALA AA 81 47.19 -131.99 -60.78
N GLY AA 82 46.97 -130.86 -60.09
CA GLY AA 82 46.78 -130.87 -58.64
C GLY AA 82 48.06 -131.21 -57.87
N GLN AA 83 49.24 -130.95 -58.45
CA GLN AA 83 50.47 -131.33 -57.77
C GLN AA 83 50.98 -130.29 -56.79
N THR AA 84 51.05 -130.72 -55.54
CA THR AA 84 51.49 -129.87 -54.46
C THR AA 84 52.79 -130.33 -53.82
N SER AA 85 53.37 -129.42 -53.03
CA SER AA 85 54.59 -129.60 -52.28
C SER AA 85 54.49 -130.25 -50.89
N GLY AA 86 53.29 -130.43 -50.36
CA GLY AA 86 53.14 -130.92 -48.98
C GLY AA 86 52.43 -132.24 -48.83
N ALA AA 87 51.73 -132.38 -47.69
CA ALA AA 87 51.08 -133.63 -47.31
C ALA AA 87 50.04 -134.18 -48.29
N VAL AA 88 49.27 -133.33 -48.98
CA VAL AA 88 48.26 -133.91 -49.87
C VAL AA 88 48.24 -133.23 -51.20
N THR AA 89 47.78 -133.94 -52.20
CA THR AA 89 47.59 -133.37 -53.52
C THR AA 89 46.14 -132.98 -53.70
N GLN AA 90 45.86 -132.25 -54.76
CA GLN AA 90 44.50 -131.81 -54.99
C GLN AA 90 43.76 -132.58 -56.05
N ILE AA 91 42.45 -132.44 -56.01
CA ILE AA 91 41.59 -133.07 -56.99
C ILE AA 91 41.85 -132.50 -58.36
N GLY AA 92 41.87 -131.18 -58.45
CA GLY AA 92 42.13 -130.50 -59.70
C GLY AA 92 41.14 -129.35 -59.87
N PRO AA 93 41.44 -128.41 -60.77
CA PRO AA 93 40.64 -127.26 -61.13
C PRO AA 93 39.39 -127.75 -61.84
N ALA AA 94 38.26 -127.06 -61.73
CA ALA AA 94 37.13 -127.53 -62.52
C ALA AA 94 36.85 -126.62 -63.70
N VAL AA 95 36.10 -125.54 -63.49
CA VAL AA 95 35.88 -124.60 -64.56
C VAL AA 95 35.70 -123.18 -64.06
N MET AA 96 36.16 -122.24 -64.85
CA MET AA 96 35.92 -120.81 -64.69
C MET AA 96 35.03 -120.40 -65.84
N GLY AA 97 34.34 -121.39 -66.39
CA GLY AA 97 33.48 -121.24 -67.53
C GLY AA 97 34.32 -121.34 -68.79
N MET AA 98 33.71 -121.05 -69.93
CA MET AA 98 34.41 -121.14 -71.19
C MET AA 98 33.94 -120.05 -72.11
N VAL AA 99 34.85 -119.61 -72.96
CA VAL AA 99 34.54 -118.60 -73.95
C VAL AA 99 34.96 -119.03 -75.33
N ARG AA 100 34.48 -118.31 -76.32
CA ARG AA 100 34.88 -118.55 -77.69
C ARG AA 100 35.07 -117.22 -78.37
N ARG AA 101 35.85 -117.22 -79.44
CA ARG AA 101 36.15 -115.99 -80.22
C ARG AA 101 34.88 -115.54 -80.98
N ALA AA 102 34.55 -114.25 -80.86
CA ALA AA 102 33.40 -113.62 -81.51
C ALA AA 102 33.48 -113.74 -83.03
N ILE AA 103 32.33 -113.83 -83.68
CA ILE AA 103 32.26 -113.87 -85.13
C ILE AA 103 31.89 -112.51 -85.69
N PRO AA 104 32.64 -111.94 -86.66
CA PRO AA 104 32.44 -110.64 -87.28
C PRO AA 104 31.16 -110.54 -88.11
N ASN AA 105 30.65 -109.32 -88.22
CA ASN AA 105 29.43 -109.00 -88.96
C ASN AA 105 29.66 -108.82 -90.46
N LEU AA 106 28.57 -108.58 -91.22
CA LEU AA 106 28.63 -108.36 -92.68
C LEU AA 106 27.55 -107.42 -93.22
N ILE AA 107 27.96 -106.46 -94.04
CA ILE AA 107 27.05 -105.50 -94.71
C ILE AA 107 27.26 -105.37 -96.21
N ALA AA 108 28.06 -106.26 -96.79
CA ALA AA 108 28.52 -106.11 -98.17
C ALA AA 108 27.43 -105.98 -99.22
N PHE AA 109 26.30 -106.63 -99.03
CA PHE AA 109 25.23 -106.59 -99.99
C PHE AA 109 24.25 -105.44 -99.80
N ASP AA 110 24.41 -104.67 -98.71
CA ASP AA 110 23.47 -103.58 -98.44
C ASP AA 110 23.52 -102.52 -99.51
N ILE AA 111 24.63 -102.47 -100.21
CA ILE AA 111 24.83 -101.46 -101.21
C ILE AA 111 24.99 -102.04 -102.61
N CYS AA 112 24.39 -103.19 -102.92
CA CYS AA 112 24.55 -103.66 -104.29
C CYS AA 112 23.28 -104.31 -104.78
N GLY AA 113 23.24 -104.65 -106.06
CA GLY AA 113 22.08 -105.31 -106.63
C GLY AA 113 22.26 -106.78 -106.46
N VAL AA 114 21.24 -107.56 -106.80
CA VAL AA 114 21.39 -108.97 -106.65
C VAL AA 114 21.16 -109.74 -107.95
N GLN AA 115 19.96 -109.59 -108.51
CA GLN AA 115 19.55 -110.40 -109.65
C GLN AA 115 19.84 -111.87 -109.41
N PRO AA 116 19.22 -112.48 -108.39
CA PRO AA 116 19.50 -113.81 -107.95
C PRO AA 116 19.21 -114.75 -109.07
N MET AA 117 19.95 -115.83 -109.13
CA MET AA 117 19.78 -116.81 -110.18
C MET AA 117 18.82 -117.91 -109.85
N ASN AA 118 18.20 -118.42 -110.90
CA ASN AA 118 17.35 -119.57 -110.89
C ASN AA 118 17.78 -120.34 -112.11
N SER AA 119 18.80 -119.78 -112.72
CA SER AA 119 19.43 -120.26 -113.91
C SER AA 119 20.79 -119.61 -114.03
N PRO AA 120 21.81 -120.34 -114.48
CA PRO AA 120 23.12 -119.85 -114.77
C PRO AA 120 22.97 -119.18 -116.11
N THR AA 121 24.06 -118.69 -116.68
CA THR AA 121 24.04 -118.11 -118.02
C THR AA 121 22.93 -117.09 -118.25
N GLY AA 122 23.01 -115.96 -117.59
CA GLY AA 122 22.01 -114.91 -117.78
C GLY AA 122 22.52 -113.92 -118.83
N GLN AA 123 21.63 -113.07 -119.36
CA GLN AA 123 22.05 -111.98 -120.25
C GLN AA 123 21.22 -110.72 -120.03
N VAL AA 124 21.90 -109.58 -120.13
CA VAL AA 124 21.26 -108.27 -119.92
C VAL AA 124 21.37 -107.48 -121.18
N PHE AA 125 20.30 -106.82 -121.51
CA PHE AA 125 20.30 -106.02 -122.69
C PHE AA 125 20.40 -104.57 -122.35
N ALA AA 126 20.97 -103.78 -123.24
CA ALA AA 126 21.00 -102.36 -122.97
C ALA AA 126 20.73 -101.54 -124.21
N LEU AA 127 20.03 -100.43 -124.02
CA LEU AA 127 19.71 -99.54 -125.13
C LEU AA 127 20.46 -98.22 -125.04
N ARG AA 128 21.26 -98.02 -126.07
CA ARG AA 128 22.13 -96.87 -126.21
C ARG AA 128 21.56 -95.99 -127.29
N ALA AA 129 21.71 -94.68 -127.16
CA ALA AA 129 21.22 -93.85 -128.26
C ALA AA 129 22.35 -93.63 -129.25
N VAL AA 130 22.02 -93.37 -130.51
CA VAL AA 130 23.07 -92.99 -131.45
C VAL AA 130 22.69 -91.82 -132.33
N TYR AA 131 23.69 -91.17 -132.89
CA TYR AA 131 23.42 -90.21 -133.93
C TYR AA 131 24.58 -90.07 -134.87
N GLY AA 132 24.31 -89.50 -136.04
CA GLY AA 132 25.36 -89.30 -137.02
C GLY AA 132 25.23 -90.36 -138.11
N LYS AA 133 23.98 -90.72 -138.41
CA LYS AA 133 23.60 -91.69 -139.44
C LYS AA 133 23.95 -93.14 -139.19
N ASP AA 134 25.22 -93.45 -139.02
CA ASP AA 134 25.63 -94.84 -138.83
C ASP AA 134 25.73 -95.17 -137.35
N PRO AA 135 24.83 -96.02 -136.80
CA PRO AA 135 24.80 -96.36 -135.38
C PRO AA 135 26.13 -96.83 -134.86
N VAL AA 136 26.87 -97.52 -135.71
CA VAL AA 136 28.17 -98.00 -135.34
C VAL AA 136 29.14 -97.53 -136.38
N ALA AA 137 30.16 -96.85 -135.89
CA ALA AA 137 31.21 -96.31 -136.70
C ALA AA 137 32.27 -95.80 -135.76
N ALA AA 138 33.49 -95.72 -136.22
CA ALA AA 138 34.45 -95.05 -135.39
C ALA AA 138 33.96 -93.63 -135.24
N GLY AA 139 34.00 -93.08 -134.04
CA GLY AA 139 33.61 -91.70 -133.83
C GLY AA 139 32.09 -91.51 -133.67
N ALA AA 140 31.30 -92.59 -133.76
CA ALA AA 140 29.86 -92.46 -133.60
C ALA AA 140 29.60 -91.96 -132.20
N LYS AA 141 28.54 -91.18 -131.97
CA LYS AA 141 28.26 -90.67 -130.63
C LYS AA 141 26.83 -90.91 -130.15
N GLU AA 142 26.66 -90.89 -128.83
CA GLU AA 142 25.37 -91.10 -128.18
C GLU AA 142 24.58 -89.84 -127.91
N ALA AA 143 23.35 -89.81 -128.40
CA ALA AA 143 22.46 -88.65 -128.30
C ALA AA 143 22.18 -88.25 -126.87
N PHE AA 144 22.02 -89.21 -126.00
CA PHE AA 144 21.69 -88.86 -124.63
C PHE AA 144 22.74 -89.42 -123.74
N HIS AA 145 23.52 -88.57 -123.12
CA HIS AA 145 24.56 -89.12 -122.29
C HIS AA 145 24.89 -88.08 -121.23
N PRO AA 146 24.86 -88.42 -119.94
CA PRO AA 146 25.10 -87.50 -118.85
C PRO AA 146 26.50 -86.86 -118.82
N MET AA 147 27.50 -87.46 -119.45
CA MET AA 147 28.83 -86.88 -119.40
C MET AA 147 29.14 -85.95 -120.56
N TYR AA 148 28.22 -85.82 -121.51
CA TYR AA 148 28.54 -85.01 -122.66
C TYR AA 148 27.41 -84.08 -123.07
N GLY AA 149 27.73 -82.84 -123.42
CA GLY AA 149 26.68 -81.97 -123.90
C GLY AA 149 26.27 -82.39 -125.31
N PRO AA 150 25.02 -82.09 -125.68
CA PRO AA 150 24.39 -82.34 -126.96
C PRO AA 150 24.90 -81.38 -128.00
N ASP AA 151 24.76 -81.77 -129.25
CA ASP AA 151 25.05 -80.89 -130.36
C ASP AA 151 23.82 -80.07 -130.67
N ALA AA 152 23.81 -78.83 -130.22
CA ALA AA 152 22.61 -78.00 -130.32
C ALA AA 152 22.44 -77.44 -131.73
N MET AA 153 23.37 -77.76 -132.63
CA MET AA 153 23.27 -77.37 -134.01
C MET AA 153 22.94 -78.55 -134.90
N PHE AA 154 22.77 -79.73 -134.32
CA PHE AA 154 22.62 -80.93 -135.15
C PHE AA 154 21.37 -80.87 -136.03
N SER AA 155 20.21 -80.59 -135.45
CA SER AA 155 18.94 -80.48 -136.19
C SER AA 155 18.80 -79.09 -136.77
N GLY AA 156 19.69 -78.23 -136.31
CA GLY AA 156 19.71 -76.82 -136.61
C GLY AA 156 20.67 -76.50 -137.73
N GLN AA 157 21.36 -75.38 -137.57
CA GLN AA 157 22.21 -74.83 -138.61
C GLN AA 157 23.28 -75.78 -139.07
N GLY AA 158 23.73 -76.68 -138.22
CA GLY AA 158 24.77 -77.60 -138.60
C GLY AA 158 24.35 -78.43 -139.80
N ALA AA 159 23.06 -78.66 -139.97
CA ALA AA 159 22.59 -79.42 -141.10
C ALA AA 159 22.98 -78.74 -142.40
N ALA AA 160 23.16 -77.43 -142.36
CA ALA AA 160 23.48 -76.66 -143.54
C ALA AA 160 24.97 -76.60 -143.86
N LYS AA 161 25.85 -77.13 -142.99
CA LYS AA 161 27.27 -76.94 -143.27
C LYS AA 161 28.24 -77.80 -142.50
N LYS AA 162 29.46 -77.89 -143.01
CA LYS AA 162 30.51 -78.52 -142.25
C LYS AA 162 31.25 -77.41 -141.56
N PHE AA 163 31.82 -77.68 -140.41
CA PHE AA 163 32.59 -76.67 -139.73
C PHE AA 163 34.02 -77.15 -139.67
N PRO AA 164 35.00 -76.27 -139.77
CA PRO AA 164 36.38 -76.60 -139.59
C PRO AA 164 36.55 -76.92 -138.14
N ALA AA 165 37.43 -77.84 -137.82
CA ALA AA 165 37.68 -78.13 -136.43
C ALA AA 165 38.79 -77.27 -135.90
N LEU AA 166 38.72 -77.00 -134.62
CA LEU AA 166 39.78 -76.34 -133.92
C LEU AA 166 40.89 -77.35 -133.79
N ALA AA 167 42.12 -76.96 -134.06
CA ALA AA 167 43.21 -77.91 -133.94
C ALA AA 167 44.51 -77.20 -133.77
N ALA AA 168 45.51 -77.92 -133.29
CA ALA AA 168 46.79 -77.28 -133.13
C ALA AA 168 47.27 -76.74 -134.45
N SER AA 169 47.82 -75.54 -134.37
CA SER AA 169 48.41 -74.76 -135.46
C SER AA 169 47.39 -74.03 -136.32
N THR AA 170 46.11 -74.27 -136.11
CA THR AA 170 45.12 -73.60 -136.93
C THR AA 170 44.87 -72.22 -136.40
N GLN AA 171 44.18 -71.40 -137.20
CA GLN AA 171 43.83 -70.05 -136.81
C GLN AA 171 42.45 -69.74 -137.28
N THR AA 172 41.71 -69.05 -136.44
CA THR AA 172 40.34 -68.71 -136.71
C THR AA 172 40.13 -67.58 -137.69
N THR AA 173 38.87 -67.46 -138.13
CA THR AA 173 38.42 -66.42 -139.02
C THR AA 173 37.30 -65.70 -138.32
N VAL AA 174 37.46 -64.42 -138.14
CA VAL AA 174 36.48 -63.69 -137.37
C VAL AA 174 35.12 -63.71 -137.98
N GLY AA 175 34.17 -64.06 -137.14
CA GLY AA 175 32.77 -64.18 -137.43
C GLY AA 175 32.37 -65.58 -137.85
N ASP AA 176 33.33 -66.45 -138.13
CA ASP AA 176 32.95 -67.78 -138.55
C ASP AA 176 32.84 -68.68 -137.33
N ILE AA 177 32.48 -69.94 -137.56
CA ILE AA 177 32.31 -70.92 -136.48
C ILE AA 177 33.18 -72.14 -136.65
N TYR AA 178 33.97 -72.39 -135.61
CA TYR AA 178 34.90 -73.55 -135.57
C TYR AA 178 34.39 -74.55 -134.53
N THR AA 179 34.55 -75.84 -134.79
CA THR AA 179 34.06 -76.85 -133.86
C THR AA 179 35.09 -77.76 -133.23
N HIS AA 180 34.61 -78.55 -132.29
CA HIS AA 180 35.45 -79.48 -131.57
C HIS AA 180 34.62 -80.49 -130.78
N PHE AA 181 35.33 -81.38 -130.11
CA PHE AA 181 34.72 -82.29 -129.18
C PHE AA 181 35.76 -82.51 -128.13
N PHE AA 182 35.39 -82.22 -126.90
CA PHE AA 182 36.31 -82.29 -125.79
C PHE AA 182 36.46 -83.73 -125.34
N GLN AA 183 37.58 -84.06 -124.67
CA GLN AA 183 37.77 -85.42 -124.16
C GLN AA 183 36.71 -85.81 -123.13
N GLU AA 184 36.13 -84.80 -122.52
CA GLU AA 184 35.11 -84.90 -121.51
C GLU AA 184 34.23 -83.68 -121.66
N THR AA 185 32.99 -83.72 -121.17
CA THR AA 185 31.95 -82.65 -121.23
C THR AA 185 31.23 -82.52 -122.57
N GLY AA 186 31.70 -83.16 -123.63
CA GLY AA 186 30.98 -83.16 -124.91
C GLY AA 186 31.40 -82.21 -126.00
N THR AA 187 30.45 -81.96 -126.91
CA THR AA 187 30.78 -81.21 -128.11
C THR AA 187 30.75 -79.72 -127.92
N VAL AA 188 31.22 -79.02 -128.93
CA VAL AA 188 31.21 -77.57 -128.89
C VAL AA 188 31.28 -76.89 -130.27
N TYR AA 189 30.66 -75.71 -130.34
CA TYR AA 189 30.76 -74.83 -131.48
C TYR AA 189 31.03 -73.46 -130.94
N LEU AA 190 32.00 -72.76 -131.54
CA LEU AA 190 32.37 -71.44 -131.09
C LEU AA 190 32.52 -70.43 -132.20
N GLN AA 191 32.01 -69.22 -131.98
CA GLN AA 191 32.27 -68.18 -132.98
C GLN AA 191 33.59 -67.55 -132.67
N ALA AA 192 34.28 -67.17 -133.73
CA ALA AA 192 35.55 -66.49 -133.64
C ALA AA 192 35.41 -64.99 -133.49
N SER AA 193 35.77 -64.47 -132.31
CA SER AA 193 35.64 -63.04 -132.13
C SER AA 193 36.93 -62.44 -132.64
N VAL AA 194 38.01 -63.22 -132.53
CA VAL AA 194 39.32 -62.80 -133.01
C VAL AA 194 40.02 -63.88 -133.84
N GLN AA 195 41.04 -63.46 -134.61
CA GLN AA 195 41.87 -64.37 -135.39
C GLN AA 195 42.94 -64.99 -134.51
N VAL AA 196 42.55 -65.97 -133.74
CA VAL AA 196 43.45 -66.55 -132.74
C VAL AA 196 43.90 -67.92 -133.16
N THR AA 197 45.17 -68.22 -132.89
CA THR AA 197 45.68 -69.54 -133.23
C THR AA 197 45.87 -70.41 -132.02
N ILE AA 198 46.07 -71.69 -132.26
CA ILE AA 198 46.25 -72.65 -131.17
C ILE AA 198 47.57 -73.37 -131.07
N ASP AA 199 48.35 -73.06 -130.04
CA ASP AA 199 49.53 -73.85 -129.66
C ASP AA 199 49.94 -74.88 -130.70
N ALA AA 200 50.77 -74.56 -131.67
CA ALA AA 200 51.06 -75.57 -132.67
C ALA AA 200 51.58 -76.89 -132.06
N GLY AA 201 52.10 -76.89 -130.82
CA GLY AA 201 52.61 -78.10 -130.19
C GLY AA 201 51.52 -78.93 -129.49
N ALA AA 202 50.27 -78.48 -129.53
CA ALA AA 202 49.18 -79.18 -128.85
C ALA AA 202 48.64 -80.35 -129.65
N THR AA 203 49.48 -81.37 -129.81
CA THR AA 203 49.14 -82.55 -130.59
C THR AA 203 48.37 -83.56 -129.75
N ASP AA 204 48.41 -83.32 -128.45
CA ASP AA 204 47.72 -84.03 -127.41
C ASP AA 204 46.34 -83.46 -127.30
N ALA AA 205 45.31 -84.26 -127.50
CA ALA AA 205 43.97 -83.72 -127.45
C ALA AA 205 43.75 -83.00 -126.12
N ALA AA 206 44.37 -83.48 -125.03
CA ALA AA 206 44.20 -82.81 -123.76
C ALA AA 206 44.72 -81.36 -123.82
N LYS AA 207 45.82 -81.14 -124.56
CA LYS AA 207 46.40 -79.83 -124.69
C LYS AA 207 45.49 -78.99 -125.54
N LEU AA 208 44.95 -79.61 -126.58
CA LEU AA 208 44.05 -78.90 -127.46
C LEU AA 208 42.84 -78.43 -126.69
N ASP AA 209 42.25 -79.31 -125.88
CA ASP AA 209 41.08 -78.91 -125.13
C ASP AA 209 41.41 -77.72 -124.24
N ALA AA 210 42.58 -77.76 -123.60
CA ALA AA 210 42.97 -76.67 -122.73
C ALA AA 210 43.09 -75.36 -123.49
N GLU AA 211 43.70 -75.39 -124.68
CA GLU AA 211 43.87 -74.16 -125.43
C GLU AA 211 42.54 -73.58 -125.84
N ILE AA 212 41.62 -74.46 -126.18
CA ILE AA 212 40.31 -73.99 -126.59
C ILE AA 212 39.67 -73.31 -125.42
N LYS AA 213 39.74 -73.93 -124.25
CA LYS AA 213 39.16 -73.34 -123.08
C LYS AA 213 39.80 -71.98 -122.76
N LYS AA 214 41.12 -71.85 -122.94
CA LYS AA 214 41.77 -70.57 -122.69
C LYS AA 214 41.21 -69.48 -123.58
N GLN AA 215 41.02 -69.81 -124.86
CA GLN AA 215 40.50 -68.89 -125.84
C GLN AA 215 39.07 -68.49 -125.47
N MET AA 216 38.33 -69.45 -124.95
CA MET AA 216 36.98 -69.14 -124.50
C MET AA 216 37.04 -68.18 -123.31
N GLU AA 217 37.93 -68.45 -122.35
CA GLU AA 217 38.05 -67.60 -121.17
C GLU AA 217 38.45 -66.20 -121.55
N ALA AA 218 39.29 -66.10 -122.56
CA ALA AA 218 39.79 -64.84 -123.06
C ALA AA 218 38.79 -64.10 -123.92
N GLY AA 219 37.65 -64.72 -124.23
CA GLY AA 219 36.65 -64.09 -125.08
C GLY AA 219 36.96 -64.21 -126.56
N ALA AA 220 38.02 -64.97 -126.90
CA ALA AA 220 38.45 -65.16 -128.28
C ALA AA 220 37.41 -66.00 -129.03
N LEU AA 221 36.86 -66.96 -128.28
CA LEU AA 221 35.85 -67.90 -128.77
C LEU AA 221 34.59 -67.94 -127.92
N VAL AA 222 33.42 -67.87 -128.55
CA VAL AA 222 32.17 -67.85 -127.79
C VAL AA 222 31.16 -68.94 -128.15
N GLU AA 223 30.57 -69.55 -127.11
CA GLU AA 223 29.60 -70.62 -127.27
C GLU AA 223 28.46 -70.21 -128.17
N ILE AA 224 28.15 -71.07 -129.13
CA ILE AA 224 27.08 -70.77 -130.06
C ILE AA 224 26.30 -71.99 -130.50
N ALA AA 225 25.02 -71.77 -130.77
CA ALA AA 225 24.15 -72.75 -131.37
C ALA AA 225 23.10 -71.98 -132.10
N GLU AA 226 22.65 -72.49 -133.22
CA GLU AA 226 21.62 -71.85 -134.01
C GLU AA 226 20.69 -72.84 -134.68
N GLY AA 227 19.46 -72.42 -134.94
CA GLY AA 227 18.55 -73.22 -135.71
C GLY AA 227 18.98 -72.99 -137.15
N MET AA 228 18.33 -73.60 -138.11
CA MET AA 228 18.76 -73.46 -139.47
C MET AA 228 18.00 -72.42 -140.22
N ALA AA 229 18.70 -71.72 -141.09
CA ALA AA 229 18.01 -70.75 -141.88
C ALA AA 229 16.79 -71.39 -142.52
N THR AA 230 15.68 -70.67 -142.46
CA THR AA 230 14.44 -71.19 -143.01
C THR AA 230 14.59 -71.41 -144.50
N SER AA 231 15.38 -70.54 -145.11
CA SER AA 231 15.69 -70.52 -146.52
C SER AA 231 16.40 -71.77 -147.02
N ILE AA 232 16.97 -72.52 -146.10
CA ILE AA 232 17.63 -73.74 -146.44
C ILE AA 232 16.66 -74.88 -146.20
N ALA AA 233 15.98 -74.86 -145.05
CA ALA AA 233 15.04 -75.92 -144.71
C ALA AA 233 13.94 -76.09 -145.73
N GLU AA 234 13.48 -74.98 -146.28
CA GLU AA 234 12.41 -75.03 -147.26
C GLU AA 234 12.80 -75.87 -148.49
N LEU AA 235 14.09 -75.98 -148.80
CA LEU AA 235 14.51 -76.70 -149.99
C LEU AA 235 15.31 -77.97 -149.73
N GLN AA 236 14.97 -78.66 -148.65
CA GLN AA 236 15.61 -79.93 -148.38
C GLN AA 236 14.99 -81.01 -149.26
N GLU AA 237 15.50 -82.22 -149.19
CA GLU AA 237 14.93 -83.35 -149.94
C GLU AA 237 14.87 -83.18 -151.47
N GLY AA 238 15.81 -82.46 -152.07
CA GLY AA 238 15.85 -82.32 -153.52
C GLY AA 238 14.91 -81.26 -154.12
N PHE AA 239 14.19 -80.55 -153.28
CA PHE AA 239 13.24 -79.61 -153.78
C PHE AA 239 13.88 -78.55 -154.66
N ASN AA 240 13.26 -78.30 -155.79
CA ASN AA 240 13.72 -77.31 -156.76
C ASN AA 240 15.16 -77.54 -157.22
N GLY AA 241 15.58 -78.80 -157.33
CA GLY AA 241 16.93 -79.07 -157.82
C GLY AA 241 18.01 -78.99 -156.75
N SER AA 242 17.61 -78.73 -155.52
CA SER AA 242 18.50 -78.60 -154.38
C SER AA 242 19.33 -79.86 -154.16
N THR AA 243 20.60 -79.71 -153.80
CA THR AA 243 21.47 -80.86 -153.57
C THR AA 243 22.11 -80.77 -152.20
N ASP AA 244 22.73 -81.86 -151.77
CA ASP AA 244 23.49 -81.90 -150.54
C ASP AA 244 22.64 -81.39 -149.38
N ASN AA 245 21.39 -81.82 -149.37
CA ASN AA 245 20.43 -81.39 -148.40
C ASN AA 245 19.62 -82.49 -147.66
N PRO AA 246 20.30 -83.47 -147.05
CA PRO AA 246 19.73 -84.52 -146.25
C PRO AA 246 19.40 -83.98 -144.88
N TRP AA 247 18.50 -84.61 -144.20
CA TRP AA 247 18.34 -84.30 -142.80
C TRP AA 247 19.34 -85.10 -142.04
N ASN AA 248 19.85 -84.55 -140.96
CA ASN AA 248 20.73 -85.32 -140.11
C ASN AA 248 19.90 -86.44 -139.49
N GLU AA 249 20.54 -87.59 -139.29
CA GLU AA 249 19.86 -88.77 -138.78
C GLU AA 249 20.27 -89.20 -137.38
N MET AA 250 19.25 -89.71 -136.63
CA MET AA 250 19.45 -90.20 -135.26
C MET AA 250 18.63 -91.47 -135.00
N GLY AA 251 19.01 -92.23 -133.97
CA GLY AA 251 18.31 -93.46 -133.61
C GLY AA 251 18.92 -94.12 -132.37
N PHE AA 252 18.96 -95.47 -132.34
CA PHE AA 252 19.49 -96.20 -131.20
C PHE AA 252 20.11 -97.56 -131.55
N ARG AA 253 20.82 -98.11 -130.56
CA ARG AA 253 21.46 -99.43 -130.62
C ARG AA 253 21.20 -100.28 -129.39
N ILE AA 254 21.13 -101.58 -129.61
CA ILE AA 254 20.98 -102.50 -128.50
C ILE AA 254 22.12 -103.52 -128.48
N ASP AA 255 22.69 -103.73 -127.30
CA ASP AA 255 23.75 -104.70 -127.16
C ASP AA 255 23.54 -105.55 -125.91
N LYS AA 256 24.46 -106.48 -125.61
CA LYS AA 256 24.23 -107.28 -124.42
C LYS AA 256 25.46 -107.77 -123.68
N GLN AA 257 25.25 -108.01 -122.40
CA GLN AA 257 26.29 -108.53 -121.54
C GLN AA 257 25.83 -109.80 -120.87
N VAL AA 258 26.78 -110.61 -120.44
CA VAL AA 258 26.40 -111.88 -119.82
C VAL AA 258 26.97 -112.19 -118.44
N ILE AA 259 26.32 -113.11 -117.74
CA ILE AA 259 26.83 -113.51 -116.43
C ILE AA 259 26.89 -115.02 -116.25
N GLU AA 260 27.96 -115.48 -115.64
CA GLU AA 260 28.10 -116.87 -115.30
C GLU AA 260 28.79 -116.99 -113.96
N ALA AA 261 28.21 -117.83 -113.11
CA ALA AA 261 28.64 -118.10 -111.76
C ALA AA 261 29.89 -118.91 -111.58
N LYS AA 262 30.55 -118.64 -110.47
CA LYS AA 262 31.67 -119.39 -109.94
C LYS AA 262 31.22 -119.98 -108.61
N SER AA 263 31.94 -120.98 -108.14
CA SER AA 263 31.56 -121.68 -106.91
C SER AA 263 32.61 -121.73 -105.81
N ARG AA 264 32.13 -122.13 -104.63
CA ARG AA 264 32.94 -122.29 -103.43
C ARG AA 264 32.58 -123.54 -102.63
N GLN AA 265 33.55 -124.13 -101.95
CA GLN AA 265 33.29 -125.26 -101.06
C GLN AA 265 34.34 -125.56 -100.01
N LEU AA 266 33.88 -125.91 -98.81
CA LEU AA 266 34.78 -126.32 -97.73
C LEU AA 266 34.38 -127.62 -97.05
N LYS AA 267 35.38 -128.33 -96.51
CA LYS AA 267 35.17 -129.57 -95.75
C LYS AA 267 35.56 -129.48 -94.26
N ALA AA 268 34.94 -130.34 -93.43
CA ALA AA 268 35.23 -130.42 -91.98
C ALA AA 268 36.34 -131.43 -91.61
N ALA AA 269 36.30 -132.64 -92.17
CA ALA AA 269 37.30 -133.68 -91.87
C ALA AA 269 37.58 -133.90 -90.37
N TYR AA 270 36.56 -134.15 -89.56
CA TYR AA 270 36.76 -134.31 -88.12
C TYR AA 270 36.70 -135.77 -87.71
N SER AA 271 37.30 -136.08 -86.57
CA SER AA 271 37.31 -137.44 -86.07
C SER AA 271 36.12 -137.76 -85.18
N ILE AA 272 35.79 -139.04 -85.15
CA ILE AA 272 34.73 -139.56 -84.32
C ILE AA 272 35.07 -139.46 -82.86
N GLU AA 273 36.27 -139.89 -82.52
CA GLU AA 273 36.72 -139.90 -81.16
C GLU AA 273 36.75 -138.50 -80.58
N LEU AA 274 37.13 -137.53 -81.41
CA LEU AA 274 37.19 -136.18 -80.92
C LEU AA 274 35.77 -135.73 -80.58
N ALA AA 275 34.81 -136.04 -81.45
CA ALA AA 275 33.44 -135.63 -81.14
C ALA AA 275 32.97 -136.29 -79.84
N GLN AA 276 33.36 -137.53 -79.62
CA GLN AA 276 32.96 -138.23 -78.41
C GLN AA 276 33.53 -137.53 -77.18
N ASP AA 277 34.80 -137.12 -77.26
CA ASP AA 277 35.43 -136.42 -76.15
C ASP AA 277 34.77 -135.07 -75.92
N LEU AA 278 34.41 -134.37 -76.99
CA LEU AA 278 33.80 -133.08 -76.78
C LEU AA 278 32.49 -133.22 -76.03
N ARG AA 279 31.74 -134.28 -76.34
CA ARG AA 279 30.44 -134.55 -75.65
C ARG AA 279 30.71 -134.87 -74.18
N ALA AA 280 31.77 -135.63 -73.90
CA ALA AA 280 32.14 -136.03 -72.55
C ALA AA 280 32.63 -134.87 -71.68
N VAL AA 281 33.35 -133.92 -72.27
CA VAL AA 281 33.92 -132.83 -71.50
C VAL AA 281 33.04 -131.58 -71.41
N HIS AA 282 32.54 -131.09 -72.55
CA HIS AA 282 31.81 -129.83 -72.54
C HIS AA 282 30.35 -129.94 -72.97
N GLY AA 283 29.86 -131.15 -73.29
CA GLY AA 283 28.51 -131.26 -73.80
C GLY AA 283 28.45 -130.81 -75.26
N MET AA 284 29.60 -130.76 -75.92
CA MET AA 284 29.67 -130.32 -77.32
C MET AA 284 29.49 -131.49 -78.25
N ASP AA 285 28.82 -131.28 -79.38
CA ASP AA 285 28.64 -132.37 -80.34
C ASP AA 285 29.83 -132.42 -81.27
N ALA AA 286 30.40 -131.24 -81.47
CA ALA AA 286 31.57 -130.97 -82.31
C ALA AA 286 31.39 -131.27 -83.79
N ASP AA 287 30.18 -131.42 -84.25
CA ASP AA 287 29.89 -131.60 -85.64
C ASP AA 287 29.15 -130.36 -86.17
N ALA AA 288 28.05 -130.00 -85.51
CA ALA AA 288 27.24 -128.83 -85.85
C ALA AA 288 28.09 -127.58 -85.75
N GLU AA 289 29.03 -127.60 -84.80
CA GLU AA 289 29.95 -126.44 -84.57
C GLU AA 289 30.87 -126.26 -85.77
N LEU AA 290 31.18 -127.36 -86.48
CA LEU AA 290 32.05 -127.27 -87.62
C LEU AA 290 31.24 -126.82 -88.79
N SER AA 291 30.00 -127.29 -88.82
CA SER AA 291 29.10 -126.93 -89.88
C SER AA 291 28.96 -125.42 -89.83
N GLY AA 292 28.75 -124.91 -88.62
CA GLY AA 292 28.64 -123.49 -88.35
C GLY AA 292 29.87 -122.75 -88.84
N ILE AA 293 31.07 -123.18 -88.43
CA ILE AA 293 32.28 -122.49 -88.84
C ILE AA 293 32.44 -122.48 -90.34
N LEU AA 294 32.24 -123.61 -90.99
CA LEU AA 294 32.44 -123.66 -92.42
C LEU AA 294 31.47 -122.76 -93.15
N ALA AA 295 30.21 -122.81 -92.75
CA ALA AA 295 29.20 -122.00 -93.40
C ALA AA 295 29.49 -120.53 -93.18
N THR AA 296 29.92 -120.21 -91.98
CA THR AA 296 30.22 -118.84 -91.60
C THR AA 296 31.35 -118.31 -92.42
N GLU AA 297 32.42 -119.07 -92.54
CA GLU AA 297 33.58 -118.58 -93.24
C GLU AA 297 33.25 -118.36 -94.69
N ILE AA 298 32.46 -119.23 -95.30
CA ILE AA 298 32.16 -119.04 -96.70
C ILE AA 298 31.40 -117.75 -96.87
N MET AA 299 30.40 -117.51 -96.04
CA MET AA 299 29.65 -116.27 -96.17
C MET AA 299 30.56 -115.07 -95.97
N LEU AA 300 31.48 -115.14 -95.01
CA LEU AA 300 32.36 -113.99 -94.80
C LEU AA 300 33.21 -113.75 -96.04
N GLU AA 301 33.72 -114.84 -96.63
CA GLU AA 301 34.60 -114.76 -97.82
C GLU AA 301 33.86 -114.11 -99.00
N ILE AA 302 32.60 -114.49 -99.22
CA ILE AA 302 31.83 -113.95 -100.33
C ILE AA 302 31.59 -112.48 -100.14
N ASN AA 303 31.19 -112.11 -98.95
CA ASN AA 303 30.89 -110.73 -98.73
C ASN AA 303 32.14 -109.86 -98.78
N ARG AA 304 33.29 -110.39 -98.36
CA ARG AA 304 34.50 -109.60 -98.50
C ARG AA 304 34.78 -109.43 -99.98
N GLU AA 305 34.58 -110.50 -100.75
CA GLU AA 305 34.80 -110.49 -102.21
C GLU AA 305 33.99 -109.35 -102.84
N VAL AA 306 32.74 -109.17 -102.40
CA VAL AA 306 31.92 -108.10 -102.94
C VAL AA 306 32.57 -106.76 -102.65
N VAL AA 307 33.02 -106.56 -101.41
CA VAL AA 307 33.66 -105.29 -101.10
C VAL AA 307 34.92 -105.07 -101.90
N ASP AA 308 35.75 -106.10 -102.06
CA ASP AA 308 36.97 -105.97 -102.85
C ASP AA 308 36.66 -105.55 -104.26
N TRP AA 309 35.59 -106.10 -104.85
CA TRP AA 309 35.27 -105.72 -106.22
C TRP AA 309 34.78 -104.30 -106.30
N ILE AA 310 34.12 -103.84 -105.26
CA ILE AA 310 33.69 -102.46 -105.29
C ILE AA 310 34.93 -101.61 -105.31
N ASN AA 311 35.88 -101.91 -104.43
CA ASN AA 311 37.09 -101.15 -104.36
C ASN AA 311 37.90 -101.18 -105.66
N TYR AA 312 37.90 -102.35 -106.32
CA TYR AA 312 38.67 -102.56 -107.58
C TYR AA 312 38.04 -101.78 -108.73
N SER AA 313 36.71 -101.83 -108.83
CA SER AA 313 36.00 -101.16 -109.90
C SER AA 313 35.73 -99.68 -109.68
N ALA AA 314 35.74 -99.21 -108.45
CA ALA AA 314 35.47 -97.79 -108.19
C ALA AA 314 36.46 -96.92 -108.91
N GLN AA 315 36.00 -95.76 -109.36
CA GLN AA 315 36.81 -94.80 -110.07
C GLN AA 315 37.67 -94.05 -109.08
N VAL AA 316 38.76 -93.47 -109.55
CA VAL AA 316 39.59 -92.70 -108.64
C VAL AA 316 38.97 -91.34 -108.37
N GLY AA 317 38.78 -91.00 -107.11
CA GLY AA 317 38.19 -89.72 -106.72
C GLY AA 317 39.31 -88.71 -106.65
N LYS AA 318 39.03 -87.46 -106.25
CA LYS AA 318 40.14 -86.49 -106.21
C LYS AA 318 40.87 -86.54 -107.51
N SER AA 319 40.12 -86.47 -108.59
CA SER AA 319 40.70 -86.63 -109.91
C SER AA 319 39.81 -86.05 -110.99
N GLY AA 320 40.43 -85.46 -112.00
CA GLY AA 320 39.66 -84.96 -113.12
C GLY AA 320 38.71 -83.86 -112.68
N MET AA 321 37.43 -84.13 -112.84
CA MET AA 321 36.38 -83.19 -112.54
C MET AA 321 36.35 -82.73 -111.09
N THR AA 322 36.89 -83.53 -110.20
CA THR AA 322 36.88 -83.21 -108.78
C THR AA 322 38.25 -82.81 -108.26
N LEU AA 323 39.17 -82.56 -109.19
CA LEU AA 323 40.52 -82.22 -108.81
C LEU AA 323 40.86 -80.75 -109.04
N THR AA 324 41.53 -80.13 -108.07
CA THR AA 324 42.02 -78.78 -108.27
C THR AA 324 43.47 -78.87 -108.76
N PRO AA 325 44.01 -77.86 -109.45
CA PRO AA 325 45.38 -77.80 -109.92
C PRO AA 325 46.46 -78.09 -108.88
N GLY AA 326 46.24 -77.72 -107.64
CA GLY AA 326 47.24 -77.93 -106.61
C GLY AA 326 47.10 -79.23 -105.82
N SER AA 327 46.21 -80.12 -106.23
CA SER AA 327 45.99 -81.35 -105.47
C SER AA 327 46.80 -82.56 -105.93
N LYS AA 328 46.41 -83.75 -105.46
CA LYS AA 328 47.20 -84.96 -105.65
C LYS AA 328 46.66 -86.12 -106.50
N ALA AA 329 45.58 -85.95 -107.24
CA ALA AA 329 45.08 -87.00 -108.13
C ALA AA 329 44.80 -88.37 -107.47
N GLY AA 330 43.87 -88.42 -106.53
CA GLY AA 330 43.49 -89.69 -105.86
C GLY AA 330 43.63 -89.79 -104.34
N VAL AA 331 44.14 -88.77 -103.68
CA VAL AA 331 44.31 -88.80 -102.24
C VAL AA 331 43.97 -87.48 -101.59
N PHE AA 332 43.38 -87.54 -100.40
CA PHE AA 332 43.10 -86.34 -99.63
C PHE AA 332 44.06 -86.29 -98.45
N ASP AA 333 44.98 -85.33 -98.47
CA ASP AA 333 46.01 -85.17 -97.45
C ASP AA 333 45.69 -84.04 -96.46
N PHE AA 334 45.41 -84.36 -95.22
CA PHE AA 334 45.06 -83.35 -94.23
C PHE AA 334 46.19 -82.37 -93.93
N GLN AA 335 47.41 -82.70 -94.34
CA GLN AA 335 48.53 -81.83 -94.09
C GLN AA 335 48.78 -80.89 -95.28
N ASP AA 336 47.98 -81.03 -96.35
CA ASP AA 336 48.15 -80.23 -97.56
C ASP AA 336 47.13 -79.08 -97.64
N PRO AA 337 47.57 -77.80 -97.56
CA PRO AA 337 46.75 -76.59 -97.58
C PRO AA 337 45.73 -76.53 -98.71
N ILE AA 338 46.02 -77.15 -99.84
CA ILE AA 338 45.07 -77.07 -100.92
C ILE AA 338 43.93 -78.02 -100.63
N ASP AA 339 44.26 -79.25 -100.27
CA ASP AA 339 43.23 -80.24 -99.97
C ASP AA 339 42.33 -79.78 -98.85
N ILE AA 340 42.89 -79.06 -97.89
CA ILE AA 340 42.07 -78.64 -96.79
C ILE AA 340 41.52 -77.22 -96.96
N ARG AA 341 41.66 -76.66 -98.15
CA ARG AA 341 41.12 -75.37 -98.49
C ARG AA 341 41.45 -74.28 -97.47
N GLY AA 342 42.73 -74.21 -97.07
CA GLY AA 342 43.18 -73.17 -96.16
C GLY AA 342 42.90 -73.40 -94.68
N ALA AA 343 42.35 -74.55 -94.34
CA ALA AA 343 42.01 -74.86 -92.96
C ALA AA 343 43.20 -74.93 -92.02
N ARG AA 344 42.91 -74.60 -90.78
CA ARG AA 344 43.83 -74.70 -89.66
C ARG AA 344 42.97 -75.27 -88.55
N TRP AA 345 43.50 -75.85 -87.47
CA TRP AA 345 42.54 -76.32 -86.45
C TRP AA 345 41.54 -77.34 -86.98
N ALA AA 346 41.98 -78.58 -87.27
CA ALA AA 346 41.16 -79.64 -87.93
C ALA AA 346 39.62 -79.59 -87.77
N GLY AA 347 39.03 -78.99 -86.74
CA GLY AA 347 37.57 -78.81 -86.73
C GLY AA 347 37.10 -78.09 -88.02
N GLU AA 348 38.05 -77.44 -88.71
CA GLU AA 348 37.88 -76.77 -90.00
C GLU AA 348 38.25 -77.74 -91.16
N SER AA 349 39.45 -78.38 -91.10
CA SER AA 349 39.93 -79.24 -92.21
C SER AA 349 39.12 -80.50 -92.37
N PHE AA 350 38.48 -80.90 -91.31
CA PHE AA 350 37.65 -82.05 -91.34
C PHE AA 350 36.42 -81.75 -92.19
N LYS AA 351 36.02 -80.49 -92.28
CA LYS AA 351 34.87 -80.19 -93.09
C LYS AA 351 35.32 -80.16 -94.52
N ALA AA 352 36.58 -79.78 -94.74
CA ALA AA 352 37.09 -79.78 -96.11
C ALA AA 352 36.97 -81.19 -96.67
N LEU AA 353 37.23 -82.20 -95.84
CA LEU AA 353 37.07 -83.55 -96.30
C LEU AA 353 35.61 -83.80 -96.65
N LEU AA 354 34.71 -83.38 -95.78
CA LEU AA 354 33.29 -83.62 -96.05
C LEU AA 354 32.85 -82.94 -97.34
N PHE AA 355 33.38 -81.76 -97.60
CA PHE AA 355 33.07 -81.02 -98.82
C PHE AA 355 33.49 -81.84 -100.00
N GLN AA 356 34.71 -82.38 -99.95
CA GLN AA 356 35.19 -83.20 -101.03
C GLN AA 356 34.30 -84.43 -101.22
N ILE AA 357 33.79 -84.99 -100.12
CA ILE AA 357 32.94 -86.16 -100.25
C ILE AA 357 31.73 -85.79 -101.06
N ASP AA 358 31.12 -84.65 -100.76
CA ASP AA 358 29.98 -84.24 -101.56
C ASP AA 358 30.40 -84.10 -103.01
N LYS AA 359 31.57 -83.51 -103.28
CA LYS AA 359 31.96 -83.35 -104.67
C LYS AA 359 31.98 -84.68 -105.40
N GLU AA 360 32.50 -85.70 -104.71
CA GLU AA 360 32.60 -87.08 -105.29
C GLU AA 360 31.19 -87.64 -105.50
N ALA AA 361 30.27 -87.38 -104.57
CA ALA AA 361 28.91 -87.89 -104.68
C ALA AA 361 28.20 -87.25 -105.87
N VAL AA 362 28.45 -85.97 -106.08
CA VAL AA 362 27.87 -85.21 -107.16
C VAL AA 362 28.40 -85.71 -108.48
N GLU AA 363 29.71 -85.93 -108.57
CA GLU AA 363 30.30 -86.45 -109.79
C GLU AA 363 29.64 -87.78 -110.13
N ILE AA 364 29.31 -88.58 -109.12
CA ILE AA 364 28.63 -89.82 -109.42
C ILE AA 364 27.33 -89.49 -110.13
N ALA AA 365 26.55 -88.53 -109.64
CA ALA AA 365 25.32 -88.21 -110.37
C ALA AA 365 25.63 -87.86 -111.81
N ARG AA 366 26.68 -87.07 -111.97
CA ARG AA 366 27.09 -86.63 -113.28
C ARG AA 366 27.44 -87.80 -114.18
N GLN AA 367 28.04 -88.86 -113.65
CA GLN AA 367 28.41 -89.94 -114.54
C GLN AA 367 27.39 -91.06 -114.69
N THR AA 368 26.54 -91.32 -113.68
CA THR AA 368 25.61 -92.43 -113.88
C THR AA 368 24.38 -91.93 -114.61
N GLY AA 369 24.05 -90.65 -114.43
CA GLY AA 369 22.85 -90.08 -115.04
C GLY AA 369 21.61 -90.44 -114.26
N ARG AA 370 21.81 -91.04 -113.09
CA ARG AA 370 20.69 -91.48 -112.28
C ARG AA 370 20.53 -90.65 -110.99
N GLY AA 371 21.63 -90.38 -110.30
CA GLY AA 371 21.57 -89.60 -109.07
C GLY AA 371 22.87 -89.65 -108.28
N GLU AA 372 23.02 -88.73 -107.34
CA GLU AA 372 24.24 -88.65 -106.54
C GLU AA 372 24.39 -89.78 -105.56
N GLY AA 373 25.64 -89.99 -105.16
CA GLY AA 373 25.99 -91.02 -104.19
C GLY AA 373 25.06 -91.00 -102.98
N ASN AA 374 24.77 -92.19 -102.44
CA ASN AA 374 23.88 -92.35 -101.32
C ASN AA 374 24.39 -93.31 -100.23
N PHE AA 375 25.64 -93.71 -100.34
CA PHE AA 375 26.29 -94.52 -99.33
C PHE AA 375 27.79 -94.34 -99.32
N ILE AA 376 28.38 -94.65 -98.18
CA ILE AA 376 29.81 -94.57 -97.95
C ILE AA 376 30.37 -95.77 -97.18
N ILE AA 377 31.51 -96.28 -97.60
CA ILE AA 377 32.20 -97.29 -96.81
C ILE AA 377 33.57 -96.72 -96.50
N ALA AA 378 33.93 -96.66 -95.23
CA ALA AA 378 35.19 -96.02 -94.92
C ALA AA 378 35.99 -96.67 -93.81
N SER AA 379 37.30 -96.39 -93.79
CA SER AA 379 38.16 -96.93 -92.76
C SER AA 379 37.80 -96.42 -91.39
N ARG AA 380 38.30 -97.09 -90.37
CA ARG AA 380 38.02 -96.72 -89.00
C ARG AA 380 38.39 -95.28 -88.71
N ASN AA 381 39.51 -94.82 -89.25
CA ASN AA 381 39.92 -93.47 -88.99
C ASN AA 381 39.02 -92.46 -89.66
N VAL AA 382 38.59 -92.75 -90.87
CA VAL AA 382 37.72 -91.84 -91.57
C VAL AA 382 36.40 -91.73 -90.85
N VAL AA 383 35.86 -92.86 -90.42
CA VAL AA 383 34.59 -92.80 -89.74
C VAL AA 383 34.76 -92.01 -88.46
N ASN AA 384 35.84 -92.24 -87.73
CA ASN AA 384 36.07 -91.50 -86.51
C ASN AA 384 36.05 -89.99 -86.80
N VAL AA 385 36.66 -89.57 -87.91
CA VAL AA 385 36.62 -88.15 -88.23
C VAL AA 385 35.20 -87.69 -88.42
N LEU AA 386 34.41 -88.44 -89.15
CA LEU AA 386 33.04 -88.00 -89.33
C LEU AA 386 32.29 -87.91 -88.00
N ALA AA 387 32.44 -88.94 -87.16
CA ALA AA 387 31.73 -89.04 -85.89
C ALA AA 387 32.08 -87.94 -84.91
N SER AA 388 33.32 -87.51 -84.95
CA SER AA 388 33.93 -86.48 -84.11
C SER AA 388 33.72 -85.05 -84.57
N VAL AA 389 33.00 -84.82 -85.67
CA VAL AA 389 32.83 -83.43 -86.07
C VAL AA 389 31.39 -83.05 -86.31
N ASP AA 390 31.16 -81.77 -86.31
CA ASP AA 390 29.83 -81.33 -86.66
C ASP AA 390 29.73 -81.29 -88.16
N THR AA 391 28.92 -82.14 -88.73
CA THR AA 391 28.82 -82.26 -90.18
C THR AA 391 27.89 -81.19 -90.76
N GLY AA 392 27.22 -80.45 -89.89
CA GLY AA 392 26.31 -79.43 -90.38
C GLY AA 392 27.05 -78.16 -90.76
N ILE AA 393 26.30 -77.17 -91.20
CA ILE AA 393 26.92 -75.93 -91.63
C ILE AA 393 27.07 -75.01 -90.47
N SER AA 394 28.31 -74.81 -90.06
CA SER AA 394 28.59 -74.03 -88.88
C SER AA 394 29.93 -73.36 -88.93
N TYR AA 395 30.36 -72.86 -87.79
CA TYR AA 395 31.62 -72.12 -87.74
C TYR AA 395 32.78 -73.07 -87.84
N ALA AA 396 32.87 -74.00 -86.91
CA ALA AA 396 33.88 -75.05 -86.91
C ALA AA 396 33.49 -75.94 -85.78
N ALA AA 397 33.85 -77.23 -85.81
CA ALA AA 397 33.64 -78.00 -84.60
C ALA AA 397 34.26 -79.37 -84.63
N GLN AA 398 34.78 -79.77 -83.47
CA GLN AA 398 35.32 -81.11 -83.28
C GLN AA 398 35.31 -81.45 -81.79
N GLY AA 399 35.37 -82.75 -81.49
CA GLY AA 399 35.46 -83.23 -80.10
C GLY AA 399 35.30 -84.73 -80.04
N LEU AA 400 34.80 -85.24 -78.93
CA LEU AA 400 34.61 -86.68 -78.78
C LEU AA 400 33.59 -87.17 -79.79
N ALA AA 401 33.81 -88.33 -80.38
CA ALA AA 401 32.89 -88.89 -81.35
C ALA AA 401 31.52 -89.18 -80.81
N THR AA 402 30.49 -88.78 -81.56
CA THR AA 402 29.11 -89.08 -81.19
C THR AA 402 28.25 -89.42 -82.40
N GLY AA 403 28.61 -88.87 -83.56
CA GLY AA 403 27.76 -88.93 -84.76
C GLY AA 403 27.47 -90.30 -85.34
N PHE AA 404 28.45 -91.18 -85.29
CA PHE AA 404 28.36 -92.50 -85.88
C PHE AA 404 28.95 -93.53 -84.95
N SER AA 405 28.52 -94.77 -85.07
CA SER AA 405 29.24 -95.79 -84.34
C SER AA 405 30.60 -95.92 -84.98
N THR AA 406 31.63 -96.10 -84.16
CA THR AA 406 32.97 -96.31 -84.68
C THR AA 406 33.39 -97.75 -84.47
N ASP AA 407 32.46 -98.56 -83.97
CA ASP AA 407 32.75 -99.95 -83.72
C ASP AA 407 32.57 -100.78 -84.99
N THR AA 408 32.86 -102.08 -84.88
CA THR AA 408 32.68 -103.05 -85.94
C THR AA 408 32.04 -104.28 -85.32
N THR AA 409 32.11 -104.29 -83.99
CA THR AA 409 31.68 -105.43 -83.17
C THR AA 409 30.18 -105.50 -83.07
N LYS AA 410 29.56 -104.38 -82.73
CA LYS AA 410 28.12 -104.37 -82.57
C LYS AA 410 27.39 -104.25 -83.89
N SER AA 411 28.02 -103.58 -84.85
CA SER AA 411 27.48 -103.39 -86.18
C SER AA 411 28.56 -102.95 -87.08
N VAL AA 412 28.24 -102.77 -88.35
CA VAL AA 412 29.21 -102.26 -89.30
C VAL AA 412 28.57 -101.04 -89.88
N PHE AA 413 27.29 -100.91 -89.61
CA PHE AA 413 26.59 -99.74 -90.10
C PHE AA 413 26.84 -98.68 -89.08
N ALA AA 414 27.50 -97.62 -89.51
CA ALA AA 414 27.92 -96.58 -88.61
C ALA AA 414 26.83 -95.54 -88.38
N GLY AA 415 26.09 -95.21 -89.44
CA GLY AA 415 25.04 -94.19 -89.34
C GLY AA 415 24.80 -93.47 -90.66
N VAL AA 416 24.08 -92.35 -90.63
CA VAL AA 416 23.79 -91.68 -91.90
C VAL AA 416 24.36 -90.26 -91.96
N LEU AA 417 25.23 -90.01 -92.93
CA LEU AA 417 25.91 -88.73 -93.00
C LEU AA 417 25.05 -87.67 -93.57
N GLY AA 418 24.76 -86.68 -92.73
CA GLY AA 418 23.93 -85.55 -93.10
C GLY AA 418 22.49 -85.97 -93.25
N GLY AA 419 22.17 -87.18 -92.85
CA GLY AA 419 20.83 -87.68 -93.08
C GLY AA 419 20.71 -88.15 -94.54
N LYS AA 420 21.82 -88.14 -95.29
CA LYS AA 420 21.82 -88.51 -96.70
C LYS AA 420 22.58 -89.77 -97.08
N TYR AA 421 23.73 -90.05 -96.47
CA TYR AA 421 24.50 -91.21 -96.95
C TYR AA 421 24.56 -92.32 -95.94
N ARG AA 422 24.32 -93.56 -96.39
CA ARG AA 422 24.45 -94.72 -95.47
C ARG AA 422 25.94 -95.02 -95.28
N VAL AA 423 26.48 -94.71 -94.09
CA VAL AA 423 27.89 -94.92 -93.81
C VAL AA 423 28.13 -96.22 -93.08
N TYR AA 424 29.02 -97.00 -93.64
CA TYR AA 424 29.45 -98.26 -93.11
C TYR AA 424 30.94 -98.17 -92.87
N ILE AA 425 31.44 -98.97 -91.96
CA ILE AA 425 32.85 -98.93 -91.64
C ILE AA 425 33.55 -100.18 -92.19
N ASP AA 426 34.67 -100.03 -92.89
CA ASP AA 426 35.34 -101.22 -93.41
C ASP AA 426 36.27 -101.78 -92.37
N GLN AA 427 35.85 -102.86 -91.73
CA GLN AA 427 36.59 -103.43 -90.63
C GLN AA 427 37.90 -104.05 -91.11
N TYR AA 428 38.02 -104.28 -92.42
CA TYR AA 428 39.21 -104.86 -92.98
C TYR AA 428 39.92 -103.95 -93.96
N ALA AA 429 39.74 -102.63 -93.83
CA ALA AA 429 40.45 -101.76 -94.76
C ALA AA 429 41.92 -102.11 -94.71
N LYS AA 430 42.57 -102.22 -95.87
CA LYS AA 430 43.98 -102.58 -95.86
C LYS AA 430 44.94 -101.43 -95.59
N GLN AA 431 44.67 -100.23 -96.11
CA GLN AA 431 45.63 -99.15 -95.83
C GLN AA 431 44.94 -98.06 -95.00
N ASP AA 432 44.27 -97.12 -95.67
CA ASP AA 432 43.47 -96.09 -95.00
C ASP AA 432 42.83 -95.29 -96.14
N TYR AA 433 41.56 -95.51 -96.38
CA TYR AA 433 40.89 -94.95 -97.54
C TYR AA 433 39.39 -95.00 -97.34
N PHE AA 434 38.65 -94.43 -98.28
CA PHE AA 434 37.21 -94.63 -98.27
C PHE AA 434 36.62 -94.54 -99.66
N THR AA 435 35.39 -95.04 -99.78
CA THR AA 435 34.64 -94.93 -101.01
C THR AA 435 33.26 -94.36 -100.78
N VAL AA 436 32.72 -93.80 -101.84
CA VAL AA 436 31.36 -93.29 -101.89
C VAL AA 436 30.70 -93.85 -103.14
N GLY AA 437 29.42 -94.14 -103.04
CA GLY AA 437 28.75 -94.66 -104.21
C GLY AA 437 27.25 -94.41 -104.24
N TYR AA 438 26.66 -94.76 -105.36
CA TYR AA 438 25.23 -94.63 -105.63
C TYR AA 438 24.57 -95.90 -106.06
N LYS AA 439 23.37 -96.14 -105.57
CA LYS AA 439 22.57 -97.22 -106.13
C LYS AA 439 21.14 -96.77 -106.22
N GLY AA 440 20.45 -97.22 -107.24
CA GLY AA 440 19.05 -96.89 -107.31
C GLY AA 440 18.23 -97.89 -106.50
N PRO AA 441 16.95 -97.59 -106.22
CA PRO AA 441 16.00 -98.45 -105.52
C PRO AA 441 15.69 -99.71 -106.32
N ASN AA 442 15.94 -99.62 -107.60
CA ASN AA 442 15.74 -100.69 -108.56
C ASN AA 442 17.09 -101.28 -108.85
N GLU AA 443 17.32 -102.54 -108.53
CA GLU AA 443 18.63 -103.17 -108.70
C GLU AA 443 19.14 -103.08 -110.15
N MET AA 444 18.28 -102.79 -111.10
CA MET AA 444 18.69 -102.64 -112.49
C MET AA 444 19.60 -101.40 -112.63
N ASP AA 445 19.66 -100.59 -111.58
CA ASP AA 445 20.48 -99.40 -111.43
C ASP AA 445 21.46 -99.58 -110.26
N ALA AA 446 21.86 -100.83 -110.02
CA ALA AA 446 22.79 -101.16 -108.93
C ALA AA 446 24.27 -100.85 -109.15
N GLY AA 447 24.76 -100.77 -110.37
CA GLY AA 447 26.20 -100.59 -110.56
C GLY AA 447 26.97 -101.93 -110.52
N ILE AA 448 26.84 -102.61 -109.38
CA ILE AA 448 27.43 -103.93 -109.08
C ILE AA 448 26.40 -104.93 -108.58
N TYR AA 449 26.49 -106.19 -109.03
CA TYR AA 449 25.48 -107.19 -108.61
C TYR AA 449 26.11 -108.53 -108.16
N TYR AA 450 25.54 -109.06 -107.08
CA TYR AA 450 25.87 -110.39 -106.49
C TYR AA 450 24.64 -111.25 -106.77
N ALA AA 451 24.80 -112.36 -107.48
CA ALA AA 451 23.63 -113.12 -107.90
C ALA AA 451 23.60 -114.57 -107.48
N PRO AA 452 23.32 -114.88 -106.21
CA PRO AA 452 23.43 -116.21 -105.66
C PRO AA 452 22.51 -117.14 -106.39
N TYR AA 453 22.98 -118.35 -106.63
CA TYR AA 453 22.21 -119.38 -107.30
C TYR AA 453 22.01 -120.55 -106.35
N VAL AA 454 23.12 -120.94 -105.75
CA VAL AA 454 23.23 -122.07 -104.85
C VAL AA 454 23.93 -121.60 -103.59
N ALA AA 455 23.42 -121.96 -102.42
CA ALA AA 455 24.15 -121.56 -101.23
C ALA AA 455 24.00 -122.57 -100.14
N LEU AA 456 25.14 -122.83 -99.52
CA LEU AA 456 25.28 -123.72 -98.40
C LEU AA 456 24.59 -125.04 -98.58
N THR AA 457 24.83 -125.65 -99.73
CA THR AA 457 24.26 -126.95 -99.95
C THR AA 457 24.99 -127.81 -98.96
N PRO AA 458 24.32 -128.52 -98.03
CA PRO AA 458 24.97 -129.36 -97.08
C PRO AA 458 25.51 -130.54 -97.82
N LEU AA 459 26.71 -130.95 -97.48
CA LEU AA 459 27.32 -132.10 -98.11
C LEU AA 459 27.66 -133.11 -97.03
N ARG AA 460 27.19 -134.34 -97.15
CA ARG AA 460 27.49 -135.34 -96.12
C ARG AA 460 27.87 -136.69 -96.70
N GLY AA 461 28.61 -137.47 -95.92
CA GLY AA 461 28.99 -138.84 -96.27
C GLY AA 461 29.87 -139.48 -95.18
N SER AA 462 30.68 -140.47 -95.57
CA SER AA 462 31.56 -141.18 -94.65
C SER AA 462 32.70 -141.87 -95.40
N ASP AA 463 33.81 -142.12 -94.69
CA ASP AA 463 34.96 -142.89 -95.18
C ASP AA 463 35.00 -144.29 -94.54
N PRO AA 464 34.66 -145.37 -95.27
CA PRO AA 464 34.56 -146.76 -94.83
C PRO AA 464 35.81 -147.30 -94.19
N LYS AA 465 36.97 -146.64 -94.36
CA LYS AA 465 38.16 -147.19 -93.73
C LYS AA 465 37.95 -147.25 -92.21
N ASN AA 466 37.11 -146.36 -91.66
CA ASN AA 466 36.85 -146.32 -90.25
C ASN AA 466 35.47 -145.77 -90.02
N PHE AA 467 34.79 -145.49 -91.12
CA PHE AA 467 33.45 -144.90 -91.18
C PHE AA 467 33.43 -143.51 -90.59
N GLN AA 468 34.50 -142.78 -90.85
CA GLN AA 468 34.65 -141.41 -90.37
C GLN AA 468 33.74 -140.51 -91.17
N PRO AA 469 32.97 -139.60 -90.56
CA PRO AA 469 32.03 -138.75 -91.24
C PRO AA 469 32.64 -137.75 -92.19
N VAL AA 470 31.87 -137.44 -93.20
CA VAL AA 470 32.20 -136.42 -94.17
C VAL AA 470 31.15 -135.35 -94.07
N MET AA 471 31.63 -134.12 -93.99
CA MET AA 471 30.82 -132.94 -93.88
C MET AA 471 31.46 -131.78 -94.63
N GLY AA 472 30.61 -130.94 -95.23
CA GLY AA 472 31.03 -129.72 -95.90
C GLY AA 472 29.86 -128.94 -96.50
N PHE AA 473 30.17 -127.84 -97.18
CA PHE AA 473 29.09 -127.00 -97.78
C PHE AA 473 29.55 -126.41 -99.11
N LYS AA 474 28.61 -126.25 -100.04
CA LYS AA 474 28.86 -125.68 -101.36
C LYS AA 474 27.95 -124.50 -101.79
N THR AA 475 28.53 -123.55 -102.54
CA THR AA 475 27.78 -122.41 -103.10
C THR AA 475 28.10 -122.18 -104.58
N ARG AA 476 27.26 -121.38 -105.24
CA ARG AA 476 27.45 -120.94 -106.64
C ARG AA 476 26.76 -119.60 -106.80
N TYR AA 477 27.43 -118.59 -107.37
CA TYR AA 477 26.73 -117.28 -107.41
C TYR AA 477 27.01 -116.44 -108.66
N GLY AA 478 28.24 -115.94 -108.83
CA GLY AA 478 28.46 -115.00 -109.91
C GLY AA 478 28.23 -113.58 -109.44
N ILE AA 479 29.02 -112.70 -110.01
CA ILE AA 479 28.97 -111.28 -109.73
C ILE AA 479 28.99 -110.55 -111.05
N GLY AA 480 28.72 -109.26 -111.03
CA GLY AA 480 28.92 -108.56 -112.28
C GLY AA 480 28.59 -107.07 -112.36
N ILE AA 481 29.01 -106.55 -113.51
CA ILE AA 481 28.89 -105.19 -113.99
C ILE AA 481 27.56 -104.78 -114.59
N ASN AA 482 27.01 -103.70 -114.07
CA ASN AA 482 25.81 -103.08 -114.57
C ASN AA 482 26.13 -102.43 -115.91
N PRO AA 483 25.34 -102.63 -116.96
CA PRO AA 483 25.59 -102.07 -118.25
C PRO AA 483 25.59 -100.59 -118.01
N PHE AA 484 26.38 -99.87 -118.79
CA PHE AA 484 26.55 -98.42 -118.65
C PHE AA 484 27.40 -98.03 -117.44
N ALA AA 485 27.92 -98.99 -116.65
CA ALA AA 485 28.76 -98.63 -115.51
C ALA AA 485 30.00 -97.87 -115.94
N GLU AA 486 30.60 -98.21 -117.09
CA GLU AA 486 31.77 -97.46 -117.51
C GLU AA 486 31.37 -96.01 -117.69
N SER AA 487 30.23 -95.89 -118.35
CA SER AA 487 29.50 -94.70 -118.73
C SER AA 487 30.18 -93.86 -119.78
N ALA AA 488 31.48 -93.67 -119.67
CA ALA AA 488 32.22 -92.83 -120.58
C ALA AA 488 32.16 -93.26 -122.04
N ALA AA 489 32.14 -94.56 -122.31
CA ALA AA 489 32.11 -95.05 -123.67
C ALA AA 489 30.72 -95.05 -124.23
N GLN AA 490 30.59 -94.66 -125.49
CA GLN AA 490 29.31 -94.67 -126.18
C GLN AA 490 28.90 -96.09 -126.60
N ALA AA 491 29.84 -97.02 -126.58
CA ALA AA 491 29.53 -98.39 -126.96
C ALA AA 491 30.63 -99.34 -126.51
N PRO AA 492 30.31 -100.59 -126.17
CA PRO AA 492 31.23 -101.67 -125.93
C PRO AA 492 31.74 -102.23 -127.24
N ALA AA 493 32.93 -102.78 -127.24
CA ALA AA 493 33.39 -103.45 -128.43
C ALA AA 493 32.47 -104.61 -128.78
N SER AA 494 32.22 -104.75 -130.07
CA SER AA 494 31.47 -105.84 -130.71
C SER AA 494 30.07 -106.08 -130.16
N ARG AA 495 29.48 -105.11 -129.46
CA ARG AA 495 28.13 -105.27 -128.89
C ARG AA 495 28.06 -106.46 -127.94
N ILE AA 496 29.17 -106.86 -127.31
CA ILE AA 496 29.13 -107.99 -126.40
C ILE AA 496 30.26 -108.01 -125.41
N GLN AA 497 29.95 -108.44 -124.20
CA GLN AA 497 30.98 -108.63 -123.19
C GLN AA 497 30.43 -109.20 -121.90
N SER AA 498 31.28 -109.93 -121.22
CA SER AA 498 30.96 -110.50 -119.92
C SER AA 498 30.81 -109.43 -118.87
N GLY AA 499 29.92 -109.66 -117.91
CA GLY AA 499 29.75 -108.76 -116.80
C GLY AA 499 30.86 -108.97 -115.76
N MET AA 500 31.75 -109.92 -116.02
CA MET AA 500 32.84 -110.23 -115.15
C MET AA 500 33.81 -109.05 -115.05
N PRO AA 501 34.15 -108.59 -113.86
CA PRO AA 501 35.03 -107.48 -113.62
C PRO AA 501 36.51 -107.78 -113.80
N SER AA 502 36.88 -108.06 -115.03
CA SER AA 502 38.28 -108.30 -115.34
C SER AA 502 38.93 -106.93 -115.31
N ILE AA 503 40.26 -106.86 -115.32
CA ILE AA 503 40.89 -105.52 -115.25
C ILE AA 503 40.39 -104.64 -116.36
N LEU AA 504 40.39 -105.19 -117.55
CA LEU AA 504 39.98 -104.46 -118.72
C LEU AA 504 38.53 -104.00 -118.68
N ASN AA 505 37.65 -104.76 -118.02
CA ASN AA 505 36.26 -104.40 -118.06
C ASN AA 505 35.95 -103.32 -117.06
N SER AA 506 36.55 -103.38 -115.87
CA SER AA 506 36.17 -102.36 -114.91
C SER AA 506 37.19 -101.81 -113.90
N LEU AA 507 38.48 -102.13 -113.95
CA LEU AA 507 39.28 -101.60 -112.87
C LEU AA 507 39.35 -100.09 -113.00
N GLY AA 508 38.93 -99.39 -111.96
CA GLY AA 508 38.94 -97.93 -111.97
C GLY AA 508 37.91 -97.30 -112.90
N LYS AA 509 36.91 -98.06 -113.35
CA LYS AA 509 35.95 -97.51 -114.30
C LYS AA 509 34.49 -97.33 -113.87
N ASN AA 510 34.03 -97.96 -112.80
CA ASN AA 510 32.60 -97.99 -112.51
C ASN AA 510 32.06 -96.68 -111.92
N ALA AA 511 31.25 -95.99 -112.73
CA ALA AA 511 30.65 -94.67 -112.51
C ALA AA 511 29.80 -94.56 -111.28
N TYR AA 512 29.37 -95.68 -110.74
CA TYR AA 512 28.52 -95.66 -109.56
C TYR AA 512 29.35 -95.53 -108.30
N PHE AA 513 30.68 -95.65 -108.41
CA PHE AA 513 31.53 -95.61 -107.23
C PHE AA 513 32.79 -94.76 -107.41
N ARG AA 514 33.20 -94.09 -106.32
CA ARG AA 514 34.41 -93.23 -106.30
C ARG AA 514 35.26 -93.61 -105.08
N ARG AA 515 36.58 -93.76 -105.28
CA ARG AA 515 37.51 -94.12 -104.21
C ARG AA 515 38.69 -93.19 -104.01
N VAL AA 516 38.98 -92.82 -102.76
CA VAL AA 516 40.18 -92.01 -102.49
C VAL AA 516 40.96 -92.55 -101.32
N TYR AA 517 42.24 -92.21 -101.28
CA TYR AA 517 43.07 -92.54 -100.14
C TYR AA 517 43.07 -91.39 -99.18
N VAL AA 518 43.30 -91.67 -97.92
CA VAL AA 518 43.35 -90.58 -96.95
C VAL AA 518 44.67 -90.54 -96.20
N LYS AA 519 45.27 -89.37 -96.20
CA LYS AA 519 46.53 -89.13 -95.53
C LYS AA 519 46.46 -87.98 -94.56
N GLY AA 520 47.40 -87.95 -93.61
CA GLY AA 520 47.50 -86.83 -92.68
C GLY AA 520 46.52 -86.92 -91.52
N ILE AA 521 45.83 -88.05 -91.48
CA ILE AA 521 44.79 -88.38 -90.52
C ILE AA 521 45.36 -89.19 -89.34
N ALA BA 66 61.99 -59.98 -9.19
CA ALA BA 66 60.75 -59.27 -9.48
C ALA BA 66 59.64 -60.22 -9.89
N GLU BA 67 58.40 -59.74 -9.73
CA GLU BA 67 57.21 -60.54 -10.09
C GLU BA 67 57.04 -60.57 -11.61
N ILE BA 68 57.82 -61.42 -12.29
CA ILE BA 68 57.74 -61.53 -13.74
C ILE BA 68 57.47 -62.94 -14.21
N GLY BA 69 56.98 -63.00 -15.44
CA GLY BA 69 56.68 -64.23 -16.13
C GLY BA 69 57.91 -64.84 -16.73
N GLY BA 70 58.87 -64.02 -17.13
CA GLY BA 70 60.03 -64.58 -17.77
C GLY BA 70 59.48 -65.29 -18.98
N ASP BA 71 60.13 -66.35 -19.43
CA ASP BA 71 59.57 -66.97 -20.61
C ASP BA 71 60.12 -68.33 -20.90
N HIS BA 72 59.61 -68.90 -21.96
CA HIS BA 72 60.10 -70.13 -22.51
C HIS BA 72 61.23 -69.78 -23.47
N GLY BA 73 62.08 -70.74 -23.77
CA GLY BA 73 63.17 -70.49 -24.70
C GLY BA 73 62.91 -70.93 -26.14
N TYR BA 74 61.64 -71.16 -26.53
CA TYR BA 74 61.29 -71.70 -27.86
C TYR BA 74 61.85 -73.09 -28.06
N ASN BA 75 62.20 -73.70 -26.94
CA ASN BA 75 62.69 -75.04 -26.80
C ASN BA 75 61.53 -75.95 -26.60
N ALA BA 76 61.24 -76.76 -27.58
CA ALA BA 76 60.05 -77.57 -27.49
C ALA BA 76 60.03 -78.46 -26.25
N THR BA 77 61.18 -78.91 -25.78
CA THR BA 77 61.15 -79.78 -24.62
C THR BA 77 60.74 -78.95 -23.43
N ASN BA 78 61.37 -77.81 -23.30
CA ASN BA 78 61.07 -76.96 -22.16
C ASN BA 78 59.65 -76.49 -22.22
N ILE BA 79 59.15 -76.28 -23.42
CA ILE BA 79 57.79 -75.84 -23.53
C ILE BA 79 56.86 -76.91 -23.10
N ALA BA 80 57.06 -78.09 -23.61
CA ALA BA 80 56.17 -79.16 -23.28
C ALA BA 80 56.15 -79.39 -21.79
N ALA BA 81 57.29 -79.24 -21.15
CA ALA BA 81 57.41 -79.45 -19.72
C ALA BA 81 56.93 -78.27 -18.90
N GLY BA 82 56.55 -77.18 -19.55
CA GLY BA 82 56.10 -76.00 -18.85
C GLY BA 82 57.23 -75.23 -18.15
N GLN BA 83 58.46 -75.36 -18.64
CA GLN BA 83 59.57 -74.71 -18.00
C GLN BA 83 59.84 -73.32 -18.55
N THR BA 84 59.80 -72.33 -17.67
CA THR BA 84 60.07 -70.96 -18.06
C THR BA 84 61.15 -70.43 -17.16
N SER BA 85 61.67 -69.28 -17.54
CA SER BA 85 62.68 -68.57 -16.77
C SER BA 85 62.12 -67.71 -15.65
N GLY BA 86 60.81 -67.58 -15.52
CA GLY BA 86 60.24 -66.69 -14.52
C GLY BA 86 59.73 -67.38 -13.27
N ALA BA 87 58.84 -66.66 -12.58
CA ALA BA 87 58.26 -67.11 -11.32
C ALA BA 87 57.39 -68.33 -11.48
N VAL BA 88 56.62 -68.37 -12.54
CA VAL BA 88 55.63 -69.42 -12.71
C VAL BA 88 55.80 -70.34 -13.89
N THR BA 89 55.85 -71.61 -13.53
CA THR BA 89 55.94 -72.70 -14.45
C THR BA 89 54.54 -72.99 -14.90
N GLN BA 90 54.44 -73.75 -15.95
CA GLN BA 90 53.15 -74.02 -16.50
C GLN BA 90 52.68 -75.41 -16.20
N ILE BA 91 51.38 -75.62 -16.31
CA ILE BA 91 50.82 -76.94 -16.22
C ILE BA 91 51.32 -77.72 -17.41
N GLY BA 92 51.27 -77.05 -18.54
CA GLY BA 92 51.72 -77.58 -19.80
C GLY BA 92 50.87 -76.94 -20.87
N PRO BA 93 51.28 -77.04 -22.13
CA PRO BA 93 50.61 -76.49 -23.25
C PRO BA 93 49.19 -77.00 -23.47
N ALA BA 94 48.29 -76.11 -23.78
CA ALA BA 94 46.91 -76.48 -24.08
C ALA BA 94 46.89 -77.32 -25.32
N VAL BA 95 45.98 -78.27 -25.40
CA VAL BA 95 45.90 -79.05 -26.62
C VAL BA 95 45.11 -78.27 -27.65
N MET BA 96 45.75 -78.02 -28.79
CA MET BA 96 45.20 -77.25 -29.89
C MET BA 96 44.48 -78.16 -30.85
N GLY BA 97 44.56 -79.44 -30.59
CA GLY BA 97 43.95 -80.43 -31.43
C GLY BA 97 44.91 -81.57 -31.70
N MET BA 98 44.42 -82.53 -32.48
CA MET BA 98 45.15 -83.71 -32.86
C MET BA 98 44.74 -84.06 -34.29
N VAL BA 99 45.72 -84.30 -35.15
CA VAL BA 99 45.48 -84.59 -36.56
C VAL BA 99 46.13 -85.88 -37.04
N ARG BA 100 45.39 -86.67 -37.79
CA ARG BA 100 45.97 -87.89 -38.33
C ARG BA 100 45.97 -87.83 -39.84
N ARG BA 101 46.87 -88.57 -40.48
CA ARG BA 101 46.86 -88.64 -41.94
C ARG BA 101 45.61 -89.34 -42.50
N ALA BA 102 45.17 -88.85 -43.66
CA ALA BA 102 44.03 -89.39 -44.39
C ALA BA 102 44.37 -90.66 -45.16
N ILE BA 103 43.33 -91.42 -45.47
CA ILE BA 103 43.45 -92.65 -46.25
C ILE BA 103 42.95 -92.42 -47.67
N PRO BA 104 43.70 -92.79 -48.73
CA PRO BA 104 43.35 -92.62 -50.14
C PRO BA 104 42.18 -93.46 -50.55
N ASN BA 105 41.48 -92.98 -51.57
CA ASN BA 105 40.30 -93.61 -52.16
C ASN BA 105 40.71 -94.70 -53.15
N LEU BA 106 39.97 -95.82 -53.16
CA LEU BA 106 40.27 -96.94 -54.05
C LEU BA 106 39.19 -97.18 -55.09
N ILE BA 107 39.60 -97.74 -56.23
CA ILE BA 107 38.72 -98.15 -57.33
C ILE BA 107 39.09 -99.52 -57.83
N ALA BA 108 39.57 -100.34 -56.92
CA ALA BA 108 40.21 -101.59 -57.27
C ALA BA 108 39.39 -102.46 -58.22
N PHE BA 109 38.07 -102.51 -58.11
CA PHE BA 109 37.39 -103.43 -59.00
C PHE BA 109 36.42 -102.76 -59.95
N ASP BA 110 36.47 -101.42 -60.03
CA ASP BA 110 35.48 -100.73 -60.84
C ASP BA 110 35.48 -101.08 -62.31
N ILE BA 111 36.65 -101.39 -62.85
CA ILE BA 111 36.80 -101.66 -64.25
C ILE BA 111 37.31 -103.05 -64.54
N CYS BA 112 37.06 -104.01 -63.67
CA CYS BA 112 37.59 -105.33 -64.02
C CYS BA 112 36.64 -106.40 -63.59
N GLY BA 113 36.93 -107.62 -63.99
CA GLY BA 113 36.07 -108.70 -63.58
C GLY BA 113 36.54 -109.14 -62.23
N VAL BA 114 35.87 -110.12 -61.65
CA VAL BA 114 36.29 -110.60 -60.37
C VAL BA 114 36.51 -112.10 -60.50
N GLN BA 115 35.47 -112.80 -60.91
CA GLN BA 115 35.49 -114.24 -61.04
C GLN BA 115 35.96 -114.88 -59.72
N PRO BA 116 35.26 -114.61 -58.60
CA PRO BA 116 35.62 -114.99 -57.24
C PRO BA 116 35.32 -116.44 -56.96
N MET BA 117 36.00 -117.34 -57.63
CA MET BA 117 35.72 -118.74 -57.41
C MET BA 117 35.96 -119.13 -55.97
N ASN BA 118 35.04 -119.86 -55.37
CA ASN BA 118 35.19 -120.33 -54.00
C ASN BA 118 35.96 -121.63 -53.93
N SER BA 119 37.11 -121.63 -54.58
CA SER BA 119 38.00 -122.76 -54.64
C SER BA 119 39.32 -122.26 -55.19
N PRO BA 120 40.46 -122.69 -54.64
CA PRO BA 120 41.76 -122.29 -55.08
C PRO BA 120 42.04 -123.02 -56.37
N THR BA 121 43.00 -122.53 -57.13
CA THR BA 121 43.43 -123.26 -58.29
C THR BA 121 42.38 -123.71 -59.32
N GLY BA 122 41.57 -122.79 -59.85
CA GLY BA 122 40.60 -123.13 -60.90
C GLY BA 122 41.22 -123.07 -62.32
N GLN BA 123 40.41 -123.34 -63.36
CA GLN BA 123 40.86 -123.31 -64.78
C GLN BA 123 39.78 -122.77 -65.71
N VAL BA 124 40.21 -122.14 -66.79
CA VAL BA 124 39.30 -121.52 -67.77
C VAL BA 124 39.52 -122.06 -69.16
N PHE BA 125 38.45 -122.27 -69.91
CA PHE BA 125 38.60 -122.79 -71.27
C PHE BA 125 38.28 -121.79 -72.36
N ALA BA 126 38.93 -121.96 -73.51
CA ALA BA 126 38.62 -121.06 -74.61
C ALA BA 126 38.73 -121.70 -75.98
N LEU BA 127 37.78 -121.38 -76.85
CA LEU BA 127 37.78 -121.93 -78.21
C LEU BA 127 38.13 -120.96 -79.33
N ARG BA 128 38.99 -121.46 -80.22
CA ARG BA 128 39.42 -120.77 -81.41
C ARG BA 128 39.02 -121.54 -82.66
N ALA BA 129 38.40 -120.85 -83.61
CA ALA BA 129 38.06 -121.47 -84.89
C ALA BA 129 39.31 -121.37 -85.72
N VAL BA 130 39.75 -122.48 -86.30
CA VAL BA 130 41.02 -122.54 -87.00
C VAL BA 130 40.93 -123.19 -88.38
N TYR BA 131 41.76 -122.75 -89.32
CA TYR BA 131 41.75 -123.36 -90.63
C TYR BA 131 43.11 -123.57 -91.30
N GLY BA 132 43.07 -124.41 -92.34
CA GLY BA 132 44.26 -124.78 -93.11
C GLY BA 132 44.55 -126.27 -92.95
N LYS BA 133 43.49 -127.03 -92.69
CA LYS BA 133 43.46 -128.50 -92.51
C LYS BA 133 44.18 -129.07 -91.29
N ASP BA 134 44.58 -128.23 -90.37
CA ASP BA 134 45.18 -128.74 -89.14
C ASP BA 134 44.92 -127.74 -88.04
N PRO BA 135 43.88 -127.93 -87.23
CA PRO BA 135 43.46 -127.04 -86.18
C PRO BA 135 44.55 -126.76 -85.16
N VAL BA 136 45.56 -127.64 -85.04
CA VAL BA 136 46.61 -127.36 -84.08
C VAL BA 136 47.98 -127.54 -84.70
N ALA BA 137 48.51 -126.46 -85.24
CA ALA BA 137 49.81 -126.49 -85.88
C ALA BA 137 50.39 -125.11 -86.00
N ALA BA 138 51.71 -125.02 -86.06
CA ALA BA 138 52.30 -123.73 -86.34
C ALA BA 138 51.83 -123.30 -87.71
N GLY BA 139 51.49 -122.04 -87.84
CA GLY BA 139 51.09 -121.50 -89.14
C GLY BA 139 49.59 -121.65 -89.40
N ALA BA 140 48.88 -122.38 -88.53
CA ALA BA 140 47.45 -122.55 -88.68
C ALA BA 140 46.82 -121.17 -88.54
N LYS BA 141 45.70 -120.91 -89.22
CA LYS BA 141 45.11 -119.58 -89.08
C LYS BA 141 43.82 -119.56 -88.31
N GLU BA 142 43.67 -118.52 -87.49
CA GLU BA 142 42.44 -118.30 -86.68
C GLU BA 142 41.36 -117.72 -87.59
N ALA BA 143 40.24 -118.43 -87.74
CA ALA BA 143 39.16 -118.00 -88.63
C ALA BA 143 38.55 -116.68 -88.24
N PHE BA 144 38.46 -116.39 -86.97
CA PHE BA 144 37.81 -115.14 -86.60
C PHE BA 144 38.74 -114.20 -85.83
N HIS BA 145 40.05 -114.29 -86.04
CA HIS BA 145 40.92 -113.39 -85.27
C HIS BA 145 40.57 -111.94 -85.63
N PRO BA 146 40.35 -111.02 -84.67
CA PRO BA 146 39.97 -109.65 -84.92
C PRO BA 146 40.94 -108.79 -85.74
N MET BA 147 42.22 -109.12 -85.77
CA MET BA 147 43.16 -108.30 -86.52
C MET BA 147 43.37 -108.77 -87.92
N TYR BA 148 42.75 -109.89 -88.30
CA TYR BA 148 43.02 -110.41 -89.67
C TYR BA 148 41.71 -110.63 -90.42
N GLY BA 149 41.71 -110.34 -91.72
CA GLY BA 149 40.52 -110.55 -92.51
C GLY BA 149 40.40 -112.01 -92.85
N PRO BA 150 39.27 -112.42 -93.41
CA PRO BA 150 39.03 -113.77 -93.87
C PRO BA 150 39.85 -113.89 -95.12
N ASP BA 151 40.23 -115.10 -95.48
CA ASP BA 151 40.88 -115.29 -96.76
C ASP BA 151 39.79 -115.52 -97.77
N ALA BA 152 39.48 -114.48 -98.54
CA ALA BA 152 38.37 -114.48 -99.49
C ALA BA 152 38.54 -115.53 -100.57
N MET BA 153 39.74 -116.06 -100.75
CA MET BA 153 39.96 -117.07 -101.75
C MET BA 153 40.06 -118.47 -101.17
N PHE BA 154 39.91 -118.62 -99.86
CA PHE BA 154 40.11 -119.92 -99.22
C PHE BA 154 39.18 -121.03 -99.74
N SER BA 155 37.86 -120.78 -99.77
CA SER BA 155 36.88 -121.76 -100.25
C SER BA 155 36.72 -121.69 -101.78
N GLY BA 156 37.40 -120.70 -102.34
CA GLY BA 156 37.36 -120.32 -103.74
C GLY BA 156 38.63 -120.69 -104.47
N GLN BA 157 39.16 -119.70 -105.18
CA GLN BA 157 40.31 -119.90 -106.04
C GLN BA 157 41.52 -120.48 -105.30
N GLY BA 158 41.68 -120.18 -104.02
CA GLY BA 158 42.78 -120.71 -103.21
C GLY BA 158 42.79 -122.24 -103.19
N ALA BA 159 41.63 -122.88 -103.33
CA ALA BA 159 41.61 -124.33 -103.36
C ALA BA 159 41.98 -124.75 -104.79
N ALA BA 160 41.61 -123.91 -105.77
CA ALA BA 160 41.91 -124.19 -107.18
C ALA BA 160 43.40 -124.21 -107.47
N LYS BA 161 44.13 -123.28 -106.85
CA LYS BA 161 45.57 -123.19 -107.09
C LYS BA 161 46.31 -122.48 -105.99
N LYS BA 162 47.62 -122.65 -105.99
CA LYS BA 162 48.46 -121.90 -105.09
C LYS BA 162 48.79 -120.57 -105.74
N PHE BA 163 49.03 -119.56 -104.95
CA PHE BA 163 49.42 -118.27 -105.48
C PHE BA 163 50.86 -117.97 -105.14
N PRO BA 164 51.60 -117.28 -106.01
CA PRO BA 164 52.94 -116.81 -105.75
C PRO BA 164 52.82 -115.75 -104.71
N ALA BA 165 53.84 -115.59 -103.89
CA ALA BA 165 53.83 -114.56 -102.89
C ALA BA 165 54.62 -113.35 -103.34
N LEU BA 166 54.27 -112.22 -102.79
CA LEU BA 166 55.00 -110.99 -102.97
C LEU BA 166 56.23 -111.10 -102.11
N ALA BA 167 57.34 -110.58 -102.59
CA ALA BA 167 58.56 -110.60 -101.83
C ALA BA 167 59.44 -109.47 -102.26
N ALA BA 168 60.31 -109.05 -101.37
CA ALA BA 168 61.22 -107.98 -101.74
C ALA BA 168 62.01 -108.38 -102.95
N SER BA 169 62.14 -107.44 -103.88
CA SER BA 169 62.90 -107.55 -105.13
C SER BA 169 62.18 -108.30 -106.23
N THR BA 170 61.04 -108.91 -105.92
CA THR BA 170 60.33 -109.68 -106.93
C THR BA 170 59.43 -108.78 -107.76
N GLN BA 171 59.53 -108.94 -109.08
CA GLN BA 171 58.71 -108.21 -110.01
C GLN BA 171 57.50 -108.99 -110.38
N THR BA 172 56.36 -108.32 -110.33
CA THR BA 172 55.09 -108.92 -110.66
C THR BA 172 54.87 -108.97 -112.16
N THR BA 173 53.89 -109.76 -112.60
CA THR BA 173 53.50 -109.84 -114.00
C THR BA 173 52.06 -109.38 -114.13
N VAL BA 174 51.83 -108.45 -115.02
CA VAL BA 174 50.50 -107.87 -115.12
C VAL BA 174 49.44 -108.88 -115.48
N GLY BA 175 48.38 -108.81 -114.68
CA GLY BA 175 47.21 -109.63 -114.74
C GLY BA 175 47.29 -110.79 -113.78
N ASP BA 176 48.48 -111.11 -113.26
CA ASP BA 176 48.51 -112.23 -112.35
C ASP BA 176 48.17 -111.80 -110.94
N ILE BA 177 48.13 -112.75 -110.02
CA ILE BA 177 47.81 -112.46 -108.63
C ILE BA 177 48.83 -112.97 -107.67
N TYR BA 178 49.23 -112.09 -106.79
CA TYR BA 178 50.23 -112.43 -105.81
C TYR BA 178 49.67 -112.30 -104.42
N THR BA 179 50.19 -113.09 -103.51
CA THR BA 179 49.70 -112.99 -102.14
C THR BA 179 50.73 -112.60 -101.13
N HIS BA 180 50.25 -112.45 -99.91
CA HIS BA 180 51.09 -112.04 -98.81
C HIS BA 180 50.31 -111.99 -97.52
N PHE BA 181 51.02 -111.89 -96.41
CA PHE BA 181 50.36 -111.70 -95.13
C PHE BA 181 50.86 -110.42 -94.49
N PHE BA 182 50.00 -109.42 -94.39
CA PHE BA 182 50.39 -108.14 -93.81
C PHE BA 182 50.45 -108.26 -92.30
N GLN BA 183 51.38 -107.54 -91.65
CA GLN BA 183 51.47 -107.66 -90.19
C GLN BA 183 50.10 -107.39 -89.53
N GLU BA 184 49.36 -106.43 -90.06
CA GLU BA 184 48.01 -106.16 -89.62
C GLU BA 184 47.17 -106.52 -90.83
N THR BA 185 45.98 -107.06 -90.63
CA THR BA 185 44.99 -107.48 -91.65
C THR BA 185 45.35 -108.80 -92.37
N GLY BA 186 46.60 -109.24 -92.28
CA GLY BA 186 47.03 -110.54 -92.76
C GLY BA 186 46.90 -110.83 -94.23
N THR BA 187 46.25 -111.96 -94.53
CA THR BA 187 46.15 -112.39 -95.90
C THR BA 187 45.54 -111.38 -96.84
N VAL BA 188 46.29 -111.15 -97.89
CA VAL BA 188 45.95 -110.28 -98.97
C VAL BA 188 46.28 -110.95 -100.29
N TYR BA 189 45.48 -110.65 -101.29
CA TYR BA 189 45.80 -111.04 -102.64
C TYR BA 189 45.71 -109.77 -103.42
N LEU BA 190 46.69 -109.54 -104.29
CA LEU BA 190 46.68 -108.36 -105.13
C LEU BA 190 46.91 -108.72 -106.57
N GLN BA 191 46.08 -108.17 -107.44
CA GLN BA 191 46.26 -108.41 -108.84
C GLN BA 191 47.22 -107.36 -109.36
N ALA BA 192 48.13 -107.77 -110.20
CA ALA BA 192 49.10 -106.84 -110.78
C ALA BA 192 48.53 -106.07 -111.95
N SER BA 193 48.49 -104.74 -111.82
CA SER BA 193 48.02 -103.89 -112.90
C SER BA 193 49.27 -103.34 -113.59
N VAL BA 194 50.35 -103.27 -112.80
CA VAL BA 194 51.66 -102.79 -113.21
C VAL BA 194 52.76 -103.82 -112.95
N GLN BA 195 53.64 -103.99 -113.93
CA GLN BA 195 54.73 -104.95 -113.83
C GLN BA 195 55.83 -104.32 -112.99
N VAL BA 196 55.66 -104.37 -111.67
CA VAL BA 196 56.52 -103.65 -110.75
C VAL BA 196 57.36 -104.49 -109.81
N THR BA 197 58.63 -104.10 -109.70
CA THR BA 197 59.57 -104.71 -108.76
C THR BA 197 59.33 -104.03 -107.44
N ILE BA 198 59.08 -104.82 -106.40
CA ILE BA 198 58.77 -104.23 -105.12
C ILE BA 198 59.94 -104.17 -104.13
N ASP BA 199 60.44 -102.96 -103.92
CA ASP BA 199 61.54 -102.63 -103.00
C ASP BA 199 62.60 -103.69 -102.81
N ALA BA 200 63.50 -103.79 -103.75
CA ALA BA 200 64.59 -104.75 -103.60
C ALA BA 200 65.41 -104.51 -102.32
N GLY BA 201 65.35 -103.30 -101.73
CA GLY BA 201 66.12 -102.99 -100.55
C GLY BA 201 65.37 -103.33 -99.25
N ALA BA 202 64.16 -103.90 -99.36
CA ALA BA 202 63.37 -104.24 -98.19
C ALA BA 202 63.88 -105.55 -97.62
N THR BA 203 63.69 -105.73 -96.32
CA THR BA 203 64.06 -106.95 -95.65
C THR BA 203 62.86 -107.49 -94.90
N ASP BA 204 62.66 -106.96 -93.70
CA ASP BA 204 61.54 -107.34 -92.86
C ASP BA 204 60.21 -107.00 -93.47
N ALA BA 205 59.19 -107.72 -93.02
CA ALA BA 205 57.84 -107.54 -93.48
C ALA BA 205 57.39 -106.12 -93.28
N ALA BA 206 57.81 -105.44 -92.23
CA ALA BA 206 57.31 -104.08 -92.10
C ALA BA 206 57.66 -103.23 -93.33
N LYS BA 207 58.83 -103.47 -93.92
CA LYS BA 207 59.25 -102.67 -95.06
C LYS BA 207 58.55 -103.18 -96.29
N LEU BA 208 58.42 -104.49 -96.40
CA LEU BA 208 57.78 -105.05 -97.55
C LEU BA 208 56.32 -104.60 -97.59
N ASP BA 209 55.65 -104.66 -96.43
CA ASP BA 209 54.27 -104.27 -96.35
C ASP BA 209 54.12 -102.84 -96.76
N ALA BA 210 55.05 -101.98 -96.31
CA ALA BA 210 54.98 -100.58 -96.67
C ALA BA 210 55.07 -100.38 -98.16
N GLU BA 211 56.00 -101.07 -98.82
CA GLU BA 211 56.09 -100.85 -100.25
C GLU BA 211 54.88 -101.40 -100.94
N ILE BA 212 54.37 -102.53 -100.48
CA ILE BA 212 53.20 -103.06 -101.12
C ILE BA 212 52.07 -102.08 -101.01
N LYS BA 213 51.86 -101.51 -99.83
CA LYS BA 213 50.81 -100.53 -99.69
C LYS BA 213 51.07 -99.34 -100.58
N LYS BA 214 52.31 -98.89 -100.70
CA LYS BA 214 52.59 -97.77 -101.60
C LYS BA 214 52.17 -98.12 -103.04
N GLN BA 215 52.40 -99.37 -103.43
CA GLN BA 215 52.00 -99.81 -104.76
C GLN BA 215 50.47 -99.89 -104.88
N MET BA 216 49.80 -100.23 -103.78
CA MET BA 216 48.33 -100.24 -103.75
C MET BA 216 47.80 -98.82 -103.89
N GLU BA 217 48.50 -97.89 -103.23
CA GLU BA 217 48.18 -96.48 -103.28
C GLU BA 217 48.33 -95.98 -104.70
N ALA BA 218 49.46 -96.36 -105.33
CA ALA BA 218 49.76 -96.03 -106.70
C ALA BA 218 48.73 -96.60 -107.65
N GLY BA 219 48.22 -97.80 -107.32
CA GLY BA 219 47.23 -98.50 -108.10
C GLY BA 219 47.88 -99.62 -108.92
N ALA BA 220 49.18 -99.86 -108.64
CA ALA BA 220 49.98 -100.90 -109.26
C ALA BA 220 49.45 -102.28 -108.88
N LEU BA 221 49.00 -102.36 -107.63
CA LEU BA 221 48.44 -103.58 -107.09
C LEU BA 221 47.03 -103.33 -106.61
N VAL BA 222 46.10 -104.23 -106.95
CA VAL BA 222 44.70 -104.02 -106.54
C VAL BA 222 44.12 -105.18 -105.75
N GLU BA 223 43.33 -104.88 -104.74
CA GLU BA 223 42.72 -105.92 -103.93
C GLU BA 223 41.92 -106.84 -104.82
N ILE BA 224 42.08 -108.13 -104.63
CA ILE BA 224 41.37 -109.08 -105.45
C ILE BA 224 40.93 -110.30 -104.65
N ALA BA 225 39.79 -110.86 -105.05
CA ALA BA 225 39.24 -112.07 -104.47
C ALA BA 225 38.53 -112.77 -105.58
N GLU BA 226 38.47 -114.09 -105.53
CA GLU BA 226 37.79 -114.87 -106.56
C GLU BA 226 37.39 -116.27 -106.09
N GLY BA 227 36.36 -116.80 -106.73
CA GLY BA 227 35.84 -118.15 -106.51
C GLY BA 227 36.53 -119.15 -107.41
N MET BA 228 35.94 -120.33 -107.56
CA MET BA 228 36.49 -121.40 -108.38
C MET BA 228 35.61 -121.65 -109.61
N ALA BA 229 36.22 -121.94 -110.76
CA ALA BA 229 35.42 -122.30 -111.92
C ALA BA 229 34.71 -123.62 -111.64
N THR BA 230 33.50 -123.78 -112.18
CA THR BA 230 32.75 -125.03 -112.06
C THR BA 230 33.59 -126.15 -112.67
N SER BA 231 34.28 -125.82 -113.77
CA SER BA 231 35.14 -126.74 -114.49
C SER BA 231 36.23 -127.33 -113.62
N ILE BA 232 36.52 -126.70 -112.51
CA ILE BA 232 37.50 -127.17 -111.58
C ILE BA 232 36.77 -127.82 -110.44
N ALA BA 233 35.82 -127.09 -109.87
CA ALA BA 233 35.12 -127.46 -108.66
C ALA BA 233 34.45 -128.80 -108.73
N GLU BA 234 33.88 -129.12 -109.86
CA GLU BA 234 33.20 -130.38 -109.92
C GLU BA 234 34.11 -131.57 -109.69
N LEU BA 235 35.40 -131.46 -110.02
CA LEU BA 235 36.26 -132.59 -109.81
C LEU BA 235 37.18 -132.46 -108.62
N GLN BA 236 37.02 -131.38 -107.87
CA GLN BA 236 37.89 -131.10 -106.74
C GLN BA 236 37.73 -132.37 -105.87
N GLU BA 237 38.84 -132.90 -105.36
CA GLU BA 237 38.82 -134.12 -104.50
C GLU BA 237 39.18 -135.38 -105.29
N GLY BA 238 39.76 -135.23 -106.49
CA GLY BA 238 40.16 -136.38 -107.30
C GLY BA 238 39.09 -137.09 -108.13
N PHE BA 239 38.04 -136.40 -108.54
CA PHE BA 239 37.02 -137.09 -109.29
C PHE BA 239 37.39 -137.14 -110.75
N ASN BA 240 36.86 -138.15 -111.43
CA ASN BA 240 37.01 -138.32 -112.87
C ASN BA 240 38.46 -138.30 -113.32
N GLY BA 241 39.34 -138.92 -112.55
CA GLY BA 241 40.74 -139.02 -112.90
C GLY BA 241 41.59 -137.80 -112.57
N SER BA 242 41.00 -136.75 -112.01
CA SER BA 242 41.79 -135.56 -111.71
C SER BA 242 42.66 -135.85 -110.50
N THR BA 243 43.71 -135.05 -110.31
CA THR BA 243 44.58 -135.22 -109.15
C THR BA 243 44.94 -133.89 -108.52
N ASP BA 244 45.51 -133.99 -107.30
CA ASP BA 244 46.09 -132.86 -106.59
C ASP BA 244 45.16 -131.67 -106.44
N ASN BA 245 43.90 -131.94 -106.17
CA ASN BA 245 42.95 -130.88 -106.05
C ASN BA 245 41.94 -130.98 -104.92
N PRO BA 246 42.32 -131.11 -103.65
CA PRO BA 246 41.44 -131.22 -102.50
C PRO BA 246 40.76 -129.90 -102.15
N TRP BA 247 39.64 -129.96 -101.44
CA TRP BA 247 39.01 -128.75 -100.92
C TRP BA 247 39.73 -128.36 -99.64
N ASN BA 248 39.81 -127.07 -99.40
CA ASN BA 248 40.37 -126.63 -98.14
C ASN BA 248 39.49 -127.03 -96.96
N GLU BA 249 40.12 -127.16 -95.79
CA GLU BA 249 39.45 -127.61 -94.57
C GLU BA 249 39.57 -126.68 -93.37
N MET BA 250 38.53 -126.74 -92.52
CA MET BA 250 38.49 -125.95 -91.27
C MET BA 250 38.06 -126.79 -90.08
N GLY BA 251 38.38 -126.31 -88.89
CA GLY BA 251 37.99 -126.93 -87.64
C GLY BA 251 38.26 -126.00 -86.48
N PHE BA 252 38.55 -126.55 -85.32
CA PHE BA 252 38.79 -125.71 -84.16
C PHE BA 252 39.67 -126.38 -83.15
N ARG BA 253 40.16 -125.57 -82.22
CA ARG BA 253 40.96 -126.03 -81.12
C ARG BA 253 40.43 -125.39 -79.85
N ILE BA 254 40.46 -126.14 -78.78
CA ILE BA 254 40.06 -125.61 -77.49
C ILE BA 254 41.16 -125.86 -76.46
N ASP BA 255 41.46 -124.85 -75.67
CA ASP BA 255 42.52 -124.99 -74.68
C ASP BA 255 42.14 -124.43 -73.34
N LYS BA 256 43.10 -124.42 -72.41
CA LYS BA 256 42.79 -123.88 -71.11
C LYS BA 256 43.93 -123.16 -70.41
N GLN BA 257 43.59 -122.26 -69.52
CA GLN BA 257 44.63 -121.68 -68.70
C GLN BA 257 44.27 -121.90 -67.25
N VAL BA 258 45.17 -121.52 -66.37
CA VAL BA 258 44.89 -121.68 -64.95
C VAL BA 258 45.15 -120.49 -64.06
N ILE BA 259 44.58 -120.53 -62.88
CA ILE BA 259 44.83 -119.50 -61.91
C ILE BA 259 45.28 -120.11 -60.61
N GLU BA 260 46.23 -119.44 -59.94
CA GLU BA 260 46.77 -119.92 -58.65
C GLU BA 260 46.91 -118.70 -57.72
N ALA BA 261 46.25 -118.74 -56.56
CA ALA BA 261 46.29 -117.64 -55.64
C ALA BA 261 47.53 -117.53 -54.81
N LYS BA 262 47.93 -116.27 -54.60
CA LYS BA 262 48.99 -115.90 -53.69
C LYS BA 262 48.34 -115.30 -52.45
N SER BA 263 49.07 -115.27 -51.34
CA SER BA 263 48.52 -114.74 -50.09
C SER BA 263 49.17 -113.48 -49.57
N ARG BA 264 48.46 -112.85 -48.66
CA ARG BA 264 48.94 -111.66 -48.00
C ARG BA 264 48.62 -111.70 -46.50
N GLN BA 265 49.60 -111.37 -45.68
CA GLN BA 265 49.37 -111.38 -44.25
C GLN BA 265 50.26 -110.47 -43.44
N LEU BA 266 49.63 -109.76 -42.52
CA LEU BA 266 50.33 -108.85 -41.61
C LEU BA 266 49.80 -108.90 -40.19
N LYS BA 267 50.69 -108.69 -39.23
CA LYS BA 267 50.28 -108.62 -37.84
C LYS BA 267 50.59 -107.30 -37.16
N ALA BA 268 49.88 -107.03 -36.07
CA ALA BA 268 50.15 -105.89 -35.21
C ALA BA 268 50.67 -106.34 -33.84
N ALA BA 269 49.97 -107.30 -33.22
CA ALA BA 269 50.37 -107.84 -31.91
C ALA BA 269 50.78 -106.76 -30.88
N TYR BA 270 49.92 -105.76 -30.68
CA TYR BA 270 50.23 -104.61 -29.78
C TYR BA 270 50.29 -105.03 -28.31
N SER BA 271 50.98 -104.23 -27.49
CA SER BA 271 51.09 -104.47 -26.04
C SER BA 271 49.89 -104.11 -25.17
N ILE BA 272 50.03 -104.25 -23.87
CA ILE BA 272 48.91 -104.05 -22.93
C ILE BA 272 48.81 -102.64 -22.42
N GLU BA 273 49.88 -102.17 -21.81
CA GLU BA 273 49.88 -100.84 -21.26
C GLU BA 273 49.62 -99.84 -22.36
N LEU BA 274 50.09 -100.13 -23.56
CA LEU BA 274 49.86 -99.19 -24.64
C LEU BA 274 48.41 -98.85 -24.78
N ALA BA 275 47.57 -99.87 -24.87
CA ALA BA 275 46.16 -99.62 -25.04
C ALA BA 275 45.58 -98.94 -23.83
N GLN BA 276 46.04 -99.35 -22.65
CA GLN BA 276 45.48 -98.80 -21.43
C GLN BA 276 45.76 -97.32 -21.32
N ASP BA 277 46.95 -96.93 -21.71
CA ASP BA 277 47.36 -95.56 -21.63
C ASP BA 277 46.81 -94.75 -22.76
N LEU BA 278 46.81 -95.29 -23.96
CA LEU BA 278 46.33 -94.54 -25.10
C LEU BA 278 44.90 -94.05 -24.87
N ARG BA 279 44.10 -94.93 -24.26
CA ARG BA 279 42.72 -94.65 -23.96
C ARG BA 279 42.58 -93.42 -23.07
N ALA BA 280 43.52 -93.23 -22.16
CA ALA BA 280 43.47 -92.14 -21.22
C ALA BA 280 44.05 -90.85 -21.77
N VAL BA 281 44.59 -90.86 -22.97
CA VAL BA 281 45.25 -89.69 -23.47
C VAL BA 281 44.57 -89.17 -24.69
N HIS BA 282 44.47 -90.02 -25.70
CA HIS BA 282 43.90 -89.59 -26.95
C HIS BA 282 42.52 -90.21 -27.10
N GLY BA 283 42.21 -91.18 -26.24
CA GLY BA 283 40.91 -91.84 -26.29
C GLY BA 283 40.91 -92.86 -27.40
N MET BA 284 42.10 -93.28 -27.76
CA MET BA 284 42.24 -94.20 -28.87
C MET BA 284 42.29 -95.62 -28.30
N ASP BA 285 41.91 -96.58 -29.13
CA ASP BA 285 41.76 -97.99 -28.74
C ASP BA 285 43.05 -98.83 -28.67
N ALA BA 286 43.96 -98.62 -29.64
CA ALA BA 286 45.23 -99.36 -29.88
C ALA BA 286 44.98 -100.80 -30.27
N ASP BA 287 43.82 -101.05 -30.79
CA ASP BA 287 43.41 -102.32 -31.31
C ASP BA 287 42.68 -101.96 -32.56
N ALA BA 288 41.53 -101.33 -32.39
CA ALA BA 288 40.75 -100.98 -33.54
C ALA BA 288 41.53 -100.16 -34.56
N GLU BA 289 42.41 -99.25 -34.13
CA GLU BA 289 43.12 -98.47 -35.11
C GLU BA 289 44.04 -99.34 -35.90
N LEU BA 290 44.74 -100.23 -35.20
CA LEU BA 290 45.67 -101.15 -35.82
C LEU BA 290 44.99 -102.08 -36.75
N SER BA 291 43.82 -102.54 -36.35
CA SER BA 291 43.05 -103.45 -37.15
C SER BA 291 42.73 -102.76 -38.44
N GLY BA 292 42.28 -101.52 -38.30
CA GLY BA 292 41.95 -100.66 -39.40
C GLY BA 292 43.15 -100.53 -40.31
N ILE BA 293 44.31 -100.19 -39.75
CA ILE BA 293 45.51 -99.99 -40.52
C ILE BA 293 45.89 -101.23 -41.29
N LEU BA 294 45.90 -102.37 -40.63
CA LEU BA 294 46.31 -103.57 -41.32
C LEU BA 294 45.37 -103.90 -42.46
N ALA BA 295 44.06 -103.85 -42.18
CA ALA BA 295 43.09 -104.18 -43.19
C ALA BA 295 43.16 -103.19 -44.34
N THR BA 296 43.36 -101.93 -43.98
CA THR BA 296 43.43 -100.86 -44.93
C THR BA 296 44.59 -101.08 -45.82
N GLU BA 297 45.76 -101.37 -45.24
CA GLU BA 297 46.93 -101.53 -46.04
C GLU BA 297 46.74 -102.63 -47.03
N ILE BA 298 46.13 -103.74 -46.61
CA ILE BA 298 45.96 -104.83 -47.54
C ILE BA 298 45.09 -104.38 -48.71
N MET BA 299 43.97 -103.71 -48.44
CA MET BA 299 43.17 -103.27 -49.57
C MET BA 299 43.86 -102.23 -50.43
N LEU BA 300 44.69 -101.39 -49.82
CA LEU BA 300 45.36 -100.39 -50.62
C LEU BA 300 46.30 -101.09 -51.58
N GLU BA 301 46.96 -102.13 -51.05
CA GLU BA 301 47.94 -102.93 -51.83
C GLU BA 301 47.24 -103.58 -53.04
N ILE BA 302 46.01 -104.07 -52.85
CA ILE BA 302 45.30 -104.69 -53.95
C ILE BA 302 44.95 -103.65 -55.00
N ASN BA 303 44.45 -102.51 -54.58
CA ASN BA 303 44.11 -101.49 -55.56
C ASN BA 303 45.31 -101.20 -56.44
N ARG BA 304 46.48 -101.04 -55.82
CA ARG BA 304 47.67 -100.81 -56.61
C ARG BA 304 47.97 -101.98 -57.49
N GLU BA 305 47.86 -103.20 -56.97
CA GLU BA 305 48.19 -104.33 -57.81
C GLU BA 305 47.33 -104.35 -59.06
N VAL BA 306 46.06 -104.03 -58.93
CA VAL BA 306 45.20 -104.04 -60.10
C VAL BA 306 45.71 -103.03 -61.11
N VAL BA 307 45.98 -101.82 -60.65
CA VAL BA 307 46.43 -100.77 -61.55
C VAL BA 307 47.77 -101.12 -62.20
N ASP BA 308 48.70 -101.65 -61.41
CA ASP BA 308 50.02 -102.01 -61.89
C ASP BA 308 49.92 -103.04 -62.99
N TRP BA 309 49.03 -104.03 -62.83
CA TRP BA 309 48.90 -105.05 -63.86
C TRP BA 309 48.32 -104.47 -65.12
N ILE BA 310 47.42 -103.53 -64.99
CA ILE BA 310 46.92 -102.91 -66.18
C ILE BA 310 48.02 -102.18 -66.89
N ASN BA 311 48.78 -101.36 -66.16
CA ASN BA 311 49.83 -100.62 -66.84
C ASN BA 311 50.87 -101.55 -67.46
N TYR BA 312 51.19 -102.61 -66.73
CA TYR BA 312 52.22 -103.60 -67.15
C TYR BA 312 51.77 -104.30 -68.44
N SER BA 313 50.49 -104.69 -68.50
CA SER BA 313 49.99 -105.36 -69.66
C SER BA 313 49.50 -104.46 -70.79
N ALA BA 314 49.18 -103.20 -70.52
CA ALA BA 314 48.67 -102.32 -71.58
C ALA BA 314 49.64 -102.16 -72.72
N GLN BA 315 49.10 -102.09 -73.92
CA GLN BA 315 49.85 -101.95 -75.16
C GLN BA 315 50.27 -100.51 -75.39
N VAL BA 316 51.28 -100.32 -76.21
CA VAL BA 316 51.70 -98.98 -76.53
C VAL BA 316 50.79 -98.37 -77.60
N GLY BA 317 50.26 -97.19 -77.33
CA GLY BA 317 49.37 -96.49 -78.25
C GLY BA 317 50.15 -95.71 -79.32
N LYS BA 318 49.46 -94.86 -80.07
CA LYS BA 318 50.13 -94.09 -81.15
C LYS BA 318 50.91 -94.98 -82.10
N SER BA 319 50.28 -96.06 -82.54
CA SER BA 319 50.92 -97.02 -83.43
C SER BA 319 49.92 -97.73 -84.32
N GLY BA 320 50.33 -98.03 -85.54
CA GLY BA 320 49.48 -98.72 -86.50
C GLY BA 320 48.27 -97.86 -86.81
N MET BA 321 47.10 -98.37 -86.57
CA MET BA 321 45.88 -97.62 -86.86
C MET BA 321 45.82 -96.32 -86.09
N THR BA 322 46.46 -96.29 -84.92
CA THR BA 322 46.37 -95.14 -84.05
C THR BA 322 47.45 -94.08 -84.31
N LEU BA 323 48.34 -94.29 -85.29
CA LEU BA 323 49.36 -93.28 -85.51
C LEU BA 323 48.95 -92.28 -86.58
N THR BA 324 49.76 -91.25 -86.67
CA THR BA 324 49.73 -90.26 -87.72
C THR BA 324 51.15 -90.44 -88.22
N PRO BA 325 51.46 -90.39 -89.53
CA PRO BA 325 52.80 -90.58 -90.05
C PRO BA 325 53.88 -89.82 -89.29
N GLY BA 326 53.63 -88.61 -88.78
CA GLY BA 326 54.65 -87.92 -87.99
C GLY BA 326 54.64 -88.41 -86.53
N SER BA 327 54.70 -89.74 -86.38
CA SER BA 327 54.61 -90.51 -85.15
C SER BA 327 55.78 -90.37 -84.22
N LYS BA 328 55.49 -90.42 -82.93
CA LYS BA 328 56.49 -90.40 -81.89
C LYS BA 328 56.57 -91.74 -81.14
N ALA BA 329 55.90 -92.73 -81.69
CA ALA BA 329 55.87 -94.11 -81.17
C ALA BA 329 55.46 -94.29 -79.70
N GLY BA 330 54.32 -93.73 -79.31
CA GLY BA 330 53.80 -93.94 -77.94
C GLY BA 330 53.60 -92.71 -77.04
N VAL BA 331 53.80 -91.51 -77.57
CA VAL BA 331 53.62 -90.28 -76.80
C VAL BA 331 52.81 -89.23 -77.56
N PHE BA 332 52.03 -88.47 -76.78
CA PHE BA 332 51.30 -87.30 -77.23
C PHE BA 332 52.09 -86.08 -76.83
N ASP BA 333 52.58 -85.30 -77.79
CA ASP BA 333 53.38 -84.12 -77.47
C ASP BA 333 52.67 -82.86 -77.89
N PHE BA 334 52.14 -82.16 -76.91
CA PHE BA 334 51.34 -80.97 -77.10
C PHE BA 334 52.05 -79.87 -77.89
N GLN BA 335 53.38 -79.89 -77.95
CA GLN BA 335 54.09 -78.84 -78.66
C GLN BA 335 54.29 -79.15 -80.15
N ASP BA 336 53.89 -80.35 -80.57
CA ASP BA 336 54.07 -80.81 -81.93
C ASP BA 336 52.80 -80.66 -82.78
N PRO BA 337 52.78 -79.82 -83.84
CA PRO BA 337 51.63 -79.55 -84.70
C PRO BA 337 50.91 -80.82 -85.12
N ILE BA 338 51.64 -81.92 -85.31
CA ILE BA 338 50.96 -83.13 -85.73
C ILE BA 338 49.97 -83.58 -84.67
N ASP BA 339 50.38 -83.50 -83.42
CA ASP BA 339 49.56 -83.99 -82.33
C ASP BA 339 48.54 -83.00 -81.89
N ILE BA 340 48.49 -81.86 -82.55
CA ILE BA 340 47.50 -80.89 -82.18
C ILE BA 340 46.66 -80.60 -83.40
N ARG BA 341 46.72 -81.50 -84.38
CA ARG BA 341 45.90 -81.41 -85.57
C ARG BA 341 46.01 -80.10 -86.36
N GLY BA 342 47.20 -79.52 -86.41
CA GLY BA 342 47.39 -78.29 -87.17
C GLY BA 342 46.82 -77.06 -86.49
N ALA BA 343 46.49 -77.18 -85.22
CA ALA BA 343 45.93 -76.13 -84.42
C ALA BA 343 46.97 -75.22 -83.79
N ARG BA 344 46.50 -74.06 -83.36
CA ARG BA 344 47.25 -73.07 -82.61
C ARG BA 344 46.34 -72.61 -81.47
N TRP BA 345 46.83 -71.87 -80.48
CA TRP BA 345 45.85 -71.29 -79.54
C TRP BA 345 45.05 -72.36 -78.78
N ALA BA 346 45.65 -72.90 -77.73
CA ALA BA 346 45.11 -74.02 -76.96
C ALA BA 346 43.61 -74.10 -76.76
N GLY BA 347 42.83 -73.01 -76.72
CA GLY BA 347 41.39 -73.14 -76.47
C GLY BA 347 40.75 -74.08 -77.49
N GLU BA 348 41.38 -74.21 -78.63
CA GLU BA 348 40.89 -75.11 -79.62
C GLU BA 348 41.92 -76.26 -79.82
N SER BA 349 43.24 -75.97 -79.74
CA SER BA 349 44.19 -77.02 -80.10
C SER BA 349 44.17 -78.24 -79.20
N PHE BA 350 43.73 -78.07 -77.96
CA PHE BA 350 43.72 -79.18 -77.04
C PHE BA 350 42.88 -80.35 -77.52
N LYS BA 351 41.90 -80.08 -78.40
CA LYS BA 351 40.94 -81.07 -78.87
C LYS BA 351 41.56 -82.29 -79.52
N ALA BA 352 42.77 -82.15 -79.99
CA ALA BA 352 43.46 -83.24 -80.64
C ALA BA 352 43.61 -84.43 -79.69
N LEU BA 353 43.74 -84.16 -78.39
CA LEU BA 353 43.91 -85.26 -77.48
C LEU BA 353 42.67 -86.14 -77.49
N LEU BA 354 41.51 -85.51 -77.55
CA LEU BA 354 40.25 -86.24 -77.49
C LEU BA 354 40.15 -87.11 -78.72
N PHE BA 355 40.60 -86.55 -79.84
CA PHE BA 355 40.60 -87.24 -81.10
C PHE BA 355 41.43 -88.50 -80.95
N GLN BA 356 42.63 -88.35 -80.40
CA GLN BA 356 43.50 -89.48 -80.20
C GLN BA 356 42.91 -90.51 -79.23
N ILE BA 357 42.22 -90.05 -78.18
CA ILE BA 357 41.62 -91.00 -77.26
C ILE BA 357 40.64 -91.87 -77.98
N ASP BA 358 39.78 -91.28 -78.82
CA ASP BA 358 38.88 -92.13 -79.56
C ASP BA 358 39.66 -93.05 -80.49
N LYS BA 359 40.71 -92.57 -81.14
CA LYS BA 359 41.43 -93.50 -82.02
C LYS BA 359 41.90 -94.73 -81.23
N GLU BA 360 42.37 -94.49 -79.99
CA GLU BA 360 42.85 -95.59 -79.12
C GLU BA 360 41.69 -96.51 -78.73
N ALA BA 361 40.52 -95.92 -78.45
CA ALA BA 361 39.34 -96.68 -78.05
C ALA BA 361 38.83 -97.57 -79.18
N VAL BA 362 38.92 -97.04 -80.39
CA VAL BA 362 38.49 -97.72 -81.59
C VAL BA 362 39.41 -98.90 -81.85
N GLU BA 363 40.73 -98.70 -81.72
CA GLU BA 363 41.67 -99.80 -81.90
C GLU BA 363 41.39 -100.90 -80.89
N ILE BA 364 41.03 -100.52 -79.67
CA ILE BA 364 40.72 -101.54 -78.69
C ILE BA 364 39.58 -102.39 -79.20
N ALA BA 365 38.53 -101.78 -79.75
CA ALA BA 365 37.51 -102.64 -80.33
C ALA BA 365 38.09 -103.49 -81.45
N ARG BA 366 38.90 -102.86 -82.32
CA ARG BA 366 39.42 -103.56 -83.48
C ARG BA 366 40.06 -104.88 -83.14
N GLN BA 367 40.96 -104.85 -82.21
CA GLN BA 367 41.74 -106.01 -81.83
C GLN BA 367 41.10 -106.97 -80.85
N THR BA 368 39.89 -106.67 -80.37
CA THR BA 368 39.26 -107.55 -79.39
C THR BA 368 37.99 -108.17 -79.92
N GLY BA 369 37.17 -107.36 -80.60
CA GLY BA 369 35.90 -107.84 -81.07
C GLY BA 369 34.91 -107.93 -79.92
N ARG BA 370 35.15 -107.20 -78.84
CA ARG BA 370 34.27 -107.28 -77.68
C ARG BA 370 33.60 -105.97 -77.33
N GLY BA 371 33.97 -104.91 -78.03
CA GLY BA 371 33.49 -103.55 -77.81
C GLY BA 371 34.64 -102.55 -77.68
N GLU BA 372 34.34 -101.27 -77.89
CA GLU BA 372 35.30 -100.18 -77.84
C GLU BA 372 35.61 -99.69 -76.45
N GLY BA 373 36.76 -99.05 -76.31
CA GLY BA 373 37.17 -98.52 -75.01
C GLY BA 373 36.07 -97.68 -74.35
N ASN BA 374 35.97 -97.81 -73.02
CA ASN BA 374 34.96 -97.11 -72.24
C ASN BA 374 35.40 -96.57 -70.89
N PHE BA 375 36.70 -96.61 -70.60
CA PHE BA 375 37.21 -95.99 -69.40
C PHE BA 375 38.62 -95.55 -69.61
N ILE BA 376 39.04 -94.61 -68.79
CA ILE BA 376 40.39 -94.11 -68.85
C ILE BA 376 41.03 -93.94 -67.48
N ILE BA 377 42.25 -94.40 -67.33
CA ILE BA 377 42.98 -94.13 -66.10
C ILE BA 377 44.10 -93.21 -66.48
N ALA BA 378 44.20 -92.08 -65.80
CA ALA BA 378 45.21 -91.13 -66.22
C ALA BA 378 45.83 -90.33 -65.12
N SER BA 379 46.94 -89.69 -65.43
CA SER BA 379 47.62 -88.82 -64.50
C SER BA 379 46.74 -87.64 -64.19
N ARG BA 380 47.04 -86.95 -63.10
CA ARG BA 380 46.25 -85.79 -62.73
C ARG BA 380 46.24 -84.74 -63.83
N ASN BA 381 47.36 -84.59 -64.52
CA ASN BA 381 47.49 -83.61 -65.57
C ASN BA 381 46.54 -83.86 -66.74
N VAL BA 382 46.18 -85.11 -66.95
CA VAL BA 382 45.37 -85.47 -68.09
C VAL BA 382 43.92 -85.41 -67.72
N VAL BA 383 43.65 -85.11 -66.48
CA VAL BA 383 42.29 -84.98 -66.08
C VAL BA 383 42.03 -83.50 -65.96
N ASN BA 384 42.95 -82.78 -65.34
CA ASN BA 384 42.82 -81.35 -65.21
C ASN BA 384 42.55 -80.71 -66.57
N VAL BA 385 43.26 -81.19 -67.61
CA VAL BA 385 43.11 -80.70 -68.97
C VAL BA 385 41.72 -80.95 -69.53
N LEU BA 386 41.00 -81.92 -68.99
CA LEU BA 386 39.67 -82.22 -69.49
C LEU BA 386 38.69 -81.39 -68.71
N ALA BA 387 38.92 -81.27 -67.41
CA ALA BA 387 38.01 -80.53 -66.54
C ALA BA 387 37.89 -79.08 -66.95
N SER BA 388 38.98 -78.54 -67.46
CA SER BA 388 39.10 -77.15 -67.91
C SER BA 388 38.55 -76.88 -69.29
N VAL BA 389 38.10 -77.92 -70.01
CA VAL BA 389 37.66 -77.70 -71.37
C VAL BA 389 36.32 -78.34 -71.73
N ASP BA 390 35.73 -77.92 -72.84
CA ASP BA 390 34.52 -78.61 -73.29
C ASP BA 390 34.95 -79.74 -74.21
N THR BA 391 34.76 -80.96 -73.77
CA THR BA 391 35.21 -82.12 -74.51
C THR BA 391 34.20 -82.59 -75.55
N GLY BA 392 33.03 -81.96 -75.60
CA GLY BA 392 32.04 -82.38 -76.58
C GLY BA 392 32.40 -81.79 -77.93
N ILE BA 393 31.54 -81.94 -78.91
CA ILE BA 393 31.87 -81.43 -80.22
C ILE BA 393 31.46 -80.00 -80.33
N SER BA 394 32.45 -79.12 -80.46
CA SER BA 394 32.17 -77.71 -80.55
C SER BA 394 33.30 -76.92 -81.13
N TYR BA 395 33.07 -75.61 -81.22
CA TYR BA 395 34.01 -74.70 -81.83
C TYR BA 395 35.35 -74.57 -81.10
N ALA BA 396 35.30 -74.18 -79.84
CA ALA BA 396 36.49 -74.00 -79.01
C ALA BA 396 36.01 -74.02 -77.60
N ALA BA 397 36.86 -74.30 -76.61
CA ALA BA 397 36.36 -74.21 -75.24
C ALA BA 397 37.40 -74.38 -74.15
N GLN BA 398 37.54 -73.38 -73.29
CA GLN BA 398 38.43 -73.52 -72.14
C GLN BA 398 38.06 -72.56 -70.99
N GLY BA 399 38.44 -72.94 -69.77
CA GLY BA 399 38.24 -72.13 -68.57
C GLY BA 399 38.68 -72.92 -67.35
N LEU BA 400 38.06 -72.66 -66.21
CA LEU BA 400 38.40 -73.31 -64.95
C LEU BA 400 38.12 -74.80 -64.98
N ALA BA 401 38.93 -75.55 -64.27
CA ALA BA 401 38.78 -77.00 -64.17
C ALA BA 401 37.58 -77.42 -63.33
N THR BA 402 36.42 -77.47 -63.97
CA THR BA 402 35.18 -77.82 -63.25
C THR BA 402 34.43 -79.05 -63.79
N GLY BA 403 34.73 -79.49 -65.02
CA GLY BA 403 34.03 -80.60 -65.67
C GLY BA 403 34.12 -81.95 -64.94
N PHE BA 404 35.25 -82.21 -64.32
CA PHE BA 404 35.52 -83.45 -63.61
C PHE BA 404 36.13 -83.14 -62.28
N SER BA 405 36.00 -84.03 -61.31
CA SER BA 405 36.81 -83.80 -60.13
C SER BA 405 38.25 -84.01 -60.54
N THR BA 406 39.13 -83.16 -60.07
CA THR BA 406 40.54 -83.32 -60.35
C THR BA 406 41.26 -83.65 -59.08
N ASP BA 407 40.50 -83.82 -58.02
CA ASP BA 407 41.10 -84.10 -56.73
C ASP BA 407 41.25 -85.62 -56.61
N THR BA 408 41.81 -86.07 -55.50
CA THR BA 408 41.99 -87.48 -55.23
C THR BA 408 41.57 -87.72 -53.81
N THR BA 409 41.36 -86.59 -53.16
CA THR BA 409 40.99 -86.53 -51.75
C THR BA 409 39.64 -87.17 -51.52
N LYS BA 410 38.68 -86.86 -52.38
CA LYS BA 410 37.32 -87.37 -52.17
C LYS BA 410 37.01 -88.60 -53.00
N SER BA 411 37.71 -88.78 -54.09
CA SER BA 411 37.47 -89.89 -54.98
C SER BA 411 38.66 -90.18 -55.81
N VAL BA 412 38.48 -91.05 -56.78
CA VAL BA 412 39.50 -91.40 -57.73
C VAL BA 412 38.82 -91.17 -59.03
N PHE BA 413 37.52 -91.38 -58.97
CA PHE BA 413 36.69 -91.27 -60.14
C PHE BA 413 36.45 -89.81 -60.37
N ALA BA 414 36.87 -89.34 -61.52
CA ALA BA 414 36.79 -87.95 -61.86
C ALA BA 414 35.44 -87.61 -62.47
N GLY BA 415 34.95 -88.51 -63.32
CA GLY BA 415 33.69 -88.28 -64.02
C GLY BA 415 33.64 -89.03 -65.35
N VAL BA 416 32.60 -88.80 -66.15
CA VAL BA 416 32.51 -89.52 -67.41
C VAL BA 416 32.72 -88.57 -68.59
N LEU BA 417 33.70 -88.88 -69.41
CA LEU BA 417 34.12 -88.03 -70.49
C LEU BA 417 33.20 -88.07 -71.66
N GLY BA 418 32.44 -86.99 -71.80
CA GLY BA 418 31.44 -86.82 -72.84
C GLY BA 418 30.26 -87.73 -72.60
N GLY BA 419 30.18 -88.32 -71.42
CA GLY BA 419 29.15 -89.29 -71.17
C GLY BA 419 29.58 -90.66 -71.76
N LYS BA 420 30.81 -90.74 -72.29
CA LYS BA 420 31.32 -91.95 -72.91
C LYS BA 420 32.36 -92.72 -72.10
N TYR BA 421 33.36 -92.05 -71.53
CA TYR BA 421 34.39 -92.85 -70.85
C TYR BA 421 34.46 -92.58 -69.36
N ARG BA 422 34.61 -93.65 -68.57
CA ARG BA 422 34.77 -93.47 -67.10
C ARG BA 422 36.21 -93.05 -66.82
N VAL BA 423 36.43 -91.78 -66.40
CA VAL BA 423 37.75 -91.27 -66.13
C VAL BA 423 38.12 -91.34 -64.66
N TYR BA 424 39.26 -91.95 -64.41
CA TYR BA 424 39.83 -92.13 -63.09
C TYR BA 424 41.23 -91.53 -63.01
N ILE BA 425 41.63 -91.12 -61.82
CA ILE BA 425 42.96 -90.58 -61.63
C ILE BA 425 43.94 -91.53 -61.00
N ASP BA 426 45.04 -91.78 -61.68
CA ASP BA 426 46.03 -92.63 -61.06
C ASP BA 426 46.81 -91.74 -60.13
N GLN BA 427 46.36 -91.70 -58.90
CA GLN BA 427 46.89 -90.82 -57.91
C GLN BA 427 48.37 -91.09 -57.64
N TYR BA 428 48.87 -92.26 -58.02
CA TYR BA 428 50.26 -92.58 -57.79
C TYR BA 428 51.02 -92.83 -59.09
N ALA BA 429 50.58 -92.23 -60.20
CA ALA BA 429 51.24 -92.42 -61.50
C ALA BA 429 52.70 -92.02 -61.43
N LYS BA 430 53.57 -92.79 -62.10
CA LYS BA 430 54.97 -92.45 -62.05
C LYS BA 430 55.33 -91.12 -62.67
N GLN BA 431 54.82 -90.83 -63.87
CA GLN BA 431 55.16 -89.54 -64.43
C GLN BA 431 54.00 -88.80 -65.07
N ASP BA 432 53.59 -89.18 -66.27
CA ASP BA 432 52.47 -88.50 -66.93
C ASP BA 432 52.05 -89.25 -68.19
N TYR BA 433 50.94 -89.97 -68.12
CA TYR BA 433 50.47 -90.79 -69.21
C TYR BA 433 49.01 -91.09 -68.98
N PHE BA 434 48.37 -91.73 -69.96
CA PHE BA 434 47.04 -92.25 -69.73
C PHE BA 434 46.80 -93.56 -70.44
N THR BA 435 45.86 -94.33 -69.90
CA THR BA 435 45.47 -95.61 -70.48
C THR BA 435 44.01 -95.64 -70.83
N VAL BA 436 43.73 -96.02 -72.05
CA VAL BA 436 42.38 -96.16 -72.52
C VAL BA 436 42.08 -97.65 -72.48
N GLY BA 437 40.95 -98.04 -71.89
CA GLY BA 437 40.66 -99.46 -71.84
C GLY BA 437 39.19 -99.80 -72.01
N TYR BA 438 38.93 -101.09 -72.21
CA TYR BA 438 37.57 -101.59 -72.37
C TYR BA 438 37.11 -102.61 -71.36
N LYS BA 439 35.97 -102.34 -70.76
CA LYS BA 439 35.31 -103.24 -69.84
C LYS BA 439 33.94 -103.64 -70.37
N GLY BA 440 33.73 -104.93 -70.61
CA GLY BA 440 32.43 -105.34 -71.11
C GLY BA 440 31.44 -105.47 -69.95
N PRO BA 441 30.18 -105.82 -70.24
CA PRO BA 441 29.08 -106.01 -69.30
C PRO BA 441 29.25 -107.17 -68.34
N ASN BA 442 30.14 -108.11 -68.66
CA ASN BA 442 30.36 -109.29 -67.87
C ASN BA 442 31.71 -109.23 -67.18
N GLU BA 443 32.04 -110.26 -66.43
CA GLU BA 443 33.34 -110.34 -65.80
C GLU BA 443 34.22 -111.17 -66.70
N MET BA 444 33.57 -111.93 -67.59
CA MET BA 444 34.24 -112.82 -68.53
C MET BA 444 34.66 -112.08 -69.79
N ASP BA 445 34.36 -110.79 -69.86
CA ASP BA 445 34.70 -109.97 -71.02
C ASP BA 445 35.31 -108.65 -70.57
N ALA BA 446 35.90 -108.69 -69.38
CA ALA BA 446 36.57 -107.54 -68.81
C ALA BA 446 38.02 -107.43 -69.32
N GLY BA 447 38.60 -108.59 -69.66
CA GLY BA 447 39.98 -108.69 -70.14
C GLY BA 447 40.98 -108.94 -69.03
N ILE BA 448 40.58 -108.60 -67.81
CA ILE BA 448 41.41 -108.70 -66.62
C ILE BA 448 40.49 -108.79 -65.41
N TYR BA 449 40.92 -109.52 -64.37
CA TYR BA 449 40.04 -109.66 -63.18
C TYR BA 449 40.84 -110.07 -61.94
N TYR BA 450 40.30 -109.70 -60.77
CA TYR BA 450 40.83 -110.04 -59.44
C TYR BA 450 39.88 -111.11 -58.88
N ALA BA 451 40.43 -112.23 -58.38
CA ALA BA 451 39.56 -113.30 -57.94
C ALA BA 451 39.74 -113.73 -56.51
N PRO BA 452 39.18 -113.03 -55.52
CA PRO BA 452 39.44 -113.24 -54.14
C PRO BA 452 38.99 -114.61 -53.75
N TYR BA 453 39.74 -115.26 -52.87
CA TYR BA 453 39.39 -116.61 -52.34
C TYR BA 453 38.91 -116.45 -50.90
N VAL BA 454 39.71 -115.75 -50.09
CA VAL BA 454 39.39 -115.46 -48.69
C VAL BA 454 39.87 -114.06 -48.38
N ALA BA 455 39.38 -113.44 -47.30
CA ALA BA 455 39.95 -112.15 -46.95
C ALA BA 455 39.79 -111.78 -45.51
N LEU BA 456 40.76 -111.02 -45.03
CA LEU BA 456 40.77 -110.44 -43.71
C LEU BA 456 40.41 -111.38 -42.60
N THR BA 457 41.02 -112.55 -42.59
CA THR BA 457 40.75 -113.44 -41.48
C THR BA 457 41.19 -112.68 -40.26
N PRO BA 458 40.34 -112.45 -39.26
CA PRO BA 458 40.60 -111.70 -38.06
C PRO BA 458 41.38 -112.52 -37.06
N LEU BA 459 42.65 -112.69 -37.31
CA LEU BA 459 43.45 -113.50 -36.42
C LEU BA 459 43.58 -112.81 -35.08
N ARG BA 460 43.40 -113.57 -34.01
CA ARG BA 460 43.60 -113.07 -32.66
C ARG BA 460 44.19 -114.12 -31.77
N GLY BA 461 44.89 -113.66 -30.75
CA GLY BA 461 45.48 -114.53 -29.74
C GLY BA 461 46.28 -113.72 -28.73
N SER BA 462 47.23 -114.39 -28.11
CA SER BA 462 48.10 -113.80 -27.12
C SER BA 462 49.33 -114.66 -26.98
N ASP BA 463 50.40 -114.08 -26.46
CA ASP BA 463 51.57 -114.84 -26.08
C ASP BA 463 51.41 -115.19 -24.61
N PRO BA 464 51.11 -116.45 -24.25
CA PRO BA 464 50.76 -116.91 -22.93
C PRO BA 464 51.86 -116.66 -21.93
N LYS BA 465 53.08 -116.47 -22.39
CA LYS BA 465 54.11 -116.26 -21.42
C LYS BA 465 53.86 -114.98 -20.64
N ASN BA 466 53.32 -113.97 -21.33
CA ASN BA 466 53.15 -112.67 -20.72
C ASN BA 466 51.82 -112.02 -21.01
N PHE BA 467 50.93 -112.78 -21.65
CA PHE BA 467 49.60 -112.39 -22.02
C PHE BA 467 49.53 -111.22 -22.99
N GLN BA 468 50.64 -110.90 -23.63
CA GLN BA 468 50.65 -109.83 -24.60
C GLN BA 468 49.81 -110.21 -25.82
N PRO BA 469 48.94 -109.33 -26.34
CA PRO BA 469 48.09 -109.57 -27.48
C PRO BA 469 48.77 -109.95 -28.77
N VAL BA 470 48.06 -110.75 -29.53
CA VAL BA 470 48.41 -111.13 -30.88
C VAL BA 470 47.19 -110.79 -31.72
N MET BA 471 47.40 -110.03 -32.76
CA MET BA 471 46.29 -109.64 -33.61
C MET BA 471 46.81 -109.37 -34.99
N GLY BA 472 46.04 -109.78 -36.02
CA GLY BA 472 46.42 -109.54 -37.41
C GLY BA 472 45.42 -110.03 -38.47
N PHE BA 473 45.75 -109.82 -39.74
CA PHE BA 473 44.79 -110.20 -40.81
C PHE BA 473 45.47 -110.98 -41.94
N LYS BA 474 44.75 -111.97 -42.46
CA LYS BA 474 45.19 -112.80 -43.60
C LYS BA 474 44.18 -112.97 -44.76
N THR BA 475 44.71 -112.87 -45.99
CA THR BA 475 43.95 -113.09 -47.24
C THR BA 475 44.66 -113.96 -48.27
N ARG BA 476 43.95 -114.25 -49.36
CA ARG BA 476 44.47 -115.09 -50.48
C ARG BA 476 43.56 -114.84 -51.68
N TYR BA 477 44.12 -114.59 -52.86
CA TYR BA 477 43.25 -114.30 -54.00
C TYR BA 477 43.59 -114.83 -55.39
N GLY BA 478 44.66 -114.40 -55.98
CA GLY BA 478 44.94 -114.76 -57.35
C GLY BA 478 44.33 -113.73 -58.27
N ILE BA 479 45.00 -113.51 -59.39
CA ILE BA 479 44.58 -112.57 -60.41
C ILE BA 479 44.65 -113.24 -61.74
N GLY BA 480 44.08 -112.61 -62.74
CA GLY BA 480 44.31 -113.14 -64.05
C GLY BA 480 43.68 -112.37 -65.17
N ILE BA 481 43.84 -112.94 -66.36
CA ILE BA 481 43.35 -112.35 -67.59
C ILE BA 481 42.45 -113.23 -68.41
N ASN BA 482 41.78 -112.60 -69.34
CA ASN BA 482 40.95 -113.28 -70.31
C ASN BA 482 41.85 -114.11 -71.23
N PRO BA 483 41.49 -115.36 -71.57
CA PRO BA 483 42.22 -116.21 -72.50
C PRO BA 483 42.61 -115.53 -73.80
N PHE BA 484 41.80 -114.58 -74.27
CA PHE BA 484 42.08 -113.89 -75.49
C PHE BA 484 42.41 -112.45 -75.21
N ALA BA 485 42.89 -112.16 -74.01
CA ALA BA 485 43.19 -110.79 -73.63
C ALA BA 485 44.19 -110.10 -74.52
N GLU BA 486 45.20 -110.80 -75.02
CA GLU BA 486 46.21 -110.15 -75.84
C GLU BA 486 45.97 -110.10 -77.35
N SER BA 487 45.35 -111.14 -77.92
CA SER BA 487 45.17 -111.27 -79.38
C SER BA 487 46.54 -111.29 -80.11
N ALA BA 488 47.61 -111.50 -79.34
CA ALA BA 488 48.97 -111.56 -79.80
C ALA BA 488 49.23 -112.67 -80.81
N ALA BA 489 48.50 -113.76 -80.71
CA ALA BA 489 48.74 -114.87 -81.58
C ALA BA 489 47.48 -115.60 -81.90
N GLN BA 490 47.54 -116.36 -82.98
CA GLN BA 490 46.46 -117.20 -83.42
C GLN BA 490 46.50 -118.55 -82.72
N ALA BA 491 47.54 -118.77 -81.91
CA ALA BA 491 47.65 -119.99 -81.13
C ALA BA 491 48.67 -119.83 -79.99
N PRO BA 492 48.35 -120.30 -78.77
CA PRO BA 492 49.21 -120.37 -77.60
C PRO BA 492 50.09 -121.58 -77.61
N ALA BA 493 51.15 -121.55 -76.84
CA ALA BA 493 51.94 -122.75 -76.64
C ALA BA 493 51.16 -123.87 -75.95
N SER BA 494 51.39 -125.09 -76.44
CA SER BA 494 50.95 -126.39 -75.91
C SER BA 494 49.54 -126.57 -75.37
N ARG BA 495 48.62 -125.69 -75.79
CA ARG BA 495 47.18 -125.77 -75.38
C ARG BA 495 47.01 -125.52 -73.88
N ILE BA 496 48.04 -124.98 -73.21
CA ILE BA 496 47.95 -124.69 -71.77
C ILE BA 496 48.91 -123.60 -71.31
N GLN BA 497 48.40 -122.73 -70.44
CA GLN BA 497 49.20 -121.65 -69.83
C GLN BA 497 48.64 -121.13 -68.50
N SER BA 498 49.36 -120.20 -67.89
CA SER BA 498 48.90 -119.55 -66.69
C SER BA 498 48.09 -118.35 -67.12
N GLY BA 499 47.01 -118.04 -66.40
CA GLY BA 499 46.18 -116.86 -66.64
C GLY BA 499 46.67 -115.66 -65.85
N MET BA 500 47.74 -115.88 -65.11
CA MET BA 500 48.42 -114.93 -64.23
C MET BA 500 48.77 -113.66 -64.99
N PRO BA 501 49.34 -113.78 -66.20
CA PRO BA 501 49.99 -114.88 -66.92
C PRO BA 501 51.52 -114.77 -66.88
N SER BA 502 52.03 -113.80 -66.11
CA SER BA 502 53.43 -113.36 -66.07
C SER BA 502 53.92 -112.58 -67.30
N ILE BA 503 55.23 -112.40 -67.41
CA ILE BA 503 55.82 -111.52 -68.43
C ILE BA 503 55.57 -111.92 -69.85
N LEU BA 504 55.89 -113.16 -70.16
CA LEU BA 504 55.89 -113.60 -71.54
C LEU BA 504 54.54 -113.49 -72.18
N ASN BA 505 53.53 -113.70 -71.38
CA ASN BA 505 52.20 -113.65 -71.89
C ASN BA 505 51.49 -112.34 -71.72
N SER BA 506 52.12 -111.31 -71.17
CA SER BA 506 51.35 -110.08 -71.02
C SER BA 506 52.06 -108.76 -71.09
N LEU BA 507 53.37 -108.72 -70.93
CA LEU BA 507 53.98 -107.42 -70.81
C LEU BA 507 53.87 -106.63 -72.09
N GLY BA 508 53.10 -105.55 -72.04
CA GLY BA 508 52.83 -104.69 -73.18
C GLY BA 508 51.90 -105.31 -74.24
N LYS BA 509 51.17 -106.37 -73.90
CA LYS BA 509 50.36 -107.08 -74.89
C LYS BA 509 48.81 -107.07 -74.79
N ASN BA 510 48.23 -106.66 -73.68
CA ASN BA 510 46.77 -106.83 -73.45
C ASN BA 510 45.91 -105.92 -74.32
N ALA BA 511 45.11 -106.53 -75.18
CA ALA BA 511 44.26 -105.93 -76.20
C ALA BA 511 43.17 -105.03 -75.65
N TYR BA 512 42.86 -105.17 -74.38
CA TYR BA 512 41.81 -104.39 -73.78
C TYR BA 512 42.33 -103.04 -73.29
N PHE BA 513 43.65 -102.83 -73.36
CA PHE BA 513 44.22 -101.59 -72.86
C PHE BA 513 45.33 -101.01 -73.74
N ARG BA 514 45.35 -99.70 -73.91
CA ARG BA 514 46.44 -99.05 -74.64
C ARG BA 514 46.84 -97.78 -73.92
N ARG BA 515 48.15 -97.53 -73.84
CA ARG BA 515 48.62 -96.34 -73.07
C ARG BA 515 49.52 -95.43 -73.92
N VAL BA 516 49.39 -94.12 -73.68
CA VAL BA 516 50.18 -93.07 -74.29
C VAL BA 516 50.78 -92.14 -73.26
N TYR BA 517 52.04 -91.81 -73.44
CA TYR BA 517 52.71 -90.87 -72.55
C TYR BA 517 52.33 -89.46 -72.90
N VAL BA 518 52.32 -88.57 -71.94
CA VAL BA 518 51.98 -87.20 -72.25
C VAL BA 518 53.08 -86.22 -71.95
N LYS BA 519 53.45 -85.47 -72.96
CA LYS BA 519 54.49 -84.47 -72.86
C LYS BA 519 54.03 -83.15 -73.46
N GLY BA 520 54.74 -82.08 -73.10
CA GLY BA 520 54.48 -80.75 -73.66
C GLY BA 520 53.39 -79.98 -72.94
N ILE BA 521 52.85 -80.55 -71.87
CA ILE BA 521 51.76 -79.91 -71.14
C ILE BA 521 51.56 -80.49 -69.74
N GLY CA 92 42.87 -13.94 -42.01
CA GLY CA 92 42.56 -14.96 -41.01
C GLY CA 92 41.52 -15.96 -41.50
N PRO CA 93 41.84 -16.79 -42.50
CA PRO CA 93 41.00 -17.83 -43.07
C PRO CA 93 40.88 -18.95 -42.09
N ALA CA 94 39.85 -19.78 -42.19
CA ALA CA 94 39.82 -20.91 -41.30
C ALA CA 94 40.25 -22.19 -41.98
N VAL CA 95 39.35 -22.84 -42.73
CA VAL CA 95 39.74 -24.07 -43.38
C VAL CA 95 39.13 -24.25 -44.74
N MET CA 96 39.88 -24.94 -45.59
CA MET CA 96 39.48 -25.38 -46.91
C MET CA 96 39.32 -26.89 -46.87
N GLY CA 97 39.06 -27.41 -45.67
CA GLY CA 97 38.93 -28.84 -45.43
C GLY CA 97 40.27 -29.42 -45.02
N MET CA 98 40.32 -30.74 -44.84
CA MET CA 98 41.58 -31.34 -44.44
C MET CA 98 41.74 -32.75 -44.94
N VAL CA 99 42.98 -33.24 -44.95
CA VAL CA 99 43.23 -34.60 -45.37
C VAL CA 99 43.82 -35.53 -44.33
N ARG CA 100 43.15 -36.65 -44.16
CA ARG CA 100 43.61 -37.72 -43.31
C ARG CA 100 43.88 -38.88 -44.22
N ARG CA 101 44.97 -39.59 -44.01
CA ARG CA 101 45.24 -40.72 -44.87
C ARG CA 101 44.34 -41.91 -44.54
N ALA CA 102 43.84 -42.55 -45.60
CA ALA CA 102 43.00 -43.75 -45.53
C ALA CA 102 43.75 -44.96 -45.03
N ILE CA 103 43.01 -45.88 -44.44
CA ILE CA 103 43.54 -47.14 -43.96
C ILE CA 103 43.14 -48.29 -44.87
N PRO CA 104 44.07 -49.12 -45.37
CA PRO CA 104 43.83 -50.25 -46.26
C PRO CA 104 43.12 -51.35 -45.52
N ASN CA 105 42.40 -52.19 -46.23
CA ASN CA 105 41.77 -53.32 -45.57
C ASN CA 105 42.78 -54.47 -45.42
N LEU CA 106 42.37 -55.58 -44.82
CA LEU CA 106 43.26 -56.72 -44.60
C LEU CA 106 42.60 -58.08 -44.77
N ILE CA 107 43.35 -59.05 -45.28
CA ILE CA 107 42.77 -60.37 -45.43
C ILE CA 107 42.98 -61.00 -44.10
N ALA CA 108 42.09 -60.75 -43.16
CA ALA CA 108 42.45 -61.09 -41.79
C ALA CA 108 42.83 -62.55 -41.58
N PHE CA 109 41.84 -63.43 -41.43
CA PHE CA 109 42.19 -64.85 -41.15
C PHE CA 109 41.27 -65.82 -41.88
N ASP CA 110 40.85 -65.47 -43.11
CA ASP CA 110 40.01 -66.41 -43.82
C ASP CA 110 40.79 -67.24 -44.82
N ILE CA 111 42.08 -67.03 -44.78
CA ILE CA 111 43.07 -67.69 -45.57
C ILE CA 111 44.02 -68.49 -44.70
N CYS CA 112 43.71 -68.63 -43.42
CA CYS CA 112 44.59 -69.39 -42.55
C CYS CA 112 43.79 -69.94 -41.40
N GLY CA 113 44.38 -70.81 -40.63
CA GLY CA 113 43.63 -71.29 -39.47
C GLY CA 113 43.87 -70.30 -38.35
N VAL CA 114 43.20 -70.51 -37.24
CA VAL CA 114 43.40 -69.65 -36.10
C VAL CA 114 43.70 -70.49 -34.88
N GLN CA 115 42.75 -71.34 -34.51
CA GLN CA 115 42.85 -72.14 -33.31
C GLN CA 115 43.21 -71.28 -32.12
N PRO CA 116 42.37 -70.33 -31.74
CA PRO CA 116 42.63 -69.36 -30.71
C PRO CA 116 42.77 -70.11 -29.43
N MET CA 117 43.52 -69.55 -28.51
CA MET CA 117 43.75 -70.22 -27.24
C MET CA 117 43.27 -69.42 -26.07
N ASN CA 118 43.09 -70.09 -24.94
CA ASN CA 118 42.75 -69.41 -23.69
C ASN CA 118 43.96 -69.37 -22.76
N SER CA 119 45.11 -69.64 -23.33
CA SER CA 119 46.37 -69.70 -22.63
C SER CA 119 47.46 -69.55 -23.67
N PRO CA 120 48.67 -69.15 -23.31
CA PRO CA 120 49.80 -69.05 -24.19
C PRO CA 120 50.40 -70.38 -24.48
N THR CA 121 51.14 -70.45 -25.57
CA THR CA 121 52.04 -71.56 -25.76
C THR CA 121 51.46 -73.00 -25.68
N GLY CA 122 50.53 -73.33 -26.57
CA GLY CA 122 49.90 -74.66 -26.60
C GLY CA 122 50.67 -75.74 -27.39
N GLN CA 123 50.01 -76.87 -27.63
CA GLN CA 123 50.59 -78.03 -28.33
C GLN CA 123 49.61 -78.73 -29.27
N VAL CA 124 50.12 -79.35 -30.32
CA VAL CA 124 49.27 -80.11 -31.24
C VAL CA 124 49.83 -81.50 -31.50
N PHE CA 125 48.95 -82.50 -31.48
CA PHE CA 125 49.39 -83.91 -31.67
C PHE CA 125 49.12 -84.40 -33.09
N ALA CA 126 49.97 -85.31 -33.57
CA ALA CA 126 49.84 -85.91 -34.88
C ALA CA 126 49.98 -87.42 -34.88
N LEU CA 127 49.17 -88.07 -35.70
CA LEU CA 127 49.22 -89.53 -35.86
C LEU CA 127 49.60 -90.04 -37.22
N ARG CA 128 50.53 -90.97 -37.20
CA ARG CA 128 50.96 -91.63 -38.42
C ARG CA 128 50.92 -93.12 -38.25
N ALA CA 129 50.46 -93.79 -39.29
CA ALA CA 129 50.51 -95.23 -39.29
C ALA CA 129 51.85 -95.56 -39.87
N VAL CA 130 52.50 -96.57 -39.32
CA VAL CA 130 53.83 -96.97 -39.73
C VAL CA 130 53.98 -98.45 -39.90
N TYR CA 131 55.10 -98.84 -40.48
CA TYR CA 131 55.42 -100.24 -40.52
C TYR CA 131 56.91 -100.56 -40.50
N GLY CA 132 57.22 -101.84 -40.23
CA GLY CA 132 58.60 -102.31 -40.14
C GLY CA 132 59.04 -102.63 -38.70
N LYS CA 133 58.08 -102.71 -37.77
CA LYS CA 133 58.27 -103.03 -36.34
C LYS CA 133 59.00 -102.00 -35.49
N ASP CA 134 59.29 -100.84 -36.03
CA ASP CA 134 59.93 -99.82 -35.22
C ASP CA 134 59.49 -98.46 -35.70
N PRO CA 135 58.47 -97.86 -35.10
CA PRO CA 135 57.93 -96.58 -35.47
C PRO CA 135 58.94 -95.45 -35.41
N VAL CA 136 60.04 -95.62 -34.66
CA VAL CA 136 60.98 -94.55 -34.56
C VAL CA 136 62.36 -95.00 -34.96
N ALA CA 137 62.68 -94.84 -36.23
CA ALA CA 137 63.98 -95.28 -36.70
C ALA CA 137 64.32 -94.67 -38.03
N ALA CA 138 65.61 -94.51 -38.29
CA ALA CA 138 65.96 -94.15 -39.64
C ALA CA 138 65.51 -95.31 -40.49
N GLY CA 139 64.93 -95.03 -41.63
CA GLY CA 139 64.50 -96.10 -42.51
C GLY CA 139 63.08 -96.59 -42.20
N ALA CA 140 62.49 -96.12 -41.11
CA ALA CA 140 61.13 -96.53 -40.76
C ALA CA 140 60.23 -96.10 -41.89
N LYS CA 141 59.17 -96.86 -42.18
CA LYS CA 141 58.30 -96.43 -43.25
C LYS CA 141 56.92 -96.11 -42.77
N GLU CA 142 56.33 -95.10 -43.38
CA GLU CA 142 54.96 -94.79 -43.08
C GLU CA 142 54.08 -95.69 -43.85
N ALA CA 143 52.90 -95.92 -43.33
CA ALA CA 143 51.92 -96.71 -44.04
C ALA CA 143 51.16 -95.84 -45.00
N PHE CA 144 50.80 -94.64 -44.57
CA PHE CA 144 49.99 -93.85 -45.45
C PHE CA 144 50.67 -92.53 -45.66
N HIS CA 145 50.58 -92.06 -46.88
CA HIS CA 145 51.11 -90.77 -47.25
C HIS CA 145 50.46 -90.37 -48.55
N PRO CA 146 49.91 -89.15 -48.69
CA PRO CA 146 49.25 -88.71 -49.89
C PRO CA 146 50.14 -88.66 -51.14
N MET CA 147 51.46 -88.56 -51.00
CA MET CA 147 52.31 -88.51 -52.18
C MET CA 147 52.84 -89.85 -52.59
N TYR CA 148 52.47 -90.96 -51.93
CA TYR CA 148 53.08 -92.23 -52.39
C TYR CA 148 52.23 -93.48 -52.15
N GLY CA 149 51.60 -93.62 -50.98
CA GLY CA 149 50.88 -94.88 -50.65
C GLY CA 149 51.11 -96.10 -51.60
N PRO CA 150 52.41 -96.45 -51.86
CA PRO CA 150 52.76 -97.40 -52.91
C PRO CA 150 53.05 -98.85 -52.56
N ASP CA 151 53.07 -99.22 -51.29
CA ASP CA 151 53.81 -100.46 -51.06
C ASP CA 151 53.02 -101.74 -51.17
N ALA CA 152 52.81 -102.13 -52.40
CA ALA CA 152 52.02 -103.28 -52.80
C ALA CA 152 52.77 -104.59 -52.62
N MET CA 153 54.00 -104.51 -52.12
CA MET CA 153 54.80 -105.68 -51.88
C MET CA 153 54.91 -106.00 -50.39
N PHE CA 154 54.38 -105.13 -49.52
CA PHE CA 154 54.61 -105.29 -48.08
C PHE CA 154 53.98 -106.53 -47.41
N SER CA 155 52.66 -106.71 -47.54
CA SER CA 155 52.01 -107.89 -46.94
C SER CA 155 52.18 -109.09 -47.87
N GLY CA 156 52.63 -108.79 -49.07
CA GLY CA 156 52.79 -109.70 -50.17
C GLY CA 156 54.19 -110.26 -50.28
N GLN CA 157 54.64 -110.43 -51.52
CA GLN CA 157 55.91 -111.10 -51.81
C GLN CA 157 57.09 -110.42 -51.16
N GLY CA 158 57.05 -109.13 -50.90
CA GLY CA 158 58.18 -108.47 -50.27
C GLY CA 158 58.51 -109.16 -48.94
N ALA CA 159 57.51 -109.71 -48.26
CA ALA CA 159 57.70 -110.40 -47.00
C ALA CA 159 58.61 -111.60 -47.14
N ALA CA 160 58.74 -112.11 -48.36
CA ALA CA 160 59.55 -113.27 -48.63
C ALA CA 160 61.05 -113.03 -48.70
N LYS CA 161 61.49 -111.82 -49.05
CA LYS CA 161 62.93 -111.68 -49.26
C LYS CA 161 63.40 -110.25 -49.42
N LYS CA 162 64.71 -110.08 -49.37
CA LYS CA 162 65.28 -108.82 -49.75
C LYS CA 162 65.32 -108.74 -51.26
N PHE CA 163 64.97 -107.59 -51.80
CA PHE CA 163 65.10 -107.37 -53.21
C PHE CA 163 66.31 -106.50 -53.40
N PRO CA 164 67.09 -106.71 -54.47
CA PRO CA 164 68.26 -105.92 -54.77
C PRO CA 164 67.83 -104.51 -55.07
N ALA CA 165 68.64 -103.56 -54.65
CA ALA CA 165 68.33 -102.18 -54.97
C ALA CA 165 68.67 -101.92 -56.39
N LEU CA 166 67.93 -101.03 -56.99
CA LEU CA 166 68.27 -100.56 -58.30
C LEU CA 166 69.25 -99.43 -57.99
N ALA CA 167 70.33 -99.30 -58.75
CA ALA CA 167 71.24 -98.22 -58.43
C ALA CA 167 72.05 -97.80 -59.63
N ALA CA 168 72.63 -96.62 -59.57
CA ALA CA 168 73.41 -96.19 -60.69
C ALA CA 168 74.53 -97.16 -60.92
N SER CA 169 74.76 -97.44 -62.19
CA SER CA 169 75.81 -98.32 -62.70
C SER CA 169 75.48 -99.77 -62.63
N THR CA 170 74.38 -100.15 -62.00
CA THR CA 170 74.12 -101.56 -61.92
C THR CA 170 73.51 -101.98 -63.24
N GLN CA 171 73.48 -103.28 -63.49
CA GLN CA 171 72.86 -103.79 -64.70
C GLN CA 171 71.84 -104.81 -64.33
N THR CA 172 70.68 -104.68 -64.92
CA THR CA 172 69.57 -105.56 -64.64
C THR CA 172 69.66 -106.90 -65.34
N THR CA 173 68.84 -107.82 -64.87
CA THR CA 173 68.65 -109.12 -65.49
C THR CA 173 67.19 -109.30 -65.79
N VAL CA 174 66.87 -109.68 -67.00
CA VAL CA 174 65.50 -109.83 -67.38
C VAL CA 174 64.76 -110.78 -66.48
N GLY CA 175 63.59 -110.33 -66.04
CA GLY CA 175 62.70 -111.03 -65.17
C GLY CA 175 62.94 -110.77 -63.70
N ASP CA 176 64.08 -110.15 -63.36
CA ASP CA 176 64.30 -109.93 -61.95
C ASP CA 176 63.57 -108.68 -61.54
N ILE CA 177 63.66 -108.37 -60.25
CA ILE CA 177 63.00 -107.20 -59.69
C ILE CA 177 63.92 -106.37 -58.83
N TYR CA 178 63.94 -105.08 -59.10
CA TYR CA 178 64.80 -104.19 -58.35
C TYR CA 178 63.99 -103.15 -57.61
N THR CA 179 64.51 -102.69 -56.49
CA THR CA 179 63.78 -101.69 -55.71
C THR CA 179 64.45 -100.33 -55.53
N HIS CA 180 63.64 -99.28 -55.54
CA HIS CA 180 64.12 -97.91 -55.33
C HIS CA 180 63.05 -97.00 -54.74
N PHE CA 181 63.46 -96.10 -53.84
CA PHE CA 181 62.52 -95.13 -53.25
C PHE CA 181 62.61 -93.80 -53.95
N PHE CA 182 61.50 -93.35 -54.49
CA PHE CA 182 61.45 -92.11 -55.21
C PHE CA 182 60.81 -90.99 -54.38
N GLN CA 183 61.32 -89.77 -54.54
CA GLN CA 183 60.78 -88.62 -53.80
C GLN CA 183 59.30 -88.36 -54.08
N GLU CA 184 58.80 -88.94 -55.16
CA GLU CA 184 57.42 -88.91 -55.61
C GLU CA 184 57.15 -90.38 -55.91
N THR CA 185 56.03 -90.94 -55.44
CA THR CA 185 55.61 -92.36 -55.52
C THR CA 185 56.33 -93.30 -54.53
N GLY CA 186 57.41 -92.87 -53.90
CA GLY CA 186 58.08 -93.64 -52.86
C GLY CA 186 58.63 -94.97 -53.28
N THR CA 187 58.37 -96.02 -52.51
CA THR CA 187 58.95 -97.30 -52.84
C THR CA 187 58.27 -97.93 -54.03
N VAL CA 188 59.06 -98.20 -55.05
CA VAL CA 188 58.58 -98.81 -56.26
C VAL CA 188 59.44 -100.00 -56.63
N TYR CA 189 58.80 -101.08 -57.01
CA TYR CA 189 59.49 -102.27 -57.44
C TYR CA 189 59.37 -102.39 -58.94
N LEU CA 190 60.50 -102.55 -59.62
CA LEU CA 190 60.51 -102.64 -61.06
C LEU CA 190 61.06 -103.93 -61.59
N GLN CA 191 60.27 -104.58 -62.42
CA GLN CA 191 60.68 -105.81 -63.04
C GLN CA 191 61.38 -105.49 -64.33
N ALA CA 192 62.50 -106.16 -64.58
CA ALA CA 192 63.25 -105.91 -65.80
C ALA CA 192 62.78 -106.69 -67.00
N SER CA 193 62.74 -106.03 -68.15
CA SER CA 193 62.44 -106.69 -69.40
C SER CA 193 63.74 -106.89 -70.17
N VAL CA 194 64.72 -106.03 -69.89
CA VAL CA 194 66.01 -106.11 -70.55
C VAL CA 194 67.17 -106.03 -69.57
N GLN CA 195 68.36 -106.33 -70.06
CA GLN CA 195 69.62 -106.24 -69.32
C GLN CA 195 70.31 -104.89 -69.52
N VAL CA 196 69.87 -103.87 -68.81
CA VAL CA 196 70.36 -102.53 -69.08
C VAL CA 196 71.11 -101.89 -67.93
N THR CA 197 72.26 -101.29 -68.27
CA THR CA 197 73.07 -100.58 -67.30
C THR CA 197 72.40 -99.27 -66.97
N ILE CA 198 72.18 -99.02 -65.70
CA ILE CA 198 71.47 -97.81 -65.35
C ILE CA 198 72.40 -96.64 -65.11
N ASP CA 199 72.76 -95.96 -66.20
CA ASP CA 199 73.56 -94.74 -66.13
C ASP CA 199 74.59 -94.67 -65.03
N ALA CA 200 75.74 -95.25 -65.24
CA ALA CA 200 76.74 -95.21 -64.19
C ALA CA 200 77.08 -93.78 -63.72
N GLY CA 201 76.82 -92.74 -64.53
CA GLY CA 201 77.17 -91.39 -64.11
C GLY CA 201 76.08 -90.72 -63.27
N ALA CA 202 74.97 -91.42 -63.03
CA ALA CA 202 73.85 -90.86 -62.31
C ALA CA 202 74.03 -90.96 -60.81
N THR CA 203 75.00 -90.22 -60.30
CA THR CA 203 75.33 -90.29 -58.89
C THR CA 203 74.24 -89.74 -57.99
N ASP CA 204 73.55 -88.72 -58.46
CA ASP CA 204 72.47 -88.11 -57.70
C ASP CA 204 71.19 -88.91 -57.85
N ALA CA 205 70.32 -88.79 -56.86
CA ALA CA 205 69.02 -89.43 -56.91
C ALA CA 205 68.20 -88.89 -58.04
N ALA CA 206 68.32 -87.58 -58.28
CA ALA CA 206 67.56 -86.94 -59.33
C ALA CA 206 67.94 -87.50 -60.69
N LYS CA 207 69.23 -87.79 -60.84
CA LYS CA 207 69.77 -88.30 -62.08
C LYS CA 207 69.40 -89.75 -62.26
N LEU CA 208 69.45 -90.49 -61.16
CA LEU CA 208 69.11 -91.89 -61.22
C LEU CA 208 67.66 -91.99 -61.61
N ASP CA 209 66.81 -91.16 -61.01
CA ASP CA 209 65.41 -91.16 -61.36
C ASP CA 209 65.26 -90.86 -62.82
N ALA CA 210 65.93 -89.83 -63.32
CA ALA CA 210 65.75 -89.55 -64.73
C ALA CA 210 66.09 -90.75 -65.60
N GLU CA 211 67.17 -91.47 -65.29
CA GLU CA 211 67.47 -92.61 -66.14
C GLU CA 211 66.43 -93.70 -65.96
N ILE CA 212 65.98 -93.91 -64.74
CA ILE CA 212 65.00 -94.94 -64.52
C ILE CA 212 63.77 -94.63 -65.30
N LYS CA 213 63.31 -93.39 -65.23
CA LYS CA 213 62.12 -93.03 -65.96
C LYS CA 213 62.28 -93.30 -67.42
N LYS CA 214 63.44 -92.96 -68.00
CA LYS CA 214 63.62 -93.23 -69.43
C LYS CA 214 63.46 -94.70 -69.70
N GLN CA 215 64.03 -95.52 -68.81
CA GLN CA 215 63.94 -96.95 -68.96
C GLN CA 215 62.50 -97.40 -68.80
N MET CA 216 61.74 -96.75 -67.93
CA MET CA 216 60.35 -97.12 -67.80
C MET CA 216 59.56 -96.73 -69.05
N GLU CA 217 59.81 -95.54 -69.60
CA GLU CA 217 59.07 -95.08 -70.78
C GLU CA 217 59.28 -96.03 -71.94
N ALA CA 218 60.50 -96.56 -72.04
CA ALA CA 218 60.90 -97.48 -73.08
C ALA CA 218 60.46 -98.92 -72.82
N GLY CA 219 59.87 -99.20 -71.66
CA GLY CA 219 59.44 -100.54 -71.31
C GLY CA 219 60.58 -101.48 -70.88
N ALA CA 220 61.71 -100.93 -70.42
CA ALA CA 220 62.86 -101.70 -69.99
C ALA CA 220 62.69 -102.21 -68.56
N LEU CA 221 61.85 -101.47 -67.84
CA LEU CA 221 61.49 -101.62 -66.43
C LEU CA 221 60.00 -101.35 -66.25
N VAL CA 222 59.32 -102.23 -65.53
CA VAL CA 222 57.88 -102.06 -65.31
C VAL CA 222 57.47 -102.18 -63.84
N GLU CA 223 56.54 -101.32 -63.41
CA GLU CA 223 56.06 -101.41 -62.04
C GLU CA 223 55.31 -102.68 -61.79
N ILE CA 224 55.63 -103.33 -60.68
CA ILE CA 224 54.94 -104.55 -60.31
C ILE CA 224 54.40 -104.54 -58.91
N ALA CA 225 53.59 -105.55 -58.65
CA ALA CA 225 53.00 -105.83 -57.36
C ALA CA 225 52.68 -107.29 -57.36
N GLU CA 226 52.61 -107.90 -56.19
CA GLU CA 226 52.26 -109.32 -56.09
C GLU CA 226 52.17 -109.82 -54.66
N GLY CA 227 51.28 -110.77 -54.44
CA GLY CA 227 51.13 -111.40 -53.13
C GLY CA 227 52.24 -112.40 -52.99
N MET CA 228 52.28 -113.11 -51.88
CA MET CA 228 53.37 -114.03 -51.62
C MET CA 228 53.03 -115.46 -51.94
N ALA CA 229 54.01 -116.18 -52.48
CA ALA CA 229 53.77 -117.59 -52.73
C ALA CA 229 53.27 -118.21 -51.45
N THR CA 230 52.18 -118.96 -51.53
CA THR CA 230 51.57 -119.55 -50.35
C THR CA 230 52.38 -120.70 -49.83
N SER CA 231 53.13 -121.29 -50.73
CA SER CA 231 54.00 -122.39 -50.40
C SER CA 231 55.05 -121.95 -49.40
N ILE CA 232 55.25 -120.65 -49.29
CA ILE CA 232 56.18 -120.11 -48.35
C ILE CA 232 55.38 -119.46 -47.23
N ALA CA 233 54.46 -118.58 -47.61
CA ALA CA 233 53.71 -117.75 -46.67
C ALA CA 233 52.95 -118.53 -45.63
N GLU CA 234 52.43 -119.68 -46.00
CA GLU CA 234 51.63 -120.43 -45.04
C GLU CA 234 52.39 -120.85 -43.80
N LEU CA 235 53.71 -120.96 -43.87
CA LEU CA 235 54.44 -121.38 -42.68
C LEU CA 235 55.17 -120.28 -41.95
N GLN CA 236 54.85 -119.03 -42.25
CA GLN CA 236 55.59 -117.98 -41.58
C GLN CA 236 55.47 -118.12 -40.04
N GLU CA 237 56.50 -117.58 -39.38
CA GLU CA 237 56.76 -117.61 -37.92
C GLU CA 237 57.08 -119.03 -37.43
N GLY CA 238 57.87 -119.78 -38.22
CA GLY CA 238 58.37 -121.08 -37.81
C GLY CA 238 57.35 -122.21 -37.75
N PHE CA 239 56.32 -122.18 -38.58
CA PHE CA 239 55.33 -123.24 -38.47
C PHE CA 239 55.87 -124.48 -39.16
N ASN CA 240 55.44 -125.64 -38.66
CA ASN CA 240 55.80 -126.94 -39.22
C ASN CA 240 57.31 -127.14 -39.35
N GLY CA 241 58.05 -126.70 -38.34
CA GLY CA 241 59.50 -126.89 -38.31
C GLY CA 241 60.33 -125.89 -39.11
N SER CA 242 59.67 -124.93 -39.75
CA SER CA 242 60.39 -123.96 -40.54
C SER CA 242 61.10 -122.96 -39.65
N THR CA 243 62.03 -122.19 -40.20
CA THR CA 243 62.71 -121.17 -39.42
C THR CA 243 62.89 -119.87 -40.19
N ASP CA 244 63.25 -118.81 -39.46
CA ASP CA 244 63.64 -117.51 -40.00
C ASP CA 244 62.66 -116.90 -40.98
N ASN CA 245 61.38 -117.02 -40.69
CA ASN CA 245 60.36 -116.50 -41.58
C ASN CA 245 59.20 -115.76 -40.93
N PRO CA 246 59.42 -114.76 -40.08
CA PRO CA 246 58.39 -113.99 -39.39
C PRO CA 246 57.61 -113.13 -40.35
N TRP CA 247 56.38 -112.76 -39.97
CA TRP CA 247 55.50 -111.95 -40.85
C TRP CA 247 55.65 -110.45 -40.55
N ASN CA 248 55.75 -109.63 -41.61
CA ASN CA 248 55.85 -108.21 -41.51
C ASN CA 248 54.77 -107.69 -40.58
N GLU CA 249 55.11 -106.61 -39.90
CA GLU CA 249 54.19 -105.99 -38.95
C GLU CA 249 54.01 -104.51 -39.18
N MET CA 250 52.85 -104.04 -38.71
CA MET CA 250 52.48 -102.62 -38.78
C MET CA 250 52.20 -102.06 -37.40
N GLY CA 251 52.15 -100.74 -37.32
CA GLY CA 251 51.94 -100.04 -36.06
C GLY CA 251 51.65 -98.56 -36.25
N PHE CA 252 51.86 -97.77 -35.20
CA PHE CA 252 51.57 -96.36 -35.30
C PHE CA 252 52.36 -95.54 -34.33
N ARG CA 253 52.43 -94.26 -34.58
CA ARG CA 253 53.06 -93.36 -33.65
C ARG CA 253 52.37 -92.04 -33.52
N ILE CA 254 52.48 -91.48 -32.33
CA ILE CA 254 51.95 -90.16 -32.07
C ILE CA 254 53.02 -89.25 -31.55
N ASP CA 255 53.10 -88.09 -32.14
CA ASP CA 255 54.09 -87.10 -31.75
C ASP CA 255 53.53 -85.70 -31.76
N LYS CA 256 54.37 -84.70 -31.44
CA LYS CA 256 53.78 -83.36 -31.34
C LYS CA 256 54.67 -82.18 -31.63
N GLN CA 257 53.99 -81.07 -31.85
CA GLN CA 257 54.66 -79.80 -32.03
C GLN CA 257 54.10 -78.77 -31.08
N VAL CA 258 54.91 -77.78 -30.75
CA VAL CA 258 54.41 -76.73 -29.87
C VAL CA 258 54.45 -75.33 -30.44
N ILE CA 259 53.73 -74.45 -29.82
CA ILE CA 259 53.71 -73.07 -30.22
C ILE CA 259 54.10 -72.28 -29.02
N GLU CA 260 54.62 -71.06 -29.24
CA GLU CA 260 55.04 -70.16 -28.13
C GLU CA 260 54.50 -68.77 -28.46
N ALA CA 261 53.76 -68.15 -27.53
CA ALA CA 261 53.19 -66.85 -27.84
C ALA CA 261 54.23 -65.78 -27.81
N LYS CA 262 54.24 -64.94 -28.84
CA LYS CA 262 55.13 -63.81 -28.93
C LYS CA 262 54.31 -62.55 -28.88
N SER CA 263 54.92 -61.44 -28.49
CA SER CA 263 54.15 -60.21 -28.41
C SER CA 263 54.41 -59.18 -29.46
N ARG CA 264 53.45 -58.27 -29.51
CA ARG CA 264 53.51 -57.05 -30.28
C ARG CA 264 52.92 -55.94 -29.43
N GLN CA 265 53.45 -54.75 -29.57
CA GLN CA 265 52.95 -53.63 -28.78
C GLN CA 265 53.65 -52.34 -29.12
N LEU CA 266 52.94 -51.25 -28.94
CA LEU CA 266 53.47 -49.92 -29.17
C LEU CA 266 52.89 -48.84 -28.28
N LYS CA 267 53.63 -47.75 -28.15
CA LYS CA 267 53.12 -46.57 -27.43
C LYS CA 267 52.79 -45.35 -28.30
N ALA CA 268 51.94 -44.51 -27.71
CA ALA CA 268 51.37 -43.25 -28.20
C ALA CA 268 52.32 -42.06 -28.48
N ALA CA 269 53.40 -41.89 -27.72
CA ALA CA 269 54.36 -40.80 -28.00
C ALA CA 269 53.76 -39.39 -28.17
N TYR CA 270 53.07 -38.83 -27.18
CA TYR CA 270 52.46 -37.51 -27.42
C TYR CA 270 52.44 -36.63 -26.19
N SER CA 271 51.98 -35.38 -26.35
CA SER CA 271 51.95 -34.40 -25.26
C SER CA 271 50.73 -33.48 -25.30
N ILE CA 272 50.56 -32.72 -24.23
CA ILE CA 272 49.44 -31.82 -24.07
C ILE CA 272 49.39 -30.68 -25.07
N GLU CA 273 50.50 -30.02 -25.33
CA GLU CA 273 50.47 -28.89 -26.23
C GLU CA 273 49.97 -29.31 -27.60
N LEU CA 274 50.33 -30.52 -28.02
CA LEU CA 274 49.89 -31.00 -29.31
C LEU CA 274 48.40 -31.11 -29.28
N ALA CA 275 47.86 -31.72 -28.23
CA ALA CA 275 46.42 -31.84 -28.14
C ALA CA 275 45.76 -30.47 -28.12
N GLN CA 276 46.33 -29.51 -27.42
CA GLN CA 276 45.69 -28.22 -27.35
C GLN CA 276 45.58 -27.61 -28.73
N ASP CA 277 46.64 -27.77 -29.52
CA ASP CA 277 46.64 -27.23 -30.86
C ASP CA 277 45.60 -27.95 -31.69
N LEU CA 278 45.53 -29.26 -31.59
CA LEU CA 278 44.58 -30.03 -32.37
C LEU CA 278 43.15 -29.68 -32.05
N ARG CA 279 42.87 -29.39 -30.78
CA ARG CA 279 41.54 -28.99 -30.38
C ARG CA 279 41.18 -27.71 -31.14
N ALA CA 280 42.12 -26.78 -31.20
CA ALA CA 280 41.92 -25.53 -31.94
C ALA CA 280 41.86 -25.71 -33.47
N VAL CA 281 42.69 -26.60 -34.00
CA VAL CA 281 42.83 -26.82 -35.43
C VAL CA 281 41.81 -27.72 -36.08
N HIS CA 282 41.64 -28.92 -35.56
CA HIS CA 282 40.73 -29.85 -36.21
C HIS CA 282 39.57 -30.19 -35.27
N GLY CA 283 39.73 -29.87 -33.97
CA GLY CA 283 38.73 -30.18 -32.97
C GLY CA 283 38.87 -31.62 -32.50
N MET CA 284 40.10 -32.08 -32.50
CA MET CA 284 40.40 -33.47 -32.13
C MET CA 284 40.92 -33.65 -30.72
N ASP CA 285 40.49 -34.73 -30.06
CA ASP CA 285 41.03 -35.08 -28.74
C ASP CA 285 42.42 -35.69 -28.88
N ALA CA 286 42.60 -36.42 -29.98
CA ALA CA 286 43.81 -37.12 -30.41
C ALA CA 286 44.24 -38.33 -29.58
N ASP CA 287 43.52 -38.69 -28.54
CA ASP CA 287 43.96 -39.85 -27.80
C ASP CA 287 43.47 -41.07 -28.51
N ALA CA 288 42.20 -41.10 -28.80
CA ALA CA 288 41.62 -42.22 -29.48
C ALA CA 288 42.24 -42.33 -30.83
N GLU CA 289 42.48 -41.17 -31.45
CA GLU CA 289 43.12 -41.10 -32.79
C GLU CA 289 44.41 -41.93 -32.75
N LEU CA 290 45.26 -41.70 -31.73
CA LEU CA 290 46.47 -42.47 -31.61
C LEU CA 290 46.22 -43.92 -31.31
N SER CA 291 45.27 -44.20 -30.44
CA SER CA 291 44.99 -45.56 -30.09
C SER CA 291 44.54 -46.36 -31.31
N GLY CA 292 43.63 -45.79 -32.08
CA GLY CA 292 43.08 -46.40 -33.28
C GLY CA 292 44.20 -46.66 -34.27
N ILE CA 293 45.10 -45.69 -34.42
CA ILE CA 293 46.22 -45.84 -35.30
C ILE CA 293 47.09 -46.96 -34.87
N LEU CA 294 47.42 -47.01 -33.59
CA LEU CA 294 48.26 -48.07 -33.12
C LEU CA 294 47.58 -49.42 -33.32
N ALA CA 295 46.27 -49.49 -33.04
CA ALA CA 295 45.52 -50.73 -33.21
C ALA CA 295 45.57 -51.19 -34.63
N THR CA 296 45.42 -50.22 -35.51
CA THR CA 296 45.42 -50.47 -36.91
C THR CA 296 46.75 -51.03 -37.30
N GLU CA 297 47.83 -50.41 -36.84
CA GLU CA 297 49.11 -50.92 -37.24
C GLU CA 297 49.29 -52.34 -36.80
N ILE CA 298 48.90 -52.65 -35.57
CA ILE CA 298 49.14 -54.00 -35.13
C ILE CA 298 48.36 -54.99 -35.95
N MET CA 299 47.10 -54.72 -36.19
CA MET CA 299 46.32 -55.67 -36.96
C MET CA 299 46.84 -55.82 -38.38
N LEU CA 300 47.25 -54.72 -39.02
CA LEU CA 300 47.73 -54.83 -40.37
C LEU CA 300 49.04 -55.59 -40.40
N GLU CA 301 49.90 -55.33 -39.43
CA GLU CA 301 51.19 -55.97 -39.36
C GLU CA 301 51.08 -57.44 -39.16
N ILE CA 302 50.13 -57.87 -38.32
CA ILE CA 302 49.96 -59.29 -38.15
C ILE CA 302 49.46 -59.81 -39.47
N ASN CA 303 48.52 -59.12 -40.09
CA ASN CA 303 48.05 -59.62 -41.34
C ASN CA 303 49.21 -59.85 -42.29
N ARG CA 304 50.15 -58.92 -42.35
CA ARG CA 304 51.27 -59.13 -43.21
C ARG CA 304 52.03 -60.33 -42.76
N GLU CA 305 52.25 -60.41 -41.46
CA GLU CA 305 52.99 -61.54 -40.83
C GLU CA 305 52.44 -62.87 -41.36
N VAL CA 306 51.11 -63.01 -41.46
CA VAL CA 306 50.53 -64.24 -41.95
C VAL CA 306 50.80 -64.41 -43.42
N VAL CA 307 50.53 -63.39 -44.20
CA VAL CA 307 50.73 -63.50 -45.64
C VAL CA 307 52.16 -63.77 -46.01
N ASP CA 308 53.05 -63.05 -45.38
CA ASP CA 308 54.46 -63.14 -45.63
C ASP CA 308 54.96 -64.52 -45.26
N TRP CA 309 54.46 -65.09 -44.16
CA TRP CA 309 54.89 -66.43 -43.80
C TRP CA 309 54.33 -67.42 -44.78
N ILE CA 310 53.17 -67.13 -45.34
CA ILE CA 310 52.67 -68.01 -46.36
C ILE CA 310 53.63 -67.94 -47.53
N ASN CA 311 53.98 -66.75 -47.95
CA ASN CA 311 54.85 -66.66 -49.09
C ASN CA 311 56.20 -67.33 -48.84
N TYR CA 312 56.71 -67.18 -47.63
CA TYR CA 312 57.98 -67.73 -47.16
C TYR CA 312 57.98 -69.23 -47.27
N SER CA 313 56.95 -69.81 -46.68
CA SER CA 313 56.83 -71.22 -46.59
C SER CA 313 56.30 -71.90 -47.83
N ALA CA 314 55.61 -71.19 -48.70
CA ALA CA 314 55.05 -71.81 -49.88
C ALA CA 314 56.12 -72.42 -50.76
N GLN CA 315 55.79 -73.52 -51.40
CA GLN CA 315 56.70 -74.19 -52.29
C GLN CA 315 56.76 -73.45 -53.60
N VAL CA 316 57.80 -73.64 -54.36
CA VAL CA 316 57.87 -72.98 -55.63
C VAL CA 316 56.94 -73.68 -56.60
N GLY CA 317 56.04 -72.92 -57.20
CA GLY CA 317 55.07 -73.47 -58.14
C GLY CA 317 55.70 -73.59 -59.50
N LYS CA 318 54.98 -74.04 -60.54
CA LYS CA 318 55.61 -74.18 -61.84
C LYS CA 318 56.89 -74.97 -61.65
N SER CA 319 56.72 -76.17 -61.13
CA SER CA 319 57.82 -77.05 -60.78
C SER CA 319 57.42 -78.52 -60.89
N GLY CA 320 58.40 -79.40 -61.07
CA GLY CA 320 58.13 -80.82 -61.09
C GLY CA 320 57.16 -81.17 -62.21
N MET CA 321 56.09 -81.86 -61.86
CA MET CA 321 55.08 -82.29 -62.81
C MET CA 321 54.20 -81.13 -63.25
N THR CA 322 54.43 -79.98 -62.65
CA THR CA 322 53.69 -78.80 -63.00
C THR CA 322 54.52 -77.90 -63.92
N LEU CA 323 55.72 -78.33 -64.27
CA LEU CA 323 56.56 -77.51 -65.11
C LEU CA 323 56.81 -78.18 -66.45
N THR CA 324 56.56 -77.46 -67.54
CA THR CA 324 56.73 -78.06 -68.84
C THR CA 324 58.16 -78.01 -69.44
N PRO CA 325 58.47 -78.84 -70.44
CA PRO CA 325 59.74 -78.90 -71.15
C PRO CA 325 60.00 -77.73 -72.09
N GLY CA 326 60.51 -76.64 -71.52
CA GLY CA 326 60.77 -75.45 -72.31
C GLY CA 326 60.38 -74.22 -71.53
N SER CA 327 59.87 -74.48 -70.35
CA SER CA 327 59.43 -73.46 -69.41
C SER CA 327 60.56 -72.75 -68.68
N LYS CA 328 60.18 -71.70 -67.93
CA LYS CA 328 61.13 -70.87 -67.18
C LYS CA 328 61.29 -71.14 -65.67
N ALA CA 329 60.76 -72.25 -65.16
CA ALA CA 329 60.98 -72.65 -63.75
C ALA CA 329 60.55 -71.69 -62.62
N GLY CA 330 59.29 -71.76 -62.19
CA GLY CA 330 58.84 -70.91 -61.07
C GLY CA 330 58.14 -69.61 -61.45
N VAL CA 331 58.04 -69.35 -62.74
CA VAL CA 331 57.43 -68.15 -63.25
C VAL CA 331 56.43 -68.44 -64.36
N PHE CA 332 55.42 -67.56 -64.48
CA PHE CA 332 54.49 -67.56 -65.60
C PHE CA 332 54.70 -66.29 -66.41
N ASP CA 333 55.15 -66.45 -67.65
CA ASP CA 333 55.44 -65.33 -68.54
C ASP CA 333 54.40 -65.22 -69.65
N PHE CA 334 53.61 -64.15 -69.63
CA PHE CA 334 52.53 -63.97 -70.61
C PHE CA 334 53.04 -63.81 -72.04
N GLN CA 335 54.35 -63.59 -72.19
CA GLN CA 335 54.93 -63.45 -73.51
C GLN CA 335 55.58 -64.75 -74.01
N ASP CA 336 55.54 -65.79 -73.19
CA ASP CA 336 56.19 -67.07 -73.49
C ASP CA 336 55.20 -68.17 -73.96
N PRO CA 337 55.25 -68.63 -75.23
CA PRO CA 337 54.30 -69.55 -75.84
C PRO CA 337 54.21 -70.87 -75.10
N ILE CA 338 55.24 -71.21 -74.32
CA ILE CA 338 55.21 -72.43 -73.56
C ILE CA 338 54.21 -72.30 -72.43
N ASP CA 339 54.23 -71.15 -71.77
CA ASP CA 339 53.35 -70.88 -70.64
C ASP CA 339 51.96 -70.57 -71.09
N ILE CA 340 51.86 -69.94 -72.25
CA ILE CA 340 50.54 -69.55 -72.69
C ILE CA 340 49.96 -70.53 -73.71
N ARG CA 341 50.58 -71.69 -73.83
CA ARG CA 341 50.10 -72.79 -74.65
C ARG CA 341 49.80 -72.39 -76.11
N GLY CA 342 50.73 -71.62 -76.67
CA GLY CA 342 50.68 -71.19 -78.05
C GLY CA 342 49.79 -69.98 -78.31
N ALA CA 343 49.15 -69.45 -77.29
CA ALA CA 343 48.23 -68.34 -77.42
C ALA CA 343 48.85 -67.07 -77.95
N ARG CA 344 48.00 -66.30 -78.59
CA ARG CA 344 48.25 -64.96 -79.07
C ARG CA 344 46.94 -64.36 -78.73
N TRP CA 345 46.85 -63.06 -78.40
CA TRP CA 345 45.58 -62.47 -78.02
C TRP CA 345 45.18 -62.91 -76.62
N ALA CA 346 45.04 -61.90 -75.76
CA ALA CA 346 44.74 -62.06 -74.35
C ALA CA 346 43.51 -62.92 -74.11
N GLY CA 347 42.54 -62.89 -75.01
CA GLY CA 347 41.35 -63.69 -74.83
C GLY CA 347 41.68 -65.19 -74.70
N GLU CA 348 42.86 -65.60 -75.17
CA GLU CA 348 43.36 -66.96 -75.05
C GLU CA 348 44.45 -67.03 -73.97
N SER CA 349 45.36 -66.07 -73.96
CA SER CA 349 46.47 -66.10 -73.01
C SER CA 349 45.98 -66.09 -71.57
N PHE CA 350 44.95 -65.32 -71.28
CA PHE CA 350 44.43 -65.23 -69.94
C PHE CA 350 43.87 -66.58 -69.46
N LYS CA 351 43.46 -67.44 -70.37
CA LYS CA 351 42.93 -68.72 -70.00
C LYS CA 351 44.08 -69.59 -69.58
N ALA CA 352 45.22 -69.40 -70.24
CA ALA CA 352 46.40 -70.18 -69.90
C ALA CA 352 46.79 -69.89 -68.46
N LEU CA 353 46.61 -68.64 -68.04
CA LEU CA 353 46.92 -68.30 -66.67
C LEU CA 353 46.05 -69.14 -65.75
N LEU CA 354 44.75 -69.18 -66.03
CA LEU CA 354 43.84 -69.95 -65.18
C LEU CA 354 44.23 -71.41 -65.16
N PHE CA 355 44.64 -71.92 -66.30
CA PHE CA 355 45.05 -73.30 -66.43
C PHE CA 355 46.18 -73.60 -65.47
N GLN CA 356 47.20 -72.76 -65.49
CA GLN CA 356 48.33 -72.99 -64.60
C GLN CA 356 47.93 -72.88 -63.14
N ILE CA 357 46.99 -71.98 -62.82
CA ILE CA 357 46.54 -71.86 -61.44
C ILE CA 357 45.91 -73.16 -61.02
N ASP CA 358 45.05 -73.71 -61.87
CA ASP CA 358 44.42 -74.96 -61.54
C ASP CA 358 45.46 -76.05 -61.35
N LYS CA 359 46.48 -76.10 -62.19
CA LYS CA 359 47.45 -77.15 -62.00
C LYS CA 359 48.09 -77.06 -60.62
N GLU CA 360 48.36 -75.82 -60.19
CA GLU CA 360 48.98 -75.56 -58.87
C GLU CA 360 48.06 -76.06 -57.76
N ALA CA 361 46.74 -75.85 -57.92
CA ALA CA 361 45.78 -76.28 -56.91
C ALA CA 361 45.70 -77.80 -56.82
N VAL CA 362 45.81 -78.44 -57.99
CA VAL CA 362 45.77 -79.88 -58.09
C VAL CA 362 46.96 -80.47 -57.37
N GLU CA 363 48.14 -79.90 -57.59
CA GLU CA 363 49.32 -80.38 -56.90
C GLU CA 363 49.15 -80.23 -55.40
N ILE CA 364 48.53 -79.15 -54.95
CA ILE CA 364 48.32 -79.03 -53.52
C ILE CA 364 47.52 -80.21 -53.05
N ALA CA 365 46.45 -80.56 -53.76
CA ALA CA 365 45.74 -81.74 -53.29
C ALA CA 365 46.67 -82.95 -53.20
N ARG CA 366 47.51 -83.16 -54.20
CA ARG CA 366 48.39 -84.31 -54.12
C ARG CA 366 49.25 -84.28 -52.88
N GLN CA 367 49.84 -83.14 -52.63
CA GLN CA 367 50.74 -83.00 -51.52
C GLN CA 367 50.09 -83.06 -50.15
N THR CA 368 48.92 -82.45 -49.96
CA THR CA 368 48.35 -82.44 -48.62
C THR CA 368 47.42 -83.60 -48.36
N GLY CA 369 46.67 -84.01 -49.36
CA GLY CA 369 45.69 -85.06 -49.14
C GLY CA 369 44.48 -84.51 -48.39
N ARG CA 370 44.39 -83.19 -48.29
CA ARG CA 370 43.32 -82.58 -47.54
C ARG CA 370 42.36 -81.85 -48.42
N GLY CA 371 42.63 -81.92 -49.70
CA GLY CA 371 41.84 -81.29 -50.73
C GLY CA 371 42.61 -80.29 -51.57
N GLU CA 372 42.09 -80.09 -52.77
CA GLU CA 372 42.53 -79.17 -53.82
C GLU CA 372 42.52 -77.76 -53.36
N GLY CA 373 43.54 -77.00 -53.76
CA GLY CA 373 43.66 -75.60 -53.39
C GLY CA 373 42.33 -74.89 -53.58
N ASN CA 374 42.07 -73.89 -52.73
CA ASN CA 374 40.78 -73.21 -52.80
C ASN CA 374 40.80 -71.69 -52.68
N PHE CA 375 41.98 -71.11 -52.66
CA PHE CA 375 42.07 -69.66 -52.71
C PHE CA 375 43.40 -69.22 -53.26
N ILE CA 376 43.43 -68.04 -53.85
CA ILE CA 376 44.64 -67.45 -54.35
C ILE CA 376 44.87 -66.05 -53.80
N ILE CA 377 46.07 -65.81 -53.31
CA ILE CA 377 46.41 -64.47 -52.88
C ILE CA 377 47.38 -63.97 -53.92
N ALA CA 378 47.09 -62.83 -54.52
CA ALA CA 378 47.95 -62.41 -55.61
C ALA CA 378 48.05 -60.91 -55.79
N SER CA 379 48.93 -60.53 -56.70
CA SER CA 379 49.12 -59.15 -57.04
C SER CA 379 47.91 -58.56 -57.72
N ARG CA 380 47.91 -57.25 -57.77
CA ARG CA 380 46.88 -56.48 -58.41
C ARG CA 380 46.77 -56.83 -59.87
N ASN CA 381 47.91 -57.06 -60.49
CA ASN CA 381 47.94 -57.37 -61.89
C ASN CA 381 47.29 -58.69 -62.17
N VAL CA 382 47.56 -59.67 -61.33
CA VAL CA 382 46.97 -60.96 -61.54
C VAL CA 382 45.48 -60.88 -61.41
N VAL CA 383 45.02 -60.20 -60.39
CA VAL CA 383 43.59 -60.14 -60.23
C VAL CA 383 42.96 -59.38 -61.35
N ASN CA 384 43.56 -58.27 -61.78
CA ASN CA 384 42.97 -57.53 -62.88
C ASN CA 384 42.75 -58.48 -64.06
N VAL CA 385 43.74 -59.34 -64.32
CA VAL CA 385 43.57 -60.28 -65.39
C VAL CA 385 42.42 -61.20 -65.10
N LEU CA 386 42.34 -61.72 -63.90
CA LEU CA 386 41.27 -62.65 -63.62
C LEU CA 386 39.91 -61.98 -63.78
N ALA CA 387 39.79 -60.75 -63.31
CA ALA CA 387 38.56 -59.99 -63.36
C ALA CA 387 38.11 -59.71 -64.78
N SER CA 388 39.06 -59.52 -65.68
CA SER CA 388 38.84 -59.20 -67.08
C SER CA 388 38.67 -60.40 -68.02
N VAL CA 389 38.70 -61.62 -67.49
CA VAL CA 389 38.54 -62.78 -68.36
C VAL CA 389 37.34 -63.60 -67.91
N ASP CA 390 36.65 -64.20 -68.85
CA ASP CA 390 35.56 -65.05 -68.44
C ASP CA 390 36.19 -66.33 -67.96
N THR CA 391 36.07 -66.62 -66.68
CA THR CA 391 36.71 -67.78 -66.11
C THR CA 391 35.92 -69.04 -66.40
N GLY CA 392 34.72 -68.89 -66.93
CA GLY CA 392 33.93 -70.05 -67.23
C GLY CA 392 34.49 -70.64 -68.50
N ILE CA 393 33.88 -71.72 -68.97
CA ILE CA 393 34.42 -72.34 -70.15
C ILE CA 393 33.77 -71.81 -71.39
N SER CA 394 34.58 -71.17 -72.22
CA SER CA 394 34.06 -70.58 -73.43
C SER CA 394 35.08 -70.59 -74.49
N TYR CA 395 34.78 -69.96 -75.59
CA TYR CA 395 35.72 -70.07 -76.69
C TYR CA 395 36.98 -69.33 -76.31
N ALA CA 396 36.81 -68.07 -76.00
CA ALA CA 396 37.83 -67.15 -75.57
C ALA CA 396 37.10 -65.92 -75.13
N ALA CA 397 37.74 -65.07 -74.33
CA ALA CA 397 37.07 -63.80 -74.01
C ALA CA 397 37.94 -62.82 -73.27
N GLN CA 398 37.56 -61.57 -73.34
CA GLN CA 398 38.16 -60.57 -72.47
C GLN CA 398 37.28 -59.33 -72.51
N GLY CA 399 37.44 -58.47 -71.51
CA GLY CA 399 36.74 -57.18 -71.48
C GLY CA 399 37.14 -56.41 -70.26
N LEU CA 400 36.37 -55.39 -69.90
CA LEU CA 400 36.70 -54.60 -68.74
C LEU CA 400 36.64 -55.46 -67.52
N ALA CA 401 37.56 -55.26 -66.60
CA ALA CA 401 37.55 -56.03 -65.39
C ALA CA 401 36.20 -55.88 -64.78
N THR CA 402 35.57 -57.01 -64.54
CA THR CA 402 34.23 -57.02 -64.00
C THR CA 402 34.05 -58.04 -62.90
N GLY CA 403 34.69 -59.20 -63.06
CA GLY CA 403 34.42 -60.34 -62.21
C GLY CA 403 34.74 -60.13 -60.75
N PHE CA 404 35.82 -59.43 -60.48
CA PHE CA 404 36.23 -59.29 -59.11
C PHE CA 404 36.54 -57.85 -58.82
N SER CA 405 36.46 -57.46 -57.56
CA SER CA 405 36.89 -56.12 -57.21
C SER CA 405 38.39 -56.03 -57.14
N THR CA 406 38.92 -54.96 -57.64
CA THR CA 406 40.35 -54.72 -57.58
C THR CA 406 40.70 -53.58 -56.65
N ASP CA 407 39.72 -53.01 -55.98
CA ASP CA 407 40.01 -51.84 -55.17
C ASP CA 407 40.31 -52.20 -53.70
N THR CA 408 41.58 -52.07 -53.33
CA THR CA 408 42.11 -52.46 -52.04
C THR CA 408 41.72 -51.49 -50.94
N THR CA 409 41.07 -50.42 -51.36
CA THR CA 409 40.62 -49.37 -50.51
C THR CA 409 39.31 -49.83 -49.89
N LYS CA 410 38.68 -50.81 -50.50
CA LYS CA 410 37.41 -51.27 -50.03
C LYS CA 410 37.59 -52.62 -49.37
N SER CA 411 38.32 -53.50 -50.04
CA SER CA 411 38.50 -54.84 -49.53
C SER CA 411 39.81 -55.41 -49.94
N VAL CA 412 39.93 -56.68 -49.76
CA VAL CA 412 41.11 -57.42 -50.13
C VAL CA 412 40.64 -58.64 -50.82
N PHE CA 413 39.36 -58.87 -50.63
CA PHE CA 413 38.71 -60.01 -51.19
C PHE CA 413 38.02 -59.52 -52.41
N ALA CA 414 38.50 -60.01 -53.52
CA ALA CA 414 38.06 -59.57 -54.80
C ALA CA 414 36.80 -60.33 -55.24
N GLY CA 415 36.73 -61.62 -54.91
CA GLY CA 415 35.59 -62.47 -55.29
C GLY CA 415 35.97 -63.93 -55.51
N VAL CA 416 35.14 -64.71 -56.24
CA VAL CA 416 35.46 -66.13 -56.35
C VAL CA 416 35.52 -66.64 -57.79
N LEU CA 417 36.59 -67.33 -58.16
CA LEU CA 417 36.77 -67.80 -59.51
C LEU CA 417 35.82 -68.88 -59.88
N GLY CA 418 34.65 -68.50 -60.37
CA GLY CA 418 33.65 -69.44 -60.86
C GLY CA 418 33.03 -70.20 -59.72
N GLY CA 419 33.20 -69.66 -58.54
CA GLY CA 419 32.74 -70.35 -57.34
C GLY CA 419 33.74 -71.43 -56.88
N LYS CA 420 34.85 -71.59 -57.61
CA LYS CA 420 35.86 -72.60 -57.31
C LYS CA 420 36.93 -72.07 -56.35
N TYR CA 421 37.51 -70.89 -56.62
CA TYR CA 421 38.60 -70.46 -55.70
C TYR CA 421 38.40 -69.01 -55.24
N ARG CA 422 38.68 -68.75 -53.96
CA ARG CA 422 38.58 -67.38 -53.46
C ARG CA 422 39.73 -66.54 -54.00
N VAL CA 423 39.44 -65.29 -54.39
CA VAL CA 423 40.43 -64.39 -54.96
C VAL CA 423 40.72 -63.20 -54.05
N TYR CA 424 41.98 -63.06 -53.61
CA TYR CA 424 42.37 -61.95 -52.71
C TYR CA 424 43.59 -61.19 -53.29
N ILE CA 425 43.72 -59.92 -52.91
CA ILE CA 425 44.84 -59.07 -53.35
C ILE CA 425 45.83 -58.67 -52.29
N ASP CA 426 47.10 -58.87 -52.62
CA ASP CA 426 48.20 -58.42 -51.78
C ASP CA 426 48.56 -57.01 -52.21
N GLN CA 427 48.12 -56.02 -51.45
CA GLN CA 427 48.26 -54.63 -51.86
C GLN CA 427 49.70 -54.16 -51.76
N TYR CA 428 50.55 -54.97 -51.13
CA TYR CA 428 51.95 -54.64 -50.98
C TYR CA 428 52.84 -55.61 -51.73
N ALA CA 429 52.30 -56.32 -52.71
CA ALA CA 429 53.12 -57.27 -53.45
C ALA CA 429 54.38 -56.58 -53.94
N LYS CA 430 55.53 -57.24 -53.75
CA LYS CA 430 56.77 -56.62 -54.19
C LYS CA 430 56.87 -56.47 -55.68
N GLN CA 431 56.40 -57.45 -56.43
CA GLN CA 431 56.51 -57.27 -57.87
C GLN CA 431 55.24 -57.62 -58.59
N ASP CA 432 55.03 -58.92 -58.76
CA ASP CA 432 53.88 -59.44 -59.48
C ASP CA 432 53.95 -60.95 -59.35
N TYR CA 433 52.91 -61.56 -58.79
CA TYR CA 433 52.96 -63.04 -58.64
C TYR CA 433 51.70 -63.47 -57.90
N PHE CA 434 51.48 -64.77 -57.87
CA PHE CA 434 50.29 -65.28 -57.21
C PHE CA 434 50.62 -66.52 -56.40
N THR CA 435 49.83 -66.81 -55.39
CA THR CA 435 50.04 -68.06 -54.69
C THR CA 435 48.74 -68.74 -54.38
N VAL CA 436 48.76 -70.05 -54.51
CA VAL CA 436 47.57 -70.83 -54.27
C VAL CA 436 47.69 -71.53 -52.95
N GLY CA 437 46.66 -71.39 -52.14
CA GLY CA 437 46.63 -72.04 -50.86
C GLY CA 437 45.41 -72.93 -50.70
N TYR CA 438 45.29 -73.51 -49.51
CA TYR CA 438 44.19 -74.38 -49.19
C TYR CA 438 43.80 -74.36 -47.75
N LYS CA 439 42.53 -74.28 -47.50
CA LYS CA 439 42.08 -74.44 -46.14
C LYS CA 439 40.84 -75.32 -46.08
N GLY CA 440 40.88 -76.32 -45.21
CA GLY CA 440 39.76 -77.23 -45.10
C GLY CA 440 38.70 -76.69 -44.14
N PRO CA 441 37.54 -77.36 -44.02
CA PRO CA 441 36.42 -77.03 -43.15
C PRO CA 441 36.80 -77.14 -41.69
N ASN CA 442 37.84 -77.90 -41.43
CA ASN CA 442 38.35 -78.10 -40.10
C ASN CA 442 39.37 -77.03 -39.90
N GLU CA 443 39.12 -76.11 -39.01
CA GLU CA 443 40.00 -74.98 -38.79
C GLU CA 443 41.46 -75.39 -38.56
N MET CA 444 41.69 -76.55 -37.94
CA MET CA 444 43.06 -77.00 -37.73
C MET CA 444 43.73 -77.31 -39.06
N ASP CA 445 42.97 -77.76 -40.04
CA ASP CA 445 43.48 -78.21 -41.34
C ASP CA 445 43.74 -77.03 -42.27
N ALA CA 446 44.76 -76.25 -41.94
CA ALA CA 446 45.03 -75.05 -42.72
C ALA CA 446 46.49 -74.85 -43.16
N GLY CA 447 47.41 -75.68 -42.72
CA GLY CA 447 48.83 -75.48 -43.06
C GLY CA 447 49.49 -74.44 -42.17
N ILE CA 448 48.95 -73.23 -42.23
CA ILE CA 448 49.36 -72.07 -41.46
C ILE CA 448 48.23 -71.53 -40.64
N TYR CA 449 48.51 -71.17 -39.38
CA TYR CA 449 47.46 -70.64 -38.47
C TYR CA 449 48.03 -69.61 -37.48
N TYR CA 450 47.15 -68.70 -37.04
CA TYR CA 450 47.45 -67.65 -36.04
C TYR CA 450 46.66 -68.04 -34.78
N ALA CA 451 47.28 -68.00 -33.60
CA ALA CA 451 46.58 -68.44 -32.40
C ALA CA 451 46.68 -67.51 -31.19
N PRO CA 452 45.92 -66.41 -31.13
CA PRO CA 452 45.96 -65.39 -30.11
C PRO CA 452 45.34 -65.83 -28.84
N TYR CA 453 45.78 -65.24 -27.73
CA TYR CA 453 45.26 -65.52 -26.37
C TYR CA 453 45.18 -64.18 -25.64
N VAL CA 454 45.70 -63.14 -26.31
CA VAL CA 454 45.71 -61.77 -25.79
C VAL CA 454 45.70 -60.79 -26.94
N ALA CA 455 44.83 -59.79 -26.93
CA ALA CA 455 44.93 -58.82 -28.02
C ALA CA 455 44.38 -57.47 -27.69
N LEU CA 456 45.03 -56.47 -28.26
CA LEU CA 456 44.62 -55.06 -28.22
C LEU CA 456 44.27 -54.56 -26.83
N THR CA 457 45.04 -54.92 -25.80
CA THR CA 457 44.68 -54.48 -24.47
C THR CA 457 45.33 -53.14 -24.11
N PRO CA 458 44.53 -52.07 -23.85
CA PRO CA 458 44.96 -50.70 -23.60
C PRO CA 458 45.69 -50.48 -22.32
N LEU CA 459 46.59 -49.52 -22.38
CA LEU CA 459 47.41 -49.04 -21.29
C LEU CA 459 47.32 -47.50 -21.22
N ARG CA 460 47.02 -46.95 -20.04
CA ARG CA 460 46.88 -45.48 -19.98
C ARG CA 460 47.38 -44.90 -18.65
N GLY CA 461 48.02 -43.73 -18.71
CA GLY CA 461 48.49 -43.01 -17.52
C GLY CA 461 49.27 -41.78 -17.94
N SER CA 462 50.15 -41.29 -17.06
CA SER CA 462 50.99 -40.11 -17.36
C SER CA 462 52.27 -40.25 -16.58
N ASP CA 463 53.32 -39.54 -17.01
CA ASP CA 463 54.62 -39.56 -16.33
C ASP CA 463 54.83 -38.30 -15.48
N PRO CA 464 54.79 -38.39 -14.13
CA PRO CA 464 54.88 -37.29 -13.17
C PRO CA 464 56.10 -36.42 -13.31
N LYS CA 465 57.14 -36.90 -13.99
CA LYS CA 465 58.30 -36.04 -14.14
C LYS CA 465 57.93 -34.77 -14.90
N ASN CA 466 56.90 -34.85 -15.77
CA ASN CA 466 56.49 -33.70 -16.54
C ASN CA 466 55.00 -33.74 -16.74
N PHE CA 467 54.42 -34.80 -16.20
CA PHE CA 467 53.00 -35.13 -16.23
C PHE CA 467 52.41 -35.25 -17.60
N GLN CA 468 53.23 -35.51 -18.59
CA GLN CA 468 52.68 -35.66 -19.90
C GLN CA 468 52.11 -37.05 -19.98
N PRO CA 469 51.02 -37.23 -20.71
CA PRO CA 469 50.32 -38.47 -20.85
C PRO CA 469 51.12 -39.52 -21.54
N VAL CA 470 50.86 -40.74 -21.16
CA VAL CA 470 51.44 -41.88 -21.84
C VAL CA 470 50.29 -42.79 -22.20
N MET CA 471 50.48 -43.56 -23.26
CA MET CA 471 49.44 -44.47 -23.69
C MET CA 471 50.00 -45.49 -24.63
N GLY CA 472 49.31 -46.63 -24.74
CA GLY CA 472 49.65 -47.68 -25.68
C GLY CA 472 48.79 -48.92 -25.44
N PHE CA 473 49.18 -50.05 -26.01
CA PHE CA 473 48.38 -51.29 -25.84
C PHE CA 473 49.19 -52.49 -26.34
N LYS CA 474 48.93 -53.66 -25.76
CA LYS CA 474 49.65 -54.87 -26.18
C LYS CA 474 48.80 -56.08 -26.62
N THR CA 475 49.46 -56.96 -27.41
CA THR CA 475 48.93 -58.23 -27.95
C THR CA 475 49.91 -59.43 -27.79
N ARG CA 476 49.39 -60.65 -27.57
CA ARG CA 476 50.23 -61.87 -27.52
C ARG CA 476 49.54 -63.05 -28.19
N TYR CA 477 50.29 -63.69 -29.10
CA TYR CA 477 49.68 -64.79 -29.82
C TYR CA 477 50.55 -65.95 -30.26
N GLY CA 478 51.51 -65.69 -31.12
CA GLY CA 478 52.28 -66.77 -31.68
C GLY CA 478 51.56 -67.29 -32.92
N ILE CA 479 52.33 -67.81 -33.86
CA ILE CA 479 51.80 -68.40 -35.08
C ILE CA 479 52.41 -69.76 -35.23
N GLY CA 480 51.85 -70.57 -36.10
CA GLY CA 480 52.45 -71.87 -36.31
C GLY CA 480 51.99 -72.57 -37.56
N ILE CA 481 52.54 -73.75 -37.75
CA ILE CA 481 52.26 -74.53 -38.91
C ILE CA 481 51.78 -75.91 -38.54
N ASN CA 482 51.14 -76.56 -39.47
CA ASN CA 482 50.62 -77.87 -39.24
C ASN CA 482 51.66 -78.95 -39.23
N PRO CA 483 51.45 -79.99 -38.46
CA PRO CA 483 52.23 -81.14 -38.51
C PRO CA 483 51.93 -81.63 -39.86
N PHE CA 484 52.85 -82.31 -40.47
CA PHE CA 484 52.70 -82.86 -41.81
C PHE CA 484 52.78 -81.82 -42.90
N ALA CA 485 52.86 -80.52 -42.56
CA ALA CA 485 52.94 -79.51 -43.60
C ALA CA 485 54.15 -79.74 -44.47
N GLU CA 486 55.26 -80.22 -43.88
CA GLU CA 486 56.50 -80.43 -44.69
C GLU CA 486 56.23 -81.45 -45.80
N SER CA 487 55.48 -82.50 -45.45
CA SER CA 487 55.07 -83.64 -46.26
C SER CA 487 56.23 -84.53 -46.72
N ALA CA 488 57.44 -84.00 -46.74
CA ALA CA 488 58.57 -84.79 -47.20
C ALA CA 488 58.94 -85.93 -46.26
N ALA CA 489 58.96 -85.67 -44.95
CA ALA CA 489 59.36 -86.69 -44.00
C ALA CA 489 58.23 -87.59 -43.58
N GLN CA 490 58.57 -88.81 -43.26
CA GLN CA 490 57.62 -89.73 -42.70
C GLN CA 490 57.45 -89.50 -41.21
N ALA CA 491 58.33 -88.72 -40.61
CA ALA CA 491 58.28 -88.46 -39.17
C ALA CA 491 59.19 -87.28 -38.79
N PRO CA 492 58.85 -86.50 -37.76
CA PRO CA 492 59.65 -85.44 -37.19
C PRO CA 492 60.81 -85.94 -36.34
N ALA CA 493 61.86 -85.13 -36.31
CA ALA CA 493 62.97 -85.40 -35.45
C ALA CA 493 62.58 -85.38 -33.98
N SER CA 494 63.18 -86.31 -33.25
CA SER CA 494 63.05 -86.44 -31.80
C SER CA 494 61.65 -86.58 -31.25
N ARG CA 495 60.66 -86.82 -32.11
CA ARG CA 495 59.26 -86.99 -31.70
C ARG CA 495 58.69 -85.71 -31.06
N ILE CA 496 59.40 -84.60 -31.18
CA ILE CA 496 58.92 -83.35 -30.65
C ILE CA 496 59.58 -82.19 -31.34
N GLN CA 497 58.79 -81.22 -31.72
CA GLN CA 497 59.36 -80.07 -32.40
C GLN CA 497 58.59 -78.80 -32.16
N SER CA 498 59.12 -77.74 -32.72
CA SER CA 498 58.42 -76.49 -32.69
C SER CA 498 57.52 -76.40 -33.89
N GLY CA 499 56.32 -75.90 -33.68
CA GLY CA 499 55.35 -75.67 -34.74
C GLY CA 499 55.48 -74.24 -35.24
N MET CA 500 56.42 -73.51 -34.68
CA MET CA 500 56.59 -72.15 -35.10
C MET CA 500 57.36 -72.26 -36.38
N PRO CA 501 57.11 -71.44 -37.38
CA PRO CA 501 57.81 -71.50 -38.61
C PRO CA 501 59.22 -71.01 -38.41
N SER CA 502 60.10 -71.55 -39.21
CA SER CA 502 61.49 -71.18 -39.30
C SER CA 502 62.08 -71.74 -40.55
N ILE CA 503 63.37 -71.57 -40.72
CA ILE CA 503 63.95 -72.06 -41.95
C ILE CA 503 63.89 -73.54 -42.10
N LEU CA 504 64.33 -74.24 -41.06
CA LEU CA 504 64.41 -75.67 -41.17
C LEU CA 504 63.06 -76.31 -41.05
N ASN CA 505 62.10 -75.53 -40.63
CA ASN CA 505 60.78 -76.06 -40.45
C ASN CA 505 59.99 -75.97 -41.73
N SER CA 506 60.04 -74.82 -42.42
CA SER CA 506 59.21 -74.69 -43.60
C SER CA 506 59.69 -73.80 -44.74
N LEU CA 507 60.93 -73.33 -44.80
CA LEU CA 507 61.21 -72.41 -45.89
C LEU CA 507 61.10 -73.05 -47.24
N GLY CA 508 60.12 -72.61 -48.04
CA GLY CA 508 59.89 -73.16 -49.36
C GLY CA 508 59.34 -74.58 -49.33
N LYS CA 509 58.83 -75.01 -48.18
CA LYS CA 509 58.40 -76.39 -48.00
C LYS CA 509 56.93 -76.70 -47.72
N ASN CA 510 56.14 -75.73 -47.30
CA ASN CA 510 54.79 -76.05 -46.83
C ASN CA 510 53.84 -76.50 -47.94
N ALA CA 511 53.42 -77.76 -47.85
CA ALA CA 511 52.60 -78.48 -48.81
C ALA CA 511 51.26 -77.85 -49.09
N TYR CA 512 50.79 -76.99 -48.22
CA TYR CA 512 49.50 -76.37 -48.41
C TYR CA 512 49.56 -75.18 -49.35
N PHE CA 513 50.76 -74.72 -49.70
CA PHE CA 513 50.83 -73.54 -50.53
C PHE CA 513 51.86 -73.64 -51.64
N ARG CA 514 51.55 -73.02 -52.79
CA ARG CA 514 52.48 -73.00 -53.95
C ARG CA 514 52.54 -71.57 -54.50
N ARG CA 515 53.74 -71.03 -54.68
CA ARG CA 515 53.89 -69.62 -55.14
C ARG CA 515 54.56 -69.56 -56.52
N VAL CA 516 54.00 -68.70 -57.39
CA VAL CA 516 54.52 -68.43 -58.73
C VAL CA 516 54.70 -66.96 -59.02
N TYR CA 517 55.87 -66.62 -59.53
CA TYR CA 517 56.13 -65.24 -59.91
C TYR CA 517 55.56 -65.04 -61.28
N VAL CA 518 55.14 -63.84 -61.64
CA VAL CA 518 54.69 -63.73 -63.01
C VAL CA 518 55.35 -62.55 -63.71
N LYS CA 519 55.35 -62.59 -65.03
CA LYS CA 519 55.90 -61.54 -65.87
C LYS CA 519 55.12 -61.44 -67.17
N GLY CA 520 55.32 -60.35 -67.90
CA GLY CA 520 54.73 -60.18 -69.22
C GLY CA 520 53.34 -59.54 -69.25
N ILE CA 521 52.76 -59.35 -68.07
CA ILE CA 521 51.44 -58.78 -67.90
C ILE CA 521 50.99 -57.84 -69.06
N ALA DA 66 6.97 -4.07 -124.13
CA ALA DA 66 6.53 -4.95 -123.06
C ALA DA 66 7.40 -4.78 -121.83
N GLU DA 67 6.85 -4.13 -120.81
CA GLU DA 67 7.60 -3.86 -119.54
C GLU DA 67 8.05 -5.18 -118.90
N ILE DA 68 9.26 -5.18 -118.32
CA ILE DA 68 9.83 -6.34 -117.65
C ILE DA 68 10.22 -6.12 -116.21
N GLY DA 69 10.42 -7.24 -115.51
CA GLY DA 69 10.89 -7.24 -114.13
C GLY DA 69 12.39 -7.15 -114.05
N GLY DA 70 13.09 -7.70 -115.03
CA GLY DA 70 14.53 -7.64 -114.99
C GLY DA 70 15.00 -8.47 -113.82
N ASP DA 71 16.23 -8.25 -113.38
CA ASP DA 71 16.71 -9.11 -112.28
C ASP DA 71 17.90 -8.46 -111.59
N HIS DA 72 18.30 -9.09 -110.49
CA HIS DA 72 19.41 -8.65 -109.67
C HIS DA 72 20.71 -9.07 -110.33
N GLY DA 73 21.78 -8.37 -110.02
CA GLY DA 73 23.08 -8.71 -110.57
C GLY DA 73 23.89 -9.68 -109.72
N TYR DA 74 23.23 -10.30 -108.74
CA TYR DA 74 23.90 -11.26 -107.82
C TYR DA 74 24.76 -10.49 -106.80
N ASN DA 75 24.64 -9.16 -106.82
CA ASN DA 75 25.36 -8.27 -105.96
C ASN DA 75 24.56 -8.19 -104.71
N ALA DA 76 25.05 -8.78 -103.64
CA ALA DA 76 24.27 -8.83 -102.43
C ALA DA 76 23.82 -7.45 -102.00
N THR DA 77 24.62 -6.42 -102.27
CA THR DA 77 24.25 -5.08 -101.91
C THR DA 77 23.00 -4.66 -102.65
N ASN DA 78 22.94 -4.97 -103.94
CA ASN DA 78 21.84 -4.52 -104.75
C ASN DA 78 20.64 -5.33 -104.37
N ILE DA 79 20.89 -6.59 -104.02
CA ILE DA 79 19.80 -7.42 -103.64
C ILE DA 79 19.17 -6.91 -102.40
N ALA DA 80 19.99 -6.65 -101.41
CA ALA DA 80 19.48 -6.17 -100.17
C ALA DA 80 18.75 -4.86 -100.35
N ALA DA 81 19.29 -3.96 -101.17
CA ALA DA 81 18.63 -2.70 -101.41
C ALA DA 81 17.31 -2.89 -102.11
N GLY DA 82 17.26 -3.88 -103.02
CA GLY DA 82 16.09 -4.16 -103.81
C GLY DA 82 16.22 -3.67 -105.26
N GLN DA 83 17.45 -3.46 -105.73
CA GLN DA 83 17.63 -2.99 -107.10
C GLN DA 83 17.75 -4.10 -108.12
N THR DA 84 17.01 -3.92 -109.21
CA THR DA 84 17.01 -4.83 -110.33
C THR DA 84 17.15 -4.03 -111.59
N SER DA 85 17.34 -4.72 -112.68
CA SER DA 85 17.46 -4.13 -114.00
C SER DA 85 16.12 -3.76 -114.66
N GLY DA 86 15.00 -4.09 -114.03
CA GLY DA 86 13.70 -3.84 -114.66
C GLY DA 86 13.01 -2.57 -114.25
N ALA DA 87 11.69 -2.56 -114.45
CA ALA DA 87 10.85 -1.40 -114.21
C ALA DA 87 10.47 -1.21 -112.74
N VAL DA 88 10.65 -2.25 -111.94
CA VAL DA 88 10.21 -2.21 -110.56
C VAL DA 88 11.24 -2.58 -109.54
N THR DA 89 11.42 -1.68 -108.59
CA THR DA 89 12.31 -1.95 -107.48
C THR DA 89 11.61 -2.83 -106.50
N GLN DA 90 12.37 -3.44 -105.64
CA GLN DA 90 11.82 -4.32 -104.66
C GLN DA 90 11.88 -3.67 -103.30
N ILE DA 91 11.09 -4.17 -102.37
CA ILE DA 91 11.13 -3.71 -100.98
C ILE DA 91 12.45 -4.10 -100.35
N GLY DA 92 12.84 -5.30 -100.63
CA GLY DA 92 14.06 -5.87 -100.10
C GLY DA 92 13.71 -7.30 -99.80
N PRO DA 93 14.69 -8.16 -99.62
CA PRO DA 93 14.50 -9.55 -99.36
C PRO DA 93 13.75 -9.81 -98.08
N ALA DA 94 12.81 -10.72 -98.12
CA ALA DA 94 12.12 -11.11 -96.90
C ALA DA 94 13.12 -11.83 -96.04
N VAL DA 95 13.02 -11.71 -94.74
CA VAL DA 95 13.97 -12.43 -93.92
C VAL DA 95 13.35 -13.72 -93.44
N MET DA 96 14.05 -14.81 -93.73
CA MET DA 96 13.58 -16.15 -93.43
C MET DA 96 13.80 -16.57 -91.96
N GLY DA 97 14.77 -15.98 -91.29
CA GLY DA 97 15.08 -16.32 -89.91
C GLY DA 97 16.56 -16.09 -89.67
N MET DA 98 17.07 -16.52 -88.52
CA MET DA 98 18.48 -16.32 -88.26
C MET DA 98 19.08 -17.42 -87.43
N VAL DA 99 20.36 -17.67 -87.64
CA VAL DA 99 21.04 -18.70 -86.86
C VAL DA 99 22.20 -18.20 -86.02
N ARG DA 100 22.12 -18.42 -84.71
CA ARG DA 100 23.21 -18.02 -83.78
C ARG DA 100 24.10 -19.23 -83.50
N ARG DA 101 25.43 -19.07 -83.65
CA ARG DA 101 26.33 -20.17 -83.43
C ARG DA 101 26.01 -20.85 -82.08
N ALA DA 102 25.95 -22.17 -82.06
CA ALA DA 102 25.69 -22.93 -80.83
C ALA DA 102 26.79 -22.70 -79.78
N ILE DA 103 26.40 -22.73 -78.51
CA ILE DA 103 27.33 -22.56 -77.39
C ILE DA 103 28.03 -23.85 -76.97
N PRO DA 104 29.40 -23.87 -76.86
CA PRO DA 104 30.21 -24.99 -76.43
C PRO DA 104 29.81 -25.51 -75.09
N ASN DA 105 29.90 -26.82 -74.93
CA ASN DA 105 29.50 -27.48 -73.72
C ASN DA 105 30.65 -27.54 -72.70
N LEU DA 106 30.39 -28.11 -71.52
CA LEU DA 106 31.45 -28.22 -70.52
C LEU DA 106 31.26 -29.27 -69.42
N ILE DA 107 32.35 -29.64 -68.75
CA ILE DA 107 32.30 -30.60 -67.63
C ILE DA 107 32.50 -29.80 -66.35
N ALA DA 108 31.42 -29.33 -65.73
CA ALA DA 108 31.58 -28.32 -64.70
C ALA DA 108 32.36 -28.67 -63.43
N PHE DA 109 32.11 -29.83 -62.84
CA PHE DA 109 32.81 -30.13 -61.58
C PHE DA 109 32.71 -31.58 -61.36
N ASP DA 110 32.28 -32.22 -62.38
CA ASP DA 110 31.98 -33.61 -62.35
C ASP DA 110 33.06 -34.46 -61.72
N ILE DA 111 34.31 -34.12 -62.00
CA ILE DA 111 35.40 -34.92 -61.49
C ILE DA 111 36.29 -34.13 -60.55
N CYS DA 112 35.75 -33.11 -59.90
CA CYS DA 112 36.56 -32.31 -58.98
C CYS DA 112 35.89 -31.93 -57.68
N GLY DA 113 36.68 -31.48 -56.72
CA GLY DA 113 36.13 -31.00 -55.45
C GLY DA 113 35.89 -29.51 -55.55
N VAL DA 114 35.27 -28.92 -54.53
CA VAL DA 114 35.05 -27.50 -54.59
C VAL DA 114 35.61 -26.81 -53.34
N GLN DA 115 35.08 -27.15 -52.17
CA GLN DA 115 35.49 -26.51 -50.93
C GLN DA 115 35.49 -24.99 -51.09
N PRO DA 116 34.33 -24.37 -51.31
CA PRO DA 116 34.20 -22.97 -51.62
C PRO DA 116 34.68 -22.14 -50.46
N MET DA 117 35.13 -20.94 -50.78
CA MET DA 117 35.67 -20.01 -49.82
C MET DA 117 34.69 -19.17 -49.04
N ASN DA 118 35.17 -18.70 -47.89
CA ASN DA 118 34.46 -17.79 -47.01
C ASN DA 118 35.44 -16.73 -46.59
N SER DA 119 36.59 -16.83 -47.21
CA SER DA 119 37.75 -15.98 -47.06
C SER DA 119 38.51 -16.11 -48.31
N PRO DA 120 39.07 -15.05 -48.86
CA PRO DA 120 39.87 -15.12 -50.00
C PRO DA 120 41.12 -15.75 -49.51
N THR DA 121 41.87 -16.28 -50.44
CA THR DA 121 43.18 -16.85 -50.20
C THR DA 121 43.23 -17.73 -48.96
N GLY DA 122 42.38 -18.75 -48.90
CA GLY DA 122 42.29 -19.60 -47.72
C GLY DA 122 43.37 -20.67 -47.58
N GLN DA 123 43.18 -21.57 -46.59
CA GLN DA 123 44.15 -22.62 -46.27
C GLN DA 123 43.52 -23.97 -45.99
N VAL DA 124 44.29 -25.04 -46.23
CA VAL DA 124 43.90 -26.45 -46.04
C VAL DA 124 44.96 -27.16 -45.21
N PHE DA 125 44.58 -28.21 -44.49
CA PHE DA 125 45.63 -28.94 -43.77
C PHE DA 125 45.46 -30.42 -43.87
N ALA DA 126 46.42 -31.13 -43.34
CA ALA DA 126 46.38 -32.57 -43.38
C ALA DA 126 47.21 -33.15 -42.27
N LEU DA 127 46.98 -34.41 -41.92
CA LEU DA 127 47.84 -35.02 -40.92
C LEU DA 127 48.33 -36.39 -41.28
N ARG DA 128 49.63 -36.57 -41.13
CA ARG DA 128 50.29 -37.83 -41.38
C ARG DA 128 50.66 -38.50 -40.08
N ALA DA 129 50.40 -39.80 -40.01
CA ALA DA 129 50.80 -40.64 -38.88
C ALA DA 129 52.21 -41.12 -39.15
N VAL DA 130 53.13 -40.88 -38.24
CA VAL DA 130 54.53 -41.23 -38.45
C VAL DA 130 55.11 -41.97 -37.29
N TYR DA 131 56.23 -42.65 -37.50
CA TYR DA 131 56.79 -43.41 -36.40
C TYR DA 131 58.25 -43.14 -36.09
N GLY DA 132 58.67 -43.44 -34.84
CA GLY DA 132 60.06 -43.26 -34.44
C GLY DA 132 60.28 -42.09 -33.46
N LYS DA 133 59.17 -41.55 -32.96
CA LYS DA 133 59.10 -40.47 -31.98
C LYS DA 133 59.71 -39.15 -32.42
N ASP DA 134 59.62 -38.82 -33.69
CA ASP DA 134 60.12 -37.53 -34.12
C ASP DA 134 59.32 -37.05 -35.30
N PRO DA 135 58.33 -36.20 -35.10
CA PRO DA 135 57.48 -35.70 -36.13
C PRO DA 135 58.26 -35.17 -37.33
N VAL DA 136 59.45 -34.60 -37.12
CA VAL DA 136 60.18 -34.10 -38.25
C VAL DA 136 61.59 -34.59 -38.24
N ALA DA 137 61.94 -35.45 -39.16
CA ALA DA 137 63.30 -35.96 -39.17
C ALA DA 137 63.71 -36.42 -40.53
N ALA DA 138 64.99 -36.35 -40.79
CA ALA DA 138 65.47 -36.92 -42.02
C ALA DA 138 65.19 -38.39 -41.94
N GLY DA 139 64.71 -38.96 -43.03
CA GLY DA 139 64.48 -40.39 -43.07
C GLY DA 139 63.14 -40.82 -42.44
N ALA DA 140 62.36 -39.86 -41.94
CA ALA DA 140 61.10 -40.17 -41.29
C ALA DA 140 60.16 -40.88 -42.23
N LYS DA 141 59.37 -41.81 -41.69
CA LYS DA 141 58.40 -42.54 -42.49
C LYS DA 141 57.02 -42.54 -41.88
N GLU DA 142 56.02 -42.59 -42.75
CA GLU DA 142 54.64 -42.67 -42.33
C GLU DA 142 54.24 -44.06 -41.99
N ALA DA 143 53.33 -44.16 -41.05
CA ALA DA 143 52.72 -45.40 -40.62
C ALA DA 143 51.91 -46.11 -41.70
N PHE DA 144 51.21 -45.34 -42.55
CA PHE DA 144 50.32 -45.98 -43.52
C PHE DA 144 50.45 -45.53 -44.96
N HIS DA 145 51.62 -45.16 -45.44
CA HIS DA 145 51.65 -44.71 -46.82
C HIS DA 145 51.27 -45.88 -47.75
N PRO DA 146 50.36 -45.72 -48.73
CA PRO DA 146 49.92 -46.79 -49.59
C PRO DA 146 50.98 -47.43 -50.46
N MET DA 147 52.07 -46.75 -50.74
CA MET DA 147 53.06 -47.35 -51.60
C MET DA 147 54.14 -48.04 -50.84
N TYR DA 148 54.05 -48.04 -49.51
CA TYR DA 148 55.12 -48.68 -48.71
C TYR DA 148 54.52 -49.62 -47.68
N GLY DA 149 55.11 -50.82 -47.53
CA GLY DA 149 54.59 -51.75 -46.55
C GLY DA 149 54.85 -51.23 -45.15
N PRO DA 150 54.09 -51.71 -44.16
CA PRO DA 150 54.22 -51.38 -42.76
C PRO DA 150 55.44 -52.03 -42.17
N ASP DA 151 56.03 -51.43 -41.16
CA ASP DA 151 57.16 -52.09 -40.56
C ASP DA 151 56.71 -53.05 -39.51
N ALA DA 152 56.45 -54.26 -39.94
CA ALA DA 152 55.96 -55.30 -39.07
C ALA DA 152 56.95 -55.59 -37.95
N MET DA 153 58.22 -55.26 -38.12
CA MET DA 153 59.11 -55.57 -37.04
C MET DA 153 59.11 -54.47 -36.02
N PHE DA 154 58.75 -53.25 -36.39
CA PHE DA 154 58.83 -52.13 -35.47
C PHE DA 154 58.07 -52.44 -34.17
N SER DA 155 56.86 -52.94 -34.31
CA SER DA 155 56.00 -53.29 -33.17
C SER DA 155 56.29 -54.68 -32.63
N GLY DA 156 57.15 -55.39 -33.35
CA GLY DA 156 57.54 -56.77 -33.12
C GLY DA 156 58.99 -56.86 -32.68
N GLN DA 157 59.73 -57.83 -33.23
CA GLN DA 157 61.12 -58.06 -32.83
C GLN DA 157 62.02 -56.86 -33.09
N GLY DA 158 61.57 -55.88 -33.85
CA GLY DA 158 62.36 -54.68 -34.14
C GLY DA 158 62.51 -53.84 -32.89
N ALA DA 159 61.73 -54.17 -31.88
CA ALA DA 159 61.83 -53.53 -30.59
C ALA DA 159 62.83 -54.29 -29.72
N ALA DA 160 63.34 -55.41 -30.23
CA ALA DA 160 64.28 -56.22 -29.50
C ALA DA 160 65.68 -55.98 -30.04
N LYS DA 161 65.79 -55.92 -31.38
CA LYS DA 161 67.09 -55.71 -32.00
C LYS DA 161 66.99 -54.84 -33.23
N LYS DA 162 68.13 -54.26 -33.58
CA LYS DA 162 68.25 -53.51 -34.80
C LYS DA 162 68.66 -54.47 -35.89
N PHE DA 163 68.36 -54.15 -37.12
CA PHE DA 163 68.82 -54.99 -38.20
C PHE DA 163 69.73 -54.18 -39.10
N PRO DA 164 70.79 -54.76 -39.65
CA PRO DA 164 71.68 -54.12 -40.57
C PRO DA 164 70.94 -54.01 -41.88
N ALA DA 165 71.25 -52.99 -42.65
CA ALA DA 165 70.69 -52.90 -43.97
C ALA DA 165 71.57 -53.62 -44.97
N LEU DA 166 70.97 -54.03 -46.05
CA LEU DA 166 71.68 -54.60 -47.17
C LEU DA 166 72.38 -53.46 -47.88
N ALA DA 167 73.52 -53.73 -48.48
CA ALA DA 167 74.20 -52.69 -49.21
C ALA DA 167 75.03 -53.31 -50.29
N ALA DA 168 75.42 -52.52 -51.27
CA ALA DA 168 76.19 -53.08 -52.34
C ALA DA 168 77.42 -53.73 -51.81
N SER DA 169 77.70 -54.91 -52.33
CA SER DA 169 78.86 -55.73 -52.06
C SER DA 169 78.81 -56.49 -50.74
N THR DA 170 77.82 -56.23 -49.90
CA THR DA 170 77.87 -56.92 -48.64
C THR DA 170 77.46 -58.32 -48.87
N GLN DA 171 77.79 -59.20 -47.92
CA GLN DA 171 77.45 -60.61 -47.98
C GLN DA 171 76.62 -60.98 -46.79
N THR DA 172 75.59 -61.76 -47.02
CA THR DA 172 74.71 -62.18 -45.95
C THR DA 172 75.24 -63.32 -45.12
N THR DA 173 74.59 -63.53 -43.98
CA THR DA 173 74.84 -64.66 -43.12
C THR DA 173 73.56 -65.43 -43.08
N VAL DA 174 73.63 -66.71 -43.43
CA VAL DA 174 72.42 -67.48 -43.52
C VAL DA 174 71.71 -67.58 -42.22
N GLY DA 175 70.43 -67.29 -42.29
CA GLY DA 175 69.52 -67.31 -41.20
C GLY DA 175 69.38 -65.96 -40.54
N ASP DA 176 70.24 -65.01 -40.86
CA ASP DA 176 70.04 -63.75 -40.20
C ASP DA 176 69.09 -62.91 -41.03
N ILE DA 177 68.79 -61.73 -40.52
CA ILE DA 177 67.87 -60.83 -41.17
C ILE DA 177 68.46 -59.49 -41.49
N TYR DA 178 68.24 -59.09 -42.72
CA TYR DA 178 68.76 -57.85 -43.21
C TYR DA 178 67.63 -56.98 -43.68
N THR DA 179 67.81 -55.68 -43.65
CA THR DA 179 66.74 -54.82 -44.11
C THR DA 179 67.06 -53.90 -45.26
N HIS DA 180 66.03 -53.30 -45.76
CA HIS DA 180 66.14 -52.37 -46.85
C HIS DA 180 64.88 -51.54 -47.01
N PHE DA 181 64.91 -50.64 -47.97
CA PHE DA 181 63.75 -49.88 -48.32
C PHE DA 181 63.71 -49.69 -49.82
N PHE DA 182 62.79 -50.35 -50.48
CA PHE DA 182 62.73 -50.27 -51.91
C PHE DA 182 62.15 -48.94 -52.31
N GLN DA 183 62.60 -48.38 -53.43
CA GLN DA 183 62.07 -47.09 -53.83
C GLN DA 183 60.53 -47.12 -53.94
N GLU DA 184 60.01 -48.25 -54.35
CA GLU DA 184 58.59 -48.51 -54.43
C GLU DA 184 58.43 -49.70 -53.50
N THR DA 185 57.36 -49.77 -52.70
CA THR DA 185 57.04 -50.83 -51.71
C THR DA 185 57.85 -50.73 -50.40
N GLY DA 186 58.96 -50.01 -50.41
CA GLY DA 186 59.70 -49.67 -49.20
C GLY DA 186 60.24 -50.75 -48.32
N THR DA 187 59.88 -50.60 -47.05
CA THR DA 187 60.30 -51.41 -45.95
C THR DA 187 60.22 -52.87 -46.16
N VAL DA 188 61.35 -53.50 -45.95
CA VAL DA 188 61.42 -54.91 -46.08
C VAL DA 188 62.43 -55.49 -45.13
N TYR DA 189 62.15 -56.70 -44.70
CA TYR DA 189 63.08 -57.48 -43.95
C TYR DA 189 63.16 -58.81 -44.65
N LEU DA 190 64.37 -59.23 -44.93
CA LEU DA 190 64.60 -60.47 -45.64
C LEU DA 190 65.51 -61.37 -44.87
N GLN DA 191 65.11 -62.62 -44.72
CA GLN DA 191 65.97 -63.56 -44.05
C GLN DA 191 66.87 -64.15 -45.12
N ALA DA 192 68.13 -64.31 -44.79
CA ALA DA 192 69.06 -64.87 -45.75
C ALA DA 192 69.00 -66.38 -45.84
N SER DA 193 68.64 -66.89 -47.01
CA SER DA 193 68.59 -68.34 -47.17
C SER DA 193 69.96 -68.78 -47.61
N VAL DA 194 70.65 -67.87 -48.32
CA VAL DA 194 71.99 -68.17 -48.78
C VAL DA 194 73.02 -67.08 -48.46
N GLN DA 195 74.28 -67.49 -48.39
CA GLN DA 195 75.41 -66.62 -48.07
C GLN DA 195 75.96 -65.96 -49.32
N VAL DA 196 75.24 -64.97 -49.81
CA VAL DA 196 75.62 -64.32 -51.07
C VAL DA 196 75.75 -62.84 -50.97
N THR DA 197 76.39 -62.26 -51.98
CA THR DA 197 76.52 -60.83 -52.04
C THR DA 197 75.55 -60.21 -52.98
N ILE DA 198 75.39 -58.90 -52.80
CA ILE DA 198 74.51 -58.16 -53.69
C ILE DA 198 75.19 -57.08 -54.52
N ASP DA 199 75.32 -57.34 -55.81
CA ASP DA 199 75.86 -56.39 -56.77
C ASP DA 199 76.91 -55.44 -56.25
N ALA DA 200 78.13 -55.88 -56.11
CA ALA DA 200 79.16 -55.00 -55.64
C ALA DA 200 79.31 -53.75 -56.51
N GLY DA 201 78.84 -53.77 -57.77
CA GLY DA 201 79.01 -52.62 -58.63
C GLY DA 201 77.91 -51.57 -58.46
N ALA DA 202 76.95 -51.82 -57.58
CA ALA DA 202 75.87 -50.87 -57.42
C ALA DA 202 76.26 -49.78 -56.45
N THR DA 203 75.85 -48.57 -56.75
CA THR DA 203 76.02 -47.44 -55.86
C THR DA 203 74.66 -46.82 -55.77
N ASP DA 204 73.92 -47.13 -56.81
CA ASP DA 204 72.59 -46.67 -57.09
C ASP DA 204 71.59 -47.54 -56.40
N ALA DA 205 70.82 -46.96 -55.51
CA ALA DA 205 69.82 -47.73 -54.79
C ALA DA 205 68.90 -48.42 -55.77
N ALA DA 206 68.59 -47.79 -56.90
CA ALA DA 206 67.72 -48.41 -57.87
C ALA DA 206 68.31 -49.71 -58.38
N LYS DA 207 69.64 -49.75 -58.55
CA LYS DA 207 70.26 -50.95 -59.05
C LYS DA 207 70.16 -52.00 -57.98
N LEU DA 208 70.35 -51.59 -56.74
CA LEU DA 208 70.22 -52.57 -55.68
C LEU DA 208 68.82 -53.08 -55.66
N ASP DA 209 67.82 -52.22 -55.82
CA ASP DA 209 66.47 -52.75 -55.78
C ASP DA 209 66.31 -53.84 -56.81
N ALA DA 210 66.85 -53.61 -58.01
CA ALA DA 210 66.72 -54.63 -59.03
C ALA DA 210 67.43 -55.92 -58.65
N GLU DA 211 68.63 -55.82 -58.11
CA GLU DA 211 69.35 -57.04 -57.76
C GLU DA 211 68.66 -57.74 -56.61
N ILE DA 212 68.15 -56.97 -55.68
CA ILE DA 212 67.50 -57.54 -54.54
C ILE DA 212 66.29 -58.29 -55.03
N LYS DA 213 65.52 -57.69 -55.94
CA LYS DA 213 64.39 -58.39 -56.49
C LYS DA 213 64.80 -59.69 -57.13
N LYS DA 214 65.92 -59.70 -57.86
CA LYS DA 214 66.38 -60.93 -58.46
C LYS DA 214 66.66 -61.98 -57.39
N GLN DA 215 67.28 -61.55 -56.31
CA GLN DA 215 67.60 -62.44 -55.20
C GLN DA 215 66.32 -62.91 -54.51
N MET DA 216 65.31 -62.06 -54.43
CA MET DA 216 64.07 -62.48 -53.82
C MET DA 216 63.40 -63.54 -54.70
N GLU DA 217 63.44 -63.34 -56.02
CA GLU DA 217 62.86 -64.30 -56.94
C GLU DA 217 63.57 -65.62 -56.83
N ALA DA 218 64.91 -65.55 -56.75
CA ALA DA 218 65.74 -66.72 -56.59
C ALA DA 218 65.39 -67.46 -55.32
N GLY DA 219 65.04 -66.69 -54.29
CA GLY DA 219 64.70 -67.23 -53.00
C GLY DA 219 65.87 -67.10 -52.07
N ALA DA 220 66.89 -66.34 -52.51
CA ALA DA 220 68.09 -66.08 -51.75
C ALA DA 220 67.76 -65.26 -50.51
N LEU DA 221 66.83 -64.33 -50.71
CA LEU DA 221 66.39 -63.41 -49.67
C LEU DA 221 64.89 -63.51 -49.53
N VAL DA 222 64.40 -63.87 -48.36
CA VAL DA 222 62.98 -64.07 -48.22
C VAL DA 222 62.28 -63.22 -47.17
N GLU DA 223 61.20 -62.59 -47.58
CA GLU DA 223 60.41 -61.70 -46.72
C GLU DA 223 59.97 -62.38 -45.45
N ILE DA 224 60.16 -61.66 -44.35
CA ILE DA 224 59.87 -62.16 -43.02
C ILE DA 224 59.35 -61.12 -42.03
N ALA DA 225 58.59 -61.57 -41.04
CA ALA DA 225 58.12 -60.72 -39.94
C ALA DA 225 57.99 -61.56 -38.68
N GLU DA 226 58.28 -60.97 -37.52
CA GLU DA 226 58.16 -61.69 -36.26
C GLU DA 226 58.03 -60.74 -35.07
N GLY DA 227 57.42 -61.23 -33.99
CA GLY DA 227 57.20 -60.52 -32.71
C GLY DA 227 58.32 -60.67 -31.69
N MET DA 228 58.06 -60.24 -30.46
CA MET DA 228 59.04 -60.28 -29.37
C MET DA 228 58.85 -61.41 -28.37
N ALA DA 229 59.95 -61.87 -27.80
CA ALA DA 229 59.87 -62.78 -26.67
C ALA DA 229 59.24 -62.06 -25.52
N THR DA 230 58.48 -62.76 -24.68
CA THR DA 230 57.89 -62.14 -23.50
C THR DA 230 59.03 -61.72 -22.63
N SER DA 231 60.05 -62.57 -22.59
CA SER DA 231 61.23 -62.31 -21.77
C SER DA 231 61.92 -61.00 -22.10
N ILE DA 232 61.64 -60.45 -23.27
CA ILE DA 232 62.26 -59.22 -23.63
C ILE DA 232 61.23 -58.11 -23.47
N ALA DA 233 60.07 -58.29 -24.06
CA ALA DA 233 59.03 -57.27 -24.06
C ALA DA 233 58.60 -56.90 -22.65
N GLU DA 234 58.54 -57.89 -21.79
CA GLU DA 234 58.11 -57.70 -20.43
C GLU DA 234 58.96 -56.69 -19.68
N LEU DA 235 60.26 -56.62 -19.98
CA LEU DA 235 61.12 -55.76 -19.19
C LEU DA 235 61.59 -54.51 -19.89
N GLN DA 236 60.85 -54.06 -20.87
CA GLN DA 236 61.28 -52.86 -21.56
C GLN DA 236 61.26 -51.66 -20.64
N GLU DA 237 62.01 -50.65 -21.03
CA GLU DA 237 62.21 -49.40 -20.33
C GLU DA 237 62.92 -49.55 -18.99
N GLY DA 238 63.91 -50.44 -18.95
CA GLY DA 238 64.75 -50.65 -17.78
C GLY DA 238 64.06 -51.33 -16.61
N PHE DA 239 63.07 -52.14 -16.90
CA PHE DA 239 62.35 -52.78 -15.85
C PHE DA 239 63.24 -53.80 -15.17
N ASN DA 240 63.15 -53.87 -13.86
CA ASN DA 240 63.87 -54.84 -13.06
C ASN DA 240 65.38 -54.88 -13.27
N GLY DA 241 65.99 -53.72 -13.40
CA GLY DA 241 67.44 -53.65 -13.53
C GLY DA 241 67.97 -53.80 -14.95
N SER DA 242 67.09 -54.05 -15.89
CA SER DA 242 67.51 -54.19 -17.27
C SER DA 242 67.74 -52.79 -17.75
N THR DA 243 68.31 -52.64 -18.94
CA THR DA 243 68.47 -51.30 -19.50
C THR DA 243 68.59 -51.30 -21.00
N ASP DA 244 68.76 -50.10 -21.54
CA ASP DA 244 68.94 -49.85 -22.97
C ASP DA 244 67.89 -50.56 -23.80
N ASN DA 245 66.68 -50.55 -23.33
CA ASN DA 245 65.60 -51.25 -23.98
C ASN DA 245 64.28 -50.53 -24.03
N PRO DA 246 64.19 -49.32 -24.59
CA PRO DA 246 63.01 -48.51 -24.66
C PRO DA 246 62.01 -49.10 -25.62
N TRP DA 247 60.75 -48.77 -25.47
CA TRP DA 247 59.74 -49.22 -26.42
C TRP DA 247 59.77 -48.45 -27.71
N ASN DA 248 59.49 -49.13 -28.81
CA ASN DA 248 59.26 -48.40 -30.04
C ASN DA 248 57.93 -47.65 -29.88
N GLU DA 249 57.88 -46.43 -30.38
CA GLU DA 249 56.66 -45.65 -30.25
C GLU DA 249 56.38 -44.90 -31.54
N MET DA 250 55.14 -44.52 -31.75
CA MET DA 250 54.83 -43.74 -32.93
C MET DA 250 53.81 -42.64 -32.63
N GLY DA 251 53.71 -41.67 -33.53
CA GLY DA 251 52.77 -40.56 -33.40
C GLY DA 251 52.34 -39.99 -34.76
N PHE DA 252 52.20 -38.66 -34.82
CA PHE DA 252 51.75 -38.02 -36.07
C PHE DA 252 52.12 -36.54 -36.00
N ARG DA 253 52.22 -35.89 -37.14
CA ARG DA 253 52.60 -34.48 -37.08
C ARG DA 253 51.48 -33.53 -37.50
N ILE DA 254 51.50 -33.08 -38.76
CA ILE DA 254 50.54 -32.20 -39.40
C ILE DA 254 51.20 -31.71 -40.68
N ASP DA 255 50.42 -31.21 -41.59
CA ASP DA 255 50.88 -30.64 -42.85
C ASP DA 255 49.99 -29.47 -43.25
N LYS DA 256 50.55 -28.41 -43.80
CA LYS DA 256 49.68 -27.32 -44.28
C LYS DA 256 49.95 -26.83 -45.68
N GLN DA 257 48.88 -26.39 -46.34
CA GLN DA 257 49.02 -25.78 -47.64
C GLN DA 257 48.15 -24.53 -47.75
N VAL DA 258 48.54 -23.60 -48.62
CA VAL DA 258 47.70 -22.41 -48.81
C VAL DA 258 47.28 -22.13 -50.26
N ILE DA 259 46.16 -21.43 -50.42
CA ILE DA 259 45.58 -21.13 -51.73
C ILE DA 259 45.44 -19.66 -52.05
N GLU DA 260 45.75 -19.27 -53.28
CA GLU DA 260 45.57 -17.90 -53.75
C GLU DA 260 44.27 -17.76 -54.53
N ALA DA 261 43.39 -16.88 -54.10
CA ALA DA 261 42.09 -16.72 -54.77
C ALA DA 261 42.17 -15.82 -55.99
N LYS DA 262 42.84 -16.34 -57.02
CA LYS DA 262 43.09 -15.60 -58.25
C LYS DA 262 41.79 -15.20 -58.90
N SER DA 263 41.85 -14.07 -59.63
CA SER DA 263 40.65 -13.50 -60.24
C SER DA 263 40.51 -13.54 -61.75
N ARG DA 264 39.28 -13.29 -62.19
CA ARG DA 264 39.00 -13.16 -63.62
C ARG DA 264 37.98 -12.06 -63.80
N GLN DA 265 38.09 -11.31 -64.89
CA GLN DA 265 37.07 -10.30 -65.17
C GLN DA 265 36.96 -9.85 -66.62
N LEU DA 266 35.72 -9.66 -67.09
CA LEU DA 266 35.47 -9.12 -68.44
C LEU DA 266 34.43 -7.99 -68.49
N LYS DA 267 34.54 -7.13 -69.52
CA LYS DA 267 33.54 -6.08 -69.76
C LYS DA 267 32.77 -6.21 -71.07
N ALA DA 268 31.57 -5.62 -71.07
CA ALA DA 268 30.72 -5.55 -72.26
C ALA DA 268 31.04 -4.34 -73.15
N ALA DA 269 31.23 -3.15 -72.55
CA ALA DA 269 31.56 -1.95 -73.33
C ALA DA 269 30.69 -1.77 -74.58
N TYR DA 270 29.41 -1.46 -74.43
CA TYR DA 270 28.53 -1.44 -75.59
C TYR DA 270 27.69 -0.18 -75.73
N SER DA 271 27.20 0.02 -76.94
CA SER DA 271 26.32 1.12 -77.32
C SER DA 271 24.86 0.99 -76.93
N ILE DA 272 24.34 2.03 -76.27
CA ILE DA 272 22.95 2.01 -75.93
C ILE DA 272 22.09 2.12 -77.16
N GLU DA 273 22.55 2.89 -78.15
CA GLU DA 273 21.79 3.06 -79.36
C GLU DA 273 21.63 1.74 -80.04
N LEU DA 274 22.68 0.95 -80.02
CA LEU DA 274 22.55 -0.33 -80.67
C LEU DA 274 21.51 -1.17 -79.99
N ALA DA 275 21.53 -1.22 -78.67
CA ALA DA 275 20.55 -2.04 -77.99
C ALA DA 275 19.13 -1.62 -78.36
N GLN DA 276 18.92 -0.31 -78.49
CA GLN DA 276 17.60 0.18 -78.83
C GLN DA 276 17.15 -0.38 -80.17
N ASP DA 277 18.09 -0.48 -81.10
CA ASP DA 277 17.74 -0.95 -82.41
C ASP DA 277 17.66 -2.45 -82.48
N LEU DA 278 18.48 -3.16 -81.75
CA LEU DA 278 18.40 -4.61 -81.84
C LEU DA 278 17.03 -5.08 -81.40
N ARG DA 279 16.47 -4.40 -80.41
CA ARG DA 279 15.15 -4.75 -79.99
C ARG DA 279 14.23 -4.61 -81.20
N ALA DA 280 14.32 -3.46 -81.89
CA ALA DA 280 13.51 -3.24 -83.09
C ALA DA 280 13.79 -4.20 -84.25
N VAL DA 281 15.04 -4.60 -84.42
CA VAL DA 281 15.47 -5.43 -85.54
C VAL DA 281 15.23 -6.93 -85.34
N HIS DA 282 15.67 -7.50 -84.22
CA HIS DA 282 15.51 -8.93 -84.04
C HIS DA 282 14.71 -9.34 -82.81
N GLY DA 283 14.15 -8.38 -82.06
CA GLY DA 283 13.45 -8.73 -80.83
C GLY DA 283 14.46 -9.01 -79.72
N MET DA 284 15.69 -8.54 -79.93
CA MET DA 284 16.76 -8.79 -78.99
C MET DA 284 17.20 -7.51 -78.34
N ASP DA 285 17.17 -7.43 -77.03
CA ASP DA 285 17.66 -6.19 -76.42
C ASP DA 285 19.17 -6.31 -76.47
N ALA DA 286 19.58 -7.56 -76.36
CA ALA DA 286 20.91 -8.06 -76.34
C ALA DA 286 21.76 -7.53 -75.19
N ASP DA 287 21.19 -6.89 -74.19
CA ASP DA 287 22.03 -6.56 -73.06
C ASP DA 287 22.10 -7.82 -72.28
N ALA DA 288 20.96 -8.51 -72.23
CA ALA DA 288 20.89 -9.77 -71.53
C ALA DA 288 21.86 -10.73 -72.21
N GLU DA 289 21.91 -10.60 -73.53
CA GLU DA 289 22.78 -11.43 -74.41
C GLU DA 289 24.24 -11.13 -74.08
N LEU DA 290 24.59 -9.85 -73.90
CA LEU DA 290 25.96 -9.56 -73.58
C LEU DA 290 26.32 -10.12 -72.24
N SER DA 291 25.40 -10.02 -71.30
CA SER DA 291 25.65 -10.56 -70.00
C SER DA 291 25.90 -12.05 -70.13
N GLY DA 292 25.01 -12.73 -70.86
CA GLY DA 292 25.11 -14.16 -71.08
C GLY DA 292 26.41 -14.55 -71.76
N ILE DA 293 26.85 -13.75 -72.71
CA ILE DA 293 28.06 -14.06 -73.43
C ILE DA 293 29.22 -14.00 -72.50
N LEU DA 294 29.32 -12.93 -71.73
CA LEU DA 294 30.47 -12.80 -70.88
C LEU DA 294 30.46 -13.88 -69.83
N ALA DA 295 29.28 -14.15 -69.27
CA ALA DA 295 29.19 -15.16 -68.25
C ALA DA 295 29.58 -16.51 -68.80
N THR DA 296 29.11 -16.79 -70.01
CA THR DA 296 29.38 -18.03 -70.66
C THR DA 296 30.83 -18.19 -70.89
N GLU DA 297 31.46 -17.15 -71.40
CA GLU DA 297 32.84 -17.28 -71.71
C GLU DA 297 33.64 -17.50 -70.46
N ILE DA 298 33.33 -16.78 -69.38
CA ILE DA 298 34.18 -16.96 -68.23
C ILE DA 298 34.04 -18.35 -67.67
N MET DA 299 32.83 -18.85 -67.52
CA MET DA 299 32.69 -20.17 -66.94
C MET DA 299 33.30 -21.21 -67.86
N LEU DA 300 33.26 -20.96 -69.16
CA LEU DA 300 33.83 -21.87 -70.11
C LEU DA 300 35.33 -21.87 -69.99
N GLU DA 301 35.91 -20.66 -69.86
CA GLU DA 301 37.37 -20.49 -69.70
C GLU DA 301 37.83 -21.24 -68.45
N ILE DA 302 37.04 -21.17 -67.37
CA ILE DA 302 37.39 -21.85 -66.15
C ILE DA 302 37.30 -23.33 -66.36
N ASN DA 303 36.23 -23.78 -66.99
CA ASN DA 303 36.14 -25.19 -67.17
C ASN DA 303 37.38 -25.71 -67.86
N ARG DA 304 37.80 -25.02 -68.91
CA ARG DA 304 38.98 -25.50 -69.57
C ARG DA 304 40.18 -25.44 -68.64
N GLU DA 305 40.30 -24.36 -67.87
CA GLU DA 305 41.42 -24.24 -66.97
C GLU DA 305 41.54 -25.46 -66.09
N VAL DA 306 40.43 -25.90 -65.54
CA VAL DA 306 40.46 -27.04 -64.67
C VAL DA 306 40.97 -28.25 -65.42
N VAL DA 307 40.45 -28.47 -66.62
CA VAL DA 307 40.88 -29.61 -67.40
C VAL DA 307 42.37 -29.58 -67.64
N ASP DA 308 42.88 -28.42 -68.00
CA ASP DA 308 44.30 -28.33 -68.20
C ASP DA 308 45.08 -28.53 -66.93
N TRP DA 309 44.60 -28.08 -65.78
CA TRP DA 309 45.41 -28.37 -64.60
C TRP DA 309 45.45 -29.86 -64.36
N ILE DA 310 44.38 -30.52 -64.72
CA ILE DA 310 44.40 -31.95 -64.59
C ILE DA 310 45.44 -32.49 -65.54
N ASN DA 311 45.42 -32.05 -66.78
CA ASN DA 311 46.39 -32.54 -67.73
C ASN DA 311 47.84 -32.27 -67.30
N TYR DA 312 48.05 -31.05 -66.79
CA TYR DA 312 49.40 -30.58 -66.36
C TYR DA 312 49.91 -31.42 -65.19
N SER DA 313 49.05 -31.66 -64.19
CA SER DA 313 49.44 -32.41 -63.04
C SER DA 313 49.36 -33.92 -63.20
N ALA DA 314 48.60 -34.41 -64.17
CA ALA DA 314 48.50 -35.85 -64.34
C ALA DA 314 49.85 -36.45 -64.63
N GLN DA 315 50.09 -37.59 -64.04
CA GLN DA 315 51.33 -38.28 -64.20
C GLN DA 315 51.27 -39.08 -65.47
N VAL DA 316 52.42 -39.43 -66.00
CA VAL DA 316 52.39 -40.26 -67.18
C VAL DA 316 51.87 -41.63 -66.77
N GLY DA 317 50.85 -42.12 -67.47
CA GLY DA 317 50.29 -43.43 -67.18
C GLY DA 317 51.02 -44.41 -68.03
N LYS DA 318 50.67 -45.69 -67.96
CA LYS DA 318 51.35 -46.68 -68.77
C LYS DA 318 52.83 -46.40 -68.58
N SER DA 319 53.22 -46.45 -67.32
CA SER DA 319 54.53 -46.09 -66.83
C SER DA 319 54.77 -46.87 -65.57
N GLY DA 320 56.02 -47.02 -65.17
CA GLY DA 320 56.25 -47.69 -63.91
C GLY DA 320 55.66 -49.09 -63.87
N MET DA 321 54.80 -49.30 -62.88
CA MET DA 321 54.16 -50.56 -62.63
C MET DA 321 53.09 -50.92 -63.63
N THR DA 322 52.75 -50.00 -64.53
CA THR DA 322 51.71 -50.27 -65.50
C THR DA 322 52.26 -50.60 -66.88
N LEU DA 323 53.54 -50.89 -66.93
CA LEU DA 323 54.26 -51.28 -68.12
C LEU DA 323 54.42 -52.77 -68.33
N THR DA 324 54.90 -53.09 -69.53
CA THR DA 324 55.31 -54.41 -69.96
C THR DA 324 56.74 -54.20 -70.48
N PRO DA 325 57.58 -55.22 -70.56
CA PRO DA 325 58.95 -55.13 -71.06
C PRO DA 325 59.15 -54.43 -72.41
N GLY DA 326 58.20 -54.58 -73.33
CA GLY DA 326 58.34 -53.95 -74.66
C GLY DA 326 57.63 -52.61 -74.81
N SER DA 327 57.15 -52.06 -73.71
CA SER DA 327 56.37 -50.83 -73.66
C SER DA 327 57.10 -49.53 -73.99
N LYS DA 328 56.31 -48.46 -74.22
CA LYS DA 328 56.84 -47.15 -74.59
C LYS DA 328 56.64 -46.00 -73.60
N ALA DA 329 56.27 -46.29 -72.37
CA ALA DA 329 56.14 -45.27 -71.30
C ALA DA 329 55.24 -44.05 -71.60
N GLY DA 330 53.92 -44.21 -71.50
CA GLY DA 330 53.00 -43.10 -71.70
C GLY DA 330 52.20 -43.03 -72.98
N VAL DA 331 52.41 -43.96 -73.89
CA VAL DA 331 51.66 -43.96 -75.13
C VAL DA 331 51.18 -45.35 -75.48
N PHE DA 332 49.94 -45.45 -75.92
CA PHE DA 332 49.40 -46.73 -76.36
C PHE DA 332 49.35 -46.74 -77.87
N ASP DA 333 50.14 -47.61 -78.47
CA ASP DA 333 50.21 -47.69 -79.92
C ASP DA 333 49.44 -48.88 -80.47
N PHE DA 334 48.35 -48.62 -81.15
CA PHE DA 334 47.54 -49.70 -81.69
C PHE DA 334 48.25 -50.53 -82.74
N GLN DA 335 49.34 -50.02 -83.28
CA GLN DA 335 50.08 -50.75 -84.29
C GLN DA 335 51.21 -51.56 -83.66
N ASP DA 336 51.36 -51.47 -82.35
CA ASP DA 336 52.43 -52.16 -81.65
C ASP DA 336 51.90 -53.46 -81.02
N PRO DA 337 52.40 -54.65 -81.42
CA PRO DA 337 51.95 -55.95 -80.99
C PRO DA 337 52.07 -56.16 -79.49
N ILE DA 338 52.93 -55.38 -78.85
CA ILE DA 338 53.11 -55.55 -77.43
C ILE DA 338 51.93 -54.93 -76.72
N ASP DA 339 51.62 -53.70 -77.07
CA ASP DA 339 50.52 -52.99 -76.45
C ASP DA 339 49.21 -53.71 -76.64
N ILE DA 340 49.06 -54.37 -77.78
CA ILE DA 340 47.80 -55.04 -77.99
C ILE DA 340 47.85 -56.52 -77.63
N ARG DA 341 48.93 -56.92 -76.95
CA ARG DA 341 49.12 -58.31 -76.46
C ARG DA 341 48.89 -59.36 -77.55
N GLY DA 342 49.39 -59.12 -78.77
CA GLY DA 342 49.31 -60.09 -79.85
C GLY DA 342 47.94 -60.12 -80.52
N ALA DA 343 47.04 -59.25 -80.08
CA ALA DA 343 45.69 -59.22 -80.60
C ALA DA 343 45.69 -59.03 -82.08
N ARG DA 344 44.66 -59.59 -82.67
CA ARG DA 344 44.40 -59.56 -84.07
C ARG DA 344 43.70 -58.23 -84.33
N TRP DA 345 42.86 -58.20 -85.35
CA TRP DA 345 42.20 -57.01 -85.82
C TRP DA 345 41.56 -56.20 -84.70
N ALA DA 346 41.00 -55.08 -85.09
CA ALA DA 346 40.47 -54.08 -84.18
C ALA DA 346 39.47 -54.65 -83.18
N GLY DA 347 38.67 -55.62 -83.58
CA GLY DA 347 37.67 -56.20 -82.70
C GLY DA 347 38.26 -56.87 -81.46
N GLU DA 348 39.58 -57.12 -81.48
CA GLU DA 348 40.34 -57.68 -80.38
C GLU DA 348 41.29 -56.61 -79.83
N SER DA 349 41.88 -55.83 -80.72
CA SER DA 349 42.85 -54.83 -80.32
C SER DA 349 42.21 -53.76 -79.45
N PHE DA 350 41.03 -53.31 -79.82
CA PHE DA 350 40.38 -52.30 -79.03
C PHE DA 350 40.20 -52.76 -77.59
N LYS DA 351 39.85 -54.01 -77.42
CA LYS DA 351 39.69 -54.56 -76.09
C LYS DA 351 41.01 -54.47 -75.33
N ALA DA 352 42.13 -54.63 -76.04
CA ALA DA 352 43.42 -54.52 -75.36
C ALA DA 352 43.58 -53.15 -74.73
N LEU DA 353 43.07 -52.11 -75.40
CA LEU DA 353 43.18 -50.79 -74.80
C LEU DA 353 42.37 -50.77 -73.52
N LEU DA 354 41.18 -51.33 -73.57
CA LEU DA 354 40.35 -51.29 -72.37
C LEU DA 354 41.06 -51.98 -71.22
N PHE DA 355 41.76 -53.08 -71.52
CA PHE DA 355 42.53 -53.78 -70.50
C PHE DA 355 43.56 -52.86 -69.91
N GLN DA 356 44.32 -52.17 -70.77
CA GLN DA 356 45.35 -51.27 -70.30
C GLN DA 356 44.75 -50.16 -69.44
N ILE DA 357 43.55 -49.70 -69.80
CA ILE DA 357 42.93 -48.67 -69.02
C ILE DA 357 42.66 -49.17 -67.62
N ASP DA 358 42.10 -50.37 -67.49
CA ASP DA 358 41.88 -50.89 -66.16
C ASP DA 358 43.18 -51.00 -65.41
N LYS DA 359 44.21 -51.50 -66.08
CA LYS DA 359 45.49 -51.68 -65.43
C LYS DA 359 45.91 -50.37 -64.78
N GLU DA 360 45.71 -49.27 -65.52
CA GLU DA 360 46.07 -47.91 -65.04
C GLU DA 360 45.13 -47.48 -63.90
N ALA DA 361 43.83 -47.80 -63.99
CA ALA DA 361 42.88 -47.40 -62.95
C ALA DA 361 43.20 -48.05 -61.64
N VAL DA 362 43.66 -49.28 -61.71
CA VAL DA 362 44.03 -50.03 -60.54
C VAL DA 362 45.26 -49.37 -59.92
N GLU DA 363 46.25 -49.05 -60.73
CA GLU DA 363 47.42 -48.37 -60.22
C GLU DA 363 47.04 -47.06 -59.56
N ILE DA 364 46.06 -46.37 -60.12
CA ILE DA 364 45.63 -45.14 -59.49
C ILE DA 364 45.14 -45.47 -58.12
N ALA DA 365 44.31 -46.52 -57.99
CA ALA DA 365 43.79 -46.84 -56.67
C ALA DA 365 44.87 -46.97 -55.66
N ARG DA 366 45.92 -47.66 -56.12
CA ARG DA 366 47.07 -47.98 -55.34
C ARG DA 366 47.83 -46.76 -54.90
N GLN DA 367 48.21 -45.93 -55.85
CA GLN DA 367 49.03 -44.80 -55.51
C GLN DA 367 48.36 -43.84 -54.57
N THR DA 368 47.08 -43.55 -54.78
CA THR DA 368 46.44 -42.62 -53.88
C THR DA 368 46.15 -43.26 -52.57
N GLY DA 369 45.77 -44.53 -52.60
CA GLY DA 369 45.38 -45.24 -51.42
C GLY DA 369 43.95 -44.87 -51.09
N ARG DA 370 43.29 -44.18 -52.02
CA ARG DA 370 41.92 -43.68 -51.76
C ARG DA 370 40.87 -44.34 -52.67
N GLY DA 371 41.27 -45.16 -53.64
CA GLY DA 371 40.20 -45.74 -54.47
C GLY DA 371 40.48 -45.75 -55.96
N GLU DA 372 39.92 -46.75 -56.61
CA GLU DA 372 40.08 -47.01 -58.05
C GLU DA 372 39.57 -45.91 -58.92
N GLY DA 373 40.34 -45.61 -59.98
CA GLY DA 373 39.96 -44.56 -60.89
C GLY DA 373 38.50 -44.77 -61.25
N ASN DA 374 37.79 -43.67 -61.39
CA ASN DA 374 36.37 -43.76 -61.66
C ASN DA 374 35.85 -42.79 -62.71
N PHE DA 375 36.77 -42.15 -63.42
CA PHE DA 375 36.38 -41.32 -64.53
C PHE DA 375 37.50 -41.19 -65.53
N ILE DA 376 37.11 -40.92 -66.77
CA ILE DA 376 38.08 -40.67 -67.80
C ILE DA 376 37.66 -39.51 -68.69
N ILE DA 377 38.56 -38.60 -69.01
CA ILE DA 377 38.25 -37.59 -70.01
C ILE DA 377 39.12 -37.92 -71.20
N ALA DA 378 38.52 -38.02 -72.38
CA ALA DA 378 39.33 -38.42 -73.52
C ALA DA 378 38.99 -37.75 -74.83
N SER DA 379 39.88 -37.98 -75.80
CA SER DA 379 39.74 -37.50 -77.16
C SER DA 379 38.60 -38.17 -77.88
N ARG DA 380 38.21 -37.56 -78.99
CA ARG DA 380 37.14 -38.07 -79.82
C ARG DA 380 37.42 -39.47 -80.29
N ASN DA 381 38.67 -39.74 -80.64
CA ASN DA 381 39.00 -41.04 -81.15
C ASN DA 381 38.79 -42.11 -80.11
N VAL DA 382 39.19 -41.81 -78.89
CA VAL DA 382 39.04 -42.79 -77.83
C VAL DA 382 37.60 -43.08 -77.61
N VAL DA 383 36.80 -42.03 -77.57
CA VAL DA 383 35.40 -42.18 -77.33
C VAL DA 383 34.74 -42.99 -78.42
N ASN DA 384 35.09 -42.70 -79.66
CA ASN DA 384 34.49 -43.41 -80.77
C ASN DA 384 34.75 -44.88 -80.65
N VAL DA 385 35.93 -45.23 -80.17
CA VAL DA 385 36.23 -46.61 -79.94
C VAL DA 385 35.38 -47.17 -78.85
N LEU DA 386 35.28 -46.48 -77.73
CA LEU DA 386 34.55 -47.06 -76.62
C LEU DA 386 33.12 -47.38 -77.00
N ALA DA 387 32.52 -46.52 -77.81
CA ALA DA 387 31.15 -46.68 -78.19
C ALA DA 387 30.91 -47.70 -79.29
N SER DA 388 31.97 -48.17 -79.92
CA SER DA 388 31.87 -49.04 -81.08
C SER DA 388 32.35 -50.43 -80.82
N VAL DA 389 32.66 -50.72 -79.58
CA VAL DA 389 33.17 -52.04 -79.29
C VAL DA 389 32.42 -52.66 -78.17
N ASP DA 390 32.56 -53.96 -78.05
CA ASP DA 390 31.92 -54.59 -76.93
C ASP DA 390 32.84 -54.48 -75.73
N THR DA 391 32.47 -53.65 -74.78
CA THR DA 391 33.29 -53.38 -73.63
C THR DA 391 33.14 -54.46 -72.56
N GLY DA 392 32.16 -55.34 -72.74
CA GLY DA 392 31.94 -56.36 -71.74
C GLY DA 392 32.90 -57.50 -72.02
N ILE DA 393 32.79 -58.56 -71.25
CA ILE DA 393 33.69 -59.66 -71.48
C ILE DA 393 33.08 -60.61 -72.45
N SER DA 394 33.69 -60.69 -73.60
CA SER DA 394 33.16 -61.49 -74.69
C SER DA 394 34.26 -61.88 -75.63
N TYR DA 395 33.96 -62.78 -76.56
CA TYR DA 395 34.98 -63.26 -77.48
C TYR DA 395 35.63 -62.15 -78.31
N ALA DA 396 34.84 -61.40 -79.07
CA ALA DA 396 35.38 -60.29 -79.86
C ALA DA 396 34.23 -59.50 -80.39
N ALA DA 397 34.36 -58.19 -80.61
CA ALA DA 397 33.26 -57.51 -81.31
C ALA DA 397 33.49 -56.03 -81.55
N GLN DA 398 32.89 -55.56 -82.64
CA GLN DA 398 32.82 -54.13 -82.93
C GLN DA 398 31.77 -53.87 -83.99
N GLY DA 399 31.42 -52.59 -84.17
CA GLY DA 399 30.47 -52.16 -85.20
C GLY DA 399 30.27 -50.66 -85.12
N LEU DA 400 29.12 -50.17 -85.57
CA LEU DA 400 28.85 -48.74 -85.51
C LEU DA 400 28.76 -48.32 -84.07
N ALA DA 401 29.18 -47.11 -83.78
CA ALA DA 401 29.09 -46.62 -82.43
C ALA DA 401 27.65 -46.49 -81.97
N THR DA 402 27.33 -47.10 -80.83
CA THR DA 402 26.01 -47.02 -80.26
C THR DA 402 26.14 -46.89 -78.77
N GLY DA 403 27.32 -47.32 -78.30
CA GLY DA 403 27.62 -47.49 -76.87
C GLY DA 403 27.54 -46.27 -75.98
N PHE DA 404 27.86 -45.10 -76.51
CA PHE DA 404 27.86 -43.91 -75.71
C PHE DA 404 27.50 -42.72 -76.55
N SER DA 405 27.42 -41.57 -75.92
CA SER DA 405 27.16 -40.35 -76.64
C SER DA 405 28.45 -39.70 -77.07
N THR DA 406 28.61 -39.61 -78.37
CA THR DA 406 29.79 -39.09 -79.01
C THR DA 406 29.59 -37.66 -79.46
N ASP DA 407 28.35 -37.19 -79.37
CA ASP DA 407 28.03 -35.89 -79.90
C ASP DA 407 28.12 -34.77 -78.86
N THR DA 408 29.16 -33.94 -79.00
CA THR DA 408 29.51 -32.87 -78.08
C THR DA 408 28.49 -31.74 -78.13
N THR DA 409 27.64 -31.80 -79.14
CA THR DA 409 26.59 -30.85 -79.34
C THR DA 409 25.65 -30.92 -78.16
N LYS DA 410 25.40 -32.14 -77.68
CA LYS DA 410 24.47 -32.32 -76.61
C LYS DA 410 25.18 -32.46 -75.28
N SER DA 411 26.27 -33.20 -75.23
CA SER DA 411 26.89 -33.41 -73.93
C SER DA 411 28.39 -33.46 -73.92
N VAL DA 412 28.91 -33.80 -72.76
CA VAL DA 412 30.33 -33.93 -72.55
C VAL DA 412 30.51 -35.23 -71.89
N PHE DA 413 29.38 -35.75 -71.48
CA PHE DA 413 29.31 -36.99 -70.75
C PHE DA 413 28.83 -38.04 -71.71
N ALA DA 414 29.70 -38.99 -71.98
CA ALA DA 414 29.41 -40.01 -72.95
C ALA DA 414 28.56 -41.10 -72.31
N GLY DA 415 28.83 -41.37 -71.05
CA GLY DA 415 28.12 -42.42 -70.30
C GLY DA 415 29.07 -43.07 -69.31
N VAL DA 416 28.73 -44.25 -68.79
CA VAL DA 416 29.63 -44.86 -67.82
C VAL DA 416 30.23 -46.14 -68.39
N LEU DA 417 31.54 -46.16 -68.51
CA LEU DA 417 32.21 -47.25 -69.16
C LEU DA 417 32.30 -48.45 -68.31
N GLY DA 418 31.58 -49.49 -68.73
CA GLY DA 418 31.53 -50.76 -68.04
C GLY DA 418 30.75 -50.63 -66.75
N GLY DA 419 30.10 -49.50 -66.55
CA GLY DA 419 29.45 -49.28 -65.27
C GLY DA 419 30.48 -48.83 -64.23
N LYS DA 420 31.74 -48.63 -64.66
CA LYS DA 420 32.78 -48.25 -63.74
C LYS DA 420 33.32 -46.86 -63.90
N TYR DA 421 33.60 -46.41 -65.12
CA TYR DA 421 34.26 -45.08 -65.23
C TYR DA 421 33.34 -44.06 -65.90
N ARG DA 422 33.10 -42.92 -65.24
CA ARG DA 422 32.28 -41.94 -65.89
C ARG DA 422 33.14 -41.43 -67.02
N VAL DA 423 32.67 -41.58 -68.24
CA VAL DA 423 33.50 -41.17 -69.36
C VAL DA 423 32.94 -39.94 -70.02
N TYR DA 424 33.87 -39.01 -70.16
CA TYR DA 424 33.66 -37.71 -70.70
C TYR DA 424 34.54 -37.41 -71.88
N ILE DA 425 34.12 -36.44 -72.66
CA ILE DA 425 34.88 -36.08 -73.84
C ILE DA 425 35.44 -34.67 -73.82
N ASP DA 426 36.70 -34.57 -74.18
CA ASP DA 426 37.34 -33.28 -74.27
C ASP DA 426 37.22 -32.72 -75.68
N GLN DA 427 36.31 -31.79 -75.92
CA GLN DA 427 36.14 -31.33 -77.29
C GLN DA 427 37.31 -30.47 -77.73
N TYR DA 428 38.18 -30.08 -76.79
CA TYR DA 428 39.30 -29.26 -77.14
C TYR DA 428 40.61 -29.97 -77.00
N ALA DA 429 40.59 -31.30 -77.02
CA ALA DA 429 41.86 -32.00 -76.91
C ALA DA 429 42.75 -31.50 -78.03
N LYS DA 430 44.02 -31.26 -77.72
CA LYS DA 430 44.89 -30.77 -78.78
C LYS DA 430 45.35 -31.85 -79.74
N GLN DA 431 45.64 -33.04 -79.24
CA GLN DA 431 46.10 -34.07 -80.15
C GLN DA 431 45.29 -35.36 -80.06
N ASP DA 432 45.65 -36.24 -79.12
CA ASP DA 432 44.95 -37.51 -78.95
C ASP DA 432 45.44 -38.27 -77.73
N TYR DA 433 44.68 -38.26 -76.66
CA TYR DA 433 45.08 -38.87 -75.42
C TYR DA 433 43.86 -39.09 -74.56
N PHE DA 434 44.07 -39.74 -73.44
CA PHE DA 434 43.04 -39.80 -72.42
C PHE DA 434 43.65 -39.72 -71.04
N THR DA 435 42.87 -39.22 -70.08
CA THR DA 435 43.30 -39.16 -68.70
C THR DA 435 42.31 -39.87 -67.81
N VAL DA 436 42.85 -40.76 -67.00
CA VAL DA 436 42.07 -41.56 -66.08
C VAL DA 436 42.32 -41.02 -64.70
N GLY DA 437 41.28 -40.92 -63.90
CA GLY DA 437 41.51 -40.43 -62.57
C GLY DA 437 40.48 -40.87 -61.57
N TYR DA 438 40.71 -40.44 -60.34
CA TYR DA 438 39.86 -40.80 -59.23
C TYR DA 438 39.32 -39.69 -58.41
N LYS DA 439 38.06 -39.80 -58.09
CA LYS DA 439 37.44 -38.92 -57.14
C LYS DA 439 36.62 -39.70 -56.12
N GLY DA 440 36.82 -39.39 -54.85
CA GLY DA 440 36.10 -40.07 -53.80
C GLY DA 440 34.76 -39.40 -53.53
N PRO DA 441 33.98 -39.91 -52.56
CA PRO DA 441 32.69 -39.40 -52.14
C PRO DA 441 32.77 -38.00 -51.54
N ASN DA 442 33.93 -37.63 -51.06
CA ASN DA 442 34.14 -36.33 -50.48
C ASN DA 442 34.47 -35.37 -51.60
N GLU DA 443 34.66 -34.10 -51.21
CA GLU DA 443 35.03 -33.02 -52.16
C GLU DA 443 36.52 -32.72 -51.96
N MET DA 444 37.06 -33.09 -50.79
CA MET DA 444 38.46 -32.88 -50.49
C MET DA 444 39.26 -33.99 -51.13
N ASP DA 445 38.70 -35.19 -51.13
CA ASP DA 445 39.37 -36.35 -51.69
C ASP DA 445 39.14 -36.40 -53.19
N ALA DA 446 39.73 -35.44 -53.88
CA ALA DA 446 39.55 -35.34 -55.32
C ALA DA 446 40.84 -35.06 -56.06
N GLY DA 447 41.91 -34.79 -55.35
CA GLY DA 447 43.16 -34.41 -56.02
C GLY DA 447 43.13 -32.94 -56.41
N ILE DA 448 42.20 -32.60 -57.29
CA ILE DA 448 41.98 -31.24 -57.77
C ILE DA 448 40.66 -30.67 -57.36
N TYR DA 449 40.73 -29.46 -56.79
CA TYR DA 449 39.52 -28.74 -56.30
C TYR DA 449 39.56 -27.26 -56.73
N TYR DA 450 38.36 -26.71 -56.90
CA TYR DA 450 38.11 -25.29 -57.25
C TYR DA 450 37.33 -24.69 -56.08
N ALA DA 451 37.76 -23.54 -55.55
CA ALA DA 451 37.12 -22.97 -54.37
C ALA DA 451 36.64 -21.55 -54.51
N PRO DA 452 35.52 -21.30 -55.16
CA PRO DA 452 35.07 -19.97 -55.47
C PRO DA 452 34.83 -19.18 -54.22
N TYR DA 453 35.16 -17.90 -54.32
CA TYR DA 453 34.98 -16.90 -53.30
C TYR DA 453 33.98 -15.88 -53.83
N VAL DA 454 34.22 -15.45 -55.05
CA VAL DA 454 33.39 -14.53 -55.77
C VAL DA 454 33.02 -15.22 -57.06
N ALA DA 455 31.76 -15.28 -57.43
CA ALA DA 455 31.49 -15.96 -58.69
C ALA DA 455 30.32 -15.37 -59.41
N LEU DA 456 30.50 -15.21 -60.72
CA LEU DA 456 29.47 -14.73 -61.62
C LEU DA 456 28.90 -13.45 -61.06
N THR DA 457 29.76 -12.59 -60.53
CA THR DA 457 29.26 -11.38 -59.94
C THR DA 457 29.22 -10.32 -61.00
N PRO DA 458 28.06 -9.74 -61.30
CA PRO DA 458 27.92 -8.74 -62.32
C PRO DA 458 28.44 -7.42 -61.85
N LEU DA 459 28.83 -6.63 -62.80
CA LEU DA 459 29.17 -5.25 -62.59
C LEU DA 459 28.18 -4.49 -63.43
N ARG DA 460 27.69 -3.38 -62.91
CA ARG DA 460 26.76 -2.55 -63.64
C ARG DA 460 27.04 -1.09 -63.38
N GLY DA 461 26.68 -0.25 -64.33
CA GLY DA 461 26.80 1.19 -64.15
C GLY DA 461 26.61 1.92 -65.46
N SER DA 462 27.26 3.07 -65.54
CA SER DA 462 27.23 3.95 -66.71
C SER DA 462 28.44 4.84 -66.62
N ASP DA 463 28.86 5.43 -67.74
CA ASP DA 463 29.88 6.47 -67.70
C ASP DA 463 29.18 7.82 -67.78
N PRO DA 464 29.11 8.60 -66.70
CA PRO DA 464 28.42 9.86 -66.53
C PRO DA 464 28.69 10.85 -67.64
N LYS DA 465 29.85 10.75 -68.29
CA LYS DA 465 30.12 11.71 -69.33
C LYS DA 465 29.05 11.69 -70.38
N ASN DA 466 28.65 10.48 -70.79
CA ASN DA 466 27.70 10.27 -71.85
C ASN DA 466 26.64 9.24 -71.56
N PHE DA 467 26.62 8.75 -70.35
CA PHE DA 467 25.67 7.77 -69.88
C PHE DA 467 25.69 6.46 -70.64
N GLN DA 468 26.75 6.17 -71.36
CA GLN DA 468 26.78 4.89 -72.01
C GLN DA 468 26.89 3.87 -70.89
N PRO DA 469 26.19 2.74 -70.98
CA PRO DA 469 26.10 1.70 -69.98
C PRO DA 469 27.38 0.95 -69.68
N VAL DA 470 27.47 0.48 -68.46
CA VAL DA 470 28.54 -0.37 -67.99
C VAL DA 470 27.96 -1.69 -67.54
N MET DA 471 28.60 -2.73 -68.03
CA MET DA 471 28.28 -4.09 -67.74
C MET DA 471 29.53 -4.96 -67.82
N GLY DA 472 29.58 -5.97 -66.94
CA GLY DA 472 30.66 -6.95 -66.92
C GLY DA 472 30.48 -7.96 -65.80
N PHE DA 473 31.45 -8.87 -65.67
CA PHE DA 473 31.35 -9.93 -64.62
C PHE DA 473 32.74 -10.27 -64.06
N LYS DA 474 32.79 -10.55 -62.76
CA LYS DA 474 34.01 -10.92 -62.06
C LYS DA 474 33.88 -12.18 -61.19
N THR DA 475 35.04 -12.74 -60.92
CA THR DA 475 35.20 -13.91 -60.05
C THR DA 475 36.57 -14.00 -59.40
N ARG DA 476 36.59 -14.67 -58.26
CA ARG DA 476 37.79 -14.99 -57.50
C ARG DA 476 37.64 -16.39 -56.97
N TYR DA 477 38.64 -17.26 -57.14
CA TYR DA 477 38.37 -18.64 -56.65
C TYR DA 477 39.61 -19.33 -56.08
N GLY DA 478 40.69 -19.45 -56.85
CA GLY DA 478 41.80 -20.23 -56.37
C GLY DA 478 41.49 -21.70 -56.61
N ILE DA 479 42.52 -22.42 -56.90
CA ILE DA 479 42.45 -23.83 -57.18
C ILE DA 479 43.54 -24.51 -56.42
N GLY DA 480 43.51 -25.80 -56.33
CA GLY DA 480 44.67 -26.41 -55.73
C GLY DA 480 44.73 -27.90 -55.76
N ILE DA 481 45.86 -28.37 -55.24
CA ILE DA 481 46.25 -29.75 -55.16
C ILE DA 481 46.08 -30.33 -53.77
N ASN DA 482 45.51 -31.49 -53.72
CA ASN DA 482 45.28 -32.22 -52.49
C ASN DA 482 46.57 -32.54 -51.77
N PRO DA 483 46.67 -32.30 -50.48
CA PRO DA 483 47.78 -32.69 -49.68
C PRO DA 483 47.97 -34.15 -49.89
N PHE DA 484 49.22 -34.54 -49.97
CA PHE DA 484 49.68 -35.89 -50.20
C PHE DA 484 49.48 -36.34 -51.64
N ALA DA 485 48.99 -35.48 -52.53
CA ALA DA 485 48.82 -35.88 -53.93
C ALA DA 485 50.13 -36.29 -54.55
N GLU DA 486 51.24 -35.69 -54.11
CA GLU DA 486 52.53 -36.03 -54.67
C GLU DA 486 52.85 -37.52 -54.55
N SER DA 487 52.53 -38.12 -53.40
CA SER DA 487 52.75 -39.54 -53.04
C SER DA 487 54.23 -39.92 -52.83
N ALA DA 488 55.14 -39.13 -53.35
CA ALA DA 488 56.56 -39.44 -53.31
C ALA DA 488 57.27 -39.08 -52.03
N ALA DA 489 56.57 -38.51 -51.07
CA ALA DA 489 57.23 -38.09 -49.85
C ALA DA 489 56.36 -38.19 -48.65
N GLN DA 490 57.02 -38.29 -47.51
CA GLN DA 490 56.40 -38.38 -46.20
C GLN DA 490 56.29 -37.00 -45.51
N ALA DA 491 56.69 -35.96 -46.22
CA ALA DA 491 56.59 -34.61 -45.73
C ALA DA 491 56.72 -33.64 -46.88
N PRO DA 492 56.03 -32.49 -46.85
CA PRO DA 492 56.19 -31.43 -47.81
C PRO DA 492 57.41 -30.64 -47.46
N ALA DA 493 58.01 -30.02 -48.44
CA ALA DA 493 59.07 -29.11 -48.10
C ALA DA 493 58.53 -28.00 -47.21
N SER DA 494 59.34 -27.65 -46.21
CA SER DA 494 59.09 -26.56 -45.25
C SER DA 494 57.90 -26.72 -44.31
N ARG DA 495 57.21 -27.85 -44.36
CA ARG DA 495 56.02 -28.16 -43.56
C ARG DA 495 54.76 -27.37 -43.98
N ILE DA 496 54.96 -26.22 -44.60
CA ILE DA 496 53.87 -25.43 -45.14
C ILE DA 496 54.24 -24.88 -46.51
N GLN DA 497 53.30 -24.98 -47.43
CA GLN DA 497 53.58 -24.45 -48.76
C GLN DA 497 52.36 -24.10 -49.58
N SER DA 498 52.55 -23.33 -50.62
CA SER DA 498 51.44 -23.07 -51.51
C SER DA 498 50.93 -24.38 -52.08
N GLY DA 499 49.61 -24.50 -52.12
CA GLY DA 499 48.90 -25.65 -52.66
C GLY DA 499 48.52 -25.41 -54.10
N MET DA 500 49.01 -24.31 -54.65
CA MET DA 500 48.71 -23.96 -56.00
C MET DA 500 49.51 -24.92 -56.86
N PRO DA 501 49.02 -25.32 -58.02
CA PRO DA 501 49.69 -26.24 -58.92
C PRO DA 501 50.81 -25.60 -59.69
N SER DA 502 51.83 -25.16 -59.00
CA SER DA 502 52.94 -24.55 -59.67
C SER DA 502 53.71 -25.66 -60.36
N ILE DA 503 54.56 -25.30 -61.30
CA ILE DA 503 55.30 -26.32 -62.02
C ILE DA 503 56.15 -27.18 -61.12
N LEU DA 504 56.69 -26.60 -60.05
CA LEU DA 504 57.54 -27.36 -59.17
C LEU DA 504 56.74 -28.05 -58.09
N ASN DA 505 55.45 -27.81 -58.04
CA ASN DA 505 54.65 -28.46 -57.03
C ASN DA 505 54.02 -29.69 -57.60
N SER DA 506 53.52 -29.58 -58.82
CA SER DA 506 52.83 -30.73 -59.34
C SER DA 506 52.94 -31.08 -60.81
N LEU DA 507 53.83 -30.50 -61.63
CA LEU DA 507 53.70 -30.95 -63.02
C LEU DA 507 54.09 -32.41 -63.10
N GLY DA 508 53.14 -33.20 -63.57
CA GLY DA 508 53.29 -34.62 -63.71
C GLY DA 508 53.39 -35.36 -62.37
N LYS DA 509 52.82 -34.83 -61.29
CA LYS DA 509 52.96 -35.50 -59.99
C LYS DA 509 51.69 -35.89 -59.25
N ASN DA 510 50.51 -35.51 -59.74
CA ASN DA 510 49.30 -35.74 -58.96
C ASN DA 510 48.77 -37.17 -59.04
N ALA DA 511 48.83 -37.87 -57.90
CA ALA DA 511 48.46 -39.28 -57.76
C ALA DA 511 47.04 -39.60 -58.19
N TYR DA 512 46.18 -38.62 -58.23
CA TYR DA 512 44.81 -38.88 -58.58
C TYR DA 512 44.57 -39.00 -60.07
N PHE DA 513 45.60 -38.67 -60.88
CA PHE DA 513 45.40 -38.69 -62.31
C PHE DA 513 46.56 -39.31 -63.10
N ARG DA 514 46.21 -40.00 -64.19
CA ARG DA 514 47.21 -40.55 -65.10
C ARG DA 514 46.82 -40.36 -66.55
N ARG DA 515 47.78 -39.96 -67.38
CA ARG DA 515 47.42 -39.79 -68.78
C ARG DA 515 48.27 -40.58 -69.75
N VAL DA 516 47.62 -41.00 -70.82
CA VAL DA 516 48.23 -41.78 -71.89
C VAL DA 516 47.91 -41.22 -73.27
N TYR DA 517 48.93 -41.09 -74.10
CA TYR DA 517 48.78 -40.62 -75.47
C TYR DA 517 48.33 -41.77 -76.32
N VAL DA 518 47.56 -41.50 -77.36
CA VAL DA 518 47.12 -42.59 -78.19
C VAL DA 518 47.56 -42.45 -79.63
N LYS DA 519 48.19 -43.50 -80.13
CA LYS DA 519 48.67 -43.52 -81.51
C LYS DA 519 48.21 -44.77 -82.20
N GLY DA 520 48.21 -44.74 -83.53
CA GLY DA 520 47.85 -45.92 -84.30
C GLY DA 520 46.35 -46.10 -84.40
N ILE DA 521 45.62 -45.11 -83.90
CA ILE DA 521 44.17 -45.12 -83.84
C ILE DA 521 43.55 -44.32 -84.98
N MET EA 1 -22.14 39.16 -69.92
CA MET EA 1 -21.78 39.75 -71.20
C MET EA 1 -21.81 38.73 -72.34
N LYS EA 2 -20.81 37.86 -72.39
CA LYS EA 2 -20.72 36.87 -73.47
C LYS EA 2 -20.23 35.53 -72.96
N PHE EA 3 -20.53 34.47 -73.70
CA PHE EA 3 -20.00 33.14 -73.42
C PHE EA 3 -18.61 33.02 -74.03
N ASN EA 4 -17.60 32.72 -73.22
CA ASN EA 4 -16.24 32.64 -73.71
C ASN EA 4 -15.44 31.46 -73.15
N VAL EA 5 -16.08 30.31 -72.99
CA VAL EA 5 -15.41 29.11 -72.49
C VAL EA 5 -15.71 27.94 -73.40
N LEU EA 6 -15.14 26.79 -73.12
CA LEU EA 6 -15.39 25.64 -73.96
C LEU EA 6 -16.89 25.41 -74.03
N SER EA 7 -17.37 25.10 -75.24
CA SER EA 7 -18.78 24.93 -75.58
C SER EA 7 -19.50 23.88 -74.78
N LEU EA 8 -18.75 23.01 -74.14
CA LEU EA 8 -19.30 21.98 -73.29
C LEU EA 8 -20.04 22.60 -72.11
N PHE EA 9 -19.69 23.84 -71.77
CA PHE EA 9 -20.33 24.53 -70.69
C PHE EA 9 -21.52 25.33 -71.16
N ALA EA 10 -21.76 25.36 -72.46
CA ALA EA 10 -22.83 26.17 -72.96
C ALA EA 10 -24.19 25.87 -72.33
N PRO EA 11 -24.67 24.61 -72.17
CA PRO EA 11 -25.95 24.36 -71.58
C PRO EA 11 -26.01 24.76 -70.12
N TRP EA 12 -24.87 24.82 -69.47
CA TRP EA 12 -24.89 25.16 -68.08
C TRP EA 12 -24.93 26.65 -67.98
N ALA EA 13 -24.28 27.29 -68.95
CA ALA EA 13 -24.30 28.71 -69.03
C ALA EA 13 -25.71 29.14 -69.29
N LYS EA 14 -26.43 28.42 -70.14
CA LYS EA 14 -27.81 28.78 -70.44
C LYS EA 14 -28.66 28.70 -69.16
N MET EA 15 -28.43 27.66 -68.35
CA MET EA 15 -29.16 27.55 -67.09
C MET EA 15 -28.82 28.75 -66.22
N ASP EA 16 -27.54 29.09 -66.15
CA ASP EA 16 -27.07 30.22 -65.36
C ASP EA 16 -27.68 31.52 -65.87
N GLU EA 17 -27.79 31.68 -67.19
CA GLU EA 17 -28.37 32.88 -67.76
C GLU EA 17 -29.80 33.03 -67.34
N ARG EA 18 -30.55 31.93 -67.34
CA ARG EA 18 -31.94 31.99 -66.90
C ARG EA 18 -32.04 32.30 -65.42
N ASN EA 19 -31.17 31.70 -64.62
CA ASN EA 19 -31.20 31.94 -63.20
C ASN EA 19 -30.84 33.38 -62.91
N PHE EA 20 -29.89 33.92 -63.65
CA PHE EA 20 -29.49 35.27 -63.47
C PHE EA 20 -30.61 36.17 -63.91
N LYS EA 21 -31.24 35.88 -65.05
CA LYS EA 21 -32.38 36.68 -65.49
C LYS EA 21 -33.38 36.76 -64.36
N ASP EA 22 -33.61 35.63 -63.67
CA ASP EA 22 -34.53 35.66 -62.55
C ASP EA 22 -33.95 36.59 -61.48
N GLN EA 23 -32.62 36.59 -61.28
CA GLN EA 23 -32.03 37.53 -60.33
C GLN EA 23 -32.26 38.97 -60.80
N GLU EA 24 -32.16 39.25 -62.10
CA GLU EA 24 -32.33 40.63 -62.57
C GLU EA 24 -33.72 41.18 -62.23
N LYS EA 25 -34.75 40.35 -62.35
CA LYS EA 25 -36.11 40.80 -62.02
C LYS EA 25 -36.47 40.54 -60.55
N GLU EA 26 -35.54 40.00 -59.79
CA GLU EA 26 -35.74 39.65 -58.40
C GLU EA 26 -35.99 40.86 -57.57
N ASP EA 27 -36.98 40.79 -56.70
CA ASP EA 27 -37.30 41.86 -55.81
C ASP EA 27 -36.71 41.68 -54.41
N LEU EA 28 -35.80 40.72 -54.29
CA LEU EA 28 -35.10 40.45 -53.03
C LEU EA 28 -33.90 41.36 -52.98
N VAL EA 29 -34.21 42.62 -52.87
CA VAL EA 29 -33.27 43.70 -52.93
C VAL EA 29 -33.47 44.55 -51.71
N SER EA 30 -32.65 45.57 -51.56
CA SER EA 30 -32.66 46.48 -50.43
C SER EA 30 -32.13 45.71 -49.23
N ILE EA 31 -31.10 44.90 -49.47
CA ILE EA 31 -30.42 44.07 -48.48
C ILE EA 31 -28.98 44.53 -48.21
N THR EA 32 -28.69 44.85 -46.95
CA THR EA 32 -27.39 45.34 -46.49
C THR EA 32 -26.19 44.44 -46.70
N ALA EA 33 -26.29 43.20 -46.25
CA ALA EA 33 -25.16 42.31 -46.38
C ALA EA 33 -25.39 41.38 -47.58
N PRO EA 34 -24.38 40.82 -48.21
CA PRO EA 34 -24.53 39.90 -49.33
C PRO EA 34 -25.49 38.82 -48.95
N LYS EA 35 -26.44 38.48 -49.78
CA LYS EA 35 -27.41 37.47 -49.37
C LYS EA 35 -26.88 36.05 -49.45
N LEU EA 36 -26.06 35.71 -48.47
CA LEU EA 36 -25.44 34.41 -48.34
C LEU EA 36 -24.89 34.12 -46.94
N ASP EA 37 -25.27 33.00 -46.36
CA ASP EA 37 -24.80 32.65 -45.02
C ASP EA 37 -23.43 31.98 -44.96
N ASP EA 38 -23.08 31.22 -46.00
CA ASP EA 38 -21.83 30.48 -46.03
C ASP EA 38 -21.38 30.18 -47.47
N GLY EA 39 -20.24 29.54 -47.64
CA GLY EA 39 -19.76 29.21 -48.98
C GLY EA 39 -19.01 30.35 -49.73
N ALA EA 40 -19.60 30.84 -50.81
CA ALA EA 40 -18.92 31.79 -51.73
C ALA EA 40 -18.42 33.12 -51.15
N ARG EA 41 -17.21 33.52 -51.57
CA ARG EA 41 -16.51 34.76 -51.22
C ARG EA 41 -17.01 35.98 -52.00
N GLU EA 42 -17.20 37.13 -51.32
CA GLU EA 42 -17.67 38.34 -52.01
C GLU EA 42 -16.59 39.15 -52.73
N PHE EA 43 -17.00 39.73 -53.86
CA PHE EA 43 -16.20 40.62 -54.69
C PHE EA 43 -16.93 41.88 -55.10
N GLU EA 44 -16.21 42.98 -55.29
CA GLU EA 44 -16.82 44.20 -55.82
C GLU EA 44 -16.81 44.16 -57.33
N VAL EA 45 -17.35 45.19 -57.95
CA VAL EA 45 -17.38 45.26 -59.40
C VAL EA 45 -16.90 46.60 -59.92
N SER EA 46 -16.52 46.64 -61.20
CA SER EA 46 -16.14 47.87 -61.89
C SER EA 46 -17.32 48.61 -62.56
N SER EA 47 -18.46 47.94 -62.67
CA SER EA 47 -19.65 48.49 -63.34
C SER EA 47 -20.91 47.77 -62.94
N ASN EA 48 -22.04 48.27 -63.44
CA ASN EA 48 -23.35 47.69 -63.18
C ASN EA 48 -23.63 46.45 -64.01
N GLU EA 49 -22.71 46.10 -64.89
CA GLU EA 49 -22.86 44.89 -65.68
C GLU EA 49 -21.90 43.85 -65.15
N ALA EA 50 -20.72 44.34 -64.70
CA ALA EA 50 -19.63 43.51 -64.27
C ALA EA 50 -19.27 42.56 -65.39
N ALA EA 51 -19.18 43.13 -66.58
CA ALA EA 51 -18.86 42.41 -67.78
C ALA EA 51 -17.46 41.84 -67.71
N SER EA 52 -17.29 40.61 -68.16
CA SER EA 52 -15.98 39.99 -68.23
C SER EA 52 -16.08 38.73 -69.08
N PRO EA 53 -15.25 38.54 -70.13
CA PRO EA 53 -15.30 37.41 -71.06
C PRO EA 53 -14.61 36.18 -70.50
N TYR EA 54 -15.03 35.78 -69.31
CA TYR EA 54 -14.45 34.65 -68.56
C TYR EA 54 -12.93 34.71 -68.26
N ASN EA 55 -12.18 35.65 -68.84
CA ASN EA 55 -10.76 35.80 -68.57
C ASN EA 55 -10.44 36.97 -67.63
N ALA EA 56 -11.05 38.13 -67.89
CA ALA EA 56 -10.80 39.37 -67.11
C ALA EA 56 -11.28 39.22 -65.69
N ALA EA 57 -12.13 38.24 -65.50
CA ALA EA 57 -12.72 37.87 -64.23
C ALA EA 57 -11.63 37.54 -63.26
N PHE EA 58 -10.52 37.06 -63.78
CA PHE EA 58 -9.49 36.60 -62.93
C PHE EA 58 -8.63 37.66 -62.30
N GLN EA 59 -8.87 38.94 -62.60
CA GLN EA 59 -8.06 39.93 -61.93
C GLN EA 59 -8.35 39.93 -60.43
N THR EA 60 -9.63 39.86 -60.07
CA THR EA 60 -10.01 39.92 -58.68
C THR EA 60 -10.04 38.55 -58.08
N ILE EA 61 -10.23 37.53 -58.91
CA ILE EA 61 -10.21 36.18 -58.42
C ILE EA 61 -8.84 35.90 -57.91
N PHE EA 62 -7.82 36.21 -58.71
CA PHE EA 62 -6.50 35.94 -58.23
C PHE EA 62 -6.29 36.60 -56.89
N GLY EA 63 -6.61 37.89 -56.77
CA GLY EA 63 -6.39 38.59 -55.51
C GLY EA 63 -6.91 37.81 -54.29
N SER EA 64 -8.15 37.32 -54.37
CA SER EA 64 -8.75 36.57 -53.27
C SER EA 64 -8.46 35.06 -53.28
N TYR EA 65 -7.79 34.60 -54.34
CA TYR EA 65 -7.48 33.15 -54.49
C TYR EA 65 -6.05 32.86 -54.05
N GLU EA 66 -5.33 33.87 -53.53
CA GLU EA 66 -3.98 33.67 -53.10
C GLU EA 66 -3.91 34.11 -51.63
N PRO EA 67 -3.53 33.19 -50.74
CA PRO EA 67 -3.32 31.76 -50.92
C PRO EA 67 -4.58 31.01 -51.39
N GLY EA 68 -5.78 31.52 -51.09
CA GLY EA 68 -6.97 30.86 -51.62
C GLY EA 68 -7.09 29.41 -51.25
N MET EA 69 -7.19 28.59 -52.31
CA MET EA 69 -7.34 27.16 -52.23
C MET EA 69 -6.17 26.52 -51.52
N LYS EA 70 -5.05 27.24 -51.43
CA LYS EA 70 -3.88 26.76 -50.74
C LYS EA 70 -4.14 26.64 -49.24
N THR EA 71 -5.05 27.46 -48.65
CA THR EA 71 -5.25 27.33 -47.22
C THR EA 71 -6.27 26.24 -47.05
N THR EA 72 -7.09 26.08 -48.08
CA THR EA 72 -8.04 24.99 -48.09
C THR EA 72 -7.23 23.72 -48.08
N ARG EA 73 -6.20 23.70 -48.93
CA ARG EA 73 -5.25 22.60 -49.01
C ARG EA 73 -4.52 22.38 -47.70
N GLU EA 74 -4.10 23.43 -47.01
CA GLU EA 74 -3.44 23.16 -45.74
C GLU EA 74 -4.39 22.42 -44.82
N LEU EA 75 -5.65 22.86 -44.77
CA LEU EA 75 -6.61 22.22 -43.88
C LEU EA 75 -6.90 20.80 -44.29
N ILE EA 76 -7.16 20.59 -45.56
CA ILE EA 76 -7.51 19.26 -46.02
C ILE EA 76 -6.35 18.31 -45.94
N ASP EA 77 -5.17 18.72 -46.37
CA ASP EA 77 -4.06 17.80 -46.32
C ASP EA 77 -3.83 17.46 -44.85
N THR EA 78 -4.03 18.44 -43.94
CA THR EA 78 -3.90 18.17 -42.53
C THR EA 78 -4.95 17.18 -42.11
N TYR EA 79 -6.18 17.35 -42.56
CA TYR EA 79 -7.27 16.45 -42.22
C TYR EA 79 -6.92 15.04 -42.68
N ARG EA 80 -6.32 14.90 -43.86
CA ARG EA 80 -5.93 13.58 -44.29
C ARG EA 80 -4.84 13.02 -43.38
N ASN EA 81 -3.85 13.85 -43.03
CA ASN EA 81 -2.77 13.39 -42.18
C ASN EA 81 -3.31 12.97 -40.82
N LEU EA 82 -4.34 13.66 -40.39
CA LEU EA 82 -5.05 13.36 -39.17
C LEU EA 82 -5.74 12.01 -39.30
N MET EA 83 -6.54 11.84 -40.36
CA MET EA 83 -7.29 10.61 -40.62
C MET EA 83 -6.41 9.41 -40.76
N ASN EA 84 -5.21 9.59 -41.30
CA ASN EA 84 -4.25 8.54 -41.50
C ASN EA 84 -3.78 7.89 -40.19
N ASN EA 85 -4.00 8.56 -39.06
CA ASN EA 85 -3.60 8.02 -37.78
C ASN EA 85 -4.57 7.02 -37.22
N TYR EA 86 -4.02 5.99 -36.63
CA TYR EA 86 -4.87 5.03 -36.01
C TYR EA 86 -5.49 5.70 -34.80
N GLU EA 87 -6.77 5.39 -34.59
CA GLU EA 87 -7.68 5.90 -33.55
C GLU EA 87 -8.20 7.27 -33.91
N VAL EA 88 -8.02 7.61 -35.17
CA VAL EA 88 -8.63 8.74 -35.79
C VAL EA 88 -9.48 8.15 -36.87
N ASP EA 89 -8.83 7.31 -37.66
CA ASP EA 89 -9.46 6.61 -38.75
C ASP EA 89 -10.77 5.98 -38.33
N ASN EA 90 -10.77 5.36 -37.14
CA ASN EA 90 -11.93 4.69 -36.59
C ASN EA 90 -13.05 5.63 -36.27
N ALA EA 91 -12.74 6.85 -35.84
CA ALA EA 91 -13.80 7.76 -35.52
C ALA EA 91 -14.53 8.08 -36.77
N VAL EA 92 -13.72 8.28 -37.80
CA VAL EA 92 -14.24 8.62 -39.07
C VAL EA 92 -15.04 7.44 -39.58
N SER EA 93 -14.48 6.25 -39.49
CA SER EA 93 -15.17 5.09 -39.98
C SER EA 93 -16.50 4.89 -39.33
N GLU EA 94 -16.57 4.97 -38.01
CA GLU EA 94 -17.84 4.75 -37.35
C GLU EA 94 -18.86 5.81 -37.74
N ILE EA 95 -18.46 7.06 -37.76
CA ILE EA 95 -19.39 8.11 -38.08
C ILE EA 95 -19.91 7.99 -39.49
N VAL EA 96 -19.00 7.76 -40.41
CA VAL EA 96 -19.37 7.65 -41.79
C VAL EA 96 -20.24 6.44 -41.99
N SER EA 97 -19.87 5.31 -41.40
CA SER EA 97 -20.66 4.10 -41.53
C SER EA 97 -22.04 4.32 -40.96
N ASP EA 98 -22.16 4.89 -39.78
CA ASP EA 98 -23.51 5.07 -39.29
C ASP EA 98 -24.32 5.95 -40.22
N ALA EA 99 -23.70 6.99 -40.80
CA ALA EA 99 -24.45 7.80 -41.74
C ALA EA 99 -24.86 6.96 -42.96
N ILE EA 100 -23.94 6.16 -43.46
CA ILE EA 100 -24.23 5.30 -44.59
C ILE EA 100 -23.91 3.87 -44.31
N VAL EA 101 -24.95 3.06 -44.28
CA VAL EA 101 -24.77 1.66 -43.99
C VAL EA 101 -25.26 0.88 -45.15
N TYR EA 102 -24.81 -0.35 -45.20
CA TYR EA 102 -25.25 -1.25 -46.21
C TYR EA 102 -25.70 -2.52 -45.52
N GLU EA 103 -26.74 -3.12 -46.09
CA GLU EA 103 -27.36 -4.34 -45.61
C GLU EA 103 -27.64 -5.30 -46.76
N ASP EA 104 -27.73 -6.56 -46.43
CA ASP EA 104 -28.01 -7.58 -47.41
C ASP EA 104 -29.43 -7.59 -47.89
N ASP EA 105 -29.57 -7.77 -49.20
CA ASP EA 105 -30.85 -7.92 -49.88
C ASP EA 105 -31.87 -6.84 -49.57
N THR EA 106 -31.41 -5.62 -49.50
CA THR EA 106 -32.30 -4.52 -49.24
C THR EA 106 -31.81 -3.28 -49.95
N GLU EA 107 -32.38 -2.16 -49.58
CA GLU EA 107 -32.07 -0.91 -50.23
C GLU EA 107 -31.03 -0.10 -49.48
N VAL EA 108 -30.68 1.01 -50.09
CA VAL EA 108 -29.73 1.97 -49.59
C VAL EA 108 -30.48 3.26 -49.56
N VAL EA 109 -29.81 4.34 -49.23
CA VAL EA 109 -30.46 5.63 -49.13
C VAL EA 109 -31.46 5.76 -50.27
N ALA EA 110 -32.65 6.26 -49.95
CA ALA EA 110 -33.70 6.34 -50.95
C ALA EA 110 -34.56 7.56 -50.79
N LEU EA 111 -35.13 8.00 -51.89
CA LEU EA 111 -36.00 9.13 -51.86
C LEU EA 111 -37.35 8.70 -51.31
N ASN EA 112 -37.88 9.45 -50.35
CA ASN EA 112 -39.16 9.11 -49.73
C ASN EA 112 -40.21 10.17 -50.03
N LEU EA 113 -41.13 9.86 -50.93
CA LEU EA 113 -42.10 10.86 -51.35
C LEU EA 113 -43.52 10.60 -50.87
N ASP EA 114 -44.07 11.54 -50.11
CA ASP EA 114 -45.40 11.47 -49.55
C ASP EA 114 -46.28 12.69 -49.83
N LYS EA 115 -45.81 13.60 -50.67
CA LYS EA 115 -46.60 14.78 -50.96
C LYS EA 115 -47.26 14.59 -52.30
N SER EA 116 -48.35 15.32 -52.51
CA SER EA 116 -49.15 15.23 -53.72
C SER EA 116 -48.40 15.51 -54.99
N LYS EA 117 -48.76 14.74 -56.01
CA LYS EA 117 -48.22 14.83 -57.35
C LYS EA 117 -49.40 14.83 -58.30
N PHE EA 118 -49.16 15.26 -59.54
CA PHE EA 118 -50.21 15.25 -60.56
C PHE EA 118 -50.61 13.82 -60.91
N SER EA 119 -49.68 12.91 -60.67
CA SER EA 119 -49.85 11.50 -60.96
C SER EA 119 -48.78 10.72 -60.22
N PRO EA 120 -49.07 9.49 -59.75
CA PRO EA 120 -48.12 8.53 -59.24
C PRO EA 120 -46.97 8.38 -60.23
N LYS EA 121 -47.26 8.57 -61.54
CA LYS EA 121 -46.24 8.50 -62.55
C LYS EA 121 -45.12 9.48 -62.28
N ILE EA 122 -45.47 10.69 -61.82
CA ILE EA 122 -44.48 11.71 -61.57
C ILE EA 122 -43.68 11.28 -60.37
N LYS EA 123 -44.38 10.77 -59.36
CA LYS EA 123 -43.66 10.29 -58.19
C LYS EA 123 -42.64 9.24 -58.63
N ASN EA 124 -43.07 8.33 -59.51
CA ASN EA 124 -42.20 7.28 -59.97
C ASN EA 124 -41.04 7.86 -60.73
N MET EA 125 -41.27 8.86 -61.57
CA MET EA 125 -40.14 9.42 -62.29
C MET EA 125 -39.11 9.98 -61.34
N MET EA 126 -39.54 10.64 -60.27
CA MET EA 126 -38.58 11.18 -59.34
C MET EA 126 -37.79 10.07 -58.67
N LEU EA 127 -38.48 9.02 -58.28
CA LEU EA 127 -37.83 7.92 -57.61
C LEU EA 127 -36.85 7.23 -58.56
N ASP EA 128 -37.22 7.10 -59.84
CA ASP EA 128 -36.38 6.47 -60.82
C ASP EA 128 -35.14 7.30 -61.09
N GLU EA 129 -35.30 8.62 -61.14
CA GLU EA 129 -34.15 9.47 -61.34
C GLU EA 129 -33.23 9.36 -60.15
N PHE EA 130 -33.81 9.33 -58.94
CA PHE EA 130 -33.03 9.19 -57.69
C PHE EA 130 -32.15 7.94 -57.79
N SER EA 131 -32.73 6.84 -58.28
CA SER EA 131 -31.99 5.60 -58.43
C SER EA 131 -30.84 5.79 -59.41
N ASP EA 132 -31.09 6.43 -60.56
CA ASP EA 132 -29.97 6.66 -61.45
C ASP EA 132 -28.90 7.52 -60.84
N VAL EA 133 -29.27 8.52 -60.04
CA VAL EA 133 -28.24 9.31 -59.41
C VAL EA 133 -27.38 8.41 -58.52
N LEU EA 134 -28.01 7.51 -57.79
CA LEU EA 134 -27.23 6.62 -56.95
C LEU EA 134 -26.34 5.76 -57.84
N ASN EA 135 -26.88 5.31 -58.98
CA ASN EA 135 -26.12 4.47 -59.90
C ASN EA 135 -24.94 5.25 -60.46
N HIS EA 136 -25.13 6.54 -60.64
CA HIS EA 136 -24.12 7.43 -61.17
C HIS EA 136 -22.99 7.59 -60.19
N LEU EA 137 -23.35 7.74 -58.93
CA LEU EA 137 -22.38 7.87 -57.87
C LEU EA 137 -21.84 6.50 -57.45
N SER EA 138 -22.57 5.45 -57.86
CA SER EA 138 -22.35 4.06 -57.48
C SER EA 138 -22.40 4.04 -55.98
N PHE EA 139 -23.38 4.78 -55.47
CA PHE EA 139 -23.60 4.99 -54.07
C PHE EA 139 -23.71 3.68 -53.34
N GLN EA 140 -24.48 2.78 -53.92
CA GLN EA 140 -24.72 1.48 -53.35
C GLN EA 140 -23.46 0.66 -53.10
N ARG EA 141 -22.31 1.06 -53.66
CA ARG EA 141 -21.07 0.35 -53.43
C ARG EA 141 -20.00 1.28 -52.82
N LYS EA 142 -20.02 2.57 -53.21
CA LYS EA 142 -19.00 3.56 -52.84
C LYS EA 142 -19.53 4.81 -52.09
N GLY EA 143 -20.81 4.80 -51.74
CA GLY EA 143 -21.45 5.94 -51.09
C GLY EA 143 -20.76 6.39 -49.82
N SER EA 144 -20.25 5.43 -49.05
CA SER EA 144 -19.56 5.75 -47.82
C SER EA 144 -18.23 6.45 -48.05
N ASP EA 145 -17.65 6.34 -49.25
CA ASP EA 145 -16.38 7.00 -49.45
C ASP EA 145 -16.65 8.42 -49.85
N HIS EA 146 -17.75 8.63 -50.56
CA HIS EA 146 -18.08 9.98 -50.96
C HIS EA 146 -18.39 10.78 -49.70
N PHE EA 147 -19.15 10.16 -48.80
CA PHE EA 147 -19.50 10.80 -47.54
C PHE EA 147 -18.25 11.06 -46.74
N ARG EA 148 -17.38 10.06 -46.60
CA ARG EA 148 -16.18 10.27 -45.83
C ARG EA 148 -15.47 11.51 -46.30
N ARG EA 149 -15.29 11.64 -47.61
CA ARG EA 149 -14.61 12.83 -48.11
C ARG EA 149 -15.35 14.09 -47.69
N TRP EA 150 -16.66 14.10 -47.82
CA TRP EA 150 -17.42 15.28 -47.40
C TRP EA 150 -17.18 15.61 -45.92
N TYR EA 151 -17.26 14.60 -45.07
CA TYR EA 151 -17.10 14.75 -43.64
C TYR EA 151 -15.68 15.23 -43.23
N VAL EA 152 -14.68 14.54 -43.77
CA VAL EA 152 -13.27 14.74 -43.48
C VAL EA 152 -12.63 15.92 -44.20
N ASP EA 153 -12.84 16.04 -45.51
CA ASP EA 153 -12.22 17.11 -46.29
C ASP EA 153 -13.06 18.37 -46.20
N SER EA 154 -14.18 18.25 -45.49
CA SER EA 154 -15.18 19.27 -45.22
C SER EA 154 -16.12 19.57 -46.37
N ARG EA 155 -15.79 19.06 -47.54
CA ARG EA 155 -16.56 19.37 -48.71
C ARG EA 155 -16.39 18.32 -49.77
N ILE EA 156 -17.35 18.27 -50.66
CA ILE EA 156 -17.30 17.38 -51.80
C ILE EA 156 -18.00 18.04 -52.95
N PHE EA 157 -17.54 17.76 -54.15
CA PHE EA 157 -18.19 18.32 -55.32
C PHE EA 157 -17.97 17.47 -56.56
N PHE EA 158 -18.95 17.52 -57.47
CA PHE EA 158 -18.95 16.73 -58.69
C PHE EA 158 -19.30 17.52 -59.95
N HIS EA 159 -18.78 17.09 -61.10
CA HIS EA 159 -19.11 17.74 -62.37
C HIS EA 159 -20.21 16.97 -63.15
N LYS EA 160 -21.32 17.70 -63.40
CA LYS EA 160 -22.52 17.23 -64.09
C LYS EA 160 -22.30 17.17 -65.60
N ILE EA 161 -22.97 16.23 -66.27
CA ILE EA 161 -22.77 16.05 -67.71
C ILE EA 161 -23.98 16.32 -68.60
N ILE EA 162 -23.75 17.07 -69.69
CA ILE EA 162 -24.75 17.36 -70.73
C ILE EA 162 -24.17 17.01 -72.12
N ASP EA 163 -24.97 16.30 -72.93
CA ASP EA 163 -24.69 15.78 -74.28
C ASP EA 163 -23.60 16.49 -75.14
N PRO EA 164 -23.70 17.80 -75.47
CA PRO EA 164 -24.72 18.83 -75.33
C PRO EA 164 -25.68 19.06 -76.49
N LYS EA 165 -25.67 18.24 -77.55
CA LYS EA 165 -26.47 18.54 -78.74
C LYS EA 165 -27.91 18.10 -78.51
N ARG EA 166 -28.02 16.99 -77.79
CA ARG EA 166 -29.31 16.38 -77.33
C ARG EA 166 -29.20 16.35 -75.80
N PRO EA 167 -29.29 17.52 -75.15
CA PRO EA 167 -29.03 17.63 -73.72
C PRO EA 167 -30.01 16.85 -72.87
N LYS EA 168 -31.20 16.64 -73.40
CA LYS EA 168 -32.25 15.92 -72.69
C LYS EA 168 -31.84 14.49 -72.33
N GLU EA 169 -31.04 13.85 -73.18
CA GLU EA 169 -30.61 12.47 -72.96
C GLU EA 169 -29.13 12.36 -72.63
N GLY EA 170 -28.50 13.49 -72.32
CA GLY EA 170 -27.06 13.53 -72.06
C GLY EA 170 -26.69 13.32 -70.61
N ILE EA 171 -27.67 12.98 -69.81
CA ILE EA 171 -27.47 12.84 -68.40
C ILE EA 171 -26.66 11.59 -68.10
N LYS EA 172 -25.47 11.82 -67.57
CA LYS EA 172 -24.51 10.77 -67.27
C LYS EA 172 -23.90 10.94 -65.91
N GLU EA 173 -23.23 9.90 -65.46
CA GLU EA 173 -22.59 9.89 -64.17
C GLU EA 173 -21.62 11.02 -63.89
N LEU EA 174 -21.71 11.45 -62.63
CA LEU EA 174 -20.96 12.54 -62.05
C LEU EA 174 -19.51 12.24 -61.79
N ARG EA 175 -18.61 13.15 -62.17
CA ARG EA 175 -17.17 12.94 -61.92
C ARG EA 175 -16.79 13.67 -60.62
N ARG EA 176 -16.52 12.92 -59.54
CA ARG EA 176 -16.17 13.56 -58.28
C ARG EA 176 -14.94 14.34 -58.54
N LEU EA 177 -14.94 15.61 -58.24
CA LEU EA 177 -13.73 16.35 -58.48
C LEU EA 177 -12.95 16.25 -57.19
N ASP EA 178 -11.65 16.20 -57.31
CA ASP EA 178 -10.85 16.05 -56.12
C ASP EA 178 -10.87 17.28 -55.21
N PRO EA 179 -10.80 17.07 -53.89
CA PRO EA 179 -10.87 18.08 -52.88
C PRO EA 179 -9.72 19.01 -53.05
N ARG EA 180 -9.96 20.25 -52.61
CA ARG EA 180 -9.01 21.36 -52.65
C ARG EA 180 -8.93 22.00 -54.02
N GLN EA 181 -9.68 21.48 -55.00
CA GLN EA 181 -9.64 22.05 -56.32
C GLN EA 181 -10.65 23.16 -56.63
N VAL EA 182 -11.55 23.52 -55.69
CA VAL EA 182 -12.48 24.62 -55.97
C VAL EA 182 -12.60 25.64 -54.85
N GLN EA 183 -13.10 26.81 -55.22
CA GLN EA 183 -13.44 27.92 -54.33
C GLN EA 183 -14.56 28.73 -54.99
N TYR EA 184 -15.59 29.09 -54.22
CA TYR EA 184 -16.79 29.79 -54.74
C TYR EA 184 -16.73 31.29 -54.51
N VAL EA 185 -17.33 32.05 -55.45
CA VAL EA 185 -17.32 33.52 -55.41
C VAL EA 185 -18.70 34.14 -55.59
N ARG EA 186 -18.87 35.43 -55.29
CA ARG EA 186 -20.11 36.16 -55.54
C ARG EA 186 -19.85 37.69 -55.76
N GLU EA 187 -20.44 38.29 -56.83
CA GLU EA 187 -20.17 39.72 -57.14
C GLU EA 187 -21.26 40.79 -56.82
N ILE EA 188 -20.82 41.92 -56.30
CA ILE EA 188 -21.73 43.02 -55.97
C ILE EA 188 -22.06 43.81 -57.22
N ILE EA 189 -23.01 43.36 -58.01
CA ILE EA 189 -23.18 44.04 -59.29
C ILE EA 189 -24.17 45.19 -59.23
N THR EA 190 -23.80 46.25 -58.52
CA THR EA 190 -24.56 47.49 -58.35
C THR EA 190 -23.95 48.45 -57.32
N GLU EA 191 -24.30 49.74 -57.41
CA GLU EA 191 -23.74 50.75 -56.46
C GLU EA 191 -24.66 51.97 -56.30
N THR EA 192 -24.50 52.66 -55.17
CA THR EA 192 -25.21 53.90 -54.77
C THR EA 192 -24.23 54.80 -54.06
N GLU EA 193 -24.79 55.62 -53.15
CA GLU EA 193 -24.02 56.60 -52.34
C GLU EA 193 -23.16 55.83 -51.32
N ALA EA 194 -22.10 55.17 -51.82
CA ALA EA 194 -21.15 54.38 -51.02
C ALA EA 194 -21.66 53.15 -50.25
N GLY EA 195 -21.97 52.03 -50.94
CA GLY EA 195 -22.39 50.83 -50.20
C GLY EA 195 -23.84 50.43 -50.37
N THR EA 196 -24.25 50.19 -51.62
CA THR EA 196 -25.67 49.86 -51.82
C THR EA 196 -26.17 48.54 -51.32
N LYS EA 197 -27.50 48.51 -51.28
CA LYS EA 197 -28.41 47.48 -50.82
C LYS EA 197 -29.32 46.92 -51.96
N ILE EA 198 -29.27 47.56 -53.12
CA ILE EA 198 -30.16 47.20 -54.24
C ILE EA 198 -29.67 45.95 -54.96
N VAL EA 199 -30.21 45.68 -56.16
CA VAL EA 199 -30.11 44.52 -57.10
C VAL EA 199 -28.87 43.58 -57.19
N LYS EA 200 -28.01 43.55 -56.20
CA LYS EA 200 -26.81 42.72 -56.17
C LYS EA 200 -27.28 41.26 -56.18
N GLY EA 201 -27.61 40.73 -57.35
CA GLY EA 201 -28.05 39.33 -57.50
C GLY EA 201 -26.92 38.36 -57.17
N TYR EA 202 -25.72 38.80 -57.50
CA TYR EA 202 -24.43 38.16 -57.33
C TYR EA 202 -24.03 36.96 -58.17
N LYS EA 203 -24.93 36.31 -58.92
CA LYS EA 203 -24.60 35.13 -59.77
C LYS EA 203 -24.16 33.88 -58.98
N GLU EA 204 -23.13 34.04 -58.15
CA GLU EA 204 -22.62 32.94 -57.28
C GLU EA 204 -21.98 31.85 -58.14
N TYR EA 205 -21.02 32.22 -58.99
CA TYR EA 205 -20.32 31.26 -59.83
C TYR EA 205 -19.09 30.76 -59.11
N PHE EA 206 -18.36 29.82 -59.70
CA PHE EA 206 -17.23 29.27 -58.91
C PHE EA 206 -16.01 29.00 -59.80
N ILE EA 207 -14.85 28.91 -59.14
CA ILE EA 207 -13.61 28.64 -59.82
C ILE EA 207 -13.01 27.28 -59.49
N TYR EA 208 -12.56 26.60 -60.52
CA TYR EA 208 -11.85 25.33 -60.41
C TYR EA 208 -10.38 25.61 -60.72
N ASP EA 209 -9.44 24.98 -60.01
CA ASP EA 209 -8.01 25.22 -60.32
C ASP EA 209 -7.14 24.13 -59.68
N THR EA 210 -6.16 23.61 -60.43
CA THR EA 210 -5.29 22.59 -59.86
C THR EA 210 -3.81 22.90 -60.11
N ALA EA 211 -3.18 23.59 -59.16
CA ALA EA 211 -1.78 24.03 -59.29
C ALA EA 211 -0.79 22.92 -58.93
N HIS EA 212 -0.72 21.90 -59.79
CA HIS EA 212 0.09 20.70 -59.54
C HIS EA 212 1.59 20.92 -59.64
N GLU EA 213 1.98 22.14 -60.01
CA GLU EA 213 3.36 22.59 -60.12
C GLU EA 213 4.10 22.63 -58.78
N SER EA 214 3.34 22.65 -57.66
CA SER EA 214 3.94 22.65 -56.34
C SER EA 214 4.59 21.28 -56.14
N TYR EA 215 5.24 21.02 -55.00
CA TYR EA 215 5.95 19.74 -54.87
C TYR EA 215 5.13 18.56 -55.38
N ALA EA 216 5.65 17.94 -56.42
CA ALA EA 216 4.98 16.86 -57.11
C ALA EA 216 5.16 15.51 -56.43
N CYS EA 217 4.61 15.40 -55.24
CA CYS EA 217 4.74 14.21 -54.42
C CYS EA 217 4.31 12.98 -55.22
N ASP EA 218 5.22 12.00 -55.21
CA ASP EA 218 5.14 10.72 -55.90
C ASP EA 218 4.94 10.78 -57.44
N GLY EA 219 5.56 11.77 -58.11
CA GLY EA 219 5.50 11.85 -59.56
C GLY EA 219 4.24 12.54 -60.09
N ARG EA 220 3.81 13.57 -59.37
CA ARG EA 220 2.60 14.36 -59.77
C ARG EA 220 2.95 15.25 -60.97
N MET EA 221 3.13 14.63 -62.14
CA MET EA 221 3.47 15.33 -63.37
C MET EA 221 2.28 16.07 -63.97
N TYR EA 222 1.07 15.54 -63.79
CA TYR EA 222 -0.11 16.12 -64.42
C TYR EA 222 -1.27 16.27 -63.46
N GLU EA 223 -2.09 17.28 -63.73
CA GLU EA 223 -3.36 17.50 -63.05
C GLU EA 223 -4.03 18.51 -63.98
N ALA EA 224 -5.26 18.93 -63.68
CA ALA EA 224 -5.98 19.84 -64.59
C ALA EA 224 -5.30 21.19 -64.93
N GLY EA 225 -4.53 21.82 -64.05
CA GLY EA 225 -3.90 23.11 -64.38
C GLY EA 225 -4.70 24.37 -64.03
N THR EA 226 -4.31 25.47 -64.69
CA THR EA 226 -4.75 26.85 -64.43
C THR EA 226 -6.25 27.08 -64.40
N LYS EA 227 -6.67 27.83 -63.37
CA LYS EA 227 -8.04 28.21 -63.08
C LYS EA 227 -8.94 28.70 -64.16
N ILE EA 228 -10.14 28.13 -64.08
CA ILE EA 228 -11.28 28.33 -64.95
C ILE EA 228 -12.58 28.69 -64.22
N LYS EA 229 -13.31 29.62 -64.83
CA LYS EA 229 -14.62 30.04 -64.35
C LYS EA 229 -15.71 29.10 -64.83
N ILE EA 230 -16.46 28.57 -63.87
CA ILE EA 230 -17.51 27.60 -64.10
C ILE EA 230 -18.91 28.20 -63.84
N PRO EA 231 -19.88 27.98 -64.77
CA PRO EA 231 -21.30 28.38 -64.73
C PRO EA 231 -22.13 28.04 -63.49
N LYS EA 232 -21.58 27.29 -62.52
CA LYS EA 232 -22.25 26.90 -61.27
C LYS EA 232 -23.32 25.84 -61.38
N ALA EA 233 -24.17 25.98 -62.37
CA ALA EA 233 -25.25 25.06 -62.60
C ALA EA 233 -24.68 23.64 -62.78
N ALA EA 234 -23.44 23.58 -63.27
CA ALA EA 234 -22.71 22.36 -63.58
C ALA EA 234 -22.13 21.62 -62.38
N VAL EA 235 -22.22 22.17 -61.17
CA VAL EA 235 -21.58 21.45 -60.06
C VAL EA 235 -22.50 21.04 -58.94
N VAL EA 236 -22.35 19.80 -58.54
CA VAL EA 236 -23.07 19.28 -57.40
C VAL EA 236 -22.15 19.47 -56.25
N TYR EA 237 -22.57 20.10 -55.17
CA TYR EA 237 -21.61 20.23 -54.09
C TYR EA 237 -22.24 20.37 -52.74
N ALA EA 238 -21.43 20.12 -51.74
CA ALA EA 238 -21.86 20.27 -50.37
C ALA EA 238 -20.67 20.48 -49.48
N HIS EA 239 -20.93 21.07 -48.34
CA HIS EA 239 -19.93 21.26 -47.32
C HIS EA 239 -20.59 21.37 -45.97
N SER EA 240 -19.80 21.19 -44.93
CA SER EA 240 -20.33 21.33 -43.58
C SER EA 240 -20.56 22.79 -43.23
N GLY EA 241 -21.43 23.04 -42.26
CA GLY EA 241 -21.68 24.41 -41.80
C GLY EA 241 -20.69 24.83 -40.72
N LEU EA 242 -19.44 24.68 -41.03
CA LEU EA 242 -18.39 24.91 -40.06
C LEU EA 242 -17.37 25.89 -40.56
N VAL EA 243 -17.24 26.98 -39.85
CA VAL EA 243 -16.32 28.02 -40.22
C VAL EA 243 -15.47 28.53 -39.08
N ASP EA 244 -14.45 29.29 -39.44
CA ASP EA 244 -13.57 30.03 -38.56
C ASP EA 244 -14.32 31.26 -38.10
N CYS EA 245 -13.69 32.07 -37.27
CA CYS EA 245 -14.32 33.26 -36.71
C CYS EA 245 -14.89 34.25 -37.74
N CYS EA 246 -14.43 34.21 -38.99
CA CYS EA 246 -14.92 35.14 -39.98
C CYS EA 246 -14.79 34.66 -41.44
N GLY EA 247 -15.25 35.53 -42.35
CA GLY EA 247 -15.19 35.31 -43.77
C GLY EA 247 -15.95 34.09 -44.21
N LYS EA 248 -15.28 33.28 -45.00
CA LYS EA 248 -15.82 32.04 -45.55
C LYS EA 248 -14.81 30.96 -45.32
N ASN EA 249 -14.14 31.05 -44.19
CA ASN EA 249 -13.14 30.07 -43.90
C ASN EA 249 -13.76 28.79 -43.38
N ILE EA 250 -14.12 27.93 -44.33
CA ILE EA 250 -14.78 26.64 -44.07
C ILE EA 250 -13.78 25.59 -43.65
N ILE EA 251 -14.12 24.91 -42.56
CA ILE EA 251 -13.31 23.86 -41.93
C ILE EA 251 -14.06 22.54 -41.88
N GLY EA 252 -13.37 21.43 -41.61
CA GLY EA 252 -14.04 20.12 -41.54
C GLY EA 252 -14.51 19.75 -40.16
N TYR EA 253 -15.17 18.59 -40.03
CA TYR EA 253 -15.65 18.23 -38.69
C TYR EA 253 -14.46 17.89 -37.82
N LEU EA 254 -13.48 17.32 -38.48
CA LEU EA 254 -12.26 16.84 -37.91
C LEU EA 254 -11.36 17.96 -37.47
N HIS EA 255 -11.73 19.19 -37.80
CA HIS EA 255 -10.93 20.32 -37.47
C HIS EA 255 -10.62 20.34 -35.99
N ARG EA 256 -11.61 20.04 -35.15
CA ARG EA 256 -11.36 20.14 -33.73
C ARG EA 256 -10.27 19.20 -33.25
N ALA EA 257 -10.13 18.06 -33.92
CA ALA EA 257 -9.19 17.05 -33.51
C ALA EA 257 -7.79 17.31 -33.99
N VAL EA 258 -7.58 18.35 -34.78
CA VAL EA 258 -6.26 18.57 -35.31
C VAL EA 258 -5.29 18.81 -34.17
N LYS EA 259 -5.67 19.66 -33.23
CA LYS EA 259 -4.76 19.96 -32.18
C LYS EA 259 -4.33 18.77 -31.36
N PRO EA 260 -5.26 18.06 -30.64
CA PRO EA 260 -4.95 16.93 -29.82
C PRO EA 260 -4.35 15.79 -30.58
N ALA EA 261 -4.67 15.65 -31.87
CA ALA EA 261 -4.09 14.54 -32.58
C ALA EA 261 -2.62 14.71 -32.73
N ASN EA 262 -2.21 15.94 -33.02
CA ASN EA 262 -0.82 16.15 -33.23
C ASN EA 262 -0.07 16.15 -31.92
N GLN EA 263 -0.64 16.79 -30.89
CA GLN EA 263 0.12 16.79 -29.65
C GLN EA 263 0.15 15.39 -29.05
N LEU EA 264 -0.86 14.57 -29.32
CA LEU EA 264 -0.88 13.23 -28.81
C LEU EA 264 0.19 12.40 -29.42
N LYS EA 265 0.28 12.42 -30.74
CA LYS EA 265 1.26 11.57 -31.37
C LYS EA 265 2.64 12.06 -31.03
N LEU EA 266 2.79 13.38 -30.88
CA LEU EA 266 4.07 13.94 -30.52
C LEU EA 266 4.44 13.40 -29.14
N LEU EA 267 3.49 13.40 -28.19
CA LEU EA 267 3.75 12.83 -26.89
C LEU EA 267 3.99 11.34 -26.94
N GLU EA 268 3.28 10.59 -27.78
CA GLU EA 268 3.54 9.16 -27.82
C GLU EA 268 4.99 8.97 -28.23
N ASP EA 269 5.47 9.78 -29.18
CA ASP EA 269 6.85 9.70 -29.60
C ASP EA 269 7.73 10.14 -28.45
N ALA EA 270 7.34 11.18 -27.70
CA ALA EA 270 8.19 11.62 -26.58
C ALA EA 270 8.41 10.47 -25.60
N VAL EA 271 7.36 9.67 -25.39
CA VAL EA 271 7.45 8.52 -24.51
C VAL EA 271 8.40 7.49 -25.07
N VAL EA 272 8.25 7.18 -26.35
CA VAL EA 272 9.13 6.20 -26.93
C VAL EA 272 10.56 6.70 -26.90
N ILE EA 273 10.80 7.94 -27.29
CA ILE EA 273 12.16 8.42 -27.30
C ILE EA 273 12.74 8.32 -25.93
N TYR EA 274 12.02 8.77 -24.90
CA TYR EA 274 12.51 8.73 -23.53
C TYR EA 274 13.01 7.31 -23.19
N ARG EA 275 12.27 6.29 -23.60
CA ARG EA 275 12.66 4.94 -23.29
C ARG EA 275 13.60 4.22 -24.27
N ILE EA 276 13.91 4.83 -25.42
CA ILE EA 276 14.85 4.18 -26.34
C ILE EA 276 16.21 4.80 -26.11
N THR EA 277 16.22 6.11 -26.00
CA THR EA 277 17.43 6.81 -25.74
C THR EA 277 17.85 6.23 -24.41
N ARG EA 278 19.13 5.89 -24.27
CA ARG EA 278 19.70 5.37 -22.99
C ARG EA 278 19.33 3.90 -22.74
N ALA EA 279 18.53 3.26 -23.61
CA ALA EA 279 18.15 1.87 -23.42
C ALA EA 279 19.30 0.90 -23.11
N PRO EA 280 20.47 0.97 -23.78
CA PRO EA 280 21.61 0.11 -23.57
C PRO EA 280 22.35 0.56 -22.34
N ASP EA 281 23.48 -0.08 -22.04
CA ASP EA 281 24.24 0.48 -20.94
C ASP EA 281 24.86 1.74 -21.51
N ARG EA 282 25.56 2.51 -20.67
CA ARG EA 282 26.17 3.76 -21.20
C ARG EA 282 27.37 4.17 -20.34
N ARG EA 283 28.51 4.49 -20.96
CA ARG EA 283 29.68 4.88 -20.13
C ARG EA 283 30.78 5.53 -20.99
N VAL EA 284 31.45 6.53 -20.42
CA VAL EA 284 32.55 7.21 -21.08
C VAL EA 284 33.88 6.76 -20.51
N TRP EA 285 34.73 6.23 -21.38
CA TRP EA 285 36.06 5.83 -21.00
C TRP EA 285 36.95 7.07 -21.07
N TYR EA 286 37.59 7.42 -19.98
CA TYR EA 286 38.47 8.58 -20.05
C TYR EA 286 39.87 8.07 -20.12
N VAL EA 287 40.59 8.54 -21.13
CA VAL EA 287 41.94 8.08 -21.36
C VAL EA 287 42.97 9.20 -21.24
N ASP EA 288 43.98 8.91 -20.43
CA ASP EA 288 45.11 9.81 -20.18
C ASP EA 288 46.11 9.59 -21.28
N THR EA 289 46.20 10.55 -22.18
CA THR EA 289 47.03 10.46 -23.34
C THR EA 289 48.06 11.56 -23.20
N GLY EA 290 48.38 11.92 -21.95
CA GLY EA 290 49.33 12.97 -21.71
C GLY EA 290 50.74 12.55 -22.06
N ASN EA 291 51.62 13.54 -22.13
CA ASN EA 291 53.03 13.41 -22.51
C ASN EA 291 53.18 12.82 -23.93
N MET EA 292 52.23 13.15 -24.81
CA MET EA 292 52.24 12.73 -26.20
C MET EA 292 51.81 13.92 -27.05
N PRO EA 293 52.30 14.08 -28.28
CA PRO EA 293 51.84 15.08 -29.21
C PRO EA 293 50.45 14.64 -29.61
N ALA EA 294 49.54 15.56 -29.93
CA ALA EA 294 48.16 15.19 -30.26
C ALA EA 294 48.05 14.18 -31.42
N ARG EA 295 48.96 14.30 -32.39
CA ARG EA 295 48.97 13.44 -33.56
C ARG EA 295 49.20 11.97 -33.22
N LYS EA 296 49.83 11.73 -32.07
CA LYS EA 296 50.12 10.38 -31.61
C LYS EA 296 49.29 10.07 -30.37
N ALA EA 297 48.88 11.08 -29.61
CA ALA EA 297 48.12 10.90 -28.39
C ALA EA 297 46.85 10.12 -28.71
N ALA EA 298 46.29 10.43 -29.88
CA ALA EA 298 45.12 9.76 -30.40
C ALA EA 298 45.32 8.25 -30.52
N GLU EA 299 46.54 7.79 -30.83
CA GLU EA 299 46.79 6.37 -30.98
C GLU EA 299 46.59 5.63 -29.66
N HIS EA 300 46.91 6.29 -28.53
CA HIS EA 300 46.76 5.67 -27.24
C HIS EA 300 45.28 5.55 -26.99
N MET EA 301 44.55 6.63 -27.27
CA MET EA 301 43.10 6.62 -27.14
C MET EA 301 42.48 5.51 -27.99
N GLN EA 302 42.96 5.38 -29.24
CA GLN EA 302 42.46 4.35 -30.15
C GLN EA 302 42.77 2.96 -29.63
N HIS EA 303 43.99 2.77 -29.11
CA HIS EA 303 44.37 1.48 -28.57
C HIS EA 303 43.47 1.10 -27.41
N VAL EA 304 43.29 2.02 -26.47
CA VAL EA 304 42.49 1.69 -25.33
C VAL EA 304 41.06 1.39 -25.73
N MET EA 305 40.44 2.21 -26.60
CA MET EA 305 39.06 1.87 -26.92
C MET EA 305 39.01 0.57 -27.72
N ASN EA 306 40.02 0.27 -28.51
CA ASN EA 306 40.00 -0.98 -29.25
C ASN EA 306 40.05 -2.20 -28.32
N THR EA 307 40.65 -2.08 -27.12
CA THR EA 307 40.67 -3.24 -26.24
C THR EA 307 39.57 -3.17 -25.17
N MET EA 308 39.05 -1.97 -24.89
CA MET EA 308 38.02 -1.74 -23.87
C MET EA 308 36.57 -1.66 -24.36
N LYS EA 309 36.36 -1.10 -25.56
CA LYS EA 309 35.03 -0.86 -26.11
C LYS EA 309 34.17 -2.10 -26.15
N ASN EA 310 32.95 -1.97 -25.66
CA ASN EA 310 32.03 -3.09 -25.66
C ASN EA 310 31.46 -3.29 -27.05
N ARG EA 311 32.26 -3.82 -27.98
CA ARG EA 311 31.82 -4.00 -29.37
C ARG EA 311 30.91 -5.20 -29.47
N VAL EA 312 29.75 -5.05 -28.87
CA VAL EA 312 28.74 -6.07 -28.74
C VAL EA 312 27.39 -5.53 -29.17
N VAL EA 313 26.69 -6.26 -30.03
CA VAL EA 313 25.38 -5.80 -30.50
C VAL EA 313 24.29 -6.86 -30.39
N TYR EA 314 23.05 -6.36 -30.25
CA TYR EA 314 21.83 -7.20 -30.14
C TYR EA 314 21.14 -7.31 -31.52
N ASP EA 315 20.89 -8.56 -31.92
CA ASP EA 315 20.23 -8.95 -33.16
C ASP EA 315 18.71 -8.87 -33.05
N ALA EA 316 18.10 -7.93 -33.75
CA ALA EA 316 16.67 -7.76 -33.65
C ALA EA 316 15.90 -8.74 -34.55
N SER EA 317 16.59 -9.57 -35.34
CA SER EA 317 15.87 -10.53 -36.17
C SER EA 317 15.70 -11.79 -35.34
N THR EA 318 16.77 -12.15 -34.64
CA THR EA 318 16.80 -13.30 -33.74
C THR EA 318 17.35 -12.79 -32.43
N GLY EA 319 16.67 -13.01 -31.31
CA GLY EA 319 17.10 -12.42 -30.03
C GLY EA 319 18.39 -13.00 -29.41
N LYS EA 320 19.51 -12.74 -30.07
CA LYS EA 320 20.84 -13.16 -29.66
C LYS EA 320 21.88 -12.04 -29.73
N ILE EA 321 23.03 -12.27 -29.10
CA ILE EA 321 24.10 -11.29 -29.16
C ILE EA 321 25.22 -11.77 -30.09
N LYS EA 322 25.50 -10.96 -31.10
CA LYS EA 322 26.43 -11.34 -32.16
C LYS EA 322 27.85 -11.59 -31.72
N ASN EA 323 28.33 -12.76 -32.10
CA ASN EA 323 29.69 -13.26 -31.89
C ASN EA 323 30.13 -13.22 -30.44
N GLN EA 324 29.24 -13.50 -29.49
CA GLN EA 324 29.68 -13.45 -28.09
C GLN EA 324 29.90 -14.77 -27.39
N GLN EA 325 30.03 -15.85 -28.14
CA GLN EA 325 30.24 -17.18 -27.56
C GLN EA 325 31.36 -17.16 -26.49
N HIS EA 326 31.25 -17.92 -25.36
CA HIS EA 326 30.18 -18.86 -25.03
C HIS EA 326 28.88 -18.11 -24.70
N ASN EA 327 27.82 -18.83 -24.39
CA ASN EA 327 26.50 -18.23 -24.33
C ASN EA 327 26.29 -17.08 -23.32
N MET EA 328 26.97 -17.10 -22.17
CA MET EA 328 26.82 -16.02 -21.18
C MET EA 328 28.05 -15.96 -20.28
N SER EA 329 28.76 -14.85 -20.25
CA SER EA 329 29.96 -14.78 -19.41
C SER EA 329 29.60 -14.59 -17.95
N MET EA 330 30.53 -14.89 -17.02
CA MET EA 330 30.20 -14.57 -15.64
C MET EA 330 30.36 -13.10 -15.33
N THR EA 331 31.22 -12.42 -16.09
CA THR EA 331 31.52 -11.02 -15.88
C THR EA 331 32.18 -10.29 -17.03
N GLU EA 332 31.99 -8.98 -17.07
CA GLU EA 332 32.68 -8.11 -18.00
C GLU EA 332 33.96 -7.57 -17.34
N ASP EA 333 35.09 -8.17 -17.69
CA ASP EA 333 36.39 -7.86 -17.08
C ASP EA 333 37.25 -6.85 -17.85
N TYR EA 334 37.51 -5.66 -17.31
CA TYR EA 334 38.32 -4.68 -18.10
C TYR EA 334 39.50 -4.13 -17.29
N TRP EA 335 40.67 -3.99 -17.94
CA TRP EA 335 41.83 -3.42 -17.27
C TRP EA 335 42.36 -2.18 -17.94
N LEU EA 336 42.62 -1.17 -17.12
CA LEU EA 336 43.22 0.06 -17.56
C LEU EA 336 44.54 0.29 -16.87
N GLN EA 337 45.51 0.72 -17.64
CA GLN EA 337 46.79 1.07 -17.07
C GLN EA 337 46.79 2.55 -16.80
N ARG EA 338 47.17 2.95 -15.59
CA ARG EA 338 47.27 4.37 -15.32
C ARG EA 338 48.74 4.69 -15.54
N ARG EA 339 49.08 5.96 -15.78
CA ARG EA 339 50.49 6.35 -16.11
C ARG EA 339 51.34 6.53 -14.83
N ASP EA 340 50.69 6.47 -13.67
CA ASP EA 340 51.26 6.63 -12.35
C ASP EA 340 50.14 6.32 -11.38
N GLY EA 341 50.42 6.38 -10.09
CA GLY EA 341 49.37 6.25 -9.07
C GLY EA 341 48.58 7.55 -8.91
N LYS EA 342 48.05 8.05 -10.02
CA LYS EA 342 47.29 9.30 -10.07
C LYS EA 342 46.04 9.07 -10.91
N ALA EA 343 44.88 9.28 -10.31
CA ALA EA 343 43.61 8.97 -10.96
C ALA EA 343 43.13 9.99 -11.99
N VAL EA 344 43.88 10.09 -13.08
CA VAL EA 344 43.52 10.96 -14.19
C VAL EA 344 42.41 10.31 -14.99
N THR EA 345 42.55 9.00 -15.24
CA THR EA 345 41.59 8.21 -15.99
C THR EA 345 40.44 7.73 -15.12
N GLU EA 346 39.37 7.29 -15.78
CA GLU EA 346 38.19 6.76 -15.07
C GLU EA 346 37.16 6.17 -16.02
N VAL EA 347 36.16 5.50 -15.44
CA VAL EA 347 35.01 5.04 -16.23
C VAL EA 347 33.75 5.65 -15.64
N ASP EA 348 33.11 6.49 -16.44
CA ASP EA 348 31.95 7.28 -16.03
C ASP EA 348 30.65 6.73 -16.61
N THR EA 349 29.84 6.02 -15.83
CA THR EA 349 28.63 5.45 -16.43
C THR EA 349 27.56 6.52 -16.56
N LEU EA 350 26.58 6.30 -17.44
CA LEU EA 350 25.55 7.32 -17.59
C LEU EA 350 24.15 6.74 -17.27
N PRO EA 351 23.13 7.57 -16.95
CA PRO EA 351 21.74 7.14 -16.68
C PRO EA 351 21.12 6.35 -17.83
N GLY EA 352 20.35 5.32 -17.50
CA GLY EA 352 19.71 4.47 -18.52
C GLY EA 352 18.25 4.85 -18.80
N ALA EA 353 17.61 4.11 -19.70
CA ALA EA 353 16.20 4.35 -20.08
C ALA EA 353 15.22 3.79 -19.06
N ASP EA 354 15.25 4.37 -17.87
CA ASP EA 354 14.46 3.94 -16.74
C ASP EA 354 12.95 3.99 -16.94
N ASN EA 355 12.27 3.06 -16.29
CA ASN EA 355 10.82 2.97 -16.34
C ASN EA 355 10.16 4.00 -15.45
N THR EA 356 10.19 5.23 -15.93
CA THR EA 356 9.66 6.38 -15.22
C THR EA 356 8.13 6.41 -15.16
N GLY EA 357 7.44 5.90 -16.19
CA GLY EA 357 5.98 5.98 -16.20
C GLY EA 357 5.34 4.98 -15.27
N ASN EA 358 4.15 5.26 -14.69
CA ASN EA 358 3.32 6.48 -14.70
C ASN EA 358 2.95 7.05 -16.08
N MET EA 359 2.61 6.19 -17.03
CA MET EA 359 2.22 6.68 -18.36
C MET EA 359 0.76 7.12 -18.33
N GLU EA 360 0.52 8.28 -17.73
CA GLU EA 360 -0.84 8.78 -17.52
C GLU EA 360 -1.28 9.90 -18.45
N ASP EA 361 -0.36 10.69 -18.98
CA ASP EA 361 -0.76 11.81 -19.80
C ASP EA 361 -1.24 11.31 -21.13
N ILE EA 362 -0.61 10.28 -21.61
CA ILE EA 362 -1.00 9.72 -22.87
C ILE EA 362 -2.44 9.26 -22.77
N ARG EA 363 -2.80 8.65 -21.65
CA ARG EA 363 -4.16 8.17 -21.47
C ARG EA 363 -5.13 9.35 -21.56
N TRP EA 364 -4.78 10.46 -20.88
CA TRP EA 364 -5.57 11.67 -20.89
C TRP EA 364 -5.80 12.16 -22.29
N PHE EA 365 -4.71 12.32 -23.01
CA PHE EA 365 -4.78 12.86 -24.33
C PHE EA 365 -5.49 11.94 -25.29
N ARG EA 366 -5.27 10.62 -25.19
CA ARG EA 366 -5.97 9.72 -26.08
C ARG EA 366 -7.46 9.85 -25.88
N GLN EA 367 -7.90 9.92 -24.63
CA GLN EA 367 -9.32 10.04 -24.40
C GLN EA 367 -9.83 11.35 -24.96
N ALA EA 368 -9.04 12.42 -24.79
CA ALA EA 368 -9.44 13.72 -25.28
C ALA EA 368 -9.62 13.69 -26.78
N LEU EA 369 -8.73 12.99 -27.48
CA LEU EA 369 -8.80 12.90 -28.91
C LEU EA 369 -10.05 12.17 -29.35
N TYR EA 370 -10.32 11.03 -28.69
CA TYR EA 370 -11.52 10.22 -28.98
C TYR EA 370 -12.78 11.10 -28.91
N MET EA 371 -12.81 12.04 -27.95
CA MET EA 371 -13.94 12.91 -27.81
C MET EA 371 -13.88 14.05 -28.85
N ALA EA 372 -12.67 14.54 -29.15
CA ALA EA 372 -12.46 15.61 -30.14
C ALA EA 372 -12.99 15.23 -31.50
N LEU EA 373 -12.90 13.95 -31.78
CA LEU EA 373 -13.32 13.35 -33.03
C LEU EA 373 -14.80 13.04 -33.11
N ARG EA 374 -15.54 13.40 -32.06
CA ARG EA 374 -16.97 13.17 -31.89
C ARG EA 374 -17.30 11.70 -31.80
N VAL EA 375 -16.48 10.97 -31.07
CA VAL EA 375 -16.71 9.58 -30.81
C VAL EA 375 -17.58 9.47 -29.57
N PRO EA 376 -18.63 8.67 -29.56
CA PRO EA 376 -19.46 8.45 -28.40
C PRO EA 376 -18.59 7.78 -27.33
N LEU EA 377 -18.85 8.09 -26.06
CA LEU EA 377 -18.06 7.63 -24.92
C LEU EA 377 -17.87 6.13 -24.77
N SER EA 378 -18.85 5.34 -25.18
CA SER EA 378 -18.77 3.90 -25.02
C SER EA 378 -17.76 3.25 -25.96
N ARG EA 379 -17.22 4.00 -26.91
CA ARG EA 379 -16.28 3.45 -27.85
C ARG EA 379 -14.84 3.77 -27.48
N ILE EA 380 -13.93 2.98 -28.02
CA ILE EA 380 -12.51 3.15 -27.83
C ILE EA 380 -11.73 2.31 -28.82
N SER EA 395 -29.16 0.25 -27.79
CA SER EA 395 -29.98 0.86 -26.74
C SER EA 395 -30.11 2.36 -26.95
N ILE EA 396 -31.06 3.00 -26.26
CA ILE EA 396 -31.15 4.44 -26.39
C ILE EA 396 -30.79 5.12 -25.09
N THR EA 397 -29.66 5.79 -25.11
CA THR EA 397 -29.17 6.50 -23.95
C THR EA 397 -29.03 7.93 -24.37
N ARG EA 398 -28.85 8.85 -23.43
CA ARG EA 398 -28.72 10.24 -23.82
C ARG EA 398 -27.57 10.46 -24.78
N ASP EA 399 -26.47 9.74 -24.58
CA ASP EA 399 -25.31 9.95 -25.41
C ASP EA 399 -25.44 9.22 -26.72
N GLU EA 400 -26.05 8.04 -26.70
CA GLU EA 400 -26.21 7.30 -27.94
C GLU EA 400 -27.17 8.06 -28.82
N LEU EA 401 -28.16 8.68 -28.19
CA LEU EA 401 -29.17 9.46 -28.86
C LEU EA 401 -28.54 10.70 -29.42
N THR EA 402 -27.71 11.38 -28.63
CA THR EA 402 -27.05 12.58 -29.10
C THR EA 402 -26.24 12.26 -30.34
N PHE EA 403 -25.52 11.15 -30.28
CA PHE EA 403 -24.73 10.72 -31.40
C PHE EA 403 -25.65 10.45 -32.58
N ALA EA 404 -26.75 9.73 -32.36
CA ALA EA 404 -27.68 9.46 -33.45
C ALA EA 404 -28.21 10.76 -34.06
N LYS EA 405 -28.46 11.79 -33.23
CA LYS EA 405 -28.94 13.06 -33.72
C LYS EA 405 -27.89 13.62 -34.66
N PHE EA 406 -26.63 13.57 -34.22
CA PHE EA 406 -25.51 14.05 -35.01
C PHE EA 406 -25.49 13.35 -36.35
N ILE EA 407 -25.60 12.04 -36.35
CA ILE EA 407 -25.53 11.29 -37.58
C ILE EA 407 -26.63 11.68 -38.54
N ARG EA 408 -27.87 11.79 -38.09
CA ARG EA 408 -28.86 12.15 -39.06
C ARG EA 408 -28.64 13.58 -39.52
N GLU EA 409 -28.21 14.48 -38.63
CA GLU EA 409 -27.99 15.85 -39.08
C GLU EA 409 -26.92 15.90 -40.13
N LEU EA 410 -25.89 15.08 -40.01
CA LEU EA 410 -24.87 15.08 -41.03
C LEU EA 410 -25.47 14.59 -42.34
N GLN EA 411 -26.26 13.54 -42.25
CA GLN EA 411 -26.87 12.93 -43.41
C GLN EA 411 -27.83 13.89 -44.10
N HIS EA 412 -28.51 14.74 -43.33
CA HIS EA 412 -29.49 15.66 -43.87
C HIS EA 412 -28.85 16.92 -44.45
N LYS EA 413 -27.53 16.96 -44.48
CA LYS EA 413 -26.80 18.02 -45.11
C LYS EA 413 -26.17 17.39 -46.33
N PHE EA 414 -25.54 16.24 -46.11
CA PHE EA 414 -24.90 15.48 -47.16
C PHE EA 414 -25.83 15.21 -48.32
N GLU EA 415 -27.09 14.84 -48.00
CA GLU EA 415 -28.14 14.43 -48.92
C GLU EA 415 -28.41 15.41 -50.04
N GLU EA 416 -27.94 16.65 -49.92
CA GLU EA 416 -28.15 17.63 -50.98
C GLU EA 416 -27.54 17.05 -52.27
N VAL EA 417 -26.49 16.24 -52.10
CA VAL EA 417 -25.75 15.59 -53.16
C VAL EA 417 -26.65 14.75 -54.08
N PHE EA 418 -27.84 14.37 -53.61
CA PHE EA 418 -28.72 13.58 -54.42
C PHE EA 418 -29.92 14.41 -54.88
N LEU EA 419 -30.04 15.63 -54.39
CA LEU EA 419 -31.18 16.47 -54.72
C LEU EA 419 -30.81 17.38 -55.84
N ASP EA 420 -29.60 17.86 -55.79
CA ASP EA 420 -29.14 18.77 -56.81
C ASP EA 420 -29.25 18.09 -58.22
N PRO EA 421 -28.59 16.93 -58.50
CA PRO EA 421 -28.71 16.27 -59.77
C PRO EA 421 -30.13 15.78 -60.04
N LEU EA 422 -30.93 15.58 -58.99
CA LEU EA 422 -32.29 15.13 -59.19
C LEU EA 422 -33.11 16.23 -59.78
N LYS EA 423 -33.08 17.41 -59.16
CA LYS EA 423 -33.91 18.47 -59.69
C LYS EA 423 -33.39 18.81 -61.07
N THR EA 424 -32.08 18.68 -61.27
CA THR EA 424 -31.51 19.00 -62.55
C THR EA 424 -32.06 18.10 -63.63
N ASN EA 425 -32.08 16.80 -63.38
CA ASN EA 425 -32.54 15.89 -64.39
C ASN EA 425 -34.02 16.08 -64.67
N LEU EA 426 -34.80 16.32 -63.62
CA LEU EA 426 -36.23 16.48 -63.76
C LEU EA 426 -36.53 17.73 -64.58
N LEU EA 427 -35.74 18.78 -64.37
CA LEU EA 427 -35.90 20.00 -65.15
C LEU EA 427 -35.54 19.73 -66.61
N LEU EA 428 -34.44 19.00 -66.84
CA LEU EA 428 -34.01 18.69 -68.20
C LEU EA 428 -35.03 17.88 -68.96
N LYS EA 429 -35.67 16.95 -68.27
CA LYS EA 429 -36.66 16.10 -68.91
C LYS EA 429 -38.03 16.74 -69.06
N GLY EA 430 -38.23 17.96 -68.54
CA GLY EA 430 -39.53 18.58 -68.63
C GLY EA 430 -40.54 17.94 -67.69
N ILE EA 431 -40.07 17.40 -66.58
CA ILE EA 431 -40.94 16.72 -65.64
C ILE EA 431 -41.46 17.67 -64.60
N ILE EA 432 -40.56 18.49 -64.07
CA ILE EA 432 -40.95 19.40 -63.01
C ILE EA 432 -40.46 20.78 -63.39
N THR EA 433 -41.13 21.83 -62.94
CA THR EA 433 -40.63 23.19 -63.16
C THR EA 433 -39.87 23.62 -61.92
N GLU EA 434 -39.12 24.73 -61.99
CA GLU EA 434 -38.39 25.18 -60.81
C GLU EA 434 -39.32 25.55 -59.66
N ASP EA 435 -40.46 26.15 -59.97
CA ASP EA 435 -41.36 26.55 -58.91
C ASP EA 435 -41.92 25.33 -58.26
N GLU EA 436 -42.29 24.34 -59.09
CA GLU EA 436 -42.87 23.15 -58.52
C GLU EA 436 -41.88 22.48 -57.60
N TRP EA 437 -40.61 22.45 -57.97
CA TRP EA 437 -39.63 21.83 -57.12
C TRP EA 437 -39.55 22.55 -55.79
N ASN EA 438 -39.50 23.88 -55.84
CA ASN EA 438 -39.41 24.66 -54.63
C ASN EA 438 -40.66 24.56 -53.77
N ASP EA 439 -41.81 24.33 -54.39
CA ASP EA 439 -43.03 24.18 -53.62
C ASP EA 439 -43.04 22.80 -52.96
N GLU EA 440 -42.55 21.78 -53.67
CA GLU EA 440 -42.51 20.44 -53.10
C GLU EA 440 -41.61 20.35 -51.87
N ILE EA 441 -40.47 21.08 -51.89
CA ILE EA 441 -39.60 21.02 -50.73
C ILE EA 441 -39.27 22.34 -50.02
N ASN EA 442 -39.76 22.54 -48.76
CA ASN EA 442 -40.64 21.67 -47.93
C ASN EA 442 -40.16 20.23 -47.64
N ASN EA 443 -40.77 19.19 -48.24
CA ASN EA 443 -40.34 17.84 -47.92
C ASN EA 443 -40.34 16.81 -49.05
N ILE EA 444 -39.16 16.56 -49.61
CA ILE EA 444 -38.96 15.49 -50.61
C ILE EA 444 -37.76 14.76 -50.05
N LYS EA 445 -37.68 14.72 -48.72
CA LYS EA 445 -36.53 14.20 -48.01
C LYS EA 445 -36.11 12.79 -48.39
N ILE EA 446 -34.85 12.55 -48.16
CA ILE EA 446 -34.21 11.30 -48.45
C ILE EA 446 -34.00 10.51 -47.19
N GLU EA 447 -34.48 9.28 -47.20
CA GLU EA 447 -34.40 8.39 -46.08
C GLU EA 447 -33.17 7.52 -46.11
N PHE EA 448 -32.51 7.43 -44.97
CA PHE EA 448 -31.38 6.54 -44.91
C PHE EA 448 -31.80 5.34 -44.08
N HIS EA 449 -31.16 4.21 -44.34
CA HIS EA 449 -31.40 2.97 -43.64
C HIS EA 449 -30.64 2.91 -42.37
N ARG EA 450 -31.15 2.13 -41.45
CA ARG EA 450 -30.51 1.95 -40.18
C ARG EA 450 -30.22 0.49 -39.98
N ASP EA 451 -29.29 0.20 -39.08
CA ASP EA 451 -28.95 -1.17 -38.75
C ASP EA 451 -30.11 -1.76 -38.00
N SER EA 452 -30.74 -2.76 -38.61
CA SER EA 452 -31.92 -3.36 -38.04
C SER EA 452 -31.62 -4.07 -36.72
N TYR EA 453 -30.36 -4.45 -36.48
CA TYR EA 453 -30.03 -5.14 -35.24
C TYR EA 453 -30.35 -4.21 -34.10
N PHE EA 454 -29.78 -3.03 -34.21
CA PHE EA 454 -29.92 -2.03 -33.19
C PHE EA 454 -31.30 -1.45 -33.21
N ALA EA 455 -31.89 -1.30 -34.38
CA ALA EA 455 -33.21 -0.72 -34.40
C ALA EA 455 -34.17 -1.59 -33.62
N GLU EA 456 -34.06 -2.91 -33.81
CA GLU EA 456 -34.93 -3.90 -33.11
C GLU EA 456 -34.74 -3.76 -31.59
N LEU EA 457 -33.50 -3.60 -31.13
CA LEU EA 457 -33.24 -3.48 -29.72
C LEU EA 457 -33.84 -2.19 -29.19
N LYS EA 458 -33.69 -1.11 -29.95
CA LYS EA 458 -34.22 0.17 -29.55
C LYS EA 458 -35.73 0.14 -29.46
N GLU EA 459 -36.38 -0.55 -30.40
CA GLU EA 459 -37.83 -0.68 -30.38
C GLU EA 459 -38.30 -1.47 -29.16
N ALA EA 460 -37.56 -2.52 -28.79
CA ALA EA 460 -37.92 -3.29 -27.59
C ALA EA 460 -37.85 -2.37 -26.38
N GLU EA 461 -36.82 -1.52 -26.37
CA GLU EA 461 -36.67 -0.49 -25.31
C GLU EA 461 -37.92 0.40 -25.41
N ILE EA 462 -38.48 0.83 -24.28
CA ILE EA 462 -39.71 1.60 -24.28
C ILE EA 462 -40.90 0.65 -24.43
N LEU EA 463 -40.94 -0.20 -25.45
CA LEU EA 463 -42.05 -1.16 -25.50
C LEU EA 463 -42.09 -1.94 -24.19
N GLU EA 464 -40.92 -2.33 -23.67
CA GLU EA 464 -40.84 -3.03 -22.39
C GLU EA 464 -41.45 -2.19 -21.28
N ARG EA 465 -41.20 -0.89 -21.33
CA ARG EA 465 -41.67 -0.02 -20.29
C ARG EA 465 -43.16 0.13 -20.40
N ARG EA 466 -43.65 0.28 -21.61
CA ARG EA 466 -45.06 0.47 -21.86
C ARG EA 466 -45.83 -0.73 -21.33
N ILE EA 467 -45.31 -1.92 -21.55
CA ILE EA 467 -45.98 -3.11 -21.08
C ILE EA 467 -45.98 -3.12 -19.55
N ASN EA 468 -44.82 -2.81 -18.94
CA ASN EA 468 -44.77 -2.78 -17.49
C ASN EA 468 -45.72 -1.72 -16.93
N MET EA 469 -45.83 -0.59 -17.62
CA MET EA 469 -46.73 0.45 -17.19
C MET EA 469 -48.16 0.01 -17.26
N LEU EA 470 -48.53 -0.70 -18.34
CA LEU EA 470 -49.90 -1.18 -18.42
C LEU EA 470 -50.17 -2.15 -17.31
N THR EA 471 -49.18 -2.99 -17.03
CA THR EA 471 -49.33 -3.99 -16.00
C THR EA 471 -49.62 -3.33 -14.68
N MET EA 472 -48.87 -2.29 -14.36
CA MET EA 472 -49.06 -1.58 -13.12
C MET EA 472 -50.37 -0.81 -13.10
N ALA EA 473 -50.70 -0.17 -14.22
CA ALA EA 473 -51.91 0.63 -14.36
C ALA EA 473 -53.18 -0.21 -14.28
N GLU EA 474 -53.11 -1.44 -14.79
CA GLU EA 474 -54.20 -2.40 -14.89
C GLU EA 474 -55.28 -2.35 -13.81
N PRO EA 475 -55.01 -2.31 -12.50
CA PRO EA 475 -56.03 -2.35 -11.49
C PRO EA 475 -57.02 -1.20 -11.61
N PHE EA 476 -56.65 -0.14 -12.31
CA PHE EA 476 -57.50 1.01 -12.44
C PHE EA 476 -58.16 1.12 -13.79
N ILE EA 477 -58.03 0.07 -14.60
CA ILE EA 477 -58.62 0.08 -15.94
C ILE EA 477 -60.14 0.20 -15.85
N GLY EA 478 -60.76 -0.33 -14.78
CA GLY EA 478 -62.20 -0.22 -14.64
C GLY EA 478 -62.64 0.96 -13.78
N LYS EA 479 -61.70 1.79 -13.31
CA LYS EA 479 -62.07 2.89 -12.43
C LYS EA 479 -61.57 4.25 -12.84
N TYR EA 480 -60.31 4.33 -13.27
CA TYR EA 480 -59.72 5.63 -13.55
C TYR EA 480 -59.26 5.79 -14.98
N ILE EA 481 -58.91 4.69 -15.63
CA ILE EA 481 -58.31 4.75 -16.96
C ILE EA 481 -59.10 4.00 -18.02
N SER EA 482 -59.61 4.69 -19.03
CA SER EA 482 -60.35 3.98 -20.10
C SER EA 482 -59.38 3.14 -20.96
N HIS EA 483 -59.87 2.22 -21.81
CA HIS EA 483 -58.94 1.46 -22.64
C HIS EA 483 -58.35 2.39 -23.67
N ARG EA 484 -59.16 3.29 -24.23
CA ARG EA 484 -58.62 4.23 -25.19
C ARG EA 484 -57.47 4.99 -24.55
N THR EA 485 -57.67 5.42 -23.31
CA THR EA 485 -56.66 6.14 -22.55
C THR EA 485 -55.44 5.28 -22.37
N ALA EA 486 -55.60 4.03 -21.98
CA ALA EA 486 -54.41 3.23 -21.81
C ALA EA 486 -53.64 3.13 -23.13
N MET EA 487 -54.36 2.98 -24.22
CA MET EA 487 -53.71 2.82 -25.49
C MET EA 487 -53.01 4.10 -25.95
N LYS EA 488 -53.64 5.26 -25.80
CA LYS EA 488 -53.03 6.51 -26.26
C LYS EA 488 -52.01 7.10 -25.29
N ASP EA 489 -52.21 6.91 -23.98
CA ASP EA 489 -51.30 7.50 -23.00
C ASP EA 489 -50.21 6.55 -22.50
N ILE EA 490 -50.42 5.23 -22.51
CA ILE EA 490 -49.38 4.33 -22.07
C ILE EA 490 -48.71 3.73 -23.30
N LEU EA 491 -49.48 3.15 -24.21
CA LEU EA 491 -48.88 2.51 -25.39
C LEU EA 491 -48.50 3.49 -26.48
N GLN EA 492 -48.89 4.73 -26.29
CA GLN EA 492 -48.66 5.86 -27.16
C GLN EA 492 -49.23 5.67 -28.56
N MET EA 493 -50.39 5.03 -28.65
CA MET EA 493 -51.04 4.77 -29.92
C MET EA 493 -51.81 5.96 -30.42
N THR EA 494 -51.92 6.11 -31.74
CA THR EA 494 -52.70 7.20 -32.30
C THR EA 494 -54.15 6.81 -32.34
N ASP EA 495 -55.05 7.76 -32.61
CA ASP EA 495 -56.47 7.42 -32.65
C ASP EA 495 -56.77 6.38 -33.71
N GLU EA 496 -56.12 6.53 -34.86
CA GLU EA 496 -56.34 5.63 -35.97
C GLU EA 496 -55.79 4.28 -35.63
N GLU EA 497 -54.61 4.26 -35.03
CA GLU EA 497 -53.95 3.05 -34.66
C GLU EA 497 -54.82 2.24 -33.71
N ILE EA 498 -55.46 2.93 -32.77
CA ILE EA 498 -56.34 2.28 -31.81
C ILE EA 498 -57.52 1.64 -32.50
N GLU EA 499 -58.18 2.38 -33.38
CA GLU EA 499 -59.31 1.80 -34.08
C GLU EA 499 -58.88 0.58 -34.89
N GLN EA 500 -57.73 0.67 -35.56
CA GLN EA 500 -57.25 -0.42 -36.37
C GLN EA 500 -56.99 -1.67 -35.55
N GLU EA 501 -56.36 -1.47 -34.39
CA GLU EA 501 -56.03 -2.59 -33.46
C GLU EA 501 -57.31 -3.22 -32.93
N ALA EA 502 -58.36 -2.41 -32.71
CA ALA EA 502 -59.60 -2.94 -32.20
C ALA EA 502 -60.28 -3.80 -33.26
N LYS EA 503 -60.24 -3.34 -34.50
CA LYS EA 503 -60.84 -4.11 -35.58
C LYS EA 503 -60.07 -5.39 -35.85
N GLN EA 504 -58.74 -5.33 -35.82
CA GLN EA 504 -57.98 -6.53 -36.08
C GLN EA 504 -58.28 -7.57 -35.01
N ILE EA 505 -58.41 -7.12 -33.76
CA ILE EA 505 -58.71 -8.04 -32.68
C ILE EA 505 -60.07 -8.66 -32.89
N GLU EA 506 -61.09 -7.86 -33.22
CA GLU EA 506 -62.40 -8.45 -33.42
C GLU EA 506 -62.33 -9.57 -34.44
N GLU EA 507 -61.62 -9.36 -35.55
CA GLU EA 507 -61.53 -10.45 -36.51
C GLU EA 507 -60.83 -11.67 -35.91
N GLU EA 508 -59.71 -11.43 -35.21
CA GLU EA 508 -58.89 -12.48 -34.62
C GLU EA 508 -59.62 -13.30 -33.59
N SER EA 509 -60.62 -12.70 -32.95
CA SER EA 509 -61.44 -13.36 -31.95
C SER EA 509 -61.80 -14.77 -32.41
N LYS EA 510 -62.16 -14.94 -33.69
CA LYS EA 510 -62.53 -16.26 -34.15
C LYS EA 510 -61.35 -16.85 -34.91
N MET FA 1 -27.78 69.64 -46.18
CA MET FA 1 -26.90 68.76 -45.43
C MET FA 1 -27.73 67.83 -44.59
N LYS FA 2 -29.00 68.17 -44.46
CA LYS FA 2 -29.89 67.38 -43.63
C LYS FA 2 -30.38 66.15 -44.36
N PHE FA 3 -29.48 65.20 -44.54
CA PHE FA 3 -29.75 64.02 -45.32
C PHE FA 3 -30.59 63.00 -44.60
N ASN FA 4 -31.37 62.28 -45.41
CA ASN FA 4 -32.24 61.20 -44.99
C ASN FA 4 -31.52 59.87 -45.18
N VAL FA 5 -32.20 58.81 -44.82
CA VAL FA 5 -31.75 57.43 -44.96
C VAL FA 5 -31.76 57.04 -46.43
N LEU FA 6 -30.89 56.09 -46.83
CA LEU FA 6 -30.96 55.63 -48.21
C LEU FA 6 -32.43 55.27 -48.37
N SER FA 7 -33.03 55.70 -49.48
CA SER FA 7 -34.48 55.58 -49.70
C SER FA 7 -35.04 54.19 -49.62
N LEU FA 8 -34.22 53.20 -49.82
CA LEU FA 8 -34.63 51.83 -49.75
C LEU FA 8 -35.12 51.44 -48.35
N PHE FA 9 -34.70 52.20 -47.34
CA PHE FA 9 -35.10 51.97 -45.97
C PHE FA 9 -36.19 52.93 -45.56
N ALA FA 10 -36.54 53.87 -46.42
CA ALA FA 10 -37.45 54.92 -46.00
C ALA FA 10 -38.74 54.37 -45.46
N PRO FA 11 -39.40 53.37 -46.07
CA PRO FA 11 -40.62 52.81 -45.52
C PRO FA 11 -40.45 52.34 -44.08
N TRP FA 12 -39.26 51.90 -43.69
CA TRP FA 12 -39.11 51.44 -42.33
C TRP FA 12 -38.97 52.66 -41.47
N ALA FA 13 -38.28 53.65 -42.01
CA ALA FA 13 -38.06 54.87 -41.28
C ALA FA 13 -39.40 55.52 -41.01
N LYS FA 14 -40.30 55.46 -41.98
CA LYS FA 14 -41.62 56.03 -41.86
C LYS FA 14 -42.40 55.35 -40.76
N MET FA 15 -42.29 54.03 -40.67
CA MET FA 15 -42.97 53.32 -39.61
C MET FA 15 -42.46 53.84 -38.28
N ASP FA 16 -41.13 53.99 -38.16
CA ASP FA 16 -40.59 54.52 -36.93
C ASP FA 16 -40.95 55.96 -36.69
N GLU FA 17 -41.02 56.79 -37.72
CA GLU FA 17 -41.38 58.16 -37.48
C GLU FA 17 -42.74 58.20 -36.83
N ARG FA 18 -43.66 57.36 -37.30
CA ARG FA 18 -44.97 57.30 -36.71
C ARG FA 18 -44.90 56.77 -35.28
N ASN FA 19 -44.08 55.73 -35.05
CA ASN FA 19 -43.99 55.14 -33.73
C ASN FA 19 -43.51 56.15 -32.71
N PHE FA 20 -42.54 56.96 -33.11
CA PHE FA 20 -42.01 57.95 -32.21
C PHE FA 20 -42.95 59.11 -32.09
N LYS FA 21 -43.57 59.54 -33.19
CA LYS FA 21 -44.49 60.65 -33.10
C LYS FA 21 -45.52 60.38 -32.00
N ASP FA 22 -46.00 59.15 -31.90
CA ASP FA 22 -46.95 58.87 -30.83
C ASP FA 22 -46.26 58.64 -29.49
N GLN FA 23 -45.08 58.03 -29.45
CA GLN FA 23 -44.41 57.87 -28.15
C GLN FA 23 -44.14 59.23 -27.49
N GLU FA 24 -43.83 60.21 -28.31
CA GLU FA 24 -43.54 61.57 -27.86
C GLU FA 24 -44.75 62.26 -27.21
N LYS FA 25 -45.95 61.73 -27.44
CA LYS FA 25 -47.18 62.28 -26.87
C LYS FA 25 -47.58 61.52 -25.62
N GLU FA 26 -46.77 60.53 -25.24
CA GLU FA 26 -47.02 59.70 -24.10
C GLU FA 26 -46.69 60.47 -22.84
N ASP FA 27 -47.28 60.04 -21.74
CA ASP FA 27 -47.11 60.66 -20.45
C ASP FA 27 -45.95 60.10 -19.63
N LEU FA 28 -45.02 59.38 -20.26
CA LEU FA 28 -43.83 58.94 -19.51
C LEU FA 28 -42.84 60.08 -19.43
N VAL FA 29 -43.22 61.04 -18.62
CA VAL FA 29 -42.54 62.29 -18.38
C VAL FA 29 -42.24 62.37 -16.90
N SER FA 30 -41.43 63.35 -16.50
CA SER FA 30 -41.10 63.55 -15.10
C SER FA 30 -40.37 62.33 -14.56
N ILE FA 31 -39.42 61.87 -15.39
CA ILE FA 31 -38.56 60.72 -15.12
C ILE FA 31 -37.10 61.11 -14.99
N THR FA 32 -36.47 60.77 -13.88
CA THR FA 32 -35.06 61.13 -13.69
C THR FA 32 -34.12 60.32 -14.58
N ALA FA 33 -33.93 59.05 -14.24
CA ALA FA 33 -33.09 58.16 -15.02
C ALA FA 33 -33.94 57.69 -16.21
N PRO FA 34 -33.39 57.51 -17.41
CA PRO FA 34 -34.15 57.15 -18.60
C PRO FA 34 -34.85 55.83 -18.44
N LYS FA 35 -36.05 55.74 -18.97
CA LYS FA 35 -36.82 54.52 -18.83
C LYS FA 35 -36.35 53.45 -19.79
N LEU FA 36 -35.22 52.83 -19.43
CA LEU FA 36 -34.54 51.83 -20.23
C LEU FA 36 -33.84 50.72 -19.43
N ASP FA 37 -34.17 49.46 -19.72
CA ASP FA 37 -33.52 48.35 -19.03
C ASP FA 37 -32.39 47.66 -19.81
N ASP FA 38 -32.54 47.50 -21.12
CA ASP FA 38 -31.57 46.75 -21.92
C ASP FA 38 -31.55 47.11 -23.41
N GLY FA 39 -30.77 46.35 -24.19
CA GLY FA 39 -30.63 46.55 -25.62
C GLY FA 39 -29.71 47.70 -26.02
N ALA FA 40 -30.21 48.59 -26.87
CA ALA FA 40 -29.43 49.71 -27.40
C ALA FA 40 -28.86 50.62 -26.32
N ARG FA 41 -27.63 51.10 -26.57
CA ARG FA 41 -26.84 51.97 -25.69
C ARG FA 41 -27.27 53.42 -25.64
N GLU FA 42 -27.61 53.93 -24.46
CA GLU FA 42 -28.08 55.31 -24.33
C GLU FA 42 -26.98 56.36 -24.30
N PHE FA 43 -27.34 57.58 -24.71
CA PHE FA 43 -26.40 58.69 -24.68
C PHE FA 43 -27.05 60.08 -24.67
N GLU FA 44 -26.56 60.94 -23.79
CA GLU FA 44 -27.03 62.33 -23.70
C GLU FA 44 -26.45 63.10 -24.85
N VAL FA 45 -27.33 63.76 -25.61
CA VAL FA 45 -26.89 64.52 -26.82
C VAL FA 45 -27.14 66.02 -26.67
N SER FA 46 -27.12 66.71 -27.81
CA SER FA 46 -27.29 68.19 -27.99
C SER FA 46 -28.56 68.95 -27.55
N SER FA 47 -29.54 68.32 -26.93
CA SER FA 47 -30.73 68.98 -26.43
C SER FA 47 -31.41 69.88 -27.47
N ASN FA 48 -31.53 69.41 -28.73
CA ASN FA 48 -32.09 70.27 -29.77
C ASN FA 48 -33.43 69.83 -30.40
N GLU FA 49 -34.25 69.15 -29.60
CA GLU FA 49 -35.66 68.80 -29.86
C GLU FA 49 -35.99 67.88 -31.04
N ALA FA 50 -35.63 68.29 -32.25
CA ALA FA 50 -35.90 67.48 -33.42
C ALA FA 50 -34.76 67.51 -34.43
N ALA FA 51 -33.64 68.08 -34.03
CA ALA FA 51 -32.51 68.19 -34.92
C ALA FA 51 -31.73 66.90 -35.06
N SER FA 52 -32.29 65.95 -35.81
CA SER FA 52 -31.65 64.66 -36.01
C SER FA 52 -31.45 64.20 -37.47
N PRO FA 53 -30.76 65.01 -38.32
CA PRO FA 53 -30.40 64.70 -39.68
C PRO FA 53 -29.28 63.67 -39.67
N TYR FA 54 -29.01 63.04 -40.80
CA TYR FA 54 -27.93 62.07 -40.88
C TYR FA 54 -26.58 62.49 -40.27
N ASN FA 55 -26.07 63.67 -40.61
CA ASN FA 55 -24.74 64.05 -40.12
C ASN FA 55 -24.70 64.14 -38.60
N ALA FA 56 -25.65 64.87 -38.06
CA ALA FA 56 -25.74 65.09 -36.62
C ALA FA 56 -25.95 63.81 -35.88
N ALA FA 57 -26.84 62.97 -36.42
CA ALA FA 57 -27.12 61.73 -35.77
C ALA FA 57 -25.87 60.88 -35.78
N PHE FA 58 -25.16 60.82 -36.90
CA PHE FA 58 -23.96 60.01 -36.94
C PHE FA 58 -23.01 60.47 -35.86
N GLN FA 59 -22.77 61.77 -35.77
CA GLN FA 59 -21.82 62.25 -34.79
C GLN FA 59 -22.05 61.70 -33.40
N THR FA 60 -23.30 61.73 -32.93
CA THR FA 60 -23.49 61.27 -31.57
C THR FA 60 -23.69 59.77 -31.48
N ILE FA 61 -24.21 59.13 -32.53
CA ILE FA 61 -24.40 57.70 -32.46
C ILE FA 61 -23.02 57.09 -32.37
N PHE FA 62 -22.14 57.57 -33.25
CA PHE FA 62 -20.78 57.14 -33.30
C PHE FA 62 -20.08 57.47 -31.99
N GLY FA 63 -20.15 58.72 -31.53
CA GLY FA 63 -19.47 59.07 -30.28
C GLY FA 63 -19.94 58.19 -29.12
N SER FA 64 -21.22 57.85 -29.08
CA SER FA 64 -21.79 57.00 -28.05
C SER FA 64 -21.25 55.58 -28.08
N TYR FA 65 -21.28 54.95 -29.27
CA TYR FA 65 -20.87 53.53 -29.41
C TYR FA 65 -19.34 53.36 -29.46
N GLU FA 66 -18.65 54.30 -30.11
CA GLU FA 66 -17.21 54.22 -30.29
C GLU FA 66 -16.38 53.74 -29.08
N PRO FA 67 -16.45 54.35 -27.87
CA PRO FA 67 -15.64 53.99 -26.72
C PRO FA 67 -16.13 52.70 -26.11
N GLY FA 68 -15.85 51.62 -26.85
CA GLY FA 68 -16.31 50.28 -26.53
C GLY FA 68 -16.75 49.48 -27.75
N MET FA 69 -16.71 50.08 -28.95
CA MET FA 69 -17.10 49.28 -30.12
C MET FA 69 -15.99 48.29 -30.41
N LYS FA 70 -14.76 48.65 -30.04
CA LYS FA 70 -13.61 47.79 -30.19
C LYS FA 70 -13.78 46.59 -29.29
N THR FA 71 -14.17 46.86 -28.04
CA THR FA 71 -14.38 45.85 -27.03
C THR FA 71 -15.44 44.89 -27.53
N THR FA 72 -16.49 45.44 -28.08
CA THR FA 72 -17.60 44.66 -28.59
C THR FA 72 -17.08 43.68 -29.61
N ARG FA 73 -16.25 44.20 -30.53
CA ARG FA 73 -15.64 43.38 -31.61
C ARG FA 73 -14.72 42.31 -30.99
N GLU FA 74 -13.98 42.66 -29.94
CA GLU FA 74 -13.09 41.70 -29.32
C GLU FA 74 -13.88 40.59 -28.66
N LEU FA 75 -14.99 40.92 -28.02
CA LEU FA 75 -15.81 39.90 -27.38
C LEU FA 75 -16.36 38.94 -28.40
N ILE FA 76 -16.76 39.44 -29.55
CA ILE FA 76 -17.30 38.56 -30.58
C ILE FA 76 -16.25 37.53 -30.94
N ASP FA 77 -15.04 37.99 -31.18
CA ASP FA 77 -13.99 37.08 -31.54
C ASP FA 77 -13.56 36.21 -30.39
N THR FA 78 -13.59 36.72 -29.17
CA THR FA 78 -13.22 35.97 -28.01
C THR FA 78 -14.12 34.76 -27.86
N TYR FA 79 -15.43 35.03 -27.97
CA TYR FA 79 -16.48 33.98 -27.84
C TYR FA 79 -16.30 32.95 -28.96
N ARG FA 80 -15.98 33.43 -30.17
CA ARG FA 80 -15.76 32.55 -31.34
C ARG FA 80 -14.48 31.72 -31.12
N ASN FA 81 -13.45 32.32 -30.55
CA ASN FA 81 -12.21 31.61 -30.31
C ASN FA 81 -12.51 30.48 -29.35
N LEU FA 82 -13.36 30.73 -28.35
CA LEU FA 82 -13.76 29.64 -27.49
C LEU FA 82 -14.56 28.61 -28.24
N MET FA 83 -15.47 29.04 -29.11
CA MET FA 83 -16.30 28.11 -29.87
C MET FA 83 -15.47 27.21 -30.76
N ASN FA 84 -14.31 27.70 -31.19
CA ASN FA 84 -13.42 26.95 -32.06
C ASN FA 84 -12.57 25.91 -31.32
N ASN FA 85 -12.62 25.91 -30.00
CA ASN FA 85 -11.84 24.98 -29.22
C ASN FA 85 -12.64 23.76 -28.83
N TYR FA 86 -11.92 22.66 -28.63
CA TYR FA 86 -12.60 21.46 -28.20
C TYR FA 86 -12.85 21.51 -26.71
N GLU FA 87 -13.98 20.92 -26.33
CA GLU FA 87 -14.49 20.81 -24.96
C GLU FA 87 -15.09 22.14 -24.58
N VAL FA 88 -15.54 22.85 -25.60
CA VAL FA 88 -16.24 24.10 -25.49
C VAL FA 88 -17.38 23.98 -26.44
N ASP FA 89 -17.00 23.63 -27.66
CA ASP FA 89 -17.90 23.50 -28.76
C ASP FA 89 -18.99 22.47 -28.49
N ASN FA 90 -18.64 21.45 -27.73
CA ASN FA 90 -19.56 20.38 -27.41
C ASN FA 90 -20.59 20.79 -26.39
N ALA FA 91 -20.30 21.82 -25.60
CA ALA FA 91 -21.23 22.28 -24.61
C ALA FA 91 -22.27 23.07 -25.34
N VAL FA 92 -21.77 23.85 -26.28
CA VAL FA 92 -22.64 24.67 -27.06
C VAL FA 92 -23.52 23.76 -27.86
N SER FA 93 -22.93 22.73 -28.46
CA SER FA 93 -23.69 21.80 -29.23
C SER FA 93 -24.83 21.21 -28.43
N GLU FA 94 -24.53 20.71 -27.22
CA GLU FA 94 -25.57 20.08 -26.36
C GLU FA 94 -26.75 21.04 -26.15
N ILE FA 95 -26.47 22.33 -25.93
CA ILE FA 95 -27.47 23.34 -25.68
C ILE FA 95 -28.25 23.71 -26.90
N VAL FA 96 -27.55 23.97 -27.99
CA VAL FA 96 -28.21 24.38 -29.21
C VAL FA 96 -29.08 23.27 -29.71
N SER FA 97 -28.54 22.05 -29.70
CA SER FA 97 -29.21 20.90 -30.20
C SER FA 97 -30.50 20.67 -29.46
N ASP FA 98 -30.46 20.74 -28.15
CA ASP FA 98 -31.69 20.55 -27.42
C ASP FA 98 -32.61 21.74 -27.54
N ALA FA 99 -32.07 22.96 -27.62
CA ALA FA 99 -32.95 24.11 -27.74
C ALA FA 99 -33.77 24.04 -29.00
N ILE FA 100 -33.15 23.66 -30.11
CA ILE FA 100 -33.89 23.53 -31.34
C ILE FA 100 -33.73 22.19 -31.97
N VAL FA 101 -34.84 21.51 -32.10
CA VAL FA 101 -34.79 20.21 -32.69
C VAL FA 101 -35.74 20.18 -33.83
N TYR FA 102 -35.52 19.22 -34.67
CA TYR FA 102 -36.36 18.95 -35.79
C TYR FA 102 -36.53 17.48 -35.58
N GLU FA 103 -37.63 16.90 -36.02
CA GLU FA 103 -37.78 15.46 -35.81
C GLU FA 103 -38.46 14.72 -36.94
N ASP FA 104 -38.52 13.41 -36.76
CA ASP FA 104 -39.03 12.54 -37.79
C ASP FA 104 -40.52 12.65 -37.92
N ASP FA 105 -40.91 13.22 -39.05
CA ASP FA 105 -42.29 13.49 -39.41
C ASP FA 105 -43.03 14.28 -38.35
N THR FA 106 -42.37 15.28 -37.76
CA THR FA 106 -43.02 16.09 -36.76
C THR FA 106 -43.08 17.53 -37.19
N GLU FA 107 -43.71 18.31 -36.36
CA GLU FA 107 -43.78 19.74 -36.54
C GLU FA 107 -42.48 20.34 -36.06
N VAL FA 108 -42.38 21.64 -36.17
CA VAL FA 108 -41.23 22.39 -35.72
C VAL FA 108 -41.76 23.44 -34.81
N VAL FA 109 -40.88 24.22 -34.22
CA VAL FA 109 -41.34 25.26 -33.32
C VAL FA 109 -42.51 25.96 -33.97
N ALA FA 110 -43.57 26.18 -33.21
CA ALA FA 110 -44.74 26.80 -33.82
C ALA FA 110 -45.58 27.64 -32.89
N LEU FA 111 -46.19 28.62 -33.49
CA LEU FA 111 -47.06 29.55 -32.80
C LEU FA 111 -48.30 28.91 -32.21
N ASN FA 112 -48.54 29.12 -30.92
CA ASN FA 112 -49.72 28.55 -30.28
C ASN FA 112 -50.74 29.61 -29.91
N LEU FA 113 -51.83 29.67 -30.66
CA LEU FA 113 -52.83 30.68 -30.40
C LEU FA 113 -54.07 30.09 -29.75
N ASP FA 114 -54.23 30.33 -28.46
CA ASP FA 114 -55.32 29.78 -27.69
C ASP FA 114 -56.08 30.82 -26.88
N LYS FA 115 -55.91 32.08 -27.23
CA LYS FA 115 -56.59 33.17 -26.53
C LYS FA 115 -57.67 33.74 -27.37
N SER FA 116 -58.58 34.48 -26.73
CA SER FA 116 -59.70 35.10 -27.39
C SER FA 116 -59.26 36.01 -28.50
N LYS FA 117 -59.99 35.95 -29.60
CA LYS FA 117 -59.77 36.77 -30.78
C LYS FA 117 -61.10 37.25 -31.31
N PHE FA 118 -61.10 38.36 -32.06
CA PHE FA 118 -62.34 38.85 -32.70
C PHE FA 118 -62.99 37.78 -33.57
N SER FA 119 -62.18 37.15 -34.40
CA SER FA 119 -62.62 36.12 -35.30
C SER FA 119 -61.48 35.15 -35.51
N PRO FA 120 -61.73 33.82 -35.51
CA PRO FA 120 -60.76 32.74 -35.64
C PRO FA 120 -60.01 32.84 -36.95
N LYS FA 121 -60.53 33.59 -37.90
CA LYS FA 121 -59.86 33.78 -39.16
C LYS FA 121 -58.44 34.26 -38.88
N ILE FA 122 -58.28 35.11 -37.85
CA ILE FA 122 -56.99 35.65 -37.46
C ILE FA 122 -56.04 34.57 -37.01
N LYS FA 123 -56.55 33.49 -36.42
CA LYS FA 123 -55.63 32.49 -35.96
C LYS FA 123 -55.01 31.87 -37.17
N ASN FA 124 -55.82 31.61 -38.18
CA ASN FA 124 -55.27 31.03 -39.38
C ASN FA 124 -54.32 32.02 -40.02
N MET FA 125 -54.73 33.28 -40.14
CA MET FA 125 -53.84 34.23 -40.79
C MET FA 125 -52.50 34.33 -40.06
N MET FA 126 -52.53 34.38 -38.73
CA MET FA 126 -51.28 34.46 -37.98
C MET FA 126 -50.44 33.22 -38.16
N LEU FA 127 -51.07 32.05 -38.13
CA LEU FA 127 -50.33 30.81 -38.30
C LEU FA 127 -49.72 30.72 -39.69
N ASP FA 128 -50.47 31.17 -40.70
CA ASP FA 128 -49.98 31.14 -42.07
C ASP FA 128 -48.77 32.05 -42.19
N GLU FA 129 -48.86 33.22 -41.55
CA GLU FA 129 -47.77 34.16 -41.62
C GLU FA 129 -46.57 33.61 -40.88
N PHE FA 130 -46.80 33.01 -39.72
CA PHE FA 130 -45.74 32.44 -38.92
C PHE FA 130 -44.96 31.46 -39.74
N SER FA 131 -45.66 30.56 -40.40
CA SER FA 131 -44.98 29.58 -41.22
C SER FA 131 -44.10 30.30 -42.21
N ASP FA 132 -44.63 31.35 -42.84
CA ASP FA 132 -43.84 32.09 -43.79
C ASP FA 132 -42.66 32.80 -43.06
N VAL FA 133 -42.84 33.19 -41.80
CA VAL FA 133 -41.73 33.82 -41.09
C VAL FA 133 -40.60 32.83 -41.05
N LEU FA 134 -40.91 31.58 -40.73
CA LEU FA 134 -39.88 30.56 -40.69
C LEU FA 134 -39.26 30.40 -42.07
N ASN FA 135 -40.09 30.48 -43.13
CA ASN FA 135 -39.55 30.37 -44.49
C ASN FA 135 -38.54 31.46 -44.76
N HIS FA 136 -38.71 32.62 -44.13
CA HIS FA 136 -37.84 33.75 -44.34
C HIS FA 136 -36.61 33.75 -43.43
N LEU FA 137 -36.45 32.67 -42.65
CA LEU FA 137 -35.33 32.39 -41.78
C LEU FA 137 -34.75 31.12 -42.27
N SER FA 138 -35.60 30.39 -43.01
CA SER FA 138 -35.39 29.02 -43.47
C SER FA 138 -35.06 28.23 -42.24
N PHE FA 139 -35.79 28.54 -41.17
CA PHE FA 139 -35.59 27.91 -39.84
C PHE FA 139 -35.58 26.39 -39.96
N GLN FA 140 -36.50 25.83 -40.74
CA GLN FA 140 -36.59 24.40 -40.90
C GLN FA 140 -35.29 23.73 -41.36
N ARG FA 141 -34.32 24.50 -41.85
CA ARG FA 141 -33.04 23.97 -42.27
C ARG FA 141 -31.87 24.53 -41.47
N LYS FA 142 -31.91 25.83 -41.14
CA LYS FA 142 -30.80 26.49 -40.44
C LYS FA 142 -31.18 27.19 -39.13
N GLY FA 143 -32.36 26.95 -38.59
CA GLY FA 143 -32.77 27.60 -37.36
C GLY FA 143 -31.81 27.38 -36.21
N SER FA 144 -31.28 26.15 -36.13
CA SER FA 144 -30.31 25.81 -35.10
C SER FA 144 -28.98 26.52 -35.31
N ASP FA 145 -28.68 26.95 -36.54
CA ASP FA 145 -27.43 27.64 -36.79
C ASP FA 145 -27.58 29.07 -36.36
N HIS FA 146 -28.77 29.63 -36.58
CA HIS FA 146 -28.98 31.01 -36.19
C HIS FA 146 -28.84 31.07 -34.70
N PHE FA 147 -29.48 30.12 -34.04
CA PHE FA 147 -29.47 30.02 -32.61
C PHE FA 147 -28.05 29.89 -32.12
N ARG FA 148 -27.28 28.96 -32.68
CA ARG FA 148 -25.91 28.81 -32.22
C ARG FA 148 -25.15 30.11 -32.26
N ARG FA 149 -25.19 30.81 -33.39
CA ARG FA 149 -24.44 32.04 -33.45
C ARG FA 149 -24.97 33.04 -32.44
N TRP FA 150 -26.30 33.12 -32.33
CA TRP FA 150 -26.93 34.03 -31.40
C TRP FA 150 -26.46 33.76 -30.00
N TYR FA 151 -26.49 32.51 -29.60
CA TYR FA 151 -26.12 32.07 -28.28
C TYR FA 151 -24.70 32.46 -27.93
N VAL FA 152 -23.78 32.13 -28.83
CA VAL FA 152 -22.36 32.39 -28.62
C VAL FA 152 -22.09 33.89 -28.50
N ASP FA 153 -22.68 34.69 -29.38
CA ASP FA 153 -22.47 36.13 -29.33
C ASP FA 153 -23.45 36.85 -28.36
N SER FA 154 -24.54 36.17 -27.99
CA SER FA 154 -25.70 36.69 -27.24
C SER FA 154 -26.50 37.74 -27.98
N ARG FA 155 -26.47 37.67 -29.30
CA ARG FA 155 -27.27 38.55 -30.13
C ARG FA 155 -27.25 38.15 -31.59
N ILE FA 156 -28.31 38.53 -32.29
CA ILE FA 156 -28.42 38.35 -33.72
C ILE FA 156 -29.27 39.46 -34.28
N PHE FA 157 -28.97 39.87 -35.50
CA PHE FA 157 -29.76 40.90 -36.14
C PHE FA 157 -30.09 40.46 -37.57
N PHE FA 158 -31.23 40.86 -38.13
CA PHE FA 158 -31.50 40.60 -39.55
C PHE FA 158 -32.05 41.84 -40.23
N HIS FA 159 -31.70 42.01 -41.48
CA HIS FA 159 -32.25 43.12 -42.26
C HIS FA 159 -33.53 42.72 -43.01
N LYS FA 160 -34.60 43.44 -42.69
CA LYS FA 160 -35.93 43.23 -43.26
C LYS FA 160 -36.08 44.04 -44.55
N ILE FA 161 -36.85 43.53 -45.49
CA ILE FA 161 -37.05 44.33 -46.69
C ILE FA 161 -38.50 44.51 -47.07
N ILE FA 162 -38.71 45.51 -47.92
CA ILE FA 162 -39.97 45.86 -48.51
C ILE FA 162 -39.81 46.04 -50.01
N ASP FA 163 -40.93 46.22 -50.69
CA ASP FA 163 -41.02 46.33 -52.14
C ASP FA 163 -40.11 47.38 -52.82
N PRO FA 164 -40.11 48.68 -52.44
CA PRO FA 164 -40.88 49.50 -51.52
C PRO FA 164 -42.13 50.21 -52.06
N LYS FA 165 -42.52 49.99 -53.33
CA LYS FA 165 -43.62 50.77 -53.90
C LYS FA 165 -44.94 50.24 -53.38
N ARG FA 166 -44.94 48.91 -53.20
CA ARG FA 166 -46.06 48.13 -52.60
C ARG FA 166 -45.44 47.44 -51.38
N PRO FA 167 -45.14 48.19 -50.31
CA PRO FA 167 -44.40 47.64 -49.18
C PRO FA 167 -45.17 46.60 -48.42
N LYS FA 168 -46.49 46.66 -48.50
CA LYS FA 168 -47.36 45.74 -47.82
C LYS FA 168 -47.14 44.27 -48.21
N GLU FA 169 -46.64 44.01 -49.42
CA GLU FA 169 -46.39 42.65 -49.86
C GLU FA 169 -44.92 42.43 -50.20
N GLY FA 170 -44.07 43.30 -49.69
CA GLY FA 170 -42.64 43.25 -49.96
C GLY FA 170 -41.86 42.40 -48.96
N ILE FA 171 -42.59 41.72 -48.12
CA ILE FA 171 -42.09 40.89 -47.05
C ILE FA 171 -41.46 39.65 -47.61
N LYS FA 172 -40.17 39.53 -47.40
CA LYS FA 172 -39.36 38.47 -47.97
C LYS FA 172 -38.22 38.06 -47.07
N GLU FA 173 -37.48 37.05 -47.51
CA GLU FA 173 -36.36 36.48 -46.78
C GLU FA 173 -35.45 37.53 -46.16
N LEU FA 174 -35.18 37.31 -44.88
CA LEU FA 174 -34.35 38.16 -44.05
C LEU FA 174 -32.89 37.89 -44.25
N ARG FA 175 -32.05 38.91 -44.07
CA ARG FA 175 -30.64 38.62 -44.16
C ARG FA 175 -29.94 38.84 -42.84
N ARG FA 176 -29.40 37.74 -42.31
CA ARG FA 176 -28.69 37.72 -41.01
C ARG FA 176 -27.49 38.68 -41.08
N LEU FA 177 -27.41 39.61 -40.12
CA LEU FA 177 -26.33 40.58 -40.07
C LEU FA 177 -25.38 40.20 -38.95
N ASP FA 178 -24.11 40.17 -39.29
CA ASP FA 178 -23.08 39.84 -38.33
C ASP FA 178 -22.83 41.07 -37.46
N PRO FA 179 -23.02 40.99 -36.11
CA PRO FA 179 -22.88 42.05 -35.14
C PRO FA 179 -21.58 42.83 -35.33
N ARG FA 180 -20.56 42.21 -35.91
CA ARG FA 180 -19.28 42.86 -36.15
C ARG FA 180 -19.47 44.24 -36.77
N GLN FA 181 -20.43 44.39 -37.68
CA GLN FA 181 -20.66 45.66 -38.34
C GLN FA 181 -21.94 46.36 -37.87
N VAL FA 182 -22.50 45.95 -36.73
CA VAL FA 182 -23.76 46.54 -36.25
C VAL FA 182 -23.61 47.36 -34.95
N GLN FA 183 -24.08 48.61 -34.98
CA GLN FA 183 -24.06 49.48 -33.81
C GLN FA 183 -25.51 49.84 -33.47
N TYR FA 184 -25.83 49.96 -32.17
CA TYR FA 184 -27.21 50.31 -31.76
C TYR FA 184 -27.20 51.27 -30.57
N VAL FA 185 -27.95 52.37 -30.68
CA VAL FA 185 -28.04 53.37 -29.59
C VAL FA 185 -29.42 54.03 -29.32
N ARG FA 186 -29.51 54.66 -28.15
CA ARG FA 186 -30.70 55.44 -27.71
C ARG FA 186 -30.22 56.86 -27.41
N GLU FA 187 -30.60 57.84 -28.25
CA GLU FA 187 -30.10 59.21 -28.07
C GLU FA 187 -31.12 60.20 -27.46
N ILE FA 188 -30.68 61.03 -26.53
CA ILE FA 188 -31.55 62.01 -25.91
C ILE FA 188 -31.31 63.48 -26.31
N ILE FA 189 -32.27 64.13 -27.00
CA ILE FA 189 -32.11 65.53 -27.45
C ILE FA 189 -33.11 66.51 -26.87
N THR FA 190 -33.60 66.26 -25.69
CA THR FA 190 -34.49 67.22 -25.05
C THR FA 190 -33.85 67.62 -23.72
N GLU FA 191 -34.31 68.73 -23.12
CA GLU FA 191 -33.77 69.22 -21.85
C GLU FA 191 -34.73 70.09 -21.05
N THR FA 192 -34.69 69.95 -19.72
CA THR FA 192 -35.47 70.74 -18.77
C THR FA 192 -34.64 71.08 -17.54
N GLU FA 193 -35.29 71.51 -16.47
CA GLU FA 193 -34.56 71.86 -15.29
C GLU FA 193 -33.78 70.68 -14.71
N ALA FA 194 -32.48 70.91 -14.48
CA ALA FA 194 -31.57 69.94 -13.88
C ALA FA 194 -31.58 68.57 -14.60
N GLY FA 195 -31.44 68.57 -15.92
CA GLY FA 195 -31.39 67.32 -16.67
C GLY FA 195 -32.60 67.14 -17.57
N THR FA 196 -32.76 65.94 -18.13
CA THR FA 196 -33.87 65.74 -19.05
C THR FA 196 -34.84 64.71 -18.52
N LYS FA 197 -36.03 65.19 -18.18
CA LYS FA 197 -37.09 64.41 -17.55
C LYS FA 197 -38.29 64.27 -18.47
N ILE FA 198 -38.10 64.70 -19.69
CA ILE FA 198 -39.05 64.76 -20.79
C ILE FA 198 -39.28 63.38 -21.36
N VAL FA 199 -40.49 63.06 -21.83
CA VAL FA 199 -40.64 61.75 -22.44
C VAL FA 199 -39.66 61.66 -23.61
N LYS FA 200 -38.89 60.59 -23.66
CA LYS FA 200 -37.87 60.43 -24.69
C LYS FA 200 -38.12 59.21 -25.54
N GLY FA 201 -38.03 59.40 -26.85
CA GLY FA 201 -38.19 58.30 -27.80
C GLY FA 201 -36.89 57.55 -28.03
N TYR FA 202 -35.78 58.26 -27.91
CA TYR FA 202 -34.41 57.76 -28.12
C TYR FA 202 -34.03 57.36 -29.55
N LYS FA 203 -35.05 57.22 -30.38
CA LYS FA 203 -35.02 56.92 -31.80
C LYS FA 203 -34.45 55.55 -32.19
N GLU FA 204 -33.98 54.74 -31.22
CA GLU FA 204 -33.46 53.41 -31.48
C GLU FA 204 -32.66 53.33 -32.78
N TYR FA 205 -31.54 54.01 -32.82
CA TYR FA 205 -30.80 54.05 -34.07
C TYR FA 205 -29.86 52.91 -34.26
N PHE FA 206 -29.83 52.37 -35.48
CA PHE FA 206 -28.83 51.41 -35.83
C PHE FA 206 -27.89 51.99 -36.84
N ILE FA 207 -26.64 51.57 -36.80
CA ILE FA 207 -25.71 51.88 -37.86
C ILE FA 207 -25.05 50.63 -38.37
N TYR FA 208 -25.01 50.52 -39.71
CA TYR FA 208 -24.37 49.38 -40.41
C TYR FA 208 -23.07 49.88 -41.03
N ASP FA 209 -21.94 49.26 -40.68
CA ASP FA 209 -20.65 49.71 -41.18
C ASP FA 209 -20.50 49.35 -42.66
N THR FA 210 -19.37 49.71 -43.25
CA THR FA 210 -19.23 49.48 -44.70
C THR FA 210 -18.13 48.51 -45.04
N ALA FA 211 -16.93 49.01 -45.24
CA ALA FA 211 -15.82 48.13 -45.61
C ALA FA 211 -15.60 47.15 -44.49
N HIS FA 212 -15.18 45.95 -44.83
CA HIS FA 212 -14.83 44.96 -43.83
C HIS FA 212 -13.44 45.31 -43.28
N GLU FA 213 -13.38 46.45 -42.59
CA GLU FA 213 -12.17 47.02 -42.04
C GLU FA 213 -11.70 46.21 -40.85
N SER FA 214 -12.62 45.90 -39.94
CA SER FA 214 -12.27 45.09 -38.80
C SER FA 214 -12.30 43.65 -39.28
N TYR FA 215 -11.65 42.74 -38.55
CA TYR FA 215 -11.66 41.35 -38.97
C TYR FA 215 -11.25 40.41 -37.86
N ALA FA 216 -11.59 39.12 -38.01
CA ALA FA 216 -11.06 38.09 -37.11
C ALA FA 216 -9.95 37.32 -37.79
N CYS FA 217 -10.14 37.13 -39.10
CA CYS FA 217 -9.30 36.37 -39.98
C CYS FA 217 -8.76 37.36 -41.01
N ASP FA 218 -7.66 37.06 -41.70
CA ASP FA 218 -7.15 38.06 -42.64
C ASP FA 218 -7.99 38.08 -43.94
N GLY FA 219 -7.63 38.96 -44.88
CA GLY FA 219 -8.43 39.16 -46.09
C GLY FA 219 -9.33 40.39 -45.89
N ARG FA 220 -8.85 41.28 -45.03
CA ARG FA 220 -9.60 42.51 -44.63
C ARG FA 220 -9.51 43.60 -45.71
N MET FA 221 -10.39 44.58 -45.59
CA MET FA 221 -10.53 45.75 -46.45
C MET FA 221 -9.91 47.03 -45.89
N TYR FA 222 -9.92 48.04 -46.76
CA TYR FA 222 -9.45 49.39 -46.50
C TYR FA 222 -10.47 50.12 -45.62
N GLU FA 223 -10.16 51.37 -45.27
CA GLU FA 223 -11.00 52.19 -44.37
C GLU FA 223 -12.47 52.21 -44.82
N ALA FA 224 -13.38 51.97 -43.86
CA ALA FA 224 -14.83 52.03 -44.06
C ALA FA 224 -15.37 53.39 -44.49
N GLY FA 225 -14.77 54.47 -44.00
CA GLY FA 225 -15.23 55.81 -44.28
C GLY FA 225 -16.54 56.11 -43.55
N THR FA 226 -17.59 56.47 -44.28
CA THR FA 226 -18.87 56.76 -43.64
C THR FA 226 -19.62 55.48 -43.34
N LYS FA 227 -20.65 55.58 -42.51
CA LYS FA 227 -21.47 54.43 -42.13
C LYS FA 227 -22.94 54.75 -42.40
N ILE FA 228 -23.81 53.74 -42.44
CA ILE FA 228 -25.22 54.01 -42.73
C ILE FA 228 -26.17 53.92 -41.55
N LYS FA 229 -26.95 54.99 -41.33
CA LYS FA 229 -27.95 55.08 -40.27
C LYS FA 229 -29.22 54.39 -40.74
N ILE FA 230 -29.67 53.43 -39.93
CA ILE FA 230 -30.78 52.54 -40.18
C ILE FA 230 -31.86 52.55 -39.07
N PRO FA 231 -33.16 52.66 -39.42
CA PRO FA 231 -34.27 52.63 -38.46
C PRO FA 231 -34.38 51.25 -37.81
N LYS FA 232 -34.87 51.18 -36.58
CA LYS FA 232 -34.99 49.88 -35.91
C LYS FA 232 -36.11 49.06 -36.48
N ALA FA 233 -37.08 49.69 -37.09
CA ALA FA 233 -38.17 48.94 -37.69
C ALA FA 233 -37.63 47.97 -38.72
N ALA FA 234 -36.48 48.28 -39.32
CA ALA FA 234 -35.86 47.49 -40.37
C ALA FA 234 -35.07 46.30 -39.84
N VAL FA 235 -34.91 46.18 -38.52
CA VAL FA 235 -34.05 45.12 -38.02
C VAL FA 235 -34.70 44.16 -37.04
N VAL FA 236 -34.61 42.89 -37.37
CA VAL FA 236 -35.11 41.83 -36.51
C VAL FA 236 -33.98 41.51 -35.58
N TYR FA 237 -34.21 41.46 -34.30
CA TYR FA 237 -33.09 41.10 -33.47
C TYR FA 237 -33.52 40.48 -32.19
N ALA FA 238 -32.55 39.87 -31.56
CA ALA FA 238 -32.72 39.26 -30.26
C ALA FA 238 -31.39 39.27 -29.56
N HIS FA 239 -31.42 39.22 -28.24
CA HIS FA 239 -30.20 39.17 -27.48
C HIS FA 239 -30.42 38.63 -26.08
N SER FA 240 -29.33 38.28 -25.42
CA SER FA 240 -29.40 37.77 -24.04
C SER FA 240 -29.64 38.87 -23.03
N GLY FA 241 -29.86 38.43 -21.78
CA GLY FA 241 -30.03 39.33 -20.65
C GLY FA 241 -28.72 39.49 -19.88
N LEU FA 242 -27.63 39.02 -20.47
CA LEU FA 242 -26.34 39.04 -19.82
C LEU FA 242 -25.55 40.23 -20.25
N VAL FA 243 -25.26 41.11 -19.32
CA VAL FA 243 -24.54 42.34 -19.60
C VAL FA 243 -23.43 42.46 -18.56
N ASP FA 244 -22.32 43.06 -18.96
CA ASP FA 244 -21.17 43.30 -18.10
C ASP FA 244 -21.53 44.43 -17.13
N CYS FA 245 -20.61 44.79 -16.27
CA CYS FA 245 -20.80 45.76 -15.19
C CYS FA 245 -20.98 47.23 -15.59
N CYS FA 246 -21.18 47.53 -16.87
CA CYS FA 246 -21.40 48.91 -17.29
C CYS FA 246 -22.17 49.03 -18.60
N GLY FA 247 -23.02 50.06 -18.64
CA GLY FA 247 -23.75 50.43 -19.83
C GLY FA 247 -24.61 49.30 -20.35
N LYS FA 248 -24.40 49.01 -21.62
CA LYS FA 248 -25.09 47.97 -22.35
C LYS FA 248 -24.01 47.10 -22.97
N ASN FA 249 -22.92 46.93 -22.24
CA ASN FA 249 -21.82 46.15 -22.73
C ASN FA 249 -22.15 44.67 -22.61
N ILE FA 250 -23.00 44.23 -23.54
CA ILE FA 250 -23.58 42.90 -23.60
C ILE FA 250 -22.53 41.82 -23.74
N ILE FA 251 -22.73 40.71 -23.06
CA ILE FA 251 -21.80 39.58 -23.09
C ILE FA 251 -22.44 38.25 -23.55
N GLY FA 252 -21.58 37.33 -23.99
CA GLY FA 252 -21.94 36.00 -24.52
C GLY FA 252 -22.33 34.97 -23.47
N TYR FA 253 -23.04 33.89 -23.85
CA TYR FA 253 -23.35 32.88 -22.83
C TYR FA 253 -22.11 32.17 -22.34
N LEU FA 254 -21.06 32.15 -23.18
CA LEU FA 254 -19.79 31.56 -22.86
C LEU FA 254 -18.86 32.54 -22.18
N HIS FA 255 -19.32 33.77 -21.92
CA HIS FA 255 -18.47 34.79 -21.32
C HIS FA 255 -17.86 34.26 -20.04
N ARG FA 256 -18.68 33.62 -19.22
CA ARG FA 256 -18.25 33.06 -17.96
C ARG FA 256 -17.07 32.11 -18.13
N ALA FA 257 -17.08 31.34 -19.21
CA ALA FA 257 -16.09 30.34 -19.43
C ALA FA 257 -14.82 30.88 -20.03
N VAL FA 258 -14.76 32.15 -20.37
CA VAL FA 258 -13.56 32.60 -21.05
C VAL FA 258 -12.36 32.42 -20.17
N LYS FA 259 -12.48 32.79 -18.91
CA LYS FA 259 -11.35 32.63 -18.03
C LYS FA 259 -10.82 31.19 -18.05
N PRO FA 260 -11.56 30.19 -17.50
CA PRO FA 260 -11.15 28.82 -17.46
C PRO FA 260 -10.96 28.18 -18.82
N ALA FA 261 -11.60 28.67 -19.88
CA ALA FA 261 -11.38 28.04 -21.17
C ALA FA 261 -9.96 28.24 -21.58
N ASN FA 262 -9.51 29.47 -21.43
CA ASN FA 262 -8.16 29.78 -21.80
C ASN FA 262 -7.19 29.19 -20.80
N GLN FA 263 -7.58 29.19 -19.52
CA GLN FA 263 -6.71 28.68 -18.49
C GLN FA 263 -6.46 27.21 -18.67
N LEU FA 264 -7.51 26.46 -19.01
CA LEU FA 264 -7.34 25.06 -19.18
C LEU FA 264 -6.44 24.83 -20.35
N LYS FA 265 -6.65 25.57 -21.43
CA LYS FA 265 -5.81 25.38 -22.58
C LYS FA 265 -4.34 25.61 -22.20
N LEU FA 266 -4.04 26.64 -21.40
CA LEU FA 266 -2.65 26.82 -21.01
C LEU FA 266 -2.14 25.64 -20.22
N LEU FA 267 -2.95 25.13 -19.29
CA LEU FA 267 -2.53 23.99 -18.49
C LEU FA 267 -2.30 22.77 -19.33
N GLU FA 268 -3.16 22.55 -20.30
CA GLU FA 268 -3.03 21.43 -21.18
C GLU FA 268 -1.72 21.50 -21.91
N ASP FA 269 -1.40 22.68 -22.46
CA ASP FA 269 -0.16 22.84 -23.18
C ASP FA 269 1.02 22.69 -22.25
N ALA FA 270 0.89 23.20 -21.02
CA ALA FA 270 2.00 23.07 -20.09
C ALA FA 270 2.34 21.61 -19.90
N VAL FA 271 1.33 20.75 -19.81
CA VAL FA 271 1.55 19.32 -19.69
C VAL FA 271 2.20 18.76 -20.94
N VAL FA 272 1.68 19.13 -22.10
CA VAL FA 272 2.23 18.60 -23.33
C VAL FA 272 3.70 18.95 -23.46
N ILE FA 273 4.03 20.21 -23.25
CA ILE FA 273 5.40 20.64 -23.38
C ILE FA 273 6.30 20.04 -22.35
N TYR FA 274 5.87 20.05 -21.09
CA TYR FA 274 6.65 19.50 -20.00
C TYR FA 274 7.19 18.12 -20.32
N ARG FA 275 6.33 17.26 -20.87
CA ARG FA 275 6.76 15.90 -21.14
C ARG FA 275 7.59 15.71 -22.43
N ILE FA 276 7.69 16.74 -23.26
CA ILE FA 276 8.42 16.64 -24.51
C ILE FA 276 9.77 17.24 -24.35
N THR FA 277 9.79 18.47 -23.86
CA THR FA 277 11.04 19.13 -23.70
C THR FA 277 11.77 18.24 -22.70
N ARG FA 278 13.04 17.96 -22.98
CA ARG FA 278 13.90 17.13 -22.13
C ARG FA 278 13.60 15.61 -22.16
N ALA FA 279 12.69 15.15 -23.00
CA ALA FA 279 12.49 13.71 -23.07
C ALA FA 279 13.78 12.93 -23.45
N PRO FA 280 14.58 13.35 -24.48
CA PRO FA 280 15.77 12.66 -24.92
C PRO FA 280 16.92 12.84 -23.98
N ASP FA 281 17.93 11.97 -24.05
CA ASP FA 281 19.12 12.21 -23.28
C ASP FA 281 19.73 13.53 -23.67
N ARG FA 282 20.16 14.28 -22.67
CA ARG FA 282 20.77 15.58 -22.89
C ARG FA 282 22.12 15.71 -22.22
N ARG FA 283 23.06 16.32 -22.93
CA ARG FA 283 24.38 16.59 -22.40
C ARG FA 283 25.17 17.57 -23.27
N VAL FA 284 26.20 18.15 -22.68
CA VAL FA 284 27.16 18.98 -23.40
C VAL FA 284 28.54 18.34 -23.32
N TRP FA 285 29.15 18.11 -24.46
CA TRP FA 285 30.48 17.52 -24.47
C TRP FA 285 31.54 18.61 -24.36
N TYR FA 286 32.55 18.42 -23.50
CA TYR FA 286 33.59 19.48 -23.35
C TYR FA 286 34.98 18.96 -23.72
N VAL FA 287 35.72 19.73 -24.52
CA VAL FA 287 37.08 19.38 -24.90
C VAL FA 287 38.09 20.45 -24.46
N ASP FA 288 39.10 20.03 -23.68
CA ASP FA 288 40.09 20.98 -23.18
C ASP FA 288 41.20 21.22 -24.21
N THR FA 289 41.24 22.41 -24.82
CA THR FA 289 42.24 22.61 -25.86
C THR FA 289 43.06 23.83 -25.51
N GLY FA 290 44.17 23.62 -24.81
CA GLY FA 290 44.98 24.72 -24.33
C GLY FA 290 45.72 25.42 -25.45
N ASN FA 291 45.97 26.72 -25.22
CA ASN FA 291 46.70 27.62 -26.10
C ASN FA 291 46.17 27.71 -27.53
N MET FA 292 44.85 27.69 -27.68
CA MET FA 292 44.25 27.84 -28.99
C MET FA 292 43.06 28.81 -28.97
N PRO FA 293 42.87 29.63 -30.03
CA PRO FA 293 41.70 30.46 -30.28
C PRO FA 293 40.62 29.55 -30.78
N ALA FA 294 39.33 29.91 -30.65
CA ALA FA 294 38.26 29.02 -31.11
C ALA FA 294 38.36 28.62 -32.59
N ARG FA 295 38.84 29.52 -33.43
CA ARG FA 295 38.97 29.24 -34.86
C ARG FA 295 39.87 28.03 -35.17
N LYS FA 296 40.75 27.66 -34.23
CA LYS FA 296 41.67 26.54 -34.36
C LYS FA 296 41.36 25.47 -33.32
N ALA FA 297 40.93 25.87 -32.12
CA ALA FA 297 40.63 24.96 -31.03
C ALA FA 297 39.55 23.99 -31.47
N ALA FA 298 38.67 24.50 -32.34
CA ALA FA 298 37.58 23.76 -32.89
C ALA FA 298 38.04 22.49 -33.55
N GLU FA 299 39.25 22.45 -34.14
CA GLU FA 299 39.66 21.21 -34.79
C GLU FA 299 39.80 20.09 -33.76
N HIS FA 300 40.25 20.43 -32.54
CA HIS FA 300 40.42 19.42 -31.50
C HIS FA 300 39.05 18.90 -31.16
N MET FA 301 38.11 19.82 -31.02
CA MET FA 301 36.74 19.42 -30.75
C MET FA 301 36.21 18.54 -31.89
N GLN FA 302 36.48 18.90 -33.14
CA GLN FA 302 35.98 18.10 -34.27
C GLN FA 302 36.52 16.68 -34.21
N HIS FA 303 37.78 16.53 -33.83
CA HIS FA 303 38.42 15.22 -33.73
C HIS FA 303 37.74 14.28 -32.72
N VAL FA 304 36.92 14.84 -31.84
CA VAL FA 304 36.23 14.10 -30.83
C VAL FA 304 34.74 14.09 -31.16
N MET FA 305 34.15 15.27 -31.27
CA MET FA 305 32.72 15.44 -31.47
C MET FA 305 32.22 14.88 -32.79
N ASN FA 306 33.02 14.90 -33.86
CA ASN FA 306 32.55 14.37 -35.14
C ASN FA 306 33.04 12.94 -35.36
N THR FA 307 33.60 12.34 -34.30
CA THR FA 307 34.11 10.97 -34.34
C THR FA 307 33.14 10.11 -33.52
N MET FA 308 32.73 10.65 -32.38
CA MET FA 308 31.82 10.03 -31.44
C MET FA 308 30.35 10.29 -31.74
N LYS FA 309 30.09 11.11 -32.75
CA LYS FA 309 28.75 11.54 -33.06
C LYS FA 309 27.83 10.40 -33.41
N ASN FA 310 26.69 10.37 -32.75
CA ASN FA 310 25.70 9.37 -33.05
C ASN FA 310 24.72 10.01 -34.00
N ARG FA 311 24.85 9.74 -35.29
CA ARG FA 311 24.01 10.42 -36.26
C ARG FA 311 22.64 9.77 -36.33
N VAL FA 312 21.86 9.95 -35.28
CA VAL FA 312 20.61 9.24 -35.16
C VAL FA 312 19.34 10.09 -35.02
N VAL FA 313 18.37 9.75 -35.87
CA VAL FA 313 17.07 10.38 -35.86
C VAL FA 313 16.00 9.30 -35.79
N TYR FA 314 14.81 9.69 -35.36
CA TYR FA 314 13.67 8.75 -35.20
C TYR FA 314 12.60 8.98 -36.27
N ASP FA 315 12.22 7.89 -36.93
CA ASP FA 315 11.20 7.85 -37.94
C ASP FA 315 9.85 7.81 -37.25
N ALA FA 316 9.15 8.91 -37.34
CA ALA FA 316 7.88 9.07 -36.66
C ALA FA 316 6.73 8.53 -37.51
N SER FA 317 7.02 8.10 -38.75
CA SER FA 317 5.97 7.57 -39.62
C SER FA 317 5.94 6.07 -39.42
N THR FA 318 7.13 5.53 -39.22
CA THR FA 318 7.37 4.13 -38.94
C THR FA 318 8.16 4.15 -37.67
N GLY FA 319 7.71 3.54 -36.57
CA GLY FA 319 8.40 3.69 -35.28
C GLY FA 319 9.77 3.03 -35.21
N LYS FA 320 10.72 3.60 -35.90
CA LYS FA 320 12.05 3.03 -35.98
C LYS FA 320 13.16 4.06 -35.89
N ILE FA 321 14.36 3.59 -35.62
CA ILE FA 321 15.50 4.47 -35.61
C ILE FA 321 16.05 4.41 -37.02
N LYS FA 322 16.04 5.57 -37.68
CA LYS FA 322 16.35 5.63 -39.09
C LYS FA 322 17.72 5.13 -39.43
N ASN FA 323 17.75 4.15 -40.33
CA ASN FA 323 18.97 3.54 -40.81
C ASN FA 323 19.88 3.12 -39.65
N GLN FA 324 19.30 2.59 -38.58
CA GLN FA 324 20.14 2.18 -37.47
C GLN FA 324 20.84 0.86 -37.70
N GLN FA 325 22.17 0.91 -37.60
CA GLN FA 325 23.06 -0.24 -37.72
C GLN FA 325 24.20 -0.13 -36.69
N HIS FA 326 24.50 -1.20 -35.92
CA HIS FA 326 23.76 -2.46 -35.95
C HIS FA 326 22.43 -2.15 -35.29
N ASN FA 327 21.53 -3.11 -35.18
CA ASN FA 327 20.19 -2.80 -34.67
C ASN FA 327 20.24 -2.06 -33.36
N MET FA 328 21.00 -2.59 -32.40
CA MET FA 328 21.18 -1.94 -31.11
C MET FA 328 22.50 -2.29 -30.46
N SER FA 329 23.28 -1.28 -30.13
CA SER FA 329 24.54 -1.50 -29.43
C SER FA 329 24.19 -1.95 -28.04
N MET FA 330 24.98 -2.83 -27.43
CA MET FA 330 24.66 -3.19 -26.06
C MET FA 330 25.00 -2.09 -25.05
N THR FA 331 26.00 -1.26 -25.39
CA THR FA 331 26.45 -0.14 -24.57
C THR FA 331 26.68 1.12 -25.43
N GLU FA 332 26.26 2.28 -24.95
CA GLU FA 332 26.65 3.52 -25.62
C GLU FA 332 28.05 3.79 -25.12
N ASP FA 333 29.00 3.13 -25.75
CA ASP FA 333 30.38 3.16 -25.31
C ASP FA 333 31.08 4.35 -25.94
N TYR FA 334 31.31 5.37 -25.09
CA TYR FA 334 31.94 6.63 -25.52
C TYR FA 334 33.28 6.78 -24.79
N TRP FA 335 34.10 7.70 -25.30
CA TRP FA 335 35.40 7.98 -24.74
C TRP FA 335 35.67 9.46 -24.79
N LEU FA 336 36.56 9.91 -23.92
CA LEU FA 336 37.05 11.28 -23.99
C LEU FA 336 38.55 11.30 -23.76
N GLN FA 337 39.23 12.05 -24.62
CA GLN FA 337 40.68 12.13 -24.59
C GLN FA 337 41.19 13.29 -23.77
N ARG FA 338 42.01 12.98 -22.76
CA ARG FA 338 42.60 14.02 -21.87
C ARG FA 338 44.06 14.26 -22.26
N ARG FA 339 44.33 15.37 -22.94
CA ARG FA 339 45.69 15.71 -23.38
C ARG FA 339 46.62 16.00 -22.21
N ASP FA 340 46.07 16.58 -21.15
CA ASP FA 340 46.85 16.89 -19.97
C ASP FA 340 46.65 15.75 -18.98
N GLY FA 341 47.57 15.61 -18.04
CA GLY FA 341 47.47 14.59 -17.00
C GLY FA 341 46.56 15.07 -15.86
N LYS FA 342 45.35 15.46 -16.22
CA LYS FA 342 44.38 16.02 -15.29
C LYS FA 342 42.97 15.62 -15.66
N ALA FA 343 42.19 15.25 -14.67
CA ALA FA 343 40.80 14.86 -14.91
C ALA FA 343 39.87 16.05 -15.09
N VAL FA 344 40.04 16.77 -16.21
CA VAL FA 344 39.24 17.97 -16.49
C VAL FA 344 38.22 17.78 -17.64
N THR FA 345 38.66 17.30 -18.82
CA THR FA 345 37.73 17.06 -19.94
C THR FA 345 36.63 16.15 -19.43
N GLU FA 346 35.37 16.53 -19.69
CA GLU FA 346 34.19 15.81 -19.20
C GLU FA 346 32.94 16.01 -20.05
N VAL FA 347 31.87 15.33 -19.65
CA VAL FA 347 30.57 15.50 -20.26
C VAL FA 347 29.61 16.00 -19.17
N ASP FA 348 28.89 17.07 -19.47
CA ASP FA 348 27.94 17.72 -18.58
C ASP FA 348 26.55 17.23 -18.87
N THR FA 349 26.01 16.34 -18.06
CA THR FA 349 24.70 15.78 -18.38
C THR FA 349 23.58 16.61 -17.77
N LEU FA 350 22.39 16.47 -18.34
CA LEU FA 350 21.20 17.17 -17.91
C LEU FA 350 20.07 16.17 -17.57
N PRO FA 351 19.10 16.52 -16.70
CA PRO FA 351 17.92 15.73 -16.36
C PRO FA 351 16.93 15.64 -17.52
N GLY FA 352 16.09 14.58 -17.55
CA GLY FA 352 15.09 14.46 -18.60
C GLY FA 352 13.64 14.71 -18.16
N ALA FA 353 12.71 14.46 -19.07
CA ALA FA 353 11.28 14.67 -18.84
C ALA FA 353 10.64 13.52 -18.07
N ASP FA 354 11.01 13.39 -16.82
CA ASP FA 354 10.55 12.30 -15.93
C ASP FA 354 9.02 12.28 -15.70
N ASN FA 355 8.43 11.09 -15.61
CA ASN FA 355 7.00 11.00 -15.35
C ASN FA 355 6.67 11.02 -13.88
N THR FA 356 6.47 12.22 -13.35
CA THR FA 356 6.24 12.34 -11.92
C THR FA 356 4.79 12.71 -11.52
N GLY FA 357 3.90 12.88 -12.48
CA GLY FA 357 2.50 13.22 -12.14
C GLY FA 357 1.83 11.99 -11.49
N ASN FA 358 0.86 12.14 -10.55
CA ASN FA 358 0.28 13.35 -9.93
C ASN FA 358 -0.28 14.37 -10.92
N MET FA 359 -0.92 13.86 -11.96
CA MET FA 359 -1.55 14.73 -12.95
C MET FA 359 -2.97 15.01 -12.49
N GLU FA 360 -3.08 15.86 -11.47
CA GLU FA 360 -4.39 16.15 -10.85
C GLU FA 360 -5.00 17.52 -11.16
N ASP FA 361 -4.17 18.54 -11.35
CA ASP FA 361 -4.71 19.90 -11.49
C ASP FA 361 -5.49 20.02 -12.75
N ILE FA 362 -5.05 19.29 -13.73
CA ILE FA 362 -5.68 19.30 -15.01
C ILE FA 362 -7.16 18.85 -14.88
N ARG FA 363 -7.49 17.98 -13.91
CA ARG FA 363 -8.86 17.55 -13.72
C ARG FA 363 -9.61 18.62 -12.99
N TRP FA 364 -8.97 19.22 -11.99
CA TRP FA 364 -9.62 20.28 -11.25
C TRP FA 364 -10.12 21.32 -12.22
N PHE FA 365 -9.21 21.74 -13.09
CA PHE FA 365 -9.52 22.77 -14.04
C PHE FA 365 -10.44 22.28 -15.14
N ARG FA 366 -10.28 21.03 -15.62
CA ARG FA 366 -11.20 20.55 -16.63
C ARG FA 366 -12.61 20.60 -16.11
N GLN FA 367 -12.81 20.12 -14.88
CA GLN FA 367 -14.12 20.08 -14.29
C GLN FA 367 -14.70 21.47 -14.11
N ALA FA 368 -13.87 22.42 -13.66
CA ALA FA 368 -14.35 23.78 -13.47
C ALA FA 368 -14.81 24.35 -14.79
N LEU FA 369 -14.04 24.11 -15.84
CA LEU FA 369 -14.44 24.60 -17.13
C LEU FA 369 -15.69 23.94 -17.60
N TYR FA 370 -15.67 22.61 -17.51
CA TYR FA 370 -16.81 21.76 -17.94
C TYR FA 370 -18.10 22.36 -17.37
N MET FA 371 -18.09 22.70 -16.08
CA MET FA 371 -19.25 23.31 -15.47
C MET FA 371 -19.45 24.78 -15.87
N ALA FA 372 -18.35 25.53 -16.05
CA ALA FA 372 -18.43 26.93 -16.45
C ALA FA 372 -19.14 27.06 -17.79
N LEU FA 373 -19.06 26.02 -18.59
CA LEU FA 373 -19.67 25.95 -19.89
C LEU FA 373 -21.15 25.61 -19.89
N ARG FA 374 -21.76 25.47 -18.71
CA ARG FA 374 -23.22 25.21 -18.69
C ARG FA 374 -23.50 23.70 -18.61
N VAL FA 375 -23.70 23.22 -17.38
CA VAL FA 375 -24.03 21.85 -17.05
C VAL FA 375 -25.41 21.57 -17.67
N PRO FA 376 -25.91 20.32 -17.63
CA PRO FA 376 -25.55 19.12 -16.90
C PRO FA 376 -24.10 18.64 -17.04
N LEU FA 377 -23.61 18.12 -15.94
CA LEU FA 377 -22.26 17.58 -15.82
C LEU FA 377 -22.29 16.07 -15.86
N SER FA 378 -23.48 15.54 -16.18
CA SER FA 378 -23.76 14.14 -16.30
C SER FA 378 -23.23 13.55 -17.60
N ARG FA 379 -22.86 14.45 -18.51
CA ARG FA 379 -22.33 14.04 -19.84
C ARG FA 379 -20.80 13.99 -19.77
N ILE FA 380 -20.19 12.94 -20.32
CA ILE FA 380 -18.74 12.81 -20.27
C ILE FA 380 -18.18 12.59 -21.67
N SER FA 395 -31.96 8.99 -15.00
CA SER FA 395 -33.36 9.34 -15.23
C SER FA 395 -33.59 10.84 -15.13
N ILE FA 396 -34.59 11.23 -14.35
CA ILE FA 396 -34.92 12.63 -14.18
C ILE FA 396 -34.29 13.13 -12.90
N THR FA 397 -33.42 14.10 -13.05
CA THR FA 397 -32.65 14.66 -11.95
C THR FA 397 -32.79 16.16 -11.92
N ARG FA 398 -32.35 16.78 -10.82
CA ARG FA 398 -32.39 18.23 -10.72
C ARG FA 398 -31.61 18.89 -11.83
N ASP FA 399 -30.49 18.28 -12.22
CA ASP FA 399 -29.65 18.84 -13.27
C ASP FA 399 -30.43 18.95 -14.57
N GLU FA 400 -31.22 17.91 -14.87
CA GLU FA 400 -31.97 17.94 -16.10
C GLU FA 400 -33.09 18.96 -16.01
N LEU FA 401 -33.72 19.03 -14.86
CA LEU FA 401 -34.83 19.93 -14.68
C LEU FA 401 -34.38 21.39 -14.79
N THR FA 402 -33.23 21.73 -14.18
CA THR FA 402 -32.75 23.11 -14.26
C THR FA 402 -32.29 23.39 -15.68
N PHE FA 403 -31.73 22.39 -16.35
CA PHE FA 403 -31.32 22.51 -17.72
C PHE FA 403 -32.48 22.87 -18.58
N ALA FA 404 -33.57 22.13 -18.45
CA ALA FA 404 -34.74 22.40 -19.24
C ALA FA 404 -35.24 23.81 -19.00
N LYS FA 405 -35.17 24.29 -17.75
CA LYS FA 405 -35.61 25.64 -17.46
C LYS FA 405 -34.74 26.63 -18.23
N PHE FA 406 -33.42 26.38 -18.20
CA PHE FA 406 -32.47 27.20 -18.93
C PHE FA 406 -32.81 27.24 -20.40
N ILE FA 407 -33.08 26.07 -20.96
CA ILE FA 407 -33.40 26.00 -22.38
C ILE FA 407 -34.64 26.83 -22.67
N ARG FA 408 -35.68 26.73 -21.84
CA ARG FA 408 -36.84 27.55 -22.10
C ARG FA 408 -36.48 29.03 -22.03
N GLU FA 409 -35.67 29.41 -21.05
CA GLU FA 409 -35.30 30.80 -20.95
C GLU FA 409 -34.58 31.26 -22.20
N LEU FA 410 -33.71 30.42 -22.76
CA LEU FA 410 -33.04 30.80 -23.99
C LEU FA 410 -34.04 30.90 -25.12
N GLN FA 411 -34.96 29.95 -25.17
CA GLN FA 411 -35.93 29.91 -26.24
C GLN FA 411 -36.77 31.15 -26.26
N HIS FA 412 -37.09 31.68 -25.08
CA HIS FA 412 -37.91 32.86 -24.94
C HIS FA 412 -37.23 34.16 -25.32
N LYS FA 413 -35.94 34.13 -25.53
CA LYS FA 413 -35.27 35.34 -25.93
C LYS FA 413 -35.05 35.20 -27.42
N PHE FA 414 -34.65 34.01 -27.82
CA PHE FA 414 -34.43 33.70 -29.21
C PHE FA 414 -35.70 34.02 -29.99
N GLU FA 415 -36.84 33.63 -29.39
CA GLU FA 415 -38.24 33.73 -29.84
C GLU FA 415 -38.57 35.04 -30.49
N GLU FA 416 -37.93 36.13 -30.05
CA GLU FA 416 -38.24 37.43 -30.58
C GLU FA 416 -38.02 37.42 -32.10
N VAL FA 417 -37.08 36.58 -32.56
CA VAL FA 417 -36.75 36.45 -33.98
C VAL FA 417 -37.98 36.10 -34.80
N PHE FA 418 -39.00 35.53 -34.17
CA PHE FA 418 -40.17 35.17 -34.88
C PHE FA 418 -41.22 36.23 -34.62
N LEU FA 419 -41.30 36.66 -33.37
CA LEU FA 419 -42.37 37.58 -32.98
C LEU FA 419 -42.26 38.91 -33.66
N ASP FA 420 -41.05 39.39 -33.82
CA ASP FA 420 -40.82 40.67 -34.45
C ASP FA 420 -41.40 40.64 -35.87
N PRO FA 421 -40.84 39.89 -36.86
CA PRO FA 421 -41.36 39.88 -38.19
C PRO FA 421 -42.79 39.40 -38.23
N LEU FA 422 -43.24 38.60 -37.27
CA LEU FA 422 -44.61 38.18 -37.33
C LEU FA 422 -45.54 39.34 -37.08
N LYS FA 423 -45.35 40.06 -35.97
CA LYS FA 423 -46.27 41.14 -35.69
C LYS FA 423 -46.10 42.24 -36.73
N THR FA 424 -44.89 42.36 -37.28
CA THR FA 424 -44.64 43.37 -38.28
C THR FA 424 -45.40 43.04 -39.55
N ASN FA 425 -45.26 41.81 -40.01
CA ASN FA 425 -45.85 41.42 -41.28
C ASN FA 425 -47.37 41.53 -41.23
N LEU FA 426 -47.95 41.26 -40.06
CA LEU FA 426 -49.39 41.28 -39.85
C LEU FA 426 -49.94 42.70 -39.71
N LEU FA 427 -49.05 43.67 -39.70
CA LEU FA 427 -49.43 45.04 -39.62
C LEU FA 427 -49.18 45.65 -40.99
N LEU FA 428 -48.00 45.37 -41.54
CA LEU FA 428 -47.55 45.86 -42.83
C LEU FA 428 -48.51 45.41 -43.96
N LYS FA 429 -49.00 44.18 -43.87
CA LYS FA 429 -49.98 43.62 -44.81
C LYS FA 429 -51.40 43.99 -44.44
N GLY FA 430 -51.53 44.80 -43.37
CA GLY FA 430 -52.78 45.34 -42.80
C GLY FA 430 -53.83 44.34 -42.30
N ILE FA 431 -53.44 43.36 -41.47
CA ILE FA 431 -54.45 42.38 -40.93
C ILE FA 431 -54.93 42.77 -39.51
N ILE FA 432 -53.99 43.05 -38.60
CA ILE FA 432 -54.20 43.45 -37.21
C ILE FA 432 -53.60 44.83 -37.00
N THR FA 433 -54.22 45.67 -36.19
CA THR FA 433 -53.59 46.97 -35.98
C THR FA 433 -52.54 46.84 -34.88
N GLU FA 434 -51.71 47.86 -34.72
CA GLU FA 434 -50.70 47.83 -33.67
C GLU FA 434 -51.36 47.82 -32.30
N ASP FA 435 -52.43 48.59 -32.18
CA ASP FA 435 -53.14 48.70 -30.93
C ASP FA 435 -53.73 47.37 -30.54
N GLU FA 436 -54.34 46.70 -31.51
CA GLU FA 436 -54.95 45.42 -31.23
C GLU FA 436 -53.93 44.42 -30.79
N TRP FA 437 -52.77 44.40 -31.43
CA TRP FA 437 -51.79 43.41 -31.03
C TRP FA 437 -51.40 43.68 -29.57
N ASN FA 438 -51.10 44.95 -29.27
CA ASN FA 438 -50.61 45.32 -27.94
C ASN FA 438 -51.60 45.11 -26.83
N ASP FA 439 -52.88 45.31 -27.10
CA ASP FA 439 -53.88 45.14 -26.07
C ASP FA 439 -54.42 43.71 -25.98
N GLU FA 440 -53.98 42.85 -26.90
CA GLU FA 440 -54.50 41.45 -26.96
C GLU FA 440 -53.54 40.47 -26.28
N ILE FA 441 -52.25 40.53 -26.60
CA ILE FA 441 -51.25 39.59 -26.02
C ILE FA 441 -50.18 40.36 -25.24
N ASN FA 442 -49.92 39.95 -24.00
CA ASN FA 442 -50.84 39.06 -23.22
C ASN FA 442 -50.63 37.58 -23.58
N ASN FA 443 -49.83 37.25 -24.59
CA ASN FA 443 -49.53 35.85 -24.85
C ASN FA 443 -49.55 35.55 -26.33
N ILE FA 444 -48.39 35.33 -26.88
CA ILE FA 444 -48.24 34.96 -28.28
C ILE FA 444 -47.21 33.86 -28.34
N LYS FA 445 -47.18 33.05 -27.29
CA LYS FA 445 -46.13 32.07 -27.15
C LYS FA 445 -46.01 31.11 -28.31
N ILE FA 446 -44.76 30.94 -28.72
CA ILE FA 446 -44.37 30.01 -29.74
C ILE FA 446 -43.77 28.81 -29.04
N GLU FA 447 -44.31 27.63 -29.30
CA GLU FA 447 -43.88 26.44 -28.59
C GLU FA 447 -42.88 25.62 -29.37
N PHE FA 448 -41.94 25.03 -28.68
CA PHE FA 448 -40.96 24.20 -29.35
C PHE FA 448 -41.35 22.74 -29.30
N HIS FA 449 -40.83 21.98 -30.24
CA HIS FA 449 -41.00 20.54 -30.22
C HIS FA 449 -39.98 20.03 -29.25
N ARG FA 450 -40.32 19.08 -28.43
CA ARG FA 450 -39.33 18.57 -27.51
C ARG FA 450 -39.18 17.10 -27.73
N ASP FA 451 -38.03 16.55 -27.34
CA ASP FA 451 -37.81 15.14 -27.50
C ASP FA 451 -38.85 14.28 -26.83
N SER FA 452 -39.50 13.47 -27.64
CA SER FA 452 -40.52 12.59 -27.18
C SER FA 452 -39.93 11.40 -26.46
N TYR FA 453 -38.68 11.04 -26.76
CA TYR FA 453 -38.12 9.90 -26.05
C TYR FA 453 -38.05 10.26 -24.59
N PHE FA 454 -37.39 11.36 -24.30
CA PHE FA 454 -37.29 11.76 -22.93
C PHE FA 454 -38.60 12.17 -22.33
N ALA FA 455 -39.47 12.85 -23.07
CA ALA FA 455 -40.73 13.24 -22.47
C ALA FA 455 -41.53 12.03 -22.03
N GLU FA 456 -41.57 10.98 -22.87
CA GLU FA 456 -42.31 9.80 -22.48
C GLU FA 456 -41.73 9.21 -21.23
N LEU FA 457 -40.40 9.13 -21.16
CA LEU FA 457 -39.79 8.54 -19.99
C LEU FA 457 -40.09 9.32 -18.74
N LYS FA 458 -40.05 10.66 -18.84
CA LYS FA 458 -40.34 11.46 -17.68
C LYS FA 458 -41.74 11.14 -17.20
N GLU FA 459 -42.69 11.14 -18.14
CA GLU FA 459 -44.05 10.88 -17.77
C GLU FA 459 -44.26 9.49 -17.21
N ALA FA 460 -43.62 8.48 -17.80
CA ALA FA 460 -43.81 7.13 -17.34
C ALA FA 460 -43.32 6.94 -15.93
N GLU FA 461 -42.18 7.53 -15.58
CA GLU FA 461 -41.70 7.39 -14.23
C GLU FA 461 -42.64 8.07 -13.25
N ILE FA 462 -43.14 9.25 -13.62
CA ILE FA 462 -44.06 9.95 -12.75
C ILE FA 462 -45.29 9.11 -12.55
N LEU FA 463 -45.83 8.56 -13.64
CA LEU FA 463 -46.99 7.73 -13.55
C LEU FA 463 -46.72 6.52 -12.69
N GLU FA 464 -45.57 5.87 -12.81
CA GLU FA 464 -45.36 4.74 -11.94
C GLU FA 464 -45.54 5.12 -10.49
N ARG FA 465 -44.94 6.24 -10.08
CA ARG FA 465 -45.11 6.62 -8.71
C ARG FA 465 -46.55 6.88 -8.38
N ARG FA 466 -47.28 7.56 -9.27
CA ARG FA 466 -48.68 7.85 -9.01
C ARG FA 466 -49.48 6.56 -8.84
N ILE FA 467 -49.19 5.59 -9.70
CA ILE FA 467 -49.89 4.32 -9.68
C ILE FA 467 -49.58 3.62 -8.37
N ASN FA 468 -48.30 3.58 -7.99
CA ASN FA 468 -47.90 2.92 -6.78
C ASN FA 468 -48.62 3.53 -5.57
N MET FA 469 -48.80 4.86 -5.60
CA MET FA 469 -49.50 5.50 -4.50
C MET FA 469 -50.98 5.14 -4.51
N LEU FA 470 -51.59 4.99 -5.69
CA LEU FA 470 -53.00 4.61 -5.72
C LEU FA 470 -53.18 3.27 -5.05
N THR FA 471 -52.21 2.39 -5.27
CA THR FA 471 -52.19 1.06 -4.72
C THR FA 471 -51.90 1.03 -3.22
N MET FA 472 -51.52 2.16 -2.64
CA MET FA 472 -51.31 2.25 -1.22
C MET FA 472 -52.62 2.74 -0.61
N ALA FA 473 -53.27 3.68 -1.28
CA ALA FA 473 -54.55 4.21 -0.81
C ALA FA 473 -55.62 3.12 -0.80
N GLU FA 474 -55.58 2.23 -1.78
CA GLU FA 474 -56.54 1.16 -1.97
C GLU FA 474 -57.19 0.59 -0.71
N PRO FA 475 -56.49 -0.02 0.26
CA PRO FA 475 -57.06 -0.60 1.46
C PRO FA 475 -57.84 0.37 2.34
N PHE FA 476 -57.59 1.66 2.17
CA PHE FA 476 -58.25 2.66 2.97
C PHE FA 476 -59.20 3.50 2.18
N ILE FA 477 -59.04 3.51 0.86
CA ILE FA 477 -59.84 4.42 0.06
C ILE FA 477 -61.32 4.22 0.30
N GLY FA 478 -61.78 2.99 0.56
CA GLY FA 478 -63.20 2.72 0.77
C GLY FA 478 -63.85 3.50 1.93
N LYS FA 479 -63.06 3.98 2.89
CA LYS FA 479 -63.61 4.75 4.01
C LYS FA 479 -62.93 6.10 4.23
N TYR FA 480 -61.68 6.21 3.83
CA TYR FA 480 -60.88 7.36 4.16
C TYR FA 480 -60.65 8.39 3.07
N ILE FA 481 -60.66 7.99 1.80
CA ILE FA 481 -60.27 8.89 0.73
C ILE FA 481 -61.29 8.86 -0.40
N SER FA 482 -61.82 10.00 -0.82
CA SER FA 482 -62.76 9.90 -1.93
C SER FA 482 -62.03 9.51 -3.22
N HIS FA 483 -62.75 9.05 -4.22
CA HIS FA 483 -62.10 8.68 -5.46
C HIS FA 483 -61.72 9.93 -6.18
N ARG FA 484 -62.56 10.96 -6.12
CA ARG FA 484 -62.20 12.20 -6.76
C ARG FA 484 -60.89 12.69 -6.15
N THR FA 485 -60.77 12.55 -4.84
CA THR FA 485 -59.58 12.94 -4.13
C THR FA 485 -58.40 12.13 -4.60
N ALA FA 486 -58.54 10.82 -4.69
CA ALA FA 486 -57.40 10.05 -5.13
C ALA FA 486 -56.97 10.48 -6.53
N MET FA 487 -57.95 10.75 -7.39
CA MET FA 487 -57.63 11.13 -8.75
C MET FA 487 -57.00 12.52 -8.84
N LYS FA 488 -57.47 13.48 -8.06
CA LYS FA 488 -56.89 14.82 -8.13
C LYS FA 488 -55.59 14.92 -7.33
N ASP FA 489 -55.45 14.14 -6.26
CA ASP FA 489 -54.25 14.21 -5.46
C ASP FA 489 -53.13 13.29 -5.93
N ILE FA 490 -53.47 12.05 -6.29
CA ILE FA 490 -52.44 11.12 -6.68
C ILE FA 490 -52.27 11.18 -8.19
N LEU FA 491 -53.35 11.08 -8.93
CA LEU FA 491 -53.19 11.11 -10.40
C LEU FA 491 -53.08 12.51 -10.94
N GLN FA 492 -53.28 13.49 -10.08
CA GLN FA 492 -53.23 14.90 -10.42
C GLN FA 492 -54.17 15.25 -11.57
N MET FA 493 -55.37 14.70 -11.51
CA MET FA 493 -56.41 14.94 -12.51
C MET FA 493 -57.28 16.13 -12.16
N THR FA 494 -57.71 16.83 -13.19
CA THR FA 494 -58.58 17.98 -13.10
C THR FA 494 -60.02 17.48 -13.00
N ASP FA 495 -60.90 18.18 -12.28
CA ASP FA 495 -62.28 17.74 -12.20
C ASP FA 495 -62.88 17.34 -13.54
N GLU FA 496 -62.66 18.14 -14.57
CA GLU FA 496 -63.19 17.83 -15.89
C GLU FA 496 -62.60 16.54 -16.44
N GLU FA 497 -61.30 16.33 -16.19
CA GLU FA 497 -60.60 15.15 -16.65
C GLU FA 497 -61.17 13.93 -15.97
N ILE FA 498 -61.51 14.10 -14.69
CA ILE FA 498 -62.08 13.04 -13.88
C ILE FA 498 -63.45 12.68 -14.43
N GLU FA 499 -64.27 13.69 -14.68
CA GLU FA 499 -65.58 13.41 -15.23
C GLU FA 499 -65.48 12.77 -16.59
N GLN FA 500 -64.54 13.23 -17.41
CA GLN FA 500 -64.45 12.69 -18.74
C GLN FA 500 -64.07 11.25 -18.72
N GLU FA 501 -63.13 10.85 -17.84
CA GLU FA 501 -62.82 9.44 -17.83
C GLU FA 501 -63.99 8.66 -17.30
N ALA FA 502 -64.69 9.18 -16.28
CA ALA FA 502 -65.81 8.41 -15.76
C ALA FA 502 -66.85 8.15 -16.83
N LYS FA 503 -67.11 9.17 -17.67
CA LYS FA 503 -68.07 9.06 -18.74
C LYS FA 503 -67.60 8.04 -19.77
N GLN FA 504 -66.32 8.09 -20.11
CA GLN FA 504 -65.80 7.16 -21.07
C GLN FA 504 -65.85 5.75 -20.52
N ILE FA 505 -65.56 5.58 -19.24
CA ILE FA 505 -65.56 4.28 -18.62
C ILE FA 505 -66.93 3.64 -18.72
N GLU FA 506 -68.00 4.38 -18.46
CA GLU FA 506 -69.27 3.70 -18.66
C GLU FA 506 -69.45 3.33 -20.14
N GLU FA 507 -69.03 4.19 -21.06
CA GLU FA 507 -69.20 3.87 -22.49
C GLU FA 507 -68.41 2.63 -22.88
N GLU FA 508 -67.22 2.46 -22.29
CA GLU FA 508 -66.31 1.33 -22.60
C GLU FA 508 -67.00 -0.03 -22.35
N SER FA 509 -68.03 -0.06 -21.49
CA SER FA 509 -68.70 -1.31 -21.20
C SER FA 509 -69.10 -2.05 -22.47
N LYS FA 510 -69.54 -1.30 -23.49
CA LYS FA 510 -69.99 -1.92 -24.72
C LYS FA 510 -68.88 -1.96 -25.74
N VAL GA 5 -37.92 72.99 -5.28
CA VAL GA 5 -38.68 71.75 -5.34
C VAL GA 5 -39.00 71.39 -6.77
N LEU GA 6 -38.33 70.37 -7.29
CA LEU GA 6 -38.58 69.94 -8.66
C LEU GA 6 -40.00 69.39 -8.82
N SER GA 7 -40.67 69.84 -9.87
CA SER GA 7 -42.07 69.52 -10.18
C SER GA 7 -42.37 68.05 -10.44
N LEU GA 8 -41.37 67.28 -10.82
CA LEU GA 8 -41.58 65.87 -11.11
C LEU GA 8 -42.08 65.12 -9.89
N PHE GA 9 -41.89 65.67 -8.70
CA PHE GA 9 -42.35 64.97 -7.53
C PHE GA 9 -43.51 65.65 -6.85
N ALA GA 10 -44.16 66.59 -7.50
CA ALA GA 10 -45.21 67.34 -6.82
C ALA GA 10 -46.26 66.50 -6.05
N PRO GA 11 -46.94 65.46 -6.61
CA PRO GA 11 -47.94 64.72 -5.87
C PRO GA 11 -47.34 63.88 -4.80
N TRP GA 12 -46.06 63.58 -4.92
CA TRP GA 12 -45.48 62.70 -3.97
C TRP GA 12 -45.13 63.51 -2.77
N ALA GA 13 -44.74 64.76 -3.03
CA ALA GA 13 -44.42 65.66 -1.97
C ALA GA 13 -45.65 65.87 -1.12
N LYS GA 14 -46.80 66.00 -1.79
CA LYS GA 14 -48.04 66.20 -1.06
C LYS GA 14 -48.37 64.99 -0.20
N MET GA 15 -48.16 63.78 -0.73
CA MET GA 15 -48.41 62.60 0.06
C MET GA 15 -47.52 62.58 1.30
N ASP GA 16 -46.23 62.90 1.13
CA ASP GA 16 -45.37 62.90 2.29
C ASP GA 16 -45.83 63.93 3.31
N GLU GA 17 -46.25 65.11 2.84
CA GLU GA 17 -46.69 66.14 3.77
C GLU GA 17 -47.86 65.68 4.60
N ARG GA 18 -48.80 64.97 3.98
CA ARG GA 18 -49.92 64.48 4.75
C ARG GA 18 -49.47 63.49 5.81
N ASN GA 19 -48.54 62.59 5.46
CA ASN GA 19 -48.08 61.63 6.43
C ASN GA 19 -47.36 62.33 7.58
N PHE GA 20 -46.63 63.39 7.26
CA PHE GA 20 -45.91 64.13 8.27
C PHE GA 20 -46.90 64.78 9.20
N LYS GA 21 -47.96 65.37 8.67
CA LYS GA 21 -48.91 66.00 9.57
C LYS GA 21 -49.46 64.98 10.55
N ASP GA 22 -49.76 63.76 10.10
CA ASP GA 22 -50.24 62.80 11.06
C ASP GA 22 -49.20 62.52 12.13
N GLN GA 23 -47.92 62.40 11.74
CA GLN GA 23 -46.88 62.12 12.74
C GLN GA 23 -46.78 63.26 13.75
N GLU GA 24 -46.87 64.48 13.25
CA GLU GA 24 -46.76 65.67 14.08
C GLU GA 24 -47.86 65.72 15.12
N LYS GA 25 -49.04 65.21 14.75
CA LYS GA 25 -50.20 65.20 15.63
C LYS GA 25 -50.22 64.02 16.60
N GLU GA 26 -49.25 63.13 16.53
CA GLU GA 26 -49.24 61.97 17.42
C GLU GA 26 -48.50 62.22 18.72
N ASP GA 27 -48.53 61.21 19.57
CA ASP GA 27 -47.92 61.22 20.89
C ASP GA 27 -46.58 60.55 20.93
N LEU GA 28 -45.95 60.35 19.78
CA LEU GA 28 -44.65 59.71 19.78
C LEU GA 28 -43.57 60.68 20.18
N VAL GA 29 -43.50 60.90 21.47
CA VAL GA 29 -42.61 61.82 22.12
C VAL GA 29 -41.83 61.03 23.14
N SER GA 30 -40.85 61.64 23.78
CA SER GA 30 -40.05 60.94 24.78
C SER GA 30 -39.28 59.81 24.12
N ILE GA 31 -38.69 60.17 23.00
CA ILE GA 31 -37.87 59.32 22.18
C ILE GA 31 -36.39 59.53 22.40
N THR GA 32 -35.72 58.57 23.03
CA THR GA 32 -34.30 58.71 23.33
C THR GA 32 -33.45 58.33 22.14
N ALA GA 33 -34.05 57.59 21.23
CA ALA GA 33 -33.38 57.21 20.00
C ALA GA 33 -34.42 57.33 18.91
N PRO GA 34 -34.12 57.90 17.75
CA PRO GA 34 -35.08 58.16 16.72
C PRO GA 34 -35.72 56.86 16.34
N LYS GA 35 -37.03 56.84 16.14
CA LYS GA 35 -37.67 55.57 15.88
C LYS GA 35 -37.55 55.06 14.47
N LEU GA 36 -36.36 54.61 14.18
CA LEU GA 36 -35.95 53.99 12.94
C LEU GA 36 -35.30 52.68 13.30
N ASP GA 37 -35.36 51.71 12.42
CA ASP GA 37 -34.69 50.44 12.65
C ASP GA 37 -33.64 50.06 11.63
N ASP GA 38 -33.97 50.18 10.35
CA ASP GA 38 -33.11 49.74 9.26
C ASP GA 38 -33.32 50.55 7.98
N GLY GA 39 -32.57 50.20 6.95
CA GLY GA 39 -32.65 50.91 5.70
C GLY GA 39 -31.88 52.22 5.73
N ALA GA 40 -32.60 53.31 5.60
CA ALA GA 40 -32.06 54.65 5.49
C ALA GA 40 -31.18 55.15 6.63
N ARG GA 41 -30.13 55.89 6.28
CA ARG GA 41 -29.21 56.47 7.30
C ARG GA 41 -29.71 57.88 7.66
N GLU GA 42 -29.84 58.19 8.95
CA GLU GA 42 -30.33 59.49 9.39
C GLU GA 42 -29.28 60.59 9.40
N PHE GA 43 -29.77 61.77 9.77
CA PHE GA 43 -28.98 62.98 9.79
C PHE GA 43 -29.58 63.97 10.78
N GLU GA 44 -28.75 64.60 11.60
CA GLU GA 44 -29.30 65.59 12.53
C GLU GA 44 -29.45 66.93 11.80
N VAL GA 45 -30.65 67.48 11.82
CA VAL GA 45 -30.91 68.70 11.06
C VAL GA 45 -31.10 69.90 11.98
N SER GA 46 -30.99 71.10 11.38
CA SER GA 46 -31.13 72.39 12.03
C SER GA 46 -32.29 72.40 13.01
N SER GA 47 -33.42 71.78 12.67
CA SER GA 47 -34.52 71.71 13.60
C SER GA 47 -34.92 73.05 14.15
N ASN GA 48 -35.28 74.01 13.32
CA ASN GA 48 -35.63 75.30 13.88
C ASN GA 48 -37.01 75.14 14.47
N GLU GA 49 -37.01 74.58 15.69
CA GLU GA 49 -38.14 74.11 16.48
C GLU GA 49 -38.69 72.83 15.83
N ALA GA 50 -39.05 72.94 14.56
CA ALA GA 50 -39.51 71.83 13.76
C ALA GA 50 -39.20 72.12 12.31
N ALA GA 51 -38.83 73.36 12.06
CA ALA GA 51 -38.68 73.77 10.67
C ALA GA 51 -37.36 73.43 10.00
N SER GA 52 -37.51 73.11 8.72
CA SER GA 52 -36.47 72.88 7.74
C SER GA 52 -36.97 73.35 6.37
N PRO GA 53 -36.80 74.64 6.03
CA PRO GA 53 -37.24 75.22 4.77
C PRO GA 53 -36.61 74.41 3.66
N TYR GA 54 -37.25 74.28 2.50
CA TYR GA 54 -36.66 73.50 1.43
C TYR GA 54 -35.21 73.88 1.16
N ASN GA 55 -34.91 75.16 1.14
CA ASN GA 55 -33.56 75.59 0.90
C ASN GA 55 -32.55 75.12 1.97
N ALA GA 56 -33.02 74.81 3.18
CA ALA GA 56 -32.15 74.29 4.22
C ALA GA 56 -31.90 72.82 3.89
N ALA GA 57 -32.98 72.17 3.44
CA ALA GA 57 -32.95 70.78 3.06
C ALA GA 57 -31.96 70.56 1.92
N PHE GA 58 -31.90 71.49 0.98
CA PHE GA 58 -31.00 71.32 -0.15
C PHE GA 58 -29.55 71.05 0.32
N GLN GA 59 -29.02 71.89 1.22
CA GLN GA 59 -27.69 71.57 1.71
C GLN GA 59 -27.69 70.28 2.50
N THR GA 60 -28.75 70.07 3.27
CA THR GA 60 -28.85 68.90 4.10
C THR GA 60 -28.68 67.65 3.25
N ILE GA 61 -29.29 67.63 2.05
CA ILE GA 61 -29.12 66.43 1.23
C ILE GA 61 -27.67 66.35 0.73
N PHE GA 62 -27.03 67.45 0.38
CA PHE GA 62 -25.64 67.31 -0.06
C PHE GA 62 -24.78 66.69 1.03
N GLY GA 63 -24.96 67.19 2.26
CA GLY GA 63 -24.21 66.78 3.43
C GLY GA 63 -24.57 65.39 3.94
N SER GA 64 -25.55 64.75 3.33
CA SER GA 64 -25.96 63.41 3.69
C SER GA 64 -25.37 62.47 2.65
N TYR GA 65 -25.40 62.92 1.39
CA TYR GA 65 -24.95 62.13 0.22
C TYR GA 65 -23.42 61.98 0.14
N GLU GA 66 -22.64 63.05 0.38
CA GLU GA 66 -21.21 62.90 0.22
C GLU GA 66 -20.53 61.80 1.06
N PRO GA 67 -20.62 61.80 2.40
CA PRO GA 67 -19.89 60.92 3.28
C PRO GA 67 -20.44 59.50 3.31
N GLY GA 68 -20.22 58.76 2.23
CA GLY GA 68 -20.72 57.40 2.12
C GLY GA 68 -21.14 56.92 0.73
N MET GA 69 -21.12 57.77 -0.31
CA MET GA 69 -21.51 57.18 -1.61
C MET GA 69 -20.47 56.17 -2.04
N LYS GA 70 -19.21 56.44 -1.68
CA LYS GA 70 -18.12 55.57 -2.04
C LYS GA 70 -18.34 54.17 -1.53
N THR GA 71 -18.82 54.06 -0.29
CA THR GA 71 -19.03 52.77 0.32
C THR GA 71 -20.05 52.00 -0.49
N THR GA 72 -21.14 52.67 -0.83
CA THR GA 72 -22.16 52.00 -1.60
C THR GA 72 -21.59 51.54 -2.91
N ARG GA 73 -20.85 52.44 -3.55
CA ARG GA 73 -20.21 52.20 -4.87
C ARG GA 73 -19.30 50.97 -4.79
N GLU GA 74 -18.50 50.85 -3.73
CA GLU GA 74 -17.61 49.71 -3.62
C GLU GA 74 -18.36 48.43 -3.43
N LEU GA 75 -19.39 48.44 -2.59
CA LEU GA 75 -20.12 47.21 -2.32
C LEU GA 75 -20.85 46.71 -3.54
N ILE GA 76 -21.49 47.61 -4.25
CA ILE GA 76 -22.27 47.16 -5.40
C ILE GA 76 -21.36 46.66 -6.47
N ASP GA 77 -20.29 47.38 -6.76
CA ASP GA 77 -19.39 46.92 -7.78
C ASP GA 77 -18.78 45.59 -7.38
N THR GA 78 -18.49 45.40 -6.10
CA THR GA 78 -17.94 44.15 -5.63
C THR GA 78 -18.90 43.02 -5.88
N TYR GA 79 -20.16 43.23 -5.54
CA TYR GA 79 -21.17 42.20 -5.70
C TYR GA 79 -21.31 41.84 -7.16
N ARG GA 80 -21.31 42.85 -8.01
CA ARG GA 80 -21.44 42.58 -9.42
C ARG GA 80 -20.25 41.81 -9.94
N ASN GA 81 -19.06 42.11 -9.45
CA ASN GA 81 -17.91 41.34 -9.88
C ASN GA 81 -18.00 39.91 -9.37
N LEU GA 82 -18.49 39.72 -8.15
CA LEU GA 82 -18.63 38.37 -7.61
C LEU GA 82 -19.58 37.56 -8.48
N MET GA 83 -20.63 38.22 -8.93
CA MET GA 83 -21.64 37.64 -9.78
C MET GA 83 -21.09 37.11 -11.10
N ASN GA 84 -19.90 37.54 -11.51
CA ASN GA 84 -19.38 37.10 -12.77
C ASN GA 84 -18.44 35.92 -12.61
N ASN GA 85 -18.31 35.41 -11.39
CA ASN GA 85 -17.42 34.31 -11.15
C ASN GA 85 -18.04 32.93 -11.24
N TYR GA 86 -17.14 31.97 -11.54
CA TYR GA 86 -17.48 30.53 -11.64
C TYR GA 86 -18.01 30.04 -10.28
N GLU GA 87 -19.20 29.44 -10.33
CA GLU GA 87 -19.94 28.88 -9.19
C GLU GA 87 -20.46 29.90 -8.21
N VAL GA 88 -20.41 31.17 -8.57
CA VAL GA 88 -21.01 32.19 -7.73
C VAL GA 88 -22.28 32.56 -8.41
N ASP GA 89 -22.17 32.79 -9.71
CA ASP GA 89 -23.31 33.18 -10.50
C ASP GA 89 -24.40 32.12 -10.45
N ASN GA 90 -23.96 30.87 -10.34
CA ASN GA 90 -24.83 29.73 -10.24
C ASN GA 90 -25.60 29.72 -8.96
N ALA GA 91 -25.03 30.25 -7.89
CA ALA GA 91 -25.73 30.24 -6.64
C ALA GA 91 -26.91 31.14 -6.80
N VAL GA 92 -26.63 32.27 -7.43
CA VAL GA 92 -27.66 33.24 -7.65
C VAL GA 92 -28.65 32.64 -8.60
N SER GA 93 -28.20 32.03 -9.68
CA SER GA 93 -29.12 31.47 -10.63
C SER GA 93 -30.10 30.51 -9.98
N GLU GA 94 -29.61 29.58 -9.16
CA GLU GA 94 -30.53 28.66 -8.52
C GLU GA 94 -31.47 29.39 -7.55
N ILE GA 95 -30.95 30.38 -6.83
CA ILE GA 95 -31.77 31.16 -5.92
C ILE GA 95 -32.85 31.89 -6.67
N VAL GA 96 -32.50 32.50 -7.78
CA VAL GA 96 -33.43 33.23 -8.62
C VAL GA 96 -34.46 32.28 -9.18
N SER GA 97 -34.04 31.12 -9.65
CA SER GA 97 -34.93 30.14 -10.22
C SER GA 97 -36.00 29.71 -9.22
N ASP GA 98 -35.60 29.47 -7.97
CA ASP GA 98 -36.60 29.07 -6.99
C ASP GA 98 -37.34 30.27 -6.43
N ALA GA 99 -36.69 31.41 -6.28
CA ALA GA 99 -37.39 32.57 -5.76
C ALA GA 99 -38.46 33.02 -6.74
N ILE GA 100 -38.15 33.03 -8.03
CA ILE GA 100 -39.14 33.44 -9.00
C ILE GA 100 -39.46 32.26 -9.88
N VAL GA 101 -40.56 31.59 -9.57
CA VAL GA 101 -40.96 30.41 -10.30
C VAL GA 101 -41.98 30.82 -11.31
N TYR GA 102 -41.72 30.49 -12.55
CA TYR GA 102 -42.66 30.79 -13.58
C TYR GA 102 -42.58 29.71 -14.63
N GLU GA 103 -43.72 29.08 -14.88
CA GLU GA 103 -43.83 27.95 -15.78
C GLU GA 103 -44.92 28.12 -16.81
N ASP GA 104 -45.05 27.14 -17.68
CA ASP GA 104 -46.12 27.12 -18.65
C ASP GA 104 -47.47 27.08 -17.97
N ASP GA 105 -48.42 27.87 -18.48
CA ASP GA 105 -49.79 27.89 -17.99
C ASP GA 105 -49.83 28.01 -16.48
N THR GA 106 -48.97 28.85 -15.97
CA THR GA 106 -48.78 29.07 -14.57
C THR GA 106 -48.88 30.54 -14.27
N GLU GA 107 -49.30 30.85 -13.05
CA GLU GA 107 -49.40 32.20 -12.56
C GLU GA 107 -48.07 32.78 -12.10
N VAL GA 108 -48.14 34.01 -11.67
CA VAL GA 108 -47.06 34.79 -11.16
C VAL GA 108 -47.49 35.16 -9.77
N VAL GA 109 -46.62 35.76 -8.98
CA VAL GA 109 -47.10 36.11 -7.67
C VAL GA 109 -48.33 36.95 -7.90
N ALA GA 110 -49.40 36.62 -7.20
CA ALA GA 110 -50.63 37.33 -7.40
C ALA GA 110 -51.32 37.60 -6.09
N LEU GA 111 -52.09 38.65 -6.07
CA LEU GA 111 -52.80 39.04 -4.89
C LEU GA 111 -53.76 37.94 -4.46
N ASN GA 112 -53.76 37.59 -3.16
CA ASN GA 112 -54.65 36.54 -2.71
C ASN GA 112 -55.49 37.03 -1.53
N LEU GA 113 -56.67 37.53 -1.82
CA LEU GA 113 -57.50 38.15 -0.81
C LEU GA 113 -58.44 37.15 -0.16
N ASP GA 114 -57.85 36.18 0.54
CA ASP GA 114 -58.58 35.10 1.20
C ASP GA 114 -58.98 35.38 2.64
N LYS GA 115 -58.68 36.58 3.12
CA LYS GA 115 -59.05 37.03 4.45
C LYS GA 115 -60.01 38.18 4.29
N SER GA 116 -60.74 38.52 5.36
CA SER GA 116 -61.72 39.59 5.29
C SER GA 116 -61.18 40.92 4.78
N LYS GA 117 -61.94 41.52 3.87
CA LYS GA 117 -61.65 42.80 3.24
C LYS GA 117 -62.94 43.55 3.07
N PHE GA 118 -62.86 44.83 2.76
CA PHE GA 118 -64.06 45.65 2.61
C PHE GA 118 -65.17 45.07 1.72
N SER GA 119 -64.86 44.63 0.52
CA SER GA 119 -65.89 44.10 -0.37
C SER GA 119 -65.33 43.32 -1.55
N PRO GA 120 -65.95 42.20 -1.97
CA PRO GA 120 -65.62 41.45 -3.17
C PRO GA 120 -65.52 42.34 -4.41
N LYS GA 121 -66.34 43.42 -4.47
CA LYS GA 121 -66.26 44.30 -5.63
C LYS GA 121 -64.87 44.90 -5.73
N ILE GA 122 -64.36 45.29 -4.57
CA ILE GA 122 -63.07 45.92 -4.44
C ILE GA 122 -62.04 44.84 -4.62
N LYS GA 123 -62.25 43.67 -4.00
CA LYS GA 123 -61.24 42.64 -4.12
C LYS GA 123 -60.93 42.37 -5.59
N ASN GA 124 -61.97 42.32 -6.42
CA ASN GA 124 -61.78 42.06 -7.83
C ASN GA 124 -61.00 43.20 -8.48
N MET GA 125 -61.33 44.45 -8.14
CA MET GA 125 -60.59 45.56 -8.72
C MET GA 125 -59.13 45.54 -8.27
N MET GA 126 -58.88 45.18 -7.00
CA MET GA 126 -57.53 45.14 -6.49
C MET GA 126 -56.71 44.11 -7.22
N LEU GA 127 -57.31 42.96 -7.49
CA LEU GA 127 -56.62 41.92 -8.19
C LEU GA 127 -56.25 42.38 -9.60
N ASP GA 128 -57.20 43.01 -10.30
CA ASP GA 128 -56.91 43.48 -11.63
C ASP GA 128 -55.79 44.50 -11.61
N GLU GA 129 -55.77 45.37 -10.60
CA GLU GA 129 -54.71 46.34 -10.56
C GLU GA 129 -53.40 45.66 -10.27
N PHE GA 130 -53.41 44.68 -9.37
CA PHE GA 130 -52.19 43.98 -9.04
C PHE GA 130 -51.61 43.40 -10.31
N SER GA 131 -52.47 42.80 -11.14
CA SER GA 131 -52.00 42.24 -12.38
C SER GA 131 -51.28 43.33 -13.17
N ASP GA 132 -51.88 44.52 -13.31
CA ASP GA 132 -51.19 45.60 -14.01
C ASP GA 132 -49.90 46.02 -13.32
N VAL GA 133 -49.85 45.97 -12.00
CA VAL GA 133 -48.63 46.33 -11.29
C VAL GA 133 -47.49 45.45 -11.80
N LEU GA 134 -47.76 44.17 -12.00
CA LEU GA 134 -46.76 43.26 -12.53
C LEU GA 134 -46.60 43.39 -14.04
N ASN GA 135 -47.68 43.66 -14.76
CA ASN GA 135 -47.58 43.79 -16.22
C ASN GA 135 -46.66 44.95 -16.55
N HIS GA 136 -46.69 45.96 -15.69
CA HIS GA 136 -45.88 47.16 -15.81
C HIS GA 136 -44.40 46.88 -15.74
N LEU GA 137 -44.03 45.78 -15.12
CA LEU GA 137 -42.66 45.36 -14.97
C LEU GA 137 -42.35 44.23 -15.91
N SER GA 138 -43.33 43.84 -16.73
CA SER GA 138 -43.21 42.67 -17.58
C SER GA 138 -42.71 41.53 -16.71
N PHE GA 139 -43.29 41.39 -15.52
CA PHE GA 139 -42.85 40.41 -14.54
C PHE GA 139 -42.81 39.01 -15.15
N GLN GA 140 -43.86 38.65 -15.86
CA GLN GA 140 -43.98 37.36 -16.51
C GLN GA 140 -42.89 37.10 -17.59
N ARG GA 141 -42.11 38.11 -17.94
CA ARG GA 141 -41.05 37.94 -18.91
C ARG GA 141 -39.67 38.12 -18.28
N LYS GA 142 -39.53 39.11 -17.38
CA LYS GA 142 -38.24 39.44 -16.80
C LYS GA 142 -38.23 39.54 -15.26
N GLY GA 143 -39.27 39.03 -14.60
CA GLY GA 143 -39.38 39.10 -13.14
C GLY GA 143 -38.19 38.49 -12.44
N SER GA 144 -37.66 37.42 -13.05
CA SER GA 144 -36.52 36.71 -12.53
C SER GA 144 -35.26 37.55 -12.56
N ASP GA 145 -35.18 38.52 -13.48
CA ASP GA 145 -34.00 39.33 -13.54
C ASP GA 145 -34.17 40.52 -12.64
N HIS GA 146 -35.42 40.96 -12.45
CA HIS GA 146 -35.61 42.08 -11.56
C HIS GA 146 -35.14 41.61 -10.18
N PHE GA 147 -35.56 40.39 -9.84
CA PHE GA 147 -35.14 39.76 -8.61
C PHE GA 147 -33.64 39.53 -8.58
N ARG GA 148 -33.13 38.93 -9.66
CA ARG GA 148 -31.67 38.61 -9.77
C ARG GA 148 -30.84 39.85 -9.42
N ARG GA 149 -31.17 41.00 -10.01
CA ARG GA 149 -30.45 42.24 -9.79
C ARG GA 149 -30.57 42.63 -8.34
N TRP GA 150 -31.77 42.56 -7.78
CA TRP GA 150 -31.96 42.90 -6.38
C TRP GA 150 -31.12 42.06 -5.46
N TYR GA 151 -31.16 40.75 -5.65
CA TYR GA 151 -30.44 39.88 -4.78
C TYR GA 151 -28.95 40.24 -4.78
N VAL GA 152 -28.39 40.41 -5.99
CA VAL GA 152 -26.98 40.73 -6.15
C VAL GA 152 -26.63 42.09 -5.58
N ASP GA 153 -27.43 43.11 -5.88
CA ASP GA 153 -27.16 44.46 -5.41
C ASP GA 153 -27.65 44.70 -3.99
N SER GA 154 -28.48 43.79 -3.47
CA SER GA 154 -29.10 43.80 -2.15
C SER GA 154 -30.28 44.72 -2.01
N ARG GA 155 -30.52 45.56 -2.99
CA ARG GA 155 -31.54 46.56 -2.82
C ARG GA 155 -32.11 47.07 -4.12
N ILE GA 156 -33.40 47.33 -4.11
CA ILE GA 156 -34.07 47.88 -5.26
C ILE GA 156 -34.97 49.00 -4.83
N PHE GA 157 -34.85 50.10 -5.52
CA PHE GA 157 -35.68 51.24 -5.27
C PHE GA 157 -36.17 51.69 -6.64
N PHE GA 158 -37.46 51.98 -6.82
CA PHE GA 158 -37.95 52.43 -8.12
C PHE GA 158 -38.66 53.76 -8.08
N HIS GA 159 -38.48 54.51 -9.15
CA HIS GA 159 -39.16 55.76 -9.40
C HIS GA 159 -40.59 55.54 -9.85
N LYS GA 160 -41.54 56.17 -9.19
CA LYS GA 160 -42.93 56.05 -9.61
C LYS GA 160 -43.16 57.07 -10.72
N ILE GA 161 -43.97 56.72 -11.73
CA ILE GA 161 -44.20 57.66 -12.83
C ILE GA 161 -45.64 58.19 -12.83
N ILE GA 162 -45.72 59.51 -12.96
CA ILE GA 162 -46.99 60.23 -12.94
C ILE GA 162 -47.24 61.08 -14.15
N ASP GA 163 -48.51 61.40 -14.34
CA ASP GA 163 -48.97 62.33 -15.35
C ASP GA 163 -48.56 63.78 -14.98
N PRO GA 164 -49.03 64.35 -13.86
CA PRO GA 164 -50.04 63.99 -12.87
C PRO GA 164 -51.45 64.56 -13.12
N LYS GA 165 -51.70 65.25 -14.24
CA LYS GA 165 -52.98 65.96 -14.39
C LYS GA 165 -54.26 65.12 -14.26
N ARG GA 166 -54.24 63.84 -14.63
CA ARG GA 166 -55.42 62.99 -14.48
C ARG GA 166 -55.04 61.68 -13.77
N PRO GA 167 -54.66 61.72 -12.47
CA PRO GA 167 -53.99 60.66 -11.72
C PRO GA 167 -54.87 59.52 -11.26
N LYS GA 168 -55.62 58.99 -12.18
CA LYS GA 168 -56.46 57.82 -12.03
C LYS GA 168 -56.16 57.00 -13.23
N GLU GA 169 -55.79 57.74 -14.28
CA GLU GA 169 -55.50 57.21 -15.61
C GLU GA 169 -54.01 57.38 -15.79
N GLY GA 170 -53.54 58.53 -15.29
CA GLY GA 170 -52.18 58.99 -15.34
C GLY GA 170 -51.29 58.35 -14.28
N ILE GA 171 -51.34 57.04 -14.25
CA ILE GA 171 -50.60 56.19 -13.33
C ILE GA 171 -49.76 55.25 -14.18
N LYS GA 172 -48.46 55.38 -14.09
CA LYS GA 172 -47.59 54.62 -14.96
C LYS GA 172 -46.64 53.69 -14.23
N GLU GA 173 -46.00 52.84 -15.01
CA GLU GA 173 -45.01 51.87 -14.60
C GLU GA 173 -43.79 52.48 -13.93
N LEU GA 174 -43.12 51.66 -13.14
CA LEU GA 174 -41.93 52.02 -12.38
C LEU GA 174 -40.62 52.00 -13.14
N ARG GA 175 -39.68 52.85 -12.72
CA ARG GA 175 -38.34 52.84 -13.29
C ARG GA 175 -37.32 52.60 -12.19
N ARG GA 176 -36.59 51.48 -12.27
CA ARG GA 176 -35.59 51.16 -11.22
C ARG GA 176 -34.60 52.32 -11.08
N LEU GA 177 -34.41 52.85 -9.86
CA LEU GA 177 -33.47 53.93 -9.67
C LEU GA 177 -32.13 53.31 -9.86
N ASP GA 178 -31.18 54.07 -10.36
CA ASP GA 178 -29.88 53.51 -10.58
C ASP GA 178 -29.16 53.29 -9.26
N PRO GA 179 -28.74 52.07 -8.95
CA PRO GA 179 -28.12 51.75 -7.72
C PRO GA 179 -26.86 52.52 -7.75
N ARG GA 180 -26.41 52.92 -6.58
CA ARG GA 180 -25.19 53.69 -6.37
C ARG GA 180 -25.38 55.15 -6.76
N GLN GA 181 -26.55 55.52 -7.27
CA GLN GA 181 -26.83 56.89 -7.65
C GLN GA 181 -27.81 57.50 -6.70
N VAL GA 182 -28.41 56.64 -5.87
CA VAL GA 182 -29.41 57.10 -4.94
C VAL GA 182 -29.11 56.65 -3.53
N GLN GA 183 -29.23 57.57 -2.58
CA GLN GA 183 -29.01 57.26 -1.20
C GLN GA 183 -30.34 57.28 -0.44
N TYR GA 184 -30.56 56.26 0.39
CA TYR GA 184 -31.77 56.17 1.24
C TYR GA 184 -31.45 56.87 2.57
N VAL GA 185 -32.13 57.98 2.87
CA VAL GA 185 -31.80 58.73 4.09
C VAL GA 185 -32.97 59.16 4.97
N ARG GA 186 -32.60 59.48 6.22
CA ARG GA 186 -33.55 59.97 7.25
C ARG GA 186 -33.04 61.32 7.77
N GLU GA 187 -33.94 62.19 8.26
CA GLU GA 187 -33.59 63.53 8.78
C GLU GA 187 -34.36 63.80 10.08
N ILE GA 188 -33.63 64.14 11.14
CA ILE GA 188 -34.21 64.44 12.42
C ILE GA 188 -34.40 65.93 12.57
N ILE GA 189 -35.64 66.38 12.44
CA ILE GA 189 -35.92 67.81 12.48
C ILE GA 189 -36.92 68.17 13.56
N THR GA 190 -36.44 68.52 14.75
CA THR GA 190 -37.29 68.92 15.88
C THR GA 190 -36.43 69.17 17.12
N GLU GA 191 -36.81 70.10 18.01
CA GLU GA 191 -35.95 70.35 19.19
C GLU GA 191 -36.54 70.30 20.61
N THR GA 192 -35.82 69.60 21.49
CA THR GA 192 -36.08 69.50 22.93
C THR GA 192 -34.82 69.66 23.78
N GLU GA 193 -35.04 69.84 25.08
CA GLU GA 193 -34.00 69.95 26.11
C GLU GA 193 -33.12 68.72 26.23
N ALA GA 194 -31.81 68.96 26.31
CA ALA GA 194 -30.81 67.90 26.47
C ALA GA 194 -30.94 66.87 25.35
N GLY GA 195 -31.03 67.38 24.13
CA GLY GA 195 -31.16 66.57 22.92
C GLY GA 195 -32.61 66.48 22.52
N THR GA 196 -32.84 66.29 21.23
CA THR GA 196 -34.20 66.20 20.72
C THR GA 196 -34.80 64.81 20.91
N LYS GA 197 -35.94 64.76 21.63
CA LYS GA 197 -36.62 63.51 21.98
C LYS GA 197 -38.17 63.58 21.81
N ILE GA 198 -38.61 64.16 20.70
CA ILE GA 198 -40.01 64.52 20.40
C ILE GA 198 -40.46 63.94 19.04
N VAL GA 199 -41.69 64.26 18.55
CA VAL GA 199 -42.20 63.68 17.31
C VAL GA 199 -41.44 64.00 16.03
N LYS GA 200 -40.32 63.32 15.89
CA LYS GA 200 -39.46 63.31 14.75
C LYS GA 200 -40.25 62.72 13.58
N GLY GA 201 -40.15 63.31 12.40
CA GLY GA 201 -40.86 62.75 11.24
C GLY GA 201 -40.01 61.72 10.50
N TYR GA 202 -38.70 61.85 10.62
CA TYR GA 202 -37.66 61.02 9.98
C TYR GA 202 -37.58 61.17 8.47
N LYS GA 203 -38.64 61.67 7.85
CA LYS GA 203 -38.77 61.98 6.42
C LYS GA 203 -38.66 60.75 5.48
N GLU GA 204 -37.60 59.94 5.63
CA GLU GA 204 -37.37 58.69 4.88
C GLU GA 204 -37.44 58.84 3.35
N TYR GA 205 -36.82 59.92 2.87
CA TYR GA 205 -36.80 60.22 1.43
C TYR GA 205 -35.48 59.72 0.83
N PHE GA 206 -35.29 59.98 -0.48
CA PHE GA 206 -34.10 59.58 -1.18
C PHE GA 206 -33.30 60.73 -1.79
N ILE GA 207 -31.98 60.57 -1.86
CA ILE GA 207 -31.15 61.60 -2.50
C ILE GA 207 -30.54 61.08 -3.77
N TYR GA 208 -30.85 61.75 -4.88
CA TYR GA 208 -30.39 61.27 -6.20
C TYR GA 208 -29.31 62.18 -6.81
N ASP GA 209 -28.30 61.51 -7.40
CA ASP GA 209 -27.19 62.11 -8.12
C ASP GA 209 -27.60 62.49 -9.56
N THR GA 210 -26.65 63.04 -10.31
CA THR GA 210 -26.84 63.46 -11.70
C THR GA 210 -25.84 62.68 -12.53
N ALA GA 211 -25.00 61.97 -11.81
CA ALA GA 211 -23.91 61.15 -12.35
C ALA GA 211 -24.39 59.80 -12.85
N HIS GA 212 -25.69 59.54 -12.78
CA HIS GA 212 -26.25 58.27 -13.20
C HIS GA 212 -26.00 57.86 -14.64
N GLU GA 213 -25.85 58.86 -15.52
CA GLU GA 213 -25.50 58.57 -16.94
C GLU GA 213 -23.99 58.26 -16.95
N SER GA 214 -23.62 57.10 -16.39
CA SER GA 214 -22.26 56.68 -16.20
C SER GA 214 -21.75 55.95 -17.41
N TYR GA 215 -20.50 56.19 -17.74
CA TYR GA 215 -19.82 55.61 -18.87
C TYR GA 215 -18.39 55.37 -18.42
N ALA GA 216 -17.55 54.80 -19.30
CA ALA GA 216 -16.17 54.48 -18.95
C ALA GA 216 -16.14 53.38 -17.88
N CYS GA 217 -16.47 52.16 -18.32
CA CYS GA 217 -16.58 51.01 -17.43
C CYS GA 217 -15.39 50.92 -16.51
N ASP GA 218 -15.68 50.78 -15.22
CA ASP GA 218 -14.71 50.67 -14.13
C ASP GA 218 -13.89 51.94 -13.90
N GLY GA 219 -14.29 53.04 -14.52
CA GLY GA 219 -13.63 54.32 -14.37
C GLY GA 219 -14.24 55.19 -13.28
N ARG GA 220 -13.91 56.48 -13.34
CA ARG GA 220 -14.34 57.47 -12.36
C ARG GA 220 -14.85 58.73 -13.03
N MET GA 221 -15.67 58.58 -14.07
CA MET GA 221 -16.16 59.74 -14.80
C MET GA 221 -17.31 60.45 -14.08
N TYR GA 222 -17.02 61.65 -13.58
CA TYR GA 222 -17.95 62.48 -12.83
C TYR GA 222 -17.83 63.96 -13.23
N GLU GA 223 -18.86 64.73 -12.90
CA GLU GA 223 -18.85 66.17 -13.15
C GLU GA 223 -19.60 66.91 -12.05
N ALA GA 224 -19.28 68.19 -11.89
CA ALA GA 224 -19.94 69.06 -10.90
C ALA GA 224 -21.43 69.28 -11.21
N GLY GA 225 -22.24 69.40 -10.15
CA GLY GA 225 -23.67 69.66 -10.34
C GLY GA 225 -24.47 69.57 -9.03
N THR GA 226 -25.78 69.83 -9.12
CA THR GA 226 -26.73 69.81 -8.00
C THR GA 226 -27.27 68.41 -7.70
N LYS GA 227 -27.96 68.26 -6.57
CA LYS GA 227 -28.57 66.97 -6.19
C LYS GA 227 -30.08 67.07 -6.11
N ILE GA 228 -30.74 65.93 -6.29
CA ILE GA 228 -32.18 65.80 -6.28
C ILE GA 228 -32.80 65.18 -5.02
N LYS GA 229 -33.73 65.89 -4.42
CA LYS GA 229 -34.45 65.38 -3.24
C LYS GA 229 -35.73 64.67 -3.71
N ILE GA 230 -35.85 63.39 -3.40
CA ILE GA 230 -36.98 62.56 -3.81
C ILE GA 230 -37.89 62.14 -2.64
N PRO GA 231 -39.18 62.51 -2.58
CA PRO GA 231 -40.14 62.19 -1.51
C PRO GA 231 -40.25 60.69 -1.28
N LYS GA 232 -40.54 60.28 -0.05
CA LYS GA 232 -40.68 58.84 0.26
C LYS GA 232 -41.72 58.23 -0.63
N ALA GA 233 -42.83 58.94 -0.76
CA ALA GA 233 -43.98 58.51 -1.51
C ALA GA 233 -43.65 58.20 -2.95
N ALA GA 234 -42.59 58.79 -3.50
CA ALA GA 234 -42.22 58.62 -4.89
C ALA GA 234 -41.46 57.33 -5.18
N VAL GA 235 -41.10 56.57 -4.13
CA VAL GA 235 -40.26 55.38 -4.36
C VAL GA 235 -40.75 54.05 -3.79
N VAL GA 236 -40.73 53.05 -4.66
CA VAL GA 236 -41.06 51.65 -4.36
C VAL GA 236 -39.82 50.89 -3.94
N TYR GA 237 -39.85 50.13 -2.83
CA TYR GA 237 -38.58 49.46 -2.52
C TYR GA 237 -38.54 48.24 -1.62
N ALA GA 238 -37.40 47.57 -1.68
CA ALA GA 238 -37.08 46.45 -0.80
C ALA GA 238 -35.57 46.28 -0.68
N HIS GA 239 -35.13 45.77 0.45
CA HIS GA 239 -33.72 45.48 0.61
C HIS GA 239 -33.51 44.38 1.60
N SER GA 240 -32.38 43.71 1.46
CA SER GA 240 -32.00 42.67 2.40
C SER GA 240 -31.78 43.29 3.77
N GLY GA 241 -32.18 42.57 4.83
CA GLY GA 241 -32.00 43.03 6.22
C GLY GA 241 -30.59 42.70 6.71
N LEU GA 242 -29.62 43.17 5.95
CA LEU GA 242 -28.25 42.85 6.21
C LEU GA 242 -27.43 44.10 6.34
N VAL GA 243 -26.78 44.23 7.47
CA VAL GA 243 -25.95 45.36 7.77
C VAL GA 243 -24.63 44.83 8.28
N ASP GA 244 -23.55 45.51 7.95
CA ASP GA 244 -22.20 45.18 8.37
C ASP GA 244 -22.09 45.53 9.84
N CYS GA 245 -20.93 45.32 10.43
CA CYS GA 245 -20.72 45.50 11.86
C CYS GA 245 -21.22 46.82 12.47
N CYS GA 246 -21.40 47.88 11.68
CA CYS GA 246 -21.84 49.15 12.25
C CYS GA 246 -22.69 50.03 11.33
N GLY GA 247 -23.28 51.03 11.99
CA GLY GA 247 -24.07 52.06 11.35
C GLY GA 247 -25.26 51.47 10.62
N LYS GA 248 -25.36 51.87 9.37
CA LYS GA 248 -26.41 51.47 8.45
C LYS GA 248 -25.71 51.04 7.20
N ASN GA 249 -24.55 50.43 7.38
CA ASN GA 249 -23.78 49.98 6.26
C ASN GA 249 -24.39 48.72 5.68
N ILE GA 250 -25.45 48.91 4.89
CA ILE GA 250 -26.21 47.82 4.29
C ILE GA 250 -25.40 47.08 3.26
N ILE GA 251 -25.44 45.78 3.39
CA ILE GA 251 -24.69 44.84 2.55
C ILE GA 251 -25.61 43.82 1.92
N GLY GA 252 -25.10 43.09 0.94
CA GLY GA 252 -25.90 42.05 0.32
C GLY GA 252 -25.56 40.65 0.82
N TYR GA 253 -26.31 39.67 0.37
CA TYR GA 253 -26.05 38.29 0.76
C TYR GA 253 -24.74 37.85 0.19
N LEU GA 254 -24.39 38.42 -0.96
CA LEU GA 254 -23.17 38.11 -1.68
C LEU GA 254 -21.96 38.59 -0.92
N HIS GA 255 -22.16 39.47 0.04
CA HIS GA 255 -21.09 40.03 0.83
C HIS GA 255 -20.35 38.92 1.53
N ARG GA 256 -21.07 37.84 1.84
CA ARG GA 256 -20.49 36.71 2.54
C ARG GA 256 -19.35 36.10 1.76
N ALA GA 257 -19.44 36.17 0.45
CA ALA GA 257 -18.47 35.58 -0.43
C ALA GA 257 -17.28 36.48 -0.68
N VAL GA 258 -17.28 37.70 -0.18
CA VAL GA 258 -16.19 38.57 -0.57
C VAL GA 258 -14.84 38.00 -0.20
N LYS GA 259 -14.70 37.52 1.01
CA LYS GA 259 -13.41 36.97 1.32
C LYS GA 259 -13.13 35.71 0.51
N PRO GA 260 -13.77 34.55 0.79
CA PRO GA 260 -13.45 33.28 0.21
C PRO GA 260 -13.61 33.22 -1.30
N ALA GA 261 -14.45 34.07 -1.90
CA ALA GA 261 -14.57 34.01 -3.33
C ALA GA 261 -13.29 34.38 -3.97
N ASN GA 262 -12.64 35.35 -3.38
CA ASN GA 262 -11.44 35.85 -3.94
C ASN GA 262 -10.34 34.94 -3.51
N GLN GA 263 -10.46 34.36 -2.32
CA GLN GA 263 -9.40 33.48 -1.89
C GLN GA 263 -9.35 32.32 -2.83
N LEU GA 264 -10.51 31.81 -3.26
CA LEU GA 264 -10.47 30.70 -4.16
C LEU GA 264 -9.89 31.14 -5.48
N LYS GA 265 -10.34 32.26 -6.03
CA LYS GA 265 -9.79 32.63 -7.32
C LYS GA 265 -8.28 32.76 -7.24
N LEU GA 266 -7.81 33.33 -6.16
CA LEU GA 266 -6.42 33.52 -5.93
C LEU GA 266 -5.71 32.17 -5.88
N LEU GA 267 -6.26 31.21 -5.12
CA LEU GA 267 -5.68 29.88 -5.04
C LEU GA 267 -5.67 29.17 -6.36
N GLU GA 268 -6.75 29.30 -7.13
CA GLU GA 268 -6.83 28.63 -8.40
C GLU GA 268 -5.72 29.12 -9.29
N ASP GA 269 -5.53 30.42 -9.30
CA ASP GA 269 -4.49 30.94 -10.13
C ASP GA 269 -3.14 30.56 -9.56
N ALA GA 270 -2.98 30.56 -8.24
CA ALA GA 270 -1.68 30.18 -7.70
C ALA GA 270 -1.30 28.78 -8.17
N VAL GA 271 -2.29 27.88 -8.21
CA VAL GA 271 -2.02 26.54 -8.70
C VAL GA 271 -1.58 26.60 -10.14
N VAL GA 272 -2.29 27.38 -10.94
CA VAL GA 272 -1.97 27.52 -12.33
C VAL GA 272 -0.58 28.12 -12.54
N ILE GA 273 -0.21 29.14 -11.79
CA ILE GA 273 1.09 29.73 -11.97
C ILE GA 273 2.12 28.69 -11.66
N TYR GA 274 1.94 27.95 -10.56
CA TYR GA 274 2.88 26.92 -10.17
C TYR GA 274 3.05 25.91 -11.31
N ARG GA 275 1.95 25.42 -11.88
CA ARG GA 275 2.05 24.47 -12.97
C ARG GA 275 2.70 25.01 -14.25
N ILE GA 276 2.38 26.22 -14.65
CA ILE GA 276 2.90 26.76 -15.90
C ILE GA 276 4.32 27.30 -15.76
N THR GA 277 4.57 28.08 -14.73
CA THR GA 277 5.89 28.61 -14.56
C THR GA 277 6.73 27.38 -14.40
N ARG GA 278 7.88 27.33 -15.06
CA ARG GA 278 8.81 26.18 -14.86
C ARG GA 278 8.37 24.94 -15.63
N ALA GA 279 7.16 24.93 -16.21
CA ALA GA 279 6.79 23.80 -17.05
C ALA GA 279 7.86 23.59 -18.14
N PRO GA 280 8.42 24.67 -18.77
CA PRO GA 280 9.48 24.65 -19.76
C PRO GA 280 10.72 24.13 -19.09
N ASP GA 281 11.70 23.71 -19.87
CA ASP GA 281 12.96 23.31 -19.24
C ASP GA 281 13.61 24.55 -18.68
N ARG GA 282 14.75 24.42 -18.01
CA ARG GA 282 15.36 25.66 -17.45
C ARG GA 282 16.88 25.52 -17.37
N ARG GA 283 17.64 26.50 -17.86
CA ARG GA 283 19.12 26.34 -17.77
C ARG GA 283 19.84 27.62 -18.20
N VAL GA 284 20.93 27.95 -17.51
CA VAL GA 284 21.72 29.11 -17.85
C VAL GA 284 23.06 28.66 -18.41
N TRP GA 285 23.36 29.13 -19.60
CA TRP GA 285 24.61 28.86 -20.27
C TRP GA 285 25.61 29.90 -19.82
N TYR GA 286 26.77 29.47 -19.37
CA TYR GA 286 27.74 30.47 -18.95
C TYR GA 286 29.02 30.41 -19.74
N VAL GA 287 29.56 31.62 -19.98
CA VAL GA 287 30.87 31.84 -20.59
C VAL GA 287 31.69 32.82 -19.74
N ASP GA 288 32.96 32.50 -19.45
CA ASP GA 288 33.79 33.41 -18.64
C ASP GA 288 34.80 34.17 -19.49
N THR GA 289 34.56 35.47 -19.72
CA THR GA 289 35.47 36.20 -20.60
C THR GA 289 35.98 37.52 -20.05
N GLY GA 290 37.30 37.61 -20.01
CA GLY GA 290 38.01 38.79 -19.55
C GLY GA 290 38.95 39.33 -20.63
N ASN GA 291 39.89 40.18 -20.21
CA ASN GA 291 40.91 40.87 -21.05
C ASN GA 291 40.31 41.88 -22.04
N MET GA 292 39.03 42.11 -21.89
CA MET GA 292 38.23 43.01 -22.69
C MET GA 292 37.21 43.72 -21.81
N PRO GA 293 36.71 44.89 -22.20
CA PRO GA 293 35.60 45.57 -21.58
C PRO GA 293 34.41 44.69 -21.89
N ALA GA 294 33.36 44.71 -21.08
CA ALA GA 294 32.22 43.81 -21.33
C ALA GA 294 31.66 43.98 -22.72
N ARG GA 295 31.69 45.19 -23.26
CA ARG GA 295 31.18 45.42 -24.59
C ARG GA 295 31.75 44.44 -25.63
N LYS GA 296 33.01 44.03 -25.46
CA LYS GA 296 33.71 43.11 -26.35
C LYS GA 296 33.84 41.73 -25.71
N ALA GA 297 33.95 41.66 -24.39
CA ALA GA 297 34.09 40.35 -23.74
C ALA GA 297 32.88 39.49 -24.07
N ALA GA 298 31.73 40.16 -24.19
CA ALA GA 298 30.43 39.58 -24.49
C ALA GA 298 30.42 38.84 -25.82
N GLU GA 299 31.35 39.10 -26.73
CA GLU GA 299 31.36 38.39 -28.00
C GLU GA 299 31.53 36.89 -27.77
N HIS GA 300 32.20 36.49 -26.69
CA HIS GA 300 32.39 35.08 -26.43
C HIS GA 300 31.10 34.45 -25.91
N MET GA 301 30.15 35.28 -25.48
CA MET GA 301 28.86 34.82 -25.00
C MET GA 301 28.02 34.63 -26.23
N GLN GA 302 28.17 35.54 -27.21
CA GLN GA 302 27.46 35.50 -28.48
C GLN GA 302 27.79 34.20 -29.21
N HIS GA 303 29.02 33.69 -29.02
CA HIS GA 303 29.47 32.44 -29.65
C HIS GA 303 28.54 31.25 -29.31
N VAL GA 304 27.81 31.34 -28.19
CA VAL GA 304 26.87 30.30 -27.81
C VAL GA 304 25.44 30.87 -27.87
N MET GA 305 25.25 32.09 -27.39
CA MET GA 305 23.93 32.71 -27.37
C MET GA 305 23.28 32.80 -28.73
N ASN GA 306 24.06 33.07 -29.77
CA ASN GA 306 23.51 33.17 -31.10
C ASN GA 306 23.70 31.87 -31.90
N THR GA 307 24.11 30.79 -31.22
CA THR GA 307 24.37 29.48 -31.81
C THR GA 307 23.39 28.42 -31.33
N MET GA 308 23.04 28.49 -30.05
CA MET GA 308 22.16 27.53 -29.40
C MET GA 308 20.74 28.09 -29.27
N LYS GA 309 20.33 28.88 -30.26
CA LYS GA 309 19.00 29.45 -30.26
C LYS GA 309 18.04 28.36 -30.67
N ASN GA 310 17.76 27.49 -29.70
CA ASN GA 310 16.97 26.29 -29.88
C ASN GA 310 15.50 26.65 -29.94
N ARG GA 311 15.13 27.35 -30.99
CA ARG GA 311 13.78 27.83 -31.15
C ARG GA 311 12.92 26.72 -31.75
N VAL GA 312 12.59 25.79 -30.85
CA VAL GA 312 11.86 24.56 -31.14
C VAL GA 312 10.47 24.66 -30.54
N VAL GA 313 9.91 25.85 -30.61
CA VAL GA 313 8.62 26.17 -30.04
C VAL GA 313 7.42 25.45 -30.59
N TYR GA 314 6.64 24.95 -29.65
CA TYR GA 314 5.41 24.22 -29.83
C TYR GA 314 4.31 25.13 -30.36
N ASP GA 315 3.55 24.66 -31.33
CA ASP GA 315 2.46 25.48 -31.77
C ASP GA 315 1.18 25.28 -30.98
N ALA GA 316 0.67 26.40 -30.49
CA ALA GA 316 -0.54 26.49 -29.72
C ALA GA 316 -1.80 26.01 -30.47
N SER GA 317 -1.87 26.13 -31.80
CA SER GA 317 -3.07 25.70 -32.50
C SER GA 317 -2.98 24.23 -32.90
N THR GA 318 -1.80 23.78 -33.33
CA THR GA 318 -1.60 22.38 -33.72
C THR GA 318 -0.34 21.83 -33.03
N GLY GA 319 -0.39 20.67 -32.35
CA GLY GA 319 0.78 20.21 -31.61
C GLY GA 319 1.98 19.69 -32.40
N LYS GA 320 2.61 20.58 -33.15
CA LYS GA 320 3.80 20.36 -33.96
C LYS GA 320 4.92 21.29 -33.48
N ILE GA 321 6.16 20.98 -33.87
CA ILE GA 321 7.25 21.86 -33.47
C ILE GA 321 7.79 22.70 -34.64
N LYS GA 322 7.78 24.02 -34.44
CA LYS GA 322 8.17 24.98 -35.46
C LYS GA 322 9.54 24.77 -36.05
N ASN GA 323 9.55 24.65 -37.38
CA ASN GA 323 10.69 24.48 -38.26
C ASN GA 323 11.65 23.37 -37.86
N GLN GA 324 11.16 22.23 -37.37
CA GLN GA 324 12.10 21.19 -36.99
C GLN GA 324 12.32 20.04 -37.94
N GLN GA 325 11.74 20.09 -39.14
CA GLN GA 325 11.88 18.99 -40.11
C GLN GA 325 13.37 18.56 -40.13
N HIS GA 326 13.72 17.26 -40.02
CA HIS GA 326 12.82 16.11 -40.02
C HIS GA 326 12.00 15.89 -38.76
N ASN GA 327 11.16 14.87 -38.76
CA ASN GA 327 10.21 14.68 -37.68
C ASN GA 327 10.75 14.55 -36.25
N MET GA 328 11.92 13.94 -36.04
CA MET GA 328 12.39 13.81 -34.67
C MET GA 328 13.88 13.54 -34.53
N SER GA 329 14.55 14.33 -33.69
CA SER GA 329 15.95 14.08 -33.38
C SER GA 329 15.91 13.09 -32.24
N MET GA 330 16.77 12.07 -32.22
CA MET GA 330 16.70 11.15 -31.09
C MET GA 330 17.33 11.72 -29.83
N THR GA 331 18.28 12.63 -30.00
CA THR GA 331 18.99 13.25 -28.90
C THR GA 331 19.56 14.57 -29.34
N GLU GA 332 19.74 15.49 -28.40
CA GLU GA 332 20.33 16.77 -28.69
C GLU GA 332 21.84 16.64 -28.78
N ASP GA 333 22.47 17.56 -29.49
CA ASP GA 333 23.90 17.51 -29.63
C ASP GA 333 24.56 18.85 -29.32
N TYR GA 334 25.15 18.95 -28.14
CA TYR GA 334 25.78 20.18 -27.71
C TYR GA 334 27.22 19.94 -27.31
N TRP GA 335 28.03 20.98 -27.43
CA TRP GA 335 29.41 20.91 -27.03
C TRP GA 335 29.93 22.29 -26.71
N LEU GA 336 31.00 22.33 -25.92
CA LEU GA 336 31.67 23.56 -25.58
C LEU GA 336 33.19 23.41 -25.56
N GLN GA 337 33.86 24.41 -26.10
CA GLN GA 337 35.31 24.44 -26.12
C GLN GA 337 35.83 25.13 -24.88
N ARG GA 338 36.92 24.62 -24.33
CA ARG GA 338 37.54 25.30 -23.21
C ARG GA 338 38.92 25.80 -23.59
N ARG GA 339 39.16 27.07 -23.25
CA ARG GA 339 40.44 27.77 -23.49
C ARG GA 339 41.60 27.17 -22.71
N ASP GA 340 41.31 26.67 -21.51
CA ASP GA 340 42.33 26.07 -20.67
C ASP GA 340 41.72 24.89 -19.95
N GLY GA 341 42.52 24.20 -19.15
CA GLY GA 341 42.08 23.05 -18.36
C GLY GA 341 41.35 23.51 -17.10
N LYS GA 342 40.32 24.31 -17.30
CA LYS GA 342 39.56 24.92 -16.26
C LYS GA 342 38.08 24.82 -16.53
N ALA GA 343 37.39 24.05 -15.70
CA ALA GA 343 35.96 23.81 -15.88
C ALA GA 343 35.15 24.97 -15.32
N VAL GA 344 35.23 26.09 -16.01
CA VAL GA 344 34.56 27.31 -15.55
C VAL GA 344 33.26 27.61 -16.30
N THR GA 345 33.17 27.20 -17.56
CA THR GA 345 31.96 27.44 -18.31
C THR GA 345 31.03 26.31 -17.92
N GLU GA 346 29.73 26.44 -18.18
CA GLU GA 346 28.81 25.36 -17.77
C GLU GA 346 27.37 25.51 -18.24
N VAL GA 347 26.59 24.41 -18.17
CA VAL GA 347 25.15 24.56 -18.32
C VAL GA 347 24.48 24.24 -17.01
N ASP GA 348 23.96 25.28 -16.41
CA ASP GA 348 23.39 25.24 -15.08
C ASP GA 348 21.90 25.04 -15.14
N THR GA 349 21.43 23.83 -14.89
CA THR GA 349 20.01 23.60 -15.02
C THR GA 349 19.31 24.01 -13.74
N LEU GA 350 18.03 24.25 -13.83
CA LEU GA 350 17.29 24.63 -12.62
C LEU GA 350 16.18 23.63 -12.33
N PRO GA 351 15.79 23.44 -11.07
CA PRO GA 351 14.68 22.60 -10.65
C PRO GA 351 13.39 23.22 -11.12
N GLY GA 352 12.39 22.39 -11.41
CA GLY GA 352 11.12 22.93 -11.86
C GLY GA 352 9.97 22.75 -10.86
N ALA GA 353 8.78 23.07 -11.32
CA ALA GA 353 7.57 22.97 -10.52
C ALA GA 353 7.11 21.53 -10.51
N ASP GA 354 7.74 20.73 -9.67
CA ASP GA 354 7.48 19.29 -9.70
C ASP GA 354 6.03 18.98 -9.36
N ASN GA 355 5.62 17.79 -9.76
CA ASN GA 355 4.27 17.31 -9.60
C ASN GA 355 3.98 16.83 -8.19
N THR GA 356 3.55 17.76 -7.35
CA THR GA 356 3.30 17.46 -5.95
C THR GA 356 1.83 17.44 -5.50
N GLY GA 357 0.90 18.01 -6.27
CA GLY GA 357 -0.51 18.01 -5.83
C GLY GA 357 -1.04 16.59 -5.95
N ASN GA 358 -1.92 16.09 -5.05
CA ASN GA 358 -2.51 16.66 -3.82
C ASN GA 358 -3.34 17.94 -3.93
N MET GA 359 -4.31 17.98 -4.85
CA MET GA 359 -5.22 19.12 -4.95
C MET GA 359 -6.29 19.01 -3.86
N GLU GA 360 -5.84 19.15 -2.61
CA GLU GA 360 -6.67 18.97 -1.42
C GLU GA 360 -6.88 20.23 -0.59
N ASP GA 361 -5.92 21.14 -0.65
CA ASP GA 361 -5.97 22.34 0.16
C ASP GA 361 -7.00 23.26 -0.47
N ILE GA 362 -6.87 23.37 -1.77
CA ILE GA 362 -7.76 24.15 -2.57
C ILE GA 362 -9.15 23.55 -2.51
N ARG GA 363 -9.23 22.22 -2.40
CA ARG GA 363 -10.48 21.50 -2.30
C ARG GA 363 -11.24 21.96 -1.08
N TRP GA 364 -10.55 22.03 0.07
CA TRP GA 364 -11.19 22.51 1.28
C TRP GA 364 -11.82 23.85 1.05
N PHE GA 365 -11.05 24.78 0.51
CA PHE GA 365 -11.55 26.12 0.34
C PHE GA 365 -12.68 26.21 -0.65
N ARG GA 366 -12.58 25.50 -1.77
CA ARG GA 366 -13.64 25.57 -2.76
C ARG GA 366 -14.93 25.09 -2.16
N GLN GA 367 -14.87 23.99 -1.41
CA GLN GA 367 -16.07 23.45 -0.82
C GLN GA 367 -16.68 24.43 0.15
N ALA GA 368 -15.82 25.04 0.98
CA ALA GA 368 -16.30 26.00 1.96
C ALA GA 368 -16.96 27.17 1.27
N LEU GA 369 -16.34 27.63 0.18
CA LEU GA 369 -16.93 28.74 -0.53
C LEU GA 369 -18.25 28.40 -1.07
N TYR GA 370 -18.31 27.24 -1.74
CA TYR GA 370 -19.53 26.73 -2.42
C TYR GA 370 -20.73 26.75 -1.46
N MET GA 371 -20.55 26.27 -0.22
CA MET GA 371 -21.70 26.25 0.68
C MET GA 371 -21.99 27.62 1.27
N ALA GA 372 -20.96 28.43 1.39
CA ALA GA 372 -21.00 29.79 1.94
C ALA GA 372 -21.81 30.72 1.07
N LEU GA 373 -22.17 30.27 -0.13
CA LEU GA 373 -22.94 31.07 -1.06
C LEU GA 373 -24.41 31.00 -0.71
N ARG GA 374 -24.73 30.26 0.37
CA ARG GA 374 -26.07 30.09 0.89
C ARG GA 374 -26.88 29.25 -0.08
N VAL GA 375 -26.31 28.10 -0.41
CA VAL GA 375 -26.93 27.16 -1.34
C VAL GA 375 -27.02 25.78 -0.68
N PRO GA 376 -27.86 24.85 -1.19
CA PRO GA 376 -28.00 23.48 -0.72
C PRO GA 376 -26.70 22.72 -0.90
N LEU GA 377 -26.44 21.76 -0.03
CA LEU GA 377 -25.22 20.97 -0.12
C LEU GA 377 -25.36 19.87 -1.15
N SER GA 378 -26.56 19.75 -1.64
CA SER GA 378 -26.93 18.79 -2.64
C SER GA 378 -26.57 19.29 -4.03
N ARG GA 379 -26.16 20.56 -4.14
CA ARG GA 379 -25.82 21.09 -5.45
C ARG GA 379 -24.32 20.99 -5.64
N ILE GA 380 -23.89 20.83 -6.87
CA ILE GA 380 -22.46 20.77 -7.15
C ILE GA 380 -21.99 22.12 -7.63
N SER GA 395 -34.21 12.85 -1.91
CA SER GA 395 -35.57 13.22 -1.56
C SER GA 395 -35.63 14.49 -0.74
N ILE GA 396 -36.35 14.43 0.36
CA ILE GA 396 -36.50 15.57 1.24
C ILE GA 396 -35.57 15.44 2.40
N THR GA 397 -34.73 16.43 2.57
CA THR GA 397 -33.77 16.45 3.63
C THR GA 397 -33.90 17.78 4.33
N ARG GA 398 -33.36 17.88 5.55
CA ARG GA 398 -33.41 19.14 6.28
C ARG GA 398 -32.82 20.26 5.46
N ASP GA 399 -31.75 19.95 4.74
CA ASP GA 399 -31.06 20.92 3.92
C ASP GA 399 -31.97 21.52 2.84
N GLU GA 400 -32.87 20.72 2.26
CA GLU GA 400 -33.72 21.24 1.21
C GLU GA 400 -34.79 22.11 1.82
N LEU GA 401 -35.29 21.67 2.97
CA LEU GA 401 -36.32 22.41 3.64
C LEU GA 401 -35.78 23.76 4.10
N THR GA 402 -34.55 23.74 4.60
CA THR GA 402 -33.89 24.93 5.09
C THR GA 402 -33.73 25.92 3.97
N PHE GA 403 -33.27 25.42 2.82
CA PHE GA 403 -33.09 26.28 1.68
C PHE GA 403 -34.44 26.86 1.28
N ALA GA 404 -35.48 26.03 1.23
CA ALA GA 404 -36.79 26.54 0.88
C ALA GA 404 -37.21 27.66 1.82
N LYS GA 405 -36.93 27.52 3.11
CA LYS GA 405 -37.26 28.57 4.07
C LYS GA 405 -36.54 29.85 3.69
N PHE GA 406 -35.25 29.73 3.33
CA PHE GA 406 -34.47 30.88 2.90
C PHE GA 406 -35.14 31.53 1.72
N ILE GA 407 -35.54 30.72 0.74
CA ILE GA 407 -36.19 31.27 -0.41
C ILE GA 407 -37.47 31.99 0.00
N ARG GA 408 -38.26 31.38 0.89
CA ARG GA 408 -39.46 32.03 1.36
C ARG GA 408 -39.14 33.39 1.98
N GLU GA 409 -38.09 33.47 2.77
CA GLU GA 409 -37.72 34.74 3.38
C GLU GA 409 -37.37 35.77 2.32
N LEU GA 410 -36.62 35.35 1.31
CA LEU GA 410 -36.23 36.30 0.28
C LEU GA 410 -37.44 36.80 -0.47
N GLN GA 411 -38.37 35.89 -0.76
CA GLN GA 411 -39.56 36.26 -1.48
C GLN GA 411 -40.38 37.19 -0.64
N HIS GA 412 -40.51 36.87 0.63
CA HIS GA 412 -41.32 37.63 1.55
C HIS GA 412 -40.88 39.07 1.63
N LYS GA 413 -39.58 39.28 1.75
CA LYS GA 413 -39.06 40.63 1.87
C LYS GA 413 -39.03 41.35 0.51
N PHE GA 414 -38.56 40.68 -0.53
CA PHE GA 414 -38.46 41.27 -1.85
C PHE GA 414 -39.78 41.76 -2.41
N GLU GA 415 -40.80 40.90 -2.33
CA GLU GA 415 -42.07 41.13 -2.95
C GLU GA 415 -42.86 42.31 -2.36
N GLU GA 416 -42.34 42.98 -1.33
CA GLU GA 416 -43.00 44.17 -0.82
C GLU GA 416 -43.14 45.18 -1.97
N VAL GA 417 -42.22 45.10 -2.93
CA VAL GA 417 -42.21 45.99 -4.10
C VAL GA 417 -43.45 45.86 -4.97
N PHE GA 418 -44.31 44.88 -4.70
CA PHE GA 418 -45.52 44.80 -5.48
C PHE GA 418 -46.70 45.34 -4.68
N LEU GA 419 -46.52 45.60 -3.39
CA LEU GA 419 -47.61 46.15 -2.60
C LEU GA 419 -47.45 47.65 -2.58
N ASP GA 420 -46.22 48.13 -2.47
CA ASP GA 420 -46.01 49.57 -2.49
C ASP GA 420 -46.78 50.25 -3.65
N PRO GA 421 -46.56 49.88 -4.94
CA PRO GA 421 -47.26 50.42 -6.07
C PRO GA 421 -48.72 50.04 -6.09
N LEU GA 422 -49.10 48.96 -5.42
CA LEU GA 422 -50.49 48.56 -5.42
C LEU GA 422 -51.25 49.55 -4.61
N LYS GA 423 -50.85 49.75 -3.36
CA LYS GA 423 -51.63 50.66 -2.57
C LYS GA 423 -51.60 52.02 -3.20
N THR GA 424 -50.49 52.36 -3.84
CA THR GA 424 -50.41 53.66 -4.43
C THR GA 424 -51.45 53.82 -5.51
N ASN GA 425 -51.49 52.87 -6.43
CA ASN GA 425 -52.37 52.99 -7.55
C ASN GA 425 -53.83 52.88 -7.12
N LEU GA 426 -54.10 52.02 -6.14
CA LEU GA 426 -55.46 51.81 -5.71
C LEU GA 426 -56.00 53.05 -5.01
N LEU GA 427 -55.14 53.71 -4.21
CA LEU GA 427 -55.53 54.92 -3.52
C LEU GA 427 -55.78 56.05 -4.49
N LEU GA 428 -54.94 56.16 -5.53
CA LEU GA 428 -55.11 57.20 -6.52
C LEU GA 428 -56.39 57.03 -7.32
N LYS GA 429 -56.67 55.79 -7.73
CA LYS GA 429 -57.87 55.47 -8.48
C LYS GA 429 -59.12 55.63 -7.65
N GLY GA 430 -59.06 55.25 -6.37
CA GLY GA 430 -60.22 55.31 -5.51
C GLY GA 430 -60.80 53.93 -5.29
N ILE GA 431 -59.97 52.91 -5.48
CA ILE GA 431 -60.38 51.53 -5.27
C ILE GA 431 -60.39 51.30 -3.78
N ILE GA 432 -59.36 51.81 -3.10
CA ILE GA 432 -59.30 51.66 -1.64
C ILE GA 432 -59.06 53.04 -1.02
N THR GA 433 -59.33 53.16 0.27
CA THR GA 433 -58.97 54.39 0.98
C THR GA 433 -57.76 54.12 1.85
N GLU GA 434 -57.16 55.19 2.39
CA GLU GA 434 -56.00 55.05 3.26
C GLU GA 434 -56.33 54.28 4.51
N ASP GA 435 -57.50 54.56 5.07
CA ASP GA 435 -57.92 53.91 6.29
C ASP GA 435 -58.09 52.44 6.05
N GLU GA 436 -58.68 52.10 4.91
CA GLU GA 436 -58.89 50.71 4.62
C GLU GA 436 -57.58 49.99 4.53
N TRP GA 437 -56.60 50.55 3.81
CA TRP GA 437 -55.32 49.86 3.69
C TRP GA 437 -54.76 49.60 5.08
N ASN GA 438 -54.77 50.61 5.92
CA ASN GA 438 -54.17 50.48 7.22
C ASN GA 438 -54.79 49.37 8.07
N ASP GA 439 -56.10 49.14 7.97
CA ASP GA 439 -56.68 48.05 8.74
C ASP GA 439 -56.64 46.72 7.99
N GLU GA 440 -56.76 46.77 6.68
CA GLU GA 440 -56.74 45.57 5.88
C GLU GA 440 -55.38 44.86 5.97
N ILE GA 441 -54.27 45.63 6.04
CA ILE GA 441 -52.96 44.99 6.18
C ILE GA 441 -52.20 45.39 7.47
N ASN GA 442 -52.05 44.49 8.48
CA ASN GA 442 -52.57 43.10 8.61
C ASN GA 442 -52.22 42.10 7.49
N ASN GA 443 -53.20 41.71 6.64
CA ASN GA 443 -52.86 40.75 5.62
C ASN GA 443 -53.50 40.97 4.24
N ILE GA 444 -52.68 41.52 3.34
CA ILE GA 444 -52.97 41.78 1.92
C ILE GA 444 -51.82 41.07 1.19
N LYS GA 445 -51.57 39.84 1.61
CA LYS GA 445 -50.49 39.10 1.01
C LYS GA 445 -50.76 38.75 -0.43
N ILE GA 446 -49.70 38.41 -1.09
CA ILE GA 446 -49.69 37.99 -2.46
C ILE GA 446 -49.04 36.62 -2.40
N GLU GA 447 -49.26 35.79 -3.40
CA GLU GA 447 -48.70 34.45 -3.35
C GLU GA 447 -48.29 33.92 -4.70
N PHE GA 448 -47.15 33.29 -4.70
CA PHE GA 448 -46.52 32.69 -5.86
C PHE GA 448 -46.58 31.18 -5.94
N HIS GA 449 -46.41 30.70 -7.16
CA HIS GA 449 -46.31 29.31 -7.54
C HIS GA 449 -45.02 28.68 -7.06
N ARG GA 450 -45.08 27.41 -6.71
CA ARG GA 450 -43.88 26.68 -6.32
C ARG GA 450 -43.80 25.45 -7.20
N ASP GA 451 -42.60 24.97 -7.48
CA ASP GA 451 -42.44 23.83 -8.36
C ASP GA 451 -43.32 22.66 -8.05
N SER GA 452 -44.09 22.25 -9.04
CA SER GA 452 -45.01 21.17 -8.90
C SER GA 452 -44.31 19.84 -8.99
N TYR GA 453 -43.19 19.75 -9.68
CA TYR GA 453 -42.55 18.45 -9.77
C TYR GA 453 -42.13 18.03 -8.38
N PHE GA 454 -41.36 18.88 -7.72
CA PHE GA 454 -40.95 18.52 -6.40
C PHE GA 454 -42.05 18.60 -5.39
N ALA GA 455 -43.03 19.51 -5.55
CA ALA GA 455 -44.10 19.53 -4.57
C ALA GA 455 -44.82 18.21 -4.57
N GLU GA 456 -45.08 17.65 -5.76
CA GLU GA 456 -45.76 16.37 -5.82
C GLU GA 456 -44.96 15.32 -5.12
N LEU GA 457 -43.65 15.29 -5.36
CA LEU GA 457 -42.82 14.29 -4.74
C LEU GA 457 -42.81 14.42 -3.23
N LYS GA 458 -42.76 15.64 -2.73
CA LYS GA 458 -42.77 15.87 -1.30
C LYS GA 458 -44.07 15.32 -0.72
N GLU GA 459 -45.19 15.70 -1.34
CA GLU GA 459 -46.48 15.28 -0.87
C GLU GA 459 -46.63 13.78 -0.94
N ALA GA 460 -46.10 13.15 -1.99
CA ALA GA 460 -46.21 11.72 -2.11
C ALA GA 460 -45.51 11.03 -0.96
N GLU GA 461 -44.30 11.48 -0.61
CA GLU GA 461 -43.60 10.85 0.50
C GLU GA 461 -44.39 11.02 1.80
N ILE GA 462 -44.99 12.19 1.97
CA ILE GA 462 -45.78 12.43 3.15
C ILE GA 462 -46.92 11.43 3.17
N LEU GA 463 -47.57 11.26 2.03
CA LEU GA 463 -48.64 10.30 1.92
C LEU GA 463 -48.11 8.89 2.17
N GLU GA 464 -46.92 8.53 1.70
CA GLU GA 464 -46.44 7.19 1.95
C GLU GA 464 -46.40 6.94 3.44
N ARG GA 465 -45.90 7.91 4.21
CA ARG GA 465 -45.89 7.71 5.64
C ARG GA 465 -47.30 7.61 6.19
N ARG GA 466 -48.19 8.47 5.68
CA ARG GA 466 -49.62 8.51 6.12
C ARG GA 466 -50.26 7.13 5.94
N ILE GA 467 -50.06 6.49 4.78
CA ILE GA 467 -50.65 5.20 4.52
C ILE GA 467 -49.96 4.14 5.34
N ASN GA 468 -48.64 4.18 5.41
CA ASN GA 468 -47.92 3.18 6.16
C ASN GA 468 -48.38 3.20 7.60
N MET GA 469 -48.61 4.38 8.16
CA MET GA 469 -49.08 4.43 9.52
C MET GA 469 -50.52 3.95 9.63
N LEU GA 470 -51.39 4.26 8.64
CA LEU GA 470 -52.74 3.75 8.75
C LEU GA 470 -52.68 2.23 8.71
N THR GA 471 -51.77 1.70 7.89
CA THR GA 471 -51.59 0.26 7.75
C THR GA 471 -51.20 -0.33 9.06
N MET GA 472 -50.24 0.30 9.73
CA MET GA 472 -49.81 -0.16 11.02
C MET GA 472 -50.92 -0.07 12.07
N ALA GA 473 -51.66 1.02 12.05
CA ALA GA 473 -52.77 1.24 12.96
C ALA GA 473 -53.90 0.24 12.76
N GLU GA 474 -54.19 -0.08 11.49
CA GLU GA 474 -55.27 -0.96 11.03
C GLU GA 474 -55.84 -1.95 12.06
N PRO GA 475 -55.10 -2.93 12.58
CA PRO GA 475 -55.63 -3.94 13.48
C PRO GA 475 -56.25 -3.40 14.76
N PHE GA 476 -55.92 -2.16 15.12
CA PHE GA 476 -56.44 -1.58 16.34
C PHE GA 476 -57.52 -0.53 16.09
N ILE GA 477 -57.90 -0.39 14.83
CA ILE GA 477 -58.83 0.64 14.41
C ILE GA 477 -60.19 0.57 15.06
N GLY GA 478 -60.60 -0.61 15.50
CA GLY GA 478 -61.87 -0.77 16.18
C GLY GA 478 -61.67 -1.22 17.63
N LYS GA 479 -60.44 -1.13 18.11
CA LYS GA 479 -60.15 -1.61 19.47
C LYS GA 479 -59.66 -0.54 20.40
N TYR GA 480 -58.67 0.23 19.95
CA TYR GA 480 -58.08 1.19 20.86
C TYR GA 480 -58.22 2.60 20.34
N ILE GA 481 -58.34 2.70 19.03
CA ILE GA 481 -58.40 3.96 18.35
C ILE GA 481 -59.64 3.95 17.47
N SER GA 482 -59.94 5.08 16.83
CA SER GA 482 -61.10 5.22 15.96
C SER GA 482 -60.71 5.74 14.58
N HIS GA 483 -61.66 5.68 13.63
CA HIS GA 483 -61.42 6.17 12.28
C HIS GA 483 -61.33 7.67 12.35
N ARG GA 484 -62.25 8.30 13.08
CA ARG GA 484 -62.21 9.75 13.18
C ARG GA 484 -60.82 10.20 13.59
N THR GA 485 -60.30 9.60 14.66
CA THR GA 485 -59.00 9.95 15.13
C THR GA 485 -57.92 9.64 14.11
N ALA GA 486 -57.94 8.47 13.50
CA ALA GA 486 -56.91 8.18 12.53
C ALA GA 486 -56.89 9.24 11.43
N MET GA 487 -58.06 9.68 10.99
CA MET GA 487 -58.09 10.68 9.96
C MET GA 487 -57.49 12.00 10.49
N LYS GA 488 -57.84 12.38 11.72
CA LYS GA 488 -57.31 13.58 12.36
C LYS GA 488 -55.80 13.56 12.68
N ASP GA 489 -55.28 12.43 13.16
CA ASP GA 489 -53.87 12.32 13.52
C ASP GA 489 -52.94 11.70 12.50
N ILE GA 490 -53.40 10.73 11.71
CA ILE GA 490 -52.55 10.05 10.75
C ILE GA 490 -52.63 10.75 9.41
N LEU GA 491 -53.83 11.07 8.95
CA LEU GA 491 -53.94 11.76 7.66
C LEU GA 491 -53.91 13.29 7.82
N GLN GA 492 -53.87 13.75 9.06
CA GLN GA 492 -53.87 15.15 9.47
C GLN GA 492 -55.00 15.95 8.83
N MET GA 493 -56.18 15.36 8.79
CA MET GA 493 -57.36 15.99 8.22
C MET GA 493 -58.07 16.87 9.23
N THR GA 494 -58.76 17.90 8.76
CA THR GA 494 -59.53 18.74 9.67
C THR GA 494 -60.90 18.12 9.87
N ASP GA 495 -61.66 18.61 10.86
CA ASP GA 495 -62.98 18.03 11.09
C ASP GA 495 -63.91 18.24 9.89
N GLU GA 496 -63.79 19.40 9.26
CA GLU GA 496 -64.61 19.75 8.12
C GLU GA 496 -64.25 18.91 6.93
N GLU GA 497 -62.95 18.72 6.74
CA GLU GA 497 -62.43 17.94 5.65
C GLU GA 497 -62.93 16.51 5.72
N ILE GA 498 -62.95 15.94 6.93
CA ILE GA 498 -63.41 14.58 7.12
C ILE GA 498 -64.86 14.47 6.78
N GLU GA 499 -65.68 15.40 7.28
CA GLU GA 499 -67.09 15.34 6.95
C GLU GA 499 -67.30 15.40 5.45
N GLN GA 500 -66.58 16.27 4.76
CA GLN GA 500 -66.76 16.37 3.33
C GLN GA 500 -66.32 15.13 2.60
N GLU GA 501 -65.24 14.49 3.02
CA GLU GA 501 -64.86 13.28 2.32
C GLU GA 501 -65.90 12.23 2.58
N ALA GA 502 -66.40 12.15 3.82
CA ALA GA 502 -67.38 11.13 4.13
C ALA GA 502 -68.60 11.29 3.25
N LYS GA 503 -69.01 12.54 3.04
CA LYS GA 503 -70.16 12.84 2.20
C LYS GA 503 -69.90 12.34 0.78
N GLN GA 504 -68.75 12.71 0.23
CA GLN GA 504 -68.44 12.31 -1.13
C GLN GA 504 -68.39 10.81 -1.27
N ILE GA 505 -67.83 10.13 -0.27
CA ILE GA 505 -67.69 8.69 -0.31
C ILE GA 505 -69.04 8.00 -0.34
N GLU GA 506 -69.96 8.42 0.52
CA GLU GA 506 -71.27 7.80 0.51
C GLU GA 506 -71.91 7.98 -0.85
N GLU GA 507 -71.80 9.17 -1.44
CA GLU GA 507 -72.41 9.42 -2.73
C GLU GA 507 -71.83 8.51 -3.82
N GLU GA 508 -70.50 8.35 -3.79
CA GLU GA 508 -69.77 7.52 -4.79
C GLU GA 508 -70.28 6.07 -4.79
N SER GA 509 -70.70 5.55 -3.64
CA SER GA 509 -71.14 4.16 -3.55
C SER GA 509 -72.37 3.89 -4.42
N LYS GA 510 -73.09 4.93 -4.85
CA LYS GA 510 -74.25 4.75 -5.68
C LYS GA 510 -74.05 5.45 -7.02
N SER HA 7 -37.46 64.31 32.15
CA SER HA 7 -38.81 64.05 32.64
C SER HA 7 -39.62 63.38 31.56
N LEU HA 8 -38.93 62.91 30.53
CA LEU HA 8 -39.60 62.31 29.40
C LEU HA 8 -40.28 61.00 29.75
N PHE HA 9 -39.78 60.30 30.75
CA PHE HA 9 -40.38 59.06 31.19
C PHE HA 9 -40.90 59.28 32.59
N ALA HA 10 -41.18 60.52 32.97
CA ALA HA 10 -41.69 60.76 34.31
C ALA HA 10 -42.93 59.91 34.62
N PRO HA 11 -43.92 59.73 33.70
CA PRO HA 11 -45.08 58.91 33.94
C PRO HA 11 -44.71 57.46 34.24
N TRP HA 12 -43.54 57.02 33.80
CA TRP HA 12 -43.10 55.67 34.08
C TRP HA 12 -42.52 55.67 35.46
N ALA HA 13 -41.76 56.73 35.72
CA ALA HA 13 -41.06 56.89 36.97
C ALA HA 13 -42.04 56.86 38.10
N LYS HA 14 -43.22 57.38 37.89
CA LYS HA 14 -44.20 57.36 38.97
C LYS HA 14 -44.40 55.95 39.54
N MET HA 15 -44.44 54.93 38.68
CA MET HA 15 -44.66 53.57 39.14
C MET HA 15 -43.38 53.03 39.72
N ASP HA 16 -42.29 53.39 39.10
CA ASP HA 16 -41.00 52.88 39.52
C ASP HA 16 -40.64 53.41 40.90
N GLU HA 17 -40.99 54.66 41.17
CA GLU HA 17 -40.75 55.26 42.45
C GLU HA 17 -41.58 54.54 43.48
N ARG HA 18 -42.83 54.25 43.13
CA ARG HA 18 -43.70 53.52 44.00
C ARG HA 18 -43.12 52.15 44.31
N ASN HA 19 -42.63 51.46 43.28
CA ASN HA 19 -42.10 50.12 43.45
C ASN HA 19 -40.89 50.14 44.36
N PHE HA 20 -40.02 51.12 44.18
CA PHE HA 20 -38.83 51.22 44.99
C PHE HA 20 -39.25 51.44 46.43
N LYS HA 21 -40.19 52.37 46.65
CA LYS HA 21 -40.69 52.67 47.97
C LYS HA 21 -41.32 51.44 48.61
N ASP HA 22 -42.08 50.66 47.83
CA ASP HA 22 -42.67 49.47 48.40
C ASP HA 22 -41.59 48.54 48.93
N GLN HA 23 -40.42 48.51 48.27
CA GLN HA 23 -39.32 47.70 48.78
C GLN HA 23 -38.74 48.34 50.04
N GLU HA 24 -38.62 49.68 50.07
CA GLU HA 24 -38.11 50.34 51.27
C GLU HA 24 -39.00 50.07 52.48
N LYS HA 25 -40.31 49.97 52.23
CA LYS HA 25 -41.31 49.73 53.25
C LYS HA 25 -41.51 48.25 53.56
N GLU HA 26 -40.77 47.39 52.87
CA GLU HA 26 -40.83 45.94 53.01
C GLU HA 26 -39.88 45.51 54.11
N ASP HA 27 -40.13 44.33 54.67
CA ASP HA 27 -39.36 43.80 55.77
C ASP HA 27 -38.23 42.82 55.36
N LEU HA 28 -37.81 42.90 54.09
CA LEU HA 28 -36.70 42.10 53.59
C LEU HA 28 -35.39 42.66 54.06
N VAL HA 29 -35.13 42.53 55.35
CA VAL HA 29 -33.98 43.13 56.00
C VAL HA 29 -33.12 42.09 56.72
N SER HA 30 -31.96 42.55 57.21
CA SER HA 30 -30.93 41.78 57.94
C SER HA 30 -30.29 40.77 57.01
N ILE HA 31 -30.00 41.25 55.80
CA ILE HA 31 -29.42 40.51 54.71
C ILE HA 31 -28.01 40.95 54.37
N THR HA 32 -27.04 40.08 54.62
CA THR HA 32 -25.63 40.36 54.34
C THR HA 32 -25.34 40.23 52.85
N ALA HA 33 -26.05 39.30 52.25
CA ALA HA 33 -25.97 39.00 50.83
C ALA HA 33 -26.58 40.13 50.00
N PRO HA 34 -26.10 40.37 48.77
CA PRO HA 34 -26.74 41.27 47.85
C PRO HA 34 -27.96 40.60 47.26
N LYS HA 35 -28.97 41.37 46.89
CA LYS HA 35 -30.11 40.80 46.18
C LYS HA 35 -29.80 40.81 44.71
N LEU HA 36 -28.75 40.11 44.34
CA LEU HA 36 -28.28 40.11 42.98
C LEU HA 36 -28.06 38.71 42.48
N ASP HA 37 -28.93 38.26 41.61
CA ASP HA 37 -28.89 36.93 41.03
C ASP HA 37 -28.06 36.87 39.75
N ASP HA 38 -28.44 37.71 38.81
CA ASP HA 38 -27.87 37.82 37.48
C ASP HA 38 -28.25 39.18 36.94
N GLY HA 39 -27.31 40.10 36.80
CA GLY HA 39 -27.75 41.41 36.40
C GLY HA 39 -26.70 42.50 36.26
N ALA HA 40 -27.17 43.68 36.63
CA ALA HA 40 -26.57 44.99 36.57
C ALA HA 40 -25.35 45.25 37.43
N ARG HA 41 -24.57 46.23 36.98
CA ARG HA 41 -23.42 46.74 37.69
C ARG HA 41 -23.88 47.31 39.03
N GLU HA 42 -23.20 46.93 40.10
CA GLU HA 42 -23.57 47.37 41.43
C GLU HA 42 -22.96 48.70 41.87
N PHE HA 43 -23.82 49.59 42.33
CA PHE HA 43 -23.45 50.88 42.88
C PHE HA 43 -23.92 50.99 44.32
N GLU HA 44 -23.00 51.32 45.24
CA GLU HA 44 -23.41 51.35 46.63
C GLU HA 44 -23.13 52.61 47.39
N VAL HA 45 -24.20 53.17 47.94
CA VAL HA 45 -24.12 54.34 48.77
C VAL HA 45 -24.93 54.15 50.03
N SER HA 46 -24.69 55.01 51.00
CA SER HA 46 -25.43 55.09 52.22
C SER HA 46 -26.69 55.89 52.00
N SER HA 47 -27.57 55.89 52.98
CA SER HA 47 -28.74 56.72 52.93
C SER HA 47 -28.30 57.91 53.72
N ASN HA 48 -28.45 57.88 55.04
CA ASN HA 48 -27.90 58.93 55.90
C ASN HA 48 -28.27 60.31 55.44
N GLU HA 49 -29.54 60.47 55.12
CA GLU HA 49 -30.09 61.73 54.64
C GLU HA 49 -29.30 62.28 53.44
N ALA HA 50 -28.84 61.38 52.56
CA ALA HA 50 -28.08 61.69 51.36
C ALA HA 50 -26.77 62.41 51.66
N ALA HA 51 -26.08 62.00 52.73
CA ALA HA 51 -24.82 62.61 53.12
C ALA HA 51 -23.73 62.60 52.02
N SER HA 52 -23.61 61.53 51.22
CA SER HA 52 -22.60 61.58 50.14
C SER HA 52 -22.84 60.72 48.89
N PRO HA 53 -24.07 60.58 48.35
CA PRO HA 53 -24.35 59.76 47.18
C PRO HA 53 -23.65 60.28 45.95
N TYR HA 54 -23.36 61.57 45.98
CA TYR HA 54 -22.72 62.23 44.87
C TYR HA 54 -21.23 61.97 44.81
N ASN HA 55 -20.58 61.68 45.94
CA ASN HA 55 -19.16 61.46 45.82
C ASN HA 55 -19.00 60.10 45.23
N ALA HA 56 -19.82 59.18 45.73
CA ALA HA 56 -19.77 57.84 45.24
C ALA HA 56 -20.15 57.80 43.78
N ALA HA 57 -21.19 58.57 43.40
CA ALA HA 57 -21.64 58.58 42.03
C ALA HA 57 -20.58 59.05 41.10
N PHE HA 58 -19.87 60.11 41.45
CA PHE HA 58 -18.87 60.57 40.51
C PHE HA 58 -17.74 59.58 40.39
N GLN HA 59 -17.30 58.97 41.49
CA GLN HA 59 -16.23 58.00 41.34
C GLN HA 59 -16.70 56.81 40.53
N THR HA 60 -17.95 56.40 40.73
CA THR HA 60 -18.53 55.26 40.03
C THR HA 60 -18.62 55.55 38.54
N ILE HA 61 -19.07 56.75 38.20
CA ILE HA 61 -19.20 57.16 36.82
C ILE HA 61 -17.87 57.17 36.12
N PHE HA 62 -16.87 57.81 36.72
CA PHE HA 62 -15.59 57.88 36.07
C PHE HA 62 -14.81 56.58 36.14
N GLY HA 63 -15.05 55.79 37.20
CA GLY HA 63 -14.47 54.48 37.37
C GLY HA 63 -14.98 53.56 36.27
N SER HA 64 -16.24 53.78 35.85
CA SER HA 64 -16.87 53.01 34.79
C SER HA 64 -16.37 53.51 33.45
N TYR HA 65 -16.17 54.82 33.37
CA TYR HA 65 -15.66 55.48 32.13
C TYR HA 65 -14.27 54.89 31.80
N GLU HA 66 -13.45 54.65 32.82
CA GLU HA 66 -12.14 54.08 32.61
C GLU HA 66 -12.17 52.91 31.60
N PRO HA 67 -12.80 51.73 31.86
CA PRO HA 67 -12.97 50.70 30.86
C PRO HA 67 -13.90 51.16 29.72
N GLY HA 68 -14.80 52.12 29.97
CA GLY HA 68 -15.61 52.66 28.89
C GLY HA 68 -16.57 51.67 28.29
N MET HA 69 -17.06 50.75 29.12
CA MET HA 69 -17.92 49.66 28.69
C MET HA 69 -17.29 48.87 27.57
N LYS HA 70 -15.95 48.80 27.53
CA LYS HA 70 -15.27 48.04 26.51
C LYS HA 70 -15.68 46.61 26.55
N THR HA 71 -16.10 46.11 27.70
CA THR HA 71 -16.50 44.74 27.76
C THR HA 71 -17.68 44.54 26.83
N THR HA 72 -18.76 45.22 27.11
CA THR HA 72 -19.94 45.12 26.29
C THR HA 72 -19.64 45.50 24.85
N ARG HA 73 -18.97 46.64 24.68
CA ARG HA 73 -18.64 47.21 23.34
C ARG HA 73 -17.86 46.19 22.50
N GLU HA 74 -16.79 45.61 23.04
CA GLU HA 74 -15.98 44.69 22.30
C GLU HA 74 -16.77 43.45 22.01
N LEU HA 75 -17.56 42.97 22.98
CA LEU HA 75 -18.31 41.76 22.76
C LEU HA 75 -19.33 41.89 21.69
N ILE HA 76 -20.06 42.99 21.65
CA ILE HA 76 -21.07 43.11 20.62
C ILE HA 76 -20.40 43.19 19.27
N ASP HA 77 -19.33 44.00 19.18
CA ASP HA 77 -18.65 44.12 17.91
C ASP HA 77 -18.09 42.77 17.49
N THR HA 78 -17.56 42.02 18.45
CA THR HA 78 -16.99 40.71 18.22
C THR HA 78 -18.04 39.77 17.73
N TYR HA 79 -19.17 39.75 18.43
CA TYR HA 79 -20.32 38.87 18.09
C TYR HA 79 -20.76 39.15 16.66
N ARG HA 80 -20.79 40.44 16.28
CA ARG HA 80 -21.18 40.77 14.93
C ARG HA 80 -20.11 40.29 13.94
N ASN HA 81 -18.84 40.53 14.27
CA ASN HA 81 -17.75 40.14 13.39
C ASN HA 81 -17.68 38.63 13.22
N LEU HA 82 -18.07 37.92 14.26
CA LEU HA 82 -18.15 36.48 14.25
C LEU HA 82 -19.27 36.06 13.32
N MET HA 83 -20.46 36.62 13.54
CA MET HA 83 -21.64 36.31 12.74
C MET HA 83 -21.42 36.60 11.27
N ASN HA 84 -20.62 37.63 10.98
CA ASN HA 84 -20.30 38.05 9.63
C ASN HA 84 -19.50 37.01 8.83
N ASN HA 85 -19.00 35.97 9.49
CA ASN HA 85 -18.22 34.95 8.82
C ASN HA 85 -19.05 33.81 8.19
N TYR HA 86 -18.42 33.16 7.23
CA TYR HA 86 -19.05 32.04 6.61
C TYR HA 86 -19.04 30.92 7.58
N GLU HA 87 -20.05 30.09 7.47
CA GLU HA 87 -20.24 28.94 8.32
C GLU HA 87 -20.39 29.32 9.80
N VAL HA 88 -20.62 30.60 10.08
CA VAL HA 88 -20.94 31.05 11.41
C VAL HA 88 -22.36 31.52 11.38
N ASP HA 89 -22.68 32.32 10.37
CA ASP HA 89 -24.04 32.78 10.21
C ASP HA 89 -24.95 31.59 10.14
N ASN HA 90 -24.49 30.51 9.52
CA ASN HA 90 -25.35 29.37 9.41
C ASN HA 90 -25.80 28.91 10.78
N ALA HA 91 -24.93 28.95 11.78
CA ALA HA 91 -25.33 28.50 13.09
C ALA HA 91 -26.38 29.41 13.64
N VAL HA 92 -26.15 30.70 13.49
CA VAL HA 92 -27.05 31.67 14.05
C VAL HA 92 -28.40 31.58 13.41
N SER HA 93 -28.39 31.59 12.09
CA SER HA 93 -29.59 31.55 11.30
C SER HA 93 -30.38 30.29 11.51
N GLU HA 94 -29.72 29.14 11.60
CA GLU HA 94 -30.44 27.91 11.85
C GLU HA 94 -31.11 27.95 13.20
N ILE HA 95 -30.43 28.51 14.20
CA ILE HA 95 -31.03 28.61 15.52
C ILE HA 95 -32.23 29.50 15.47
N VAL HA 96 -32.09 30.65 14.83
CA VAL HA 96 -33.18 31.57 14.75
C VAL HA 96 -34.34 30.93 14.00
N SER HA 97 -34.03 30.24 12.92
CA SER HA 97 -35.04 29.60 12.11
C SER HA 97 -35.81 28.58 12.90
N ASP HA 98 -35.10 27.74 13.64
CA ASP HA 98 -35.76 26.74 14.43
C ASP HA 98 -36.51 27.36 15.60
N ALA HA 99 -35.95 28.43 16.16
CA ALA HA 99 -36.56 29.11 17.27
C ALA HA 99 -37.82 29.86 16.89
N ILE HA 100 -37.81 30.59 15.78
CA ILE HA 100 -38.97 31.35 15.36
C ILE HA 100 -39.52 30.78 14.07
N VAL HA 101 -40.66 30.15 14.16
CA VAL HA 101 -41.18 29.45 13.01
C VAL HA 101 -42.41 30.07 12.41
N TYR HA 102 -42.35 30.27 11.11
CA TYR HA 102 -43.46 30.77 10.35
C TYR HA 102 -43.73 29.76 9.24
N GLU HA 103 -44.99 29.57 8.91
CA GLU HA 103 -45.43 28.68 7.85
C GLU HA 103 -46.67 29.29 7.23
N ASP HA 104 -47.23 28.66 6.22
CA ASP HA 104 -48.37 29.26 5.56
C ASP HA 104 -49.58 29.35 6.46
N ASP HA 105 -49.97 30.59 6.75
CA ASP HA 105 -51.12 30.94 7.58
C ASP HA 105 -51.12 30.18 8.91
N THR HA 106 -49.97 30.06 9.55
CA THR HA 106 -49.92 29.35 10.82
C THR HA 106 -49.77 30.26 12.01
N GLU HA 107 -49.62 29.63 13.16
CA GLU HA 107 -49.45 30.32 14.42
C GLU HA 107 -48.03 30.79 14.61
N VAL HA 108 -47.88 31.80 15.43
CA VAL HA 108 -46.62 32.38 15.81
C VAL HA 108 -46.67 32.41 17.31
N VAL HA 109 -45.68 32.98 17.96
CA VAL HA 109 -45.76 32.97 19.40
C VAL HA 109 -47.13 33.46 19.81
N ALA HA 110 -47.73 32.76 20.78
CA ALA HA 110 -49.06 33.13 21.20
C ALA HA 110 -49.30 32.89 22.66
N LEU HA 111 -50.08 33.77 23.25
CA LEU HA 111 -50.45 33.68 24.63
C LEU HA 111 -51.46 32.56 24.83
N ASN HA 112 -51.24 31.71 25.83
CA ASN HA 112 -52.15 30.61 26.10
C ASN HA 112 -52.60 30.59 27.55
N LEU HA 113 -53.79 31.09 27.77
CA LEU HA 113 -54.33 31.25 29.11
C LEU HA 113 -55.10 30.01 29.56
N ASP HA 114 -54.37 28.91 29.75
CA ASP HA 114 -54.97 27.62 30.11
C ASP HA 114 -55.07 27.34 31.62
N LYS HA 115 -54.77 28.33 32.44
CA LYS HA 115 -54.84 28.21 33.88
C LYS HA 115 -56.02 29.00 34.37
N SER HA 116 -56.38 28.81 35.62
CA SER HA 116 -57.50 29.56 36.14
C SER HA 116 -57.26 31.04 36.01
N LYS HA 117 -58.29 31.76 35.57
CA LYS HA 117 -58.27 33.19 35.40
C LYS HA 117 -59.50 33.77 36.07
N PHE HA 118 -59.42 35.04 36.42
CA PHE HA 118 -60.54 35.72 37.05
C PHE HA 118 -61.83 35.61 36.23
N SER HA 119 -61.73 35.83 34.92
CA SER HA 119 -62.89 35.69 34.07
C SER HA 119 -62.47 35.59 32.59
N PRO HA 120 -63.27 34.93 31.72
CA PRO HA 120 -63.12 34.90 30.28
C PRO HA 120 -62.96 36.29 29.66
N LYS HA 121 -63.62 37.30 30.23
CA LYS HA 121 -63.47 38.64 29.67
C LYS HA 121 -62.03 39.09 29.74
N ILE HA 122 -61.35 38.82 30.84
CA ILE HA 122 -59.99 39.25 31.01
C ILE HA 122 -59.17 38.47 30.05
N LYS HA 123 -59.46 37.18 29.89
CA LYS HA 123 -58.67 36.44 28.93
C LYS HA 123 -58.74 37.13 27.59
N ASN HA 124 -59.93 37.57 27.18
CA ASN HA 124 -60.05 38.22 25.90
C ASN HA 124 -59.25 39.50 25.87
N MET HA 125 -59.27 40.25 26.97
CA MET HA 125 -58.52 41.50 26.99
C MET HA 125 -57.04 41.22 26.81
N MET HA 126 -56.53 40.20 27.50
CA MET HA 126 -55.14 39.87 27.42
C MET HA 126 -54.74 39.42 26.05
N LEU HA 127 -55.58 38.63 25.43
CA LEU HA 127 -55.28 38.14 24.12
C LEU HA 127 -55.23 39.30 23.14
N ASP HA 128 -56.14 40.27 23.26
CA ASP HA 128 -56.10 41.41 22.38
C ASP HA 128 -54.83 42.22 22.60
N GLU HA 129 -54.44 42.37 23.88
CA GLU HA 129 -53.22 43.11 24.14
C GLU HA 129 -52.02 42.39 23.59
N PHE HA 130 -52.00 41.07 23.71
CA PHE HA 130 -50.89 40.30 23.20
C PHE HA 130 -50.72 40.57 21.72
N SER HA 131 -51.84 40.53 20.98
CA SER HA 131 -51.76 40.79 19.56
C SER HA 131 -51.17 42.16 19.34
N ASP HA 132 -51.60 43.16 20.10
CA ASP HA 132 -51.02 44.48 19.95
C ASP HA 132 -49.54 44.53 20.31
N VAL HA 133 -49.10 43.77 21.29
CA VAL HA 133 -47.68 43.77 21.61
C VAL HA 133 -46.92 43.31 20.37
N LEU HA 134 -47.40 42.25 19.75
CA LEU HA 134 -46.74 41.79 18.56
C LEU HA 134 -46.86 42.81 17.44
N ASN HA 135 -48.01 43.47 17.32
CA ASN HA 135 -48.20 44.47 16.28
C ASN HA 135 -47.23 45.62 16.47
N HIS HA 136 -46.94 45.94 17.72
CA HIS HA 136 -46.04 47.02 18.09
C HIS HA 136 -44.64 46.74 17.64
N LEU HA 137 -44.25 45.48 17.68
CA LEU HA 137 -42.95 45.03 17.23
C LEU HA 137 -42.97 44.62 15.75
N SER HA 138 -44.14 44.68 15.11
CA SER HA 138 -44.32 44.17 13.77
C SER HA 138 -43.76 42.77 13.71
N PHE HA 139 -44.04 42.00 14.75
CA PHE HA 139 -43.52 40.66 14.96
C PHE HA 139 -43.77 39.78 13.76
N GLN HA 140 -44.97 39.88 13.21
CA GLN HA 140 -45.35 39.06 12.08
C GLN HA 140 -44.47 39.27 10.84
N ARG HA 141 -43.63 40.32 10.85
CA ARG HA 141 -42.75 40.60 9.68
C ARG HA 141 -41.30 40.78 10.15
N LYS HA 142 -41.10 41.00 11.45
CA LYS HA 142 -39.77 41.20 12.03
C LYS HA 142 -39.40 40.31 13.22
N GLY HA 143 -40.27 39.39 13.62
CA GLY HA 143 -40.02 38.56 14.79
C GLY HA 143 -38.74 37.76 14.68
N SER HA 144 -38.42 37.30 13.47
CA SER HA 144 -37.21 36.53 13.27
C SER HA 144 -36.01 37.40 13.57
N ASP HA 145 -36.01 38.61 13.00
CA ASP HA 145 -34.92 39.54 13.19
C ASP HA 145 -34.78 39.96 14.63
N HIS HA 146 -35.90 40.14 15.33
CA HIS HA 146 -35.82 40.56 16.70
C HIS HA 146 -35.17 39.48 17.53
N PHE HA 147 -35.60 38.24 17.33
CA PHE HA 147 -35.03 37.12 18.05
C PHE HA 147 -33.56 37.01 17.73
N ARG HA 148 -33.24 37.06 16.44
CA ARG HA 148 -31.87 36.98 16.00
C ARG HA 148 -31.01 37.96 16.76
N ARG HA 149 -31.46 39.22 16.80
CA ARG HA 149 -30.74 40.31 17.50
C ARG HA 149 -30.58 39.95 18.98
N TRP HA 150 -31.63 39.40 19.61
CA TRP HA 150 -31.55 39.03 21.01
C TRP HA 150 -30.49 38.00 21.24
N TYR HA 151 -30.53 36.93 20.45
CA TYR HA 151 -29.62 35.82 20.62
C TYR HA 151 -28.18 36.26 20.49
N VAL HA 152 -27.90 36.98 19.41
CA VAL HA 152 -26.55 37.41 19.12
C VAL HA 152 -26.01 38.40 20.12
N ASP HA 153 -26.80 39.40 20.45
CA ASP HA 153 -26.40 40.43 21.38
C ASP HA 153 -26.55 39.97 22.83
N SER HA 154 -27.33 38.90 23.02
CA SER HA 154 -27.69 38.30 24.30
C SER HA 154 -28.47 39.26 25.14
N ARG HA 155 -29.25 40.09 24.46
CA ARG HA 155 -30.04 41.10 25.11
C ARG HA 155 -30.89 41.90 24.17
N ILE HA 156 -32.00 42.37 24.68
CA ILE HA 156 -32.83 43.34 23.97
C ILE HA 156 -33.21 44.47 24.88
N PHE HA 157 -33.45 45.61 24.26
CA PHE HA 157 -33.95 46.81 24.89
C PHE HA 157 -34.96 47.53 23.98
N PHE HA 158 -36.20 47.73 24.42
CA PHE HA 158 -37.22 48.44 23.61
C PHE HA 158 -38.00 49.54 24.36
N HIS HA 159 -37.96 50.78 23.86
CA HIS HA 159 -38.60 51.90 24.54
C HIS HA 159 -40.11 52.06 24.28
N LYS HA 160 -40.85 52.28 25.38
CA LYS HA 160 -42.29 52.48 25.42
C LYS HA 160 -42.64 53.95 25.72
N ILE HA 161 -43.63 54.48 25.02
CA ILE HA 161 -44.01 55.89 25.18
C ILE HA 161 -45.38 56.14 25.80
N ILE HA 162 -45.42 56.97 26.84
CA ILE HA 162 -46.67 57.35 27.48
C ILE HA 162 -47.16 58.68 26.92
N ASP HA 163 -48.42 58.68 26.51
CA ASP HA 163 -49.14 59.77 25.83
C ASP HA 163 -48.59 61.21 26.00
N PRO HA 164 -48.40 61.76 27.22
CA PRO HA 164 -48.76 61.36 28.56
C PRO HA 164 -49.98 62.04 29.16
N LYS HA 165 -50.87 62.59 28.35
CA LYS HA 165 -51.95 63.38 28.90
C LYS HA 165 -53.07 62.43 29.25
N ARG HA 166 -53.11 61.35 28.50
CA ARG HA 166 -54.04 60.27 28.64
C ARG HA 166 -53.23 58.97 28.73
N PRO HA 167 -52.42 58.77 29.78
CA PRO HA 167 -51.44 57.71 29.91
C PRO HA 167 -52.00 56.29 29.84
N LYS HA 168 -53.28 56.12 30.15
CA LYS HA 168 -53.87 54.78 30.08
C LYS HA 168 -53.88 54.26 28.65
N GLU HA 169 -53.78 55.18 27.69
CA GLU HA 169 -53.81 54.91 26.28
C GLU HA 169 -52.40 54.84 25.67
N GLY HA 170 -51.36 54.77 26.52
CA GLY HA 170 -49.93 54.75 26.11
C GLY HA 170 -49.47 53.41 25.56
N ILE HA 171 -50.41 52.58 25.20
CA ILE HA 171 -50.12 51.28 24.70
C ILE HA 171 -49.83 51.41 23.21
N LYS HA 172 -48.57 51.71 22.93
CA LYS HA 172 -48.08 52.06 21.60
C LYS HA 172 -46.83 51.29 21.19
N GLU HA 173 -46.44 51.45 19.92
CA GLU HA 173 -45.26 50.81 19.34
C GLU HA 173 -43.97 51.17 20.05
N LEU HA 174 -42.96 50.29 19.93
CA LEU HA 174 -41.73 50.48 20.66
C LEU HA 174 -40.49 50.68 19.79
N ARG HA 175 -39.53 51.42 20.34
CA ARG HA 175 -38.26 51.61 19.63
C ARG HA 175 -37.20 50.63 20.12
N ARG HA 176 -36.55 49.92 19.20
CA ARG HA 176 -35.46 49.03 19.59
C ARG HA 176 -34.24 49.88 19.87
N LEU HA 177 -33.69 49.81 21.07
CA LEU HA 177 -32.55 50.65 21.39
C LEU HA 177 -31.31 50.09 20.76
N ASP HA 178 -30.45 50.96 20.25
CA ASP HA 178 -29.19 50.50 19.75
C ASP HA 178 -28.42 49.96 20.97
N PRO HA 179 -27.67 48.85 20.84
CA PRO HA 179 -26.89 48.22 21.89
C PRO HA 179 -25.63 48.99 22.18
N ARG HA 180 -24.97 48.62 23.29
CA ARG HA 180 -23.67 49.13 23.71
C ARG HA 180 -23.69 50.53 24.26
N GLN HA 181 -24.88 51.09 24.42
CA GLN HA 181 -25.01 52.41 25.00
C GLN HA 181 -25.79 52.30 26.27
N VAL HA 182 -26.04 51.08 26.68
CA VAL HA 182 -26.87 50.86 27.83
C VAL HA 182 -26.08 50.28 29.00
N GLN HA 183 -25.88 51.11 30.00
CA GLN HA 183 -25.13 50.74 31.19
C GLN HA 183 -26.12 50.35 32.26
N TYR HA 184 -26.31 49.05 32.42
CA TYR HA 184 -27.32 48.52 33.34
C TYR HA 184 -26.76 48.49 34.73
N VAL HA 185 -27.44 49.24 35.61
CA VAL HA 185 -27.05 49.45 36.99
C VAL HA 185 -28.16 49.18 38.02
N ARG HA 186 -27.72 48.80 39.19
CA ARG HA 186 -28.57 48.60 40.35
C ARG HA 186 -27.91 49.29 41.50
N GLU HA 187 -28.72 49.89 42.37
CA GLU HA 187 -28.08 50.62 43.46
C GLU HA 187 -28.65 50.48 44.86
N ILE HA 188 -27.73 50.55 45.77
CA ILE HA 188 -28.02 50.42 47.18
C ILE HA 188 -28.00 51.76 47.84
N ILE HA 189 -29.08 52.16 48.52
CA ILE HA 189 -29.01 53.42 49.25
C ILE HA 189 -29.31 53.12 50.71
N THR HA 190 -28.27 52.72 51.44
CA THR HA 190 -28.41 52.28 52.84
C THR HA 190 -27.11 51.90 53.53
N GLU HA 191 -27.07 51.99 54.87
CA GLU HA 191 -25.89 51.58 55.67
C GLU HA 191 -26.26 51.16 57.11
N THR HA 192 -25.45 50.27 57.70
CA THR HA 192 -25.61 49.87 59.10
C THR HA 192 -24.31 49.34 59.71
N GLU HA 193 -24.42 48.72 60.88
CA GLU HA 193 -23.24 48.18 61.53
C GLU HA 193 -22.56 47.15 60.65
N ALA HA 194 -21.31 47.43 60.36
CA ALA HA 194 -20.42 46.63 59.53
C ALA HA 194 -20.99 46.38 58.12
N GLY HA 195 -21.59 47.43 57.51
CA GLY HA 195 -22.13 47.38 56.14
C GLY HA 195 -23.64 47.22 56.12
N THR HA 196 -24.32 47.79 55.13
CA THR HA 196 -25.78 47.66 55.04
C THR HA 196 -26.25 46.23 54.99
N LYS HA 197 -27.38 45.97 55.65
CA LYS HA 197 -28.01 44.67 55.73
C LYS HA 197 -29.49 44.96 55.62
N ILE HA 198 -29.75 46.22 55.33
CA ILE HA 198 -31.08 46.80 55.19
C ILE HA 198 -31.60 46.49 53.82
N VAL HA 199 -32.90 46.29 53.69
CA VAL HA 199 -33.48 45.99 52.39
C VAL HA 199 -32.92 46.93 51.34
N LYS HA 200 -32.47 46.33 50.26
CA LYS HA 200 -31.86 47.05 49.19
C LYS HA 200 -32.81 47.06 47.99
N GLY HA 201 -33.45 48.20 47.76
CA GLY HA 201 -34.45 48.31 46.70
C GLY HA 201 -33.88 48.08 45.30
N TYR HA 202 -32.63 48.47 45.08
CA TYR HA 202 -31.84 48.35 43.83
C TYR HA 202 -32.34 48.94 42.50
N LYS HA 203 -33.62 49.25 42.38
CA LYS HA 203 -34.24 49.93 41.21
C LYS HA 203 -34.23 49.12 39.90
N GLU HA 204 -33.05 48.70 39.44
CA GLU HA 204 -32.84 47.93 38.19
C GLU HA 204 -33.09 48.78 36.93
N TYR HA 205 -32.15 49.68 36.64
CA TYR HA 205 -32.33 50.63 35.55
C TYR HA 205 -31.07 50.79 34.75
N PHE HA 206 -31.10 51.53 33.65
CA PHE HA 206 -29.87 51.62 32.84
C PHE HA 206 -29.63 53.05 32.33
N ILE HA 207 -28.36 53.41 32.17
CA ILE HA 207 -28.01 54.72 31.66
C ILE HA 207 -27.70 54.61 30.17
N TYR HA 208 -28.37 55.46 29.42
CA TYR HA 208 -28.29 55.53 27.97
C TYR HA 208 -27.31 56.60 27.48
N ASP HA 209 -26.19 56.17 26.88
CA ASP HA 209 -25.18 57.15 26.39
C ASP HA 209 -24.25 56.46 25.38
N THR HA 210 -23.94 57.16 24.27
CA THR HA 210 -23.04 56.60 23.26
C THR HA 210 -22.15 57.57 22.51
N ALA HA 211 -21.37 57.01 21.59
CA ALA HA 211 -20.46 57.75 20.71
C ALA HA 211 -20.10 56.88 19.52
N HIS HA 212 -19.99 57.48 18.34
CA HIS HA 212 -19.60 56.73 17.13
C HIS HA 212 -18.30 57.20 16.46
N GLU HA 213 -17.28 57.58 17.23
CA GLU HA 213 -16.02 58.06 16.67
C GLU HA 213 -15.06 56.98 16.14
N SER HA 214 -15.37 55.70 16.37
CA SER HA 214 -14.50 54.61 15.95
C SER HA 214 -14.59 54.35 14.45
N TYR HA 215 -13.69 53.54 13.92
CA TYR HA 215 -13.63 53.29 12.49
C TYR HA 215 -14.18 51.95 12.01
N ALA HA 216 -15.03 51.32 12.82
CA ALA HA 216 -15.68 50.07 12.40
C ALA HA 216 -16.46 50.34 11.11
N CYS HA 217 -17.04 51.53 11.05
CA CYS HA 217 -17.80 52.04 9.92
C CYS HA 217 -17.58 53.53 9.79
N ASP HA 218 -17.19 53.95 8.60
CA ASP HA 218 -16.97 55.35 8.30
C ASP HA 218 -18.32 56.03 8.09
N GLY HA 219 -18.32 57.34 8.20
CA GLY HA 219 -19.50 58.17 7.94
C GLY HA 219 -20.47 58.29 9.11
N ARG HA 220 -20.12 57.72 10.25
CA ARG HA 220 -21.02 57.77 11.39
C ARG HA 220 -20.90 59.11 12.11
N MET HA 221 -21.49 60.12 11.49
CA MET HA 221 -21.45 61.51 11.93
C MET HA 221 -22.50 61.85 12.98
N TYR HA 222 -23.26 60.85 13.39
CA TYR HA 222 -24.31 61.02 14.36
C TYR HA 222 -24.46 59.81 15.25
N GLU HA 223 -24.70 60.07 16.54
CA GLU HA 223 -24.99 59.05 17.51
C GLU HA 223 -26.04 59.57 18.49
N ALA HA 224 -26.46 58.75 19.46
CA ALA HA 224 -27.45 59.21 20.44
C ALA HA 224 -26.82 60.15 21.49
N GLY HA 225 -25.51 60.11 21.57
CA GLY HA 225 -24.70 60.96 22.45
C GLY HA 225 -24.94 60.89 23.96
N THR HA 226 -25.09 62.10 24.53
CA THR HA 226 -25.24 62.43 25.95
C THR HA 226 -26.19 61.60 26.81
N LYS HA 227 -25.64 61.19 27.96
CA LYS HA 227 -26.28 60.39 28.98
C LYS HA 227 -27.55 60.85 29.64
N ILE HA 228 -28.49 59.91 29.65
CA ILE HA 228 -29.75 60.06 30.36
C ILE HA 228 -29.97 58.82 31.21
N LYS HA 229 -30.34 59.03 32.45
CA LYS HA 229 -30.60 57.91 33.33
C LYS HA 229 -32.03 57.49 33.08
N ILE HA 230 -32.29 56.20 32.80
CA ILE HA 230 -33.65 55.74 32.57
C ILE HA 230 -34.16 54.68 33.55
N PRO HA 231 -34.55 55.05 34.79
CA PRO HA 231 -35.32 54.29 35.75
C PRO HA 231 -36.83 54.30 35.60
N LYS HA 232 -37.45 53.23 35.08
CA LYS HA 232 -36.85 52.09 34.42
C LYS HA 232 -37.83 51.55 33.43
N ALA HA 233 -39.12 51.73 33.78
CA ALA HA 233 -40.26 51.07 33.15
C ALA HA 233 -40.43 51.42 31.71
N ALA HA 234 -39.79 52.49 31.29
CA ALA HA 234 -39.80 52.96 29.93
C ALA HA 234 -39.22 51.94 28.95
N VAL HA 235 -38.26 51.13 29.37
CA VAL HA 235 -37.66 50.22 28.40
C VAL HA 235 -37.80 48.75 28.74
N VAL HA 236 -38.25 47.96 27.77
CA VAL HA 236 -38.41 46.53 27.93
C VAL HA 236 -37.05 45.96 27.77
N TYR HA 237 -36.52 45.27 28.79
CA TYR HA 237 -35.14 44.79 28.61
C TYR HA 237 -34.90 43.45 29.31
N ALA HA 238 -34.12 42.58 28.67
CA ALA HA 238 -33.76 41.30 29.22
C ALA HA 238 -32.46 40.84 28.64
N HIS HA 239 -31.84 39.88 29.30
CA HIS HA 239 -30.63 39.29 28.78
C HIS HA 239 -30.59 37.80 29.06
N SER HA 240 -29.76 37.08 28.30
CA SER HA 240 -29.59 35.64 28.50
C SER HA 240 -28.89 35.39 29.82
N GLY HA 241 -29.20 34.26 30.48
CA GLY HA 241 -28.53 33.90 31.74
C GLY HA 241 -27.11 33.34 31.55
N LEU HA 242 -26.26 34.15 30.94
CA LEU HA 242 -24.90 33.80 30.61
C LEU HA 242 -23.98 34.88 31.14
N VAL HA 243 -23.08 34.50 32.02
CA VAL HA 243 -22.18 35.50 32.57
C VAL HA 243 -20.76 35.01 32.48
N ASP HA 244 -19.84 35.95 32.61
CA ASP HA 244 -18.41 35.73 32.63
C ASP HA 244 -17.94 35.23 33.99
N CYS HA 245 -16.64 35.01 34.07
CA CYS HA 245 -15.95 34.56 35.26
C CYS HA 245 -15.97 35.58 36.38
N CYS HA 246 -16.34 36.82 36.07
CA CYS HA 246 -16.34 37.85 37.09
C CYS HA 246 -17.30 38.99 36.85
N GLY HA 247 -17.43 39.79 37.91
CA GLY HA 247 -18.19 41.01 37.91
C GLY HA 247 -19.62 40.77 37.51
N LYS HA 248 -20.04 41.57 36.55
CA LYS HA 248 -21.37 41.56 36.00
C LYS HA 248 -21.23 41.55 34.50
N ASN HA 249 -20.21 40.87 34.03
CA ASN HA 249 -20.03 40.86 32.60
C ASN HA 249 -21.00 39.90 31.94
N ILE HA 250 -22.07 40.47 31.42
CA ILE HA 250 -23.12 39.72 30.73
C ILE HA 250 -22.60 39.41 29.34
N ILE HA 251 -22.65 38.12 28.97
CA ILE HA 251 -22.10 37.64 27.69
C ILE HA 251 -23.15 36.93 26.84
N GLY HA 252 -22.80 36.61 25.60
CA GLY HA 252 -23.74 35.86 24.76
C GLY HA 252 -23.39 34.44 24.47
N TYR HA 253 -24.27 33.75 23.76
CA TYR HA 253 -24.03 32.36 23.38
C TYR HA 253 -22.84 32.33 22.47
N LEU HA 254 -22.73 33.38 21.68
CA LEU HA 254 -21.74 33.69 20.68
C LEU HA 254 -20.34 33.75 21.28
N HIS HA 255 -20.28 33.95 22.59
CA HIS HA 255 -19.06 34.08 23.34
C HIS HA 255 -18.23 32.84 23.29
N ARG HA 256 -18.88 31.68 23.39
CA ARG HA 256 -18.15 30.43 23.49
C ARG HA 256 -17.25 30.18 22.29
N ALA HA 257 -17.74 30.57 21.14
CA ALA HA 257 -17.06 30.36 19.89
C ALA HA 257 -16.02 31.40 19.54
N VAL HA 258 -15.86 32.44 20.35
CA VAL HA 258 -14.93 33.46 19.92
C VAL HA 258 -13.52 32.94 19.77
N LYS HA 259 -13.05 32.20 20.76
CA LYS HA 259 -11.72 31.66 20.68
C LYS HA 259 -11.48 30.96 19.35
N PRO HA 260 -12.08 29.75 19.10
CA PRO HA 260 -11.87 28.96 17.93
C PRO HA 260 -12.26 29.66 16.67
N ALA HA 261 -13.16 30.64 16.74
CA ALA HA 261 -13.49 31.31 15.52
C ALA HA 261 -12.31 31.98 14.94
N ASN HA 262 -11.53 32.56 15.81
CA ASN HA 262 -10.42 33.31 15.32
C ASN HA 262 -9.29 32.35 15.03
N GLN HA 263 -9.19 31.28 15.81
CA GLN HA 263 -8.11 30.35 15.55
C GLN HA 263 -8.31 29.74 14.19
N LEU HA 264 -9.56 29.41 13.85
CA LEU HA 264 -9.82 28.79 12.59
C LEU HA 264 -9.54 29.77 11.47
N LYS HA 265 -10.05 31.00 11.59
CA LYS HA 265 -9.82 31.94 10.51
C LYS HA 265 -8.35 32.14 10.28
N LEU HA 266 -7.60 32.26 11.37
CA LEU HA 266 -6.19 32.47 11.31
C LEU HA 266 -5.53 31.27 10.63
N LEU HA 267 -5.91 30.05 11.00
CA LEU HA 267 -5.34 28.89 10.35
C LEU HA 267 -5.67 28.83 8.88
N GLU HA 268 -6.91 29.15 8.51
CA GLU HA 268 -7.22 29.09 7.10
C GLU HA 268 -6.42 30.08 6.31
N ASP HA 269 -6.23 31.29 6.83
CA ASP HA 269 -5.44 32.25 6.09
C ASP HA 269 -4.01 31.79 6.04
N ALA HA 270 -3.51 31.19 7.13
CA ALA HA 270 -2.15 30.71 7.10
C ALA HA 270 -1.97 29.70 5.98
N VAL HA 271 -2.97 28.81 5.79
CA VAL HA 271 -2.92 27.84 4.71
C VAL HA 271 -2.96 28.51 3.35
N VAL HA 272 -3.83 29.51 3.19
CA VAL HA 272 -3.93 30.19 1.92
C VAL HA 272 -2.61 30.87 1.58
N ILE HA 273 -2.00 31.56 2.54
CA ILE HA 273 -0.74 32.20 2.24
C ILE HA 273 0.27 31.13 1.93
N TYR HA 274 0.36 30.10 2.75
CA TYR HA 274 1.30 29.01 2.59
C TYR HA 274 1.28 28.45 1.16
N ARG HA 275 0.08 28.22 0.62
CA ARG HA 275 0.02 27.69 -0.73
C ARG HA 275 0.32 28.72 -1.84
N ILE HA 276 0.01 29.99 -1.62
CA ILE HA 276 0.25 31.00 -2.65
C ILE HA 276 1.70 31.40 -2.68
N THR HA 277 2.23 31.71 -1.50
CA THR HA 277 3.58 32.16 -1.40
C THR HA 277 4.43 31.05 -1.95
N ARG HA 278 5.44 31.42 -2.70
CA ARG HA 278 6.35 30.47 -3.31
C ARG HA 278 5.71 29.62 -4.43
N ALA HA 279 4.46 29.92 -4.80
CA ALA HA 279 3.87 29.28 -5.97
C ALA HA 279 4.67 29.70 -7.23
N PRO HA 280 5.07 30.99 -7.39
CA PRO HA 280 5.90 31.49 -8.46
C PRO HA 280 7.28 30.91 -8.27
N ASP HA 281 8.05 30.87 -9.33
CA ASP HA 281 9.45 30.50 -9.18
C ASP HA 281 10.19 31.57 -8.42
N ARG HA 282 11.28 31.21 -7.75
CA ARG HA 282 12.00 32.25 -6.97
C ARG HA 282 13.51 32.09 -7.11
N ARG HA 283 14.23 33.13 -7.53
CA ARG HA 283 15.70 32.98 -7.69
C ARG HA 283 16.41 34.32 -7.60
N VAL HA 284 17.67 34.32 -7.14
CA VAL HA 284 18.47 35.53 -7.04
C VAL HA 284 19.66 35.47 -7.96
N TRP HA 285 19.76 36.43 -8.88
CA TRP HA 285 20.88 36.49 -9.78
C TRP HA 285 21.98 37.24 -9.06
N TYR HA 286 23.07 36.57 -8.79
CA TYR HA 286 24.14 37.22 -8.08
C TYR HA 286 25.12 37.68 -9.10
N VAL HA 287 25.51 38.93 -9.07
CA VAL HA 287 26.42 39.41 -10.08
C VAL HA 287 27.72 39.92 -9.49
N ASP HA 288 28.82 39.48 -10.09
CA ASP HA 288 30.13 39.94 -9.67
C ASP HA 288 30.35 41.33 -10.24
N THR HA 289 30.24 42.33 -9.37
CA THR HA 289 30.35 43.71 -9.74
C THR HA 289 31.44 44.22 -8.81
N GLY HA 290 32.28 43.29 -8.36
CA GLY HA 290 33.30 43.56 -7.37
C GLY HA 290 34.45 44.46 -7.76
N ASN HA 291 34.97 45.16 -6.76
CA ASN HA 291 36.10 46.07 -6.90
C ASN HA 291 35.85 47.16 -7.94
N MET HA 292 34.62 47.66 -7.96
CA MET HA 292 34.20 48.73 -8.84
C MET HA 292 33.50 49.76 -7.98
N PRO HA 293 33.54 51.05 -8.32
CA PRO HA 293 32.78 52.10 -7.66
C PRO HA 293 31.34 51.73 -7.82
N ALA HA 294 30.45 52.06 -6.89
CA ALA HA 294 29.04 51.67 -7.05
C ALA HA 294 28.47 52.21 -8.37
N ARG HA 295 28.94 53.41 -8.73
CA ARG HA 295 28.56 54.14 -9.92
C ARG HA 295 28.90 53.39 -11.22
N LYS HA 296 29.87 52.47 -11.13
CA LYS HA 296 30.30 51.69 -12.26
C LYS HA 296 29.90 50.23 -12.10
N ALA HA 297 29.88 49.75 -10.85
CA ALA HA 297 29.61 48.36 -10.50
C ALA HA 297 28.27 47.92 -11.03
N ALA HA 298 27.34 48.86 -10.94
CA ALA HA 298 25.98 48.68 -11.40
C ALA HA 298 25.92 48.32 -12.88
N GLU HA 299 26.95 48.64 -13.67
CA GLU HA 299 26.96 48.33 -15.09
C GLU HA 299 26.93 46.83 -15.32
N HIS HA 300 27.68 46.06 -14.50
CA HIS HA 300 27.71 44.62 -14.66
C HIS HA 300 26.37 44.08 -14.21
N MET HA 301 25.81 44.70 -13.18
CA MET HA 301 24.49 44.28 -12.72
C MET HA 301 23.47 44.45 -13.84
N GLN HA 302 23.47 45.62 -14.51
CA GLN HA 302 22.49 45.92 -15.57
C GLN HA 302 22.56 44.90 -16.71
N HIS HA 303 23.77 44.41 -17.00
CA HIS HA 303 23.99 43.42 -18.06
C HIS HA 303 23.25 42.10 -17.81
N VAL HA 304 22.83 41.88 -16.58
CA VAL HA 304 22.11 40.69 -16.19
C VAL HA 304 20.66 41.06 -15.84
N MET HA 305 20.44 42.02 -14.94
CA MET HA 305 19.05 42.28 -14.56
C MET HA 305 18.18 42.76 -15.72
N ASN HA 306 18.75 43.38 -16.77
CA ASN HA 306 17.95 43.84 -17.87
C ASN HA 306 17.81 42.81 -18.98
N THR HA 307 18.36 41.61 -18.78
CA THR HA 307 18.28 40.59 -19.80
C THR HA 307 17.58 39.37 -19.23
N MET HA 308 17.68 39.19 -17.91
CA MET HA 308 17.11 38.02 -17.25
C MET HA 308 15.66 38.18 -16.78
N LYS HA 309 15.23 39.42 -16.47
CA LYS HA 309 13.92 39.62 -15.87
C LYS HA 309 12.80 39.00 -16.70
N ASN HA 310 12.10 38.06 -16.09
CA ASN HA 310 11.06 37.33 -16.78
C ASN HA 310 9.74 38.06 -16.63
N ARG HA 311 9.61 39.19 -17.29
CA ARG HA 311 8.44 40.04 -17.14
C ARG HA 311 7.27 39.52 -17.95
N VAL HA 312 6.76 38.37 -17.53
CA VAL HA 312 5.69 37.63 -18.21
C VAL HA 312 4.54 37.26 -17.28
N VAL HA 313 4.12 38.20 -16.46
CA VAL HA 313 3.10 37.97 -15.44
C VAL HA 313 1.89 37.24 -15.99
N TYR HA 314 1.25 36.45 -15.13
CA TYR HA 314 0.09 35.67 -15.53
C TYR HA 314 -1.12 36.55 -15.79
N ASP HA 315 -1.76 36.38 -16.93
CA ASP HA 315 -2.92 37.22 -17.15
C ASP HA 315 -4.09 36.55 -16.48
N ALA HA 316 -4.37 37.02 -15.29
CA ALA HA 316 -5.42 36.42 -14.50
C ALA HA 316 -6.81 36.86 -14.95
N SER HA 317 -6.92 37.76 -15.94
CA SER HA 317 -8.27 38.16 -16.35
C SER HA 317 -8.87 37.10 -17.26
N THR HA 318 -8.00 36.22 -17.78
CA THR HA 318 -8.32 35.10 -18.64
C THR HA 318 -7.02 34.37 -18.85
N GLY HA 319 -7.03 33.05 -18.99
CA GLY HA 319 -5.77 32.32 -19.12
C GLY HA 319 -4.82 32.66 -20.28
N LYS HA 320 -4.12 33.78 -20.14
CA LYS HA 320 -3.09 34.19 -21.09
C LYS HA 320 -1.84 34.54 -20.33
N ILE HA 321 -0.70 34.61 -21.00
CA ILE HA 321 0.52 35.03 -20.32
C ILE HA 321 0.91 36.36 -20.95
N LYS HA 322 1.23 37.36 -20.13
CA LYS HA 322 1.59 38.63 -20.72
C LYS HA 322 2.99 38.57 -21.26
N ASN HA 323 3.23 39.31 -22.33
CA ASN HA 323 4.55 39.47 -22.93
C ASN HA 323 5.24 38.14 -23.24
N GLN HA 324 4.49 37.15 -23.69
CA GLN HA 324 5.10 35.86 -23.98
C GLN HA 324 5.43 35.64 -25.45
N GLN HA 325 4.68 36.30 -26.35
CA GLN HA 325 4.78 36.11 -27.81
C GLN HA 325 6.24 35.96 -28.22
N HIS HA 326 6.66 34.90 -28.98
CA HIS HA 326 5.90 33.81 -29.63
C HIS HA 326 5.16 32.87 -28.66
N ASN HA 327 4.47 31.86 -29.16
CA ASN HA 327 3.49 31.13 -28.35
C ASN HA 327 3.93 30.81 -26.91
N MET HA 328 5.15 30.30 -26.75
CA MET HA 328 5.74 29.97 -25.47
C MET HA 328 7.19 29.58 -25.65
N SER HA 329 7.98 29.59 -24.58
CA SER HA 329 9.31 29.02 -24.69
C SER HA 329 9.27 27.57 -24.29
N MET HA 330 10.17 26.77 -24.85
CA MET HA 330 10.26 25.36 -24.48
C MET HA 330 11.28 25.17 -23.37
N THR HA 331 12.07 26.23 -23.14
CA THR HA 331 13.14 26.29 -22.16
C THR HA 331 13.35 27.72 -21.71
N GLU HA 332 13.62 27.89 -20.43
CA GLU HA 332 14.00 29.18 -19.91
C GLU HA 332 15.51 29.29 -20.16
N ASP HA 333 15.86 29.47 -21.43
CA ASP HA 333 17.26 29.54 -21.86
C ASP HA 333 17.84 30.90 -21.62
N TYR HA 334 18.81 30.97 -20.74
CA TYR HA 334 19.44 32.22 -20.45
C TYR HA 334 20.91 32.13 -20.75
N TRP HA 335 21.51 33.26 -21.09
CA TRP HA 335 22.95 33.28 -21.29
C TRP HA 335 23.53 34.35 -20.41
N LEU HA 336 24.64 34.01 -19.76
CA LEU HA 336 25.30 34.94 -18.88
C LEU HA 336 26.81 34.94 -19.05
N GLN HA 337 27.39 36.13 -18.97
CA GLN HA 337 28.83 36.24 -19.04
C GLN HA 337 29.45 36.56 -17.68
N ARG HA 338 30.55 35.84 -17.41
CA ARG HA 338 31.42 36.03 -16.22
C ARG HA 338 32.61 36.88 -16.70
N ARG HA 339 33.17 37.72 -15.83
CA ARG HA 339 34.28 38.63 -16.25
C ARG HA 339 35.65 38.03 -15.93
N ASP HA 340 35.85 37.55 -14.70
CA ASP HA 340 37.15 37.03 -14.31
C ASP HA 340 37.11 35.51 -14.44
N GLY HA 341 38.22 34.85 -14.13
CA GLY HA 341 38.31 33.39 -14.20
C GLY HA 341 37.75 32.70 -12.95
N LYS HA 342 36.51 33.03 -12.61
CA LYS HA 342 35.86 32.51 -11.41
C LYS HA 342 34.34 32.60 -11.53
N ALA HA 343 33.66 31.50 -11.19
CA ALA HA 343 32.21 31.44 -11.25
C ALA HA 343 31.54 32.14 -10.08
N VAL HA 344 31.68 33.45 -10.00
CA VAL HA 344 31.07 34.23 -8.94
C VAL HA 344 29.63 34.54 -9.31
N THR HA 345 29.42 34.95 -10.56
CA THR HA 345 28.10 35.27 -11.02
C THR HA 345 27.35 33.95 -11.28
N GLU HA 346 26.20 33.81 -10.64
CA GLU HA 346 25.37 32.59 -10.70
C GLU HA 346 23.99 32.89 -10.16
N VAL HA 347 23.09 31.92 -10.20
CA VAL HA 347 21.76 32.17 -9.67
C VAL HA 347 21.32 31.11 -8.65
N ASP HA 348 20.83 31.55 -7.49
CA ASP HA 348 20.29 30.58 -6.52
C ASP HA 348 18.82 30.46 -6.65
N THR HA 349 18.30 29.31 -6.30
CA THR HA 349 16.87 29.15 -6.27
C THR HA 349 16.41 29.04 -4.85
N LEU HA 350 15.14 29.31 -4.66
CA LEU HA 350 14.51 29.23 -3.37
C LEU HA 350 13.43 28.13 -3.39
N PRO HA 351 13.04 27.56 -2.24
CA PRO HA 351 11.97 26.57 -2.12
C PRO HA 351 10.66 27.10 -2.69
N GLY HA 352 9.84 26.18 -3.26
CA GLY HA 352 8.54 26.55 -3.83
C GLY HA 352 7.35 26.20 -2.92
N ALA HA 353 6.14 26.40 -3.44
CA ALA HA 353 4.90 26.11 -2.71
C ALA HA 353 4.56 24.62 -2.76
N ASP HA 354 5.34 23.83 -2.05
CA ASP HA 354 5.19 22.38 -2.01
C ASP HA 354 3.80 21.97 -1.50
N ASN HA 355 3.20 20.98 -2.14
CA ASN HA 355 1.89 20.45 -1.72
C ASN HA 355 2.02 19.46 -0.59
N THR HA 356 2.35 19.98 0.59
CA THR HA 356 2.61 19.12 1.74
C THR HA 356 1.34 18.67 2.49
N GLY HA 357 0.22 19.39 2.35
CA GLY HA 357 -1.01 19.00 3.04
C GLY HA 357 -1.79 18.01 2.17
N ASN HA 358 -2.55 17.04 2.73
CA ASN HA 358 -2.75 16.67 4.15
C ASN HA 358 -3.25 17.79 5.04
N MET HA 359 -4.15 18.63 4.55
CA MET HA 359 -4.68 19.69 5.39
C MET HA 359 -5.78 19.10 6.27
N GLU HA 360 -5.36 18.40 7.31
CA GLU HA 360 -6.23 17.67 8.21
C GLU HA 360 -6.54 18.36 9.54
N ASP HA 361 -5.61 19.13 10.06
CA ASP HA 361 -5.80 19.74 11.36
C ASP HA 361 -6.92 20.73 11.29
N ILE HA 362 -7.06 21.30 10.11
CA ILE HA 362 -8.06 22.27 9.85
C ILE HA 362 -9.45 21.68 10.02
N ARG HA 363 -9.60 20.35 9.84
CA ARG HA 363 -10.88 19.72 9.98
C ARG HA 363 -11.21 19.69 11.44
N TRP HA 364 -10.21 19.35 12.25
CA TRP HA 364 -10.36 19.32 13.71
C TRP HA 364 -10.86 20.65 14.20
N PHE HA 365 -10.16 21.69 13.79
CA PHE HA 365 -10.48 23.02 14.24
C PHE HA 365 -11.82 23.50 13.71
N ARG HA 366 -12.12 23.17 12.45
CA ARG HA 366 -13.40 23.56 11.81
C ARG HA 366 -14.55 22.94 12.60
N GLN HA 367 -14.39 21.68 13.05
CA GLN HA 367 -15.41 21.01 13.80
C GLN HA 367 -15.56 21.62 15.16
N ALA HA 368 -14.44 21.94 15.82
CA ALA HA 368 -14.53 22.52 17.13
C ALA HA 368 -15.29 23.83 17.10
N LEU HA 369 -15.01 24.67 16.11
CA LEU HA 369 -15.74 25.91 16.02
C LEU HA 369 -17.18 25.70 15.77
N TYR HA 370 -17.41 24.95 14.68
CA TYR HA 370 -18.77 24.62 14.17
C TYR HA 370 -19.65 24.16 15.33
N MET HA 371 -19.13 23.27 16.18
CA MET HA 371 -19.92 22.83 17.29
C MET HA 371 -20.03 23.88 18.40
N ALA HA 372 -18.95 24.65 18.62
CA ALA HA 372 -18.88 25.71 19.64
C ALA HA 372 -19.95 26.77 19.46
N LEU HA 373 -20.46 26.88 18.25
CA LEU HA 373 -21.48 27.85 17.90
C LEU HA 373 -22.89 27.38 18.28
N ARG HA 374 -22.98 26.25 19.01
CA ARG HA 374 -24.21 25.62 19.46
C ARG HA 374 -24.92 24.99 18.28
N VAL HA 375 -24.14 24.23 17.54
CA VAL HA 375 -24.61 23.54 16.36
C VAL HA 375 -24.75 22.05 16.64
N PRO HA 376 -25.88 21.41 16.34
CA PRO HA 376 -26.06 19.97 16.45
C PRO HA 376 -25.28 19.26 15.34
N LEU HA 377 -24.86 18.03 15.62
CA LEU HA 377 -24.08 17.19 14.70
C LEU HA 377 -24.75 16.85 13.38
N SER HA 378 -26.07 16.92 13.35
CA SER HA 378 -26.81 16.57 12.15
C SER HA 378 -26.75 17.65 11.07
N ARG HA 379 -26.22 18.82 11.43
CA ARG HA 379 -26.16 19.95 10.45
C ARG HA 379 -24.75 20.11 9.89
N ILE HA 380 -24.65 20.32 8.57
CA ILE HA 380 -23.36 20.53 7.91
C ILE HA 380 -23.32 21.92 7.32
N SER HA 395 -33.31 10.45 10.73
CA SER HA 395 -34.44 10.24 11.63
C SER HA 395 -34.33 11.14 12.84
N ILE HA 396 -34.84 10.66 13.96
CA ILE HA 396 -34.80 11.41 15.21
C ILE HA 396 -33.74 10.81 16.09
N THR HA 397 -32.80 11.63 16.52
CA THR HA 397 -31.72 11.16 17.35
C THR HA 397 -31.70 11.92 18.66
N ARG HA 398 -30.96 11.38 19.64
CA ARG HA 398 -30.86 12.04 20.94
C ARG HA 398 -30.29 13.44 20.83
N ASP HA 399 -29.41 13.61 19.86
CA ASP HA 399 -28.78 14.88 19.58
C ASP HA 399 -29.81 15.92 19.17
N GLU HA 400 -30.85 15.49 18.45
CA GLU HA 400 -31.89 16.40 17.99
C GLU HA 400 -32.74 16.77 19.14
N LEU HA 401 -33.04 15.78 19.98
CA LEU HA 401 -33.89 16.04 21.13
C LEU HA 401 -33.18 17.04 22.02
N THR HA 402 -31.87 16.88 22.16
CA THR HA 402 -31.05 17.76 22.97
C THR HA 402 -31.09 19.17 22.40
N PHE HA 403 -30.92 19.27 21.09
CA PHE HA 403 -30.97 20.55 20.44
C PHE HA 403 -32.33 21.20 20.66
N ALA HA 404 -33.39 20.43 20.49
CA ALA HA 404 -34.72 20.97 20.68
C ALA HA 404 -34.87 21.54 22.08
N LYS HA 405 -34.29 20.87 23.09
CA LYS HA 405 -34.34 21.39 24.45
C LYS HA 405 -33.68 22.75 24.50
N PHE HA 406 -32.54 22.90 23.83
CA PHE HA 406 -31.83 24.18 23.74
C PHE HA 406 -32.74 25.25 23.17
N ILE HA 407 -33.38 24.95 22.07
CA ILE HA 407 -34.27 25.93 21.46
C ILE HA 407 -35.38 26.29 22.43
N ARG HA 408 -35.91 25.27 23.10
CA ARG HA 408 -37.00 25.44 24.09
C ARG HA 408 -36.54 26.40 25.18
N GLU HA 409 -35.29 26.23 25.65
CA GLU HA 409 -34.76 27.10 26.67
C GLU HA 409 -34.60 28.51 26.16
N LEU HA 410 -34.16 28.66 24.91
CA LEU HA 410 -33.99 30.00 24.40
C LEU HA 410 -35.31 30.71 24.39
N GLN HA 411 -36.36 30.02 23.93
CA GLN HA 411 -37.69 30.59 23.87
C GLN HA 411 -38.24 30.89 25.25
N HIS HA 412 -37.93 30.02 26.19
CA HIS HA 412 -38.38 30.17 27.55
C HIS HA 412 -37.81 31.43 28.15
N LYS HA 413 -36.52 31.65 28.00
CA LYS HA 413 -35.92 32.84 28.59
C LYS HA 413 -36.36 34.08 27.81
N PHE HA 414 -36.36 33.97 26.48
CA PHE HA 414 -36.74 35.03 25.57
C PHE HA 414 -38.10 35.61 25.95
N GLU HA 415 -39.05 34.72 26.29
CA GLU HA 415 -40.45 34.99 26.66
C GLU HA 415 -40.69 36.28 27.45
N GLU HA 416 -39.71 36.71 28.25
CA GLU HA 416 -39.88 37.90 29.09
C GLU HA 416 -40.24 39.09 28.21
N VAL HA 417 -39.77 39.04 26.97
CA VAL HA 417 -39.95 40.02 25.92
C VAL HA 417 -41.43 40.28 25.64
N PHE HA 418 -42.30 39.34 26.01
CA PHE HA 418 -43.71 39.50 25.81
C PHE HA 418 -44.39 39.71 27.14
N LEU HA 419 -43.92 39.04 28.19
CA LEU HA 419 -44.57 39.17 29.50
C LEU HA 419 -44.49 40.59 30.01
N ASP HA 420 -43.35 41.24 29.79
CA ASP HA 420 -43.16 42.62 30.20
C ASP HA 420 -44.20 43.54 29.55
N PRO HA 421 -44.17 43.83 28.24
CA PRO HA 421 -45.11 44.73 27.63
C PRO HA 421 -46.54 44.24 27.79
N LEU HA 422 -46.76 42.94 27.96
CA LEU HA 422 -48.13 42.49 28.16
C LEU HA 422 -48.63 42.99 29.50
N LYS HA 423 -47.90 42.71 30.60
CA LYS HA 423 -48.43 43.17 31.88
C LYS HA 423 -48.44 44.66 31.92
N THR HA 424 -47.49 45.29 31.26
CA THR HA 424 -47.39 46.71 31.33
C THR HA 424 -48.61 47.34 30.74
N ASN HA 425 -49.01 46.89 29.56
CA ASN HA 425 -50.14 47.48 28.91
C ASN HA 425 -51.44 47.20 29.66
N LEU HA 426 -51.55 46.01 30.24
CA LEU HA 426 -52.76 45.66 30.99
C LEU HA 426 -52.86 46.57 32.22
N LEU HA 427 -51.73 46.82 32.86
CA LEU HA 427 -51.65 47.68 34.03
C LEU HA 427 -51.93 49.13 33.66
N LEU HA 428 -51.39 49.59 32.53
CA LEU HA 428 -51.61 50.96 32.10
C LEU HA 428 -53.06 51.21 31.77
N LYS HA 429 -53.68 50.27 31.07
CA LYS HA 429 -55.06 50.46 30.66
C LYS HA 429 -55.97 50.45 31.87
N GLY HA 430 -55.67 49.58 32.83
CA GLY HA 430 -56.52 49.44 34.00
C GLY HA 430 -57.33 48.17 33.92
N ILE HA 431 -56.79 47.17 33.24
CA ILE HA 431 -57.41 45.88 33.07
C ILE HA 431 -57.14 45.00 34.27
N ILE HA 432 -55.88 44.97 34.68
CA ILE HA 432 -55.45 44.08 35.76
C ILE HA 432 -54.68 44.88 36.80
N THR HA 433 -54.70 44.46 38.06
CA THR HA 433 -53.86 45.14 39.06
C THR HA 433 -52.52 44.41 39.17
N GLU HA 434 -51.56 45.02 39.84
CA GLU HA 434 -50.25 44.38 40.01
C GLU HA 434 -50.33 43.10 40.80
N ASP HA 435 -51.17 43.09 41.83
CA ASP HA 435 -51.28 41.90 42.65
C ASP HA 435 -51.92 40.79 41.86
N GLU HA 436 -52.92 41.14 41.06
CA GLU HA 436 -53.60 40.15 40.26
C GLU HA 436 -52.65 39.50 39.27
N TRP HA 437 -51.77 40.30 38.66
CA TRP HA 437 -50.79 39.76 37.74
C TRP HA 437 -49.95 38.74 38.46
N ASN HA 438 -49.41 39.12 39.61
CA ASN HA 438 -48.54 38.18 40.30
C ASN HA 438 -49.26 36.89 40.67
N ASP HA 439 -50.53 36.98 41.05
CA ASP HA 439 -51.23 35.74 41.35
C ASP HA 439 -51.41 34.90 40.09
N GLU HA 440 -51.63 35.59 38.96
CA GLU HA 440 -51.82 34.89 37.65
C GLU HA 440 -50.52 34.18 37.27
N ILE HA 441 -49.37 34.83 37.49
CA ILE HA 441 -48.06 34.26 37.15
C ILE HA 441 -47.04 34.23 38.31
N ASN HA 442 -46.72 33.04 38.88
CA ASN HA 442 -47.23 31.67 38.63
C ASN HA 442 -47.17 31.10 37.19
N ASN HA 443 -48.32 30.96 36.52
CA ASN HA 443 -48.31 30.34 35.21
C ASN HA 443 -49.05 31.03 34.05
N ILE HA 444 -48.39 31.99 33.43
CA ILE HA 444 -48.88 32.63 32.21
C ILE HA 444 -47.83 32.30 31.19
N LYS HA 445 -48.22 31.71 30.08
CA LYS HA 445 -47.21 31.35 29.11
C LYS HA 445 -47.52 31.78 27.71
N ILE HA 446 -46.45 32.04 26.98
CA ILE HA 446 -46.52 32.31 25.57
C ILE HA 446 -45.85 31.15 24.89
N GLU HA 447 -46.57 30.47 24.04
CA GLU HA 447 -46.05 29.29 23.39
C GLU HA 447 -45.57 29.65 22.02
N PHE HA 448 -44.57 28.94 21.54
CA PHE HA 448 -44.08 29.22 20.20
C PHE HA 448 -44.49 28.12 19.26
N HIS HA 449 -44.56 28.44 17.99
CA HIS HA 449 -44.88 27.47 16.97
C HIS HA 449 -43.65 26.72 16.56
N ARG HA 450 -43.82 25.46 16.23
CA ARG HA 450 -42.70 24.66 15.80
C ARG HA 450 -42.95 24.06 14.44
N ASP HA 451 -41.87 23.74 13.74
CA ASP HA 451 -41.89 23.19 12.39
C ASP HA 451 -42.78 21.96 12.26
N SER HA 452 -43.83 22.07 11.42
CA SER HA 452 -44.79 20.99 11.27
C SER HA 452 -44.20 19.74 10.68
N TYR HA 453 -43.31 19.90 9.70
CA TYR HA 453 -42.74 18.73 9.05
C TYR HA 453 -42.03 17.85 10.06
N PHE HA 454 -41.15 18.46 10.82
CA PHE HA 454 -40.38 17.68 11.76
C PHE HA 454 -41.24 17.25 12.93
N ALA HA 455 -42.22 18.05 13.33
CA ALA HA 455 -43.06 17.67 14.43
C ALA HA 455 -43.80 16.39 14.10
N GLU HA 456 -44.26 16.32 12.84
CA GLU HA 456 -45.00 15.14 12.32
C GLU HA 456 -44.07 13.92 12.31
N LEU HA 457 -42.79 14.11 11.98
CA LEU HA 457 -41.87 12.97 11.97
C LEU HA 457 -41.65 12.45 13.37
N LYS HA 458 -41.53 13.35 14.34
CA LYS HA 458 -41.33 12.91 15.71
C LYS HA 458 -42.53 12.10 16.17
N GLU HA 459 -43.73 12.57 15.87
CA GLU HA 459 -44.90 11.84 16.31
C GLU HA 459 -44.96 10.50 15.62
N ALA HA 460 -44.58 10.46 14.35
CA ALA HA 460 -44.62 9.20 13.64
C ALA HA 460 -43.70 8.20 14.26
N GLU HA 461 -42.49 8.62 14.63
CA GLU HA 461 -41.54 7.70 15.24
C GLU HA 461 -42.13 7.13 16.52
N ILE HA 462 -42.81 7.99 17.28
CA ILE HA 462 -43.42 7.57 18.51
C ILE HA 462 -44.50 6.55 18.22
N LEU HA 463 -45.34 6.84 17.23
CA LEU HA 463 -46.39 5.92 16.87
C LEU HA 463 -45.83 4.61 16.39
N GLU HA 464 -44.72 4.61 15.64
CA GLU HA 464 -44.21 3.34 15.16
C GLU HA 464 -43.87 2.46 16.34
N ARG HA 465 -43.23 3.02 17.37
CA ARG HA 465 -42.91 2.21 18.52
C ARG HA 465 -44.17 1.74 19.23
N ARG HA 466 -45.16 2.63 19.32
CA ARG HA 466 -46.46 2.32 19.98
C ARG HA 466 -47.11 1.11 19.30
N ILE HA 467 -47.14 1.09 17.97
CA ILE HA 467 -47.76 -0.01 17.24
C ILE HA 467 -46.95 -1.25 17.44
N ASN HA 468 -45.63 -1.16 17.33
CA ASN HA 468 -44.86 -2.37 17.47
C ASN HA 468 -45.14 -3.01 18.81
N MET HA 469 -45.26 -2.20 19.86
CA MET HA 469 -45.58 -2.73 21.17
C MET HA 469 -46.96 -3.36 21.20
N LEU HA 470 -47.97 -2.70 20.63
CA LEU HA 470 -49.30 -3.29 20.64
C LEU HA 470 -49.33 -4.57 19.87
N THR HA 471 -48.61 -4.60 18.77
CA THR HA 471 -48.61 -5.74 17.89
C THR HA 471 -48.10 -6.94 18.64
N MET HA 472 -46.99 -6.75 19.33
CA MET HA 472 -46.38 -7.79 20.11
C MET HA 472 -47.22 -8.20 21.32
N ALA HA 473 -47.85 -7.23 21.98
CA ALA HA 473 -48.64 -7.46 23.17
C ALA HA 473 -49.99 -8.11 22.92
N GLU HA 474 -50.66 -7.71 21.83
CA GLU HA 474 -52.01 -8.15 21.52
C GLU HA 474 -52.35 -9.62 21.84
N PRO HA 475 -51.54 -10.64 21.50
CA PRO HA 475 -51.84 -12.04 21.73
C PRO HA 475 -52.05 -12.39 23.19
N PHE HA 476 -51.59 -11.53 24.09
CA PHE HA 476 -51.67 -11.80 25.50
C PHE HA 476 -52.71 -10.94 26.20
N ILE HA 477 -53.48 -10.18 25.46
CA ILE HA 477 -54.41 -9.28 26.10
C ILE HA 477 -55.47 -9.95 26.96
N GLY HA 478 -56.03 -11.05 26.48
CA GLY HA 478 -57.11 -11.69 27.23
C GLY HA 478 -56.64 -12.52 28.41
N LYS HA 479 -55.32 -12.64 28.60
CA LYS HA 479 -54.83 -13.45 29.70
C LYS HA 479 -53.90 -12.70 30.62
N TYR HA 480 -53.08 -11.79 30.08
CA TYR HA 480 -52.07 -11.13 30.96
C TYR HA 480 -52.19 -9.60 30.93
N ILE HA 481 -52.47 -8.99 29.77
CA ILE HA 481 -52.48 -7.53 29.74
C ILE HA 481 -53.85 -6.98 29.38
N SER HA 482 -54.50 -6.27 30.26
CA SER HA 482 -55.84 -5.77 29.93
C SER HA 482 -55.82 -4.77 28.76
N HIS HA 483 -56.98 -4.55 28.14
CA HIS HA 483 -57.03 -3.59 27.03
C HIS HA 483 -56.72 -2.20 27.57
N ARG HA 484 -57.30 -1.88 28.73
CA ARG HA 484 -57.08 -0.60 29.37
C ARG HA 484 -55.60 -0.37 29.61
N THR HA 485 -54.94 -1.40 30.12
CA THR HA 485 -53.53 -1.36 30.42
C THR HA 485 -52.74 -1.10 29.18
N ALA HA 486 -53.02 -1.80 28.11
CA ALA HA 486 -52.25 -1.53 26.91
C ALA HA 486 -52.43 -0.08 26.49
N MET HA 487 -53.66 0.42 26.58
CA MET HA 487 -53.91 1.78 26.15
C MET HA 487 -53.16 2.80 27.01
N LYS HA 488 -53.11 2.62 28.33
CA LYS HA 488 -52.42 3.58 29.18
C LYS HA 488 -50.90 3.37 29.20
N ASP HA 489 -50.43 2.13 29.04
CA ASP HA 489 -49.00 1.85 29.10
C ASP HA 489 -48.29 1.94 27.76
N ILE HA 490 -48.89 1.38 26.71
CA ILE HA 490 -48.31 1.32 25.38
C ILE HA 490 -48.66 2.54 24.58
N LEU HA 491 -49.93 2.90 24.56
CA LEU HA 491 -50.33 4.09 23.80
C LEU HA 491 -50.26 5.37 24.62
N GLN HA 492 -49.95 5.22 25.91
CA GLN HA 492 -49.87 6.31 26.87
C GLN HA 492 -51.10 7.19 26.89
N MET HA 493 -52.28 6.58 26.81
CA MET HA 493 -53.54 7.30 26.83
C MET HA 493 -53.99 7.55 28.25
N THR HA 494 -54.61 8.70 28.50
CA THR HA 494 -55.13 8.95 29.84
C THR HA 494 -56.51 8.34 30.00
N ASP HA 495 -57.02 8.23 31.23
CA ASP HA 495 -58.32 7.60 31.38
C ASP HA 495 -59.42 8.21 30.54
N GLU HA 496 -59.49 9.53 30.52
CA GLU HA 496 -60.49 10.24 29.75
C GLU HA 496 -60.29 10.11 28.24
N GLU HA 497 -59.07 9.78 27.83
CA GLU HA 497 -58.70 9.64 26.44
C GLU HA 497 -59.20 8.30 25.98
N ILE HA 498 -59.03 7.33 26.86
CA ILE HA 498 -59.48 5.98 26.63
C ILE HA 498 -61.00 6.02 26.52
N GLU HA 499 -61.66 6.72 27.44
CA GLU HA 499 -63.10 6.87 27.41
C GLU HA 499 -63.57 7.58 26.15
N GLN HA 500 -62.85 8.62 25.71
CA GLN HA 500 -63.27 9.32 24.52
C GLN HA 500 -63.22 8.43 23.30
N GLU HA 501 -62.16 7.61 23.23
CA GLU HA 501 -61.97 6.65 22.10
C GLU HA 501 -63.06 5.58 22.16
N ALA HA 502 -63.49 5.19 23.37
CA ALA HA 502 -64.52 4.17 23.47
C ALA HA 502 -65.83 4.68 22.93
N LYS HA 503 -66.16 5.94 23.23
CA LYS HA 503 -67.40 6.49 22.72
C LYS HA 503 -67.36 6.73 21.22
N GLN HA 504 -66.23 7.18 20.68
CA GLN HA 504 -66.15 7.40 19.25
C GLN HA 504 -66.31 6.07 18.52
N ILE HA 505 -65.73 5.01 19.08
CA ILE HA 505 -65.79 3.70 18.49
C ILE HA 505 -67.25 3.25 18.48
N GLU HA 506 -67.94 3.42 19.61
CA GLU HA 506 -69.33 3.04 19.68
C GLU HA 506 -70.13 3.68 18.56
N GLU HA 507 -69.94 4.99 18.34
CA GLU HA 507 -70.69 5.61 17.26
C GLU HA 507 -70.34 5.06 15.89
N GLU HA 508 -69.05 4.89 15.61
CA GLU HA 508 -68.61 4.41 14.30
C GLU HA 508 -69.12 3.01 14.03
N SER HA 509 -69.22 2.22 15.07
CA SER HA 509 -69.65 0.84 15.04
C SER HA 509 -71.13 0.70 14.67
N LYS HA 510 -71.88 1.80 14.72
CA LYS HA 510 -73.29 1.77 14.42
C LYS HA 510 -73.56 2.50 13.10
N VAL IA 5 -23.14 38.86 68.39
CA VAL IA 5 -22.62 39.42 67.15
C VAL IA 5 -23.60 40.52 66.72
N LEU IA 6 -24.48 40.22 65.77
CA LEU IA 6 -25.46 41.19 65.35
C LEU IA 6 -26.86 40.69 65.65
N SER IA 7 -27.68 41.60 66.20
CA SER IA 7 -29.08 41.37 66.59
C SER IA 7 -29.95 41.00 65.41
N LEU IA 8 -29.42 41.29 64.25
CA LEU IA 8 -30.01 41.04 62.96
C LEU IA 8 -30.30 39.56 62.80
N PHE IA 9 -29.48 38.72 63.43
CA PHE IA 9 -29.62 37.29 63.35
C PHE IA 9 -30.24 36.72 64.58
N ALA IA 10 -30.79 37.55 65.45
CA ALA IA 10 -31.35 37.05 66.69
C ALA IA 10 -32.28 35.84 66.51
N PRO IA 11 -33.28 35.81 65.61
CA PRO IA 11 -34.15 34.66 65.49
C PRO IA 11 -33.40 33.41 65.07
N TRP IA 12 -32.25 33.60 64.41
CA TRP IA 12 -31.53 32.45 63.98
C TRP IA 12 -30.73 31.96 65.13
N ALA IA 13 -30.19 32.91 65.90
CA ALA IA 13 -29.40 32.56 67.03
C ALA IA 13 -30.25 31.76 67.97
N LYS IA 14 -31.51 32.13 68.09
CA LYS IA 14 -32.36 31.37 68.97
C LYS IA 14 -32.41 29.92 68.50
N MET IA 15 -32.59 29.71 67.19
CA MET IA 15 -32.60 28.36 66.63
C MET IA 15 -31.24 27.65 66.80
N ASP IA 16 -30.15 28.37 66.62
CA ASP IA 16 -28.84 27.75 66.63
C ASP IA 16 -28.37 27.45 68.03
N GLU IA 17 -28.64 28.35 68.97
CA GLU IA 17 -28.23 28.15 70.33
C GLU IA 17 -28.99 26.99 70.91
N ARG IA 18 -30.28 26.88 70.62
CA ARG IA 18 -31.02 25.76 71.15
C ARG IA 18 -30.48 24.45 70.58
N ASN IA 19 -30.19 24.40 69.27
CA ASN IA 19 -29.72 23.15 68.71
C ASN IA 19 -28.41 22.75 69.35
N PHE IA 20 -27.52 23.72 69.53
CA PHE IA 20 -26.25 23.46 70.16
C PHE IA 20 -26.43 22.89 71.53
N LYS IA 21 -27.24 23.55 72.35
CA LYS IA 21 -27.46 23.12 73.70
C LYS IA 21 -28.03 21.71 73.74
N ASP IA 22 -29.01 21.41 72.89
CA ASP IA 22 -29.58 20.07 72.89
C ASP IA 22 -28.56 19.02 72.53
N GLN IA 23 -27.65 19.34 71.62
CA GLN IA 23 -26.61 18.40 71.27
C GLN IA 23 -25.66 18.17 72.46
N GLU IA 24 -25.32 19.26 73.15
CA GLU IA 24 -24.41 19.17 74.33
C GLU IA 24 -25.03 18.26 75.40
N LYS IA 25 -26.36 18.30 75.54
CA LYS IA 25 -27.09 17.49 76.53
C LYS IA 25 -26.85 16.00 76.35
N GLU IA 26 -26.44 15.57 75.14
CA GLU IA 26 -26.19 14.17 74.90
C GLU IA 26 -24.73 13.91 75.20
N ASP IA 27 -24.42 12.98 76.09
CA ASP IA 27 -23.03 12.74 76.43
C ASP IA 27 -22.31 11.91 75.40
N LEU IA 28 -22.06 12.51 74.25
CA LEU IA 28 -21.36 11.85 73.19
C LEU IA 28 -19.91 12.05 73.51
N VAL IA 29 -19.46 11.36 74.53
CA VAL IA 29 -18.15 11.55 75.09
C VAL IA 29 -17.26 10.36 74.90
N SER IA 30 -16.01 10.53 75.31
CA SER IA 30 -14.92 9.56 75.21
C SER IA 30 -14.57 9.40 73.75
N ILE IA 31 -14.67 10.50 73.00
CA ILE IA 31 -14.38 10.53 71.57
C ILE IA 31 -13.13 11.33 71.32
N THR IA 32 -12.08 10.68 70.82
CA THR IA 32 -10.81 11.37 70.62
C THR IA 32 -10.88 12.41 69.52
N ALA IA 33 -11.03 11.93 68.30
CA ALA IA 33 -11.12 12.80 67.14
C ALA IA 33 -12.45 13.55 67.19
N PRO IA 34 -12.54 14.81 66.76
CA PRO IA 34 -13.78 15.57 66.79
C PRO IA 34 -14.78 14.84 65.92
N LYS IA 35 -16.05 14.82 66.30
CA LYS IA 35 -17.03 14.10 65.51
C LYS IA 35 -17.45 14.83 64.24
N LEU IA 36 -16.53 14.86 63.29
CA LEU IA 36 -16.66 15.53 62.01
C LEU IA 36 -16.41 14.61 60.84
N ASP IA 37 -17.38 14.49 59.96
CA ASP IA 37 -17.27 13.66 58.77
C ASP IA 37 -16.72 14.43 57.58
N ASP IA 38 -17.38 15.54 57.26
CA ASP IA 38 -17.09 16.35 56.09
C ASP IA 38 -17.61 17.79 56.25
N GLY IA 39 -17.42 18.61 55.24
CA GLY IA 39 -17.88 20.00 55.25
C GLY IA 39 -16.95 21.01 55.91
N ALA IA 40 -17.42 21.59 57.01
CA ALA IA 40 -16.82 22.76 57.66
C ALA IA 40 -15.40 22.60 58.18
N ARG IA 41 -14.66 23.69 58.12
CA ARG IA 41 -13.30 23.73 58.63
C ARG IA 41 -13.27 23.94 60.13
N GLU IA 42 -12.81 22.96 60.88
CA GLU IA 42 -12.83 23.15 62.30
C GLU IA 42 -11.62 23.93 62.80
N PHE IA 43 -11.85 24.69 63.86
CA PHE IA 43 -10.82 25.40 64.56
C PHE IA 43 -10.88 24.96 66.02
N GLU IA 44 -9.86 24.28 66.47
CA GLU IA 44 -9.86 23.86 67.84
C GLU IA 44 -9.84 25.06 68.75
N VAL IA 45 -10.69 25.08 69.77
CA VAL IA 45 -10.69 26.16 70.72
C VAL IA 45 -10.64 25.50 72.07
N SER IA 46 -10.51 26.28 73.11
CA SER IA 46 -10.50 25.71 74.43
C SER IA 46 -11.30 26.64 75.26
N SER IA 47 -11.67 26.22 76.44
CA SER IA 47 -12.43 27.09 77.28
C SER IA 47 -12.20 26.87 78.75
N ASN IA 48 -12.45 27.93 79.50
CA ASN IA 48 -12.32 27.91 80.92
C ASN IA 48 -13.68 27.56 81.47
N GLU IA 49 -13.79 26.41 82.12
CA GLU IA 49 -15.02 25.84 82.68
C GLU IA 49 -15.99 25.35 81.60
N ALA IA 50 -16.43 26.25 80.73
CA ALA IA 50 -17.30 25.83 79.64
C ALA IA 50 -17.10 26.61 78.34
N ALA IA 51 -16.98 27.93 78.40
CA ALA IA 51 -16.91 28.73 77.18
C ALA IA 51 -16.13 30.01 77.41
N SER IA 52 -15.60 30.56 76.33
CA SER IA 52 -14.86 31.82 76.39
C SER IA 52 -15.37 32.80 75.32
N PRO IA 53 -16.59 33.35 75.47
CA PRO IA 53 -17.26 34.14 74.46
C PRO IA 53 -16.37 35.25 73.99
N TYR IA 54 -16.32 35.44 72.68
CA TYR IA 54 -15.54 36.44 71.96
C TYR IA 54 -14.01 36.37 72.14
N ASN IA 55 -13.51 35.56 73.06
CA ASN IA 55 -12.07 35.38 73.24
C ASN IA 55 -11.70 34.39 72.18
N ALA IA 56 -12.50 33.32 72.14
CA ALA IA 56 -12.32 32.29 71.17
C ALA IA 56 -12.48 32.88 69.79
N ALA IA 57 -13.44 33.82 69.63
CA ALA IA 57 -13.69 34.44 68.34
C ALA IA 57 -12.49 35.21 67.85
N PHE IA 58 -11.84 35.96 68.73
CA PHE IA 58 -10.67 36.68 68.23
C PHE IA 58 -9.69 35.67 67.67
N GLN IA 59 -9.37 34.65 68.46
CA GLN IA 59 -8.34 33.71 68.05
C GLN IA 59 -8.72 32.95 66.81
N THR IA 60 -10.01 32.60 66.70
CA THR IA 60 -10.57 31.85 65.60
C THR IA 60 -10.61 32.66 64.33
N ILE IA 61 -11.06 33.91 64.42
CA ILE IA 61 -11.15 34.74 63.24
C ILE IA 61 -9.79 34.97 62.68
N PHE IA 62 -8.84 35.38 63.50
CA PHE IA 62 -7.53 35.63 62.92
C PHE IA 62 -6.82 34.36 62.52
N GLY IA 63 -6.87 33.33 63.37
CA GLY IA 63 -6.22 32.06 63.12
C GLY IA 63 -6.72 31.37 61.84
N SER IA 64 -8.02 31.48 61.53
CA SER IA 64 -8.52 30.87 60.32
C SER IA 64 -8.53 31.83 59.11
N TYR IA 65 -8.77 33.13 59.32
CA TYR IA 65 -8.84 34.09 58.22
C TYR IA 65 -7.53 34.27 57.50
N GLU IA 66 -6.47 34.55 58.24
CA GLU IA 66 -5.18 34.81 57.63
C GLU IA 66 -4.70 33.64 56.74
N PRO IA 67 -4.32 32.47 57.27
CA PRO IA 67 -3.84 31.35 56.49
C PRO IA 67 -4.96 30.56 55.83
N GLY IA 68 -5.67 31.17 54.90
CA GLY IA 68 -6.78 30.44 54.28
C GLY IA 68 -7.58 31.21 53.21
N MET IA 69 -8.57 30.50 52.64
CA MET IA 69 -9.49 30.91 51.57
C MET IA 69 -8.87 31.23 50.21
N LYS IA 70 -7.54 31.22 50.12
CA LYS IA 70 -6.89 31.44 48.85
C LYS IA 70 -7.21 30.30 47.93
N THR IA 71 -7.16 29.09 48.48
CA THR IA 71 -7.42 27.87 47.75
C THR IA 71 -8.82 27.90 47.21
N THR IA 72 -9.77 28.32 48.05
CA THR IA 72 -11.15 28.37 47.67
C THR IA 72 -11.30 29.27 46.47
N ARG IA 73 -10.68 30.46 46.55
CA ARG IA 73 -10.80 31.37 45.44
C ARG IA 73 -10.26 30.74 44.18
N GLU IA 74 -9.08 30.13 44.27
CA GLU IA 74 -8.49 29.53 43.09
C GLU IA 74 -9.34 28.43 42.51
N LEU IA 75 -9.93 27.59 43.35
CA LEU IA 75 -10.74 26.51 42.83
C LEU IA 75 -11.92 27.05 42.07
N ILE IA 76 -12.57 28.06 42.62
CA ILE IA 76 -13.72 28.58 41.92
C ILE IA 76 -13.30 29.22 40.63
N ASP IA 77 -12.23 30.02 40.66
CA ASP IA 77 -11.77 30.68 39.46
C ASP IA 77 -11.44 29.67 38.40
N THR IA 78 -10.80 28.58 38.81
CA THR IA 78 -10.42 27.53 37.92
C THR IA 78 -11.63 26.89 37.30
N TYR IA 79 -12.63 26.58 38.11
CA TYR IA 79 -13.82 25.93 37.62
C TYR IA 79 -14.52 26.81 36.59
N ARG IA 80 -14.59 28.12 36.84
CA ARG IA 80 -15.21 28.98 35.85
C ARG IA 80 -14.38 29.01 34.57
N ASN IA 81 -13.06 29.08 34.70
CA ASN IA 81 -12.19 29.13 33.53
C ASN IA 81 -12.34 27.86 32.73
N LEU IA 82 -12.52 26.75 33.44
CA LEU IA 82 -12.68 25.46 32.84
C LEU IA 82 -13.99 25.45 32.08
N MET IA 83 -15.08 25.88 32.73
CA MET IA 83 -16.43 25.93 32.16
C MET IA 83 -16.48 26.71 30.86
N ASN IA 84 -15.70 27.76 30.79
CA ASN IA 84 -15.69 28.60 29.62
C ASN IA 84 -14.98 28.01 28.40
N ASN IA 85 -14.34 26.84 28.54
CA ASN IA 85 -13.65 26.22 27.43
C ASN IA 85 -14.52 25.23 26.64
N TYR IA 86 -14.18 25.08 25.38
CA TYR IA 86 -14.91 24.20 24.49
C TYR IA 86 -14.99 22.75 24.97
N GLU IA 87 -16.22 22.24 24.95
CA GLU IA 87 -16.73 20.93 25.38
C GLU IA 87 -16.85 20.81 26.88
N VAL IA 88 -16.36 21.78 27.63
CA VAL IA 88 -16.57 21.71 29.04
C VAL IA 88 -17.93 22.30 29.14
N ASP IA 89 -18.08 23.41 28.45
CA ASP IA 89 -19.33 24.12 28.35
C ASP IA 89 -20.47 23.16 28.06
N ASN IA 90 -20.24 22.24 27.14
CA ASN IA 90 -21.21 21.27 26.76
C ASN IA 90 -21.37 20.25 27.85
N ALA IA 91 -20.28 19.74 28.40
CA ALA IA 91 -20.44 18.74 29.42
C ALA IA 91 -21.27 19.27 30.57
N VAL IA 92 -21.03 20.53 30.95
CA VAL IA 92 -21.78 21.12 32.03
C VAL IA 92 -23.21 21.22 31.59
N SER IA 93 -23.45 21.71 30.37
CA SER IA 93 -24.80 21.83 29.89
C SER IA 93 -25.54 20.53 29.96
N GLU IA 94 -24.91 19.44 29.54
CA GLU IA 94 -25.56 18.15 29.57
C GLU IA 94 -25.92 17.75 30.98
N ILE IA 95 -25.02 17.98 31.93
CA ILE IA 95 -25.33 17.62 33.29
C ILE IA 95 -26.48 18.43 33.81
N VAL IA 96 -26.48 19.73 33.56
CA VAL IA 96 -27.52 20.60 34.05
C VAL IA 96 -28.84 20.20 33.44
N SER IA 97 -28.83 19.95 32.14
CA SER IA 97 -30.02 19.57 31.41
C SER IA 97 -30.61 18.28 31.96
N ASP IA 98 -29.77 17.29 32.21
CA ASP IA 98 -30.23 16.03 32.73
C ASP IA 98 -30.61 16.12 34.19
N ALA IA 99 -29.91 16.96 34.95
CA ALA IA 99 -30.18 17.12 36.36
C ALA IA 99 -31.46 17.90 36.65
N ILE IA 100 -31.69 18.99 35.94
CA ILE IA 100 -32.89 19.77 36.21
C ILE IA 100 -33.83 19.60 35.06
N VAL IA 101 -34.83 18.79 35.29
CA VAL IA 101 -35.71 18.43 34.22
C VAL IA 101 -37.13 18.85 34.46
N TYR IA 102 -37.65 19.47 33.44
CA TYR IA 102 -39.01 19.91 33.37
C TYR IA 102 -39.32 19.98 31.91
N GLU IA 103 -40.59 19.93 31.57
CA GLU IA 103 -41.01 19.92 30.19
C GLU IA 103 -42.35 20.62 30.11
N ASP IA 104 -42.87 20.73 28.91
CA ASP IA 104 -44.14 21.40 28.75
C ASP IA 104 -45.19 20.67 29.55
N ASP IA 105 -45.86 21.42 30.42
CA ASP IA 105 -46.95 20.98 31.25
C ASP IA 105 -46.70 19.67 32.02
N THR IA 106 -45.50 19.47 32.54
CA THR IA 106 -45.24 18.24 33.29
C THR IA 106 -44.82 18.54 34.73
N GLU IA 107 -44.38 17.49 35.41
CA GLU IA 107 -43.97 17.53 36.80
C GLU IA 107 -42.65 18.27 36.95
N VAL IA 108 -42.46 18.79 38.15
CA VAL IA 108 -41.26 19.49 38.53
C VAL IA 108 -40.81 18.86 39.82
N VAL IA 109 -39.72 19.33 40.39
CA VAL IA 109 -39.32 18.72 41.63
C VAL IA 109 -40.52 18.74 42.56
N ALA IA 110 -40.72 17.64 43.27
CA ALA IA 110 -41.90 17.55 44.12
C ALA IA 110 -41.65 16.78 45.38
N LEU IA 111 -42.28 17.23 46.45
CA LEU IA 111 -42.14 16.62 47.75
C LEU IA 111 -43.07 15.42 47.92
N ASN IA 112 -42.51 14.21 47.82
CA ASN IA 112 -43.35 13.03 47.81
C ASN IA 112 -43.65 12.53 49.20
N LEU IA 113 -44.66 13.11 49.81
CA LEU IA 113 -44.95 12.74 51.20
C LEU IA 113 -45.82 11.49 51.28
N ASP IA 114 -45.27 10.32 50.91
CA ASP IA 114 -46.05 9.08 50.89
C ASP IA 114 -45.92 8.24 52.17
N LYS IA 115 -45.20 8.76 53.13
CA LYS IA 115 -44.94 8.07 54.38
C LYS IA 115 -45.95 8.52 55.41
N SER IA 116 -45.85 8.01 56.64
CA SER IA 116 -46.82 8.38 57.64
C SER IA 116 -46.82 9.89 57.88
N LYS IA 117 -48.01 10.45 58.08
CA LYS IA 117 -48.20 11.88 58.37
C LYS IA 117 -48.78 12.07 59.74
N PHE IA 118 -48.52 13.23 60.30
CA PHE IA 118 -49.02 13.57 61.63
C PHE IA 118 -50.54 13.49 61.81
N SER IA 119 -51.35 14.22 61.01
CA SER IA 119 -52.78 14.09 61.27
C SER IA 119 -53.85 14.23 60.15
N PRO IA 120 -53.65 13.80 58.89
CA PRO IA 120 -52.48 13.55 58.09
C PRO IA 120 -52.22 14.85 57.29
N LYS IA 121 -53.08 15.85 57.56
CA LYS IA 121 -53.25 17.12 56.86
C LYS IA 121 -52.02 17.99 56.82
N ILE IA 122 -51.05 17.66 57.64
CA ILE IA 122 -49.79 18.36 57.66
C ILE IA 122 -49.19 18.32 56.26
N LYS IA 123 -49.52 17.27 55.48
CA LYS IA 123 -49.01 17.19 54.14
C LYS IA 123 -49.47 18.36 53.28
N ASN IA 124 -50.66 18.91 53.56
CA ASN IA 124 -51.13 19.95 52.70
C ASN IA 124 -50.32 21.16 53.01
N MET IA 125 -50.08 21.34 54.30
CA MET IA 125 -49.32 22.48 54.72
C MET IA 125 -47.91 22.40 54.17
N MET IA 126 -47.31 21.21 54.22
CA MET IA 126 -45.97 21.04 53.71
C MET IA 126 -45.90 21.26 52.22
N LEU IA 127 -46.88 20.76 51.49
CA LEU IA 127 -46.89 20.94 50.06
C LEU IA 127 -47.04 22.40 49.69
N ASP IA 128 -47.87 23.15 50.43
CA ASP IA 128 -47.99 24.57 50.14
C ASP IA 128 -46.67 25.27 50.41
N GLU IA 129 -45.98 24.89 51.49
CA GLU IA 129 -44.70 25.51 51.79
C GLU IA 129 -43.70 25.18 50.72
N PHE IA 130 -43.72 23.94 50.23
CA PHE IA 130 -42.82 23.49 49.20
C PHE IA 130 -42.96 24.38 47.99
N SER IA 131 -44.19 24.61 47.56
CA SER IA 131 -44.42 25.47 46.40
C SER IA 131 -43.74 26.81 46.64
N ASP IA 132 -43.94 27.38 47.84
CA ASP IA 132 -43.26 28.63 48.14
C ASP IA 132 -41.75 28.50 48.17
N VAL IA 133 -41.22 27.35 48.59
CA VAL IA 133 -39.78 27.19 48.57
C VAL IA 133 -39.28 27.37 47.15
N LEU IA 134 -39.98 26.75 46.20
CA LEU IA 134 -39.58 26.90 44.81
C LEU IA 134 -39.74 28.35 44.38
N ASN IA 135 -40.82 29.00 44.83
CA ASN IA 135 -41.07 30.38 44.46
C ASN IA 135 -39.98 31.29 45.00
N HIS IA 136 -39.36 30.90 46.10
CA HIS IA 136 -38.30 31.65 46.74
C HIS IA 136 -36.92 31.47 46.11
N LEU IA 137 -36.86 30.67 45.05
CA LEU IA 137 -35.71 30.39 44.23
C LEU IA 137 -36.08 30.81 42.84
N SER IA 138 -37.40 30.82 42.63
CA SER IA 138 -38.05 30.95 41.33
C SER IA 138 -37.50 29.81 40.52
N PHE IA 139 -37.45 28.66 41.17
CA PHE IA 139 -36.89 27.43 40.69
C PHE IA 139 -37.46 27.07 39.34
N GLN IA 140 -38.75 27.23 39.20
CA GLN IA 140 -39.46 26.91 37.97
C GLN IA 140 -38.92 27.65 36.74
N ARG IA 141 -38.15 28.73 36.93
CA ARG IA 141 -37.56 29.49 35.84
C ARG IA 141 -36.03 29.57 35.93
N LYS IA 142 -35.51 29.51 37.16
CA LYS IA 142 -34.09 29.68 37.44
C LYS IA 142 -33.42 28.42 37.98
N GLY IA 143 -34.16 27.33 38.13
CA GLY IA 143 -33.61 26.13 38.73
C GLY IA 143 -32.38 25.61 38.03
N SER IA 144 -32.36 25.73 36.70
CA SER IA 144 -31.25 25.30 35.89
C SER IA 144 -30.00 26.08 36.23
N ASP IA 145 -30.17 27.37 36.51
CA ASP IA 145 -29.05 28.23 36.78
C ASP IA 145 -28.54 28.01 38.18
N HIS IA 146 -29.45 27.77 39.13
CA HIS IA 146 -29.01 27.57 40.50
C HIS IA 146 -28.22 26.29 40.55
N PHE IA 147 -28.73 25.28 39.88
CA PHE IA 147 -28.05 24.02 39.83
C PHE IA 147 -26.70 24.16 39.18
N ARG IA 148 -26.65 24.79 38.00
CA ARG IA 148 -25.38 24.94 37.33
C ARG IA 148 -24.38 25.57 38.25
N ARG IA 149 -24.75 26.66 38.91
CA ARG IA 149 -23.82 27.31 39.79
C ARG IA 149 -23.34 26.37 40.86
N TRP IA 150 -24.23 25.62 41.47
CA TRP IA 150 -23.79 24.68 42.49
C TRP IA 150 -22.84 23.65 41.93
N TYR IA 151 -23.21 23.03 40.83
CA TYR IA 151 -22.42 21.98 40.27
C TYR IA 151 -21.03 22.47 39.92
N VAL IA 152 -20.97 23.57 39.18
CA VAL IA 152 -19.74 24.16 38.73
C VAL IA 152 -18.88 24.68 39.86
N ASP IA 153 -19.49 25.41 40.79
CA ASP IA 153 -18.76 26.00 41.89
C ASP IA 153 -18.55 25.03 43.04
N SER IA 154 -19.24 23.89 43.02
CA SER IA 154 -19.21 22.81 44.02
C SER IA 154 -20.06 23.13 45.23
N ARG IA 155 -20.59 24.33 45.27
CA ARG IA 155 -21.31 24.81 46.42
C ARG IA 155 -22.20 25.98 46.09
N ILE IA 156 -23.21 26.18 46.93
CA ILE IA 156 -24.08 27.34 46.82
C ILE IA 156 -24.64 27.69 48.18
N PHE IA 157 -24.81 28.98 48.44
CA PHE IA 157 -25.35 29.45 49.71
C PHE IA 157 -26.40 30.53 49.49
N PHE IA 158 -27.45 30.55 50.32
CA PHE IA 158 -28.47 31.60 50.30
C PHE IA 158 -28.84 32.07 51.69
N HIS IA 159 -29.00 33.36 51.85
CA HIS IA 159 -29.46 33.93 53.10
C HIS IA 159 -30.98 33.84 53.25
N LYS IA 160 -31.41 33.46 54.45
CA LYS IA 160 -32.82 33.34 54.80
C LYS IA 160 -33.30 34.58 55.56
N ILE IA 161 -34.48 35.04 55.24
CA ILE IA 161 -35.05 36.25 55.83
C ILE IA 161 -36.13 36.03 56.87
N ILE IA 162 -35.99 36.69 58.01
CA ILE IA 162 -36.98 36.64 59.09
C ILE IA 162 -37.53 38.05 59.31
N ASP IA 163 -38.84 38.14 59.43
CA ASP IA 163 -39.63 39.37 59.60
C ASP IA 163 -38.89 40.60 60.22
N PRO IA 164 -38.23 40.53 61.40
CA PRO IA 164 -38.18 39.54 62.46
C PRO IA 164 -39.17 39.71 63.60
N LYS IA 165 -40.05 40.69 63.53
CA LYS IA 165 -40.91 40.99 64.68
C LYS IA 165 -42.03 39.97 64.81
N ARG IA 166 -42.51 39.48 63.68
CA ARG IA 166 -43.55 38.48 63.61
C ARG IA 166 -43.02 37.33 62.74
N PRO IA 167 -41.98 36.62 63.21
CA PRO IA 167 -41.16 35.69 62.46
C PRO IA 167 -41.92 34.52 61.86
N LYS IA 168 -43.07 34.17 62.44
CA LYS IA 168 -43.85 33.05 61.95
C LYS IA 168 -44.25 33.18 60.48
N GLU IA 169 -44.52 34.41 60.04
CA GLU IA 169 -44.94 34.64 58.65
C GLU IA 169 -43.81 35.30 57.86
N GLY IA 170 -42.62 35.35 58.46
CA GLY IA 170 -41.51 36.10 57.90
C GLY IA 170 -40.65 35.48 56.82
N ILE IA 171 -40.74 34.19 56.52
CA ILE IA 171 -39.80 33.71 55.53
C ILE IA 171 -40.16 34.32 54.17
N LYS IA 172 -39.14 34.88 53.52
CA LYS IA 172 -39.24 35.53 52.21
C LYS IA 172 -38.29 34.87 51.22
N GLU IA 173 -38.25 35.41 50.02
CA GLU IA 173 -37.40 34.93 48.94
C GLU IA 173 -35.92 34.91 49.37
N LEU IA 174 -35.20 33.88 48.94
CA LEU IA 174 -33.79 33.68 49.30
C LEU IA 174 -32.80 34.64 48.65
N ARG IA 175 -31.71 34.91 49.36
CA ARG IA 175 -30.65 35.83 48.86
C ARG IA 175 -29.35 35.04 48.66
N ARG IA 176 -28.99 34.78 47.41
CA ARG IA 176 -27.78 34.04 47.09
C ARG IA 176 -26.53 34.79 47.52
N LEU IA 177 -25.54 34.06 48.00
CA LEU IA 177 -24.29 34.65 48.43
C LEU IA 177 -23.23 34.49 47.35
N ASP IA 178 -22.32 35.44 47.28
CA ASP IA 178 -21.24 35.35 46.31
C ASP IA 178 -20.32 34.15 46.51
N PRO IA 179 -19.87 33.52 45.42
CA PRO IA 179 -18.98 32.42 45.44
C PRO IA 179 -17.68 32.94 45.95
N ARG IA 180 -16.92 32.07 46.57
CA ARG IA 180 -15.60 32.36 47.12
C ARG IA 180 -15.62 33.23 48.36
N GLN IA 181 -16.81 33.63 48.85
CA GLN IA 181 -16.87 34.49 50.01
C GLN IA 181 -17.50 33.82 51.21
N VAL IA 182 -17.50 32.51 51.22
CA VAL IA 182 -18.11 31.84 52.36
C VAL IA 182 -17.16 30.84 53.01
N GLN IA 183 -16.95 31.00 54.31
CA GLN IA 183 -16.11 30.07 55.04
C GLN IA 183 -16.98 29.32 56.05
N TYR IA 184 -17.17 28.03 55.83
CA TYR IA 184 -17.99 27.22 56.72
C TYR IA 184 -17.11 26.66 57.81
N VAL IA 185 -17.40 26.98 59.09
CA VAL IA 185 -16.51 26.54 60.16
C VAL IA 185 -17.18 25.86 61.32
N ARG IA 186 -16.38 25.13 62.06
CA ARG IA 186 -16.80 24.50 63.30
C ARG IA 186 -15.80 24.78 64.40
N GLU IA 187 -16.24 24.78 65.64
CA GLU IA 187 -15.27 25.00 66.70
C GLU IA 187 -15.19 23.80 67.60
N ILE IA 188 -14.01 23.44 68.03
CA ILE IA 188 -14.06 22.33 68.95
C ILE IA 188 -14.21 22.92 70.30
N ILE IA 189 -15.44 23.01 70.74
CA ILE IA 189 -15.68 23.81 71.94
C ILE IA 189 -15.51 22.99 73.19
N THR IA 190 -14.27 22.66 73.46
CA THR IA 190 -13.89 21.89 74.63
C THR IA 190 -12.40 21.63 74.78
N GLU IA 191 -11.92 21.53 76.03
CA GLU IA 191 -10.55 21.07 76.30
C GLU IA 191 -10.52 20.44 77.70
N THR IA 192 -9.75 19.35 77.86
CA THR IA 192 -9.63 18.69 79.17
C THR IA 192 -8.40 17.75 79.27
N GLU IA 193 -8.39 16.90 80.30
CA GLU IA 193 -7.28 16.01 80.57
C GLU IA 193 -6.89 15.16 79.38
N ALA IA 194 -5.61 15.26 79.04
CA ALA IA 194 -4.94 14.55 77.96
C ALA IA 194 -5.59 14.79 76.58
N GLY IA 195 -6.28 15.91 76.41
CA GLY IA 195 -6.92 16.27 75.14
C GLY IA 195 -8.41 15.97 75.17
N THR IA 196 -9.23 16.94 74.84
CA THR IA 196 -10.66 16.68 74.93
C THR IA 196 -11.29 15.57 74.12
N LYS IA 197 -12.08 14.82 74.87
CA LYS IA 197 -12.87 13.69 74.47
C LYS IA 197 -14.35 13.95 74.81
N ILE IA 198 -14.63 15.22 75.10
CA ILE IA 198 -15.92 15.78 75.52
C ILE IA 198 -16.86 16.00 74.35
N VAL IA 199 -18.16 15.86 74.58
CA VAL IA 199 -19.12 16.05 73.51
C VAL IA 199 -18.75 17.24 72.66
N LYS IA 200 -18.75 16.98 71.37
CA LYS IA 200 -18.34 17.93 70.38
C LYS IA 200 -19.59 18.53 69.70
N GLY IA 201 -20.09 19.67 70.20
CA GLY IA 201 -21.34 20.25 69.66
C GLY IA 201 -21.10 21.19 68.47
N TYR IA 202 -19.91 21.83 68.49
CA TYR IA 202 -19.31 22.71 67.44
C TYR IA 202 -20.03 24.03 67.06
N LYS IA 203 -21.35 24.13 67.23
CA LYS IA 203 -22.19 25.26 66.79
C LYS IA 203 -22.44 25.22 65.26
N GLU IA 204 -21.38 25.03 64.49
CA GLU IA 204 -21.40 24.83 63.04
C GLU IA 204 -21.95 26.01 62.29
N TYR IA 205 -21.37 27.16 62.52
CA TYR IA 205 -21.83 28.37 61.89
C TYR IA 205 -20.97 28.77 60.70
N PHE IA 206 -21.37 29.84 60.07
CA PHE IA 206 -20.63 30.37 58.94
C PHE IA 206 -19.98 31.72 59.14
N ILE IA 207 -18.91 31.96 58.40
CA ILE IA 207 -18.34 33.28 58.37
C ILE IA 207 -18.52 33.87 56.98
N TYR IA 208 -19.16 35.03 56.95
CA TYR IA 208 -19.42 35.74 55.72
C TYR IA 208 -18.26 36.63 55.42
N ASP IA 209 -17.55 36.34 54.35
CA ASP IA 209 -16.38 37.11 54.00
C ASP IA 209 -16.79 38.19 53.06
N THR IA 210 -16.01 39.24 53.04
CA THR IA 210 -16.26 40.32 52.14
C THR IA 210 -14.96 40.83 51.49
N ALA IA 211 -15.13 41.68 50.49
CA ALA IA 211 -14.08 42.41 49.75
C ALA IA 211 -13.12 41.61 48.91
N HIS IA 212 -13.63 40.87 47.95
CA HIS IA 212 -12.71 40.21 47.05
C HIS IA 212 -12.18 41.33 46.15
N GLU IA 213 -11.14 42.03 46.62
CA GLU IA 213 -10.59 43.24 45.93
C GLU IA 213 -9.53 42.89 44.87
N SER IA 214 -9.43 41.62 44.49
CA SER IA 214 -8.50 41.17 43.49
C SER IA 214 -9.11 41.28 42.09
N TYR IA 215 -8.45 40.60 41.16
CA TYR IA 215 -8.74 40.65 39.75
C TYR IA 215 -9.03 39.28 39.17
N ALA IA 216 -9.64 39.29 38.01
CA ALA IA 216 -10.02 38.12 37.26
C ALA IA 216 -9.84 38.40 35.78
N CYS IA 217 -10.03 37.39 34.95
CA CYS IA 217 -9.89 37.66 33.54
C CYS IA 217 -10.80 38.79 33.12
N ASP IA 218 -10.19 39.86 32.66
CA ASP IA 218 -10.81 41.09 32.20
C ASP IA 218 -11.74 41.78 33.21
N GLY IA 219 -11.35 41.82 34.49
CA GLY IA 219 -12.19 42.54 35.47
C GLY IA 219 -11.71 42.57 36.91
N ARG IA 220 -12.43 43.37 37.73
CA ARG IA 220 -12.12 43.57 39.16
C ARG IA 220 -13.36 43.36 39.99
N MET IA 221 -13.16 42.90 41.21
CA MET IA 221 -14.27 42.65 42.12
C MET IA 221 -14.27 43.63 43.31
N TYR IA 222 -15.46 43.88 43.88
CA TYR IA 222 -15.59 44.76 45.03
C TYR IA 222 -16.57 44.20 46.05
N GLU IA 223 -16.37 44.58 47.33
CA GLU IA 223 -17.20 44.18 48.53
C GLU IA 223 -16.81 45.02 49.77
N ALA IA 224 -17.47 44.80 50.92
CA ALA IA 224 -17.19 45.54 52.20
C ALA IA 224 -15.87 45.37 53.02
N GLY IA 225 -15.30 44.17 53.16
CA GLY IA 225 -14.06 44.00 53.94
C GLY IA 225 -14.29 43.61 55.39
N THR IA 226 -15.54 43.33 55.71
CA THR IA 226 -15.97 42.94 57.04
C THR IA 226 -16.03 41.42 57.13
N LYS IA 227 -16.07 40.91 58.35
CA LYS IA 227 -16.19 39.47 58.61
C LYS IA 227 -17.39 39.30 59.50
N ILE IA 228 -18.45 38.68 58.98
CA ILE IA 228 -19.66 38.57 59.78
C ILE IA 228 -19.89 37.16 60.25
N LYS IA 229 -20.10 37.02 61.54
CA LYS IA 229 -20.36 35.73 62.12
C LYS IA 229 -21.86 35.40 62.09
N ILE IA 230 -22.19 34.16 61.65
CA ILE IA 230 -23.61 33.65 61.58
C ILE IA 230 -23.73 32.22 62.15
N PRO IA 231 -24.81 31.84 62.89
CA PRO IA 231 -24.96 30.47 63.48
C PRO IA 231 -25.12 29.26 62.54
N LYS IA 232 -26.07 29.28 61.59
CA LYS IA 232 -26.10 28.27 60.55
C LYS IA 232 -27.48 28.31 60.01
N ALA IA 233 -28.41 28.48 60.94
CA ALA IA 233 -29.82 28.40 60.62
C ALA IA 233 -30.16 29.39 59.54
N ALA IA 234 -29.48 30.52 59.54
CA ALA IA 234 -29.66 31.61 58.60
C ALA IA 234 -29.36 31.30 57.13
N VAL IA 235 -28.60 30.24 56.85
CA VAL IA 235 -28.22 30.00 55.46
C VAL IA 235 -28.61 28.66 54.87
N VAL IA 236 -29.17 28.71 53.66
CA VAL IA 236 -29.50 27.52 52.90
C VAL IA 236 -28.30 27.16 52.09
N TYR IA 237 -27.84 25.94 52.15
CA TYR IA 237 -26.68 25.64 51.35
C TYR IA 237 -26.52 24.19 51.01
N ALA IA 238 -25.62 23.96 50.10
CA ALA IA 238 -25.25 22.62 49.71
C ALA IA 238 -23.84 22.64 49.18
N HIS IA 239 -23.21 21.50 49.25
CA HIS IA 239 -21.90 21.35 48.65
C HIS IA 239 -21.67 19.91 48.31
N SER IA 240 -20.85 19.69 47.31
CA SER IA 240 -20.50 18.36 46.89
C SER IA 240 -19.68 17.65 47.96
N GLY IA 241 -19.87 16.34 48.10
CA GLY IA 241 -19.10 15.50 49.02
C GLY IA 241 -17.78 15.10 48.40
N LEU IA 242 -17.01 16.10 47.99
CA LEU IA 242 -15.77 15.89 47.28
C LEU IA 242 -14.66 16.67 47.93
N VAL IA 243 -13.64 15.96 48.34
CA VAL IA 243 -12.50 16.57 48.99
C VAL IA 243 -11.22 16.07 48.34
N ASP IA 244 -10.25 16.97 48.24
CA ASP IA 244 -8.93 16.73 47.66
C ASP IA 244 -8.09 15.92 48.64
N CYS IA 245 -6.86 15.62 48.26
CA CYS IA 245 -5.93 14.84 49.04
C CYS IA 245 -5.71 15.30 50.49
N CYS IA 246 -6.01 16.56 50.80
CA CYS IA 246 -5.79 17.01 52.16
C CYS IA 246 -6.98 17.67 52.87
N GLY IA 247 -7.11 17.32 54.15
CA GLY IA 247 -8.04 17.97 55.07
C GLY IA 247 -9.46 17.91 54.58
N LYS IA 248 -10.04 19.10 54.51
CA LYS IA 248 -11.40 19.34 54.07
C LYS IA 248 -11.35 20.30 52.92
N ASN IA 249 -10.35 20.13 52.09
CA ASN IA 249 -10.24 20.97 50.93
C ASN IA 249 -11.30 20.56 49.92
N ILE IA 250 -12.49 21.14 50.07
CA ILE IA 250 -13.65 20.81 49.25
C ILE IA 250 -13.47 21.32 47.84
N ILE IA 251 -13.70 20.40 46.91
CA ILE IA 251 -13.55 20.58 45.46
C ILE IA 251 -14.82 20.24 44.71
N GLY IA 252 -14.90 20.61 43.45
CA GLY IA 252 -16.09 20.27 42.65
C GLY IA 252 -15.92 19.05 41.76
N TYR IA 253 -16.97 18.74 41.01
CA TYR IA 253 -16.99 17.61 40.09
C TYR IA 253 -16.11 17.90 38.91
N LEU IA 254 -15.91 19.18 38.70
CA LEU IA 254 -15.12 19.75 37.64
C LEU IA 254 -13.64 19.65 37.93
N HIS IA 255 -13.30 19.35 39.17
CA HIS IA 255 -11.93 19.32 39.62
C HIS IA 255 -11.13 18.29 38.87
N ARG IA 256 -11.70 17.09 38.77
CA ARG IA 256 -11.02 15.92 38.13
C ARG IA 256 -10.54 16.25 36.71
N ALA IA 257 -11.30 17.06 35.97
CA ALA IA 257 -10.96 17.39 34.60
C ALA IA 257 -10.03 18.59 34.44
N VAL IA 258 -9.65 19.25 35.52
CA VAL IA 258 -8.85 20.44 35.34
C VAL IA 258 -7.54 20.13 34.65
N LYS IA 259 -6.84 19.10 35.09
CA LYS IA 259 -5.60 18.80 34.45
C LYS IA 259 -5.75 18.70 32.94
N PRO IA 260 -6.37 17.62 32.40
CA PRO IA 260 -6.47 17.36 30.99
C PRO IA 260 -7.18 18.43 30.22
N ALA IA 261 -8.08 19.16 30.86
CA ALA IA 261 -8.74 20.18 30.10
C ALA IA 261 -7.76 21.23 29.64
N ASN IA 262 -6.80 21.53 30.50
CA ASN IA 262 -5.88 22.56 30.17
C ASN IA 262 -4.80 22.01 29.28
N GLN IA 263 -4.37 20.77 29.50
CA GLN IA 263 -3.29 20.33 28.64
C GLN IA 263 -3.85 20.12 27.25
N LEU IA 264 -5.15 19.82 27.13
CA LEU IA 264 -5.71 19.62 25.83
C LEU IA 264 -5.74 20.91 25.07
N LYS IA 265 -6.23 21.99 25.70
CA LYS IA 265 -6.30 23.20 24.91
C LYS IA 265 -4.88 23.68 24.63
N LEU IA 266 -3.93 23.37 25.51
CA LEU IA 266 -2.56 23.75 25.33
C LEU IA 266 -2.01 23.04 24.10
N LEU IA 267 -2.30 21.74 23.97
CA LEU IA 267 -1.88 21.00 22.79
C LEU IA 267 -2.53 21.54 21.54
N GLU IA 268 -3.81 21.88 21.61
CA GLU IA 268 -4.44 22.44 20.43
C GLU IA 268 -3.78 23.74 20.04
N ASP IA 269 -3.49 24.58 21.03
CA ASP IA 269 -2.89 25.86 20.76
C ASP IA 269 -1.50 25.66 20.21
N ALA IA 270 -0.79 24.65 20.72
CA ALA IA 270 0.54 24.35 20.23
C ALA IA 270 0.48 23.99 18.76
N VAL IA 271 -0.54 23.22 18.36
CA VAL IA 271 -0.71 22.90 16.97
C VAL IA 271 -0.96 24.16 16.18
N VAL IA 272 -1.81 25.03 16.71
CA VAL IA 272 -2.12 26.24 16.01
C VAL IA 272 -0.90 27.10 15.82
N ILE IA 273 -0.09 27.31 16.85
CA ILE IA 273 1.06 28.16 16.65
C ILE IA 273 2.05 27.50 15.71
N TYR IA 274 2.18 26.17 15.79
CA TYR IA 274 3.05 25.46 14.88
C TYR IA 274 2.66 25.74 13.44
N ARG IA 275 1.37 25.62 13.15
CA ARG IA 275 0.87 25.85 11.80
C ARG IA 275 1.00 27.31 11.34
N ILE IA 276 0.78 28.26 12.24
CA ILE IA 276 0.87 29.67 11.89
C ILE IA 276 2.28 30.12 11.59
N THR IA 277 3.21 29.80 12.47
CA THR IA 277 4.50 30.33 12.22
C THR IA 277 5.06 29.59 11.05
N ARG IA 278 5.94 30.28 10.32
CA ARG IA 278 6.61 29.69 9.13
C ARG IA 278 5.62 29.61 7.96
N ALA IA 279 4.33 29.84 8.20
CA ALA IA 279 3.38 29.77 7.10
C ALA IA 279 3.76 30.69 5.93
N PRO IA 280 4.14 31.99 6.14
CA PRO IA 280 4.54 32.91 5.11
C PRO IA 280 5.93 32.53 4.74
N ASP IA 281 6.44 33.02 3.63
CA ASP IA 281 7.82 32.69 3.33
C ASP IA 281 8.73 33.34 4.32
N ARG IA 282 9.92 32.80 4.49
CA ARG IA 282 10.86 33.44 5.37
C ARG IA 282 12.29 33.24 4.93
N ARG IA 283 13.05 34.34 4.91
CA ARG IA 283 14.47 34.26 4.46
C ARG IA 283 15.22 35.52 4.90
N VAL IA 284 16.48 35.33 5.29
CA VAL IA 284 17.35 36.40 5.72
C VAL IA 284 18.42 36.70 4.69
N TRP IA 285 18.61 37.96 4.42
CA TRP IA 285 19.66 38.38 3.54
C TRP IA 285 20.88 38.61 4.40
N TYR IA 286 22.01 38.11 3.95
CA TYR IA 286 23.25 38.34 4.67
C TYR IA 286 24.00 39.38 3.89
N VAL IA 287 24.49 40.42 4.57
CA VAL IA 287 25.18 41.46 3.83
C VAL IA 287 26.59 41.80 4.36
N ASP IA 288 27.56 41.79 3.45
CA ASP IA 288 28.93 42.15 3.80
C ASP IA 288 29.11 43.67 3.76
N THR IA 289 29.23 44.23 4.95
CA THR IA 289 29.29 45.67 5.18
C THR IA 289 30.64 46.00 5.82
N GLY IA 290 31.64 45.16 5.58
CA GLY IA 290 32.96 45.39 6.16
C GLY IA 290 33.76 46.50 5.48
N ASN IA 291 34.88 46.86 6.12
CA ASN IA 291 35.83 47.91 5.74
C ASN IA 291 35.21 49.31 5.70
N MET IA 292 34.15 49.50 6.49
CA MET IA 292 33.45 50.76 6.61
C MET IA 292 33.05 51.02 8.07
N PRO IA 293 32.95 52.28 8.52
CA PRO IA 293 32.40 52.66 9.82
C PRO IA 293 30.91 52.39 9.74
N ALA IA 294 30.24 52.10 10.85
CA ALA IA 294 28.80 51.77 10.82
C ALA IA 294 27.97 52.84 10.10
N ARG IA 295 28.37 54.10 10.28
CA ARG IA 295 27.71 55.24 9.64
C ARG IA 295 27.48 55.03 8.14
N LYS IA 296 28.44 54.40 7.47
CA LYS IA 296 28.40 54.15 6.04
C LYS IA 296 28.20 52.68 5.76
N ALA IA 297 28.66 51.81 6.64
CA ALA IA 297 28.63 50.39 6.41
C ALA IA 297 27.22 49.92 6.12
N ALA IA 298 26.27 50.52 6.85
CA ALA IA 298 24.86 50.22 6.75
C ALA IA 298 24.29 50.43 5.36
N GLU IA 299 24.94 51.25 4.52
CA GLU IA 299 24.43 51.54 3.19
C GLU IA 299 24.26 50.30 2.34
N HIS IA 300 25.13 49.30 2.47
CA HIS IA 300 24.93 48.17 1.55
C HIS IA 300 23.66 47.43 1.90
N MET IA 301 23.43 47.27 3.19
CA MET IA 301 22.29 46.54 3.69
C MET IA 301 21.01 47.32 3.44
N GLN IA 302 21.05 48.63 3.73
CA GLN IA 302 19.90 49.49 3.56
C GLN IA 302 19.51 49.59 2.10
N HIS IA 303 20.49 49.62 1.20
CA HIS IA 303 20.22 49.70 -0.22
C HIS IA 303 19.48 48.47 -0.72
N VAL IA 304 19.99 47.27 -0.39
CA VAL IA 304 19.34 46.06 -0.88
C VAL IA 304 17.91 46.02 -0.37
N MET IA 305 17.72 46.29 0.92
CA MET IA 305 16.39 46.29 1.46
C MET IA 305 15.49 47.32 0.79
N ASN IA 306 15.98 48.55 0.67
CA ASN IA 306 15.14 49.60 0.14
C ASN IA 306 14.63 49.31 -1.25
N THR IA 307 15.43 48.68 -2.11
CA THR IA 307 14.96 48.43 -3.46
C THR IA 307 14.48 47.02 -3.74
N MET IA 308 14.89 46.01 -2.96
CA MET IA 308 14.46 44.64 -3.28
C MET IA 308 13.57 43.97 -2.23
N LYS IA 309 13.26 44.63 -1.10
CA LYS IA 309 12.41 44.04 -0.05
C LYS IA 309 11.04 43.62 -0.53
N ASN IA 310 10.60 42.43 -0.11
CA ASN IA 310 9.26 42.06 -0.52
C ASN IA 310 8.30 42.73 0.44
N ARG IA 311 7.78 43.86 -0.01
CA ARG IA 311 6.90 44.72 0.78
C ARG IA 311 5.44 44.33 0.67
N VAL IA 312 5.17 43.19 0.04
CA VAL IA 312 3.83 42.71 -0.20
C VAL IA 312 3.20 41.95 0.97
N VAL IA 313 1.97 42.31 1.30
CA VAL IA 313 1.27 41.62 2.38
C VAL IA 313 -0.04 41.06 1.84
N TYR IA 314 -0.59 40.08 2.55
CA TYR IA 314 -1.83 39.41 2.21
C TYR IA 314 -3.06 40.16 2.68
N ASP IA 315 -4.07 40.27 1.83
CA ASP IA 315 -5.30 40.89 2.23
C ASP IA 315 -6.26 39.83 2.77
N ALA IA 316 -6.42 39.81 4.09
CA ALA IA 316 -7.24 38.83 4.77
C ALA IA 316 -8.66 39.38 4.94
N SER IA 317 -8.92 40.56 4.38
CA SER IA 317 -10.25 41.12 4.48
C SER IA 317 -11.00 40.68 3.23
N THR IA 318 -10.28 40.69 2.11
CA THR IA 318 -10.72 40.25 0.79
C THR IA 318 -9.63 39.33 0.28
N GLY IA 319 -9.93 38.13 -0.25
CA GLY IA 319 -8.85 37.22 -0.65
C GLY IA 319 -7.98 37.67 -1.82
N LYS IA 320 -7.10 38.61 -1.55
CA LYS IA 320 -6.24 39.16 -2.58
C LYS IA 320 -4.91 39.56 -2.00
N ILE IA 321 -4.00 40.01 -2.83
CA ILE IA 321 -2.71 40.45 -2.33
C ILE IA 321 -2.84 41.97 -2.27
N LYS IA 322 -2.54 42.55 -1.10
CA LYS IA 322 -2.84 43.97 -0.90
C LYS IA 322 -2.35 44.91 -1.97
N ASN IA 323 -3.30 45.43 -2.72
CA ASN IA 323 -3.10 46.43 -3.76
C ASN IA 323 -1.96 46.11 -4.72
N GLN IA 324 -1.82 44.85 -5.12
CA GLN IA 324 -0.74 44.54 -6.04
C GLN IA 324 -1.13 44.45 -7.49
N GLN IA 325 -0.17 44.85 -8.35
CA GLN IA 325 -0.18 44.72 -9.79
C GLN IA 325 1.23 44.35 -10.29
N HIS IA 326 1.36 43.53 -11.35
CA HIS IA 326 0.25 42.93 -12.09
C HIS IA 326 -0.32 41.78 -11.25
N ASN IA 327 -1.33 41.09 -11.75
CA ASN IA 327 -2.08 40.17 -10.92
C ASN IA 327 -1.24 39.08 -10.23
N MET IA 328 -0.26 38.48 -10.91
CA MET IA 328 0.62 37.49 -10.25
C MET IA 328 1.89 37.18 -11.06
N SER IA 329 3.02 37.28 -10.39
CA SER IA 329 4.34 37.00 -10.97
C SER IA 329 4.50 35.53 -11.34
N MET IA 330 5.24 35.27 -12.43
CA MET IA 330 5.55 33.88 -12.80
C MET IA 330 6.78 33.43 -12.01
N THR IA 331 7.60 34.42 -11.66
CA THR IA 331 8.83 34.24 -10.92
C THR IA 331 9.15 35.51 -10.16
N GLU IA 332 9.83 35.37 -9.04
CA GLU IA 332 10.33 36.50 -8.28
C GLU IA 332 11.80 36.71 -8.62
N ASP IA 333 12.06 37.66 -9.50
CA ASP IA 333 13.44 37.89 -9.92
C ASP IA 333 14.16 38.86 -9.01
N TYR IA 334 15.15 38.34 -8.32
CA TYR IA 334 15.95 39.13 -7.41
C TYR IA 334 17.35 39.14 -7.93
N TRP IA 335 18.13 40.08 -7.45
CA TRP IA 335 19.53 40.15 -7.83
C TRP IA 335 20.36 40.94 -6.83
N LEU IA 336 21.66 40.71 -6.86
CA LEU IA 336 22.61 41.46 -6.05
C LEU IA 336 23.83 41.99 -6.79
N GLN IA 337 24.20 43.23 -6.46
CA GLN IA 337 25.41 43.91 -6.95
C GLN IA 337 26.58 43.60 -5.98
N ARG IA 338 27.27 42.48 -6.22
CA ARG IA 338 28.33 42.00 -5.30
C ARG IA 338 29.54 42.96 -5.22
N ARG IA 339 29.92 43.33 -3.99
CA ARG IA 339 31.12 44.14 -3.73
C ARG IA 339 32.47 43.47 -4.01
N ASP IA 340 32.50 42.14 -4.04
CA ASP IA 340 33.73 41.40 -4.30
C ASP IA 340 33.43 40.07 -5.00
N GLY IA 341 34.48 39.34 -5.32
CA GLY IA 341 34.37 38.02 -5.96
C GLY IA 341 34.16 36.92 -4.92
N LYS IA 342 33.16 37.13 -4.06
CA LYS IA 342 32.90 36.26 -2.93
C LYS IA 342 31.42 36.14 -2.61
N ALA IA 343 30.96 34.92 -2.32
CA ALA IA 343 29.56 34.72 -1.94
C ALA IA 343 29.34 35.08 -0.49
N VAL IA 344 29.41 36.36 -0.21
CA VAL IA 344 29.23 36.86 1.14
C VAL IA 344 27.93 37.62 1.29
N THR IA 345 27.38 38.10 0.17
CA THR IA 345 26.11 38.80 0.23
C THR IA 345 25.16 37.85 -0.52
N GLU IA 346 24.14 37.36 0.19
CA GLU IA 346 23.26 36.32 -0.36
C GLU IA 346 21.95 36.15 0.38
N VAL IA 347 21.05 35.28 -0.13
CA VAL IA 347 19.82 35.00 0.63
C VAL IA 347 19.86 33.58 1.18
N ASP IA 348 19.56 33.45 2.47
CA ASP IA 348 19.55 32.16 3.14
C ASP IA 348 18.12 31.88 3.66
N THR IA 349 17.40 30.95 3.03
CA THR IA 349 16.00 30.74 3.36
C THR IA 349 15.81 29.88 4.61
N LEU IA 350 14.61 29.96 5.19
CA LEU IA 350 14.24 29.21 6.37
C LEU IA 350 13.10 28.23 6.01
N PRO IA 351 12.92 27.11 6.74
CA PRO IA 351 11.83 26.15 6.55
C PRO IA 351 10.47 26.78 6.79
N GLY IA 352 9.44 26.31 6.07
CA GLY IA 352 8.08 26.81 6.22
C GLY IA 352 7.20 25.97 7.15
N ALA IA 353 5.91 26.26 7.17
CA ALA IA 353 4.95 25.54 8.01
C ALA IA 353 4.60 24.19 7.39
N ASP IA 354 5.56 23.29 7.41
CA ASP IA 354 5.44 21.98 6.82
C ASP IA 354 4.34 21.16 7.48
N ASN IA 355 3.67 20.33 6.69
CA ASN IA 355 2.62 19.43 7.19
C ASN IA 355 3.26 18.19 7.81
N THR IA 356 3.87 18.44 8.96
CA THR IA 356 4.60 17.49 9.77
C THR IA 356 3.70 16.42 10.33
N GLY IA 357 2.54 16.82 10.82
CA GLY IA 357 1.63 15.85 11.42
C GLY IA 357 0.83 15.19 10.31
N ASN IA 358 0.10 14.09 10.57
CA ASN IA 358 -0.09 13.30 11.81
C ASN IA 358 -0.57 14.12 13.01
N MET IA 359 -1.48 15.07 12.80
CA MET IA 359 -2.00 15.81 13.95
C MET IA 359 -3.17 14.99 14.50
N GLU IA 360 -2.80 13.85 15.06
CA GLU IA 360 -3.72 12.85 15.55
C GLU IA 360 -3.58 12.54 17.03
N ASP IA 361 -2.47 12.92 17.65
CA ASP IA 361 -2.27 12.56 19.05
C ASP IA 361 -3.33 13.20 19.89
N ILE IA 362 -3.71 14.36 19.42
CA ILE IA 362 -4.70 15.23 19.98
C ILE IA 362 -6.05 14.53 20.12
N ARG IA 363 -6.28 13.52 19.26
CA ARG IA 363 -7.56 12.77 19.27
C ARG IA 363 -7.65 11.92 20.54
N TRP IA 364 -6.50 11.40 20.99
CA TRP IA 364 -6.45 10.58 22.20
C TRP IA 364 -6.74 11.47 23.36
N PHE IA 365 -6.08 12.62 23.34
CA PHE IA 365 -6.24 13.53 24.43
C PHE IA 365 -7.66 14.04 24.52
N ARG IA 366 -8.28 14.39 23.39
CA ARG IA 366 -9.66 14.84 23.48
C ARG IA 366 -10.56 13.73 23.97
N GLN IA 367 -10.34 12.50 23.49
CA GLN IA 367 -11.17 11.40 23.93
C GLN IA 367 -11.13 11.28 25.43
N ALA IA 368 -9.90 11.31 25.95
CA ALA IA 368 -9.69 11.20 27.35
C ALA IA 368 -10.39 12.32 28.09
N LEU IA 369 -10.33 13.55 27.55
CA LEU IA 369 -11.00 14.65 28.21
C LEU IA 369 -12.49 14.49 28.21
N TYR IA 370 -13.08 14.13 27.08
CA TYR IA 370 -14.52 14.02 27.08
C TYR IA 370 -14.93 13.18 28.25
N MET IA 371 -14.35 12.00 28.37
CA MET IA 371 -14.71 11.11 29.43
C MET IA 371 -14.52 11.75 30.80
N ALA IA 372 -13.37 12.43 30.96
CA ALA IA 372 -12.95 13.11 32.19
C ALA IA 372 -13.93 14.18 32.61
N LEU IA 373 -14.74 14.66 31.69
CA LEU IA 373 -15.71 15.68 32.00
C LEU IA 373 -16.98 15.10 32.62
N ARG IA 374 -16.98 13.79 32.87
CA ARG IA 374 -18.09 13.04 33.49
C ARG IA 374 -19.28 12.95 32.60
N VAL IA 375 -19.03 12.45 31.41
CA VAL IA 375 -20.11 12.31 30.44
C VAL IA 375 -20.10 10.89 29.91
N PRO IA 376 -21.19 10.40 29.31
CA PRO IA 376 -21.25 9.11 28.67
C PRO IA 376 -20.21 9.04 27.57
N LEU IA 377 -19.61 7.87 27.42
CA LEU IA 377 -18.61 7.64 26.38
C LEU IA 377 -19.19 7.86 24.99
N SER IA 378 -20.46 7.48 24.84
CA SER IA 378 -21.18 7.59 23.58
C SER IA 378 -21.55 9.01 23.13
N ARG IA 379 -21.42 10.02 24.01
CA ARG IA 379 -21.77 11.36 23.57
C ARG IA 379 -20.53 12.10 23.06
N ILE IA 380 -20.69 12.84 21.98
CA ILE IA 380 -19.58 13.61 21.42
C ILE IA 380 -19.95 15.08 21.37
N SER IA 395 -31.30 3.39 22.95
CA SER IA 395 -31.50 2.10 23.60
C SER IA 395 -31.05 2.12 25.04
N ILE IA 396 -30.69 0.96 25.57
CA ILE IA 396 -30.23 0.86 26.95
C ILE IA 396 -28.84 0.27 27.01
N THR IA 397 -27.98 0.96 27.73
CA THR IA 397 -26.60 0.54 27.96
C THR IA 397 -26.17 0.78 29.39
N ARG IA 398 -25.23 -0.04 29.85
CA ARG IA 398 -24.70 0.07 31.20
C ARG IA 398 -24.19 1.47 31.45
N ASP IA 399 -23.60 2.07 30.43
CA ASP IA 399 -23.06 3.40 30.54
C ASP IA 399 -24.13 4.45 30.88
N GLU IA 400 -25.34 4.29 30.33
CA GLU IA 400 -26.43 5.21 30.54
C GLU IA 400 -26.99 5.03 31.88
N LEU IA 401 -27.12 3.78 32.28
CA LEU IA 401 -27.70 3.51 33.56
C LEU IA 401 -26.78 4.10 34.62
N THR IA 402 -25.48 3.95 34.41
CA THR IA 402 -24.49 4.46 35.33
C THR IA 402 -24.58 5.96 35.40
N PHE IA 403 -24.62 6.59 34.24
CA PHE IA 403 -24.72 8.01 34.15
C PHE IA 403 -25.97 8.52 34.85
N ALA IA 404 -27.11 7.91 34.57
CA ALA IA 404 -28.35 8.34 35.18
C ALA IA 404 -28.27 8.27 36.69
N LYS IA 405 -27.63 7.22 37.23
CA LYS IA 405 -27.48 7.09 38.67
C LYS IA 405 -26.68 8.26 39.19
N PHE IA 406 -25.63 8.65 38.47
CA PHE IA 406 -24.82 9.81 38.84
C PHE IA 406 -25.66 11.05 38.94
N ILE IA 407 -26.47 11.29 37.91
CA ILE IA 407 -27.32 12.46 37.89
C ILE IA 407 -28.27 12.43 39.06
N ARG IA 408 -28.85 11.26 39.34
CA ARG IA 408 -29.75 11.13 40.44
C ARG IA 408 -29.04 11.52 41.73
N GLU IA 409 -27.81 11.04 41.92
CA GLU IA 409 -27.08 11.41 43.12
C GLU IA 409 -26.78 12.90 43.18
N LEU IA 410 -26.52 13.53 42.03
CA LEU IA 410 -26.27 14.96 42.08
C LEU IA 410 -27.51 15.65 42.58
N GLN IA 411 -28.67 15.18 42.11
CA GLN IA 411 -29.93 15.74 42.53
C GLN IA 411 -30.11 15.57 44.03
N HIS IA 412 -29.70 14.41 44.57
CA HIS IA 412 -29.85 14.19 46.00
C HIS IA 412 -29.00 15.16 46.80
N LYS IA 413 -27.79 15.41 46.32
CA LYS IA 413 -26.92 16.33 47.03
C LYS IA 413 -27.47 17.75 46.97
N PHE IA 414 -27.99 18.11 45.82
CA PHE IA 414 -28.56 19.41 45.58
C PHE IA 414 -29.84 19.60 46.40
N GLU IA 415 -30.61 18.51 46.53
CA GLU IA 415 -31.92 18.39 47.20
C GLU IA 415 -32.04 19.13 48.49
N GLU IA 416 -30.99 19.17 49.30
CA GLU IA 416 -31.04 19.83 50.59
C GLU IA 416 -31.62 21.25 50.46
N VAL IA 417 -31.39 21.90 49.31
CA VAL IA 417 -31.85 23.26 49.08
C VAL IA 417 -33.37 23.39 49.25
N PHE IA 418 -34.10 22.28 49.19
CA PHE IA 418 -35.53 22.27 49.35
C PHE IA 418 -36.00 21.64 50.66
N LEU IA 419 -35.08 21.12 51.46
CA LEU IA 419 -35.43 20.46 52.71
C LEU IA 419 -35.16 21.42 53.83
N ASP IA 420 -34.11 22.17 53.66
CA ASP IA 420 -33.66 23.16 54.60
C ASP IA 420 -34.71 24.29 54.78
N PRO IA 421 -35.01 25.13 53.77
CA PRO IA 421 -35.99 26.19 53.91
C PRO IA 421 -37.37 25.62 54.23
N LEU IA 422 -37.59 24.35 53.87
CA LEU IA 422 -38.87 23.72 54.16
C LEU IA 422 -38.97 23.49 55.66
N LYS IA 423 -37.98 22.79 56.26
CA LYS IA 423 -38.11 22.59 57.70
C LYS IA 423 -38.03 23.91 58.41
N THR IA 424 -37.31 24.86 57.83
CA THR IA 424 -37.16 26.11 58.49
C THR IA 424 -38.48 26.78 58.64
N ASN IA 425 -39.25 26.95 57.57
CA ASN IA 425 -40.46 27.68 57.81
C ASN IA 425 -41.50 26.85 58.51
N LEU IA 426 -41.47 25.53 58.36
CA LEU IA 426 -42.48 24.75 59.04
C LEU IA 426 -42.26 24.95 60.56
N LEU IA 427 -40.98 24.99 60.98
CA LEU IA 427 -40.63 25.19 62.38
C LEU IA 427 -40.84 26.65 62.81
N LEU IA 428 -40.52 27.62 61.95
CA LEU IA 428 -40.69 29.03 62.30
C LEU IA 428 -42.15 29.37 62.48
N LYS IA 429 -42.98 28.81 61.60
CA LYS IA 429 -44.40 29.08 61.54
C LYS IA 429 -45.20 28.33 62.59
N GLY IA 430 -44.82 27.09 62.92
CA GLY IA 430 -45.60 26.35 63.90
C GLY IA 430 -46.45 25.26 63.26
N ILE IA 431 -45.96 24.72 62.15
CA ILE IA 431 -46.63 23.66 61.45
C ILE IA 431 -46.11 22.33 61.93
N ILE IA 432 -44.79 22.25 62.06
CA ILE IA 432 -44.16 20.99 62.42
C ILE IA 432 -43.28 21.24 63.62
N THR IA 433 -43.07 20.23 64.45
CA THR IA 433 -42.11 20.36 65.55
C THR IA 433 -40.80 19.73 65.11
N GLU IA 434 -39.73 19.95 65.87
CA GLU IA 434 -38.45 19.35 65.51
C GLU IA 434 -38.51 17.83 65.55
N ASP IA 435 -39.22 17.28 66.54
CA ASP IA 435 -39.30 15.84 66.67
C ASP IA 435 -40.01 15.26 65.47
N GLU IA 436 -41.07 15.93 65.04
CA GLU IA 436 -41.83 15.43 63.92
C GLU IA 436 -40.94 15.41 62.69
N TRP IA 437 -40.17 16.47 62.45
CA TRP IA 437 -39.30 16.50 61.28
C TRP IA 437 -38.38 15.31 61.31
N ASN IA 438 -37.77 15.07 62.47
CA ASN IA 438 -36.81 13.99 62.60
C ASN IA 438 -37.41 12.62 62.30
N ASP IA 439 -38.70 12.41 62.60
CA ASP IA 439 -39.29 11.12 62.27
C ASP IA 439 -39.79 11.08 60.84
N GLU IA 440 -40.26 12.19 60.30
CA GLU IA 440 -40.71 12.16 58.91
C GLU IA 440 -39.55 11.84 57.99
N ILE IA 441 -38.39 12.46 58.29
CA ILE IA 441 -37.21 12.24 57.50
C ILE IA 441 -35.97 11.77 58.26
N ASN IA 442 -35.52 10.51 58.09
CA ASN IA 442 -36.05 9.41 57.25
C ASN IA 442 -36.26 9.67 55.74
N ASN IA 443 -37.50 9.74 55.26
CA ASN IA 443 -37.69 9.93 53.84
C ASN IA 443 -38.93 10.70 53.38
N ILE IA 444 -38.70 11.95 52.98
CA ILE IA 444 -39.73 12.83 52.43
C ILE IA 444 -39.15 13.29 51.10
N LYS IA 445 -38.38 12.41 50.48
CA LYS IA 445 -37.65 12.68 49.27
C LYS IA 445 -38.39 13.48 48.25
N ILE IA 446 -37.68 14.48 47.75
CA ILE IA 446 -38.17 15.35 46.73
C ILE IA 446 -37.68 14.76 45.42
N GLU IA 447 -38.63 14.36 44.63
CA GLU IA 447 -38.39 13.66 43.40
C GLU IA 447 -38.25 14.66 42.30
N PHE IA 448 -37.99 14.17 41.10
CA PHE IA 448 -37.85 15.05 39.96
C PHE IA 448 -38.31 14.31 38.72
N HIS IA 449 -38.62 15.07 37.69
CA HIS IA 449 -39.06 14.56 36.41
C HIS IA 449 -37.88 14.01 35.66
N ARG IA 450 -38.07 12.96 34.88
CA ARG IA 450 -36.96 12.45 34.09
C ARG IA 450 -37.35 12.59 32.64
N ASP IA 451 -36.36 12.66 31.76
CA ASP IA 451 -36.62 12.82 30.34
C ASP IA 451 -37.69 11.84 29.88
N SER IA 452 -38.85 12.39 29.47
CA SER IA 452 -39.99 11.57 29.12
C SER IA 452 -39.75 10.70 27.93
N TYR IA 453 -38.97 11.17 26.97
CA TYR IA 453 -38.72 10.37 25.78
C TYR IA 453 -38.00 9.12 26.18
N PHE IA 454 -36.93 9.32 26.92
CA PHE IA 454 -36.12 8.19 27.29
C PHE IA 454 -36.79 7.34 28.34
N ALA IA 455 -37.58 7.95 29.21
CA ALA IA 455 -38.25 7.16 30.21
C ALA IA 455 -39.21 6.18 29.55
N GLU IA 456 -39.97 6.68 28.56
CA GLU IA 456 -40.89 5.82 27.85
C GLU IA 456 -40.14 4.79 27.02
N LEU IA 457 -39.01 5.20 26.42
CA LEU IA 457 -38.24 4.28 25.63
C LEU IA 457 -37.74 3.14 26.49
N LYS IA 458 -37.24 3.46 27.68
CA LYS IA 458 -36.76 2.43 28.57
C LYS IA 458 -37.86 1.42 28.84
N GLU IA 459 -39.08 1.92 29.15
CA GLU IA 459 -40.16 0.99 29.43
C GLU IA 459 -40.51 0.17 28.22
N ALA IA 460 -40.45 0.78 27.03
CA ALA IA 460 -40.75 0.05 25.82
C ALA IA 460 -39.78 -1.09 25.59
N GLU IA 461 -38.49 -0.83 25.85
CA GLU IA 461 -37.47 -1.85 25.65
C GLU IA 461 -37.67 -2.99 26.63
N ILE IA 462 -38.08 -2.64 27.85
CA ILE IA 462 -38.35 -3.62 28.87
C ILE IA 462 -39.51 -4.50 28.46
N LEU IA 463 -40.58 -3.87 27.99
CA LEU IA 463 -41.74 -4.62 27.57
C LEU IA 463 -41.37 -5.57 26.45
N GLU IA 464 -40.65 -5.08 25.43
CA GLU IA 464 -40.31 -5.97 24.34
C GLU IA 464 -39.57 -7.20 24.83
N ARG IA 465 -38.61 -7.01 25.73
CA ARG IA 465 -37.92 -8.18 26.24
C ARG IA 465 -38.85 -9.11 26.97
N ARG IA 466 -39.73 -8.56 27.80
CA ARG IA 466 -40.66 -9.37 28.56
C ARG IA 466 -41.61 -10.16 27.65
N ILE IA 467 -42.07 -9.52 26.57
CA ILE IA 467 -42.94 -10.21 25.65
C ILE IA 467 -42.17 -11.33 24.97
N ASN IA 468 -40.94 -11.07 24.52
CA ASN IA 468 -40.20 -12.13 23.86
C ASN IA 468 -40.06 -13.32 24.78
N MET IA 469 -39.81 -13.07 26.07
CA MET IA 469 -39.70 -14.17 26.98
C MET IA 469 -41.02 -14.89 27.15
N LEU IA 470 -42.13 -14.14 27.20
CA LEU IA 470 -43.44 -14.75 27.34
C LEU IA 470 -43.76 -15.58 26.13
N THR IA 471 -43.40 -15.08 24.97
CA THR IA 471 -43.65 -15.73 23.71
C THR IA 471 -42.96 -17.08 23.69
N MET IA 472 -41.71 -17.10 24.09
CA MET IA 472 -40.96 -18.34 24.13
C MET IA 472 -41.49 -19.27 25.21
N ALA IA 473 -41.89 -18.69 26.34
CA ALA IA 473 -42.46 -19.42 27.46
C ALA IA 473 -43.79 -20.05 27.11
N GLU IA 474 -44.59 -19.35 26.29
CA GLU IA 474 -45.95 -19.69 25.91
C GLU IA 474 -46.27 -21.16 25.74
N PRO IA 475 -45.52 -21.99 25.02
CA PRO IA 475 -45.89 -23.36 24.80
C PRO IA 475 -46.08 -24.13 26.10
N PHE IA 476 -45.51 -23.64 27.21
CA PHE IA 476 -45.65 -24.36 28.46
C PHE IA 476 -46.32 -23.58 29.59
N ILE IA 477 -47.01 -22.47 29.29
CA ILE IA 477 -47.67 -21.67 30.35
C ILE IA 477 -48.87 -22.38 30.99
N GLY IA 478 -49.35 -23.43 30.34
CA GLY IA 478 -50.41 -24.23 30.90
C GLY IA 478 -49.90 -25.63 31.24
N LYS IA 479 -48.57 -25.84 31.14
CA LYS IA 479 -48.01 -27.16 31.38
C LYS IA 479 -46.95 -27.22 32.46
N TYR IA 480 -45.97 -26.30 32.43
CA TYR IA 480 -44.90 -26.39 33.42
C TYR IA 480 -44.87 -25.19 34.31
N ILE IA 481 -45.27 -24.05 33.77
CA ILE IA 481 -45.26 -22.79 34.50
C ILE IA 481 -46.68 -22.29 34.53
N SER IA 482 -47.18 -21.89 35.70
CA SER IA 482 -48.54 -21.36 35.80
C SER IA 482 -48.62 -19.97 35.23
N HIS IA 483 -49.84 -19.46 35.00
CA HIS IA 483 -49.98 -18.12 34.46
C HIS IA 483 -49.52 -17.14 35.50
N ARG IA 484 -49.92 -17.32 36.76
CA ARG IA 484 -49.48 -16.38 37.79
C ARG IA 484 -47.96 -16.36 37.90
N THR IA 485 -47.34 -17.53 37.83
CA THR IA 485 -45.92 -17.60 37.92
C THR IA 485 -45.28 -16.91 36.77
N ALA IA 486 -45.76 -17.15 35.55
CA ALA IA 486 -45.15 -16.47 34.44
C ALA IA 486 -45.27 -14.97 34.62
N MET IA 487 -46.41 -14.51 35.12
CA MET IA 487 -46.57 -13.09 35.30
C MET IA 487 -45.53 -12.59 36.29
N LYS IA 488 -45.33 -13.31 37.38
CA LYS IA 488 -44.35 -12.95 38.38
C LYS IA 488 -42.89 -13.02 37.90
N ASP IA 489 -42.50 -14.04 37.14
CA ASP IA 489 -41.10 -14.15 36.71
C ASP IA 489 -40.79 -13.61 35.31
N ILE IA 490 -41.65 -13.86 34.34
CA ILE IA 490 -41.44 -13.45 32.97
C ILE IA 490 -41.78 -12.00 32.82
N LEU IA 491 -42.94 -11.63 33.33
CA LEU IA 491 -43.38 -10.26 33.19
C LEU IA 491 -43.03 -9.40 34.40
N GLN IA 492 -42.38 -10.00 35.39
CA GLN IA 492 -41.97 -9.34 36.62
C GLN IA 492 -43.09 -8.57 37.32
N MET IA 493 -44.26 -9.18 37.43
CA MET IA 493 -45.42 -8.56 38.06
C MET IA 493 -45.56 -8.91 39.54
N THR IA 494 -46.16 -8.00 40.31
CA THR IA 494 -46.42 -8.30 41.72
C THR IA 494 -47.74 -9.03 41.78
N ASP IA 495 -48.11 -9.57 42.93
CA ASP IA 495 -49.37 -10.31 42.94
C ASP IA 495 -50.55 -9.38 42.92
N GLU IA 496 -50.40 -8.22 43.52
CA GLU IA 496 -51.48 -7.27 43.51
C GLU IA 496 -51.70 -6.84 42.07
N GLU IA 497 -50.59 -6.62 41.35
CA GLU IA 497 -50.61 -6.20 39.97
C GLU IA 497 -51.31 -7.25 39.11
N ILE IA 498 -51.02 -8.52 39.39
CA ILE IA 498 -51.62 -9.63 38.68
C ILE IA 498 -53.11 -9.66 38.91
N GLU IA 499 -53.54 -9.54 40.17
CA GLU IA 499 -54.97 -9.54 40.41
C GLU IA 499 -55.65 -8.39 39.73
N GLN IA 500 -55.02 -7.22 39.73
CA GLN IA 500 -55.64 -6.08 39.10
C GLN IA 500 -55.83 -6.32 37.62
N GLU IA 501 -54.81 -6.89 36.98
CA GLU IA 501 -54.85 -7.18 35.52
C GLU IA 501 -55.94 -8.22 35.22
N ALA IA 502 -56.12 -9.21 36.10
CA ALA IA 502 -57.11 -10.24 35.90
C ALA IA 502 -58.50 -9.67 36.05
N LYS IA 503 -58.68 -8.82 37.05
CA LYS IA 503 -59.97 -8.21 37.31
C LYS IA 503 -60.36 -7.28 36.19
N GLN IA 504 -59.42 -6.49 35.68
CA GLN IA 504 -59.74 -5.57 34.61
C GLN IA 504 -60.15 -6.38 33.37
N ILE IA 505 -59.47 -7.51 33.13
CA ILE IA 505 -59.80 -8.36 32.00
C ILE IA 505 -61.21 -8.89 32.15
N GLU IA 506 -61.55 -9.37 33.35
CA GLU IA 506 -62.88 -9.89 33.58
C GLU IA 506 -63.95 -8.83 33.33
N GLU IA 507 -63.70 -7.59 33.75
CA GLU IA 507 -64.67 -6.54 33.50
C GLU IA 507 -64.83 -6.27 32.01
N GLU IA 508 -63.70 -6.22 31.29
CA GLU IA 508 -63.70 -5.94 29.86
C GLU IA 508 -64.44 -7.01 29.08
N SER IA 509 -64.33 -8.23 29.56
CA SER IA 509 -64.93 -9.41 28.96
C SER IA 509 -66.46 -9.38 29.01
N LYS IA 510 -67.03 -8.50 29.83
CA LYS IA 510 -68.47 -8.39 29.96
C LYS IA 510 -68.95 -7.10 29.32
N VAL JA 5 -4.70 4.67 79.80
CA VAL JA 5 -5.66 4.08 80.71
C VAL JA 5 -6.74 5.10 81.04
N LEU JA 6 -7.61 5.34 80.07
CA LEU JA 6 -8.69 6.27 80.24
C LEU JA 6 -9.98 5.58 80.62
N SER JA 7 -10.50 5.94 81.79
CA SER JA 7 -11.73 5.39 82.40
C SER JA 7 -12.94 5.67 81.54
N LEU JA 8 -12.77 6.62 80.65
CA LEU JA 8 -13.75 7.06 79.69
C LEU JA 8 -14.20 5.94 78.78
N PHE JA 9 -13.31 4.98 78.57
CA PHE JA 9 -13.55 3.86 77.72
C PHE JA 9 -13.80 2.59 78.53
N ALA JA 10 -14.03 2.72 79.83
CA ALA JA 10 -14.20 1.57 80.68
C ALA JA 10 -15.19 0.55 80.15
N PRO JA 11 -16.39 0.90 79.63
CA PRO JA 11 -17.30 -0.09 79.14
C PRO JA 11 -16.68 -1.07 78.16
N TRP JA 12 -15.72 -0.59 77.35
CA TRP JA 12 -15.17 -1.50 76.39
C TRP JA 12 -13.96 -2.14 76.96
N ALA JA 13 -13.32 -1.47 77.92
CA ALA JA 13 -12.18 -2.06 78.54
C ALA JA 13 -12.65 -3.31 79.24
N LYS JA 14 -13.84 -3.21 79.84
CA LYS JA 14 -14.46 -4.30 80.54
C LYS JA 14 -14.73 -5.44 79.59
N MET JA 15 -15.26 -5.11 78.39
CA MET JA 15 -15.50 -6.15 77.40
C MET JA 15 -14.18 -6.85 77.01
N ASP JA 16 -13.11 -6.06 76.77
CA ASP JA 16 -11.86 -6.68 76.38
C ASP JA 16 -11.28 -7.54 77.49
N GLU JA 17 -11.36 -7.06 78.73
CA GLU JA 17 -10.80 -7.81 79.83
C GLU JA 17 -11.58 -9.08 80.06
N ARG JA 18 -12.91 -9.05 79.90
CA ARG JA 18 -13.65 -10.28 80.06
C ARG JA 18 -13.24 -11.27 79.00
N ASN JA 19 -13.08 -10.79 77.76
CA ASN JA 19 -12.67 -11.67 76.68
C ASN JA 19 -11.33 -12.27 77.00
N PHE JA 20 -10.41 -11.44 77.47
CA PHE JA 20 -9.08 -11.87 77.79
C PHE JA 20 -9.14 -12.94 78.87
N LYS JA 21 -9.91 -12.72 79.93
CA LYS JA 21 -10.01 -13.72 80.97
C LYS JA 21 -10.55 -15.02 80.39
N ASP JA 22 -11.53 -14.94 79.49
CA ASP JA 22 -11.99 -16.18 78.93
C ASP JA 22 -10.85 -16.83 78.17
N GLN JA 23 -10.03 -16.05 77.44
CA GLN JA 23 -8.89 -16.63 76.71
C GLN JA 23 -7.93 -17.28 77.70
N GLU JA 24 -7.75 -16.68 78.87
CA GLU JA 24 -6.87 -17.23 79.90
C GLU JA 24 -7.33 -18.61 80.32
N LYS JA 25 -8.64 -18.85 80.28
CA LYS JA 25 -9.21 -20.12 80.68
C LYS JA 25 -9.24 -21.13 79.53
N GLU JA 26 -8.74 -20.74 78.35
CA GLU JA 26 -8.72 -21.64 77.22
C GLU JA 26 -7.38 -22.37 77.16
N ASP JA 27 -7.39 -23.54 76.55
CA ASP JA 27 -6.18 -24.33 76.40
C ASP JA 27 -5.55 -24.23 75.04
N LEU JA 28 -5.80 -23.15 74.30
CA LEU JA 28 -5.14 -23.01 73.01
C LEU JA 28 -3.77 -22.42 73.24
N VAL JA 29 -2.92 -23.35 73.70
CA VAL JA 29 -1.55 -23.16 74.15
C VAL JA 29 -0.66 -24.08 73.36
N SER JA 30 0.63 -23.93 73.59
CA SER JA 30 1.69 -24.69 72.92
C SER JA 30 1.72 -24.25 71.48
N ILE JA 31 1.47 -22.95 71.27
CA ILE JA 31 1.44 -22.35 69.95
C ILE JA 31 2.62 -21.43 69.71
N THR JA 32 3.41 -21.78 68.70
CA THR JA 32 4.59 -21.03 68.29
C THR JA 32 4.17 -19.77 67.58
N ALA JA 33 3.08 -19.93 66.84
CA ALA JA 33 2.47 -18.90 66.04
C ALA JA 33 2.06 -17.69 66.86
N PRO JA 34 2.02 -16.49 66.24
CA PRO JA 34 1.53 -15.22 66.77
C PRO JA 34 0.00 -15.24 66.85
N LYS JA 35 -0.57 -16.34 66.34
CA LYS JA 35 -1.96 -16.65 66.24
C LYS JA 35 -2.73 -15.67 65.36
N LEU JA 36 -2.10 -15.24 64.28
CA LEU JA 36 -2.71 -14.30 63.35
C LEU JA 36 -2.05 -14.26 61.98
N ASP JA 37 -2.84 -14.39 60.93
CA ASP JA 37 -2.29 -14.25 59.60
C ASP JA 37 -2.31 -12.78 59.16
N ASP JA 38 -3.48 -12.15 59.29
CA ASP JA 38 -3.72 -10.79 58.81
C ASP JA 38 -4.46 -9.93 59.84
N GLY JA 39 -3.76 -8.94 60.39
CA GLY JA 39 -4.30 -8.11 61.47
C GLY JA 39 -3.24 -7.24 62.14
N ALA JA 40 -3.35 -7.15 63.46
CA ALA JA 40 -2.55 -6.34 64.38
C ALA JA 40 -1.03 -6.63 64.42
N ARG JA 41 -0.27 -5.57 64.64
CA ARG JA 41 1.22 -5.65 64.72
C ARG JA 41 1.60 -6.48 65.95
N GLU JA 42 2.70 -7.22 65.86
CA GLU JA 42 3.19 -8.08 66.97
C GLU JA 42 4.27 -7.42 67.83
N PHE JA 43 4.06 -7.45 69.15
CA PHE JA 43 5.00 -6.99 70.17
C PHE JA 43 4.99 -7.99 71.32
N GLU JA 44 6.02 -7.99 72.16
CA GLU JA 44 6.01 -8.89 73.31
C GLU JA 44 6.23 -8.12 74.58
N VAL JA 45 5.62 -8.61 75.66
CA VAL JA 45 5.72 -8.00 76.98
C VAL JA 45 5.95 -9.06 78.05
N SER JA 46 6.42 -8.71 79.23
CA SER JA 46 6.44 -9.76 80.23
C SER JA 46 5.03 -9.85 80.77
N SER JA 47 4.69 -10.95 81.43
CA SER JA 47 3.37 -11.02 82.04
C SER JA 47 3.21 -10.05 83.20
N ASN JA 48 4.31 -9.72 83.88
CA ASN JA 48 4.25 -8.78 85.00
C ASN JA 48 4.06 -7.36 84.53
N GLU JA 49 4.56 -7.04 83.34
CA GLU JA 49 4.37 -5.70 82.82
C GLU JA 49 2.93 -5.57 82.39
N ALA JA 50 2.47 -6.57 81.63
CA ALA JA 50 1.14 -6.63 81.05
C ALA JA 50 0.05 -6.58 82.10
N ALA JA 51 0.35 -7.13 83.28
CA ALA JA 51 -0.57 -7.16 84.39
C ALA JA 51 -1.05 -5.76 84.76
N SER JA 52 -0.21 -4.73 84.59
CA SER JA 52 -0.63 -3.38 84.93
C SER JA 52 -1.36 -2.77 83.74
N PRO JA 53 -2.54 -2.14 83.90
CA PRO JA 53 -3.27 -1.47 82.83
C PRO JA 53 -2.42 -0.44 82.08
N TYR JA 54 -1.41 0.08 82.76
CA TYR JA 54 -0.57 1.12 82.22
C TYR JA 54 0.48 0.58 81.28
N ASN JA 55 0.50 -0.73 81.10
CA ASN JA 55 1.42 -1.32 80.15
C ASN JA 55 1.12 -0.75 78.80
N ALA JA 56 -0.14 -0.37 78.56
CA ALA JA 56 -0.51 0.19 77.29
C ALA JA 56 0.28 1.45 77.01
N ALA JA 57 0.52 2.28 78.03
CA ALA JA 57 1.24 3.53 77.82
C ALA JA 57 2.66 3.20 77.45
N PHE JA 58 3.21 2.22 78.15
CA PHE JA 58 4.57 1.77 77.94
C PHE JA 58 4.77 1.23 76.53
N GLN JA 59 3.87 0.32 76.10
CA GLN JA 59 3.96 -0.26 74.76
C GLN JA 59 3.75 0.80 73.69
N THR JA 60 2.87 1.78 73.94
CA THR JA 60 2.62 2.87 73.00
C THR JA 60 3.92 3.64 72.77
N ILE JA 61 4.63 3.94 73.86
CA ILE JA 61 5.89 4.64 73.76
C ILE JA 61 6.89 3.80 72.96
N PHE JA 62 6.98 2.50 73.20
CA PHE JA 62 7.89 1.70 72.38
C PHE JA 62 7.53 1.83 70.92
N GLY JA 63 6.24 1.60 70.61
CA GLY JA 63 5.72 1.62 69.25
C GLY JA 63 5.98 2.97 68.58
N SER JA 64 6.02 4.03 69.36
CA SER JA 64 6.26 5.34 68.83
C SER JA 64 7.61 5.48 68.12
N TYR JA 65 8.56 4.56 68.39
CA TYR JA 65 9.87 4.65 67.76
C TYR JA 65 9.97 3.73 66.56
N GLU JA 66 8.87 3.07 66.26
CA GLU JA 66 8.68 2.20 65.12
C GLU JA 66 7.28 2.56 64.68
N PRO JA 67 7.09 3.80 64.19
CA PRO JA 67 5.82 4.51 64.09
C PRO JA 67 4.66 3.73 63.51
N GLY JA 68 4.89 2.87 62.52
CA GLY JA 68 3.80 2.08 61.94
C GLY JA 68 2.96 2.90 60.97
N MET JA 69 2.34 3.93 61.50
CA MET JA 69 1.51 4.79 60.72
C MET JA 69 2.33 5.53 59.69
N LYS JA 70 3.58 5.87 59.96
CA LYS JA 70 4.31 6.59 58.92
C LYS JA 70 4.22 5.85 57.59
N THR JA 71 4.43 4.53 57.63
CA THR JA 71 4.36 3.69 56.45
C THR JA 71 2.96 3.70 55.89
N THR JA 72 1.95 3.56 56.75
CA THR JA 72 0.59 3.49 56.25
C THR JA 72 0.20 4.81 55.63
N ARG JA 73 0.71 5.90 56.17
CA ARG JA 73 0.43 7.22 55.66
C ARG JA 73 1.00 7.30 54.27
N GLU JA 74 2.23 6.86 54.08
CA GLU JA 74 2.77 6.95 52.73
C GLU JA 74 1.93 6.14 51.74
N LEU JA 75 1.48 4.95 52.16
CA LEU JA 75 0.68 4.10 51.29
C LEU JA 75 -0.67 4.73 50.98
N ILE JA 76 -1.34 5.23 52.00
CA ILE JA 76 -2.63 5.83 51.84
C ILE JA 76 -2.56 7.08 51.05
N ASP JA 77 -1.60 7.95 51.34
CA ASP JA 77 -1.48 9.18 50.59
C ASP JA 77 -1.34 8.83 49.11
N THR JA 78 -0.57 7.78 48.82
CA THR JA 78 -0.41 7.32 47.45
C THR JA 78 -1.75 6.89 46.91
N TYR JA 79 -2.50 6.10 47.69
CA TYR JA 79 -3.79 5.58 47.25
C TYR JA 79 -4.78 6.70 47.00
N ARG JA 80 -4.74 7.71 47.86
CA ARG JA 80 -5.62 8.91 47.76
C ARG JA 80 -5.35 9.59 46.42
N ASN JA 81 -4.07 9.71 46.05
CA ASN JA 81 -3.74 10.34 44.78
C ASN JA 81 -4.08 9.45 43.61
N LEU JA 82 -3.93 8.14 43.75
CA LEU JA 82 -4.32 7.29 42.65
C LEU JA 82 -5.80 7.50 42.41
N MET JA 83 -6.60 7.51 43.48
CA MET JA 83 -8.04 7.75 43.37
C MET JA 83 -8.32 9.07 42.69
N ASN JA 84 -7.54 10.09 43.03
CA ASN JA 84 -7.67 11.42 42.46
C ASN JA 84 -7.31 11.49 40.98
N ASN JA 85 -6.50 10.56 40.48
CA ASN JA 85 -6.08 10.59 39.09
C ASN JA 85 -7.13 10.05 38.12
N TYR JA 86 -7.27 10.72 37.00
CA TYR JA 86 -8.16 10.28 35.93
C TYR JA 86 -7.75 8.92 35.37
N GLU JA 87 -8.77 8.06 35.16
CA GLU JA 87 -8.68 6.68 34.64
C GLU JA 87 -8.20 5.74 35.70
N VAL JA 88 -8.53 6.10 36.93
CA VAL JA 88 -8.33 5.33 38.14
C VAL JA 88 -9.62 5.54 38.88
N ASP JA 89 -9.91 6.81 39.08
CA ASP JA 89 -11.11 7.29 39.71
C ASP JA 89 -12.40 6.60 39.25
N ASN JA 90 -12.54 6.48 37.94
CA ASN JA 90 -13.72 5.90 37.34
C ASN JA 90 -13.86 4.41 37.62
N ALA JA 91 -12.74 3.70 37.76
CA ALA JA 91 -12.83 2.28 38.04
C ALA JA 91 -13.38 2.13 39.43
N VAL JA 92 -12.92 3.02 40.30
CA VAL JA 92 -13.37 2.98 41.66
C VAL JA 92 -14.85 3.27 41.63
N SER JA 93 -15.25 4.29 40.88
CA SER JA 93 -16.66 4.61 40.83
C SER JA 93 -17.52 3.42 40.44
N GLU JA 94 -17.14 2.69 39.38
CA GLU JA 94 -17.96 1.55 38.98
C GLU JA 94 -18.03 0.53 40.11
N ILE JA 95 -16.90 0.27 40.75
CA ILE JA 95 -16.85 -0.71 41.81
C ILE JA 95 -17.74 -0.31 42.96
N VAL JA 96 -17.66 0.94 43.36
CA VAL JA 96 -18.47 1.42 44.46
C VAL JA 96 -19.94 1.31 44.09
N SER JA 97 -20.28 1.68 42.86
CA SER JA 97 -21.65 1.64 42.35
C SER JA 97 -22.23 0.23 42.43
N ASP JA 98 -21.44 -0.78 42.08
CA ASP JA 98 -21.97 -2.12 42.19
C ASP JA 98 -21.91 -2.63 43.61
N ALA JA 99 -20.90 -2.24 44.38
CA ALA JA 99 -20.87 -2.74 45.73
C ALA JA 99 -22.11 -2.32 46.50
N ILE JA 100 -22.51 -1.06 46.37
CA ILE JA 100 -23.72 -0.61 47.04
C ILE JA 100 -24.67 0.02 46.05
N VAL JA 101 -25.75 -0.70 45.75
CA VAL JA 101 -26.70 -0.26 44.76
C VAL JA 101 -27.90 0.37 45.42
N TYR JA 102 -28.29 1.54 44.92
CA TYR JA 102 -29.47 2.22 45.42
C TYR JA 102 -30.47 2.33 44.30
N GLU JA 103 -31.75 2.34 44.67
CA GLU JA 103 -32.87 2.52 43.75
C GLU JA 103 -34.09 3.05 44.52
N ASP JA 104 -35.00 3.69 43.83
CA ASP JA 104 -36.24 4.17 44.43
C ASP JA 104 -37.13 3.03 44.87
N ASP JA 105 -37.80 3.21 46.02
CA ASP JA 105 -38.76 2.26 46.56
C ASP JA 105 -38.17 0.86 46.59
N THR JA 106 -36.92 0.83 47.00
CA THR JA 106 -36.10 -0.35 47.05
C THR JA 106 -35.37 -0.39 48.38
N GLU JA 107 -35.02 -1.59 48.82
CA GLU JA 107 -34.27 -1.78 50.04
C GLU JA 107 -32.81 -1.40 49.88
N VAL JA 108 -32.10 -1.53 50.98
CA VAL JA 108 -30.67 -1.30 51.11
C VAL JA 108 -30.14 -2.55 51.75
N VAL JA 109 -28.84 -2.67 51.95
CA VAL JA 109 -28.37 -3.89 52.56
C VAL JA 109 -29.17 -4.14 53.82
N ALA JA 110 -29.58 -5.38 54.02
CA ALA JA 110 -30.41 -5.70 55.17
C ALA JA 110 -30.05 -7.05 55.76
N LEU JA 111 -30.34 -7.19 57.03
CA LEU JA 111 -30.07 -8.41 57.76
C LEU JA 111 -31.12 -9.49 57.49
N ASN JA 112 -30.72 -10.65 56.96
CA ASN JA 112 -31.73 -11.66 56.66
C ASN JA 112 -31.65 -12.84 57.63
N LEU JA 113 -32.48 -12.82 58.66
CA LEU JA 113 -32.39 -13.86 59.68
C LEU JA 113 -33.28 -15.05 59.37
N ASP JA 114 -32.99 -15.74 58.25
CA ASP JA 114 -33.81 -16.88 57.84
C ASP JA 114 -33.24 -18.23 58.30
N LYS JA 115 -32.22 -18.17 59.12
CA LYS JA 115 -31.56 -19.33 59.67
C LYS JA 115 -31.95 -19.50 61.11
N SER JA 116 -31.49 -20.56 61.73
CA SER JA 116 -31.83 -20.82 63.11
C SER JA 116 -31.57 -19.60 63.96
N LYS JA 117 -32.53 -19.32 64.84
CA LYS JA 117 -32.48 -18.19 65.76
C LYS JA 117 -32.82 -18.65 67.14
N PHE JA 118 -32.29 -17.96 68.14
CA PHE JA 118 -32.66 -18.27 69.51
C PHE JA 118 -34.15 -18.00 69.74
N SER JA 119 -34.63 -16.84 69.28
CA SER JA 119 -36.01 -16.43 69.49
C SER JA 119 -36.50 -15.43 68.46
N PRO JA 120 -37.80 -15.49 68.05
CA PRO JA 120 -38.45 -14.55 67.16
C PRO JA 120 -38.51 -13.13 67.73
N LYS JA 121 -38.41 -12.99 69.06
CA LYS JA 121 -38.43 -11.64 69.59
C LYS JA 121 -37.08 -11.02 69.32
N ILE JA 122 -36.04 -11.83 69.49
CA ILE JA 122 -34.70 -11.36 69.22
C ILE JA 122 -34.62 -11.06 67.75
N LYS JA 123 -35.13 -11.96 66.92
CA LYS JA 123 -35.09 -11.72 65.50
C LYS JA 123 -35.65 -10.35 65.18
N ASN JA 124 -36.82 -10.02 65.73
CA ASN JA 124 -37.39 -8.73 65.42
C ASN JA 124 -36.50 -7.60 65.89
N MET JA 125 -35.95 -7.74 67.10
CA MET JA 125 -35.09 -6.72 67.64
C MET JA 125 -33.84 -6.52 66.80
N MET JA 126 -33.22 -7.61 66.36
CA MET JA 126 -32.01 -7.54 65.57
C MET JA 126 -32.24 -6.85 64.26
N LEU JA 127 -33.38 -7.11 63.64
CA LEU JA 127 -33.66 -6.47 62.37
C LEU JA 127 -33.79 -4.97 62.58
N ASP JA 128 -34.45 -4.56 63.66
CA ASP JA 128 -34.56 -3.14 63.94
C ASP JA 128 -33.22 -2.56 64.32
N GLU JA 129 -32.40 -3.32 65.04
CA GLU JA 129 -31.11 -2.83 65.46
C GLU JA 129 -30.24 -2.61 64.23
N PHE JA 130 -30.30 -3.53 63.29
CA PHE JA 130 -29.51 -3.42 62.07
C PHE JA 130 -29.86 -2.12 61.41
N SER JA 131 -31.16 -1.83 61.31
CA SER JA 131 -31.60 -0.59 60.72
C SER JA 131 -31.01 0.59 61.49
N ASP JA 132 -31.07 0.56 62.83
CA ASP JA 132 -30.49 1.67 63.59
C ASP JA 132 -29.01 1.83 63.29
N VAL JA 133 -28.29 0.72 63.11
CA VAL JA 133 -26.87 0.81 62.79
C VAL JA 133 -26.70 1.55 61.46
N LEU JA 134 -27.49 1.19 60.46
CA LEU JA 134 -27.39 1.88 59.20
C LEU JA 134 -27.75 3.34 59.37
N ASN JA 135 -28.73 3.63 60.21
CA ASN JA 135 -29.13 5.00 60.43
C ASN JA 135 -27.97 5.76 61.07
N HIS JA 136 -27.25 5.11 61.99
CA HIS JA 136 -26.14 5.73 62.70
C HIS JA 136 -25.04 6.13 61.74
N LEU JA 137 -24.81 5.27 60.75
CA LEU JA 137 -23.83 5.48 59.69
C LEU JA 137 -24.36 6.35 58.56
N SER JA 138 -25.64 6.73 58.62
CA SER JA 138 -26.32 7.43 57.54
C SER JA 138 -26.08 6.68 56.25
N PHE JA 139 -26.15 5.36 56.33
CA PHE JA 139 -25.87 4.46 55.24
C PHE JA 139 -26.67 4.77 54.01
N GLN JA 140 -27.94 5.01 54.21
CA GLN JA 140 -28.88 5.27 53.12
C GLN JA 140 -28.47 6.48 52.29
N ARG JA 141 -27.61 7.33 52.83
CA ARG JA 141 -27.17 8.53 52.16
C ARG JA 141 -25.68 8.48 51.82
N LYS JA 142 -24.87 7.92 52.72
CA LYS JA 142 -23.41 7.93 52.61
C LYS JA 142 -22.76 6.55 52.55
N GLY JA 143 -23.52 5.47 52.46
CA GLY JA 143 -22.96 4.14 52.49
C GLY JA 143 -21.90 3.93 51.42
N SER JA 144 -22.13 4.49 50.24
CA SER JA 144 -21.22 4.37 49.13
C SER JA 144 -19.95 5.19 49.33
N ASP JA 145 -20.00 6.24 50.15
CA ASP JA 145 -18.83 7.03 50.38
C ASP JA 145 -17.95 6.32 51.36
N HIS JA 146 -18.57 5.69 52.35
CA HIS JA 146 -17.80 5.00 53.36
C HIS JA 146 -17.08 3.86 52.67
N PHE JA 147 -17.82 3.16 51.82
CA PHE JA 147 -17.29 2.06 51.08
C PHE JA 147 -16.13 2.52 50.20
N ARG JA 148 -16.34 3.60 49.44
CA ARG JA 148 -15.27 4.07 48.58
C ARG JA 148 -14.00 4.28 49.37
N ARG JA 149 -14.10 4.99 50.49
CA ARG JA 149 -12.92 5.25 51.27
C ARG JA 149 -12.27 3.96 51.70
N TRP JA 150 -13.08 3.01 52.14
CA TRP JA 150 -12.58 1.73 52.58
C TRP JA 150 -11.81 1.04 51.45
N TYR JA 151 -12.39 0.98 50.27
CA TYR JA 151 -11.78 0.29 49.14
C TYR JA 151 -10.39 0.84 48.83
N VAL JA 152 -10.33 2.17 48.73
CA VAL JA 152 -9.13 2.90 48.41
C VAL JA 152 -8.09 2.84 49.52
N ASP JA 153 -8.51 3.07 50.75
CA ASP JA 153 -7.62 3.10 51.91
C ASP JA 153 -7.28 1.72 52.45
N SER JA 154 -8.05 0.71 52.05
CA SER JA 154 -7.97 -0.69 52.47
C SER JA 154 -8.76 -0.99 53.73
N ARG JA 155 -9.23 0.05 54.40
CA ARG JA 155 -9.89 -0.12 55.66
C ARG JA 155 -10.68 1.11 56.11
N ILE JA 156 -11.47 0.89 57.16
CA ILE JA 156 -12.24 1.95 57.79
C ILE JA 156 -12.37 1.62 59.26
N PHE JA 157 -12.39 2.63 60.13
CA PHE JA 157 -12.57 2.37 61.54
C PHE JA 157 -13.64 3.29 62.06
N PHE JA 158 -14.37 2.91 63.11
CA PHE JA 158 -15.28 3.83 63.75
C PHE JA 158 -15.23 3.74 65.25
N HIS JA 159 -15.36 4.91 65.90
CA HIS JA 159 -15.36 4.98 67.39
C HIS JA 159 -16.80 4.79 67.92
N LYS JA 160 -16.99 3.83 68.82
CA LYS JA 160 -18.29 3.54 69.41
C LYS JA 160 -18.60 4.47 70.56
N ILE JA 161 -19.87 4.82 70.74
CA ILE JA 161 -20.20 5.67 71.86
C ILE JA 161 -21.16 5.01 72.85
N ILE JA 162 -20.74 4.96 74.11
CA ILE JA 162 -21.57 4.43 75.19
C ILE JA 162 -21.73 5.52 76.27
N ASP JA 163 -22.97 5.78 76.66
CA ASP JA 163 -23.43 6.80 77.59
C ASP JA 163 -22.41 7.42 78.59
N PRO JA 164 -21.71 6.66 79.45
CA PRO JA 164 -21.77 5.28 79.88
C PRO JA 164 -22.45 5.06 81.22
N LYS JA 165 -23.39 5.91 81.64
CA LYS JA 165 -23.95 5.74 82.97
C LYS JA 165 -25.15 4.83 82.84
N ARG JA 166 -25.74 4.85 81.65
CA ARG JA 166 -26.87 3.99 81.21
C ARG JA 166 -26.41 3.29 79.93
N PRO JA 167 -25.42 2.36 80.02
CA PRO JA 167 -24.80 1.75 78.86
C PRO JA 167 -25.56 0.54 78.33
N LYS JA 168 -26.85 0.72 78.14
CA LYS JA 168 -27.72 -0.30 77.60
C LYS JA 168 -28.62 0.44 76.68
N GLU JA 169 -28.82 1.70 77.05
CA GLU JA 169 -29.77 2.55 76.35
C GLU JA 169 -29.04 3.65 75.60
N GLY JA 170 -28.06 4.26 76.26
CA GLY JA 170 -27.32 5.35 75.65
C GLY JA 170 -26.24 4.83 74.71
N ILE JA 171 -26.71 4.24 73.62
CA ILE JA 171 -25.87 3.67 72.59
C ILE JA 171 -25.99 4.61 71.42
N LYS JA 172 -24.89 5.29 71.10
CA LYS JA 172 -24.94 6.37 70.13
C LYS JA 172 -24.14 6.14 68.86
N GLU JA 173 -24.37 7.01 67.89
CA GLU JA 173 -23.80 6.96 66.56
C GLU JA 173 -22.28 6.97 66.45
N LEU JA 174 -21.77 6.13 65.57
CA LEU JA 174 -20.35 5.94 65.29
C LEU JA 174 -19.60 7.15 64.73
N ARG JA 175 -18.33 7.31 65.13
CA ARG JA 175 -17.48 8.40 64.61
C ARG JA 175 -16.42 7.78 63.70
N ARG JA 176 -16.51 8.03 62.39
CA ARG JA 176 -15.54 7.41 61.49
C ARG JA 176 -14.15 7.87 61.80
N LEU JA 177 -13.26 6.93 61.97
CA LEU JA 177 -11.86 7.16 62.24
C LEU JA 177 -11.10 6.90 60.95
N ASP JA 178 -10.35 7.90 60.55
CA ASP JA 178 -9.65 7.89 59.29
C ASP JA 178 -8.37 7.04 59.39
N PRO JA 179 -8.16 6.03 58.56
CA PRO JA 179 -6.97 5.23 58.58
C PRO JA 179 -5.87 6.26 58.50
N ARG JA 180 -4.76 6.00 59.19
CA ARG JA 180 -3.63 6.93 59.37
C ARG JA 180 -3.75 7.66 60.71
N GLN JA 181 -4.94 7.60 61.32
CA GLN JA 181 -5.20 8.16 62.65
C GLN JA 181 -5.26 7.04 63.66
N VAL JA 182 -4.96 5.82 63.20
CA VAL JA 182 -5.12 4.66 64.03
C VAL JA 182 -4.30 3.43 63.61
N GLN JA 183 -3.84 2.67 64.62
CA GLN JA 183 -3.17 1.40 64.35
C GLN JA 183 -3.65 0.31 65.29
N TYR JA 184 -3.64 -0.92 64.76
CA TYR JA 184 -4.06 -2.14 65.51
C TYR JA 184 -2.81 -2.89 65.96
N VAL JA 185 -2.71 -3.17 67.27
CA VAL JA 185 -1.55 -3.84 67.84
C VAL JA 185 -1.94 -5.03 68.74
N ARG JA 186 -1.01 -5.98 68.95
CA ARG JA 186 -1.24 -7.18 69.77
C ARG JA 186 0.03 -7.53 70.58
N GLU JA 187 -0.14 -7.82 71.89
CA GLU JA 187 1.06 -8.10 72.71
C GLU JA 187 1.13 -9.54 73.26
N ILE JA 188 2.34 -10.10 73.26
CA ILE JA 188 2.56 -11.43 73.82
C ILE JA 188 2.73 -11.42 75.31
N ILE JA 189 1.70 -11.85 76.04
CA ILE JA 189 1.76 -11.76 77.49
C ILE JA 189 2.30 -13.05 78.08
N THR JA 190 3.60 -13.25 77.88
CA THR JA 190 4.27 -14.47 78.34
C THR JA 190 5.78 -14.59 78.17
N GLU JA 191 6.35 -15.50 78.97
CA GLU JA 191 7.75 -15.91 78.93
C GLU JA 191 7.88 -17.40 79.33
N THR JA 192 8.94 -18.08 78.89
CA THR JA 192 9.19 -19.47 79.30
C THR JA 192 10.66 -19.82 79.12
N GLU JA 193 10.95 -21.10 79.20
CA GLU JA 193 12.30 -21.62 79.05
C GLU JA 193 12.72 -21.68 77.56
N ALA JA 194 12.92 -20.48 76.99
CA ALA JA 194 13.33 -20.21 75.59
C ALA JA 194 12.29 -20.52 74.50
N GLY JA 195 11.31 -19.61 74.26
CA GLY JA 195 10.32 -19.89 73.22
C GLY JA 195 8.87 -20.04 73.68
N THR JA 196 8.34 -19.00 74.33
CA THR JA 196 7.00 -19.10 74.88
C THR JA 196 5.85 -19.29 73.93
N LYS JA 197 5.10 -20.31 74.29
CA LYS JA 197 3.94 -20.83 73.61
C LYS JA 197 2.72 -20.86 74.55
N ILE JA 198 2.84 -20.16 75.66
CA ILE JA 198 1.86 -20.05 76.73
C ILE JA 198 0.65 -19.33 76.14
N VAL JA 199 -0.55 -19.53 76.68
CA VAL JA 199 -1.65 -18.87 76.00
C VAL JA 199 -1.38 -17.38 75.90
N LYS JA 200 -1.46 -16.91 74.68
CA LYS JA 200 -1.28 -15.54 74.33
C LYS JA 200 -2.63 -15.01 73.89
N GLY JA 201 -3.29 -14.27 74.78
CA GLY JA 201 -4.62 -13.77 74.46
C GLY JA 201 -4.52 -12.54 73.57
N TYR JA 202 -3.41 -11.81 73.75
CA TYR JA 202 -3.00 -10.60 73.07
C TYR JA 202 -3.77 -9.30 73.24
N LYS JA 203 -5.02 -9.38 73.70
CA LYS JA 203 -5.95 -8.24 73.89
C LYS JA 203 -6.34 -7.57 72.55
N GLU JA 204 -5.36 -7.24 71.71
CA GLU JA 204 -5.55 -6.68 70.37
C GLU JA 204 -6.24 -5.32 70.33
N TYR JA 205 -5.65 -4.33 70.97
CA TYR JA 205 -6.25 -3.01 71.07
C TYR JA 205 -5.75 -2.05 70.00
N PHE JA 206 -6.30 -0.84 70.05
CA PHE JA 206 -5.96 0.18 69.10
C PHE JA 206 -5.27 1.37 69.69
N ILE JA 207 -4.47 2.02 68.87
CA ILE JA 207 -3.85 3.28 69.25
C ILE JA 207 -4.26 4.40 68.29
N TYR JA 208 -4.78 5.48 68.87
CA TYR JA 208 -5.21 6.68 68.13
C TYR JA 208 -4.09 7.70 67.99
N ASP JA 209 -4.01 8.29 66.80
CA ASP JA 209 -3.04 9.31 66.44
C ASP JA 209 -3.59 10.22 65.34
N THR JA 210 -2.81 11.21 64.92
CA THR JA 210 -3.11 12.13 63.82
C THR JA 210 -1.93 13.09 63.68
N ALA JA 211 -1.60 13.52 62.46
CA ALA JA 211 -0.55 14.52 62.34
C ALA JA 211 -0.59 15.25 61.03
N HIS JA 212 -0.61 16.57 61.16
CA HIS JA 212 -0.60 17.50 60.05
C HIS JA 212 0.68 18.32 60.05
N GLU JA 213 1.67 17.84 60.80
CA GLU JA 213 2.98 18.47 60.91
C GLU JA 213 3.75 18.37 59.59
N SER JA 214 3.58 17.26 58.89
CA SER JA 214 4.23 17.01 57.63
C SER JA 214 3.51 17.80 56.55
N TYR JA 215 4.08 17.82 55.35
CA TYR JA 215 3.48 18.58 54.26
C TYR JA 215 2.03 18.25 53.96
N ALA JA 216 1.26 19.32 53.77
CA ALA JA 216 -0.12 19.24 53.38
C ALA JA 216 -0.36 20.30 52.35
N CYS JA 217 -1.22 20.00 51.40
CA CYS JA 217 -1.58 21.00 50.41
C CYS JA 217 -2.38 22.11 51.09
N ASP JA 218 -3.32 21.71 51.96
CA ASP JA 218 -4.17 22.63 52.71
C ASP JA 218 -5.06 21.84 53.69
N GLY JA 219 -5.78 22.55 54.55
CA GLY JA 219 -6.85 21.98 55.38
C GLY JA 219 -6.37 21.13 56.55
N ARG JA 220 -5.07 21.18 56.81
CA ARG JA 220 -4.45 20.36 57.84
C ARG JA 220 -3.61 21.11 58.88
N MET JA 221 -4.19 21.30 60.08
CA MET JA 221 -3.54 22.02 61.19
C MET JA 221 -3.53 21.30 62.57
N TYR JA 222 -3.76 19.98 62.62
CA TYR JA 222 -3.83 19.25 63.89
C TYR JA 222 -2.80 18.14 64.10
N GLU JA 223 -2.61 17.76 65.37
CA GLU JA 223 -1.64 16.71 65.76
C GLU JA 223 -2.08 16.09 67.10
N ALA JA 224 -2.10 14.76 67.16
CA ALA JA 224 -2.51 14.04 68.37
C ALA JA 224 -1.72 14.42 69.62
N GLY JA 225 -0.46 14.76 69.46
CA GLY JA 225 0.34 14.98 70.63
C GLY JA 225 0.57 13.58 71.18
N THR JA 226 0.08 13.29 72.38
CA THR JA 226 0.29 11.95 72.86
C THR JA 226 -0.67 11.03 72.14
N LYS JA 227 -0.40 9.74 72.20
CA LYS JA 227 -1.26 8.81 71.51
C LYS JA 227 -2.26 8.26 72.50
N ILE JA 228 -3.37 7.73 72.00
CA ILE JA 228 -4.40 7.21 72.91
C ILE JA 228 -4.72 5.73 72.74
N LYS JA 229 -4.65 4.99 73.84
CA LYS JA 229 -4.98 3.56 73.77
C LYS JA 229 -6.47 3.35 73.96
N ILE JA 230 -7.06 2.67 72.99
CA ILE JA 230 -8.46 2.38 72.89
C ILE JA 230 -8.74 0.85 72.90
N PRO JA 231 -9.64 0.35 73.75
CA PRO JA 231 -10.00 -1.07 73.83
C PRO JA 231 -10.44 -1.57 72.48
N LYS JA 232 -10.16 -2.83 72.16
CA LYS JA 232 -10.53 -3.38 70.86
C LYS JA 232 -12.00 -3.21 70.64
N ALA JA 233 -12.75 -3.53 71.67
CA ALA JA 233 -14.19 -3.51 71.67
C ALA JA 233 -14.75 -2.13 71.35
N ALA JA 234 -13.98 -1.07 71.54
CA ALA JA 234 -14.45 0.30 71.31
C ALA JA 234 -14.38 0.71 69.85
N VAL JA 235 -13.82 -0.15 68.99
CA VAL JA 235 -13.66 0.23 67.59
C VAL JA 235 -14.29 -0.74 66.60
N VAL JA 236 -15.11 -0.18 65.73
CA VAL JA 236 -15.71 -0.95 64.66
C VAL JA 236 -14.76 -0.86 63.52
N TYR JA 237 -14.40 -1.95 62.90
CA TYR JA 237 -13.52 -1.76 61.78
C TYR JA 237 -13.63 -2.86 60.80
N ALA JA 238 -13.09 -2.59 59.63
CA ALA JA 238 -13.04 -3.57 58.58
C ALA JA 238 -11.83 -3.28 57.73
N HIS JA 239 -11.28 -4.32 57.12
CA HIS JA 239 -10.20 -4.15 56.21
C HIS JA 239 -10.16 -5.27 55.22
N SER JA 240 -9.59 -4.99 54.07
CA SER JA 240 -9.45 -5.98 53.04
C SER JA 240 -8.36 -6.96 53.39
N GLY JA 241 -8.47 -8.18 52.87
CA GLY JA 241 -7.44 -9.22 53.04
C GLY JA 241 -6.28 -9.01 52.07
N LEU JA 242 -5.71 -7.84 52.15
CA LEU JA 242 -4.64 -7.44 51.27
C LEU JA 242 -3.49 -6.99 52.10
N VAL JA 243 -2.39 -7.70 51.98
CA VAL JA 243 -1.24 -7.37 52.76
C VAL JA 243 0.00 -7.32 51.90
N ASP JA 244 1.03 -6.71 52.46
CA ASP JA 244 2.34 -6.59 51.86
C ASP JA 244 3.13 -7.87 51.98
N CYS JA 245 4.33 -7.82 51.43
CA CYS JA 245 5.32 -8.87 51.44
C CYS JA 245 5.88 -9.09 52.83
N CYS JA 246 5.54 -8.23 53.76
CA CYS JA 246 6.07 -8.31 55.10
C CYS JA 246 5.19 -7.73 56.18
N GLY JA 247 5.57 -8.10 57.41
CA GLY JA 247 4.98 -7.54 58.60
C GLY JA 247 3.49 -7.69 58.62
N LYS JA 248 2.85 -6.56 58.89
CA LYS JA 248 1.41 -6.40 58.98
C LYS JA 248 1.02 -5.14 58.23
N ASN JA 249 1.69 -4.89 57.11
CA ASN JA 249 1.34 -3.71 56.34
C ASN JA 249 0.10 -3.98 55.49
N ILE JA 250 -1.00 -3.29 55.83
CA ILE JA 250 -2.27 -3.49 55.13
C ILE JA 250 -2.26 -2.68 53.84
N ILE JA 251 -2.61 -3.34 52.75
CA ILE JA 251 -2.59 -2.81 51.39
C ILE JA 251 -3.96 -2.50 50.77
N GLY JA 252 -4.08 -1.37 50.08
CA GLY JA 252 -5.35 -0.99 49.44
C GLY JA 252 -5.51 -1.66 48.09
N TYR JA 253 -6.73 -1.62 47.53
CA TYR JA 253 -7.03 -2.28 46.23
C TYR JA 253 -6.29 -1.63 45.05
N LEU JA 254 -5.93 -0.35 45.17
CA LEU JA 254 -5.29 0.40 44.14
C LEU JA 254 -3.80 0.28 44.23
N HIS JA 255 -3.31 -0.50 45.18
CA HIS JA 255 -1.89 -0.71 45.30
C HIS JA 255 -1.36 -1.23 43.97
N ARG JA 256 -2.15 -2.04 43.28
CA ARG JA 256 -1.74 -2.59 42.01
C ARG JA 256 -1.42 -1.54 40.98
N ALA JA 257 -2.08 -0.39 41.10
CA ALA JA 257 -1.95 0.71 40.17
C ALA JA 257 -0.77 1.58 40.51
N VAL JA 258 -0.08 1.34 41.61
CA VAL JA 258 1.00 2.25 41.95
C VAL JA 258 2.02 2.32 40.84
N LYS JA 259 2.41 1.19 40.32
CA LYS JA 259 3.33 1.24 39.24
C LYS JA 259 2.69 1.87 37.99
N PRO JA 260 1.79 1.17 37.23
CA PRO JA 260 1.26 1.61 35.95
C PRO JA 260 0.48 2.89 35.97
N ALA JA 261 -0.09 3.27 37.11
CA ALA JA 261 -0.83 4.51 37.10
C ALA JA 261 0.11 5.63 36.85
N ASN JA 262 1.28 5.50 37.42
CA ASN JA 262 2.23 6.54 37.34
C ASN JA 262 2.96 6.36 36.04
N GLN JA 263 3.13 5.11 35.57
CA GLN JA 263 3.81 4.97 34.29
C GLN JA 263 2.97 5.65 33.24
N LEU JA 264 1.66 5.50 33.31
CA LEU JA 264 0.84 6.12 32.31
C LEU JA 264 0.95 7.62 32.43
N LYS JA 265 0.84 8.16 33.65
CA LYS JA 265 0.94 9.59 33.86
C LYS JA 265 2.25 10.13 33.32
N LEU JA 266 3.32 9.41 33.61
CA LEU JA 266 4.65 9.77 33.23
C LEU JA 266 4.75 9.83 31.71
N LEU JA 267 4.23 8.80 31.02
CA LEU JA 267 4.25 8.82 29.57
C LEU JA 267 3.38 9.90 29.01
N GLU JA 268 2.20 10.11 29.59
CA GLU JA 268 1.30 11.11 29.10
C GLU JA 268 1.91 12.47 29.17
N ASP JA 269 2.51 12.79 30.32
CA ASP JA 269 3.09 14.10 30.46
C ASP JA 269 4.26 14.19 29.52
N ALA JA 270 5.06 13.14 29.39
CA ALA JA 270 6.19 13.23 28.49
C ALA JA 270 5.74 13.53 27.08
N VAL JA 271 4.64 12.91 26.64
CA VAL JA 271 4.12 13.18 25.32
C VAL JA 271 3.70 14.62 25.22
N VAL JA 272 3.00 15.13 26.24
CA VAL JA 272 2.59 16.50 26.19
C VAL JA 272 3.78 17.44 26.18
N ILE JA 273 4.77 17.21 27.03
CA ILE JA 273 5.88 18.13 27.05
C ILE JA 273 6.57 18.11 25.73
N TYR JA 274 6.79 16.93 25.20
CA TYR JA 274 7.43 16.78 23.92
C TYR JA 274 6.69 17.59 22.90
N ARG JA 275 5.39 17.41 22.82
CA ARG JA 275 4.61 18.13 21.84
C ARG JA 275 4.60 19.65 22.01
N ILE JA 276 4.54 20.16 23.25
CA ILE JA 276 4.48 21.60 23.44
C ILE JA 276 5.83 22.28 23.27
N THR JA 277 6.85 21.75 23.92
CA THR JA 277 8.16 22.35 23.81
C THR JA 277 8.48 22.21 22.35
N ARG JA 278 9.14 23.16 21.74
CA ARG JA 278 9.49 23.00 20.32
C ARG JA 278 8.29 23.00 19.34
N ALA JA 279 7.05 23.23 19.82
CA ALA JA 279 5.95 23.43 18.89
C ALA JA 279 6.09 24.75 18.10
N PRO JA 280 6.27 25.93 18.74
CA PRO JA 280 6.34 27.21 18.07
C PRO JA 280 7.69 27.34 17.44
N ASP JA 281 7.81 28.23 16.50
CA ASP JA 281 9.10 28.55 15.94
C ASP JA 281 10.08 28.98 17.01
N ARG JA 282 11.31 28.48 16.87
CA ARG JA 282 12.43 28.79 17.73
C ARG JA 282 13.63 29.03 16.84
N ARG JA 283 14.39 30.09 17.14
CA ARG JA 283 15.57 30.40 16.29
C ARG JA 283 16.59 31.24 17.07
N VAL JA 284 17.87 31.12 16.69
CA VAL JA 284 18.96 31.85 17.31
C VAL JA 284 19.70 32.73 16.31
N TRP JA 285 19.82 34.00 16.65
CA TRP JA 285 20.56 34.93 15.82
C TRP JA 285 22.01 34.96 16.26
N TYR JA 286 22.93 35.02 15.31
CA TYR JA 286 24.33 35.14 15.68
C TYR JA 286 24.95 36.38 15.06
N VAL JA 287 25.70 37.10 15.86
CA VAL JA 287 26.37 38.30 15.38
C VAL JA 287 27.88 38.20 15.56
N ASP JA 288 28.62 38.54 14.51
CA ASP JA 288 30.08 38.55 14.59
C ASP JA 288 30.47 39.83 15.28
N THR JA 289 30.89 39.71 16.52
CA THR JA 289 31.20 40.83 17.37
C THR JA 289 32.62 40.63 17.83
N GLY JA 290 33.47 40.07 16.98
CA GLY JA 290 34.82 39.83 17.45
C GLY JA 290 35.71 41.05 17.50
N ASN JA 291 36.91 40.80 18.05
CA ASN JA 291 37.95 41.80 18.28
C ASN JA 291 37.52 42.95 19.21
N MET JA 292 36.68 42.62 20.20
CA MET JA 292 36.18 43.57 21.20
C MET JA 292 36.25 42.86 22.56
N PRO JA 293 36.46 43.57 23.69
CA PRO JA 293 36.61 43.06 25.08
C PRO JA 293 35.44 42.27 25.68
N ALA JA 294 34.25 42.41 25.10
CA ALA JA 294 32.99 41.75 25.52
C ALA JA 294 31.86 42.75 25.70
N ARG JA 295 31.94 43.64 26.70
CA ARG JA 295 30.84 44.60 26.90
C ARG JA 295 30.66 45.44 25.64
N LYS JA 296 31.78 45.79 25.01
CA LYS JA 296 31.78 46.53 23.76
C LYS JA 296 31.25 45.66 22.62
N ALA JA 297 31.57 44.36 22.65
CA ALA JA 297 31.17 43.45 21.58
C ALA JA 297 29.66 43.44 21.44
N ALA JA 298 29.02 43.49 22.60
CA ALA JA 298 27.59 43.49 22.72
C ALA JA 298 26.94 44.64 21.97
N GLU JA 299 27.62 45.77 21.77
CA GLU JA 299 26.95 46.86 21.07
C GLU JA 299 26.61 46.42 19.67
N HIS JA 300 27.51 45.68 19.02
CA HIS JA 300 27.30 45.24 17.66
C HIS JA 300 26.12 44.29 17.66
N MET JA 301 26.11 43.38 18.63
CA MET JA 301 25.00 42.44 18.74
C MET JA 301 23.67 43.18 18.90
N GLN JA 302 23.63 44.19 19.77
CA GLN JA 302 22.40 44.94 20.03
C GLN JA 302 21.91 45.67 18.79
N HIS JA 303 22.85 46.19 17.99
CA HIS JA 303 22.56 46.91 16.74
C HIS JA 303 21.81 46.03 15.74
N VAL JA 304 21.81 44.72 15.97
CA VAL JA 304 21.16 43.76 15.13
C VAL JA 304 19.93 43.19 15.81
N MET JA 305 20.10 42.62 17.01
CA MET JA 305 19.00 41.92 17.66
C MET JA 305 17.83 42.82 17.99
N ASN JA 306 18.09 44.11 18.22
CA ASN JA 306 17.00 45.02 18.54
C ASN JA 306 16.11 45.33 17.33
N THR JA 307 16.53 44.89 16.13
CA THR JA 307 15.79 45.07 14.90
C THR JA 307 15.25 43.72 14.44
N MET JA 308 16.01 42.65 14.67
CA MET JA 308 15.65 41.31 14.23
C MET JA 308 14.60 40.63 15.11
N LYS JA 309 14.53 40.98 16.40
CA LYS JA 309 13.57 40.29 17.25
C LYS JA 309 12.15 40.41 16.73
N ASN JA 310 11.48 39.27 16.58
CA ASN JA 310 10.13 39.30 16.06
C ASN JA 310 9.17 39.52 17.21
N ARG JA 311 9.01 40.78 17.59
CA ARG JA 311 8.23 41.14 18.79
C ARG JA 311 6.72 41.03 18.58
N VAL JA 312 6.27 39.79 18.37
CA VAL JA 312 4.90 39.44 18.06
C VAL JA 312 4.41 38.33 19.00
N VAL JA 313 3.17 38.46 19.47
CA VAL JA 313 2.59 37.53 20.46
C VAL JA 313 1.27 36.85 20.04
N TYR JA 314 1.12 35.56 20.35
CA TYR JA 314 -0.09 34.82 20.04
C TYR JA 314 -1.11 34.86 21.18
N ASP JA 315 -2.32 35.32 20.88
CA ASP JA 315 -3.44 35.45 21.80
C ASP JA 315 -4.24 34.16 21.90
N ALA JA 316 -4.15 33.49 23.05
CA ALA JA 316 -4.84 32.23 23.22
C ALA JA 316 -6.24 32.42 23.79
N SER JA 317 -6.64 33.66 24.08
CA SER JA 317 -7.99 33.85 24.60
C SER JA 317 -8.86 33.97 23.38
N THR JA 318 -8.33 34.70 22.42
CA THR JA 318 -8.95 34.92 21.12
C THR JA 318 -7.86 34.58 20.13
N GLY JA 319 -8.09 33.70 19.15
CA GLY JA 319 -7.00 33.29 18.24
C GLY JA 319 -6.48 34.37 17.30
N LYS JA 320 -5.75 35.30 17.87
CA LYS JA 320 -5.23 36.48 17.16
C LYS JA 320 -3.74 36.71 17.34
N ILE JA 321 -3.14 37.44 16.41
CA ILE JA 321 -1.75 37.80 16.56
C ILE JA 321 -1.58 39.27 16.95
N LYS JA 322 -0.99 39.47 18.13
CA LYS JA 322 -0.77 40.76 18.73
C LYS JA 322 0.43 41.40 18.07
N ASN JA 323 0.24 42.65 17.66
CA ASN JA 323 1.22 43.46 16.93
C ASN JA 323 1.44 42.98 15.50
N GLN JA 324 0.53 42.14 14.98
CA GLN JA 324 0.65 41.69 13.61
C GLN JA 324 0.41 42.71 12.52
N GLN JA 325 -0.51 43.66 12.73
CA GLN JA 325 -0.96 44.50 11.63
C GLN JA 325 0.18 45.07 10.76
N HIS JA 326 0.06 45.00 9.40
CA HIS JA 326 -1.13 44.56 8.62
C HIS JA 326 -1.48 43.06 8.76
N ASN JA 327 -2.54 42.60 8.12
CA ASN JA 327 -3.07 41.28 8.42
C ASN JA 327 -2.06 40.13 8.49
N MET JA 328 -1.18 40.01 7.49
CA MET JA 328 -0.12 38.99 7.49
C MET JA 328 0.77 39.19 6.27
N SER JA 329 2.06 39.34 6.48
CA SER JA 329 2.97 39.49 5.35
C SER JA 329 3.04 38.25 4.51
N MET JA 330 3.29 38.40 3.20
CA MET JA 330 3.49 37.23 2.36
C MET JA 330 4.80 36.53 2.73
N THR JA 331 5.68 37.29 3.39
CA THR JA 331 6.99 36.83 3.82
C THR JA 331 7.62 37.62 4.95
N GLU JA 332 8.48 36.96 5.68
CA GLU JA 332 9.27 37.59 6.72
C GLU JA 332 10.70 37.83 6.19
N ASP JA 333 10.96 39.04 5.71
CA ASP JA 333 12.27 39.38 5.15
C ASP JA 333 13.17 40.08 6.15
N TYR JA 334 14.29 39.44 6.49
CA TYR JA 334 15.20 40.02 7.47
C TYR JA 334 16.54 40.37 6.85
N TRP JA 335 17.18 41.41 7.39
CA TRP JA 335 18.54 41.74 6.97
C TRP JA 335 19.52 41.70 8.12
N LEU JA 336 20.54 40.88 7.94
CA LEU JA 336 21.59 40.63 8.91
C LEU JA 336 22.92 41.03 8.27
N GLN JA 337 23.79 41.72 9.00
CA GLN JA 337 25.05 42.14 8.41
C GLN JA 337 26.28 41.74 9.19
N ARG JA 338 27.40 41.65 8.46
CA ARG JA 338 28.72 41.28 9.03
C ARG JA 338 29.77 42.30 8.60
N ARG JA 339 30.77 42.53 9.46
CA ARG JA 339 31.87 43.47 9.23
C ARG JA 339 33.07 42.91 8.49
N ASP JA 340 32.93 41.69 8.00
CA ASP JA 340 33.98 41.01 7.26
C ASP JA 340 33.33 40.08 6.26
N GLY JA 341 34.12 39.37 5.48
CA GLY JA 341 33.61 38.44 4.47
C GLY JA 341 33.47 37.02 5.03
N LYS JA 342 33.67 36.88 6.33
CA LYS JA 342 33.62 35.62 7.03
C LYS JA 342 32.19 35.24 7.37
N ALA JA 343 31.76 34.07 6.92
CA ALA JA 343 30.38 33.62 7.13
C ALA JA 343 30.13 33.14 8.55
N VAL JA 344 30.10 34.11 9.44
CA VAL JA 344 29.92 33.91 10.85
C VAL JA 344 28.53 34.40 11.27
N THR JA 345 28.13 35.60 10.86
CA THR JA 345 26.78 36.03 11.25
C THR JA 345 25.84 35.10 10.50
N GLU JA 346 24.81 34.64 11.22
CA GLU JA 346 23.82 33.71 10.65
C GLU JA 346 22.60 33.58 11.57
N VAL JA 347 21.58 32.88 11.11
CA VAL JA 347 20.48 32.56 12.03
C VAL JA 347 20.17 31.07 11.99
N ASP JA 348 20.07 30.45 13.16
CA ASP JA 348 19.69 29.04 13.22
C ASP JA 348 18.24 28.87 13.45
N THR JA 349 17.70 27.81 12.88
CA THR JA 349 16.34 27.43 13.15
C THR JA 349 16.44 26.17 13.94
N LEU JA 350 15.58 26.03 14.90
CA LEU JA 350 15.62 24.88 15.78
C LEU JA 350 14.40 23.98 15.65
N PRO JA 351 14.48 22.73 16.12
CA PRO JA 351 13.39 21.78 16.13
C PRO JA 351 12.22 22.40 16.90
N GLY JA 352 10.96 22.00 16.60
CA GLY JA 352 10.61 20.87 15.72
C GLY JA 352 10.15 19.63 16.50
N ALA JA 353 9.15 19.78 17.36
CA ALA JA 353 8.63 18.62 18.10
C ALA JA 353 7.80 17.78 17.13
N ASP JA 354 8.50 17.04 16.28
CA ASP JA 354 7.92 16.28 15.19
C ASP JA 354 6.89 15.26 15.62
N ASN JA 355 5.91 15.03 14.76
CA ASN JA 355 4.83 14.09 15.00
C ASN JA 355 5.25 12.63 14.74
N THR JA 356 6.12 12.17 15.63
CA THR JA 356 6.74 10.85 15.64
C THR JA 356 5.79 9.71 15.95
N GLY JA 357 4.81 9.94 16.81
CA GLY JA 357 3.92 8.86 17.20
C GLY JA 357 3.06 8.41 16.01
N ASN JA 358 2.71 7.12 15.88
CA ASN JA 358 3.01 5.95 16.72
C ASN JA 358 2.66 6.13 18.19
N MET JA 359 1.50 6.72 18.45
CA MET JA 359 1.06 6.90 19.83
C MET JA 359 0.38 5.61 20.26
N GLU JA 360 1.21 4.60 20.46
CA GLU JA 360 0.79 3.24 20.77
C GLU JA 360 1.16 2.76 22.16
N ASP JA 361 2.21 3.35 22.72
CA ASP JA 361 2.73 2.92 23.99
C ASP JA 361 1.81 3.35 25.09
N ILE JA 362 1.42 4.60 25.00
CA ILE JA 362 0.54 5.18 25.97
C ILE JA 362 -0.78 4.40 25.98
N ARG JA 363 -1.19 3.91 24.81
CA ARG JA 363 -2.41 3.14 24.70
C ARG JA 363 -2.24 1.77 25.33
N TRP JA 364 -1.10 1.11 25.08
CA TRP JA 364 -0.91 -0.19 25.69
C TRP JA 364 -0.95 -0.05 27.20
N PHE JA 365 -0.22 0.94 27.70
CA PHE JA 365 -0.15 1.14 29.13
C PHE JA 365 -1.51 1.50 29.68
N ARG JA 366 -2.29 2.35 29.00
CA ARG JA 366 -3.59 2.66 29.53
C ARG JA 366 -4.45 1.44 29.65
N GLN JA 367 -4.44 0.56 28.66
CA GLN JA 367 -5.28 -0.60 28.78
C GLN JA 367 -4.84 -1.46 29.92
N ALA JA 368 -3.52 -1.65 30.06
CA ALA JA 368 -3.02 -2.48 31.14
C ALA JA 368 -3.42 -1.89 32.48
N LEU JA 369 -3.30 -0.57 32.60
CA LEU JA 369 -3.66 0.07 33.82
C LEU JA 369 -5.09 -0.13 34.15
N TYR JA 370 -5.95 0.11 33.18
CA TYR JA 370 -7.35 0.04 33.45
C TYR JA 370 -7.67 -1.35 34.00
N MET JA 371 -7.18 -2.40 33.35
CA MET JA 371 -7.46 -3.76 33.81
C MET JA 371 -7.05 -3.97 35.27
N ALA JA 372 -5.87 -3.44 35.62
CA ALA JA 372 -5.24 -3.52 36.93
C ALA JA 372 -6.09 -2.93 38.05
N LEU JA 373 -7.11 -2.17 37.70
CA LEU JA 373 -7.99 -1.51 38.64
C LEU JA 373 -9.13 -2.41 39.08
N ARG JA 374 -9.07 -3.68 38.67
CA ARG JA 374 -10.04 -4.72 38.99
C ARG JA 374 -11.35 -4.48 38.30
N VAL JA 375 -11.31 -4.24 37.00
CA VAL JA 375 -12.55 -4.00 36.26
C VAL JA 375 -12.65 -4.88 35.01
N PRO JA 376 -13.85 -5.08 34.42
CA PRO JA 376 -14.07 -5.83 33.20
C PRO JA 376 -13.34 -5.24 32.01
N LEU JA 377 -12.90 -6.10 31.11
CA LEU JA 377 -12.20 -5.65 29.91
C LEU JA 377 -13.16 -5.07 28.90
N SER JA 378 -14.43 -5.32 29.14
CA SER JA 378 -15.51 -4.84 28.32
C SER JA 378 -15.80 -3.38 28.61
N ARG JA 379 -15.21 -2.84 29.66
CA ARG JA 379 -15.44 -1.47 30.04
C ARG JA 379 -14.33 -0.56 29.54
N ILE JA 380 -14.66 0.70 29.34
CA ILE JA 380 -13.67 1.70 28.95
C ILE JA 380 -13.72 2.89 29.90
N SER JA 395 -24.27 -8.62 26.96
CA SER JA 395 -24.75 -9.90 27.45
C SER JA 395 -24.15 -10.20 28.81
N ILE JA 396 -24.14 -11.47 29.18
CA ILE JA 396 -23.53 -11.90 30.42
C ILE JA 396 -22.30 -12.68 30.04
N THR JA 397 -21.16 -12.27 30.56
CA THR JA 397 -19.91 -12.90 30.23
C THR JA 397 -19.20 -13.37 31.47
N ARG JA 398 -18.20 -14.23 31.27
CA ARG JA 398 -17.41 -14.72 32.39
C ARG JA 398 -16.78 -13.56 33.12
N ASP JA 399 -16.36 -12.56 32.38
CA ASP JA 399 -15.71 -11.40 32.94
C ASP JA 399 -16.65 -10.66 33.88
N GLU JA 400 -17.92 -10.59 33.50
CA GLU JA 400 -18.89 -9.88 34.31
C GLU JA 400 -19.14 -10.65 35.57
N LEU JA 401 -19.26 -11.96 35.42
CA LEU JA 401 -19.53 -12.81 36.54
C LEU JA 401 -18.37 -12.76 37.52
N THR JA 402 -17.15 -12.74 36.97
CA THR JA 402 -15.95 -12.71 37.78
C THR JA 402 -15.92 -11.42 38.57
N PHE JA 403 -16.24 -10.32 37.89
CA PHE JA 403 -16.31 -9.03 38.54
C PHE JA 403 -17.34 -9.08 39.65
N ALA JA 404 -18.53 -9.61 39.38
CA ALA JA 404 -19.54 -9.70 40.42
C ALA JA 404 -19.05 -10.51 41.62
N LYS JA 405 -18.29 -11.59 41.39
CA LYS JA 405 -17.76 -12.37 42.49
C LYS JA 405 -16.87 -11.48 43.33
N PHE JA 406 -16.03 -10.70 42.65
CA PHE JA 406 -15.15 -9.73 43.27
C PHE JA 406 -15.95 -8.76 44.11
N ILE JA 407 -17.01 -8.22 43.53
CA ILE JA 407 -17.80 -7.26 44.26
C ILE JA 407 -18.34 -7.91 45.52
N ARG JA 408 -18.84 -9.14 45.42
CA ARG JA 408 -19.33 -9.78 46.62
C ARG JA 408 -18.20 -9.98 47.62
N GLU JA 409 -17.01 -10.34 47.16
CA GLU JA 409 -15.91 -10.50 48.11
C GLU JA 409 -15.69 -9.20 48.85
N LEU JA 410 -15.78 -8.06 48.16
CA LEU JA 410 -15.58 -6.80 48.85
C LEU JA 410 -16.67 -6.59 49.89
N GLN JA 411 -17.91 -6.88 49.50
CA GLN JA 411 -19.05 -6.69 50.38
C GLN JA 411 -18.93 -7.50 51.63
N HIS JA 412 -18.41 -8.71 51.50
CA HIS JA 412 -18.34 -9.60 52.63
C HIS JA 412 -17.17 -9.39 53.57
N LYS JA 413 -16.40 -8.34 53.32
CA LYS JA 413 -15.35 -7.96 54.23
C LYS JA 413 -15.82 -6.65 54.84
N PHE JA 414 -16.32 -5.78 53.99
CA PHE JA 414 -16.82 -4.48 54.38
C PHE JA 414 -17.86 -4.59 55.47
N GLU JA 415 -18.74 -5.59 55.33
CA GLU JA 415 -19.90 -5.88 56.17
C GLU JA 415 -19.62 -5.97 57.65
N GLU JA 416 -18.35 -6.12 58.04
CA GLU JA 416 -18.03 -6.19 59.45
C GLU JA 416 -18.48 -4.87 60.11
N VAL JA 417 -18.53 -3.80 59.28
CA VAL JA 417 -18.94 -2.47 59.67
C VAL JA 417 -20.37 -2.44 60.22
N PHE JA 418 -21.17 -3.45 59.92
CA PHE JA 418 -22.52 -3.49 60.41
C PHE JA 418 -22.66 -4.57 61.46
N LEU JA 419 -21.99 -5.70 61.22
CA LEU JA 419 -22.13 -6.85 62.12
C LEU JA 419 -21.52 -6.60 63.47
N ASP JA 420 -20.40 -5.88 63.51
CA ASP JA 420 -19.75 -5.59 64.76
C ASP JA 420 -20.68 -4.77 65.68
N PRO JA 421 -21.13 -3.53 65.33
CA PRO JA 421 -22.01 -2.78 66.18
C PRO JA 421 -23.31 -3.52 66.39
N LEU JA 422 -23.74 -4.40 65.48
CA LEU JA 422 -24.96 -5.12 65.74
C LEU JA 422 -24.75 -5.96 66.98
N LYS JA 423 -23.67 -6.74 67.01
CA LYS JA 423 -23.35 -7.57 68.16
C LYS JA 423 -23.26 -6.76 69.42
N THR JA 424 -22.51 -5.67 69.36
CA THR JA 424 -22.26 -4.89 70.53
C THR JA 424 -23.52 -4.30 71.11
N ASN JA 425 -24.35 -3.71 70.27
CA ASN JA 425 -25.51 -3.02 70.78
C ASN JA 425 -26.49 -3.99 71.42
N LEU JA 426 -26.70 -5.14 70.77
CA LEU JA 426 -27.63 -6.14 71.26
C LEU JA 426 -27.12 -6.72 72.58
N LEU JA 427 -25.81 -6.90 72.65
CA LEU JA 427 -25.18 -7.44 73.82
C LEU JA 427 -25.32 -6.46 74.98
N LEU JA 428 -25.07 -5.16 74.72
CA LEU JA 428 -25.21 -4.16 75.77
C LEU JA 428 -26.64 -4.06 76.25
N LYS JA 429 -27.58 -4.06 75.31
CA LYS JA 429 -28.98 -3.95 75.67
C LYS JA 429 -29.44 -5.10 76.54
N GLY JA 430 -28.88 -6.30 76.30
CA GLY JA 430 -29.27 -7.47 77.06
C GLY JA 430 -30.26 -8.28 76.25
N ILE JA 431 -30.14 -8.18 74.93
CA ILE JA 431 -30.99 -8.89 74.00
C ILE JA 431 -30.37 -10.22 73.71
N ILE JA 432 -29.04 -10.22 73.52
CA ILE JA 432 -28.35 -11.46 73.20
C ILE JA 432 -27.18 -11.68 74.12
N THR JA 433 -26.69 -12.90 74.16
CA THR JA 433 -25.45 -13.14 74.87
C THR JA 433 -24.38 -13.36 73.82
N GLU JA 434 -23.12 -13.30 74.22
CA GLU JA 434 -22.06 -13.55 73.25
C GLU JA 434 -22.11 -14.98 72.72
N ASP JA 435 -22.45 -15.92 73.60
CA ASP JA 435 -22.50 -17.31 73.18
C ASP JA 435 -23.56 -17.45 72.11
N GLU JA 436 -24.70 -16.79 72.32
CA GLU JA 436 -25.77 -16.88 71.34
C GLU JA 436 -25.30 -16.31 70.02
N TRP JA 437 -24.58 -15.19 70.06
CA TRP JA 437 -24.08 -14.60 68.83
C TRP JA 437 -23.28 -15.62 68.08
N ASN JA 438 -22.34 -16.25 68.78
CA ASN JA 438 -21.46 -17.22 68.13
C ASN JA 438 -22.20 -18.43 67.56
N ASP JA 439 -23.31 -18.82 68.18
CA ASP JA 439 -24.07 -19.94 67.64
C ASP JA 439 -24.91 -19.52 66.43
N GLU JA 440 -25.53 -18.33 66.48
CA GLU JA 440 -26.32 -17.90 65.34
C GLU JA 440 -25.41 -17.62 64.13
N ILE JA 441 -24.24 -17.03 64.38
CA ILE JA 441 -23.31 -16.77 63.31
C ILE JA 441 -21.90 -17.36 63.43
N ASN JA 442 -21.52 -18.37 62.61
CA ASN JA 442 -22.30 -19.09 61.56
C ASN JA 442 -22.95 -18.25 60.42
N ASN JA 443 -24.28 -18.08 60.41
CA ASN JA 443 -24.86 -17.33 59.30
C ASN JA 443 -26.05 -16.43 59.62
N ILE JA 444 -25.79 -15.12 59.69
CA ILE JA 444 -26.84 -14.12 59.89
C ILE JA 444 -26.63 -13.13 58.76
N LYS JA 445 -26.25 -13.67 57.60
CA LYS JA 445 -25.90 -12.91 56.43
C LYS JA 445 -26.77 -11.72 56.14
N ILE JA 446 -26.12 -10.62 55.81
CA ILE JA 446 -26.83 -9.42 55.43
C ILE JA 446 -26.78 -9.46 53.91
N GLU JA 447 -27.90 -9.19 53.28
CA GLU JA 447 -27.94 -9.26 51.83
C GLU JA 447 -27.88 -7.88 51.25
N PHE JA 448 -27.10 -7.73 50.21
CA PHE JA 448 -26.96 -6.47 49.53
C PHE JA 448 -27.88 -6.40 48.37
N HIS JA 449 -28.40 -5.22 48.09
CA HIS JA 449 -29.22 -5.05 46.93
C HIS JA 449 -28.36 -5.04 45.69
N ARG JA 450 -28.85 -5.66 44.63
CA ARG JA 450 -28.16 -5.68 43.36
C ARG JA 450 -29.09 -5.09 42.32
N ASP JA 451 -28.53 -4.49 41.29
CA ASP JA 451 -29.35 -3.84 40.29
C ASP JA 451 -30.26 -4.84 39.60
N SER JA 452 -31.56 -4.63 39.77
CA SER JA 452 -32.57 -5.52 39.24
C SER JA 452 -32.57 -5.57 37.74
N TYR JA 453 -32.04 -4.53 37.09
CA TYR JA 453 -32.00 -4.50 35.63
C TYR JA 453 -31.15 -5.64 35.13
N PHE JA 454 -29.93 -5.69 35.64
CA PHE JA 454 -29.00 -6.69 35.21
C PHE JA 454 -29.43 -8.05 35.70
N ALA JA 455 -30.02 -8.10 36.90
CA ALA JA 455 -30.47 -9.37 37.41
C ALA JA 455 -31.52 -9.95 36.48
N GLU JA 456 -32.46 -9.11 36.03
CA GLU JA 456 -33.47 -9.57 35.11
C GLU JA 456 -32.86 -10.05 33.83
N LEU JA 457 -31.87 -9.32 33.30
CA LEU JA 457 -31.31 -9.77 32.04
C LEU JA 457 -30.68 -11.13 32.20
N LYS JA 458 -29.97 -11.33 33.30
CA LYS JA 458 -29.32 -12.60 33.52
C LYS JA 458 -30.32 -13.71 33.58
N GLU JA 459 -31.39 -13.53 34.36
CA GLU JA 459 -32.35 -14.60 34.51
C GLU JA 459 -33.04 -14.87 33.21
N ALA JA 460 -33.38 -13.82 32.47
CA ALA JA 460 -34.07 -14.00 31.22
C ALA JA 460 -33.24 -14.82 30.26
N GLU JA 461 -31.94 -14.53 30.18
CA GLU JA 461 -31.08 -15.27 29.28
C GLU JA 461 -30.98 -16.72 29.69
N ILE JA 462 -30.93 -16.96 31.00
CA ILE JA 462 -30.87 -18.31 31.49
C ILE JA 462 -32.13 -19.03 31.09
N LEU JA 463 -33.27 -18.39 31.29
CA LEU JA 463 -34.52 -19.00 30.92
C LEU JA 463 -34.57 -19.25 29.44
N GLU JA 464 -34.12 -18.31 28.60
CA GLU JA 464 -34.19 -18.56 27.17
C GLU JA 464 -33.49 -19.83 26.81
N ARG JA 465 -32.30 -20.03 27.36
CA ARG JA 465 -31.58 -21.24 27.07
C ARG JA 465 -32.31 -22.46 27.59
N ARG JA 466 -32.85 -22.40 28.80
CA ARG JA 466 -33.57 -23.54 29.36
C ARG JA 466 -34.80 -23.88 28.53
N ILE JA 467 -35.49 -22.86 28.04
CA ILE JA 467 -36.68 -23.02 27.23
C ILE JA 467 -36.30 -23.71 25.94
N ASN JA 468 -35.22 -23.26 25.32
CA ASN JA 468 -34.79 -23.88 24.09
C ASN JA 468 -34.45 -25.34 24.31
N MET JA 469 -33.78 -25.66 25.43
CA MET JA 469 -33.44 -27.04 25.70
C MET JA 469 -34.65 -27.89 25.89
N LEU JA 470 -35.63 -27.34 26.58
CA LEU JA 470 -36.87 -28.02 26.83
C LEU JA 470 -37.57 -28.32 25.54
N THR JA 471 -37.64 -27.31 24.69
CA THR JA 471 -38.31 -27.39 23.43
C THR JA 471 -37.68 -28.49 22.59
N MET JA 472 -36.37 -28.50 22.53
CA MET JA 472 -35.68 -29.51 21.75
C MET JA 472 -35.90 -30.91 22.29
N ALA JA 473 -35.90 -31.08 23.62
CA ALA JA 473 -36.13 -32.37 24.28
C ALA JA 473 -37.54 -32.91 24.04
N GLU JA 474 -38.51 -31.99 23.96
CA GLU JA 474 -39.93 -32.29 23.82
C GLU JA 474 -40.32 -33.58 23.06
N PRO JA 475 -39.81 -33.91 21.87
CA PRO JA 475 -40.26 -35.05 21.09
C PRO JA 475 -40.15 -36.37 21.83
N PHE JA 476 -39.30 -36.47 22.85
CA PHE JA 476 -39.21 -37.75 23.55
C PHE JA 476 -39.43 -37.60 25.05
N ILE JA 477 -40.09 -36.51 25.44
CA ILE JA 477 -40.40 -36.21 26.84
C ILE JA 477 -41.38 -37.20 27.49
N GLY JA 478 -42.09 -37.93 26.66
CA GLY JA 478 -42.99 -38.97 27.14
C GLY JA 478 -42.54 -40.33 26.64
N LYS JA 479 -41.33 -40.41 26.08
CA LYS JA 479 -40.85 -41.66 25.51
C LYS JA 479 -39.53 -42.15 26.10
N TYR JA 480 -38.54 -41.26 26.22
CA TYR JA 480 -37.24 -41.69 26.73
C TYR JA 480 -36.95 -41.04 28.05
N ILE JA 481 -37.39 -39.80 28.22
CA ILE JA 481 -37.18 -39.10 29.46
C ILE JA 481 -38.56 -38.66 29.87
N SER JA 482 -38.74 -38.24 31.12
CA SER JA 482 -40.03 -37.79 31.62
C SER JA 482 -40.24 -36.28 31.65
N HIS JA 483 -41.47 -35.87 31.97
CA HIS JA 483 -41.74 -34.44 32.10
C HIS JA 483 -41.03 -33.96 33.34
N ARG JA 484 -41.08 -34.78 34.40
CA ARG JA 484 -40.38 -34.46 35.62
C ARG JA 484 -38.91 -34.26 35.35
N THR JA 485 -38.32 -35.15 34.53
CA THR JA 485 -36.92 -35.08 34.18
C THR JA 485 -36.63 -33.72 33.63
N ALA JA 486 -37.40 -33.31 32.63
CA ALA JA 486 -37.13 -32.02 32.05
C ALA JA 486 -37.30 -30.90 33.07
N MET JA 487 -38.33 -30.97 33.91
CA MET JA 487 -38.54 -29.90 34.85
C MET JA 487 -37.38 -29.78 35.85
N LYS JA 488 -36.87 -30.90 36.33
CA LYS JA 488 -35.78 -30.84 37.30
C LYS JA 488 -34.40 -30.65 36.63
N ASP JA 489 -34.18 -31.21 35.44
CA ASP JA 489 -32.88 -31.12 34.79
C ASP JA 489 -32.71 -29.89 33.90
N ILE JA 490 -33.74 -29.55 33.12
CA ILE JA 490 -33.63 -28.45 32.19
C ILE JA 490 -34.13 -27.18 32.83
N LEU JA 491 -35.28 -27.24 33.47
CA LEU JA 491 -35.82 -26.00 34.04
C LEU JA 491 -35.24 -25.77 35.43
N GLN JA 492 -34.42 -26.70 35.87
CA GLN JA 492 -33.73 -26.69 37.15
C GLN JA 492 -34.63 -26.43 38.34
N MET JA 493 -35.78 -27.10 38.37
CA MET JA 493 -36.72 -26.98 39.46
C MET JA 493 -36.44 -27.98 40.57
N THR JA 494 -36.75 -27.61 41.80
CA THR JA 494 -36.62 -28.56 42.90
C THR JA 494 -37.87 -29.42 42.94
N ASP JA 495 -37.85 -30.51 43.70
CA ASP JA 495 -39.05 -31.34 43.77
C ASP JA 495 -40.24 -30.60 44.33
N GLU JA 496 -39.99 -29.77 45.35
CA GLU JA 496 -41.05 -29.02 45.98
C GLU JA 496 -41.61 -28.03 45.01
N GLU JA 497 -40.70 -27.38 44.27
CA GLU JA 497 -41.07 -26.41 43.28
C GLU JA 497 -41.96 -27.03 42.22
N ILE JA 498 -41.62 -28.23 41.77
CA ILE JA 498 -42.42 -28.88 40.76
C ILE JA 498 -43.81 -29.17 41.27
N GLU JA 499 -43.92 -29.75 42.47
CA GLU JA 499 -45.25 -30.04 42.96
C GLU JA 499 -46.06 -28.79 43.18
N GLN JA 500 -45.46 -27.76 43.75
CA GLN JA 500 -46.22 -26.56 44.02
C GLN JA 500 -46.64 -25.87 42.74
N GLU JA 501 -45.77 -25.89 41.75
CA GLU JA 501 -46.11 -25.22 40.53
C GLU JA 501 -47.28 -25.95 39.90
N ALA JA 502 -47.24 -27.28 39.93
CA ALA JA 502 -48.33 -28.04 39.36
C ALA JA 502 -49.63 -27.73 40.07
N LYS JA 503 -49.60 -27.60 41.39
CA LYS JA 503 -50.84 -27.32 42.09
C LYS JA 503 -51.49 -26.06 41.56
N GLN JA 504 -50.68 -25.03 41.35
CA GLN JA 504 -51.23 -23.79 40.85
C GLN JA 504 -51.76 -23.97 39.43
N ILE JA 505 -51.05 -24.73 38.60
CA ILE JA 505 -51.47 -24.93 37.23
C ILE JA 505 -52.80 -25.64 37.19
N GLU JA 506 -52.95 -26.68 38.00
CA GLU JA 506 -54.17 -27.44 38.01
C GLU JA 506 -55.34 -26.56 38.38
N GLU JA 507 -55.17 -25.68 39.36
CA GLU JA 507 -56.28 -24.80 39.69
C GLU JA 507 -56.60 -23.81 38.58
N GLU JA 508 -55.58 -23.27 37.92
CA GLU JA 508 -55.82 -22.33 36.85
C GLU JA 508 -56.57 -22.95 35.68
N SER JA 509 -56.30 -24.22 35.42
CA SER JA 509 -56.92 -24.95 34.31
C SER JA 509 -58.42 -25.11 34.48
N LYS JA 510 -58.94 -24.91 35.69
CA LYS JA 510 -60.36 -25.08 35.95
C LYS JA 510 -61.14 -23.90 35.41
N MET KA 1 21.79 -32.06 77.85
CA MET KA 1 21.39 -31.08 78.85
C MET KA 1 20.08 -30.45 78.44
N LYS KA 2 20.10 -29.63 77.39
CA LYS KA 2 18.88 -29.00 76.93
C LYS KA 2 18.17 -29.99 76.03
N PHE KA 3 17.70 -31.04 76.67
CA PHE KA 3 17.04 -32.15 76.02
C PHE KA 3 15.81 -31.65 75.33
N ASN KA 4 15.57 -32.15 74.13
CA ASN KA 4 14.39 -31.79 73.36
C ASN KA 4 13.13 -32.49 73.84
N VAL KA 5 12.74 -32.18 75.07
CA VAL KA 5 11.57 -32.75 75.71
C VAL KA 5 10.32 -32.21 75.09
N LEU KA 6 10.35 -30.94 74.71
CA LEU KA 6 9.21 -30.32 74.06
C LEU KA 6 7.96 -30.64 74.82
N SER KA 7 7.92 -30.39 76.12
CA SER KA 7 6.80 -30.79 76.94
C SER KA 7 5.47 -30.19 76.51
N LEU KA 8 5.51 -29.06 75.82
CA LEU KA 8 4.29 -28.47 75.34
C LEU KA 8 3.79 -29.11 74.03
N PHE KA 9 4.65 -29.87 73.36
CA PHE KA 9 4.25 -30.55 72.14
C PHE KA 9 4.29 -32.04 72.32
N ALA KA 10 4.92 -32.50 73.39
CA ALA KA 10 5.12 -33.90 73.63
C ALA KA 10 3.86 -34.74 73.50
N PRO KA 11 2.68 -34.32 73.96
CA PRO KA 11 1.48 -35.12 73.81
C PRO KA 11 1.17 -35.40 72.35
N TRP KA 12 1.64 -34.55 71.42
CA TRP KA 12 1.41 -34.82 70.03
C TRP KA 12 2.43 -35.84 69.59
N ALA KA 13 3.64 -35.66 70.12
CA ALA KA 13 4.77 -36.51 69.78
C ALA KA 13 4.43 -37.93 70.09
N LYS KA 14 3.66 -38.15 71.13
CA LYS KA 14 3.29 -39.51 71.48
C LYS KA 14 2.65 -40.24 70.27
N MET KA 15 1.87 -39.53 69.44
CA MET KA 15 1.25 -40.18 68.29
C MET KA 15 2.33 -40.55 67.30
N ASP KA 16 3.27 -39.61 67.12
CA ASP KA 16 4.37 -39.82 66.18
C ASP KA 16 5.26 -40.94 66.63
N GLU KA 17 5.48 -41.05 67.94
CA GLU KA 17 6.32 -42.08 68.47
C GLU KA 17 5.72 -43.43 68.16
N ARG KA 18 4.41 -43.55 68.32
CA ARG KA 18 3.79 -44.82 67.99
C ARG KA 18 3.93 -45.15 66.52
N ASN KA 19 3.74 -44.15 65.67
CA ASN KA 19 3.85 -44.41 64.24
C ASN KA 19 5.28 -44.78 63.87
N PHE KA 20 6.24 -44.11 64.48
CA PHE KA 20 7.62 -44.38 64.22
C PHE KA 20 7.93 -45.81 64.62
N LYS KA 21 7.50 -46.21 65.81
CA LYS KA 21 7.75 -47.56 66.28
C LYS KA 21 7.20 -48.54 65.26
N ASP KA 22 6.01 -48.28 64.71
CA ASP KA 22 5.52 -49.18 63.68
C ASP KA 22 6.46 -49.21 62.48
N GLN KA 23 7.11 -48.10 62.14
CA GLN KA 23 8.02 -48.18 61.00
C GLN KA 23 9.13 -49.17 61.28
N GLU KA 24 9.56 -49.24 62.55
CA GLU KA 24 10.61 -50.18 62.94
C GLU KA 24 10.10 -51.62 63.08
N LYS KA 25 8.88 -51.78 63.61
CA LYS KA 25 8.26 -53.08 63.83
C LYS KA 25 7.81 -53.76 62.54
N GLU KA 26 7.36 -52.96 61.59
CA GLU KA 26 6.86 -53.40 60.31
C GLU KA 26 8.01 -53.88 59.44
N ASP KA 27 7.68 -54.65 58.44
CA ASP KA 27 8.64 -55.23 57.53
C ASP KA 27 8.90 -54.44 56.25
N LEU KA 28 8.74 -53.11 56.31
CA LEU KA 28 9.05 -52.27 55.15
C LEU KA 28 10.52 -51.94 55.14
N VAL KA 29 11.29 -52.98 54.92
CA VAL KA 29 12.74 -53.00 54.94
C VAL KA 29 13.21 -53.70 53.69
N SER KA 30 14.53 -53.77 53.50
CA SER KA 30 15.14 -54.44 52.34
C SER KA 30 14.83 -53.68 51.05
N ILE KA 31 15.02 -52.37 51.17
CA ILE KA 31 14.78 -51.40 50.12
C ILE KA 31 16.07 -50.72 49.64
N THR KA 32 16.50 -50.98 48.39
CA THR KA 32 17.79 -50.49 47.85
C THR KA 32 18.02 -48.99 48.01
N ALA KA 33 17.12 -48.21 47.46
CA ALA KA 33 17.19 -46.78 47.52
C ALA KA 33 16.39 -46.41 48.76
N PRO KA 34 16.66 -45.33 49.48
CA PRO KA 34 16.07 -45.01 50.77
C PRO KA 34 14.59 -44.60 50.86
N LYS KA 35 13.70 -45.45 50.34
CA LYS KA 35 12.22 -45.48 50.35
C LYS KA 35 11.42 -44.21 49.97
N LEU KA 36 12.05 -43.08 49.83
CA LEU KA 36 11.36 -41.83 49.57
C LEU KA 36 11.33 -41.35 48.15
N ASP KA 37 10.26 -40.65 47.82
CA ASP KA 37 10.05 -40.00 46.55
C ASP KA 37 9.91 -38.46 46.61
N ASP KA 38 9.05 -37.96 47.51
CA ASP KA 38 8.76 -36.53 47.67
C ASP KA 38 8.23 -36.15 49.06
N GLY KA 39 8.89 -35.18 49.70
CA GLY KA 39 8.48 -34.77 51.03
C GLY KA 39 9.57 -33.98 51.75
N ALA KA 40 9.69 -34.26 53.04
CA ALA KA 40 10.64 -33.67 53.99
C ALA KA 40 12.08 -33.94 53.58
N ARG KA 41 12.97 -33.00 53.88
CA ARG KA 41 14.39 -33.16 53.52
C ARG KA 41 15.24 -33.81 54.59
N GLU KA 42 15.93 -34.87 54.22
CA GLU KA 42 16.78 -35.57 55.15
C GLU KA 42 18.16 -35.00 55.34
N PHE KA 43 18.62 -35.15 56.56
CA PHE KA 43 19.94 -34.79 57.00
C PHE KA 43 20.55 -35.98 57.71
N GLU KA 44 21.88 -36.01 57.76
CA GLU KA 44 22.54 -37.08 58.44
C GLU KA 44 22.37 -36.92 59.92
N VAL KA 45 22.40 -38.04 60.60
CA VAL KA 45 22.38 -38.18 62.03
C VAL KA 45 23.49 -39.18 62.24
N SER KA 46 23.83 -39.55 63.49
CA SER KA 46 24.91 -40.54 63.62
C SER KA 46 24.65 -41.70 62.64
N SER KA 47 23.46 -42.33 62.72
CA SER KA 47 22.97 -43.34 61.77
C SER KA 47 23.63 -44.72 61.75
N ASN KA 48 24.74 -44.88 62.42
CA ASN KA 48 25.37 -46.18 62.32
C ASN KA 48 24.59 -47.29 63.02
N GLU KA 49 23.84 -48.04 62.20
CA GLU KA 49 22.97 -49.19 62.49
C GLU KA 49 21.80 -48.95 63.45
N ALA KA 50 22.08 -48.43 64.64
CA ALA KA 50 21.03 -48.11 65.61
C ALA KA 50 21.33 -46.78 66.31
N ALA KA 51 22.19 -46.00 65.69
CA ALA KA 51 22.61 -44.74 66.27
C ALA KA 51 21.59 -43.64 66.01
N SER KA 52 20.52 -43.68 66.79
CA SER KA 52 19.42 -42.74 66.67
C SER KA 52 19.11 -42.00 68.00
N PRO KA 53 20.09 -41.26 68.57
CA PRO KA 53 20.02 -40.53 69.83
C PRO KA 53 19.20 -39.28 69.65
N TYR KA 54 18.78 -38.64 70.74
CA TYR KA 54 18.07 -37.35 70.62
C TYR KA 54 18.91 -36.31 69.88
N ASN KA 55 20.21 -36.51 69.91
CA ASN KA 55 21.15 -35.65 69.24
C ASN KA 55 20.95 -35.65 67.74
N ALA KA 56 20.20 -36.62 67.23
CA ALA KA 56 19.85 -36.70 65.83
C ALA KA 56 19.07 -35.46 65.44
N ALA KA 57 18.21 -34.97 66.36
CA ALA KA 57 17.46 -33.76 66.10
C ALA KA 57 18.43 -32.63 66.00
N PHE KA 58 19.41 -32.67 66.88
CA PHE KA 58 20.40 -31.62 66.94
C PHE KA 58 21.34 -31.64 65.74
N GLN KA 59 21.67 -32.83 65.23
CA GLN KA 59 22.52 -32.92 64.05
C GLN KA 59 21.74 -32.37 62.86
N THR KA 60 20.43 -32.63 62.84
CA THR KA 60 19.55 -32.15 61.80
C THR KA 60 19.54 -30.62 61.86
N ILE KA 61 19.46 -30.06 63.07
CA ILE KA 61 19.50 -28.61 63.26
C ILE KA 61 20.83 -28.06 62.76
N PHE KA 62 21.93 -28.67 63.17
CA PHE KA 62 23.27 -28.25 62.76
C PHE KA 62 23.44 -28.17 61.26
N GLY KA 63 23.02 -29.21 60.57
CA GLY KA 63 23.21 -29.31 59.14
C GLY KA 63 22.13 -28.62 58.30
N SER KA 64 21.27 -27.80 58.92
CA SER KA 64 20.18 -27.18 58.20
C SER KA 64 20.04 -25.70 58.56
N TYR KA 65 18.97 -25.05 58.09
CA TYR KA 65 18.72 -23.61 58.38
C TYR KA 65 19.61 -22.68 57.53
N GLU KA 66 20.40 -23.25 56.63
CA GLU KA 66 21.29 -22.55 55.74
C GLU KA 66 21.10 -23.19 54.35
N PRO KA 67 21.57 -24.41 54.07
CA PRO KA 67 21.29 -25.06 52.82
C PRO KA 67 19.80 -25.28 52.87
N GLY KA 68 19.11 -25.24 51.74
CA GLY KA 68 17.67 -25.50 51.74
C GLY KA 68 16.86 -24.28 52.16
N MET KA 69 17.10 -23.82 53.39
CA MET KA 69 16.40 -22.66 53.92
C MET KA 69 16.68 -21.38 53.16
N LYS KA 70 17.93 -21.11 52.78
CA LYS KA 70 18.19 -19.89 52.04
C LYS KA 70 17.46 -19.94 50.71
N THR KA 71 17.47 -21.12 50.07
CA THR KA 71 16.81 -21.34 48.80
C THR KA 71 15.33 -21.10 48.97
N THR KA 72 14.77 -21.66 50.03
CA THR KA 72 13.36 -21.51 50.32
C THR KA 72 13.02 -20.05 50.47
N ARG KA 73 13.83 -19.35 51.27
CA ARG KA 73 13.65 -17.89 51.53
C ARG KA 73 13.61 -17.15 50.19
N GLU KA 74 14.51 -17.48 49.26
CA GLU KA 74 14.53 -16.80 47.99
C GLU KA 74 13.28 -17.12 47.18
N LEU KA 75 12.87 -18.39 47.18
CA LEU KA 75 11.70 -18.77 46.41
C LEU KA 75 10.43 -18.14 46.92
N ILE KA 76 10.25 -18.13 48.22
CA ILE KA 76 9.01 -17.58 48.75
C ILE KA 76 8.96 -16.11 48.49
N ASP KA 77 10.04 -15.41 48.77
CA ASP KA 77 10.04 -13.98 48.55
C ASP KA 77 9.81 -13.67 47.08
N THR KA 78 10.40 -14.48 46.20
CA THR KA 78 10.22 -14.31 44.78
C THR KA 78 8.78 -14.47 44.43
N TYR KA 79 8.15 -15.51 44.96
CA TYR KA 79 6.77 -15.79 44.66
C TYR KA 79 5.90 -14.64 45.11
N ARG KA 80 6.18 -14.07 46.27
CA ARG KA 80 5.39 -12.95 46.72
C ARG KA 80 5.61 -11.76 45.79
N ASN KA 81 6.85 -11.54 45.37
CA ASN KA 81 7.12 -10.44 44.47
C ASN KA 81 6.39 -10.62 43.15
N LEU KA 82 6.31 -11.87 42.68
CA LEU KA 82 5.58 -12.16 41.47
C LEU KA 82 4.11 -11.95 41.69
N MET KA 83 3.60 -12.40 42.83
CA MET KA 83 2.20 -12.32 43.19
C MET KA 83 1.69 -10.90 43.13
N ASN KA 84 2.53 -9.96 43.53
CA ASN KA 84 2.13 -8.58 43.55
C ASN KA 84 2.32 -7.87 42.21
N ASN KA 85 2.78 -8.59 41.20
CA ASN KA 85 2.97 -8.01 39.88
C ASN KA 85 1.69 -8.09 39.05
N TYR KA 86 1.60 -7.20 38.10
CA TYR KA 86 0.46 -7.15 37.21
C TYR KA 86 0.27 -8.40 36.38
N GLU KA 87 -0.95 -8.93 36.47
CA GLU KA 87 -1.52 -10.13 35.86
C GLU KA 87 -1.04 -11.40 36.48
N VAL KA 88 -0.18 -11.31 37.47
CA VAL KA 88 0.21 -12.49 38.16
C VAL KA 88 -0.87 -12.60 39.17
N ASP KA 89 -1.17 -11.44 39.74
CA ASP KA 89 -2.19 -11.29 40.73
C ASP KA 89 -3.52 -11.74 40.18
N ASN KA 90 -3.73 -11.49 38.89
CA ASN KA 90 -4.95 -11.90 38.25
C ASN KA 90 -4.93 -13.36 38.00
N ALA KA 91 -3.83 -13.88 37.47
CA ALA KA 91 -3.85 -15.29 37.20
C ALA KA 91 -4.11 -16.05 38.46
N VAL KA 92 -3.50 -15.66 39.57
CA VAL KA 92 -3.76 -16.40 40.76
C VAL KA 92 -5.15 -16.11 41.26
N SER KA 93 -5.62 -14.88 41.20
CA SER KA 93 -6.93 -14.64 41.72
C SER KA 93 -7.97 -15.46 40.99
N GLU KA 94 -7.86 -15.56 39.67
CA GLU KA 94 -8.83 -16.33 38.92
C GLU KA 94 -8.71 -17.83 39.20
N ILE KA 95 -7.47 -18.32 39.33
CA ILE KA 95 -7.29 -19.72 39.62
C ILE KA 95 -7.89 -20.04 40.96
N VAL KA 96 -7.61 -19.20 41.94
CA VAL KA 96 -8.14 -19.40 43.26
C VAL KA 96 -9.62 -19.30 43.23
N SER KA 97 -10.17 -18.30 42.52
CA SER KA 97 -11.60 -18.15 42.45
C SER KA 97 -12.24 -19.40 41.93
N ASP KA 98 -11.71 -19.98 40.87
CA ASP KA 98 -12.30 -21.19 40.37
C ASP KA 98 -12.04 -22.38 41.28
N ALA KA 99 -10.85 -22.47 41.88
CA ALA KA 99 -10.53 -23.59 42.74
C ALA KA 99 -11.37 -23.61 44.01
N ILE KA 100 -11.55 -22.46 44.64
CA ILE KA 100 -12.30 -22.37 45.87
C ILE KA 100 -13.49 -21.47 45.69
N VAL KA 101 -14.67 -22.03 45.76
CA VAL KA 101 -15.84 -21.20 45.53
C VAL KA 101 -16.76 -21.23 46.68
N TYR KA 102 -17.59 -20.20 46.72
CA TYR KA 102 -18.63 -20.05 47.69
C TYR KA 102 -19.82 -19.63 46.86
N GLU KA 103 -21.02 -19.94 47.32
CA GLU KA 103 -22.23 -19.52 46.61
C GLU KA 103 -23.39 -19.46 47.58
N ASP KA 104 -24.38 -18.64 47.26
CA ASP KA 104 -25.54 -18.55 48.11
C ASP KA 104 -26.32 -19.83 48.24
N ASP KA 105 -26.57 -20.18 49.48
CA ASP KA 105 -27.32 -21.37 49.89
C ASP KA 105 -26.81 -22.66 49.28
N THR KA 106 -25.49 -22.82 49.22
CA THR KA 106 -24.92 -24.05 48.72
C THR KA 106 -23.95 -24.51 49.73
N GLU KA 107 -23.45 -25.70 49.52
CA GLU KA 107 -22.41 -26.26 50.33
C GLU KA 107 -21.10 -25.66 49.87
N VAL KA 108 -20.06 -26.07 50.54
CA VAL KA 108 -18.71 -25.68 50.24
C VAL KA 108 -18.03 -27.00 50.10
N VAL KA 109 -16.75 -26.99 49.73
CA VAL KA 109 -16.00 -28.28 49.60
C VAL KA 109 -16.42 -29.17 50.77
N ALA KA 110 -16.85 -30.41 50.51
CA ALA KA 110 -17.30 -31.23 51.60
C ALA KA 110 -17.04 -32.69 51.46
N LEU KA 111 -16.93 -33.33 52.61
CA LEU KA 111 -16.72 -34.73 52.68
C LEU KA 111 -17.89 -35.49 52.07
N ASN KA 112 -17.60 -36.41 51.15
CA ASN KA 112 -18.65 -37.16 50.48
C ASN KA 112 -18.54 -38.66 50.75
N LEU KA 113 -19.28 -39.14 51.74
CA LEU KA 113 -19.16 -40.52 52.15
C LEU KA 113 -20.15 -41.42 51.44
N ASP KA 114 -20.03 -41.49 50.11
CA ASP KA 114 -20.97 -42.30 49.34
C ASP KA 114 -20.42 -43.64 48.83
N LYS KA 115 -19.25 -44.02 49.34
CA LYS KA 115 -18.65 -45.30 48.99
C LYS KA 115 -18.61 -46.10 50.28
N SER KA 116 -18.56 -47.44 50.20
CA SER KA 116 -18.61 -48.30 51.38
C SER KA 116 -17.68 -47.94 52.53
N LYS KA 117 -18.27 -47.94 53.75
CA LYS KA 117 -17.61 -47.61 55.02
C LYS KA 117 -18.02 -48.62 56.07
N PHE KA 118 -17.28 -48.68 57.17
CA PHE KA 118 -17.59 -49.65 58.22
C PHE KA 118 -18.97 -49.46 58.86
N SER KA 119 -19.40 -48.22 59.05
CA SER KA 119 -20.69 -47.99 59.69
C SER KA 119 -21.22 -46.59 59.46
N PRO KA 120 -22.55 -46.41 59.27
CA PRO KA 120 -23.22 -45.13 59.18
C PRO KA 120 -23.09 -44.32 60.45
N LYS KA 121 -22.81 -44.98 61.57
CA LYS KA 121 -22.67 -44.25 62.81
C LYS KA 121 -21.36 -43.50 62.73
N ILE KA 122 -20.35 -44.18 62.19
CA ILE KA 122 -19.04 -43.62 62.04
C ILE KA 122 -19.15 -42.54 60.99
N LYS KA 123 -19.83 -42.84 59.87
CA LYS KA 123 -19.95 -41.81 58.84
C LYS KA 123 -20.54 -40.53 59.41
N ASN KA 124 -21.56 -40.63 60.25
CA ASN KA 124 -22.16 -39.43 60.80
C ASN KA 124 -21.12 -38.64 61.60
N MET KA 125 -20.33 -39.36 62.40
CA MET KA 125 -19.31 -38.69 63.17
C MET KA 125 -18.23 -38.08 62.28
N MET KA 126 -17.89 -38.73 61.16
CA MET KA 126 -16.89 -38.17 60.27
C MET KA 126 -17.39 -36.88 59.66
N LEU KA 127 -18.68 -36.84 59.33
CA LEU KA 127 -19.24 -35.62 58.77
C LEU KA 127 -19.21 -34.52 59.81
N ASP KA 128 -19.50 -34.85 61.08
CA ASP KA 128 -19.47 -33.85 62.11
C ASP KA 128 -18.07 -33.27 62.24
N GLU KA 129 -17.05 -34.15 62.18
CA GLU KA 129 -15.69 -33.65 62.25
C GLU KA 129 -15.36 -32.83 61.05
N PHE KA 130 -15.80 -33.24 59.88
CA PHE KA 130 -15.44 -32.47 58.72
C PHE KA 130 -15.85 -31.02 58.91
N SER KA 131 -17.08 -30.82 59.37
CA SER KA 131 -17.56 -29.47 59.61
C SER KA 131 -16.66 -28.75 60.61
N ASP KA 132 -16.34 -29.42 61.74
CA ASP KA 132 -15.48 -28.78 62.74
C ASP KA 132 -14.11 -28.44 62.17
N VAL KA 133 -13.55 -29.30 61.31
CA VAL KA 133 -12.25 -29.03 60.72
C VAL KA 133 -12.31 -27.76 59.91
N LEU KA 134 -13.34 -27.62 59.11
CA LEU KA 134 -13.42 -26.40 58.35
C LEU KA 134 -13.57 -25.22 59.30
N ASN KA 135 -14.35 -25.36 60.38
CA ASN KA 135 -14.49 -24.25 61.31
C ASN KA 135 -13.12 -23.89 61.88
N HIS KA 136 -12.30 -24.90 62.11
CA HIS KA 136 -10.98 -24.75 62.67
C HIS KA 136 -10.04 -24.00 61.75
N LEU KA 137 -10.29 -24.06 60.44
CA LEU KA 137 -9.53 -23.35 59.41
C LEU KA 137 -10.25 -22.08 59.01
N SER KA 138 -11.43 -21.83 59.61
CA SER KA 138 -12.37 -20.78 59.23
C SER KA 138 -12.55 -20.81 57.73
N PHE KA 139 -12.57 -22.02 57.18
CA PHE KA 139 -12.57 -22.25 55.75
C PHE KA 139 -13.68 -21.53 55.03
N GLN KA 140 -14.86 -21.64 55.58
CA GLN KA 140 -16.05 -21.08 55.00
C GLN KA 140 -15.99 -19.54 54.81
N ARG KA 141 -14.99 -18.88 55.41
CA ARG KA 141 -14.83 -17.45 55.24
C ARG KA 141 -13.46 -17.10 54.66
N LYS KA 142 -12.43 -17.85 55.05
CA LYS KA 142 -11.04 -17.60 54.67
C LYS KA 142 -10.37 -18.71 53.86
N GLY KA 143 -11.13 -19.69 53.43
CA GLY KA 143 -10.60 -20.82 52.69
C GLY KA 143 -9.74 -20.35 51.54
N SER KA 144 -10.27 -19.42 50.76
CA SER KA 144 -9.59 -18.84 49.61
C SER KA 144 -8.33 -18.06 49.97
N ASP KA 145 -8.19 -17.60 51.22
CA ASP KA 145 -7.00 -16.86 51.60
C ASP KA 145 -5.88 -17.84 51.77
N HIS KA 146 -6.23 -18.97 52.36
CA HIS KA 146 -5.26 -19.99 52.66
C HIS KA 146 -4.84 -20.70 51.38
N PHE KA 147 -5.82 -21.02 50.54
CA PHE KA 147 -5.54 -21.67 49.28
C PHE KA 147 -4.65 -20.78 48.44
N ARG KA 148 -5.01 -19.50 48.31
CA ARG KA 148 -4.22 -18.58 47.53
C ARG KA 148 -2.79 -18.60 47.99
N ARG KA 149 -2.56 -18.49 49.31
CA ARG KA 149 -1.21 -18.52 49.80
C ARG KA 149 -0.53 -19.82 49.44
N TRP KA 150 -1.22 -20.94 49.58
CA TRP KA 150 -0.64 -22.23 49.23
C TRP KA 150 -0.20 -22.30 47.78
N TYR KA 151 -1.07 -21.88 46.87
CA TYR KA 151 -0.77 -21.94 45.46
C TYR KA 151 0.53 -21.18 45.14
N VAL KA 152 0.62 -19.97 45.70
CA VAL KA 152 1.76 -19.07 45.54
C VAL KA 152 3.03 -19.53 46.26
N ASP KA 153 2.91 -19.86 47.54
CA ASP KA 153 4.02 -20.24 48.39
C ASP KA 153 4.53 -21.66 48.18
N SER KA 154 3.67 -22.56 47.69
CA SER KA 154 3.96 -23.99 47.46
C SER KA 154 3.70 -24.84 48.67
N ARG KA 155 3.38 -24.19 49.77
CA ARG KA 155 3.18 -24.89 51.00
C ARG KA 155 2.34 -24.11 51.97
N ILE KA 156 1.61 -24.85 52.80
CA ILE KA 156 0.83 -24.26 53.87
C ILE KA 156 1.00 -25.07 55.13
N PHE KA 157 1.04 -24.41 56.28
CA PHE KA 157 1.19 -25.11 57.53
C PHE KA 157 0.26 -24.54 58.61
N PHE KA 158 -0.32 -25.41 59.44
CA PHE KA 158 -1.08 -24.95 60.62
C PHE KA 158 -0.71 -25.72 61.87
N HIS KA 159 -0.79 -25.01 63.00
CA HIS KA 159 -0.49 -25.59 64.33
C HIS KA 159 -1.76 -26.24 64.91
N LYS KA 160 -1.63 -27.48 65.39
CA LYS KA 160 -2.72 -28.25 65.98
C LYS KA 160 -2.74 -28.17 67.51
N ILE KA 161 -3.95 -28.17 68.07
CA ILE KA 161 -4.15 -28.04 69.51
C ILE KA 161 -4.50 -29.39 70.17
N ILE KA 162 -3.80 -29.71 71.25
CA ILE KA 162 -4.04 -30.91 72.02
C ILE KA 162 -4.15 -30.46 73.47
N ASP KA 163 -5.04 -31.17 74.17
CA ASP KA 163 -5.43 -31.03 75.60
C ASP KA 163 -4.20 -30.79 76.47
N PRO KA 164 -3.40 -31.81 76.88
CA PRO KA 164 -3.70 -33.22 76.70
C PRO KA 164 -4.45 -33.91 77.85
N LYS KA 165 -4.83 -33.18 78.89
CA LYS KA 165 -5.38 -33.87 80.07
C LYS KA 165 -6.66 -34.66 79.77
N ARG KA 166 -7.48 -34.16 78.85
CA ARG KA 166 -8.70 -34.78 78.38
C ARG KA 166 -8.66 -34.61 76.87
N PRO KA 167 -7.75 -35.31 76.16
CA PRO KA 167 -7.32 -34.99 74.81
C PRO KA 167 -8.40 -34.96 73.75
N LYS KA 168 -9.49 -35.66 73.93
CA LYS KA 168 -10.55 -35.63 72.93
C LYS KA 168 -11.28 -34.30 72.92
N GLU KA 169 -11.11 -33.53 74.00
CA GLU KA 169 -11.75 -32.25 74.19
C GLU KA 169 -10.80 -31.09 73.89
N GLY KA 170 -9.55 -31.41 73.53
CA GLY KA 170 -8.53 -30.39 73.29
C GLY KA 170 -8.45 -29.97 71.85
N ILE KA 171 -9.35 -30.51 71.07
CA ILE KA 171 -9.37 -30.26 69.66
C ILE KA 171 -10.07 -28.94 69.40
N LYS KA 172 -9.26 -27.94 69.10
CA LYS KA 172 -9.68 -26.56 68.98
C LYS KA 172 -9.21 -25.98 67.65
N GLU KA 173 -9.52 -24.72 67.42
CA GLU KA 173 -9.14 -24.02 66.20
C GLU KA 173 -7.64 -24.03 65.93
N LEU KA 174 -7.30 -24.13 64.64
CA LEU KA 174 -5.94 -24.17 64.14
C LEU KA 174 -5.35 -22.80 63.97
N ARG KA 175 -4.04 -22.70 64.09
CA ARG KA 175 -3.39 -21.42 63.83
C ARG KA 175 -2.34 -21.51 62.76
N ARG KA 176 -2.36 -20.56 61.86
CA ARG KA 176 -1.45 -20.57 60.73
C ARG KA 176 0.01 -20.32 61.07
N LEU KA 177 0.87 -21.16 60.49
CA LEU KA 177 2.31 -21.10 60.65
C LEU KA 177 2.96 -20.46 59.41
N ASP KA 178 3.98 -19.67 59.65
CA ASP KA 178 4.68 -18.98 58.57
C ASP KA 178 5.64 -19.81 57.69
N PRO KA 179 5.72 -19.52 56.39
CA PRO KA 179 6.68 -20.08 55.48
C PRO KA 179 8.00 -19.41 55.75
N ARG KA 180 9.09 -20.03 55.29
CA ARG KA 180 10.45 -19.48 55.35
C ARG KA 180 11.07 -19.56 56.73
N GLN KA 181 10.34 -20.10 57.69
CA GLN KA 181 10.86 -20.24 59.02
C GLN KA 181 10.79 -21.67 59.51
N VAL KA 182 10.16 -22.55 58.76
CA VAL KA 182 10.05 -23.91 59.23
C VAL KA 182 10.50 -24.89 58.18
N GLN KA 183 11.30 -25.84 58.61
CA GLN KA 183 11.79 -26.86 57.74
C GLN KA 183 11.05 -28.15 57.99
N TYR KA 184 10.65 -28.79 56.89
CA TYR KA 184 10.06 -30.15 56.91
C TYR KA 184 11.25 -31.09 56.77
N VAL KA 185 11.62 -31.80 57.84
CA VAL KA 185 12.87 -32.55 57.82
C VAL KA 185 12.78 -34.02 58.12
N ARG KA 186 13.82 -34.76 57.72
CA ARG KA 186 13.86 -36.23 57.96
C ARG KA 186 15.25 -36.64 58.47
N GLU KA 187 15.30 -37.60 59.39
CA GLU KA 187 16.54 -38.11 59.95
C GLU KA 187 17.01 -39.40 59.28
N ILE KA 188 18.27 -39.45 58.87
CA ILE KA 188 18.73 -40.72 58.32
C ILE KA 188 19.00 -41.62 59.51
N ILE KA 189 17.95 -42.31 59.90
CA ILE KA 189 17.83 -43.03 61.16
C ILE KA 189 18.90 -44.08 61.35
N THR KA 190 19.20 -44.79 60.29
CA THR KA 190 20.15 -45.88 60.34
C THR KA 190 20.97 -46.02 59.07
N GLU KA 191 22.15 -46.60 59.19
CA GLU KA 191 23.11 -46.81 58.10
C GLU KA 191 24.00 -48.04 58.34
N THR KA 192 24.52 -48.64 57.28
CA THR KA 192 25.43 -49.80 57.40
C THR KA 192 26.37 -49.91 56.19
N GLU KA 193 27.00 -51.08 56.05
CA GLU KA 193 27.93 -51.32 54.97
C GLU KA 193 27.33 -50.97 53.61
N ALA KA 194 28.02 -50.07 52.91
CA ALA KA 194 27.68 -49.59 51.57
C ALA KA 194 26.25 -49.03 51.46
N GLY KA 195 25.71 -48.50 52.55
CA GLY KA 195 24.37 -47.90 52.52
C GLY KA 195 23.32 -48.86 53.06
N THR KA 196 22.47 -48.41 53.99
CA THR KA 196 21.50 -49.41 54.44
C THR KA 196 20.26 -49.35 53.64
N LYS KA 197 19.42 -50.33 53.92
CA LYS KA 197 18.22 -50.57 53.16
C LYS KA 197 17.10 -51.01 54.12
N ILE KA 198 17.14 -50.52 55.35
CA ILE KA 198 16.22 -50.91 56.43
C ILE KA 198 15.38 -49.75 56.94
N VAL KA 199 14.78 -49.97 58.12
CA VAL KA 199 13.79 -49.21 58.92
C VAL KA 199 13.82 -47.67 59.00
N LYS KA 200 14.49 -46.97 58.11
CA LYS KA 200 14.56 -45.53 58.22
C LYS KA 200 13.20 -44.89 58.01
N GLY KA 201 12.41 -44.87 59.08
CA GLY KA 201 11.06 -44.30 59.07
C GLY KA 201 11.10 -42.80 58.85
N TYR KA 202 12.26 -42.18 59.13
CA TYR KA 202 12.55 -40.73 58.87
C TYR KA 202 11.83 -39.74 59.79
N LYS KA 203 10.83 -40.19 60.56
CA LYS KA 203 10.00 -39.38 61.45
C LYS KA 203 9.18 -38.30 60.72
N GLU KA 204 9.82 -37.47 59.89
CA GLU KA 204 9.22 -36.35 59.12
C GLU KA 204 8.62 -35.25 59.97
N TYR KA 205 9.39 -34.77 60.90
CA TYR KA 205 8.97 -33.71 61.79
C TYR KA 205 9.40 -32.36 61.29
N PHE KA 206 9.06 -31.32 62.02
CA PHE KA 206 9.40 -29.98 61.57
C PHE KA 206 10.32 -29.28 62.56
N ILE KA 207 11.18 -28.40 62.07
CA ILE KA 207 12.01 -27.62 63.00
C ILE KA 207 11.92 -26.16 62.54
N TYR KA 208 11.75 -25.21 63.45
CA TYR KA 208 11.67 -23.84 62.98
C TYR KA 208 12.57 -22.87 63.74
N ASP KA 209 12.87 -21.74 63.12
CA ASP KA 209 13.56 -20.67 63.82
C ASP KA 209 13.14 -19.42 63.14
N THR KA 210 13.52 -18.27 63.65
CA THR KA 210 13.23 -17.03 62.94
C THR KA 210 13.83 -15.77 63.54
N ALA KA 211 14.21 -14.87 62.64
CA ALA KA 211 14.78 -13.60 63.01
C ALA KA 211 14.72 -12.58 61.90
N HIS KA 212 14.90 -11.34 62.30
CA HIS KA 212 14.98 -10.17 61.44
C HIS KA 212 16.35 -9.54 61.59
N GLU KA 213 17.30 -10.34 62.10
CA GLU KA 213 18.69 -9.94 62.28
C GLU KA 213 19.37 -9.77 60.91
N SER KA 214 18.77 -10.39 59.90
CA SER KA 214 19.16 -10.36 58.50
C SER KA 214 18.26 -9.37 57.79
N TYR KA 215 18.19 -9.45 56.47
CA TYR KA 215 17.32 -8.47 55.84
C TYR KA 215 15.89 -8.61 56.34
N ALA KA 216 15.29 -7.48 56.67
CA ALA KA 216 13.92 -7.41 57.09
C ALA KA 216 13.41 -6.07 56.67
N CYS KA 217 12.12 -5.95 56.42
CA CYS KA 217 11.61 -4.65 56.05
C CYS KA 217 11.49 -3.66 57.23
N ASP KA 218 10.95 -4.11 58.38
CA ASP KA 218 10.80 -3.25 59.56
C ASP KA 218 10.23 -3.94 60.81
N GLY KA 219 10.44 -3.28 61.94
CA GLY KA 219 9.78 -3.50 63.23
C GLY KA 219 10.26 -4.63 64.13
N ARG KA 220 11.23 -5.44 63.72
CA ARG KA 220 11.62 -6.57 64.57
C ARG KA 220 13.10 -6.93 64.48
N MET KA 221 13.61 -7.56 65.55
CA MET KA 221 14.97 -8.13 65.50
C MET KA 221 14.95 -9.66 65.48
N TYR KA 222 14.11 -10.24 66.33
CA TYR KA 222 14.00 -11.67 66.47
C TYR KA 222 12.55 -12.11 66.61
N GLU KA 223 12.22 -13.32 66.15
CA GLU KA 223 10.91 -13.92 66.36
C GLU KA 223 10.98 -15.19 67.20
N ALA KA 224 11.99 -16.03 66.96
CA ALA KA 224 12.13 -17.28 67.71
C ALA KA 224 13.54 -17.46 68.21
N GLY KA 225 14.53 -16.96 67.46
CA GLY KA 225 15.89 -17.24 67.89
C GLY KA 225 16.19 -18.73 67.74
N THR KA 226 16.29 -19.39 68.87
CA THR KA 226 16.60 -20.81 69.01
C THR KA 226 15.82 -21.68 68.03
N LYS KA 227 16.54 -22.64 67.46
CA LYS KA 227 16.01 -23.61 66.50
C LYS KA 227 15.25 -24.70 67.29
N ILE KA 228 13.93 -24.74 67.07
CA ILE KA 228 13.01 -25.58 67.85
C ILE KA 228 12.23 -26.64 67.09
N LYS KA 229 12.30 -27.87 67.60
CA LYS KA 229 11.62 -29.03 67.04
C LYS KA 229 10.13 -29.10 67.39
N ILE KA 230 9.31 -29.40 66.37
CA ILE KA 230 7.87 -29.62 66.49
C ILE KA 230 7.52 -31.01 65.90
N PRO KA 231 6.85 -31.93 66.62
CA PRO KA 231 6.47 -33.23 66.11
C PRO KA 231 5.47 -33.04 64.96
N LYS KA 232 5.48 -33.90 63.95
CA LYS KA 232 4.55 -33.71 62.82
C LYS KA 232 3.12 -33.91 63.21
N ALA KA 233 2.89 -34.64 64.28
CA ALA KA 233 1.54 -34.87 64.75
C ALA KA 233 0.88 -33.55 65.10
N ALA KA 234 1.67 -32.52 65.39
CA ALA KA 234 1.23 -31.19 65.74
C ALA KA 234 1.03 -30.28 64.52
N VAL KA 235 1.30 -30.76 63.30
CA VAL KA 235 1.26 -29.86 62.16
C VAL KA 235 0.40 -30.31 60.99
N VAL KA 236 -0.47 -29.42 60.57
CA VAL KA 236 -1.30 -29.63 59.39
C VAL KA 236 -0.50 -29.10 58.26
N TYR KA 237 -0.22 -29.90 57.23
CA TYR KA 237 0.64 -29.30 56.17
C TYR KA 237 0.40 -29.96 54.82
N ALA KA 238 0.47 -29.14 53.77
CA ALA KA 238 0.32 -29.63 52.42
C ALA KA 238 1.30 -28.89 51.54
N HIS KA 239 1.67 -29.49 50.43
CA HIS KA 239 2.54 -28.77 49.51
C HIS KA 239 2.27 -29.13 48.08
N SER KA 240 2.69 -28.26 47.19
CA SER KA 240 2.55 -28.48 45.78
C SER KA 240 3.64 -29.42 45.35
N GLY KA 241 3.26 -30.50 44.68
CA GLY KA 241 4.22 -31.53 44.25
C GLY KA 241 5.01 -31.11 43.02
N LEU KA 242 5.67 -29.99 43.13
CA LEU KA 242 6.44 -29.41 42.07
C LEU KA 242 7.85 -29.33 42.57
N VAL KA 243 8.74 -30.09 41.98
CA VAL KA 243 10.09 -30.09 42.48
C VAL KA 243 11.03 -29.94 41.31
N ASP KA 244 12.08 -29.18 41.50
CA ASP KA 244 13.08 -28.98 40.47
C ASP KA 244 13.95 -30.23 40.40
N CYS KA 245 14.91 -30.24 39.51
CA CYS KA 245 15.74 -31.40 39.27
C CYS KA 245 16.52 -31.95 40.44
N CYS KA 246 16.89 -31.13 41.43
CA CYS KA 246 17.67 -31.62 42.55
C CYS KA 246 17.03 -31.50 43.93
N GLY KA 247 17.48 -32.39 44.81
CA GLY KA 247 17.15 -32.36 46.22
C GLY KA 247 15.67 -32.41 46.49
N LYS KA 248 15.25 -31.43 47.26
CA LYS KA 248 13.90 -31.22 47.68
C LYS KA 248 13.56 -29.81 47.37
N ASN KA 249 14.02 -29.35 46.22
CA ASN KA 249 13.74 -27.98 45.83
C ASN KA 249 12.31 -27.87 45.34
N ILE KA 250 11.42 -27.82 46.31
CA ILE KA 250 9.99 -27.70 46.14
C ILE KA 250 9.72 -26.28 45.74
N ILE KA 251 8.95 -26.12 44.69
CA ILE KA 251 8.63 -24.82 44.12
C ILE KA 251 7.12 -24.57 44.06
N GLY KA 252 6.76 -23.32 43.84
CA GLY KA 252 5.34 -22.93 43.77
C GLY KA 252 4.85 -22.96 42.34
N TYR KA 253 3.56 -22.72 42.13
CA TYR KA 253 3.09 -22.80 40.74
C TYR KA 253 3.59 -21.66 39.90
N LEU KA 254 3.81 -20.54 40.56
CA LEU KA 254 4.25 -19.31 39.95
C LEU KA 254 5.71 -19.39 39.58
N HIS KA 255 6.37 -20.47 39.95
CA HIS KA 255 7.77 -20.63 39.64
C HIS KA 255 7.96 -20.55 38.14
N ARG KA 256 6.99 -21.03 37.38
CA ARG KA 256 7.07 -21.02 35.93
C ARG KA 256 7.21 -19.62 35.36
N ALA KA 257 6.67 -18.66 36.07
CA ALA KA 257 6.67 -17.27 35.67
C ALA KA 257 7.93 -16.54 36.04
N VAL KA 258 8.86 -17.18 36.76
CA VAL KA 258 10.01 -16.41 37.21
C VAL KA 258 10.75 -15.78 36.06
N LYS KA 259 10.98 -16.52 35.00
CA LYS KA 259 11.69 -15.90 33.90
C LYS KA 259 10.87 -14.78 33.27
N PRO KA 260 9.76 -15.06 32.52
CA PRO KA 260 9.04 -14.07 31.76
C PRO KA 260 8.42 -12.98 32.60
N ALA KA 261 8.13 -13.25 33.86
CA ALA KA 261 7.52 -12.18 34.63
C ALA KA 261 8.46 -11.03 34.73
N ASN KA 262 9.74 -11.37 34.89
CA ASN KA 262 10.74 -10.39 35.08
C ASN KA 262 11.19 -9.88 33.72
N GLN KA 263 11.23 -10.76 32.71
CA GLN KA 263 11.68 -10.27 31.41
C GLN KA 263 10.71 -9.23 30.93
N LEU KA 264 9.44 -9.47 31.16
CA LEU KA 264 8.47 -8.56 30.70
C LEU KA 264 8.46 -7.29 31.47
N LYS KA 265 8.40 -7.34 32.80
CA LYS KA 265 8.33 -6.05 33.43
C LYS KA 265 9.58 -5.23 33.11
N LEU KA 266 10.72 -5.90 32.89
CA LEU KA 266 11.95 -5.23 32.55
C LEU KA 266 11.79 -4.56 31.19
N LEU KA 267 11.22 -5.27 30.21
CA LEU KA 267 10.96 -4.68 28.90
C LEU KA 267 9.97 -3.54 28.96
N GLU KA 268 8.94 -3.65 29.79
CA GLU KA 268 7.95 -2.58 29.89
C GLU KA 268 8.66 -1.32 30.38
N ASP KA 269 9.58 -1.48 31.34
CA ASP KA 269 10.35 -0.35 31.80
C ASP KA 269 11.26 0.13 30.69
N ALA KA 270 11.86 -0.78 29.92
CA ALA KA 270 12.73 -0.36 28.82
C ALA KA 270 11.98 0.53 27.85
N VAL KA 271 10.71 0.21 27.60
CA VAL KA 271 9.90 1.02 26.73
C VAL KA 271 9.71 2.39 27.32
N VAL KA 272 9.34 2.44 28.60
CA VAL KA 272 9.13 3.72 29.22
C VAL KA 272 10.39 4.57 29.29
N ILE KA 273 11.52 4.00 29.68
CA ILE KA 273 12.65 4.90 29.82
C ILE KA 273 13.09 5.43 28.47
N TYR KA 274 12.94 4.64 27.41
CA TYR KA 274 13.29 5.10 26.07
C TYR KA 274 12.50 6.36 25.76
N ARG KA 275 11.19 6.28 26.01
CA ARG KA 275 10.25 7.38 25.80
C ARG KA 275 10.40 8.62 26.69
N ILE KA 276 10.77 8.45 27.95
CA ILE KA 276 10.83 9.58 28.86
C ILE KA 276 12.14 10.34 28.78
N THR KA 277 13.26 9.64 28.86
CA THR KA 277 14.51 10.36 28.82
C THR KA 277 14.53 11.01 27.47
N ARG KA 278 14.85 12.29 27.41
CA ARG KA 278 14.91 13.07 26.17
C ARG KA 278 13.54 13.44 25.59
N ALA KA 279 12.45 13.16 26.30
CA ALA KA 279 11.17 13.71 25.88
C ALA KA 279 11.28 15.26 25.92
N PRO KA 280 11.91 15.88 26.97
CA PRO KA 280 12.18 17.30 27.09
C PRO KA 280 13.15 17.64 25.98
N ASP KA 281 13.20 18.89 25.57
CA ASP KA 281 14.18 19.20 24.55
C ASP KA 281 15.56 19.07 25.13
N ARG KA 282 16.57 18.87 24.32
CA ARG KA 282 17.91 18.81 24.86
C ARG KA 282 18.90 19.57 24.00
N ARG KA 283 19.79 20.34 24.64
CA ARG KA 283 20.80 21.11 23.86
C ARG KA 283 22.01 21.45 24.74
N VAL KA 284 23.21 21.38 24.16
CA VAL KA 284 24.41 21.70 24.88
C VAL KA 284 25.00 23.03 24.41
N TRP KA 285 25.18 23.93 25.34
CA TRP KA 285 25.73 25.23 25.00
C TRP KA 285 27.25 25.18 24.89
N TYR KA 286 27.74 24.70 23.75
CA TYR KA 286 29.18 24.68 23.56
C TYR KA 286 29.64 26.06 23.12
N VAL KA 287 30.57 26.63 23.88
CA VAL KA 287 31.02 28.01 23.63
C VAL KA 287 32.51 28.16 23.45
N ASP KA 288 32.93 28.92 22.43
CA ASP KA 288 34.36 29.14 22.21
C ASP KA 288 34.87 30.21 23.18
N THR KA 289 35.63 29.75 24.17
CA THR KA 289 36.17 30.61 25.21
C THR KA 289 37.62 30.20 25.22
N GLY KA 290 38.09 29.75 24.06
CA GLY KA 290 39.40 29.18 23.93
C GLY KA 290 40.57 30.07 24.30
N ASN KA 291 41.65 29.40 24.70
CA ASN KA 291 42.90 30.01 25.15
C ASN KA 291 42.70 30.94 26.35
N MET KA 292 41.82 30.53 27.26
CA MET KA 292 41.55 31.28 28.47
C MET KA 292 41.54 30.34 29.67
N PRO KA 293 41.91 30.79 30.87
CA PRO KA 293 41.78 30.02 32.09
C PRO KA 293 40.30 30.00 32.39
N ALA KA 294 39.81 28.97 33.10
CA ALA KA 294 38.39 28.91 33.45
C ALA KA 294 37.96 30.15 34.23
N ARG KA 295 38.89 30.69 34.99
CA ARG KA 295 38.73 31.84 35.84
C ARG KA 295 38.22 33.07 35.07
N LYS KA 296 38.50 33.11 33.77
CA LYS KA 296 38.08 34.20 32.91
C LYS KA 296 37.11 33.72 31.85
N ALA KA 297 37.31 32.48 31.37
CA ALA KA 297 36.53 31.87 30.30
C ALA KA 297 35.06 31.84 30.65
N ALA KA 298 34.81 31.66 31.93
CA ALA KA 298 33.48 31.57 32.48
C ALA KA 298 32.61 32.75 32.11
N GLU KA 299 33.17 33.95 31.94
CA GLU KA 299 32.29 35.04 31.60
C GLU KA 299 31.53 34.80 30.31
N HIS KA 300 32.20 34.23 29.31
CA HIS KA 300 31.61 34.04 27.99
C HIS KA 300 30.62 32.91 28.03
N MET KA 301 30.93 31.89 28.80
CA MET KA 301 30.02 30.77 28.94
C MET KA 301 28.73 31.23 29.65
N GLN KA 302 28.88 32.07 30.68
CA GLN KA 302 27.74 32.57 31.44
C GLN KA 302 26.79 33.39 30.57
N HIS KA 303 27.34 34.18 29.64
CA HIS KA 303 26.51 35.00 28.75
C HIS KA 303 25.62 34.17 27.82
N VAL KA 304 25.92 32.88 27.63
CA VAL KA 304 25.11 32.08 26.75
C VAL KA 304 24.07 31.32 27.56
N MET KA 305 24.52 30.64 28.62
CA MET KA 305 23.56 29.83 29.36
C MET KA 305 22.49 30.71 29.98
N ASN KA 306 22.81 31.97 30.28
CA ASN KA 306 21.84 32.85 30.89
C ASN KA 306 21.04 33.67 29.87
N THR KA 307 21.16 33.34 28.58
CA THR KA 307 20.35 34.02 27.56
C THR KA 307 19.19 33.13 27.14
N MET KA 308 19.42 31.81 27.04
CA MET KA 308 18.32 30.93 26.59
C MET KA 308 17.69 30.12 27.73
N LYS KA 309 18.04 30.45 28.96
CA LYS KA 309 17.54 29.81 30.18
C LYS KA 309 16.28 30.47 30.69
N ASN KA 310 15.28 29.66 30.95
CA ASN KA 310 14.00 30.11 31.46
C ASN KA 310 13.34 28.98 32.23
N ARG KA 311 12.87 29.27 33.44
CA ARG KA 311 12.22 28.24 34.24
C ARG KA 311 10.80 27.96 33.73
N VAL KA 312 10.73 27.25 32.61
CA VAL KA 312 9.50 26.97 31.87
C VAL KA 312 8.99 25.59 32.19
N VAL KA 313 9.18 25.19 33.42
CA VAL KA 313 8.75 23.88 33.84
C VAL KA 313 7.23 23.75 33.67
N TYR KA 314 6.81 22.61 33.12
CA TYR KA 314 5.43 22.30 32.84
C TYR KA 314 4.62 22.12 34.11
N ASP KA 315 3.42 22.67 34.14
CA ASP KA 315 2.50 22.51 35.26
C ASP KA 315 1.61 21.30 34.96
N ALA KA 316 1.87 20.17 35.63
CA ALA KA 316 1.11 18.97 35.35
C ALA KA 316 -0.14 18.97 36.20
N SER KA 317 -0.09 19.62 37.36
CA SER KA 317 -1.29 19.67 38.18
C SER KA 317 -2.42 20.31 37.37
N THR KA 318 -2.08 21.38 36.64
CA THR KA 318 -2.98 22.05 35.71
C THR KA 318 -2.20 22.19 34.40
N GLY KA 319 -2.70 21.71 33.25
CA GLY KA 319 -1.91 21.74 32.01
C GLY KA 319 -1.58 23.11 31.41
N LYS KA 320 -0.66 23.79 32.07
CA LYS KA 320 -0.18 25.14 31.75
C LYS KA 320 1.34 25.18 31.93
N ILE KA 321 2.00 26.28 31.57
CA ILE KA 321 3.45 26.33 31.81
C ILE KA 321 3.67 27.29 32.98
N LYS KA 322 4.40 26.86 34.01
CA LYS KA 322 4.52 27.69 35.20
C LYS KA 322 5.10 29.06 34.96
N ASN KA 323 4.31 30.06 35.37
CA ASN KA 323 4.62 31.47 35.33
C ASN KA 323 5.12 31.98 33.99
N GLN KA 324 4.55 31.50 32.88
CA GLN KA 324 5.05 31.98 31.59
C GLN KA 324 4.28 33.06 30.87
N GLN KA 325 3.32 33.69 31.54
CA GLN KA 325 2.52 34.76 30.92
C GLN KA 325 3.49 35.68 30.15
N HIS KA 326 3.23 36.05 28.88
CA HIS KA 326 2.00 35.85 28.12
C HIS KA 326 1.68 34.41 27.67
N ASN KA 327 0.54 34.23 27.03
CA ASN KA 327 0.07 32.92 26.62
C ASN KA 327 1.09 32.24 25.74
N MET KA 328 1.60 33.00 24.76
CA MET KA 328 2.52 32.40 23.80
C MET KA 328 3.33 33.37 22.94
N SER KA 329 4.66 33.31 23.04
CA SER KA 329 5.49 34.16 22.19
C SER KA 329 5.24 33.67 20.79
N MET KA 330 5.16 34.53 19.77
CA MET KA 330 4.94 33.94 18.45
C MET KA 330 6.11 33.02 18.11
N THR KA 331 7.31 33.43 18.53
CA THR KA 331 8.53 32.66 18.33
C THR KA 331 9.48 32.86 19.48
N GLU KA 332 10.30 31.86 19.71
CA GLU KA 332 11.35 31.91 20.71
C GLU KA 332 12.68 32.27 20.06
N ASP KA 333 12.90 33.59 19.90
CA ASP KA 333 14.10 34.12 19.21
C ASP KA 333 15.14 34.59 20.23
N TYR KA 334 16.26 33.87 20.30
CA TYR KA 334 17.38 34.20 21.17
C TYR KA 334 18.61 34.56 20.37
N TRP KA 335 19.69 34.91 21.06
CA TRP KA 335 20.91 35.28 20.36
C TRP KA 335 22.20 34.91 21.07
N LEU KA 336 23.23 34.76 20.27
CA LEU KA 336 24.61 34.61 20.74
C LEU KA 336 25.48 35.61 20.02
N GLN KA 337 26.57 35.97 20.66
CA GLN KA 337 27.53 36.78 19.95
C GLN KA 337 28.77 35.96 19.86
N ARG KA 338 29.54 36.14 18.79
CA ARG KA 338 30.81 35.39 18.59
C ARG KA 338 31.99 36.35 18.81
N ARG KA 339 32.87 36.03 19.76
CA ARG KA 339 34.04 36.88 20.05
C ARG KA 339 35.12 36.83 18.99
N ASP KA 340 34.95 36.00 17.99
CA ASP KA 340 35.90 35.85 16.91
C ASP KA 340 35.17 35.51 15.64
N GLY KA 341 35.83 35.72 14.51
CA GLY KA 341 35.28 35.47 13.18
C GLY KA 341 35.32 33.99 12.81
N LYS KA 342 34.73 33.16 13.65
CA LYS KA 342 34.71 31.73 13.47
C LYS KA 342 33.39 31.17 13.95
N ALA KA 343 32.71 30.41 13.11
CA ALA KA 343 31.42 29.86 13.50
C ALA KA 343 31.57 28.59 14.34
N VAL KA 344 32.04 28.78 15.57
CA VAL KA 344 32.29 27.69 16.52
C VAL KA 344 31.22 27.68 17.63
N THR KA 345 31.04 28.80 18.31
CA THR KA 345 30.04 28.91 19.36
C THR KA 345 28.64 28.67 18.78
N GLU KA 346 27.83 27.80 19.42
CA GLU KA 346 26.47 27.50 18.95
C GLU KA 346 25.59 26.80 19.99
N VAL KA 347 24.33 26.56 19.64
CA VAL KA 347 23.43 25.77 20.49
C VAL KA 347 23.29 24.39 19.86
N ASP KA 348 23.94 23.39 20.46
CA ASP KA 348 24.03 22.05 19.88
C ASP KA 348 22.85 21.16 20.30
N THR KA 349 21.88 20.93 19.43
CA THR KA 349 20.70 20.17 19.86
C THR KA 349 20.92 18.67 19.72
N LEU KA 350 20.13 17.89 20.45
CA LEU KA 350 20.27 16.44 20.40
C LEU KA 350 19.03 15.72 19.83
N PRO KA 351 19.16 14.47 19.32
CA PRO KA 351 18.10 13.65 18.68
C PRO KA 351 16.74 13.53 19.39
N GLY KA 352 16.69 13.49 20.72
CA GLY KA 352 15.39 13.40 21.39
C GLY KA 352 14.81 11.99 21.51
N ALA KA 353 13.73 11.87 22.28
CA ALA KA 353 13.04 10.59 22.48
C ALA KA 353 12.06 10.32 21.35
N ASP KA 354 12.41 9.40 20.45
CA ASP KA 354 11.60 9.08 19.27
C ASP KA 354 10.50 8.07 19.63
N ASN KA 355 9.70 7.70 18.66
CA ASN KA 355 8.60 6.75 18.80
C ASN KA 355 8.77 5.68 17.74
N THR KA 356 9.52 4.66 18.09
CA THR KA 356 9.91 3.65 17.12
C THR KA 356 9.19 2.31 17.28
N GLY KA 357 8.55 2.07 18.42
CA GLY KA 357 7.84 0.81 18.58
C GLY KA 357 6.61 0.91 17.68
N ASN KA 358 6.07 -0.17 17.10
CA ASN KA 358 6.49 -1.58 17.15
C ASN KA 358 6.63 -2.16 18.54
N MET KA 359 5.72 -1.81 19.44
CA MET KA 359 5.75 -2.36 20.80
C MET KA 359 5.10 -3.73 20.77
N GLU KA 360 5.82 -4.67 20.18
CA GLU KA 360 5.33 -6.01 19.96
C GLU KA 360 5.88 -7.06 20.90
N ASP KA 361 7.12 -6.91 21.37
CA ASP KA 361 7.69 -7.94 22.22
C ASP KA 361 6.90 -8.04 23.48
N ILE KA 362 6.35 -6.93 23.87
CA ILE KA 362 5.51 -6.86 25.03
C ILE KA 362 4.33 -7.81 24.87
N ARG KA 363 3.74 -7.88 23.67
CA ARG KA 363 2.59 -8.73 23.45
C ARG KA 363 3.03 -10.17 23.58
N TRP KA 364 4.17 -10.46 22.96
CA TRP KA 364 4.74 -11.80 22.95
C TRP KA 364 4.93 -12.31 24.35
N PHE KA 365 5.62 -11.51 25.15
CA PHE KA 365 5.94 -11.88 26.49
C PHE KA 365 4.74 -11.91 27.39
N ARG KA 366 3.80 -10.98 27.24
CA ARG KA 366 2.66 -10.99 28.09
C ARG KA 366 1.85 -12.26 27.88
N GLN KA 367 1.69 -12.69 26.61
CA GLN KA 367 0.95 -13.91 26.38
C GLN KA 367 1.69 -15.09 26.95
N ALA KA 368 3.02 -15.10 26.79
CA ALA KA 368 3.79 -16.20 27.30
C ALA KA 368 3.63 -16.29 28.80
N LEU KA 369 3.62 -15.14 29.45
CA LEU KA 369 3.48 -15.09 30.88
C LEU KA 369 2.13 -15.62 31.28
N TYR KA 370 1.08 -15.22 30.57
CA TYR KA 370 -0.21 -15.72 30.94
C TYR KA 370 -0.16 -17.24 30.96
N MET KA 371 0.42 -17.83 29.93
CA MET KA 371 0.48 -19.26 29.90
C MET KA 371 1.38 -19.84 30.98
N ALA KA 372 2.49 -19.17 31.29
CA ALA KA 372 3.39 -19.62 32.34
C ALA KA 372 2.63 -19.73 33.66
N LEU KA 373 1.67 -18.84 33.84
CA LEU KA 373 0.86 -18.73 35.03
C LEU KA 373 -0.29 -19.73 35.11
N ARG KA 374 -0.40 -20.63 34.13
CA ARG KA 374 -1.42 -21.67 34.10
C ARG KA 374 -2.86 -21.20 33.98
N VAL KA 375 -3.17 -20.42 32.95
CA VAL KA 375 -4.55 -19.95 32.76
C VAL KA 375 -4.97 -20.35 31.36
N PRO KA 376 -6.27 -20.35 31.03
CA PRO KA 376 -6.82 -20.59 29.70
C PRO KA 376 -6.32 -19.59 28.66
N LEU KA 377 -6.25 -20.03 27.42
CA LEU KA 377 -5.88 -19.22 26.24
C LEU KA 377 -6.83 -18.07 26.03
N SER KA 378 -8.05 -18.27 26.51
CA SER KA 378 -9.16 -17.35 26.42
C SER KA 378 -9.03 -16.16 27.36
N ARG KA 379 -8.10 -16.25 28.30
CA ARG KA 379 -7.94 -15.18 29.33
C ARG KA 379 -6.91 -14.13 28.89
N ILE KA 380 -7.22 -12.86 29.16
CA ILE KA 380 -6.31 -11.77 28.84
C ILE KA 380 -5.96 -11.07 30.14
N SER KA 395 -18.18 -21.42 26.00
CA SER KA 395 -18.58 -22.74 25.50
C SER KA 395 -17.69 -23.82 26.08
N ILE KA 396 -17.55 -24.93 25.37
CA ILE KA 396 -16.69 -26.01 25.84
C ILE KA 396 -15.58 -26.22 24.85
N THR KA 397 -14.36 -26.08 25.31
CA THR KA 397 -13.21 -26.26 24.43
C THR KA 397 -12.19 -27.15 25.09
N ARG KA 398 -11.26 -27.67 24.28
CA ARG KA 398 -10.19 -28.52 24.79
C ARG KA 398 -9.38 -27.81 25.85
N ASP KA 399 -9.15 -26.52 25.63
CA ASP KA 399 -8.37 -25.68 26.52
C ASP KA 399 -9.09 -25.47 27.85
N GLU KA 400 -10.37 -25.13 27.81
CA GLU KA 400 -11.09 -24.89 29.05
C GLU KA 400 -11.14 -26.17 29.87
N LEU KA 401 -11.32 -27.30 29.18
CA LEU KA 401 -11.39 -28.56 29.86
C LEU KA 401 -10.07 -28.90 30.50
N THR KA 402 -8.97 -28.63 29.80
CA THR KA 402 -7.65 -28.90 30.33
C THR KA 402 -7.45 -28.09 31.61
N PHE KA 403 -7.86 -26.83 31.57
CA PHE KA 403 -7.77 -25.97 32.73
C PHE KA 403 -8.57 -26.55 33.87
N ALA KA 404 -9.81 -26.96 33.60
CA ALA KA 404 -10.62 -27.52 34.65
C ALA KA 404 -9.93 -28.74 35.29
N LYS KA 405 -9.25 -29.56 34.47
CA LYS KA 405 -8.53 -30.71 34.99
C LYS KA 405 -7.45 -30.22 35.94
N PHE KA 406 -6.73 -29.17 35.54
CA PHE KA 406 -5.71 -28.55 36.38
C PHE KA 406 -6.29 -28.18 37.72
N ILE KA 407 -7.44 -27.52 37.70
CA ILE KA 407 -8.05 -27.12 38.94
C ILE KA 407 -8.40 -28.35 39.78
N ARG KA 408 -8.94 -29.37 39.12
CA ARG KA 408 -9.33 -30.63 39.80
C ARG KA 408 -8.11 -31.21 40.53
N GLU KA 409 -6.95 -31.19 39.86
CA GLU KA 409 -5.74 -31.71 40.46
C GLU KA 409 -5.27 -30.84 41.62
N LEU KA 410 -5.38 -29.52 41.48
CA LEU KA 410 -4.92 -28.65 42.55
C LEU KA 410 -5.72 -28.92 43.78
N GLN KA 411 -7.03 -29.09 43.59
CA GLN KA 411 -7.92 -29.33 44.69
C GLN KA 411 -7.58 -30.59 45.42
N HIS KA 412 -7.25 -31.65 44.70
CA HIS KA 412 -6.92 -32.91 45.35
C HIS KA 412 -5.59 -32.86 46.08
N LYS KA 413 -4.66 -32.04 45.63
CA LYS KA 413 -3.41 -31.97 46.34
C LYS KA 413 -3.63 -31.14 47.61
N PHE KA 414 -4.35 -30.03 47.45
CA PHE KA 414 -4.64 -29.13 48.55
C PHE KA 414 -5.37 -29.84 49.66
N GLU KA 415 -6.36 -30.65 49.26
CA GLU KA 415 -7.30 -31.43 50.05
C GLU KA 415 -6.69 -32.09 51.27
N GLU KA 416 -5.41 -32.44 51.21
CA GLU KA 416 -4.77 -33.13 52.33
C GLU KA 416 -4.95 -32.27 53.59
N VAL KA 417 -5.01 -30.94 53.40
CA VAL KA 417 -5.18 -29.95 54.45
C VAL KA 417 -6.43 -30.22 55.29
N PHE KA 418 -7.38 -30.99 54.75
CA PHE KA 418 -8.58 -31.30 55.47
C PHE KA 418 -8.51 -32.74 55.96
N LEU KA 419 -7.98 -33.63 55.12
CA LEU KA 419 -7.94 -35.05 55.45
C LEU KA 419 -7.08 -35.31 56.66
N ASP KA 420 -6.00 -34.56 56.75
CA ASP KA 420 -5.07 -34.65 57.85
C ASP KA 420 -5.77 -34.37 59.19
N PRO KA 421 -6.23 -33.14 59.50
CA PRO KA 421 -6.90 -32.84 60.74
C PRO KA 421 -8.17 -33.66 60.88
N LEU KA 422 -8.77 -34.12 59.78
CA LEU KA 422 -9.93 -34.95 59.92
C LEU KA 422 -9.54 -36.26 60.56
N LYS KA 423 -8.55 -36.96 60.01
CA LYS KA 423 -8.18 -38.21 60.65
C LYS KA 423 -7.60 -37.97 62.02
N THR KA 424 -6.93 -36.84 62.21
CA THR KA 424 -6.31 -36.61 63.49
C THR KA 424 -7.36 -36.55 64.58
N ASN KA 425 -8.42 -35.78 64.34
CA ASN KA 425 -9.44 -35.62 65.35
C ASN KA 425 -10.17 -36.92 65.60
N LEU KA 426 -10.44 -37.66 64.53
CA LEU KA 426 -11.18 -38.90 64.63
C LEU KA 426 -10.40 -39.92 65.43
N LEU KA 427 -9.08 -39.94 65.27
CA LEU KA 427 -8.28 -40.87 66.04
C LEU KA 427 -8.25 -40.44 67.50
N LEU KA 428 -8.04 -39.14 67.72
CA LEU KA 428 -7.96 -38.61 69.08
C LEU KA 428 -9.22 -38.81 69.88
N LYS KA 429 -10.37 -38.70 69.21
CA LYS KA 429 -11.63 -38.83 69.89
C LYS KA 429 -12.10 -40.28 70.03
N GLY KA 430 -11.34 -41.25 69.51
CA GLY KA 430 -11.75 -42.63 69.59
C GLY KA 430 -12.89 -42.97 68.65
N ILE KA 431 -12.98 -42.28 67.52
CA ILE KA 431 -14.06 -42.50 66.57
C ILE KA 431 -13.71 -43.58 65.58
N ILE KA 432 -12.53 -43.48 64.99
CA ILE KA 432 -12.11 -44.44 63.98
C ILE KA 432 -10.74 -44.93 64.40
N THR KA 433 -10.38 -46.17 64.07
CA THR KA 433 -9.02 -46.60 64.40
C THR KA 433 -8.11 -46.31 63.22
N GLU KA 434 -6.80 -46.40 63.42
CA GLU KA 434 -5.86 -46.17 62.34
C GLU KA 434 -6.04 -47.17 61.22
N ASP KA 435 -6.29 -48.40 61.59
CA ASP KA 435 -6.45 -49.43 60.59
C ASP KA 435 -7.71 -49.20 59.82
N GLU KA 436 -8.78 -48.81 60.52
CA GLU KA 436 -10.03 -48.59 59.83
C GLU KA 436 -9.89 -47.45 58.84
N TRP KA 437 -9.18 -46.39 59.24
CA TRP KA 437 -8.95 -45.27 58.34
C TRP KA 437 -8.28 -45.77 57.09
N ASN KA 438 -7.18 -46.52 57.25
CA ASN KA 438 -6.44 -47.01 56.11
C ASN KA 438 -7.27 -47.91 55.19
N ASP KA 439 -8.18 -48.70 55.76
CA ASP KA 439 -9.01 -49.53 54.90
C ASP KA 439 -10.06 -48.68 54.18
N GLU KA 440 -10.63 -47.70 54.88
CA GLU KA 440 -11.62 -46.84 54.28
C GLU KA 440 -11.08 -45.88 53.20
N ILE KA 441 -9.84 -45.38 53.35
CA ILE KA 441 -9.33 -44.49 52.30
C ILE KA 441 -8.04 -44.97 51.59
N ASN KA 442 -8.09 -45.41 50.29
CA ASN KA 442 -9.25 -45.55 49.38
C ASN KA 442 -10.12 -44.31 49.14
N ASN KA 443 -11.34 -44.26 49.68
CA ASN KA 443 -12.15 -43.10 49.42
C ASN KA 443 -12.99 -42.55 50.58
N ILE KA 444 -12.42 -41.55 51.23
CA ILE KA 444 -12.99 -40.72 52.29
C ILE KA 444 -12.73 -39.35 51.69
N LYS KA 445 -12.93 -39.26 50.39
CA LYS KA 445 -12.62 -38.05 49.65
C LYS KA 445 -13.61 -36.94 49.82
N ILE KA 446 -13.08 -35.74 49.61
CA ILE KA 446 -13.79 -34.50 49.70
C ILE KA 446 -14.10 -33.93 48.34
N GLU KA 447 -15.38 -33.66 48.10
CA GLU KA 447 -15.82 -33.16 46.82
C GLU KA 447 -15.89 -31.65 46.82
N PHE KA 448 -15.37 -31.06 45.78
CA PHE KA 448 -15.37 -29.62 45.67
C PHE KA 448 -16.59 -29.12 44.94
N HIS KA 449 -17.19 -28.05 45.48
CA HIS KA 449 -18.34 -27.39 44.88
C HIS KA 449 -17.92 -26.68 43.61
N ARG KA 450 -18.75 -26.74 42.58
CA ARG KA 450 -18.42 -26.03 41.36
C ARG KA 450 -19.49 -25.01 41.00
N ASP KA 451 -19.08 -24.02 40.23
CA ASP KA 451 -19.95 -22.95 39.75
C ASP KA 451 -21.13 -23.51 38.97
N SER KA 452 -22.34 -23.36 39.55
CA SER KA 452 -23.55 -23.93 38.97
C SER KA 452 -23.94 -23.33 37.65
N TYR KA 453 -23.61 -22.06 37.46
CA TYR KA 453 -23.92 -21.40 36.20
C TYR KA 453 -23.18 -22.07 35.08
N PHE KA 454 -21.88 -22.20 35.23
CA PHE KA 454 -21.13 -22.78 34.15
C PHE KA 454 -21.40 -24.26 34.02
N ALA KA 455 -21.67 -24.92 35.14
CA ALA KA 455 -21.94 -26.33 35.08
C ALA KA 455 -23.19 -26.61 34.29
N GLU KA 456 -24.27 -25.84 34.49
CA GLU KA 456 -25.44 -26.15 33.70
C GLU KA 456 -25.20 -25.82 32.25
N LEU KA 457 -24.37 -24.81 31.94
CA LEU KA 457 -24.13 -24.49 30.55
C LEU KA 457 -23.44 -25.66 29.87
N LYS KA 458 -22.48 -26.25 30.58
CA LYS KA 458 -21.75 -27.37 30.04
C LYS KA 458 -22.71 -28.50 29.74
N GLU KA 459 -23.54 -28.85 30.73
CA GLU KA 459 -24.46 -29.94 30.55
C GLU KA 459 -25.44 -29.66 29.44
N ALA KA 460 -25.90 -28.41 29.33
CA ALA KA 460 -26.86 -28.06 28.31
C ALA KA 460 -26.29 -28.27 26.93
N GLU KA 461 -25.04 -27.87 26.68
CA GLU KA 461 -24.53 -28.09 25.33
C GLU KA 461 -24.40 -29.56 25.04
N ILE KA 462 -24.01 -30.32 26.05
CA ILE KA 462 -23.84 -31.73 25.86
C ILE KA 462 -25.18 -32.35 25.50
N LEU KA 463 -26.21 -31.99 26.24
CA LEU KA 463 -27.51 -32.51 25.94
C LEU KA 463 -27.96 -32.05 24.55
N GLU KA 464 -27.75 -30.79 24.19
CA GLU KA 464 -28.20 -30.35 22.88
C GLU KA 464 -27.65 -31.25 21.80
N ARG KA 465 -26.37 -31.57 21.90
CA ARG KA 465 -25.78 -32.46 20.93
C ARG KA 465 -26.42 -33.85 21.00
N ARG KA 466 -26.67 -34.36 22.19
CA ARG KA 466 -27.30 -35.67 22.33
C ARG KA 466 -28.68 -35.67 21.67
N ILE KA 467 -29.41 -34.57 21.85
CA ILE KA 467 -30.73 -34.43 21.28
C ILE KA 467 -30.63 -34.44 19.77
N ASN KA 468 -29.69 -33.66 19.23
CA ASN KA 468 -29.55 -33.61 17.80
C ASN KA 468 -29.19 -34.97 17.23
N MET KA 469 -28.33 -35.72 17.91
CA MET KA 469 -27.96 -37.03 17.42
C MET KA 469 -29.13 -37.97 17.42
N LEU KA 470 -29.95 -37.87 18.48
CA LEU KA 470 -31.12 -38.71 18.63
C LEU KA 470 -32.07 -38.37 17.52
N THR KA 471 -32.27 -37.08 17.29
CA THR KA 471 -33.17 -36.60 16.28
C THR KA 471 -32.78 -37.12 14.92
N MET KA 472 -31.50 -37.06 14.59
CA MET KA 472 -31.08 -37.57 13.30
C MET KA 472 -31.33 -39.06 13.19
N ALA KA 473 -31.06 -39.79 14.27
CA ALA KA 473 -31.28 -41.22 14.31
C ALA KA 473 -32.75 -41.60 14.15
N GLU KA 474 -33.64 -40.77 14.70
CA GLU KA 474 -35.09 -41.01 14.73
C GLU KA 474 -35.71 -41.81 13.58
N PRO KA 475 -35.51 -41.52 12.29
CA PRO KA 475 -36.18 -42.22 11.21
C PRO KA 475 -35.90 -43.72 11.22
N PHE KA 476 -34.84 -44.13 11.90
CA PHE KA 476 -34.42 -45.50 11.94
C PHE KA 476 -34.71 -46.14 13.29
N ILE KA 477 -35.36 -45.39 14.17
CA ILE KA 477 -35.56 -45.82 15.56
C ILE KA 477 -36.35 -47.11 15.72
N GLY KA 478 -37.24 -47.43 14.80
CA GLY KA 478 -37.99 -48.66 14.91
C GLY KA 478 -37.50 -49.72 13.93
N LYS KA 479 -36.38 -49.45 13.27
CA LYS KA 479 -35.91 -50.37 12.24
C LYS KA 479 -34.45 -50.77 12.31
N TYR KA 480 -33.54 -49.81 12.49
CA TYR KA 480 -32.12 -50.13 12.35
C TYR KA 480 -31.33 -49.91 13.63
N ILE KA 481 -32.03 -49.60 14.69
CA ILE KA 481 -31.41 -49.40 15.99
C ILE KA 481 -32.45 -49.67 17.04
N SER KA 482 -32.07 -50.30 18.12
CA SER KA 482 -32.99 -50.45 19.25
C SER KA 482 -33.17 -49.13 19.93
N HIS KA 483 -34.36 -48.88 20.47
CA HIS KA 483 -34.52 -47.64 21.17
C HIS KA 483 -33.72 -47.67 22.47
N ARG KA 484 -33.43 -48.88 22.97
CA ARG KA 484 -32.64 -48.99 24.18
C ARG KA 484 -31.27 -48.47 23.90
N THR KA 485 -30.76 -48.90 22.75
CA THR KA 485 -29.46 -48.52 22.25
C THR KA 485 -29.44 -47.03 22.07
N ALA KA 486 -30.47 -46.47 21.46
CA ALA KA 486 -30.41 -45.04 21.32
C ALA KA 486 -30.32 -44.38 22.71
N MET KA 487 -31.09 -44.87 23.67
CA MET KA 487 -31.00 -44.26 24.98
C MET KA 487 -29.64 -44.39 25.65
N LYS KA 488 -29.01 -45.55 25.59
CA LYS KA 488 -27.73 -45.74 26.25
C LYS KA 488 -26.51 -45.25 25.45
N ASP KA 489 -26.55 -45.34 24.13
CA ASP KA 489 -25.42 -44.95 23.29
C ASP KA 489 -25.51 -43.54 22.71
N ILE KA 490 -26.72 -43.00 22.52
CA ILE KA 490 -26.85 -41.65 21.99
C ILE KA 490 -27.14 -40.69 23.13
N LEU KA 491 -28.15 -40.99 23.92
CA LEU KA 491 -28.52 -40.07 25.01
C LEU KA 491 -27.72 -40.32 26.29
N GLN KA 492 -26.87 -41.34 26.22
CA GLN KA 492 -25.94 -41.80 27.25
C GLN KA 492 -26.57 -42.19 28.58
N MET KA 493 -27.74 -42.79 28.54
CA MET KA 493 -28.45 -43.20 29.75
C MET KA 493 -27.94 -44.53 30.29
N THR KA 494 -27.96 -44.71 31.60
CA THR KA 494 -27.57 -46.00 32.17
C THR KA 494 -28.78 -46.92 32.18
N ASP KA 495 -28.56 -48.21 32.44
CA ASP KA 495 -29.69 -49.13 32.48
C ASP KA 495 -30.67 -48.78 33.59
N GLU KA 496 -30.14 -48.36 34.72
CA GLU KA 496 -30.95 -48.02 35.87
C GLU KA 496 -31.72 -46.77 35.54
N GLU KA 497 -31.04 -45.82 34.91
CA GLU KA 497 -31.65 -44.57 34.54
C GLU KA 497 -32.82 -44.81 33.63
N ILE KA 498 -32.66 -45.71 32.65
CA ILE KA 498 -33.73 -45.99 31.73
C ILE KA 498 -34.91 -46.60 32.45
N GLU KA 499 -34.68 -47.58 33.32
CA GLU KA 499 -35.81 -48.15 34.04
C GLU KA 499 -36.53 -47.10 34.85
N GLN KA 500 -35.76 -46.24 35.53
CA GLN KA 500 -36.34 -45.22 36.37
C GLN KA 500 -37.16 -44.25 35.56
N GLU KA 501 -36.68 -43.84 34.40
CA GLU KA 501 -37.47 -42.93 33.61
C GLU KA 501 -38.68 -43.65 33.09
N ALA KA 502 -38.55 -44.92 32.70
CA ALA KA 502 -39.72 -45.58 32.19
C ALA KA 502 -40.83 -45.56 33.22
N LYS KA 503 -40.46 -45.79 34.48
CA LYS KA 503 -41.45 -45.76 35.55
C LYS KA 503 -42.08 -44.38 35.66
N GLN KA 504 -41.25 -43.32 35.68
CA GLN KA 504 -41.79 -41.98 35.84
C GLN KA 504 -42.72 -41.61 34.68
N ILE KA 505 -42.36 -42.05 33.47
CA ILE KA 505 -43.18 -41.77 32.29
C ILE KA 505 -44.53 -42.43 32.45
N GLU KA 506 -44.53 -43.70 32.85
CA GLU KA 506 -45.77 -44.42 33.04
C GLU KA 506 -46.65 -43.76 34.07
N GLU KA 507 -46.06 -43.26 35.16
CA GLU KA 507 -46.86 -42.58 36.16
C GLU KA 507 -47.48 -41.30 35.59
N GLU KA 508 -46.69 -40.53 34.84
CA GLU KA 508 -47.17 -39.28 34.26
C GLU KA 508 -48.28 -39.52 33.27
N SER KA 509 -48.18 -40.63 32.56
CA SER KA 509 -49.13 -41.06 31.56
C SER KA 509 -50.51 -41.37 32.14
N LYS KA 510 -50.62 -41.58 33.44
CA LYS KA 510 -51.90 -41.92 34.02
C LYS KA 510 -52.84 -40.73 33.93
N LEU LA 6 23.53 -57.20 50.31
CA LEU LA 6 23.77 -58.43 49.57
C LEU LA 6 22.66 -59.44 49.70
N SER LA 7 22.50 -59.96 50.92
CA SER LA 7 21.53 -61.02 51.25
C SER LA 7 20.11 -60.55 50.99
N LEU LA 8 19.97 -59.26 50.93
CA LEU LA 8 18.74 -58.57 50.64
C LEU LA 8 18.13 -59.14 49.39
N PHE LA 9 18.96 -59.37 48.40
CA PHE LA 9 18.49 -59.76 47.11
C PHE LA 9 18.54 -61.25 46.91
N ALA LA 10 18.83 -62.01 47.96
CA ALA LA 10 18.93 -63.44 47.77
C ALA LA 10 17.72 -64.04 47.02
N PRO LA 11 16.45 -63.76 47.37
CA PRO LA 11 15.31 -64.29 46.63
C PRO LA 11 15.21 -63.78 45.20
N TRP LA 12 15.80 -62.61 44.93
CA TRP LA 12 15.72 -62.10 43.59
C TRP LA 12 16.77 -62.82 42.78
N ALA LA 13 17.88 -63.08 43.43
CA ALA LA 13 18.96 -63.78 42.78
C ALA LA 13 18.46 -65.14 42.42
N LYS LA 14 17.73 -65.79 43.33
CA LYS LA 14 17.25 -67.12 43.03
C LYS LA 14 16.40 -67.13 41.77
N MET LA 15 15.52 -66.14 41.61
CA MET LA 15 14.73 -66.09 40.39
C MET LA 15 15.61 -65.99 39.15
N ASP LA 16 16.58 -65.09 39.19
CA ASP LA 16 17.48 -64.92 38.08
C ASP LA 16 18.41 -66.07 37.85
N GLU LA 17 18.84 -66.72 38.92
CA GLU LA 17 19.72 -67.85 38.79
C GLU LA 17 19.01 -68.95 38.05
N ARG LA 18 17.74 -69.18 38.39
CA ARG LA 18 16.98 -70.19 37.70
C ARG LA 18 16.80 -69.80 36.25
N ASN LA 19 16.45 -68.53 36.01
CA ASN LA 19 16.25 -68.09 34.63
C ASN LA 19 17.50 -68.25 33.82
N PHE LA 20 18.62 -67.82 34.38
CA PHE LA 20 19.89 -67.89 33.69
C PHE LA 20 20.22 -69.32 33.37
N LYS LA 21 20.11 -70.21 34.35
CA LYS LA 21 20.41 -71.60 34.07
C LYS LA 21 19.50 -72.11 32.97
N ASP LA 22 18.21 -71.71 32.97
CA ASP LA 22 17.35 -72.13 31.89
C ASP LA 22 17.84 -71.56 30.58
N GLN LA 23 18.30 -70.32 30.57
CA GLN LA 23 18.78 -69.75 29.33
C GLN LA 23 19.95 -70.55 28.78
N GLU LA 24 20.82 -71.07 29.66
CA GLU LA 24 21.94 -71.89 29.21
C GLU LA 24 21.46 -73.24 28.66
N LYS LA 25 20.48 -73.85 29.34
CA LYS LA 25 19.90 -75.13 28.92
C LYS LA 25 19.16 -75.02 27.61
N GLU LA 26 18.51 -73.89 27.42
CA GLU LA 26 17.74 -73.59 26.22
C GLU LA 26 18.62 -73.53 25.02
N ASP LA 27 18.01 -73.78 23.89
CA ASP LA 27 18.65 -73.82 22.61
C ASP LA 27 18.65 -72.53 21.81
N LEU LA 28 18.38 -71.39 22.46
CA LEU LA 28 18.46 -70.09 21.80
C LEU LA 28 19.91 -69.63 21.89
N VAL LA 29 20.77 -70.41 21.26
CA VAL LA 29 22.20 -70.24 21.30
C VAL LA 29 22.75 -70.33 19.89
N SER LA 30 24.02 -70.02 19.78
CA SER LA 30 24.76 -70.07 18.53
C SER LA 30 24.22 -68.96 17.64
N ILE LA 31 24.24 -67.76 18.22
CA ILE LA 31 23.81 -66.52 17.63
C ILE LA 31 25.02 -65.57 17.51
N THR LA 32 25.38 -65.13 16.30
CA THR LA 32 26.54 -64.22 16.20
C THR LA 32 26.35 -62.95 17.02
N ALA LA 33 25.20 -62.33 16.81
CA ALA LA 33 24.82 -61.10 17.45
C ALA LA 33 24.36 -61.35 18.90
N PRO LA 34 24.45 -60.38 19.81
CA PRO LA 34 23.86 -60.48 21.13
C PRO LA 34 22.39 -60.72 20.95
N LYS LA 35 21.75 -61.56 21.74
CA LYS LA 35 20.33 -61.71 21.47
C LYS LA 35 19.54 -60.63 22.16
N LEU LA 36 19.52 -59.46 21.52
CA LEU LA 36 18.86 -58.29 22.06
C LEU LA 36 18.56 -57.26 20.97
N ASP LA 37 17.36 -56.70 20.95
CA ASP LA 37 17.01 -55.62 20.03
C ASP LA 37 17.48 -54.29 20.61
N ASP LA 38 17.11 -54.05 21.87
CA ASP LA 38 17.44 -52.85 22.65
C ASP LA 38 17.60 -53.19 24.12
N GLY LA 39 17.95 -52.23 24.97
CA GLY LA 39 18.12 -52.59 26.38
C GLY LA 39 19.48 -52.23 26.98
N ALA LA 40 19.95 -53.13 27.84
CA ALA LA 40 21.14 -53.02 28.69
C ALA LA 40 22.47 -52.85 27.96
N ARG LA 41 23.36 -52.04 28.54
CA ARG LA 41 24.72 -51.85 27.98
C ARG LA 41 25.46 -53.17 28.21
N GLU LA 42 26.26 -53.62 27.23
CA GLU LA 42 26.91 -54.91 27.42
C GLU LA 42 28.38 -54.89 27.78
N PHE LA 43 28.92 -56.08 28.00
CA PHE LA 43 30.33 -56.27 28.33
C PHE LA 43 30.73 -57.73 28.11
N GLU LA 44 31.95 -57.99 27.63
CA GLU LA 44 32.41 -59.38 27.49
C GLU LA 44 33.04 -59.88 28.76
N VAL LA 45 32.86 -61.16 29.10
CA VAL LA 45 33.48 -61.66 30.33
C VAL LA 45 34.32 -62.92 30.13
N SER LA 46 34.86 -63.43 31.24
CA SER LA 46 35.80 -64.57 31.33
C SER LA 46 35.36 -65.91 30.75
N SER LA 47 34.06 -66.07 30.50
CA SER LA 47 33.42 -67.28 29.96
C SER LA 47 33.10 -68.34 30.98
N ASN LA 48 33.50 -68.13 32.24
CA ASN LA 48 33.17 -69.11 33.23
C ASN LA 48 31.75 -68.83 33.65
N GLU LA 49 31.20 -69.60 34.56
CA GLU LA 49 29.83 -69.35 34.97
C GLU LA 49 29.77 -68.06 35.78
N ALA LA 50 30.70 -67.94 36.70
CA ALA LA 50 30.82 -66.80 37.57
C ALA LA 50 32.17 -66.78 38.23
N ALA LA 51 32.62 -65.61 38.63
CA ALA LA 51 33.79 -65.52 39.46
C ALA LA 51 33.31 -65.77 40.89
N SER LA 52 34.15 -66.41 41.68
CA SER LA 52 33.86 -66.71 43.08
C SER LA 52 33.11 -65.67 43.96
N PRO LA 53 33.63 -64.44 44.22
CA PRO LA 53 33.00 -63.48 45.13
C PRO LA 53 31.65 -62.92 44.67
N TYR LA 54 30.79 -62.64 45.64
CA TYR LA 54 29.47 -62.07 45.39
C TYR LA 54 29.52 -60.76 44.62
N ASN LA 55 30.52 -59.95 44.96
CA ASN LA 55 30.68 -58.65 44.38
C ASN LA 55 31.68 -58.66 43.21
N ALA LA 56 31.97 -59.86 42.67
CA ALA LA 56 32.92 -60.00 41.58
C ALA LA 56 32.56 -59.14 40.41
N ALA LA 57 31.27 -58.93 40.19
CA ALA LA 57 30.78 -58.15 39.09
C ALA LA 57 31.42 -56.77 39.02
N PHE LA 58 31.92 -56.20 40.12
CA PHE LA 58 32.49 -54.86 39.98
C PHE LA 58 33.62 -54.84 38.93
N GLN LA 59 34.22 -56.02 38.72
CA GLN LA 59 35.30 -56.26 37.78
C GLN LA 59 34.91 -55.89 36.36
N THR LA 60 33.62 -56.05 36.02
CA THR LA 60 33.12 -55.77 34.70
C THR LA 60 32.29 -54.51 34.70
N ILE LA 61 31.73 -54.18 35.86
CA ILE LA 61 30.86 -53.03 36.03
C ILE LA 61 31.58 -51.74 35.80
N PHE LA 62 32.73 -51.54 36.42
CA PHE LA 62 33.35 -50.24 36.21
C PHE LA 62 33.51 -49.96 34.74
N GLY LA 63 34.06 -50.96 34.04
CA GLY LA 63 34.30 -50.86 32.63
C GLY LA 63 33.04 -50.51 31.86
N SER LA 64 31.97 -51.28 32.06
CA SER LA 64 30.75 -51.04 31.31
C SER LA 64 30.01 -49.73 31.63
N TYR LA 65 30.21 -49.09 32.81
CA TYR LA 65 29.45 -47.86 33.01
C TYR LA 65 30.22 -46.56 32.91
N GLU LA 66 31.51 -46.52 33.24
CA GLU LA 66 32.21 -45.23 33.35
C GLU LA 66 31.57 -44.05 32.55
N PRO LA 67 31.73 -43.93 31.20
CA PRO LA 67 31.18 -42.85 30.38
C PRO LA 67 29.65 -42.81 30.30
N GLY LA 68 29.02 -43.96 30.56
CA GLY LA 68 27.58 -44.13 30.50
C GLY LA 68 26.93 -43.32 31.59
N MET LA 69 27.43 -43.55 32.80
CA MET LA 69 26.94 -42.88 34.00
C MET LA 69 27.12 -41.39 33.86
N LYS LA 70 28.29 -40.96 33.37
CA LYS LA 70 28.49 -39.53 33.23
C LYS LA 70 27.52 -38.94 32.21
N THR LA 71 27.41 -39.57 31.05
CA THR LA 71 26.56 -39.08 29.98
C THR LA 71 25.12 -39.03 30.40
N THR LA 72 24.67 -40.08 31.08
CA THR LA 72 23.31 -40.17 31.51
C THR LA 72 23.03 -39.02 32.44
N ARG LA 73 23.92 -38.79 33.41
CA ARG LA 73 23.71 -37.70 34.32
C ARG LA 73 23.45 -36.41 33.56
N GLU LA 74 24.31 -36.13 32.57
CA GLU LA 74 24.15 -34.90 31.82
C GLU LA 74 22.83 -34.86 31.06
N LEU LA 75 22.44 -35.97 30.45
CA LEU LA 75 21.19 -35.97 29.69
C LEU LA 75 19.97 -35.79 30.55
N ILE LA 76 19.92 -36.44 31.70
CA ILE LA 76 18.74 -36.32 32.53
C ILE LA 76 18.63 -34.92 33.05
N ASP LA 77 19.73 -34.37 33.54
CA ASP LA 77 19.66 -33.02 34.06
C ASP LA 77 19.23 -32.07 32.96
N THR LA 78 19.73 -32.31 31.75
CA THR LA 78 19.36 -31.49 30.62
C THR LA 78 17.89 -31.62 30.33
N TYR LA 79 17.36 -32.84 30.33
CA TYR LA 79 15.97 -33.06 30.05
C TYR LA 79 15.12 -32.32 31.06
N ARG LA 80 15.54 -32.38 32.32
CA ARG LA 80 14.83 -31.68 33.43
C ARG LA 80 14.90 -30.17 33.19
N ASN LA 81 16.05 -29.68 32.71
CA ASN LA 81 16.21 -28.27 32.44
C ASN LA 81 15.35 -27.85 31.27
N LEU LA 82 15.18 -28.72 30.28
CA LEU LA 82 14.34 -28.38 29.15
C LEU LA 82 12.91 -28.25 29.66
N MET LA 83 12.50 -29.19 30.51
CA MET LA 83 11.16 -29.19 31.08
C MET LA 83 10.88 -27.94 31.87
N ASN LA 84 11.90 -27.40 32.51
CA ASN LA 84 11.78 -26.19 33.29
C ASN LA 84 11.46 -24.94 32.46
N ASN LA 85 11.60 -25.00 31.14
CA ASN LA 85 11.35 -23.86 30.30
C ASN LA 85 9.90 -23.68 29.86
N TYR LA 86 9.58 -22.44 29.55
CA TYR LA 86 8.27 -22.05 29.10
C TYR LA 86 7.75 -22.87 27.96
N GLU LA 87 6.51 -23.33 28.12
CA GLU LA 87 5.72 -24.13 27.20
C GLU LA 87 6.22 -25.56 27.04
N VAL LA 88 7.39 -25.86 27.57
CA VAL LA 88 7.88 -27.18 27.46
C VAL LA 88 7.16 -27.94 28.52
N ASP LA 89 7.10 -27.34 29.72
CA ASP LA 89 6.45 -27.99 30.84
C ASP LA 89 5.00 -28.24 30.50
N ASN LA 90 4.45 -27.34 29.71
CA ASN LA 90 3.08 -27.41 29.30
C ASN LA 90 2.91 -28.53 28.32
N ALA LA 91 3.72 -28.57 27.27
CA ALA LA 91 3.53 -29.64 26.31
C ALA LA 91 3.65 -30.98 27.00
N VAL LA 92 4.61 -31.07 27.92
CA VAL LA 92 4.78 -32.30 28.61
C VAL LA 92 3.55 -32.60 29.42
N SER LA 93 3.05 -31.61 30.15
CA SER LA 93 1.89 -31.80 30.98
C SER LA 93 0.67 -32.24 30.18
N GLU LA 94 0.49 -31.66 29.00
CA GLU LA 94 -0.65 -32.01 28.16
C GLU LA 94 -0.56 -33.46 27.76
N ILE LA 95 0.65 -33.91 27.43
CA ILE LA 95 0.85 -35.30 27.08
C ILE LA 95 0.55 -36.18 28.27
N VAL LA 96 1.05 -35.80 29.44
CA VAL LA 96 0.86 -36.58 30.64
C VAL LA 96 -0.62 -36.69 30.93
N SER LA 97 -1.33 -35.59 30.79
CA SER LA 97 -2.76 -35.57 31.05
C SER LA 97 -3.48 -36.53 30.14
N ASP LA 98 -3.18 -36.48 28.85
CA ASP LA 98 -3.85 -37.39 27.93
C ASP LA 98 -3.45 -38.83 28.16
N ALA LA 99 -2.21 -39.07 28.57
CA ALA LA 99 -1.75 -40.42 28.83
C ALA LA 99 -2.31 -41.00 30.13
N ILE LA 100 -2.35 -40.22 31.21
CA ILE LA 100 -2.87 -40.75 32.45
C ILE LA 100 -4.24 -40.17 32.72
N VAL LA 101 -5.24 -40.98 32.48
CA VAL LA 101 -6.59 -40.51 32.52
C VAL LA 101 -7.52 -41.21 33.47
N TYR LA 102 -8.24 -40.39 34.22
CA TYR LA 102 -9.28 -40.80 35.13
C TYR LA 102 -10.16 -39.60 35.40
N GLU LA 103 -11.40 -39.84 35.77
CA GLU LA 103 -12.36 -38.80 36.09
C GLU LA 103 -13.19 -39.22 37.30
N ASP LA 104 -14.10 -38.36 37.71
CA ASP LA 104 -14.90 -38.66 38.88
C ASP LA 104 -15.60 -40.00 38.71
N ASP LA 105 -15.41 -40.85 39.70
CA ASP LA 105 -15.95 -42.19 39.77
C ASP LA 105 -15.72 -43.05 38.54
N THR LA 106 -14.54 -42.94 37.93
CA THR LA 106 -14.24 -43.79 36.79
C THR LA 106 -13.18 -44.75 37.21
N GLU LA 107 -12.85 -45.64 36.32
CA GLU LA 107 -11.77 -46.54 36.58
C GLU LA 107 -10.48 -45.80 36.33
N VAL LA 108 -9.39 -46.50 36.57
CA VAL LA 108 -8.04 -46.06 36.38
C VAL LA 108 -7.44 -47.17 35.56
N VAL LA 109 -6.22 -47.06 35.12
CA VAL LA 109 -5.76 -48.17 34.31
C VAL LA 109 -5.90 -49.45 35.13
N ALA LA 110 -6.47 -50.49 34.53
CA ALA LA 110 -6.69 -51.70 35.26
C ALA LA 110 -6.72 -52.93 34.38
N LEU LA 111 -6.35 -54.02 34.98
CA LEU LA 111 -6.29 -55.29 34.29
C LEU LA 111 -7.62 -55.74 33.75
N ASN LA 112 -7.66 -56.13 32.47
CA ASN LA 112 -8.89 -56.58 31.87
C ASN LA 112 -8.70 -57.93 31.20
N LEU LA 113 -9.05 -58.98 31.91
CA LEU LA 113 -8.81 -60.32 31.41
C LEU LA 113 -9.99 -60.85 30.62
N ASP LA 114 -10.25 -60.24 29.47
CA ASP LA 114 -11.39 -60.60 28.63
C ASP LA 114 -11.05 -61.59 27.51
N LYS LA 115 -9.86 -62.15 27.57
CA LYS LA 115 -9.40 -63.12 26.60
C LYS LA 115 -9.28 -64.48 27.27
N SER LA 116 -9.02 -65.51 26.49
CA SER LA 116 -8.89 -66.84 27.04
C SER LA 116 -7.86 -66.84 28.15
N LYS LA 117 -8.19 -67.55 29.22
CA LYS LA 117 -7.35 -67.68 30.39
C LYS LA 117 -7.33 -69.12 30.83
N PHE LA 118 -6.34 -69.50 31.62
CA PHE LA 118 -6.28 -70.87 32.11
C PHE LA 118 -7.42 -71.21 33.07
N SER LA 119 -7.80 -70.27 33.92
CA SER LA 119 -8.87 -70.50 34.88
C SER LA 119 -9.47 -69.20 35.42
N PRO LA 120 -10.80 -69.12 35.62
CA PRO LA 120 -11.49 -68.00 36.22
C PRO LA 120 -11.02 -67.77 37.66
N LYS LA 121 -10.43 -68.80 38.27
CA LYS LA 121 -9.95 -68.64 39.62
C LYS LA 121 -8.71 -67.76 39.58
N ILE LA 122 -7.89 -67.94 38.53
CA ILE LA 122 -6.68 -67.19 38.36
C ILE LA 122 -7.11 -65.80 37.98
N LYS LA 123 -8.07 -65.73 37.07
CA LYS LA 123 -8.56 -64.45 36.62
C LYS LA 123 -8.92 -63.58 37.82
N ASN LA 124 -9.69 -64.12 38.77
CA ASN LA 124 -10.04 -63.30 39.90
C ASN LA 124 -8.81 -62.93 40.71
N MET LA 125 -7.92 -63.89 40.97
CA MET LA 125 -6.75 -63.55 41.77
C MET LA 125 -5.93 -62.46 41.14
N MET LA 126 -5.74 -62.51 39.83
CA MET LA 126 -4.95 -61.51 39.15
C MET LA 126 -5.56 -60.15 39.29
N LEU LA 127 -6.87 -60.06 39.11
CA LEU LA 127 -7.55 -58.79 39.20
C LEU LA 127 -7.49 -58.25 40.62
N ASP LA 128 -7.66 -59.14 41.60
CA ASP LA 128 -7.65 -58.76 42.99
C ASP LA 128 -6.29 -58.20 43.37
N GLU LA 129 -5.24 -58.83 42.88
CA GLU LA 129 -3.90 -58.39 43.17
C GLU LA 129 -3.48 -57.20 42.31
N PHE LA 130 -4.03 -57.06 41.11
CA PHE LA 130 -3.68 -55.92 40.28
C PHE LA 130 -3.94 -54.67 41.11
N SER LA 131 -5.06 -54.66 41.83
CA SER LA 131 -5.37 -53.52 42.70
C SER LA 131 -4.15 -53.11 43.52
N ASP LA 132 -3.41 -54.07 44.08
CA ASP LA 132 -2.24 -53.74 44.86
C ASP LA 132 -1.11 -53.27 43.98
N VAL LA 133 -1.07 -53.71 42.73
CA VAL LA 133 -0.03 -53.23 41.83
C VAL LA 133 -0.18 -51.72 41.75
N LEU LA 134 -1.43 -51.27 41.63
CA LEU LA 134 -1.70 -49.84 41.60
C LEU LA 134 -1.39 -49.19 42.96
N ASN LA 135 -1.74 -49.86 44.05
CA ASN LA 135 -1.52 -49.31 45.39
C ASN LA 135 -0.05 -49.12 45.68
N HIS LA 136 0.78 -49.97 45.11
CA HIS LA 136 2.21 -49.95 45.31
C HIS LA 136 2.95 -48.91 44.49
N LEU LA 137 2.20 -48.15 43.68
CA LEU LA 137 2.68 -47.06 42.87
C LEU LA 137 1.94 -45.86 43.37
N SER LA 138 0.81 -46.18 44.00
CA SER LA 138 -0.20 -45.23 44.44
C SER LA 138 -0.61 -44.48 43.20
N PHE LA 139 -0.83 -45.26 42.14
CA PHE LA 139 -1.17 -44.79 40.82
C PHE LA 139 -2.28 -43.77 40.81
N GLN LA 140 -3.32 -44.06 41.55
CA GLN LA 140 -4.49 -43.21 41.59
C GLN LA 140 -4.17 -41.78 42.02
N ARG LA 141 -3.03 -41.57 42.69
CA ARG LA 141 -2.63 -40.25 43.13
C ARG LA 141 -1.34 -39.79 42.47
N LYS LA 142 -0.48 -40.74 42.11
CA LYS LA 142 0.86 -40.48 41.55
C LYS LA 142 1.07 -40.93 40.12
N GLY LA 143 0.05 -41.48 39.48
CA GLY LA 143 0.18 -42.02 38.14
C GLY LA 143 0.85 -41.03 37.21
N SER LA 144 0.31 -39.82 37.19
CA SER LA 144 0.81 -38.73 36.37
C SER LA 144 2.21 -38.28 36.73
N ASP LA 145 2.66 -38.51 37.96
CA ASP LA 145 3.99 -38.09 38.32
C ASP LA 145 4.98 -39.07 37.77
N HIS LA 146 4.61 -40.35 37.85
CA HIS LA 146 5.49 -41.39 37.38
C HIS LA 146 5.58 -41.30 35.88
N PHE LA 147 4.46 -41.06 35.24
CA PHE LA 147 4.42 -40.95 33.82
C PHE LA 147 5.24 -39.77 33.35
N ARG LA 148 5.07 -38.60 33.97
CA ARG LA 148 5.83 -37.43 33.58
C ARG LA 148 7.31 -37.75 33.62
N ARG LA 149 7.75 -38.39 34.70
CA ARG LA 149 9.14 -38.75 34.79
C ARG LA 149 9.54 -39.66 33.64
N TRP LA 150 8.72 -40.64 33.29
CA TRP LA 150 9.08 -41.50 32.16
C TRP LA 150 9.37 -40.68 30.94
N TYR LA 151 8.42 -39.84 30.57
CA TYR LA 151 8.49 -39.11 29.32
C TYR LA 151 9.78 -38.30 29.22
N VAL LA 152 10.05 -37.56 30.28
CA VAL LA 152 11.16 -36.64 30.36
C VAL LA 152 12.50 -37.33 30.59
N ASP LA 153 12.57 -38.21 31.58
CA ASP LA 153 13.81 -38.88 31.95
C ASP LA 153 14.13 -40.04 31.00
N SER LA 154 13.15 -40.44 30.17
CA SER LA 154 13.18 -41.51 29.17
C SER LA 154 12.85 -42.89 29.69
N ARG LA 155 12.78 -43.05 31.00
CA ARG LA 155 12.57 -44.35 31.59
C ARG LA 155 12.22 -44.31 33.04
N ILE LA 156 11.75 -45.45 33.52
CA ILE LA 156 11.39 -45.64 34.92
C ILE LA 156 11.93 -46.93 35.48
N PHE LA 157 12.42 -46.83 36.72
CA PHE LA 157 12.87 -48.01 37.42
C PHE LA 157 12.33 -48.02 38.83
N PHE LA 158 11.99 -49.18 39.37
CA PHE LA 158 11.66 -49.30 40.80
C PHE LA 158 12.32 -50.46 41.48
N HIS LA 159 12.62 -50.28 42.75
CA HIS LA 159 13.07 -51.37 43.59
C HIS LA 159 11.91 -52.24 44.02
N LYS LA 160 12.07 -53.56 43.85
CA LYS LA 160 11.07 -54.52 44.28
C LYS LA 160 11.47 -55.13 45.64
N ILE LA 161 10.49 -55.36 46.49
CA ILE LA 161 10.77 -55.85 47.84
C ILE LA 161 10.25 -57.24 48.15
N ILE LA 162 11.12 -58.09 48.72
CA ILE LA 162 10.74 -59.42 49.20
C ILE LA 162 10.98 -59.43 50.71
N ASP LA 163 9.97 -59.89 51.44
CA ASP LA 163 9.93 -60.01 52.89
C ASP LA 163 11.25 -60.01 53.72
N PRO LA 164 12.26 -60.89 53.51
CA PRO LA 164 12.49 -62.04 52.66
C PRO LA 164 12.13 -63.43 53.22
N LYS LA 165 11.54 -63.52 54.41
CA LYS LA 165 11.36 -64.83 55.02
C LYS LA 165 10.02 -65.42 54.61
N ARG LA 166 9.09 -64.55 54.28
CA ARG LA 166 7.75 -64.90 53.86
C ARG LA 166 7.53 -64.29 52.48
N PRO LA 167 8.22 -64.74 51.42
CA PRO LA 167 8.21 -64.11 50.11
C PRO LA 167 6.84 -64.03 49.46
N LYS LA 168 5.93 -64.92 49.83
CA LYS LA 168 4.60 -64.91 49.25
C LYS LA 168 3.65 -63.95 49.98
N GLU LA 169 4.10 -63.40 51.09
CA GLU LA 169 3.25 -62.49 51.86
C GLU LA 169 3.85 -61.09 51.92
N GLY LA 170 5.14 -61.02 52.18
CA GLY LA 170 5.84 -59.76 52.36
C GLY LA 170 6.17 -59.09 51.04
N ILE LA 171 5.12 -58.66 50.37
CA ILE LA 171 5.19 -57.99 49.09
C ILE LA 171 4.83 -56.54 49.39
N LYS LA 172 5.77 -55.63 49.16
CA LYS LA 172 5.60 -54.23 49.56
C LYS LA 172 5.57 -53.22 48.42
N GLU LA 173 5.31 -51.97 48.80
CA GLU LA 173 5.26 -50.81 47.92
C GLU LA 173 6.58 -50.61 47.20
N LEU LA 174 6.52 -50.16 45.96
CA LEU LA 174 7.71 -49.97 45.16
C LEU LA 174 8.44 -48.68 45.44
N ARG LA 175 9.75 -48.67 45.20
CA ARG LA 175 10.57 -47.44 45.41
C ARG LA 175 11.17 -47.01 44.07
N ARG LA 176 10.68 -45.91 43.48
CA ARG LA 176 11.22 -45.49 42.19
C ARG LA 176 12.69 -45.27 42.41
N LEU LA 177 13.51 -45.54 41.45
CA LEU LA 177 14.91 -45.31 41.65
C LEU LA 177 15.27 -43.96 41.08
N ASP LA 178 16.32 -43.39 41.62
CA ASP LA 178 16.79 -42.12 41.16
C ASP LA 178 17.57 -42.25 39.84
N PRO LA 179 17.11 -41.60 38.76
CA PRO LA 179 17.67 -41.70 37.45
C PRO LA 179 19.02 -41.11 37.59
N ARG LA 180 19.88 -41.43 36.65
CA ARG LA 180 21.27 -40.98 36.58
C ARG LA 180 22.13 -41.85 37.47
N GLN LA 181 21.53 -42.54 38.44
CA GLN LA 181 22.24 -43.39 39.35
C GLN LA 181 21.99 -44.85 39.06
N VAL LA 182 21.15 -45.09 38.06
CA VAL LA 182 20.75 -46.45 37.71
C VAL LA 182 21.21 -46.81 36.32
N GLN LA 183 21.91 -47.93 36.22
CA GLN LA 183 22.32 -48.40 34.91
C GLN LA 183 21.93 -49.86 34.76
N TYR LA 184 21.62 -50.23 33.51
CA TYR LA 184 21.23 -51.61 33.14
C TYR LA 184 22.37 -52.22 32.32
N VAL LA 185 22.86 -53.39 32.75
CA VAL LA 185 23.99 -54.03 32.08
C VAL LA 185 23.78 -55.53 31.73
N ARG LA 186 24.55 -56.05 30.76
CA ARG LA 186 24.46 -57.46 30.34
C ARG LA 186 25.84 -58.07 29.95
N GLU LA 187 26.17 -59.25 30.49
CA GLU LA 187 27.49 -59.86 30.22
C GLU LA 187 27.52 -60.99 29.18
N ILE LA 188 28.56 -61.04 28.35
CA ILE LA 188 28.68 -62.17 27.42
C ILE LA 188 29.46 -63.29 28.05
N ILE LA 189 28.74 -64.26 28.60
CA ILE LA 189 29.38 -65.27 29.41
C ILE LA 189 29.75 -66.46 28.57
N THR LA 190 30.73 -66.24 27.72
CA THR LA 190 31.20 -67.24 26.78
C THR LA 190 32.40 -66.84 25.91
N GLU LA 191 33.02 -67.86 25.28
CA GLU LA 191 34.17 -67.72 24.35
C GLU LA 191 34.36 -69.04 23.58
N THR LA 192 34.69 -68.98 22.28
CA THR LA 192 34.91 -70.15 21.42
C THR LA 192 36.05 -69.92 20.47
N GLU LA 193 36.06 -70.68 19.39
CA GLU LA 193 37.09 -70.54 18.39
C GLU LA 193 36.88 -69.25 17.57
N ALA LA 194 37.24 -68.13 18.20
CA ALA LA 194 37.16 -66.77 17.66
C ALA LA 194 35.78 -66.20 17.36
N GLY LA 195 35.00 -65.79 18.39
CA GLY LA 195 33.70 -65.19 18.07
C GLY LA 195 32.48 -65.94 18.58
N THR LA 196 32.45 -66.19 19.88
CA THR LA 196 31.34 -66.91 20.52
C THR LA 196 29.95 -66.45 20.27
N LYS LA 197 29.15 -67.48 20.10
CA LYS LA 197 27.77 -67.40 19.77
C LYS LA 197 26.87 -68.16 20.77
N ILE LA 198 27.42 -68.72 21.84
CA ILE LA 198 26.56 -69.57 22.69
C ILE LA 198 26.31 -69.11 24.10
N VAL LA 199 25.30 -69.75 24.72
CA VAL LA 199 24.82 -69.49 26.07
C VAL LA 199 24.95 -68.04 26.50
N LYS LA 200 24.54 -67.14 25.63
CA LYS LA 200 24.62 -65.74 25.95
C LYS LA 200 23.31 -65.36 26.63
N GLY LA 201 23.20 -65.82 27.88
CA GLY LA 201 22.00 -65.60 28.70
C GLY LA 201 22.01 -64.17 29.23
N TYR LA 202 23.21 -63.70 29.50
CA TYR LA 202 23.56 -62.38 30.00
C TYR LA 202 23.19 -61.94 31.39
N LYS LA 203 22.28 -62.64 32.06
CA LYS LA 203 21.80 -62.31 33.41
C LYS LA 203 20.96 -61.01 33.42
N GLU LA 204 21.49 -59.93 32.85
CA GLU LA 204 20.84 -58.64 32.68
C GLU LA 204 20.51 -57.93 33.99
N TYR LA 205 21.53 -57.78 34.81
CA TYR LA 205 21.35 -57.18 36.11
C TYR LA 205 21.56 -55.67 36.07
N PHE LA 206 21.29 -55.03 37.22
CA PHE LA 206 21.36 -53.55 37.27
C PHE LA 206 22.36 -53.11 38.33
N ILE LA 207 23.02 -51.98 38.07
CA ILE LA 207 23.98 -51.46 38.99
C ILE LA 207 23.47 -50.13 39.54
N TYR LA 208 23.96 -49.74 40.71
CA TYR LA 208 23.50 -48.50 41.32
C TYR LA 208 24.58 -47.68 42.05
N ASP LA 209 24.58 -46.37 41.78
CA ASP LA 209 25.53 -45.39 42.32
C ASP LA 209 25.56 -45.32 43.84
N THR LA 210 24.43 -45.53 44.47
CA THR LA 210 24.33 -45.54 45.91
C THR LA 210 24.84 -44.27 46.60
N ALA LA 211 24.38 -43.12 46.13
CA ALA LA 211 24.78 -41.85 46.74
C ALA LA 211 23.59 -40.91 46.83
N HIS LA 212 23.30 -40.41 48.03
CA HIS LA 212 22.14 -39.54 48.20
C HIS LA 212 22.44 -38.22 48.85
N GLU LA 213 23.72 -37.86 48.90
CA GLU LA 213 24.11 -36.62 49.55
C GLU LA 213 24.66 -35.56 48.59
N SER LA 214 25.16 -35.99 47.42
CA SER LA 214 25.81 -35.12 46.45
C SER LA 214 24.93 -34.90 45.21
N TYR LA 215 24.62 -33.64 44.93
CA TYR LA 215 23.74 -33.26 43.84
C TYR LA 215 24.32 -32.11 43.05
N ALA LA 216 23.85 -31.97 41.80
CA ALA LA 216 24.28 -30.89 40.92
C ALA LA 216 24.01 -29.47 41.46
N CYS LA 217 22.91 -29.29 42.20
CA CYS LA 217 22.59 -27.94 42.68
C CYS LA 217 22.83 -27.73 44.18
N ASP LA 218 22.72 -28.79 44.98
CA ASP LA 218 22.85 -28.69 46.44
C ASP LA 218 23.18 -30.03 47.07
N GLY LA 219 24.42 -30.21 47.51
CA GLY LA 219 24.84 -31.47 48.08
C GLY LA 219 26.27 -31.39 48.61
N ARG LA 220 26.66 -32.43 49.34
CA ARG LA 220 27.96 -32.48 50.00
C ARG LA 220 28.33 -33.87 50.52
N MET LA 221 29.47 -33.98 51.20
CA MET LA 221 29.94 -35.23 51.82
C MET LA 221 30.30 -36.37 50.89
N TYR LA 222 31.24 -36.13 50.00
CA TYR LA 222 31.70 -37.22 49.16
C TYR LA 222 32.26 -38.32 50.06
N GLU LA 223 31.86 -39.56 49.82
CA GLU LA 223 32.33 -40.70 50.60
C GLU LA 223 33.16 -41.65 49.74
N ALA LA 224 33.67 -42.70 50.36
CA ALA LA 224 34.49 -43.68 49.65
C ALA LA 224 33.78 -44.32 48.46
N GLY LA 225 32.47 -44.51 48.57
CA GLY LA 225 31.72 -45.13 47.48
C GLY LA 225 31.54 -46.62 47.68
N THR LA 226 31.30 -47.31 46.56
CA THR LA 226 30.91 -48.72 46.39
C THR LA 226 29.68 -48.78 45.52
N LYS LA 227 29.81 -49.36 44.34
CA LYS LA 227 28.64 -49.48 43.46
C LYS LA 227 28.02 -50.80 43.81
N ILE LA 228 26.70 -51.02 43.82
CA ILE LA 228 26.45 -52.44 44.23
C ILE LA 228 25.05 -53.03 43.98
N LYS LA 229 25.04 -54.36 43.87
CA LYS LA 229 23.86 -55.27 43.84
C LYS LA 229 22.93 -55.08 42.63
N ILE LA 230 21.74 -55.65 42.79
CA ILE LA 230 20.57 -55.61 41.86
C ILE LA 230 20.44 -56.72 40.79
N PRO LA 231 19.95 -57.94 41.11
CA PRO LA 231 19.54 -58.87 40.06
C PRO LA 231 18.48 -58.26 39.16
N LYS LA 232 18.35 -58.75 37.92
CA LYS LA 232 17.30 -58.25 37.02
C LYS LA 232 15.96 -58.27 37.69
N ALA LA 233 15.70 -59.38 38.34
CA ALA LA 233 14.44 -59.67 38.98
C ALA LA 233 14.05 -58.64 40.02
N ALA LA 234 15.02 -57.97 40.61
CA ALA LA 234 14.79 -57.02 41.68
C ALA LA 234 14.34 -55.66 41.20
N VAL LA 235 14.35 -55.43 39.90
CA VAL LA 235 14.03 -54.10 39.42
C VAL LA 235 12.90 -54.08 38.43
N VAL LA 236 11.93 -53.21 38.70
CA VAL LA 236 10.85 -52.99 37.78
C VAL LA 236 11.42 -52.05 36.79
N TYR LA 237 11.36 -52.33 35.51
CA TYR LA 237 11.90 -51.31 34.66
C TYR LA 237 11.34 -51.41 33.29
N ALA LA 238 11.41 -50.29 32.63
CA ALA LA 238 11.13 -50.21 31.22
C ALA LA 238 11.60 -48.86 30.74
N HIS LA 239 11.81 -48.74 29.44
CA HIS LA 239 12.25 -47.48 28.87
C HIS LA 239 11.69 -47.29 27.50
N SER LA 240 11.68 -46.04 27.06
CA SER LA 240 11.24 -45.76 25.71
C SER LA 240 12.18 -46.44 24.74
N GLY LA 241 11.65 -46.96 23.64
CA GLY LA 241 12.47 -47.60 22.60
C GLY LA 241 13.11 -46.58 21.66
N LEU LA 242 13.82 -45.65 22.26
CA LEU LA 242 14.47 -44.60 21.53
C LEU LA 242 15.94 -44.60 21.86
N VAL LA 243 16.76 -44.91 20.89
CA VAL LA 243 18.21 -44.98 21.08
C VAL LA 243 18.90 -44.26 19.93
N ASP LA 244 19.99 -43.59 20.27
CA ASP LA 244 20.80 -42.83 19.34
C ASP LA 244 21.60 -43.76 18.45
N CYS LA 245 22.38 -43.16 17.57
CA CYS LA 245 23.22 -43.83 16.61
C CYS LA 245 24.16 -44.89 17.20
N CYS LA 246 24.37 -44.89 18.51
CA CYS LA 246 25.26 -45.87 19.07
C CYS LA 246 24.95 -46.31 20.50
N GLY LA 247 25.64 -47.38 20.87
CA GLY LA 247 25.58 -47.94 22.19
C GLY LA 247 24.16 -48.28 22.54
N LYS LA 248 23.78 -47.79 23.70
CA LYS LA 248 22.48 -47.95 24.30
C LYS LA 248 22.10 -46.59 24.79
N ASN LA 249 22.44 -45.60 24.00
CA ASN LA 249 22.17 -44.26 24.43
C ASN LA 249 20.72 -43.92 24.28
N ILE LA 250 19.98 -44.21 25.35
CA ILE LA 250 18.55 -44.03 25.41
C ILE LA 250 18.16 -42.57 25.44
N ILE LA 251 17.24 -42.25 24.56
CA ILE LA 251 16.67 -40.96 24.28
C ILE LA 251 15.32 -40.70 24.94
N GLY LA 252 15.18 -39.56 25.61
CA GLY LA 252 13.88 -39.23 26.20
C GLY LA 252 12.96 -38.71 25.11
N TYR LA 253 11.65 -38.64 25.35
CA TYR LA 253 10.79 -38.14 24.27
C TYR LA 253 11.00 -36.68 24.05
N LEU LA 254 11.44 -36.02 25.10
CA LEU LA 254 11.72 -34.62 25.09
C LEU LA 254 13.07 -34.32 24.45
N HIS LA 255 13.88 -35.34 24.22
CA HIS LA 255 15.23 -35.18 23.72
C HIS LA 255 15.28 -34.30 22.52
N ARG LA 256 14.37 -34.48 21.57
CA ARG LA 256 14.39 -33.68 20.36
C ARG LA 256 14.53 -32.17 20.66
N ALA LA 257 13.90 -31.71 21.74
CA ALA LA 257 13.84 -30.32 22.15
C ALA LA 257 15.21 -29.79 22.51
N VAL LA 258 16.17 -30.68 22.72
CA VAL LA 258 17.51 -30.29 23.14
C VAL LA 258 18.13 -29.29 22.17
N LYS LA 259 17.66 -29.29 20.92
CA LYS LA 259 18.15 -28.32 19.98
C LYS LA 259 17.25 -27.07 19.98
N PRO LA 260 16.02 -27.08 19.38
CA PRO LA 260 15.18 -25.93 19.23
C PRO LA 260 14.73 -25.29 20.52
N ALA LA 261 14.70 -26.02 21.63
CA ALA LA 261 14.23 -25.37 22.82
C ALA LA 261 15.09 -24.21 23.17
N ASN LA 262 16.39 -24.37 22.98
CA ASN LA 262 17.22 -23.31 23.40
C ASN LA 262 17.61 -22.47 22.24
N GLN LA 263 17.49 -22.97 21.00
CA GLN LA 263 17.85 -21.97 19.99
C GLN LA 263 16.79 -20.87 20.13
N LEU LA 264 15.56 -21.27 20.55
CA LEU LA 264 14.50 -20.33 20.79
C LEU LA 264 14.76 -19.57 22.06
N LYS LA 265 15.01 -20.25 23.17
CA LYS LA 265 15.24 -19.53 24.41
C LYS LA 265 16.37 -18.53 24.25
N LEU LA 266 17.48 -18.92 23.61
CA LEU LA 266 18.62 -18.05 23.43
C LEU LA 266 18.25 -16.87 22.56
N LEU LA 267 17.50 -17.12 21.49
CA LEU LA 267 17.08 -16.03 20.64
C LEU LA 267 16.14 -15.12 21.40
N GLU LA 268 15.20 -15.70 22.14
CA GLU LA 268 14.27 -14.91 22.88
C GLU LA 268 15.03 -13.99 23.82
N ASP LA 269 16.08 -14.53 24.49
CA ASP LA 269 16.90 -13.66 25.33
C ASP LA 269 17.56 -12.61 24.47
N ALA LA 270 18.06 -12.98 23.30
CA ALA LA 270 18.71 -12.01 22.44
C ALA LA 270 17.75 -10.88 22.08
N VAL LA 271 16.48 -11.18 21.91
CA VAL LA 271 15.47 -10.18 21.61
C VAL LA 271 15.29 -9.27 22.81
N VAL LA 272 15.17 -9.87 23.99
CA VAL LA 272 15.00 -9.11 25.21
C VAL LA 272 16.18 -8.18 25.40
N ILE LA 273 17.36 -8.72 25.20
CA ILE LA 273 18.57 -7.98 25.34
C ILE LA 273 18.66 -6.88 24.34
N TYR LA 274 18.39 -7.18 23.07
CA TYR LA 274 18.48 -6.20 22.01
C TYR LA 274 17.66 -4.98 22.33
N ARG LA 275 16.42 -5.18 22.77
CA ARG LA 275 15.58 -4.05 23.08
C ARG LA 275 15.98 -3.28 24.34
N ILE LA 276 16.40 -4.00 25.39
CA ILE LA 276 16.77 -3.34 26.65
C ILE LA 276 18.10 -2.64 26.56
N THR LA 277 19.09 -3.32 26.03
CA THR LA 277 20.37 -2.68 25.94
C THR LA 277 20.10 -1.51 25.06
N ARG LA 278 20.66 -0.37 25.36
CA ARG LA 278 20.45 0.83 24.58
C ARG LA 278 19.02 1.40 24.63
N ALA LA 279 18.13 0.84 25.46
CA ALA LA 279 16.84 1.46 25.73
C ALA LA 279 17.06 2.80 26.43
N PRO LA 280 17.99 2.92 27.41
CA PRO LA 280 18.33 4.13 28.13
C PRO LA 280 18.98 5.10 27.16
N ASP LA 281 19.03 6.37 27.53
CA ASP LA 281 19.73 7.33 26.68
C ASP LA 281 21.20 6.95 26.58
N ARG LA 282 21.87 7.40 25.53
CA ARG LA 282 23.28 7.06 25.34
C ARG LA 282 24.16 8.21 24.88
N ARG LA 283 25.22 8.45 25.66
CA ARG LA 283 26.19 9.50 25.29
C ARG LA 283 27.50 9.39 26.05
N VAL LA 284 28.55 9.98 25.48
CA VAL LA 284 29.82 10.09 26.15
C VAL LA 284 30.11 11.58 26.33
N TRP LA 285 30.28 11.96 27.57
CA TRP LA 285 30.57 13.33 27.92
C TRP LA 285 32.06 13.43 28.08
N TYR LA 286 32.67 14.51 27.60
CA TYR LA 286 34.15 14.54 27.70
C TYR LA 286 34.66 15.94 27.99
N VAL LA 287 35.64 16.03 28.89
CA VAL LA 287 36.24 17.29 29.21
C VAL LA 287 37.69 17.36 28.77
N ASP LA 288 38.01 18.46 28.09
CA ASP LA 288 39.36 18.77 27.66
C ASP LA 288 40.06 19.43 28.84
N THR LA 289 41.04 18.72 29.37
CA THR LA 289 41.74 19.10 30.57
C THR LA 289 43.20 19.31 30.20
N GLY LA 290 43.44 19.73 28.95
CA GLY LA 290 44.79 19.98 28.52
C GLY LA 290 45.40 21.16 29.24
N ASN LA 291 46.72 21.26 29.15
CA ASN LA 291 47.51 22.30 29.81
C ASN LA 291 47.34 22.29 31.33
N MET LA 292 47.18 21.10 31.90
CA MET LA 292 47.06 20.91 33.34
C MET LA 292 47.95 19.75 33.74
N PRO LA 293 48.49 19.71 34.97
CA PRO LA 293 49.23 18.58 35.51
C PRO LA 293 48.35 17.36 35.44
N ALA LA 294 48.88 16.18 35.16
CA ALA LA 294 48.03 15.00 35.06
C ALA LA 294 47.22 14.72 36.33
N ARG LA 295 47.80 15.00 37.50
CA ARG LA 295 47.13 14.73 38.75
C ARG LA 295 46.17 15.84 39.18
N LYS LA 296 46.08 16.89 38.38
CA LYS LA 296 45.20 18.02 38.65
C LYS LA 296 44.16 18.14 37.56
N ALA LA 297 44.52 17.70 36.36
CA ALA LA 297 43.67 17.81 35.20
C ALA LA 297 42.31 17.14 35.43
N ALA LA 298 42.36 16.00 36.10
CA ALA LA 298 41.18 15.22 36.43
C ALA LA 298 40.21 16.00 37.28
N GLU LA 299 40.70 16.90 38.16
CA GLU LA 299 39.81 17.64 39.02
C GLU LA 299 38.82 18.46 38.22
N HIS LA 300 39.27 19.06 37.10
CA HIS LA 300 38.39 19.90 36.32
C HIS LA 300 37.31 19.02 35.75
N MET LA 301 37.72 17.89 35.19
CA MET LA 301 36.79 16.95 34.61
C MET LA 301 35.76 16.48 35.63
N GLN LA 302 36.23 16.15 36.85
CA GLN LA 302 35.37 15.67 37.90
C GLN LA 302 34.36 16.73 38.34
N HIS LA 303 34.75 18.01 38.40
CA HIS LA 303 33.77 19.03 38.77
C HIS LA 303 32.70 19.17 37.71
N VAL LA 304 33.08 19.13 36.42
CA VAL LA 304 32.09 19.29 35.36
C VAL LA 304 31.07 18.16 35.46
N MET LA 305 31.57 16.94 35.67
CA MET LA 305 30.73 15.77 35.79
C MET LA 305 29.73 15.81 36.94
N ASN LA 306 29.86 16.75 37.89
CA ASN LA 306 28.90 16.81 38.97
C ASN LA 306 27.77 17.79 38.68
N THR LA 307 27.82 18.40 37.49
CA THR LA 307 26.78 19.34 37.03
C THR LA 307 26.03 18.70 35.88
N MET LA 308 26.74 17.85 35.11
CA MET LA 308 26.20 17.20 33.92
C MET LA 308 25.74 15.76 34.21
N LYS LA 309 25.63 15.43 35.50
CA LYS LA 309 25.24 14.12 35.99
C LYS LA 309 23.75 13.84 35.97
N ASN LA 310 23.39 12.73 35.38
CA ASN LA 310 22.01 12.31 35.29
C ASN LA 310 21.53 11.65 36.55
N ARG LA 311 21.29 12.47 37.56
CA ARG LA 311 20.79 12.01 38.84
C ARG LA 311 19.28 11.88 38.71
N VAL LA 312 18.86 10.94 37.87
CA VAL LA 312 17.47 10.70 37.45
C VAL LA 312 17.02 9.24 37.49
N VAL LA 313 17.51 8.41 38.39
CA VAL LA 313 17.15 6.98 38.31
C VAL LA 313 15.64 6.76 38.41
N TYR LA 314 15.15 5.81 37.63
CA TYR LA 314 13.76 5.39 37.51
C TYR LA 314 13.24 4.68 38.75
N ASP LA 315 11.99 4.97 39.10
CA ASP LA 315 11.31 4.29 40.18
C ASP LA 315 10.36 3.25 39.52
N ALA LA 316 10.68 1.96 39.63
CA ALA LA 316 9.84 0.95 38.99
C ALA LA 316 8.73 0.59 39.91
N SER LA 317 8.99 0.70 41.22
CA SER LA 317 7.96 0.37 42.19
C SER LA 317 6.76 1.29 41.96
N THR LA 318 7.04 2.58 41.80
CA THR LA 318 6.03 3.57 41.45
C THR LA 318 6.48 4.16 40.15
N GLY LA 319 5.64 4.18 39.10
CA GLY LA 319 6.12 4.62 37.78
C GLY LA 319 6.46 6.11 37.63
N LYS LA 320 7.54 6.50 38.26
CA LYS LA 320 7.98 7.90 38.29
C LYS LA 320 9.48 7.95 38.31
N ILE LA 321 10.05 9.15 38.31
CA ILE LA 321 11.51 9.23 38.35
C ILE LA 321 11.91 9.72 39.73
N LYS LA 322 12.84 9.02 40.37
CA LYS LA 322 13.21 9.38 41.73
C LYS LA 322 13.71 10.79 41.81
N ASN LA 323 13.10 11.53 42.75
CA ASN LA 323 13.43 12.90 43.13
C ASN LA 323 13.48 13.90 41.98
N GLN LA 324 12.59 13.81 41.00
CA GLN LA 324 12.66 14.77 39.89
C GLN LA 324 11.70 15.94 39.88
N GLN LA 325 11.20 16.33 41.05
CA GLN LA 325 10.29 17.47 41.15
C GLN LA 325 10.96 18.72 40.54
N HIS LA 326 10.19 19.70 40.00
CA HIS LA 326 8.73 19.80 39.96
C HIS LA 326 8.12 18.89 38.87
N ASN LA 327 6.90 19.14 38.43
CA ASN LA 327 6.19 18.17 37.61
C ASN LA 327 6.94 17.66 36.37
N MET LA 328 7.47 18.54 35.52
CA MET LA 328 8.24 18.06 34.38
C MET LA 328 8.99 19.18 33.65
N SER LA 329 10.31 19.06 33.50
CA SER LA 329 11.06 20.07 32.76
C SER LA 329 10.70 20.03 31.29
N MET LA 330 10.74 21.18 30.61
CA MET LA 330 10.53 21.16 29.17
C MET LA 330 11.83 20.98 28.40
N THR LA 331 12.95 20.94 29.15
CA THR LA 331 14.27 20.77 28.57
C THR LA 331 15.38 20.36 29.53
N GLU LA 332 16.40 19.75 28.95
CA GLU LA 332 17.62 19.36 29.62
C GLU LA 332 18.78 20.26 29.15
N ASP LA 333 19.16 21.19 30.02
CA ASP LA 333 20.19 22.20 29.75
C ASP LA 333 21.61 21.79 30.16
N TYR LA 334 22.50 21.66 29.18
CA TYR LA 334 23.88 21.25 29.41
C TYR LA 334 24.80 22.28 28.76
N TRP LA 335 26.04 22.34 29.19
CA TRP LA 335 26.99 23.26 28.58
C TRP LA 335 28.41 22.87 28.81
N LEU LA 336 29.30 23.42 28.00
CA LEU LA 336 30.73 23.23 28.25
C LEU LA 336 31.52 24.22 27.42
N GLN LA 337 32.40 24.94 28.10
CA GLN LA 337 33.25 25.88 27.41
C GLN LA 337 34.32 25.10 26.64
N ARG LA 338 34.68 25.63 25.46
CA ARG LA 338 35.68 24.98 24.58
C ARG LA 338 37.07 25.60 24.77
N ARG LA 339 38.08 24.75 24.99
CA ARG LA 339 39.48 25.20 25.21
C ARG LA 339 40.00 25.95 23.98
N ASP LA 340 39.59 25.53 22.77
CA ASP LA 340 40.07 26.19 21.57
C ASP LA 340 38.94 26.25 20.54
N GLY LA 341 39.21 26.88 19.40
CA GLY LA 341 38.27 26.98 18.30
C GLY LA 341 38.40 25.77 17.38
N LYS LA 342 38.26 24.59 17.98
CA LYS LA 342 38.49 23.33 17.29
C LYS LA 342 37.44 22.29 17.62
N ALA LA 343 37.15 21.41 16.66
CA ALA LA 343 36.19 20.32 16.83
C ALA LA 343 36.77 19.17 17.63
N VAL LA 344 37.06 19.45 18.89
CA VAL LA 344 37.58 18.49 19.83
C VAL LA 344 36.53 18.28 20.89
N THR LA 345 35.98 19.39 21.38
CA THR LA 345 34.98 19.40 22.44
C THR LA 345 33.56 19.46 21.86
N GLU LA 346 32.86 18.35 22.03
CA GLU LA 346 31.54 18.06 21.48
C GLU LA 346 30.91 17.01 22.39
N VAL LA 347 29.70 16.58 22.11
CA VAL LA 347 29.10 15.50 22.89
C VAL LA 347 28.96 14.33 21.95
N ASP LA 348 29.41 13.15 22.35
CA ASP LA 348 29.30 12.02 21.44
C ASP LA 348 28.04 11.26 21.75
N THR LA 349 27.06 11.33 20.88
CA THR LA 349 25.83 10.62 21.17
C THR LA 349 26.04 9.24 20.58
N LEU LA 350 25.27 8.27 21.04
CA LEU LA 350 25.41 6.93 20.49
C LEU LA 350 24.04 6.46 19.96
N PRO LA 351 23.99 5.56 18.95
CA PRO LA 351 22.77 4.98 18.36
C PRO LA 351 22.04 4.08 19.33
N GLY LA 352 20.71 3.92 19.14
CA GLY LA 352 19.90 3.06 20.01
C GLY LA 352 19.51 1.71 19.40
N ALA LA 353 18.62 0.99 20.10
CA ALA LA 353 18.14 -0.34 19.67
C ALA LA 353 16.99 -0.18 18.70
N ASP LA 354 17.30 0.30 17.51
CA ASP LA 354 16.28 0.64 16.54
C ASP LA 354 15.31 -0.51 16.27
N ASN LA 355 14.01 -0.19 16.27
CA ASN LA 355 12.92 -1.14 16.03
C ASN LA 355 12.72 -1.43 14.55
N THR LA 356 13.74 -2.05 13.96
CA THR LA 356 13.74 -2.33 12.52
C THR LA 356 13.05 -3.64 12.16
N GLY LA 357 12.71 -4.46 13.15
CA GLY LA 357 12.04 -5.74 12.89
C GLY LA 357 10.58 -5.44 12.57
N ASN LA 358 9.78 -6.38 12.00
CA ASN LA 358 10.00 -7.80 11.65
C ASN LA 358 10.26 -8.71 12.84
N MET LA 359 9.60 -8.48 13.96
CA MET LA 359 9.79 -9.40 15.09
C MET LA 359 8.92 -10.62 14.86
N GLU LA 360 9.31 -11.42 13.88
CA GLU LA 360 8.55 -12.58 13.45
C GLU LA 360 9.34 -13.88 13.48
N ASP LA 361 10.67 -13.82 13.53
CA ASP LA 361 11.44 -15.04 13.43
C ASP LA 361 11.15 -15.92 14.62
N ILE LA 362 10.93 -15.28 15.74
CA ILE LA 362 10.60 -15.97 16.95
C ILE LA 362 9.26 -16.68 16.87
N ARG LA 363 8.37 -16.25 15.96
CA ARG LA 363 7.10 -16.91 15.81
C ARG LA 363 7.41 -18.24 15.15
N TRP LA 364 8.30 -18.18 14.15
CA TRP LA 364 8.68 -19.38 13.43
C TRP LA 364 9.35 -20.34 14.40
N PHE LA 365 10.28 -19.83 15.19
CA PHE LA 365 11.00 -20.69 16.10
C PHE LA 365 10.08 -21.27 17.15
N ARG LA 366 9.15 -20.48 17.69
CA ARG LA 366 8.23 -21.00 18.66
C ARG LA 366 7.36 -22.07 18.05
N GLN LA 367 6.86 -21.85 16.83
CA GLN LA 367 6.02 -22.85 16.22
C GLN LA 367 6.81 -24.12 16.00
N ALA LA 368 8.08 -23.97 15.57
CA ALA LA 368 8.91 -25.12 15.33
C ALA LA 368 9.11 -25.89 16.61
N LEU LA 369 9.34 -25.19 17.72
CA LEU LA 369 9.50 -25.88 18.97
C LEU LA 369 8.23 -26.57 19.37
N TYR LA 370 7.13 -25.85 19.25
CA TYR LA 370 5.87 -26.42 19.64
C TYR LA 370 5.75 -27.75 18.93
N MET LA 371 5.92 -27.76 17.64
CA MET LA 371 5.79 -29.00 16.91
C MET LA 371 6.80 -30.03 17.41
N ALA LA 372 8.03 -29.59 17.66
CA ALA LA 372 9.12 -30.42 18.13
C ALA LA 372 8.79 -31.06 19.48
N LEU LA 373 7.86 -30.50 20.23
CA LEU LA 373 7.49 -31.03 21.52
C LEU LA 373 6.53 -32.22 21.45
N ARG LA 374 6.17 -32.66 20.23
CA ARG LA 374 5.29 -33.83 20.02
C ARG LA 374 3.88 -33.56 20.49
N VAL LA 375 3.29 -32.56 19.91
CA VAL LA 375 1.94 -32.10 20.26
C VAL LA 375 1.09 -32.00 19.00
N PRO LA 376 -0.24 -32.01 19.10
CA PRO LA 376 -1.15 -31.83 18.00
C PRO LA 376 -1.22 -30.35 17.67
N LEU LA 377 -1.65 -30.01 16.48
CA LEU LA 377 -1.80 -28.61 16.11
C LEU LA 377 -3.14 -28.06 16.60
N SER LA 378 -3.90 -28.92 17.26
CA SER LA 378 -5.19 -28.62 17.84
C SER LA 378 -5.02 -27.82 19.13
N ARG LA 379 -3.80 -27.77 19.64
CA ARG LA 379 -3.51 -27.04 20.86
C ARG LA 379 -2.58 -25.88 20.53
N ILE LA 380 -2.42 -24.95 21.47
CA ILE LA 380 -1.51 -23.83 21.26
C ILE LA 380 -0.54 -23.71 22.43
N SER LA 395 -13.13 -30.96 16.28
CA SER LA 395 -13.63 -32.13 15.58
C SER LA 395 -12.58 -33.24 15.55
N ILE LA 396 -12.65 -34.09 14.54
CA ILE LA 396 -11.70 -35.18 14.39
C ILE LA 396 -10.86 -34.97 13.16
N THR LA 397 -9.55 -34.93 13.34
CA THR LA 397 -8.64 -34.69 12.24
C THR LA 397 -7.58 -35.77 12.21
N ARG LA 398 -6.88 -35.89 11.07
CA ARG LA 398 -5.81 -36.87 10.94
C ARG LA 398 -4.71 -36.61 11.95
N ASP LA 399 -4.47 -35.33 12.20
CA ASP LA 399 -3.47 -34.89 13.13
C ASP LA 399 -3.83 -35.30 14.56
N GLU LA 400 -5.07 -35.05 14.95
CA GLU LA 400 -5.47 -35.41 16.31
C GLU LA 400 -5.44 -36.93 16.46
N LEU LA 401 -5.86 -37.65 15.43
CA LEU LA 401 -5.87 -39.09 15.51
C LEU LA 401 -4.46 -39.62 15.63
N THR LA 402 -3.53 -39.04 14.89
CA THR LA 402 -2.15 -39.46 14.96
C THR LA 402 -1.64 -39.26 16.37
N PHE LA 403 -1.95 -38.10 16.93
CA PHE LA 403 -1.55 -37.80 18.28
C PHE LA 403 -2.14 -38.82 19.23
N ALA LA 404 -3.42 -39.14 19.08
CA ALA LA 404 -4.01 -40.13 19.94
C ALA LA 404 -3.28 -41.47 19.84
N LYS LA 405 -2.85 -41.85 18.63
CA LYS LA 405 -2.10 -43.08 18.45
C LYS LA 405 -0.80 -42.98 19.24
N PHE LA 406 -0.15 -41.82 19.19
CA PHE LA 406 1.06 -41.56 19.96
C PHE LA 406 0.81 -41.79 21.42
N ILE LA 407 -0.27 -41.23 21.94
CA ILE LA 407 -0.57 -41.42 23.34
C ILE LA 407 -0.77 -42.91 23.61
N ARG LA 408 -1.47 -43.59 22.70
CA ARG LA 408 -1.74 -45.04 22.82
C ARG LA 408 -0.42 -45.79 22.96
N GLU LA 409 0.58 -45.44 22.13
CA GLU LA 409 1.87 -46.09 22.20
C GLU LA 409 2.62 -45.76 23.49
N LEU LA 410 2.51 -44.51 23.96
CA LEU LA 410 3.21 -44.16 25.19
C LEU LA 410 2.65 -44.97 26.33
N GLN LA 411 1.32 -45.13 26.34
CA GLN LA 411 0.67 -45.88 27.39
C GLN LA 411 1.11 -47.32 27.36
N HIS LA 412 1.22 -47.91 26.17
CA HIS LA 412 1.66 -49.29 26.04
C HIS LA 412 3.08 -49.46 26.54
N LYS LA 413 3.99 -48.58 26.17
CA LYS LA 413 5.35 -48.75 26.64
C LYS LA 413 5.42 -48.61 28.15
N PHE LA 414 4.74 -47.61 28.67
CA PHE LA 414 4.70 -47.31 30.09
C PHE LA 414 4.18 -48.51 30.87
N GLU LA 415 3.13 -49.14 30.31
CA GLU LA 415 2.36 -50.27 30.81
C GLU LA 415 3.20 -51.33 31.51
N GLU LA 416 4.44 -51.49 31.08
CA GLU LA 416 5.29 -52.53 31.64
C GLU LA 416 5.43 -52.35 33.14
N VAL LA 417 5.33 -51.10 33.62
CA VAL LA 417 5.45 -50.76 35.02
C VAL LA 417 4.39 -51.45 35.88
N PHE LA 418 3.33 -51.93 35.25
CA PHE LA 418 2.29 -52.60 35.98
C PHE LA 418 2.34 -54.09 35.71
N LEU LA 419 2.61 -54.45 34.45
CA LEU LA 419 2.61 -55.86 34.08
C LEU LA 419 3.73 -56.61 34.77
N ASP LA 420 4.88 -55.96 34.90
CA ASP LA 420 6.02 -56.53 35.59
C ASP LA 420 5.67 -56.94 37.04
N PRO LA 421 5.39 -56.02 37.98
CA PRO LA 421 5.07 -56.39 39.33
C PRO LA 421 3.84 -57.29 39.39
N LEU LA 422 2.92 -57.22 38.39
CA LEU LA 422 1.81 -58.14 38.43
C LEU LA 422 2.34 -59.55 38.26
N LYS LA 423 3.13 -59.75 37.20
CA LYS LA 423 3.70 -61.04 36.91
C LYS LA 423 4.42 -61.57 38.10
N THR LA 424 5.25 -60.70 38.66
CA THR LA 424 6.11 -61.06 39.73
C THR LA 424 5.32 -61.49 40.93
N ASN LA 425 4.33 -60.73 41.34
CA ASN LA 425 3.63 -61.11 42.54
C ASN LA 425 2.94 -62.46 42.37
N LEU LA 426 2.39 -62.67 41.19
CA LEU LA 426 1.67 -63.91 40.94
C LEU LA 426 2.59 -65.12 41.01
N LEU LA 427 3.80 -64.99 40.45
CA LEU LA 427 4.69 -66.15 40.53
C LEU LA 427 5.25 -66.30 41.94
N LEU LA 428 5.49 -65.19 42.64
CA LEU LA 428 6.09 -65.27 43.98
C LEU LA 428 5.17 -66.01 44.92
N LYS LA 429 3.88 -65.82 44.72
CA LYS LA 429 2.90 -66.45 45.58
C LYS LA 429 2.52 -67.86 45.17
N GLY LA 430 3.06 -68.36 44.06
CA GLY LA 430 2.72 -69.69 43.61
C GLY LA 430 1.30 -69.81 43.08
N ILE LA 431 0.73 -68.74 42.51
CA ILE LA 431 -0.65 -68.86 42.06
C ILE LA 431 -0.84 -68.78 40.56
N ILE LA 432 0.26 -68.96 39.83
CA ILE LA 432 0.27 -69.02 38.39
C ILE LA 432 1.58 -69.67 38.03
N THR LA 433 1.62 -70.44 36.96
CA THR LA 433 2.91 -70.97 36.53
C THR LA 433 3.48 -69.85 35.67
N GLU LA 434 4.77 -69.52 35.78
CA GLU LA 434 5.29 -68.45 34.93
C GLU LA 434 4.94 -68.69 33.46
N ASP LA 435 5.03 -69.95 33.04
CA ASP LA 435 4.72 -70.34 31.68
C ASP LA 435 3.28 -70.01 31.33
N GLU LA 436 2.35 -70.13 32.27
CA GLU LA 436 0.96 -69.85 32.01
C GLU LA 436 0.83 -68.38 31.72
N TRP LA 437 1.56 -67.58 32.49
CA TRP LA 437 1.51 -66.14 32.28
C TRP LA 437 2.02 -65.88 30.87
N ASN LA 438 3.13 -66.51 30.51
CA ASN LA 438 3.72 -66.30 29.20
C ASN LA 438 2.75 -66.68 28.07
N ASP LA 439 1.92 -67.71 28.28
CA ASP LA 439 0.95 -68.10 27.26
C ASP LA 439 -0.23 -67.14 27.23
N GLU LA 440 -0.71 -66.70 28.40
CA GLU LA 440 -1.83 -65.78 28.41
C GLU LA 440 -1.44 -64.45 27.75
N ILE LA 441 -0.18 -64.03 27.91
CA ILE LA 441 0.24 -62.79 27.28
C ILE LA 441 1.43 -62.83 26.31
N ASN LA 442 1.18 -62.63 24.98
CA ASN LA 442 -0.11 -62.39 24.26
C ASN LA 442 -0.98 -61.19 24.74
N ASN LA 443 -2.11 -61.43 25.42
CA ASN LA 443 -2.93 -60.31 25.83
C ASN LA 443 -3.63 -60.44 27.20
N ILE LA 444 -3.04 -59.81 28.22
CA ILE LA 444 -3.63 -59.72 29.57
C ILE LA 444 -3.53 -58.23 29.85
N LYS LA 445 -3.64 -57.45 28.81
CA LYS LA 445 -3.39 -56.02 28.87
C LYS LA 445 -4.26 -55.32 29.88
N ILE LA 446 -3.74 -54.18 30.35
CA ILE LA 446 -4.49 -53.38 31.29
C ILE LA 446 -5.13 -52.25 30.48
N GLU LA 447 -6.41 -52.02 30.70
CA GLU LA 447 -7.13 -51.03 29.91
C GLU LA 447 -7.35 -49.79 30.73
N PHE LA 448 -7.95 -48.78 30.14
CA PHE LA 448 -8.10 -47.54 30.87
C PHE LA 448 -9.21 -46.63 30.40
N HIS LA 449 -9.57 -45.72 31.29
CA HIS LA 449 -10.51 -44.65 31.07
C HIS LA 449 -9.95 -43.69 30.07
N ARG LA 450 -10.81 -43.17 29.22
CA ARG LA 450 -10.38 -42.20 28.25
C ARG LA 450 -11.28 -40.98 28.42
N ASP LA 451 -10.79 -39.80 28.04
CA ASP LA 451 -11.58 -38.59 28.23
C ASP LA 451 -12.98 -38.78 27.70
N SER LA 452 -13.96 -38.80 28.62
CA SER LA 452 -15.32 -39.09 28.21
C SER LA 452 -15.92 -38.08 27.28
N TYR LA 453 -15.55 -36.82 27.47
CA TYR LA 453 -16.09 -35.76 26.64
C TYR LA 453 -15.70 -35.95 25.20
N PHE LA 454 -14.41 -36.10 24.97
CA PHE LA 454 -13.98 -36.22 23.60
C PHE LA 454 -14.38 -37.54 23.01
N ALA LA 455 -14.41 -38.60 23.83
CA ALA LA 455 -14.80 -39.89 23.30
C ALA LA 455 -16.22 -39.83 22.78
N GLU LA 456 -17.11 -39.18 23.55
CA GLU LA 456 -18.48 -39.06 23.11
C GLU LA 456 -18.55 -38.29 21.82
N LEU LA 457 -17.80 -37.20 21.70
CA LEU LA 457 -17.88 -36.43 20.47
C LEU LA 457 -17.43 -37.24 19.29
N LYS LA 458 -16.36 -38.01 19.45
CA LYS LA 458 -15.87 -38.81 18.35
C LYS LA 458 -16.94 -39.78 17.91
N GLU LA 459 -17.53 -40.48 18.87
CA GLU LA 459 -18.54 -41.46 18.55
C GLU LA 459 -19.73 -40.82 17.88
N ALA LA 460 -20.11 -39.63 18.36
CA ALA LA 460 -21.24 -38.93 17.78
C ALA LA 460 -21.00 -38.59 16.33
N GLU LA 461 -19.82 -38.09 15.98
CA GLU LA 461 -19.58 -37.76 14.59
C GLU LA 461 -19.59 -38.99 13.72
N ILE LA 462 -19.09 -40.09 14.26
CA ILE LA 462 -19.08 -41.32 13.53
C ILE LA 462 -20.51 -41.72 13.22
N LEU LA 463 -21.37 -41.67 14.24
CA LEU LA 463 -22.75 -41.99 13.99
C LEU LA 463 -23.36 -41.02 13.02
N GLU LA 464 -23.08 -39.73 13.14
CA GLU LA 464 -23.70 -38.79 12.22
C GLU LA 464 -23.42 -39.15 10.80
N ARG LA 465 -22.17 -39.49 10.51
CA ARG LA 465 -21.86 -39.87 9.16
C ARG LA 465 -22.62 -41.10 8.72
N ARG LA 466 -22.66 -42.12 9.59
CA ARG LA 466 -23.36 -43.35 9.25
C ARG LA 466 -24.85 -43.14 9.05
N ILE LA 467 -25.44 -42.29 9.89
CA ILE LA 467 -26.85 -41.97 9.84
C ILE LA 467 -27.13 -41.27 8.52
N ASN LA 468 -26.31 -40.29 8.18
CA ASN LA 468 -26.51 -39.59 6.94
C ASN LA 468 -26.33 -40.50 5.74
N MET LA 469 -25.36 -41.41 5.78
CA MET LA 469 -25.18 -42.27 4.62
C MET LA 469 -26.36 -43.23 4.47
N LEU LA 470 -26.91 -43.69 5.60
CA LEU LA 470 -28.07 -44.58 5.55
C LEU LA 470 -29.22 -43.81 4.97
N THR LA 471 -29.36 -42.56 5.39
CA THR LA 471 -30.41 -41.70 4.93
C THR LA 471 -30.31 -41.52 3.42
N MET LA 472 -29.10 -41.27 2.92
CA MET LA 472 -28.92 -41.11 1.48
C MET LA 472 -29.34 -42.37 0.75
N ALA LA 473 -28.90 -43.52 1.27
CA ALA LA 473 -29.16 -44.81 0.67
C ALA LA 473 -30.64 -45.14 0.60
N GLU LA 474 -31.41 -44.70 1.60
CA GLU LA 474 -32.85 -44.94 1.75
C GLU LA 474 -33.63 -45.46 0.54
N PRO LA 475 -33.79 -44.74 -0.60
CA PRO LA 475 -34.61 -45.13 -1.72
C PRO LA 475 -34.21 -46.45 -2.33
N PHE LA 476 -32.99 -46.91 -2.06
CA PHE LA 476 -32.51 -48.13 -2.62
C PHE LA 476 -32.34 -49.28 -1.63
N ILE LA 477 -32.61 -49.07 -0.32
CA ILE LA 477 -32.29 -50.16 0.60
C ILE LA 477 -33.34 -51.25 0.68
N GLY LA 478 -34.40 -51.09 -0.08
CA GLY LA 478 -35.41 -52.12 -0.21
C GLY LA 478 -35.42 -52.58 -1.67
N LYS LA 479 -34.46 -52.11 -2.47
CA LYS LA 479 -34.45 -52.44 -3.89
C LYS LA 479 -33.17 -53.03 -4.39
N TYR LA 480 -32.05 -52.39 -4.04
CA TYR LA 480 -30.77 -52.79 -4.62
C TYR LA 480 -29.81 -53.22 -3.55
N ILE LA 481 -29.97 -52.62 -2.39
CA ILE LA 481 -29.13 -52.86 -1.24
C ILE LA 481 -30.05 -53.48 -0.22
N SER LA 482 -29.70 -54.62 0.36
CA SER LA 482 -30.54 -55.24 1.37
C SER LA 482 -30.45 -54.49 2.69
N HIS LA 483 -31.36 -54.79 3.62
CA HIS LA 483 -31.31 -54.11 4.90
C HIS LA 483 -30.14 -54.63 5.69
N ARG LA 484 -29.90 -55.94 5.62
CA ARG LA 484 -28.74 -56.54 6.34
C ARG LA 484 -27.45 -55.86 5.86
N THR LA 485 -27.31 -55.69 4.54
CA THR LA 485 -26.16 -55.03 3.94
C THR LA 485 -26.10 -53.58 4.31
N ALA LA 486 -27.21 -52.89 4.24
CA ALA LA 486 -27.12 -51.51 4.60
C ALA LA 486 -26.65 -51.43 6.05
N MET LA 487 -27.16 -52.30 6.92
CA MET LA 487 -26.70 -52.20 8.28
C MET LA 487 -25.24 -52.56 8.48
N LYS LA 488 -24.72 -53.60 7.81
CA LYS LA 488 -23.33 -53.95 8.06
C LYS LA 488 -22.32 -53.12 7.27
N ASP LA 489 -22.65 -52.68 6.07
CA ASP LA 489 -21.70 -51.91 5.30
C ASP LA 489 -21.94 -50.41 5.40
N ILE LA 490 -23.19 -49.98 5.49
CA ILE LA 490 -23.42 -48.53 5.52
C ILE LA 490 -23.46 -48.05 6.98
N LEU LA 491 -24.24 -48.74 7.80
CA LEU LA 491 -24.40 -48.39 9.20
C LEU LA 491 -23.28 -48.97 10.07
N GLN LA 492 -22.51 -49.89 9.49
CA GLN LA 492 -21.39 -50.59 10.12
C GLN LA 492 -21.69 -51.41 11.38
N MET LA 493 -22.76 -52.19 11.32
CA MET LA 493 -23.17 -53.08 12.41
C MET LA 493 -22.70 -54.50 12.12
N THR LA 494 -22.35 -55.28 13.13
CA THR LA 494 -21.97 -56.66 12.83
C THR LA 494 -23.24 -57.48 12.71
N ASP LA 495 -23.14 -58.70 12.18
CA ASP LA 495 -24.33 -59.53 12.08
C ASP LA 495 -24.94 -59.83 13.43
N GLU LA 496 -24.09 -60.01 14.44
CA GLU LA 496 -24.57 -60.32 15.76
C GLU LA 496 -25.31 -59.12 16.32
N GLU LA 497 -24.77 -57.93 16.11
CA GLU LA 497 -25.44 -56.74 16.57
C GLU LA 497 -26.77 -56.60 15.88
N ILE LA 498 -26.82 -56.89 14.59
CA ILE LA 498 -28.05 -56.75 13.84
C ILE LA 498 -29.13 -57.64 14.42
N GLU LA 499 -28.81 -58.90 14.68
CA GLU LA 499 -29.82 -59.78 15.24
C GLU LA 499 -30.27 -59.31 16.62
N GLN LA 500 -29.35 -58.84 17.44
CA GLN LA 500 -29.74 -58.40 18.77
C GLN LA 500 -30.60 -57.15 18.74
N GLU LA 501 -30.30 -56.20 17.84
CA GLU LA 501 -31.10 -55.00 17.83
C GLU LA 501 -32.50 -55.36 17.38
N ALA LA 502 -32.59 -56.28 16.40
CA ALA LA 502 -33.88 -56.68 15.89
C ALA LA 502 -34.71 -57.31 16.98
N LYS LA 503 -34.07 -58.15 17.82
CA LYS LA 503 -34.75 -58.79 18.91
C LYS LA 503 -35.33 -57.76 19.85
N GLN LA 504 -34.54 -56.74 20.19
CA GLN LA 504 -35.02 -55.72 21.09
C GLN LA 504 -36.20 -54.96 20.49
N ILE LA 505 -36.14 -54.72 19.18
CA ILE LA 505 -37.23 -54.04 18.50
C ILE LA 505 -38.50 -54.87 18.62
N GLU LA 506 -38.38 -56.18 18.37
CA GLU LA 506 -39.53 -57.06 18.47
C GLU LA 506 -40.12 -57.04 19.87
N GLU LA 507 -39.27 -56.99 20.89
CA GLU LA 507 -39.79 -56.98 22.24
C GLU LA 507 -40.53 -55.68 22.54
N GLU LA 508 -39.99 -54.55 22.11
CA GLU LA 508 -40.63 -53.27 22.40
C GLU LA 508 -42.00 -53.15 21.76
N SER LA 509 -42.14 -53.68 20.55
CA SER LA 509 -43.41 -53.56 19.83
C SER LA 509 -44.53 -54.36 20.49
N LYS LA 510 -44.23 -55.25 21.43
CA LYS LA 510 -45.26 -56.03 22.08
C LYS LA 510 -46.18 -55.13 22.88
N MET MA 1 32.10 -69.17 -0.73
CA MET MA 1 32.56 -68.13 0.17
C MET MA 1 32.60 -68.60 1.58
N LYS MA 2 32.46 -69.90 1.72
CA LYS MA 2 32.46 -70.53 3.02
C LYS MA 2 33.87 -70.48 3.64
N PHE MA 3 34.82 -71.13 2.94
CA PHE MA 3 36.25 -71.21 3.29
C PHE MA 3 36.56 -71.80 4.68
N ASN MA 4 35.55 -72.30 5.37
CA ASN MA 4 35.66 -72.74 6.75
C ASN MA 4 34.66 -73.80 7.12
N VAL MA 5 34.96 -74.54 8.17
CA VAL MA 5 33.93 -75.41 8.70
C VAL MA 5 33.07 -74.51 9.58
N LEU MA 6 31.80 -74.42 9.26
CA LEU MA 6 30.93 -73.53 10.01
C LEU MA 6 30.03 -74.33 10.93
N SER MA 7 30.40 -74.40 12.21
CA SER MA 7 29.66 -75.22 13.18
C SER MA 7 28.23 -74.75 13.37
N LEU MA 8 28.01 -73.49 13.05
CA LEU MA 8 26.73 -72.84 13.11
C LEU MA 8 26.04 -72.71 11.79
N PHE MA 9 26.77 -72.43 10.75
CA PHE MA 9 26.05 -72.17 9.55
C PHE MA 9 25.92 -73.32 8.58
N ALA MA 10 26.60 -74.44 8.81
CA ALA MA 10 26.46 -75.56 7.91
C ALA MA 10 24.99 -75.97 7.69
N PRO MA 11 24.11 -75.99 8.71
CA PRO MA 11 22.72 -76.37 8.57
C PRO MA 11 21.96 -75.52 7.56
N TRP MA 12 22.45 -74.32 7.24
CA TRP MA 12 21.75 -73.53 6.25
C TRP MA 12 22.56 -73.56 4.95
N ALA MA 13 23.90 -73.66 5.08
CA ALA MA 13 24.77 -73.67 3.90
C ALA MA 13 24.40 -74.83 3.03
N LYS MA 14 24.03 -75.94 3.65
CA LYS MA 14 23.67 -77.13 2.92
C LYS MA 14 22.54 -76.85 1.93
N MET MA 15 21.57 -76.00 2.30
CA MET MA 15 20.47 -75.70 1.40
C MET MA 15 21.00 -74.89 0.24
N ASP MA 16 21.82 -73.90 0.55
CA ASP MA 16 22.39 -73.05 -0.48
C ASP MA 16 23.31 -73.84 -1.41
N GLU MA 17 24.05 -74.81 -0.86
CA GLU MA 17 24.96 -75.62 -1.63
C GLU MA 17 24.17 -76.45 -2.62
N ARG MA 18 23.03 -77.00 -2.18
CA ARG MA 18 22.19 -77.74 -3.10
C ARG MA 18 21.61 -76.82 -4.17
N ASN MA 19 21.20 -75.62 -3.78
CA ASN MA 19 20.63 -74.70 -4.74
C ASN MA 19 21.65 -74.32 -5.78
N PHE MA 20 22.89 -74.11 -5.33
CA PHE MA 20 23.99 -73.74 -6.19
C PHE MA 20 24.22 -74.84 -7.22
N LYS MA 21 24.23 -76.10 -6.77
CA LYS MA 21 24.43 -77.20 -7.70
C LYS MA 21 23.33 -77.18 -8.77
N ASP MA 22 22.09 -76.93 -8.35
CA ASP MA 22 21.05 -76.85 -9.37
C ASP MA 22 21.33 -75.70 -10.32
N GLN MA 23 21.83 -74.56 -9.81
CA GLN MA 23 22.14 -73.45 -10.71
C GLN MA 23 23.21 -73.86 -11.72
N GLU MA 24 24.18 -74.67 -11.30
CA GLU MA 24 25.21 -75.12 -12.23
C GLU MA 24 24.59 -75.90 -13.39
N LYS MA 25 23.49 -76.61 -13.13
CA LYS MA 25 22.79 -77.40 -14.14
C LYS MA 25 21.80 -76.58 -14.98
N GLU MA 26 21.66 -75.29 -14.70
CA GLU MA 26 20.74 -74.42 -15.41
C GLU MA 26 21.34 -73.83 -16.66
N ASP MA 27 20.46 -73.30 -17.50
CA ASP MA 27 20.79 -72.66 -18.76
C ASP MA 27 20.93 -71.14 -18.70
N LEU MA 28 21.18 -70.60 -17.52
CA LEU MA 28 21.36 -69.16 -17.39
C LEU MA 28 22.76 -68.78 -17.84
N VAL MA 29 22.97 -68.88 -19.14
CA VAL MA 29 24.26 -68.67 -19.77
C VAL MA 29 24.15 -67.67 -20.92
N SER MA 30 25.31 -67.27 -21.44
CA SER MA 30 25.54 -66.33 -22.55
C SER MA 30 25.29 -64.89 -22.14
N ILE MA 31 25.19 -64.65 -20.85
CA ILE MA 31 24.94 -63.31 -20.33
C ILE MA 31 26.23 -62.69 -19.80
N THR MA 32 26.66 -61.61 -20.45
CA THR MA 32 27.89 -60.93 -20.09
C THR MA 32 27.82 -60.37 -18.69
N ALA MA 33 26.74 -59.66 -18.41
CA ALA MA 33 26.52 -59.03 -17.13
C ALA MA 33 26.05 -60.09 -16.12
N PRO MA 34 26.36 -60.00 -14.83
CA PRO MA 34 25.89 -60.94 -13.84
C PRO MA 34 24.38 -60.76 -13.74
N LYS MA 35 23.63 -61.81 -13.43
CA LYS MA 35 22.16 -61.71 -13.34
C LYS MA 35 21.73 -61.17 -12.00
N LEU MA 36 21.99 -59.89 -11.83
CA LEU MA 36 21.74 -59.20 -10.58
C LEU MA 36 20.98 -57.89 -10.72
N ASP MA 37 19.90 -57.78 -9.98
CA ASP MA 37 19.10 -56.57 -9.95
C ASP MA 37 19.58 -55.62 -8.87
N ASP MA 38 19.73 -56.14 -7.67
CA ASP MA 38 20.10 -55.39 -6.48
C ASP MA 38 20.74 -56.26 -5.41
N GLY MA 39 21.11 -55.65 -4.30
CA GLY MA 39 21.67 -56.35 -3.15
C GLY MA 39 23.18 -56.41 -3.11
N ALA MA 40 23.67 -57.55 -2.67
CA ALA MA 40 25.06 -57.88 -2.37
C ALA MA 40 26.08 -57.56 -3.46
N ARG MA 41 27.24 -57.07 -3.03
CA ARG MA 41 28.33 -56.65 -3.92
C ARG MA 41 29.17 -57.78 -4.48
N GLU MA 42 29.11 -57.92 -5.80
CA GLU MA 42 29.78 -58.98 -6.54
C GLU MA 42 31.27 -58.77 -6.80
N PHE MA 43 31.98 -59.90 -6.98
CA PHE MA 43 33.40 -59.92 -7.32
C PHE MA 43 33.68 -60.93 -8.43
N GLU MA 44 34.62 -60.60 -9.34
CA GLU MA 44 35.00 -61.51 -10.43
C GLU MA 44 35.85 -62.68 -9.93
N VAL MA 45 35.32 -63.90 -10.08
CA VAL MA 45 35.87 -65.16 -9.57
C VAL MA 45 36.03 -66.22 -10.68
N SER MA 46 37.08 -67.05 -10.62
CA SER MA 46 37.29 -68.06 -11.67
C SER MA 46 36.33 -69.22 -11.55
N SER MA 47 36.28 -70.06 -12.58
CA SER MA 47 35.42 -71.23 -12.58
C SER MA 47 35.93 -72.37 -11.70
N ASN MA 48 37.21 -72.34 -11.34
CA ASN MA 48 37.79 -73.42 -10.56
C ASN MA 48 38.01 -73.08 -9.10
N GLU MA 49 38.68 -71.94 -8.82
CA GLU MA 49 39.01 -71.56 -7.44
C GLU MA 49 39.52 -72.75 -6.63
N ALA MA 50 40.41 -73.52 -7.24
CA ALA MA 50 40.91 -74.75 -6.62
C ALA MA 50 41.64 -74.56 -5.30
N ALA MA 51 42.39 -73.46 -5.13
CA ALA MA 51 43.19 -73.32 -3.90
C ALA MA 51 42.51 -72.54 -2.76
N SER MA 52 41.92 -71.39 -3.08
CA SER MA 52 41.26 -70.52 -2.09
C SER MA 52 42.00 -70.28 -0.74
N PRO MA 53 43.28 -69.84 -0.74
CA PRO MA 53 44.06 -69.56 0.44
C PRO MA 53 43.55 -68.29 1.08
N TYR MA 54 43.81 -68.09 2.37
CA TYR MA 54 43.38 -66.85 3.05
C TYR MA 54 43.73 -65.60 2.31
N ASN MA 55 44.95 -65.47 1.82
CA ASN MA 55 45.29 -64.23 1.17
C ASN MA 55 44.34 -63.91 0.01
N ALA MA 56 43.88 -64.94 -0.70
CA ALA MA 56 42.99 -64.74 -1.80
C ALA MA 56 41.61 -64.50 -1.26
N ALA MA 57 41.22 -65.28 -0.26
CA ALA MA 57 39.88 -65.18 0.28
C ALA MA 57 39.66 -63.78 0.83
N PHE MA 58 40.68 -63.24 1.49
CA PHE MA 58 40.56 -61.91 2.08
C PHE MA 58 40.25 -60.91 1.02
N GLN MA 59 41.10 -60.86 -0.03
CA GLN MA 59 40.91 -59.90 -1.09
C GLN MA 59 39.70 -60.16 -1.96
N THR MA 60 39.33 -61.41 -2.17
CA THR MA 60 38.19 -61.74 -3.00
C THR MA 60 36.96 -61.07 -2.40
N ILE MA 61 36.84 -61.17 -1.09
CA ILE MA 61 35.73 -60.58 -0.41
C ILE MA 61 35.93 -59.09 -0.15
N PHE MA 62 37.07 -58.71 0.41
CA PHE MA 62 37.44 -57.33 0.75
C PHE MA 62 37.32 -56.43 -0.47
N GLY MA 63 37.81 -56.94 -1.60
CA GLY MA 63 37.83 -56.24 -2.85
C GLY MA 63 36.47 -55.77 -3.35
N SER MA 64 35.35 -56.43 -3.00
CA SER MA 64 34.09 -55.92 -3.50
C SER MA 64 33.48 -54.88 -2.55
N TYR MA 65 34.03 -54.71 -1.34
CA TYR MA 65 33.39 -53.76 -0.44
C TYR MA 65 34.23 -52.62 0.07
N GLU MA 66 35.56 -52.73 0.17
CA GLU MA 66 36.32 -51.67 0.83
C GLU MA 66 35.66 -50.26 0.76
N PRO MA 67 35.65 -49.52 -0.39
CA PRO MA 67 35.03 -48.20 -0.52
C PRO MA 67 33.50 -48.23 -0.38
N GLY MA 68 32.92 -49.41 -0.61
CA GLY MA 68 31.49 -49.63 -0.55
C GLY MA 68 31.04 -49.40 0.86
N MET MA 69 31.70 -50.11 1.77
CA MET MA 69 31.43 -50.03 3.19
C MET MA 69 31.74 -48.68 3.74
N LYS MA 70 32.79 -48.05 3.26
CA LYS MA 70 33.07 -46.74 3.81
C LYS MA 70 31.92 -45.81 3.47
N THR MA 71 31.47 -45.88 2.21
CA THR MA 71 30.37 -45.06 1.74
C THR MA 71 29.09 -45.41 2.46
N THR MA 72 28.81 -46.69 2.56
CA THR MA 72 27.61 -47.21 3.14
C THR MA 72 27.51 -46.80 4.58
N ARG MA 73 28.63 -46.92 5.30
CA ARG MA 73 28.70 -46.56 6.74
C ARG MA 73 28.33 -45.07 6.90
N GLU MA 74 28.83 -44.22 6.00
CA GLU MA 74 28.53 -42.81 6.07
C GLU MA 74 27.07 -42.55 5.75
N LEU MA 75 26.51 -43.27 4.78
CA LEU MA 75 25.12 -43.07 4.45
C LEU MA 75 24.24 -43.44 5.63
N ILE MA 76 24.55 -44.54 6.28
CA ILE MA 76 23.73 -44.97 7.39
C ILE MA 76 23.79 -43.98 8.51
N ASP MA 77 25.00 -43.54 8.88
CA ASP MA 77 25.12 -42.58 9.95
C ASP MA 77 24.39 -41.31 9.61
N THR MA 78 24.47 -40.90 8.35
CA THR MA 78 23.79 -39.71 7.90
C THR MA 78 22.30 -39.89 8.08
N TYR MA 79 21.81 -41.04 7.63
CA TYR MA 79 20.37 -41.40 7.71
C TYR MA 79 19.91 -41.34 9.17
N ARG MA 80 20.72 -41.85 10.10
CA ARG MA 80 20.33 -41.82 11.50
C ARG MA 80 20.34 -40.38 12.00
N ASN MA 81 21.36 -39.62 11.64
CA ASN MA 81 21.47 -38.25 12.08
C ASN MA 81 20.31 -37.44 11.56
N LEU MA 82 19.92 -37.74 10.34
CA LEU MA 82 18.82 -37.11 9.64
C LEU MA 82 17.51 -37.47 10.33
N MET MA 83 17.31 -38.76 10.59
CA MET MA 83 16.13 -39.28 11.26
C MET MA 83 15.91 -38.62 12.60
N ASN MA 84 16.98 -38.32 13.30
CA ASN MA 84 16.87 -37.76 14.63
C ASN MA 84 16.62 -36.26 14.68
N ASN MA 85 16.53 -35.60 13.52
CA ASN MA 85 16.24 -34.18 13.51
C ASN MA 85 14.79 -33.83 13.21
N TYR MA 86 14.41 -32.65 13.72
CA TYR MA 86 13.05 -32.09 13.58
C TYR MA 86 12.65 -31.97 12.10
N GLU MA 87 11.42 -32.40 11.82
CA GLU MA 87 10.71 -32.38 10.53
C GLU MA 87 11.35 -33.26 9.50
N VAL MA 88 11.85 -34.36 10.00
CA VAL MA 88 12.42 -35.46 9.27
C VAL MA 88 11.82 -36.61 9.97
N ASP MA 89 12.07 -36.60 11.26
CA ASP MA 89 11.57 -37.55 12.21
C ASP MA 89 10.08 -37.78 12.06
N ASN MA 90 9.34 -36.69 11.88
CA ASN MA 90 7.92 -36.71 11.73
C ASN MA 90 7.49 -37.38 10.45
N ALA MA 91 8.29 -37.25 9.39
CA ALA MA 91 7.93 -37.87 8.13
C ALA MA 91 8.05 -39.34 8.31
N VAL MA 92 9.10 -39.72 9.03
CA VAL MA 92 9.36 -41.10 9.27
C VAL MA 92 8.21 -41.60 10.10
N SER MA 93 7.87 -40.89 11.14
CA SER MA 93 6.80 -41.34 12.00
C SER MA 93 5.50 -41.57 11.24
N GLU MA 94 5.07 -40.62 10.41
CA GLU MA 94 3.81 -40.83 9.71
C GLU MA 94 3.89 -42.04 8.80
N ILE MA 95 5.00 -42.18 8.09
CA ILE MA 95 5.16 -43.30 7.20
C ILE MA 95 5.15 -44.60 7.95
N VAL MA 96 5.86 -44.65 9.05
CA VAL MA 96 5.91 -45.86 9.85
C VAL MA 96 4.52 -46.17 10.35
N SER MA 97 3.79 -45.15 10.81
CA SER MA 97 2.44 -45.29 11.32
C SER MA 97 1.48 -45.89 10.30
N ASP MA 98 1.57 -45.43 9.05
CA ASP MA 98 0.70 -46.00 8.05
C ASP MA 98 1.23 -47.31 7.53
N ALA MA 99 2.54 -47.46 7.44
CA ALA MA 99 3.05 -48.72 6.95
C ALA MA 99 2.70 -49.84 7.92
N ILE MA 100 2.85 -49.61 9.22
CA ILE MA 100 2.53 -50.65 10.17
C ILE MA 100 1.41 -50.18 11.08
N VAL MA 101 0.21 -50.67 10.82
CA VAL MA 101 -0.95 -50.21 11.55
C VAL MA 101 -1.36 -51.19 12.62
N TYR MA 102 -1.63 -50.67 13.80
CA TYR MA 102 -2.11 -51.47 14.91
C TYR MA 102 -3.39 -50.79 15.37
N GLU MA 103 -4.32 -51.53 15.96
CA GLU MA 103 -5.55 -50.94 16.50
C GLU MA 103 -6.13 -51.80 17.62
N ASP MA 104 -6.91 -51.17 18.47
CA ASP MA 104 -7.57 -51.87 19.57
C ASP MA 104 -8.46 -52.97 19.09
N ASP MA 105 -8.17 -54.16 19.58
CA ASP MA 105 -8.88 -55.39 19.28
C ASP MA 105 -9.00 -55.70 17.80
N THR MA 106 -7.95 -55.44 17.02
CA THR MA 106 -7.98 -55.78 15.62
C THR MA 106 -6.81 -56.68 15.29
N GLU MA 107 -6.75 -57.08 14.04
CA GLU MA 107 -5.68 -57.90 13.54
C GLU MA 107 -4.46 -57.06 13.24
N VAL MA 108 -3.42 -57.72 12.79
CA VAL MA 108 -2.17 -57.10 12.41
C VAL MA 108 -1.90 -57.63 11.05
N VAL MA 109 -0.83 -57.19 10.42
CA VAL MA 109 -0.50 -57.73 9.12
C VAL MA 109 -0.65 -59.24 9.18
N ALA MA 110 -1.31 -59.81 8.17
CA ALA MA 110 -1.53 -61.24 8.22
C ALA MA 110 -1.54 -61.90 6.86
N LEU MA 111 -1.05 -63.11 6.85
CA LEU MA 111 -1.02 -63.93 5.67
C LEU MA 111 -2.43 -64.25 5.20
N ASN MA 112 -2.72 -64.09 3.91
CA ASN MA 112 -4.06 -64.40 3.40
C ASN MA 112 -4.03 -65.50 2.35
N LEU MA 113 -4.25 -66.73 2.78
CA LEU MA 113 -4.14 -67.85 1.85
C LEU MA 113 -5.47 -68.20 1.22
N ASP MA 114 -5.99 -67.29 0.40
CA ASP MA 114 -7.28 -67.50 -0.21
C ASP MA 114 -7.21 -68.13 -1.61
N LYS MA 115 -6.03 -68.59 -1.98
CA LYS MA 115 -5.81 -69.22 -3.28
C LYS MA 115 -5.66 -70.72 -3.10
N SER MA 116 -5.73 -71.47 -4.19
CA SER MA 116 -5.63 -72.92 -4.13
C SER MA 116 -4.35 -73.43 -3.52
N LYS MA 117 -4.52 -74.45 -2.68
CA LYS MA 117 -3.49 -75.19 -1.97
C LYS MA 117 -3.90 -76.63 -1.97
N PHE MA 118 -2.97 -77.54 -1.68
CA PHE MA 118 -3.32 -78.96 -1.59
C PHE MA 118 -4.38 -79.24 -0.51
N SER MA 119 -4.28 -78.54 0.62
CA SER MA 119 -5.19 -78.78 1.71
C SER MA 119 -5.28 -77.62 2.69
N PRO MA 120 -6.47 -77.35 3.28
CA PRO MA 120 -6.70 -76.44 4.37
C PRO MA 120 -5.74 -76.71 5.52
N LYS MA 121 -5.32 -77.97 5.69
CA LYS MA 121 -4.39 -78.29 6.75
C LYS MA 121 -3.07 -77.56 6.55
N ILE MA 122 -2.66 -77.40 5.28
CA ILE MA 122 -1.43 -76.71 4.97
C ILE MA 122 -1.70 -75.27 5.22
N LYS MA 123 -2.86 -74.79 4.75
CA LYS MA 123 -3.13 -73.38 4.97
C LYS MA 123 -3.02 -73.05 6.43
N ASN MA 124 -3.56 -73.89 7.30
CA ASN MA 124 -3.50 -73.61 8.70
C ASN MA 124 -2.07 -73.64 9.19
N MET MA 125 -1.27 -74.60 8.74
CA MET MA 125 0.11 -74.60 9.19
C MET MA 125 0.83 -73.35 8.76
N MET MA 126 0.56 -72.86 7.55
CA MET MA 126 1.23 -71.66 7.08
C MET MA 126 0.80 -70.44 7.86
N LEU MA 127 -0.48 -70.34 8.16
CA LEU MA 127 -0.99 -69.22 8.91
C LEU MA 127 -0.41 -69.22 10.32
N ASP MA 128 -0.30 -70.40 10.93
CA ASP MA 128 0.26 -70.49 12.26
C ASP MA 128 1.74 -70.18 12.22
N GLU MA 129 2.44 -70.61 11.16
CA GLU MA 129 3.85 -70.34 11.07
C GLU MA 129 4.07 -68.85 10.96
N PHE MA 130 3.25 -68.18 10.16
CA PHE MA 130 3.35 -66.75 10.00
C PHE MA 130 3.25 -66.10 11.35
N SER MA 131 2.23 -66.49 12.13
CA SER MA 131 2.06 -65.93 13.45
C SER MA 131 3.33 -66.12 14.27
N ASP MA 132 3.92 -67.32 14.25
CA ASP MA 132 5.17 -67.49 14.97
C ASP MA 132 6.30 -66.60 14.47
N VAL MA 133 6.34 -66.29 13.18
CA VAL MA 133 7.39 -65.39 12.70
C VAL MA 133 7.21 -64.05 13.39
N LEU MA 134 5.97 -63.60 13.44
CA LEU MA 134 5.68 -62.35 14.07
C LEU MA 134 5.98 -62.44 15.57
N ASN MA 135 5.66 -63.57 16.19
CA ASN MA 135 5.90 -63.75 17.62
C ASN MA 135 7.38 -63.66 17.90
N HIS MA 136 8.20 -64.17 16.99
CA HIS MA 136 9.64 -64.14 17.17
C HIS MA 136 10.12 -62.70 17.13
N LEU MA 137 9.57 -61.94 16.19
CA LEU MA 137 9.90 -60.54 16.05
C LEU MA 137 9.19 -59.66 17.08
N SER MA 138 8.13 -60.22 17.70
CA SER MA 138 7.23 -59.51 18.60
C SER MA 138 6.68 -58.36 17.81
N PHE MA 139 6.49 -58.62 16.50
CA PHE MA 139 6.01 -57.60 15.52
C PHE MA 139 4.74 -56.92 16.04
N GLN MA 140 3.80 -57.71 16.57
CA GLN MA 140 2.55 -57.15 17.06
C GLN MA 140 2.73 -56.01 18.08
N ARG MA 141 3.94 -55.84 18.61
CA ARG MA 141 4.24 -54.77 19.54
C ARG MA 141 5.37 -53.85 19.01
N LYS MA 142 6.38 -54.46 18.36
CA LYS MA 142 7.59 -53.80 17.90
C LYS MA 142 7.79 -53.79 16.38
N GLY MA 143 6.81 -54.25 15.64
CA GLY MA 143 6.92 -54.34 14.19
C GLY MA 143 7.27 -53.02 13.56
N SER MA 144 6.71 -51.95 14.13
CA SER MA 144 6.96 -50.60 13.70
C SER MA 144 8.39 -50.16 13.95
N ASP MA 145 9.09 -50.78 14.91
CA ASP MA 145 10.45 -50.40 15.18
C ASP MA 145 11.33 -51.04 14.17
N HIS MA 146 11.01 -52.29 13.83
CA HIS MA 146 11.82 -53.00 12.88
C HIS MA 146 11.67 -52.30 11.54
N PHE MA 147 10.43 -51.95 11.23
CA PHE MA 147 10.11 -51.24 10.02
C PHE MA 147 10.86 -49.92 9.97
N ARG MA 148 10.76 -49.13 11.03
CA ARG MA 148 11.42 -47.85 11.05
C ARG MA 148 12.89 -47.97 10.73
N ARG MA 149 13.58 -48.91 11.38
CA ARG MA 149 14.99 -49.05 11.12
C ARG MA 149 15.22 -49.36 9.66
N TRP MA 150 14.44 -50.28 9.09
CA TRP MA 150 14.57 -50.64 7.70
C TRP MA 150 14.40 -49.44 6.79
N TYR MA 151 13.30 -48.72 6.95
CA TYR MA 151 12.99 -47.55 6.10
C TYR MA 151 14.16 -46.55 6.07
N VAL MA 152 14.68 -46.21 7.25
CA VAL MA 152 15.76 -45.26 7.40
C VAL MA 152 17.10 -45.79 6.90
N ASP MA 153 17.43 -47.01 7.29
CA ASP MA 153 18.70 -47.62 6.94
C ASP MA 153 18.70 -48.17 5.52
N SER MA 154 17.50 -48.29 4.91
CA SER MA 154 17.23 -48.84 3.56
C SER MA 154 17.12 -50.34 3.57
N ARG MA 155 17.49 -50.91 4.69
CA ARG MA 155 17.64 -52.33 4.79
C ARG MA 155 17.57 -52.83 6.23
N ILE MA 156 17.28 -54.11 6.35
CA ILE MA 156 17.34 -54.77 7.64
C ILE MA 156 17.68 -56.22 7.42
N PHE MA 157 18.46 -56.79 8.31
CA PHE MA 157 18.86 -58.18 8.21
C PHE MA 157 18.69 -58.82 9.57
N PHE MA 158 18.36 -60.12 9.64
CA PHE MA 158 18.28 -60.81 10.92
C PHE MA 158 18.97 -62.16 10.90
N HIS MA 159 19.60 -62.50 12.02
CA HIS MA 159 20.22 -63.79 12.23
C HIS MA 159 19.20 -64.87 12.49
N LYS MA 160 19.28 -66.01 11.78
CA LYS MA 160 18.39 -67.13 12.08
C LYS MA 160 19.02 -68.03 13.11
N ILE MA 161 18.22 -68.70 13.93
CA ILE MA 161 18.76 -69.67 14.87
C ILE MA 161 18.26 -71.07 14.54
N ILE MA 162 19.17 -72.03 14.43
CA ILE MA 162 18.69 -73.37 14.17
C ILE MA 162 19.35 -74.31 15.16
N ASP MA 163 18.56 -75.15 15.80
CA ASP MA 163 18.99 -76.12 16.79
C ASP MA 163 20.49 -76.52 16.71
N PRO MA 164 20.95 -77.28 15.70
CA PRO MA 164 20.33 -77.98 14.59
C PRO MA 164 19.97 -79.44 14.83
N LYS MA 165 20.00 -79.95 16.07
CA LYS MA 165 19.73 -81.37 16.29
C LYS MA 165 18.37 -81.82 15.75
N ARG MA 166 17.32 -81.05 16.04
CA ARG MA 166 15.97 -81.38 15.60
C ARG MA 166 15.36 -80.20 14.84
N PRO MA 167 15.88 -79.89 13.62
CA PRO MA 167 15.66 -78.66 12.86
C PRO MA 167 14.22 -78.38 12.46
N LYS MA 168 13.36 -79.39 12.41
CA LYS MA 168 11.98 -79.09 12.04
C LYS MA 168 11.31 -78.19 13.06
N GLU MA 169 11.62 -78.40 14.35
CA GLU MA 169 10.98 -77.61 15.40
C GLU MA 169 12.06 -76.87 16.13
N GLY MA 170 13.22 -76.92 15.52
CA GLY MA 170 14.49 -76.37 15.98
C GLY MA 170 14.70 -74.97 15.48
N ILE MA 171 13.60 -74.35 15.09
CA ILE MA 171 13.59 -73.03 14.51
C ILE MA 171 13.33 -72.00 15.58
N LYS MA 172 14.29 -71.12 15.76
CA LYS MA 172 14.23 -70.13 16.82
C LYS MA 172 14.29 -68.70 16.32
N GLU MA 173 14.01 -67.81 17.24
CA GLU MA 173 13.88 -66.37 17.05
C GLU MA 173 15.02 -65.66 16.37
N LEU MA 174 14.65 -64.70 15.53
CA LEU MA 174 15.55 -63.87 14.77
C LEU MA 174 16.25 -62.78 15.57
N ARG MA 175 17.48 -62.45 15.18
CA ARG MA 175 18.16 -61.30 15.80
C ARG MA 175 18.59 -60.28 14.78
N ARG MA 176 18.02 -59.09 14.87
CA ARG MA 176 18.34 -58.02 13.95
C ARG MA 176 19.84 -57.76 13.95
N LEU MA 177 20.43 -57.68 12.79
CA LEU MA 177 21.85 -57.42 12.68
C LEU MA 177 22.10 -55.93 12.60
N ASP MA 178 23.26 -55.46 13.03
CA ASP MA 178 23.59 -54.03 13.02
C ASP MA 178 24.23 -53.46 11.74
N PRO MA 179 23.55 -52.55 11.03
CA PRO MA 179 24.02 -51.89 9.84
C PRO MA 179 25.26 -51.20 10.31
N ARG MA 180 26.19 -51.00 9.38
CA ARG MA 180 27.49 -50.37 9.59
C ARG MA 180 28.51 -51.43 9.97
N GLN MA 181 28.04 -52.58 10.47
CA GLN MA 181 28.89 -53.73 10.66
C GLN MA 181 28.53 -54.73 9.58
N VAL MA 182 27.24 -54.86 9.30
CA VAL MA 182 26.73 -55.78 8.28
C VAL MA 182 27.16 -55.43 6.87
N GLN MA 183 27.64 -56.46 6.18
CA GLN MA 183 28.07 -56.41 4.80
C GLN MA 183 27.47 -57.59 4.03
N TYR MA 184 27.34 -57.42 2.71
CA TYR MA 184 26.74 -58.47 1.85
C TYR MA 184 27.49 -58.52 0.52
N VAL MA 185 27.96 -59.72 0.15
CA VAL MA 185 28.69 -59.89 -1.12
C VAL MA 185 28.24 -61.06 -2.01
N ARG MA 186 28.75 -61.10 -3.24
CA ARG MA 186 28.41 -62.18 -4.21
C ARG MA 186 29.62 -62.44 -5.12
N GLU MA 187 29.73 -63.68 -5.63
CA GLU MA 187 30.83 -64.05 -6.52
C GLU MA 187 30.37 -64.40 -7.92
N ILE MA 188 31.13 -63.99 -8.89
CA ILE MA 188 30.86 -64.35 -10.26
C ILE MA 188 31.77 -65.52 -10.54
N ILE MA 189 31.29 -66.75 -10.38
CA ILE MA 189 32.25 -67.88 -10.37
C ILE MA 189 32.43 -68.46 -11.73
N THR MA 190 33.15 -67.75 -12.55
CA THR MA 190 33.35 -68.13 -13.93
C THR MA 190 34.31 -67.26 -14.73
N GLU MA 191 34.94 -67.86 -15.73
CA GLU MA 191 35.89 -67.12 -16.62
C GLU MA 191 36.11 -67.89 -17.93
N THR MA 192 36.02 -67.21 -19.08
CA THR MA 192 36.24 -67.87 -20.38
C THR MA 192 36.83 -66.90 -21.41
N GLU MA 193 36.84 -67.34 -22.68
CA GLU MA 193 37.39 -66.50 -23.73
C GLU MA 193 36.69 -65.16 -23.76
N ALA MA 194 37.50 -64.12 -23.66
CA ALA MA 194 37.11 -62.72 -23.68
C ALA MA 194 36.08 -62.36 -22.59
N GLY MA 195 36.17 -62.99 -21.40
CA GLY MA 195 35.29 -62.65 -20.30
C GLY MA 195 34.09 -63.57 -20.11
N THR MA 196 33.83 -63.99 -18.88
CA THR MA 196 32.69 -64.88 -18.65
C THR MA 196 31.33 -64.39 -19.05
N LYS MA 197 30.67 -65.29 -19.77
CA LYS MA 197 29.34 -65.16 -20.30
C LYS MA 197 28.53 -66.41 -19.98
N ILE MA 198 28.85 -67.10 -18.89
CA ILE MA 198 28.11 -68.33 -18.53
C ILE MA 198 27.50 -68.21 -17.14
N VAL MA 199 26.83 -69.27 -16.68
CA VAL MA 199 26.12 -69.23 -15.41
C VAL MA 199 26.97 -68.90 -14.20
N LYS MA 200 26.44 -67.95 -13.45
CA LYS MA 200 26.99 -67.37 -12.24
C LYS MA 200 26.03 -67.68 -11.09
N GLY MA 201 26.40 -68.60 -10.19
CA GLY MA 201 25.47 -69.00 -9.11
C GLY MA 201 25.48 -68.09 -7.86
N TYR MA 202 26.37 -67.12 -7.87
CA TYR MA 202 26.59 -66.06 -6.86
C TYR MA 202 26.91 -66.37 -5.42
N LYS MA 203 26.50 -67.52 -4.90
CA LYS MA 203 26.76 -67.99 -3.51
C LYS MA 203 26.07 -67.13 -2.42
N GLU MA 204 26.18 -65.80 -2.51
CA GLU MA 204 25.48 -64.79 -1.70
C GLU MA 204 25.71 -64.84 -0.18
N TYR MA 205 26.96 -64.66 0.24
CA TYR MA 205 27.32 -64.77 1.67
C TYR MA 205 27.40 -63.41 2.38
N PHE MA 206 26.89 -63.40 3.61
CA PHE MA 206 26.92 -62.31 4.54
C PHE MA 206 28.23 -62.30 5.30
N ILE MA 207 28.77 -61.12 5.43
CA ILE MA 207 30.04 -60.93 6.09
C ILE MA 207 29.94 -59.71 7.02
N TYR MA 208 30.97 -59.43 7.80
CA TYR MA 208 30.99 -58.20 8.60
C TYR MA 208 32.28 -57.42 8.46
N ASP MA 209 32.21 -56.11 8.76
CA ASP MA 209 33.42 -55.28 8.74
C ASP MA 209 34.09 -55.19 10.12
N THR MA 210 33.61 -56.01 11.07
CA THR MA 210 34.07 -56.14 12.45
C THR MA 210 33.86 -54.91 13.31
N ALA MA 211 34.46 -53.79 12.90
CA ALA MA 211 34.49 -52.53 13.61
C ALA MA 211 35.26 -52.64 14.94
N HIS MA 212 36.42 -53.32 14.88
CA HIS MA 212 37.33 -53.46 16.02
C HIS MA 212 38.26 -52.27 16.12
N GLU MA 213 39.05 -52.10 15.05
CA GLU MA 213 40.04 -51.05 14.92
C GLU MA 213 39.42 -49.66 14.92
N SER MA 214 38.25 -49.55 14.30
CA SER MA 214 37.56 -48.27 14.19
C SER MA 214 36.48 -48.12 15.25
N TYR MA 215 36.77 -47.24 16.21
CA TYR MA 215 35.89 -46.98 17.33
C TYR MA 215 34.74 -46.09 16.86
N ALA MA 216 33.60 -46.32 17.45
CA ALA MA 216 32.37 -45.62 17.22
C ALA MA 216 32.49 -44.19 17.68
N CYS MA 217 31.50 -43.32 17.39
CA CYS MA 217 31.62 -41.97 17.95
C CYS MA 217 31.63 -42.11 19.48
N ASP MA 218 30.98 -43.17 19.93
CA ASP MA 218 30.90 -43.68 21.27
C ASP MA 218 30.13 -44.97 21.20
N GLY MA 219 30.12 -45.73 22.27
CA GLY MA 219 29.24 -46.89 22.38
C GLY MA 219 29.63 -48.14 21.60
N ARG MA 220 30.92 -48.28 21.26
CA ARG MA 220 31.40 -49.49 20.54
C ARG MA 220 31.40 -50.63 21.56
N MET MA 221 30.22 -51.18 21.87
CA MET MA 221 30.09 -52.23 22.88
C MET MA 221 30.27 -53.63 22.32
N TYR MA 222 30.15 -53.74 21.01
CA TYR MA 222 30.23 -55.01 20.32
C TYR MA 222 30.86 -54.86 18.96
N GLU MA 223 31.77 -55.77 18.63
CA GLU MA 223 32.40 -55.82 17.33
C GLU MA 223 31.90 -57.11 16.70
N ALA MA 224 31.69 -57.08 15.41
CA ALA MA 224 31.05 -58.19 14.70
C ALA MA 224 31.94 -59.33 14.21
N GLY MA 225 33.23 -59.24 14.40
CA GLY MA 225 34.13 -60.28 13.93
C GLY MA 225 34.62 -60.02 12.52
N THR MA 226 35.74 -60.66 12.18
CA THR MA 226 36.44 -60.51 10.91
C THR MA 226 36.12 -61.64 9.97
N LYS MA 227 36.65 -62.82 10.27
CA LYS MA 227 36.46 -63.97 9.42
C LYS MA 227 35.08 -64.58 9.58
N ILE MA 228 34.06 -63.85 9.16
CA ILE MA 228 32.70 -64.29 9.27
C ILE MA 228 32.14 -64.56 7.89
N LYS MA 229 31.63 -65.76 7.68
CA LYS MA 229 31.07 -66.14 6.38
C LYS MA 229 29.73 -66.85 6.54
N ILE MA 230 28.66 -66.11 6.37
CA ILE MA 230 27.32 -66.61 6.61
C ILE MA 230 26.49 -66.81 5.34
N PRO MA 231 26.01 -67.99 5.03
CA PRO MA 231 25.27 -68.29 3.80
C PRO MA 231 23.96 -67.53 3.80
N LYS MA 232 23.45 -67.18 2.61
CA LYS MA 232 22.21 -66.42 2.47
C LYS MA 232 21.06 -67.04 3.20
N ALA MA 233 20.97 -68.34 3.15
CA ALA MA 233 19.89 -69.06 3.79
C ALA MA 233 19.80 -68.80 5.29
N ALA MA 234 20.91 -68.38 5.92
CA ALA MA 234 20.95 -68.13 7.36
C ALA MA 234 20.49 -66.73 7.77
N VAL MA 235 20.15 -65.87 6.79
CA VAL MA 235 19.76 -64.49 7.12
C VAL MA 235 18.46 -64.01 6.49
N VAL MA 236 17.60 -63.43 7.33
CA VAL MA 236 16.35 -62.84 6.88
C VAL MA 236 16.57 -61.42 6.53
N TYR MA 237 16.20 -60.99 5.32
CA TYR MA 237 16.56 -59.58 5.05
C TYR MA 237 15.69 -58.97 3.95
N ALA MA 238 15.49 -57.66 4.09
CA ALA MA 238 14.75 -56.87 3.14
C ALA MA 238 15.50 -55.57 2.89
N HIS MA 239 15.34 -55.04 1.69
CA HIS MA 239 15.86 -53.73 1.36
C HIS MA 239 15.10 -53.19 0.17
N SER MA 240 15.13 -51.89 0.01
CA SER MA 240 14.44 -51.29 -1.12
C SER MA 240 15.32 -51.05 -2.32
N GLY MA 241 14.70 -51.00 -3.50
CA GLY MA 241 15.39 -50.75 -4.76
C GLY MA 241 15.74 -49.28 -4.97
N LEU MA 242 16.49 -48.75 -4.04
CA LEU MA 242 16.91 -47.38 -4.08
C LEU MA 242 18.40 -47.40 -4.25
N VAL MA 243 18.88 -47.12 -5.46
CA VAL MA 243 20.30 -47.25 -5.73
C VAL MA 243 20.79 -46.06 -6.54
N ASP MA 244 22.04 -45.66 -6.32
CA ASP MA 244 22.70 -44.58 -7.04
C ASP MA 244 23.04 -45.07 -8.46
N CYS MA 245 23.65 -44.22 -9.25
CA CYS MA 245 23.98 -44.47 -10.64
C CYS MA 245 24.84 -45.70 -10.89
N CYS MA 246 25.54 -46.22 -9.88
CA CYS MA 246 26.40 -47.38 -10.08
C CYS MA 246 26.49 -48.39 -8.94
N GLY MA 247 27.04 -49.54 -9.29
CA GLY MA 247 27.34 -50.60 -8.35
C GLY MA 247 26.12 -51.04 -7.60
N LYS MA 248 26.29 -51.07 -6.29
CA LYS MA 248 25.28 -51.44 -5.33
C LYS MA 248 25.20 -50.38 -4.30
N ASN MA 249 25.31 -49.13 -4.73
CA ASN MA 249 25.22 -48.08 -3.75
C ASN MA 249 23.76 -47.90 -3.39
N ILE MA 250 23.33 -48.71 -2.44
CA ILE MA 250 21.96 -48.73 -1.93
C ILE MA 250 21.82 -47.56 -0.99
N ILE MA 251 20.76 -46.81 -1.17
CA ILE MA 251 20.50 -45.63 -0.38
C ILE MA 251 19.16 -45.75 0.34
N GLY MA 252 18.95 -44.95 1.36
CA GLY MA 252 17.71 -45.04 2.15
C GLY MA 252 16.57 -44.21 1.63
N TYR MA 253 15.42 -44.31 2.28
CA TYR MA 253 14.29 -43.51 1.80
C TYR MA 253 14.49 -42.06 2.05
N LEU MA 254 15.29 -41.75 3.05
CA LEU MA 254 15.57 -40.37 3.40
C LEU MA 254 16.75 -39.86 2.62
N HIS MA 255 17.31 -40.66 1.72
CA HIS MA 255 18.47 -40.23 0.99
C HIS MA 255 18.19 -38.96 0.22
N ARG MA 256 17.03 -38.93 -0.45
CA ARG MA 256 16.63 -37.76 -1.29
C ARG MA 256 16.60 -36.48 -0.45
N ALA MA 257 16.29 -36.59 0.83
CA ALA MA 257 16.20 -35.46 1.73
C ALA MA 257 17.53 -35.04 2.27
N VAL MA 258 18.59 -35.80 2.01
CA VAL MA 258 19.85 -35.45 2.59
C VAL MA 258 20.30 -34.09 2.15
N LYS MA 259 20.22 -33.80 0.86
CA LYS MA 259 20.73 -32.51 0.46
C LYS MA 259 19.99 -31.36 1.12
N PRO MA 260 18.64 -31.18 0.94
CA PRO MA 260 17.88 -30.12 1.53
C PRO MA 260 17.78 -30.16 3.03
N ALA MA 261 17.92 -31.34 3.64
CA ALA MA 261 17.80 -31.38 5.09
C ALA MA 261 18.97 -30.73 5.73
N ASN MA 262 20.15 -31.03 5.22
CA ASN MA 262 21.33 -30.47 5.81
C ASN MA 262 21.37 -29.00 5.43
N GLN MA 263 20.93 -28.70 4.22
CA GLN MA 263 20.89 -27.34 3.76
C GLN MA 263 20.01 -26.49 4.64
N LEU MA 264 18.83 -26.99 4.96
CA LEU MA 264 17.93 -26.24 5.79
C LEU MA 264 18.54 -26.03 7.14
N LYS MA 265 19.17 -27.05 7.71
CA LYS MA 265 19.78 -26.83 9.01
C LYS MA 265 20.79 -25.70 8.93
N LEU MA 266 21.62 -25.65 7.87
CA LEU MA 266 22.59 -24.57 7.79
C LEU MA 266 21.92 -23.22 7.71
N LEU MA 267 20.84 -23.14 6.94
CA LEU MA 267 20.14 -21.88 6.78
C LEU MA 267 19.55 -21.44 8.09
N GLU MA 268 18.99 -22.38 8.83
CA GLU MA 268 18.42 -22.05 10.11
C GLU MA 268 19.51 -21.60 11.06
N ASP MA 269 20.68 -22.27 11.04
CA ASP MA 269 21.79 -21.89 11.89
C ASP MA 269 22.24 -20.49 11.53
N ALA MA 270 22.27 -20.19 10.23
CA ALA MA 270 22.70 -18.87 9.81
C ALA MA 270 21.79 -17.82 10.39
N VAL MA 271 20.47 -18.09 10.42
CA VAL MA 271 19.51 -17.16 10.99
C VAL MA 271 19.68 -17.03 12.49
N VAL MA 272 19.83 -18.15 13.19
CA VAL MA 272 19.97 -18.10 14.63
C VAL MA 272 21.21 -17.30 14.98
N ILE MA 273 22.32 -17.58 14.31
CA ILE MA 273 23.51 -16.85 14.60
C ILE MA 273 23.37 -15.41 14.22
N TYR MA 274 22.94 -15.12 13.00
CA TYR MA 274 22.78 -13.75 12.53
C TYR MA 274 22.00 -12.91 13.54
N ARG MA 275 20.90 -13.45 14.05
CA ARG MA 275 20.08 -12.74 15.02
C ARG MA 275 20.69 -12.60 16.42
N ILE MA 276 21.31 -13.66 16.96
CA ILE MA 276 21.89 -13.54 18.30
C ILE MA 276 23.16 -12.72 18.28
N THR MA 277 24.05 -13.02 17.37
CA THR MA 277 25.30 -12.30 17.33
C THR MA 277 24.95 -10.84 17.09
N ARG MA 278 25.65 -9.96 17.81
CA ARG MA 278 25.47 -8.48 17.65
C ARG MA 278 24.24 -7.96 18.40
N ALA MA 279 23.42 -8.85 18.98
CA ALA MA 279 22.24 -8.40 19.70
C ALA MA 279 22.51 -7.38 20.84
N PRO MA 280 23.56 -7.54 21.71
CA PRO MA 280 23.88 -6.69 22.85
C PRO MA 280 24.51 -5.42 22.37
N ASP MA 281 24.83 -4.50 23.28
CA ASP MA 281 25.51 -3.32 22.79
C ASP MA 281 26.88 -3.71 22.39
N ARG MA 282 27.47 -2.98 21.45
CA ARG MA 282 28.84 -3.37 21.00
C ARG MA 282 29.68 -2.12 20.77
N ARG MA 283 30.79 -1.94 21.48
CA ARG MA 283 31.55 -0.68 21.29
C ARG MA 283 33.03 -0.89 21.53
N VAL MA 284 33.86 -0.18 20.77
CA VAL MA 284 35.29 -0.23 20.90
C VAL MA 284 35.82 1.07 21.45
N TRP MA 285 36.57 0.98 22.53
CA TRP MA 285 37.19 2.16 23.08
C TRP MA 285 38.57 2.36 22.48
N TYR MA 286 38.90 3.61 22.17
CA TYR MA 286 40.23 3.94 21.58
C TYR MA 286 40.94 4.91 22.53
N VAL MA 287 42.17 4.60 22.95
CA VAL MA 287 42.81 5.52 23.88
C VAL MA 287 44.12 6.08 23.39
N ASP MA 288 44.28 7.39 23.56
CA ASP MA 288 45.51 8.05 23.19
C ASP MA 288 46.53 7.72 24.24
N THR MA 289 47.46 6.86 23.90
CA THR MA 289 48.45 6.42 24.84
C THR MA 289 49.78 6.62 24.14
N GLY MA 290 49.86 7.66 23.33
CA GLY MA 290 51.10 7.86 22.60
C GLY MA 290 52.23 8.42 23.45
N ASN MA 291 53.41 8.45 22.84
CA ASN MA 291 54.67 8.89 23.43
C ASN MA 291 55.07 8.03 24.66
N MET MA 292 54.63 6.77 24.65
CA MET MA 292 54.96 5.81 25.70
C MET MA 292 55.28 4.42 25.13
N PRO MA 293 56.11 3.62 25.84
CA PRO MA 293 56.38 2.21 25.60
C PRO MA 293 55.13 1.47 25.99
N ALA MA 294 54.87 0.28 25.45
CA ALA MA 294 53.63 -0.43 25.78
C ALA MA 294 53.49 -0.66 27.29
N ARG MA 295 54.61 -0.88 27.96
CA ARG MA 295 54.66 -1.12 29.39
C ARG MA 295 54.00 -0.02 30.21
N LYS MA 296 53.98 1.20 29.68
CA LYS MA 296 53.42 2.35 30.34
C LYS MA 296 52.13 2.79 29.64
N ALA MA 297 52.09 2.63 28.32
CA ALA MA 297 50.96 3.04 27.50
C ALA MA 297 49.69 2.32 27.97
N ALA MA 298 49.87 1.07 28.39
CA ALA MA 298 48.77 0.25 28.87
C ALA MA 298 48.05 0.89 30.05
N GLU MA 299 48.74 1.63 30.94
CA GLU MA 299 48.03 2.19 32.09
C GLU MA 299 46.96 3.17 31.65
N HIS MA 300 47.32 4.09 30.75
CA HIS MA 300 46.38 5.09 30.31
C HIS MA 300 45.26 4.41 29.52
N MET MA 301 45.57 3.32 28.81
CA MET MA 301 44.53 2.58 28.12
C MET MA 301 43.51 2.09 29.14
N GLN MA 302 44.00 1.49 30.24
CA GLN MA 302 43.21 0.93 31.33
C GLN MA 302 42.34 1.98 32.04
N HIS MA 303 42.83 3.22 32.13
CA HIS MA 303 42.10 4.33 32.78
C HIS MA 303 40.72 4.57 32.12
N VAL MA 304 40.57 4.11 30.87
CA VAL MA 304 39.33 4.24 30.15
C VAL MA 304 38.74 2.84 30.05
N MET MA 305 39.50 1.89 29.55
CA MET MA 305 38.96 0.57 29.31
C MET MA 305 38.30 -0.07 30.54
N ASN MA 306 38.95 0.00 31.72
CA ASN MA 306 38.40 -0.67 32.90
C ASN MA 306 37.48 0.24 33.70
N THR MA 307 37.20 1.42 33.18
CA THR MA 307 36.34 2.35 33.87
C THR MA 307 35.07 2.52 33.05
N MET MA 308 35.19 2.27 31.74
CA MET MA 308 34.07 2.34 30.81
C MET MA 308 33.38 1.00 30.64
N LYS MA 309 34.11 -0.12 30.85
CA LYS MA 309 33.58 -1.47 30.72
C LYS MA 309 32.26 -1.61 31.47
N ASN MA 310 31.26 -2.18 30.79
CA ASN MA 310 29.97 -2.32 31.41
C ASN MA 310 29.80 -3.63 32.16
N ARG MA 311 29.76 -3.53 33.49
CA ARG MA 311 29.52 -4.71 34.36
C ARG MA 311 28.01 -4.94 34.31
N VAL MA 312 27.53 -5.47 33.18
CA VAL MA 312 26.11 -5.63 32.89
C VAL MA 312 25.68 -7.03 32.49
N VAL MA 313 26.16 -8.04 33.16
CA VAL MA 313 25.76 -9.39 32.79
C VAL MA 313 24.26 -9.61 33.00
N TYR MA 314 23.62 -10.18 31.98
CA TYR MA 314 22.21 -10.54 31.93
C TYR MA 314 21.90 -11.72 32.82
N ASP MA 315 20.80 -11.65 33.56
CA ASP MA 315 20.33 -12.75 34.38
C ASP MA 315 19.42 -13.61 33.50
N ALA MA 316 19.98 -14.74 33.11
CA ALA MA 316 19.37 -15.67 32.19
C ALA MA 316 18.45 -16.68 32.90
N SER MA 317 18.35 -16.59 34.23
CA SER MA 317 17.48 -17.51 34.95
C SER MA 317 16.19 -16.78 35.25
N THR MA 318 16.33 -15.52 35.62
CA THR MA 318 15.23 -14.62 35.95
C THR MA 318 15.43 -13.40 35.08
N GLY MA 319 14.41 -12.87 34.40
CA GLY MA 319 14.66 -11.73 33.49
C GLY MA 319 15.10 -10.43 34.17
N LYS MA 320 16.36 -10.41 34.56
CA LYS MA 320 16.95 -9.28 35.28
C LYS MA 320 18.33 -8.97 34.76
N ILE MA 321 18.89 -7.85 35.17
CA ILE MA 321 20.27 -7.53 34.82
C ILE MA 321 21.00 -7.54 36.15
N LYS MA 322 22.15 -8.18 36.23
CA LYS MA 322 22.83 -8.24 37.51
C LYS MA 322 23.46 -6.91 37.90
N ASN MA 323 23.39 -6.62 39.21
CA ASN MA 323 23.97 -5.46 39.87
C ASN MA 323 23.58 -4.10 39.30
N GLN MA 324 22.31 -3.94 38.92
CA GLN MA 324 21.87 -2.68 38.35
C GLN MA 324 20.88 -1.86 39.18
N GLN MA 325 20.87 -2.00 40.50
CA GLN MA 325 19.92 -1.22 41.31
C GLN MA 325 20.45 0.22 41.57
N HIS MA 326 19.60 1.24 41.81
CA HIS MA 326 18.13 1.22 41.98
C HIS MA 326 17.41 0.73 40.74
N ASN MA 327 16.10 0.67 40.80
CA ASN MA 327 15.32 -0.08 39.81
C ASN MA 327 15.75 0.00 38.33
N MET MA 328 16.08 1.16 37.79
CA MET MA 328 16.49 1.25 36.38
C MET MA 328 17.21 2.56 36.04
N SER MA 329 18.40 2.48 35.46
CA SER MA 329 19.06 3.70 35.03
C SER MA 329 18.30 4.27 33.86
N MET MA 330 18.21 5.60 33.82
CA MET MA 330 17.53 6.32 32.71
C MET MA 330 18.58 6.63 31.62
N THR MA 331 19.83 6.24 31.86
CA THR MA 331 20.91 6.47 30.92
C THR MA 331 22.09 5.48 30.98
N GLU MA 332 22.78 5.43 29.85
CA GLU MA 332 24.05 4.75 29.66
C GLU MA 332 25.05 5.88 29.39
N ASP MA 333 25.57 6.41 30.48
CA ASP MA 333 26.46 7.55 30.45
C ASP MA 333 27.89 7.16 30.63
N TYR MA 334 28.71 7.66 29.73
CA TYR MA 334 30.12 7.39 29.75
C TYR MA 334 30.84 8.71 29.79
N TRP MA 335 32.09 8.69 30.22
CA TRP MA 335 32.83 9.93 30.16
C TRP MA 335 34.32 9.74 29.96
N LEU MA 336 34.92 10.76 29.35
CA LEU MA 336 36.35 10.78 29.09
C LEU MA 336 37.03 12.05 29.54
N GLN MA 337 38.31 11.89 29.85
CA GLN MA 337 39.17 13.03 30.14
C GLN MA 337 40.21 13.11 29.05
N ARG MA 338 40.31 14.25 28.36
CA ARG MA 338 41.30 14.40 27.30
C ARG MA 338 42.50 15.25 27.75
N ARG MA 339 43.69 14.66 27.64
CA ARG MA 339 44.95 15.26 28.06
C ARG MA 339 45.37 16.49 27.29
N ASP MA 340 44.83 16.65 26.08
CA ASP MA 340 45.16 17.79 25.24
C ASP MA 340 44.00 18.03 24.29
N GLY MA 341 44.14 19.07 23.46
CA GLY MA 341 43.11 19.46 22.49
C GLY MA 341 43.17 18.61 21.22
N LYS MA 342 43.08 17.30 21.42
CA LYS MA 342 43.17 16.34 20.35
C LYS MA 342 42.19 15.21 20.54
N ALA MA 343 41.29 15.04 19.58
CA ALA MA 343 40.25 14.03 19.67
C ALA MA 343 40.75 12.66 19.27
N VAL MA 344 41.60 12.10 20.10
CA VAL MA 344 42.18 10.77 19.85
C VAL MA 344 41.50 9.72 20.74
N THR MA 345 41.24 10.06 22.01
CA THR MA 345 40.55 9.12 22.89
C THR MA 345 39.05 9.24 22.60
N GLU MA 346 38.41 8.11 22.27
CA GLU MA 346 37.00 8.06 21.84
C GLU MA 346 36.38 6.66 21.89
N VAL MA 347 35.10 6.57 21.56
CA VAL MA 347 34.43 5.28 21.40
C VAL MA 347 33.82 5.25 20.01
N ASP MA 348 33.86 4.11 19.38
CA ASP MA 348 33.25 3.94 18.08
C ASP MA 348 32.44 2.66 18.20
N THR MA 349 31.12 2.78 18.11
CA THR MA 349 30.24 1.63 18.34
C THR MA 349 30.19 0.71 17.13
N LEU MA 350 29.68 -0.51 17.32
CA LEU MA 350 29.60 -1.44 16.19
C LEU MA 350 28.13 -1.70 15.81
N PRO MA 351 27.82 -2.10 14.55
CA PRO MA 351 26.48 -2.44 14.08
C PRO MA 351 25.91 -3.59 14.89
N GLY MA 352 24.60 -3.58 15.11
CA GLY MA 352 23.94 -4.62 15.88
C GLY MA 352 23.22 -5.69 15.04
N ALA MA 353 22.43 -6.50 15.72
CA ALA MA 353 21.67 -7.59 15.10
C ALA MA 353 20.42 -7.04 14.41
N ASP MA 354 20.63 -6.41 13.25
CA ASP MA 354 19.55 -5.76 12.51
C ASP MA 354 18.64 -6.82 11.86
N ASN MA 355 17.45 -6.92 12.43
CA ASN MA 355 16.45 -7.91 12.07
C ASN MA 355 15.65 -7.59 10.81
N THR MA 356 16.24 -7.81 9.65
CA THR MA 356 15.61 -7.45 8.38
C THR MA 356 14.70 -8.56 7.79
N GLY MA 357 14.79 -9.76 8.36
CA GLY MA 357 13.99 -10.89 7.90
C GLY MA 357 12.76 -11.03 8.79
N ASN MA 358 11.56 -11.44 8.30
CA ASN MA 358 11.13 -11.82 6.95
C ASN MA 358 11.97 -12.93 6.37
N MET MA 359 12.32 -13.89 7.21
CA MET MA 359 13.11 -15.03 6.75
C MET MA 359 12.17 -16.01 6.05
N GLU MA 360 11.75 -15.63 4.86
CA GLU MA 360 10.79 -16.37 4.06
C GLU MA 360 11.40 -17.58 3.38
N ASP MA 361 12.68 -17.50 3.05
CA ASP MA 361 13.34 -18.61 2.36
C ASP MA 361 13.30 -19.86 3.20
N ILE MA 362 13.34 -19.70 4.50
CA ILE MA 362 13.28 -20.82 5.40
C ILE MA 362 11.98 -21.59 5.16
N ARG MA 363 10.86 -20.88 4.95
CA ARG MA 363 9.59 -21.54 4.75
C ARG MA 363 9.64 -22.33 3.43
N TRP MA 364 10.25 -21.72 2.41
CA TRP MA 364 10.35 -22.40 1.12
C TRP MA 364 11.13 -23.68 1.26
N PHE MA 365 12.27 -23.60 1.93
CA PHE MA 365 13.13 -24.75 2.10
C PHE MA 365 12.43 -25.81 2.93
N ARG MA 366 11.72 -25.38 3.96
CA ARG MA 366 10.96 -26.32 4.77
C ARG MA 366 10.02 -27.13 3.87
N GLN MA 367 9.26 -26.45 3.03
CA GLN MA 367 8.34 -27.16 2.18
C GLN MA 367 9.07 -28.08 1.21
N ALA MA 368 10.21 -27.62 0.68
CA ALA MA 368 10.96 -28.44 -0.25
C ALA MA 368 11.40 -29.72 0.44
N LEU MA 369 11.80 -29.60 1.70
CA LEU MA 369 12.20 -30.75 2.47
C LEU MA 369 11.03 -31.69 2.68
N TYR MA 370 9.87 -31.15 3.05
CA TYR MA 370 8.73 -32.03 3.24
C TYR MA 370 8.48 -32.84 1.99
N MET MA 371 8.59 -32.20 0.82
CA MET MA 371 8.38 -32.94 -0.41
C MET MA 371 9.47 -34.01 -0.57
N ALA MA 372 10.72 -33.67 -0.27
CA ALA MA 372 11.84 -34.60 -0.36
C ALA MA 372 11.61 -35.82 0.55
N LEU MA 373 10.94 -35.60 1.66
CA LEU MA 373 10.64 -36.61 2.64
C LEU MA 373 9.38 -37.44 2.37
N ARG MA 374 8.68 -37.18 1.26
CA ARG MA 374 7.43 -37.85 0.87
C ARG MA 374 6.30 -37.58 1.83
N VAL MA 375 6.23 -36.37 2.32
CA VAL MA 375 5.15 -35.98 3.18
C VAL MA 375 4.02 -35.46 2.31
N PRO MA 376 2.78 -35.91 2.51
CA PRO MA 376 1.62 -35.48 1.75
C PRO MA 376 1.49 -33.98 1.85
N LEU MA 377 0.92 -33.37 0.82
CA LEU MA 377 0.73 -31.92 0.77
C LEU MA 377 -0.32 -31.51 1.78
N SER MA 378 -1.06 -32.50 2.24
CA SER MA 378 -2.11 -32.41 3.22
C SER MA 378 -1.56 -32.29 4.65
N ARG MA 379 -0.24 -32.51 4.82
CA ARG MA 379 0.29 -32.51 6.21
C ARG MA 379 1.47 -31.54 6.38
N ILE MA 380 1.66 -31.10 7.63
CA ILE MA 380 2.73 -30.23 8.06
C ILE MA 380 2.96 -30.38 9.55
N SER MA 395 -11.00 -35.26 2.76
CA SER MA 395 -11.64 -35.82 1.59
C SER MA 395 -10.69 -36.78 0.89
N ILE MA 396 -10.90 -37.00 -0.40
CA ILE MA 396 -10.00 -37.85 -1.16
C ILE MA 396 -9.32 -36.99 -2.18
N THR MA 397 -8.00 -36.99 -2.16
CA THR MA 397 -7.27 -36.22 -3.14
C THR MA 397 -6.29 -37.13 -3.81
N ARG MA 398 -5.82 -36.75 -4.98
CA ARG MA 398 -4.86 -37.59 -5.67
C ARG MA 398 -3.58 -37.71 -4.88
N ASP MA 399 -3.20 -36.64 -4.20
CA ASP MA 399 -1.99 -36.63 -3.42
C ASP MA 399 -2.07 -37.64 -2.29
N GLU MA 400 -3.20 -37.65 -1.57
CA GLU MA 400 -3.32 -38.57 -0.47
C GLU MA 400 -3.33 -40.01 -0.99
N LEU MA 401 -4.00 -40.22 -2.14
CA LEU MA 401 -4.05 -41.55 -2.72
C LEU MA 401 -2.66 -41.98 -3.17
N THR MA 402 -1.89 -41.05 -3.73
CA THR MA 402 -0.55 -41.34 -4.20
C THR MA 402 0.27 -41.80 -3.02
N PHE MA 403 0.13 -41.12 -1.90
CA PHE MA 403 0.83 -41.49 -0.69
C PHE MA 403 0.42 -42.89 -0.31
N ALA MA 404 -0.87 -43.18 -0.31
CA ALA MA 404 -1.31 -44.52 0.02
C ALA MA 404 -0.70 -45.56 -0.92
N LYS MA 405 -0.58 -45.23 -2.22
CA LYS MA 405 0.04 -46.16 -3.17
C LYS MA 405 1.47 -46.42 -2.75
N PHE MA 406 2.17 -45.35 -2.34
CA PHE MA 406 3.52 -45.47 -1.85
C PHE MA 406 3.58 -46.40 -0.67
N ILE MA 407 2.68 -46.19 0.29
CA ILE MA 407 2.72 -47.04 1.46
C ILE MA 407 2.51 -48.49 1.04
N ARG MA 408 1.59 -48.72 0.09
CA ARG MA 408 1.28 -50.08 -0.39
C ARG MA 408 2.55 -50.74 -0.96
N GLU MA 409 3.31 -50.01 -1.76
CA GLU MA 409 4.53 -50.54 -2.36
C GLU MA 409 5.64 -50.70 -1.33
N LEU MA 410 5.68 -49.76 -0.40
CA LEU MA 410 6.67 -49.74 0.63
C LEU MA 410 6.52 -51.00 1.47
N GLN MA 411 5.28 -51.31 1.84
CA GLN MA 411 4.93 -52.48 2.60
C GLN MA 411 5.26 -53.74 1.85
N HIS MA 412 4.98 -53.75 0.55
CA HIS MA 412 5.24 -54.94 -0.25
C HIS MA 412 6.72 -55.25 -0.26
N LYS MA 413 7.56 -54.22 -0.32
CA LYS MA 413 8.98 -54.48 -0.27
C LYS MA 413 9.37 -55.02 1.11
N PHE MA 414 8.86 -54.37 2.15
CA PHE MA 414 9.14 -54.74 3.52
C PHE MA 414 8.79 -56.19 3.81
N GLU MA 415 7.64 -56.62 3.28
CA GLU MA 415 6.99 -57.91 3.39
C GLU MA 415 7.95 -59.09 3.32
N GLU MA 416 9.05 -58.94 2.57
CA GLU MA 416 10.01 -60.02 2.39
C GLU MA 416 10.49 -60.52 3.76
N VAL MA 417 10.50 -59.62 4.73
CA VAL MA 417 10.93 -59.86 6.10
C VAL MA 417 10.10 -60.98 6.75
N PHE MA 418 8.91 -61.25 6.23
CA PHE MA 418 8.08 -62.28 6.78
C PHE MA 418 8.15 -63.48 5.87
N LEU MA 419 8.21 -63.21 4.58
CA LEU MA 419 8.17 -64.27 3.59
C LEU MA 419 9.37 -65.17 3.67
N ASP MA 420 10.53 -64.58 3.94
CA ASP MA 420 11.75 -65.36 4.02
C ASP MA 420 11.61 -66.44 5.12
N PRO MA 421 11.56 -66.11 6.44
CA PRO MA 421 11.50 -67.12 7.47
C PRO MA 421 10.26 -67.96 7.34
N LEU MA 422 9.19 -67.44 6.75
CA LEU MA 422 8.01 -68.23 6.59
C LEU MA 422 8.27 -69.37 5.64
N LYS MA 423 8.75 -69.06 4.44
CA LYS MA 423 8.96 -70.16 3.52
C LYS MA 423 10.04 -71.06 4.04
N THR MA 424 11.03 -70.49 4.72
CA THR MA 424 12.13 -71.27 5.17
C THR MA 424 11.66 -72.32 6.13
N ASN MA 425 10.85 -71.89 7.10
CA ASN MA 425 10.41 -72.78 8.11
C ASN MA 425 9.51 -73.86 7.55
N LEU MA 426 8.67 -73.49 6.60
CA LEU MA 426 7.76 -74.43 6.00
C LEU MA 426 8.53 -75.51 5.27
N LEU MA 427 9.63 -75.10 4.63
CA LEU MA 427 10.47 -76.04 3.95
C LEU MA 427 11.24 -76.89 4.97
N LEU MA 428 11.79 -76.28 6.02
CA LEU MA 428 12.55 -77.02 7.02
C LEU MA 428 11.72 -78.05 7.73
N LYS MA 429 10.45 -77.73 7.97
CA LYS MA 429 9.52 -78.60 8.63
C LYS MA 429 9.00 -79.75 7.77
N GLY MA 430 9.27 -79.72 6.47
CA GLY MA 430 8.75 -80.75 5.59
C GLY MA 430 7.26 -80.55 5.32
N ILE MA 431 6.78 -79.32 5.38
CA ILE MA 431 5.36 -79.06 5.18
C ILE MA 431 5.14 -78.85 3.69
N ILE MA 432 6.01 -78.06 3.09
CA ILE MA 432 5.96 -77.74 1.67
C ILE MA 432 7.31 -78.13 1.08
N THR MA 433 7.35 -78.76 -0.08
CA THR MA 433 8.65 -79.10 -0.68
C THR MA 433 9.17 -77.86 -1.41
N GLU MA 434 10.44 -77.85 -1.82
CA GLU MA 434 10.96 -76.68 -2.52
C GLU MA 434 10.22 -76.39 -3.81
N ASP MA 435 9.84 -77.45 -4.52
CA ASP MA 435 9.17 -77.26 -5.78
C ASP MA 435 7.75 -76.83 -5.53
N GLU MA 436 7.09 -77.44 -4.56
CA GLU MA 436 5.72 -77.07 -4.31
C GLU MA 436 5.63 -75.62 -3.94
N TRP MA 437 6.59 -75.14 -3.16
CA TRP MA 437 6.53 -73.78 -2.74
C TRP MA 437 6.60 -72.90 -3.97
N ASN MA 438 7.56 -73.19 -4.85
CA ASN MA 438 7.74 -72.37 -6.04
C ASN MA 438 6.63 -72.52 -7.09
N ASP MA 439 5.96 -73.66 -7.12
CA ASP MA 439 4.88 -73.85 -8.07
C ASP MA 439 3.65 -73.07 -7.64
N GLU MA 440 3.36 -73.11 -6.34
CA GLU MA 440 2.21 -72.43 -5.80
C GLU MA 440 2.44 -70.92 -5.65
N ILE MA 441 3.69 -70.53 -5.35
CA ILE MA 441 4.03 -69.16 -5.08
C ILE MA 441 5.06 -68.56 -6.03
N ASN MA 442 4.70 -67.61 -6.92
CA ASN MA 442 3.39 -66.99 -7.18
C ASN MA 442 2.67 -66.26 -6.03
N ASN MA 443 1.56 -66.80 -5.51
CA ASN MA 443 0.81 -66.06 -4.51
C ASN MA 443 0.84 -66.57 -3.07
N ILE MA 444 1.51 -65.79 -2.22
CA ILE MA 444 1.67 -66.01 -0.78
C ILE MA 444 1.40 -64.67 -0.12
N LYS MA 445 0.55 -63.89 -0.75
CA LYS MA 445 0.33 -62.52 -0.31
C LYS MA 445 -0.13 -62.34 1.13
N ILE MA 446 0.52 -61.40 1.79
CA ILE MA 446 0.26 -60.98 3.16
C ILE MA 446 -0.41 -59.62 3.14
N GLU MA 447 -1.53 -59.49 3.82
CA GLU MA 447 -2.19 -58.21 3.80
C GLU MA 447 -1.91 -57.43 5.04
N PHE MA 448 -1.68 -56.16 4.85
CA PHE MA 448 -1.42 -55.29 5.97
C PHE MA 448 -2.73 -54.80 6.52
N HIS MA 449 -2.78 -54.60 7.82
CA HIS MA 449 -3.92 -54.04 8.51
C HIS MA 449 -4.08 -52.58 8.14
N ARG MA 450 -5.30 -52.12 7.95
CA ARG MA 450 -5.52 -50.73 7.60
C ARG MA 450 -6.29 -50.01 8.66
N ASP MA 451 -6.14 -48.69 8.69
CA ASP MA 451 -6.88 -47.85 9.62
C ASP MA 451 -8.29 -47.66 9.11
N SER MA 452 -9.22 -48.24 9.85
CA SER MA 452 -10.62 -48.26 9.46
C SER MA 452 -11.26 -46.88 9.44
N TYR MA 453 -10.69 -45.90 10.16
CA TYR MA 453 -11.30 -44.58 10.17
C TYR MA 453 -11.33 -44.00 8.79
N PHE MA 454 -10.16 -44.01 8.19
CA PHE MA 454 -9.98 -43.43 6.90
C PHE MA 454 -10.58 -44.31 5.85
N ALA MA 455 -10.48 -45.63 6.04
CA ALA MA 455 -11.06 -46.52 5.04
C ALA MA 455 -12.54 -46.28 4.93
N GLU MA 456 -13.21 -46.11 6.07
CA GLU MA 456 -14.63 -45.87 6.02
C GLU MA 456 -14.93 -44.57 5.31
N LEU MA 457 -14.16 -43.52 5.59
CA LEU MA 457 -14.44 -42.25 4.93
C LEU MA 457 -14.28 -42.38 3.44
N LYS MA 458 -13.26 -43.10 3.01
CA LYS MA 458 -13.03 -43.29 1.60
C LYS MA 458 -14.25 -43.96 0.99
N GLU MA 459 -14.68 -45.04 1.61
CA GLU MA 459 -15.81 -45.79 1.09
C GLU MA 459 -17.07 -44.95 1.11
N ALA MA 460 -17.26 -44.13 2.14
CA ALA MA 460 -18.43 -43.31 2.23
C ALA MA 460 -18.52 -42.35 1.07
N GLU MA 461 -17.42 -41.69 0.70
CA GLU MA 461 -17.49 -40.78 -0.44
C GLU MA 461 -17.88 -41.51 -1.69
N ILE MA 462 -17.28 -42.67 -1.88
CA ILE MA 462 -17.54 -43.42 -3.08
C ILE MA 462 -19.01 -43.79 -3.13
N LEU MA 463 -19.54 -44.28 -2.01
CA LEU MA 463 -20.93 -44.61 -1.93
C LEU MA 463 -21.79 -43.39 -2.21
N GLU MA 464 -21.50 -42.25 -1.61
CA GLU MA 464 -22.34 -41.07 -1.84
C GLU MA 464 -22.44 -40.78 -3.32
N ARG MA 465 -21.30 -40.87 -4.01
CA ARG MA 465 -21.25 -40.61 -5.48
C ARG MA 465 -22.13 -41.63 -6.21
N ARG MA 466 -22.09 -42.89 -5.79
CA ARG MA 466 -22.87 -43.95 -6.42
C ARG MA 466 -24.36 -43.75 -6.20
N ILE MA 467 -24.72 -43.35 -4.98
CA ILE MA 467 -26.12 -43.13 -4.64
C ILE MA 467 -26.64 -41.97 -5.46
N ASN MA 468 -25.90 -40.87 -5.48
CA ASN MA 468 -26.33 -39.69 -6.19
C ASN MA 468 -26.50 -39.97 -7.66
N MET MA 469 -25.60 -40.75 -8.25
CA MET MA 469 -25.77 -41.04 -9.64
C MET MA 469 -27.03 -41.84 -9.87
N LEU MA 470 -27.30 -42.83 -9.01
CA LEU MA 470 -28.47 -43.63 -9.25
C LEU MA 470 -29.74 -42.81 -9.12
N THR MA 471 -29.78 -41.86 -8.17
CA THR MA 471 -30.98 -41.04 -8.00
C THR MA 471 -31.19 -40.10 -9.17
N MET MA 472 -30.17 -39.89 -10.00
CA MET MA 472 -30.31 -39.07 -11.17
C MET MA 472 -30.78 -39.93 -12.34
N ALA MA 473 -30.21 -41.14 -12.44
CA ALA MA 473 -30.53 -42.08 -13.49
C ALA MA 473 -31.98 -42.55 -13.43
N GLU MA 474 -32.50 -42.68 -12.21
CA GLU MA 474 -33.83 -43.19 -11.92
C GLU MA 474 -34.92 -43.00 -12.99
N PRO MA 475 -35.21 -41.80 -13.53
CA PRO MA 475 -36.34 -41.56 -14.42
C PRO MA 475 -36.33 -42.43 -15.67
N PHE MA 476 -35.18 -42.98 -16.05
CA PHE MA 476 -35.16 -43.80 -17.24
C PHE MA 476 -34.64 -45.21 -17.00
N ILE MA 477 -34.56 -45.65 -15.74
CA ILE MA 477 -33.99 -46.99 -15.60
C ILE MA 477 -35.05 -48.07 -15.74
N GLY MA 478 -36.26 -47.67 -16.11
CA GLY MA 478 -37.28 -48.62 -16.45
C GLY MA 478 -37.59 -48.49 -17.94
N LYS MA 479 -36.83 -47.64 -18.65
CA LYS MA 479 -37.10 -47.41 -20.06
C LYS MA 479 -35.88 -47.60 -20.96
N TYR MA 480 -34.72 -47.04 -20.59
CA TYR MA 480 -33.55 -47.15 -21.50
C TYR MA 480 -32.48 -48.07 -20.92
N ILE MA 481 -32.29 -48.00 -19.60
CA ILE MA 481 -31.28 -48.78 -18.92
C ILE MA 481 -31.96 -49.68 -17.92
N SER MA 482 -31.57 -50.94 -17.85
CA SER MA 482 -32.15 -51.88 -16.90
C SER MA 482 -31.64 -51.66 -15.48
N HIS MA 483 -32.32 -52.28 -14.49
CA HIS MA 483 -31.82 -52.13 -13.13
C HIS MA 483 -30.53 -52.88 -13.02
N ARG MA 484 -30.45 -54.07 -13.61
CA ARG MA 484 -29.22 -54.85 -13.54
C ARG MA 484 -28.04 -54.00 -13.97
N THR MA 485 -28.18 -53.33 -15.11
CA THR MA 485 -27.12 -52.48 -15.58
C THR MA 485 -26.84 -51.35 -14.64
N ALA MA 486 -27.88 -50.68 -14.17
CA ALA MA 486 -27.60 -49.60 -13.25
C ALA MA 486 -26.83 -50.11 -12.03
N MET MA 487 -27.18 -51.29 -11.56
CA MET MA 487 -26.49 -51.87 -10.42
C MET MA 487 -25.03 -52.16 -10.73
N LYS MA 488 -24.72 -52.66 -11.94
CA LYS MA 488 -23.32 -52.97 -12.24
C LYS MA 488 -22.50 -51.74 -12.61
N ASP MA 489 -23.09 -50.74 -13.26
CA ASP MA 489 -22.31 -49.57 -13.66
C ASP MA 489 -22.39 -48.38 -12.71
N ILE MA 490 -23.53 -48.14 -12.08
CA ILE MA 490 -23.64 -47.00 -11.20
C ILE MA 490 -23.28 -47.41 -9.80
N LEU MA 491 -23.85 -48.50 -9.33
CA LEU MA 491 -23.57 -48.92 -7.96
C LEU MA 491 -22.34 -49.81 -7.88
N GLN MA 492 -21.77 -50.10 -9.04
CA GLN MA 492 -20.58 -50.93 -9.21
C GLN MA 492 -20.68 -52.31 -8.54
N MET MA 493 -21.81 -52.97 -8.70
CA MET MA 493 -22.04 -54.29 -8.14
C MET MA 493 -21.66 -55.38 -9.12
N THR MA 494 -21.20 -56.52 -8.64
CA THR MA 494 -20.91 -57.61 -9.57
C THR MA 494 -22.18 -58.39 -9.79
N ASP MA 495 -22.24 -59.26 -10.81
CA ASP MA 495 -23.49 -60.01 -10.96
C ASP MA 495 -23.81 -60.91 -9.77
N GLU MA 496 -22.83 -61.59 -9.19
CA GLU MA 496 -23.21 -62.43 -8.06
C GLU MA 496 -23.62 -61.56 -6.89
N GLU MA 497 -23.07 -60.35 -6.81
CA GLU MA 497 -23.42 -59.44 -5.73
C GLU MA 497 -24.87 -59.06 -5.86
N ILE MA 498 -25.28 -58.80 -7.09
CA ILE MA 498 -26.64 -58.42 -7.39
C ILE MA 498 -27.57 -59.56 -7.01
N GLU MA 499 -27.23 -60.79 -7.42
CA GLU MA 499 -28.09 -61.91 -7.06
C GLU MA 499 -28.18 -62.11 -5.57
N GLN MA 500 -27.07 -61.97 -4.86
CA GLN MA 500 -27.06 -62.17 -3.43
C GLN MA 500 -27.91 -61.13 -2.72
N GLU MA 501 -27.80 -59.88 -3.18
CA GLU MA 501 -28.59 -58.76 -2.60
C GLU MA 501 -30.07 -58.98 -2.89
N ALA MA 502 -30.40 -59.55 -4.07
CA ALA MA 502 -31.77 -59.79 -4.42
C ALA MA 502 -32.36 -60.89 -3.55
N LYS MA 503 -31.58 -61.93 -3.29
CA LYS MA 503 -32.04 -63.01 -2.44
C LYS MA 503 -32.29 -62.52 -1.03
N GLN MA 504 -31.35 -61.75 -0.50
CA GLN MA 504 -31.50 -61.25 0.85
C GLN MA 504 -32.73 -60.36 0.96
N ILE MA 505 -32.96 -59.51 -0.06
CA ILE MA 505 -34.11 -58.62 -0.06
C ILE MA 505 -35.40 -59.40 -0.09
N GLU MA 506 -35.50 -60.40 -0.96
CA GLU MA 506 -36.73 -61.16 -1.01
C GLU MA 506 -37.04 -61.75 0.35
N GLU MA 507 -36.02 -62.25 1.05
CA GLU MA 507 -36.29 -62.80 2.36
C GLU MA 507 -36.72 -61.71 3.35
N GLU MA 508 -36.04 -60.56 3.34
CA GLU MA 508 -36.34 -59.47 4.26
C GLU MA 508 -37.73 -58.90 4.05
N SER MA 509 -38.16 -58.91 2.81
CA SER MA 509 -39.46 -58.41 2.41
C SER MA 509 -40.56 -59.13 3.17
N LYS MA 510 -40.42 -60.43 3.41
CA LYS MA 510 -41.44 -61.18 4.09
C LYS MA 510 -41.22 -61.13 5.59
N LEU NA 6 30.71 -65.36 -31.52
CA LEU NA 6 30.58 -66.23 -30.36
C LEU NA 6 29.50 -67.26 -30.53
N SER NA 7 29.85 -68.53 -30.24
CA SER NA 7 28.95 -69.69 -30.37
C SER NA 7 27.76 -69.59 -29.43
N LEU NA 8 27.93 -68.77 -28.42
CA LEU NA 8 26.94 -68.50 -27.41
C LEU NA 8 25.68 -67.94 -28.00
N PHE NA 9 25.81 -67.19 -29.09
CA PHE NA 9 24.68 -66.57 -29.72
C PHE NA 9 24.43 -67.14 -31.10
N ALA NA 10 25.02 -68.29 -31.41
CA ALA NA 10 24.86 -68.81 -32.76
C ALA NA 10 23.40 -68.93 -33.17
N PRO NA 11 22.47 -69.46 -32.35
CA PRO NA 11 21.08 -69.59 -32.71
C PRO NA 11 20.41 -68.27 -33.02
N TRP NA 12 20.95 -67.18 -32.48
CA TRP NA 12 20.32 -65.92 -32.70
C TRP NA 12 20.85 -65.40 -33.99
N ALA NA 13 22.11 -65.72 -34.26
CA ALA NA 13 22.71 -65.32 -35.50
C ALA NA 13 21.94 -66.00 -36.60
N LYS NA 14 21.56 -67.26 -36.40
CA LYS NA 14 20.83 -67.98 -37.42
C LYS NA 14 19.56 -67.22 -37.76
N MET NA 15 18.86 -66.74 -36.74
CA MET NA 15 17.66 -65.97 -36.96
C MET NA 15 17.97 -64.68 -37.72
N ASP NA 16 19.01 -63.93 -37.31
CA ASP NA 16 19.33 -62.69 -38.02
C ASP NA 16 19.69 -62.96 -39.48
N GLU NA 17 20.43 -64.04 -39.73
CA GLU NA 17 20.85 -64.36 -41.08
C GLU NA 17 19.64 -64.63 -41.95
N ARG NA 18 18.66 -65.35 -41.42
CA ARG NA 18 17.45 -65.61 -42.17
C ARG NA 18 16.68 -64.33 -42.43
N ASN NA 19 16.62 -63.44 -41.43
CA ASN NA 19 15.90 -62.20 -41.62
C ASN NA 19 16.57 -61.37 -42.69
N PHE NA 20 17.91 -61.36 -42.68
CA PHE NA 20 18.71 -60.62 -43.62
C PHE NA 20 18.45 -61.20 -45.00
N LYS NA 21 18.46 -62.54 -45.10
CA LYS NA 21 18.18 -63.21 -46.36
C LYS NA 21 16.84 -62.77 -46.91
N ASP NA 22 15.79 -62.71 -46.08
CA ASP NA 22 14.49 -62.26 -46.60
C ASP NA 22 14.60 -60.85 -47.17
N GLN NA 23 15.39 -59.97 -46.53
CA GLN NA 23 15.56 -58.63 -47.06
C GLN NA 23 16.24 -58.68 -48.40
N GLU NA 24 17.25 -59.54 -48.54
CA GLU NA 24 17.97 -59.72 -49.79
C GLU NA 24 17.09 -60.30 -50.89
N LYS NA 25 16.22 -61.24 -50.50
CA LYS NA 25 15.30 -61.91 -51.40
C LYS NA 25 14.34 -60.95 -52.09
N GLU NA 26 13.78 -60.03 -51.32
CA GLU NA 26 12.84 -59.06 -51.88
C GLU NA 26 13.58 -57.91 -52.58
N ASP NA 27 12.94 -57.29 -53.56
CA ASP NA 27 13.56 -56.19 -54.29
C ASP NA 27 13.47 -54.85 -53.56
N LEU NA 28 14.17 -54.78 -52.44
CA LEU NA 28 14.21 -53.60 -51.59
C LEU NA 28 15.35 -52.76 -52.08
N VAL NA 29 15.20 -52.30 -53.29
CA VAL NA 29 16.23 -51.61 -54.03
C VAL NA 29 15.76 -50.30 -54.55
N SER NA 30 16.71 -49.55 -55.11
CA SER NA 30 16.43 -48.25 -55.71
C SER NA 30 15.98 -47.30 -54.64
N ILE NA 31 16.76 -47.32 -53.57
CA ILE NA 31 16.62 -46.55 -52.34
C ILE NA 31 17.86 -45.73 -52.13
N THR NA 32 17.70 -44.45 -51.87
CA THR NA 32 18.87 -43.61 -51.68
C THR NA 32 19.13 -43.51 -50.20
N ALA NA 33 18.47 -42.60 -49.52
CA ALA NA 33 18.67 -42.51 -48.09
C ALA NA 33 18.32 -43.89 -47.53
N PRO NA 34 19.11 -44.46 -46.60
CA PRO NA 34 18.92 -45.80 -46.08
C PRO NA 34 17.58 -45.95 -45.41
N LYS NA 35 16.94 -47.09 -45.58
CA LYS NA 35 15.61 -47.31 -45.03
C LYS NA 35 15.62 -47.57 -43.53
N LEU NA 36 15.92 -46.52 -42.80
CA LEU NA 36 16.08 -46.51 -41.37
C LEU NA 36 15.37 -45.37 -40.68
N ASP NA 37 14.55 -45.67 -39.72
CA ASP NA 37 13.90 -44.64 -38.96
C ASP NA 37 14.74 -44.19 -37.77
N ASP NA 38 15.13 -45.14 -36.94
CA ASP NA 38 15.81 -44.89 -35.67
C ASP NA 38 16.81 -45.98 -35.27
N GLY NA 39 17.45 -45.78 -34.12
CA GLY NA 39 18.38 -46.77 -33.57
C GLY NA 39 19.85 -46.77 -34.00
N ALA NA 40 20.26 -47.81 -34.71
CA ALA NA 40 21.67 -48.13 -34.93
C ALA NA 40 22.49 -47.08 -35.69
N ARG NA 41 23.78 -46.99 -35.33
CA ARG NA 41 24.76 -46.10 -35.97
C ARG NA 41 25.43 -46.71 -37.21
N GLU NA 42 25.56 -45.87 -38.24
CA GLU NA 42 25.99 -46.29 -39.60
C GLU NA 42 27.45 -46.75 -39.73
N PHE NA 43 27.63 -47.64 -40.71
CA PHE NA 43 28.85 -48.21 -41.25
C PHE NA 43 28.53 -48.85 -42.60
N GLU NA 44 29.53 -48.97 -43.47
CA GLU NA 44 29.38 -49.60 -44.77
C GLU NA 44 30.65 -50.35 -45.16
N VAL NA 45 30.49 -51.56 -45.68
CA VAL NA 45 31.60 -52.41 -46.07
C VAL NA 45 31.13 -53.49 -47.06
N SER NA 46 31.97 -53.95 -47.95
CA SER NA 46 31.56 -55.08 -48.80
C SER NA 46 31.61 -56.34 -47.94
N SER NA 47 31.17 -57.49 -48.46
CA SER NA 47 31.16 -58.66 -47.60
C SER NA 47 32.51 -58.88 -46.92
N ASN NA 48 32.46 -59.10 -45.61
CA ASN NA 48 33.66 -59.30 -44.80
C ASN NA 48 33.71 -60.70 -44.21
N GLU NA 49 34.79 -60.96 -43.46
CA GLU NA 49 34.99 -62.24 -42.72
C GLU NA 49 34.16 -62.13 -41.45
N ALA NA 50 33.12 -62.96 -41.33
CA ALA NA 50 32.17 -62.90 -40.21
C ALA NA 50 32.66 -63.62 -38.96
N ALA NA 51 33.84 -64.20 -39.02
CA ALA NA 51 34.38 -64.98 -37.91
C ALA NA 51 34.52 -64.20 -36.60
N SER NA 52 34.87 -62.94 -36.67
CA SER NA 52 35.08 -62.16 -35.45
C SER NA 52 34.98 -60.67 -35.83
N PRO NA 53 34.84 -59.74 -34.87
CA PRO NA 53 34.80 -58.31 -35.13
C PRO NA 53 36.18 -57.73 -35.46
N TYR NA 54 36.64 -58.05 -36.68
CA TYR NA 54 37.93 -57.63 -37.23
C TYR NA 54 38.00 -56.13 -37.41
N ASN NA 55 39.13 -55.59 -37.87
CA ASN NA 55 39.29 -54.13 -37.95
C ASN NA 55 38.12 -53.35 -38.53
N ALA NA 56 37.39 -53.86 -39.52
CA ALA NA 56 36.28 -53.04 -40.00
C ALA NA 56 35.30 -52.79 -38.84
N ALA NA 57 35.09 -53.82 -38.02
CA ALA NA 57 34.21 -53.74 -36.88
C ALA NA 57 34.91 -53.00 -35.79
N PHE NA 58 36.21 -53.20 -35.65
CA PHE NA 58 36.92 -52.48 -34.61
C PHE NA 58 36.72 -51.02 -34.80
N GLN NA 59 36.94 -50.54 -36.03
CA GLN NA 59 36.81 -49.13 -36.29
C GLN NA 59 35.39 -48.67 -36.11
N THR NA 60 34.42 -49.50 -36.47
CA THR NA 60 33.02 -49.16 -36.31
C THR NA 60 32.67 -48.98 -34.84
N ILE NA 61 33.10 -49.93 -34.03
CA ILE NA 61 32.80 -49.96 -32.62
C ILE NA 61 33.55 -48.85 -31.93
N PHE NA 62 34.85 -48.79 -32.17
CA PHE NA 62 35.75 -47.80 -31.61
C PHE NA 62 35.16 -46.44 -31.97
N GLY NA 63 34.82 -46.24 -33.24
CA GLY NA 63 34.16 -45.03 -33.70
C GLY NA 63 32.81 -44.79 -33.01
N SER NA 64 32.14 -45.85 -32.58
CA SER NA 64 30.89 -45.74 -31.86
C SER NA 64 31.12 -45.59 -30.35
N TYR NA 65 32.37 -45.79 -29.92
CA TYR NA 65 32.66 -45.77 -28.45
C TYR NA 65 33.52 -44.59 -28.01
N GLU NA 66 34.62 -44.28 -28.71
CA GLU NA 66 35.48 -43.24 -28.20
C GLU NA 66 34.88 -41.85 -28.37
N PRO NA 67 34.21 -41.50 -29.48
CA PRO NA 67 33.48 -40.26 -29.65
C PRO NA 67 31.98 -40.45 -29.44
N GLY NA 68 31.57 -41.65 -29.03
CA GLY NA 68 30.18 -42.06 -29.07
C GLY NA 68 29.65 -42.37 -27.68
N MET NA 69 29.86 -43.62 -27.25
CA MET NA 69 29.46 -44.02 -25.91
C MET NA 69 30.05 -43.05 -24.91
N LYS NA 70 31.25 -42.56 -25.16
CA LYS NA 70 31.86 -41.57 -24.27
C LYS NA 70 30.88 -40.48 -23.80
N THR NA 71 30.16 -39.85 -24.74
CA THR NA 71 29.32 -38.74 -24.35
C THR NA 71 27.92 -39.23 -24.07
N THR NA 72 27.59 -40.41 -24.56
CA THR NA 72 26.31 -41.01 -24.25
C THR NA 72 26.29 -41.21 -22.76
N ARG NA 73 27.41 -41.75 -22.25
CA ARG NA 73 27.60 -42.04 -20.80
C ARG NA 73 27.42 -40.74 -20.01
N GLU NA 74 27.99 -39.63 -20.51
CA GLU NA 74 27.85 -38.38 -19.79
C GLU NA 74 26.37 -37.98 -19.71
N LEU NA 75 25.65 -38.19 -20.81
CA LEU NA 75 24.25 -37.87 -20.86
C LEU NA 75 23.42 -38.77 -19.93
N ILE NA 76 23.66 -40.08 -19.96
CA ILE NA 76 22.90 -40.98 -19.11
C ILE NA 76 23.15 -40.68 -17.66
N ASP NA 77 24.42 -40.44 -17.30
CA ASP NA 77 24.76 -40.13 -15.92
C ASP NA 77 24.03 -38.86 -15.51
N THR NA 78 23.95 -37.89 -16.42
CA THR NA 78 23.24 -36.65 -16.17
C THR NA 78 21.77 -36.94 -15.91
N TYR NA 79 21.19 -37.79 -16.76
CA TYR NA 79 19.77 -38.19 -16.64
C TYR NA 79 19.53 -38.83 -15.28
N ARG NA 80 20.47 -39.68 -14.84
CA ARG NA 80 20.34 -40.33 -13.57
C ARG NA 80 20.49 -39.30 -12.44
N ASN NA 81 21.43 -38.37 -12.57
CA ASN NA 81 21.58 -37.37 -11.54
C ASN NA 81 20.30 -36.55 -11.38
N LEU NA 82 19.63 -36.28 -12.49
CA LEU NA 82 18.38 -35.54 -12.45
C LEU NA 82 17.35 -36.44 -11.76
N MET NA 83 17.26 -37.70 -12.17
CA MET NA 83 16.32 -38.65 -11.59
C MET NA 83 16.45 -38.73 -10.09
N ASN NA 84 17.66 -38.65 -9.58
CA ASN NA 84 17.89 -38.76 -8.15
C ASN NA 84 17.80 -37.45 -7.39
N ASN NA 85 17.43 -36.37 -8.07
CA ASN NA 85 17.33 -35.11 -7.35
C ASN NA 85 15.95 -34.99 -6.73
N TYR NA 86 15.70 -33.91 -6.02
CA TYR NA 86 14.40 -33.72 -5.40
C TYR NA 86 13.39 -33.12 -6.35
N GLU NA 87 12.10 -33.41 -6.10
CA GLU NA 87 10.93 -32.90 -6.84
C GLU NA 87 10.80 -33.47 -8.25
N VAL NA 88 11.89 -33.43 -9.00
CA VAL NA 88 11.95 -33.95 -10.33
C VAL NA 88 11.76 -35.47 -10.32
N ASP NA 89 12.17 -36.10 -9.23
CA ASP NA 89 12.04 -37.51 -9.11
C ASP NA 89 10.62 -37.90 -8.85
N ASN NA 90 9.88 -37.00 -8.20
CA ASN NA 90 8.47 -37.25 -7.95
C ASN NA 90 7.79 -37.21 -9.27
N ALA NA 91 8.17 -36.27 -10.14
CA ALA NA 91 7.53 -36.25 -11.43
C ALA NA 91 7.72 -37.58 -12.13
N VAL NA 92 8.93 -38.12 -12.03
CA VAL NA 92 9.18 -39.38 -12.65
C VAL NA 92 8.32 -40.42 -11.99
N SER NA 93 8.30 -40.44 -10.66
CA SER NA 93 7.55 -41.44 -9.94
C SER NA 93 6.09 -41.44 -10.35
N GLU NA 94 5.49 -40.26 -10.44
CA GLU NA 94 4.09 -40.18 -10.81
C GLU NA 94 3.87 -40.71 -12.22
N ILE NA 95 4.78 -40.39 -13.13
CA ILE NA 95 4.68 -40.88 -14.50
C ILE NA 95 4.79 -42.38 -14.53
N VAL NA 96 5.78 -42.91 -13.83
CA VAL NA 96 6.01 -44.33 -13.79
C VAL NA 96 4.84 -45.01 -13.19
N SER NA 97 4.35 -44.48 -12.08
CA SER NA 97 3.22 -45.04 -11.39
C SER NA 97 2.02 -45.08 -12.28
N ASP NA 98 1.69 -43.98 -12.95
CA ASP NA 98 0.52 -44.09 -13.78
C ASP NA 98 0.70 -45.13 -14.87
N ALA NA 99 1.89 -45.21 -15.46
CA ALA NA 99 2.10 -46.22 -16.49
C ALA NA 99 2.02 -47.63 -15.92
N ILE NA 100 2.61 -47.83 -14.74
CA ILE NA 100 2.63 -49.14 -14.11
C ILE NA 100 1.93 -49.15 -12.77
N VAL NA 101 0.75 -49.74 -12.72
CA VAL NA 101 0.01 -49.79 -11.48
C VAL NA 101 -0.34 -51.21 -11.18
N TYR NA 102 -0.70 -51.44 -9.93
CA TYR NA 102 -1.14 -52.74 -9.47
C TYR NA 102 -2.35 -52.49 -8.60
N GLU NA 103 -3.18 -53.51 -8.43
CA GLU NA 103 -4.36 -53.39 -7.58
C GLU NA 103 -4.74 -54.76 -7.01
N ASP NA 104 -5.45 -54.74 -5.88
CA ASP NA 104 -5.83 -55.99 -5.24
C ASP NA 104 -6.71 -56.87 -6.06
N ASP NA 105 -6.19 -58.05 -6.30
CA ASP NA 105 -6.77 -59.12 -7.09
C ASP NA 105 -7.20 -58.69 -8.46
N THR NA 106 -6.40 -57.86 -9.11
CA THR NA 106 -6.73 -57.45 -10.45
C THR NA 106 -5.68 -57.93 -11.38
N GLU NA 107 -5.88 -57.63 -12.63
CA GLU NA 107 -4.89 -57.96 -13.61
C GLU NA 107 -3.76 -56.97 -13.52
N VAL NA 108 -2.79 -57.21 -14.36
CA VAL NA 108 -1.58 -56.44 -14.56
C VAL NA 108 -1.56 -56.34 -16.03
N VAL NA 109 -0.47 -55.86 -16.61
CA VAL NA 109 -0.49 -55.81 -18.06
C VAL NA 109 -0.99 -57.14 -18.61
N ALA NA 110 -1.86 -57.07 -19.61
CA ALA NA 110 -2.43 -58.27 -20.16
C ALA NA 110 -2.71 -58.21 -21.63
N LEU NA 111 -2.36 -59.29 -22.29
CA LEU NA 111 -2.54 -59.43 -23.70
C LEU NA 111 -4.01 -59.49 -24.07
N ASN NA 112 -4.47 -58.59 -24.94
CA ASN NA 112 -5.86 -58.57 -25.34
C ASN NA 112 -6.10 -59.25 -26.68
N LEU NA 113 -6.51 -60.49 -26.65
CA LEU NA 113 -6.67 -61.24 -27.89
C LEU NA 113 -8.07 -61.07 -28.48
N ASP NA 114 -8.32 -59.86 -28.97
CA ASP NA 114 -9.61 -59.47 -29.51
C ASP NA 114 -9.66 -59.40 -31.04
N LYS NA 115 -8.68 -60.00 -31.71
CA LYS NA 115 -8.61 -60.01 -33.16
C LYS NA 115 -8.84 -61.41 -33.69
N SER NA 116 -9.14 -61.53 -34.97
CA SER NA 116 -9.25 -62.86 -35.55
C SER NA 116 -7.92 -63.57 -35.44
N LYS NA 117 -7.96 -64.82 -35.02
CA LYS NA 117 -6.79 -65.66 -34.90
C LYS NA 117 -7.10 -67.00 -35.50
N PHE NA 118 -6.07 -67.75 -35.87
CA PHE NA 118 -6.26 -69.10 -36.40
C PHE NA 118 -7.19 -69.95 -35.52
N SER NA 119 -6.94 -69.95 -34.22
CA SER NA 119 -7.76 -70.75 -33.33
C SER NA 119 -7.66 -70.30 -31.88
N PRO NA 120 -8.74 -70.38 -31.09
CA PRO NA 120 -8.76 -70.16 -29.66
C PRO NA 120 -7.67 -70.94 -28.94
N LYS NA 121 -7.27 -72.13 -29.44
CA LYS NA 121 -6.22 -72.84 -28.73
C LYS NA 121 -4.90 -72.08 -28.81
N ILE NA 122 -4.74 -71.28 -29.87
CA ILE NA 122 -3.54 -70.52 -30.08
C ILE NA 122 -3.66 -69.35 -29.17
N LYS NA 123 -4.85 -68.77 -29.11
CA LYS NA 123 -5.02 -67.63 -28.22
C LYS NA 123 -4.61 -68.04 -26.81
N ASN NA 124 -5.02 -69.23 -26.37
CA ASN NA 124 -4.64 -69.68 -25.04
C ASN NA 124 -3.14 -69.85 -24.92
N MET NA 125 -2.48 -70.38 -25.96
CA MET NA 125 -1.04 -70.49 -25.88
C MET NA 125 -0.41 -69.13 -25.75
N MET NA 126 -0.91 -68.14 -26.48
CA MET NA 126 -0.31 -66.82 -26.37
C MET NA 126 -0.48 -66.27 -24.98
N LEU NA 127 -1.63 -66.49 -24.37
CA LEU NA 127 -1.83 -65.99 -23.03
C LEU NA 127 -0.86 -66.64 -22.07
N ASP NA 128 -0.63 -67.95 -22.23
CA ASP NA 128 0.30 -68.63 -21.34
C ASP NA 128 1.71 -68.14 -21.57
N GLU NA 129 2.08 -67.93 -22.84
CA GLU NA 129 3.44 -67.44 -23.19
C GLU NA 129 3.62 -66.03 -22.62
N PHE NA 130 2.56 -65.22 -22.68
CA PHE NA 130 2.58 -63.86 -22.17
C PHE NA 130 2.84 -63.91 -20.68
N SER NA 131 2.09 -64.76 -19.98
CA SER NA 131 2.24 -64.90 -18.55
C SER NA 131 3.67 -65.26 -18.23
N ASP NA 132 4.25 -66.23 -18.94
CA ASP NA 132 5.62 -66.57 -18.63
C ASP NA 132 6.52 -65.36 -18.80
N VAL NA 133 6.29 -64.58 -19.86
CA VAL NA 133 7.11 -63.40 -20.10
C VAL NA 133 7.00 -62.37 -19.00
N LEU NA 134 5.80 -62.08 -18.53
CA LEU NA 134 5.76 -61.04 -17.53
C LEU NA 134 6.40 -61.60 -16.25
N ASN NA 135 6.28 -62.92 -16.03
CA ASN NA 135 6.92 -63.50 -14.88
C ASN NA 135 8.43 -63.50 -15.05
N HIS NA 136 8.91 -63.65 -16.27
CA HIS NA 136 10.33 -63.63 -16.57
C HIS NA 136 10.92 -62.29 -16.19
N LEU NA 137 10.15 -61.25 -16.44
CA LEU NA 137 10.54 -59.89 -16.14
C LEU NA 137 10.25 -59.53 -14.68
N SER NA 138 9.64 -60.47 -13.93
CA SER NA 138 9.20 -60.27 -12.56
C SER NA 138 8.39 -59.00 -12.50
N PHE NA 139 7.51 -58.83 -13.49
CA PHE NA 139 6.72 -57.63 -13.66
C PHE NA 139 6.00 -57.23 -12.39
N GLN NA 140 5.42 -58.20 -11.73
CA GLN NA 140 4.64 -58.01 -10.53
C GLN NA 140 5.43 -57.38 -9.38
N ARG NA 141 6.76 -57.39 -9.48
CA ARG NA 141 7.61 -56.79 -8.46
C ARG NA 141 8.51 -55.68 -9.04
N LYS NA 142 8.90 -55.83 -10.30
CA LYS NA 142 9.86 -54.96 -10.96
C LYS NA 142 9.35 -54.16 -12.14
N GLY NA 143 8.09 -54.29 -12.55
CA GLY NA 143 7.63 -53.57 -13.72
C GLY NA 143 7.89 -52.08 -13.61
N SER NA 144 7.75 -51.56 -12.39
CA SER NA 144 7.97 -50.16 -12.08
C SER NA 144 9.42 -49.77 -12.28
N ASP NA 145 10.33 -50.67 -11.95
CA ASP NA 145 11.74 -50.37 -12.02
C ASP NA 145 12.19 -50.41 -13.44
N HIS NA 146 11.65 -51.34 -14.21
CA HIS NA 146 12.07 -51.47 -15.58
C HIS NA 146 11.59 -50.25 -16.33
N PHE NA 147 10.33 -49.91 -16.12
CA PHE NA 147 9.73 -48.78 -16.78
C PHE NA 147 10.49 -47.52 -16.40
N ARG NA 148 10.74 -47.32 -15.10
CA ARG NA 148 11.45 -46.14 -14.67
C ARG NA 148 12.79 -45.99 -15.32
N ARG NA 149 13.60 -47.05 -15.33
CA ARG NA 149 14.91 -46.90 -15.93
C ARG NA 149 14.76 -46.54 -17.37
N TRP NA 150 13.82 -47.19 -18.06
CA TRP NA 150 13.61 -46.92 -19.45
C TRP NA 150 13.22 -45.48 -19.68
N TYR NA 151 12.28 -44.96 -18.93
CA TYR NA 151 11.85 -43.60 -19.10
C TYR NA 151 13.01 -42.62 -19.00
N VAL NA 152 13.77 -42.80 -17.93
CA VAL NA 152 14.91 -41.97 -17.62
C VAL NA 152 16.03 -42.05 -18.65
N ASP NA 153 16.36 -43.26 -19.08
CA ASP NA 153 17.45 -43.51 -20.00
C ASP NA 153 17.02 -43.52 -21.49
N SER NA 154 15.74 -43.84 -21.75
CA SER NA 154 15.07 -44.05 -23.05
C SER NA 154 15.53 -45.22 -23.85
N ARG NA 155 16.19 -46.15 -23.18
CA ARG NA 155 16.56 -47.38 -23.81
C ARG NA 155 16.64 -48.47 -22.76
N ILE NA 156 16.06 -49.62 -23.07
CA ILE NA 156 16.14 -50.78 -22.19
C ILE NA 156 16.46 -51.99 -23.01
N PHE NA 157 17.37 -52.83 -22.52
CA PHE NA 157 17.74 -54.05 -23.22
C PHE NA 157 17.77 -55.23 -22.29
N PHE NA 158 17.46 -56.43 -22.78
CA PHE NA 158 17.62 -57.66 -21.99
C PHE NA 158 18.28 -58.75 -22.78
N HIS NA 159 19.19 -59.46 -22.15
CA HIS NA 159 19.80 -60.61 -22.80
C HIS NA 159 18.78 -61.72 -22.96
N LYS NA 160 18.67 -62.24 -24.19
CA LYS NA 160 17.72 -63.29 -24.53
C LYS NA 160 18.34 -64.70 -24.39
N ILE NA 161 17.66 -65.57 -23.66
CA ILE NA 161 18.10 -66.92 -23.33
C ILE NA 161 17.56 -68.01 -24.23
N ILE NA 162 18.44 -68.95 -24.58
CA ILE NA 162 18.07 -70.11 -25.38
C ILE NA 162 18.93 -71.28 -24.91
N ASP NA 163 18.36 -72.48 -24.95
CA ASP NA 163 19.02 -73.72 -24.50
C ASP NA 163 20.48 -73.86 -25.04
N PRO NA 164 20.72 -74.00 -26.36
CA PRO NA 164 19.92 -74.23 -27.56
C PRO NA 164 19.83 -75.66 -28.10
N LYS NA 165 20.03 -76.70 -27.29
CA LYS NA 165 20.02 -78.06 -27.84
C LYS NA 165 18.57 -78.44 -27.96
N ARG NA 166 17.80 -77.92 -27.03
CA ARG NA 166 16.37 -78.05 -26.96
C ARG NA 166 15.84 -76.62 -26.96
N PRO NA 167 16.03 -75.85 -28.06
CA PRO NA 167 15.80 -74.43 -28.11
C PRO NA 167 14.36 -74.06 -27.83
N LYS NA 168 13.46 -74.99 -28.09
CA LYS NA 168 12.03 -74.79 -27.93
C LYS NA 168 11.64 -74.49 -26.49
N GLU NA 169 12.46 -74.95 -25.55
CA GLU NA 169 12.24 -74.80 -24.12
C GLU NA 169 13.17 -73.76 -23.50
N GLY NA 170 13.93 -73.05 -24.34
CA GLY NA 170 14.95 -72.13 -23.88
C GLY NA 170 14.54 -70.76 -23.33
N ILE NA 171 13.32 -70.29 -23.57
CA ILE NA 171 12.99 -68.96 -23.05
C ILE NA 171 12.99 -69.02 -21.52
N LYS NA 172 13.67 -68.07 -20.87
CA LYS NA 172 13.80 -68.02 -19.41
C LYS NA 172 13.89 -66.59 -18.94
N GLU NA 173 13.87 -66.38 -17.63
CA GLU NA 173 14.02 -65.02 -17.12
C GLU NA 173 15.21 -64.33 -17.75
N LEU NA 174 14.97 -63.16 -18.34
CA LEU NA 174 16.02 -62.46 -19.08
C LEU NA 174 16.83 -61.51 -18.27
N ARG NA 175 18.01 -61.16 -18.76
CA ARG NA 175 18.91 -60.28 -17.97
C ARG NA 175 18.89 -58.84 -18.51
N ARG NA 176 18.29 -57.92 -17.75
CA ARG NA 176 18.30 -56.52 -18.17
C ARG NA 176 19.74 -56.06 -18.25
N LEU NA 177 20.10 -55.40 -19.33
CA LEU NA 177 21.45 -54.91 -19.51
C LEU NA 177 21.56 -53.44 -19.18
N ASP NA 178 22.71 -53.02 -18.68
CA ASP NA 178 22.93 -51.63 -18.33
C ASP NA 178 23.15 -50.65 -19.49
N PRO NA 179 22.63 -49.43 -19.38
CA PRO NA 179 22.86 -48.35 -20.30
C PRO NA 179 24.29 -48.06 -20.00
N ARG NA 180 24.98 -47.44 -20.93
CA ARG NA 180 26.39 -47.08 -20.80
C ARG NA 180 27.28 -48.28 -21.09
N GLN NA 181 26.68 -49.47 -21.22
CA GLN NA 181 27.45 -50.64 -21.59
C GLN NA 181 27.02 -51.19 -22.93
N VAL NA 182 26.00 -50.57 -23.51
CA VAL NA 182 25.40 -51.06 -24.74
C VAL NA 182 25.35 -50.05 -25.88
N GLN NA 183 25.70 -50.52 -27.09
CA GLN NA 183 25.66 -49.68 -28.29
C GLN NA 183 25.01 -50.39 -29.47
N TYR NA 184 24.21 -49.61 -30.21
CA TYR NA 184 23.45 -50.10 -31.40
C TYR NA 184 24.32 -49.87 -32.65
N VAL NA 185 24.55 -50.94 -33.40
CA VAL NA 185 25.38 -50.88 -34.61
C VAL NA 185 24.81 -51.54 -35.88
N ARG NA 186 24.82 -50.78 -36.97
CA ARG NA 186 24.30 -51.28 -38.27
C ARG NA 186 25.37 -51.12 -39.36
N GLU NA 187 25.35 -52.01 -40.36
CA GLU NA 187 26.30 -51.96 -41.44
C GLU NA 187 25.64 -52.28 -42.76
N ILE NA 188 26.06 -51.55 -43.77
CA ILE NA 188 25.57 -51.75 -45.10
C ILE NA 188 26.51 -52.57 -45.93
N ILE NA 189 26.01 -53.68 -46.46
CA ILE NA 189 26.85 -54.51 -47.31
C ILE NA 189 26.20 -54.76 -48.66
N THR NA 190 26.46 -53.86 -49.60
CA THR NA 190 25.94 -53.96 -50.96
C THR NA 190 26.49 -52.77 -51.75
N GLU NA 191 26.67 -52.88 -53.08
CA GLU NA 191 27.22 -51.72 -53.81
C GLU NA 191 26.78 -51.49 -55.26
N THR NA 192 26.54 -50.20 -55.55
CA THR NA 192 26.22 -49.63 -56.87
C THR NA 192 27.05 -48.39 -57.22
N GLU NA 193 26.92 -47.95 -58.47
CA GLU NA 193 27.64 -46.81 -59.04
C GLU NA 193 27.34 -45.48 -58.35
N ALA NA 194 28.38 -44.70 -58.11
CA ALA NA 194 28.22 -43.37 -57.51
C ALA NA 194 27.35 -43.44 -56.26
N GLY NA 195 27.66 -44.38 -55.37
CA GLY NA 195 26.90 -44.60 -54.14
C GLY NA 195 26.04 -45.85 -54.23
N THR NA 196 25.90 -46.54 -53.10
CA THR NA 196 25.14 -47.79 -52.97
C THR NA 196 23.64 -47.53 -52.75
N LYS NA 197 22.80 -48.02 -53.69
CA LYS NA 197 21.35 -47.74 -53.69
C LYS NA 197 20.43 -48.99 -53.80
N ILE NA 198 20.94 -50.13 -53.37
CA ILE NA 198 20.30 -51.45 -53.41
C ILE NA 198 20.05 -52.05 -52.02
N VAL NA 199 19.82 -53.36 -51.89
CA VAL NA 199 19.33 -53.79 -50.58
C VAL NA 199 20.38 -53.65 -49.48
N LYS NA 200 20.31 -52.53 -48.81
CA LYS NA 200 21.16 -52.20 -47.70
C LYS NA 200 20.48 -52.80 -46.47
N GLY NA 201 20.66 -54.10 -46.22
CA GLY NA 201 19.91 -54.80 -45.14
C GLY NA 201 20.15 -54.29 -43.68
N TYR NA 202 21.27 -53.62 -43.46
CA TYR NA 202 21.74 -52.99 -42.19
C TYR NA 202 22.04 -53.87 -40.98
N LYS NA 203 21.40 -55.02 -40.86
CA LYS NA 203 21.55 -55.99 -39.75
C LYS NA 203 21.08 -55.46 -38.38
N GLU NA 204 21.61 -54.29 -37.96
CA GLU NA 204 21.23 -53.59 -36.73
C GLU NA 204 21.44 -54.40 -35.44
N TYR NA 205 22.69 -54.74 -35.15
CA TYR NA 205 23.08 -55.58 -34.02
C TYR NA 205 23.63 -54.77 -32.87
N PHE NA 206 23.99 -55.44 -31.77
CA PHE NA 206 24.48 -54.71 -30.60
C PHE NA 206 25.86 -55.06 -30.13
N ILE NA 207 26.48 -54.08 -29.51
CA ILE NA 207 27.77 -54.26 -28.89
C ILE NA 207 27.63 -54.09 -27.39
N TYR NA 208 28.20 -55.00 -26.59
CA TYR NA 208 28.01 -54.84 -25.12
C TYR NA 208 29.25 -55.25 -24.34
N ASP NA 209 29.64 -54.42 -23.36
CA ASP NA 209 30.77 -54.76 -22.53
C ASP NA 209 30.74 -54.27 -21.10
N THR NA 210 31.80 -54.57 -20.36
CA THR NA 210 31.95 -54.19 -18.96
C THR NA 210 32.92 -53.04 -18.86
N ALA NA 211 34.20 -53.38 -18.99
CA ALA NA 211 35.33 -52.46 -19.01
C ALA NA 211 35.36 -51.55 -17.78
N HIS NA 212 35.40 -50.25 -18.00
CA HIS NA 212 35.56 -49.29 -16.92
C HIS NA 212 34.33 -49.04 -16.08
N GLU NA 213 33.94 -50.06 -15.34
CA GLU NA 213 32.77 -50.01 -14.48
C GLU NA 213 33.07 -49.25 -13.19
N SER NA 214 33.30 -47.94 -13.32
CA SER NA 214 33.61 -47.09 -12.17
C SER NA 214 33.22 -45.62 -12.38
N TYR NA 215 32.27 -45.12 -11.60
CA TYR NA 215 31.84 -43.72 -11.69
C TYR NA 215 31.25 -43.15 -10.39
N ALA NA 216 30.05 -43.65 -10.02
CA ALA NA 216 29.33 -43.25 -8.80
C ALA NA 216 29.63 -44.25 -7.70
N CYS NA 217 30.42 -45.21 -8.08
CA CYS NA 217 30.88 -46.31 -7.28
C CYS NA 217 32.30 -46.47 -7.74
N ASP NA 218 33.23 -46.51 -6.79
CA ASP NA 218 34.64 -46.58 -7.17
C ASP NA 218 34.99 -48.04 -7.44
N GLY NA 219 35.06 -48.42 -8.71
CA GLY NA 219 35.27 -49.82 -9.08
C GLY NA 219 36.73 -50.21 -9.26
N ARG NA 220 36.99 -51.51 -9.34
CA ARG NA 220 38.33 -52.04 -9.58
C ARG NA 220 38.29 -53.16 -10.57
N MET NA 221 39.22 -53.12 -11.49
CA MET NA 221 39.35 -54.09 -12.56
C MET NA 221 40.73 -53.97 -13.17
N TYR NA 222 41.13 -54.96 -13.94
CA TYR NA 222 42.41 -54.88 -14.63
C TYR NA 222 42.17 -54.54 -16.09
N GLU NA 223 43.23 -54.36 -16.84
CA GLU NA 223 43.09 -54.01 -18.24
C GLU NA 223 42.64 -55.21 -19.07
N ALA NA 224 41.63 -55.02 -19.91
CA ALA NA 224 41.17 -56.09 -20.78
C ALA NA 224 40.42 -55.53 -21.97
N GLY NA 225 40.47 -56.23 -23.10
CA GLY NA 225 39.68 -55.85 -24.26
C GLY NA 225 38.29 -56.45 -24.12
N THR NA 226 37.29 -55.78 -24.70
CA THR NA 226 35.93 -56.28 -24.62
C THR NA 226 35.17 -56.30 -25.96
N LYS NA 227 34.29 -55.30 -26.20
CA LYS NA 227 33.56 -55.14 -27.47
C LYS NA 227 32.80 -56.38 -28.00
N ILE NA 228 31.84 -56.93 -27.24
CA ILE NA 228 31.13 -58.16 -27.64
C ILE NA 228 30.03 -57.90 -28.64
N LYS NA 229 30.00 -58.65 -29.74
CA LYS NA 229 28.90 -58.49 -30.69
C LYS NA 229 27.75 -59.50 -30.47
N ILE NA 230 26.56 -58.95 -30.30
CA ILE NA 230 25.29 -59.64 -30.04
C ILE NA 230 24.28 -59.48 -31.21
N PRO NA 231 23.74 -60.56 -31.79
CA PRO NA 231 22.75 -60.56 -32.86
C PRO NA 231 21.49 -59.80 -32.43
N LYS NA 232 20.82 -59.15 -33.36
CA LYS NA 232 19.61 -58.38 -33.03
C LYS NA 232 18.58 -59.28 -32.39
N ALA NA 233 18.44 -60.47 -32.93
CA ALA NA 233 17.51 -61.46 -32.45
C ALA NA 233 17.77 -61.85 -31.01
N ALA NA 234 18.99 -61.69 -30.53
CA ALA NA 234 19.42 -62.09 -29.19
C ALA NA 234 19.08 -61.11 -28.09
N VAL NA 235 18.52 -59.96 -28.43
CA VAL NA 235 18.23 -59.01 -27.37
C VAL NA 235 16.85 -58.41 -27.44
N VAL NA 236 16.21 -58.34 -26.29
CA VAL NA 236 14.91 -57.71 -26.16
C VAL NA 236 15.10 -56.27 -25.85
N TYR NA 237 14.50 -55.37 -26.63
CA TYR NA 237 14.79 -53.95 -26.30
C TYR NA 237 13.72 -53.00 -26.84
N ALA NA 238 13.60 -51.87 -26.15
CA ALA NA 238 12.69 -50.79 -26.48
C ALA NA 238 13.39 -49.48 -26.24
N HIS NA 239 12.90 -48.45 -26.90
CA HIS NA 239 13.44 -47.14 -26.72
C HIS NA 239 12.46 -46.05 -27.07
N SER NA 240 12.78 -44.83 -26.67
CA SER NA 240 11.93 -43.68 -26.96
C SER NA 240 12.04 -43.26 -28.41
N GLY NA 241 11.17 -42.33 -28.80
CA GLY NA 241 11.16 -41.75 -30.14
C GLY NA 241 11.88 -40.40 -30.15
N LEU NA 242 12.64 -40.14 -29.10
CA LEU NA 242 13.30 -38.88 -28.92
C LEU NA 242 14.74 -38.97 -29.39
N VAL NA 243 15.05 -38.20 -30.42
CA VAL NA 243 16.37 -38.22 -31.05
C VAL NA 243 16.90 -36.80 -31.22
N ASP NA 244 18.22 -36.68 -31.15
CA ASP NA 244 18.95 -35.42 -31.28
C ASP NA 244 18.95 -34.95 -32.74
N CYS NA 245 19.58 -33.81 -32.98
CA CYS NA 245 19.63 -33.10 -34.26
C CYS NA 245 20.20 -33.88 -35.43
N CYS NA 246 21.06 -34.84 -35.14
CA CYS NA 246 21.72 -35.64 -36.14
C CYS NA 246 22.00 -37.02 -35.63
N GLY NA 247 22.32 -37.92 -36.54
CA GLY NA 247 22.65 -39.27 -36.15
C GLY NA 247 21.40 -39.93 -35.62
N LYS NA 248 21.59 -40.95 -34.81
CA LYS NA 248 20.52 -41.73 -34.23
C LYS NA 248 20.72 -41.76 -32.73
N ASN NA 249 21.16 -40.63 -32.18
CA ASN NA 249 21.38 -40.59 -30.76
C ASN NA 249 20.06 -40.37 -30.05
N ILE NA 250 19.65 -41.40 -29.34
CA ILE NA 250 18.42 -41.46 -28.60
C ILE NA 250 18.59 -40.78 -27.25
N ILE NA 251 17.68 -39.89 -26.92
CA ILE NA 251 17.74 -39.09 -25.69
C ILE NA 251 16.61 -39.46 -24.73
N GLY NA 252 16.77 -39.05 -23.47
CA GLY NA 252 15.86 -39.36 -22.35
C GLY NA 252 14.58 -38.55 -22.35
N TYR NA 253 13.54 -39.02 -21.65
CA TYR NA 253 12.32 -38.23 -21.56
C TYR NA 253 12.54 -37.01 -20.70
N LEU NA 254 13.61 -37.05 -19.93
CA LEU NA 254 14.04 -36.00 -19.04
C LEU NA 254 14.96 -35.04 -19.75
N HIS NA 255 15.26 -35.28 -21.01
CA HIS NA 255 16.18 -34.44 -21.73
C HIS NA 255 15.73 -32.99 -21.67
N ARG NA 256 14.42 -32.77 -21.83
CA ARG NA 256 13.84 -31.44 -21.82
C ARG NA 256 14.12 -30.68 -20.54
N ALA NA 257 14.23 -31.42 -19.44
CA ALA NA 257 14.42 -30.85 -18.14
C ALA NA 257 15.87 -30.59 -17.80
N VAL NA 258 16.82 -31.01 -18.62
CA VAL NA 258 18.19 -30.86 -18.15
C VAL NA 258 18.54 -29.41 -17.97
N LYS NA 259 18.25 -28.59 -18.95
CA LYS NA 259 18.57 -27.18 -18.82
C LYS NA 259 18.08 -26.61 -17.49
N PRO NA 260 16.74 -26.45 -17.28
CA PRO NA 260 16.18 -25.88 -16.08
C PRO NA 260 16.42 -26.66 -14.81
N ALA NA 261 16.64 -27.97 -14.88
CA ALA NA 261 16.87 -28.68 -13.65
C ALA NA 261 18.15 -28.20 -13.04
N ASN NA 262 19.12 -28.00 -13.90
CA ASN NA 262 20.41 -27.58 -13.44
C ASN NA 262 20.42 -26.11 -13.08
N GLN NA 263 19.79 -25.24 -13.88
CA GLN NA 263 19.90 -23.85 -13.48
C GLN NA 263 19.11 -23.61 -12.21
N LEU NA 264 18.07 -24.40 -11.98
CA LEU NA 264 17.31 -24.21 -10.77
C LEU NA 264 18.16 -24.58 -9.59
N LYS NA 265 18.84 -25.72 -9.66
CA LYS NA 265 19.68 -26.12 -8.55
C LYS NA 265 20.73 -25.06 -8.30
N LEU NA 266 21.29 -24.50 -9.36
CA LEU NA 266 22.32 -23.48 -9.23
C LEU NA 266 21.75 -22.24 -8.55
N LEU NA 267 20.55 -21.81 -8.96
CA LEU NA 267 19.92 -20.69 -8.32
C LEU NA 267 19.64 -20.98 -6.87
N GLU NA 268 19.19 -22.19 -6.57
CA GLU NA 268 18.92 -22.53 -5.20
C GLU NA 268 20.20 -22.41 -4.41
N ASP NA 269 21.32 -22.94 -4.94
CA ASP NA 269 22.57 -22.81 -4.23
C ASP NA 269 22.87 -21.34 -4.05
N ALA NA 270 22.63 -20.52 -5.06
CA ALA NA 270 22.93 -19.09 -4.90
C ALA NA 270 22.17 -18.50 -3.71
N VAL NA 271 20.91 -18.89 -3.53
CA VAL NA 271 20.12 -18.40 -2.41
C VAL NA 271 20.73 -18.86 -1.11
N VAL NA 272 21.09 -20.12 -1.09
CA VAL NA 272 21.68 -20.73 0.09
C VAL NA 272 22.99 -20.10 0.49
N ILE NA 273 23.88 -19.90 -0.46
CA ILE NA 273 25.14 -19.36 -0.11
C ILE NA 273 24.92 -17.96 0.40
N TYR NA 274 24.08 -17.17 -0.29
CA TYR NA 274 23.81 -15.81 0.14
C TYR NA 274 23.41 -15.76 1.61
N ARG NA 275 22.49 -16.64 2.00
CA ARG NA 275 21.93 -16.65 3.38
C ARG NA 275 22.96 -17.06 4.44
N ILE NA 276 23.94 -17.90 4.08
CA ILE NA 276 24.91 -18.37 5.03
C ILE NA 276 26.14 -17.50 5.09
N THR NA 277 26.72 -17.20 3.95
CA THR NA 277 27.92 -16.42 3.94
C THR NA 277 27.55 -15.08 4.52
N ARG NA 278 28.44 -14.50 5.30
CA ARG NA 278 28.21 -13.19 5.94
C ARG NA 278 27.17 -13.22 7.08
N ALA NA 279 26.64 -14.38 7.46
CA ALA NA 279 25.74 -14.42 8.61
C ALA NA 279 26.38 -14.01 9.97
N PRO NA 280 27.62 -14.47 10.34
CA PRO NA 280 28.27 -14.23 11.61
C PRO NA 280 28.80 -12.82 11.67
N ASP NA 281 29.20 -12.35 12.84
CA ASP NA 281 29.82 -11.03 12.89
C ASP NA 281 31.15 -11.09 12.21
N ARG NA 282 31.48 -10.10 11.39
CA ARG NA 282 32.78 -10.15 10.67
C ARG NA 282 33.56 -8.85 10.91
N ARG NA 283 34.78 -8.94 11.43
CA ARG NA 283 35.54 -7.70 11.65
C ARG NA 283 37.04 -7.83 11.51
N VAL NA 284 37.69 -6.74 11.06
CA VAL NA 284 39.14 -6.71 10.88
C VAL NA 284 39.78 -5.72 11.81
N TRP NA 285 40.66 -6.22 12.65
CA TRP NA 285 41.37 -5.34 13.57
C TRP NA 285 42.54 -4.72 12.81
N TYR NA 286 42.67 -3.38 12.76
CA TYR NA 286 43.79 -2.77 12.03
C TYR NA 286 44.77 -1.98 12.88
N VAL NA 287 46.07 -2.30 12.76
CA VAL NA 287 47.08 -1.53 13.50
C VAL NA 287 48.29 -1.11 12.65
N ASP NA 288 48.92 0.02 13.01
CA ASP NA 288 50.15 0.50 12.37
C ASP NA 288 51.42 -0.15 12.96
N THR NA 289 52.25 -0.74 12.09
CA THR NA 289 53.47 -1.40 12.52
C THR NA 289 54.71 -1.04 11.69
N GLY NA 290 54.73 0.15 11.11
CA GLY NA 290 55.86 0.57 10.29
C GLY NA 290 57.14 0.74 11.07
N ASN NA 291 58.28 0.53 10.39
CA ASN NA 291 59.62 0.65 10.96
C ASN NA 291 59.83 -0.21 12.20
N MET NA 292 59.31 -1.42 12.16
CA MET NA 292 59.45 -2.39 13.23
C MET NA 292 59.96 -3.68 12.60
N PRO NA 293 60.76 -4.50 13.31
CA PRO NA 293 61.17 -5.83 12.89
C PRO NA 293 59.93 -6.66 12.67
N ALA NA 294 59.94 -7.60 11.73
CA ALA NA 294 58.72 -8.37 11.48
C ALA NA 294 58.21 -9.10 12.73
N ARG NA 295 59.12 -9.56 13.58
CA ARG NA 295 58.71 -10.31 14.75
C ARG NA 295 58.45 -9.42 15.97
N LYS NA 296 58.51 -8.11 15.75
CA LYS NA 296 58.23 -7.10 16.75
C LYS NA 296 56.93 -6.42 16.34
N ALA NA 297 56.77 -6.22 15.03
CA ALA NA 297 55.61 -5.61 14.41
C ALA NA 297 54.37 -6.42 14.79
N ALA NA 298 54.61 -7.73 14.83
CA ALA NA 298 53.62 -8.69 15.19
C ALA NA 298 53.02 -8.43 16.55
N GLU NA 299 53.79 -7.90 17.52
CA GLU NA 299 53.26 -7.68 18.85
C GLU NA 299 52.14 -6.67 18.86
N HIS NA 300 52.21 -5.64 18.02
CA HIS NA 300 51.15 -4.64 18.09
C HIS NA 300 49.89 -5.35 17.68
N MET NA 301 49.99 -6.11 16.58
CA MET NA 301 48.79 -6.81 16.16
C MET NA 301 48.33 -7.88 17.16
N GLN NA 302 49.25 -8.67 17.70
CA GLN NA 302 48.91 -9.77 18.62
C GLN NA 302 48.23 -9.29 19.89
N HIS NA 303 48.66 -8.13 20.40
CA HIS NA 303 48.11 -7.53 21.62
C HIS NA 303 46.63 -7.20 21.49
N VAL NA 304 46.11 -7.15 20.26
CA VAL NA 304 44.72 -6.88 19.97
C VAL NA 304 44.09 -8.18 19.46
N MET NA 305 44.68 -8.76 18.43
CA MET NA 305 44.12 -9.90 17.74
C MET NA 305 43.87 -11.10 18.65
N ASN NA 306 44.80 -11.41 19.57
CA ASN NA 306 44.65 -12.56 20.43
C ASN NA 306 43.99 -12.21 21.75
N THR NA 307 43.57 -10.96 21.92
CA THR NA 307 43.00 -10.54 23.18
C THR NA 307 41.56 -10.09 23.04
N MET NA 308 41.21 -9.61 21.84
CA MET NA 308 39.89 -9.08 21.56
C MET NA 308 39.04 -10.05 20.74
N LYS NA 309 39.49 -11.30 20.71
CA LYS NA 309 38.79 -12.38 20.04
C LYS NA 309 37.52 -12.73 20.81
N ASN NA 310 36.42 -12.93 20.10
CA ASN NA 310 35.21 -13.38 20.77
C ASN NA 310 35.20 -14.89 20.72
N ARG NA 311 35.49 -15.52 21.84
CA ARG NA 311 35.65 -16.98 21.89
C ARG NA 311 34.33 -17.69 22.14
N VAL NA 312 33.26 -16.90 22.26
CA VAL NA 312 31.88 -17.43 22.50
C VAL NA 312 31.32 -17.88 21.15
N VAL NA 313 30.93 -19.16 21.03
CA VAL NA 313 30.42 -19.66 19.76
C VAL NA 313 29.12 -20.45 19.78
N TYR NA 314 28.13 -20.07 18.97
CA TYR NA 314 26.90 -20.86 18.96
C TYR NA 314 27.21 -22.26 18.48
N ASP NA 315 26.79 -23.27 19.24
CA ASP NA 315 27.07 -24.62 18.85
C ASP NA 315 25.97 -25.16 17.95
N ALA NA 316 26.27 -25.36 16.69
CA ALA NA 316 25.25 -25.82 15.77
C ALA NA 316 24.63 -27.18 16.18
N SER NA 317 25.39 -27.99 16.93
CA SER NA 317 24.94 -29.32 17.33
C SER NA 317 24.02 -29.37 18.55
N THR NA 318 23.83 -28.25 19.24
CA THR NA 318 23.02 -28.29 20.45
C THR NA 318 22.51 -26.91 20.83
N GLY NA 319 21.43 -26.82 21.58
CA GLY NA 319 20.93 -25.51 21.99
C GLY NA 319 21.77 -24.85 23.10
N LYS NA 320 23.01 -24.49 22.77
CA LYS NA 320 23.94 -23.89 23.71
C LYS NA 320 25.04 -23.11 23.01
N ILE NA 321 25.62 -22.16 23.72
CA ILE NA 321 26.74 -21.38 23.20
C ILE NA 321 28.06 -21.73 23.90
N LYS NA 322 29.04 -22.16 23.10
CA LYS NA 322 30.33 -22.60 23.58
C LYS NA 322 31.05 -21.50 24.30
N ASN NA 323 31.55 -21.81 25.49
CA ASN NA 323 32.32 -20.89 26.33
C ASN NA 323 31.54 -19.64 26.69
N GLN NA 324 30.22 -19.70 26.68
CA GLN NA 324 29.46 -18.50 26.97
C GLN NA 324 29.63 -17.91 28.36
N GLN NA 325 29.71 -18.73 29.41
CA GLN NA 325 29.71 -18.17 30.77
C GLN NA 325 30.69 -16.98 30.87
N HIS NA 326 30.25 -15.76 31.29
CA HIS NA 326 28.93 -15.30 31.79
C HIS NA 326 27.70 -15.54 30.92
N ASN NA 327 26.54 -15.61 31.56
CA ASN NA 327 25.29 -15.95 30.86
C ASN NA 327 25.13 -15.28 29.50
N MET NA 328 25.31 -13.97 29.49
CA MET NA 328 25.30 -13.15 28.29
C MET NA 328 25.59 -11.73 28.72
N SER NA 329 26.59 -11.09 28.16
CA SER NA 329 26.79 -9.70 28.54
C SER NA 329 25.81 -8.84 27.80
N MET NA 330 25.26 -7.83 28.46
CA MET NA 330 24.41 -6.87 27.76
C MET NA 330 25.24 -5.98 26.80
N THR NA 331 26.58 -6.00 26.96
CA THR NA 331 27.56 -5.23 26.18
C THR NA 331 28.82 -6.03 25.74
N GLU NA 332 29.25 -5.86 24.49
CA GLU NA 332 30.50 -6.43 24.01
C GLU NA 332 31.61 -5.37 24.09
N ASP NA 333 32.43 -5.47 25.14
CA ASP NA 333 33.49 -4.46 25.40
C ASP NA 333 34.80 -4.81 24.68
N TYR NA 334 35.27 -3.90 23.83
CA TYR NA 334 36.53 -4.09 23.06
C TYR NA 334 37.28 -2.76 22.97
N TRP NA 335 38.57 -2.82 22.65
CA TRP NA 335 39.43 -1.66 22.52
C TRP NA 335 40.62 -1.87 21.58
N LEU NA 336 41.18 -0.74 21.14
CA LEU NA 336 42.48 -0.70 20.45
C LEU NA 336 43.29 0.44 21.06
N GLN NA 337 44.57 0.21 21.24
CA GLN NA 337 45.42 1.28 21.70
C GLN NA 337 45.85 2.10 20.51
N ARG NA 338 46.12 3.39 20.76
CA ARG NA 338 46.64 4.32 19.72
C ARG NA 338 48.02 4.79 20.19
N ARG NA 339 49.08 4.18 19.65
CA ARG NA 339 50.48 4.50 20.05
C ARG NA 339 50.90 5.85 19.47
N ASP NA 340 50.43 6.18 18.27
CA ASP NA 340 50.81 7.43 17.64
C ASP NA 340 49.91 8.49 18.25
N GLY NA 341 50.32 9.75 18.19
CA GLY NA 341 49.50 10.86 18.73
C GLY NA 341 48.41 11.30 17.75
N LYS NA 342 47.60 10.34 17.34
CA LYS NA 342 46.56 10.54 16.34
C LYS NA 342 45.55 9.39 16.36
N ALA NA 343 44.37 9.64 15.80
CA ALA NA 343 43.35 8.60 15.69
C ALA NA 343 43.66 7.61 14.56
N VAL NA 344 44.73 6.83 14.76
CA VAL NA 344 45.24 5.90 13.76
C VAL NA 344 44.64 4.50 13.74
N THR NA 345 44.61 3.79 14.88
CA THR NA 345 44.16 2.41 14.85
C THR NA 345 42.63 2.34 14.89
N GLU NA 346 42.09 1.19 14.42
CA GLU NA 346 40.65 0.96 14.42
C GLU NA 346 40.24 -0.44 14.03
N VAL NA 347 38.99 -0.79 14.31
CA VAL NA 347 38.44 -2.05 13.80
C VAL NA 347 37.18 -1.83 12.97
N ASP NA 348 37.16 -2.43 11.80
CA ASP NA 348 36.01 -2.32 10.91
C ASP NA 348 35.22 -3.58 10.87
N THR NA 349 33.94 -3.44 10.56
CA THR NA 349 33.12 -4.61 10.33
C THR NA 349 32.93 -4.80 8.85
N LEU NA 350 32.47 -5.97 8.47
CA LEU NA 350 32.19 -6.28 7.08
C LEU NA 350 30.67 -6.42 6.95
N PRO NA 351 30.07 -6.25 5.75
CA PRO NA 351 28.66 -6.46 5.49
C PRO NA 351 28.22 -7.86 5.90
N GLY NA 352 27.01 -7.95 6.50
CA GLY NA 352 26.46 -9.23 6.94
C GLY NA 352 25.40 -9.81 5.97
N ALA NA 353 24.83 -10.96 6.34
CA ALA NA 353 23.80 -11.63 5.54
C ALA NA 353 22.43 -10.98 5.71
N ASP NA 354 22.27 -9.81 5.11
CA ASP NA 354 21.05 -9.02 5.18
C ASP NA 354 19.89 -9.78 4.53
N ASN NA 355 18.67 -9.43 4.88
CA ASN NA 355 17.52 -10.09 4.25
C ASN NA 355 17.04 -9.35 3.02
N THR NA 356 17.25 -9.95 1.87
CA THR NA 356 16.91 -9.33 0.61
C THR NA 356 15.81 -10.01 -0.20
N GLY NA 357 15.45 -11.27 0.12
CA GLY NA 357 14.43 -12.02 -0.64
C GLY NA 357 13.04 -11.76 -0.07
N ASN NA 358 11.96 -11.70 -0.88
CA ASN NA 358 11.83 -11.78 -2.35
C ASN NA 358 12.40 -13.01 -3.05
N MET NA 359 12.23 -14.19 -2.47
CA MET NA 359 12.70 -15.40 -3.14
C MET NA 359 11.69 -15.81 -4.21
N GLU NA 360 11.69 -15.07 -5.31
CA GLU NA 360 10.71 -15.24 -6.38
C GLU NA 360 11.23 -15.94 -7.63
N ASP NA 361 12.53 -15.92 -7.84
CA ASP NA 361 13.07 -16.51 -9.04
C ASP NA 361 12.95 -17.99 -8.96
N ILE NA 362 13.17 -18.50 -7.78
CA ILE NA 362 13.08 -19.91 -7.58
C ILE NA 362 11.70 -20.39 -7.98
N ARG NA 363 10.67 -19.64 -7.62
CA ARG NA 363 9.31 -20.05 -7.95
C ARG NA 363 9.13 -20.12 -9.47
N TRP NA 364 9.62 -19.09 -10.17
CA TRP NA 364 9.56 -19.04 -11.63
C TRP NA 364 10.19 -20.25 -12.27
N PHE NA 365 11.43 -20.48 -11.89
CA PHE NA 365 12.22 -21.53 -12.48
C PHE NA 365 11.66 -22.89 -12.16
N ARG NA 366 11.20 -23.04 -10.91
CA ARG NA 366 10.60 -24.30 -10.42
C ARG NA 366 9.37 -24.64 -11.27
N GLN NA 367 8.52 -23.65 -11.56
CA GLN NA 367 7.35 -23.90 -12.35
C GLN NA 367 7.71 -24.26 -13.79
N ALA NA 368 8.69 -23.54 -14.37
CA ALA NA 368 9.12 -23.80 -15.73
C ALA NA 368 9.66 -25.22 -15.82
N LEU NA 369 10.40 -25.62 -14.81
CA LEU NA 369 10.95 -26.95 -14.74
C LEU NA 369 9.87 -27.97 -14.71
N TYR NA 370 8.88 -27.76 -13.88
CA TYR NA 370 7.86 -28.74 -13.82
C TYR NA 370 7.25 -28.93 -15.18
N MET NA 371 7.01 -27.85 -15.91
CA MET NA 371 6.46 -28.06 -17.23
C MET NA 371 7.43 -28.90 -18.09
N ALA NA 372 8.73 -28.63 -17.99
CA ALA NA 372 9.77 -29.37 -18.71
C ALA NA 372 9.80 -30.85 -18.32
N LEU NA 373 9.27 -31.19 -17.15
CA LEU NA 373 9.26 -32.55 -16.65
C LEU NA 373 8.14 -33.39 -17.21
N ARG NA 374 7.30 -32.82 -18.08
CA ARG NA 374 6.19 -33.54 -18.71
C ARG NA 374 5.11 -33.97 -17.74
N VAL NA 375 4.64 -33.04 -16.93
CA VAL NA 375 3.59 -33.30 -15.95
C VAL NA 375 2.46 -32.31 -16.11
N PRO NA 376 1.25 -32.60 -15.60
CA PRO NA 376 0.12 -31.71 -15.55
C PRO NA 376 0.36 -30.60 -14.54
N LEU NA 377 -0.31 -29.45 -14.72
CA LEU NA 377 -0.12 -28.32 -13.79
C LEU NA 377 -0.94 -28.47 -12.52
N SER NA 378 -1.64 -29.58 -12.43
CA SER NA 378 -2.43 -29.94 -11.29
C SER NA 378 -1.52 -30.45 -10.17
N ARG NA 379 -0.25 -30.70 -10.48
CA ARG NA 379 0.67 -31.20 -9.48
C ARG NA 379 1.41 -30.07 -8.76
N ILE NA 380 1.64 -30.28 -7.48
CA ILE NA 380 2.42 -29.37 -6.65
C ILE NA 380 3.49 -30.15 -5.92
N SER NA 395 -12.43 -33.83 -11.42
CA SER NA 395 -13.07 -33.62 -12.71
C SER NA 395 -12.10 -33.83 -13.86
N ILE NA 396 -12.64 -33.98 -15.07
CA ILE NA 396 -11.79 -34.16 -16.24
C ILE NA 396 -11.26 -32.84 -16.75
N THR NA 397 -9.94 -32.74 -16.88
CA THR NA 397 -9.33 -31.50 -17.35
C THR NA 397 -8.47 -31.78 -18.56
N ARG NA 398 -8.11 -30.72 -19.28
CA ARG NA 398 -7.28 -30.85 -20.45
C ARG NA 398 -5.90 -31.40 -20.14
N ASP NA 399 -5.31 -30.99 -19.01
CA ASP NA 399 -3.97 -31.50 -18.73
C ASP NA 399 -4.02 -32.96 -18.36
N GLU NA 400 -5.04 -33.37 -17.60
CA GLU NA 400 -5.09 -34.76 -17.21
C GLU NA 400 -5.31 -35.64 -18.43
N LEU NA 401 -6.16 -35.18 -19.36
CA LEU NA 401 -6.40 -35.97 -20.56
C LEU NA 401 -5.14 -36.05 -21.39
N THR NA 402 -4.42 -34.94 -21.50
CA THR NA 402 -3.21 -34.90 -22.28
C THR NA 402 -2.19 -35.84 -21.71
N PHE NA 403 -2.07 -35.80 -20.40
CA PHE NA 403 -1.15 -36.64 -19.71
C PHE NA 403 -1.50 -38.10 -19.95
N ALA NA 404 -2.78 -38.44 -19.84
CA ALA NA 404 -3.17 -39.81 -20.10
C ALA NA 404 -2.78 -40.24 -21.51
N LYS NA 405 -2.93 -39.35 -22.50
CA LYS NA 405 -2.56 -39.68 -23.88
C LYS NA 405 -1.06 -40.02 -23.90
N PHE NA 406 -0.28 -39.20 -23.21
CA PHE NA 406 1.15 -39.38 -23.04
C PHE NA 406 1.51 -40.72 -22.43
N ILE NA 407 0.84 -41.06 -21.34
CA ILE NA 407 1.11 -42.33 -20.70
C ILE NA 407 0.84 -43.46 -21.66
N ARG NA 408 -0.28 -43.40 -22.38
CA ARG NA 408 -0.56 -44.47 -23.30
C ARG NA 408 0.55 -44.59 -24.33
N GLU NA 409 1.03 -43.48 -24.88
CA GLU NA 409 2.11 -43.59 -25.84
C GLU NA 409 3.38 -44.17 -25.22
N LEU NA 410 3.68 -43.79 -23.97
CA LEU NA 410 4.88 -44.31 -23.36
C LEU NA 410 4.78 -45.81 -23.23
N GLN NA 411 3.59 -46.26 -22.81
CA GLN NA 411 3.37 -47.67 -22.62
C GLN NA 411 3.42 -48.39 -23.94
N HIS NA 412 2.91 -47.77 -25.00
CA HIS NA 412 2.92 -48.43 -26.29
C HIS NA 412 4.34 -48.73 -26.72
N LYS NA 413 5.26 -47.81 -26.40
CA LYS NA 413 6.65 -48.03 -26.74
C LYS NA 413 7.28 -49.05 -25.80
N PHE NA 414 7.03 -48.90 -24.52
CA PHE NA 414 7.58 -49.78 -23.50
C PHE NA 414 7.21 -51.22 -23.76
N GLU NA 415 5.95 -51.41 -24.16
CA GLU NA 415 5.28 -52.67 -24.45
C GLU NA 415 6.06 -53.62 -25.30
N GLU NA 416 6.96 -53.12 -26.13
CA GLU NA 416 7.73 -54.00 -27.01
C GLU NA 416 8.53 -55.00 -26.17
N VAL NA 417 8.78 -54.67 -24.88
CA VAL NA 417 9.50 -55.51 -23.94
C VAL NA 417 8.76 -56.83 -23.71
N PHE NA 418 7.47 -56.87 -24.01
CA PHE NA 418 6.68 -58.08 -23.88
C PHE NA 418 6.47 -58.72 -25.23
N LEU NA 419 6.23 -57.88 -26.24
CA LEU NA 419 5.92 -58.40 -27.56
C LEU NA 419 7.07 -59.16 -28.17
N ASP NA 420 8.28 -58.69 -27.93
CA ASP NA 420 9.46 -59.33 -28.49
C ASP NA 420 9.64 -60.75 -27.93
N PRO NA 421 9.84 -60.99 -26.62
CA PRO NA 421 9.99 -62.32 -26.08
C PRO NA 421 8.72 -63.14 -26.30
N LEU NA 422 7.55 -62.49 -26.46
CA LEU NA 422 6.35 -63.24 -26.73
C LEU NA 422 6.43 -63.85 -28.11
N LYS NA 423 6.73 -63.03 -29.14
CA LYS NA 423 6.81 -63.62 -30.46
C LYS NA 423 7.96 -64.59 -30.52
N THR NA 424 9.01 -64.32 -29.72
CA THR NA 424 10.15 -65.18 -29.74
C THR NA 424 9.81 -66.55 -29.31
N ASN NA 425 9.17 -66.73 -28.15
CA ASN NA 425 8.99 -68.09 -27.78
C ASN NA 425 7.90 -68.73 -28.59
N LEU NA 426 6.92 -67.95 -29.02
CA LEU NA 426 5.86 -68.56 -29.78
C LEU NA 426 6.43 -69.18 -31.05
N LEU NA 427 7.33 -68.45 -31.70
CA LEU NA 427 7.95 -68.93 -32.93
C LEU NA 427 9.00 -69.99 -32.67
N LEU NA 428 9.81 -69.80 -31.62
CA LEU NA 428 10.91 -70.67 -31.25
C LEU NA 428 10.42 -72.05 -30.89
N LYS NA 429 9.32 -72.12 -30.13
CA LYS NA 429 8.74 -73.38 -29.78
C LYS NA 429 8.05 -73.95 -31.02
N GLY NA 430 7.27 -73.11 -31.69
CA GLY NA 430 6.53 -73.42 -32.89
C GLY NA 430 5.10 -73.58 -32.48
N ILE NA 431 4.36 -72.50 -32.65
CA ILE NA 431 2.98 -72.39 -32.25
C ILE NA 431 2.37 -71.65 -33.37
N ILE NA 432 3.15 -70.67 -33.75
CA ILE NA 432 2.84 -69.71 -34.78
C ILE NA 432 4.02 -69.72 -35.69
N THR NA 433 3.87 -69.09 -36.85
CA THR NA 433 4.96 -68.84 -37.77
C THR NA 433 5.22 -67.33 -37.80
N GLU NA 434 6.33 -66.91 -38.42
CA GLU NA 434 6.61 -65.48 -38.51
C GLU NA 434 5.58 -64.78 -39.38
N ASP NA 435 5.15 -65.46 -40.44
CA ASP NA 435 4.19 -64.89 -41.36
C ASP NA 435 2.92 -64.61 -40.60
N GLU NA 436 2.53 -65.56 -39.76
CA GLU NA 436 1.32 -65.37 -39.01
C GLU NA 436 1.45 -64.19 -38.08
N TRP NA 437 2.58 -64.07 -37.38
CA TRP NA 437 2.73 -62.94 -36.45
C TRP NA 437 2.45 -61.65 -37.18
N ASN NA 438 3.10 -61.48 -38.33
CA ASN NA 438 2.97 -60.26 -39.11
C ASN NA 438 1.56 -59.98 -39.61
N ASP NA 439 0.80 -61.02 -39.95
CA ASP NA 439 -0.56 -60.81 -40.41
C ASP NA 439 -1.49 -60.53 -39.23
N GLU NA 440 -1.25 -61.19 -38.12
CA GLU NA 440 -2.05 -61.04 -36.93
C GLU NA 440 -1.92 -59.67 -36.29
N ILE NA 441 -0.69 -59.13 -36.29
CA ILE NA 441 -0.41 -57.83 -35.67
C ILE NA 441 0.15 -56.79 -36.64
N ASN NA 442 -0.61 -55.77 -37.09
CA ASN NA 442 -2.03 -55.41 -36.86
C ASN NA 442 -2.56 -55.21 -35.42
N ASN NA 443 -1.75 -54.54 -34.62
CA ASN NA 443 -2.09 -54.09 -33.27
C ASN NA 443 -2.64 -55.02 -32.17
N ILE NA 444 -2.12 -56.23 -31.98
CA ILE NA 444 -2.65 -56.94 -30.84
C ILE NA 444 -1.94 -56.45 -29.62
N LYS NA 445 -2.61 -55.53 -28.98
CA LYS NA 445 -2.15 -54.78 -27.84
C LYS NA 445 -2.29 -55.49 -26.51
N ILE NA 446 -1.35 -55.16 -25.64
CA ILE NA 446 -1.32 -55.56 -24.26
C ILE NA 446 -1.80 -54.37 -23.45
N GLU NA 447 -2.88 -54.54 -22.73
CA GLU NA 447 -3.45 -53.44 -22.01
C GLU NA 447 -2.77 -53.30 -20.68
N PHE NA 448 -2.72 -52.09 -20.13
CA PHE NA 448 -2.17 -51.93 -18.80
C PHE NA 448 -3.35 -51.74 -17.87
N HIS NA 449 -3.15 -52.03 -16.58
CA HIS NA 449 -4.20 -51.82 -15.59
C HIS NA 449 -4.45 -50.35 -15.38
N ARG NA 450 -5.71 -49.95 -15.19
CA ARG NA 450 -5.99 -48.55 -14.94
C ARG NA 450 -6.54 -48.32 -13.55
N ASP NA 451 -6.19 -47.19 -12.96
CA ASP NA 451 -6.65 -46.79 -11.63
C ASP NA 451 -8.17 -46.70 -11.60
N SER NA 452 -8.79 -47.65 -10.88
CA SER NA 452 -10.23 -47.78 -10.86
C SER NA 452 -10.94 -46.61 -10.25
N TYR NA 453 -10.32 -46.00 -9.25
CA TYR NA 453 -10.94 -44.84 -8.60
C TYR NA 453 -11.09 -43.73 -9.58
N PHE NA 454 -9.99 -43.39 -10.24
CA PHE NA 454 -10.09 -42.27 -11.15
C PHE NA 454 -10.92 -42.62 -12.36
N ALA NA 455 -10.86 -43.88 -12.81
CA ALA NA 455 -11.66 -44.25 -13.95
C ALA NA 455 -13.12 -44.08 -13.63
N GLU NA 456 -13.52 -44.51 -12.42
CA GLU NA 456 -14.90 -44.36 -12.02
C GLU NA 456 -15.30 -42.92 -12.00
N LEU NA 457 -14.43 -42.05 -11.49
CA LEU NA 457 -14.79 -40.63 -11.44
C LEU NA 457 -15.00 -40.07 -12.83
N LYS NA 458 -14.15 -40.44 -13.78
CA LYS NA 458 -14.32 -39.93 -15.13
C LYS NA 458 -15.64 -40.38 -15.69
N GLU NA 459 -15.94 -41.66 -15.50
CA GLU NA 459 -17.18 -42.20 -16.02
C GLU NA 459 -18.35 -41.54 -15.35
N ALA NA 460 -18.24 -41.25 -14.05
CA ALA NA 460 -19.30 -40.61 -13.31
C ALA NA 460 -19.61 -39.25 -13.88
N GLU NA 461 -18.58 -38.46 -14.20
CA GLU NA 461 -18.83 -37.15 -14.77
C GLU NA 461 -19.58 -37.27 -16.07
N ILE NA 462 -19.15 -38.23 -16.89
CA ILE NA 462 -19.77 -38.45 -18.18
C ILE NA 462 -21.22 -38.84 -18.00
N LEU NA 463 -21.50 -39.76 -17.08
CA LEU NA 463 -22.86 -40.17 -16.85
C LEU NA 463 -23.72 -39.01 -16.41
N GLU NA 464 -23.23 -38.19 -15.47
CA GLU NA 464 -24.05 -37.09 -15.01
C GLU NA 464 -24.38 -36.16 -16.14
N ARG NA 465 -23.39 -35.93 -17.02
CA ARG NA 465 -23.58 -35.05 -18.20
C ARG NA 465 -24.67 -35.65 -19.11
N ARG NA 466 -24.63 -36.97 -19.33
CA ARG NA 466 -25.62 -37.66 -20.19
C ARG NA 466 -27.02 -37.54 -19.59
N ILE NA 467 -27.12 -37.69 -18.26
CA ILE NA 467 -28.40 -37.61 -17.59
C ILE NA 467 -28.95 -36.21 -17.69
N ASN NA 468 -28.12 -35.22 -17.44
CA ASN NA 468 -28.57 -33.86 -17.47
C ASN NA 468 -29.09 -33.50 -18.85
N MET NA 469 -28.39 -33.95 -19.89
CA MET NA 469 -28.83 -33.68 -21.24
C MET NA 469 -30.11 -34.40 -21.59
N LEU NA 470 -30.27 -35.60 -21.06
CA LEU NA 470 -31.46 -36.37 -21.31
C LEU NA 470 -32.62 -35.64 -20.68
N THR NA 471 -32.43 -35.22 -19.44
CA THR NA 471 -33.45 -34.53 -18.68
C THR NA 471 -33.93 -33.32 -19.45
N MET NA 472 -33.00 -32.56 -20.00
CA MET NA 472 -33.37 -31.40 -20.77
C MET NA 472 -34.19 -31.78 -22.02
N ALA NA 473 -33.79 -32.84 -22.73
CA ALA NA 473 -34.51 -33.30 -23.92
C ALA NA 473 -35.92 -33.81 -23.60
N GLU NA 474 -36.05 -34.48 -22.46
CA GLU NA 474 -37.27 -35.16 -22.02
C GLU NA 474 -38.61 -34.54 -22.40
N PRO NA 475 -38.92 -33.26 -22.16
CA PRO NA 475 -40.24 -32.72 -22.40
C PRO NA 475 -40.70 -32.84 -23.85
N PHE NA 476 -39.77 -33.04 -24.78
CA PHE NA 476 -40.13 -33.12 -26.18
C PHE NA 476 -39.94 -34.52 -26.75
N ILE NA 477 -39.50 -35.44 -25.91
CA ILE NA 477 -39.10 -36.77 -26.34
C ILE NA 477 -40.26 -37.65 -26.83
N GLY NA 478 -41.48 -37.30 -26.49
CA GLY NA 478 -42.61 -38.08 -26.98
C GLY NA 478 -43.28 -37.46 -28.20
N LYS NA 479 -42.81 -36.29 -28.64
CA LYS NA 479 -43.48 -35.62 -29.76
C LYS NA 479 -42.54 -35.19 -30.89
N TYR NA 480 -41.38 -34.61 -30.56
CA TYR NA 480 -40.52 -34.09 -31.65
C TYR NA 480 -39.20 -34.87 -31.74
N ILE NA 481 -38.70 -35.32 -30.59
CA ILE NA 481 -37.43 -36.03 -30.54
C ILE NA 481 -37.73 -37.46 -30.16
N SER NA 482 -37.19 -38.45 -30.86
CA SER NA 482 -37.45 -39.86 -30.52
C SER NA 482 -36.63 -40.38 -29.33
N HIS NA 483 -37.02 -41.54 -28.80
CA HIS NA 483 -36.28 -42.16 -27.70
C HIS NA 483 -35.00 -42.79 -28.21
N ARG NA 484 -35.09 -43.48 -29.35
CA ARG NA 484 -33.89 -44.12 -29.96
C ARG NA 484 -32.81 -43.06 -30.20
N THR NA 485 -33.23 -41.85 -30.60
CA THR NA 485 -32.33 -40.76 -30.86
C THR NA 485 -31.70 -40.32 -29.56
N ALA NA 486 -32.49 -40.10 -28.53
CA ALA NA 486 -31.88 -39.68 -27.30
C ALA NA 486 -30.88 -40.71 -26.80
N MET NA 487 -31.24 -41.97 -26.91
CA MET NA 487 -30.34 -43.00 -26.43
C MET NA 487 -29.05 -43.09 -27.22
N LYS NA 488 -29.10 -42.98 -28.56
CA LYS NA 488 -27.88 -43.10 -29.35
C LYS NA 488 -27.05 -41.80 -29.38
N ASP NA 489 -27.69 -40.64 -29.31
CA ASP NA 489 -26.94 -39.40 -29.38
C ASP NA 489 -26.65 -38.73 -28.04
N ILE NA 490 -27.56 -38.83 -27.06
CA ILE NA 490 -27.35 -38.15 -25.79
C ILE NA 490 -26.65 -39.08 -24.83
N LEU NA 491 -27.13 -40.32 -24.76
CA LEU NA 491 -26.52 -41.29 -23.85
C LEU NA 491 -25.40 -42.08 -24.53
N GLN NA 492 -25.23 -41.85 -25.81
CA GLN NA 492 -24.27 -42.51 -26.70
C GLN NA 492 -24.31 -44.03 -26.65
N MET NA 493 -25.52 -44.60 -26.64
CA MET NA 493 -25.72 -46.04 -26.62
C MET NA 493 -25.63 -46.61 -28.03
N THR NA 494 -25.19 -47.84 -28.16
CA THR NA 494 -25.19 -48.45 -29.48
C THR NA 494 -26.56 -49.07 -29.74
N ASP NA 495 -26.84 -49.43 -30.99
CA ASP NA 495 -28.12 -50.07 -31.29
C ASP NA 495 -28.27 -51.39 -30.57
N GLU NA 496 -27.16 -52.12 -30.48
CA GLU NA 496 -27.16 -53.41 -29.83
C GLU NA 496 -27.40 -53.21 -28.37
N GLU NA 497 -26.74 -52.20 -27.80
CA GLU NA 497 -26.88 -51.90 -26.41
C GLU NA 497 -28.33 -51.59 -26.07
N ILE NA 498 -28.99 -50.82 -26.92
CA ILE NA 498 -30.38 -50.47 -26.69
C ILE NA 498 -31.25 -51.70 -26.73
N GLU NA 499 -31.09 -52.56 -27.75
CA GLU NA 499 -31.91 -53.75 -27.80
C GLU NA 499 -31.71 -54.63 -26.57
N GLN NA 500 -30.46 -54.77 -26.15
CA GLN NA 500 -30.14 -55.61 -25.00
C GLN NA 500 -30.80 -55.07 -23.76
N GLU NA 501 -30.78 -53.74 -23.61
CA GLU NA 501 -31.39 -53.05 -22.45
C GLU NA 501 -32.91 -53.22 -22.50
N ALA NA 502 -33.51 -53.24 -23.71
CA ALA NA 502 -34.94 -53.41 -23.80
C ALA NA 502 -35.35 -54.81 -23.36
N LYS NA 503 -34.57 -55.80 -23.75
CA LYS NA 503 -34.85 -57.17 -23.35
C LYS NA 503 -34.68 -57.36 -21.85
N GLN NA 504 -33.59 -56.81 -21.28
CA GLN NA 504 -33.36 -56.97 -19.85
C GLN NA 504 -34.47 -56.29 -19.05
N ILE NA 505 -34.93 -55.13 -19.52
CA ILE NA 505 -35.99 -54.39 -18.84
C ILE NA 505 -37.25 -55.22 -18.80
N GLU NA 506 -37.61 -55.81 -19.94
CA GLU NA 506 -38.82 -56.61 -19.97
C GLU NA 506 -38.71 -57.77 -18.98
N GLU NA 507 -37.54 -58.41 -18.92
CA GLU NA 507 -37.38 -59.51 -17.98
C GLU NA 507 -37.60 -59.05 -16.55
N GLU NA 508 -37.01 -57.93 -16.19
CA GLU NA 508 -37.14 -57.38 -14.85
C GLU NA 508 -38.57 -57.01 -14.51
N SER NA 509 -39.28 -56.43 -15.49
CA SER NA 509 -40.66 -56.04 -15.28
C SER NA 509 -41.48 -57.27 -14.94
N LYS NA 510 -41.28 -58.33 -15.72
CA LYS NA 510 -41.99 -59.57 -15.53
C LYS NA 510 -40.99 -60.69 -15.26
N LYS OA 2 19.67 -39.04 -73.17
CA LYS OA 2 20.60 -39.52 -72.17
C LYS OA 2 20.48 -41.03 -72.02
N PHE OA 3 21.37 -41.63 -71.23
CA PHE OA 3 21.33 -43.08 -71.00
C PHE OA 3 20.72 -43.46 -69.66
N ASN OA 4 20.14 -42.49 -68.96
CA ASN OA 4 19.52 -42.75 -67.66
C ASN OA 4 20.44 -43.53 -66.76
N VAL OA 5 21.63 -43.01 -66.50
CA VAL OA 5 22.59 -43.73 -65.69
C VAL OA 5 21.95 -44.09 -64.36
N LEU OA 6 21.19 -43.19 -63.80
CA LEU OA 6 20.52 -43.46 -62.54
C LEU OA 6 19.25 -44.27 -62.76
N SER OA 7 19.47 -45.57 -63.04
CA SER OA 7 18.45 -46.57 -63.36
C SER OA 7 17.48 -46.74 -62.20
N LEU OA 8 17.91 -46.25 -61.05
CA LEU OA 8 17.18 -46.22 -59.82
C LEU OA 8 15.78 -45.72 -60.02
N PHE OA 9 15.63 -44.68 -60.80
CA PHE OA 9 14.33 -44.11 -60.97
C PHE OA 9 13.78 -44.24 -62.35
N ALA OA 10 14.22 -45.24 -63.11
CA ALA OA 10 13.72 -45.35 -64.46
C ALA OA 10 12.17 -45.28 -64.55
N PRO OA 11 11.36 -46.01 -63.76
CA PRO OA 11 9.91 -45.92 -63.86
C PRO OA 11 9.36 -44.56 -63.47
N TRP OA 12 10.13 -43.82 -62.66
CA TRP OA 12 9.62 -42.54 -62.22
C TRP OA 12 9.89 -41.55 -63.30
N ALA OA 13 10.99 -41.77 -64.00
CA ALA OA 13 11.35 -40.88 -65.07
C ALA OA 13 10.27 -40.94 -66.12
N LYS OA 14 9.75 -42.14 -66.37
CA LYS OA 14 8.70 -42.32 -67.37
C LYS OA 14 7.45 -41.58 -66.94
N MET OA 15 7.14 -41.63 -65.65
CA MET OA 15 5.98 -40.89 -65.17
C MET OA 15 6.19 -39.39 -65.40
N ASP OA 16 7.39 -38.86 -65.09
CA ASP OA 16 7.60 -37.44 -65.33
C ASP OA 16 7.56 -37.12 -66.82
N GLU OA 17 8.07 -38.03 -67.68
CA GLU OA 17 8.05 -37.73 -69.10
C GLU OA 17 6.63 -37.55 -69.58
N ARG OA 18 5.72 -38.42 -69.12
CA ARG OA 18 4.35 -38.29 -69.57
C ARG OA 18 3.74 -36.98 -69.12
N ASN OA 19 3.99 -36.60 -67.87
CA ASN OA 19 3.40 -35.35 -67.40
C ASN OA 19 3.99 -34.15 -68.11
N PHE OA 20 5.29 -34.22 -68.37
CA PHE OA 20 5.98 -33.14 -69.04
C PHE OA 20 5.41 -32.99 -70.44
N LYS OA 21 5.24 -34.12 -71.14
CA LYS OA 21 4.67 -34.09 -72.48
C LYS OA 21 3.28 -33.48 -72.45
N ASP OA 22 2.47 -33.83 -71.43
CA ASP OA 22 1.14 -33.25 -71.38
C ASP OA 22 1.24 -31.74 -71.31
N GLN OA 23 2.18 -31.21 -70.52
CA GLN OA 23 2.35 -29.77 -70.43
C GLN OA 23 2.78 -29.17 -71.77
N GLU OA 24 3.66 -29.86 -72.48
CA GLU OA 24 4.10 -29.36 -73.79
C GLU OA 24 2.91 -29.22 -74.74
N LYS OA 25 1.92 -30.11 -74.59
CA LYS OA 25 0.73 -30.09 -75.43
C LYS OA 25 -0.35 -29.10 -74.96
N GLU OA 26 -0.10 -28.39 -73.85
CA GLU OA 26 -1.05 -27.43 -73.31
C GLU OA 26 -0.95 -26.08 -74.03
N ASP OA 27 -2.03 -25.33 -73.96
CA ASP OA 27 -2.18 -24.01 -74.52
C ASP OA 27 -1.85 -22.92 -73.53
N LEU OA 28 -1.11 -23.26 -72.48
CA LEU OA 28 -0.74 -22.29 -71.47
C LEU OA 28 0.39 -21.41 -71.92
N VAL OA 29 0.09 -20.56 -72.85
CA VAL OA 29 1.07 -19.64 -73.42
C VAL OA 29 0.56 -18.24 -73.23
N SER OA 30 1.41 -17.25 -73.51
CA SER OA 30 1.08 -15.84 -73.33
C SER OA 30 0.90 -15.63 -71.82
N ILE OA 31 1.85 -16.19 -71.08
CA ILE OA 31 1.93 -16.12 -69.64
C ILE OA 31 3.22 -15.50 -69.18
N THR OA 32 3.18 -14.33 -68.54
CA THR OA 32 4.46 -13.73 -68.13
C THR OA 32 4.88 -14.22 -66.76
N ALA OA 33 3.88 -14.59 -65.98
CA ALA OA 33 4.03 -15.07 -64.63
C ALA OA 33 4.64 -16.48 -64.62
N PRO OA 34 5.35 -16.87 -63.54
CA PRO OA 34 5.84 -18.21 -63.32
C PRO OA 34 4.73 -19.24 -63.17
N LYS OA 35 3.52 -18.78 -62.83
CA LYS OA 35 2.35 -19.62 -62.58
C LYS OA 35 2.58 -20.50 -61.35
N LEU OA 36 3.34 -19.98 -60.41
CA LEU OA 36 3.65 -20.71 -59.21
C LEU OA 36 3.26 -19.97 -57.96
N ASP OA 37 2.93 -20.74 -56.93
CA ASP OA 37 2.62 -20.20 -55.63
C ASP OA 37 3.62 -20.54 -54.54
N ASP OA 38 3.97 -21.81 -54.42
CA ASP OA 38 4.81 -22.31 -53.34
C ASP OA 38 5.54 -23.60 -53.72
N GLY OA 39 6.34 -24.13 -52.80
CA GLY OA 39 7.08 -25.37 -53.00
C GLY OA 39 8.45 -25.20 -53.64
N ALA OA 40 8.73 -26.00 -54.66
CA ALA OA 40 10.02 -26.07 -55.36
C ALA OA 40 10.51 -24.71 -55.90
N ARG OA 41 11.83 -24.45 -55.76
CA ARG OA 41 12.47 -23.20 -56.16
C ARG OA 41 12.72 -23.03 -57.65
N GLU OA 42 12.01 -22.09 -58.26
CA GLU OA 42 12.16 -21.87 -59.66
C GLU OA 42 13.26 -20.91 -60.01
N PHE OA 43 13.82 -21.10 -61.20
CA PHE OA 43 14.80 -20.19 -61.73
C PHE OA 43 14.88 -20.19 -63.27
N GLU OA 44 15.46 -19.11 -63.83
CA GLU OA 44 15.52 -18.95 -65.29
C GLU OA 44 16.51 -19.76 -66.07
N VAL OA 45 16.27 -21.05 -66.13
CA VAL OA 45 17.09 -21.94 -66.94
C VAL OA 45 16.53 -21.84 -68.33
N SER OA 46 16.72 -20.69 -68.94
CA SER OA 46 16.12 -20.37 -70.22
C SER OA 46 16.88 -20.92 -71.43
N SER OA 47 16.21 -21.81 -72.16
CA SER OA 47 16.83 -22.49 -73.28
C SER OA 47 15.86 -22.76 -74.39
N ASN OA 48 16.29 -23.63 -75.30
CA ASN OA 48 15.60 -23.97 -76.53
C ASN OA 48 15.36 -22.73 -77.37
N GLU OA 49 16.35 -21.82 -77.35
CA GLU OA 49 16.32 -20.57 -78.11
C GLU OA 49 17.74 -20.09 -78.34
N ALA OA 50 17.91 -19.32 -79.39
CA ALA OA 50 19.19 -18.80 -79.80
C ALA OA 50 19.72 -17.66 -78.96
N ALA OA 51 19.98 -17.95 -77.69
CA ALA OA 51 20.56 -16.99 -76.78
C ALA OA 51 21.28 -17.74 -75.67
N SER OA 52 20.77 -18.95 -75.43
CA SER OA 52 21.21 -19.83 -74.33
C SER OA 52 21.52 -19.21 -72.92
N PRO OA 53 20.69 -18.31 -72.36
CA PRO OA 53 20.90 -17.69 -71.05
C PRO OA 53 20.94 -18.67 -69.88
N TYR OA 54 20.36 -19.87 -70.04
CA TYR OA 54 20.37 -20.90 -69.02
C TYR OA 54 21.76 -21.20 -68.51
N ASN OA 55 22.79 -20.90 -69.30
CA ASN OA 55 24.13 -21.19 -68.85
C ASN OA 55 24.44 -20.38 -67.59
N ALA OA 56 23.94 -19.13 -67.52
CA ALA OA 56 24.15 -18.28 -66.36
C ALA OA 56 23.42 -18.89 -65.20
N ALA OA 57 22.23 -19.42 -65.50
CA ALA OA 57 21.42 -20.04 -64.45
C ALA OA 57 22.15 -21.25 -63.87
N PHE OA 58 22.75 -22.06 -64.75
CA PHE OA 58 23.52 -23.22 -64.29
C PHE OA 58 24.64 -22.81 -63.40
N GLN OA 59 25.43 -21.86 -63.88
CA GLN OA 59 26.58 -21.40 -63.17
C GLN OA 59 26.19 -20.77 -61.87
N THR OA 60 25.05 -20.09 -61.82
CA THR OA 60 24.60 -19.51 -60.58
C THR OA 60 24.37 -20.61 -59.56
N ILE OA 61 23.65 -21.67 -59.94
CA ILE OA 61 23.37 -22.74 -58.98
C ILE OA 61 24.67 -23.42 -58.56
N PHE OA 62 25.50 -23.75 -59.54
CA PHE OA 62 26.76 -24.38 -59.26
C PHE OA 62 27.73 -23.53 -58.45
N GLY OA 63 28.06 -22.35 -58.95
CA GLY OA 63 29.02 -21.46 -58.34
C GLY OA 63 28.63 -21.03 -56.93
N SER OA 64 27.33 -20.86 -56.67
CA SER OA 64 26.86 -20.43 -55.37
C SER OA 64 26.43 -21.56 -54.45
N TYR OA 65 26.62 -22.82 -54.83
CA TYR OA 65 26.14 -23.93 -54.01
C TYR OA 65 26.56 -23.71 -52.53
N GLU OA 66 25.61 -23.67 -51.57
CA GLU OA 66 24.13 -23.78 -51.71
C GLU OA 66 23.42 -23.11 -50.50
N PRO OA 67 23.23 -21.77 -50.54
CA PRO OA 67 22.56 -21.00 -49.51
C PRO OA 67 21.11 -21.38 -49.29
N GLY OA 68 20.46 -21.96 -50.30
CA GLY OA 68 19.08 -22.37 -50.15
C GLY OA 68 18.98 -23.44 -49.09
N MET OA 69 19.71 -24.52 -49.30
CA MET OA 69 19.69 -25.59 -48.33
C MET OA 69 20.42 -25.21 -47.04
N LYS OA 70 21.44 -24.33 -47.11
CA LYS OA 70 22.13 -23.94 -45.90
C LYS OA 70 21.18 -23.21 -44.98
N THR OA 71 20.40 -22.27 -45.55
CA THR OA 71 19.46 -21.49 -44.78
C THR OA 71 18.45 -22.45 -44.21
N THR OA 72 18.01 -23.41 -45.04
CA THR OA 72 17.04 -24.39 -44.63
C THR OA 72 17.56 -25.12 -43.41
N ARG OA 73 18.83 -25.54 -43.44
CA ARG OA 73 19.41 -26.18 -42.28
C ARG OA 73 19.40 -25.28 -41.09
N GLU OA 74 19.82 -24.03 -41.25
CA GLU OA 74 19.85 -23.17 -40.10
C GLU OA 74 18.47 -23.04 -39.47
N LEU OA 75 17.45 -22.94 -40.32
CA LEU OA 75 16.09 -22.83 -39.84
C LEU OA 75 15.64 -24.10 -39.13
N ILE OA 76 15.89 -25.26 -39.73
CA ILE OA 76 15.46 -26.52 -39.14
C ILE OA 76 16.19 -26.81 -37.86
N ASP OA 77 17.49 -26.60 -37.85
CA ASP OA 77 18.29 -26.84 -36.69
C ASP OA 77 17.76 -25.97 -35.57
N THR OA 78 17.43 -24.72 -35.90
CA THR OA 78 16.85 -23.83 -34.94
C THR OA 78 15.51 -24.35 -34.47
N TYR OA 79 14.66 -24.74 -35.42
CA TYR OA 79 13.31 -25.28 -35.10
C TYR OA 79 13.43 -26.38 -34.03
N ARG OA 80 14.39 -27.29 -34.22
CA ARG OA 80 14.59 -28.38 -33.28
C ARG OA 80 15.03 -27.82 -31.93
N ASN OA 81 15.95 -26.85 -31.97
CA ASN OA 81 16.45 -26.22 -30.76
C ASN OA 81 15.38 -25.40 -30.03
N LEU OA 82 14.36 -24.92 -30.75
CA LEU OA 82 13.29 -24.21 -30.09
C LEU OA 82 12.43 -25.24 -29.39
N MET OA 83 12.15 -26.34 -30.10
CA MET OA 83 11.32 -27.43 -29.60
C MET OA 83 11.92 -28.05 -28.36
N ASN OA 84 13.24 -28.02 -28.28
CA ASN OA 84 13.96 -28.54 -27.13
C ASN OA 84 13.66 -27.79 -25.83
N ASN OA 85 13.14 -26.55 -25.88
CA ASN OA 85 12.90 -25.85 -24.62
C ASN OA 85 11.51 -26.16 -24.05
N TYR OA 86 11.23 -25.59 -22.89
CA TYR OA 86 9.94 -25.81 -22.26
C TYR OA 86 8.89 -24.97 -22.95
N GLU OA 87 7.63 -25.40 -22.89
CA GLU OA 87 6.48 -24.74 -23.50
C GLU OA 87 6.44 -24.93 -24.99
N VAL OA 88 7.55 -24.69 -25.67
CA VAL OA 88 7.57 -24.91 -27.09
C VAL OA 88 7.33 -26.39 -27.24
N ASP OA 89 8.05 -27.18 -26.44
CA ASP OA 89 7.94 -28.61 -26.45
C ASP OA 89 6.50 -29.10 -26.44
N ASN OA 90 5.73 -28.58 -25.50
CA ASN OA 90 4.34 -28.96 -25.34
C ASN OA 90 3.49 -28.39 -26.42
N ALA OA 91 3.74 -27.16 -26.84
CA ALA OA 91 2.89 -26.61 -27.87
C ALA OA 91 2.93 -27.48 -29.09
N VAL OA 92 4.12 -27.97 -29.41
CA VAL OA 92 4.23 -28.83 -30.56
C VAL OA 92 3.47 -30.10 -30.27
N SER OA 93 3.72 -30.70 -29.12
CA SER OA 93 3.07 -31.96 -28.82
C SER OA 93 1.55 -31.87 -28.90
N GLU OA 94 0.99 -30.83 -28.30
CA GLU OA 94 -0.44 -30.65 -28.27
C GLU OA 94 -1.00 -30.50 -29.67
N ILE OA 95 -0.32 -29.74 -30.50
CA ILE OA 95 -0.76 -29.56 -31.86
C ILE OA 95 -0.69 -30.85 -32.63
N VAL OA 96 0.40 -31.57 -32.49
CA VAL OA 96 0.56 -32.81 -33.21
C VAL OA 96 -0.53 -33.78 -32.80
N SER OA 97 -0.78 -33.88 -31.50
CA SER OA 97 -1.80 -34.74 -30.98
C SER OA 97 -3.16 -34.36 -31.52
N ASP OA 98 -3.50 -33.08 -31.53
CA ASP OA 98 -4.79 -32.72 -32.06
C ASP OA 98 -4.88 -33.02 -33.55
N ALA OA 99 -3.79 -32.79 -34.30
CA ALA OA 99 -3.81 -33.06 -35.72
C ALA OA 99 -4.05 -34.54 -35.99
N ILE OA 100 -3.41 -35.39 -35.22
CA ILE OA 100 -3.63 -36.82 -35.33
C ILE OA 100 -4.00 -37.39 -33.99
N VAL OA 101 -5.27 -37.64 -33.80
CA VAL OA 101 -5.72 -38.16 -32.54
C VAL OA 101 -5.89 -39.62 -32.81
N TYR OA 102 -5.35 -40.46 -31.95
CA TYR OA 102 -5.50 -41.88 -32.19
C TYR OA 102 -5.54 -42.61 -30.87
N GLU OA 103 -6.60 -43.38 -30.65
CA GLU OA 103 -6.77 -44.09 -29.38
C GLU OA 103 -7.38 -45.47 -29.63
N ASP OA 104 -7.58 -46.22 -28.55
CA ASP OA 104 -8.11 -47.55 -28.67
C ASP OA 104 -9.40 -47.54 -29.47
N ASP OA 105 -9.42 -48.36 -30.51
CA ASP OA 105 -10.52 -48.55 -31.43
C ASP OA 105 -11.11 -47.28 -32.03
N THR OA 106 -10.27 -46.31 -32.34
CA THR OA 106 -10.77 -45.11 -32.98
C THR OA 106 -10.44 -45.17 -34.44
N GLU OA 107 -10.92 -44.13 -35.13
CA GLU OA 107 -10.71 -43.91 -36.58
C GLU OA 107 -9.39 -43.17 -36.80
N VAL OA 108 -8.72 -43.53 -37.88
CA VAL OA 108 -7.45 -43.03 -38.36
C VAL OA 108 -7.79 -42.11 -39.49
N VAL OA 109 -6.81 -41.42 -40.04
CA VAL OA 109 -7.17 -40.61 -41.18
C VAL OA 109 -7.78 -41.62 -42.15
N ALA OA 110 -8.91 -41.31 -42.75
CA ALA OA 110 -9.55 -42.27 -43.61
C ALA OA 110 -10.20 -41.67 -44.82
N LEU OA 111 -9.91 -42.27 -45.94
CA LEU OA 111 -10.40 -41.84 -47.21
C LEU OA 111 -11.91 -41.95 -47.30
N ASN OA 112 -12.62 -40.84 -47.43
CA ASN OA 112 -14.08 -40.90 -47.48
C ASN OA 112 -14.60 -40.72 -48.90
N LEU OA 113 -14.88 -41.81 -49.58
CA LEU OA 113 -15.28 -41.74 -50.97
C LEU OA 113 -16.78 -41.65 -51.15
N ASP OA 114 -17.38 -40.57 -50.66
CA ASP OA 114 -18.84 -40.42 -50.76
C ASP OA 114 -19.29 -39.69 -52.04
N LYS OA 115 -18.35 -39.39 -52.91
CA LYS OA 115 -18.63 -38.72 -54.17
C LYS OA 115 -18.65 -39.76 -55.27
N SER OA 116 -19.21 -39.40 -56.42
CA SER OA 116 -19.34 -40.32 -57.55
C SER OA 116 -18.02 -40.94 -57.99
N LYS OA 117 -18.09 -42.24 -58.29
CA LYS OA 117 -16.96 -43.04 -58.76
C LYS OA 117 -17.44 -43.96 -59.85
N PHE OA 118 -16.50 -44.50 -60.60
CA PHE OA 118 -16.77 -45.49 -61.63
C PHE OA 118 -17.59 -46.67 -61.10
N SER OA 119 -17.16 -47.20 -59.96
CA SER OA 119 -17.82 -48.35 -59.36
C SER OA 119 -17.50 -48.49 -57.88
N PRO OA 120 -18.43 -48.99 -57.05
CA PRO OA 120 -18.20 -49.38 -55.67
C PRO OA 120 -16.99 -50.31 -55.56
N LYS OA 121 -16.72 -51.09 -56.62
CA LYS OA 121 -15.57 -51.98 -56.58
C LYS OA 121 -14.30 -51.17 -56.44
N ILE OA 122 -14.26 -50.01 -57.11
CA ILE OA 122 -13.11 -49.15 -57.09
C ILE OA 122 -13.08 -48.54 -55.72
N LYS OA 123 -14.23 -48.10 -55.21
CA LYS OA 123 -14.19 -47.50 -53.89
C LYS OA 123 -13.50 -48.41 -52.89
N ASN OA 124 -13.82 -49.71 -52.93
CA ASN OA 124 -13.15 -50.63 -52.01
C ASN OA 124 -11.67 -50.75 -52.33
N MET OA 125 -11.30 -50.84 -53.62
CA MET OA 125 -9.89 -50.93 -53.97
C MET OA 125 -9.11 -49.73 -53.45
N MET OA 126 -9.69 -48.54 -53.61
CA MET OA 126 -9.04 -47.33 -53.17
C MET OA 126 -8.87 -47.31 -51.67
N LEU OA 127 -9.89 -47.73 -50.94
CA LEU OA 127 -9.77 -47.75 -49.52
C LEU OA 127 -8.72 -48.77 -49.09
N ASP OA 128 -8.68 -49.95 -49.74
CA ASP OA 128 -7.69 -50.93 -49.38
C ASP OA 128 -6.28 -50.41 -49.64
N GLU OA 129 -6.09 -49.70 -50.76
CA GLU OA 129 -4.78 -49.17 -51.05
C GLU OA 129 -4.41 -48.13 -50.01
N PHE OA 130 -5.40 -47.28 -49.69
CA PHE OA 130 -5.23 -46.21 -48.68
C PHE OA 130 -4.74 -46.84 -47.37
N SER OA 131 -5.38 -47.93 -46.94
CA SER OA 131 -4.98 -48.60 -45.72
C SER OA 131 -3.53 -49.01 -45.86
N ASP OA 132 -3.15 -49.60 -46.99
CA ASP OA 132 -1.74 -49.93 -47.16
C ASP OA 132 -0.85 -48.70 -47.15
N VAL OA 133 -1.30 -47.55 -47.63
CA VAL OA 133 -0.44 -46.37 -47.56
C VAL OA 133 -0.17 -46.10 -46.09
N LEU OA 134 -1.21 -46.16 -45.28
CA LEU OA 134 -1.03 -45.94 -43.86
C LEU OA 134 -0.14 -47.01 -43.26
N ASN OA 135 -0.27 -48.25 -43.72
CA ASN OA 135 0.58 -49.32 -43.20
C ASN OA 135 2.02 -49.07 -43.59
N HIS OA 136 2.24 -48.52 -44.77
CA HIS OA 136 3.56 -48.24 -45.29
C HIS OA 136 4.22 -47.18 -44.43
N LEU OA 137 3.41 -46.22 -44.03
CA LEU OA 137 3.83 -45.14 -43.15
C LEU OA 137 3.87 -45.56 -41.70
N SER OA 138 3.39 -46.76 -41.38
CA SER OA 138 3.20 -47.22 -40.02
C SER OA 138 2.47 -46.14 -39.26
N PHE OA 139 1.46 -45.57 -39.90
CA PHE OA 139 0.69 -44.45 -39.41
C PHE OA 139 0.15 -44.69 -38.01
N GLN OA 140 -0.44 -45.86 -37.83
CA GLN OA 140 -1.00 -46.27 -36.56
C GLN OA 140 0.01 -46.32 -35.40
N ARG OA 141 1.31 -46.24 -35.72
CA ARG OA 141 2.33 -46.23 -34.68
C ARG OA 141 3.12 -44.92 -34.68
N LYS OA 142 3.36 -44.36 -35.87
CA LYS OA 142 4.21 -43.19 -36.02
C LYS OA 142 3.60 -42.00 -36.77
N GLY OA 143 2.29 -41.98 -36.98
CA GLY OA 143 1.66 -40.87 -37.70
C GLY OA 143 2.01 -39.55 -37.05
N SER OA 144 2.12 -39.57 -35.72
CA SER OA 144 2.47 -38.43 -34.91
C SER OA 144 3.85 -37.90 -35.24
N ASP OA 145 4.79 -38.78 -35.55
CA ASP OA 145 6.15 -38.36 -35.80
C ASP OA 145 6.22 -37.74 -37.17
N HIS OA 146 5.45 -38.31 -38.10
CA HIS OA 146 5.49 -37.79 -39.44
C HIS OA 146 4.94 -36.38 -39.44
N PHE OA 147 3.80 -36.21 -38.78
CA PHE OA 147 3.19 -34.90 -38.68
C PHE OA 147 4.10 -33.94 -37.94
N ARG OA 148 4.65 -34.35 -36.80
CA ARG OA 148 5.50 -33.47 -36.05
C ARG OA 148 6.60 -32.92 -36.94
N ARG OA 149 7.27 -33.77 -37.71
CA ARG OA 149 8.30 -33.25 -38.57
C ARG OA 149 7.73 -32.26 -39.58
N TRP OA 150 6.58 -32.55 -40.16
CA TRP OA 150 6.01 -31.61 -41.11
C TRP OA 150 5.80 -30.25 -40.47
N TYR OA 151 5.21 -30.25 -39.30
CA TYR OA 151 4.92 -29.03 -38.60
C TYR OA 151 6.18 -28.26 -38.21
N VAL OA 152 7.11 -28.97 -37.56
CA VAL OA 152 8.32 -28.41 -37.00
C VAL OA 152 9.38 -28.05 -38.02
N ASP OA 153 9.71 -28.96 -38.92
CA ASP OA 153 10.78 -28.75 -39.87
C ASP OA 153 10.26 -28.05 -41.12
N SER OA 154 8.96 -27.80 -41.14
CA SER OA 154 8.16 -27.19 -42.20
C SER OA 154 7.77 -28.09 -43.36
N ARG OA 155 8.38 -29.27 -43.47
CA ARG OA 155 8.07 -30.10 -44.60
C ARG OA 155 8.27 -31.57 -44.29
N ILE OA 156 7.55 -32.39 -45.01
CA ILE OA 156 7.70 -33.82 -44.91
C ILE OA 156 7.88 -34.37 -46.29
N PHE OA 157 8.73 -35.37 -46.42
CA PHE OA 157 8.86 -35.96 -47.72
C PHE OA 157 9.35 -37.39 -47.66
N PHE OA 158 8.96 -38.17 -48.66
CA PHE OA 158 9.30 -39.59 -48.75
C PHE OA 158 9.76 -40.05 -50.11
N HIS OA 159 10.61 -41.06 -50.12
CA HIS OA 159 11.01 -41.70 -51.35
C HIS OA 159 10.10 -42.87 -51.65
N LYS OA 160 9.58 -42.89 -52.86
CA LYS OA 160 8.68 -43.93 -53.29
C LYS OA 160 9.50 -45.05 -53.88
N ILE OA 161 9.14 -46.31 -53.62
CA ILE OA 161 9.95 -47.41 -54.11
C ILE OA 161 9.25 -48.36 -55.10
N ILE OA 162 9.83 -48.50 -56.29
CA ILE OA 162 9.27 -49.41 -57.31
C ILE OA 162 10.22 -50.45 -57.88
N ASP OA 163 9.73 -51.69 -57.82
CA ASP OA 163 10.30 -52.93 -58.31
C ASP OA 163 11.80 -52.88 -58.74
N PRO OA 164 12.20 -52.43 -59.95
CA PRO OA 164 11.54 -51.94 -61.17
C PRO OA 164 11.15 -52.93 -62.29
N LYS OA 165 11.26 -54.26 -62.11
CA LYS OA 165 11.00 -55.19 -63.22
C LYS OA 165 9.58 -55.07 -63.77
N ARG OA 166 8.59 -55.11 -62.88
CA ARG OA 166 7.18 -55.00 -63.19
C ARG OA 166 6.65 -53.86 -62.33
N PRO OA 167 7.01 -52.62 -62.66
CA PRO OA 167 6.87 -51.44 -61.84
C PRO OA 167 5.45 -51.06 -61.47
N LYS OA 168 4.47 -51.53 -62.23
CA LYS OA 168 3.09 -51.20 -61.92
C LYS OA 168 2.48 -52.20 -60.96
N GLU OA 169 3.26 -53.22 -60.61
CA GLU OA 169 2.81 -54.27 -59.74
C GLU OA 169 3.65 -54.28 -58.47
N GLY OA 170 4.97 -54.20 -58.64
CA GLY OA 170 5.93 -54.24 -57.53
C GLY OA 170 6.06 -52.88 -56.84
N ILE OA 171 4.97 -52.48 -56.22
CA ILE OA 171 4.86 -51.19 -55.56
C ILE OA 171 5.08 -51.34 -54.06
N LYS OA 172 6.14 -50.71 -53.56
CA LYS OA 172 6.54 -50.85 -52.17
C LYS OA 172 6.36 -49.61 -51.32
N GLU OA 173 6.44 -49.83 -50.02
CA GLU OA 173 6.36 -48.79 -49.01
C GLU OA 173 7.38 -47.69 -49.18
N LEU OA 174 7.01 -46.54 -48.64
CA LEU OA 174 7.78 -45.31 -48.67
C LEU OA 174 8.92 -45.26 -47.66
N ARG OA 175 9.95 -44.48 -47.98
CA ARG OA 175 11.09 -44.27 -47.03
C ARG OA 175 11.12 -42.79 -46.65
N ARG OA 176 10.65 -42.46 -45.44
CA ARG OA 176 10.64 -41.05 -44.95
C ARG OA 176 12.04 -40.46 -45.13
N LEU OA 177 12.15 -39.37 -45.89
CA LEU OA 177 13.42 -38.76 -46.14
C LEU OA 177 13.82 -37.79 -45.07
N ASP OA 178 15.12 -37.67 -44.87
CA ASP OA 178 15.73 -36.82 -43.90
C ASP OA 178 15.65 -35.33 -44.22
N PRO OA 179 15.15 -34.49 -43.29
CA PRO OA 179 14.94 -33.09 -43.48
C PRO OA 179 16.29 -32.51 -43.73
N ARG OA 180 16.34 -31.46 -44.56
CA ARG OA 180 17.60 -30.77 -44.87
C ARG OA 180 18.36 -31.49 -46.00
N GLN OA 181 17.89 -32.66 -46.45
CA GLN OA 181 18.63 -33.32 -47.51
C GLN OA 181 18.06 -33.17 -48.92
N VAL OA 182 16.90 -32.55 -49.06
CA VAL OA 182 16.33 -32.43 -50.40
C VAL OA 182 15.97 -31.04 -50.82
N GLN OA 183 16.48 -30.70 -51.99
CA GLN OA 183 16.23 -29.44 -52.62
C GLN OA 183 15.13 -29.66 -53.65
N TYR OA 184 14.10 -28.85 -53.64
CA TYR OA 184 13.07 -29.01 -54.66
C TYR OA 184 13.26 -27.87 -55.64
N VAL OA 185 13.26 -28.18 -56.94
CA VAL OA 185 13.53 -27.15 -57.94
C VAL OA 185 12.58 -27.09 -59.12
N ARG OA 186 12.57 -25.96 -59.82
CA ARG OA 186 11.74 -25.74 -61.04
C ARG OA 186 12.60 -25.03 -62.08
N GLU OA 187 12.68 -25.56 -63.31
CA GLU OA 187 13.52 -24.90 -64.34
C GLU OA 187 12.75 -24.32 -65.53
N ILE OA 188 12.92 -23.03 -65.78
CA ILE OA 188 12.20 -22.39 -66.89
C ILE OA 188 12.85 -22.69 -68.21
N ILE OA 189 12.63 -23.88 -68.73
CA ILE OA 189 13.33 -24.24 -69.95
C ILE OA 189 12.48 -23.89 -71.16
N THR OA 190 12.48 -22.60 -71.44
CA THR OA 190 11.76 -21.99 -72.56
C THR OA 190 12.09 -20.51 -72.72
N GLU OA 191 11.95 -19.98 -73.93
CA GLU OA 191 12.21 -18.56 -74.16
C GLU OA 191 11.44 -18.01 -75.37
N THR OA 192 11.20 -16.70 -75.39
CA THR OA 192 10.60 -16.03 -76.57
C THR OA 192 10.97 -14.55 -76.65
N GLU OA 193 10.22 -13.84 -77.50
CA GLU OA 193 10.42 -12.39 -77.78
C GLU OA 193 10.46 -11.60 -76.46
N ALA OA 194 11.61 -10.98 -76.18
CA ALA OA 194 11.78 -10.16 -75.00
C ALA OA 194 11.45 -10.95 -73.73
N GLY OA 195 11.85 -12.23 -73.67
CA GLY OA 195 11.66 -13.09 -72.51
C GLY OA 195 10.49 -14.06 -72.66
N THR OA 196 10.58 -15.20 -71.99
CA THR OA 196 9.53 -16.22 -72.02
C THR OA 196 8.16 -15.79 -71.57
N LYS OA 197 7.18 -16.22 -72.34
CA LYS OA 197 5.77 -16.04 -72.10
C LYS OA 197 5.10 -17.39 -72.35
N ILE OA 198 5.88 -18.44 -72.19
CA ILE OA 198 5.52 -19.84 -72.48
C ILE OA 198 5.03 -20.64 -71.25
N VAL OA 199 4.57 -21.87 -71.52
CA VAL OA 199 4.01 -22.84 -70.58
C VAL OA 199 4.95 -23.06 -69.41
N LYS OA 200 6.26 -23.16 -69.67
CA LYS OA 200 7.22 -23.36 -68.60
C LYS OA 200 6.86 -24.60 -67.80
N GLY OA 201 6.93 -25.76 -68.41
CA GLY OA 201 6.51 -26.96 -67.68
C GLY OA 201 7.23 -27.14 -66.34
N TYR OA 202 8.52 -26.74 -66.30
CA TYR OA 202 9.37 -26.70 -65.06
C TYR OA 202 9.86 -28.06 -64.55
N LYS OA 203 9.34 -29.17 -65.06
CA LYS OA 203 9.68 -30.53 -64.63
C LYS OA 203 9.31 -30.75 -63.15
N GLU OA 204 9.73 -29.84 -62.28
CA GLU OA 204 9.44 -29.78 -60.84
C GLU OA 204 10.01 -30.99 -60.11
N TYR OA 205 11.24 -31.32 -60.46
CA TYR OA 205 11.95 -32.46 -59.94
C TYR OA 205 12.70 -32.07 -58.68
N PHE OA 206 13.40 -33.01 -58.07
CA PHE OA 206 14.06 -32.68 -56.83
C PHE OA 206 15.44 -33.26 -56.79
N ILE OA 207 16.27 -32.72 -55.91
CA ILE OA 207 17.61 -33.21 -55.87
C ILE OA 207 18.02 -33.66 -54.46
N TYR OA 208 18.48 -34.89 -54.35
CA TYR OA 208 18.88 -35.43 -53.05
C TYR OA 208 20.36 -35.32 -52.77
N ASP OA 209 20.67 -34.60 -51.70
CA ASP OA 209 22.03 -34.38 -51.24
C ASP OA 209 22.41 -35.49 -50.30
N THR OA 210 23.42 -36.25 -50.66
CA THR OA 210 23.78 -37.36 -49.81
C THR OA 210 24.51 -36.75 -48.63
N ALA OA 211 24.35 -37.32 -47.44
CA ALA OA 211 25.13 -36.86 -46.30
C ALA OA 211 25.33 -37.97 -45.29
N HIS OA 212 26.47 -37.95 -44.61
CA HIS OA 212 26.74 -38.95 -43.58
C HIS OA 212 27.32 -38.35 -42.29
N GLU OA 213 26.61 -37.42 -41.66
CA GLU OA 213 27.11 -36.79 -40.45
C GLU OA 213 27.31 -37.84 -39.35
N SER OA 214 28.35 -37.68 -38.54
CA SER OA 214 28.61 -38.62 -37.45
C SER OA 214 28.13 -38.07 -36.11
N TYR OA 215 29.05 -37.43 -35.38
CA TYR OA 215 28.74 -36.77 -34.09
C TYR OA 215 28.96 -35.27 -34.32
N ALA OA 216 29.00 -34.93 -35.62
CA ALA OA 216 29.25 -33.61 -36.13
C ALA OA 216 28.17 -32.60 -35.77
N CYS OA 217 26.91 -33.05 -35.75
CA CYS OA 217 25.74 -32.23 -35.47
C CYS OA 217 25.56 -31.09 -36.48
N ASP OA 218 26.24 -31.25 -37.61
CA ASP OA 218 26.26 -30.41 -38.79
C ASP OA 218 27.08 -31.14 -39.83
N GLY OA 219 27.22 -30.57 -41.01
CA GLY OA 219 28.14 -31.10 -42.04
C GLY OA 219 29.54 -30.58 -41.70
N ARG OA 220 30.01 -30.93 -40.50
CA ARG OA 220 31.25 -30.40 -39.91
C ARG OA 220 32.43 -30.47 -40.84
N MET OA 221 32.68 -31.63 -41.40
CA MET OA 221 33.78 -31.72 -42.34
C MET OA 221 33.23 -31.60 -43.75
N TYR OA 222 32.17 -32.34 -44.01
CA TYR OA 222 31.50 -32.33 -45.30
C TYR OA 222 30.18 -33.06 -45.10
N GLU OA 223 29.29 -33.00 -46.08
CA GLU OA 223 28.07 -33.79 -45.99
C GLU OA 223 28.33 -35.14 -46.66
N ALA OA 224 28.29 -35.20 -48.00
CA ALA OA 224 28.76 -36.41 -48.70
C ALA OA 224 28.96 -36.17 -50.19
N GLY OA 225 29.60 -35.07 -50.56
CA GLY OA 225 29.84 -34.85 -51.98
C GLY OA 225 28.64 -34.42 -52.82
N THR OA 226 28.30 -35.28 -53.77
CA THR OA 226 27.24 -35.06 -54.74
C THR OA 226 25.81 -35.24 -54.30
N LYS OA 227 24.96 -34.78 -55.20
CA LYS OA 227 23.53 -34.85 -55.07
C LYS OA 227 22.96 -35.47 -56.34
N ILE OA 228 21.86 -36.19 -56.20
CA ILE OA 228 21.23 -36.83 -57.35
C ILE OA 228 19.92 -36.21 -57.76
N LYS OA 229 19.84 -35.88 -59.05
CA LYS OA 229 18.63 -35.29 -59.62
C LYS OA 229 17.66 -36.43 -59.91
N ILE OA 230 16.50 -36.41 -59.26
CA ILE OA 230 15.50 -37.47 -59.34
C ILE OA 230 14.13 -36.89 -59.77
N PRO OA 231 13.35 -37.55 -60.68
CA PRO OA 231 12.03 -37.15 -61.15
C PRO OA 231 11.03 -37.02 -60.02
N LYS OA 232 10.16 -36.01 -60.12
CA LYS OA 232 9.22 -35.63 -59.05
C LYS OA 232 8.26 -36.71 -58.73
N ALA OA 233 7.97 -37.57 -59.69
CA ALA OA 233 7.06 -38.65 -59.46
C ALA OA 233 7.51 -39.50 -58.29
N ALA OA 234 8.83 -39.56 -58.04
CA ALA OA 234 9.43 -40.40 -57.02
C ALA OA 234 9.32 -39.87 -55.60
N VAL OA 235 8.85 -38.64 -55.41
CA VAL OA 235 8.84 -38.11 -54.06
C VAL OA 235 7.51 -37.61 -53.59
N VAL OA 236 7.16 -38.04 -52.40
CA VAL OA 236 5.97 -37.56 -51.76
C VAL OA 236 6.37 -36.36 -50.99
N TYR OA 237 5.71 -35.23 -51.12
CA TYR OA 237 6.11 -34.18 -50.21
C TYR OA 237 4.99 -33.22 -49.94
N ALA OA 238 5.13 -32.52 -48.84
CA ALA OA 238 4.18 -31.52 -48.41
C ALA OA 238 4.89 -30.52 -47.54
N HIS OA 239 4.31 -29.35 -47.42
CA HIS OA 239 4.90 -28.31 -46.60
C HIS OA 239 3.88 -27.31 -46.11
N SER OA 240 4.29 -26.53 -45.13
CA SER OA 240 3.47 -25.48 -44.57
C SER OA 240 3.30 -24.35 -45.58
N GLY OA 241 2.25 -23.54 -45.43
CA GLY OA 241 2.06 -22.39 -46.32
C GLY OA 241 2.78 -21.18 -45.76
N LEU OA 242 4.04 -21.37 -45.45
CA LEU OA 242 4.77 -20.37 -44.72
C LEU OA 242 6.09 -20.10 -45.35
N VAL OA 243 6.30 -18.85 -45.68
CA VAL OA 243 7.53 -18.39 -46.29
C VAL OA 243 8.08 -17.14 -45.67
N ASP OA 244 9.28 -16.81 -46.09
CA ASP OA 244 9.99 -15.59 -45.77
C ASP OA 244 9.30 -14.49 -46.56
N CYS OA 245 9.78 -13.27 -46.45
CA CYS OA 245 9.16 -12.16 -47.14
C CYS OA 245 8.86 -12.49 -48.61
N CYS OA 246 9.73 -13.25 -49.27
CA CYS OA 246 9.48 -13.62 -50.64
C CYS OA 246 10.30 -14.84 -51.02
N GLY OA 247 9.98 -15.42 -52.19
CA GLY OA 247 10.69 -16.58 -52.71
C GLY OA 247 10.09 -17.87 -52.16
N LYS OA 248 10.84 -18.97 -52.28
CA LYS OA 248 10.40 -20.32 -51.88
C LYS OA 248 11.11 -20.70 -50.61
N ASN OA 249 11.40 -19.67 -49.87
CA ASN OA 249 12.08 -19.72 -48.62
C ASN OA 249 11.09 -20.11 -47.55
N ILE OA 250 10.76 -21.40 -47.57
CA ILE OA 250 9.79 -22.04 -46.72
C ILE OA 250 10.26 -22.17 -45.30
N ILE OA 251 9.40 -21.78 -44.37
CA ILE OA 251 9.70 -21.79 -42.96
C ILE OA 251 8.74 -22.68 -42.17
N GLY OA 252 9.12 -23.05 -40.95
CA GLY OA 252 8.29 -23.93 -40.13
C GLY OA 252 7.27 -23.17 -39.34
N TYR OA 253 6.40 -23.88 -38.63
CA TYR OA 253 5.38 -23.17 -37.88
C TYR OA 253 5.95 -22.44 -36.69
N LEU OA 254 7.09 -22.91 -36.18
CA LEU OA 254 7.73 -22.29 -35.03
C LEU OA 254 8.61 -21.12 -35.44
N HIS OA 255 8.76 -20.88 -36.73
CA HIS OA 255 9.61 -19.80 -37.18
C HIS OA 255 9.14 -18.49 -36.67
N ARG OA 256 7.82 -18.28 -36.76
CA ARG OA 256 7.19 -17.00 -36.33
C ARG OA 256 7.59 -16.65 -34.89
N ALA OA 257 7.78 -17.67 -34.05
CA ALA OA 257 8.15 -17.49 -32.67
C ALA OA 257 9.65 -17.41 -32.42
N VAL OA 258 10.49 -17.53 -33.44
CA VAL OA 258 11.92 -17.57 -33.18
C VAL OA 258 12.44 -16.29 -32.56
N LYS OA 259 11.89 -15.16 -32.95
CA LYS OA 259 12.33 -13.91 -32.38
C LYS OA 259 12.18 -13.94 -30.87
N PRO OA 260 10.94 -13.93 -30.31
CA PRO OA 260 10.71 -13.97 -28.90
C PRO OA 260 11.22 -15.25 -28.25
N ALA OA 261 11.35 -16.35 -29.01
CA ALA OA 261 11.86 -17.53 -28.36
C ALA OA 261 13.24 -17.30 -27.86
N ASN OA 262 14.03 -16.62 -28.68
CA ASN OA 262 15.38 -16.37 -28.30
C ASN OA 262 15.42 -15.21 -27.33
N GLN OA 263 14.52 -14.23 -27.46
CA GLN OA 263 14.56 -13.14 -26.52
C GLN OA 263 14.27 -13.66 -25.14
N LEU OA 264 13.31 -14.57 -25.04
CA LEU OA 264 12.96 -15.10 -23.75
C LEU OA 264 14.12 -15.87 -23.21
N LYS OA 265 14.71 -16.76 -24.01
CA LYS OA 265 15.83 -17.50 -23.47
C LYS OA 265 16.95 -16.58 -23.03
N LEU OA 266 17.24 -15.54 -23.80
CA LEU OA 266 18.29 -14.61 -23.47
C LEU OA 266 17.95 -13.90 -22.16
N LEU OA 267 16.70 -13.46 -22.03
CA LEU OA 267 16.25 -12.82 -20.81
C LEU OA 267 16.32 -13.75 -19.64
N GLU OA 268 15.91 -15.00 -19.82
CA GLU OA 268 15.96 -15.95 -18.73
C GLU OA 268 17.38 -16.20 -18.29
N ASP OA 269 18.31 -16.33 -19.25
CA ASP OA 269 19.69 -16.54 -18.91
C ASP OA 269 20.20 -15.33 -18.15
N ALA OA 270 19.77 -14.13 -18.58
CA ALA OA 270 20.14 -12.90 -17.90
C ALA OA 270 19.63 -12.89 -16.46
N VAL OA 271 18.41 -13.40 -16.24
CA VAL OA 271 17.91 -13.45 -14.88
C VAL OA 271 18.80 -14.32 -14.05
N VAL OA 272 19.12 -15.48 -14.59
CA VAL OA 272 19.94 -16.39 -13.83
C VAL OA 272 21.28 -15.81 -13.56
N ILE OA 273 21.93 -15.25 -14.57
CA ILE OA 273 23.25 -14.79 -14.31
C ILE OA 273 23.25 -13.69 -13.28
N TYR OA 274 22.25 -12.80 -13.29
CA TYR OA 274 22.24 -11.74 -12.30
C TYR OA 274 22.16 -12.36 -10.91
N ARG OA 275 21.23 -13.32 -10.77
CA ARG OA 275 20.96 -14.01 -9.51
C ARG OA 275 22.08 -14.89 -8.92
N ILE OA 276 22.88 -15.54 -9.76
CA ILE OA 276 23.93 -16.40 -9.23
C ILE OA 276 25.24 -15.65 -9.03
N THR OA 277 25.53 -14.75 -9.94
CA THR OA 277 26.73 -13.98 -9.94
C THR OA 277 26.70 -13.12 -8.69
N ARG OA 278 27.82 -13.06 -7.98
CA ARG OA 278 27.93 -12.26 -6.75
C ARG OA 278 27.19 -12.86 -5.55
N ALA OA 279 26.66 -14.08 -5.66
CA ALA OA 279 26.04 -14.74 -4.50
C ALA OA 279 27.00 -14.97 -3.30
N PRO OA 280 28.29 -15.36 -3.50
CA PRO OA 280 29.31 -15.60 -2.47
C PRO OA 280 29.71 -14.31 -1.80
N ASP OA 281 30.46 -14.39 -0.72
CA ASP OA 281 31.00 -13.12 -0.25
C ASP OA 281 32.01 -12.67 -1.27
N ARG OA 282 32.21 -11.38 -1.33
CA ARG OA 282 33.13 -10.87 -2.32
C ARG OA 282 34.03 -9.83 -1.75
N ARG OA 283 35.34 -9.98 -1.91
CA ARG OA 283 36.22 -8.94 -1.31
C ARG OA 283 37.66 -9.06 -1.80
N VAL OA 284 38.28 -7.91 -2.11
CA VAL OA 284 39.66 -7.85 -2.53
C VAL OA 284 40.56 -7.26 -1.45
N TRP OA 285 41.63 -7.99 -1.16
CA TRP OA 285 42.63 -7.54 -0.20
C TRP OA 285 43.66 -6.70 -0.92
N TYR OA 286 44.05 -5.61 -0.32
CA TYR OA 286 45.12 -4.83 -0.90
C TYR OA 286 46.30 -4.86 -0.01
N VAL OA 287 47.48 -4.82 -0.60
CA VAL OA 287 48.66 -4.71 0.21
C VAL OA 287 49.54 -3.54 -0.23
N ASP OA 288 49.94 -2.72 0.75
CA ASP OA 288 50.81 -1.60 0.50
C ASP OA 288 52.23 -2.11 0.40
N THR OA 289 52.73 -2.16 -0.82
CA THR OA 289 54.04 -2.61 -1.14
C THR OA 289 54.62 -1.42 -1.86
N GLY OA 290 54.12 -0.25 -1.46
CA GLY OA 290 54.53 0.96 -2.07
C GLY OA 290 56.02 1.09 -1.92
N ASN OA 291 56.63 1.54 -2.99
CA ASN OA 291 58.07 1.73 -3.06
C ASN OA 291 58.86 0.42 -2.86
N MET OA 292 58.31 -0.72 -3.31
CA MET OA 292 59.04 -1.98 -3.25
C MET OA 292 59.11 -2.53 -4.67
N PRO OA 293 60.15 -3.29 -5.02
CA PRO OA 293 60.28 -3.98 -6.29
C PRO OA 293 59.32 -5.13 -6.28
N ALA OA 294 58.92 -5.63 -7.45
CA ALA OA 294 58.03 -6.80 -7.52
C ALA OA 294 58.62 -8.00 -6.78
N ARG OA 295 59.95 -8.08 -6.79
CA ARG OA 295 60.72 -9.14 -6.16
C ARG OA 295 60.44 -9.26 -4.67
N LYS OA 296 60.03 -8.16 -4.04
CA LYS OA 296 59.71 -8.16 -2.62
C LYS OA 296 58.22 -7.97 -2.42
N ALA OA 297 57.60 -7.13 -3.25
CA ALA OA 297 56.20 -6.80 -3.13
C ALA OA 297 55.33 -8.05 -3.22
N ALA OA 298 55.71 -8.98 -4.08
CA ALA OA 298 54.95 -10.20 -4.25
C ALA OA 298 54.85 -11.02 -2.96
N GLU OA 299 55.89 -11.03 -2.14
CA GLU OA 299 55.85 -11.84 -0.92
C GLU OA 299 55.06 -11.10 0.13
N HIS OA 300 55.25 -9.77 0.19
CA HIS OA 300 54.54 -8.99 1.18
C HIS OA 300 53.05 -9.07 0.89
N MET OA 301 52.70 -9.18 -0.39
CA MET OA 301 51.33 -9.37 -0.76
C MET OA 301 50.85 -10.71 -0.20
N GLN OA 302 51.65 -11.79 -0.37
CA GLN OA 302 51.36 -13.16 0.11
C GLN OA 302 51.19 -13.23 1.62
N HIS OA 303 51.89 -12.37 2.36
CA HIS OA 303 51.81 -12.34 3.83
C HIS OA 303 50.37 -12.12 4.32
N VAL OA 304 49.52 -11.55 3.47
CA VAL OA 304 48.11 -11.32 3.76
C VAL OA 304 47.32 -12.28 2.89
N MET OA 305 47.61 -12.27 1.59
CA MET OA 305 46.82 -13.04 0.64
C MET OA 305 46.73 -14.54 0.94
N ASN OA 306 47.83 -15.20 1.35
CA ASN OA 306 47.80 -16.63 1.62
C ASN OA 306 47.59 -16.95 3.10
N THR OA 307 47.29 -15.92 3.90
CA THR OA 307 47.14 -16.14 5.33
C THR OA 307 45.75 -15.77 5.81
N MET OA 308 45.15 -14.74 5.21
CA MET OA 308 43.81 -14.31 5.60
C MET OA 308 42.73 -14.95 4.71
N LYS OA 309 43.18 -15.78 3.78
CA LYS OA 309 42.36 -16.51 2.81
C LYS OA 309 41.42 -17.45 3.53
N ASN OA 310 40.17 -17.55 3.09
CA ASN OA 310 39.25 -18.43 3.77
C ASN OA 310 39.41 -19.87 3.28
N ARG OA 311 38.63 -20.78 3.86
CA ARG OA 311 38.67 -22.20 3.48
C ARG OA 311 37.29 -22.79 3.33
N VAL OA 312 36.34 -22.02 2.85
CA VAL OA 312 34.97 -22.52 2.76
C VAL OA 312 34.31 -22.52 1.39
N VAL OA 313 33.79 -23.69 1.05
CA VAL OA 313 33.05 -23.98 -0.16
C VAL OA 313 31.79 -24.77 0.22
N TYR OA 314 30.69 -24.56 -0.51
CA TYR OA 314 29.46 -25.27 -0.23
C TYR OA 314 29.43 -26.68 -0.80
N ASP OA 315 29.03 -27.62 0.04
CA ASP OA 315 28.85 -28.99 -0.40
C ASP OA 315 27.43 -29.11 -0.94
N ALA OA 316 27.33 -29.16 -2.26
CA ALA OA 316 26.06 -29.19 -2.94
C ALA OA 316 25.49 -30.60 -3.05
N SER OA 317 26.23 -31.61 -2.58
CA SER OA 317 25.70 -32.97 -2.65
C SER OA 317 24.90 -33.18 -1.38
N THR OA 318 25.47 -32.67 -0.28
CA THR OA 318 24.88 -32.69 1.04
C THR OA 318 24.97 -31.27 1.52
N GLY OA 319 23.89 -30.59 1.94
CA GLY OA 319 23.99 -29.18 2.29
C GLY OA 319 24.79 -28.88 3.54
N LYS OA 320 26.09 -28.95 3.37
CA LYS OA 320 27.07 -28.70 4.42
C LYS OA 320 28.14 -27.76 3.93
N ILE OA 321 28.88 -27.17 4.83
CA ILE OA 321 30.01 -26.40 4.36
C ILE OA 321 31.13 -27.42 4.43
N LYS OA 322 31.80 -27.61 3.31
CA LYS OA 322 32.79 -28.68 3.24
C LYS OA 322 33.83 -28.60 4.32
N ASN OA 323 33.99 -29.70 5.05
CA ASN OA 323 34.96 -29.87 6.13
C ASN OA 323 34.82 -28.85 7.27
N GLN OA 324 33.64 -28.26 7.39
CA GLN OA 324 33.42 -27.28 8.44
C GLN OA 324 32.54 -27.81 9.55
N GLN OA 325 33.17 -28.18 10.67
CA GLN OA 325 32.43 -28.67 11.83
C GLN OA 325 32.96 -28.04 13.13
N HIS OA 326 32.06 -27.44 13.90
CA HIS OA 326 30.59 -27.47 13.62
C HIS OA 326 30.30 -26.71 12.34
N ASN OA 327 29.08 -26.17 12.21
CA ASN OA 327 28.71 -25.41 11.01
C ASN OA 327 29.13 -23.94 10.89
N MET OA 328 29.17 -23.18 11.98
CA MET OA 328 29.51 -21.76 11.87
C MET OA 328 30.01 -21.17 13.18
N SER OA 329 30.99 -20.28 13.09
CA SER OA 329 31.51 -19.57 14.25
C SER OA 329 30.56 -18.43 14.63
N MET OA 330 30.79 -17.77 15.77
CA MET OA 330 29.93 -16.63 16.05
C MET OA 330 30.43 -15.43 15.25
N THR OA 331 31.74 -15.47 14.93
CA THR OA 331 32.39 -14.41 14.21
C THR OA 331 33.56 -14.88 13.36
N GLU OA 332 33.83 -14.10 12.31
CA GLU OA 332 34.99 -14.30 11.45
C GLU OA 332 36.03 -13.26 11.86
N ASP OA 333 37.07 -13.79 12.49
CA ASP OA 333 38.13 -12.97 13.04
C ASP OA 333 39.16 -12.59 12.01
N TYR OA 334 39.27 -11.31 11.72
CA TYR OA 334 40.23 -10.87 10.76
C TYR OA 334 41.11 -9.85 11.46
N TRP OA 335 42.30 -9.72 10.98
CA TRP OA 335 43.19 -8.75 11.51
C TRP OA 335 44.19 -8.40 10.46
N LEU OA 336 44.73 -7.22 10.56
CA LEU OA 336 45.76 -6.83 9.66
C LEU OA 336 46.70 -5.78 10.22
N GLN OA 337 47.98 -5.94 9.92
CA GLN OA 337 48.92 -4.92 10.30
C GLN OA 337 49.32 -4.23 9.02
N ARG OA 338 49.45 -2.90 9.08
CA ARG OA 338 49.82 -2.09 7.89
C ARG OA 338 51.01 -1.19 8.25
N ARG OA 339 51.84 -0.85 7.26
CA ARG OA 339 53.00 -0.01 7.53
C ARG OA 339 52.72 1.41 8.03
N ASP OA 340 51.58 2.01 7.70
CA ASP OA 340 51.32 3.37 8.18
C ASP OA 340 49.87 3.59 8.54
N GLY OA 341 49.54 4.78 9.02
CA GLY OA 341 48.18 5.17 9.36
C GLY OA 341 47.40 5.62 8.14
N LYS OA 342 47.36 4.77 7.13
CA LYS OA 342 46.74 5.06 5.85
C LYS OA 342 45.97 3.85 5.34
N ALA OA 343 44.79 4.10 4.79
CA ALA OA 343 43.94 3.04 4.27
C ALA OA 343 44.39 2.53 2.92
N VAL OA 344 45.53 1.87 2.92
CA VAL OA 344 46.08 1.33 1.71
C VAL OA 344 46.02 -0.20 1.82
N THR OA 345 46.65 -0.75 2.86
CA THR OA 345 46.68 -2.21 3.07
C THR OA 345 45.40 -2.63 3.79
N GLU OA 346 44.29 -2.72 3.07
CA GLU OA 346 43.00 -3.04 3.69
C GLU OA 346 42.13 -3.95 2.82
N VAL OA 347 40.95 -4.33 3.32
CA VAL OA 347 40.07 -5.16 2.47
C VAL OA 347 38.78 -4.44 2.12
N ASP OA 348 38.49 -4.43 0.83
CA ASP OA 348 37.32 -3.79 0.25
C ASP OA 348 36.34 -4.80 -0.30
N THR OA 349 35.15 -4.84 0.28
CA THR OA 349 34.15 -5.80 -0.12
C THR OA 349 33.42 -5.32 -1.38
N LEU OA 350 32.74 -6.24 -2.06
CA LEU OA 350 32.02 -5.94 -3.31
C LEU OA 350 30.52 -6.26 -3.18
N PRO OA 351 29.61 -5.69 -4.03
CA PRO OA 351 28.18 -5.97 -4.08
C PRO OA 351 27.84 -7.45 -4.28
N GLY OA 352 26.75 -7.91 -3.65
CA GLY OA 352 26.31 -9.30 -3.72
C GLY OA 352 25.21 -9.56 -4.77
N ALA OA 353 24.61 -10.74 -4.70
CA ALA OA 353 23.55 -11.12 -5.64
C ALA OA 353 22.22 -10.53 -5.21
N ASP OA 354 22.05 -9.26 -5.50
CA ASP OA 354 20.86 -8.47 -5.16
C ASP OA 354 19.62 -8.99 -5.86
N ASN OA 355 18.46 -8.75 -5.26
CA ASN OA 355 17.21 -9.08 -5.95
C ASN OA 355 16.82 -7.92 -6.81
N THR OA 356 16.20 -8.26 -7.93
CA THR OA 356 15.77 -7.28 -8.92
C THR OA 356 14.30 -7.42 -9.22
N GLY OA 357 13.96 -8.43 -10.01
CA GLY OA 357 12.58 -8.67 -10.38
C GLY OA 357 11.79 -9.03 -9.11
N ASN OA 358 10.46 -8.75 -9.03
CA ASN OA 358 9.61 -8.09 -10.04
C ASN OA 358 9.72 -8.75 -11.40
N MET OA 359 9.65 -10.06 -11.41
CA MET OA 359 9.74 -10.80 -12.66
C MET OA 359 8.46 -10.69 -13.44
N GLU OA 360 8.30 -9.51 -14.03
CA GLU OA 360 7.16 -9.11 -14.80
C GLU OA 360 7.53 -8.92 -16.27
N ASP OA 361 8.78 -8.57 -16.53
CA ASP OA 361 9.25 -8.32 -17.87
C ASP OA 361 9.50 -9.63 -18.54
N ILE OA 362 10.19 -10.47 -17.81
CA ILE OA 362 10.49 -11.80 -18.26
C ILE OA 362 9.16 -12.52 -18.54
N ARG OA 363 8.16 -12.19 -17.72
CA ARG OA 363 6.81 -12.76 -17.83
C ARG OA 363 6.10 -12.17 -19.07
N TRP OA 364 6.23 -10.85 -19.28
CA TRP OA 364 5.59 -10.26 -20.44
C TRP OA 364 6.06 -10.98 -21.69
N PHE OA 365 7.37 -11.17 -21.79
CA PHE OA 365 7.93 -11.85 -22.95
C PHE OA 365 7.54 -13.30 -22.99
N ARG OA 366 7.57 -13.97 -21.82
CA ARG OA 366 7.21 -15.41 -21.74
C ARG OA 366 5.77 -15.64 -22.20
N GLN OA 367 4.85 -14.74 -21.83
CA GLN OA 367 3.47 -14.85 -22.19
C GLN OA 367 3.28 -14.61 -23.67
N ALA OA 368 3.97 -13.59 -24.21
CA ALA OA 368 3.89 -13.29 -25.62
C ALA OA 368 4.40 -14.46 -26.42
N LEU OA 369 5.49 -15.05 -25.94
CA LEU OA 369 6.05 -16.18 -26.59
C LEU OA 369 5.13 -17.34 -26.56
N TYR OA 370 4.59 -17.65 -25.40
CA TYR OA 370 3.75 -18.80 -25.30
C TYR OA 370 2.63 -18.69 -26.32
N MET OA 371 1.95 -17.57 -26.37
CA MET OA 371 0.86 -17.47 -27.33
C MET OA 371 1.35 -17.54 -28.80
N ALA OA 372 2.59 -17.06 -29.03
CA ALA OA 372 3.26 -17.05 -30.32
C ALA OA 372 3.52 -18.44 -30.85
N LEU OA 373 3.32 -19.44 -30.00
CA LEU OA 373 3.55 -20.82 -30.36
C LEU OA 373 2.33 -21.41 -31.06
N ARG OA 374 1.34 -20.55 -31.30
CA ARG OA 374 0.09 -20.97 -32.00
C ARG OA 374 -0.75 -21.82 -31.04
N VAL OA 375 -0.89 -21.35 -29.80
CA VAL OA 375 -1.65 -22.07 -28.79
C VAL OA 375 -2.71 -21.17 -28.19
N PRO OA 376 -3.77 -21.72 -27.60
CA PRO OA 376 -4.80 -21.01 -26.88
C PRO OA 376 -4.29 -20.37 -25.60
N LEU OA 377 -4.90 -19.25 -25.22
CA LEU OA 377 -4.52 -18.54 -24.00
C LEU OA 377 -5.18 -19.12 -22.78
N SER OA 378 -6.02 -20.12 -23.00
CA SER OA 378 -6.69 -20.81 -21.93
C SER OA 378 -5.76 -21.81 -21.30
N ARG OA 379 -4.60 -22.04 -21.92
CA ARG OA 379 -3.65 -23.00 -21.43
C ARG OA 379 -2.41 -22.31 -20.91
N ILE OA 380 -1.65 -23.03 -20.09
CA ILE OA 380 -0.39 -22.54 -19.58
C ILE OA 380 0.70 -23.51 -19.94
N SER OA 395 -16.35 -23.05 -21.10
CA SER OA 395 -16.28 -24.26 -21.90
C SER OA 395 -15.60 -24.02 -23.23
N ILE OA 396 -16.38 -23.59 -24.20
CA ILE OA 396 -15.89 -23.37 -25.55
C ILE OA 396 -15.98 -21.91 -25.94
N THR OA 397 -14.85 -21.36 -26.32
CA THR OA 397 -14.76 -19.98 -26.76
C THR OA 397 -14.33 -19.86 -28.20
N ARG OA 398 -14.27 -18.64 -28.68
CA ARG OA 398 -13.91 -18.40 -30.08
C ARG OA 398 -12.56 -18.95 -30.42
N ASP OA 399 -11.63 -18.87 -29.47
CA ASP OA 399 -10.31 -19.39 -29.68
C ASP OA 399 -10.32 -20.90 -29.83
N GLU OA 400 -11.22 -21.59 -29.15
CA GLU OA 400 -11.23 -23.04 -29.23
C GLU OA 400 -11.69 -23.43 -30.62
N LEU OA 401 -12.69 -22.69 -31.08
CA LEU OA 401 -13.25 -22.94 -32.39
C LEU OA 401 -12.17 -22.64 -33.43
N THR OA 402 -11.41 -21.58 -33.17
CA THR OA 402 -10.33 -21.17 -34.05
C THR OA 402 -9.28 -22.24 -34.11
N PHE OA 403 -8.90 -22.79 -32.97
CA PHE OA 403 -7.93 -23.84 -32.99
C PHE OA 403 -8.47 -25.04 -33.70
N ALA OA 404 -9.73 -25.39 -33.50
CA ALA OA 404 -10.20 -26.55 -34.22
C ALA OA 404 -10.05 -26.34 -35.73
N LYS OA 405 -10.35 -25.12 -36.22
CA LYS OA 405 -10.21 -24.82 -37.64
C LYS OA 405 -8.75 -24.92 -38.05
N PHE OA 406 -7.86 -24.39 -37.21
CA PHE OA 406 -6.42 -24.42 -37.42
C PHE OA 406 -5.91 -25.83 -37.56
N ILE OA 407 -6.28 -26.68 -36.62
CA ILE OA 407 -5.83 -28.06 -36.62
C ILE OA 407 -6.33 -28.75 -37.87
N ARG OA 408 -7.60 -28.53 -38.21
CA ARG OA 408 -8.16 -29.09 -39.42
C ARG OA 408 -7.33 -28.67 -40.61
N GLU OA 409 -7.03 -27.38 -40.72
CA GLU OA 409 -6.23 -26.91 -41.83
C GLU OA 409 -4.86 -27.56 -41.84
N LEU OA 410 -4.23 -27.70 -40.67
CA LEU OA 410 -2.91 -28.29 -40.67
C LEU OA 410 -2.98 -29.70 -41.19
N GLN OA 411 -4.01 -30.44 -40.75
CA GLN OA 411 -4.20 -31.79 -41.18
C GLN OA 411 -4.45 -31.83 -42.68
N HIS OA 412 -5.21 -30.86 -43.18
CA HIS OA 412 -5.53 -30.74 -44.59
C HIS OA 412 -4.29 -30.51 -45.45
N LYS OA 413 -3.42 -29.59 -45.07
CA LYS OA 413 -2.23 -29.45 -45.92
C LYS OA 413 -1.37 -30.71 -45.86
N PHE OA 414 -1.20 -31.24 -44.65
CA PHE OA 414 -0.42 -32.44 -44.41
C PHE OA 414 -0.91 -33.58 -45.28
N GLU OA 415 -2.24 -33.70 -45.40
CA GLU OA 415 -3.03 -34.71 -46.11
C GLU OA 415 -2.43 -35.15 -47.43
N GLU OA 416 -1.67 -34.29 -48.10
CA GLU OA 416 -1.10 -34.62 -49.40
C GLU OA 416 -0.20 -35.84 -49.26
N VAL OA 417 0.30 -36.05 -48.04
CA VAL OA 417 1.16 -37.14 -47.65
C VAL OA 417 0.47 -38.49 -47.86
N PHE OA 418 -0.85 -38.48 -47.97
CA PHE OA 418 -1.58 -39.71 -48.17
C PHE OA 418 -2.11 -39.71 -49.60
N LEU OA 419 -2.58 -38.56 -50.07
CA LEU OA 419 -3.19 -38.47 -51.40
C LEU OA 419 -2.21 -38.78 -52.51
N ASP OA 420 -0.98 -38.34 -52.35
CA ASP OA 420 0.07 -38.55 -53.32
C ASP OA 420 0.39 -40.04 -53.47
N PRO OA 421 0.90 -40.76 -52.46
CA PRO OA 421 1.19 -42.16 -52.60
C PRO OA 421 -0.07 -42.92 -52.94
N LEU OA 422 -1.25 -42.42 -52.54
CA LEU OA 422 -2.46 -43.08 -52.91
C LEU OA 422 -2.62 -43.02 -54.41
N LYS OA 423 -2.60 -41.82 -55.01
CA LYS OA 423 -2.81 -41.82 -56.44
C LYS OA 423 -1.70 -42.55 -57.13
N THR OA 424 -0.51 -42.50 -56.59
CA THR OA 424 0.57 -43.12 -57.28
C THR OA 424 0.30 -44.58 -57.46
N ASN OA 425 -0.06 -45.23 -56.38
CA ASN OA 425 -0.23 -46.65 -56.44
C ASN OA 425 -1.48 -47.02 -57.21
N LEU OA 426 -2.54 -46.24 -57.04
CA LEU OA 426 -3.80 -46.56 -57.67
C LEU OA 426 -3.68 -46.40 -59.18
N LEU OA 427 -2.97 -45.34 -59.61
CA LEU OA 427 -2.77 -45.07 -61.01
C LEU OA 427 -1.90 -46.10 -61.65
N LEU OA 428 -0.82 -46.50 -60.96
CA LEU OA 428 0.03 -47.52 -61.53
C LEU OA 428 -0.72 -48.83 -61.68
N LYS OA 429 -1.47 -49.22 -60.64
CA LYS OA 429 -2.30 -50.45 -60.73
C LYS OA 429 -3.34 -50.22 -61.83
N GLY OA 430 -3.95 -49.03 -61.83
CA GLY OA 430 -4.95 -48.62 -62.84
C GLY OA 430 -6.11 -49.59 -62.97
N ILE OA 431 -6.59 -50.13 -61.85
CA ILE OA 431 -7.51 -49.46 -60.87
C ILE OA 431 -8.09 -48.17 -61.45
N ILE OA 432 -7.34 -47.07 -61.37
CA ILE OA 432 -7.82 -45.74 -61.80
C ILE OA 432 -6.91 -45.11 -62.84
N THR OA 433 -7.48 -44.35 -63.77
CA THR OA 433 -6.66 -43.63 -64.75
C THR OA 433 -6.36 -42.22 -64.25
N GLU OA 434 -5.43 -41.51 -64.90
CA GLU OA 434 -5.13 -40.13 -64.52
C GLU OA 434 -6.32 -39.22 -64.69
N ASP OA 435 -7.08 -39.44 -65.76
CA ASP OA 435 -8.22 -38.58 -66.00
C ASP OA 435 -9.21 -38.75 -64.89
N GLU OA 436 -9.45 -40.01 -64.50
CA GLU OA 436 -10.39 -40.26 -63.43
C GLU OA 436 -9.92 -39.63 -62.15
N TRP OA 437 -8.63 -39.77 -61.82
CA TRP OA 437 -8.14 -39.17 -60.59
C TRP OA 437 -8.45 -37.70 -60.58
N ASN OA 438 -8.12 -37.02 -61.67
CA ASN OA 438 -8.30 -35.60 -61.77
C ASN OA 438 -9.76 -35.17 -61.65
N ASP OA 439 -10.70 -36.00 -62.12
CA ASP OA 439 -12.10 -35.69 -61.99
C ASP OA 439 -12.62 -35.97 -60.58
N GLU OA 440 -12.13 -37.05 -59.98
CA GLU OA 440 -12.57 -37.40 -58.64
C GLU OA 440 -12.13 -36.35 -57.62
N ILE OA 441 -10.88 -35.87 -57.76
CA ILE OA 441 -10.36 -34.87 -56.85
C ILE OA 441 -9.88 -33.57 -57.49
N ASN OA 442 -10.59 -32.43 -57.31
CA ASN OA 442 -11.89 -32.21 -56.61
C ASN OA 442 -12.03 -32.65 -55.12
N ASN OA 443 -12.81 -33.71 -54.82
CA ASN OA 443 -13.00 -34.06 -53.43
C ASN OA 443 -13.12 -35.55 -53.10
N ILE OA 444 -12.05 -36.10 -52.52
CA ILE OA 444 -12.01 -37.50 -52.07
C ILE OA 444 -11.46 -37.42 -50.65
N LYS OA 445 -11.82 -36.34 -49.97
CA LYS OA 445 -11.30 -35.97 -48.66
C LYS OA 445 -11.10 -37.10 -47.67
N ILE OA 446 -9.94 -37.04 -47.03
CA ILE OA 446 -9.57 -37.97 -45.99
C ILE OA 446 -9.99 -37.34 -44.67
N GLU OA 447 -10.87 -38.00 -43.95
CA GLU OA 447 -11.40 -37.46 -42.71
C GLU OA 447 -10.59 -38.06 -41.59
N PHE OA 448 -10.84 -37.69 -40.35
CA PHE OA 448 -10.01 -38.30 -39.32
C PHE OA 448 -10.69 -38.31 -37.97
N HIS OA 449 -10.14 -39.10 -37.06
CA HIS OA 449 -10.63 -39.12 -35.70
C HIS OA 449 -10.23 -37.85 -35.01
N ARG OA 450 -11.18 -37.23 -34.34
CA ARG OA 450 -10.92 -36.02 -33.59
C ARG OA 450 -11.14 -36.35 -32.14
N ASP OA 451 -10.67 -35.51 -31.24
CA ASP OA 451 -10.89 -35.83 -29.85
C ASP OA 451 -12.37 -35.81 -29.59
N SER OA 452 -12.92 -37.01 -29.49
CA SER OA 452 -14.33 -37.22 -29.33
C SER OA 452 -14.83 -36.82 -27.97
N TYR OA 453 -13.94 -36.71 -26.98
CA TYR OA 453 -14.43 -36.33 -25.68
C TYR OA 453 -14.92 -34.92 -25.80
N PHE OA 454 -14.05 -34.10 -26.34
CA PHE OA 454 -14.41 -32.71 -26.46
C PHE OA 454 -15.47 -32.51 -27.52
N ALA OA 455 -15.45 -33.31 -28.60
CA ALA OA 455 -16.47 -33.14 -29.62
C ALA OA 455 -17.86 -33.40 -29.05
N GLU OA 456 -17.98 -34.45 -28.23
CA GLU OA 456 -19.26 -34.75 -27.64
C GLU OA 456 -19.70 -33.62 -26.74
N LEU OA 457 -18.77 -33.03 -25.98
CA LEU OA 457 -19.16 -31.93 -25.11
C LEU OA 457 -19.68 -30.77 -25.94
N LYS OA 458 -19.03 -30.48 -27.06
CA LYS OA 458 -19.47 -29.40 -27.92
C LYS OA 458 -20.88 -29.63 -28.39
N GLU OA 459 -21.13 -30.84 -28.89
CA GLU OA 459 -22.42 -31.17 -29.42
C GLU OA 459 -23.48 -31.04 -28.34
N ALA OA 460 -23.16 -31.51 -27.14
CA ALA OA 460 -24.10 -31.43 -26.05
C ALA OA 460 -24.45 -30.00 -25.69
N GLU OA 461 -23.45 -29.12 -25.61
CA GLU OA 461 -23.76 -27.74 -25.25
C GLU OA 461 -24.60 -27.09 -26.31
N ILE OA 462 -24.34 -27.42 -27.57
CA ILE OA 462 -25.15 -26.85 -28.63
C ILE OA 462 -26.57 -27.31 -28.46
N LEU OA 463 -26.75 -28.60 -28.22
CA LEU OA 463 -28.07 -29.14 -28.02
C LEU OA 463 -28.76 -28.48 -26.83
N GLU OA 464 -28.06 -28.30 -25.71
CA GLU OA 464 -28.72 -27.69 -24.56
C GLU OA 464 -29.27 -26.35 -24.94
N ARG OA 465 -28.47 -25.57 -25.68
CA ARG OA 465 -28.95 -24.27 -26.09
C ARG OA 465 -30.17 -24.39 -26.98
N ARG OA 466 -30.17 -25.36 -27.90
CA ARG OA 466 -31.31 -25.56 -28.77
C ARG OA 466 -32.56 -25.92 -27.95
N ILE OA 467 -32.37 -26.74 -26.93
CA ILE OA 467 -33.45 -27.14 -26.06
C ILE OA 467 -33.96 -25.93 -25.30
N ASN OA 468 -33.05 -25.11 -24.78
CA ASN OA 468 -33.46 -23.94 -24.04
C ASN OA 468 -34.32 -23.04 -24.91
N MET OA 469 -33.92 -22.87 -26.17
CA MET OA 469 -34.69 -22.03 -27.05
C MET OA 469 -36.06 -22.61 -27.32
N LEU OA 470 -36.13 -23.93 -27.49
CA LEU OA 470 -37.42 -24.54 -27.76
C LEU OA 470 -38.29 -24.42 -26.54
N THR OA 471 -37.72 -24.62 -25.39
CA THR OA 471 -38.46 -24.56 -24.16
C THR OA 471 -39.11 -23.21 -24.02
N MET OA 472 -38.35 -22.15 -24.27
CA MET OA 472 -38.92 -20.83 -24.18
C MET OA 472 -40.01 -20.62 -25.22
N ALA OA 473 -39.79 -21.12 -26.43
CA ALA OA 473 -40.74 -21.03 -27.53
C ALA OA 473 -42.05 -21.77 -27.25
N GLU OA 474 -41.98 -22.89 -26.53
CA GLU OA 474 -43.10 -23.78 -26.25
C GLU OA 474 -44.50 -23.13 -26.17
N PRO OA 475 -44.78 -22.10 -25.36
CA PRO OA 475 -46.12 -21.53 -25.17
C PRO OA 475 -46.71 -20.96 -26.45
N PHE OA 476 -45.85 -20.69 -27.43
CA PHE OA 476 -46.25 -20.06 -28.65
C PHE OA 476 -46.26 -21.00 -29.84
N ILE OA 477 -45.96 -22.27 -29.64
CA ILE OA 477 -45.85 -23.14 -30.79
C ILE OA 477 -47.17 -23.29 -31.56
N GLY OA 478 -48.27 -23.42 -30.84
CA GLY OA 478 -49.55 -23.62 -31.50
C GLY OA 478 -50.21 -22.34 -32.01
N LYS OA 479 -49.56 -21.19 -31.83
CA LYS OA 479 -50.14 -19.94 -32.29
C LYS OA 479 -49.24 -19.12 -33.19
N TYR OA 480 -47.93 -19.15 -32.93
CA TYR OA 480 -46.98 -18.30 -33.61
C TYR OA 480 -45.90 -19.07 -34.35
N ILE OA 481 -45.38 -20.12 -33.74
CA ILE OA 481 -44.26 -20.87 -34.32
C ILE OA 481 -44.60 -22.32 -34.56
N SER OA 482 -44.78 -22.73 -35.80
CA SER OA 482 -45.18 -24.12 -36.06
C SER OA 482 -44.08 -25.13 -35.77
N HIS OA 483 -44.44 -26.41 -35.63
CA HIS OA 483 -43.48 -27.50 -35.49
C HIS OA 483 -42.43 -27.57 -36.55
N ARG OA 484 -42.86 -27.65 -37.82
CA ARG OA 484 -41.88 -27.72 -38.94
C ARG OA 484 -40.83 -26.61 -38.79
N THR OA 485 -41.28 -25.40 -38.44
CA THR OA 485 -40.45 -24.24 -38.26
C THR OA 485 -39.55 -24.40 -37.04
N ALA OA 486 -40.12 -24.80 -35.93
CA ALA OA 486 -39.33 -24.95 -34.74
C ALA OA 486 -38.23 -25.98 -34.94
N MET OA 487 -38.55 -27.07 -35.60
CA MET OA 487 -37.56 -28.09 -35.77
C MET OA 487 -36.41 -27.63 -36.63
N LYS OA 488 -36.69 -26.92 -37.72
CA LYS OA 488 -35.61 -26.49 -38.61
C LYS OA 488 -34.91 -25.23 -38.09
N ASP OA 489 -35.62 -24.33 -37.40
CA ASP OA 489 -35.00 -23.11 -36.94
C ASP OA 489 -34.42 -23.21 -35.53
N ILE OA 490 -35.15 -23.82 -34.61
CA ILE OA 490 -34.72 -23.88 -33.24
C ILE OA 490 -33.85 -25.10 -33.01
N LEU OA 491 -34.32 -26.25 -33.44
CA LEU OA 491 -33.51 -27.44 -33.19
C LEU OA 491 -32.57 -27.78 -34.35
N GLN OA 492 -32.62 -26.97 -35.39
CA GLN OA 492 -31.79 -27.10 -36.59
C GLN OA 492 -31.80 -28.47 -37.26
N MET OA 493 -32.99 -29.06 -37.40
CA MET OA 493 -33.17 -30.34 -38.07
C MET OA 493 -33.37 -30.16 -39.57
N THR OA 494 -32.92 -31.13 -40.36
CA THR OA 494 -33.18 -31.03 -41.80
C THR OA 494 -34.58 -31.53 -42.09
N ASP OA 495 -35.09 -31.30 -43.30
CA ASP OA 495 -36.43 -31.78 -43.60
C ASP OA 495 -36.55 -33.29 -43.46
N GLU OA 496 -35.51 -33.99 -43.89
CA GLU OA 496 -35.50 -35.43 -43.84
C GLU OA 496 -35.44 -35.87 -42.39
N GLU OA 497 -34.60 -35.19 -41.63
CA GLU OA 497 -34.43 -35.49 -40.23
C GLU OA 497 -35.74 -35.37 -39.49
N ILE OA 498 -36.52 -34.34 -39.83
CA ILE OA 498 -37.80 -34.09 -39.21
C ILE OA 498 -38.76 -35.25 -39.50
N GLU OA 499 -38.85 -35.66 -40.77
CA GLU OA 499 -39.73 -36.77 -41.06
C GLU OA 499 -39.28 -38.04 -40.36
N GLN OA 500 -37.97 -38.27 -40.30
CA GLN OA 500 -37.45 -39.46 -39.68
C GLN OA 500 -37.78 -39.53 -38.20
N GLU OA 501 -37.66 -38.38 -37.52
CA GLU OA 501 -37.96 -38.29 -36.07
C GLU OA 501 -39.44 -38.62 -35.83
N ALA OA 502 -40.33 -38.19 -36.73
CA ALA OA 502 -41.74 -38.45 -36.58
C ALA OA 502 -42.04 -39.92 -36.78
N LYS OA 503 -41.41 -40.51 -37.79
CA LYS OA 503 -41.61 -41.91 -38.10
C LYS OA 503 -41.10 -42.80 -36.98
N GLN OA 504 -39.94 -42.45 -36.42
CA GLN OA 504 -39.38 -43.23 -35.35
C GLN OA 504 -40.31 -43.21 -34.15
N ILE OA 505 -40.92 -42.05 -33.87
CA ILE OA 505 -41.84 -41.93 -32.77
C ILE OA 505 -43.05 -42.83 -33.01
N GLU OA 506 -43.59 -42.81 -34.23
CA GLU OA 506 -44.75 -43.65 -34.48
C GLU OA 506 -44.43 -45.12 -34.20
N GLU OA 507 -43.24 -45.57 -34.55
CA GLU OA 507 -42.87 -46.95 -34.26
C GLU OA 507 -42.71 -47.21 -32.77
N GLU OA 508 -42.00 -46.32 -32.08
CA GLU OA 508 -41.73 -46.49 -30.65
C GLU OA 508 -43.00 -46.51 -29.84
N SER OA 509 -43.97 -45.72 -30.27
CA SER OA 509 -45.25 -45.56 -29.64
C SER OA 509 -46.08 -46.85 -29.63
N LYS OA 510 -45.73 -47.81 -30.48
CA LYS OA 510 -46.47 -49.04 -30.55
C LYS OA 510 -45.76 -50.14 -29.79
N MET PA 1 -4.34 -1.08 -82.16
CA MET PA 1 -3.12 -1.78 -82.56
C MET PA 1 -2.46 -1.15 -83.78
N LYS PA 2 -1.47 -0.28 -83.56
CA LYS PA 2 -0.75 0.33 -84.67
C LYS PA 2 0.27 -0.66 -85.21
N PHE PA 3 0.85 -1.42 -84.28
CA PHE PA 3 1.85 -2.43 -84.56
C PHE PA 3 1.43 -3.65 -83.75
N ASN PA 4 1.67 -4.87 -84.25
CA ASN PA 4 1.27 -6.04 -83.47
C ASN PA 4 2.31 -6.39 -82.42
N VAL PA 5 2.36 -5.56 -81.40
CA VAL PA 5 3.32 -5.65 -80.32
C VAL PA 5 2.88 -6.71 -79.35
N LEU PA 6 3.77 -7.65 -79.05
CA LEU PA 6 3.44 -8.73 -78.14
C LEU PA 6 2.14 -9.41 -78.56
N SER PA 7 2.14 -10.00 -79.77
CA SER PA 7 1.00 -10.65 -80.44
C SER PA 7 0.39 -11.76 -79.60
N LEU PA 8 1.13 -12.15 -78.61
CA LEU PA 8 0.79 -13.14 -77.62
C LEU PA 8 -0.49 -12.73 -76.92
N PHE PA 9 -0.69 -11.42 -76.79
CA PHE PA 9 -1.82 -10.89 -76.09
C PHE PA 9 -2.79 -10.24 -77.04
N ALA PA 10 -2.69 -10.51 -78.34
CA ALA PA 10 -3.56 -9.85 -79.29
C ALA PA 10 -5.03 -9.98 -78.89
N PRO PA 11 -5.57 -11.14 -78.45
CA PRO PA 11 -6.94 -11.23 -78.02
C PRO PA 11 -7.31 -10.22 -76.94
N TRP PA 12 -6.36 -9.82 -76.10
CA TRP PA 12 -6.68 -8.90 -75.05
C TRP PA 12 -6.64 -7.53 -75.61
N ALA PA 13 -5.73 -7.35 -76.56
CA ALA PA 13 -5.60 -6.07 -77.21
C ALA PA 13 -6.89 -5.79 -77.92
N LYS PA 14 -7.49 -6.83 -78.52
CA LYS PA 14 -8.75 -6.69 -79.22
C LYS PA 14 -9.83 -6.26 -78.25
N MET PA 15 -9.86 -6.88 -77.07
CA MET PA 15 -10.86 -6.50 -76.10
C MET PA 15 -10.70 -5.05 -75.66
N ASP PA 16 -9.46 -4.64 -75.36
CA ASP PA 16 -9.29 -3.26 -74.92
C ASP PA 16 -9.56 -2.29 -76.03
N GLU PA 17 -9.12 -2.62 -77.24
CA GLU PA 17 -9.32 -1.75 -78.37
C GLU PA 17 -10.79 -1.56 -78.62
N ARG PA 18 -11.56 -2.65 -78.53
CA ARG PA 18 -12.98 -2.58 -78.69
C ARG PA 18 -13.57 -1.64 -77.68
N ASN PA 19 -13.21 -1.81 -76.42
CA ASN PA 19 -13.77 -0.98 -75.38
C ASN PA 19 -13.38 0.47 -75.56
N PHE PA 20 -12.12 0.72 -75.95
CA PHE PA 20 -11.59 2.05 -76.14
C PHE PA 20 -12.44 2.76 -77.19
N LYS PA 21 -12.62 2.09 -78.33
CA LYS PA 21 -13.41 2.67 -79.40
C LYS PA 21 -14.85 2.88 -78.99
N ASP PA 22 -15.45 1.92 -78.29
CA ASP PA 22 -16.82 2.14 -77.88
C ASP PA 22 -16.92 3.33 -76.95
N GLN PA 23 -15.92 3.51 -76.08
CA GLN PA 23 -15.92 4.66 -75.20
C GLN PA 23 -15.81 5.94 -76.01
N GLU PA 24 -14.96 5.97 -77.05
CA GLU PA 24 -14.84 7.15 -77.90
C GLU PA 24 -16.15 7.47 -78.61
N LYS PA 25 -16.87 6.44 -79.08
CA LYS PA 25 -18.14 6.61 -79.78
C LYS PA 25 -19.17 7.27 -78.88
N GLU PA 26 -19.21 6.84 -77.62
CA GLU PA 26 -20.11 7.37 -76.61
C GLU PA 26 -19.73 8.79 -76.20
N ASP PA 27 -20.70 9.62 -75.87
CA ASP PA 27 -20.40 10.97 -75.45
C ASP PA 27 -19.96 11.08 -73.98
N LEU PA 28 -18.82 10.50 -73.70
CA LEU PA 28 -18.24 10.49 -72.36
C LEU PA 28 -17.37 11.73 -72.25
N VAL PA 29 -18.03 12.85 -72.37
CA VAL PA 29 -17.43 14.16 -72.50
C VAL PA 29 -17.94 15.15 -71.49
N SER PA 30 -17.31 16.33 -71.49
CA SER PA 30 -17.63 17.49 -70.67
C SER PA 30 -17.34 17.25 -69.20
N ILE PA 31 -16.19 16.63 -68.98
CA ILE PA 31 -15.66 16.25 -67.68
C ILE PA 31 -14.34 16.97 -67.32
N THR PA 32 -14.39 17.85 -66.30
CA THR PA 32 -13.22 18.65 -65.90
C THR PA 32 -11.97 17.89 -65.47
N ALA PA 33 -12.13 16.93 -64.58
CA ALA PA 33 -10.98 16.18 -64.10
C ALA PA 33 -11.03 14.82 -64.78
N PRO PA 34 -9.91 14.12 -65.00
CA PRO PA 34 -9.91 12.81 -65.67
C PRO PA 34 -10.91 11.92 -64.98
N LYS PA 35 -11.75 11.22 -65.74
CA LYS PA 35 -12.78 10.41 -65.10
C LYS PA 35 -12.24 9.11 -64.55
N LEU PA 36 -11.47 9.27 -63.49
CA LEU PA 36 -10.78 8.25 -62.77
C LEU PA 36 -11.11 8.45 -61.30
N ASP PA 37 -11.80 7.50 -60.70
CA ASP PA 37 -12.20 7.62 -59.30
C ASP PA 37 -11.10 7.13 -58.37
N ASP PA 38 -10.63 5.92 -58.66
CA ASP PA 38 -9.63 5.19 -57.88
C ASP PA 38 -8.86 4.27 -58.81
N GLY PA 39 -7.90 3.53 -58.28
CA GLY PA 39 -7.11 2.60 -59.07
C GLY PA 39 -5.79 3.17 -59.57
N ALA PA 40 -5.39 2.72 -60.77
CA ALA PA 40 -4.10 2.96 -61.45
C ALA PA 40 -3.79 4.44 -61.79
N ARG PA 41 -2.48 4.75 -61.89
CA ARG PA 41 -1.96 6.12 -62.09
C ARG PA 41 -2.36 6.84 -63.36
N GLU PA 42 -2.64 8.14 -63.23
CA GLU PA 42 -2.97 9.00 -64.37
C GLU PA 42 -1.75 9.56 -65.08
N PHE PA 43 -1.92 9.84 -66.37
CA PHE PA 43 -0.90 10.47 -67.22
C PHE PA 43 -1.54 11.18 -68.41
N GLU PA 44 -1.02 12.32 -68.87
CA GLU PA 44 -1.64 12.96 -70.04
C GLU PA 44 -0.84 12.83 -71.32
N VAL PA 45 -1.57 12.75 -72.43
CA VAL PA 45 -1.02 12.68 -73.82
C VAL PA 45 -1.60 13.86 -74.63
N SER PA 46 -1.08 14.07 -75.85
CA SER PA 46 -1.55 15.17 -76.70
C SER PA 46 -2.86 14.89 -77.40
N SER PA 47 -3.42 15.93 -78.03
CA SER PA 47 -4.59 15.72 -78.84
C SER PA 47 -4.16 14.76 -79.91
N ASN PA 48 -4.99 13.78 -80.20
CA ASN PA 48 -4.66 12.72 -81.17
C ASN PA 48 -3.45 11.91 -80.67
N GLU PA 49 -3.28 11.91 -79.36
CA GLU PA 49 -2.29 11.16 -78.59
C GLU PA 49 -0.84 11.56 -78.84
N ALA PA 50 -0.39 11.37 -80.09
CA ALA PA 50 0.99 11.65 -80.52
C ALA PA 50 1.99 11.10 -79.51
N ALA PA 51 1.71 9.90 -79.02
CA ALA PA 51 2.50 9.29 -77.98
C ALA PA 51 2.48 7.79 -78.10
N SER PA 52 2.92 7.29 -79.23
CA SER PA 52 2.91 5.87 -79.48
C SER PA 52 4.08 5.61 -80.42
N PRO PA 53 4.59 4.38 -80.52
CA PRO PA 53 4.25 3.08 -79.94
C PRO PA 53 4.63 2.97 -78.47
N TYR PA 54 4.67 1.74 -77.99
CA TYR PA 54 5.06 1.40 -76.62
C TYR PA 54 6.31 2.15 -76.11
N ASN PA 55 7.20 2.61 -76.98
CA ASN PA 55 8.35 3.32 -76.47
C ASN PA 55 7.85 4.57 -75.70
N ALA PA 56 6.76 5.18 -76.19
CA ALA PA 56 6.16 6.34 -75.52
C ALA PA 56 5.61 5.87 -74.18
N ALA PA 57 5.06 4.66 -74.18
CA ALA PA 57 4.53 4.09 -72.94
C ALA PA 57 5.64 3.98 -71.90
N PHE PA 58 6.86 3.71 -72.36
CA PHE PA 58 7.98 3.59 -71.47
C PHE PA 58 8.31 4.96 -70.85
N GLN PA 59 8.06 6.05 -71.59
CA GLN PA 59 8.30 7.40 -71.05
C GLN PA 59 7.37 7.62 -69.86
N THR PA 60 6.12 7.15 -70.04
CA THR PA 60 5.10 7.24 -69.00
C THR PA 60 5.55 6.51 -67.76
N ILE PA 61 6.03 5.26 -67.96
CA ILE PA 61 6.46 4.44 -66.84
C ILE PA 61 7.66 5.03 -66.15
N PHE PA 62 8.64 5.53 -66.89
CA PHE PA 62 9.77 6.09 -66.18
C PHE PA 62 9.29 7.19 -65.26
N GLY PA 63 8.56 8.16 -65.84
CA GLY PA 63 8.07 9.28 -65.05
C GLY PA 63 7.18 8.83 -63.88
N SER PA 64 6.46 7.73 -64.08
CA SER PA 64 5.56 7.15 -63.10
C SER PA 64 6.24 6.13 -62.15
N TYR PA 65 7.49 5.77 -62.40
CA TYR PA 65 8.23 4.81 -61.61
C TYR PA 65 9.33 5.45 -60.82
N GLU PA 66 10.27 6.10 -61.51
CA GLU PA 66 11.42 6.68 -60.85
C GLU PA 66 11.01 7.39 -59.55
N PRO PA 67 10.12 8.41 -59.58
CA PRO PA 67 9.59 9.11 -58.42
C PRO PA 67 8.26 8.54 -57.90
N GLY PA 68 7.80 7.43 -58.45
CA GLY PA 68 6.42 6.95 -58.21
C GLY PA 68 6.37 5.51 -57.68
N MET PA 69 6.13 4.55 -58.57
CA MET PA 69 6.03 3.15 -58.17
C MET PA 69 7.22 2.64 -57.38
N LYS PA 70 8.40 3.19 -57.55
CA LYS PA 70 9.51 2.71 -56.74
C LYS PA 70 9.11 2.78 -55.25
N THR PA 71 8.38 3.85 -54.86
CA THR PA 71 7.89 4.04 -53.50
C THR PA 71 6.87 2.95 -53.21
N THR PA 72 6.01 2.70 -54.19
CA THR PA 72 5.00 1.67 -54.02
C THR PA 72 5.68 0.34 -53.70
N ARG PA 73 6.78 0.04 -54.39
CA ARG PA 73 7.47 -1.21 -54.12
C ARG PA 73 7.94 -1.26 -52.67
N GLU PA 74 8.47 -0.12 -52.16
CA GLU PA 74 8.89 -0.05 -50.77
C GLU PA 74 7.73 -0.36 -49.84
N LEU PA 75 6.55 0.17 -50.14
CA LEU PA 75 5.39 -0.09 -49.32
C LEU PA 75 5.03 -1.56 -49.32
N ILE PA 76 5.16 -2.23 -50.45
CA ILE PA 76 4.84 -3.65 -50.52
C ILE PA 76 5.80 -4.41 -49.62
N ASP PA 77 7.09 -4.08 -49.73
CA ASP PA 77 8.08 -4.74 -48.89
C ASP PA 77 7.81 -4.46 -47.42
N THR PA 78 7.35 -3.24 -47.13
CA THR PA 78 7.03 -2.83 -45.77
C THR PA 78 5.91 -3.68 -45.23
N TYR PA 79 4.86 -3.92 -46.01
CA TYR PA 79 3.76 -4.75 -45.51
C TYR PA 79 4.28 -6.12 -45.16
N ARG PA 80 5.20 -6.65 -45.98
CA ARG PA 80 5.74 -7.94 -45.62
C ARG PA 80 6.53 -7.83 -44.32
N ASN PA 81 7.33 -6.76 -44.17
CA ASN PA 81 8.14 -6.58 -42.97
C ASN PA 81 7.28 -6.44 -41.73
N LEU PA 82 6.12 -5.85 -41.92
CA LEU PA 82 5.14 -5.69 -40.88
C LEU PA 82 4.62 -7.07 -40.49
N MET PA 83 4.14 -7.82 -41.49
CA MET PA 83 3.56 -9.13 -41.26
C MET PA 83 4.55 -10.13 -40.73
N ASN PA 84 5.81 -9.98 -41.05
CA ASN PA 84 6.84 -10.89 -40.59
C ASN PA 84 6.91 -10.96 -39.06
N ASN PA 85 6.41 -9.95 -38.37
CA ASN PA 85 6.44 -9.89 -36.92
C ASN PA 85 5.22 -10.51 -36.27
N TYR PA 86 5.36 -10.92 -34.99
CA TYR PA 86 4.16 -11.46 -34.38
C TYR PA 86 3.34 -10.31 -33.87
N GLU PA 87 2.15 -10.64 -33.38
CA GLU PA 87 1.21 -9.60 -32.85
C GLU PA 87 0.77 -8.74 -34.04
N VAL PA 88 0.97 -9.28 -35.24
CA VAL PA 88 0.64 -8.64 -36.50
C VAL PA 88 0.02 -9.66 -37.41
N ASP PA 89 0.80 -10.69 -37.65
CA ASP PA 89 0.40 -11.75 -38.53
C ASP PA 89 -0.86 -12.44 -38.06
N ASN PA 90 -1.05 -12.48 -36.75
CA ASN PA 90 -2.22 -13.11 -36.19
C ASN PA 90 -3.45 -12.27 -36.42
N ALA PA 91 -3.31 -10.95 -36.58
CA ALA PA 91 -4.47 -10.14 -36.83
C ALA PA 91 -4.93 -10.47 -38.21
N VAL PA 92 -3.95 -10.67 -39.08
CA VAL PA 92 -4.25 -10.99 -40.44
C VAL PA 92 -4.95 -12.33 -40.43
N SER PA 93 -4.41 -13.28 -39.69
CA SER PA 93 -5.04 -14.58 -39.65
C SER PA 93 -6.49 -14.47 -39.23
N GLU PA 94 -6.78 -13.68 -38.19
CA GLU PA 94 -8.15 -13.52 -37.74
C GLU PA 94 -9.03 -12.96 -38.85
N ILE PA 95 -8.52 -11.96 -39.57
CA ILE PA 95 -9.27 -11.33 -40.64
C ILE PA 95 -9.54 -12.30 -41.75
N VAL PA 96 -8.53 -13.05 -42.17
CA VAL PA 96 -8.67 -13.98 -43.25
C VAL PA 96 -9.68 -15.04 -42.86
N SER PA 97 -9.57 -15.53 -41.64
CA SER PA 97 -10.46 -16.56 -41.13
C SER PA 97 -11.90 -16.07 -41.17
N ASP PA 98 -12.14 -14.85 -40.73
CA ASP PA 98 -13.50 -14.34 -40.77
C ASP PA 98 -13.92 -14.04 -42.21
N ALA PA 99 -12.99 -13.56 -43.03
CA ALA PA 99 -13.32 -13.21 -44.39
C ALA PA 99 -13.77 -14.41 -45.20
N ILE PA 100 -13.09 -15.53 -45.08
CA ILE PA 100 -13.53 -16.69 -45.82
C ILE PA 100 -13.76 -17.85 -44.89
N VAL PA 101 -14.99 -18.27 -44.85
CA VAL PA 101 -15.38 -19.36 -44.00
C VAL PA 101 -15.27 -20.70 -44.69
N TYR PA 102 -14.62 -21.64 -44.01
CA TYR PA 102 -14.49 -22.98 -44.51
C TYR PA 102 -15.08 -23.92 -43.49
N GLU PA 103 -16.05 -24.70 -43.94
CA GLU PA 103 -16.78 -25.64 -43.11
C GLU PA 103 -17.00 -26.96 -43.83
N ASP PA 104 -17.17 -28.00 -43.06
CA ASP PA 104 -17.42 -29.33 -43.60
C ASP PA 104 -18.82 -29.51 -44.09
N ASP PA 105 -18.93 -30.31 -45.14
CA ASP PA 105 -20.19 -30.72 -45.73
C ASP PA 105 -21.10 -29.55 -46.07
N THR PA 106 -20.50 -28.50 -46.60
CA THR PA 106 -21.24 -27.33 -47.00
C THR PA 106 -20.55 -26.68 -48.16
N GLU PA 107 -20.97 -25.47 -48.47
CA GLU PA 107 -20.45 -24.76 -49.60
C GLU PA 107 -19.36 -23.78 -49.21
N VAL PA 108 -18.81 -23.15 -50.22
CA VAL PA 108 -17.76 -22.15 -50.12
C VAL PA 108 -18.29 -20.97 -50.85
N VAL PA 109 -17.52 -19.91 -50.96
CA VAL PA 109 -18.03 -18.76 -51.68
C VAL PA 109 -18.72 -19.26 -52.96
N ALA PA 110 -19.92 -18.73 -53.22
CA ALA PA 110 -20.67 -19.19 -54.36
C ALA PA 110 -21.49 -18.11 -55.02
N LEU PA 111 -21.65 -18.26 -56.31
CA LEU PA 111 -22.47 -17.34 -57.05
C LEU PA 111 -23.93 -17.65 -56.75
N ASN PA 112 -24.74 -16.62 -56.45
CA ASN PA 112 -26.15 -16.83 -56.15
C ASN PA 112 -27.05 -15.97 -57.01
N LEU PA 113 -27.58 -16.56 -58.07
CA LEU PA 113 -28.39 -15.81 -59.02
C LEU PA 113 -29.88 -15.84 -58.68
N ASP PA 114 -30.23 -15.25 -57.55
CA ASP PA 114 -31.63 -15.29 -57.12
C ASP PA 114 -32.48 -14.09 -57.59
N LYS PA 115 -31.89 -13.25 -58.42
CA LYS PA 115 -32.57 -12.12 -59.00
C LYS PA 115 -32.70 -12.35 -60.50
N SER PA 116 -33.70 -11.71 -61.11
CA SER PA 116 -34.05 -11.89 -62.53
C SER PA 116 -32.91 -11.89 -63.53
N LYS PA 117 -32.95 -12.90 -64.40
CA LYS PA 117 -32.02 -13.19 -65.50
C LYS PA 117 -32.87 -13.73 -66.63
N PHE PA 118 -32.31 -13.83 -67.82
CA PHE PA 118 -33.08 -14.34 -68.94
C PHE PA 118 -33.73 -15.71 -68.69
N SER PA 119 -32.96 -16.68 -68.23
CA SER PA 119 -33.51 -18.00 -68.01
C SER PA 119 -32.63 -18.79 -67.05
N PRO PA 120 -33.18 -19.84 -66.40
CA PRO PA 120 -32.45 -20.83 -65.63
C PRO PA 120 -31.30 -21.46 -66.40
N LYS PA 121 -31.42 -21.63 -67.72
CA LYS PA 121 -30.32 -22.20 -68.47
C LYS PA 121 -29.12 -21.28 -68.41
N ILE PA 122 -29.38 -19.98 -68.59
CA ILE PA 122 -28.29 -19.03 -68.52
C ILE PA 122 -27.74 -19.01 -67.13
N LYS PA 123 -28.62 -19.03 -66.12
CA LYS PA 123 -28.13 -19.02 -64.76
C LYS PA 123 -27.22 -20.20 -64.51
N ASN PA 124 -27.60 -21.38 -65.00
CA ASN PA 124 -26.81 -22.55 -64.79
C ASN PA 124 -25.45 -22.41 -65.45
N MET PA 125 -25.41 -21.82 -66.64
CA MET PA 125 -24.14 -21.62 -67.31
C MET PA 125 -23.25 -20.71 -66.48
N MET PA 126 -23.83 -19.66 -65.91
CA MET PA 126 -23.07 -18.74 -65.09
C MET PA 126 -22.54 -19.41 -63.84
N LEU PA 127 -23.35 -20.25 -63.23
CA LEU PA 127 -22.94 -20.95 -62.04
C LEU PA 127 -21.78 -21.89 -62.38
N ASP PA 128 -21.83 -22.57 -63.53
CA ASP PA 128 -20.73 -23.43 -63.92
C ASP PA 128 -19.46 -22.64 -64.15
N GLU PA 129 -19.58 -21.46 -64.76
CA GLU PA 129 -18.39 -20.67 -65.00
C GLU PA 129 -17.77 -20.21 -63.71
N PHE PA 130 -18.60 -19.83 -62.75
CA PHE PA 130 -18.11 -19.42 -61.47
C PHE PA 130 -17.30 -20.54 -60.88
N SER PA 131 -17.87 -21.74 -60.88
CA SER PA 131 -17.21 -22.89 -60.31
C SER PA 131 -15.86 -23.09 -60.97
N ASP PA 132 -15.79 -23.00 -62.30
CA ASP PA 132 -14.49 -23.14 -62.93
C ASP PA 132 -13.50 -22.09 -62.51
N VAL PA 133 -13.93 -20.86 -62.20
CA VAL PA 133 -12.95 -19.86 -61.75
C VAL PA 133 -12.34 -20.36 -60.45
N LEU PA 134 -13.20 -20.84 -59.56
CA LEU PA 134 -12.72 -21.35 -58.29
C LEU PA 134 -11.84 -22.56 -58.52
N ASN PA 135 -12.20 -23.41 -59.48
CA ASN PA 135 -11.42 -24.58 -59.75
C ASN PA 135 -10.06 -24.18 -60.27
N HIS PA 136 -10.00 -23.15 -61.10
CA HIS PA 136 -8.76 -22.67 -61.65
C HIS PA 136 -7.84 -22.18 -60.58
N LEU PA 137 -8.42 -21.50 -59.61
CA LEU PA 137 -7.69 -20.97 -58.48
C LEU PA 137 -7.52 -21.95 -57.33
N SER PA 138 -8.12 -23.15 -57.46
CA SER PA 138 -8.17 -24.13 -56.36
C SER PA 138 -8.60 -23.39 -55.10
N PHE PA 139 -9.56 -22.49 -55.27
CA PHE PA 139 -10.00 -21.56 -54.26
C PHE PA 139 -10.47 -22.28 -53.00
N GLN PA 140 -11.21 -23.35 -53.17
CA GLN PA 140 -11.73 -24.10 -52.04
C GLN PA 140 -10.63 -24.65 -51.12
N ARG PA 141 -9.36 -24.63 -51.57
CA ARG PA 141 -8.24 -25.08 -50.77
C ARG PA 141 -7.24 -23.93 -50.53
N LYS PA 142 -7.10 -23.03 -51.52
CA LYS PA 142 -6.12 -21.94 -51.49
C LYS PA 142 -6.73 -20.53 -51.43
N GLY PA 143 -8.04 -20.45 -51.26
CA GLY PA 143 -8.76 -19.18 -51.20
C GLY PA 143 -8.27 -18.32 -50.08
N SER PA 144 -7.90 -18.95 -48.96
CA SER PA 144 -7.39 -18.25 -47.80
C SER PA 144 -6.12 -17.52 -48.16
N ASP PA 145 -5.30 -18.15 -48.98
CA ASP PA 145 -4.03 -17.58 -49.35
C ASP PA 145 -4.23 -16.49 -50.37
N HIS PA 146 -5.20 -16.69 -51.26
CA HIS PA 146 -5.41 -15.69 -52.27
C HIS PA 146 -5.87 -14.41 -51.59
N PHE PA 147 -6.84 -14.55 -50.71
CA PHE PA 147 -7.38 -13.45 -49.95
C PHE PA 147 -6.31 -12.83 -49.05
N ARG PA 148 -5.60 -13.65 -48.30
CA ARG PA 148 -4.59 -13.12 -47.41
C ARG PA 148 -3.65 -12.21 -48.15
N ARG PA 149 -3.13 -12.67 -49.28
CA ARG PA 149 -2.22 -11.84 -50.03
C ARG PA 149 -2.89 -10.55 -50.47
N TRP PA 150 -4.14 -10.66 -50.93
CA TRP PA 150 -4.84 -9.46 -51.34
C TRP PA 150 -4.92 -8.47 -50.23
N TYR PA 151 -5.36 -8.92 -49.07
CA TYR PA 151 -5.50 -8.04 -47.96
C TYR PA 151 -4.17 -7.43 -47.56
N VAL PA 152 -3.18 -8.27 -47.35
CA VAL PA 152 -1.92 -7.83 -46.82
C VAL PA 152 -1.16 -6.85 -47.69
N ASP PA 153 -1.10 -7.10 -48.98
CA ASP PA 153 -0.36 -6.20 -49.86
C ASP PA 153 -1.28 -5.12 -50.45
N SER PA 154 -2.56 -5.15 -50.08
CA SER PA 154 -3.63 -4.31 -50.61
C SER PA 154 -3.78 -4.42 -52.11
N ARG PA 155 -3.69 -5.64 -52.65
CA ARG PA 155 -3.85 -5.77 -54.13
C ARG PA 155 -3.57 -7.20 -54.58
N ILE PA 156 -4.44 -7.70 -55.46
CA ILE PA 156 -4.28 -9.04 -56.03
C ILE PA 156 -4.34 -8.91 -57.52
N PHE PA 157 -3.47 -9.62 -58.22
CA PHE PA 157 -3.54 -9.59 -59.67
C PHE PA 157 -3.34 -10.96 -60.27
N PHE PA 158 -4.13 -11.27 -61.31
CA PHE PA 158 -4.03 -12.58 -62.01
C PHE PA 158 -4.05 -12.39 -63.53
N HIS PA 159 -3.09 -13.00 -64.23
CA HIS PA 159 -2.98 -12.95 -65.67
C HIS PA 159 -4.00 -13.95 -66.25
N LYS PA 160 -4.85 -13.48 -67.18
CA LYS PA 160 -5.87 -14.28 -67.86
C LYS PA 160 -5.29 -14.87 -69.13
N ILE PA 161 -5.89 -15.92 -69.66
CA ILE PA 161 -5.41 -16.50 -70.90
C ILE PA 161 -6.44 -16.83 -71.96
N ILE PA 162 -6.10 -16.55 -73.21
CA ILE PA 162 -6.89 -16.96 -74.37
C ILE PA 162 -6.04 -17.93 -75.19
N ASP PA 163 -6.62 -19.08 -75.51
CA ASP PA 163 -6.03 -20.19 -76.25
C ASP PA 163 -4.72 -19.87 -77.06
N PRO PA 164 -4.74 -19.09 -78.16
CA PRO PA 164 -5.78 -18.47 -78.96
C PRO PA 164 -6.30 -19.25 -80.16
N LYS PA 165 -5.94 -20.52 -80.34
CA LYS PA 165 -6.35 -21.24 -81.54
C LYS PA 165 -7.87 -21.26 -81.71
N ARG PA 166 -8.57 -21.59 -80.63
CA ARG PA 166 -10.01 -21.58 -80.58
C ARG PA 166 -10.41 -20.77 -79.35
N PRO PA 167 -10.25 -19.43 -79.42
CA PRO PA 167 -10.31 -18.48 -78.34
C PRO PA 167 -11.68 -18.46 -77.68
N LYS PA 168 -12.70 -18.91 -78.41
CA LYS PA 168 -14.06 -18.91 -77.91
C LYS PA 168 -14.18 -19.53 -76.53
N GLU PA 169 -13.43 -20.60 -76.27
CA GLU PA 169 -13.54 -21.28 -74.98
C GLU PA 169 -12.19 -21.18 -74.26
N GLY PA 170 -11.47 -20.11 -74.59
CA GLY PA 170 -10.12 -19.80 -74.14
C GLY PA 170 -9.80 -19.60 -72.65
N ILE PA 171 -10.73 -19.32 -71.74
CA ILE PA 171 -10.20 -19.11 -70.39
C ILE PA 171 -9.87 -20.43 -69.69
N LYS PA 172 -8.61 -20.49 -69.30
CA LYS PA 172 -7.96 -21.57 -68.61
C LYS PA 172 -7.42 -20.97 -67.31
N GLU PA 173 -6.63 -21.71 -66.59
CA GLU PA 173 -6.16 -21.26 -65.30
C GLU PA 173 -5.47 -19.90 -65.29
N LEU PA 174 -5.82 -19.11 -64.26
CA LEU PA 174 -5.32 -17.77 -63.95
C LEU PA 174 -3.97 -17.85 -63.26
N ARG PA 175 -3.13 -16.85 -63.51
CA ARG PA 175 -1.83 -16.87 -62.87
C ARG PA 175 -1.53 -15.63 -62.08
N ARG PA 176 -1.27 -15.82 -60.81
CA ARG PA 176 -0.98 -14.70 -59.93
C ARG PA 176 0.26 -13.97 -60.40
N LEU PA 177 0.22 -12.65 -60.37
CA LEU PA 177 1.40 -11.90 -60.77
C LEU PA 177 2.30 -11.66 -59.56
N ASP PA 178 3.59 -11.67 -59.80
CA ASP PA 178 4.59 -11.38 -58.77
C ASP PA 178 4.45 -9.94 -58.28
N PRO PA 179 4.46 -9.71 -56.97
CA PRO PA 179 4.26 -8.43 -56.38
C PRO PA 179 5.40 -7.55 -56.78
N ARG PA 180 5.10 -6.26 -56.91
CA ARG PA 180 6.03 -5.19 -57.21
C ARG PA 180 6.48 -5.14 -58.66
N GLN PA 181 6.12 -6.12 -59.49
CA GLN PA 181 6.71 -6.04 -60.82
C GLN PA 181 5.97 -5.23 -61.86
N VAL PA 182 4.70 -4.94 -61.63
CA VAL PA 182 3.90 -4.30 -62.68
C VAL PA 182 3.22 -3.00 -62.32
N GLN PA 183 3.37 -2.02 -63.20
CA GLN PA 183 2.70 -0.74 -63.02
C GLN PA 183 1.52 -0.56 -63.94
N TYR PA 184 0.42 -0.05 -63.39
CA TYR PA 184 -0.77 0.21 -64.19
C TYR PA 184 -0.99 1.71 -64.37
N VAL PA 185 -1.41 2.09 -65.59
CA VAL PA 185 -1.73 3.48 -65.92
C VAL PA 185 -3.02 3.70 -66.76
N ARG PA 186 -3.50 4.95 -66.68
CA ARG PA 186 -4.67 5.47 -67.44
C ARG PA 186 -4.25 6.81 -68.06
N GLU PA 187 -4.08 6.87 -69.38
CA GLU PA 187 -3.61 8.11 -70.06
C GLU PA 187 -4.78 8.91 -70.62
N ILE PA 188 -4.72 10.25 -70.49
CA ILE PA 188 -5.76 11.09 -71.03
C ILE PA 188 -5.54 11.38 -72.49
N ILE PA 189 -6.30 10.73 -73.35
CA ILE PA 189 -6.02 10.81 -74.77
C ILE PA 189 -6.81 11.93 -75.40
N THR PA 190 -6.45 13.15 -75.05
CA THR PA 190 -7.13 14.34 -75.53
C THR PA 190 -6.50 15.66 -75.13
N GLU PA 191 -6.79 16.70 -75.93
CA GLU PA 191 -6.29 18.08 -75.71
C GLU PA 191 -7.14 19.08 -76.53
N THR PA 192 -7.41 20.25 -75.94
CA THR PA 192 -8.19 21.34 -76.52
C THR PA 192 -7.58 22.66 -76.15
N GLU PA 193 -8.45 23.68 -76.07
CA GLU PA 193 -8.06 25.08 -75.72
C GLU PA 193 -7.64 25.13 -74.24
N ALA PA 194 -6.48 24.56 -73.93
CA ALA PA 194 -5.91 24.54 -72.58
C ALA PA 194 -6.75 23.85 -71.49
N GLY PA 195 -6.83 22.51 -71.49
CA GLY PA 195 -7.59 21.88 -70.42
C GLY PA 195 -8.77 21.01 -70.85
N THR PA 196 -8.53 20.08 -71.75
CA THR PA 196 -9.56 19.14 -72.20
C THR PA 196 -10.39 18.50 -71.14
N LYS PA 197 -11.67 18.46 -71.47
CA LYS PA 197 -12.72 17.90 -70.65
C LYS PA 197 -13.52 16.94 -71.51
N ILE PA 198 -12.88 16.32 -72.48
CA ILE PA 198 -13.59 15.37 -73.34
C ILE PA 198 -13.06 13.97 -73.22
N VAL PA 199 -13.70 13.09 -73.96
CA VAL PA 199 -13.49 11.66 -73.97
C VAL PA 199 -12.13 11.12 -74.32
N LYS PA 200 -11.76 10.13 -73.52
CA LYS PA 200 -10.57 9.35 -73.62
C LYS PA 200 -10.96 7.96 -73.14
N GLY PA 201 -10.43 6.93 -73.79
CA GLY PA 201 -10.71 5.56 -73.34
C GLY PA 201 -9.63 5.07 -72.37
N TYR PA 202 -8.69 6.00 -72.13
CA TYR PA 202 -7.67 6.00 -71.05
C TYR PA 202 -6.62 4.89 -71.12
N LYS PA 203 -6.55 4.09 -72.20
CA LYS PA 203 -5.55 2.97 -72.38
C LYS PA 203 -5.80 1.77 -71.43
N GLU PA 204 -5.76 1.98 -70.11
CA GLU PA 204 -5.97 0.94 -69.06
C GLU PA 204 -4.96 -0.20 -69.24
N TYR PA 205 -3.70 0.13 -69.48
CA TYR PA 205 -2.69 -0.89 -69.68
C TYR PA 205 -1.67 -0.92 -68.57
N PHE PA 206 -0.79 -1.92 -68.63
CA PHE PA 206 0.24 -2.05 -67.64
C PHE PA 206 1.56 -2.64 -68.12
N ILE PA 207 2.62 -2.27 -67.42
CA ILE PA 207 3.98 -2.71 -67.74
C ILE PA 207 4.77 -3.39 -66.66
N TYR PA 208 5.32 -4.56 -67.00
CA TYR PA 208 6.17 -5.34 -66.06
C TYR PA 208 7.64 -5.07 -66.38
N ASP PA 209 8.46 -4.80 -65.36
CA ASP PA 209 9.90 -4.51 -65.60
C ASP PA 209 10.99 -4.76 -64.52
N THR PA 210 10.84 -5.76 -63.65
CA THR PA 210 11.84 -6.09 -62.62
C THR PA 210 13.03 -6.92 -63.06
N ALA PA 211 14.05 -6.98 -62.21
CA ALA PA 211 15.20 -7.83 -62.50
C ALA PA 211 15.89 -8.21 -61.21
N HIS PA 212 16.34 -9.47 -61.13
CA HIS PA 212 17.06 -10.01 -59.98
C HIS PA 212 18.50 -9.53 -59.95
N GLU PA 213 18.82 -8.72 -60.93
CA GLU PA 213 20.07 -8.02 -61.07
C GLU PA 213 20.25 -7.06 -59.88
N SER PA 214 19.12 -6.64 -59.27
CA SER PA 214 19.13 -5.77 -58.11
C SER PA 214 18.14 -6.34 -57.11
N TYR PA 215 18.66 -6.86 -56.01
CA TYR PA 215 17.81 -7.57 -55.08
C TYR PA 215 17.13 -6.78 -53.97
N ALA PA 216 15.85 -7.10 -53.75
CA ALA PA 216 15.09 -6.61 -52.59
C ALA PA 216 15.31 -7.58 -51.44
N CYS PA 217 15.70 -8.79 -51.85
CA CYS PA 217 15.95 -9.99 -51.07
C CYS PA 217 16.74 -10.91 -51.98
N ASP PA 218 17.77 -11.56 -51.47
CA ASP PA 218 18.56 -12.45 -52.32
C ASP PA 218 17.85 -13.80 -52.47
N GLY PA 219 18.45 -14.71 -53.23
CA GLY PA 219 17.92 -16.05 -53.48
C GLY PA 219 16.92 -16.11 -54.65
N ARG PA 220 16.73 -14.97 -55.32
CA ARG PA 220 15.77 -14.89 -56.45
C ARG PA 220 16.52 -15.01 -57.78
N MET PA 221 16.05 -15.89 -58.67
CA MET PA 221 16.65 -16.08 -59.98
C MET PA 221 15.73 -15.96 -61.16
N TYR PA 222 14.68 -15.17 -61.02
CA TYR PA 222 13.77 -14.93 -62.13
C TYR PA 222 13.08 -13.62 -61.88
N GLU PA 223 12.69 -12.92 -62.94
CA GLU PA 223 11.92 -11.66 -62.85
C GLU PA 223 11.30 -11.28 -64.20
N ALA PA 224 10.57 -10.14 -64.26
CA ALA PA 224 9.95 -9.65 -65.51
C ALA PA 224 10.93 -9.32 -66.64
N GLY PA 225 12.12 -8.85 -66.30
CA GLY PA 225 13.12 -8.46 -67.28
C GLY PA 225 12.89 -7.05 -67.87
N THR PA 226 12.55 -6.99 -69.14
CA THR PA 226 12.41 -5.68 -69.78
C THR PA 226 11.00 -5.19 -69.65
N LYS PA 227 10.72 -4.07 -70.28
CA LYS PA 227 9.41 -3.42 -70.16
C LYS PA 227 8.38 -4.04 -71.10
N ILE PA 228 7.47 -4.82 -70.52
CA ILE PA 228 6.46 -5.53 -71.29
C ILE PA 228 5.09 -4.90 -71.12
N LYS PA 229 4.53 -4.38 -72.20
CA LYS PA 229 3.23 -3.68 -72.22
C LYS PA 229 2.04 -4.56 -72.60
N ILE PA 230 1.19 -4.84 -71.61
CA ILE PA 230 0.04 -5.73 -71.79
C ILE PA 230 -1.29 -4.99 -71.50
N PRO PA 231 -2.31 -5.14 -72.37
CA PRO PA 231 -3.68 -4.62 -72.25
C PRO PA 231 -4.41 -5.00 -70.95
N LYS PA 232 -5.17 -4.04 -70.33
CA LYS PA 232 -5.94 -4.27 -69.08
C LYS PA 232 -6.83 -5.48 -69.08
N ALA PA 233 -7.48 -5.77 -70.20
CA ALA PA 233 -8.39 -6.90 -70.28
C ALA PA 233 -7.70 -8.18 -69.87
N ALA PA 234 -6.40 -8.25 -70.05
CA ALA PA 234 -5.58 -9.41 -69.76
C ALA PA 234 -5.53 -9.79 -68.30
N VAL PA 235 -5.91 -8.89 -67.42
CA VAL PA 235 -5.82 -9.22 -66.01
C VAL PA 235 -7.05 -9.04 -65.19
N VAL PA 236 -7.01 -9.70 -64.04
CA VAL PA 236 -8.00 -9.65 -62.99
C VAL PA 236 -7.37 -9.01 -61.79
N TYR PA 237 -7.97 -7.97 -61.24
CA TYR PA 237 -7.37 -7.42 -60.04
C TYR PA 237 -8.31 -6.64 -59.17
N ALA PA 238 -7.87 -6.47 -57.94
CA ALA PA 238 -8.60 -5.71 -56.96
C ALA PA 238 -7.65 -5.16 -55.93
N HIS PA 239 -8.10 -4.14 -55.23
CA HIS PA 239 -7.34 -3.52 -54.16
C HIS PA 239 -8.31 -2.76 -53.28
N SER PA 240 -7.87 -2.35 -52.11
CA SER PA 240 -8.70 -1.50 -51.27
C SER PA 240 -8.60 -0.09 -51.82
N GLY PA 241 -9.62 0.73 -51.63
CA GLY PA 241 -9.62 2.13 -52.08
C GLY PA 241 -8.87 3.04 -51.11
N LEU PA 242 -7.64 2.69 -50.85
CA LEU PA 242 -6.83 3.38 -49.89
C LEU PA 242 -5.59 3.93 -50.54
N VAL PA 243 -5.48 5.22 -50.53
CA VAL PA 243 -4.36 5.92 -51.13
C VAL PA 243 -3.81 6.98 -50.20
N ASP PA 244 -2.69 7.54 -50.58
CA ASP PA 244 -2.06 8.65 -49.88
C ASP PA 244 -2.81 9.93 -50.24
N CYS PA 245 -2.36 11.03 -49.68
CA CYS PA 245 -2.90 12.38 -49.84
C CYS PA 245 -2.96 12.85 -51.29
N CYS PA 246 -2.24 12.18 -52.16
CA CYS PA 246 -2.18 12.52 -53.56
C CYS PA 246 -1.76 11.31 -54.37
N GLY PA 247 -1.92 11.41 -55.68
CA GLY PA 247 -1.48 10.36 -56.59
C GLY PA 247 -2.35 9.13 -56.46
N LYS PA 248 -1.81 7.99 -56.87
CA LYS PA 248 -2.53 6.72 -56.86
C LYS PA 248 -1.64 5.68 -56.20
N ASN PA 249 -0.84 6.13 -55.26
CA ASN PA 249 0.07 5.24 -54.59
C ASN PA 249 -0.69 4.47 -53.51
N ILE PA 250 -1.25 3.34 -53.91
CA ILE PA 250 -2.11 2.49 -53.11
C ILE PA 250 -1.44 1.84 -51.90
N ILE PA 251 -2.14 1.94 -50.78
CA ILE PA 251 -1.72 1.43 -49.46
C ILE PA 251 -2.76 0.45 -48.94
N GLY PA 252 -2.44 -0.29 -47.90
CA GLY PA 252 -3.41 -1.20 -47.30
C GLY PA 252 -3.95 -0.71 -45.99
N TYR PA 253 -4.89 -1.46 -45.43
CA TYR PA 253 -5.47 -1.08 -44.14
C TYR PA 253 -4.42 -1.14 -43.06
N LEU PA 254 -3.52 -2.11 -43.22
CA LEU PA 254 -2.45 -2.39 -42.29
C LEU PA 254 -1.42 -1.27 -42.26
N HIS PA 255 -1.49 -0.35 -43.21
CA HIS PA 255 -0.60 0.78 -43.27
C HIS PA 255 -0.67 1.52 -41.95
N ARG PA 256 -1.87 1.61 -41.40
CA ARG PA 256 -2.14 2.35 -40.18
C ARG PA 256 -1.36 1.77 -39.01
N ALA PA 257 -1.05 0.47 -39.08
CA ALA PA 257 -0.35 -0.24 -38.04
C ALA PA 257 1.15 -0.14 -38.17
N VAL PA 258 1.66 0.43 -39.24
CA VAL PA 258 3.10 0.43 -39.41
C VAL PA 258 3.76 1.22 -38.33
N LYS PA 259 3.20 2.38 -38.02
CA LYS PA 259 3.79 3.19 -36.99
C LYS PA 259 3.98 2.34 -35.73
N PRO PA 260 2.90 1.98 -34.97
CA PRO PA 260 2.99 1.23 -33.73
C PRO PA 260 3.60 -0.14 -33.89
N ALA PA 261 3.54 -0.73 -35.08
CA ALA PA 261 4.16 -2.03 -35.17
C ALA PA 261 5.61 -1.94 -34.90
N ASN PA 262 6.21 -0.84 -35.35
CA ASN PA 262 7.60 -0.68 -35.17
C ASN PA 262 7.86 -0.04 -33.83
N GLN PA 263 6.92 0.80 -33.35
CA GLN PA 263 7.19 1.37 -32.02
C GLN PA 263 7.25 0.23 -31.03
N LEU PA 264 6.38 -0.77 -31.20
CA LEU PA 264 6.39 -1.88 -30.29
C LEU PA 264 7.67 -2.66 -30.49
N LYS PA 265 7.98 -3.05 -31.72
CA LYS PA 265 9.21 -3.80 -31.94
C LYS PA 265 10.41 -3.12 -31.28
N LEU PA 266 10.50 -1.81 -31.50
CA LEU PA 266 11.55 -0.99 -30.98
C LEU PA 266 11.56 -1.02 -29.46
N LEU PA 267 10.40 -0.83 -28.82
CA LEU PA 267 10.35 -0.90 -27.37
C LEU PA 267 10.68 -2.28 -26.84
N GLU PA 268 10.24 -3.33 -27.53
CA GLU PA 268 10.50 -4.69 -27.07
C GLU PA 268 11.98 -4.96 -27.03
N ASP PA 269 12.67 -4.55 -28.07
CA ASP PA 269 14.09 -4.78 -28.14
C ASP PA 269 14.82 -3.90 -27.17
N ALA PA 270 14.36 -2.67 -26.97
CA ALA PA 270 14.99 -1.78 -26.02
C ALA PA 270 14.89 -2.37 -24.62
N VAL PA 271 13.72 -2.92 -24.28
CA VAL PA 271 13.52 -3.53 -22.99
C VAL PA 271 14.45 -4.70 -22.84
N VAL PA 272 14.57 -5.52 -23.87
CA VAL PA 272 15.44 -6.64 -23.74
C VAL PA 272 16.84 -6.17 -23.50
N ILE PA 273 17.37 -5.27 -24.31
CA ILE PA 273 18.75 -4.95 -24.05
C ILE PA 273 18.95 -4.26 -22.71
N TYR PA 274 17.98 -3.47 -22.24
CA TYR PA 274 18.03 -2.77 -20.97
C TYR PA 274 18.28 -3.75 -19.84
N ARG PA 275 17.57 -4.88 -19.85
CA ARG PA 275 17.71 -5.90 -18.83
C ARG PA 275 18.88 -6.87 -19.05
N ILE PA 276 19.20 -7.22 -20.31
CA ILE PA 276 20.28 -8.17 -20.54
C ILE PA 276 21.61 -7.55 -20.20
N THR PA 277 21.80 -6.34 -20.67
CA THR PA 277 23.04 -5.68 -20.45
C THR PA 277 23.22 -5.56 -18.97
N ARG PA 278 24.44 -5.76 -18.53
CA ARG PA 278 24.87 -5.65 -17.14
C ARG PA 278 24.34 -6.76 -16.22
N ALA PA 279 23.74 -7.82 -16.76
CA ALA PA 279 23.33 -8.95 -15.94
C ALA PA 279 24.53 -9.66 -15.24
N PRO PA 280 25.69 -9.91 -15.93
CA PRO PA 280 26.92 -10.54 -15.44
C PRO PA 280 27.55 -9.60 -14.44
N ASP PA 281 28.68 -9.98 -13.85
CA ASP PA 281 29.24 -8.94 -12.99
C ASP PA 281 29.92 -7.97 -13.89
N ARG PA 282 30.46 -6.93 -13.31
CA ARG PA 282 31.14 -5.94 -14.11
C ARG PA 282 32.18 -5.23 -13.29
N ARG PA 283 33.42 -5.19 -13.76
CA ARG PA 283 34.46 -4.51 -12.94
C ARG PA 283 35.63 -4.02 -13.78
N VAL PA 284 36.15 -2.83 -13.46
CA VAL PA 284 37.29 -2.27 -14.12
C VAL PA 284 38.45 -2.09 -13.16
N TRP PA 285 39.58 -2.65 -13.51
CA TRP PA 285 40.77 -2.52 -12.69
C TRP PA 285 41.59 -1.37 -13.16
N TYR PA 286 42.15 -0.62 -12.21
CA TYR PA 286 43.04 0.53 -12.50
C TYR PA 286 44.40 0.24 -11.87
N VAL PA 287 45.44 0.04 -12.68
CA VAL PA 287 46.75 -0.32 -12.14
C VAL PA 287 47.81 0.79 -12.22
N ASP PA 288 48.43 1.14 -11.08
CA ASP PA 288 49.44 2.22 -10.98
C ASP PA 288 50.84 1.85 -11.48
N THR PA 289 50.94 1.49 -12.75
CA THR PA 289 52.23 1.12 -13.33
C THR PA 289 52.78 2.22 -14.23
N GLY PA 290 53.71 3.01 -13.69
CA GLY PA 290 54.27 4.09 -14.48
C GLY PA 290 55.75 3.87 -14.73
N ASN PA 291 56.36 4.82 -15.44
CA ASN PA 291 57.78 4.81 -15.80
C ASN PA 291 58.21 3.53 -16.55
N MET PA 292 57.33 3.02 -17.39
CA MET PA 292 57.64 1.84 -18.18
C MET PA 292 57.12 2.01 -19.59
N PRO PA 293 57.78 1.45 -20.61
CA PRO PA 293 57.28 1.37 -21.95
C PRO PA 293 56.19 0.32 -21.93
N ALA PA 294 55.28 0.34 -22.88
CA ALA PA 294 54.25 -0.69 -22.91
C ALA PA 294 54.85 -2.10 -22.97
N ARG PA 295 55.98 -2.24 -23.65
CA ARG PA 295 56.65 -3.53 -23.80
C ARG PA 295 57.13 -4.13 -22.47
N LYS PA 296 57.20 -3.31 -21.41
CA LYS PA 296 57.60 -3.75 -20.09
C LYS PA 296 56.39 -3.77 -19.18
N ALA PA 297 55.59 -2.70 -19.23
CA ALA PA 297 54.43 -2.55 -18.37
C ALA PA 297 53.46 -3.68 -18.57
N ALA PA 298 53.39 -4.19 -19.80
CA ALA PA 298 52.49 -5.26 -20.14
C ALA PA 298 52.68 -6.48 -19.24
N GLU PA 299 53.89 -6.73 -18.74
CA GLU PA 299 54.12 -7.88 -17.88
C GLU PA 299 53.38 -7.71 -16.57
N HIS PA 300 53.32 -6.48 -16.08
CA HIS PA 300 52.71 -6.17 -14.80
C HIS PA 300 51.21 -6.19 -14.99
N MET PA 301 50.77 -5.73 -16.17
CA MET PA 301 49.34 -5.75 -16.44
C MET PA 301 48.86 -7.19 -16.54
N GLN PA 302 49.65 -8.07 -17.18
CA GLN PA 302 49.32 -9.50 -17.29
C GLN PA 302 49.40 -10.19 -15.94
N HIS PA 303 50.33 -9.76 -15.08
CA HIS PA 303 50.43 -10.33 -13.76
C HIS PA 303 49.07 -10.25 -13.08
N VAL PA 304 48.49 -9.05 -13.11
CA VAL PA 304 47.17 -8.86 -12.52
C VAL PA 304 46.07 -9.50 -13.38
N MET PA 305 46.06 -9.24 -14.68
CA MET PA 305 45.00 -9.72 -15.55
C MET PA 305 44.81 -11.22 -15.58
N ASN PA 306 45.88 -11.99 -15.50
CA ASN PA 306 45.73 -13.43 -15.57
C ASN PA 306 45.57 -14.05 -14.19
N THR PA 307 45.48 -13.23 -13.13
CA THR PA 307 45.30 -13.74 -11.78
C THR PA 307 43.90 -13.36 -11.27
N MET PA 308 43.45 -12.15 -11.60
CA MET PA 308 42.18 -11.64 -11.13
C MET PA 308 41.00 -11.90 -12.05
N LYS PA 309 41.25 -12.54 -13.19
CA LYS PA 309 40.19 -12.79 -14.13
C LYS PA 309 39.48 -14.09 -13.82
N ASN PA 310 38.20 -14.02 -13.50
CA ASN PA 310 37.49 -15.22 -13.18
C ASN PA 310 37.11 -15.83 -14.51
N ARG PA 311 38.02 -16.62 -15.08
CA ARG PA 311 37.88 -17.13 -16.44
C ARG PA 311 36.86 -18.24 -16.60
N VAL PA 312 35.60 -17.89 -16.34
CA VAL PA 312 34.46 -18.78 -16.42
C VAL PA 312 33.24 -18.16 -17.10
N VAL PA 313 32.37 -19.05 -17.57
CA VAL PA 313 31.11 -18.69 -18.17
C VAL PA 313 29.96 -19.48 -17.56
N TYR PA 314 28.76 -18.98 -17.79
CA TYR PA 314 27.54 -19.66 -17.44
C TYR PA 314 27.11 -20.49 -18.61
N ASP PA 315 26.94 -21.76 -18.37
CA ASP PA 315 26.52 -22.67 -19.40
C ASP PA 315 25.03 -22.60 -19.52
N ALA PA 316 24.60 -21.98 -20.60
CA ALA PA 316 23.20 -21.76 -20.85
C ALA PA 316 22.57 -22.98 -21.53
N SER PA 317 23.37 -24.01 -21.85
CA SER PA 317 22.79 -25.20 -22.47
C SER PA 317 22.30 -26.07 -21.33
N THR PA 318 23.15 -26.14 -20.31
CA THR PA 318 22.91 -26.86 -19.05
C THR PA 318 23.22 -25.85 -17.96
N GLY PA 319 22.30 -25.56 -17.04
CA GLY PA 319 22.58 -24.50 -16.07
C GLY PA 319 23.68 -24.74 -15.05
N LYS PA 320 24.91 -24.61 -15.50
CA LYS PA 320 26.09 -24.82 -14.66
C LYS PA 320 27.16 -23.75 -14.92
N ILE PA 321 28.11 -23.61 -14.00
CA ILE PA 321 29.21 -22.68 -14.26
C ILE PA 321 30.42 -23.50 -14.65
N LYS PA 322 30.97 -23.19 -15.81
CA LYS PA 322 32.05 -23.98 -16.38
C LYS PA 322 33.26 -24.08 -15.47
N ASN PA 323 33.67 -25.32 -15.22
CA ASN PA 323 34.80 -25.69 -14.37
C ASN PA 323 34.63 -25.29 -12.90
N GLN PA 324 33.44 -24.89 -12.52
CA GLN PA 324 33.24 -24.47 -11.15
C GLN PA 324 32.88 -25.63 -10.27
N GLN PA 325 33.89 -26.30 -9.76
CA GLN PA 325 33.70 -27.41 -8.86
C GLN PA 325 34.50 -27.24 -7.55
N HIS PA 326 33.85 -27.30 -6.37
CA HIS PA 326 32.41 -27.60 -6.18
C HIS PA 326 31.53 -26.44 -6.68
N ASN PA 327 30.22 -26.60 -6.62
CA ASN PA 327 29.33 -25.65 -7.29
C ASN PA 327 29.48 -24.18 -6.94
N MET PA 328 29.76 -23.83 -5.69
CA MET PA 328 29.90 -22.43 -5.33
C MET PA 328 30.68 -22.27 -4.03
N SER PA 329 31.65 -21.36 -4.05
CA SER PA 329 32.42 -21.06 -2.86
C SER PA 329 31.59 -20.21 -1.92
N MET PA 330 32.00 -20.07 -0.66
CA MET PA 330 31.20 -19.18 0.18
C MET PA 330 31.72 -17.76 0.05
N THR PA 331 32.82 -17.62 -0.70
CA THR PA 331 33.49 -16.36 -0.94
C THR PA 331 34.43 -16.39 -2.13
N GLU PA 332 34.62 -15.25 -2.74
CA GLU PA 332 35.61 -15.09 -3.78
C GLU PA 332 36.69 -14.14 -3.29
N ASP PA 333 37.83 -14.71 -2.92
CA ASP PA 333 38.96 -13.97 -2.36
C ASP PA 333 39.89 -13.47 -3.46
N TYR PA 334 39.99 -12.15 -3.58
CA TYR PA 334 40.82 -11.48 -4.58
C TYR PA 334 41.92 -10.70 -3.89
N TRP PA 335 42.97 -10.36 -4.63
CA TRP PA 335 44.05 -9.57 -4.08
C TRP PA 335 44.80 -8.73 -5.10
N LEU PA 336 45.29 -7.60 -4.63
CA LEU PA 336 46.10 -6.67 -5.41
C LEU PA 336 47.23 -6.03 -4.60
N GLN PA 337 48.37 -5.80 -5.25
CA GLN PA 337 49.47 -5.11 -4.58
C GLN PA 337 49.61 -3.74 -5.21
N ARG PA 338 49.93 -2.74 -4.38
CA ARG PA 338 50.08 -1.34 -4.87
C ARG PA 338 51.58 -0.98 -4.90
N ARG PA 339 51.96 -0.09 -5.82
CA ARG PA 339 53.38 0.32 -5.97
C ARG PA 339 53.57 1.76 -5.49
N ASP PA 340 52.55 2.62 -5.67
CA ASP PA 340 52.70 4.01 -5.24
C ASP PA 340 52.43 4.05 -3.73
N GLY PA 341 52.52 5.22 -3.13
CA GLY PA 341 52.32 5.41 -1.68
C GLY PA 341 50.88 5.77 -1.28
N LYS PA 342 49.96 5.75 -2.23
CA LYS PA 342 48.57 6.11 -2.00
C LYS PA 342 47.67 5.02 -2.53
N ALA PA 343 46.49 4.85 -1.93
CA ALA PA 343 45.53 3.83 -2.35
C ALA PA 343 44.81 4.17 -3.64
N VAL PA 344 45.55 4.20 -4.74
CA VAL PA 344 45.01 4.55 -6.04
C VAL PA 344 44.61 3.31 -6.85
N THR PA 345 45.47 2.29 -6.90
CA THR PA 345 45.10 1.05 -7.59
C THR PA 345 43.87 0.50 -6.90
N GLU PA 346 42.89 0.13 -7.70
CA GLU PA 346 41.65 -0.41 -7.18
C GLU PA 346 40.88 -1.05 -8.32
N VAL PA 347 39.75 -1.63 -8.00
CA VAL PA 347 38.85 -2.13 -9.00
C VAL PA 347 37.47 -1.54 -8.74
N ASP PA 348 36.89 -0.91 -9.75
CA ASP PA 348 35.57 -0.35 -9.59
C ASP PA 348 34.55 -1.32 -10.05
N THR PA 349 33.37 -1.23 -9.49
CA THR PA 349 32.30 -2.05 -10.00
C THR PA 349 31.37 -1.13 -10.76
N LEU PA 350 30.62 -1.71 -11.67
CA LEU PA 350 29.65 -0.94 -12.44
C LEU PA 350 28.28 -1.37 -11.86
N PRO PA 351 27.20 -0.55 -11.95
CA PRO PA 351 25.89 -0.76 -11.27
C PRO PA 351 25.03 -2.02 -11.50
N GLY PA 352 25.15 -2.74 -12.62
CA GLY PA 352 24.35 -3.98 -12.78
C GLY PA 352 22.94 -3.88 -13.38
N ALA PA 353 22.46 -4.99 -13.90
CA ALA PA 353 21.11 -5.08 -14.49
C ALA PA 353 20.01 -5.17 -13.45
N ASP PA 354 19.73 -4.05 -12.80
CA ASP PA 354 18.70 -4.02 -11.77
C ASP PA 354 17.32 -3.93 -12.45
N ASN PA 355 16.24 -3.91 -11.67
CA ASN PA 355 14.90 -3.85 -12.27
C ASN PA 355 14.14 -2.63 -11.75
N THR PA 356 13.92 -1.71 -12.67
CA THR PA 356 13.31 -0.42 -12.40
C THR PA 356 11.83 -0.31 -12.81
N GLY PA 357 11.28 -1.39 -13.39
CA GLY PA 357 9.91 -1.37 -13.90
C GLY PA 357 8.88 -1.66 -12.83
N ASN PA 358 7.61 -1.17 -12.96
CA ASN PA 358 7.00 -0.24 -13.93
C ASN PA 358 7.08 -0.53 -15.43
N MET PA 359 7.02 -1.80 -15.82
CA MET PA 359 7.03 -2.10 -17.28
C MET PA 359 5.60 -1.92 -17.82
N GLU PA 360 5.18 -0.68 -18.10
CA GLU PA 360 3.81 -0.48 -18.57
C GLU PA 360 3.64 0.21 -19.91
N ASP PA 361 4.67 0.83 -20.46
CA ASP PA 361 4.48 1.57 -21.70
C ASP PA 361 4.33 0.61 -22.83
N ILE PA 362 5.11 -0.44 -22.76
CA ILE PA 362 5.11 -1.44 -23.77
C ILE PA 362 3.73 -2.08 -23.88
N ARG PA 363 3.03 -2.18 -22.74
CA ARG PA 363 1.72 -2.76 -22.71
C ARG PA 363 0.76 -1.84 -23.43
N TRP PA 364 0.87 -0.54 -23.15
CA TRP PA 364 0.00 0.43 -23.76
C TRP PA 364 0.17 0.40 -25.27
N PHE PA 365 1.43 0.40 -25.69
CA PHE PA 365 1.71 0.39 -27.11
C PHE PA 365 1.24 -0.89 -27.75
N ARG PA 366 1.44 -2.05 -27.11
CA ARG PA 366 0.95 -3.27 -27.70
C ARG PA 366 -0.55 -3.22 -27.90
N GLN PA 367 -1.28 -2.68 -26.93
CA GLN PA 367 -2.71 -2.62 -27.08
C GLN PA 367 -3.08 -1.74 -28.25
N ALA PA 368 -2.40 -0.59 -28.37
CA ALA PA 368 -2.67 0.34 -29.45
C ALA PA 368 -2.41 -0.34 -30.78
N LEU PA 369 -1.33 -1.13 -30.85
CA LEU PA 369 -1.03 -1.83 -32.07
C LEU PA 369 -2.05 -2.86 -32.40
N TYR PA 370 -2.41 -3.67 -31.44
CA TYR PA 370 -3.31 -4.73 -31.76
C TYR PA 370 -4.53 -4.08 -32.38
N MET PA 371 -5.05 -3.04 -31.74
CA MET PA 371 -6.20 -2.37 -32.30
C MET PA 371 -5.95 -1.88 -33.74
N ALA PA 372 -4.74 -1.32 -33.98
CA ALA PA 372 -4.30 -0.74 -35.26
C ALA PA 372 -4.33 -1.72 -36.40
N LEU PA 373 -4.27 -2.98 -36.07
CA LEU PA 373 -4.26 -4.03 -37.05
C LEU PA 373 -5.64 -4.37 -37.55
N ARG PA 374 -6.65 -3.60 -37.13
CA ARG PA 374 -8.03 -3.78 -37.52
C ARG PA 374 -8.61 -5.02 -36.89
N VAL PA 375 -8.61 -5.02 -35.56
CA VAL PA 375 -9.15 -6.15 -34.81
C VAL PA 375 -10.19 -5.68 -33.79
N PRO PA 376 -11.08 -6.55 -33.32
CA PRO PA 376 -12.03 -6.31 -32.25
C PRO PA 376 -11.30 -6.19 -30.93
N LEU PA 377 -11.87 -5.45 -29.99
CA LEU PA 377 -11.20 -5.25 -28.70
C LEU PA 377 -11.60 -6.31 -27.71
N SER PA 378 -12.41 -7.23 -28.19
CA SER PA 378 -12.90 -8.37 -27.46
C SER PA 378 -11.80 -9.41 -27.37
N ARG PA 379 -10.71 -9.21 -28.12
CA ARG PA 379 -9.64 -10.17 -28.17
C ARG PA 379 -8.31 -9.67 -27.64
N ILE PA 380 -7.48 -10.61 -27.23
CA ILE PA 380 -6.13 -10.30 -26.79
C ILE PA 380 -5.16 -10.33 -27.96
N SER PA 395 -21.01 -13.37 -26.34
CA SER PA 395 -22.29 -12.90 -26.88
C SER PA 395 -22.09 -12.08 -28.13
N ILE PA 396 -23.00 -11.15 -28.38
CA ILE PA 396 -22.92 -10.31 -29.56
C ILE PA 396 -22.66 -8.87 -29.14
N THR PA 397 -21.61 -8.28 -29.67
CA THR PA 397 -21.35 -6.90 -29.35
C THR PA 397 -21.10 -6.04 -30.55
N ARG PA 398 -20.96 -4.75 -30.29
CA ARG PA 398 -20.76 -3.79 -31.35
C ARG PA 398 -19.53 -4.04 -32.16
N ASP PA 399 -18.42 -4.43 -31.53
CA ASP PA 399 -17.23 -4.66 -32.33
C ASP PA 399 -17.42 -5.82 -33.26
N GLU PA 400 -18.15 -6.82 -32.82
CA GLU PA 400 -18.29 -7.99 -33.66
C GLU PA 400 -19.16 -7.65 -34.84
N LEU PA 401 -20.17 -6.82 -34.60
CA LEU PA 401 -21.06 -6.39 -35.64
C LEU PA 401 -20.27 -5.50 -36.60
N THR PA 402 -19.39 -4.67 -36.05
CA THR PA 402 -18.54 -3.78 -36.82
C THR PA 402 -17.63 -4.56 -37.73
N PHE PA 403 -17.01 -5.61 -37.20
CA PHE PA 403 -16.15 -6.43 -38.01
C PHE PA 403 -16.93 -7.21 -39.02
N ALA PA 404 -18.14 -7.63 -38.70
CA ALA PA 404 -18.93 -8.30 -39.71
C ALA PA 404 -19.10 -7.37 -40.90
N LYS PA 405 -19.26 -6.07 -40.62
CA LYS PA 405 -19.39 -5.09 -41.69
C LYS PA 405 -18.06 -4.90 -42.41
N PHE PA 406 -16.96 -4.82 -41.65
CA PHE PA 406 -15.63 -4.64 -42.26
C PHE PA 406 -15.39 -5.77 -43.24
N ILE PA 407 -15.66 -6.98 -42.78
CA ILE PA 407 -15.49 -8.15 -43.59
C ILE PA 407 -16.43 -8.17 -44.76
N ARG PA 408 -17.71 -7.85 -44.62
CA ARG PA 408 -18.50 -7.95 -45.83
C ARG PA 408 -17.96 -6.96 -46.86
N GLU PA 409 -17.42 -5.79 -46.42
CA GLU PA 409 -16.84 -4.88 -47.41
C GLU PA 409 -15.59 -5.49 -48.02
N LEU PA 410 -14.76 -6.14 -47.22
CA LEU PA 410 -13.56 -6.71 -47.79
C LEU PA 410 -13.93 -7.77 -48.81
N GLN PA 411 -14.98 -8.53 -48.51
CA GLN PA 411 -15.47 -9.57 -49.40
C GLN PA 411 -16.04 -8.96 -50.66
N HIS PA 412 -16.82 -7.90 -50.50
CA HIS PA 412 -17.48 -7.19 -51.57
C HIS PA 412 -16.47 -6.68 -52.58
N LYS PA 413 -15.37 -6.14 -52.08
CA LYS PA 413 -14.34 -5.64 -52.95
C LYS PA 413 -13.56 -6.80 -53.56
N PHE PA 414 -13.14 -7.75 -52.72
CA PHE PA 414 -12.38 -8.91 -53.14
C PHE PA 414 -13.07 -9.65 -54.26
N GLU PA 415 -14.39 -9.77 -54.15
CA GLU PA 415 -15.35 -10.44 -55.03
C GLU PA 415 -15.11 -10.18 -56.50
N GLU PA 416 -14.52 -9.02 -56.84
CA GLU PA 416 -14.28 -8.70 -58.24
C GLU PA 416 -13.38 -9.77 -58.86
N VAL PA 417 -12.60 -10.46 -58.01
CA VAL PA 417 -11.69 -11.52 -58.38
C VAL PA 417 -12.45 -12.66 -59.06
N PHE PA 418 -13.76 -12.73 -58.86
CA PHE PA 418 -14.56 -13.73 -59.46
C PHE PA 418 -15.44 -13.12 -60.54
N LEU PA 419 -15.96 -11.92 -60.28
CA LEU PA 419 -16.88 -11.30 -61.23
C LEU PA 419 -16.21 -11.02 -62.55
N ASP PA 420 -14.95 -10.61 -62.47
CA ASP PA 420 -14.16 -10.29 -63.64
C ASP PA 420 -13.97 -11.53 -64.54
N PRO PA 421 -13.26 -12.61 -64.14
CA PRO PA 421 -13.11 -13.77 -64.98
C PRO PA 421 -14.46 -14.42 -65.32
N LEU PA 422 -15.49 -14.21 -64.47
CA LEU PA 422 -16.81 -14.75 -64.77
C LEU PA 422 -17.38 -14.07 -65.98
N LYS PA 423 -17.45 -12.74 -65.98
CA LYS PA 423 -18.00 -12.14 -67.17
C LYS PA 423 -17.07 -12.36 -68.32
N THR PA 424 -15.77 -12.44 -68.07
CA THR PA 424 -14.88 -12.57 -69.18
C THR PA 424 -15.15 -13.83 -69.96
N ASN PA 425 -15.27 -14.97 -69.27
CA ASN PA 425 -15.43 -16.19 -70.03
C ASN PA 425 -16.87 -16.31 -70.55
N LEU PA 426 -17.84 -15.74 -69.82
CA LEU PA 426 -19.21 -15.80 -70.29
C LEU PA 426 -19.39 -15.03 -71.58
N LEU PA 427 -18.77 -13.86 -71.63
CA LEU PA 427 -18.82 -12.98 -72.76
C LEU PA 427 -17.99 -13.52 -73.91
N LEU PA 428 -16.84 -14.11 -73.60
CA LEU PA 428 -15.95 -14.67 -74.60
C LEU PA 428 -16.65 -15.80 -75.34
N LYS PA 429 -17.29 -16.71 -74.60
CA LYS PA 429 -18.01 -17.80 -75.24
C LYS PA 429 -19.23 -17.32 -75.99
N GLY PA 430 -19.97 -16.42 -75.36
CA GLY PA 430 -21.20 -15.86 -75.85
C GLY PA 430 -22.29 -16.66 -75.20
N ILE PA 431 -22.80 -16.13 -74.10
CA ILE PA 431 -23.80 -16.79 -73.30
C ILE PA 431 -24.73 -15.67 -73.00
N ILE PA 432 -24.07 -14.60 -72.66
CA ILE PA 432 -24.63 -13.31 -72.31
C ILE PA 432 -23.86 -12.33 -73.14
N THR PA 433 -24.34 -11.09 -73.19
CA THR PA 433 -23.65 -10.00 -73.88
C THR PA 433 -23.17 -8.99 -72.86
N GLU PA 434 -22.31 -8.06 -73.30
CA GLU PA 434 -21.78 -7.02 -72.43
C GLU PA 434 -22.87 -6.12 -71.89
N ASP PA 435 -23.84 -5.80 -72.74
CA ASP PA 435 -24.90 -4.93 -72.32
C ASP PA 435 -25.71 -5.62 -71.25
N GLU PA 436 -25.95 -6.92 -71.44
CA GLU PA 436 -26.72 -7.63 -70.46
C GLU PA 436 -26.00 -7.62 -69.13
N TRP PA 437 -24.69 -7.86 -69.12
CA TRP PA 437 -23.97 -7.86 -67.86
C TRP PA 437 -24.19 -6.56 -67.13
N ASN PA 438 -24.01 -5.44 -67.83
CA ASN PA 438 -24.15 -4.16 -67.18
C ASN PA 438 -25.55 -3.91 -66.61
N ASP PA 439 -26.60 -4.42 -67.27
CA ASP PA 439 -27.94 -4.26 -66.72
C ASP PA 439 -28.23 -5.26 -65.60
N GLU PA 440 -27.72 -6.47 -65.75
CA GLU PA 440 -27.93 -7.53 -64.79
C GLU PA 440 -27.28 -7.28 -63.43
N ILE PA 441 -26.09 -6.64 -63.40
CA ILE PA 441 -25.47 -6.34 -62.11
C ILE PA 441 -25.24 -4.84 -61.82
N ASN PA 442 -26.00 -4.22 -60.87
CA ASN PA 442 -27.12 -4.75 -60.04
C ASN PA 442 -26.87 -6.01 -59.20
N ASN PA 443 -27.44 -7.16 -59.56
CA ASN PA 443 -27.23 -8.32 -58.71
C ASN PA 443 -26.93 -9.65 -59.41
N ILE PA 444 -25.63 -9.96 -59.38
CA ILE PA 444 -24.96 -11.19 -59.82
C ILE PA 444 -24.07 -11.49 -58.62
N LYS PA 445 -24.61 -11.22 -57.43
CA LYS PA 445 -23.82 -11.30 -56.22
C LYS PA 445 -23.26 -12.66 -55.95
N ILE PA 446 -22.10 -12.65 -55.32
CA ILE PA 446 -21.43 -13.83 -54.86
C ILE PA 446 -21.45 -13.83 -53.34
N GLU PA 447 -21.93 -14.91 -52.76
CA GLU PA 447 -22.05 -14.96 -51.32
C GLU PA 447 -20.95 -15.77 -50.68
N PHE PA 448 -20.51 -15.29 -49.54
CA PHE PA 448 -19.51 -15.98 -48.78
C PHE PA 448 -20.22 -16.68 -47.64
N HIS PA 449 -19.73 -17.87 -47.30
CA HIS PA 449 -20.31 -18.61 -46.19
C HIS PA 449 -20.07 -17.91 -44.88
N ARG PA 450 -21.00 -18.08 -43.98
CA ARG PA 450 -20.90 -17.46 -42.67
C ARG PA 450 -20.79 -18.52 -41.62
N ASP PA 451 -19.96 -18.27 -40.62
CA ASP PA 451 -19.72 -19.23 -39.55
C ASP PA 451 -21.04 -19.64 -38.94
N SER PA 452 -21.40 -20.91 -39.16
CA SER PA 452 -22.70 -21.41 -38.74
C SER PA 452 -22.86 -21.41 -37.25
N TYR PA 453 -21.77 -21.66 -36.54
CA TYR PA 453 -21.80 -21.70 -35.10
C TYR PA 453 -22.23 -20.36 -34.56
N PHE PA 454 -21.52 -19.33 -34.99
CA PHE PA 454 -21.84 -18.03 -34.46
C PHE PA 454 -23.14 -17.52 -35.02
N ALA PA 455 -23.47 -17.88 -36.27
CA ALA PA 455 -24.71 -17.41 -36.85
C ALA PA 455 -25.87 -17.94 -36.04
N GLU PA 456 -25.80 -19.22 -35.65
CA GLU PA 456 -26.86 -19.78 -34.86
C GLU PA 456 -26.98 -19.05 -33.55
N LEU PA 457 -25.85 -18.76 -32.91
CA LEU PA 457 -25.94 -18.08 -31.62
C LEU PA 457 -26.55 -16.71 -31.74
N LYS PA 458 -26.19 -15.96 -32.79
CA LYS PA 458 -26.74 -14.64 -32.97
C LYS PA 458 -28.24 -14.74 -33.15
N GLU PA 459 -28.67 -15.66 -34.02
CA GLU PA 459 -30.07 -15.82 -34.30
C GLU PA 459 -30.83 -16.25 -33.07
N ALA PA 460 -30.23 -17.14 -32.26
CA ALA PA 460 -30.86 -17.58 -31.06
C ALA PA 460 -31.09 -16.42 -30.11
N GLU PA 461 -30.11 -15.53 -29.92
CA GLU PA 461 -30.32 -14.40 -29.03
C GLU PA 461 -31.42 -13.48 -29.53
N ILE PA 462 -31.47 -13.30 -30.84
CA ILE PA 462 -32.49 -12.46 -31.39
C ILE PA 462 -33.84 -13.06 -31.08
N LEU PA 463 -33.98 -14.37 -31.32
CA LEU PA 463 -35.22 -15.02 -31.03
C LEU PA 463 -35.54 -14.93 -29.55
N GLU PA 464 -34.57 -15.15 -28.66
CA GLU PA 464 -34.88 -15.08 -27.24
C GLU PA 464 -35.50 -13.76 -26.87
N ARG PA 465 -34.93 -12.69 -27.38
CA ARG PA 465 -35.49 -11.39 -27.10
C ARG PA 465 -36.91 -11.29 -27.64
N ARG PA 466 -37.12 -11.78 -28.86
CA ARG PA 466 -38.44 -11.73 -29.48
C ARG PA 466 -39.47 -12.52 -28.65
N ILE PA 467 -39.06 -13.68 -28.14
CA ILE PA 467 -39.92 -14.50 -27.32
C ILE PA 467 -40.25 -13.77 -26.04
N ASN PA 468 -39.23 -13.19 -25.40
CA ASN PA 468 -39.46 -12.49 -24.17
C ASN PA 468 -40.43 -11.34 -24.36
N MET PA 469 -40.29 -10.60 -25.46
CA MET PA 469 -41.21 -9.50 -25.67
C MET PA 469 -42.60 -9.99 -25.97
N LEU PA 470 -42.72 -11.11 -26.68
CA LEU PA 470 -44.02 -11.67 -26.97
C LEU PA 470 -44.67 -12.09 -25.68
N THR PA 471 -43.88 -12.70 -24.80
CA THR PA 471 -44.34 -13.16 -23.52
C THR PA 471 -44.85 -12.00 -22.71
N MET PA 472 -44.10 -10.90 -22.70
CA MET PA 472 -44.54 -9.73 -21.98
C MET PA 472 -45.85 -9.17 -22.55
N ALA PA 473 -45.96 -9.12 -23.88
CA ALA PA 473 -47.17 -8.63 -24.52
C ALA PA 473 -48.38 -9.52 -24.25
N GLU PA 474 -48.17 -10.84 -24.22
CA GLU PA 474 -49.20 -11.86 -24.04
C GLU PA 474 -50.50 -11.43 -23.34
N PRO PA 475 -50.51 -10.96 -22.07
CA PRO PA 475 -51.72 -10.60 -21.35
C PRO PA 475 -52.56 -9.51 -21.99
N PHE PA 476 -51.97 -8.74 -22.90
CA PHE PA 476 -52.67 -7.65 -23.54
C PHE PA 476 -53.02 -7.93 -25.00
N ILE PA 477 -52.77 -9.14 -25.47
CA ILE PA 477 -53.04 -9.39 -26.89
C ILE PA 477 -54.50 -9.21 -27.25
N GLY PA 478 -55.39 -9.68 -26.39
CA GLY PA 478 -56.81 -9.57 -26.66
C GLY PA 478 -57.39 -8.22 -26.30
N LYS PA 479 -56.56 -7.29 -25.83
CA LYS PA 479 -57.03 -5.98 -25.43
C LYS PA 479 -56.46 -4.86 -26.26
N TYR PA 480 -55.14 -4.85 -26.41
CA TYR PA 480 -54.53 -3.73 -27.07
C TYR PA 480 -53.68 -4.08 -28.27
N ILE PA 481 -53.06 -5.26 -28.24
CA ILE PA 481 -52.11 -5.63 -29.28
C ILE PA 481 -52.57 -6.84 -30.05
N SER PA 482 -52.98 -6.68 -31.30
CA SER PA 482 -53.48 -7.85 -32.01
C SER PA 482 -52.37 -8.89 -32.16
N HIS PA 483 -52.72 -10.17 -32.33
CA HIS PA 483 -51.60 -11.11 -32.46
C HIS PA 483 -50.88 -10.87 -33.78
N ARG PA 484 -51.62 -10.42 -34.79
CA ARG PA 484 -51.00 -10.14 -36.12
C ARG PA 484 -49.92 -9.07 -35.92
N THR PA 485 -50.25 -8.02 -35.16
CA THR PA 485 -49.38 -6.94 -34.85
C THR PA 485 -48.20 -7.43 -34.07
N ALA PA 486 -48.44 -8.25 -33.06
CA ALA PA 486 -47.30 -8.74 -32.31
C ALA PA 486 -46.35 -9.50 -33.23
N MET PA 487 -46.88 -10.30 -34.15
CA MET PA 487 -45.99 -11.01 -35.03
C MET PA 487 -45.23 -10.02 -35.91
N LYS PA 488 -45.92 -9.00 -36.41
CA LYS PA 488 -45.33 -7.96 -37.24
C LYS PA 488 -44.23 -7.13 -36.54
N ASP PA 489 -44.49 -6.67 -35.31
CA ASP PA 489 -43.51 -5.83 -34.60
C ASP PA 489 -42.61 -6.55 -33.61
N ILE PA 490 -43.14 -7.50 -32.87
CA ILE PA 490 -42.35 -8.19 -31.86
C ILE PA 490 -41.54 -9.29 -32.49
N LEU PA 491 -42.18 -10.10 -33.32
CA LEU PA 491 -41.43 -11.20 -33.92
C LEU PA 491 -40.83 -10.80 -35.26
N GLN PA 492 -41.07 -9.55 -35.67
CA GLN PA 492 -40.59 -8.97 -36.91
C GLN PA 492 -40.90 -9.80 -38.16
N MET PA 493 -42.15 -10.25 -38.25
CA MET PA 493 -42.60 -11.05 -39.39
C MET PA 493 -43.31 -10.25 -40.47
N THR PA 494 -43.23 -10.72 -41.70
CA THR PA 494 -43.97 -10.10 -42.80
C THR PA 494 -45.35 -10.71 -42.78
N ASP PA 495 -46.27 -10.21 -43.59
CA ASP PA 495 -47.61 -10.75 -43.52
C ASP PA 495 -47.67 -12.09 -44.20
N GLU PA 496 -46.84 -12.28 -45.22
CA GLU PA 496 -46.82 -13.54 -45.89
C GLU PA 496 -46.32 -14.59 -44.91
N GLU PA 497 -45.29 -14.23 -44.14
CA GLU PA 497 -44.73 -15.14 -43.16
C GLU PA 497 -45.75 -15.50 -42.09
N ILE PA 498 -46.57 -14.54 -41.70
CA ILE PA 498 -47.60 -14.79 -40.72
C ILE PA 498 -48.60 -15.79 -41.26
N GLU PA 499 -49.06 -15.60 -42.51
CA GLU PA 499 -49.99 -16.56 -43.07
C GLU PA 499 -49.37 -17.94 -43.20
N GLN PA 500 -48.08 -17.99 -43.57
CA GLN PA 500 -47.42 -19.27 -43.75
C GLN PA 500 -47.40 -20.04 -42.45
N GLU PA 501 -47.11 -19.35 -41.35
CA GLU PA 501 -47.06 -19.98 -40.00
C GLU PA 501 -48.46 -20.45 -39.59
N ALA PA 502 -49.50 -19.69 -39.95
CA ALA PA 502 -50.85 -20.08 -39.59
C ALA PA 502 -51.28 -21.33 -40.33
N LYS PA 503 -50.92 -21.39 -41.61
CA LYS PA 503 -51.25 -22.53 -42.44
C LYS PA 503 -50.49 -23.76 -41.99
N GLN PA 504 -49.20 -23.60 -41.66
CA GLN PA 504 -48.44 -24.76 -41.20
C GLN PA 504 -48.99 -25.29 -39.88
N ILE PA 505 -49.45 -24.39 -39.00
CA ILE PA 505 -50.02 -24.79 -37.73
C ILE PA 505 -51.28 -25.59 -38.00
N GLU PA 506 -52.15 -25.10 -38.88
CA GLU PA 506 -53.34 -25.87 -39.17
C GLU PA 506 -52.95 -27.29 -39.58
N GLU PA 507 -51.94 -27.43 -40.43
CA GLU PA 507 -51.53 -28.77 -40.82
C GLU PA 507 -51.00 -29.57 -39.61
N GLU PA 508 -50.17 -28.96 -38.75
CA GLU PA 508 -49.64 -29.68 -37.59
C GLU PA 508 -50.74 -30.24 -36.72
N SER PA 509 -51.79 -29.46 -36.53
CA SER PA 509 -52.94 -29.81 -35.71
C SER PA 509 -53.74 -30.99 -36.25
N LYS PA 510 -53.50 -31.37 -37.50
CA LYS PA 510 -54.21 -32.46 -38.13
C LYS PA 510 -53.28 -33.64 -38.33
#